data_5M32
#
_entry.id   5M32
#
_cell.length_a   1.000
_cell.length_b   1.000
_cell.length_c   1.000
_cell.angle_alpha   90.00
_cell.angle_beta   90.00
_cell.angle_gamma   90.00
#
_symmetry.space_group_name_H-M   'P 1'
#
loop_
_entity.id
_entity.type
_entity.pdbx_description
1 polymer 'Proteasome subunit alpha type-2'
2 polymer 'Proteasome subunit alpha type-4'
3 polymer 'Proteasome subunit alpha type-7'
4 polymer 'Proteasome subunit alpha type-5'
5 polymer 'Proteasome subunit alpha type-1'
6 polymer 'Proteasome subunit alpha type-3'
7 polymer 'Proteasome subunit alpha type-6'
8 polymer 'Proteasome subunit beta type-7'
9 polymer 'Proteasome subunit beta type-3'
10 polymer 'Proteasome subunit beta type-2'
11 polymer 'Proteasome subunit beta type-5'
12 polymer 'Proteasome subunit beta type-1'
13 polymer 'Proteasome subunit beta type-4'
14 polymer 'Proteasome subunit beta type-6'
15 polymer 'Proteasome subunit alpha type-7'
16 polymer 'Proteasome subunit alpha type-1'
17 polymer '26S protease regulatory subunit 7'
18 polymer '26S protease regulatory subunit 4'
19 polymer '26S protease regulatory subunit 6B'
20 polymer '26S protease regulatory subunit 10B'
21 polymer '26S protease regulatory subunit 6A'
22 polymer '26S protease regulatory subunit 8'
23 polymer '26S proteasome non-ATPase regulatory subunit 1'
24 polymer '26S proteasome non-ATPase regulatory subunit 3'
25 polymer '26S proteasome non-ATPase regulatory subunit 12'
26 polymer '26S proteasome non-ATPase regulatory subunit 11'
27 polymer '26S proteasome non-ATPase regulatory subunit 6'
28 polymer '26S proteasome non-ATPase regulatory subunit 7'
29 polymer '26S proteasome non-ATPase regulatory subunit 13'
30 polymer '26S proteasome non-ATPase regulatory subunit 4'
31 polymer '26S proteasome non-ATPase regulatory subunit 14'
32 polymer '26S proteasome non-ATPase regulatory subunit 8'
33 polymer '26S proteasome complex subunit SEM1'
34 polymer 'bound Oprozomib'
35 non-polymer "ADENOSINE-5'-DIPHOSPHATE"
#
loop_
_entity_poly.entity_id
_entity_poly.type
_entity_poly.pdbx_seq_one_letter_code
_entity_poly.pdbx_strand_id
1 'polypeptide(L)'
;MAERGYSFSLTTFSPSGKLVQIEYALAAVAGGAPSVGIKAANGVVLATEKKQKSILYDERSVHKVEPITKHIGLVYSGMG
PDYRVLVHRARKLAQQYYLVYQEPIPTAQLVQRVASVMQEYTQSGGVRPFGVSLLICGWNEGRPYLFQSDPSGAYFAWKA
TAMGKNYVNGKTFLEKRYNEDLELEDAIHTAILTLKESFEGQMTEDNIEVGICNEAGFRRLTPTEVKDYLAAIA
;
A,O
2 'polypeptide(L)'
;MSRRYDSRTTIFSPEGRLYQVEYAMEAIGHAGTCLGILANDGVLLAAERRNIHKLLDEVFFSEKIYKLNEDMACSVAGIT
SDANVLTNELRLIAQRYLLQYQEPIPCEQLVTALCDIKQAYTQFGGKRPFGVSLLYIGWDKHYGFQLYQSDPSGNYGGWK
ATCIGNNSAAAVSMLKQDYKEGEMTLKSALALAIKVLNKTMDVSKLSAEKVEIATLTRENGKTVIRVLKQKEVEQLIKKH
EEEEAKAEREKKEKEQKEKDK
;
B,P
3 'polypeptide(L)'
;SYDRAITVFSPDGHLFQVEYAQEAVKKGSTAVGVRGRDIVVLGVEKASVAKLQDERTVRKICALDDNVCMAFAGLTADAR
IVINRARVECQSHRLTVEDPVTVEYITRYIASLKQRYTQSNGRRPFGISALIVGFDFDGTPRLYQTDPSGTYHAWKANAI
GRGAKSVREFLEKNYTDDAIETDDLTIKLVIKALLEVVESGGKNIELAVMRRDQSLKILNPEEIEKYVAEIEKE
;
C
4 'polypeptide(L)'
;MFLTRSEYDRGVNTFSPEGRLFQVEYAIEAIKLGSTAIGIQTSEGVCLAVEKRITSPLMEPSSIEKIVEIDAHIGCAMSG
LIADAKTLIDKARVETQNHWFTYNETMTVESVTQAVSNLALQFGEEDADPGAMSRPFGVALLFGGVDEKGPQLFHMDPSG
TFVQCDARAIGSASEGAQSSLQEVYHKSMTLKEAIKSSLIILKQVMEEKLNATNIELATVQPGQNFHMFTKEELEEVIKD
I
;
D,R
5 'polypeptide(L)'
;NQYDNDVTVWSPQGRIHQIEYAMEAVKQGSATVGLKSKTHAVLVALKRAQSELAAHQKKILHVDNHIGISIAGLTADARL
LCNFMRQECLDSRFVFDRPLPVSRLVSLIGSKTQIPTQRYGRRPYGVGLLIAGYDDMGPHIFQTCPSANYFDCRAMSIGA
RSQSARTYLERHMSEFMECNLDELVKHGLRALRETLPAEQDLTTKNVSIGIVGKDLEFTIYDDDDVSPFLDGLE
;
E
6 'polypeptide(L)'
;MSSIGTGYDLSASTFSPDGRVFQVEYAMKAVENSSTAIGIRCKDGVVFGVEKLVLSKLYEEGSNKRLFNVDRHVGMAVAG
LLADARSLADIAREEASNFRSNFGYNIPLKHLADRVAMYVHAYTLYSAVRPFGCSFMLGSYSVNDGAQLYMIDPSGVSYG
YWGCAIGKARQAAKTEIEKLQMKEMTCRDIVKEVAKIIYIVHDEVKDKAFELELSWVGELTNGRHEIVPKDIREEAEKYA
KESLKEEDESDDDNM
;
F,T
7 'polypeptide(L)'
;MSRGSSAGFDRHITIFSPEGRLYQVEYAFKAINQGGLTSVAVRGKDCAVIVTQKKVPDKLLDSSTVTHLFKITENIGCVM
TGMTADSRSQVQRARYEAANWKYKYGYEIPVDMLCKRIADISQVYTQNAEMRPLGCCMILIGIDEEQGPQVYKCDPAGYY
CGFKATAAGVKQTESTSFLEKKVKKKFDWTFEQTVETAITCLSTVLSIDFKPSEIEVGVVTVENPKFRILTEAEIDAHLV
ALAERD
;
G,U
8 'polypeptide(L)'
;MAAVSVYAPPVGGFSFDNCRRNAVLEADFAKRGYKLPKVRKTGTTIAGVVYKDGIVLGADTRATEGMVVADKNCSKIHFI
SPNIYCCGAGTAADTDMTTQLISSNLELHSLSTGRLPRVVTANRMLKQMLFRYQGYIGAALVLGGVDVTGPHLYSIYPHG
STDKLPYVTMGSGSLAAMAVFEDKFRPDMEEEEAKNLVSEAIAAGIFNDLGSGSNIDLCVISKNKLDFLRPYTVPNKKGT
RLGRYRCEKGTTAVLTEKITPLEIEVLEETVQTMDTS
;
H,V
9 'polypeptide(L)'
;MSIMSYNGGAVMAMKGKNCVAIAADRRFGIQAQMVTTDFQKIFPMGDRLYIGLAGLATDVQTVAQRLKFRLNLYELKEGR
QIKPYTLMSMVANLLYEKRFGPYYTEPVIAGLDPKTFKPFICSLDLIGCPMVTDDFVVSGTCAEQMYGMCESLWEPNMDP
DHLFETISQAMLNAVDRDAVSGMGVIVHIIEKDKITTRTLKARMD
;
I,W
10 'polypeptide(L)'
;MEYLIGIQGPDYVLVASDRVAASNIVQMKDDHDKMFKMSEKILLLCVGEAGDTVQFAEYIQKNVQLYKMRNGYELSPTAA
ANFTRRNLADCLRSRTPYHVNLLLAGYDEHEGPALYYMDYLAALAKAPFAAHGYGAFLTLSILDRYYTPTISRERAVELL
RKCLEELQKRFILNLPTFSVRVIDKDGIHNLENIAF
;
J,X
11 'polypeptide(L)'
;TTTLAFKFRHGVIVAADSRATAGAYIASQTVKKVIEINPYLLGTMAGGAADCSFWERLLARQCRIYELRNKERISVAAAS
KLLANMVYQYKGMGLSMGTMICGWDKRGPGLYYVDSEGNRISGATFSVGSGSVYAYGVMDRGYSYDLEVEQAYDLARRAI
YQATYRDAYSGGAVNLYHVREDGWIRVSSDNVADLHEKYSGSTP
;
K,Y
12 'polypeptide(L)'
;MLSSTAMYSAPGRDLGMEPHRAAGPLQLRFSPYVFNGGTILAIAGEDFAIVASDTRLSEGFSIHTRDSPKCYKLTDKTVI
GCSGFHGDCLTLTKIIEARLKMYKHSNNKAMTTGAIAAMLSTILYSRRFFPYYVYNIIGGLDEEGKGAVYSFDPVGSYQR
DSFKAGGSASAMLQPLLDNQVGFKNMQNVEHVPLSLDRAMRLVKDVFISAAERDVYTGDALRICIVTKEGIREETVSLRK
D
;
L,Z
13 'polypeptide(L)'
;MEAFLGSRSGLWAGGPAPGQFYRIPSTPDSFMDPASALYRGPITRTQNPMVTGTSVLGVKFEGGVVIAADMLGSYGSLAR
FRNISRIMRVNNSTMLGASGDYADFQYLKQVLGQMVIDEELLGDGHSYSPRAIHSWLTRAMYSRRSKMNPLWNTMVIGGY
ADGESFLGYVDMLGVAYEAPSLATGYGAYLAQPLLREVLEKQPVLSQTEARDLVERCMRVLYYRDARSYNRFQIATVTEK
GVEIEGPLSTETNWDIAHMISGFE
;
M,a
14 'polypeptide(L)'
;MAATLLAARGAGPAPAWGPEAFTPDWESREVSTGTTIMAVQFDGGVVLGADSRTTTGSYIANRVTDKLTPIHDRIFCCRS
GSAADTQAVADAVTYQLGFHSIELNEPPLVHTAASLFKEMCYRYREDLMAGIIIAGWDPQEGGQVYSVPMGGMMVRQSFA
IGGSGSSYIYGYVDATYREGMTKEECLQFTANALALAMERDGSSGGVIRLAAIAESGVERQVLLGDQIPKFAVATLPPA
;
N,b
15 'polypeptide(L)'
;SYDRAITVFSPDGHLFQVEYAQEAVKKGSTAVGVRGRDIVVLGVEKKSVAKLQDERTVRKICALDDNVCMAFAGLTADAR
IVINRARVECQSHRLTVEDPVTVEYITRYIASLKQRYTQSNGRRPFGISALIVGFDFDGTPRLYQTDPSGTYHAWKANAI
GRGAKSVREFLEKNYTDDAIETDDLTIKLVIKALLEVVQSGGKNIELAVMRRDQSLKILNPEEIEKYVAEIEKEK
;
Q
16 'polypeptide(L)'
;AANQYDNDVTVWSPQGRIHQIEYAMEAVKQGSATVGLKSKTHAVLVALKRAQSELAAHQKKILHVDNHIGISIAGLTADA
RLLCNFMRQECLDSRFVFDRPLPVSRLVSLIGSKTQIPTQRYGRRPYGVGLLIAGYDDMGPHIFQTCPSANYFDCRAMSI
GARSQSARTYLERHMSEFMECNLDELVKHGLRALRETLPAEQDLTTKNVSIGIVGKDLEFTIYDDDDVSPFLDGLEER
;
S
17 'polypeptide(L)'
;MPDYLGADQRKTKEDEKDDKPIRALDEGDIALLKTYGQSTYSRQIKQVEDDIQQLLKKINELTGIKESDTGLAPPALWDL
AADKQTLQSEQPLQVARCTKIINADSEDPKYIINVKQFAKFVVDLSDQVAPTDIEEGMRVGVDRNKYQIHIPLPPKIDPT
VTMMQVEEKPDVTYSDVGGCKEQIEKLREVVETPLLHPERFVNLGIEPPKGVLLFGPPGTGKTLCARAVANRTDACFIRV
IGSELVQKYVGEGARMVRELFEMARTKKACLIFFDEIDAIGGARFDDGAGGDNEVQRTMLELINQLDGFDPRGNIKVLMA
TNRPDTLDPALMRPGRLDRKIEFSLPDLEGRTHIFKIHARSMSVERDIRFELLARLCPNSTGAEIRSVCTEAGMFAIRAR
RKIATEKDFLEAVNKVIKSYAKFSATPRYMTYN
;
c
18 'polypeptide(L)'
;MGQSQSGGHGPGGGKKDDKDKKKKYEPPVPTRVGKKKKKTKGPDAASKLPLVTPHTQCRLKLLKLERIKDYLLMEEEFIR
NQEQMKPLEEKQEEERSKVDDLRGTPMSVGTLEEIIDDNHAIVSTSVGSEHYVSILSFVDKDLLEPGCSVLLNHKVHAVI
GVLMDDTDPLVTVMKVEKAPQETYADIGGLDNQIQEIKESVELPLTHPEYYEEMGIKPPKGVILYGPPGTGKTLLAKAVA
NQTSATFLRVVGSELIQKYLGDGPKLVRELFRVAEEHAPSIVFIDEIDAIGTKRYDSNSGGEREIQRTMLELLNQLDGFD
SRGDVKVIMATNRIETLDPALIRPGRIDRKIEFPLPDEKTKKRIFQIHTSRMTLADDVTLDDLIMAKDDLSGADIKAICT
EAGLMALRERRMKVTNEDFKKSKENVLY
;
d
19 'polypeptide(L)'
;MEEIGILVEKAQDEIPALSVSRPQTGLSFLGPEPEDLEDLYSRYKKLQQELEFLEVQEEYIKDEQKNLKKEFLHAQEEVK
RIQSIPLVIGQFLEAVDQNTAIVGSTTGSNYYVRILSTIDRELLKPNASVALHKHSNALVDVLPPEADSSIMMLTSDQKP
DVMYADIGGMDIQKQEVREAVELPLTHFELYKQIGIDPPRGVLMYGPPGCGKTMLAKAVAHHTTAAFIRVVGSEFVQKYL
GEGPRMVRDVFRLAKENAPAIIFIDEIDAIATKRFDAQTGADREVQRILLELLNQMDGFDQNVNVKVIMATNRADTLDPA
LLRPGRLDRKIEFPLPDRRQKRLIFSTITSKMNLSEEVDLEDYVARPDKISGADINSICQESGMLAVRENRYIVLAKDFE
KAYKTVIKKDEQEHEFYK
;
e
20 'polypeptide(L)'
;MADPRDKALQDYRKKLLEHKEIDGRLKELREQLKELTKQYEKSENDLKALQSVGQIVGEVLKQLTEEKFIVKATNGPRYV
VGCRRQLDKSKLKPGTRVALDMTTLTIMRYLPREVDPLVYNMSHEDPGNVSYSEIGGLSEQIRELREVIELPLTNPELFQ
RVGIIPPKGCLLYGPPGTGKTLLARAVASQLDCNFLKVVSSSIVDKYIGESARLIREMFNYARDHQPCIIFMDEIDAIGG
RRFSEGTSADREIQRTLMELLNQMDGFDTLHRVKMIMATNRPDTLDPALLRPGRLDRKIHIDLPNEQARLDILKIHAGPI
TKHGEIDYEAIVKLSDGFNGADLRNVCTEAGMFAIRADHDFVVQEDFMKAVRKVADSKK
;
f
21 'polypeptide(L)'
;MNLLPNIESPVTRQEKMATVWDEAEQDGIGEEVLKMSTEEIIQRTRLLDSEIKIMKSEVLRVTHELQAMKDKIKENSEKI
KVNKTLPYLVSNVIELLDVDPNDQEEDGANIDLDSQRKGKCAVIKTSTRQTYFLPVIGLVDAEKLKPGDLVGVNKDSYLI
LETLPTEYDSRVKAMEVDERPTEQYSDIGGLDKQIQELVEAIVLPMNHKEKFENLGIQPPKGVLMYGPPGTGKTLLARAC
AAQTKATFLKLAGPQLVQMFIGDGAKLVRDAFALAKEKAPSIIFIDELDAIGTKRFDSEKAGDREVQRTMLELLNQLDGF
QPNTQVKVIAATNRVDILDPALLRSGRLDRKIEFPMPNEEARARIMQIHSRKMNVSPDVNYEELARCTDDFNGAQCKAVC
VEAGMIALRRGATELTHEDYMEGILEVQAKKKANLQYYA
;
g
22 'polypeptide(L)'
;KSQNLRRLQAQRNELNAKVRLLREELQLLQEQGSYVGEVVRAMDKKKVLVKVHPEGKFVVDVDKNIDINDVTPNCRVALR
NDSYTLHKILPNKVDPLVSLMMVEKVPDSTYEMIGGLDKQIKEIKEVIELPVKHPELFEALGIAQPKGVLLYGPPGTGKT
LLARAVAHHTDCTFIRVSGSELVQKFIGEGARMVRELFVMAREHAPSIIFMDEIDSIGSSRLEGGSGGDSEVQRTMLELL
NQLDGFEATKNIKVIMATNRIDILDSALLRPGRIDRKIEFPPPNEEARLDILKIHSRKMNLTRGINLRKIAELMPGASGA
EVKGVCTEAGMYALRERRVHVTQEDFEMAVAKVMQ
;
h
23 'polypeptide(L)'
;MITSAAGIISLLDEDEPQLKEFALHKLNAVVNDFWAEISESVDKIEVLYEDEGFRSRQFAALVASKVFYHLGAFEESLNY
ALGAGDLFNVNDNSEYVETIIAKCIDHYTKQCVENADLPEGEKKPIDQRLEGIVNKMFQRCLDDHKYKQAIGIALETRRL
DVFEKTILESNDVPGMLAYSLKLCMSLMQNKQFRNKVLRVLVKIYMNLEKPDFINVCQCLIFLDDPQAVSDILEKLVKED
NLLMAYQICFDLYESASQQFLSSVIQNLRTVGTPIASVPGSTNTGTVPGSEKDSDSMETEEKTSSAFVGKTPEASPEPKD
QTLKMIKILSGEMAIELHLQFLIRNNNTDLMILKNTKDAVRNSVCHTATVIANSFMHCGTTSDQFLRDNLEWLARATNWA
KFTATASLGVIHKGHEKEALQLMATYLPKDTSPGSAYQEGGGLYALGLIHANHGGDIIDYLLNQLKNASNDIVRHGGSLG
LGLAAMGTARQDVYDLLKTNLYQDDAVTGEAAGLALGLVMLGSKNAQAIEDMVGYAQETQHEKILRGLAVGIALVMYGRM
EEADALIESLCRDKDPILRRSGMYTVAMAYCGSGNNKAIRRLLHVAVSDVNDDVRRAAVESLGFILFRTPEQCPSVVSLL
SESYNPHVRYGAAMALGICCAGTGNKEAINLLEPMTNDPVNYVRQGALIASALIMIQQTEITCPKVNQFRQLYSKVINDK
HDDVMAKFGAILAQGILDAGGHNVTISLQSRTGHTHMPSVVGVLVFTQFWFWFPLSHFLSLAYTPTCVIGLNKDLKMPKV
QYKSNCKPSTFAYPAPLEVPKEKEKEKVSTAVLSITAKAKKKEKEKEKKEEEKMEVDEAEKKEEKEKKKEPEPNFQLLDN
PARVMPAQLKVLTMPETCRYQPFKPLSIGGIIILKDTSEDIEELVEPVAAHGPKIEEEEQEPEPPEPFEYIDD
;
i
24 'polypeptide(L)'
;MKQEGSARRRGADKAKPPPGGGEQEPPPPPAPQDVEMKEEAATGGGSTGEADGKTAAAAAEHSQRELDTVTLEDIKEHVK
QLEKAVSGKEPRFVLRALRMLPSTSRRLNHYVLYKAVQGFFTSNNATRDFLLPFLEEPMDTEADLQFRPRTGKAASTPLL
PEVEAYLQLLVVIFMMNSKRYKEAQKISDDLMQKISTQNRRALDLVAAKCYYYHARVYEFLDKLDVVRSFLHARLRTATL
RHDADGQATLLNLLLRNYLHYSLYDQAEKLVSKSVFPEQANNNEWARYLYYTGRIKAIQLEYSEARRTMTNALRKAPQHT
AVGFKQTVHKLLIVVELLLGEIPDRLQFRQPSLKRSLMPYFLLTQAVRTGNLAKFNQVLDQFGEKFQADGTYTLIIRLRH
NVIKTGVRMISLSYSRISLADIAQKLQLDSPEDAEFIVAKAIRDGVIEASINHEKGYVQSKEMIDIYSTREPQLAFHQRI
SFCLDIHNMSVKAMRFPPKSYNKDLESAEERREREQQDLEFAKEMAEDDDDSFP
;
j
25 'polypeptide(L)'
;MADGGSERADGRIVKMEVDYSATVDQRLPECAKLAKEGRLQEVIETLLSLEKQTRTASDMVSTSRILVAVVKMCYEAKEW
DLLNENIMLLSKRRSQLKQAVAKMVQQCCTYVEEITDLPIKLRLIDTLRMVTEGKIYVEIERARLTKTLATIKEQNGDVK
EAASILQELQVETYGSMEKKERVEFILEQMRLCLAVKDYIRTQIISKKINTKFFQEENTEKLKLKYYNLMIQLDQHEGSY
LSICKHYRAIYDTPCIQAESEKWQQALKSVVLYVILAPFDNEQSDLVHRISGDKKLEEIPKYKDLLKLFTTMELMRWSTL
VEDYGMELRKGSLESPATDVFGSTEEGEKRWKDLKNRVVEHNIRIMAKYYTRITMKRMAQLLDLSVDESEAFLSNLVVNK
TIFAKVDRLAGIINFQRPKDPNNLLNDWSQKLNSLMSLVNKTTHLIAKEEMIHNLQ
;
k
26 'polypeptide(L)'
;MAAAAVVEFQRAQSLLSTDREASIDILHSIVKRDIQENDEEAVQVKEQSILELGSLLAKTGQAAELGGLLKYVRPFLNSI
SKAKAARLVRSLLDLFLDMEAATGQEVELCLECIEWAKSEKRTFLRQALEARLVSLYFDTKRYQEALHLGSQLLRELKKM
DDKALLVEVQLLESKTYHALSNLPKARAALTSARTTANAIYCPPKLQATLDMQSGIIHAAEEKDWKTAYSYFYEAFEGYD
SIDSPKAITSLKYMLLCKIMLNTPEDVQALVSGKLALRYAGRQTEALKCVAQASKNRSLADFEKALTDYRAELRDDPIIS
THLAKLYDNLLEQNLIRVIEPFSRVQIEHISSLIKLSKADVERKLSQMILDKKFHGILDQGEGVLIIFDEPPVDKTYEAA
LETIQNMSKVVDSLYNKAKKLT
;
l
27 'polypeptide(L)'
;MPLENLEEEGLPKNPDLRIAQLRFLLSLPEHRGDAAVRDELMAAVRDNNMAPYYEALCKSLDWQIDVDLLNKMKKANEDE
LKRLDEELEDAEKNLGESEIRDAMMAKAEYLCRIGDKEGALTAFRKTYDKTVALGHRLDIVFYLLRIGLFYMDNDLITRN
TEKAKSLIEEGGDWDRRNRLKVYQGLYCVAIRDFKQAAELFLDTVSTFTSYELMDYKTFVTYTVYVSMIALERPDLREKV
IKGAEILEVLHSLPAVRQYLFSLYECRYSVFFQSLAVVEQEMKKDWLFAPHYRYYVREMRIHAYSQLLESYRSLTLGYMA
EAFGVGVEFIDQELSRFIAAGRLHCKIDKVNEIVETNRPDSKNWQYQETIKKGDLLLNRVQKLSRVINM
;
m
28 'polypeptide(L)'
;MPELAVQKVVVHPLVLLSVVDHFNRIGKVGNQKRVVGVLLGSWQKKVLDVSNSFAVPFDEDDKDDSVWFLDHDYLENMYG
MFKKVNARERIVGWYHTGPKLHKNDIAINELMKRYCPNSVLVIIDVKPKDLGLPTEAYISVEEVHDDGTPTSKTFEHVTS
EIGAEEAEEVGVEHLLRDIKDTTVGTLSQRITNQVHGLKGLNSKLLDIRSYLEKVATGKLPINHQIIYQLQDVFNLLPDV
SLQEFVKAFYLKTNDQMVVVYLASLIRSVVALHNLINNKIANRDAEKKEGQEKEESKKDRKEDKEKDKDKEKSDVKKEEK
KEKK
;
n
29 'polypeptide(L)'
;MKDVPGFLQQSQNSGPGQPAVWHRLEELYTKKLWHQLTLQVLDFVQDPCFAQGDGLIKLYENFISEFEHRVNPLSLVEII
LHVVRQMTDPNVALTFLEKTREKVKSSDEAVILCKTAIGALKLNIGDLQVTKETIEDVEEMLNNLPGVTSVHSRFYDLSS
KYYQTIGNHASYYKDALRFLGCVDIKDLPVSEQQERAFTLGLAGLLGEGVFNFGELLMHPVLESLRNTDRQWLIDTLYAF
NSGNVERFQTLKTAWGQQPDLAANEAQLLRKIQLLCLMEMTFTRPANHRQLTFEEIAKSAKITVNEVELLVMKALSVGLV
KGSIDEVDKRVHMTWVQPRVLDLQQIKGMKDRLEFWCTDVKSMEMLVEHQAHDILT
;
o
30 'polypeptide(L)'
;MVLESTMVCVDNSEYMRNGDFLPTRLQAQQDAVNIVCHSKTRSNPENNVGLITLANDCEVLTTLTPDTGRILSKLHTVQP
KGKITFCTGIRVAHLALKHRQGKNHKMRIIAFVGSPVEDNEKDLVKLAKRLKKEKVNVDIINFGEEEVNTEKLTAFVNTL
NGKDGTGSHLVTVPPGPSLADALISSPILAGEGGAMLGLGASDFEFGVDPSADPELALALRVSMEEQRQRQEEEARRAAA
ASAAEAGIATTGTEDSDDALLKMTISQQEFGRTGLPDLSSMTEEEQIAYAMQMSLQGAEFGQAESADIDASSAMDTSEPA
KEEDDYDVMQDPEFLQSVLENLPGVDPNNEAIRNAMGSLASQATKDGKKDKKEEDKK
;
p
31 'polypeptide(L)'
;MDRLLRLGGGMPGLGQGPPTDAPAVDTAEQVYISSLALLKMLKHGRAGVPMEVMGLMLGEFVDDYTVRVIDVFAMPQSGT
GVSVEAVDPVFQAKMLDMLKQTGRPEMVVGWYHSHPGFGCWLSGVDINTQQSFEALSERAVAVVVDPIQSVKGKVVIDAF
RLINANMMVLGHEPRQTTSNLGHLNKPSIQALIHGLNRHYYSITINYRKNELEQKMLLNLHKKSWMEGLTLQDYSEHCKH
NESVVKEMLELAKNYNKAVEEEDKMTPEQLAIKNVGKQDPKRHLEEHVDVLMTSNIVQCLAAMLDTVVFK
;
q
32 'polypeptide(L)'
;MFIKGRAPRAPPRERRRATRGGLRQVVAPPRALGSTSRPHFRRASVCRRRCRKSGGLLAASRKMAAAAVNGAAGFSSSGP
AATSGAVLQAATGMYEQLKGEWNRKSPNLSKCGEELGRLKLVLLELNFLPTTGTKLTKQQLILARDILEIGAQWSILRKD
IPSFERYMAQLKCYYFDYKEQLPESAYMHQLLGLNLLFLLSQNRVAEFHTELERLPAKDIQTNVYIKHPVSLEQYLMEGS
YNKVFLAKGNIPAESYTFFIDILLDTIRDEIAGCIEKAYEKILFTEATRILFFNTPKKMTDYAKKRGWVLGPNNYYSFAS
QQQKPEDTTIPSTELAKQVIEYARQLEMIV
;
r
33 'polypeptide(L)' MSEKKQPVDLGLLEEDDEFEEFPAEDWAGLDEDEDAHVWEDNWDDDNVEDDFSNQLRAELEKHGYKMETS s
34 'polypeptide(L)' (6V9)(7C9)(7C9)(6VA) t,u
#
# COMPACT_ATOMS: atom_id res chain seq x y z
N ARG A 4 1.79 0.32 15.39
CA ARG A 4 2.11 -0.28 14.10
C ARG A 4 2.60 0.77 13.14
N GLY A 5 3.53 0.40 12.27
CA GLY A 5 4.10 1.34 11.32
C GLY A 5 5.23 2.15 11.94
N TYR A 6 5.91 2.89 11.08
CA TYR A 6 6.99 3.79 11.49
C TYR A 6 6.72 5.26 11.25
N SER A 7 6.24 5.61 10.06
CA SER A 7 5.97 6.99 9.63
C SER A 7 7.20 7.89 9.76
N PHE A 8 8.37 7.34 9.43
CA PHE A 8 9.56 8.16 9.19
C PHE A 8 10.33 7.55 8.03
N SER A 9 10.83 8.41 7.15
CA SER A 9 11.52 7.94 5.95
C SER A 9 12.91 7.45 6.29
N LEU A 10 13.25 6.25 5.82
CA LEU A 10 14.60 5.72 5.96
C LEU A 10 15.50 6.10 4.80
N THR A 11 14.92 6.50 3.67
CA THR A 11 15.68 7.05 2.56
C THR A 11 15.88 8.53 2.87
N THR A 12 17.13 8.97 2.82
CA THR A 12 17.47 10.31 3.23
C THR A 12 18.66 10.84 2.44
N PHE A 13 19.01 12.10 2.68
CA PHE A 13 20.07 12.76 1.94
C PHE A 13 21.42 12.55 2.60
N SER A 14 22.42 12.28 1.79
CA SER A 14 23.78 12.18 2.26
C SER A 14 24.33 13.56 2.58
N PRO A 15 25.43 13.64 3.35
CA PRO A 15 26.12 14.93 3.46
C PRO A 15 26.76 15.39 2.18
N SER A 16 26.96 14.50 1.21
CA SER A 16 27.38 14.94 -0.12
C SER A 16 26.24 15.65 -0.83
N GLY A 17 25.01 15.28 -0.53
CA GLY A 17 23.86 15.79 -1.24
C GLY A 17 23.27 14.83 -2.24
N LYS A 18 23.12 13.56 -1.88
CA LYS A 18 22.54 12.58 -2.78
C LYS A 18 21.83 11.51 -1.96
N LEU A 19 21.00 10.71 -2.64
CA LEU A 19 20.26 9.67 -1.97
C LEU A 19 21.11 8.40 -1.86
N VAL A 20 21.38 8.00 -0.62
CA VAL A 20 22.22 6.84 -0.37
C VAL A 20 21.48 5.54 -0.68
N GLN A 21 20.16 5.50 -0.47
CA GLN A 21 19.42 4.28 -0.68
C GLN A 21 19.17 4.01 -2.15
N ILE A 22 19.07 5.06 -2.96
CA ILE A 22 18.72 4.89 -4.36
C ILE A 22 19.91 4.38 -5.17
N GLU A 23 21.11 4.85 -4.84
CA GLU A 23 22.29 4.32 -5.50
C GLU A 23 22.57 2.88 -5.07
N TYR A 24 22.16 2.52 -3.84
CA TYR A 24 22.20 1.12 -3.45
C TYR A 24 21.15 0.30 -4.18
N ALA A 25 20.03 0.94 -4.50
CA ALA A 25 19.00 0.26 -5.29
C ALA A 25 19.46 0.04 -6.72
N LEU A 26 20.20 0.99 -7.28
CA LEU A 26 20.76 0.80 -8.61
C LEU A 26 21.91 -0.20 -8.57
N ALA A 27 22.55 -0.35 -7.41
CA ALA A 27 23.51 -1.44 -7.25
C ALA A 27 22.81 -2.80 -7.23
N ALA A 28 21.66 -2.88 -6.55
CA ALA A 28 20.92 -4.14 -6.50
C ALA A 28 20.27 -4.46 -7.84
N VAL A 29 19.94 -3.43 -8.63
CA VAL A 29 19.54 -3.64 -10.01
C VAL A 29 20.72 -4.13 -10.83
N ALA A 30 21.88 -3.49 -10.70
CA ALA A 30 23.05 -3.84 -11.49
C ALA A 30 23.60 -5.22 -11.15
N GLY A 31 23.24 -5.77 -9.99
CA GLY A 31 23.56 -7.15 -9.69
C GLY A 31 22.46 -8.12 -10.09
N GLY A 32 21.50 -7.65 -10.88
CA GLY A 32 20.38 -8.46 -11.30
C GLY A 32 20.62 -9.15 -12.64
N ALA A 33 19.65 -9.97 -13.03
CA ALA A 33 19.76 -10.73 -14.27
C ALA A 33 19.68 -9.80 -15.48
N PRO A 34 20.51 -10.03 -16.49
CA PRO A 34 20.53 -9.11 -17.64
C PRO A 34 19.31 -9.24 -18.54
N SER A 35 18.83 -8.11 -19.03
CA SER A 35 17.61 -8.04 -19.83
C SER A 35 17.74 -6.93 -20.85
N VAL A 36 17.37 -7.21 -22.09
CA VAL A 36 17.52 -6.25 -23.18
C VAL A 36 16.13 -5.84 -23.62
N GLY A 37 16.02 -4.66 -24.23
CA GLY A 37 14.76 -4.18 -24.76
C GLY A 37 15.03 -3.28 -25.95
N ILE A 38 14.41 -3.63 -27.08
CA ILE A 38 14.71 -2.99 -28.35
C ILE A 38 13.42 -2.45 -28.95
N LYS A 39 13.32 -1.13 -28.98
CA LYS A 39 12.26 -0.42 -29.71
C LYS A 39 12.49 -0.53 -31.21
N ALA A 40 11.46 -0.97 -31.92
CA ALA A 40 11.56 -1.24 -33.35
C ALA A 40 10.40 -0.59 -34.09
N ALA A 41 10.60 -0.41 -35.40
CA ALA A 41 9.81 0.53 -36.20
C ALA A 41 8.34 0.19 -36.23
N ASN A 42 7.99 -1.10 -36.18
CA ASN A 42 6.65 -1.52 -35.81
C ASN A 42 6.78 -2.57 -34.72
N GLY A 43 6.97 -2.12 -33.50
CA GLY A 43 6.92 -3.06 -32.40
C GLY A 43 8.28 -3.23 -31.76
N VAL A 44 8.25 -3.76 -30.54
CA VAL A 44 9.43 -3.85 -29.70
C VAL A 44 9.73 -5.33 -29.45
N VAL A 45 10.84 -5.58 -28.76
CA VAL A 45 11.15 -6.91 -28.23
C VAL A 45 11.86 -6.74 -26.90
N LEU A 46 11.38 -7.44 -25.89
CA LEU A 46 11.92 -7.31 -24.54
C LEU A 46 12.39 -8.67 -24.08
N ALA A 47 13.68 -8.94 -24.28
CA ALA A 47 14.21 -10.24 -23.96
C ALA A 47 14.80 -10.23 -22.55
N THR A 48 14.82 -11.40 -21.93
CA THR A 48 15.41 -11.53 -20.60
C THR A 48 15.91 -12.95 -20.42
N GLU A 49 16.62 -13.14 -19.33
CA GLU A 49 17.43 -14.33 -19.08
C GLU A 49 16.99 -14.97 -17.78
N LYS A 50 16.48 -16.20 -17.89
CA LYS A 50 15.97 -16.97 -16.77
C LYS A 50 16.93 -18.13 -16.44
N LYS A 51 18.02 -17.83 -15.75
CA LYS A 51 18.94 -18.88 -15.29
C LYS A 51 18.54 -19.22 -13.87
N GLN A 52 18.07 -20.45 -13.67
CA GLN A 52 17.77 -20.92 -12.33
C GLN A 52 19.01 -21.58 -11.73
N LYS A 53 18.86 -22.16 -10.54
CA LYS A 53 20.00 -22.80 -9.89
C LYS A 53 20.40 -24.07 -10.63
N SER A 54 19.47 -25.01 -10.75
CA SER A 54 19.72 -26.27 -11.43
C SER A 54 18.73 -26.45 -12.57
N ILE A 55 18.84 -27.58 -13.25
CA ILE A 55 17.80 -28.01 -14.20
C ILE A 55 16.82 -28.81 -13.35
N LEU A 56 16.00 -28.10 -12.61
CA LEU A 56 15.12 -28.75 -11.64
C LEU A 56 13.75 -28.10 -11.60
N TYR A 57 13.60 -26.90 -12.14
CA TYR A 57 12.43 -26.10 -11.84
C TYR A 57 11.48 -26.17 -13.03
N ASP A 58 10.29 -25.60 -12.85
CA ASP A 58 9.31 -25.49 -13.93
C ASP A 58 9.52 -24.16 -14.61
N GLU A 59 10.01 -24.20 -15.86
CA GLU A 59 10.27 -22.98 -16.61
C GLU A 59 9.01 -22.46 -17.29
N ARG A 60 7.88 -23.14 -17.11
CA ARG A 60 6.59 -22.61 -17.52
C ARG A 60 5.79 -22.10 -16.34
N SER A 61 6.42 -21.99 -15.16
CA SER A 61 5.70 -21.62 -13.95
C SER A 61 5.75 -20.12 -13.70
N VAL A 62 6.94 -19.57 -13.54
CA VAL A 62 7.10 -18.13 -13.34
C VAL A 62 7.47 -17.49 -14.66
N HIS A 63 7.07 -16.24 -14.84
CA HIS A 63 7.35 -15.50 -16.05
C HIS A 63 8.13 -14.25 -15.69
N LYS A 64 8.77 -13.65 -16.70
CA LYS A 64 9.36 -12.33 -16.54
C LYS A 64 8.78 -11.37 -17.56
N VAL A 65 8.53 -11.86 -18.77
CA VAL A 65 7.55 -11.21 -19.64
C VAL A 65 6.16 -11.51 -19.11
N GLU A 66 5.41 -10.47 -18.76
CA GLU A 66 4.01 -10.64 -18.41
C GLU A 66 3.27 -9.32 -18.65
N PRO A 67 2.08 -9.37 -19.25
CA PRO A 67 1.45 -8.14 -19.73
C PRO A 67 0.79 -7.36 -18.62
N ILE A 68 0.49 -6.10 -18.93
CA ILE A 68 -0.44 -5.35 -18.11
C ILE A 68 -1.70 -5.20 -18.93
N THR A 69 -2.48 -6.27 -18.94
CA THR A 69 -3.91 -6.37 -19.21
C THR A 69 -4.39 -6.04 -20.62
N LYS A 70 -3.65 -5.23 -21.40
CA LYS A 70 -4.12 -4.96 -22.75
C LYS A 70 -3.06 -5.22 -23.80
N HIS A 71 -2.02 -4.37 -23.83
CA HIS A 71 -0.96 -4.47 -24.83
C HIS A 71 0.37 -4.00 -24.28
N ILE A 72 0.57 -4.09 -22.97
CA ILE A 72 1.73 -3.49 -22.32
C ILE A 72 2.39 -4.55 -21.46
N GLY A 73 3.54 -5.05 -21.89
CA GLY A 73 4.30 -5.96 -21.06
C GLY A 73 5.43 -5.22 -20.36
N LEU A 74 5.91 -5.82 -19.29
CA LEU A 74 7.01 -5.19 -18.58
C LEU A 74 7.94 -6.22 -17.97
N VAL A 75 9.24 -6.02 -18.21
CA VAL A 75 10.32 -6.95 -17.87
C VAL A 75 11.23 -6.22 -16.90
N TYR A 76 11.86 -6.94 -15.99
CA TYR A 76 12.63 -6.32 -14.92
C TYR A 76 14.08 -6.77 -14.95
N SER A 77 14.84 -6.25 -13.97
CA SER A 77 16.17 -6.70 -13.66
C SER A 77 16.50 -6.28 -12.24
N GLY A 78 16.59 -7.25 -11.34
CA GLY A 78 16.96 -6.95 -9.97
C GLY A 78 16.28 -7.86 -8.99
N MET A 79 15.58 -7.25 -8.02
CA MET A 79 14.90 -7.99 -6.96
C MET A 79 13.75 -8.79 -7.53
N GLY A 80 13.53 -9.96 -6.95
CA GLY A 80 12.52 -10.89 -7.44
C GLY A 80 11.09 -10.45 -7.20
N PRO A 81 10.65 -10.44 -5.94
CA PRO A 81 9.21 -10.26 -5.69
C PRO A 81 8.73 -8.82 -5.67
N ASP A 82 9.66 -7.86 -5.53
CA ASP A 82 9.29 -6.45 -5.63
C ASP A 82 8.76 -6.13 -7.01
N TYR A 83 9.31 -6.81 -8.02
CA TYR A 83 8.73 -6.83 -9.35
C TYR A 83 7.28 -7.27 -9.34
N ARG A 84 6.98 -8.36 -8.62
CA ARG A 84 5.62 -8.90 -8.61
C ARG A 84 4.64 -7.93 -7.95
N VAL A 85 5.11 -7.18 -6.96
CA VAL A 85 4.32 -6.09 -6.41
C VAL A 85 4.08 -5.01 -7.44
N LEU A 86 5.10 -4.67 -8.23
CA LEU A 86 4.91 -3.63 -9.25
C LEU A 86 4.01 -4.07 -10.39
N VAL A 87 3.94 -5.38 -10.65
CA VAL A 87 2.99 -5.89 -11.62
C VAL A 87 1.59 -5.80 -11.05
N HIS A 88 1.44 -6.10 -9.76
CA HIS A 88 0.14 -6.02 -9.10
C HIS A 88 -0.41 -4.60 -9.09
N ARG A 89 0.43 -3.64 -8.67
CA ARG A 89 0.05 -2.23 -8.68
C ARG A 89 -0.17 -1.72 -10.09
N ALA A 90 0.63 -2.18 -11.06
CA ALA A 90 0.51 -1.67 -12.42
C ALA A 90 -0.77 -2.16 -13.08
N ARG A 91 -1.13 -3.43 -12.87
CA ARG A 91 -2.40 -3.94 -13.38
C ARG A 91 -3.57 -3.22 -12.75
N LYS A 92 -3.47 -2.92 -11.44
CA LYS A 92 -4.54 -2.20 -10.78
C LYS A 92 -4.69 -0.77 -11.32
N LEU A 93 -3.58 -0.09 -11.57
CA LEU A 93 -3.66 1.28 -12.09
C LEU A 93 -4.19 1.31 -13.52
N ALA A 94 -3.77 0.34 -14.34
CA ALA A 94 -4.33 0.21 -15.68
C ALA A 94 -5.82 -0.12 -15.66
N GLN A 95 -6.31 -0.78 -14.62
CA GLN A 95 -7.74 -1.05 -14.60
C GLN A 95 -8.55 0.08 -14.00
N GLN A 96 -7.99 0.88 -13.10
CA GLN A 96 -8.63 2.14 -12.76
C GLN A 96 -8.78 3.01 -14.00
N TYR A 97 -7.71 3.15 -14.78
CA TYR A 97 -7.77 3.95 -15.99
C TYR A 97 -8.76 3.37 -16.99
N TYR A 98 -8.82 2.04 -17.09
CA TYR A 98 -9.72 1.46 -18.06
C TYR A 98 -11.18 1.59 -17.63
N LEU A 99 -11.46 1.53 -16.32
CA LEU A 99 -12.84 1.67 -15.92
C LEU A 99 -13.31 3.11 -15.92
N VAL A 100 -12.40 4.09 -15.88
CA VAL A 100 -12.89 5.46 -15.95
C VAL A 100 -12.86 6.01 -17.38
N TYR A 101 -11.87 5.68 -18.21
CA TYR A 101 -11.80 6.29 -19.54
C TYR A 101 -12.14 5.35 -20.68
N GLN A 102 -12.43 4.07 -20.42
CA GLN A 102 -12.97 3.10 -21.40
C GLN A 102 -12.08 2.88 -22.61
N GLU A 103 -10.78 3.14 -22.50
CA GLU A 103 -9.80 2.68 -23.46
C GLU A 103 -8.63 2.02 -22.75
N PRO A 104 -7.92 1.12 -23.42
CA PRO A 104 -6.61 0.67 -22.92
C PRO A 104 -5.68 1.85 -22.71
N ILE A 105 -4.91 1.75 -21.64
CA ILE A 105 -4.16 2.90 -21.13
C ILE A 105 -3.03 3.24 -22.09
N PRO A 106 -2.80 4.51 -22.40
CA PRO A 106 -1.56 4.90 -23.07
C PRO A 106 -0.38 4.52 -22.21
N THR A 107 0.69 4.04 -22.89
CA THR A 107 1.86 3.54 -22.21
C THR A 107 2.52 4.62 -21.37
N ALA A 108 2.55 5.85 -21.89
CA ALA A 108 3.15 6.98 -21.20
C ALA A 108 2.47 7.24 -19.85
N GLN A 109 1.13 7.15 -19.80
CA GLN A 109 0.42 7.37 -18.55
C GLN A 109 0.62 6.24 -17.56
N LEU A 110 0.76 5.01 -18.06
CA LEU A 110 1.08 3.90 -17.17
C LEU A 110 2.46 4.06 -16.58
N VAL A 111 3.39 4.61 -17.34
CA VAL A 111 4.72 4.86 -16.78
C VAL A 111 4.68 6.05 -15.83
N GLN A 112 3.78 7.02 -16.08
CA GLN A 112 3.55 8.09 -15.10
C GLN A 112 3.10 7.54 -13.76
N ARG A 113 2.15 6.61 -13.78
CA ARG A 113 1.56 6.16 -12.53
C ARG A 113 2.43 5.11 -11.83
N VAL A 114 3.15 4.30 -12.59
CA VAL A 114 4.08 3.35 -11.98
C VAL A 114 5.28 4.10 -11.40
N ALA A 115 5.76 5.14 -12.09
CA ALA A 115 6.81 5.97 -11.49
C ALA A 115 6.27 6.80 -10.33
N SER A 116 4.97 7.03 -10.30
CA SER A 116 4.38 7.74 -9.17
C SER A 116 4.29 6.84 -7.94
N VAL A 117 4.01 5.55 -8.14
CA VAL A 117 3.90 4.66 -6.97
C VAL A 117 5.28 4.24 -6.48
N MET A 118 6.30 4.25 -7.34
CA MET A 118 7.65 3.92 -6.90
C MET A 118 8.32 5.07 -6.20
N GLN A 119 7.73 6.27 -6.24
CA GLN A 119 8.37 7.41 -5.60
C GLN A 119 8.15 7.38 -4.10
N GLU A 120 6.94 7.04 -3.64
CA GLU A 120 6.66 7.20 -2.23
C GLU A 120 7.32 6.12 -1.39
N TYR A 121 7.86 5.09 -2.03
CA TYR A 121 8.73 4.15 -1.34
C TYR A 121 10.16 4.64 -1.24
N THR A 122 10.47 5.81 -1.79
CA THR A 122 11.67 6.55 -1.43
C THR A 122 11.38 7.51 -0.29
N GLN A 123 10.16 7.46 0.24
CA GLN A 123 9.72 8.25 1.38
C GLN A 123 8.84 7.42 2.30
N SER A 124 8.07 8.05 3.17
CA SER A 124 6.82 7.51 3.71
C SER A 124 7.01 6.26 4.56
N GLY A 125 7.72 6.37 5.67
CA GLY A 125 7.54 5.43 6.75
C GLY A 125 8.22 4.08 6.71
N GLY A 126 9.55 4.08 6.73
CA GLY A 126 10.25 2.84 7.00
C GLY A 126 10.43 1.93 5.82
N VAL A 127 9.69 2.14 4.74
CA VAL A 127 9.81 1.31 3.56
C VAL A 127 11.10 1.63 2.83
N ARG A 128 11.78 0.60 2.40
CA ARG A 128 12.93 0.77 1.54
C ARG A 128 12.48 0.82 0.09
N PRO A 129 13.20 1.52 -0.78
CA PRO A 129 12.81 1.55 -2.20
C PRO A 129 12.98 0.19 -2.85
N PHE A 130 12.31 0.02 -3.99
CA PHE A 130 12.06 -1.32 -4.53
C PHE A 130 13.33 -1.98 -5.05
N GLY A 131 14.16 -1.22 -5.76
CA GLY A 131 15.36 -1.81 -6.32
C GLY A 131 15.06 -2.69 -7.50
N VAL A 132 14.05 -2.34 -8.29
CA VAL A 132 13.72 -3.02 -9.53
C VAL A 132 13.54 -1.95 -10.60
N SER A 133 14.43 -1.92 -11.58
CA SER A 133 14.30 -0.95 -12.67
C SER A 133 13.67 -1.65 -13.86
N LEU A 134 12.38 -1.92 -13.77
CA LEU A 134 11.70 -2.61 -14.84
C LEU A 134 11.48 -1.67 -16.03
N LEU A 135 11.38 -2.25 -17.21
CA LEU A 135 11.19 -1.48 -18.43
C LEU A 135 9.86 -1.85 -19.08
N ILE A 136 9.30 -0.92 -19.85
CA ILE A 136 7.92 -0.98 -20.28
C ILE A 136 7.90 -1.10 -21.80
N CYS A 137 6.86 -1.72 -22.35
CA CYS A 137 6.61 -1.69 -23.78
C CYS A 137 5.20 -1.17 -24.03
N GLY A 138 4.73 -1.27 -25.27
CA GLY A 138 3.38 -0.82 -25.57
C GLY A 138 3.23 -0.30 -26.97
N TRP A 139 2.10 -0.58 -27.63
CA TRP A 139 1.94 -0.29 -29.05
C TRP A 139 1.46 1.14 -29.29
N ASN A 140 0.99 1.81 -28.21
CA ASN A 140 -0.04 2.86 -28.18
C ASN A 140 -0.10 3.76 -29.40
N GLU A 141 -1.33 4.05 -29.87
CA GLU A 141 -1.74 4.23 -31.27
C GLU A 141 -0.70 4.86 -32.20
N GLY A 142 -0.46 4.20 -33.31
CA GLY A 142 0.43 4.71 -34.34
C GLY A 142 1.86 4.22 -34.27
N ARG A 143 2.53 4.45 -33.14
CA ARG A 143 3.93 4.10 -33.00
C ARG A 143 4.18 3.49 -31.64
N PRO A 144 5.04 2.48 -31.54
CA PRO A 144 5.25 1.82 -30.25
C PRO A 144 6.04 2.68 -29.29
N TYR A 145 5.93 2.37 -28.00
CA TYR A 145 6.62 3.10 -26.96
C TYR A 145 7.52 2.14 -26.20
N LEU A 146 8.48 2.70 -25.47
CA LEU A 146 9.30 1.92 -24.58
C LEU A 146 9.81 2.85 -23.49
N PHE A 147 9.84 2.37 -22.25
CA PHE A 147 10.23 3.20 -21.11
C PHE A 147 11.03 2.34 -20.13
N GLN A 148 11.41 2.95 -19.01
CA GLN A 148 12.07 2.23 -17.92
C GLN A 148 11.89 3.03 -16.63
N SER A 149 11.23 2.44 -15.63
CA SER A 149 11.05 3.13 -14.36
C SER A 149 12.15 2.66 -13.41
N ASP A 150 13.11 3.54 -13.14
CA ASP A 150 14.17 3.30 -12.18
C ASP A 150 13.60 3.24 -10.76
N PRO A 151 14.31 2.60 -9.81
CA PRO A 151 13.82 2.62 -8.42
C PRO A 151 13.85 3.98 -7.76
N SER A 152 14.53 4.97 -8.33
CA SER A 152 14.27 6.35 -7.95
C SER A 152 12.84 6.73 -8.26
N GLY A 153 12.45 6.61 -9.52
CA GLY A 153 11.18 7.09 -10.01
C GLY A 153 11.28 7.84 -11.31
N ALA A 154 12.47 7.93 -11.90
CA ALA A 154 12.64 8.56 -13.19
C ALA A 154 12.27 7.58 -14.30
N TYR A 155 12.13 8.10 -15.51
CA TYR A 155 11.78 7.30 -16.67
C TYR A 155 12.22 8.02 -17.93
N PHE A 156 12.68 7.24 -18.92
CA PHE A 156 13.16 7.80 -20.17
C PHE A 156 12.73 6.87 -21.31
N ALA A 157 12.47 7.45 -22.48
CA ALA A 157 12.10 6.64 -23.64
C ALA A 157 13.24 6.63 -24.65
N TRP A 158 13.43 5.50 -25.32
CA TRP A 158 14.54 5.39 -26.28
C TRP A 158 14.25 4.40 -27.39
N LYS A 159 15.32 3.97 -28.04
CA LYS A 159 15.27 3.05 -29.16
C LYS A 159 15.81 1.67 -28.79
N ALA A 160 16.63 1.58 -27.75
CA ALA A 160 17.22 0.32 -27.30
C ALA A 160 17.86 0.54 -25.92
N THR A 161 17.88 -0.51 -25.11
CA THR A 161 18.60 -0.51 -23.85
C THR A 161 18.87 -1.92 -23.39
N ALA A 162 19.70 -2.01 -22.36
CA ALA A 162 19.89 -3.22 -21.60
C ALA A 162 19.96 -2.84 -20.12
N MET A 163 19.97 -3.84 -19.26
CA MET A 163 19.97 -3.65 -17.82
C MET A 163 20.39 -4.96 -17.18
N GLY A 164 20.60 -4.94 -15.87
CA GLY A 164 21.02 -6.14 -15.16
C GLY A 164 22.53 -6.23 -15.08
N LYS A 165 23.06 -7.42 -15.28
CA LYS A 165 24.50 -7.59 -15.34
C LYS A 165 25.06 -6.95 -16.61
N ASN A 166 26.31 -6.47 -16.50
CA ASN A 166 27.19 -5.86 -17.51
C ASN A 166 26.48 -5.04 -18.58
N TYR A 167 25.58 -4.16 -18.14
CA TYR A 167 24.70 -3.42 -19.03
C TYR A 167 25.41 -2.33 -19.81
N VAL A 168 26.65 -2.01 -19.43
CA VAL A 168 27.44 -1.07 -20.22
C VAL A 168 27.75 -1.68 -21.58
N ASN A 169 28.03 -2.99 -21.61
CA ASN A 169 28.25 -3.69 -22.86
C ASN A 169 26.96 -3.76 -23.69
N GLY A 170 25.82 -3.83 -23.02
CA GLY A 170 24.56 -3.83 -23.72
C GLY A 170 24.23 -2.48 -24.34
N LYS A 171 24.52 -1.41 -23.60
CA LYS A 171 24.22 -0.07 -24.12
C LYS A 171 25.18 0.31 -25.24
N THR A 172 26.46 -0.02 -25.09
CA THR A 172 27.42 0.25 -26.15
C THR A 172 27.17 -0.63 -27.37
N PHE A 173 26.81 -1.90 -27.14
CA PHE A 173 26.61 -2.82 -28.25
C PHE A 173 25.33 -2.48 -29.01
N LEU A 174 24.28 -2.07 -28.30
CA LEU A 174 23.07 -1.64 -28.98
C LEU A 174 23.24 -0.28 -29.61
N GLU A 175 24.17 0.54 -29.09
CA GLU A 175 24.49 1.80 -29.76
C GLU A 175 25.20 1.55 -31.08
N LYS A 176 26.00 0.48 -31.13
CA LYS A 176 26.65 0.10 -32.37
C LYS A 176 25.65 -0.45 -33.38
N ARG A 177 24.92 -1.50 -33.03
CA ARG A 177 24.00 -2.15 -33.96
C ARG A 177 22.56 -1.72 -33.70
N TYR A 178 22.18 -0.55 -34.25
CA TYR A 178 20.78 -0.15 -34.27
C TYR A 178 20.52 0.65 -35.52
N ASN A 179 19.39 0.40 -36.16
CA ASN A 179 18.93 1.20 -37.27
C ASN A 179 17.51 1.67 -36.97
N GLU A 180 17.15 2.86 -37.44
CA GLU A 180 15.84 3.43 -37.14
C GLU A 180 14.70 2.76 -37.88
N ASP A 181 14.97 1.91 -38.87
CA ASP A 181 13.89 1.21 -39.56
C ASP A 181 13.89 -0.27 -39.21
N LEU A 182 14.84 -0.72 -38.40
CA LEU A 182 15.07 -2.11 -38.05
C LEU A 182 13.88 -2.63 -37.25
N GLU A 183 13.04 -3.50 -37.84
CA GLU A 183 11.66 -3.54 -37.38
C GLU A 183 11.18 -4.90 -36.85
N LEU A 184 11.39 -6.01 -37.53
CA LEU A 184 10.69 -7.22 -37.14
C LEU A 184 11.58 -8.43 -37.33
N GLU A 185 11.81 -9.11 -36.20
CA GLU A 185 12.60 -10.32 -35.95
C GLU A 185 14.10 -10.11 -36.11
N ASP A 186 14.49 -9.07 -36.84
CA ASP A 186 15.87 -8.62 -36.85
C ASP A 186 16.21 -7.99 -35.50
N ALA A 187 15.25 -7.25 -34.95
CA ALA A 187 15.35 -6.82 -33.57
C ALA A 187 15.43 -8.01 -32.63
N ILE A 188 14.61 -9.05 -32.89
CA ILE A 188 14.66 -10.26 -32.09
C ILE A 188 16.03 -10.90 -32.22
N HIS A 189 16.57 -10.86 -33.45
CA HIS A 189 17.91 -11.39 -33.73
C HIS A 189 18.97 -10.71 -32.89
N THR A 190 18.98 -9.37 -32.89
CA THR A 190 20.05 -8.71 -32.16
C THR A 190 19.80 -8.78 -30.67
N ALA A 191 18.54 -8.93 -30.26
CA ALA A 191 18.25 -9.16 -28.84
C ALA A 191 18.82 -10.49 -28.39
N ILE A 192 18.66 -11.51 -29.23
CA ILE A 192 19.21 -12.82 -28.93
C ILE A 192 20.72 -12.77 -28.90
N LEU A 193 21.34 -11.99 -29.80
CA LEU A 193 22.79 -11.91 -29.72
C LEU A 193 23.25 -10.74 -28.85
N THR A 194 22.35 -10.22 -28.03
CA THR A 194 22.80 -9.39 -26.91
C THR A 194 22.81 -10.22 -25.63
N LEU A 195 21.84 -11.12 -25.49
CA LEU A 195 21.89 -12.05 -24.38
C LEU A 195 22.94 -13.12 -24.59
N LYS A 196 23.20 -13.50 -25.85
CA LYS A 196 24.24 -14.44 -26.22
C LYS A 196 25.64 -13.92 -25.91
N GLU A 197 25.78 -12.61 -25.71
CA GLU A 197 27.07 -11.99 -25.46
C GLU A 197 27.74 -12.53 -24.20
N SER A 198 27.03 -12.56 -23.07
CA SER A 198 27.55 -13.29 -21.92
C SER A 198 26.79 -14.58 -21.68
N PHE A 199 25.56 -14.52 -21.16
CA PHE A 199 24.61 -15.61 -20.88
C PHE A 199 25.10 -16.63 -19.83
N GLU A 200 26.38 -16.61 -19.47
CA GLU A 200 27.13 -17.74 -18.91
C GLU A 200 26.77 -19.10 -19.54
N GLY A 201 26.72 -19.15 -20.86
CA GLY A 201 26.94 -20.42 -21.54
C GLY A 201 25.75 -21.14 -22.16
N GLN A 202 25.96 -21.52 -23.43
CA GLN A 202 25.29 -22.52 -24.25
C GLN A 202 23.93 -22.10 -24.82
N MET A 203 23.34 -20.99 -24.36
CA MET A 203 22.15 -20.34 -24.95
C MET A 203 20.96 -21.30 -25.07
N THR A 204 20.45 -21.70 -23.92
CA THR A 204 19.32 -22.62 -23.86
C THR A 204 18.01 -21.84 -24.00
N GLU A 205 17.09 -22.36 -24.81
CA GLU A 205 15.79 -21.74 -25.04
C GLU A 205 14.90 -21.70 -23.80
N ASP A 206 15.08 -22.62 -22.86
CA ASP A 206 14.34 -22.58 -21.62
C ASP A 206 14.88 -21.55 -20.64
N ASN A 207 16.04 -20.96 -20.94
CA ASN A 207 16.63 -19.98 -20.06
C ASN A 207 16.47 -18.56 -20.58
N ILE A 208 15.85 -18.37 -21.74
CA ILE A 208 15.49 -17.05 -22.22
C ILE A 208 14.01 -17.04 -22.56
N GLU A 209 13.41 -15.87 -22.47
CA GLU A 209 12.05 -15.65 -22.94
C GLU A 209 11.96 -14.22 -23.45
N VAL A 210 11.23 -14.04 -24.54
CA VAL A 210 11.08 -12.74 -25.17
C VAL A 210 9.61 -12.39 -25.21
N GLY A 211 9.32 -11.12 -25.44
CA GLY A 211 7.94 -10.67 -25.59
C GLY A 211 7.87 -9.52 -26.57
N ILE A 212 6.92 -9.58 -27.49
CA ILE A 212 6.83 -8.60 -28.57
C ILE A 212 5.50 -7.88 -28.48
N CYS A 213 5.38 -6.77 -29.20
CA CYS A 213 4.19 -5.92 -29.16
C CYS A 213 3.75 -5.62 -30.59
N ASN A 214 3.58 -6.68 -31.37
CA ASN A 214 3.40 -6.60 -32.81
C ASN A 214 1.99 -6.15 -33.20
N GLU A 215 1.64 -4.92 -32.81
CA GLU A 215 0.40 -4.18 -33.15
C GLU A 215 -0.90 -4.96 -32.88
N ALA A 216 -0.84 -6.04 -32.11
CA ALA A 216 -2.00 -6.86 -31.81
C ALA A 216 -1.98 -7.27 -30.35
N GLY A 217 -1.52 -6.39 -29.48
CA GLY A 217 -1.38 -6.74 -28.09
C GLY A 217 -0.02 -7.34 -27.79
N PHE A 218 0.51 -7.00 -26.61
CA PHE A 218 1.67 -7.70 -26.10
C PHE A 218 1.37 -9.17 -25.92
N ARG A 219 2.31 -10.02 -26.30
CA ARG A 219 2.14 -11.45 -26.10
C ARG A 219 3.50 -12.07 -25.83
N ARG A 220 3.52 -13.01 -24.90
CA ARG A 220 4.72 -13.79 -24.68
C ARG A 220 4.95 -14.69 -25.88
N LEU A 221 6.20 -15.05 -26.10
CA LEU A 221 6.53 -15.99 -27.15
C LEU A 221 6.58 -17.40 -26.56
N THR A 222 5.93 -18.31 -27.26
CA THR A 222 5.95 -19.71 -26.87
C THR A 222 7.37 -20.26 -26.97
N PRO A 223 7.72 -21.23 -26.11
CA PRO A 223 9.09 -21.78 -26.13
C PRO A 223 9.46 -22.52 -27.40
N THR A 224 8.50 -22.85 -28.27
CA THR A 224 8.80 -23.42 -29.58
C THR A 224 9.20 -22.36 -30.61
N GLU A 225 9.12 -21.08 -30.27
CA GLU A 225 9.41 -20.03 -31.22
C GLU A 225 10.80 -19.44 -30.96
N VAL A 226 11.17 -19.33 -29.70
CA VAL A 226 12.52 -18.88 -29.36
C VAL A 226 13.54 -19.91 -29.81
N LYS A 227 13.27 -21.21 -29.57
CA LYS A 227 14.18 -22.25 -30.02
C LYS A 227 14.23 -22.33 -31.53
N ASP A 228 13.12 -21.95 -32.18
CA ASP A 228 13.09 -21.84 -33.63
C ASP A 228 14.13 -20.85 -34.11
N TYR A 229 14.16 -19.65 -33.52
CA TYR A 229 15.19 -18.73 -33.99
C TYR A 229 16.54 -19.08 -33.38
N LEU A 230 16.57 -19.89 -32.33
CA LEU A 230 17.84 -20.40 -31.86
C LEU A 230 18.37 -21.48 -32.78
N ALA A 231 17.51 -22.09 -33.57
CA ALA A 231 17.95 -22.93 -34.67
C ALA A 231 18.37 -22.09 -35.86
N ALA A 232 17.82 -20.88 -35.99
CA ALA A 232 18.19 -19.99 -37.10
C ALA A 232 19.25 -18.97 -36.72
N ILE A 233 20.16 -19.30 -35.79
CA ILE A 233 21.25 -18.41 -35.46
C ILE A 233 22.35 -18.50 -36.51
N SER B 2 11.69 2.65 15.77
CA SER B 2 12.40 2.96 17.00
C SER B 2 13.16 4.27 16.88
N ARG B 3 13.47 4.90 18.03
CA ARG B 3 14.15 6.18 18.00
C ARG B 3 15.64 6.05 17.73
N ARG B 4 16.16 4.83 17.66
CA ARG B 4 17.52 4.62 17.18
C ARG B 4 17.59 4.68 15.67
N TYR B 5 16.47 4.51 14.98
CA TYR B 5 16.47 4.29 13.54
C TYR B 5 16.15 5.54 12.75
N ASP B 6 15.50 6.53 13.35
CA ASP B 6 15.02 7.68 12.59
C ASP B 6 16.17 8.59 12.17
N SER B 7 16.07 9.10 10.95
CA SER B 7 17.10 9.99 10.45
C SER B 7 17.04 11.36 11.11
N ARG B 8 15.88 11.72 11.68
CA ARG B 8 15.64 12.98 12.38
C ARG B 8 15.90 14.18 11.46
N THR B 9 15.05 14.25 10.44
CA THR B 9 15.20 15.28 9.42
C THR B 9 14.81 16.65 9.95
N THR B 10 13.79 16.71 10.80
CA THR B 10 13.24 17.98 11.25
C THR B 10 13.88 18.44 12.55
N ILE B 11 15.20 18.58 12.52
CA ILE B 11 15.99 19.02 13.66
C ILE B 11 16.81 20.22 13.23
N PHE B 12 16.85 21.26 14.06
CA PHE B 12 17.79 22.35 13.83
C PHE B 12 19.20 21.90 14.18
N SER B 13 20.17 22.36 13.39
CA SER B 13 21.57 22.20 13.73
C SER B 13 21.91 23.03 14.97
N PRO B 14 23.02 22.73 15.64
CA PRO B 14 23.53 23.67 16.66
C PRO B 14 23.96 25.00 16.07
N GLU B 15 24.32 25.04 14.78
CA GLU B 15 24.51 26.30 14.07
C GLU B 15 23.19 26.90 13.59
N GLY B 16 22.06 26.24 13.89
CA GLY B 16 20.76 26.79 13.62
C GLY B 16 20.14 26.37 12.31
N ARG B 17 20.93 25.85 11.38
CA ARG B 17 20.38 25.53 10.06
C ARG B 17 19.77 24.13 10.06
N LEU B 18 19.35 23.70 8.87
CA LEU B 18 18.63 22.45 8.67
C LEU B 18 19.49 21.52 7.83
N TYR B 19 19.87 20.38 8.41
CA TYR B 19 20.81 19.49 7.76
C TYR B 19 20.24 18.88 6.49
N GLN B 20 19.00 18.40 6.54
CA GLN B 20 18.42 17.79 5.34
C GLN B 20 17.99 18.81 4.30
N VAL B 21 17.97 20.09 4.63
CA VAL B 21 17.57 21.08 3.64
C VAL B 21 18.78 21.54 2.82
N GLU B 22 19.88 21.93 3.49
CA GLU B 22 21.04 22.29 2.70
C GLU B 22 21.76 21.12 2.06
N TYR B 23 21.39 19.88 2.38
CA TYR B 23 21.86 18.78 1.56
C TYR B 23 21.09 18.72 0.24
N ALA B 24 19.86 19.23 0.22
CA ALA B 24 19.14 19.35 -1.05
C ALA B 24 19.71 20.48 -1.90
N MET B 25 20.26 21.51 -1.26
CA MET B 25 20.86 22.61 -2.01
C MET B 25 22.13 22.16 -2.72
N GLU B 26 22.86 21.21 -2.14
CA GLU B 26 23.98 20.62 -2.84
C GLU B 26 23.56 19.58 -3.86
N ALA B 27 22.31 19.11 -3.79
CA ALA B 27 21.81 18.22 -4.82
C ALA B 27 21.49 18.97 -6.10
N ILE B 28 21.21 20.27 -5.98
CA ILE B 28 20.95 21.09 -7.17
C ILE B 28 22.22 21.32 -7.97
N GLY B 29 23.33 21.57 -7.29
CA GLY B 29 24.60 21.84 -7.95
C GLY B 29 25.18 20.67 -8.72
N HIS B 30 24.76 19.45 -8.42
CA HIS B 30 25.18 18.29 -9.21
C HIS B 30 24.49 18.25 -10.56
N ALA B 31 23.16 18.38 -10.59
CA ALA B 31 22.43 18.36 -11.84
C ALA B 31 21.44 19.53 -11.86
N GLY B 32 21.63 20.42 -12.83
CA GLY B 32 20.78 21.58 -12.91
C GLY B 32 21.31 22.65 -13.85
N THR B 33 20.39 23.18 -14.64
CA THR B 33 20.66 24.13 -15.72
C THR B 33 19.38 24.96 -15.77
N CYS B 34 18.94 25.36 -16.96
CA CYS B 34 17.62 25.94 -17.25
C CYS B 34 17.41 27.28 -16.56
N LEU B 35 18.14 28.28 -17.02
CA LEU B 35 17.89 29.68 -16.70
C LEU B 35 16.57 30.15 -17.29
N GLY B 36 16.14 31.34 -16.89
CA GLY B 36 14.93 31.94 -17.42
C GLY B 36 15.06 33.45 -17.49
N ILE B 37 14.66 34.01 -18.64
CA ILE B 37 14.79 35.44 -18.89
C ILE B 37 13.42 35.99 -19.24
N LEU B 38 13.02 37.09 -18.59
CA LEU B 38 11.81 37.78 -19.00
C LEU B 38 12.19 39.06 -19.75
N ALA B 39 11.21 39.60 -20.47
CA ALA B 39 11.39 40.84 -21.21
C ALA B 39 10.18 41.73 -20.96
N ASN B 40 10.07 42.82 -21.73
CA ASN B 40 8.78 43.48 -21.84
C ASN B 40 7.79 42.56 -22.53
N ASP B 41 8.26 41.78 -23.49
CA ASP B 41 7.53 40.65 -24.01
C ASP B 41 7.68 39.46 -23.07
N GLY B 42 7.31 38.29 -23.56
CA GLY B 42 7.20 37.13 -22.69
C GLY B 42 8.51 36.55 -22.20
N VAL B 43 8.39 35.39 -21.51
CA VAL B 43 9.48 34.87 -20.71
C VAL B 43 9.92 33.54 -21.30
N LEU B 44 11.21 33.20 -21.19
CA LEU B 44 11.68 31.93 -21.71
C LEU B 44 12.50 31.17 -20.67
N LEU B 45 12.38 29.84 -20.73
CA LEU B 45 13.33 28.92 -20.13
C LEU B 45 14.39 28.55 -21.16
N ALA B 46 15.57 28.19 -20.68
CA ALA B 46 16.65 27.69 -21.50
C ALA B 46 17.37 26.62 -20.70
N ALA B 47 17.44 25.41 -21.27
CA ALA B 47 17.60 24.19 -20.51
C ALA B 47 18.67 23.30 -21.13
N GLU B 48 19.09 22.29 -20.38
CA GLU B 48 20.05 21.28 -20.84
C GLU B 48 19.48 19.91 -20.58
N ARG B 49 19.68 18.99 -21.52
CA ARG B 49 19.30 17.60 -21.31
C ARG B 49 20.39 16.85 -20.55
N ARG B 50 20.30 15.53 -20.53
CA ARG B 50 21.12 14.73 -19.63
C ARG B 50 22.55 14.52 -20.13
N ASN B 51 22.76 14.03 -21.36
CA ASN B 51 24.09 13.77 -21.88
C ASN B 51 24.03 13.57 -23.40
N ILE B 52 25.14 13.13 -23.96
CA ILE B 52 25.15 12.65 -25.36
C ILE B 52 25.07 11.13 -25.29
N HIS B 53 23.89 10.61 -25.65
CA HIS B 53 23.57 9.19 -25.60
C HIS B 53 22.40 8.98 -26.54
N LYS B 54 22.66 8.29 -27.67
CA LYS B 54 21.86 8.45 -28.89
C LYS B 54 20.41 8.04 -28.72
N LEU B 55 20.11 6.74 -28.69
CA LEU B 55 19.26 6.04 -27.70
C LEU B 55 18.29 6.94 -26.93
N LEU B 56 17.51 7.73 -27.67
CA LEU B 56 16.49 8.62 -27.11
C LEU B 56 15.57 8.98 -28.28
N ASP B 57 14.36 8.43 -28.32
CA ASP B 57 13.61 8.54 -29.56
C ASP B 57 12.92 9.90 -29.72
N GLU B 58 12.10 10.30 -28.76
CA GLU B 58 11.24 11.48 -28.89
C GLU B 58 10.65 11.85 -27.54
N VAL B 59 10.78 13.13 -27.20
CA VAL B 59 10.08 13.67 -26.05
C VAL B 59 8.99 14.62 -26.56
N PHE B 60 7.77 14.45 -26.04
CA PHE B 60 6.66 15.30 -26.47
C PHE B 60 6.86 16.72 -25.95
N PHE B 61 6.84 16.86 -24.63
CA PHE B 61 7.66 17.88 -23.97
C PHE B 61 8.84 17.13 -23.37
N SER B 62 9.87 17.87 -22.98
CA SER B 62 11.06 17.23 -22.46
C SER B 62 10.83 16.76 -21.03
N GLU B 63 11.90 16.27 -20.41
CA GLU B 63 11.86 15.97 -18.98
C GLU B 63 12.11 17.22 -18.13
N LYS B 64 12.11 18.40 -18.75
CA LYS B 64 12.51 19.63 -18.07
C LYS B 64 11.36 20.62 -18.00
N ILE B 65 10.77 20.96 -19.14
CA ILE B 65 9.72 21.97 -19.20
C ILE B 65 8.37 21.29 -19.13
N TYR B 66 7.58 21.68 -18.13
CA TYR B 66 6.28 21.09 -17.85
C TYR B 66 5.22 22.17 -17.94
N LYS B 67 4.13 21.84 -18.62
CA LYS B 67 3.01 22.75 -18.82
C LYS B 67 2.08 22.63 -17.62
N LEU B 68 1.54 23.77 -17.18
CA LEU B 68 0.73 23.82 -15.98
C LEU B 68 -0.65 24.39 -16.19
N ASN B 69 -0.80 25.42 -17.02
CA ASN B 69 -2.06 26.03 -17.33
C ASN B 69 -1.94 26.47 -18.78
N GLU B 70 -2.81 27.35 -19.25
CA GLU B 70 -2.54 27.91 -20.56
C GLU B 70 -1.48 28.98 -20.47
N ASP B 71 -1.29 29.56 -19.28
CA ASP B 71 -0.44 30.71 -19.11
C ASP B 71 0.69 30.50 -18.11
N MET B 72 1.04 29.25 -17.80
CA MET B 72 2.16 29.00 -16.89
C MET B 72 2.92 27.78 -17.35
N ALA B 73 4.17 27.70 -16.90
CA ALA B 73 5.01 26.54 -17.12
C ALA B 73 6.04 26.50 -16.01
N CYS B 74 6.72 25.37 -15.86
CA CYS B 74 7.73 25.22 -14.83
C CYS B 74 8.89 24.37 -15.33
N SER B 75 10.07 24.65 -14.79
CA SER B 75 11.27 23.87 -15.06
C SER B 75 11.84 23.37 -13.75
N VAL B 76 12.68 22.35 -13.82
CA VAL B 76 12.99 21.47 -12.70
C VAL B 76 14.50 21.26 -12.59
N ALA B 77 15.03 21.39 -11.38
CA ALA B 77 16.41 21.00 -11.11
C ALA B 77 16.43 19.79 -10.20
N GLY B 78 17.62 19.34 -9.82
CA GLY B 78 17.80 18.36 -8.77
C GLY B 78 17.26 16.98 -9.11
N ILE B 79 16.70 16.34 -8.09
CA ILE B 79 16.18 14.98 -8.21
C ILE B 79 14.90 15.03 -9.05
N THR B 80 14.92 14.31 -10.17
CA THR B 80 13.80 14.35 -11.10
C THR B 80 12.66 13.42 -10.70
N SER B 81 12.88 12.49 -9.78
CA SER B 81 11.82 11.58 -9.40
C SER B 81 10.79 12.27 -8.51
N ASP B 82 11.26 13.12 -7.60
CA ASP B 82 10.35 13.79 -6.68
C ASP B 82 9.48 14.81 -7.39
N ALA B 83 10.11 15.65 -8.21
CA ALA B 83 9.49 16.89 -8.68
C ALA B 83 8.32 16.62 -9.61
N ASN B 84 8.46 15.58 -10.44
CA ASN B 84 7.38 15.04 -11.26
C ASN B 84 6.10 14.90 -10.46
N VAL B 85 6.20 14.20 -9.31
CA VAL B 85 5.09 14.07 -8.36
C VAL B 85 4.56 15.43 -7.97
N LEU B 86 5.46 16.32 -7.51
CA LEU B 86 4.97 17.59 -7.00
C LEU B 86 4.44 18.46 -8.10
N THR B 87 4.95 18.29 -9.35
CA THR B 87 4.43 19.19 -10.35
C THR B 87 3.02 18.75 -10.75
N ASN B 88 2.74 17.44 -10.71
CA ASN B 88 1.37 16.99 -10.90
C ASN B 88 0.53 17.46 -9.74
N GLU B 89 1.14 17.45 -8.54
CA GLU B 89 0.49 17.95 -7.33
C GLU B 89 0.12 19.40 -7.50
N LEU B 90 1.06 20.23 -7.97
CA LEU B 90 0.77 21.65 -8.06
C LEU B 90 -0.16 21.92 -9.22
N ARG B 91 -0.12 21.03 -10.23
CA ARG B 91 -1.02 21.14 -11.36
C ARG B 91 -2.45 21.02 -10.89
N LEU B 92 -2.68 20.10 -9.94
CA LEU B 92 -3.98 19.94 -9.30
C LEU B 92 -4.43 21.24 -8.66
N ILE B 93 -3.49 21.89 -7.96
CA ILE B 93 -3.75 23.16 -7.26
C ILE B 93 -4.24 24.20 -8.25
N ALA B 94 -3.59 24.27 -9.42
CA ALA B 94 -3.93 25.26 -10.43
C ALA B 94 -5.38 25.08 -10.87
N GLN B 95 -5.74 23.84 -11.16
CA GLN B 95 -7.06 23.59 -11.69
C GLN B 95 -8.13 23.81 -10.63
N ARG B 96 -7.80 23.55 -9.36
CA ARG B 96 -8.86 23.69 -8.40
C ARG B 96 -9.07 25.15 -8.03
N TYR B 97 -8.05 26.00 -8.28
CA TYR B 97 -8.30 27.44 -8.16
C TYR B 97 -9.33 27.88 -9.18
N LEU B 98 -9.22 27.32 -10.40
CA LEU B 98 -10.21 27.56 -11.42
C LEU B 98 -11.58 27.11 -10.95
N LEU B 99 -11.64 25.93 -10.31
CA LEU B 99 -12.89 25.39 -9.83
C LEU B 99 -13.45 26.24 -8.70
N GLN B 100 -12.59 26.97 -8.01
CA GLN B 100 -13.07 27.80 -6.93
C GLN B 100 -13.36 29.22 -7.41
N TYR B 101 -12.75 29.64 -8.53
CA TYR B 101 -12.81 31.07 -8.81
C TYR B 101 -13.11 31.45 -10.25
N GLN B 102 -13.02 30.51 -11.20
CA GLN B 102 -13.11 30.76 -12.64
C GLN B 102 -12.11 31.82 -13.09
N GLU B 103 -10.91 31.78 -12.52
CA GLU B 103 -9.77 32.59 -12.92
C GLU B 103 -8.63 31.69 -13.36
N PRO B 104 -7.74 32.18 -14.21
CA PRO B 104 -6.62 31.33 -14.67
C PRO B 104 -5.46 31.21 -13.70
N ILE B 105 -5.67 31.42 -12.40
CA ILE B 105 -4.72 31.34 -11.28
C ILE B 105 -3.46 32.18 -11.50
N PRO B 106 -3.50 33.47 -11.13
CA PRO B 106 -2.28 34.28 -11.05
C PRO B 106 -1.18 33.57 -10.28
N CYS B 107 0.01 33.50 -10.91
CA CYS B 107 0.99 32.46 -10.61
C CYS B 107 1.58 32.55 -9.22
N GLU B 108 1.59 33.73 -8.61
CA GLU B 108 2.09 33.89 -7.25
C GLU B 108 1.25 33.13 -6.23
N GLN B 109 -0.05 32.98 -6.48
CA GLN B 109 -0.89 32.10 -5.67
C GLN B 109 -0.40 30.66 -5.73
N LEU B 110 -0.05 30.20 -6.93
CA LEU B 110 0.39 28.84 -7.13
C LEU B 110 1.74 28.58 -6.46
N VAL B 111 2.68 29.50 -6.66
CA VAL B 111 4.01 29.37 -6.05
C VAL B 111 3.91 29.41 -4.53
N THR B 112 3.03 30.27 -4.02
CA THR B 112 2.79 30.32 -2.58
C THR B 112 2.21 29.01 -2.06
N ALA B 113 1.29 28.39 -2.81
CA ALA B 113 0.68 27.14 -2.36
C ALA B 113 1.68 25.99 -2.36
N LEU B 114 2.45 25.85 -3.44
CA LEU B 114 3.44 24.79 -3.52
C LEU B 114 4.53 24.96 -2.48
N CYS B 115 4.95 26.21 -2.26
CA CYS B 115 5.96 26.45 -1.24
C CYS B 115 5.41 26.23 0.16
N ASP B 116 4.10 26.35 0.35
CA ASP B 116 3.52 26.01 1.65
C ASP B 116 3.49 24.51 1.88
N ILE B 117 3.18 23.73 0.84
CA ILE B 117 3.12 22.28 1.10
C ILE B 117 4.54 21.71 1.16
N LYS B 118 5.48 22.27 0.40
CA LYS B 118 6.86 21.80 0.44
C LYS B 118 7.54 22.22 1.73
N GLN B 119 7.19 23.41 2.25
CA GLN B 119 7.55 23.76 3.60
C GLN B 119 6.91 22.81 4.61
N ALA B 120 5.71 22.30 4.32
CA ALA B 120 5.08 21.39 5.26
C ALA B 120 5.80 20.04 5.28
N TYR B 121 6.40 19.63 4.16
CA TYR B 121 7.21 18.43 4.20
C TYR B 121 8.54 18.64 4.92
N THR B 122 9.08 19.85 4.93
CA THR B 122 10.26 20.05 5.75
C THR B 122 9.95 20.48 7.18
N GLN B 123 8.68 20.72 7.49
CA GLN B 123 8.31 21.14 8.84
C GLN B 123 8.12 19.96 9.77
N PHE B 124 7.38 18.95 9.33
CA PHE B 124 7.08 17.80 10.17
C PHE B 124 6.80 16.60 9.29
N GLY B 125 6.46 15.49 9.94
CA GLY B 125 6.26 14.24 9.26
C GLY B 125 7.49 13.35 9.21
N GLY B 126 8.66 13.88 9.54
CA GLY B 126 9.87 13.08 9.58
C GLY B 126 10.39 12.60 8.24
N LYS B 127 9.84 13.10 7.14
CA LYS B 127 10.24 12.63 5.83
C LYS B 127 11.39 13.48 5.29
N ARG B 128 11.96 13.03 4.18
CA ARG B 128 12.97 13.83 3.51
C ARG B 128 12.29 14.96 2.74
N PRO B 129 12.93 16.12 2.61
CA PRO B 129 12.32 17.20 1.84
C PRO B 129 12.42 16.93 0.35
N PHE B 130 11.56 17.62 -0.40
CA PHE B 130 11.53 17.50 -1.85
C PHE B 130 12.80 18.11 -2.46
N GLY B 131 13.73 17.28 -2.89
CA GLY B 131 14.99 17.77 -3.41
C GLY B 131 14.93 18.34 -4.81
N VAL B 132 14.25 19.47 -4.97
CA VAL B 132 14.16 20.17 -6.25
C VAL B 132 13.95 21.66 -6.05
N SER B 133 14.82 22.46 -6.67
CA SER B 133 14.66 23.90 -6.67
C SER B 133 14.03 24.35 -7.97
N LEU B 134 12.78 23.96 -8.18
CA LEU B 134 12.11 24.21 -9.45
C LEU B 134 11.76 25.68 -9.54
N LEU B 135 11.53 26.16 -10.77
CA LEU B 135 11.12 27.53 -10.96
C LEU B 135 9.98 27.59 -11.97
N TYR B 136 9.38 28.77 -12.09
CA TYR B 136 8.08 28.95 -12.70
C TYR B 136 8.11 30.16 -13.61
N ILE B 137 7.40 30.07 -14.73
CA ILE B 137 7.10 31.25 -15.54
C ILE B 137 5.61 31.34 -15.69
N GLY B 138 5.12 32.56 -15.86
CA GLY B 138 3.69 32.75 -15.94
C GLY B 138 3.29 34.17 -16.24
N TRP B 139 1.98 34.34 -16.41
CA TRP B 139 1.37 35.62 -16.68
C TRP B 139 0.02 35.67 -15.98
N ASP B 140 -0.35 36.87 -15.53
CA ASP B 140 -1.70 37.10 -15.05
C ASP B 140 -2.17 38.44 -15.59
N LYS B 141 -3.46 38.72 -15.45
CA LYS B 141 -3.94 40.03 -15.86
C LYS B 141 -3.55 41.11 -14.87
N HIS B 142 -3.20 40.73 -13.64
CA HIS B 142 -2.84 41.71 -12.62
C HIS B 142 -1.47 42.30 -12.90
N TYR B 143 -0.45 41.46 -12.94
CA TYR B 143 0.91 41.90 -13.15
C TYR B 143 1.31 41.62 -14.59
N GLY B 144 2.58 41.82 -14.90
CA GLY B 144 3.02 41.56 -16.24
C GLY B 144 3.43 40.11 -16.44
N PHE B 145 4.26 39.85 -17.45
CA PHE B 145 4.99 38.60 -17.54
C PHE B 145 5.90 38.50 -16.33
N GLN B 146 5.87 37.35 -15.68
CA GLN B 146 6.70 37.22 -14.49
C GLN B 146 7.16 35.78 -14.29
N LEU B 147 8.36 35.64 -13.75
CA LEU B 147 8.87 34.33 -13.39
C LEU B 147 9.19 34.33 -11.90
N TYR B 148 8.93 33.21 -11.25
CA TYR B 148 9.29 33.04 -9.86
C TYR B 148 10.27 31.88 -9.74
N GLN B 149 10.99 31.84 -8.64
CA GLN B 149 11.99 30.79 -8.44
C GLN B 149 11.95 30.38 -6.98
N SER B 150 11.92 29.08 -6.75
CA SER B 150 11.82 28.49 -5.43
C SER B 150 12.87 27.41 -5.25
N ASP B 151 12.97 26.91 -4.02
CA ASP B 151 14.03 25.99 -3.62
C ASP B 151 13.45 25.03 -2.60
N PRO B 152 14.16 23.93 -2.28
CA PRO B 152 13.62 23.01 -1.26
C PRO B 152 13.52 23.57 0.15
N SER B 153 14.08 24.75 0.44
CA SER B 153 13.86 25.32 1.77
C SER B 153 12.43 25.81 1.92
N GLY B 154 11.92 26.51 0.93
CA GLY B 154 10.55 26.97 1.00
C GLY B 154 10.35 28.39 0.52
N ASN B 155 11.33 29.26 0.68
CA ASN B 155 11.18 30.65 0.25
C ASN B 155 11.25 30.73 -1.28
N TYR B 156 10.88 31.88 -1.81
CA TYR B 156 10.81 32.04 -3.25
C TYR B 156 10.98 33.50 -3.58
N GLY B 157 10.93 33.84 -4.85
CA GLY B 157 10.91 35.25 -5.19
C GLY B 157 10.77 35.51 -6.66
N GLY B 158 10.55 36.78 -6.98
CA GLY B 158 10.72 37.24 -8.34
C GLY B 158 12.18 37.41 -8.67
N TRP B 159 12.67 36.56 -9.55
CA TRP B 159 14.10 36.36 -9.74
C TRP B 159 14.52 36.58 -11.19
N LYS B 160 14.26 37.78 -11.70
CA LYS B 160 14.13 38.19 -13.10
C LYS B 160 15.04 37.48 -14.11
N ALA B 161 16.25 37.12 -13.71
CA ALA B 161 17.09 36.35 -14.62
C ALA B 161 17.85 35.21 -13.95
N THR B 162 17.34 34.64 -12.86
CA THR B 162 18.14 33.71 -12.07
C THR B 162 18.14 32.31 -12.68
N CYS B 163 19.32 31.70 -12.75
CA CYS B 163 19.47 30.31 -13.15
C CYS B 163 19.64 29.45 -11.92
N ILE B 164 19.51 28.14 -12.10
CA ILE B 164 19.60 27.16 -11.03
C ILE B 164 20.55 26.06 -11.45
N GLY B 165 21.04 25.30 -10.47
CA GLY B 165 22.01 24.29 -10.79
C GLY B 165 23.44 24.79 -10.66
N ASN B 166 24.33 24.18 -11.42
CA ASN B 166 25.76 24.43 -11.31
C ASN B 166 26.15 25.76 -11.97
N ASN B 167 27.38 26.19 -11.70
CA ASN B 167 28.05 27.32 -12.35
C ASN B 167 27.29 28.63 -12.19
N SER B 168 27.25 29.21 -10.99
CA SER B 168 26.24 30.22 -10.63
C SER B 168 26.51 31.66 -11.08
N VAL B 172 24.96 32.23 -12.45
CA VAL B 172 24.31 33.50 -12.85
C VAL B 172 24.96 34.89 -12.66
N SER B 173 26.11 35.00 -11.99
CA SER B 173 26.72 36.31 -11.74
C SER B 173 26.98 37.13 -13.02
N MET B 174 27.27 36.46 -14.15
CA MET B 174 27.43 37.17 -15.41
C MET B 174 26.14 37.84 -15.85
N LEU B 175 24.99 37.20 -15.63
CA LEU B 175 23.70 37.80 -15.93
C LEU B 175 23.45 39.06 -15.12
N LYS B 176 23.96 39.16 -13.89
CA LYS B 176 23.73 40.41 -13.18
C LYS B 176 24.80 41.45 -13.49
N GLN B 177 25.51 41.27 -14.60
CA GLN B 177 26.25 42.33 -15.25
C GLN B 177 25.77 42.57 -16.68
N ASP B 178 24.75 41.87 -17.15
CA ASP B 178 24.39 41.96 -18.57
C ASP B 178 22.93 42.25 -18.83
N TYR B 179 22.05 41.98 -17.87
CA TYR B 179 20.61 42.12 -18.08
C TYR B 179 20.22 43.58 -17.95
N LYS B 180 19.56 44.12 -18.97
CA LYS B 180 18.99 45.45 -18.94
C LYS B 180 17.58 45.37 -18.36
N GLU B 181 17.39 45.96 -17.19
CA GLU B 181 16.19 45.77 -16.40
C GLU B 181 14.97 46.48 -16.99
N GLY B 182 15.18 47.54 -17.76
CA GLY B 182 14.08 48.29 -18.31
C GLY B 182 13.43 47.58 -19.48
N GLU B 183 14.21 47.41 -20.55
CA GLU B 183 13.74 46.80 -21.79
C GLU B 183 14.71 45.69 -22.19
N MET B 184 14.17 44.62 -22.79
CA MET B 184 14.97 43.45 -23.06
C MET B 184 14.78 42.89 -24.47
N THR B 185 13.57 43.00 -25.07
CA THR B 185 13.30 42.68 -26.48
C THR B 185 13.63 41.22 -26.81
N LEU B 186 12.69 40.34 -26.44
CA LEU B 186 12.82 38.89 -26.22
C LEU B 186 13.68 38.12 -27.23
N LYS B 187 13.83 38.61 -28.47
CA LYS B 187 14.82 38.02 -29.38
C LYS B 187 16.23 38.15 -28.82
N SER B 188 16.54 39.31 -28.25
CA SER B 188 17.85 39.48 -27.61
C SER B 188 17.91 38.73 -26.29
N ALA B 189 16.75 38.39 -25.72
CA ALA B 189 16.75 37.51 -24.56
C ALA B 189 17.11 36.09 -24.96
N LEU B 190 16.66 35.65 -26.14
CA LEU B 190 17.17 34.40 -26.69
C LEU B 190 18.67 34.47 -26.92
N ALA B 191 19.15 35.61 -27.44
CA ALA B 191 20.58 35.77 -27.69
C ALA B 191 21.39 35.72 -26.40
N LEU B 192 20.86 36.30 -25.32
CA LEU B 192 21.56 36.25 -24.04
C LEU B 192 21.47 34.85 -23.44
N ALA B 193 20.37 34.13 -23.73
CA ALA B 193 20.22 32.78 -23.22
C ALA B 193 21.21 31.83 -23.88
N ILE B 194 21.39 31.94 -25.20
CA ILE B 194 22.39 31.10 -25.86
C ILE B 194 23.79 31.61 -25.59
N LYS B 195 23.93 32.85 -25.12
CA LYS B 195 25.23 33.31 -24.63
C LYS B 195 25.60 32.57 -23.34
N VAL B 196 24.69 32.56 -22.36
CA VAL B 196 24.97 31.95 -21.07
C VAL B 196 25.11 30.45 -21.21
N LEU B 197 24.19 29.81 -21.94
CA LEU B 197 24.35 28.39 -22.23
C LEU B 197 25.54 28.11 -23.13
N ASN B 198 25.97 29.08 -23.94
CA ASN B 198 27.17 28.87 -24.73
C ASN B 198 28.41 28.96 -23.87
N LYS B 199 28.30 29.54 -22.66
CA LYS B 199 29.46 29.53 -21.79
C LYS B 199 29.41 28.39 -20.77
N THR B 200 28.22 27.93 -20.39
CA THR B 200 28.09 26.90 -19.36
C THR B 200 28.13 25.47 -19.89
N LEU B 206 25.68 22.62 -29.50
CA LEU B 206 24.65 23.08 -28.60
C LEU B 206 23.30 23.13 -29.30
N SER B 207 23.11 22.23 -30.27
CA SER B 207 21.83 22.12 -30.94
C SER B 207 20.84 21.39 -30.03
N ALA B 208 19.63 21.14 -30.52
CA ALA B 208 18.58 20.62 -29.67
C ALA B 208 18.70 19.12 -29.39
N GLU B 209 19.87 18.52 -29.66
CA GLU B 209 20.24 17.23 -29.14
C GLU B 209 20.62 17.42 -27.68
N LYS B 210 21.34 18.51 -27.41
CA LYS B 210 21.84 18.78 -26.06
C LYS B 210 21.50 20.18 -25.56
N VAL B 211 20.29 20.65 -25.87
CA VAL B 211 19.75 21.88 -25.31
C VAL B 211 18.24 21.75 -25.37
N GLU B 212 17.55 22.49 -24.51
CA GLU B 212 16.08 22.48 -24.50
C GLU B 212 15.61 23.85 -24.08
N ILE B 213 15.35 24.71 -25.06
CA ILE B 213 14.94 26.09 -24.82
C ILE B 213 13.47 26.20 -25.19
N ALA B 214 12.72 27.00 -24.42
CA ALA B 214 11.28 27.06 -24.61
C ALA B 214 10.81 28.45 -24.21
N THR B 215 9.94 29.05 -25.03
CA THR B 215 9.53 30.42 -24.82
C THR B 215 8.05 30.50 -24.48
N LEU B 216 7.67 31.62 -23.87
CA LEU B 216 6.27 31.94 -23.62
C LEU B 216 6.01 33.32 -24.17
N THR B 217 5.05 33.43 -25.07
CA THR B 217 4.70 34.64 -25.81
C THR B 217 3.18 34.73 -25.81
N ARG B 218 2.62 35.56 -26.70
CA ARG B 218 1.19 35.54 -26.91
C ARG B 218 0.82 36.00 -28.31
N GLU B 219 -0.47 35.87 -28.61
CA GLU B 219 -1.12 36.60 -29.69
C GLU B 219 -2.55 36.83 -29.19
N ASN B 220 -3.04 38.05 -29.47
CA ASN B 220 -4.35 38.64 -29.14
C ASN B 220 -4.95 38.23 -27.79
N GLY B 221 -4.11 38.19 -26.75
CA GLY B 221 -4.60 38.04 -25.39
C GLY B 221 -4.33 36.69 -24.75
N LYS B 222 -4.55 35.60 -25.49
CA LYS B 222 -4.31 34.27 -24.97
C LYS B 222 -2.80 34.01 -25.08
N THR B 223 -2.25 33.32 -24.09
CA THR B 223 -0.81 33.07 -24.08
C THR B 223 -0.45 31.87 -24.93
N VAL B 224 0.76 31.87 -25.47
CA VAL B 224 1.24 30.78 -26.32
C VAL B 224 2.55 30.28 -25.70
N ILE B 225 2.59 28.99 -25.37
CA ILE B 225 3.81 28.39 -24.84
C ILE B 225 4.42 27.54 -25.94
N ARG B 226 5.55 27.99 -26.46
CA ARG B 226 6.25 27.29 -27.52
C ARG B 226 7.46 26.59 -26.93
N VAL B 227 7.82 25.45 -27.52
CA VAL B 227 8.90 24.64 -26.96
C VAL B 227 10.09 24.78 -27.90
N LEU B 228 9.95 25.67 -28.88
CA LEU B 228 11.02 26.08 -29.80
C LEU B 228 11.59 24.89 -30.56
N LYS B 229 10.79 24.36 -31.49
CA LYS B 229 11.11 23.19 -32.29
C LYS B 229 12.41 23.35 -33.08
N GLN B 230 12.88 22.24 -33.66
CA GLN B 230 14.30 21.92 -33.84
C GLN B 230 15.08 23.02 -34.56
N LYS B 231 14.60 23.43 -35.74
CA LYS B 231 15.40 24.24 -36.66
C LYS B 231 15.61 25.66 -36.14
N GLU B 232 14.78 26.12 -35.20
CA GLU B 232 15.01 27.42 -34.57
C GLU B 232 16.29 27.42 -33.75
N VAL B 233 16.63 26.27 -33.17
CA VAL B 233 17.88 26.17 -32.42
C VAL B 233 19.07 26.20 -33.37
N GLU B 234 18.94 25.56 -34.54
CA GLU B 234 20.00 25.71 -35.54
C GLU B 234 20.05 27.09 -36.16
N GLN B 235 18.99 27.88 -36.04
CA GLN B 235 19.11 29.30 -36.37
C GLN B 235 19.96 30.01 -35.33
N LEU B 236 19.57 29.91 -34.06
CA LEU B 236 20.21 30.72 -33.03
C LEU B 236 21.64 30.29 -32.74
N ILE B 237 21.98 29.02 -32.99
CA ILE B 237 23.34 28.58 -32.76
C ILE B 237 24.29 29.17 -33.80
N LYS B 238 23.80 29.58 -34.97
CA LYS B 238 24.65 30.28 -35.92
C LYS B 238 24.50 31.79 -35.80
N LYS B 239 23.86 32.25 -34.73
CA LYS B 239 23.68 33.67 -34.51
C LYS B 239 24.70 34.09 -33.48
N HIS B 240 25.97 34.04 -33.85
CA HIS B 240 27.03 34.42 -32.94
C HIS B 240 28.12 35.23 -33.61
N GLU B 241 28.84 34.61 -34.55
CA GLU B 241 30.29 34.72 -34.62
C GLU B 241 30.84 34.78 -33.20
N GLU B 242 31.40 35.92 -32.81
CA GLU B 242 31.93 36.05 -31.45
C GLU B 242 30.75 36.27 -30.53
N GLU B 243 30.98 36.04 -29.23
CA GLU B 243 30.02 36.39 -28.20
C GLU B 243 30.68 37.02 -26.98
N SER C 1 1.99 11.44 10.95
CA SER C 1 1.92 10.37 11.94
C SER C 1 3.25 10.19 12.67
N TYR C 2 4.20 11.07 12.36
CA TYR C 2 5.50 11.02 13.02
C TYR C 2 5.37 11.51 14.45
N ASP C 3 5.81 10.69 15.40
CA ASP C 3 5.45 10.89 16.79
C ASP C 3 6.66 10.90 17.72
N ARG C 4 7.85 11.19 17.22
CA ARG C 4 9.01 11.29 18.09
C ARG C 4 8.98 12.63 18.83
N ALA C 5 9.20 12.59 20.13
CA ALA C 5 9.26 13.82 20.91
C ALA C 5 10.58 14.52 20.63
N ILE C 6 10.53 15.62 19.88
CA ILE C 6 11.73 16.37 19.53
C ILE C 6 12.09 17.35 20.63
N THR C 7 11.17 18.24 20.97
CA THR C 7 11.45 19.35 21.87
C THR C 7 11.37 18.83 23.30
N VAL C 8 12.49 18.29 23.77
CA VAL C 8 12.52 17.61 25.06
C VAL C 8 13.50 18.30 26.00
N PHE C 9 13.23 18.18 27.29
CA PHE C 9 14.13 18.71 28.30
C PHE C 9 15.40 17.88 28.35
N SER C 10 16.52 18.53 28.08
CA SER C 10 17.84 18.01 28.33
C SER C 10 18.13 18.18 29.82
N PRO C 11 19.33 17.80 30.31
CA PRO C 11 19.74 18.31 31.62
C PRO C 11 19.90 19.81 31.71
N ASP C 12 20.19 20.28 32.93
CA ASP C 12 20.24 21.66 33.45
C ASP C 12 19.16 22.57 32.88
N GLY C 13 17.94 22.03 32.72
CA GLY C 13 16.76 22.75 32.29
C GLY C 13 16.86 23.41 30.93
N HIS C 14 17.65 22.85 30.04
CA HIS C 14 17.96 23.55 28.80
C HIS C 14 17.16 22.88 27.70
N LEU C 15 16.31 23.65 27.03
CA LEU C 15 15.43 23.09 26.00
C LEU C 15 16.05 23.39 24.64
N PHE C 16 16.99 22.52 24.23
CA PHE C 16 17.97 22.85 23.19
C PHE C 16 17.36 23.19 21.85
N GLN C 17 16.19 22.66 21.54
CA GLN C 17 15.57 22.94 20.24
C GLN C 17 15.16 24.41 20.14
N VAL C 18 14.76 24.99 21.27
CA VAL C 18 14.33 26.38 21.29
C VAL C 18 15.53 27.32 21.18
N GLU C 19 16.63 27.02 21.88
CA GLU C 19 17.81 27.87 21.72
C GLU C 19 18.44 27.71 20.35
N TYR C 20 18.29 26.54 19.72
CA TYR C 20 18.71 26.41 18.34
C TYR C 20 17.85 27.27 17.44
N ALA C 21 16.58 27.45 17.80
CA ALA C 21 15.77 28.45 17.08
C ALA C 21 16.20 29.87 17.42
N GLN C 22 16.81 30.07 18.59
CA GLN C 22 17.33 31.39 18.93
C GLN C 22 18.55 31.75 18.10
N GLU C 23 19.43 30.78 17.79
CA GLU C 23 20.42 31.12 16.77
C GLU C 23 19.77 31.24 15.40
N ALA C 24 18.69 30.50 15.15
CA ALA C 24 18.03 30.61 13.86
C ALA C 24 17.38 31.98 13.65
N VAL C 25 17.02 32.70 14.71
CA VAL C 25 16.63 34.09 14.54
C VAL C 25 17.82 35.02 14.70
N LYS C 26 18.92 34.54 15.26
CA LYS C 26 20.15 35.32 15.30
C LYS C 26 20.85 35.34 13.93
N LYS C 27 20.42 34.50 12.99
CA LYS C 27 21.10 34.40 11.71
C LYS C 27 20.14 34.78 10.59
N GLY C 28 19.45 35.92 10.74
CA GLY C 28 18.49 36.33 9.72
C GLY C 28 18.77 37.69 9.11
N SER C 29 17.73 38.50 8.98
CA SER C 29 17.84 39.91 8.56
C SER C 29 18.09 40.75 9.81
N THR C 30 17.90 42.07 9.75
CA THR C 30 17.99 42.91 10.94
C THR C 30 16.74 43.78 11.00
N ALA C 31 15.67 43.23 11.56
CA ALA C 31 14.43 43.98 11.65
C ALA C 31 14.45 44.90 12.86
N VAL C 32 13.70 46.01 12.76
CA VAL C 32 13.66 46.99 13.83
C VAL C 32 12.34 47.74 13.72
N GLY C 33 11.83 48.17 14.86
CA GLY C 33 10.62 48.97 14.89
C GLY C 33 10.70 49.99 16.01
N VAL C 34 9.97 51.08 15.85
CA VAL C 34 9.86 52.10 16.88
C VAL C 34 8.39 52.43 17.06
N ARG C 35 7.93 52.34 18.30
CA ARG C 35 6.68 52.91 18.76
C ARG C 35 6.89 54.41 18.94
N GLY C 36 6.40 55.19 17.99
CA GLY C 36 6.61 56.62 17.98
C GLY C 36 5.37 57.41 18.31
N ARG C 37 4.62 56.92 19.31
CA ARG C 37 3.66 57.69 20.12
C ARG C 37 2.45 58.26 19.39
N ASP C 38 2.50 58.31 18.06
CA ASP C 38 1.35 58.51 17.21
C ASP C 38 1.53 57.61 16.00
N ILE C 39 2.78 57.30 15.63
CA ILE C 39 3.06 56.47 14.48
C ILE C 39 3.83 55.26 14.98
N VAL C 40 3.88 54.19 14.20
CA VAL C 40 4.82 53.10 14.38
C VAL C 40 5.62 52.98 13.10
N VAL C 41 6.79 52.37 13.18
CA VAL C 41 7.69 52.32 12.03
C VAL C 41 8.59 51.10 12.12
N LEU C 42 8.87 50.48 10.97
CA LEU C 42 9.69 49.28 10.86
C LEU C 42 10.94 49.56 10.03
N GLY C 43 11.72 48.52 9.78
CA GLY C 43 12.83 48.57 8.84
C GLY C 43 13.64 47.29 8.88
N VAL C 44 14.02 46.79 7.71
CA VAL C 44 14.79 45.56 7.64
C VAL C 44 15.83 45.66 6.53
N GLU C 45 17.10 45.74 6.91
CA GLU C 45 18.16 45.84 5.94
C GLU C 45 18.10 44.65 4.99
N LYS C 46 17.75 44.91 3.74
CA LYS C 46 17.64 43.89 2.71
C LYS C 46 18.96 43.72 1.94
N ALA C 47 19.10 42.62 1.23
CA ALA C 47 20.32 42.32 0.47
C ALA C 47 20.36 42.96 -0.92
N SER C 48 21.03 42.28 -1.86
CA SER C 48 21.17 42.78 -3.22
C SER C 48 20.01 42.42 -4.13
N VAL C 49 18.86 43.07 -3.91
CA VAL C 49 17.67 42.82 -4.71
C VAL C 49 17.62 43.73 -5.93
N ALA C 50 18.51 44.72 -5.97
CA ALA C 50 18.56 45.65 -7.09
C ALA C 50 19.30 45.03 -8.28
N LYS C 51 20.23 44.14 -7.97
CA LYS C 51 20.99 43.45 -9.01
C LYS C 51 20.00 42.74 -9.89
N LEU C 52 19.12 41.96 -9.28
CA LEU C 52 18.11 41.23 -10.03
C LEU C 52 16.91 40.78 -9.20
N GLN C 53 16.57 41.47 -8.13
CA GLN C 53 15.42 41.10 -7.32
C GLN C 53 14.13 41.49 -8.03
N ASP C 54 13.01 41.11 -7.42
CA ASP C 54 11.76 41.84 -7.53
C ASP C 54 11.45 42.36 -6.14
N GLU C 55 11.32 43.68 -6.02
CA GLU C 55 11.12 44.31 -4.72
C GLU C 55 9.74 43.98 -4.16
N ARG C 56 8.79 43.59 -5.02
CA ARG C 56 7.45 43.24 -4.57
C ARG C 56 7.44 41.92 -3.80
N THR C 57 8.40 41.03 -4.06
CA THR C 57 8.38 39.72 -3.44
C THR C 57 9.71 39.47 -2.73
N VAL C 58 10.13 40.45 -1.95
CA VAL C 58 11.32 40.33 -1.10
C VAL C 58 10.89 40.83 0.27
N ARG C 59 9.57 40.97 0.43
CA ARG C 59 8.96 41.67 1.57
C ARG C 59 9.21 40.92 2.86
N LYS C 60 10.08 41.47 3.70
CA LYS C 60 10.08 41.13 5.11
C LYS C 60 8.94 41.82 5.83
N ILE C 61 8.40 42.89 5.25
CA ILE C 61 7.24 43.60 5.77
C ILE C 61 6.00 43.06 5.09
N CYS C 62 5.09 42.52 5.87
CA CYS C 62 3.80 42.08 5.34
C CYS C 62 2.72 42.92 6.00
N ALA C 63 1.47 42.53 5.80
CA ALA C 63 0.34 43.17 6.46
C ALA C 63 -0.63 42.10 6.89
N LEU C 64 -1.10 42.17 8.13
CA LEU C 64 -1.99 41.12 8.62
C LEU C 64 -3.42 41.36 8.15
N ASP C 65 -4.08 42.44 8.60
CA ASP C 65 -5.24 42.91 7.88
C ASP C 65 -5.11 44.36 7.42
N ASP C 66 -5.18 45.34 8.30
CA ASP C 66 -5.09 46.72 7.86
C ASP C 66 -4.18 47.55 8.76
N ASN C 67 -4.24 47.27 10.07
CA ASN C 67 -3.50 48.03 11.06
C ASN C 67 -2.32 47.27 11.62
N VAL C 68 -2.51 46.04 11.97
CA VAL C 68 -1.40 45.25 12.48
C VAL C 68 -0.61 44.69 11.32
N CYS C 69 0.71 44.73 11.47
CA CYS C 69 1.62 44.24 10.44
C CYS C 69 2.92 43.87 11.12
N MET C 70 3.62 42.90 10.55
CA MET C 70 4.76 42.33 11.26
C MET C 70 5.96 42.17 10.36
N ALA C 71 7.13 42.18 10.99
CA ALA C 71 8.41 41.99 10.33
C ALA C 71 9.09 40.78 10.95
N PHE C 72 9.06 39.65 10.26
CA PHE C 72 9.71 38.46 10.77
C PHE C 72 11.22 38.55 10.58
N ALA C 73 11.94 37.68 11.29
CA ALA C 73 13.39 37.65 11.20
C ALA C 73 13.84 36.22 11.49
N GLY C 74 14.05 35.45 10.43
CA GLY C 74 14.56 34.10 10.57
C GLY C 74 13.83 33.05 9.77
N LEU C 75 14.58 32.38 8.89
CA LEU C 75 14.22 31.22 8.08
C LEU C 75 13.24 31.51 6.94
N THR C 76 12.58 32.69 6.96
CA THR C 76 11.85 33.36 5.88
C THR C 76 10.88 32.52 5.05
N ALA C 77 10.62 31.28 5.47
CA ALA C 77 9.63 30.42 4.83
C ALA C 77 8.78 29.68 5.84
N ASP C 78 9.26 29.47 7.06
CA ASP C 78 8.39 29.07 8.16
C ASP C 78 7.60 30.25 8.68
N ALA C 79 8.01 31.48 8.34
CA ALA C 79 7.28 32.66 8.77
C ALA C 79 5.96 32.80 8.05
N ARG C 80 5.95 32.53 6.74
CA ARG C 80 4.78 32.76 5.90
C ARG C 80 3.59 31.89 6.30
N ILE C 81 3.84 30.73 6.91
CA ILE C 81 2.76 29.93 7.49
C ILE C 81 2.12 30.69 8.65
N VAL C 82 2.95 31.29 9.50
CA VAL C 82 2.44 32.04 10.64
C VAL C 82 1.75 33.32 10.17
N ILE C 83 2.19 33.87 9.04
CA ILE C 83 1.47 34.99 8.41
C ILE C 83 0.08 34.55 8.00
N ASN C 84 -0.01 33.39 7.33
CA ASN C 84 -1.29 32.92 6.81
C ASN C 84 -2.25 32.58 7.93
N ARG C 85 -1.78 31.89 8.97
CA ARG C 85 -2.68 31.54 10.06
C ARG C 85 -3.04 32.76 10.91
N ALA C 86 -2.16 33.75 10.95
CA ALA C 86 -2.49 35.02 11.61
C ALA C 86 -3.59 35.75 10.86
N ARG C 87 -3.52 35.75 9.52
CA ARG C 87 -4.54 36.41 8.73
C ARG C 87 -5.86 35.67 8.83
N VAL C 88 -5.82 34.34 8.86
CA VAL C 88 -7.03 33.54 8.94
C VAL C 88 -7.75 33.75 10.27
N GLU C 89 -7.03 33.59 11.39
CA GLU C 89 -7.73 33.77 12.67
C GLU C 89 -8.04 35.23 12.93
N CYS C 90 -7.29 36.13 12.31
CA CYS C 90 -7.63 37.54 12.41
C CYS C 90 -8.95 37.86 11.73
N GLN C 91 -9.22 37.20 10.60
CA GLN C 91 -10.53 37.33 9.99
C GLN C 91 -11.61 36.64 10.80
N SER C 92 -11.27 35.56 11.51
CA SER C 92 -12.25 34.94 12.39
C SER C 92 -12.58 35.84 13.59
N HIS C 93 -11.60 36.60 14.06
CA HIS C 93 -11.87 37.54 15.14
C HIS C 93 -12.49 38.82 14.63
N ARG C 94 -12.46 39.07 13.32
CA ARG C 94 -13.40 40.03 12.77
C ARG C 94 -14.80 39.45 12.63
N LEU C 95 -14.92 38.13 12.56
CA LEU C 95 -16.24 37.52 12.43
C LEU C 95 -16.99 37.56 13.75
N THR C 96 -16.33 37.26 14.86
CA THR C 96 -17.08 37.14 16.12
C THR C 96 -17.39 38.52 16.72
N VAL C 97 -16.36 39.27 17.10
CA VAL C 97 -16.59 40.50 17.85
C VAL C 97 -16.69 41.74 16.96
N GLU C 98 -16.19 41.66 15.71
CA GLU C 98 -16.28 42.73 14.71
C GLU C 98 -15.64 44.04 15.20
N ASP C 99 -14.32 44.00 15.35
CA ASP C 99 -13.56 45.16 15.77
C ASP C 99 -12.47 45.42 14.76
N PRO C 100 -11.84 46.58 14.83
CA PRO C 100 -10.46 46.68 14.34
C PRO C 100 -9.54 45.98 15.31
N VAL C 101 -9.35 44.67 15.08
CA VAL C 101 -8.76 43.65 15.95
C VAL C 101 -7.52 44.12 16.70
N THR C 102 -7.54 43.97 18.02
CA THR C 102 -6.47 44.51 18.85
C THR C 102 -5.19 43.72 18.68
N VAL C 103 -4.07 44.44 18.79
CA VAL C 103 -2.76 43.88 18.49
C VAL C 103 -2.32 42.90 19.57
N GLU C 104 -2.74 43.13 20.81
CA GLU C 104 -2.51 42.20 21.92
C GLU C 104 -3.05 40.82 21.62
N TYR C 105 -4.26 40.73 21.05
CA TYR C 105 -4.88 39.44 20.89
C TYR C 105 -4.22 38.63 19.79
N ILE C 106 -3.85 39.28 18.69
CA ILE C 106 -3.24 38.52 17.60
C ILE C 106 -1.81 38.13 17.97
N THR C 107 -1.12 38.94 18.78
CA THR C 107 0.21 38.49 19.17
C THR C 107 0.15 37.42 20.25
N ARG C 108 -0.93 37.38 21.04
CA ARG C 108 -1.15 36.21 21.90
C ARG C 108 -1.48 34.99 21.08
N TYR C 109 -2.12 35.15 19.93
CA TYR C 109 -2.37 34.00 19.08
C TYR C 109 -1.08 33.48 18.45
N ILE C 110 -0.17 34.37 18.08
CA ILE C 110 1.09 33.93 17.49
C ILE C 110 1.95 33.23 18.53
N ALA C 111 2.08 33.85 19.72
CA ALA C 111 2.89 33.25 20.78
C ALA C 111 2.29 31.95 21.27
N SER C 112 0.95 31.87 21.30
CA SER C 112 0.32 30.61 21.67
C SER C 112 0.48 29.55 20.59
N LEU C 113 0.60 29.98 19.33
CA LEU C 113 0.78 29.00 18.25
C LEU C 113 2.19 28.41 18.31
N LYS C 114 3.20 29.27 18.45
CA LYS C 114 4.57 28.76 18.51
C LYS C 114 4.82 27.97 19.79
N GLN C 115 4.16 28.34 20.88
CA GLN C 115 4.23 27.50 22.06
C GLN C 115 3.51 26.18 21.84
N ARG C 116 2.46 26.16 21.01
CA ARG C 116 1.86 24.88 20.66
C ARG C 116 2.75 24.06 19.72
N TYR C 117 3.73 24.67 19.06
CA TYR C 117 4.70 23.83 18.37
C TYR C 117 5.94 23.54 19.20
N THR C 118 6.06 24.08 20.40
CA THR C 118 7.05 23.57 21.34
C THR C 118 6.52 22.40 22.17
N GLN C 119 5.33 21.89 21.85
CA GLN C 119 4.67 20.85 22.64
C GLN C 119 4.30 19.62 21.84
N SER C 120 3.91 19.78 20.57
CA SER C 120 3.35 18.66 19.83
C SER C 120 4.43 17.67 19.40
N ASN C 121 3.99 16.56 18.84
CA ASN C 121 4.86 15.42 18.59
C ASN C 121 5.60 15.61 17.28
N GLY C 122 6.83 16.09 17.37
CA GLY C 122 7.75 16.07 16.25
C GLY C 122 7.47 17.04 15.13
N ARG C 123 7.57 18.34 15.39
CA ARG C 123 7.30 19.29 14.32
C ARG C 123 8.18 20.54 14.28
N ARG C 124 9.30 20.59 15.03
CA ARG C 124 10.36 21.62 15.03
C ARG C 124 9.82 23.05 15.21
N PRO C 125 9.74 23.51 16.46
CA PRO C 125 9.26 24.88 16.73
C PRO C 125 10.00 25.95 15.93
N PHE C 126 9.26 26.99 15.53
CA PHE C 126 9.65 27.88 14.46
C PHE C 126 10.93 28.64 14.76
N GLY C 127 11.57 29.11 13.70
CA GLY C 127 12.75 29.92 13.84
C GLY C 127 12.47 31.34 13.42
N ILE C 128 11.32 31.89 13.81
CA ILE C 128 10.95 33.24 13.46
C ILE C 128 10.83 34.07 14.73
N SER C 129 10.76 35.39 14.54
CA SER C 129 10.49 36.30 15.64
C SER C 129 9.87 37.54 15.05
N ALA C 130 8.81 38.04 15.68
CA ALA C 130 7.91 38.99 15.04
C ALA C 130 8.07 40.38 15.61
N LEU C 131 7.52 41.36 14.88
CA LEU C 131 7.32 42.70 15.40
C LEU C 131 5.86 43.06 15.13
N ILE C 132 4.98 42.63 16.02
CA ILE C 132 3.56 42.89 15.82
C ILE C 132 3.31 44.32 16.26
N VAL C 133 3.15 45.23 15.30
CA VAL C 133 2.84 46.62 15.61
C VAL C 133 1.37 46.85 15.29
N GLY C 134 0.91 48.08 15.42
CA GLY C 134 -0.45 48.37 15.03
C GLY C 134 -1.07 49.38 15.97
N PHE C 135 -2.40 49.32 16.06
CA PHE C 135 -3.17 50.25 16.88
C PHE C 135 -4.29 49.45 17.54
N ASP C 136 -5.27 50.16 18.09
CA ASP C 136 -6.47 49.53 18.62
C ASP C 136 -7.62 50.51 18.42
N PHE C 137 -8.70 50.31 19.18
CA PHE C 137 -9.88 51.16 19.05
C PHE C 137 -9.60 52.60 19.46
N ASP C 138 -8.64 52.83 20.35
CA ASP C 138 -8.28 54.18 20.78
C ASP C 138 -6.78 54.40 20.71
N GLY C 139 -6.30 54.74 19.51
CA GLY C 139 -4.90 55.09 19.28
C GLY C 139 -3.95 53.98 19.67
N THR C 140 -3.15 54.27 20.71
CA THR C 140 -2.34 53.36 21.52
C THR C 140 -1.43 52.50 20.63
N PRO C 141 -0.40 53.05 20.10
CA PRO C 141 0.34 52.38 19.02
C PRO C 141 1.24 51.24 19.49
N ARG C 142 0.61 50.19 20.00
CA ARG C 142 1.35 49.17 20.74
C ARG C 142 2.17 48.28 19.82
N LEU C 143 3.41 47.99 20.26
CA LEU C 143 4.33 47.10 19.58
C LEU C 143 4.49 45.85 20.42
N TYR C 144 4.71 44.72 19.77
CA TYR C 144 4.92 43.45 20.45
C TYR C 144 5.99 42.66 19.72
N GLN C 145 6.78 41.92 20.50
CA GLN C 145 7.85 41.11 19.95
C GLN C 145 7.75 39.71 20.53
N THR C 146 7.52 38.74 19.65
CA THR C 146 7.39 37.36 20.07
C THR C 146 8.74 36.66 20.06
N ASP C 147 8.72 35.35 20.22
CA ASP C 147 9.91 34.55 20.44
C ASP C 147 9.60 33.12 20.04
N PRO C 148 10.59 32.36 19.60
CA PRO C 148 10.37 30.93 19.32
C PRO C 148 9.97 30.10 20.52
N SER C 149 10.18 30.57 21.75
CA SER C 149 9.58 29.94 22.90
C SER C 149 8.16 30.41 23.17
N GLY C 150 7.61 31.24 22.29
CA GLY C 150 6.24 31.69 22.46
C GLY C 150 6.05 32.71 23.56
N THR C 151 7.06 33.54 23.81
CA THR C 151 6.97 34.58 24.83
C THR C 151 6.95 35.93 24.12
N TYR C 152 5.86 36.67 24.32
CA TYR C 152 5.70 37.96 23.70
C TYR C 152 5.91 39.06 24.72
N HIS C 153 6.62 40.11 24.33
CA HIS C 153 6.88 41.24 25.20
C HIS C 153 6.44 42.52 24.51
N ALA C 154 5.85 43.42 25.31
CA ALA C 154 5.26 44.65 24.79
C ALA C 154 6.27 45.79 24.83
N TRP C 155 7.43 45.56 24.26
CA TRP C 155 8.48 46.55 24.40
C TRP C 155 8.42 47.54 23.23
N LYS C 156 9.34 48.50 23.22
CA LYS C 156 9.19 49.66 22.35
C LYS C 156 10.26 49.80 21.27
N ALA C 157 11.37 49.07 21.34
CA ALA C 157 12.29 49.04 20.21
C ALA C 157 12.41 47.66 19.60
N ASN C 158 12.88 46.68 20.37
CA ASN C 158 12.99 45.26 20.00
C ASN C 158 13.65 45.03 18.64
N ALA C 159 14.87 45.50 18.50
CA ALA C 159 15.65 45.14 17.32
C ALA C 159 16.11 43.71 17.53
N ILE C 160 15.54 42.78 16.77
CA ILE C 160 15.72 41.36 17.06
C ILE C 160 16.29 40.60 15.86
N GLY C 161 16.96 41.29 14.95
CA GLY C 161 17.50 40.62 13.79
C GLY C 161 18.82 39.92 14.02
N ARG C 162 19.79 40.13 13.12
CA ARG C 162 21.04 39.37 13.21
C ARG C 162 22.17 40.17 13.85
N GLY C 163 22.27 41.46 13.56
CA GLY C 163 23.29 42.29 14.15
C GLY C 163 22.63 43.35 14.99
N ALA C 164 21.58 42.95 15.70
CA ALA C 164 20.64 43.90 16.30
C ALA C 164 20.77 44.00 17.81
N LYS C 165 21.72 43.29 18.42
CA LYS C 165 22.03 43.59 19.81
C LYS C 165 22.69 44.96 19.93
N SER C 166 23.49 45.33 18.92
CA SER C 166 24.03 46.68 18.85
C SER C 166 22.93 47.70 18.59
N VAL C 167 21.90 47.31 17.83
CA VAL C 167 20.84 48.25 17.52
C VAL C 167 19.94 48.46 18.72
N ARG C 168 19.69 47.41 19.49
CA ARG C 168 18.84 47.59 20.67
C ARG C 168 19.58 48.24 21.82
N GLU C 169 20.91 48.15 21.88
CA GLU C 169 21.60 48.96 22.88
C GLU C 169 21.74 50.41 22.43
N PHE C 170 21.87 50.63 21.11
CA PHE C 170 21.80 51.98 20.56
C PHE C 170 20.44 52.61 20.81
N LEU C 171 19.38 51.84 20.62
CA LEU C 171 18.02 52.34 20.83
C LEU C 171 17.70 52.46 22.31
N GLU C 172 18.39 51.70 23.15
CA GLU C 172 18.38 51.96 24.59
C GLU C 172 19.02 53.31 24.89
N LYS C 173 20.06 53.67 24.15
CA LYS C 173 20.75 54.92 24.40
C LYS C 173 19.98 56.13 23.88
N ASN C 174 19.33 56.00 22.73
CA ASN C 174 18.91 57.17 21.95
C ASN C 174 17.42 57.14 21.65
N TYR C 175 16.61 56.84 22.66
CA TYR C 175 15.15 56.93 22.54
C TYR C 175 14.60 57.28 23.93
N THR C 176 14.46 58.57 24.21
CA THR C 176 13.79 58.99 25.44
C THR C 176 12.55 59.81 25.17
N ASP C 177 12.68 60.99 24.57
CA ASP C 177 11.54 61.85 24.29
C ASP C 177 11.68 62.65 23.00
N ASP C 178 12.79 62.52 22.27
CA ASP C 178 13.02 63.29 21.07
C ASP C 178 12.22 62.80 19.88
N ALA C 179 11.61 61.62 19.98
CA ALA C 179 10.84 61.03 18.90
C ALA C 179 9.35 60.98 19.21
N ILE C 180 8.80 62.05 19.81
CA ILE C 180 7.39 62.05 20.17
C ILE C 180 6.59 62.81 19.13
N GLU C 181 7.29 63.34 18.13
CA GLU C 181 6.64 64.13 17.08
C GLU C 181 6.00 63.20 16.05
N THR C 182 5.63 63.76 14.89
CA THR C 182 4.73 63.08 13.97
C THR C 182 5.41 61.89 13.29
N ASP C 183 6.36 62.15 12.42
CA ASP C 183 7.05 61.01 11.83
C ASP C 183 8.54 61.17 11.68
N ASP C 184 9.04 62.41 11.56
CA ASP C 184 10.36 62.67 10.99
C ASP C 184 11.48 62.24 11.93
N LEU C 185 11.34 62.53 13.22
CA LEU C 185 12.38 62.15 14.18
C LEU C 185 12.35 60.66 14.44
N THR C 186 11.17 60.03 14.35
CA THR C 186 11.06 58.59 14.56
C THR C 186 11.71 57.83 13.41
N ILE C 187 11.33 58.17 12.17
CA ILE C 187 11.87 57.52 10.99
C ILE C 187 13.35 57.84 10.86
N LYS C 188 13.76 59.05 11.26
CA LYS C 188 15.18 59.38 11.33
C LYS C 188 15.90 58.51 12.35
N LEU C 189 15.23 58.16 13.44
CA LEU C 189 15.84 57.28 14.44
C LEU C 189 15.97 55.85 13.90
N VAL C 190 15.00 55.41 13.09
CA VAL C 190 15.08 54.06 12.53
C VAL C 190 16.17 53.99 11.48
N ILE C 191 16.18 54.92 10.53
CA ILE C 191 17.18 54.86 9.47
C ILE C 191 18.56 55.19 10.00
N LYS C 192 18.66 55.95 11.10
CA LYS C 192 19.94 56.08 11.77
C LYS C 192 20.35 54.76 12.42
N ALA C 193 19.38 54.04 12.98
CA ALA C 193 19.65 52.80 13.68
C ALA C 193 20.10 51.70 12.73
N LEU C 194 19.54 51.62 11.52
CA LEU C 194 20.01 50.63 10.56
C LEU C 194 21.20 51.09 9.76
N LEU C 195 21.40 52.41 9.60
CA LEU C 195 22.64 52.89 9.01
C LEU C 195 23.81 52.78 9.95
N GLU C 196 23.58 52.46 11.21
CA GLU C 196 24.65 52.02 12.09
C GLU C 196 25.26 50.71 11.59
N VAL C 197 24.43 49.83 11.01
CA VAL C 197 24.86 48.47 10.72
C VAL C 197 25.48 48.32 9.32
N VAL C 198 24.80 48.77 8.26
CA VAL C 198 25.24 48.44 6.91
C VAL C 198 25.58 49.71 6.17
N GLU C 199 25.17 49.78 4.90
CA GLU C 199 25.35 50.95 4.04
C GLU C 199 24.01 51.58 3.61
N SER C 200 24.11 52.48 2.63
CA SER C 200 23.13 53.48 2.19
C SER C 200 21.80 52.85 1.79
N GLY C 201 20.73 53.64 1.93
CA GLY C 201 19.38 53.17 1.73
C GLY C 201 18.93 53.10 0.29
N GLY C 202 19.80 53.52 -0.63
CA GLY C 202 19.51 53.36 -2.04
C GLY C 202 19.59 51.93 -2.54
N LYS C 203 20.15 51.03 -1.73
CA LYS C 203 20.24 49.63 -2.10
C LYS C 203 19.80 48.71 -0.96
N ASN C 204 19.77 49.19 0.28
CA ASN C 204 19.71 48.31 1.43
C ASN C 204 18.41 48.39 2.21
N ILE C 205 18.06 49.56 2.72
CA ILE C 205 16.98 49.64 3.70
C ILE C 205 15.64 49.73 2.99
N GLU C 206 14.58 49.30 3.68
CA GLU C 206 13.22 49.62 3.30
C GLU C 206 12.38 49.69 4.57
N LEU C 207 11.36 50.53 4.56
CA LEU C 207 10.62 50.84 5.76
C LEU C 207 9.13 50.73 5.50
N ALA C 208 8.35 50.93 6.55
CA ALA C 208 6.90 50.97 6.47
C ALA C 208 6.37 51.74 7.66
N VAL C 209 5.34 52.54 7.43
CA VAL C 209 4.74 53.35 8.49
C VAL C 209 3.25 53.03 8.57
N MET C 210 2.65 53.43 9.68
CA MET C 210 1.24 53.15 9.95
C MET C 210 0.69 54.25 10.83
N ARG C 211 -0.38 54.91 10.38
CA ARG C 211 -0.87 56.13 11.02
C ARG C 211 -2.35 56.02 11.33
N ARG C 212 -2.68 55.76 12.59
CA ARG C 212 -4.00 55.98 13.18
C ARG C 212 -5.11 55.21 12.48
N ASP C 213 -4.86 53.91 12.24
CA ASP C 213 -5.80 52.99 11.60
C ASP C 213 -6.17 53.42 10.18
N GLN C 214 -5.18 53.93 9.44
CA GLN C 214 -5.28 54.02 7.99
C GLN C 214 -3.89 54.04 7.39
N SER C 215 -3.82 53.73 6.10
CA SER C 215 -2.70 54.03 5.20
C SER C 215 -1.39 53.36 5.65
N LEU C 216 -1.38 52.03 5.59
CA LEU C 216 -0.12 51.32 5.70
C LEU C 216 0.71 51.58 4.44
N LYS C 217 1.65 52.50 4.52
CA LYS C 217 2.39 52.97 3.36
C LYS C 217 3.85 52.54 3.50
N ILE C 218 4.34 51.81 2.50
CA ILE C 218 5.78 51.55 2.41
C ILE C 218 6.47 52.74 1.79
N LEU C 219 7.79 52.75 1.85
CA LEU C 219 8.58 53.87 1.35
C LEU C 219 9.49 53.38 0.23
N ASN C 220 9.17 53.80 -0.99
CA ASN C 220 10.01 53.50 -2.16
C ASN C 220 11.39 54.16 -2.01
N PRO C 221 12.42 53.60 -2.65
CA PRO C 221 13.79 54.11 -2.43
C PRO C 221 14.06 55.54 -2.90
N GLU C 222 13.13 56.17 -3.63
CA GLU C 222 13.30 57.59 -3.92
C GLU C 222 13.02 58.42 -2.68
N GLU C 223 11.98 58.08 -1.92
CA GLU C 223 11.63 58.80 -0.71
C GLU C 223 12.56 58.47 0.45
N ILE C 224 13.04 57.24 0.52
CA ILE C 224 13.93 56.88 1.61
C ILE C 224 15.21 57.69 1.54
N GLU C 225 15.58 58.06 0.32
CA GLU C 225 16.79 58.82 0.09
C GLU C 225 16.76 60.17 0.78
N LYS C 226 15.62 60.83 0.79
CA LYS C 226 15.56 62.14 1.42
C LYS C 226 15.89 62.03 2.91
N TYR C 227 15.30 61.05 3.57
CA TYR C 227 15.54 60.86 4.99
C TYR C 227 16.98 60.46 5.23
N VAL C 228 17.52 59.62 4.35
CA VAL C 228 18.89 59.18 4.49
C VAL C 228 19.84 60.36 4.36
N ALA C 229 19.55 61.25 3.41
CA ALA C 229 20.34 62.44 3.18
C ALA C 229 20.30 63.33 4.41
N GLU C 230 19.13 63.46 5.02
CA GLU C 230 19.03 64.29 6.22
C GLU C 230 19.89 63.69 7.33
N ILE C 231 19.83 62.37 7.47
CA ILE C 231 20.62 61.72 8.51
C ILE C 231 22.11 61.93 8.25
N GLU C 232 22.52 61.81 6.98
CA GLU C 232 23.91 61.98 6.61
C GLU C 232 24.38 63.39 6.91
N LYS C 233 23.52 64.35 6.62
CA LYS C 233 23.81 65.75 6.84
C LYS C 233 24.00 66.03 8.33
N GLU C 234 23.16 65.40 9.16
CA GLU C 234 23.16 65.54 10.63
C GLU C 234 23.65 66.86 11.23
N ASP D 9 18.19 10.11 21.41
CA ASP D 9 18.73 9.79 22.72
C ASP D 9 18.04 8.57 23.33
N ARG D 10 17.05 8.81 24.20
CA ARG D 10 16.42 7.73 24.94
C ARG D 10 14.90 7.75 24.97
N GLY D 11 14.24 8.87 24.74
CA GLY D 11 12.81 8.96 24.91
C GLY D 11 12.45 9.72 26.16
N VAL D 12 11.14 9.89 26.36
CA VAL D 12 10.66 10.70 27.46
C VAL D 12 10.09 9.83 28.58
N ASN D 13 9.58 8.65 28.24
CA ASN D 13 8.93 7.78 29.23
C ASN D 13 9.90 6.73 29.77
N THR D 14 11.04 7.17 30.27
CA THR D 14 12.06 6.25 30.80
C THR D 14 12.45 6.69 32.20
N PHE D 15 12.83 5.73 33.02
CA PHE D 15 13.23 6.02 34.40
C PHE D 15 14.75 6.11 34.51
N SER D 16 15.20 6.96 35.43
CA SER D 16 16.61 7.32 35.49
C SER D 16 17.34 6.47 36.53
N PRO D 17 18.62 6.11 36.27
CA PRO D 17 19.43 5.36 37.24
C PRO D 17 19.64 6.00 38.62
N GLU D 18 19.11 7.21 38.85
CA GLU D 18 18.84 7.73 40.18
C GLU D 18 17.57 7.15 40.80
N GLY D 19 16.46 7.09 40.06
CA GLY D 19 15.22 6.59 40.60
C GLY D 19 13.96 7.20 40.03
N ARG D 20 14.09 8.38 39.42
CA ARG D 20 12.92 9.07 38.90
C ARG D 20 12.96 9.20 37.40
N LEU D 21 11.95 9.84 36.83
CA LEU D 21 11.93 10.00 35.38
C LEU D 21 13.06 10.92 34.96
N PHE D 22 13.43 10.84 33.69
CA PHE D 22 14.37 11.80 33.14
C PHE D 22 13.73 13.16 32.99
N GLN D 23 12.61 13.23 32.26
CA GLN D 23 12.02 14.52 31.92
C GLN D 23 11.41 15.23 33.12
N VAL D 24 11.08 14.49 34.17
CA VAL D 24 10.56 15.16 35.36
C VAL D 24 11.69 15.80 36.16
N GLU D 25 12.78 15.07 36.42
CA GLU D 25 13.88 15.67 37.16
C GLU D 25 14.65 16.68 36.33
N TYR D 26 14.50 16.64 35.00
CA TYR D 26 14.96 17.73 34.16
C TYR D 26 13.98 18.88 34.15
N ALA D 27 12.70 18.61 34.42
CA ALA D 27 11.71 19.67 34.55
C ALA D 27 11.73 20.33 35.92
N ILE D 28 12.39 19.73 36.90
CA ILE D 28 12.67 20.47 38.13
C ILE D 28 13.70 21.55 37.87
N GLU D 29 14.66 21.27 36.98
CA GLU D 29 15.44 22.34 36.41
C GLU D 29 14.62 23.06 35.35
N ALA D 30 15.13 24.21 34.92
CA ALA D 30 14.39 25.31 34.27
C ALA D 30 13.26 25.83 35.16
N ILE D 31 13.35 25.59 36.46
CA ILE D 31 12.65 26.38 37.47
C ILE D 31 13.62 27.24 38.23
N LYS D 32 14.85 26.75 38.47
CA LYS D 32 15.95 27.61 38.88
C LYS D 32 16.21 28.70 37.85
N LEU D 33 16.14 28.35 36.57
CA LEU D 33 16.06 29.39 35.56
C LEU D 33 14.70 30.06 35.63
N GLY D 34 14.68 31.37 35.38
CA GLY D 34 13.46 32.13 35.44
C GLY D 34 13.34 32.92 36.71
N SER D 35 12.29 33.75 36.76
CA SER D 35 12.11 34.71 37.84
C SER D 35 11.67 34.00 39.12
N THR D 36 11.64 34.75 40.21
CA THR D 36 11.28 34.23 41.52
C THR D 36 9.92 34.77 41.92
N ALA D 37 9.09 33.90 42.48
CA ALA D 37 7.81 34.32 43.03
C ALA D 37 7.65 33.75 44.42
N ILE D 38 6.92 34.47 45.26
CA ILE D 38 6.66 34.05 46.63
C ILE D 38 5.19 34.24 46.93
N GLY D 39 4.70 33.49 47.89
CA GLY D 39 3.33 33.64 48.35
C GLY D 39 3.20 33.34 49.82
N ILE D 40 2.35 34.07 50.52
CA ILE D 40 2.09 33.83 51.93
C ILE D 40 0.59 33.73 52.13
N GLN D 41 0.12 32.55 52.50
CA GLN D 41 -1.21 32.40 53.07
C GLN D 41 -1.24 33.00 54.46
N THR D 42 -2.25 33.80 54.74
CA THR D 42 -2.47 34.32 56.08
C THR D 42 -3.82 33.84 56.57
N SER D 43 -4.26 34.38 57.70
CA SER D 43 -5.57 34.06 58.21
C SER D 43 -6.67 34.93 57.61
N GLU D 44 -6.31 36.03 56.93
CA GLU D 44 -7.30 36.87 56.27
C GLU D 44 -6.84 37.25 54.87
N GLY D 45 -6.20 36.33 54.18
CA GLY D 45 -5.85 36.55 52.79
C GLY D 45 -4.61 35.77 52.42
N VAL D 46 -4.17 36.00 51.19
CA VAL D 46 -2.97 35.38 50.66
C VAL D 46 -2.30 36.35 49.68
N CYS D 47 -1.03 36.63 49.90
CA CYS D 47 -0.31 37.60 49.08
C CYS D 47 0.68 36.90 48.17
N LEU D 48 0.77 37.39 46.93
CA LEU D 48 1.66 36.84 45.93
C LEU D 48 2.53 37.96 45.39
N ALA D 49 3.78 37.64 45.07
CA ALA D 49 4.66 38.63 44.50
C ALA D 49 5.67 37.96 43.60
N VAL D 50 6.16 38.70 42.61
CA VAL D 50 7.10 38.16 41.64
C VAL D 50 7.95 39.31 41.09
N GLU D 51 9.26 39.11 41.06
CA GLU D 51 10.16 40.11 40.48
C GLU D 51 10.41 39.69 39.04
N LYS D 52 9.68 40.29 38.10
CA LYS D 52 9.56 39.72 36.77
C LYS D 52 10.76 39.99 35.86
N ARG D 53 11.84 40.59 36.38
CA ARG D 53 13.18 40.59 35.75
C ARG D 53 13.17 41.22 34.36
N ILE D 54 12.91 42.52 34.35
CA ILE D 54 12.95 43.27 33.09
C ILE D 54 14.39 43.34 32.58
N THR D 55 14.56 43.12 31.28
CA THR D 55 15.91 43.05 30.72
C THR D 55 16.45 44.43 30.40
N SER D 56 15.81 45.14 29.49
CA SER D 56 16.24 46.45 29.04
C SER D 56 15.41 47.53 29.73
N PRO D 57 15.92 48.76 29.80
CA PRO D 57 15.10 49.88 30.26
C PRO D 57 14.47 50.70 29.14
N LEU D 58 14.50 50.24 27.90
CA LEU D 58 13.98 51.00 26.77
C LEU D 58 12.49 50.81 26.56
N MET D 59 11.75 50.35 27.55
CA MET D 59 10.59 49.55 27.22
C MET D 59 9.42 49.73 28.17
N GLU D 60 8.47 48.80 28.12
CA GLU D 60 7.24 48.88 28.88
C GLU D 60 7.18 47.69 29.82
N PRO D 61 7.20 47.90 31.15
CA PRO D 61 7.33 46.76 32.07
C PRO D 61 6.02 46.18 32.53
N SER D 62 4.89 46.80 32.23
CA SER D 62 3.61 46.39 32.79
C SER D 62 2.83 45.49 31.82
N SER D 63 3.54 44.65 31.07
CA SER D 63 2.90 43.59 30.30
C SER D 63 3.68 42.29 30.38
N ILE D 64 4.37 42.03 31.48
CA ILE D 64 4.99 40.75 31.74
C ILE D 64 4.09 40.07 32.75
N GLU D 65 3.15 39.28 32.25
CA GLU D 65 2.10 38.68 33.07
C GLU D 65 2.67 37.49 33.84
N LYS D 66 2.95 37.70 35.12
CA LYS D 66 3.35 36.60 35.99
C LYS D 66 2.45 36.45 37.19
N ILE D 67 1.49 37.35 37.38
CA ILE D 67 0.38 37.14 38.30
C ILE D 67 -0.87 37.11 37.45
N VAL D 68 -1.46 35.92 37.32
CA VAL D 68 -2.59 35.69 36.43
C VAL D 68 -3.75 35.22 37.27
N GLU D 69 -4.90 35.87 37.12
CA GLU D 69 -6.08 35.51 37.88
C GLU D 69 -6.84 34.42 37.14
N ILE D 70 -6.91 33.24 37.76
CA ILE D 70 -7.66 32.13 37.17
C ILE D 70 -9.14 32.45 37.17
N ASP D 71 -9.68 32.74 38.34
CA ASP D 71 -11.04 33.20 38.52
C ASP D 71 -10.95 34.49 39.33
N ALA D 72 -12.10 34.98 39.81
CA ALA D 72 -12.09 36.15 40.69
C ALA D 72 -11.46 35.84 42.04
N HIS D 73 -11.43 34.58 42.46
CA HIS D 73 -10.94 34.25 43.78
C HIS D 73 -9.85 33.18 43.72
N ILE D 74 -9.22 33.00 42.57
CA ILE D 74 -8.01 32.19 42.43
C ILE D 74 -7.04 32.97 41.56
N GLY D 75 -5.87 33.28 42.09
CA GLY D 75 -4.81 33.89 41.33
C GLY D 75 -3.56 33.05 41.41
N CYS D 76 -2.94 32.79 40.27
CA CYS D 76 -1.75 31.97 40.21
C CYS D 76 -0.51 32.84 40.06
N ALA D 77 0.65 32.22 40.24
CA ALA D 77 1.92 32.94 40.20
C ALA D 77 2.96 31.99 39.64
N MET D 78 3.21 32.08 38.33
CA MET D 78 4.10 31.11 37.71
C MET D 78 5.52 31.67 37.62
N SER D 79 6.45 30.80 37.21
CA SER D 79 7.84 31.15 37.03
C SER D 79 8.46 30.15 36.08
N GLY D 80 9.78 30.13 36.02
CA GLY D 80 10.45 29.10 35.25
C GLY D 80 10.38 29.38 33.77
N LEU D 81 10.06 28.34 33.00
CA LEU D 81 9.88 28.49 31.55
C LEU D 81 8.52 29.15 31.38
N ILE D 82 8.56 30.48 31.21
CA ILE D 82 7.34 31.28 31.11
C ILE D 82 6.64 30.97 29.79
N ALA D 83 5.31 31.18 29.78
CA ALA D 83 4.40 31.06 28.63
C ALA D 83 4.17 29.62 28.20
N ASP D 84 4.80 28.66 28.87
CA ASP D 84 4.43 27.26 28.80
C ASP D 84 3.24 26.97 29.71
N ALA D 85 2.89 27.90 30.59
CA ALA D 85 1.78 27.72 31.51
C ALA D 85 0.44 28.07 30.87
N LYS D 86 0.44 28.78 29.74
CA LYS D 86 -0.79 29.37 29.21
C LYS D 86 -1.79 28.32 28.77
N THR D 87 -1.33 27.13 28.39
CA THR D 87 -2.25 26.06 28.06
C THR D 87 -2.94 25.52 29.31
N LEU D 88 -2.19 25.41 30.41
CA LEU D 88 -2.79 24.90 31.64
C LEU D 88 -3.41 26.00 32.50
N ILE D 89 -3.04 27.25 32.28
CA ILE D 89 -3.87 28.33 32.81
C ILE D 89 -5.18 28.40 32.06
N ASP D 90 -5.14 28.16 30.74
CA ASP D 90 -6.36 28.04 29.96
C ASP D 90 -7.21 26.88 30.45
N LYS D 91 -6.58 25.75 30.75
CA LYS D 91 -7.34 24.63 31.30
C LYS D 91 -7.84 24.94 32.71
N ALA D 92 -7.12 25.78 33.45
CA ALA D 92 -7.56 26.15 34.79
C ALA D 92 -8.81 27.02 34.75
N ARG D 93 -8.85 28.01 33.87
CA ARG D 93 -10.02 28.87 33.82
C ARG D 93 -11.20 28.22 33.10
N VAL D 94 -10.93 27.40 32.08
CA VAL D 94 -12.00 26.68 31.40
C VAL D 94 -12.61 25.64 32.33
N GLU D 95 -11.77 24.98 33.12
CA GLU D 95 -12.29 24.06 34.13
C GLU D 95 -13.01 24.82 35.24
N THR D 96 -12.58 26.05 35.52
CA THR D 96 -13.23 26.83 36.56
C THR D 96 -14.65 27.21 36.16
N GLN D 97 -14.80 27.79 34.98
CA GLN D 97 -16.14 28.14 34.54
C GLN D 97 -16.95 26.92 34.12
N ASN D 98 -16.32 25.78 33.85
CA ASN D 98 -17.10 24.55 33.71
C ASN D 98 -17.65 24.12 35.06
N HIS D 99 -16.89 24.29 36.13
CA HIS D 99 -17.38 23.93 37.46
C HIS D 99 -18.52 24.85 37.89
N TRP D 100 -18.35 26.16 37.68
CA TRP D 100 -19.41 27.10 38.01
C TRP D 100 -20.61 26.90 37.11
N PHE D 101 -20.38 26.49 35.87
CA PHE D 101 -21.48 26.23 34.95
C PHE D 101 -22.30 25.03 35.41
N THR D 102 -21.64 23.89 35.61
CA THR D 102 -22.40 22.68 35.85
C THR D 102 -22.86 22.54 37.30
N TYR D 103 -22.25 23.27 38.23
CA TYR D 103 -22.56 23.09 39.64
C TYR D 103 -23.08 24.33 40.34
N ASN D 104 -23.07 25.48 39.69
CA ASN D 104 -23.60 26.77 40.18
C ASN D 104 -23.03 27.17 41.53
N GLU D 105 -21.71 27.08 41.69
CA GLU D 105 -21.07 27.52 42.92
C GLU D 105 -19.64 27.92 42.61
N THR D 106 -18.95 28.32 43.67
CA THR D 106 -17.53 28.59 43.64
C THR D 106 -16.74 27.29 43.59
N MET D 107 -15.42 27.40 43.69
CA MET D 107 -14.63 26.18 43.72
C MET D 107 -13.81 26.13 45.00
N THR D 108 -13.01 25.07 45.10
CA THR D 108 -11.95 25.03 46.08
C THR D 108 -10.70 25.54 45.40
N VAL D 109 -9.55 25.37 46.02
CA VAL D 109 -8.29 25.54 45.30
C VAL D 109 -7.69 24.16 44.98
N GLU D 110 -8.08 23.11 45.70
CA GLU D 110 -7.63 21.77 45.33
C GLU D 110 -8.43 21.16 44.20
N SER D 111 -9.46 21.83 43.69
CA SER D 111 -10.12 21.30 42.52
C SER D 111 -9.50 21.85 41.24
N VAL D 112 -9.16 23.14 41.23
CA VAL D 112 -8.39 23.67 40.12
C VAL D 112 -6.97 23.13 40.17
N THR D 113 -6.41 22.98 41.37
CA THR D 113 -5.07 22.42 41.49
C THR D 113 -5.09 20.93 41.24
N GLN D 114 -6.20 20.27 41.57
CA GLN D 114 -6.40 18.88 41.20
C GLN D 114 -6.51 18.73 39.69
N ALA D 115 -7.17 19.69 39.02
CA ALA D 115 -7.41 19.58 37.60
C ALA D 115 -6.20 19.93 36.76
N VAL D 116 -5.39 20.89 37.18
CA VAL D 116 -4.20 21.27 36.42
C VAL D 116 -3.11 20.23 36.57
N SER D 117 -2.88 19.75 37.79
CA SER D 117 -1.80 18.80 38.04
C SER D 117 -2.03 17.43 37.40
N ASN D 118 -3.24 17.13 36.95
CA ASN D 118 -3.43 15.93 36.14
C ASN D 118 -2.81 16.09 34.77
N LEU D 119 -2.70 17.32 34.26
CA LEU D 119 -2.12 17.57 32.95
C LEU D 119 -0.61 17.64 32.98
N ALA D 120 0.02 17.63 34.16
CA ALA D 120 1.46 17.79 34.23
C ALA D 120 2.18 16.54 33.76
N LEU D 121 1.90 15.41 34.41
CA LEU D 121 2.56 14.16 34.05
C LEU D 121 1.64 13.36 33.11
N GLN D 122 1.33 14.02 32.00
CA GLN D 122 0.47 13.44 30.96
C GLN D 122 1.07 13.85 29.63
N PHE D 123 1.98 13.03 29.13
CA PHE D 123 2.66 13.27 27.87
C PHE D 123 3.05 11.92 27.29
N GLY D 124 3.93 11.92 26.29
CA GLY D 124 4.47 10.69 25.73
C GLY D 124 4.68 10.77 24.23
N GLU D 125 5.57 9.91 23.73
CA GLU D 125 5.90 9.93 22.31
C GLU D 125 4.81 9.26 21.48
N GLU D 126 4.60 7.95 21.68
CA GLU D 126 3.65 7.19 20.87
C GLU D 126 2.43 6.90 21.73
N ASP D 127 1.37 7.63 21.47
CA ASP D 127 0.13 7.67 22.25
C ASP D 127 -1.00 7.98 21.27
N ALA D 128 -2.08 8.55 21.78
CA ALA D 128 -3.18 9.04 20.96
C ALA D 128 -2.76 10.24 20.13
N ASP D 129 -3.74 10.85 19.42
CA ASP D 129 -3.64 11.89 18.40
C ASP D 129 -2.67 13.01 18.72
N PRO D 130 -1.94 13.58 17.73
CA PRO D 130 -0.77 14.43 18.05
C PRO D 130 -1.06 15.78 18.67
N GLY D 131 -2.30 16.03 19.10
CA GLY D 131 -2.58 17.12 20.01
C GLY D 131 -2.12 16.92 21.43
N ALA D 132 -1.52 15.77 21.75
CA ALA D 132 -0.96 15.52 23.06
C ALA D 132 0.39 16.24 23.21
N MET D 133 0.94 16.16 24.42
CA MET D 133 2.17 16.84 24.77
C MET D 133 3.37 15.91 24.65
N SER D 134 4.51 16.48 24.31
CA SER D 134 5.77 15.74 24.28
C SER D 134 6.60 15.98 25.53
N ARG D 135 6.93 17.17 25.79
CA ARG D 135 7.69 17.43 27.00
C ARG D 135 6.74 17.75 28.15
N PRO D 136 7.13 17.52 29.40
CA PRO D 136 6.30 17.99 30.51
C PRO D 136 6.36 19.50 30.62
N PHE D 137 5.33 20.05 31.26
CA PHE D 137 5.22 21.50 31.40
C PHE D 137 6.26 21.99 32.39
N GLY D 138 7.30 22.64 31.88
CA GLY D 138 8.39 23.09 32.73
C GLY D 138 8.11 24.40 33.43
N VAL D 139 6.96 24.50 34.09
CA VAL D 139 6.57 25.72 34.79
C VAL D 139 5.99 25.34 36.15
N ALA D 140 6.64 25.80 37.21
CA ALA D 140 6.17 25.61 38.56
C ALA D 140 5.36 26.84 38.95
N LEU D 141 4.20 26.62 39.54
CA LEU D 141 3.32 27.70 39.89
C LEU D 141 2.55 27.35 41.15
N LEU D 142 1.81 28.32 41.64
CA LEU D 142 1.08 28.15 42.89
C LEU D 142 -0.17 29.01 42.86
N PHE D 143 -1.30 28.41 43.22
CA PHE D 143 -2.59 29.06 43.12
C PHE D 143 -2.92 29.69 44.46
N GLY D 144 -2.75 31.00 44.57
CA GLY D 144 -3.27 31.71 45.72
C GLY D 144 -4.77 31.89 45.57
N GLY D 145 -5.52 31.38 46.52
CA GLY D 145 -6.97 31.46 46.43
C GLY D 145 -7.60 31.46 47.81
N VAL D 146 -8.81 32.00 47.85
CA VAL D 146 -9.62 32.02 49.07
C VAL D 146 -10.78 31.05 48.87
N ASP D 147 -11.09 30.29 49.90
CA ASP D 147 -12.22 29.37 49.86
C ASP D 147 -13.09 29.56 51.09
N GLU D 148 -14.19 28.82 51.09
CA GLU D 148 -15.03 28.61 52.26
C GLU D 148 -14.36 27.74 53.32
N LYS D 149 -13.32 26.98 52.98
CA LYS D 149 -12.48 26.41 54.03
C LYS D 149 -11.58 27.48 54.61
N GLY D 150 -10.71 28.05 53.79
CA GLY D 150 -9.86 29.15 54.18
C GLY D 150 -9.02 29.63 53.03
N PRO D 151 -8.41 30.80 53.17
CA PRO D 151 -7.35 31.18 52.23
C PRO D 151 -6.19 30.22 52.36
N GLN D 152 -5.54 29.94 51.23
CA GLN D 152 -4.58 28.84 51.11
C GLN D 152 -3.87 28.98 49.77
N LEU D 153 -2.66 28.42 49.68
CA LEU D 153 -2.01 28.41 48.39
C LEU D 153 -1.41 27.05 48.13
N PHE D 154 -1.56 26.56 46.91
CA PHE D 154 -1.17 25.19 46.59
C PHE D 154 -0.01 25.19 45.62
N HIS D 155 1.16 24.86 46.14
CA HIS D 155 2.38 24.84 45.34
C HIS D 155 2.42 23.59 44.48
N MET D 156 2.43 23.78 43.17
CA MET D 156 2.57 22.68 42.23
C MET D 156 4.04 22.45 41.89
N ASP D 157 4.28 21.31 41.28
CA ASP D 157 5.56 20.96 40.69
C ASP D 157 5.30 20.74 39.21
N PRO D 158 6.33 20.55 38.39
CA PRO D 158 6.11 19.96 37.06
C PRO D 158 5.84 18.48 37.10
N SER D 159 5.98 17.83 38.25
CA SER D 159 5.72 16.40 38.37
C SER D 159 4.26 16.08 38.61
N GLY D 160 3.41 17.09 38.73
CA GLY D 160 2.03 16.88 39.13
C GLY D 160 1.83 16.82 40.62
N THR D 161 2.90 16.84 41.40
CA THR D 161 2.80 16.89 42.85
C THR D 161 2.40 18.29 43.29
N PHE D 162 1.29 18.40 44.00
CA PHE D 162 0.85 19.66 44.56
C PHE D 162 0.68 19.51 46.05
N VAL D 163 1.07 20.53 46.81
CA VAL D 163 1.01 20.46 48.26
C VAL D 163 0.34 21.71 48.83
N GLN D 164 -0.30 21.53 49.98
CA GLN D 164 -0.73 22.64 50.82
C GLN D 164 0.46 23.50 51.20
N CYS D 165 0.32 24.80 51.03
CA CYS D 165 1.38 25.69 51.44
C CYS D 165 0.81 26.97 52.02
N ASP D 166 1.53 27.48 53.02
CA ASP D 166 1.27 28.78 53.59
C ASP D 166 2.41 29.76 53.43
N ALA D 167 3.61 29.31 53.09
CA ALA D 167 4.73 30.21 52.82
C ALA D 167 5.68 29.45 51.90
N ARG D 168 5.62 29.74 50.61
CA ARG D 168 6.34 28.96 49.62
C ARG D 168 7.03 29.89 48.64
N ALA D 169 8.29 29.56 48.31
CA ALA D 169 9.09 30.33 47.37
C ALA D 169 9.45 29.45 46.19
N ILE D 170 9.37 30.02 44.99
CA ILE D 170 9.75 29.31 43.77
C ILE D 170 10.80 30.13 43.03
N GLY D 171 11.24 29.62 41.88
CA GLY D 171 12.21 30.34 41.08
C GLY D 171 13.64 30.08 41.53
N SER D 172 14.52 31.01 41.14
CA SER D 172 15.93 30.88 41.49
C SER D 172 16.16 31.06 42.98
N ALA D 173 15.32 31.86 43.64
CA ALA D 173 15.40 32.04 45.09
C ALA D 173 14.49 31.04 45.78
N SER D 174 14.80 29.76 45.59
CA SER D 174 14.06 28.69 46.22
C SER D 174 14.78 28.11 47.42
N GLU D 175 15.98 28.58 47.73
CA GLU D 175 16.71 28.12 48.89
C GLU D 175 16.91 29.25 49.90
N GLY D 176 17.50 30.37 49.49
CA GLY D 176 17.76 31.45 50.43
C GLY D 176 16.49 32.18 50.82
N ALA D 177 15.61 32.43 49.85
CA ALA D 177 14.36 33.10 50.17
C ALA D 177 13.41 32.17 50.91
N GLN D 178 13.47 30.86 50.64
CA GLN D 178 12.64 29.92 51.37
C GLN D 178 13.12 29.76 52.81
N SER D 179 14.43 29.74 53.02
CA SER D 179 14.96 29.66 54.37
C SER D 179 14.74 30.95 55.14
N SER D 180 14.75 32.10 54.45
CA SER D 180 14.41 33.34 55.13
C SER D 180 12.92 33.39 55.46
N LEU D 181 12.09 32.89 54.56
CA LEU D 181 10.66 32.85 54.79
C LEU D 181 10.27 31.82 55.84
N GLN D 182 11.16 30.87 56.11
CA GLN D 182 10.90 29.84 57.10
C GLN D 182 10.91 30.39 58.52
N GLU D 183 11.61 31.50 58.75
CA GLU D 183 11.80 32.02 60.10
C GLU D 183 11.04 33.31 60.37
N VAL D 184 10.27 33.83 59.42
CA VAL D 184 9.66 35.14 59.56
C VAL D 184 8.14 35.08 59.50
N TYR D 185 7.54 33.90 59.41
CA TYR D 185 6.10 33.80 59.28
C TYR D 185 5.54 32.78 60.27
N HIS D 186 4.70 33.27 61.19
CA HIS D 186 3.89 32.34 61.96
C HIS D 186 2.44 32.77 62.16
N LYS D 187 2.17 34.08 62.20
CA LYS D 187 0.97 34.54 62.90
C LYS D 187 -0.28 34.78 62.05
N SER D 188 -0.26 35.79 61.18
CA SER D 188 -1.44 36.33 60.50
C SER D 188 -0.98 37.46 59.60
N MET D 189 -1.92 38.00 58.82
CA MET D 189 -1.62 39.10 57.91
C MET D 189 -1.34 40.38 58.67
N THR D 190 -2.40 40.95 59.26
CA THR D 190 -2.48 42.29 59.82
C THR D 190 -1.68 43.34 59.04
N LEU D 191 -1.86 43.30 57.70
CA LEU D 191 -1.34 44.22 56.69
C LEU D 191 0.17 44.13 56.48
N LYS D 192 0.92 43.40 57.30
CA LYS D 192 2.37 43.48 57.18
C LYS D 192 3.03 42.23 56.62
N GLU D 193 2.28 41.20 56.24
CA GLU D 193 2.92 40.10 55.53
C GLU D 193 3.32 40.50 54.12
N ALA D 194 2.50 41.35 53.47
CA ALA D 194 2.85 41.88 52.16
C ALA D 194 4.03 42.83 52.22
N ILE D 195 4.34 43.38 53.40
CA ILE D 195 5.49 44.25 53.55
C ILE D 195 6.69 43.51 54.11
N LYS D 196 6.48 42.31 54.66
CA LYS D 196 7.58 41.44 55.07
C LYS D 196 7.83 40.33 54.07
N SER D 197 7.23 40.43 52.88
CA SER D 197 7.51 39.54 51.78
C SER D 197 8.28 40.20 50.66
N SER D 198 7.94 41.45 50.32
CA SER D 198 8.80 42.23 49.44
C SER D 198 10.12 42.58 50.11
N LEU D 199 10.17 42.54 51.44
CA LEU D 199 11.45 42.61 52.15
C LEU D 199 12.31 41.40 51.81
N ILE D 200 11.70 40.23 51.63
CA ILE D 200 12.44 39.07 51.17
C ILE D 200 12.86 39.27 49.72
N ILE D 201 12.00 39.92 48.93
CA ILE D 201 12.41 40.32 47.59
C ILE D 201 13.49 41.40 47.65
N LEU D 202 13.46 42.24 48.69
CA LEU D 202 14.53 43.22 48.89
C LEU D 202 15.87 42.57 49.19
N LYS D 203 15.86 41.43 49.87
CA LYS D 203 17.13 40.73 50.06
C LYS D 203 17.54 40.01 48.78
N GLN D 204 16.57 39.64 47.95
CA GLN D 204 16.83 38.84 46.76
C GLN D 204 17.51 39.64 45.66
N VAL D 205 17.43 40.97 45.70
CA VAL D 205 17.57 41.93 44.59
C VAL D 205 18.69 41.62 43.60
N MET D 206 18.32 41.55 42.33
CA MET D 206 19.22 41.17 41.25
C MET D 206 19.74 42.37 40.47
N GLU D 207 18.87 43.31 40.14
CA GLU D 207 19.22 44.37 39.21
C GLU D 207 18.82 45.76 39.68
N GLU D 208 17.85 45.87 40.59
CA GLU D 208 17.24 47.16 40.86
C GLU D 208 16.54 47.08 42.20
N LYS D 209 16.58 48.19 42.93
CA LYS D 209 15.98 48.28 44.25
C LYS D 209 14.45 48.32 44.17
N LEU D 210 13.86 47.20 43.72
CA LEU D 210 12.47 46.73 43.85
C LEU D 210 11.40 47.82 43.86
N ASN D 211 11.51 48.75 42.91
CA ASN D 211 10.55 49.84 42.78
C ASN D 211 9.25 49.33 42.16
N ALA D 212 8.33 50.23 41.86
CA ALA D 212 7.04 49.80 41.30
C ALA D 212 7.09 49.73 39.78
N THR D 213 8.14 49.09 39.26
CA THR D 213 8.27 48.75 37.84
C THR D 213 8.73 47.33 37.60
N ASN D 214 9.37 46.67 38.57
CA ASN D 214 9.97 45.37 38.35
C ASN D 214 9.41 44.27 39.25
N ILE D 215 8.50 44.58 40.17
CA ILE D 215 7.82 43.57 40.96
C ILE D 215 6.32 43.72 40.73
N GLU D 216 5.63 42.60 40.65
CA GLU D 216 4.18 42.56 40.57
C GLU D 216 3.66 41.83 41.80
N LEU D 217 2.76 42.47 42.52
CA LEU D 217 2.24 41.92 43.75
C LEU D 217 0.72 41.95 43.65
N ALA D 218 0.08 40.90 44.15
CA ALA D 218 -1.37 40.86 44.18
C ALA D 218 -1.83 40.02 45.36
N THR D 219 -2.84 40.50 46.06
CA THR D 219 -3.38 39.79 47.20
C THR D 219 -4.79 39.32 46.90
N VAL D 220 -5.19 38.25 47.58
CA VAL D 220 -6.53 37.71 47.51
C VAL D 220 -7.06 37.67 48.93
N GLN D 221 -8.08 38.47 49.21
CA GLN D 221 -8.61 38.71 50.53
C GLN D 221 -10.06 38.25 50.55
N PRO D 222 -10.54 37.69 51.67
CA PRO D 222 -11.89 37.09 51.67
C PRO D 222 -13.04 38.08 51.48
N GLY D 223 -12.83 39.34 51.82
CA GLY D 223 -13.87 40.34 51.61
C GLY D 223 -14.05 40.66 50.14
N GLN D 224 -12.98 41.08 49.49
CA GLN D 224 -13.00 41.32 48.06
C GLN D 224 -12.85 40.01 47.29
N ASN D 225 -12.62 40.12 45.99
CA ASN D 225 -12.33 38.94 45.19
C ASN D 225 -10.83 38.75 45.01
N PHE D 226 -10.16 39.72 44.40
CA PHE D 226 -8.70 39.78 44.34
C PHE D 226 -8.33 41.24 44.22
N HIS D 227 -7.02 41.52 44.19
CA HIS D 227 -6.59 42.88 43.91
C HIS D 227 -5.20 42.81 43.29
N MET D 228 -5.13 42.87 41.97
CA MET D 228 -3.86 43.10 41.28
C MET D 228 -3.44 44.54 41.54
N PHE D 229 -2.33 44.73 42.25
CA PHE D 229 -1.96 46.06 42.68
C PHE D 229 -1.45 46.92 41.53
N THR D 230 -1.93 48.15 41.49
CA THR D 230 -1.45 49.14 40.53
C THR D 230 -0.20 49.81 41.07
N LYS D 231 0.28 50.85 40.37
CA LYS D 231 1.62 51.36 40.64
C LYS D 231 1.69 52.16 41.93
N GLU D 232 0.72 53.05 42.16
CA GLU D 232 0.79 53.92 43.33
C GLU D 232 0.54 53.18 44.64
N GLU D 233 -0.15 52.04 44.58
CA GLU D 233 -0.28 51.20 45.75
C GLU D 233 1.05 50.51 46.08
N LEU D 234 1.72 50.00 45.04
CA LEU D 234 3.02 49.38 45.21
C LEU D 234 4.04 50.35 45.77
N GLU D 235 4.24 51.49 45.10
CA GLU D 235 5.18 52.48 45.61
C GLU D 235 4.68 53.17 46.87
N GLU D 236 3.41 53.02 47.21
CA GLU D 236 2.99 53.36 48.57
C GLU D 236 3.56 52.36 49.57
N VAL D 237 3.65 51.09 49.18
CA VAL D 237 4.22 50.10 50.11
C VAL D 237 5.75 50.23 50.17
N ILE D 238 6.39 50.47 49.02
CA ILE D 238 7.85 50.55 48.94
C ILE D 238 8.37 51.78 49.68
N LYS D 239 7.56 52.84 49.76
CA LYS D 239 7.93 54.01 50.55
C LYS D 239 7.99 53.68 52.04
N ASP D 240 7.16 52.75 52.49
CA ASP D 240 7.17 52.33 53.89
C ASP D 240 8.36 51.43 54.24
N ILE D 241 9.14 51.00 53.27
CA ILE D 241 10.42 50.34 53.54
C ILE D 241 11.54 51.13 52.88
N ASN E 1 25.16 1.70 28.28
CA ASN E 1 24.01 0.87 28.64
C ASN E 1 22.94 0.90 27.56
N GLN E 2 23.09 0.04 26.55
CA GLN E 2 22.15 -0.04 25.44
C GLN E 2 20.77 -0.57 25.84
N TYR E 3 20.58 -0.91 27.11
CA TYR E 3 19.29 -1.25 27.70
C TYR E 3 18.72 -0.03 28.42
N ASP E 4 18.89 1.15 27.82
CA ASP E 4 18.27 2.39 28.29
C ASP E 4 17.10 2.84 27.42
N ASN E 5 16.92 2.30 26.23
CA ASN E 5 15.75 2.54 25.37
C ASN E 5 14.76 1.40 25.61
N ASP E 6 14.21 1.35 26.82
CA ASP E 6 14.12 0.05 27.45
C ASP E 6 12.90 -0.63 28.08
N VAL E 7 11.66 -0.17 27.88
CA VAL E 7 10.61 -1.14 28.16
C VAL E 7 10.17 -1.75 26.82
N THR E 8 11.10 -2.46 26.19
CA THR E 8 10.81 -3.37 25.08
C THR E 8 11.88 -4.46 25.16
N VAL E 9 12.94 -4.18 25.90
CA VAL E 9 14.15 -4.97 25.80
C VAL E 9 14.22 -5.91 27.00
N TRP E 10 15.11 -6.88 26.88
CA TRP E 10 15.42 -7.82 27.94
C TRP E 10 16.90 -7.82 28.21
N SER E 11 17.28 -7.73 29.48
CA SER E 11 18.65 -8.03 29.85
C SER E 11 18.91 -9.51 29.58
N PRO E 12 20.15 -9.87 29.22
CA PRO E 12 20.40 -11.24 28.73
C PRO E 12 20.24 -12.31 29.78
N GLN E 13 20.12 -11.98 31.07
CA GLN E 13 19.83 -13.03 32.04
C GLN E 13 18.32 -13.34 32.09
N GLY E 14 17.52 -12.45 32.67
CA GLY E 14 16.09 -12.62 32.55
C GLY E 14 15.38 -11.30 32.64
N ARG E 15 16.16 -10.25 32.83
CA ARG E 15 15.63 -9.05 33.43
C ARG E 15 15.09 -8.12 32.35
N ILE E 16 13.94 -7.52 32.66
CA ILE E 16 13.29 -6.56 31.78
C ILE E 16 13.85 -5.15 31.98
N HIS E 17 14.61 -4.94 33.05
CA HIS E 17 15.64 -3.94 33.25
C HIS E 17 15.10 -2.54 33.57
N GLN E 18 13.79 -2.27 33.47
CA GLN E 18 13.35 -1.05 34.14
C GLN E 18 12.02 -1.12 34.87
N ILE E 19 11.22 -2.18 34.73
CA ILE E 19 10.00 -2.26 35.52
C ILE E 19 10.24 -3.01 36.82
N GLU E 20 11.44 -3.56 36.99
CA GLU E 20 11.96 -3.80 38.34
C GLU E 20 12.62 -2.52 38.86
N TYR E 21 12.99 -1.64 37.95
CA TYR E 21 13.56 -0.38 38.40
C TYR E 21 12.46 0.60 38.78
N ALA E 22 11.24 0.37 38.30
CA ALA E 22 10.10 1.04 38.89
C ALA E 22 9.82 0.52 40.31
N MET E 23 10.10 -0.76 40.56
CA MET E 23 10.06 -1.25 41.94
C MET E 23 11.10 -0.56 42.80
N GLU E 24 12.26 -0.22 42.23
CA GLU E 24 13.15 0.72 42.91
C GLU E 24 12.47 2.07 43.12
N ALA E 25 11.70 2.53 42.12
CA ALA E 25 11.07 3.83 42.22
C ALA E 25 9.91 3.88 43.21
N VAL E 26 9.46 2.74 43.74
CA VAL E 26 8.58 2.75 44.90
C VAL E 26 9.27 2.32 46.17
N LYS E 27 10.47 1.73 46.09
CA LYS E 27 11.32 1.68 47.27
C LYS E 27 11.73 3.08 47.71
N GLN E 28 11.88 3.99 46.76
CA GLN E 28 12.29 5.35 47.10
C GLN E 28 11.17 6.14 47.77
N GLY E 29 9.92 5.75 47.55
CA GLY E 29 8.80 6.48 48.10
C GLY E 29 8.66 6.33 49.60
N SER E 30 7.71 7.08 50.16
CA SER E 30 7.53 7.15 51.60
C SER E 30 6.94 5.86 52.16
N ALA E 31 7.22 5.62 53.44
CA ALA E 31 6.88 4.35 54.07
C ALA E 31 5.42 4.33 54.51
N THR E 32 4.83 3.14 54.47
CA THR E 32 3.48 2.91 54.95
C THR E 32 3.34 1.45 55.34
N VAL E 33 2.22 1.14 55.99
CA VAL E 33 1.94 -0.20 56.49
C VAL E 33 0.44 -0.39 56.55
N GLY E 34 -0.03 -1.50 55.98
CA GLY E 34 -1.40 -1.91 56.19
C GLY E 34 -1.40 -3.32 56.76
N LEU E 35 -2.54 -3.69 57.34
CA LEU E 35 -2.70 -5.04 57.88
C LEU E 35 -4.19 -5.38 57.94
N LYS E 36 -4.49 -6.61 58.35
CA LYS E 36 -5.87 -7.05 58.44
C LYS E 36 -6.07 -7.85 59.72
N SER E 37 -7.30 -7.77 60.23
CA SER E 37 -7.75 -8.59 61.34
C SER E 37 -8.67 -9.68 60.81
N LYS E 38 -9.31 -10.40 61.72
CA LYS E 38 -10.38 -11.29 61.30
C LYS E 38 -11.64 -10.53 60.91
N THR E 39 -11.78 -9.29 61.37
CA THR E 39 -12.98 -8.50 61.16
C THR E 39 -12.77 -7.29 60.26
N HIS E 40 -11.77 -6.46 60.57
CA HIS E 40 -11.59 -5.21 59.85
C HIS E 40 -10.11 -4.95 59.61
N ALA E 41 -9.79 -4.53 58.38
CA ALA E 41 -8.42 -4.25 57.97
C ALA E 41 -8.11 -2.76 58.10
N VAL E 42 -6.87 -2.46 58.46
CA VAL E 42 -6.45 -1.08 58.71
C VAL E 42 -5.29 -0.72 57.80
N LEU E 43 -5.11 0.59 57.62
CA LEU E 43 -4.02 1.16 56.83
C LEU E 43 -3.44 2.29 57.65
N VAL E 44 -2.12 2.44 57.64
CA VAL E 44 -1.40 3.42 58.43
C VAL E 44 -0.31 4.00 57.54
N ALA E 45 -0.22 5.33 57.46
CA ALA E 45 0.80 5.93 56.62
C ALA E 45 1.43 7.13 57.30
N LEU E 46 2.75 7.23 57.21
CA LEU E 46 3.47 8.44 57.60
C LEU E 46 3.69 9.31 56.37
N LYS E 47 3.53 10.61 56.56
CA LYS E 47 3.47 11.54 55.43
C LYS E 47 4.67 12.47 55.48
N ARG E 48 5.48 12.47 54.43
CA ARG E 48 6.71 13.26 54.41
C ARG E 48 6.42 14.74 54.22
N ALA E 49 7.18 15.56 54.95
CA ALA E 49 7.04 17.03 54.90
C ALA E 49 8.33 17.60 54.31
N GLN E 50 8.40 17.65 52.98
CA GLN E 50 9.58 18.21 52.32
C GLN E 50 9.37 19.69 51.97
N SER E 51 8.97 20.48 52.95
CA SER E 51 8.60 21.87 52.71
C SER E 51 8.68 22.64 54.02
N GLU E 52 8.08 23.83 54.04
CA GLU E 52 7.87 24.65 55.23
C GLU E 52 7.09 23.86 56.27
N LEU E 53 5.83 23.61 55.94
CA LEU E 53 4.95 22.61 56.53
C LEU E 53 3.76 22.54 55.58
N ALA E 54 2.98 21.49 55.73
CA ALA E 54 2.05 21.14 54.68
C ALA E 54 0.96 20.24 55.26
N ALA E 55 0.12 19.70 54.39
CA ALA E 55 -0.62 18.48 54.66
C ALA E 55 0.22 17.25 54.37
N HIS E 56 1.47 17.48 53.98
CA HIS E 56 2.55 16.51 53.95
C HIS E 56 2.33 15.48 52.85
N GLN E 57 1.61 15.91 51.81
CA GLN E 57 1.29 15.12 50.61
C GLN E 57 0.55 13.84 51.00
N LYS E 58 -0.69 14.07 51.43
CA LYS E 58 -1.67 13.09 51.90
C LYS E 58 -1.69 11.81 51.07
N LYS E 59 -1.45 10.68 51.73
CA LYS E 59 -1.15 9.44 51.02
C LYS E 59 -2.38 8.58 50.82
N ILE E 60 -3.04 8.19 51.91
CA ILE E 60 -4.11 7.20 51.79
C ILE E 60 -5.36 7.86 51.21
N LEU E 61 -6.01 7.15 50.30
CA LEU E 61 -7.02 7.80 49.47
C LEU E 61 -8.35 7.06 49.49
N HIS E 62 -9.39 7.85 49.30
CA HIS E 62 -10.79 7.45 49.26
C HIS E 62 -11.12 7.15 47.80
N VAL E 63 -11.43 5.90 47.48
CA VAL E 63 -11.59 5.47 46.09
C VAL E 63 -13.03 5.08 45.76
N ASP E 64 -13.88 4.98 46.75
CA ASP E 64 -14.66 3.80 46.92
C ASP E 64 -15.92 3.96 47.71
N ASN E 65 -16.38 2.81 48.19
CA ASN E 65 -17.41 2.82 49.20
C ASN E 65 -17.16 1.74 50.26
N HIS E 66 -15.90 1.68 50.78
CA HIS E 66 -15.11 0.62 51.48
C HIS E 66 -13.95 -0.10 50.77
N ILE E 67 -13.40 0.36 49.65
CA ILE E 67 -12.17 -0.23 49.10
C ILE E 67 -11.12 0.88 49.03
N GLY E 68 -10.39 1.08 50.13
CA GLY E 68 -9.49 2.22 50.24
C GLY E 68 -8.05 1.90 49.88
N ILE E 69 -7.29 2.93 49.49
CA ILE E 69 -5.93 2.66 49.03
C ILE E 69 -4.90 3.44 49.82
N SER E 70 -3.63 3.15 49.55
CA SER E 70 -2.49 3.80 50.20
C SER E 70 -1.38 3.89 49.17
N ILE E 71 -1.15 5.07 48.62
CA ILE E 71 -0.18 5.18 47.52
C ILE E 71 1.23 5.36 48.08
N ALA E 72 2.21 5.07 47.25
CA ALA E 72 3.61 5.20 47.66
C ALA E 72 4.51 5.17 46.43
N GLY E 73 4.73 6.33 45.83
CA GLY E 73 5.57 6.44 44.66
C GLY E 73 5.28 7.77 44.01
N LEU E 74 5.00 7.78 42.72
CA LEU E 74 4.67 9.02 42.04
C LEU E 74 3.28 9.44 42.50
N THR E 75 3.00 10.73 42.57
CA THR E 75 1.71 11.14 43.10
C THR E 75 0.72 11.42 41.99
N ALA E 76 1.16 12.04 40.89
CA ALA E 76 0.25 12.31 39.78
C ALA E 76 -0.14 11.02 39.09
N ASP E 77 0.79 10.09 38.99
CA ASP E 77 0.50 8.79 38.39
C ASP E 77 -0.39 7.97 39.31
N ALA E 78 -0.20 8.13 40.62
CA ALA E 78 -1.09 7.52 41.60
C ALA E 78 -2.50 8.06 41.48
N ARG E 79 -2.64 9.38 41.29
CA ARG E 79 -3.96 9.96 41.16
C ARG E 79 -4.62 9.56 39.86
N LEU E 80 -3.84 9.37 38.79
CA LEU E 80 -4.40 8.83 37.56
C LEU E 80 -4.91 7.41 37.76
N LEU E 81 -4.15 6.60 38.48
CA LEU E 81 -4.54 5.22 38.69
C LEU E 81 -5.75 5.11 39.62
N CYS E 82 -5.89 6.03 40.57
CA CYS E 82 -7.08 5.95 41.41
C CYS E 82 -8.27 6.69 40.81
N ASN E 83 -8.08 7.51 39.78
CA ASN E 83 -9.25 7.93 39.01
C ASN E 83 -9.75 6.79 38.13
N PHE E 84 -8.83 5.95 37.64
CA PHE E 84 -9.28 4.74 36.97
C PHE E 84 -10.03 3.80 37.90
N MET E 85 -9.35 3.41 38.98
CA MET E 85 -9.91 2.48 39.97
C MET E 85 -11.20 3.02 40.57
N ARG E 86 -11.22 4.31 40.86
CA ARG E 86 -12.38 5.00 41.36
C ARG E 86 -13.53 4.96 40.37
N GLN E 87 -13.24 5.27 39.11
CA GLN E 87 -14.31 5.42 38.11
C GLN E 87 -14.95 4.08 37.79
N GLU E 88 -14.16 3.02 37.67
CA GLU E 88 -14.82 1.76 37.37
C GLU E 88 -15.36 1.06 38.60
N CYS E 89 -14.88 1.41 39.80
CA CYS E 89 -15.59 0.96 41.00
C CYS E 89 -16.98 1.58 41.07
N LEU E 90 -17.09 2.86 40.72
CA LEU E 90 -18.42 3.47 40.62
C LEU E 90 -19.21 2.93 39.45
N ASP E 91 -18.52 2.46 38.41
CA ASP E 91 -19.23 1.83 37.30
C ASP E 91 -19.82 0.49 37.71
N SER E 92 -19.12 -0.26 38.56
CA SER E 92 -19.72 -1.45 39.14
C SER E 92 -20.78 -1.14 40.18
N ARG E 93 -20.76 0.04 40.80
CA ARG E 93 -21.94 0.48 41.55
C ARG E 93 -23.10 0.75 40.63
N PHE E 94 -22.82 1.25 39.42
CA PHE E 94 -23.87 1.65 38.51
C PHE E 94 -24.56 0.45 37.88
N VAL E 95 -23.78 -0.48 37.35
CA VAL E 95 -24.36 -1.51 36.49
C VAL E 95 -24.91 -2.66 37.33
N PHE E 96 -24.04 -3.33 38.08
CA PHE E 96 -24.43 -4.51 38.83
C PHE E 96 -25.19 -4.18 40.10
N ASP E 97 -25.03 -2.96 40.61
CA ASP E 97 -25.62 -2.49 41.87
C ASP E 97 -25.24 -3.42 43.04
N ARG E 98 -23.98 -3.79 43.08
CA ARG E 98 -23.45 -4.43 44.27
C ARG E 98 -22.13 -3.76 44.58
N PRO E 99 -21.55 -3.95 45.77
CA PRO E 99 -20.15 -3.58 45.96
C PRO E 99 -19.26 -4.41 45.07
N LEU E 100 -18.37 -3.72 44.35
CA LEU E 100 -17.38 -4.41 43.54
C LEU E 100 -16.42 -5.16 44.45
N PRO E 101 -16.24 -6.46 44.25
CA PRO E 101 -15.33 -7.22 45.12
C PRO E 101 -13.88 -6.79 44.92
N VAL E 102 -13.11 -6.92 46.00
CA VAL E 102 -11.78 -6.33 46.05
C VAL E 102 -10.83 -7.09 45.13
N SER E 103 -11.04 -8.40 44.96
CA SER E 103 -10.12 -9.20 44.15
C SER E 103 -10.23 -8.87 42.68
N ARG E 104 -11.45 -8.67 42.17
CA ARG E 104 -11.59 -8.32 40.76
C ARG E 104 -11.13 -6.90 40.50
N LEU E 105 -11.30 -6.03 41.49
CA LEU E 105 -10.76 -4.67 41.46
C LEU E 105 -9.25 -4.69 41.25
N VAL E 106 -8.54 -5.36 42.16
CA VAL E 106 -7.09 -5.35 42.08
C VAL E 106 -6.58 -6.17 40.90
N SER E 107 -7.37 -7.12 40.41
CA SER E 107 -6.93 -7.89 39.25
C SER E 107 -7.05 -7.07 37.98
N LEU E 108 -8.11 -6.28 37.84
CA LEU E 108 -8.23 -5.57 36.57
C LEU E 108 -7.39 -4.30 36.56
N ILE E 109 -7.04 -3.74 37.72
CA ILE E 109 -5.99 -2.72 37.64
C ILE E 109 -4.65 -3.39 37.42
N GLY E 110 -4.50 -4.64 37.89
CA GLY E 110 -3.33 -5.43 37.56
C GLY E 110 -3.24 -5.80 36.09
N SER E 111 -4.34 -5.68 35.35
CA SER E 111 -4.33 -5.77 33.90
C SER E 111 -4.33 -4.41 33.23
N LYS E 112 -4.56 -3.32 33.99
CA LYS E 112 -4.53 -1.99 33.40
C LYS E 112 -3.14 -1.39 33.45
N THR E 113 -2.40 -1.60 34.53
CA THR E 113 -1.02 -1.14 34.61
C THR E 113 -0.04 -2.09 33.93
N GLN E 114 -0.55 -3.16 33.34
CA GLN E 114 0.26 -4.16 32.67
C GLN E 114 0.45 -3.85 31.20
N ILE E 115 -0.44 -3.03 30.64
CA ILE E 115 -0.33 -2.67 29.22
C ILE E 115 0.89 -1.82 28.89
N PRO E 116 1.23 -0.74 29.63
CA PRO E 116 2.46 0.00 29.27
C PRO E 116 3.74 -0.74 29.56
N THR E 117 3.72 -1.76 30.42
CA THR E 117 4.85 -2.66 30.54
C THR E 117 5.06 -3.44 29.25
N GLN E 118 3.97 -3.72 28.55
CA GLN E 118 4.05 -4.49 27.31
C GLN E 118 4.56 -3.67 26.15
N ARG E 119 3.94 -2.54 25.88
CA ARG E 119 4.14 -1.86 24.60
C ARG E 119 5.34 -0.92 24.65
N TYR E 120 5.42 -0.04 23.66
CA TYR E 120 6.64 0.70 23.35
C TYR E 120 6.58 2.13 23.84
N GLY E 121 7.69 2.61 24.40
CA GLY E 121 7.84 4.01 24.73
C GLY E 121 6.90 4.53 25.80
N ARG E 122 6.38 3.65 26.64
CA ARG E 122 5.42 4.02 27.67
C ARG E 122 5.91 3.48 29.00
N ARG E 123 6.16 4.38 29.94
CA ARG E 123 6.70 4.00 31.24
C ARG E 123 5.63 3.25 32.03
N PRO E 124 6.04 2.34 32.92
CA PRO E 124 5.07 1.71 33.81
C PRO E 124 4.55 2.71 34.83
N TYR E 125 3.40 2.37 35.41
CA TYR E 125 2.82 3.21 36.45
C TYR E 125 3.66 3.05 37.71
N GLY E 126 4.62 3.95 37.90
CA GLY E 126 5.55 3.83 39.00
C GLY E 126 4.95 4.21 40.34
N VAL E 127 4.05 3.37 40.85
CA VAL E 127 3.40 3.59 42.13
C VAL E 127 3.05 2.25 42.75
N GLY E 128 3.34 2.10 44.04
CA GLY E 128 3.03 0.87 44.73
C GLY E 128 1.81 1.02 45.60
N LEU E 129 0.68 0.56 45.12
CA LEU E 129 -0.55 0.67 45.87
C LEU E 129 -0.54 -0.36 46.99
N LEU E 130 -1.31 -0.08 48.04
CA LEU E 130 -1.37 -0.95 49.20
C LEU E 130 -2.85 -1.05 49.57
N ILE E 131 -3.65 -1.47 48.59
CA ILE E 131 -5.10 -1.31 48.69
C ILE E 131 -5.68 -2.27 49.71
N ALA E 132 -6.80 -1.89 50.30
CA ALA E 132 -7.39 -2.66 51.40
C ALA E 132 -8.89 -2.39 51.45
N GLY E 133 -9.69 -3.46 51.53
CA GLY E 133 -11.12 -3.31 51.54
C GLY E 133 -11.80 -4.53 52.12
N TYR E 134 -13.10 -4.37 52.41
CA TYR E 134 -13.89 -5.43 53.02
C TYR E 134 -15.03 -5.82 52.09
N ASP E 135 -14.81 -6.88 51.34
CA ASP E 135 -15.84 -7.55 50.54
C ASP E 135 -16.65 -8.51 51.39
N ASP E 136 -17.37 -9.44 50.75
CA ASP E 136 -18.22 -10.41 51.41
C ASP E 136 -17.51 -11.26 52.46
N MET E 137 -16.36 -11.85 52.12
CA MET E 137 -15.56 -12.53 53.14
C MET E 137 -14.65 -11.51 53.83
N GLY E 138 -13.63 -12.00 54.53
CA GLY E 138 -12.76 -11.18 55.36
C GLY E 138 -12.07 -10.02 54.65
N PRO E 139 -11.66 -9.02 55.41
CA PRO E 139 -11.17 -7.79 54.81
C PRO E 139 -9.80 -7.96 54.19
N HIS E 140 -9.78 -8.08 52.87
CA HIS E 140 -8.56 -8.33 52.12
C HIS E 140 -7.66 -7.11 52.13
N ILE E 141 -6.40 -7.36 51.80
CA ILE E 141 -5.42 -6.31 51.61
C ILE E 141 -4.41 -6.74 50.56
N PHE E 142 -4.20 -5.90 49.56
CA PHE E 142 -3.40 -6.23 48.40
C PHE E 142 -2.31 -5.19 48.23
N GLN E 143 -1.07 -5.61 48.36
CA GLN E 143 -0.02 -4.89 47.67
C GLN E 143 -0.13 -5.17 46.19
N THR E 144 -0.12 -4.13 45.38
CA THR E 144 0.22 -4.30 43.98
C THR E 144 1.46 -3.46 43.71
N CYS E 145 2.00 -3.59 42.52
CA CYS E 145 3.35 -3.11 42.25
C CYS E 145 3.37 -2.53 40.85
N PRO E 146 4.39 -1.73 40.52
CA PRO E 146 4.53 -1.27 39.13
C PRO E 146 4.91 -2.36 38.15
N SER E 147 5.32 -3.54 38.62
CA SER E 147 5.51 -4.68 37.74
C SER E 147 4.22 -5.44 37.47
N ALA E 148 3.07 -4.86 37.86
CA ALA E 148 1.73 -5.38 37.58
C ALA E 148 1.51 -6.77 38.17
N ASN E 149 2.08 -7.03 39.33
CA ASN E 149 2.04 -8.35 39.94
C ASN E 149 1.57 -8.17 41.38
N TYR E 150 0.26 -8.17 41.58
CA TYR E 150 -0.27 -7.95 42.92
C TYR E 150 -0.08 -9.17 43.81
N PHE E 151 -0.31 -8.98 45.10
CA PHE E 151 -0.11 -10.02 46.09
C PHE E 151 -1.27 -10.01 47.06
N ASP E 152 -1.96 -11.15 47.17
CA ASP E 152 -2.96 -11.27 48.22
C ASP E 152 -2.25 -11.52 49.53
N CYS E 153 -1.85 -10.46 50.20
CA CYS E 153 -1.03 -10.54 51.38
C CYS E 153 -1.87 -10.28 52.62
N ARG E 154 -1.24 -10.44 53.77
CA ARG E 154 -1.70 -9.83 55.01
C ARG E 154 -0.51 -9.16 55.67
N ALA E 155 -0.76 -7.96 56.19
CA ALA E 155 0.21 -7.19 56.98
C ALA E 155 1.48 -6.87 56.20
N MET E 156 1.34 -6.04 55.17
CA MET E 156 2.44 -5.68 54.29
C MET E 156 2.87 -4.24 54.53
N SER E 157 4.17 -3.98 54.39
CA SER E 157 4.73 -2.64 54.51
C SER E 157 5.59 -2.36 53.29
N ILE E 158 5.34 -1.22 52.64
CA ILE E 158 6.14 -0.79 51.49
C ILE E 158 6.48 0.68 51.62
N GLY E 159 7.66 1.03 51.12
CA GLY E 159 8.17 2.38 51.17
C GLY E 159 9.61 2.41 51.63
N ALA E 160 10.04 3.59 52.06
CA ALA E 160 11.44 3.81 52.42
C ALA E 160 11.77 3.13 53.74
N ARG E 161 12.80 2.29 53.70
CA ARG E 161 13.26 1.37 54.76
C ARG E 161 12.12 0.63 55.45
N SER E 162 11.11 0.22 54.69
CA SER E 162 9.95 -0.50 55.20
C SER E 162 10.24 -1.96 55.48
N GLN E 163 11.44 -2.44 55.14
CA GLN E 163 11.78 -3.83 55.40
C GLN E 163 11.89 -4.10 56.89
N SER E 164 12.37 -3.12 57.66
CA SER E 164 12.39 -3.26 59.11
C SER E 164 10.99 -3.30 59.69
N ALA E 165 10.05 -2.58 59.10
CA ALA E 165 8.66 -2.65 59.53
C ALA E 165 8.05 -4.01 59.20
N ARG E 166 8.49 -4.60 58.09
CA ARG E 166 8.05 -5.95 57.77
C ARG E 166 8.59 -6.96 58.78
N THR E 167 9.87 -6.84 59.13
CA THR E 167 10.46 -7.79 60.06
C THR E 167 10.04 -7.56 61.50
N TYR E 168 9.49 -6.39 61.83
CA TYR E 168 8.67 -6.36 63.04
C TYR E 168 7.36 -7.08 62.80
N LEU E 169 6.74 -6.80 61.67
CA LEU E 169 5.38 -7.22 61.43
C LEU E 169 5.28 -8.68 61.02
N GLU E 170 6.40 -9.29 60.62
CA GLU E 170 6.39 -10.72 60.31
C GLU E 170 6.40 -11.55 61.58
N ARG E 171 7.12 -11.11 62.60
CA ARG E 171 7.21 -11.84 63.85
C ARG E 171 6.12 -11.45 64.84
N HIS E 172 5.07 -10.79 64.38
CA HIS E 172 3.90 -10.46 65.19
C HIS E 172 2.62 -10.70 64.42
N MET E 173 2.55 -11.82 63.73
CA MET E 173 1.34 -12.22 63.03
C MET E 173 0.42 -13.06 63.91
N SER E 174 0.96 -13.62 65.00
CA SER E 174 0.21 -14.51 65.86
C SER E 174 -0.96 -13.82 66.54
N GLU E 175 -0.82 -12.55 66.89
CA GLU E 175 -1.92 -11.78 67.48
C GLU E 175 -2.73 -11.02 66.43
N PHE E 176 -2.77 -11.54 65.21
CA PHE E 176 -3.79 -11.16 64.26
C PHE E 176 -4.84 -12.27 64.25
N MET E 177 -5.95 -12.01 63.55
CA MET E 177 -7.22 -12.74 63.58
C MET E 177 -7.92 -12.64 64.94
N GLU E 178 -7.52 -11.68 65.76
CA GLU E 178 -8.13 -11.28 67.02
C GLU E 178 -7.85 -9.79 67.11
N CYS E 179 -7.73 -9.25 68.32
CA CYS E 179 -7.07 -7.97 68.54
C CYS E 179 -7.82 -6.80 67.91
N ASN E 180 -8.93 -6.41 68.54
CA ASN E 180 -9.89 -5.42 68.05
C ASN E 180 -9.21 -4.05 67.83
N LEU E 181 -9.95 -3.16 67.16
CA LEU E 181 -9.53 -1.86 66.64
C LEU E 181 -8.67 -1.00 67.57
N ASP E 182 -9.01 -0.98 68.86
CA ASP E 182 -8.28 -0.12 69.78
C ASP E 182 -6.88 -0.65 70.03
N GLU E 183 -6.71 -1.98 70.05
CA GLU E 183 -5.41 -2.59 70.26
C GLU E 183 -4.78 -3.09 68.96
N LEU E 184 -5.49 -2.95 67.84
CA LEU E 184 -4.93 -3.35 66.54
C LEU E 184 -4.12 -2.23 65.92
N VAL E 185 -4.66 -1.02 65.95
CA VAL E 185 -4.00 0.10 65.31
C VAL E 185 -2.79 0.54 66.12
N LYS E 186 -2.81 0.31 67.44
CA LYS E 186 -1.59 0.44 68.23
C LYS E 186 -0.53 -0.54 67.75
N HIS E 187 -0.96 -1.76 67.41
CA HIS E 187 -0.07 -2.80 66.93
C HIS E 187 0.41 -2.54 65.50
N GLY E 188 -0.23 -1.62 64.78
CA GLY E 188 0.25 -1.21 63.49
C GLY E 188 1.13 0.02 63.53
N LEU E 189 0.82 0.95 64.45
CA LEU E 189 1.67 2.11 64.63
C LEU E 189 3.01 1.74 65.23
N ARG E 190 3.03 0.79 66.17
CA ARG E 190 4.34 0.33 66.63
C ARG E 190 5.03 -0.56 65.61
N ALA E 191 4.33 -0.94 64.53
CA ALA E 191 5.01 -1.50 63.37
C ALA E 191 5.51 -0.41 62.44
N LEU E 192 4.78 0.70 62.32
CA LEU E 192 5.27 1.81 61.51
C LEU E 192 6.45 2.50 62.19
N ARG E 193 6.47 2.55 63.53
CA ARG E 193 7.49 3.27 64.28
C ARG E 193 8.78 2.44 64.37
N GLU E 194 9.26 2.03 63.20
CA GLU E 194 10.61 1.55 62.99
C GLU E 194 11.22 2.10 61.71
N THR E 195 10.39 2.50 60.73
CA THR E 195 10.86 3.16 59.53
C THR E 195 11.31 4.59 59.76
N LEU E 196 11.08 5.14 60.91
CA LEU E 196 11.50 6.48 61.20
C LEU E 196 12.98 6.47 61.59
N PRO E 197 13.72 7.56 61.36
CA PRO E 197 15.17 7.57 61.64
C PRO E 197 15.54 7.65 63.13
N ALA E 198 14.97 6.73 63.93
CA ALA E 198 15.38 6.39 65.29
C ALA E 198 15.29 7.55 66.28
N GLU E 199 14.51 8.61 65.96
CA GLU E 199 14.24 9.72 66.89
C GLU E 199 12.74 10.05 66.96
N GLN E 200 12.01 9.25 67.74
CA GLN E 200 10.92 9.65 68.65
C GLN E 200 9.86 10.75 68.38
N ASP E 201 8.99 10.59 67.37
CA ASP E 201 7.55 10.45 67.59
C ASP E 201 6.79 10.20 66.28
N LEU E 202 5.78 9.33 66.38
CA LEU E 202 4.67 9.33 65.43
C LEU E 202 3.76 10.49 65.82
N THR E 203 4.01 11.64 65.23
CA THR E 203 3.25 12.83 65.60
C THR E 203 1.86 12.77 64.98
N THR E 204 0.98 13.65 65.47
CA THR E 204 -0.35 13.76 64.89
C THR E 204 -0.33 14.42 63.53
N LYS E 205 0.73 15.16 63.21
CA LYS E 205 0.82 15.81 61.91
C LYS E 205 1.02 14.79 60.79
N ASN E 206 2.07 13.99 60.87
CA ASN E 206 2.51 13.18 59.74
C ASN E 206 1.82 11.83 59.60
N VAL E 207 1.10 11.36 60.62
CA VAL E 207 0.49 10.04 60.59
C VAL E 207 -0.98 10.18 60.21
N SER E 208 -1.36 9.61 59.06
CA SER E 208 -2.74 9.55 58.64
C SER E 208 -3.09 8.10 58.39
N ILE E 209 -4.19 7.64 58.99
CA ILE E 209 -4.54 6.23 58.94
C ILE E 209 -5.94 6.08 58.35
N GLY E 210 -6.30 4.84 58.05
CA GLY E 210 -7.60 4.52 57.48
C GLY E 210 -8.12 3.20 57.99
N ILE E 211 -9.42 3.12 58.28
CA ILE E 211 -10.02 1.93 58.86
C ILE E 211 -11.10 1.44 57.92
N VAL E 212 -11.16 0.13 57.68
CA VAL E 212 -12.25 -0.40 56.86
C VAL E 212 -12.61 -1.79 57.35
N GLY E 213 -13.90 -2.11 57.35
CA GLY E 213 -14.28 -3.47 57.69
C GLY E 213 -15.76 -3.70 57.93
N LYS E 214 -16.07 -4.52 58.92
CA LYS E 214 -17.44 -4.88 59.24
C LYS E 214 -18.18 -3.68 59.80
N ASP E 215 -19.28 -3.30 59.14
CA ASP E 215 -20.25 -2.32 59.63
C ASP E 215 -19.65 -0.93 59.80
N LEU E 216 -18.64 -0.60 58.99
CA LEU E 216 -18.10 0.75 58.97
C LEU E 216 -17.50 1.05 57.61
N GLU E 217 -17.78 2.26 57.12
CA GLU E 217 -17.21 2.77 55.90
C GLU E 217 -15.70 2.92 56.04
N PHE E 218 -14.97 2.84 54.92
CA PHE E 218 -13.57 3.21 54.87
C PHE E 218 -13.39 4.64 55.34
N THR E 219 -12.80 4.81 56.51
CA THR E 219 -12.84 6.05 57.25
C THR E 219 -11.42 6.57 57.41
N ILE E 220 -11.21 7.81 57.02
CA ILE E 220 -9.90 8.43 57.03
C ILE E 220 -9.73 9.18 58.34
N TYR E 221 -8.64 8.91 59.05
CA TYR E 221 -8.28 9.66 60.24
C TYR E 221 -7.08 10.54 59.91
N ASP E 222 -7.34 11.83 59.89
CA ASP E 222 -6.38 12.88 59.55
C ASP E 222 -5.69 13.40 60.81
N ASP E 223 -5.12 14.61 60.71
CA ASP E 223 -4.34 15.27 61.76
C ASP E 223 -5.01 15.26 63.14
N ASP E 224 -6.33 15.45 63.19
CA ASP E 224 -6.95 15.49 64.51
C ASP E 224 -7.26 14.09 65.02
N ASP E 225 -7.90 13.27 64.19
CA ASP E 225 -8.49 12.02 64.66
C ASP E 225 -7.47 10.93 64.95
N VAL E 226 -6.20 11.11 64.60
CA VAL E 226 -5.18 10.14 64.94
C VAL E 226 -4.69 10.33 66.37
N SER E 227 -5.00 11.47 66.99
CA SER E 227 -4.60 11.72 68.37
C SER E 227 -5.20 10.79 69.43
N PRO E 228 -6.40 10.19 69.30
CA PRO E 228 -6.76 9.11 70.23
C PRO E 228 -5.94 7.83 70.11
N PHE E 229 -5.00 7.73 69.18
CA PHE E 229 -4.11 6.58 69.06
C PHE E 229 -2.71 7.06 69.42
N LEU E 230 -2.23 6.64 70.59
CA LEU E 230 -1.24 7.43 71.33
C LEU E 230 -0.08 6.64 71.94
N ASP E 231 -0.16 5.32 72.06
CA ASP E 231 0.66 4.61 73.03
C ASP E 231 1.93 4.05 72.41
N GLY E 232 2.83 3.63 73.32
CA GLY E 232 4.13 3.09 72.96
C GLY E 232 5.16 4.10 73.43
N LEU E 233 6.33 3.64 73.81
CA LEU E 233 7.38 4.55 74.27
C LEU E 233 8.66 4.43 73.47
N GLU E 234 8.89 3.27 72.89
CA GLU E 234 10.14 3.03 72.15
C GLU E 234 10.20 3.87 70.88
N GLY F 7 25.61 -5.16 17.92
CA GLY F 7 24.39 -5.03 18.69
C GLY F 7 23.17 -5.51 17.95
N TYR F 8 23.15 -6.80 17.60
CA TYR F 8 22.04 -7.45 16.91
C TYR F 8 20.97 -7.95 17.87
N ASP F 9 20.97 -7.39 19.07
CA ASP F 9 20.14 -7.76 20.19
C ASP F 9 18.95 -6.79 20.23
N LEU F 10 18.17 -6.83 21.31
CA LEU F 10 17.32 -5.75 21.82
C LEU F 10 16.15 -5.39 20.90
N SER F 11 15.88 -6.16 19.85
CA SER F 11 14.71 -5.90 19.03
C SER F 11 14.27 -7.20 18.38
N ALA F 12 12.99 -7.51 18.50
CA ALA F 12 12.47 -8.78 18.01
C ALA F 12 12.33 -8.82 16.50
N SER F 13 12.48 -7.70 15.81
CA SER F 13 12.38 -7.67 14.37
C SER F 13 13.72 -7.80 13.68
N THR F 14 14.77 -8.11 14.42
CA THR F 14 16.13 -8.19 13.87
C THR F 14 16.69 -9.57 14.16
N PHE F 15 17.11 -10.27 13.10
CA PHE F 15 17.72 -11.57 13.29
C PHE F 15 19.16 -11.47 13.75
N SER F 16 19.68 -12.61 14.18
CA SER F 16 21.09 -12.80 14.39
C SER F 16 21.77 -13.00 13.04
N PRO F 17 23.10 -13.00 12.96
CA PRO F 17 23.73 -13.41 11.70
C PRO F 17 23.73 -14.90 11.46
N ASP F 18 23.16 -15.69 12.36
CA ASP F 18 22.90 -17.10 12.12
C ASP F 18 21.44 -17.46 12.36
N GLY F 19 20.54 -16.48 12.29
CA GLY F 19 19.12 -16.72 12.34
C GLY F 19 18.60 -17.15 13.70
N ARG F 20 18.65 -16.26 14.68
CA ARG F 20 18.22 -16.60 16.03
C ARG F 20 17.80 -15.30 16.73
N VAL F 21 16.49 -15.09 16.82
CA VAL F 21 15.93 -13.83 17.32
C VAL F 21 16.13 -13.76 18.84
N PHE F 22 17.12 -12.96 19.27
CA PHE F 22 17.57 -13.01 20.66
C PHE F 22 16.54 -12.54 21.67
N GLN F 23 15.54 -11.76 21.25
CA GLN F 23 14.51 -11.37 22.19
C GLN F 23 13.57 -12.51 22.53
N VAL F 24 13.63 -13.62 21.81
CA VAL F 24 12.88 -14.81 22.19
C VAL F 24 13.66 -15.66 23.18
N GLU F 25 14.95 -15.95 22.91
CA GLU F 25 15.72 -16.77 23.84
C GLU F 25 16.10 -16.03 25.10
N TYR F 26 15.99 -14.70 25.11
CA TYR F 26 16.12 -14.01 26.39
C TYR F 26 14.84 -14.09 27.19
N ALA F 27 13.70 -14.23 26.52
CA ALA F 27 12.47 -14.50 27.23
C ALA F 27 12.41 -15.95 27.71
N MET F 28 13.12 -16.85 27.05
CA MET F 28 13.08 -18.24 27.46
C MET F 28 13.85 -18.49 28.75
N LYS F 29 14.96 -17.79 28.96
CA LYS F 29 15.64 -17.94 30.23
C LYS F 29 14.89 -17.17 31.32
N ALA F 30 14.07 -16.20 30.93
CA ALA F 30 13.22 -15.44 31.84
C ALA F 30 12.06 -16.25 32.40
N VAL F 31 11.81 -17.46 31.92
CA VAL F 31 10.97 -18.41 32.63
C VAL F 31 11.79 -19.51 33.27
N GLU F 32 13.06 -19.65 32.88
CA GLU F 32 13.96 -20.59 33.54
C GLU F 32 14.46 -20.09 34.88
N ASN F 33 14.28 -18.80 35.19
CA ASN F 33 14.54 -18.33 36.54
C ASN F 33 13.27 -18.21 37.38
N SER F 34 12.28 -19.05 37.12
CA SER F 34 11.05 -19.10 37.91
C SER F 34 10.68 -20.55 38.18
N SER F 35 9.84 -20.76 39.19
CA SER F 35 9.63 -22.07 39.78
C SER F 35 8.89 -23.02 38.84
N THR F 36 8.86 -24.29 39.22
CA THR F 36 8.32 -25.33 38.36
C THR F 36 6.81 -25.41 38.45
N ALA F 37 6.22 -26.02 37.43
CA ALA F 37 4.79 -26.30 37.41
C ALA F 37 4.60 -27.49 36.47
N ILE F 38 4.42 -28.66 37.04
CA ILE F 38 4.39 -29.87 36.23
C ILE F 38 2.94 -30.23 35.91
N GLY F 39 2.75 -30.88 34.78
CA GLY F 39 1.43 -31.35 34.39
C GLY F 39 1.50 -32.75 33.83
N ILE F 40 0.73 -33.66 34.40
CA ILE F 40 0.83 -35.08 34.08
C ILE F 40 -0.51 -35.54 33.50
N ARG F 41 -0.46 -36.04 32.27
CA ARG F 41 -1.63 -36.61 31.62
C ARG F 41 -1.82 -38.07 32.00
N CYS F 42 -3.08 -38.46 32.17
CA CYS F 42 -3.43 -39.86 32.24
C CYS F 42 -4.81 -40.03 31.64
N LYS F 43 -5.30 -41.27 31.64
CA LYS F 43 -6.44 -41.63 30.81
C LYS F 43 -7.73 -40.98 31.29
N ASP F 44 -7.89 -40.76 32.59
CA ASP F 44 -8.97 -39.92 33.09
C ASP F 44 -8.43 -38.53 33.49
N GLY F 45 -7.91 -37.80 32.52
CA GLY F 45 -7.71 -36.38 32.70
C GLY F 45 -6.27 -36.01 33.01
N VAL F 46 -6.09 -34.71 33.24
CA VAL F 46 -4.78 -34.09 33.38
C VAL F 46 -4.67 -33.49 34.78
N VAL F 47 -3.58 -33.79 35.47
CA VAL F 47 -3.34 -33.31 36.82
C VAL F 47 -2.21 -32.30 36.80
N PHE F 48 -2.47 -31.10 37.31
CA PHE F 48 -1.44 -30.08 37.42
C PHE F 48 -0.88 -30.05 38.82
N GLY F 49 0.32 -29.49 38.96
CA GLY F 49 0.91 -29.26 40.25
C GLY F 49 1.93 -28.17 40.13
N VAL F 50 1.85 -27.14 40.96
CA VAL F 50 2.70 -25.97 40.81
C VAL F 50 3.53 -25.81 42.09
N GLU F 51 4.82 -25.54 41.90
CA GLU F 51 5.70 -25.21 43.00
C GLU F 51 5.46 -23.78 43.42
N LYS F 52 5.47 -23.52 44.72
CA LYS F 52 5.39 -22.17 45.24
C LYS F 52 6.63 -21.86 46.05
N LEU F 53 7.06 -20.60 45.97
CA LEU F 53 8.33 -20.16 46.52
C LEU F 53 8.06 -19.02 47.49
N VAL F 54 7.18 -19.29 48.46
CA VAL F 54 6.60 -18.31 49.40
C VAL F 54 7.69 -17.49 50.07
N LEU F 55 7.68 -16.18 49.83
CA LEU F 55 8.81 -15.34 50.21
C LEU F 55 8.77 -15.05 51.70
N SER F 56 7.73 -14.39 52.16
CA SER F 56 7.57 -14.05 53.56
C SER F 56 6.37 -14.78 54.14
N LYS F 57 6.20 -14.65 55.45
CA LYS F 57 4.98 -15.14 56.06
C LYS F 57 3.80 -14.22 55.78
N LEU F 58 4.06 -13.03 55.23
CA LEU F 58 3.04 -12.01 55.04
C LEU F 58 2.04 -12.40 53.96
N TYR F 59 2.45 -13.25 53.03
CA TYR F 59 1.55 -13.68 51.96
C TYR F 59 0.67 -14.80 52.48
N GLU F 60 -0.62 -14.73 52.20
CA GLU F 60 -1.49 -15.81 52.66
C GLU F 60 -1.61 -16.89 51.59
N GLU F 61 -2.47 -17.86 51.88
CA GLU F 61 -2.62 -19.04 51.03
C GLU F 61 -3.28 -18.66 49.71
N GLY F 62 -2.58 -18.94 48.62
CA GLY F 62 -3.02 -18.46 47.32
C GLY F 62 -2.86 -16.97 47.17
N SER F 63 -1.69 -16.44 47.54
CA SER F 63 -1.43 -15.01 47.38
C SER F 63 -1.37 -14.64 45.91
N ASN F 64 -0.70 -15.46 45.12
CA ASN F 64 -0.75 -15.39 43.68
C ASN F 64 -1.21 -16.74 43.12
N LYS F 65 -2.36 -16.73 42.48
CA LYS F 65 -2.83 -17.91 41.75
C LYS F 65 -1.88 -18.20 40.60
N ARG F 66 -1.44 -19.43 40.49
CA ARG F 66 -0.70 -19.86 39.32
C ARG F 66 -1.35 -21.05 38.65
N LEU F 67 -2.47 -21.52 39.16
CA LEU F 67 -3.33 -22.45 38.46
C LEU F 67 -4.61 -21.69 38.14
N PHE F 68 -4.58 -20.91 37.08
CA PHE F 68 -5.81 -20.27 36.64
C PHE F 68 -6.64 -21.28 35.86
N ASN F 69 -7.89 -20.95 35.64
CA ASN F 69 -8.72 -21.65 34.67
C ASN F 69 -9.35 -20.64 33.73
N VAL F 70 -9.84 -21.13 32.60
CA VAL F 70 -10.18 -20.30 31.46
C VAL F 70 -11.63 -20.48 31.03
N ASP F 71 -12.04 -21.72 30.76
CA ASP F 71 -13.30 -21.94 30.07
C ASP F 71 -14.18 -22.95 30.78
N ARG F 72 -13.99 -23.08 32.10
CA ARG F 72 -14.65 -24.00 33.02
C ARG F 72 -14.11 -25.42 32.81
N HIS F 73 -13.21 -25.63 31.86
CA HIS F 73 -12.50 -26.91 31.85
C HIS F 73 -11.00 -26.87 31.54
N VAL F 74 -10.44 -25.89 30.84
CA VAL F 74 -9.00 -25.93 30.58
C VAL F 74 -8.30 -25.11 31.66
N GLY F 75 -7.02 -25.44 31.90
CA GLY F 75 -6.29 -24.89 33.01
C GLY F 75 -5.06 -24.10 32.56
N MET F 76 -4.41 -23.47 33.53
CA MET F 76 -3.35 -22.50 33.25
C MET F 76 -2.16 -22.59 34.21
N ALA F 77 -1.52 -23.76 34.31
CA ALA F 77 -0.25 -23.81 35.03
C ALA F 77 0.79 -22.96 34.31
N VAL F 78 1.18 -21.85 34.92
CA VAL F 78 2.06 -20.86 34.32
C VAL F 78 3.41 -20.88 35.01
N ALA F 79 4.41 -20.33 34.33
CA ALA F 79 5.78 -20.35 34.85
C ALA F 79 6.36 -18.96 35.07
N GLY F 80 6.35 -18.09 34.06
CA GLY F 80 7.23 -16.94 34.09
C GLY F 80 6.69 -15.73 34.82
N LEU F 81 6.68 -14.59 34.15
CA LEU F 81 6.15 -13.37 34.74
C LEU F 81 4.65 -13.50 34.93
N LEU F 82 4.19 -13.30 36.16
CA LEU F 82 2.78 -13.50 36.45
C LEU F 82 1.90 -12.42 35.87
N ALA F 83 2.46 -11.25 35.58
CA ALA F 83 1.70 -10.20 34.91
C ALA F 83 1.37 -10.61 33.48
N ASP F 84 2.38 -11.11 32.76
CA ASP F 84 2.19 -11.50 31.37
C ASP F 84 1.35 -12.76 31.27
N ALA F 85 1.60 -13.71 32.17
CA ALA F 85 0.82 -14.95 32.21
C ALA F 85 -0.62 -14.67 32.59
N ARG F 86 -0.85 -13.72 33.49
CA ARG F 86 -2.20 -13.36 33.85
C ARG F 86 -2.90 -12.63 32.72
N SER F 87 -2.15 -11.86 31.93
CA SER F 87 -2.71 -11.18 30.77
C SER F 87 -3.19 -12.17 29.73
N LEU F 88 -2.33 -13.10 29.33
CA LEU F 88 -2.76 -14.08 28.34
C LEU F 88 -3.74 -15.09 28.92
N ALA F 89 -3.80 -15.23 30.25
CA ALA F 89 -4.86 -16.02 30.85
C ALA F 89 -6.22 -15.37 30.62
N ASP F 90 -6.32 -14.06 30.86
CA ASP F 90 -7.62 -13.42 30.71
C ASP F 90 -8.01 -13.23 29.24
N ILE F 91 -7.04 -13.12 28.33
CA ILE F 91 -7.46 -13.07 26.93
C ILE F 91 -7.71 -14.47 26.40
N ALA F 92 -7.19 -15.51 27.07
CA ALA F 92 -7.64 -16.86 26.75
C ALA F 92 -9.08 -17.04 27.20
N ARG F 93 -9.43 -16.46 28.35
CA ARG F 93 -10.82 -16.43 28.80
C ARG F 93 -11.71 -15.72 27.78
N GLU F 94 -11.23 -14.61 27.23
CA GLU F 94 -11.99 -13.92 26.21
C GLU F 94 -12.01 -14.70 24.91
N GLU F 95 -11.00 -15.52 24.66
CA GLU F 95 -10.97 -16.27 23.40
C GLU F 95 -11.95 -17.43 23.43
N ALA F 96 -11.99 -18.19 24.52
CA ALA F 96 -13.01 -19.21 24.65
C ALA F 96 -14.39 -18.61 24.82
N SER F 97 -14.46 -17.37 25.33
CA SER F 97 -15.72 -16.64 25.33
C SER F 97 -16.21 -16.36 23.92
N ASN F 98 -15.31 -15.94 23.03
CA ASN F 98 -15.72 -15.68 21.65
C ASN F 98 -16.00 -16.97 20.89
N PHE F 99 -15.39 -18.08 21.31
CA PHE F 99 -15.71 -19.34 20.63
C PHE F 99 -17.08 -19.85 21.05
N ARG F 100 -17.34 -19.88 22.37
CA ARG F 100 -18.61 -20.39 22.86
C ARG F 100 -19.77 -19.47 22.47
N SER F 101 -19.53 -18.17 22.51
CA SER F 101 -20.54 -17.24 22.01
C SER F 101 -20.69 -17.34 20.50
N ASN F 102 -19.59 -17.55 19.78
CA ASN F 102 -19.64 -17.51 18.33
C ASN F 102 -20.15 -18.82 17.74
N PHE F 103 -19.58 -19.96 18.12
CA PHE F 103 -19.89 -21.23 17.49
C PHE F 103 -20.75 -22.14 18.36
N GLY F 104 -21.09 -21.73 19.58
CA GLY F 104 -22.00 -22.51 20.42
C GLY F 104 -21.35 -23.68 21.10
N TYR F 105 -20.73 -24.55 20.31
CA TYR F 105 -20.01 -25.71 20.77
C TYR F 105 -18.87 -25.33 21.71
N ASN F 106 -18.70 -26.11 22.77
CA ASN F 106 -17.66 -25.86 23.75
C ASN F 106 -16.30 -26.11 23.12
N ILE F 107 -15.37 -25.18 23.34
CA ILE F 107 -14.07 -25.10 22.68
C ILE F 107 -13.19 -26.33 22.85
N PRO F 108 -12.82 -26.98 21.75
CA PRO F 108 -11.82 -28.03 21.81
C PRO F 108 -10.45 -27.43 22.04
N LEU F 109 -9.63 -28.13 22.80
CA LEU F 109 -8.46 -27.50 23.38
C LEU F 109 -7.37 -27.27 22.35
N LYS F 110 -7.31 -28.13 21.32
CA LYS F 110 -6.31 -27.98 20.27
C LYS F 110 -6.45 -26.64 19.56
N HIS F 111 -7.69 -26.22 19.32
CA HIS F 111 -7.94 -24.94 18.68
C HIS F 111 -7.61 -23.78 19.59
N LEU F 112 -7.77 -23.96 20.90
CA LEU F 112 -7.45 -22.88 21.82
C LEU F 112 -5.95 -22.74 21.98
N ALA F 113 -5.23 -23.86 21.97
CA ALA F 113 -3.79 -23.81 22.09
C ALA F 113 -3.15 -23.29 20.82
N ASP F 114 -3.73 -23.62 19.66
CA ASP F 114 -3.24 -23.04 18.42
C ASP F 114 -3.56 -21.56 18.34
N ARG F 115 -4.69 -21.16 18.91
CA ARG F 115 -5.11 -19.77 18.83
C ARG F 115 -4.26 -18.88 19.75
N VAL F 116 -4.14 -19.25 21.02
CA VAL F 116 -3.29 -18.52 21.95
C VAL F 116 -1.83 -18.64 21.53
N ALA F 117 -1.45 -19.76 20.91
CA ALA F 117 -0.10 -19.94 20.40
C ALA F 117 0.22 -18.96 19.29
N MET F 118 -0.67 -18.82 18.30
CA MET F 118 -0.39 -17.85 17.25
C MET F 118 -0.59 -16.42 17.72
N TYR F 119 -1.35 -16.21 18.79
CA TYR F 119 -1.43 -14.89 19.39
C TYR F 119 -0.09 -14.50 19.99
N VAL F 120 0.51 -15.37 20.81
CA VAL F 120 1.77 -14.99 21.42
C VAL F 120 2.93 -15.11 20.46
N HIS F 121 2.76 -15.82 19.35
CA HIS F 121 3.79 -15.81 18.32
C HIS F 121 3.75 -14.55 17.49
N ALA F 122 2.57 -14.17 16.99
CA ALA F 122 2.40 -12.96 16.19
C ALA F 122 2.69 -11.69 16.95
N TYR F 123 2.85 -11.81 18.26
CA TYR F 123 3.26 -10.77 19.17
C TYR F 123 4.77 -10.71 19.32
N THR F 124 5.51 -11.55 18.59
CA THR F 124 6.97 -11.52 18.59
C THR F 124 7.54 -11.19 17.22
N LEU F 125 6.79 -10.46 16.40
CA LEU F 125 7.25 -10.09 15.07
C LEU F 125 7.49 -8.60 14.95
N TYR F 126 7.47 -7.86 16.03
CA TYR F 126 7.46 -6.41 15.93
C TYR F 126 8.41 -5.82 16.96
N SER F 127 9.08 -4.75 16.56
CA SER F 127 9.89 -3.99 17.49
C SER F 127 9.06 -3.10 18.39
N ALA F 128 7.77 -2.93 18.09
CA ALA F 128 6.87 -2.11 18.88
C ALA F 128 6.25 -2.87 20.05
N VAL F 129 6.61 -4.13 20.23
CA VAL F 129 6.19 -4.92 21.38
C VAL F 129 7.36 -5.77 21.82
N ARG F 130 7.33 -6.18 23.08
CA ARG F 130 8.29 -7.17 23.55
C ARG F 130 7.63 -8.54 23.46
N PRO F 131 8.37 -9.64 23.44
CA PRO F 131 7.74 -10.95 23.61
C PRO F 131 7.20 -11.12 25.02
N PHE F 132 6.32 -12.10 25.17
CA PHE F 132 5.90 -12.47 26.51
C PHE F 132 7.04 -13.18 27.24
N GLY F 133 6.98 -13.14 28.57
CA GLY F 133 7.98 -13.77 29.39
C GLY F 133 7.38 -14.87 30.25
N CYS F 134 6.51 -15.70 29.66
CA CYS F 134 5.75 -16.66 30.44
C CYS F 134 5.46 -17.90 29.61
N SER F 135 6.11 -19.00 29.99
CA SER F 135 5.67 -20.31 29.52
C SER F 135 4.46 -20.73 30.35
N PHE F 136 3.58 -21.51 29.73
CA PHE F 136 2.37 -21.93 30.40
C PHE F 136 1.84 -23.16 29.69
N MET F 137 0.95 -23.87 30.37
CA MET F 137 0.39 -25.08 29.78
C MET F 137 -1.10 -25.13 30.07
N LEU F 138 -1.81 -25.85 29.20
CA LEU F 138 -3.25 -25.99 29.24
C LEU F 138 -3.60 -27.40 29.65
N GLY F 139 -4.88 -27.73 29.65
CA GLY F 139 -5.27 -29.12 29.84
C GLY F 139 -6.70 -29.36 30.26
N SER F 140 -7.36 -30.33 29.62
CA SER F 140 -8.76 -30.68 29.87
C SER F 140 -9.06 -31.99 29.17
N TYR F 141 -10.33 -32.39 29.19
CA TYR F 141 -10.84 -33.42 28.30
C TYR F 141 -12.34 -33.23 28.17
N SER F 142 -12.84 -33.36 26.94
CA SER F 142 -14.26 -33.49 26.71
C SER F 142 -14.59 -34.97 26.77
N VAL F 143 -15.90 -35.29 26.70
CA VAL F 143 -16.35 -36.67 26.86
C VAL F 143 -15.84 -37.55 25.73
N ASN F 144 -15.63 -36.98 24.55
CA ASN F 144 -14.85 -37.64 23.49
C ASN F 144 -13.81 -36.65 22.98
N ASP F 145 -12.77 -36.48 23.75
CA ASP F 145 -11.60 -35.74 23.32
C ASP F 145 -10.32 -36.47 23.65
N GLY F 146 -10.29 -37.16 24.79
CA GLY F 146 -9.04 -37.54 25.40
C GLY F 146 -8.47 -36.42 26.24
N ALA F 147 -7.58 -36.78 27.17
CA ALA F 147 -7.05 -35.82 28.11
C ALA F 147 -6.05 -34.88 27.45
N GLN F 148 -6.54 -33.96 26.62
CA GLN F 148 -5.66 -33.09 25.85
C GLN F 148 -5.00 -32.08 26.76
N LEU F 149 -3.67 -31.98 26.67
CA LEU F 149 -2.97 -30.82 27.21
C LEU F 149 -1.90 -30.40 26.22
N TYR F 150 -1.58 -29.12 26.25
CA TYR F 150 -0.59 -28.51 25.37
C TYR F 150 0.28 -27.60 26.20
N MET F 151 1.47 -27.31 25.70
CA MET F 151 2.34 -26.38 26.39
C MET F 151 2.89 -25.40 25.37
N ILE F 152 2.99 -24.14 25.77
CA ILE F 152 3.27 -23.02 24.88
C ILE F 152 4.46 -22.24 25.43
N ASP F 153 5.46 -22.03 24.59
CA ASP F 153 6.66 -21.27 24.93
C ASP F 153 6.44 -19.79 24.67
N PRO F 154 7.36 -18.91 25.12
CA PRO F 154 7.30 -17.52 24.65
C PRO F 154 7.61 -17.35 23.18
N SER F 155 8.19 -18.35 22.53
CA SER F 155 8.34 -18.30 21.08
C SER F 155 7.00 -18.42 20.38
N GLY F 156 6.02 -19.05 21.01
CA GLY F 156 4.73 -19.24 20.41
C GLY F 156 4.47 -20.64 19.90
N VAL F 157 5.40 -21.56 20.12
CA VAL F 157 5.21 -22.93 19.67
C VAL F 157 4.45 -23.70 20.73
N SER F 158 3.52 -24.54 20.28
CA SER F 158 2.60 -25.26 21.12
C SER F 158 2.67 -26.73 20.77
N TYR F 159 3.03 -27.55 21.73
CA TYR F 159 3.08 -28.99 21.46
C TYR F 159 2.16 -29.73 22.41
N GLY F 160 1.60 -30.83 21.90
CA GLY F 160 0.90 -31.76 22.74
C GLY F 160 1.88 -32.62 23.49
N TYR F 161 1.70 -32.74 24.79
CA TYR F 161 2.60 -33.50 25.62
C TYR F 161 1.86 -34.61 26.35
N TRP F 162 2.62 -35.35 27.15
CA TRP F 162 2.09 -36.20 28.19
C TRP F 162 2.45 -35.68 29.57
N GLY F 163 3.73 -35.39 29.82
CA GLY F 163 4.15 -35.02 31.15
C GLY F 163 5.03 -33.80 31.22
N CYS F 164 4.70 -32.76 30.46
CA CYS F 164 5.57 -31.60 30.31
C CYS F 164 5.74 -30.86 31.63
N ALA F 165 6.91 -30.23 31.76
CA ALA F 165 7.31 -29.53 32.97
C ALA F 165 8.14 -28.33 32.59
N ILE F 166 7.70 -27.17 33.07
CA ILE F 166 8.33 -25.89 32.78
C ILE F 166 8.71 -25.24 34.10
N GLY F 167 9.72 -24.38 34.06
CA GLY F 167 10.20 -23.74 35.26
C GLY F 167 11.71 -23.79 35.39
N LYS F 168 12.18 -23.59 36.61
CA LYS F 168 13.62 -23.57 36.87
C LYS F 168 14.20 -24.98 36.88
N ALA F 169 13.59 -25.89 37.64
CA ALA F 169 14.11 -27.23 37.83
C ALA F 169 13.47 -28.23 36.89
N ARG F 170 13.13 -27.82 35.67
CA ARG F 170 12.63 -28.77 34.68
C ARG F 170 13.71 -29.72 34.19
N GLN F 171 14.98 -29.39 34.42
CA GLN F 171 16.06 -30.34 34.13
C GLN F 171 15.97 -31.54 35.06
N ALA F 172 15.61 -31.31 36.33
CA ALA F 172 15.34 -32.46 37.19
C ALA F 172 13.98 -33.07 36.91
N ALA F 173 12.94 -32.24 36.74
CA ALA F 173 11.56 -32.68 36.77
C ALA F 173 11.18 -33.59 35.61
N LYS F 174 11.87 -33.49 34.47
CA LYS F 174 11.49 -34.30 33.32
C LYS F 174 11.90 -35.76 33.52
N THR F 175 12.86 -36.03 34.40
CA THR F 175 13.34 -37.39 34.56
C THR F 175 12.36 -38.26 35.35
N GLU F 176 11.77 -37.73 36.42
CA GLU F 176 10.87 -38.55 37.23
C GLU F 176 9.55 -38.77 36.52
N ILE F 177 9.06 -37.75 35.82
CA ILE F 177 7.85 -37.90 35.02
C ILE F 177 8.06 -38.92 33.91
N GLU F 178 9.28 -38.99 33.38
CA GLU F 178 9.60 -40.04 32.41
C GLU F 178 9.65 -41.42 33.05
N LYS F 179 10.13 -41.53 34.30
CA LYS F 179 10.18 -42.86 34.89
C LYS F 179 8.86 -43.26 35.54
N LEU F 180 7.94 -42.32 35.69
CA LEU F 180 6.62 -42.66 36.21
C LEU F 180 5.80 -43.33 35.11
N GLN F 181 5.02 -44.33 35.49
CA GLN F 181 4.21 -45.07 34.52
C GLN F 181 3.07 -44.20 34.03
N MET F 182 3.05 -43.96 32.73
CA MET F 182 2.41 -42.78 32.19
C MET F 182 0.96 -42.97 31.79
N LYS F 183 0.61 -44.14 31.27
CA LYS F 183 -0.54 -44.24 30.39
C LYS F 183 -1.83 -44.60 31.12
N GLU F 184 -1.78 -45.58 32.03
CA GLU F 184 -2.97 -46.36 32.34
C GLU F 184 -3.46 -46.25 33.77
N MET F 185 -3.04 -45.26 34.54
CA MET F 185 -3.53 -45.14 35.91
C MET F 185 -4.50 -43.99 36.07
N THR F 186 -5.33 -44.08 37.10
CA THR F 186 -6.66 -43.45 37.15
C THR F 186 -6.68 -42.17 37.97
N CYS F 187 -5.63 -41.38 37.85
CA CYS F 187 -5.41 -39.98 38.22
C CYS F 187 -5.39 -39.69 39.70
N ARG F 188 -5.98 -40.55 40.53
CA ARG F 188 -6.03 -40.20 41.94
C ARG F 188 -4.69 -40.44 42.59
N ASP F 189 -4.12 -41.61 42.29
CA ASP F 189 -2.75 -41.91 42.66
C ASP F 189 -1.77 -40.89 42.10
N ILE F 190 -1.99 -40.38 40.88
CA ILE F 190 -0.95 -39.51 40.36
C ILE F 190 -1.04 -38.14 40.99
N VAL F 191 -2.23 -37.74 41.49
CA VAL F 191 -2.32 -36.54 42.32
C VAL F 191 -1.40 -36.71 43.53
N LYS F 192 -1.52 -37.86 44.19
CA LYS F 192 -0.62 -38.23 45.27
C LYS F 192 0.82 -38.29 44.77
N GLU F 193 1.04 -38.87 43.60
CA GLU F 193 2.41 -39.00 43.10
C GLU F 193 3.00 -37.68 42.64
N VAL F 194 2.16 -36.67 42.34
CA VAL F 194 2.67 -35.36 41.94
C VAL F 194 3.54 -34.76 43.04
N ALA F 195 3.18 -35.01 44.31
CA ALA F 195 3.95 -34.46 45.43
C ALA F 195 5.35 -35.02 45.46
N LYS F 196 5.52 -36.28 45.02
CA LYS F 196 6.85 -36.88 44.99
C LYS F 196 7.74 -36.15 43.99
N ILE F 197 7.19 -35.75 42.85
CA ILE F 197 7.95 -34.96 41.89
C ILE F 197 8.28 -33.59 42.47
N ILE F 198 7.31 -32.96 43.16
CA ILE F 198 7.52 -31.59 43.60
C ILE F 198 8.49 -31.55 44.76
N TYR F 199 8.46 -32.56 45.62
CA TYR F 199 9.37 -32.60 46.75
C TYR F 199 10.77 -33.03 46.33
N ILE F 200 10.91 -33.79 45.24
CA ILE F 200 12.25 -34.07 44.73
C ILE F 200 12.86 -32.82 44.10
N VAL F 201 12.09 -32.11 43.27
CA VAL F 201 12.70 -31.02 42.51
C VAL F 201 12.94 -29.78 43.35
N HIS F 202 12.33 -29.69 44.53
CA HIS F 202 12.56 -28.56 45.44
C HIS F 202 13.75 -28.90 46.32
N ASP F 203 14.89 -28.28 46.04
CA ASP F 203 16.17 -28.63 46.65
C ASP F 203 16.64 -27.54 47.59
N GLU F 204 15.71 -26.90 48.29
CA GLU F 204 16.05 -25.89 49.28
C GLU F 204 15.23 -26.09 50.55
N ALA F 209 9.72 -22.52 51.19
CA ALA F 209 8.71 -23.25 51.95
C ALA F 209 7.90 -24.26 51.15
N PHE F 210 8.13 -24.31 49.83
CA PHE F 210 7.58 -25.27 48.85
C PHE F 210 6.07 -25.53 49.00
N GLU F 211 5.34 -24.49 49.42
CA GLU F 211 3.94 -24.63 49.80
C GLU F 211 3.08 -24.81 48.56
N LEU F 212 3.08 -26.03 48.04
CA LEU F 212 2.63 -26.36 46.70
C LEU F 212 1.11 -26.29 46.59
N GLU F 213 0.62 -26.51 45.38
CA GLU F 213 -0.78 -26.30 45.04
C GLU F 213 -1.10 -27.15 43.83
N LEU F 214 -2.25 -27.84 43.87
CA LEU F 214 -2.61 -28.77 42.82
C LEU F 214 -4.02 -28.50 42.34
N SER F 215 -4.25 -28.83 41.07
CA SER F 215 -5.59 -28.78 40.48
C SER F 215 -5.64 -29.77 39.33
N TRP F 216 -6.82 -30.30 39.05
CA TRP F 216 -6.92 -31.20 37.92
C TRP F 216 -8.28 -31.14 37.27
N VAL F 217 -8.42 -31.95 36.24
CA VAL F 217 -9.66 -32.24 35.56
C VAL F 217 -9.73 -33.75 35.38
N GLY F 218 -10.89 -34.34 35.66
CA GLY F 218 -10.95 -35.79 35.68
C GLY F 218 -12.38 -36.28 35.77
N GLU F 219 -12.51 -37.61 35.87
CA GLU F 219 -13.83 -38.21 36.04
C GLU F 219 -14.42 -37.95 37.41
N LEU F 220 -13.60 -37.58 38.39
CA LEU F 220 -14.12 -37.07 39.65
C LEU F 220 -14.59 -35.63 39.53
N THR F 221 -14.28 -34.97 38.41
CA THR F 221 -14.65 -33.59 38.19
C THR F 221 -15.66 -33.39 37.08
N ASN F 222 -15.68 -34.29 36.07
CA ASN F 222 -16.48 -34.17 34.86
C ASN F 222 -16.23 -32.84 34.14
N GLY F 223 -14.98 -32.64 33.73
CA GLY F 223 -14.61 -31.48 32.94
C GLY F 223 -14.67 -30.17 33.69
N ARG F 224 -13.95 -30.05 34.80
CA ARG F 224 -13.99 -28.86 35.64
C ARG F 224 -12.57 -28.56 36.12
N HIS F 225 -12.48 -27.70 37.13
CA HIS F 225 -11.25 -27.48 37.88
C HIS F 225 -11.57 -27.27 39.34
N GLU F 226 -10.78 -27.92 40.19
CA GLU F 226 -10.81 -27.66 41.62
C GLU F 226 -9.38 -27.62 42.13
N ILE F 227 -9.08 -26.60 42.93
CA ILE F 227 -8.06 -26.77 43.96
C ILE F 227 -8.51 -27.95 44.81
N VAL F 228 -7.55 -28.76 45.25
CA VAL F 228 -7.58 -30.23 45.13
C VAL F 228 -8.95 -30.95 45.39
N PRO F 229 -9.42 -31.30 46.62
CA PRO F 229 -10.65 -30.57 46.93
C PRO F 229 -10.38 -29.61 48.09
N LYS F 230 -10.05 -30.25 49.22
CA LYS F 230 -8.89 -30.05 50.05
C LYS F 230 -8.83 -31.27 50.97
N ASP F 231 -8.20 -32.36 50.53
CA ASP F 231 -7.76 -33.38 51.48
C ASP F 231 -6.42 -34.00 51.13
N ILE F 232 -6.01 -33.98 49.86
CA ILE F 232 -4.74 -34.58 49.50
C ILE F 232 -3.60 -33.67 49.95
N ARG F 233 -3.90 -32.39 50.22
CA ARG F 233 -2.95 -31.50 50.87
C ARG F 233 -2.55 -31.97 52.26
N GLU F 234 -3.36 -32.80 52.92
CA GLU F 234 -2.89 -33.51 54.10
C GLU F 234 -2.74 -35.00 53.85
N GLU F 235 -2.64 -35.41 52.58
CA GLU F 235 -2.40 -36.81 52.27
C GLU F 235 -1.14 -36.90 51.42
N ALA F 236 -0.97 -35.97 50.48
CA ALA F 236 0.26 -35.93 49.70
C ALA F 236 1.36 -35.15 50.42
N GLU F 237 1.01 -34.43 51.49
CA GLU F 237 2.02 -33.95 52.42
C GLU F 237 2.74 -35.10 53.12
N LYS F 238 2.07 -36.25 53.25
CA LYS F 238 2.70 -37.42 53.86
C LYS F 238 3.68 -38.13 52.93
N TYR F 239 4.06 -37.53 51.80
CA TYR F 239 5.22 -37.95 51.05
C TYR F 239 6.45 -37.11 51.37
N ALA F 240 6.58 -36.68 52.62
CA ALA F 240 7.87 -36.30 53.14
C ALA F 240 8.61 -37.57 53.56
N LYS F 241 9.93 -37.44 53.74
CA LYS F 241 10.98 -38.41 54.03
C LYS F 241 11.36 -39.22 52.77
N GLU F 242 10.60 -39.15 51.68
CA GLU F 242 11.13 -39.65 50.41
C GLU F 242 12.03 -38.63 49.75
N GLY G 8 24.99 2.79 7.98
CA GLY G 8 24.49 2.65 9.33
C GLY G 8 23.84 1.32 9.58
N PHE G 9 22.52 1.29 9.51
CA PHE G 9 21.74 0.14 9.96
C PHE G 9 21.42 -0.76 8.77
N ASP G 10 22.48 -1.34 8.21
CA ASP G 10 22.31 -2.30 7.14
C ASP G 10 21.95 -3.69 7.65
N ARG G 11 22.58 -4.12 8.74
CA ARG G 11 22.31 -5.42 9.32
C ARG G 11 21.31 -5.34 10.46
N HIS G 12 20.52 -4.28 10.55
CA HIS G 12 19.50 -4.12 11.57
C HIS G 12 18.10 -4.03 10.99
N ILE G 13 17.95 -3.30 9.91
CA ILE G 13 16.66 -3.00 9.31
C ILE G 13 16.67 -3.61 7.91
N THR G 14 15.49 -4.00 7.44
CA THR G 14 15.35 -4.54 6.08
C THR G 14 15.46 -3.36 5.10
N ILE G 15 16.69 -2.89 4.90
CA ILE G 15 16.98 -1.83 3.93
C ILE G 15 18.20 -2.25 3.12
N PHE G 16 18.46 -1.50 2.06
CA PHE G 16 19.57 -1.80 1.17
C PHE G 16 20.90 -1.44 1.81
N SER G 17 21.80 -2.41 1.82
CA SER G 17 23.21 -2.18 2.15
C SER G 17 23.90 -1.66 0.90
N PRO G 18 25.19 -1.33 0.96
CA PRO G 18 25.95 -1.20 -0.28
C PRO G 18 26.01 -2.52 -1.04
N GLU G 19 26.30 -2.41 -2.34
CA GLU G 19 26.27 -3.48 -3.35
C GLU G 19 24.98 -4.32 -3.31
N GLY G 20 23.86 -3.68 -2.97
CA GLY G 20 22.63 -4.44 -2.83
C GLY G 20 22.69 -5.30 -1.58
N ARG G 21 22.11 -6.50 -1.66
CA ARG G 21 22.22 -7.56 -0.66
C ARG G 21 21.71 -7.08 0.71
N LEU G 22 20.41 -6.89 0.77
CA LEU G 22 19.79 -6.51 2.03
C LEU G 22 19.96 -7.64 3.06
N TYR G 23 20.60 -7.31 4.16
CA TYR G 23 21.05 -8.31 5.13
C TYR G 23 19.95 -8.68 6.12
N GLN G 24 18.78 -9.08 5.64
CA GLN G 24 17.82 -9.66 6.57
C GLN G 24 17.26 -10.96 6.03
N VAL G 25 17.15 -11.09 4.71
CA VAL G 25 16.54 -12.30 4.17
C VAL G 25 17.50 -13.48 4.23
N GLU G 26 18.80 -13.24 4.07
CA GLU G 26 19.74 -14.33 4.27
C GLU G 26 20.04 -14.56 5.74
N TYR G 27 19.76 -13.57 6.59
CA TYR G 27 19.70 -13.87 8.01
C TYR G 27 18.42 -14.60 8.36
N ALA G 28 17.37 -14.44 7.56
CA ALA G 28 16.16 -15.22 7.73
C ALA G 28 16.24 -16.59 7.06
N PHE G 29 17.08 -16.72 6.03
CA PHE G 29 17.33 -18.05 5.46
C PHE G 29 18.07 -18.93 6.45
N LYS G 30 19.06 -18.37 7.15
CA LYS G 30 19.77 -19.13 8.18
C LYS G 30 18.88 -19.46 9.36
N ALA G 31 17.74 -18.78 9.50
CA ALA G 31 16.79 -19.12 10.55
C ALA G 31 16.02 -20.40 10.22
N ILE G 32 15.89 -20.77 8.95
CA ILE G 32 15.10 -21.97 8.68
C ILE G 32 15.91 -23.23 8.89
N ASN G 33 17.23 -23.11 9.06
CA ASN G 33 18.07 -24.25 9.38
C ASN G 33 18.18 -24.50 10.87
N GLN G 34 17.39 -23.81 11.69
CA GLN G 34 17.50 -23.99 13.14
C GLN G 34 16.85 -25.28 13.58
N GLY G 35 17.67 -26.18 14.13
CA GLY G 35 17.24 -27.50 14.49
C GLY G 35 17.23 -28.39 13.27
N GLY G 36 16.21 -28.24 12.44
CA GLY G 36 16.21 -28.87 11.14
C GLY G 36 15.45 -30.17 11.13
N LEU G 37 14.20 -30.12 10.69
CA LEU G 37 13.41 -31.32 10.45
C LEU G 37 12.94 -31.24 9.01
N THR G 38 13.42 -32.18 8.19
CA THR G 38 13.80 -31.86 6.82
C THR G 38 12.86 -32.48 5.80
N SER G 39 12.29 -31.66 4.93
CA SER G 39 11.32 -32.14 3.95
C SER G 39 11.97 -32.19 2.58
N VAL G 40 11.60 -33.25 1.86
CA VAL G 40 11.94 -33.54 0.46
C VAL G 40 10.55 -33.87 -0.12
N ALA G 41 10.15 -33.24 -1.23
CA ALA G 41 8.83 -33.49 -1.85
C ALA G 41 9.02 -34.23 -3.19
N VAL G 42 8.30 -35.32 -3.42
CA VAL G 42 8.42 -36.08 -4.68
C VAL G 42 7.14 -35.89 -5.52
N ARG G 43 7.34 -35.64 -6.82
CA ARG G 43 6.26 -35.40 -7.78
C ARG G 43 6.03 -36.57 -8.74
N GLY G 44 4.81 -37.09 -8.85
CA GLY G 44 4.61 -38.19 -9.79
C GLY G 44 3.71 -37.82 -10.96
N LYS G 45 4.08 -38.16 -12.20
CA LYS G 45 3.22 -37.72 -13.30
C LYS G 45 1.74 -37.90 -12.94
N ASP G 46 1.46 -38.59 -11.84
CA ASP G 46 0.09 -38.73 -11.37
C ASP G 46 -0.06 -38.65 -9.86
N CYS G 47 1.00 -38.37 -9.12
CA CYS G 47 0.98 -38.46 -7.67
C CYS G 47 2.09 -37.59 -7.11
N ALA G 48 1.73 -36.52 -6.43
CA ALA G 48 2.73 -35.72 -5.71
C ALA G 48 2.78 -36.26 -4.28
N VAL G 49 3.74 -37.13 -4.02
CA VAL G 49 3.97 -37.64 -2.68
C VAL G 49 4.64 -36.53 -1.87
N ILE G 50 4.61 -36.61 -0.52
CA ILE G 50 5.35 -35.69 0.38
C ILE G 50 6.26 -36.45 1.32
N VAL G 51 7.57 -36.06 1.42
CA VAL G 51 8.31 -36.69 2.51
C VAL G 51 8.98 -35.66 3.40
N THR G 52 9.05 -35.99 4.69
CA THR G 52 9.82 -35.21 5.65
C THR G 52 10.26 -36.10 6.81
N GLN G 53 11.34 -35.68 7.46
CA GLN G 53 11.76 -36.30 8.70
C GLN G 53 11.35 -35.43 9.88
N LYS G 54 11.00 -36.14 10.96
CA LYS G 54 10.45 -35.60 12.19
C LYS G 54 10.98 -36.39 13.37
N LYS G 55 11.69 -35.71 14.27
CA LYS G 55 12.33 -36.36 15.41
C LYS G 55 11.65 -35.88 16.69
N VAL G 56 11.13 -36.83 17.48
CA VAL G 56 10.63 -36.54 18.81
C VAL G 56 11.81 -36.57 19.78
N PRO G 57 11.88 -35.65 20.73
CA PRO G 57 13.07 -35.62 21.61
C PRO G 57 13.17 -36.77 22.59
N ASP G 58 12.12 -37.04 23.37
CA ASP G 58 12.32 -37.73 24.64
C ASP G 58 11.26 -38.79 24.98
N LYS G 59 10.39 -39.13 24.03
CA LYS G 59 9.21 -39.99 24.27
C LYS G 59 8.35 -39.44 25.40
N LEU G 60 8.20 -38.12 25.42
CA LEU G 60 7.29 -37.44 26.32
C LEU G 60 6.38 -36.48 25.59
N LEU G 61 6.82 -35.93 24.47
CA LEU G 61 5.96 -35.32 23.47
C LEU G 61 4.87 -36.28 23.01
N ASP G 62 3.74 -35.72 22.64
CA ASP G 62 2.75 -36.51 21.91
C ASP G 62 3.16 -36.49 20.44
N SER G 63 3.49 -37.68 19.91
CA SER G 63 4.05 -37.75 18.57
C SER G 63 3.02 -37.44 17.50
N SER G 64 1.74 -37.60 17.81
CA SER G 64 0.70 -37.24 16.86
C SER G 64 0.56 -35.72 16.73
N THR G 65 0.76 -34.99 17.83
CA THR G 65 0.58 -33.55 17.80
C THR G 65 1.72 -32.82 17.12
N VAL G 66 2.96 -33.29 17.29
CA VAL G 66 4.10 -32.71 16.60
C VAL G 66 4.11 -33.21 15.16
N THR G 67 4.17 -32.28 14.23
CA THR G 67 4.10 -32.56 12.80
C THR G 67 4.53 -31.30 12.07
N HIS G 68 4.72 -31.41 10.77
CA HIS G 68 4.78 -30.20 9.96
C HIS G 68 3.64 -30.14 8.95
N LEU G 69 3.64 -30.98 7.91
CA LEU G 69 2.45 -31.64 7.32
C LEU G 69 1.05 -31.06 7.51
N PHE G 70 0.85 -29.76 7.33
CA PHE G 70 -0.48 -29.23 7.53
C PHE G 70 -1.32 -29.36 6.28
N LYS G 71 -2.62 -29.22 6.46
CA LYS G 71 -3.62 -29.37 5.41
C LYS G 71 -4.22 -28.00 5.17
N ILE G 72 -4.03 -27.46 3.96
CA ILE G 72 -4.59 -26.16 3.64
C ILE G 72 -6.06 -26.27 3.32
N THR G 73 -6.41 -27.19 2.44
CA THR G 73 -7.79 -27.40 2.04
C THR G 73 -7.94 -28.87 1.65
N GLU G 74 -9.02 -29.20 0.94
CA GLU G 74 -9.24 -30.57 0.53
C GLU G 74 -8.40 -30.97 -0.67
N ASN G 75 -7.57 -30.08 -1.21
CA ASN G 75 -6.76 -30.40 -2.36
C ASN G 75 -5.32 -29.95 -2.22
N ILE G 76 -4.99 -29.14 -1.22
CA ILE G 76 -3.66 -28.58 -1.06
C ILE G 76 -3.13 -28.95 0.31
N GLY G 77 -2.00 -29.63 0.34
CA GLY G 77 -1.27 -29.87 1.58
C GLY G 77 0.01 -29.05 1.56
N CYS G 78 0.66 -29.00 2.72
CA CYS G 78 1.87 -28.23 2.83
C CYS G 78 2.76 -28.81 3.92
N VAL G 79 4.04 -28.52 3.81
CA VAL G 79 5.02 -28.90 4.83
C VAL G 79 6.10 -27.83 4.86
N MET G 80 6.56 -27.49 6.05
CA MET G 80 7.46 -26.37 6.21
C MET G 80 8.57 -26.75 7.20
N THR G 81 9.75 -26.23 6.95
CA THR G 81 10.94 -26.66 7.68
C THR G 81 11.59 -25.52 8.44
N GLY G 82 10.94 -24.37 8.53
CA GLY G 82 11.51 -23.24 9.22
C GLY G 82 11.44 -23.39 10.72
N MET G 83 11.66 -22.28 11.41
CA MET G 83 11.42 -22.25 12.83
C MET G 83 9.92 -22.38 13.07
N THR G 84 9.55 -23.35 13.89
CA THR G 84 8.18 -23.79 14.02
C THR G 84 7.29 -22.79 14.76
N ALA G 85 7.87 -21.77 15.38
CA ALA G 85 7.07 -20.65 15.85
C ALA G 85 6.47 -19.90 14.67
N ASP G 86 7.30 -19.58 13.67
CA ASP G 86 6.83 -18.83 12.51
C ASP G 86 6.06 -19.68 11.52
N SER G 87 5.98 -20.98 11.75
CA SER G 87 5.28 -21.85 10.81
C SER G 87 3.78 -21.66 10.90
N ARG G 88 3.21 -21.79 12.10
CA ARG G 88 1.75 -21.78 12.21
C ARG G 88 1.15 -20.40 12.03
N SER G 89 1.94 -19.34 12.16
CA SER G 89 1.43 -18.04 11.77
C SER G 89 1.35 -17.91 10.25
N GLN G 90 2.16 -18.69 9.54
CA GLN G 90 2.14 -18.62 8.08
C GLN G 90 1.11 -19.56 7.49
N VAL G 91 0.90 -20.73 8.11
CA VAL G 91 -0.03 -21.68 7.53
C VAL G 91 -1.47 -21.26 7.80
N GLN G 92 -1.69 -20.49 8.87
CA GLN G 92 -3.05 -20.04 9.18
C GLN G 92 -3.48 -18.96 8.21
N ARG G 93 -2.54 -18.12 7.77
CA ARG G 93 -2.88 -17.15 6.74
C ARG G 93 -3.07 -17.81 5.39
N ALA G 94 -2.40 -18.94 5.14
CA ALA G 94 -2.61 -19.65 3.89
C ALA G 94 -3.97 -20.33 3.87
N ARG G 95 -4.40 -20.89 5.01
CA ARG G 95 -5.77 -21.39 5.12
C ARG G 95 -6.77 -20.26 4.97
N TYR G 96 -6.43 -19.09 5.50
CA TYR G 96 -7.30 -17.93 5.41
C TYR G 96 -7.46 -17.46 3.99
N GLU G 97 -6.38 -17.45 3.20
CA GLU G 97 -6.50 -17.01 1.83
C GLU G 97 -7.05 -18.09 0.92
N ALA G 98 -6.94 -19.36 1.31
CA ALA G 98 -7.60 -20.41 0.56
C ALA G 98 -9.11 -20.31 0.71
N ALA G 99 -9.59 -20.25 1.95
CA ALA G 99 -11.03 -20.14 2.18
C ALA G 99 -11.56 -18.80 1.70
N ASN G 100 -10.72 -17.77 1.74
CA ASN G 100 -11.14 -16.47 1.23
C ASN G 100 -11.20 -16.48 -0.30
N TRP G 101 -10.33 -17.28 -0.94
CA TRP G 101 -10.44 -17.43 -2.39
C TRP G 101 -11.71 -18.19 -2.76
N LYS G 102 -12.05 -19.22 -2.00
CA LYS G 102 -13.23 -20.00 -2.34
C LYS G 102 -14.50 -19.21 -2.06
N TYR G 103 -14.49 -18.32 -1.06
CA TYR G 103 -15.65 -17.47 -0.86
C TYR G 103 -15.69 -16.31 -1.84
N LYS G 104 -14.54 -15.83 -2.29
CA LYS G 104 -14.54 -14.61 -3.10
C LYS G 104 -14.60 -14.89 -4.59
N TYR G 105 -14.01 -15.99 -5.05
CA TYR G 105 -13.94 -16.25 -6.48
C TYR G 105 -14.50 -17.62 -6.86
N GLY G 106 -15.38 -18.19 -6.06
CA GLY G 106 -16.06 -19.38 -6.53
C GLY G 106 -15.31 -20.66 -6.29
N TYR G 107 -14.57 -21.10 -7.30
CA TYR G 107 -13.87 -22.38 -7.30
C TYR G 107 -12.78 -22.42 -6.23
N GLU G 108 -12.40 -23.64 -5.86
CA GLU G 108 -11.33 -23.84 -4.90
C GLU G 108 -10.00 -23.41 -5.52
N ILE G 109 -9.17 -22.78 -4.71
CA ILE G 109 -7.95 -22.10 -5.17
C ILE G 109 -6.97 -23.12 -5.74
N PRO G 110 -6.41 -22.88 -6.92
CA PRO G 110 -5.34 -23.75 -7.40
C PRO G 110 -4.03 -23.38 -6.74
N VAL G 111 -3.10 -24.33 -6.76
CA VAL G 111 -1.96 -24.35 -5.87
C VAL G 111 -0.96 -23.23 -6.13
N ASP G 112 -0.91 -22.68 -7.35
CA ASP G 112 0.17 -21.75 -7.70
C ASP G 112 -0.02 -20.38 -7.06
N MET G 113 -1.16 -19.72 -7.29
CA MET G 113 -1.25 -18.36 -6.81
C MET G 113 -1.55 -18.27 -5.32
N LEU G 114 -1.87 -19.40 -4.68
CA LEU G 114 -1.78 -19.45 -3.22
C LEU G 114 -0.36 -19.18 -2.76
N CYS G 115 0.60 -19.87 -3.38
CA CYS G 115 1.99 -19.66 -3.05
C CYS G 115 2.49 -18.31 -3.53
N LYS G 116 1.91 -17.78 -4.61
CA LYS G 116 2.18 -16.39 -4.99
C LYS G 116 1.71 -15.43 -3.91
N ARG G 117 0.56 -15.71 -3.32
CA ARG G 117 -0.03 -14.75 -2.38
C ARG G 117 0.69 -14.77 -1.03
N ILE G 118 1.03 -15.97 -0.52
CA ILE G 118 1.78 -15.99 0.72
C ILE G 118 3.22 -15.57 0.48
N ALA G 119 3.73 -15.77 -0.74
CA ALA G 119 5.00 -15.17 -1.12
C ALA G 119 4.90 -13.66 -1.16
N ASP G 120 3.71 -13.12 -1.42
CA ASP G 120 3.57 -11.67 -1.53
C ASP G 120 3.42 -11.03 -0.17
N ILE G 121 2.75 -11.70 0.78
CA ILE G 121 2.74 -11.12 2.11
C ILE G 121 4.08 -11.32 2.79
N SER G 122 4.82 -12.36 2.41
CA SER G 122 6.19 -12.44 2.89
C SER G 122 7.06 -11.36 2.26
N GLN G 123 6.74 -10.96 1.02
CA GLN G 123 7.41 -9.81 0.42
C GLN G 123 7.14 -8.55 1.21
N VAL G 124 5.88 -8.31 1.60
CA VAL G 124 5.61 -7.07 2.32
C VAL G 124 6.11 -7.15 3.75
N TYR G 125 6.44 -8.34 4.24
CA TYR G 125 7.28 -8.42 5.42
C TYR G 125 8.68 -7.91 5.12
N THR G 126 9.28 -8.33 4.00
CA THR G 126 10.65 -7.90 3.71
C THR G 126 10.72 -6.65 2.83
N GLN G 127 9.66 -5.85 2.80
CA GLN G 127 9.65 -4.55 2.13
C GLN G 127 9.53 -3.43 3.14
N ASN G 128 8.49 -3.47 3.96
CA ASN G 128 8.37 -2.58 5.11
C ASN G 128 9.43 -2.95 6.15
N ALA G 129 9.78 -1.97 6.97
CA ALA G 129 10.55 -2.19 8.18
C ALA G 129 9.61 -2.62 9.30
N GLU G 130 10.08 -2.54 10.55
CA GLU G 130 9.34 -2.85 11.81
C GLU G 130 8.61 -4.19 11.81
N MET G 131 9.09 -5.14 11.03
CA MET G 131 8.61 -6.52 11.10
C MET G 131 9.69 -7.42 10.55
N ARG G 132 9.87 -8.57 11.18
CA ARG G 132 10.91 -9.42 10.63
C ARG G 132 10.31 -10.35 9.58
N PRO G 133 11.05 -10.65 8.54
CA PRO G 133 10.58 -11.66 7.59
C PRO G 133 10.63 -13.03 8.22
N LEU G 134 9.47 -13.63 8.48
CA LEU G 134 9.40 -14.81 9.32
C LEU G 134 10.00 -16.02 8.62
N GLY G 135 10.85 -16.73 9.34
CA GLY G 135 11.70 -17.75 8.75
C GLY G 135 11.05 -19.12 8.61
N CYS G 136 10.19 -19.29 7.62
CA CYS G 136 9.75 -20.63 7.24
C CYS G 136 9.40 -20.62 5.77
N CYS G 137 9.79 -21.68 5.07
CA CYS G 137 9.52 -21.85 3.66
C CYS G 137 8.48 -22.96 3.47
N MET G 138 7.57 -22.74 2.52
CA MET G 138 6.37 -23.55 2.39
C MET G 138 6.46 -24.47 1.18
N ILE G 139 7.03 -25.67 1.38
CA ILE G 139 6.80 -26.75 0.42
C ILE G 139 5.32 -27.08 0.45
N LEU G 140 4.63 -26.80 -0.65
CA LEU G 140 3.20 -27.08 -0.70
C LEU G 140 2.83 -27.64 -2.06
N ILE G 141 2.03 -28.71 -2.04
CA ILE G 141 1.71 -29.48 -3.22
C ILE G 141 0.24 -29.26 -3.56
N GLY G 142 -0.19 -29.81 -4.69
CA GLY G 142 -1.60 -29.80 -4.99
C GLY G 142 -1.84 -29.99 -6.47
N ILE G 143 -3.06 -30.43 -6.78
CA ILE G 143 -3.46 -30.78 -8.13
C ILE G 143 -4.62 -29.89 -8.54
N ASP G 144 -4.57 -29.36 -9.76
CA ASP G 144 -5.69 -28.69 -10.38
C ASP G 144 -6.24 -29.55 -11.52
N GLU G 145 -7.35 -29.09 -12.10
CA GLU G 145 -8.02 -29.86 -13.16
C GLU G 145 -7.20 -29.85 -14.44
N GLU G 146 -6.57 -28.73 -14.76
CA GLU G 146 -5.92 -28.59 -16.06
C GLU G 146 -4.60 -29.33 -16.12
N GLN G 147 -3.66 -28.96 -15.28
CA GLN G 147 -2.33 -29.53 -15.36
C GLN G 147 -2.20 -30.73 -14.41
N GLY G 148 -0.97 -31.22 -14.31
CA GLY G 148 -0.61 -32.31 -13.43
C GLY G 148 -0.53 -31.87 -11.98
N PRO G 149 -0.05 -32.74 -11.11
CA PRO G 149 0.29 -32.30 -9.76
C PRO G 149 1.42 -31.29 -9.79
N GLN G 150 1.31 -30.27 -8.94
CA GLN G 150 2.34 -29.26 -8.77
C GLN G 150 2.88 -29.27 -7.36
N VAL G 151 4.03 -28.60 -7.21
CA VAL G 151 4.68 -28.37 -5.93
C VAL G 151 5.36 -27.01 -6.00
N TYR G 152 5.36 -26.29 -4.89
CA TYR G 152 5.92 -24.95 -4.85
C TYR G 152 6.63 -24.73 -3.53
N LYS G 153 7.52 -23.74 -3.52
CA LYS G 153 8.15 -23.31 -2.27
C LYS G 153 8.38 -21.81 -2.36
N CYS G 154 7.65 -21.06 -1.56
CA CYS G 154 8.01 -19.68 -1.33
C CYS G 154 9.03 -19.60 -0.19
N ASP G 155 10.07 -18.83 -0.42
CA ASP G 155 11.10 -18.64 0.58
C ASP G 155 10.66 -17.53 1.52
N PRO G 156 11.36 -17.25 2.62
CA PRO G 156 11.06 -16.03 3.39
C PRO G 156 11.35 -14.71 2.68
N ALA G 157 11.83 -14.71 1.44
CA ALA G 157 11.93 -13.49 0.67
C ALA G 157 10.77 -13.32 -0.30
N GLY G 158 10.00 -14.38 -0.56
CA GLY G 158 8.88 -14.28 -1.46
C GLY G 158 9.15 -14.78 -2.86
N TYR G 159 10.19 -15.56 -3.06
CA TYR G 159 10.54 -16.02 -4.40
C TYR G 159 10.11 -17.47 -4.58
N TYR G 160 8.84 -17.66 -4.91
CA TYR G 160 8.31 -18.96 -5.30
C TYR G 160 8.82 -19.27 -6.69
N CYS G 161 9.05 -20.55 -6.99
CA CYS G 161 9.68 -20.88 -8.26
C CYS G 161 8.81 -21.74 -9.14
N GLY G 162 8.32 -22.84 -8.58
CA GLY G 162 7.71 -23.87 -9.38
C GLY G 162 8.73 -24.96 -9.59
N PHE G 163 8.64 -26.02 -8.81
CA PHE G 163 9.74 -26.96 -8.72
C PHE G 163 9.32 -28.27 -9.33
N LYS G 164 10.31 -29.09 -9.70
CA LYS G 164 10.07 -30.53 -9.63
C LYS G 164 10.43 -31.01 -8.23
N ALA G 165 11.71 -31.06 -7.91
CA ALA G 165 12.09 -31.71 -6.65
C ALA G 165 13.26 -30.99 -6.01
N THR G 166 12.95 -29.99 -5.20
CA THR G 166 13.89 -29.34 -4.29
C THR G 166 13.89 -30.09 -2.97
N ALA G 167 14.40 -29.45 -1.92
CA ALA G 167 14.11 -29.84 -0.55
C ALA G 167 14.22 -28.61 0.32
N ALA G 168 14.08 -28.82 1.63
CA ALA G 168 14.00 -27.71 2.55
C ALA G 168 14.44 -28.18 3.92
N GLY G 169 15.19 -27.31 4.60
CA GLY G 169 15.73 -27.57 5.91
C GLY G 169 17.24 -27.67 5.88
N VAL G 170 17.78 -28.26 6.96
CA VAL G 170 19.19 -28.63 6.98
C VAL G 170 19.42 -29.73 5.94
N LYS G 171 20.62 -29.72 5.35
CA LYS G 171 21.02 -30.63 4.27
C LYS G 171 20.12 -30.46 3.06
N GLN G 172 19.99 -29.21 2.60
CA GLN G 172 19.25 -28.95 1.38
C GLN G 172 20.08 -29.26 0.14
N THR G 173 21.38 -28.95 0.18
CA THR G 173 22.21 -29.07 -1.01
C THR G 173 22.51 -30.52 -1.35
N GLU G 174 22.75 -31.36 -0.35
CA GLU G 174 22.96 -32.78 -0.58
C GLU G 174 21.71 -33.44 -1.14
N SER G 175 20.54 -33.00 -0.67
CA SER G 175 19.28 -33.54 -1.13
C SER G 175 19.00 -33.16 -2.58
N THR G 176 19.15 -31.88 -2.92
CA THR G 176 18.92 -31.48 -4.31
C THR G 176 20.00 -31.98 -5.24
N SER G 177 21.20 -32.29 -4.73
CA SER G 177 22.20 -32.93 -5.56
C SER G 177 21.82 -34.38 -5.84
N PHE G 178 21.30 -35.07 -4.83
CA PHE G 178 20.86 -36.45 -5.01
C PHE G 178 19.67 -36.52 -5.95
N LEU G 179 18.72 -35.60 -5.80
CA LEU G 179 17.56 -35.60 -6.68
C LEU G 179 17.93 -35.20 -8.10
N GLU G 180 18.89 -34.29 -8.26
CA GLU G 180 19.33 -33.92 -9.61
C GLU G 180 20.06 -35.08 -10.27
N LYS G 181 20.84 -35.84 -9.49
CA LYS G 181 21.52 -37.00 -10.05
C LYS G 181 20.54 -38.14 -10.29
N LYS G 182 19.39 -38.14 -9.65
CA LYS G 182 18.42 -39.22 -9.77
C LYS G 182 17.12 -38.77 -10.46
N VAL G 183 17.18 -37.71 -11.26
CA VAL G 183 16.06 -37.34 -12.12
C VAL G 183 16.47 -37.27 -13.59
N LYS G 184 17.77 -37.14 -13.88
CA LYS G 184 18.27 -37.11 -15.25
C LYS G 184 18.21 -38.47 -15.92
N LYS G 185 18.01 -39.54 -15.16
CA LYS G 185 17.73 -40.86 -15.68
C LYS G 185 16.43 -40.91 -16.46
N LYS G 186 15.36 -40.38 -15.91
CA LYS G 186 14.09 -40.24 -16.63
C LYS G 186 13.59 -38.81 -16.50
N PHE G 191 7.07 -42.57 -12.15
CA PHE G 191 7.41 -43.05 -10.81
C PHE G 191 6.30 -42.86 -9.78
N GLU G 192 5.18 -43.55 -9.99
CA GLU G 192 4.04 -43.42 -9.08
C GLU G 192 4.35 -44.02 -7.72
N GLN G 193 5.13 -45.09 -7.69
CA GLN G 193 5.43 -45.75 -6.42
C GLN G 193 6.38 -44.92 -5.58
N THR G 194 7.34 -44.23 -6.24
CA THR G 194 8.32 -43.31 -5.64
C THR G 194 9.07 -43.99 -4.48
N VAL G 195 9.37 -45.28 -4.68
CA VAL G 195 9.95 -46.05 -3.57
C VAL G 195 11.46 -45.88 -3.57
N GLU G 196 12.07 -45.63 -4.72
CA GLU G 196 13.50 -45.45 -4.84
C GLU G 196 13.89 -43.99 -4.89
N THR G 197 12.93 -43.07 -4.69
CA THR G 197 13.19 -41.64 -4.76
C THR G 197 12.86 -40.93 -3.46
N ALA G 198 11.68 -41.18 -2.90
CA ALA G 198 11.14 -40.34 -1.84
C ALA G 198 11.90 -40.51 -0.53
N ILE G 199 11.93 -41.74 -0.01
CA ILE G 199 12.62 -41.99 1.25
C ILE G 199 14.12 -42.02 1.03
N THR G 200 14.56 -42.52 -0.12
CA THR G 200 15.97 -42.75 -0.38
C THR G 200 16.77 -41.47 -0.49
N CYS G 201 16.11 -40.33 -0.74
CA CYS G 201 16.81 -39.07 -0.64
C CYS G 201 17.23 -38.80 0.80
N LEU G 202 16.34 -39.08 1.75
CA LEU G 202 16.70 -38.94 3.16
C LEU G 202 17.72 -39.98 3.59
N SER G 203 17.50 -41.24 3.25
CA SER G 203 18.41 -42.29 3.70
C SER G 203 19.76 -42.25 3.01
N THR G 204 19.89 -41.60 1.86
CA THR G 204 21.19 -41.38 1.26
C THR G 204 21.83 -40.06 1.64
N VAL G 205 21.04 -39.07 2.07
CA VAL G 205 21.67 -37.85 2.55
C VAL G 205 22.19 -38.03 3.97
N LEU G 206 21.34 -38.45 4.90
CA LEU G 206 21.74 -38.40 6.29
C LEU G 206 21.86 -39.76 6.95
N SER G 207 21.54 -40.85 6.23
CA SER G 207 21.95 -42.22 6.55
C SER G 207 21.43 -42.71 7.89
N ILE G 208 20.10 -42.83 7.99
CA ILE G 208 19.45 -43.42 9.16
C ILE G 208 18.72 -44.72 8.82
N ASP G 209 18.23 -44.84 7.58
CA ASP G 209 17.44 -45.98 7.05
C ASP G 209 16.25 -46.30 7.97
N PHE G 210 15.33 -45.33 7.97
CA PHE G 210 14.33 -45.11 9.01
C PHE G 210 13.42 -46.31 9.25
N LYS G 211 13.07 -46.48 10.52
CA LYS G 211 11.87 -47.20 10.90
C LYS G 211 10.66 -46.30 10.58
N PRO G 212 9.43 -46.87 10.48
CA PRO G 212 8.30 -46.04 10.01
C PRO G 212 7.73 -45.02 10.98
N SER G 213 8.46 -44.69 12.05
CA SER G 213 7.97 -43.67 12.98
C SER G 213 8.32 -42.26 12.51
N GLU G 214 9.60 -41.99 12.28
CA GLU G 214 10.10 -40.61 12.19
C GLU G 214 9.80 -39.94 10.86
N ILE G 215 9.21 -40.62 9.90
CA ILE G 215 8.99 -40.08 8.56
C ILE G 215 7.52 -39.78 8.40
N GLU G 216 7.21 -38.57 7.95
CA GLU G 216 5.84 -38.19 7.60
C GLU G 216 5.74 -38.04 6.09
N VAL G 217 4.70 -38.64 5.52
CA VAL G 217 4.49 -38.69 4.08
C VAL G 217 3.07 -38.21 3.79
N GLY G 218 2.96 -37.22 2.91
CA GLY G 218 1.64 -36.77 2.50
C GLY G 218 1.40 -36.82 1.00
N VAL G 219 0.56 -37.72 0.54
CA VAL G 219 0.40 -37.91 -0.89
C VAL G 219 -0.80 -37.11 -1.39
N VAL G 220 -0.76 -36.75 -2.68
CA VAL G 220 -1.97 -36.51 -3.46
C VAL G 220 -1.85 -37.30 -4.76
N THR G 221 -2.97 -37.80 -5.26
CA THR G 221 -3.01 -38.55 -6.50
C THR G 221 -4.00 -37.90 -7.45
N VAL G 222 -3.81 -38.14 -8.75
CA VAL G 222 -4.78 -37.65 -9.72
C VAL G 222 -6.09 -38.42 -9.58
N GLU G 223 -6.01 -39.71 -9.29
CA GLU G 223 -7.21 -40.51 -9.08
C GLU G 223 -7.94 -40.16 -7.79
N ASN G 224 -7.26 -39.51 -6.84
CA ASN G 224 -7.87 -39.14 -5.56
C ASN G 224 -7.17 -37.89 -5.07
N PRO G 225 -7.68 -36.71 -5.41
CA PRO G 225 -6.93 -35.47 -5.12
C PRO G 225 -7.00 -35.02 -3.66
N LYS G 226 -7.67 -35.75 -2.78
CA LYS G 226 -7.71 -35.36 -1.39
C LYS G 226 -6.36 -35.62 -0.73
N PHE G 227 -5.88 -34.63 0.02
CA PHE G 227 -4.58 -34.71 0.66
C PHE G 227 -4.63 -35.70 1.82
N ARG G 228 -3.76 -36.70 1.78
CA ARG G 228 -3.77 -37.80 2.74
C ARG G 228 -2.42 -37.90 3.43
N ILE G 229 -2.44 -37.90 4.76
CA ILE G 229 -1.26 -38.13 5.58
C ILE G 229 -1.22 -39.61 5.91
N LEU G 230 -0.09 -40.26 5.65
CA LEU G 230 -0.03 -41.70 5.78
C LEU G 230 0.39 -42.14 7.18
N THR G 231 0.13 -43.40 7.50
CA THR G 231 0.31 -43.96 8.84
C THR G 231 1.38 -45.06 8.75
N GLU G 232 1.78 -45.66 9.89
CA GLU G 232 2.91 -46.60 9.90
C GLU G 232 2.63 -47.90 9.17
N ALA G 233 1.36 -48.22 8.90
CA ALA G 233 1.05 -49.42 8.13
C ALA G 233 1.50 -49.27 6.68
N GLU G 234 0.94 -48.28 5.98
CA GLU G 234 1.25 -48.10 4.57
C GLU G 234 2.64 -47.52 4.34
N ILE G 235 3.16 -46.71 5.26
CA ILE G 235 4.55 -46.30 5.11
C ILE G 235 5.47 -47.44 5.50
N ASP G 236 4.99 -48.40 6.30
CA ASP G 236 5.82 -49.56 6.62
C ASP G 236 5.93 -50.50 5.43
N ALA G 237 4.83 -50.69 4.69
CA ALA G 237 4.93 -51.41 3.43
C ALA G 237 5.79 -50.64 2.42
N HIS G 238 5.71 -49.31 2.46
CA HIS G 238 6.55 -48.48 1.61
C HIS G 238 8.02 -48.61 1.96
N LEU G 239 8.34 -48.87 3.23
CA LEU G 239 9.75 -49.00 3.62
C LEU G 239 10.28 -50.41 3.38
N VAL G 240 9.47 -51.44 3.60
CA VAL G 240 9.92 -52.79 3.29
C VAL G 240 9.93 -53.06 1.80
N ALA G 241 9.35 -52.17 0.99
CA ALA G 241 9.56 -52.19 -0.45
C ALA G 241 10.96 -51.70 -0.87
N LEU G 242 11.79 -51.27 0.08
CA LEU G 242 13.20 -50.97 -0.20
C LEU G 242 14.04 -52.22 0.08
N ALA G 243 13.71 -53.30 -0.63
CA ALA G 243 14.46 -54.55 -0.55
C ALA G 243 14.72 -55.10 -1.94
N GLU G 244 15.10 -54.23 -2.87
CA GLU G 244 15.34 -54.63 -4.25
C GLU G 244 16.81 -54.95 -4.46
N THR H 44 -36.88 -3.70 -22.59
CA THR H 44 -35.82 -4.74 -22.66
C THR H 44 -36.36 -6.13 -22.59
N THR H 45 -36.15 -6.86 -23.69
CA THR H 45 -36.40 -8.29 -23.76
C THR H 45 -35.08 -8.99 -23.94
N ILE H 46 -34.75 -9.93 -23.07
CA ILE H 46 -33.47 -10.60 -23.17
C ILE H 46 -33.63 -12.09 -23.01
N ALA H 47 -32.60 -12.84 -23.34
CA ALA H 47 -32.69 -14.29 -23.23
C ALA H 47 -31.34 -14.92 -23.49
N GLY H 48 -31.25 -16.22 -23.19
CA GLY H 48 -30.06 -17.01 -23.43
C GLY H 48 -30.30 -18.49 -23.24
N VAL H 49 -29.77 -19.32 -24.13
CA VAL H 49 -30.05 -20.75 -24.18
C VAL H 49 -28.73 -21.51 -24.25
N VAL H 50 -28.56 -22.50 -23.39
CA VAL H 50 -27.39 -23.36 -23.45
C VAL H 50 -27.68 -24.49 -24.45
N TYR H 51 -26.64 -24.95 -25.13
CA TYR H 51 -26.75 -26.04 -26.09
C TYR H 51 -25.43 -26.80 -26.07
N LYS H 52 -25.33 -27.81 -26.94
CA LYS H 52 -24.29 -28.85 -26.85
C LYS H 52 -22.88 -28.27 -26.92
N ASP H 53 -22.65 -27.33 -27.83
CA ASP H 53 -21.33 -26.71 -27.87
C ASP H 53 -21.21 -25.60 -26.84
N GLY H 54 -22.27 -24.83 -26.62
CA GLY H 54 -22.07 -23.58 -25.91
C GLY H 54 -23.30 -22.88 -25.40
N ILE H 55 -23.38 -21.57 -25.56
CA ILE H 55 -24.56 -20.79 -25.20
C ILE H 55 -24.84 -19.79 -26.32
N VAL H 56 -26.09 -19.33 -26.35
CA VAL H 56 -26.54 -18.28 -27.25
C VAL H 56 -27.28 -17.26 -26.42
N LEU H 57 -26.71 -16.08 -26.25
CA LEU H 57 -27.40 -15.00 -25.57
C LEU H 57 -28.28 -14.26 -26.58
N GLY H 58 -28.81 -13.10 -26.21
CA GLY H 58 -29.59 -12.35 -27.15
C GLY H 58 -30.42 -11.27 -26.51
N ALA H 59 -30.55 -10.13 -27.18
CA ALA H 59 -31.28 -9.01 -26.62
C ALA H 59 -31.82 -8.17 -27.77
N ASP H 60 -32.89 -7.44 -27.48
CA ASP H 60 -33.38 -6.40 -28.37
C ASP H 60 -32.64 -5.11 -28.08
N THR H 61 -32.59 -4.21 -29.06
CA THR H 61 -31.78 -3.01 -28.94
C THR H 61 -32.69 -1.79 -28.96
N ARG H 62 -33.22 -1.45 -27.78
CA ARG H 62 -33.93 -0.19 -27.60
C ARG H 62 -33.96 0.14 -26.12
N ALA H 63 -33.64 1.40 -25.78
CA ALA H 63 -33.63 1.88 -24.41
C ALA H 63 -34.64 3.02 -24.30
N THR H 64 -35.70 2.82 -23.53
CA THR H 64 -36.79 3.76 -23.47
C THR H 64 -36.94 4.34 -22.07
N GLU H 65 -36.42 5.55 -21.88
CA GLU H 65 -36.63 6.27 -20.63
C GLU H 65 -38.02 6.87 -20.66
N GLY H 66 -38.75 6.72 -19.56
CA GLY H 66 -40.14 7.16 -19.54
C GLY H 66 -40.98 6.30 -20.46
N MET H 67 -41.76 6.95 -21.31
CA MET H 67 -42.48 6.24 -22.37
C MET H 67 -42.09 6.75 -23.75
N VAL H 68 -40.80 6.98 -23.98
CA VAL H 68 -40.29 7.38 -25.27
C VAL H 68 -38.89 6.80 -25.42
N VAL H 69 -38.61 6.26 -26.59
CA VAL H 69 -37.29 5.71 -26.87
C VAL H 69 -36.27 6.83 -26.97
N ALA H 70 -35.27 6.76 -26.10
CA ALA H 70 -34.16 7.69 -26.10
C ALA H 70 -33.14 7.33 -27.17
N ASP H 71 -32.97 6.05 -27.43
CA ASP H 71 -31.96 5.54 -28.37
C ASP H 71 -32.47 4.23 -28.95
N LYS H 72 -32.39 4.13 -30.27
CA LYS H 72 -32.97 3.01 -31.00
C LYS H 72 -32.01 1.88 -31.30
N ASN H 73 -30.75 1.96 -30.89
CA ASN H 73 -29.78 0.91 -31.20
C ASN H 73 -28.69 0.97 -30.13
N CYS H 74 -28.81 0.12 -29.11
CA CYS H 74 -27.78 0.02 -28.08
C CYS H 74 -27.47 -1.44 -27.80
N SER H 75 -26.19 -1.72 -27.61
CA SER H 75 -25.76 -3.06 -27.23
C SER H 75 -26.15 -3.34 -25.79
N LYS H 76 -26.78 -4.50 -25.60
CA LYS H 76 -27.18 -4.95 -24.29
C LYS H 76 -26.41 -6.22 -23.95
N ILE H 77 -25.50 -6.62 -24.83
CA ILE H 77 -24.71 -7.83 -24.64
C ILE H 77 -23.29 -7.35 -24.36
N HIS H 78 -22.94 -7.25 -23.08
CA HIS H 78 -21.73 -6.56 -22.69
C HIS H 78 -20.56 -7.53 -22.55
N PHE H 79 -19.39 -7.06 -22.97
CA PHE H 79 -18.15 -7.80 -22.78
C PHE H 79 -17.83 -7.90 -21.30
N ILE H 80 -17.34 -9.06 -20.87
CA ILE H 80 -16.63 -9.15 -19.60
C ILE H 80 -15.28 -9.79 -19.86
N SER H 81 -15.22 -10.64 -20.87
CA SER H 81 -14.19 -11.66 -20.96
C SER H 81 -14.27 -12.30 -22.34
N PRO H 82 -13.16 -12.81 -22.87
CA PRO H 82 -13.23 -13.54 -24.14
C PRO H 82 -14.01 -14.85 -24.08
N ASN H 83 -14.37 -15.34 -22.91
CA ASN H 83 -15.25 -16.48 -22.81
C ASN H 83 -16.55 -16.20 -22.06
N ILE H 84 -16.74 -15.01 -21.53
CA ILE H 84 -17.92 -14.68 -20.73
C ILE H 84 -18.52 -13.41 -21.28
N TYR H 85 -19.73 -13.51 -21.84
CA TYR H 85 -20.56 -12.35 -22.04
C TYR H 85 -21.73 -12.38 -21.08
N CYS H 86 -22.03 -11.23 -20.51
CA CYS H 86 -23.21 -11.05 -19.72
C CYS H 86 -24.29 -10.41 -20.58
N CYS H 87 -25.35 -9.96 -19.93
CA CYS H 87 -26.44 -9.27 -20.58
C CYS H 87 -26.85 -8.12 -19.66
N GLY H 88 -28.03 -7.55 -19.88
CA GLY H 88 -28.46 -6.49 -19.00
C GLY H 88 -29.90 -6.04 -19.12
N ALA H 89 -30.56 -5.86 -17.98
CA ALA H 89 -31.90 -5.30 -17.94
C ALA H 89 -32.08 -4.55 -16.63
N GLY H 90 -33.17 -3.80 -16.55
CA GLY H 90 -33.43 -2.98 -15.38
C GLY H 90 -32.97 -1.56 -15.60
N THR H 91 -32.03 -1.09 -14.79
CA THR H 91 -31.53 0.26 -15.00
C THR H 91 -30.45 0.23 -16.06
N ALA H 92 -30.55 1.15 -17.03
CA ALA H 92 -29.66 1.10 -18.18
C ALA H 92 -28.24 1.48 -17.81
N ALA H 93 -28.05 2.24 -16.74
CA ALA H 93 -26.69 2.65 -16.38
C ALA H 93 -26.07 1.69 -15.39
N ASP H 94 -26.89 1.07 -14.53
CA ASP H 94 -26.36 0.24 -13.47
C ASP H 94 -25.79 -1.06 -14.01
N THR H 95 -26.40 -1.61 -15.08
CA THR H 95 -25.83 -2.76 -15.75
C THR H 95 -24.49 -2.42 -16.39
N ASP H 96 -24.40 -1.23 -17.01
CA ASP H 96 -23.16 -0.75 -17.59
C ASP H 96 -22.06 -0.67 -16.55
N MET H 97 -22.33 -0.04 -15.42
CA MET H 97 -21.27 0.18 -14.45
C MET H 97 -20.91 -1.11 -13.71
N THR H 98 -21.90 -1.99 -13.49
CA THR H 98 -21.57 -3.23 -12.79
C THR H 98 -20.80 -4.19 -13.69
N THR H 99 -20.97 -4.09 -15.01
CA THR H 99 -20.19 -4.98 -15.85
C THR H 99 -18.90 -4.35 -16.34
N GLN H 100 -18.74 -3.03 -16.26
CA GLN H 100 -17.39 -2.49 -16.36
C GLN H 100 -16.58 -2.84 -15.13
N LEU H 101 -17.19 -2.82 -13.96
CA LEU H 101 -16.45 -3.12 -12.74
C LEU H 101 -16.08 -4.59 -12.67
N ILE H 102 -17.04 -5.49 -12.96
CA ILE H 102 -16.72 -6.90 -12.92
C ILE H 102 -15.92 -7.33 -14.15
N SER H 103 -16.04 -6.62 -15.26
CA SER H 103 -15.18 -6.89 -16.41
C SER H 103 -13.72 -6.55 -16.09
N SER H 104 -13.50 -5.36 -15.54
CA SER H 104 -12.15 -4.89 -15.24
C SER H 104 -11.52 -5.73 -14.12
N ASN H 105 -12.27 -5.94 -13.05
CA ASN H 105 -11.78 -6.71 -11.92
C ASN H 105 -11.58 -8.17 -12.30
N LEU H 106 -12.42 -8.67 -13.20
CA LEU H 106 -12.29 -10.07 -13.60
C LEU H 106 -11.09 -10.28 -14.51
N GLU H 107 -10.83 -9.35 -15.43
CA GLU H 107 -9.69 -9.65 -16.29
C GLU H 107 -8.37 -9.29 -15.63
N LEU H 108 -8.41 -8.41 -14.62
CA LEU H 108 -7.29 -8.31 -13.68
C LEU H 108 -7.07 -9.64 -12.96
N HIS H 109 -8.15 -10.28 -12.54
CA HIS H 109 -8.06 -11.59 -11.89
C HIS H 109 -7.51 -12.65 -12.82
N SER H 110 -7.94 -12.64 -14.08
CA SER H 110 -7.53 -13.67 -15.03
C SER H 110 -6.08 -13.51 -15.43
N LEU H 111 -5.62 -12.28 -15.61
CA LEU H 111 -4.20 -12.12 -15.91
C LEU H 111 -3.36 -12.16 -14.65
N SER H 112 -3.99 -12.16 -13.47
CA SER H 112 -3.27 -12.54 -12.27
C SER H 112 -3.09 -14.04 -12.19
N THR H 113 -4.10 -14.82 -12.59
CA THR H 113 -3.96 -16.27 -12.57
C THR H 113 -3.16 -16.76 -13.78
N GLY H 114 -3.32 -16.09 -14.92
CA GLY H 114 -2.71 -16.52 -16.15
C GLY H 114 -3.58 -17.34 -17.05
N ARG H 115 -4.48 -18.15 -16.51
CA ARG H 115 -5.37 -18.96 -17.31
C ARG H 115 -6.60 -18.16 -17.70
N LEU H 116 -7.47 -18.81 -18.48
CA LEU H 116 -8.73 -18.18 -18.83
C LEU H 116 -9.66 -18.16 -17.63
N PRO H 117 -10.42 -17.08 -17.44
CA PRO H 117 -11.25 -16.98 -16.24
C PRO H 117 -12.50 -17.82 -16.35
N ARG H 118 -12.87 -18.42 -15.22
CA ARG H 118 -14.05 -19.26 -15.19
C ARG H 118 -15.30 -18.39 -15.06
N VAL H 119 -16.45 -18.98 -15.34
CA VAL H 119 -17.69 -18.22 -15.30
C VAL H 119 -18.36 -18.30 -13.94
N VAL H 120 -17.89 -19.18 -13.06
CA VAL H 120 -18.42 -19.24 -11.71
C VAL H 120 -18.00 -18.01 -10.91
N THR H 121 -16.77 -17.55 -11.10
CA THR H 121 -16.30 -16.39 -10.36
C THR H 121 -16.94 -15.10 -10.84
N ALA H 122 -17.43 -15.04 -12.07
CA ALA H 122 -18.20 -13.89 -12.49
C ALA H 122 -19.56 -13.88 -11.82
N ASN H 123 -20.17 -15.06 -11.70
CA ASN H 123 -21.41 -15.22 -10.96
C ASN H 123 -21.26 -14.81 -9.51
N ARG H 124 -20.15 -15.19 -8.88
CA ARG H 124 -20.03 -14.92 -7.47
C ARG H 124 -19.58 -13.49 -7.21
N MET H 125 -18.83 -12.87 -8.12
CA MET H 125 -18.52 -11.45 -7.92
C MET H 125 -19.72 -10.56 -8.20
N LEU H 126 -20.54 -10.90 -9.21
CA LEU H 126 -21.78 -10.17 -9.41
C LEU H 126 -22.76 -10.40 -8.27
N LYS H 127 -22.77 -11.62 -7.70
CA LYS H 127 -23.66 -11.92 -6.61
C LYS H 127 -23.28 -11.15 -5.35
N GLN H 128 -22.01 -11.24 -4.95
CA GLN H 128 -21.61 -10.62 -3.70
C GLN H 128 -21.48 -9.11 -3.82
N MET H 129 -21.08 -8.61 -4.98
CA MET H 129 -20.99 -7.16 -5.10
C MET H 129 -22.36 -6.55 -5.34
N LEU H 130 -23.25 -7.27 -5.99
CA LEU H 130 -24.58 -6.74 -6.23
C LEU H 130 -25.48 -6.93 -5.02
N PHE H 131 -25.11 -7.79 -4.07
CA PHE H 131 -25.94 -8.00 -2.89
C PHE H 131 -25.76 -6.91 -1.85
N ARG H 132 -24.53 -6.46 -1.64
CA ARG H 132 -24.30 -5.57 -0.50
C ARG H 132 -24.77 -4.15 -0.74
N TYR H 133 -25.29 -3.83 -1.92
CA TYR H 133 -25.98 -2.58 -2.13
C TYR H 133 -27.48 -2.72 -1.96
N GLN H 134 -27.93 -3.85 -1.38
CA GLN H 134 -29.30 -4.11 -0.93
C GLN H 134 -30.33 -4.01 -2.04
N GLY H 135 -29.93 -4.25 -3.28
CA GLY H 135 -30.87 -4.17 -4.37
C GLY H 135 -31.19 -2.79 -4.86
N TYR H 136 -30.44 -1.78 -4.42
CA TYR H 136 -30.61 -0.43 -4.96
C TYR H 136 -30.20 -0.37 -6.42
N ILE H 137 -29.15 -1.09 -6.79
CA ILE H 137 -28.85 -1.32 -8.19
C ILE H 137 -29.92 -2.20 -8.78
N GLY H 138 -30.65 -1.68 -9.77
CA GLY H 138 -31.56 -2.51 -10.50
C GLY H 138 -30.89 -3.05 -11.74
N ALA H 139 -30.31 -4.24 -11.65
CA ALA H 139 -29.60 -4.85 -12.77
C ALA H 139 -30.02 -6.32 -12.82
N ALA H 140 -31.11 -6.59 -13.53
CA ALA H 140 -31.51 -7.98 -13.78
C ALA H 140 -30.76 -8.43 -15.03
N LEU H 141 -29.54 -8.92 -14.81
CA LEU H 141 -28.70 -9.33 -15.91
C LEU H 141 -28.51 -10.84 -15.86
N VAL H 142 -28.36 -11.45 -17.03
CA VAL H 142 -27.93 -12.83 -17.11
C VAL H 142 -26.55 -12.85 -17.70
N LEU H 143 -25.83 -13.93 -17.44
CA LEU H 143 -24.47 -14.06 -17.93
C LEU H 143 -24.22 -15.51 -18.23
N GLY H 144 -23.42 -15.76 -19.25
CA GLY H 144 -23.15 -17.11 -19.68
C GLY H 144 -21.71 -17.25 -20.10
N GLY H 145 -21.26 -18.50 -20.08
CA GLY H 145 -19.89 -18.72 -20.46
C GLY H 145 -19.54 -20.15 -20.79
N VAL H 146 -18.63 -20.30 -21.73
CA VAL H 146 -17.96 -21.57 -21.99
C VAL H 146 -16.64 -21.54 -21.23
N ASP H 147 -16.36 -22.57 -20.44
CA ASP H 147 -15.09 -22.57 -19.74
C ASP H 147 -14.62 -24.01 -19.61
N VAL H 148 -13.64 -24.22 -18.72
CA VAL H 148 -12.97 -25.52 -18.63
C VAL H 148 -13.87 -26.59 -18.05
N THR H 149 -14.90 -26.23 -17.29
CA THR H 149 -15.83 -27.23 -16.79
C THR H 149 -16.88 -27.56 -17.84
N GLY H 150 -17.71 -26.58 -18.19
CA GLY H 150 -18.71 -26.78 -19.21
C GLY H 150 -19.44 -25.49 -19.51
N PRO H 151 -20.05 -25.40 -20.68
CA PRO H 151 -20.80 -24.19 -21.04
C PRO H 151 -22.07 -24.09 -20.21
N HIS H 152 -22.18 -23.01 -19.45
CA HIS H 152 -23.37 -22.81 -18.61
C HIS H 152 -23.56 -21.34 -18.32
N LEU H 153 -24.79 -21.00 -17.97
CA LEU H 153 -25.22 -19.63 -17.80
C LEU H 153 -25.97 -19.46 -16.49
N TYR H 154 -25.92 -18.24 -15.97
CA TYR H 154 -26.61 -17.87 -14.73
C TYR H 154 -27.47 -16.65 -14.97
N SER H 155 -28.42 -16.44 -14.07
CA SER H 155 -29.26 -15.24 -14.07
C SER H 155 -29.03 -14.51 -12.75
N ILE H 156 -28.98 -13.19 -12.78
CA ILE H 156 -28.72 -12.39 -11.59
C ILE H 156 -29.90 -11.45 -11.41
N TYR H 157 -30.72 -11.72 -10.41
CA TYR H 157 -31.80 -10.81 -10.08
C TYR H 157 -31.23 -9.61 -9.31
N PRO H 158 -31.91 -8.44 -9.36
CA PRO H 158 -31.29 -7.22 -8.82
C PRO H 158 -31.11 -7.21 -7.32
N HIS H 159 -31.68 -8.14 -6.57
CA HIS H 159 -31.38 -8.24 -5.15
C HIS H 159 -30.21 -9.16 -4.86
N GLY H 160 -29.78 -9.95 -5.83
CA GLY H 160 -28.62 -10.79 -5.65
C GLY H 160 -28.93 -12.25 -5.51
N SER H 161 -29.92 -12.74 -6.25
CA SER H 161 -30.29 -14.15 -6.23
C SER H 161 -29.93 -14.78 -7.57
N THR H 162 -29.13 -15.84 -7.52
CA THR H 162 -28.55 -16.44 -8.70
C THR H 162 -29.18 -17.80 -8.97
N ASP H 163 -29.31 -18.12 -10.26
CA ASP H 163 -29.98 -19.34 -10.70
C ASP H 163 -29.19 -19.95 -11.83
N LYS H 164 -28.68 -21.15 -11.62
CA LYS H 164 -28.18 -21.94 -12.74
C LYS H 164 -29.37 -22.51 -13.50
N LEU H 165 -29.49 -22.16 -14.76
CA LEU H 165 -30.61 -22.62 -15.57
C LEU H 165 -30.14 -22.99 -16.96
N PRO H 166 -30.89 -23.85 -17.66
CA PRO H 166 -30.62 -24.04 -19.08
C PRO H 166 -31.05 -22.88 -19.94
N TYR H 167 -32.02 -22.09 -19.49
CA TYR H 167 -32.53 -20.99 -20.28
C TYR H 167 -33.15 -19.95 -19.35
N VAL H 168 -32.85 -18.68 -19.62
CA VAL H 168 -33.20 -17.57 -18.76
C VAL H 168 -33.79 -16.45 -19.61
N THR H 169 -34.59 -15.60 -18.96
CA THR H 169 -35.16 -14.39 -19.56
C THR H 169 -35.29 -13.30 -18.50
N MET H 170 -34.53 -12.21 -18.62
CA MET H 170 -34.75 -11.04 -17.77
C MET H 170 -35.47 -9.93 -18.53
N GLY H 171 -35.73 -8.84 -17.84
CA GLY H 171 -36.49 -7.73 -18.40
C GLY H 171 -37.98 -7.96 -18.29
N SER H 172 -38.74 -6.99 -18.79
CA SER H 172 -40.19 -7.16 -18.87
C SER H 172 -40.55 -8.18 -19.94
N GLY H 173 -39.82 -8.15 -21.05
CA GLY H 173 -40.03 -9.07 -22.15
C GLY H 173 -39.74 -10.53 -21.86
N SER H 174 -39.26 -10.84 -20.65
CA SER H 174 -39.29 -12.17 -20.05
C SER H 174 -40.60 -12.88 -20.34
N LEU H 175 -41.70 -12.20 -20.01
CA LEU H 175 -43.00 -12.81 -20.18
C LEU H 175 -43.33 -13.03 -21.64
N ALA H 176 -42.84 -12.16 -22.51
CA ALA H 176 -43.07 -12.35 -23.94
C ALA H 176 -42.08 -13.31 -24.57
N ALA H 177 -41.10 -13.82 -23.81
CA ALA H 177 -40.07 -14.66 -24.38
C ALA H 177 -39.76 -15.87 -23.53
N MET H 178 -40.64 -16.20 -22.60
CA MET H 178 -40.48 -17.41 -21.80
C MET H 178 -41.32 -18.54 -22.34
N ALA H 179 -42.47 -18.20 -22.91
CA ALA H 179 -43.39 -19.21 -23.44
C ALA H 179 -42.82 -19.87 -24.68
N VAL H 180 -41.96 -19.18 -25.42
CA VAL H 180 -41.33 -19.74 -26.60
C VAL H 180 -40.07 -20.49 -26.22
N PHE H 181 -39.81 -20.60 -24.92
CA PHE H 181 -38.91 -21.59 -24.36
C PHE H 181 -39.65 -22.72 -23.68
N GLU H 182 -40.98 -22.77 -23.83
CA GLU H 182 -41.74 -23.83 -23.17
C GLU H 182 -42.54 -24.67 -24.12
N ASP H 183 -42.70 -24.25 -25.36
CA ASP H 183 -43.27 -25.12 -26.36
C ASP H 183 -42.24 -25.78 -27.26
N LYS H 184 -41.13 -25.09 -27.54
CA LYS H 184 -40.22 -25.53 -28.58
C LYS H 184 -38.77 -25.60 -28.11
N PHE H 185 -38.54 -25.61 -26.80
CA PHE H 185 -37.21 -25.85 -26.27
C PHE H 185 -37.01 -27.33 -26.04
N ARG H 186 -35.87 -27.83 -26.46
CA ARG H 186 -35.42 -29.19 -26.22
C ARG H 186 -34.01 -29.17 -25.67
N PRO H 187 -33.72 -29.98 -24.66
CA PRO H 187 -32.33 -30.09 -24.20
C PRO H 187 -31.46 -30.76 -25.23
N ASP H 188 -30.17 -30.43 -25.19
CA ASP H 188 -29.10 -31.04 -25.99
C ASP H 188 -29.39 -30.88 -27.48
N MET H 189 -29.47 -29.62 -27.89
CA MET H 189 -29.92 -29.26 -29.22
C MET H 189 -28.79 -28.58 -30.00
N GLU H 190 -28.88 -28.64 -31.32
CA GLU H 190 -27.77 -28.20 -32.14
C GLU H 190 -27.84 -26.68 -32.34
N GLU H 191 -26.67 -26.09 -32.66
CA GLU H 191 -26.42 -24.66 -32.63
C GLU H 191 -27.37 -23.86 -33.52
N GLU H 192 -27.75 -24.39 -34.69
CA GLU H 192 -28.44 -23.56 -35.66
C GLU H 192 -29.88 -23.31 -35.26
N GLU H 193 -30.59 -24.33 -34.79
CA GLU H 193 -31.93 -24.10 -34.31
C GLU H 193 -31.95 -23.56 -32.89
N ALA H 194 -30.81 -23.49 -32.21
CA ALA H 194 -30.73 -22.73 -30.97
C ALA H 194 -30.60 -21.24 -31.25
N LYS H 195 -29.80 -20.89 -32.26
CA LYS H 195 -29.77 -19.52 -32.76
C LYS H 195 -31.13 -19.09 -33.28
N ASN H 196 -31.80 -19.99 -34.01
CA ASN H 196 -33.15 -19.71 -34.48
C ASN H 196 -34.12 -19.65 -33.31
N LEU H 197 -33.85 -20.43 -32.26
CA LEU H 197 -34.72 -20.41 -31.07
C LEU H 197 -34.63 -19.09 -30.34
N VAL H 198 -33.41 -18.61 -30.09
CA VAL H 198 -33.25 -17.36 -29.36
C VAL H 198 -33.70 -16.17 -30.21
N SER H 199 -33.50 -16.25 -31.53
CA SER H 199 -34.03 -15.20 -32.39
C SER H 199 -35.55 -15.21 -32.42
N GLU H 200 -36.16 -16.39 -32.28
CA GLU H 200 -37.60 -16.43 -32.20
C GLU H 200 -38.09 -15.97 -30.83
N ALA H 201 -37.26 -16.11 -29.80
CA ALA H 201 -37.67 -15.67 -28.48
C ALA H 201 -37.61 -14.15 -28.37
N ILE H 202 -36.48 -13.56 -28.74
CA ILE H 202 -36.35 -12.11 -28.72
C ILE H 202 -37.31 -11.49 -29.73
N ALA H 203 -37.50 -12.15 -30.88
CA ALA H 203 -38.50 -11.72 -31.85
C ALA H 203 -39.91 -11.86 -31.33
N ALA H 204 -40.14 -12.76 -30.39
CA ALA H 204 -41.41 -12.82 -29.68
C ALA H 204 -41.47 -11.84 -28.52
N GLY H 205 -40.36 -11.19 -28.21
CA GLY H 205 -40.40 -10.10 -27.26
C GLY H 205 -40.53 -8.76 -27.95
N ILE H 206 -40.23 -8.75 -29.25
CA ILE H 206 -40.44 -7.56 -30.07
C ILE H 206 -41.92 -7.28 -30.25
N PHE H 207 -42.65 -8.27 -30.75
CA PHE H 207 -43.94 -8.02 -31.37
C PHE H 207 -45.07 -7.77 -30.39
N ASN H 208 -44.94 -8.17 -29.14
CA ASN H 208 -46.03 -7.92 -28.19
C ASN H 208 -45.51 -7.50 -26.83
N ASP H 209 -44.56 -6.56 -26.82
CA ASP H 209 -44.17 -5.94 -25.58
C ASP H 209 -43.85 -4.48 -25.88
N LEU H 210 -44.11 -3.63 -24.90
CA LEU H 210 -43.84 -2.21 -25.06
C LEU H 210 -42.43 -1.84 -24.62
N GLY H 211 -41.64 -2.81 -24.19
CA GLY H 211 -40.22 -2.61 -24.09
C GLY H 211 -39.56 -3.32 -25.24
N SER H 212 -40.16 -3.17 -26.42
CA SER H 212 -39.70 -3.81 -27.64
C SER H 212 -38.36 -3.21 -28.07
N GLY H 213 -37.79 -3.80 -29.11
CA GLY H 213 -36.54 -3.32 -29.65
C GLY H 213 -36.64 -3.11 -31.15
N SER H 214 -35.64 -2.42 -31.67
CA SER H 214 -35.55 -2.26 -33.11
C SER H 214 -35.18 -3.58 -33.77
N ASN H 215 -34.06 -4.15 -33.38
CA ASN H 215 -33.52 -5.31 -34.06
C ASN H 215 -32.78 -6.20 -33.08
N ILE H 216 -32.70 -7.48 -33.42
CA ILE H 216 -32.12 -8.49 -32.54
C ILE H 216 -30.64 -8.59 -32.81
N ASP H 217 -29.83 -8.46 -31.76
CA ASP H 217 -28.46 -8.92 -31.80
C ASP H 217 -28.27 -10.03 -30.78
N LEU H 218 -27.41 -10.98 -31.12
CA LEU H 218 -27.24 -12.14 -30.26
C LEU H 218 -25.83 -12.66 -30.43
N CYS H 219 -25.25 -13.10 -29.32
CA CYS H 219 -23.92 -13.68 -29.34
C CYS H 219 -24.01 -15.19 -29.20
N VAL H 220 -23.11 -15.88 -29.89
CA VAL H 220 -23.01 -17.33 -29.82
C VAL H 220 -21.63 -17.65 -29.27
N ILE H 221 -21.58 -18.12 -28.04
CA ILE H 221 -20.32 -18.43 -27.38
C ILE H 221 -20.15 -19.94 -27.42
N SER H 222 -19.19 -20.41 -28.21
CA SER H 222 -18.93 -21.82 -28.35
C SER H 222 -17.64 -22.18 -27.63
N LYS H 223 -17.19 -23.43 -27.81
CA LYS H 223 -15.95 -23.86 -27.18
C LYS H 223 -14.74 -23.18 -27.79
N ASN H 224 -14.65 -23.16 -29.12
CA ASN H 224 -13.50 -22.61 -29.81
C ASN H 224 -13.70 -21.20 -30.33
N LYS H 225 -14.85 -20.88 -30.90
CA LYS H 225 -15.08 -19.57 -31.49
C LYS H 225 -16.14 -18.82 -30.71
N LEU H 226 -15.97 -17.50 -30.64
CA LEU H 226 -16.99 -16.58 -30.17
C LEU H 226 -17.56 -15.86 -31.37
N ASP H 227 -18.87 -15.69 -31.39
CA ASP H 227 -19.55 -15.00 -32.50
C ASP H 227 -20.43 -13.93 -31.88
N PHE H 228 -19.86 -12.77 -31.58
CA PHE H 228 -20.67 -11.61 -31.20
C PHE H 228 -21.07 -10.92 -32.49
N LEU H 229 -22.27 -11.23 -32.95
CA LEU H 229 -22.78 -10.59 -34.14
C LEU H 229 -23.84 -9.57 -33.79
N ARG H 230 -23.62 -8.35 -34.24
CA ARG H 230 -24.60 -7.28 -34.16
C ARG H 230 -25.46 -7.42 -35.42
N PRO H 231 -26.51 -6.59 -35.59
CA PRO H 231 -27.86 -7.17 -35.62
C PRO H 231 -28.07 -8.45 -36.42
N TYR H 232 -28.76 -9.40 -35.80
CA TYR H 232 -29.00 -10.70 -36.44
C TYR H 232 -30.06 -10.58 -37.51
N THR H 233 -31.26 -10.16 -37.13
CA THR H 233 -32.31 -9.80 -38.07
C THR H 233 -32.78 -8.40 -37.75
N VAL H 234 -33.20 -7.68 -38.78
CA VAL H 234 -33.86 -6.40 -38.57
C VAL H 234 -35.29 -6.56 -39.07
N PRO H 235 -36.23 -6.91 -38.20
CA PRO H 235 -37.64 -7.01 -38.62
C PRO H 235 -38.37 -5.69 -38.68
N ASN H 236 -37.69 -4.57 -38.47
CA ASN H 236 -38.33 -3.27 -38.34
C ASN H 236 -37.56 -2.25 -39.17
N LYS H 237 -38.01 -2.02 -40.40
CA LYS H 237 -37.45 -0.98 -41.25
C LYS H 237 -37.96 0.39 -40.80
N LYS H 238 -37.33 1.43 -41.32
CA LYS H 238 -37.73 2.80 -40.98
C LYS H 238 -38.99 3.20 -41.73
N GLY H 239 -39.14 2.70 -42.95
CA GLY H 239 -40.15 3.18 -43.86
C GLY H 239 -39.53 4.13 -44.85
N THR H 240 -40.28 5.14 -45.29
CA THR H 240 -39.73 6.13 -46.21
C THR H 240 -40.46 7.45 -45.99
N ARG H 241 -39.79 8.51 -46.40
CA ARG H 241 -40.38 9.85 -46.40
C ARG H 241 -40.95 10.14 -47.77
N LEU H 242 -41.76 11.20 -47.85
CA LEU H 242 -42.41 11.61 -49.08
C LEU H 242 -42.34 13.12 -49.19
N GLY H 243 -41.56 13.61 -50.15
CA GLY H 243 -41.49 15.03 -50.41
C GLY H 243 -40.34 15.72 -49.71
N ARG H 244 -39.51 16.43 -50.47
CA ARG H 244 -38.43 17.20 -49.88
C ARG H 244 -38.97 18.45 -49.21
N TYR H 245 -38.17 19.00 -48.31
CA TYR H 245 -38.66 19.99 -47.36
C TYR H 245 -38.00 21.37 -47.52
N ARG H 246 -36.67 21.43 -47.54
CA ARG H 246 -35.99 22.68 -47.26
C ARG H 246 -35.65 23.44 -48.54
N CYS H 247 -35.48 24.75 -48.37
CA CYS H 247 -34.86 25.61 -49.37
C CYS H 247 -33.35 25.61 -49.12
N GLU H 248 -32.63 26.55 -49.73
CA GLU H 248 -31.20 26.70 -49.47
C GLU H 248 -30.91 28.14 -49.11
N LYS H 249 -30.27 28.33 -47.94
CA LYS H 249 -29.98 29.63 -47.34
C LYS H 249 -31.24 30.49 -47.22
N GLY H 250 -32.24 29.86 -46.64
CA GLY H 250 -33.48 30.53 -46.32
C GLY H 250 -34.00 29.85 -45.08
N THR H 251 -35.25 30.16 -44.70
CA THR H 251 -36.03 29.45 -43.68
C THR H 251 -35.30 29.58 -42.33
N THR H 252 -34.62 30.71 -42.13
CA THR H 252 -33.88 30.98 -40.91
C THR H 252 -34.06 32.43 -40.52
N ALA H 253 -34.15 32.67 -39.22
CA ALA H 253 -34.18 34.03 -38.67
C ALA H 253 -32.84 34.27 -37.99
N VAL H 254 -31.82 34.62 -38.77
CA VAL H 254 -30.47 34.77 -38.23
C VAL H 254 -30.37 36.13 -37.56
N LEU H 255 -29.90 36.13 -36.31
CA LEU H 255 -29.79 37.40 -35.59
C LEU H 255 -28.35 37.88 -35.55
N THR H 256 -27.40 36.99 -35.28
CA THR H 256 -25.98 37.35 -35.23
C THR H 256 -25.14 36.15 -35.59
N GLU H 257 -24.45 36.20 -36.73
CA GLU H 257 -23.47 35.19 -37.07
C GLU H 257 -22.16 35.47 -36.34
N LYS H 258 -21.30 34.45 -36.31
CA LYS H 258 -19.95 34.56 -35.78
C LYS H 258 -19.14 33.39 -36.32
N ILE H 259 -18.00 33.69 -36.95
CA ILE H 259 -17.17 32.70 -37.60
C ILE H 259 -15.83 32.65 -36.88
N THR H 260 -15.34 31.45 -36.63
CA THR H 260 -14.03 31.30 -35.99
C THR H 260 -13.22 30.20 -36.67
N PRO H 261 -12.09 30.54 -37.28
CA PRO H 261 -11.23 29.51 -37.86
C PRO H 261 -10.47 28.73 -36.80
N LEU H 262 -9.95 27.57 -37.19
CA LEU H 262 -9.34 26.65 -36.25
C LEU H 262 -7.87 26.39 -36.51
N GLU H 263 -7.50 26.00 -37.73
CA GLU H 263 -6.17 25.47 -38.00
C GLU H 263 -5.12 26.57 -37.97
N ILE H 264 -5.25 27.55 -38.85
CA ILE H 264 -4.29 28.65 -38.88
C ILE H 264 -4.99 29.95 -39.31
N SER I 2 -42.20 18.56 -11.14
CA SER I 2 -40.95 17.82 -11.18
C SER I 2 -39.78 18.68 -10.75
N ILE I 3 -38.58 18.12 -10.88
CA ILE I 3 -37.35 18.87 -10.60
C ILE I 3 -36.51 19.07 -11.85
N MET I 4 -36.74 18.29 -12.91
CA MET I 4 -36.09 18.57 -14.18
C MET I 4 -36.72 19.76 -14.88
N SER I 5 -37.98 20.06 -14.57
CA SER I 5 -38.70 21.17 -15.16
C SER I 5 -38.51 22.47 -14.39
N TYR I 6 -37.42 22.59 -13.65
CA TYR I 6 -37.20 23.78 -12.84
C TYR I 6 -36.75 24.94 -13.71
N ASN I 7 -35.61 24.78 -14.38
CA ASN I 7 -35.04 25.84 -15.20
C ASN I 7 -35.31 25.67 -16.68
N GLY I 8 -36.02 24.63 -17.08
CA GLY I 8 -36.25 24.41 -18.49
C GLY I 8 -35.00 23.90 -19.16
N GLY I 9 -34.57 24.60 -20.22
CA GLY I 9 -33.35 24.24 -20.93
C GLY I 9 -33.55 23.11 -21.91
N ALA I 10 -32.90 23.20 -23.07
CA ALA I 10 -33.10 22.21 -24.13
C ALA I 10 -31.92 22.30 -25.09
N VAL I 11 -31.13 21.23 -25.16
CA VAL I 11 -30.00 21.17 -26.08
C VAL I 11 -30.18 19.98 -27.00
N MET I 12 -29.54 20.06 -28.16
CA MET I 12 -29.54 18.95 -29.10
C MET I 12 -28.28 19.03 -29.95
N ALA I 13 -28.07 18.00 -30.75
CA ALA I 13 -26.90 17.89 -31.59
C ALA I 13 -27.20 16.89 -32.69
N MET I 14 -26.69 17.17 -33.88
CA MET I 14 -26.99 16.33 -35.03
C MET I 14 -25.88 16.53 -36.05
N LYS I 15 -25.62 15.49 -36.84
CA LYS I 15 -24.52 15.54 -37.78
C LYS I 15 -24.94 15.03 -39.15
N GLY I 16 -24.29 15.57 -40.18
CA GLY I 16 -24.43 15.08 -41.53
C GLY I 16 -23.11 14.55 -42.07
N LYS I 17 -22.43 15.39 -42.85
CA LYS I 17 -21.06 15.18 -43.28
C LYS I 17 -20.12 15.57 -42.14
N ASN I 18 -18.86 15.91 -42.47
CA ASN I 18 -17.81 16.14 -41.48
C ASN I 18 -18.03 17.29 -40.50
N CYS I 19 -19.18 17.95 -40.54
CA CYS I 19 -19.58 18.93 -39.54
C CYS I 19 -20.58 18.31 -38.57
N VAL I 20 -20.63 18.86 -37.36
CA VAL I 20 -21.76 18.58 -36.47
C VAL I 20 -22.46 19.89 -36.18
N ALA I 21 -23.55 19.81 -35.42
CA ALA I 21 -24.30 21.00 -35.07
C ALA I 21 -24.89 20.78 -33.68
N ILE I 22 -24.49 21.60 -32.73
CA ILE I 22 -25.05 21.55 -31.40
C ILE I 22 -25.83 22.84 -31.20
N ALA I 23 -26.91 22.77 -30.44
CA ALA I 23 -27.79 23.93 -30.33
C ALA I 23 -28.49 23.93 -28.98
N ALA I 24 -28.53 25.09 -28.35
CA ALA I 24 -29.19 25.29 -27.07
C ALA I 24 -30.23 26.38 -27.22
N ASP I 25 -30.97 26.60 -26.13
CA ASP I 25 -31.89 27.72 -26.04
C ASP I 25 -31.40 28.68 -24.96
N ARG I 26 -31.20 29.94 -25.35
CA ARG I 26 -30.65 30.92 -24.44
C ARG I 26 -31.78 31.38 -23.53
N ARG I 27 -31.96 30.70 -22.41
CA ARG I 27 -32.99 31.03 -21.44
C ARG I 27 -32.62 30.44 -20.10
N PHE I 28 -32.87 31.21 -19.04
CA PHE I 28 -32.65 30.76 -17.67
C PHE I 28 -33.62 31.44 -16.73
N GLY I 29 -34.21 30.67 -15.84
CA GLY I 29 -35.03 31.25 -14.80
C GLY I 29 -35.79 30.20 -14.03
N ILE I 30 -36.71 30.69 -13.21
CA ILE I 30 -37.60 29.89 -12.36
C ILE I 30 -38.76 29.47 -13.27
N GLN I 31 -39.67 28.62 -12.77
CA GLN I 31 -40.71 27.95 -13.57
C GLN I 31 -41.52 28.91 -14.42
N ALA I 32 -41.86 30.07 -13.89
CA ALA I 32 -42.63 31.05 -14.64
C ALA I 32 -41.82 32.25 -15.09
N GLN I 33 -40.68 32.50 -14.47
CA GLN I 33 -39.97 33.76 -14.60
C GLN I 33 -38.69 33.57 -15.41
N MET I 34 -38.37 34.57 -16.23
CA MET I 34 -37.15 34.58 -17.03
C MET I 34 -36.21 35.63 -16.45
N VAL I 35 -35.30 35.23 -15.58
CA VAL I 35 -34.45 36.22 -14.94
C VAL I 35 -33.32 36.70 -15.83
N THR I 36 -32.99 35.97 -16.91
CA THR I 36 -31.98 36.42 -17.86
C THR I 36 -32.22 35.72 -19.19
N THR I 37 -31.56 36.24 -20.23
CA THR I 37 -31.62 35.66 -21.55
C THR I 37 -30.32 34.96 -21.94
N ASP I 38 -29.18 35.62 -21.72
CA ASP I 38 -27.90 34.97 -21.94
C ASP I 38 -27.65 33.93 -20.85
N PHE I 39 -27.41 32.69 -21.27
CA PHE I 39 -27.10 31.63 -20.32
C PHE I 39 -26.30 30.55 -21.04
N GLN I 40 -25.08 30.32 -20.57
CA GLN I 40 -24.16 29.41 -21.24
C GLN I 40 -24.60 27.98 -21.00
N LYS I 41 -25.06 27.30 -22.05
CA LYS I 41 -25.32 25.87 -21.97
C LYS I 41 -24.40 25.05 -22.85
N ILE I 42 -23.82 25.63 -23.89
CA ILE I 42 -22.91 24.93 -24.78
C ILE I 42 -21.50 25.26 -24.30
N PHE I 43 -20.91 24.37 -23.54
CA PHE I 43 -19.60 24.63 -22.98
C PHE I 43 -18.53 24.05 -23.87
N PRO I 44 -17.59 24.86 -24.38
CA PRO I 44 -16.48 24.31 -25.15
C PRO I 44 -15.51 23.58 -24.24
N MET I 45 -15.08 22.40 -24.68
CA MET I 45 -14.05 21.65 -23.98
C MET I 45 -12.78 21.52 -24.81
N GLY I 46 -12.89 20.97 -26.01
CA GLY I 46 -11.80 20.95 -26.95
C GLY I 46 -11.88 22.13 -27.89
N ASP I 47 -11.10 22.05 -28.96
CA ASP I 47 -11.24 23.01 -30.04
C ASP I 47 -12.53 22.77 -30.81
N ARG I 48 -12.88 21.50 -31.02
CA ARG I 48 -13.96 21.09 -31.90
C ARG I 48 -14.84 20.07 -31.21
N LEU I 49 -14.96 20.17 -29.88
CA LEU I 49 -15.73 19.21 -29.11
C LEU I 49 -16.53 20.00 -28.09
N TYR I 50 -17.81 20.19 -28.36
CA TYR I 50 -18.66 20.99 -27.49
C TYR I 50 -19.56 20.05 -26.70
N ILE I 51 -19.66 20.30 -25.40
CA ILE I 51 -20.61 19.60 -24.55
C ILE I 51 -21.76 20.57 -24.27
N GLY I 52 -22.97 20.06 -24.30
CA GLY I 52 -24.15 20.87 -24.09
C GLY I 52 -25.03 20.25 -23.04
N LEU I 53 -25.52 21.07 -22.12
CA LEU I 53 -26.16 20.54 -20.94
C LEU I 53 -27.52 21.18 -20.75
N ALA I 54 -28.40 20.45 -20.06
CA ALA I 54 -29.76 20.90 -19.85
C ALA I 54 -30.24 20.43 -18.49
N GLY I 55 -31.44 20.87 -18.12
CA GLY I 55 -32.01 20.49 -16.85
C GLY I 55 -31.77 21.52 -15.78
N LEU I 56 -31.48 21.07 -14.57
CA LEU I 56 -31.30 21.97 -13.44
C LEU I 56 -29.99 22.74 -13.60
N ALA I 57 -30.07 24.07 -13.46
CA ALA I 57 -28.99 24.95 -13.90
C ALA I 57 -27.78 24.89 -12.97
N THR I 58 -28.00 24.66 -11.68
CA THR I 58 -26.85 24.49 -10.80
C THR I 58 -26.09 23.20 -11.07
N ASP I 59 -26.75 22.18 -11.63
CA ASP I 59 -25.99 21.00 -12.00
C ASP I 59 -25.28 21.20 -13.33
N VAL I 60 -25.82 22.03 -14.22
CA VAL I 60 -25.12 22.19 -15.49
C VAL I 60 -23.91 23.09 -15.31
N GLN I 61 -23.96 24.06 -14.40
CA GLN I 61 -22.73 24.79 -14.14
C GLN I 61 -21.80 24.00 -13.22
N THR I 62 -22.37 23.15 -12.36
CA THR I 62 -21.54 22.39 -11.43
C THR I 62 -20.72 21.33 -12.14
N VAL I 63 -21.37 20.52 -12.99
CA VAL I 63 -20.56 19.52 -13.71
C VAL I 63 -20.01 20.07 -15.01
N ALA I 64 -20.42 21.26 -15.43
CA ALA I 64 -19.68 21.91 -16.51
C ALA I 64 -18.32 22.37 -16.01
N GLN I 65 -18.28 23.02 -14.85
CA GLN I 65 -17.00 23.44 -14.30
C GLN I 65 -16.20 22.28 -13.74
N ARG I 66 -16.88 21.28 -13.17
CA ARG I 66 -16.21 20.07 -12.72
C ARG I 66 -15.63 19.29 -13.88
N LEU I 67 -16.35 19.25 -15.00
CA LEU I 67 -15.84 18.55 -16.16
C LEU I 67 -14.72 19.34 -16.84
N LYS I 68 -14.74 20.66 -16.75
CA LYS I 68 -13.60 21.43 -17.23
C LYS I 68 -12.39 21.23 -16.32
N PHE I 69 -12.64 20.99 -15.03
CA PHE I 69 -11.57 20.64 -14.10
C PHE I 69 -10.90 19.32 -14.49
N ARG I 70 -11.68 18.23 -14.52
CA ARG I 70 -11.07 16.92 -14.77
C ARG I 70 -10.58 16.77 -16.20
N LEU I 71 -11.29 17.38 -17.15
CA LEU I 71 -10.86 17.35 -18.55
C LEU I 71 -9.56 18.14 -18.72
N ASN I 72 -9.53 19.36 -18.19
CA ASN I 72 -8.36 20.22 -18.32
C ASN I 72 -7.15 19.59 -17.67
N LEU I 73 -7.34 18.98 -16.51
CA LEU I 73 -6.24 18.29 -15.87
C LEU I 73 -5.85 17.02 -16.62
N TYR I 74 -6.78 16.41 -17.34
CA TYR I 74 -6.42 15.23 -18.13
C TYR I 74 -5.56 15.60 -19.33
N GLU I 75 -5.95 16.63 -20.07
CA GLU I 75 -5.12 17.00 -21.21
C GLU I 75 -3.85 17.72 -20.78
N LEU I 76 -3.78 18.19 -19.54
CA LEU I 76 -2.50 18.61 -19.00
C LEU I 76 -1.61 17.44 -18.60
N LYS I 77 -2.19 16.36 -18.05
CA LYS I 77 -1.37 15.21 -17.67
C LYS I 77 -0.84 14.44 -18.86
N GLU I 78 -1.49 14.53 -20.00
CA GLU I 78 -1.05 13.78 -21.19
C GLU I 78 -1.38 14.66 -22.39
N GLY I 79 -0.36 15.32 -22.92
CA GLY I 79 -0.58 16.41 -23.84
C GLY I 79 -1.11 16.01 -25.20
N ARG I 80 -2.40 16.26 -25.41
CA ARG I 80 -3.12 16.10 -26.66
C ARG I 80 -4.52 16.66 -26.44
N GLN I 81 -5.20 16.94 -27.55
CA GLN I 81 -6.62 17.20 -27.46
C GLN I 81 -7.35 15.92 -27.12
N ILE I 82 -8.47 16.06 -26.41
CA ILE I 82 -9.18 14.91 -25.88
C ILE I 82 -9.91 14.18 -27.01
N LYS I 83 -9.78 12.87 -27.04
CA LYS I 83 -10.60 12.07 -27.93
C LYS I 83 -12.02 12.06 -27.37
N PRO I 84 -13.03 12.35 -28.19
CA PRO I 84 -14.37 12.63 -27.64
C PRO I 84 -15.09 11.41 -27.07
N TYR I 85 -14.78 10.21 -27.55
CA TYR I 85 -15.30 9.00 -26.93
C TYR I 85 -14.81 8.87 -25.50
N THR I 86 -13.55 9.25 -25.26
CA THR I 86 -12.99 9.22 -23.92
C THR I 86 -13.67 10.25 -23.02
N LEU I 87 -14.03 11.41 -23.57
CA LEU I 87 -14.76 12.39 -22.78
C LEU I 87 -16.18 11.92 -22.48
N MET I 88 -16.79 11.15 -23.41
CA MET I 88 -18.05 10.50 -23.11
C MET I 88 -17.90 9.53 -21.93
N SER I 89 -16.81 8.78 -21.91
CA SER I 89 -16.56 7.92 -20.77
C SER I 89 -16.31 8.69 -19.49
N MET I 90 -15.77 9.91 -19.60
CA MET I 90 -15.45 10.66 -18.40
C MET I 90 -16.68 11.32 -17.80
N VAL I 91 -17.59 11.85 -18.63
CA VAL I 91 -18.87 12.28 -18.06
C VAL I 91 -19.70 11.09 -17.63
N ALA I 92 -19.49 9.91 -18.24
CA ALA I 92 -20.14 8.71 -17.77
C ALA I 92 -19.65 8.30 -16.39
N ASN I 93 -18.40 8.60 -16.05
CA ASN I 93 -17.92 8.40 -14.70
C ASN I 93 -17.79 9.72 -13.96
N LEU I 94 -18.60 10.71 -14.34
CA LEU I 94 -18.84 11.88 -13.51
C LEU I 94 -20.28 11.92 -13.02
N LEU I 95 -21.24 11.64 -13.89
CA LEU I 95 -22.63 11.57 -13.44
C LEU I 95 -22.84 10.35 -12.56
N TYR I 96 -22.30 9.22 -12.97
CA TYR I 96 -22.19 8.09 -12.07
C TYR I 96 -21.09 8.40 -11.05
N GLU I 97 -21.11 7.62 -9.96
CA GLU I 97 -20.36 7.58 -8.69
C GLU I 97 -20.86 8.67 -7.75
N LYS I 98 -21.60 9.64 -8.27
CA LYS I 98 -22.63 10.31 -7.50
C LYS I 98 -23.98 9.82 -7.97
N ARG I 99 -24.24 8.52 -7.84
CA ARG I 99 -25.54 8.02 -8.28
C ARG I 99 -26.62 8.36 -7.27
N PHE I 100 -26.31 8.21 -6.00
CA PHE I 100 -27.26 8.47 -4.93
C PHE I 100 -27.30 9.98 -4.70
N GLY I 101 -28.47 10.59 -4.90
CA GLY I 101 -28.56 12.02 -5.01
C GLY I 101 -27.79 12.55 -6.20
N PRO I 102 -28.27 12.26 -7.41
CA PRO I 102 -27.46 12.49 -8.62
C PRO I 102 -27.47 13.95 -9.03
N TYR I 103 -26.78 14.24 -10.12
CA TYR I 103 -26.92 15.52 -10.79
C TYR I 103 -28.11 15.45 -11.74
N TYR I 104 -28.86 16.54 -11.79
CA TYR I 104 -30.08 16.59 -12.59
C TYR I 104 -29.78 17.24 -13.94
N THR I 105 -29.05 16.50 -14.77
CA THR I 105 -28.68 16.99 -16.08
C THR I 105 -28.53 15.82 -17.03
N GLU I 106 -28.70 16.12 -18.33
CA GLU I 106 -28.48 15.15 -19.39
C GLU I 106 -27.57 15.78 -20.42
N PRO I 107 -26.25 15.69 -20.25
CA PRO I 107 -25.33 16.34 -21.19
C PRO I 107 -25.23 15.56 -22.50
N VAL I 108 -25.34 16.27 -23.59
CA VAL I 108 -25.01 15.74 -24.91
C VAL I 108 -23.60 16.17 -25.24
N ILE I 109 -22.92 15.38 -26.08
CA ILE I 109 -21.54 15.64 -26.45
C ILE I 109 -21.45 15.58 -27.95
N ALA I 110 -21.04 16.68 -28.57
CA ALA I 110 -21.04 16.79 -30.03
C ALA I 110 -19.65 17.13 -30.52
N GLY I 111 -19.13 16.38 -31.49
CA GLY I 111 -17.91 16.84 -32.09
C GLY I 111 -17.21 15.80 -32.95
N LEU I 112 -15.91 16.04 -33.11
CA LEU I 112 -15.09 15.42 -34.13
C LEU I 112 -13.94 14.66 -33.50
N ASP I 113 -13.52 13.59 -34.14
CA ASP I 113 -12.26 12.95 -33.78
C ASP I 113 -11.11 13.90 -34.12
N PRO I 114 -10.16 14.12 -33.21
CA PRO I 114 -9.16 15.18 -33.43
C PRO I 114 -8.12 14.88 -34.49
N LYS I 115 -8.10 13.68 -35.09
CA LYS I 115 -7.13 13.37 -36.13
C LYS I 115 -7.74 12.77 -37.39
N THR I 116 -8.93 12.19 -37.33
CA THR I 116 -9.58 11.65 -38.51
C THR I 116 -10.83 12.41 -38.91
N PHE I 117 -11.33 13.28 -38.02
CA PHE I 117 -12.45 14.19 -38.26
C PHE I 117 -13.74 13.44 -38.56
N LYS I 118 -13.87 12.24 -38.01
CA LYS I 118 -15.08 11.45 -38.10
C LYS I 118 -16.04 11.92 -37.02
N PRO I 119 -17.15 12.53 -37.39
CA PRO I 119 -18.03 13.13 -36.38
C PRO I 119 -18.85 12.10 -35.63
N PHE I 120 -19.15 12.39 -34.37
CA PHE I 120 -20.26 11.70 -33.72
C PHE I 120 -20.88 12.59 -32.67
N ILE I 121 -22.04 12.13 -32.19
CA ILE I 121 -22.79 12.83 -31.16
C ILE I 121 -23.32 11.82 -30.15
N CYS I 122 -23.31 12.19 -28.88
CA CYS I 122 -23.70 11.29 -27.81
C CYS I 122 -24.68 11.98 -26.88
N SER I 123 -25.40 11.16 -26.12
CA SER I 123 -26.28 11.68 -25.08
C SER I 123 -26.16 10.81 -23.84
N LEU I 124 -26.42 11.40 -22.69
CA LEU I 124 -26.40 10.68 -21.43
C LEU I 124 -27.66 10.98 -20.66
N ASP I 125 -27.99 10.10 -19.73
CA ASP I 125 -29.13 10.32 -18.83
C ASP I 125 -28.64 10.97 -17.54
N LEU I 126 -29.49 10.94 -16.50
CA LEU I 126 -29.15 11.48 -15.19
C LEU I 126 -27.91 10.81 -14.62
N ILE I 127 -28.00 9.50 -14.34
CA ILE I 127 -26.89 8.82 -13.68
C ILE I 127 -25.78 8.39 -14.61
N GLY I 128 -25.93 8.61 -15.91
CA GLY I 128 -24.81 8.49 -16.82
C GLY I 128 -24.79 7.18 -17.56
N CYS I 129 -25.32 7.17 -18.78
CA CYS I 129 -25.35 6.02 -19.64
C CYS I 129 -24.98 6.53 -21.03
N PRO I 130 -24.00 5.94 -21.69
CA PRO I 130 -23.63 6.42 -23.04
C PRO I 130 -24.60 5.96 -24.09
N MET I 131 -25.25 6.93 -24.74
CA MET I 131 -26.01 6.68 -25.97
C MET I 131 -25.20 7.28 -27.11
N VAL I 132 -24.32 6.46 -27.69
CA VAL I 132 -23.66 6.84 -28.93
C VAL I 132 -24.70 6.90 -30.04
N THR I 133 -24.61 7.93 -30.88
CA THR I 133 -25.62 8.09 -31.90
C THR I 133 -24.98 8.71 -33.14
N ASP I 134 -25.40 8.19 -34.30
CA ASP I 134 -24.99 8.69 -35.60
C ASP I 134 -26.07 9.50 -36.29
N ASP I 135 -27.19 9.78 -35.62
CA ASP I 135 -28.28 10.49 -36.26
C ASP I 135 -28.51 11.87 -35.67
N PHE I 136 -28.87 11.93 -34.39
CA PHE I 136 -29.15 13.15 -33.65
C PHE I 136 -29.38 12.77 -32.19
N VAL I 137 -29.03 13.64 -31.25
CA VAL I 137 -29.38 13.42 -29.85
C VAL I 137 -30.21 14.60 -29.38
N VAL I 138 -30.94 14.37 -28.29
CA VAL I 138 -31.91 15.32 -27.76
C VAL I 138 -31.83 15.29 -26.24
N SER I 139 -31.70 16.46 -25.63
CA SER I 139 -31.77 16.58 -24.19
C SER I 139 -32.65 17.76 -23.81
N GLY I 140 -33.17 17.71 -22.60
CA GLY I 140 -33.89 18.83 -22.02
C GLY I 140 -35.29 18.43 -21.58
N THR I 141 -36.07 19.44 -21.22
CA THR I 141 -37.46 19.21 -20.82
C THR I 141 -38.30 18.84 -22.02
N CYS I 142 -38.34 19.72 -23.03
CA CYS I 142 -39.10 19.46 -24.25
C CYS I 142 -38.33 18.48 -25.13
N ALA I 143 -38.34 17.22 -24.73
CA ALA I 143 -37.54 16.22 -25.42
C ALA I 143 -38.16 15.81 -26.75
N GLU I 144 -39.38 15.27 -26.70
CA GLU I 144 -39.93 14.54 -27.84
C GLU I 144 -40.28 15.43 -29.03
N GLN I 145 -40.53 16.71 -28.78
CA GLN I 145 -40.60 17.70 -29.86
C GLN I 145 -39.30 17.71 -30.66
N MET I 146 -38.18 17.91 -29.96
CA MET I 146 -36.86 17.92 -30.54
C MET I 146 -36.49 16.56 -31.12
N TYR I 147 -37.10 15.48 -30.61
CA TYR I 147 -37.23 14.21 -31.31
C TYR I 147 -38.22 14.41 -32.44
N GLY I 148 -39.04 13.43 -32.79
CA GLY I 148 -40.37 13.71 -33.35
C GLY I 148 -40.37 14.54 -34.63
N MET I 149 -40.11 15.84 -34.40
CA MET I 149 -39.83 16.76 -35.50
C MET I 149 -38.43 16.55 -36.06
N CYS I 150 -37.38 16.56 -35.21
CA CYS I 150 -36.09 16.42 -35.87
C CYS I 150 -35.80 14.97 -36.26
N GLU I 151 -36.60 14.01 -35.80
CA GLU I 151 -36.52 12.76 -36.54
C GLU I 151 -37.28 12.86 -37.86
N SER I 152 -38.27 13.74 -37.96
CA SER I 152 -38.96 13.90 -39.24
C SER I 152 -38.18 14.76 -40.22
N LEU I 153 -37.12 15.46 -39.81
CA LEU I 153 -36.36 16.29 -40.75
C LEU I 153 -35.03 15.71 -41.19
N TRP I 154 -34.30 15.00 -40.31
CA TRP I 154 -32.90 14.71 -40.57
C TRP I 154 -32.72 13.67 -41.67
N GLU I 155 -32.11 14.08 -42.77
CA GLU I 155 -31.61 13.16 -43.78
C GLU I 155 -30.13 12.91 -43.56
N PRO I 156 -29.57 11.81 -44.04
CA PRO I 156 -28.14 11.57 -43.85
C PRO I 156 -27.28 12.37 -44.80
N ASN I 157 -26.00 12.53 -44.40
CA ASN I 157 -24.90 13.06 -45.23
C ASN I 157 -25.19 14.48 -45.72
N MET I 158 -25.19 15.40 -44.76
CA MET I 158 -25.55 16.79 -45.01
C MET I 158 -24.34 17.70 -44.88
N ASP I 159 -24.20 18.63 -45.83
CA ASP I 159 -23.21 19.68 -45.77
C ASP I 159 -23.64 20.76 -44.76
N PRO I 160 -22.73 21.63 -44.30
CA PRO I 160 -23.07 22.54 -43.18
C PRO I 160 -24.19 23.54 -43.43
N ASP I 161 -24.52 23.89 -44.68
CA ASP I 161 -25.61 24.83 -44.87
C ASP I 161 -26.97 24.16 -44.77
N HIS I 162 -27.08 22.92 -45.21
CA HIS I 162 -28.31 22.18 -44.98
C HIS I 162 -28.46 21.80 -43.51
N LEU I 163 -27.38 21.42 -42.84
CA LEU I 163 -27.46 21.05 -41.42
C LEU I 163 -27.77 22.26 -40.56
N PHE I 164 -27.11 23.37 -40.84
CA PHE I 164 -27.42 24.75 -40.46
C PHE I 164 -28.93 24.98 -40.48
N GLU I 165 -29.53 24.76 -41.66
CA GLU I 165 -30.94 25.08 -41.84
C GLU I 165 -31.85 24.13 -41.07
N THR I 166 -31.53 22.84 -41.03
CA THR I 166 -32.43 21.90 -40.38
C THR I 166 -32.36 21.96 -38.86
N ILE I 167 -31.18 22.23 -38.29
CA ILE I 167 -31.16 22.36 -36.83
C ILE I 167 -31.74 23.72 -36.45
N SER I 168 -31.71 24.70 -37.37
CA SER I 168 -32.40 25.95 -37.11
C SER I 168 -33.91 25.72 -37.02
N GLN I 169 -34.48 25.01 -38.00
CA GLN I 169 -35.92 24.77 -38.00
C GLN I 169 -36.34 23.85 -36.87
N ALA I 170 -35.53 22.84 -36.57
CA ALA I 170 -35.85 21.91 -35.50
C ALA I 170 -35.85 22.61 -34.14
N MET I 171 -34.87 23.49 -33.92
CA MET I 171 -34.85 24.22 -32.66
C MET I 171 -35.99 25.22 -32.56
N LEU I 172 -36.23 26.01 -33.62
CA LEU I 172 -37.24 27.06 -33.53
C LEU I 172 -38.64 26.49 -33.37
N ASN I 173 -39.04 25.59 -34.26
CA ASN I 173 -40.37 25.03 -34.13
C ASN I 173 -40.47 24.01 -33.00
N ALA I 174 -39.34 23.53 -32.47
CA ALA I 174 -39.43 22.67 -31.30
C ALA I 174 -39.68 23.47 -30.03
N VAL I 175 -38.83 24.47 -29.75
CA VAL I 175 -38.98 25.22 -28.50
C VAL I 175 -40.08 26.25 -28.55
N ASP I 176 -40.62 26.56 -29.73
CA ASP I 176 -41.78 27.43 -29.80
C ASP I 176 -42.99 26.71 -29.19
N ARG I 177 -43.10 25.41 -29.45
CA ARG I 177 -44.11 24.55 -28.85
C ARG I 177 -43.65 24.06 -27.47
N ASP I 178 -43.36 25.00 -26.58
CA ASP I 178 -43.01 24.73 -25.19
C ASP I 178 -43.17 26.02 -24.40
N ALA I 179 -43.45 25.89 -23.11
CA ALA I 179 -43.60 27.04 -22.25
C ALA I 179 -42.30 27.46 -21.59
N VAL I 180 -41.57 26.51 -21.00
CA VAL I 180 -40.46 26.82 -20.12
C VAL I 180 -39.13 26.77 -20.85
N SER I 181 -39.19 26.87 -22.18
CA SER I 181 -37.96 26.88 -22.98
C SER I 181 -38.12 27.88 -24.11
N GLY I 182 -36.99 28.22 -24.72
CA GLY I 182 -37.01 29.07 -25.90
C GLY I 182 -36.44 30.45 -25.69
N MET I 183 -37.07 31.44 -26.33
CA MET I 183 -36.74 32.86 -26.24
C MET I 183 -35.30 33.12 -26.69
N GLY I 184 -35.08 32.84 -27.97
CA GLY I 184 -33.81 33.08 -28.63
C GLY I 184 -32.88 31.90 -28.50
N VAL I 185 -32.49 31.26 -29.61
CA VAL I 185 -31.69 30.05 -29.44
C VAL I 185 -30.30 30.25 -30.02
N ILE I 186 -29.44 29.26 -29.88
CA ILE I 186 -28.05 29.38 -30.31
C ILE I 186 -27.61 28.08 -30.98
N VAL I 187 -26.89 28.22 -32.08
CA VAL I 187 -26.47 27.10 -32.92
C VAL I 187 -24.97 27.22 -33.17
N HIS I 188 -24.23 26.19 -32.78
CA HIS I 188 -22.82 26.06 -33.12
C HIS I 188 -22.68 25.01 -34.19
N ILE I 189 -22.19 25.40 -35.35
CA ILE I 189 -21.79 24.45 -36.38
C ILE I 189 -20.30 24.19 -36.22
N ILE I 190 -19.92 22.93 -36.16
CA ILE I 190 -18.52 22.57 -36.02
C ILE I 190 -18.10 21.90 -37.33
N GLU I 191 -17.42 22.65 -38.18
CA GLU I 191 -16.87 22.14 -39.41
C GLU I 191 -15.49 21.56 -39.13
N LYS I 192 -14.77 21.15 -40.17
CA LYS I 192 -13.38 20.75 -40.00
C LYS I 192 -12.42 21.91 -40.16
N ASP I 193 -12.94 23.13 -40.32
CA ASP I 193 -12.10 24.32 -40.27
C ASP I 193 -12.71 25.51 -39.53
N LYS I 194 -14.02 25.51 -39.26
CA LYS I 194 -14.70 26.67 -38.71
C LYS I 194 -15.60 26.27 -37.56
N ILE I 195 -15.97 27.26 -36.77
CA ILE I 195 -17.07 27.16 -35.81
C ILE I 195 -18.06 28.24 -36.19
N THR I 196 -19.08 27.89 -36.96
CA THR I 196 -20.11 28.86 -37.32
C THR I 196 -21.04 29.00 -36.12
N THR I 197 -20.70 29.94 -35.24
CA THR I 197 -21.52 30.25 -34.08
C THR I 197 -22.56 31.28 -34.47
N ARG I 198 -23.83 30.99 -34.18
CA ARG I 198 -24.87 31.94 -34.53
C ARG I 198 -26.00 31.88 -33.51
N THR I 199 -26.73 32.97 -33.43
CA THR I 199 -27.96 33.04 -32.66
C THR I 199 -29.14 33.02 -33.61
N LEU I 200 -30.32 32.73 -33.07
CA LEU I 200 -31.52 32.75 -33.86
C LEU I 200 -32.60 33.51 -33.11
N LYS I 201 -33.14 34.53 -33.79
CA LYS I 201 -34.32 35.24 -33.36
C LYS I 201 -35.49 34.30 -33.37
N ALA I 202 -36.02 33.99 -32.20
CA ALA I 202 -37.08 33.02 -32.04
C ALA I 202 -38.38 33.71 -31.69
N ARG I 203 -39.42 32.90 -31.48
CA ARG I 203 -40.61 33.41 -30.83
C ARG I 203 -40.27 33.66 -29.39
N MET I 204 -39.89 34.90 -29.08
CA MET I 204 -39.39 35.27 -27.76
C MET I 204 -40.58 35.77 -26.96
N ASP I 205 -41.28 34.83 -26.34
CA ASP I 205 -42.51 35.12 -25.59
C ASP I 205 -42.74 34.06 -24.52
N MET J 1 -39.44 37.19 1.99
CA MET J 1 -40.46 38.03 1.40
C MET J 1 -39.97 39.46 1.29
N GLU J 2 -38.67 39.66 1.41
CA GLU J 2 -38.06 40.98 1.33
C GLU J 2 -37.83 41.35 -0.14
N TYR J 3 -37.02 42.38 -0.38
CA TYR J 3 -36.92 42.93 -1.72
C TYR J 3 -35.52 43.48 -1.96
N LEU J 4 -34.87 42.98 -3.01
CA LEU J 4 -33.56 43.45 -3.44
C LEU J 4 -33.65 43.84 -4.91
N ILE J 5 -33.01 44.93 -5.30
CA ILE J 5 -33.08 45.39 -6.67
C ILE J 5 -31.72 45.94 -7.07
N GLY J 6 -31.40 45.84 -8.34
CA GLY J 6 -30.17 46.39 -8.86
C GLY J 6 -30.31 46.72 -10.33
N ILE J 7 -29.59 47.75 -10.77
CA ILE J 7 -29.57 48.19 -12.15
C ILE J 7 -28.12 48.42 -12.54
N GLN J 8 -27.69 47.78 -13.62
CA GLN J 8 -26.34 47.96 -14.15
C GLN J 8 -26.31 49.14 -15.11
N GLY J 9 -25.54 50.16 -14.76
CA GLY J 9 -25.29 51.25 -15.67
C GLY J 9 -24.13 50.94 -16.61
N PRO J 10 -23.80 51.92 -17.45
CA PRO J 10 -22.63 51.73 -18.32
C PRO J 10 -21.32 51.71 -17.57
N ASP J 11 -21.17 52.54 -16.55
CA ASP J 11 -19.98 52.54 -15.71
C ASP J 11 -20.28 52.42 -14.23
N TYR J 12 -21.41 51.85 -13.85
CA TYR J 12 -21.82 51.71 -12.47
C TYR J 12 -22.85 50.60 -12.35
N VAL J 13 -23.20 50.29 -11.12
CA VAL J 13 -24.36 49.44 -10.82
C VAL J 13 -24.90 49.86 -9.46
N LEU J 14 -26.20 50.10 -9.39
CA LEU J 14 -26.80 50.57 -8.16
C LEU J 14 -27.72 49.51 -7.61
N VAL J 15 -27.67 49.31 -6.31
CA VAL J 15 -28.54 48.34 -5.66
C VAL J 15 -29.36 49.05 -4.60
N ALA J 16 -30.48 48.45 -4.27
CA ALA J 16 -31.33 48.98 -3.22
C ALA J 16 -32.04 47.83 -2.54
N SER J 17 -31.98 47.81 -1.22
CA SER J 17 -32.70 46.84 -0.42
C SER J 17 -33.93 47.48 0.19
N ASP J 18 -34.84 46.64 0.65
CA ASP J 18 -35.91 47.12 1.49
C ASP J 18 -35.45 47.15 2.93
N ARG J 19 -35.74 48.25 3.61
CA ARG J 19 -35.17 48.48 4.90
C ARG J 19 -36.19 48.12 5.97
N VAL J 20 -36.50 46.82 6.05
CA VAL J 20 -37.49 46.26 6.96
C VAL J 20 -36.99 44.90 7.44
N ALA J 21 -36.81 44.75 8.75
CA ALA J 21 -36.45 43.47 9.34
C ALA J 21 -37.71 42.88 9.97
N ALA J 22 -38.23 41.82 9.37
CA ALA J 22 -39.56 41.34 9.69
C ALA J 22 -39.54 40.35 10.85
N SER J 23 -40.73 39.86 11.17
CA SER J 23 -40.94 38.87 12.23
C SER J 23 -42.17 38.06 11.83
N ASN J 24 -42.79 37.41 12.82
CA ASN J 24 -43.99 36.62 12.58
C ASN J 24 -45.13 37.50 12.07
N ILE J 25 -45.47 38.54 12.82
CA ILE J 25 -46.62 39.37 12.50
C ILE J 25 -46.21 40.83 12.41
N VAL J 26 -45.13 41.19 13.11
CA VAL J 26 -44.71 42.56 13.24
C VAL J 26 -43.40 42.76 12.50
N GLN J 27 -42.93 43.99 12.46
CA GLN J 27 -41.61 44.30 11.95
C GLN J 27 -40.75 44.83 13.07
N MET J 28 -39.48 44.48 13.04
CA MET J 28 -38.50 44.93 14.01
C MET J 28 -37.92 46.28 13.57
N LYS J 29 -36.76 46.64 14.12
CA LYS J 29 -36.03 47.83 13.67
C LYS J 29 -35.82 47.79 12.16
N ASP J 30 -36.07 48.94 11.53
CA ASP J 30 -36.05 49.02 10.07
C ASP J 30 -34.67 48.76 9.48
N ASP J 31 -33.61 49.29 10.09
CA ASP J 31 -32.37 49.50 9.35
C ASP J 31 -31.64 48.22 8.97
N HIS J 32 -31.03 47.54 9.95
CA HIS J 32 -30.50 46.16 9.91
C HIS J 32 -29.65 45.82 8.66
N ASP J 33 -29.06 46.85 8.03
CA ASP J 33 -28.80 46.98 6.59
C ASP J 33 -28.33 45.69 5.90
N LYS J 34 -29.07 45.28 4.88
CA LYS J 34 -28.83 43.99 4.24
C LYS J 34 -27.59 44.00 3.35
N MET J 35 -27.20 45.15 2.84
CA MET J 35 -26.05 45.21 1.94
C MET J 35 -24.77 45.03 2.72
N PHE J 36 -24.07 43.93 2.48
CA PHE J 36 -22.85 43.60 3.21
C PHE J 36 -21.65 44.16 2.46
N LYS J 37 -20.89 45.01 3.14
CA LYS J 37 -19.67 45.60 2.63
C LYS J 37 -18.62 44.53 2.31
N MET J 38 -18.29 44.39 1.04
CA MET J 38 -17.17 43.58 0.61
C MET J 38 -15.95 44.50 0.53
N SER J 39 -14.88 44.07 -0.14
CA SER J 39 -13.55 44.66 -0.03
C SER J 39 -13.47 46.16 -0.32
N GLU J 40 -13.64 46.57 -1.57
CA GLU J 40 -13.75 48.00 -1.81
C GLU J 40 -14.82 48.30 -2.86
N LYS J 41 -15.02 47.37 -3.78
CA LYS J 41 -15.79 47.62 -4.99
C LYS J 41 -16.84 46.56 -5.24
N ILE J 42 -16.81 45.47 -4.49
CA ILE J 42 -17.83 44.43 -4.55
C ILE J 42 -18.83 44.74 -3.44
N LEU J 43 -20.08 44.34 -3.65
CA LEU J 43 -21.13 44.61 -2.67
C LEU J 43 -22.22 43.58 -2.94
N LEU J 44 -22.43 42.65 -2.03
CA LEU J 44 -23.47 41.64 -2.25
C LEU J 44 -24.64 41.89 -1.32
N LEU J 45 -25.76 41.30 -1.69
CA LEU J 45 -27.00 41.46 -0.95
C LEU J 45 -27.57 40.08 -0.70
N CYS J 46 -28.34 39.92 0.36
CA CYS J 46 -28.83 38.60 0.74
C CYS J 46 -30.19 38.69 1.42
N VAL J 47 -31.16 37.96 0.89
CA VAL J 47 -32.42 37.71 1.55
C VAL J 47 -32.69 36.21 1.54
N GLY J 48 -33.85 35.84 2.06
CA GLY J 48 -34.22 34.44 2.12
C GLY J 48 -34.57 34.00 3.52
N GLU J 49 -33.93 32.94 4.00
CA GLU J 49 -34.19 32.45 5.35
C GLU J 49 -33.60 33.42 6.36
N ALA J 50 -34.35 33.69 7.41
CA ALA J 50 -33.88 34.59 8.46
C ALA J 50 -32.92 33.82 9.36
N GLY J 51 -31.63 33.94 9.09
CA GLY J 51 -30.64 33.23 9.87
C GLY J 51 -29.53 32.66 9.03
N ASP J 52 -29.76 32.57 7.72
CA ASP J 52 -28.70 32.24 6.79
C ASP J 52 -28.19 33.44 6.03
N THR J 53 -28.94 34.54 6.02
CA THR J 53 -28.47 35.76 5.40
C THR J 53 -27.30 36.35 6.15
N VAL J 54 -27.42 36.47 7.47
CA VAL J 54 -26.39 37.06 8.30
C VAL J 54 -25.24 36.08 8.52
N GLN J 55 -25.44 34.81 8.19
CA GLN J 55 -24.45 33.79 8.43
C GLN J 55 -23.59 33.46 7.21
N PHE J 56 -24.19 33.09 6.09
CA PHE J 56 -23.47 32.70 4.90
C PHE J 56 -22.73 33.87 4.25
N ALA J 57 -23.44 34.95 3.97
CA ALA J 57 -22.85 36.06 3.24
C ALA J 57 -21.78 36.77 4.05
N GLU J 58 -21.88 36.75 5.37
CA GLU J 58 -20.79 37.24 6.20
C GLU J 58 -19.58 36.32 6.14
N TYR J 59 -19.80 35.01 5.98
CA TYR J 59 -18.68 34.09 5.82
C TYR J 59 -17.98 34.30 4.47
N ILE J 60 -18.76 34.60 3.43
CA ILE J 60 -18.18 34.99 2.14
C ILE J 60 -17.39 36.28 2.28
N GLN J 61 -17.92 37.21 3.10
CA GLN J 61 -17.21 38.46 3.39
C GLN J 61 -15.89 38.18 4.11
N LYS J 62 -15.87 37.14 4.95
CA LYS J 62 -14.63 36.75 5.61
C LYS J 62 -13.61 36.20 4.62
N ASN J 63 -14.05 35.34 3.70
CA ASN J 63 -13.07 34.74 2.79
C ASN J 63 -12.56 35.72 1.75
N VAL J 64 -13.42 36.55 1.18
CA VAL J 64 -12.96 37.52 0.19
C VAL J 64 -12.13 38.60 0.86
N GLN J 65 -12.53 39.03 2.06
CA GLN J 65 -11.76 39.99 2.82
C GLN J 65 -10.38 39.44 3.17
N LEU J 66 -10.32 38.14 3.46
CA LEU J 66 -9.05 37.47 3.69
C LEU J 66 -8.21 37.39 2.42
N TYR J 67 -8.85 37.25 1.27
CA TYR J 67 -8.09 37.19 0.02
C TYR J 67 -7.45 38.54 -0.29
N LYS J 68 -8.21 39.62 -0.10
CA LYS J 68 -7.65 40.95 -0.36
C LYS J 68 -6.55 41.28 0.63
N MET J 69 -6.82 41.13 1.93
CA MET J 69 -5.81 41.45 2.92
C MET J 69 -4.90 40.26 3.23
N ARG J 70 -4.82 39.31 2.31
CA ARG J 70 -3.76 38.32 2.27
C ARG J 70 -2.86 38.48 1.06
N ASN J 71 -3.39 38.82 -0.10
CA ASN J 71 -2.56 38.81 -1.30
C ASN J 71 -2.60 40.14 -2.04
N GLY J 72 -2.73 41.25 -1.31
CA GLY J 72 -2.61 42.54 -1.96
C GLY J 72 -3.90 43.00 -2.60
N TYR J 73 -4.02 42.72 -3.89
CA TYR J 73 -5.18 43.10 -4.69
C TYR J 73 -6.43 42.37 -4.23
N GLU J 74 -7.57 42.87 -4.68
CA GLU J 74 -8.87 42.30 -4.33
C GLU J 74 -9.34 41.39 -5.46
N LEU J 75 -10.47 40.73 -5.23
CA LEU J 75 -11.09 39.95 -6.28
C LEU J 75 -11.83 40.84 -7.26
N SER J 76 -11.83 40.40 -8.52
CA SER J 76 -12.83 40.88 -9.45
C SER J 76 -14.18 40.32 -9.02
N PRO J 77 -15.29 41.01 -9.34
CA PRO J 77 -16.60 40.48 -8.92
C PRO J 77 -17.01 39.20 -9.62
N THR J 78 -16.37 38.85 -10.74
CA THR J 78 -16.59 37.56 -11.37
C THR J 78 -16.11 36.42 -10.47
N ALA J 79 -14.89 36.53 -9.96
CA ALA J 79 -14.35 35.48 -9.12
C ALA J 79 -15.02 35.44 -7.76
N ALA J 80 -15.50 36.59 -7.27
CA ALA J 80 -16.24 36.58 -6.03
C ALA J 80 -17.61 35.94 -6.21
N ALA J 81 -18.24 36.20 -7.37
CA ALA J 81 -19.55 35.62 -7.64
C ALA J 81 -19.46 34.12 -7.85
N ASN J 82 -18.50 33.66 -8.64
CA ASN J 82 -18.29 32.23 -8.80
C ASN J 82 -17.77 31.57 -7.53
N PHE J 83 -17.09 32.33 -6.68
CA PHE J 83 -16.67 31.82 -5.38
C PHE J 83 -17.87 31.54 -4.50
N THR J 84 -18.76 32.51 -4.35
CA THR J 84 -19.91 32.28 -3.48
C THR J 84 -20.94 31.35 -4.12
N ARG J 85 -20.95 31.25 -5.44
CA ARG J 85 -21.77 30.23 -6.08
C ARG J 85 -21.22 28.84 -5.80
N ARG J 86 -19.88 28.71 -5.78
CA ARG J 86 -19.30 27.42 -5.44
C ARG J 86 -19.58 27.05 -4.00
N ASN J 87 -19.48 28.03 -3.11
CA ASN J 87 -19.61 27.74 -1.69
C ASN J 87 -21.07 27.44 -1.33
N LEU J 88 -22.01 28.18 -1.92
CA LEU J 88 -23.41 27.88 -1.67
C LEU J 88 -23.81 26.59 -2.38
N ALA J 89 -23.27 26.37 -3.57
CA ALA J 89 -23.65 25.21 -4.38
C ALA J 89 -23.14 23.90 -3.79
N ASP J 90 -22.02 23.94 -3.09
CA ASP J 90 -21.54 22.74 -2.41
C ASP J 90 -21.90 22.71 -0.94
N CYS J 91 -22.43 23.80 -0.38
CA CYS J 91 -23.15 23.72 0.89
C CYS J 91 -24.64 23.50 0.67
N LEU J 92 -25.06 23.21 -0.55
CA LEU J 92 -26.48 23.07 -0.86
C LEU J 92 -27.02 21.72 -0.41
N ARG J 93 -26.52 20.64 -0.99
CA ARG J 93 -27.17 19.35 -0.86
C ARG J 93 -26.63 18.52 0.29
N SER J 94 -25.62 18.98 0.99
CA SER J 94 -24.87 18.08 1.87
C SER J 94 -25.57 17.85 3.20
N ARG J 95 -25.63 18.86 4.04
CA ARG J 95 -26.28 18.68 5.34
C ARG J 95 -27.17 19.83 5.75
N THR J 96 -26.85 21.07 5.37
CA THR J 96 -27.62 22.24 5.77
C THR J 96 -27.76 23.18 4.59
N PRO J 97 -28.87 23.13 3.89
CA PRO J 97 -29.05 24.02 2.73
C PRO J 97 -29.20 25.46 3.15
N TYR J 98 -28.21 26.28 2.82
CA TYR J 98 -28.30 27.71 3.04
C TYR J 98 -29.33 28.27 2.09
N HIS J 99 -30.50 28.62 2.61
CA HIS J 99 -31.60 29.10 1.77
C HIS J 99 -31.49 30.62 1.67
N VAL J 100 -30.53 31.07 0.87
CA VAL J 100 -30.38 32.48 0.56
C VAL J 100 -30.25 32.64 -0.95
N ASN J 101 -30.74 33.76 -1.46
CA ASN J 101 -30.56 34.11 -2.86
C ASN J 101 -29.89 35.47 -2.93
N LEU J 102 -28.79 35.54 -3.68
CA LEU J 102 -27.86 36.65 -3.59
C LEU J 102 -27.96 37.52 -4.83
N LEU J 103 -27.80 38.82 -4.64
CA LEU J 103 -27.30 39.69 -5.68
C LEU J 103 -25.85 39.96 -5.38
N LEU J 104 -25.06 40.28 -6.41
CA LEU J 104 -23.68 40.66 -6.19
C LEU J 104 -23.35 41.77 -7.18
N ALA J 105 -23.50 43.00 -6.74
CA ALA J 105 -23.04 44.15 -7.49
C ALA J 105 -21.54 44.22 -7.38
N GLY J 106 -20.88 44.68 -8.44
CA GLY J 106 -19.45 44.85 -8.36
C GLY J 106 -18.96 45.43 -9.66
N TYR J 107 -17.69 45.81 -9.67
CA TYR J 107 -17.02 46.13 -10.92
C TYR J 107 -15.53 45.89 -10.73
N ASP J 108 -14.90 45.43 -11.79
CA ASP J 108 -13.45 45.46 -11.89
C ASP J 108 -13.05 46.77 -12.55
N GLU J 109 -11.78 47.14 -12.40
CA GLU J 109 -11.28 48.35 -13.03
C GLU J 109 -11.22 48.21 -14.54
N HIS J 110 -10.55 47.17 -15.05
CA HIS J 110 -10.32 47.04 -16.48
C HIS J 110 -11.39 46.19 -17.18
N GLU J 111 -12.59 46.11 -16.61
CA GLU J 111 -13.77 45.63 -17.32
C GLU J 111 -14.98 46.32 -16.74
N GLY J 112 -16.15 46.02 -17.29
CA GLY J 112 -17.34 46.78 -16.97
C GLY J 112 -17.91 46.44 -15.61
N PRO J 113 -18.95 47.16 -15.23
CA PRO J 113 -19.66 46.81 -14.00
C PRO J 113 -20.56 45.61 -14.22
N ALA J 114 -20.66 44.76 -13.20
CA ALA J 114 -21.37 43.51 -13.32
C ALA J 114 -22.30 43.34 -12.12
N LEU J 115 -23.49 42.83 -12.39
CA LEU J 115 -24.52 42.58 -11.39
C LEU J 115 -24.90 41.11 -11.48
N TYR J 116 -24.30 40.29 -10.64
CA TYR J 116 -24.57 38.86 -10.67
C TYR J 116 -25.80 38.52 -9.85
N TYR J 117 -26.42 37.40 -10.20
CA TYR J 117 -27.69 36.99 -9.67
C TYR J 117 -27.68 35.49 -9.43
N MET J 118 -28.30 35.06 -8.33
CA MET J 118 -28.45 33.63 -8.11
C MET J 118 -29.68 33.37 -7.25
N ASP J 119 -30.26 32.19 -7.45
CA ASP J 119 -31.40 31.76 -6.67
C ASP J 119 -30.92 31.11 -5.37
N TYR J 120 -31.81 30.41 -4.67
CA TYR J 120 -31.39 29.66 -3.51
C TYR J 120 -30.76 28.32 -3.86
N LEU J 121 -30.74 27.96 -5.15
CA LEU J 121 -30.07 26.75 -5.58
C LEU J 121 -28.65 27.03 -6.09
N ALA J 122 -28.22 28.29 -6.05
CA ALA J 122 -26.90 28.76 -6.49
C ALA J 122 -26.67 28.45 -7.96
N ALA J 123 -27.60 28.93 -8.78
CA ALA J 123 -27.44 28.95 -10.22
C ALA J 123 -27.18 30.39 -10.63
N LEU J 124 -26.00 30.66 -11.16
CA LEU J 124 -25.54 32.02 -11.34
C LEU J 124 -25.75 32.48 -12.78
N ALA J 125 -26.07 33.76 -12.94
CA ALA J 125 -26.24 34.36 -14.25
C ALA J 125 -26.03 35.86 -14.16
N LYS J 126 -25.35 36.42 -15.15
CA LYS J 126 -25.26 37.87 -15.27
C LYS J 126 -26.62 38.44 -15.62
N ALA J 127 -26.80 39.72 -15.30
CA ALA J 127 -28.06 40.38 -15.62
C ALA J 127 -27.83 41.87 -15.68
N PRO J 128 -28.43 42.58 -16.64
CA PRO J 128 -28.38 44.05 -16.59
C PRO J 128 -29.23 44.62 -15.49
N PHE J 129 -30.21 43.87 -14.99
CA PHE J 129 -31.01 44.26 -13.85
C PHE J 129 -31.66 43.00 -13.28
N ALA J 130 -31.68 42.90 -11.97
CA ALA J 130 -32.23 41.72 -11.32
C ALA J 130 -33.02 42.14 -10.10
N ALA J 131 -33.84 41.21 -9.62
CA ALA J 131 -34.70 41.50 -8.49
C ALA J 131 -34.83 40.25 -7.64
N HIS J 132 -35.53 40.37 -6.52
CA HIS J 132 -35.65 39.29 -5.55
C HIS J 132 -36.94 39.41 -4.76
N GLY J 133 -37.29 38.31 -4.10
CA GLY J 133 -38.43 38.30 -3.23
C GLY J 133 -39.74 38.27 -3.99
N TYR J 134 -40.82 38.45 -3.24
CA TYR J 134 -42.13 38.53 -3.86
C TYR J 134 -42.30 39.86 -4.59
N GLY J 135 -41.66 40.92 -4.09
CA GLY J 135 -41.71 42.21 -4.76
C GLY J 135 -41.05 42.22 -6.11
N ALA J 136 -40.25 41.19 -6.44
CA ALA J 136 -39.70 41.03 -7.77
C ALA J 136 -40.79 40.80 -8.81
N PHE J 137 -41.92 40.23 -8.42
CA PHE J 137 -42.88 39.79 -9.41
C PHE J 137 -43.63 40.93 -10.06
N LEU J 138 -43.76 42.08 -9.41
CA LEU J 138 -44.49 43.17 -10.02
C LEU J 138 -43.61 44.31 -10.50
N THR J 139 -42.43 44.49 -9.93
CA THR J 139 -41.62 45.65 -10.26
C THR J 139 -40.69 45.41 -11.44
N LEU J 140 -40.57 44.18 -11.92
CA LEU J 140 -39.55 43.87 -12.91
C LEU J 140 -39.94 44.33 -14.31
N SER J 141 -41.22 44.54 -14.57
CA SER J 141 -41.60 45.05 -15.89
C SER J 141 -41.32 46.54 -16.03
N ILE J 142 -41.25 47.28 -14.93
CA ILE J 142 -40.90 48.69 -15.06
C ILE J 142 -39.44 48.84 -15.42
N LEU J 143 -38.61 47.92 -14.94
CA LEU J 143 -37.26 47.83 -15.48
C LEU J 143 -37.22 47.11 -16.82
N ASP J 144 -38.34 46.62 -17.33
CA ASP J 144 -38.38 46.16 -18.71
C ASP J 144 -38.77 47.28 -19.66
N ARG J 145 -39.67 48.16 -19.22
CA ARG J 145 -40.21 49.18 -20.10
C ARG J 145 -39.21 50.31 -20.32
N TYR J 146 -38.53 50.74 -19.26
CA TYR J 146 -37.78 51.98 -19.31
C TYR J 146 -36.28 51.82 -19.38
N TYR J 147 -35.75 50.65 -19.09
CA TYR J 147 -34.30 50.48 -19.01
C TYR J 147 -33.71 50.39 -20.41
N THR J 148 -33.04 51.45 -20.82
CA THR J 148 -32.14 51.39 -21.96
C THR J 148 -30.86 50.68 -21.52
N PRO J 149 -30.11 50.09 -22.47
CA PRO J 149 -28.80 49.53 -22.11
C PRO J 149 -27.78 50.58 -21.74
N THR J 150 -27.98 51.83 -22.14
CA THR J 150 -27.15 52.95 -21.70
C THR J 150 -28.05 53.98 -21.05
N ILE J 151 -27.81 54.25 -19.77
CA ILE J 151 -28.68 55.12 -18.99
C ILE J 151 -27.81 55.95 -18.06
N SER J 152 -28.18 57.23 -17.90
CA SER J 152 -27.43 58.08 -16.99
C SER J 152 -27.77 57.73 -15.54
N ARG J 153 -27.05 58.36 -14.61
CA ARG J 153 -27.16 57.97 -13.21
C ARG J 153 -28.45 58.46 -12.59
N GLU J 154 -28.77 59.75 -12.78
CA GLU J 154 -29.97 60.31 -12.16
C GLU J 154 -31.24 59.78 -12.81
N ARG J 155 -31.19 59.41 -14.09
CA ARG J 155 -32.31 58.76 -14.74
C ARG J 155 -32.54 57.38 -14.15
N ALA J 156 -31.46 56.68 -13.82
CA ALA J 156 -31.61 55.38 -13.18
C ALA J 156 -32.11 55.50 -11.75
N VAL J 157 -31.76 56.59 -11.07
CA VAL J 157 -32.25 56.78 -9.71
C VAL J 157 -33.73 57.09 -9.72
N GLU J 158 -34.18 57.97 -10.63
CA GLU J 158 -35.61 58.27 -10.66
C GLU J 158 -36.42 57.13 -11.24
N LEU J 159 -35.81 56.32 -12.12
CA LEU J 159 -36.41 55.05 -12.52
C LEU J 159 -36.56 54.12 -11.32
N LEU J 160 -35.55 54.10 -10.46
CA LEU J 160 -35.62 53.28 -9.26
C LEU J 160 -36.67 53.81 -8.30
N ARG J 161 -36.94 55.13 -8.33
CA ARG J 161 -38.04 55.67 -7.57
C ARG J 161 -39.39 55.33 -8.18
N LYS J 162 -39.46 55.16 -9.50
CA LYS J 162 -40.67 54.64 -10.12
C LYS J 162 -40.95 53.21 -9.65
N CYS J 163 -39.90 52.38 -9.61
CA CYS J 163 -40.05 51.00 -9.16
C CYS J 163 -40.46 50.93 -7.70
N LEU J 164 -39.88 51.78 -6.86
CA LEU J 164 -40.26 51.76 -5.46
C LEU J 164 -41.61 52.39 -5.18
N GLU J 165 -42.07 53.33 -6.00
CA GLU J 165 -43.40 53.85 -5.73
C GLU J 165 -44.47 52.90 -6.23
N GLU J 166 -44.18 52.12 -7.27
CA GLU J 166 -45.08 51.06 -7.66
C GLU J 166 -45.12 49.96 -6.61
N LEU J 167 -43.95 49.60 -6.09
CA LEU J 167 -43.85 48.61 -5.02
C LEU J 167 -44.51 49.11 -3.75
N GLN J 168 -44.54 50.43 -3.57
CA GLN J 168 -45.28 51.02 -2.46
C GLN J 168 -46.78 50.94 -2.70
N LYS J 169 -47.21 51.00 -3.95
CA LYS J 169 -48.64 51.12 -4.23
C LYS J 169 -49.36 49.78 -4.25
N ARG J 170 -48.80 48.78 -4.94
CA ARG J 170 -49.52 47.53 -5.13
C ARG J 170 -49.11 46.43 -4.18
N PHE J 171 -47.85 46.34 -3.82
CA PHE J 171 -47.37 45.19 -3.06
C PHE J 171 -47.82 45.29 -1.61
N ILE J 172 -48.34 44.18 -1.08
CA ILE J 172 -49.11 44.24 0.16
C ILE J 172 -48.27 44.41 1.42
N LEU J 173 -46.95 44.33 1.35
CA LEU J 173 -46.15 44.46 2.55
C LEU J 173 -45.73 45.91 2.76
N ASN J 174 -45.67 46.30 4.02
CA ASN J 174 -45.28 47.65 4.40
C ASN J 174 -43.77 47.77 4.26
N LEU J 175 -43.31 48.27 3.11
CA LEU J 175 -41.88 48.51 2.88
C LEU J 175 -41.71 50.01 2.65
N PRO J 176 -41.58 50.79 3.71
CA PRO J 176 -41.64 52.25 3.55
C PRO J 176 -40.32 52.90 3.18
N THR J 177 -39.19 52.29 3.57
CA THR J 177 -37.89 52.86 3.31
C THR J 177 -37.02 51.85 2.60
N PHE J 178 -36.12 52.37 1.75
CA PHE J 178 -35.27 51.54 0.92
C PHE J 178 -33.87 52.11 0.94
N SER J 179 -32.89 51.25 1.11
CA SER J 179 -31.49 51.65 1.20
C SER J 179 -30.85 51.53 -0.18
N VAL J 180 -30.27 52.62 -0.66
CA VAL J 180 -29.76 52.71 -2.03
C VAL J 180 -28.27 52.97 -1.97
N ARG J 181 -27.50 52.18 -2.73
CA ARG J 181 -26.07 52.42 -2.90
C ARG J 181 -25.70 52.29 -4.36
N VAL J 182 -25.12 53.35 -4.90
CA VAL J 182 -24.51 53.32 -6.23
C VAL J 182 -23.03 53.01 -6.03
N ILE J 183 -22.53 52.00 -6.71
CA ILE J 183 -21.10 51.74 -6.73
C ILE J 183 -20.59 52.00 -8.13
N ASP J 184 -19.43 52.64 -8.21
CA ASP J 184 -18.84 53.06 -9.47
C ASP J 184 -17.36 53.30 -9.22
N LYS J 185 -16.66 53.79 -10.24
CA LYS J 185 -15.21 53.77 -10.38
C LYS J 185 -14.46 54.60 -9.33
N ASP J 186 -15.14 55.22 -8.36
CA ASP J 186 -14.50 55.84 -7.21
C ASP J 186 -14.72 55.08 -5.92
N GLY J 187 -15.39 53.94 -5.96
CA GLY J 187 -15.65 53.17 -4.76
C GLY J 187 -17.13 53.14 -4.46
N ILE J 188 -17.47 52.48 -3.35
CA ILE J 188 -18.87 52.35 -2.95
C ILE J 188 -19.37 53.68 -2.41
N HIS J 189 -20.28 54.28 -3.17
CA HIS J 189 -20.88 55.55 -2.81
C HIS J 189 -22.35 55.26 -2.64
N ASN J 190 -22.93 55.74 -1.54
CA ASN J 190 -24.34 55.48 -1.29
C ASN J 190 -25.21 56.71 -1.31
N LEU J 191 -26.26 56.66 -2.10
CA LEU J 191 -27.22 57.76 -2.21
C LEU J 191 -28.12 57.78 -0.99
N GLU J 192 -28.76 58.91 -0.75
CA GLU J 192 -29.65 59.02 0.40
C GLU J 192 -30.79 58.02 0.29
N ASN J 193 -31.15 57.41 1.42
CA ASN J 193 -32.21 56.41 1.44
C ASN J 193 -33.54 56.97 1.01
N ILE J 194 -34.29 56.18 0.26
CA ILE J 194 -35.59 56.58 -0.23
C ILE J 194 -36.66 56.27 0.80
N ALA J 195 -37.51 57.24 1.10
CA ALA J 195 -38.57 57.01 2.07
C ALA J 195 -39.91 57.51 1.51
N PHE J 196 -40.97 57.23 2.25
CA PHE J 196 -42.30 57.66 1.83
C PHE J 196 -43.11 58.16 3.02
N THR K 1 -44.92 34.17 28.75
CA THR K 1 -43.76 35.08 28.74
C THR K 1 -43.99 36.28 27.87
N THR K 2 -43.74 37.47 28.41
CA THR K 2 -43.71 38.69 27.65
C THR K 2 -42.59 39.56 28.18
N THR K 3 -41.46 39.55 27.50
CA THR K 3 -40.38 40.44 27.89
C THR K 3 -40.53 41.74 27.13
N LEU K 4 -39.63 42.69 27.40
CA LEU K 4 -39.66 44.03 26.84
C LEU K 4 -38.35 44.70 27.18
N ALA K 5 -37.85 45.53 26.25
CA ALA K 5 -36.64 46.29 26.50
C ALA K 5 -36.62 47.49 25.59
N PHE K 6 -36.16 48.62 26.10
CA PHE K 6 -35.99 49.80 25.26
C PHE K 6 -34.91 50.68 25.83
N LYS K 7 -34.07 51.21 24.95
CA LYS K 7 -33.00 52.12 25.31
C LYS K 7 -33.45 53.55 25.10
N PHE K 8 -32.78 54.46 25.81
CA PHE K 8 -33.01 55.89 25.70
C PHE K 8 -31.74 56.58 26.20
N ARG K 9 -31.84 57.87 26.51
CA ARG K 9 -30.71 58.68 26.96
C ARG K 9 -30.10 58.22 28.29
N HIS K 10 -30.75 57.36 29.06
CA HIS K 10 -30.16 56.84 30.30
C HIS K 10 -30.27 55.33 30.28
N GLY K 11 -29.31 54.67 29.64
CA GLY K 11 -29.26 53.21 29.66
C GLY K 11 -30.41 52.58 28.90
N VAL K 12 -30.92 51.47 29.43
CA VAL K 12 -32.00 50.72 28.82
C VAL K 12 -32.80 49.99 29.90
N ILE K 13 -34.12 50.09 29.82
CA ILE K 13 -35.02 49.28 30.64
C ILE K 13 -35.19 47.90 30.03
N VAL K 14 -35.06 46.88 30.85
CA VAL K 14 -35.45 45.51 30.53
C VAL K 14 -36.48 45.07 31.55
N ALA K 15 -37.68 44.78 31.10
CA ALA K 15 -38.75 44.31 31.97
C ALA K 15 -39.29 43.00 31.42
N ALA K 16 -39.86 42.19 32.32
CA ALA K 16 -40.42 40.91 31.93
C ALA K 16 -41.47 40.51 32.94
N ASP K 17 -42.29 39.55 32.57
CA ASP K 17 -43.31 39.01 33.46
C ASP K 17 -42.71 37.85 34.27
N SER K 18 -43.54 37.04 34.93
CA SER K 18 -42.99 36.00 35.78
C SER K 18 -43.74 34.67 35.74
N ARG K 19 -44.57 34.41 34.73
CA ARG K 19 -45.27 33.13 34.65
C ARG K 19 -44.58 32.22 33.65
N ALA K 20 -44.78 30.92 33.85
CA ALA K 20 -44.13 29.89 33.03
C ALA K 20 -45.14 28.77 32.81
N THR K 21 -45.73 28.74 31.63
CA THR K 21 -46.80 27.79 31.34
C THR K 21 -46.24 26.40 31.09
N ALA K 22 -47.15 25.44 30.95
CA ALA K 22 -46.87 24.10 30.49
C ALA K 22 -47.94 23.68 29.48
N GLY K 23 -48.14 24.54 28.49
CA GLY K 23 -49.23 24.37 27.55
C GLY K 23 -50.49 25.07 27.98
N ALA K 24 -51.16 24.56 29.01
CA ALA K 24 -52.30 25.26 29.56
C ALA K 24 -52.25 25.36 31.07
N TYR K 25 -51.83 24.31 31.75
CA TYR K 25 -51.49 24.39 33.17
C TYR K 25 -50.21 25.20 33.33
N ILE K 26 -50.16 26.00 34.38
CA ILE K 26 -49.05 26.92 34.57
C ILE K 26 -48.26 26.51 35.80
N ALA K 27 -46.93 26.60 35.69
CA ALA K 27 -46.06 26.05 36.71
C ALA K 27 -45.80 27.02 37.84
N SER K 28 -45.25 28.19 37.53
CA SER K 28 -44.84 29.12 38.56
C SER K 28 -45.37 30.51 38.27
N GLN K 29 -45.64 31.24 39.35
CA GLN K 29 -46.02 32.64 39.27
C GLN K 29 -44.84 33.57 39.53
N THR K 30 -43.66 33.03 39.79
CA THR K 30 -42.47 33.84 40.06
C THR K 30 -41.26 33.15 39.44
N VAL K 31 -40.93 33.58 38.23
CA VAL K 31 -39.82 33.03 37.46
C VAL K 31 -38.86 34.16 37.15
N LYS K 32 -37.59 33.97 37.48
CA LYS K 32 -36.57 34.96 37.15
C LYS K 32 -36.26 34.85 35.67
N LYS K 33 -37.02 35.58 34.84
CA LYS K 33 -36.83 35.53 33.39
C LYS K 33 -35.89 36.62 32.88
N VAL K 34 -34.96 37.07 33.71
CA VAL K 34 -33.86 37.93 33.28
C VAL K 34 -32.58 37.36 33.86
N ILE K 35 -31.66 36.94 32.99
CA ILE K 35 -30.41 36.33 33.42
C ILE K 35 -29.36 37.41 33.55
N GLU K 36 -28.68 37.45 34.69
CA GLU K 36 -27.69 38.47 34.99
C GLU K 36 -26.32 37.85 34.76
N ILE K 37 -25.83 37.98 33.52
CA ILE K 37 -24.64 37.24 33.13
C ILE K 37 -23.38 37.86 33.75
N ASN K 38 -23.42 39.15 34.06
CA ASN K 38 -22.36 39.84 34.80
C ASN K 38 -22.96 41.12 35.34
N PRO K 39 -22.29 41.82 36.26
CA PRO K 39 -22.82 43.13 36.67
C PRO K 39 -22.56 44.25 35.68
N TYR K 40 -22.70 43.99 34.38
CA TYR K 40 -22.73 45.01 33.33
C TYR K 40 -23.74 44.72 32.23
N LEU K 41 -24.14 43.48 32.02
CA LEU K 41 -25.08 43.11 30.97
C LEU K 41 -26.25 42.35 31.58
N LEU K 42 -27.19 41.97 30.72
CA LEU K 42 -28.28 41.10 31.12
C LEU K 42 -28.58 40.16 29.98
N GLY K 43 -29.74 39.51 30.07
CA GLY K 43 -30.19 38.61 29.04
C GLY K 43 -31.53 38.03 29.42
N THR K 44 -32.46 37.99 28.49
CA THR K 44 -33.81 37.55 28.78
C THR K 44 -34.05 36.15 28.24
N MET K 45 -35.28 35.68 28.37
CA MET K 45 -35.69 34.34 27.97
C MET K 45 -37.12 34.42 27.46
N ALA K 46 -37.41 33.74 26.35
CA ALA K 46 -38.74 33.86 25.75
C ALA K 46 -39.27 32.54 25.22
N GLY K 47 -39.13 31.47 25.98
CA GLY K 47 -39.77 30.23 25.58
C GLY K 47 -38.82 29.05 25.47
N GLY K 48 -39.32 27.85 25.72
CA GLY K 48 -38.45 26.70 25.81
C GLY K 48 -37.61 26.81 27.07
N ALA K 49 -38.24 26.66 28.24
CA ALA K 49 -37.71 27.06 29.53
C ALA K 49 -36.38 26.43 29.90
N ALA K 50 -36.02 25.29 29.33
CA ALA K 50 -34.68 24.76 29.53
C ALA K 50 -33.72 25.15 28.44
N ASP K 51 -34.22 25.39 27.23
CA ASP K 51 -33.39 25.85 26.14
C ASP K 51 -32.82 27.22 26.46
N CYS K 52 -33.69 28.21 26.70
CA CYS K 52 -33.24 29.56 26.97
C CYS K 52 -32.42 29.65 28.25
N SER K 53 -32.79 28.90 29.28
CA SER K 53 -32.01 28.92 30.52
C SER K 53 -30.64 28.30 30.33
N PHE K 54 -30.55 27.25 29.51
CA PHE K 54 -29.26 26.64 29.25
C PHE K 54 -28.39 27.54 28.40
N TRP K 55 -28.96 28.21 27.40
CA TRP K 55 -28.10 28.94 26.49
C TRP K 55 -27.71 30.32 27.01
N GLU K 56 -28.52 30.97 27.86
CA GLU K 56 -27.93 32.12 28.54
C GLU K 56 -27.07 31.74 29.73
N ARG K 57 -27.27 30.56 30.30
CA ARG K 57 -26.31 30.03 31.27
C ARG K 57 -24.96 29.81 30.60
N LEU K 58 -24.96 29.17 29.44
CA LEU K 58 -23.74 28.89 28.71
C LEU K 58 -23.14 30.16 28.12
N LEU K 59 -24.00 31.13 27.77
CA LEU K 59 -23.50 32.44 27.36
C LEU K 59 -22.79 33.12 28.52
N ALA K 60 -23.29 32.93 29.74
CA ALA K 60 -22.60 33.50 30.89
C ALA K 60 -21.24 32.83 31.09
N ARG K 61 -21.14 31.53 30.80
CA ARG K 61 -19.84 30.88 30.87
C ARG K 61 -18.88 31.42 29.82
N GLN K 62 -19.32 31.51 28.57
CA GLN K 62 -18.45 31.97 27.48
C GLN K 62 -18.03 33.42 27.65
N CYS K 63 -18.94 34.28 28.11
CA CYS K 63 -18.57 35.67 28.29
C CYS K 63 -17.64 35.83 29.47
N ARG K 64 -17.78 34.99 30.51
CA ARG K 64 -16.83 35.07 31.61
C ARG K 64 -15.45 34.58 31.18
N ILE K 65 -15.40 33.59 30.29
CA ILE K 65 -14.13 33.16 29.71
C ILE K 65 -13.51 34.27 28.87
N TYR K 66 -14.35 35.07 28.20
CA TYR K 66 -13.82 36.22 27.47
C TYR K 66 -13.28 37.28 28.43
N GLU K 67 -13.95 37.46 29.58
CA GLU K 67 -13.48 38.41 30.60
C GLU K 67 -12.13 38.01 31.15
N LEU K 68 -11.93 36.71 31.39
CA LEU K 68 -10.65 36.26 31.90
C LEU K 68 -9.59 36.29 30.82
N ARG K 69 -9.98 35.97 29.58
CA ARG K 69 -9.00 35.69 28.55
C ARG K 69 -8.45 36.97 27.94
N ASN K 70 -9.30 37.99 27.77
CA ASN K 70 -8.82 39.22 27.14
C ASN K 70 -8.93 40.43 28.05
N LYS K 71 -9.06 40.20 29.37
CA LYS K 71 -9.01 41.16 30.48
C LYS K 71 -9.79 42.46 30.26
N GLU K 72 -10.86 42.37 29.48
CA GLU K 72 -11.72 43.50 29.17
C GLU K 72 -13.15 43.07 29.41
N ARG K 73 -14.03 44.04 29.64
CA ARG K 73 -15.45 43.78 29.56
C ARG K 73 -15.81 43.36 28.14
N ILE K 74 -16.71 42.39 28.03
CA ILE K 74 -17.11 41.91 26.72
C ILE K 74 -18.02 42.93 26.06
N SER K 75 -17.81 43.16 24.76
CA SER K 75 -18.77 43.96 24.01
C SER K 75 -20.04 43.16 23.83
N VAL K 76 -21.16 43.87 23.78
CA VAL K 76 -22.46 43.23 23.73
C VAL K 76 -22.69 42.56 22.37
N ALA K 77 -22.09 43.11 21.30
CA ALA K 77 -22.19 42.51 19.99
C ALA K 77 -21.45 41.19 19.91
N ALA K 78 -20.40 41.04 20.72
CA ALA K 78 -19.70 39.76 20.78
C ALA K 78 -20.56 38.68 21.40
N ALA K 79 -21.23 39.01 22.52
CA ALA K 79 -22.05 38.04 23.23
C ALA K 79 -23.25 37.62 22.39
N SER K 80 -23.91 38.61 21.77
CA SER K 80 -25.03 38.29 20.89
C SER K 80 -24.58 37.51 19.67
N LYS K 81 -23.38 37.82 19.17
CA LYS K 81 -22.88 37.15 17.98
C LYS K 81 -22.57 35.68 18.27
N LEU K 82 -21.88 35.40 19.38
CA LEU K 82 -21.51 34.02 19.66
C LEU K 82 -22.73 33.20 20.09
N LEU K 83 -23.70 33.84 20.75
CA LEU K 83 -24.97 33.18 20.99
C LEU K 83 -25.64 32.78 19.68
N ALA K 84 -25.66 33.71 18.71
CA ALA K 84 -26.23 33.41 17.41
C ALA K 84 -25.42 32.34 16.66
N ASN K 85 -24.13 32.22 16.95
CA ASN K 85 -23.35 31.16 16.33
C ASN K 85 -23.75 29.80 16.87
N MET K 86 -23.81 29.66 18.20
CA MET K 86 -24.09 28.32 18.75
C MET K 86 -25.55 27.90 18.54
N VAL K 87 -26.50 28.78 18.80
CA VAL K 87 -27.88 28.39 18.54
C VAL K 87 -28.20 28.43 17.06
N TYR K 88 -27.34 29.05 16.24
CA TYR K 88 -27.44 28.82 14.81
C TYR K 88 -27.03 27.40 14.47
N GLN K 89 -25.93 26.93 15.03
CA GLN K 89 -25.52 25.58 14.65
C GLN K 89 -26.28 24.50 15.40
N TYR K 90 -27.32 24.85 16.16
CA TYR K 90 -28.40 23.92 16.46
C TYR K 90 -29.73 24.30 15.80
N LYS K 91 -29.71 24.87 14.59
CA LYS K 91 -30.96 25.24 13.93
C LYS K 91 -31.61 24.02 13.31
N GLY K 92 -32.94 23.95 13.44
CA GLY K 92 -33.72 22.87 12.87
C GLY K 92 -33.92 21.70 13.80
N MET K 93 -33.27 21.71 14.96
CA MET K 93 -33.34 20.62 15.92
C MET K 93 -34.46 20.81 16.93
N GLY K 94 -35.50 21.55 16.59
CA GLY K 94 -36.56 21.84 17.52
C GLY K 94 -36.22 22.85 18.59
N LEU K 95 -35.08 23.52 18.46
CA LEU K 95 -34.67 24.52 19.44
C LEU K 95 -35.50 25.78 19.24
N SER K 96 -35.99 26.35 20.34
CA SER K 96 -36.86 27.51 20.27
C SER K 96 -36.55 28.43 21.44
N MET K 97 -36.00 29.61 21.16
CA MET K 97 -35.71 30.58 22.20
C MET K 97 -35.84 31.97 21.59
N GLY K 98 -35.32 32.97 22.28
CA GLY K 98 -35.37 34.34 21.83
C GLY K 98 -35.05 35.24 23.01
N THR K 99 -34.26 36.29 22.79
CA THR K 99 -33.78 37.06 23.92
C THR K 99 -33.34 38.45 23.51
N MET K 100 -33.32 39.32 24.50
CA MET K 100 -32.49 40.51 24.48
C MET K 100 -31.12 40.14 25.00
N ILE K 101 -30.11 40.80 24.47
CA ILE K 101 -28.81 40.89 25.10
C ILE K 101 -28.57 42.39 25.25
N CYS K 102 -28.95 42.94 26.39
CA CYS K 102 -28.76 44.37 26.59
C CYS K 102 -27.44 44.59 27.30
N GLY K 103 -27.24 45.79 27.82
CA GLY K 103 -26.08 46.05 28.65
C GLY K 103 -25.18 47.11 28.07
N TRP K 104 -24.68 47.98 28.93
CA TRP K 104 -23.79 49.04 28.47
C TRP K 104 -22.43 48.47 28.13
N ASP K 105 -21.84 48.97 27.04
CA ASP K 105 -20.46 48.66 26.70
C ASP K 105 -19.77 49.96 26.30
N LYS K 106 -18.59 49.85 25.72
CA LYS K 106 -17.77 51.03 25.41
C LYS K 106 -18.25 51.78 24.17
N ARG K 107 -19.40 51.44 23.60
CA ARG K 107 -19.88 52.16 22.42
C ARG K 107 -21.33 52.63 22.59
N GLY K 108 -22.15 51.86 23.30
CA GLY K 108 -23.57 52.13 23.30
C GLY K 108 -24.37 51.41 24.38
N PRO K 109 -25.68 51.64 24.40
CA PRO K 109 -26.54 50.88 25.31
C PRO K 109 -26.73 49.43 24.90
N GLY K 110 -26.42 49.05 23.68
CA GLY K 110 -26.45 47.63 23.30
C GLY K 110 -27.81 47.23 22.72
N LEU K 111 -28.50 46.32 23.43
CA LEU K 111 -29.84 45.83 23.07
C LEU K 111 -29.84 45.15 21.69
N TYR K 112 -29.22 43.98 21.65
CA TYR K 112 -29.38 43.09 20.52
C TYR K 112 -30.44 42.05 20.82
N TYR K 113 -30.99 41.47 19.76
CA TYR K 113 -32.09 40.50 19.82
C TYR K 113 -31.68 39.24 19.10
N VAL K 114 -31.55 38.13 19.83
CA VAL K 114 -31.05 36.89 19.25
C VAL K 114 -32.09 35.79 19.51
N ASP K 115 -32.48 35.10 18.45
CA ASP K 115 -33.46 34.03 18.64
C ASP K 115 -33.01 32.69 18.06
N SER K 116 -33.94 31.75 17.99
CA SER K 116 -33.61 30.39 17.57
C SER K 116 -33.25 30.31 16.10
N GLU K 117 -33.92 31.09 15.26
CA GLU K 117 -33.59 31.13 13.84
C GLU K 117 -32.28 31.85 13.57
N GLY K 118 -31.79 32.64 14.52
CA GLY K 118 -30.54 33.34 14.36
C GLY K 118 -30.70 34.66 13.64
N ASN K 119 -31.60 35.51 14.13
CA ASN K 119 -31.76 36.82 13.52
C ASN K 119 -30.59 37.71 13.84
N ARG K 120 -30.33 37.96 15.13
CA ARG K 120 -29.18 38.71 15.65
C ARG K 120 -29.15 40.11 15.06
N ILE K 121 -30.13 40.90 15.49
CA ILE K 121 -30.28 42.26 15.01
C ILE K 121 -30.06 43.24 16.15
N SER K 122 -29.61 44.43 15.79
CA SER K 122 -29.61 45.53 16.74
C SER K 122 -31.02 46.07 16.89
N GLY K 123 -31.19 47.07 17.73
CA GLY K 123 -32.52 47.62 17.91
C GLY K 123 -32.51 48.88 18.73
N ALA K 124 -33.61 49.61 18.64
CA ALA K 124 -33.92 50.68 19.58
C ALA K 124 -34.84 50.18 20.68
N THR K 125 -35.80 49.33 20.33
CA THR K 125 -36.68 48.74 21.31
C THR K 125 -37.17 47.39 20.81
N PHE K 126 -37.45 46.49 21.74
CA PHE K 126 -38.04 45.20 21.40
C PHE K 126 -38.95 44.74 22.52
N SER K 127 -39.73 43.71 22.21
CA SER K 127 -40.47 42.98 23.23
C SER K 127 -40.75 41.61 22.64
N VAL K 128 -39.99 40.62 23.05
CA VAL K 128 -40.21 39.26 22.55
C VAL K 128 -40.95 38.48 23.62
N GLY K 129 -41.79 37.55 23.18
CA GLY K 129 -42.53 36.71 24.09
C GLY K 129 -43.66 36.03 23.35
N SER K 130 -44.54 35.41 24.13
CA SER K 130 -45.64 34.67 23.52
C SER K 130 -46.66 35.60 22.90
N GLY K 131 -47.35 36.38 23.72
CA GLY K 131 -48.21 37.39 23.13
C GLY K 131 -47.39 38.54 22.60
N SER K 132 -46.92 39.40 23.49
CA SER K 132 -45.80 40.32 23.31
C SER K 132 -45.98 41.43 22.27
N VAL K 133 -46.90 41.27 21.34
CA VAL K 133 -47.09 42.30 20.33
C VAL K 133 -48.00 43.38 20.88
N TYR K 134 -48.84 42.99 21.85
CA TYR K 134 -49.55 43.94 22.71
C TYR K 134 -48.56 44.92 23.31
N ALA K 135 -47.45 44.39 23.83
CA ALA K 135 -46.41 45.22 24.42
C ALA K 135 -45.86 46.20 23.40
N TYR K 136 -45.60 45.72 22.16
CA TYR K 136 -45.15 46.56 21.06
C TYR K 136 -46.04 47.78 20.88
N GLY K 137 -47.35 47.54 20.80
CA GLY K 137 -48.31 48.60 20.60
C GLY K 137 -48.23 49.66 21.68
N VAL K 138 -48.36 49.22 22.93
CA VAL K 138 -48.47 50.23 23.99
C VAL K 138 -47.13 50.88 24.24
N MET K 139 -46.03 50.13 24.06
CA MET K 139 -44.71 50.70 24.26
C MET K 139 -44.39 51.70 23.17
N ASP K 140 -44.79 51.40 21.95
CA ASP K 140 -44.44 52.30 20.87
C ASP K 140 -45.41 53.47 20.80
N ARG K 141 -46.44 53.50 21.65
CA ARG K 141 -47.20 54.74 21.71
C ARG K 141 -46.59 55.75 22.67
N GLY K 142 -45.96 55.29 23.75
CA GLY K 142 -45.42 56.20 24.73
C GLY K 142 -43.91 56.31 24.74
N TYR K 143 -43.25 55.72 23.75
CA TYR K 143 -41.79 55.74 23.68
C TYR K 143 -41.30 56.99 22.97
N SER K 144 -40.27 57.59 23.55
CA SER K 144 -39.46 58.59 22.87
C SER K 144 -38.06 58.47 23.42
N TYR K 145 -37.08 58.95 22.65
CA TYR K 145 -35.71 58.88 23.12
C TYR K 145 -35.46 59.91 24.21
N ASP K 146 -36.25 60.98 24.23
CA ASP K 146 -36.07 62.06 25.20
C ASP K 146 -36.94 61.86 26.43
N LEU K 147 -36.88 60.68 27.03
CA LEU K 147 -37.57 60.40 28.28
C LEU K 147 -36.59 60.51 29.44
N GLU K 148 -37.12 60.86 30.61
CA GLU K 148 -36.33 60.73 31.82
C GLU K 148 -36.68 59.39 32.46
N VAL K 149 -36.22 59.18 33.69
CA VAL K 149 -36.17 57.82 34.24
C VAL K 149 -37.54 57.34 34.67
N GLU K 150 -38.36 58.23 35.22
CA GLU K 150 -39.55 57.77 35.92
C GLU K 150 -40.69 57.37 34.98
N GLN K 151 -41.00 58.20 33.98
CA GLN K 151 -42.03 57.75 33.05
C GLN K 151 -41.53 56.71 32.07
N ALA K 152 -40.23 56.44 32.03
CA ALA K 152 -39.76 55.24 31.36
C ALA K 152 -40.13 54.00 32.17
N TYR K 153 -39.97 54.07 33.49
CA TYR K 153 -40.41 52.99 34.37
C TYR K 153 -41.91 52.78 34.26
N ASP K 154 -42.68 53.87 34.25
CA ASP K 154 -44.12 53.75 34.09
C ASP K 154 -44.50 53.31 32.69
N LEU K 155 -43.65 53.59 31.70
CA LEU K 155 -43.89 53.07 30.36
C LEU K 155 -43.70 51.57 30.31
N ALA K 156 -42.74 51.04 31.07
CA ALA K 156 -42.55 49.59 31.09
C ALA K 156 -43.64 48.91 31.91
N ARG K 157 -43.97 49.48 33.07
CA ARG K 157 -45.00 48.89 33.92
C ARG K 157 -46.36 48.89 33.26
N ARG K 158 -46.74 50.01 32.64
CA ARG K 158 -47.98 50.02 31.89
C ARG K 158 -47.89 49.17 30.65
N ALA K 159 -46.69 49.06 30.08
CA ALA K 159 -46.52 48.36 28.82
C ALA K 159 -46.74 46.86 28.98
N ILE K 160 -45.94 46.21 29.83
CA ILE K 160 -46.20 44.79 30.04
C ILE K 160 -47.27 44.55 31.08
N TYR K 161 -47.81 45.60 31.70
CA TYR K 161 -49.06 45.40 32.42
C TYR K 161 -50.19 45.13 31.44
N GLN K 162 -50.32 45.96 30.40
CA GLN K 162 -51.37 45.68 29.43
C GLN K 162 -51.07 44.43 28.63
N ALA K 163 -49.79 44.18 28.35
CA ALA K 163 -49.42 42.96 27.65
C ALA K 163 -49.60 41.71 28.49
N THR K 164 -49.65 41.83 29.82
CA THR K 164 -50.04 40.69 30.64
C THR K 164 -51.52 40.66 30.98
N TYR K 165 -52.21 41.79 30.84
CA TYR K 165 -53.64 41.83 31.06
C TYR K 165 -54.39 41.19 29.90
N ARG K 166 -54.03 41.55 28.68
CA ARG K 166 -54.78 41.07 27.53
C ARG K 166 -54.40 39.64 27.17
N ASP K 167 -53.12 39.30 27.25
CA ASP K 167 -52.66 37.96 26.95
C ASP K 167 -53.06 37.00 28.08
N ALA K 168 -53.23 35.74 27.71
CA ALA K 168 -53.48 34.68 28.68
C ALA K 168 -52.19 34.08 29.20
N TYR K 169 -51.22 33.85 28.33
CA TYR K 169 -49.99 33.15 28.72
C TYR K 169 -48.95 34.10 29.31
N SER K 170 -49.35 34.92 30.27
CA SER K 170 -48.46 35.90 30.87
C SER K 170 -49.04 36.34 32.20
N GLY K 171 -48.28 37.16 32.92
CA GLY K 171 -48.77 37.73 34.15
C GLY K 171 -47.83 37.53 35.33
N GLY K 172 -48.41 37.25 36.49
CA GLY K 172 -47.60 37.00 37.66
C GLY K 172 -47.09 38.27 38.26
N ALA K 173 -45.81 38.56 38.06
CA ALA K 173 -45.19 39.76 38.57
C ALA K 173 -44.58 40.55 37.41
N VAL K 174 -43.90 41.63 37.75
CA VAL K 174 -43.06 42.36 36.81
C VAL K 174 -41.79 42.79 37.53
N ASN K 175 -40.65 42.32 37.06
CA ASN K 175 -39.36 42.85 37.45
C ASN K 175 -38.85 43.80 36.38
N LEU K 176 -38.06 44.77 36.81
CA LEU K 176 -37.66 45.81 35.88
C LEU K 176 -36.22 46.18 36.16
N TYR K 177 -35.49 46.45 35.10
CA TYR K 177 -34.06 46.71 35.15
C TYR K 177 -33.75 47.95 34.34
N HIS K 178 -32.79 48.74 34.82
CA HIS K 178 -32.41 49.98 34.15
C HIS K 178 -30.89 50.01 34.11
N VAL K 179 -30.30 49.45 33.09
CA VAL K 179 -28.84 49.34 33.11
C VAL K 179 -28.28 50.58 32.45
N ARG K 180 -27.12 51.01 32.95
CA ARG K 180 -26.40 52.18 32.48
C ARG K 180 -24.96 51.99 32.92
N GLU K 181 -24.16 53.06 32.95
CA GLU K 181 -22.73 52.93 33.12
C GLU K 181 -22.33 52.70 34.58
N ASP K 182 -23.02 51.79 35.25
CA ASP K 182 -22.56 51.16 36.48
C ASP K 182 -22.92 49.68 36.54
N GLY K 183 -23.78 49.20 35.65
CA GLY K 183 -24.37 47.87 35.75
C GLY K 183 -25.86 47.95 35.97
N TRP K 184 -26.47 46.77 35.97
CA TRP K 184 -27.90 46.67 36.20
C TRP K 184 -28.24 47.00 37.65
N ILE K 185 -29.46 47.51 37.85
CA ILE K 185 -30.08 47.53 39.17
C ILE K 185 -31.48 46.95 39.05
N ARG K 186 -32.10 46.70 40.19
CA ARG K 186 -33.48 46.25 40.25
C ARG K 186 -34.34 47.34 40.86
N VAL K 187 -35.46 47.65 40.22
CA VAL K 187 -36.34 48.69 40.69
C VAL K 187 -37.74 48.19 41.04
N SER K 188 -38.05 46.93 40.79
CA SER K 188 -39.41 46.47 41.02
C SER K 188 -39.45 44.98 41.25
N SER K 189 -40.45 44.56 42.03
CA SER K 189 -40.92 43.19 42.05
C SER K 189 -42.44 43.15 42.16
N ASP K 190 -43.11 44.15 41.59
CA ASP K 190 -44.55 44.29 41.76
C ASP K 190 -45.29 43.22 40.98
N ASN K 191 -46.46 42.84 41.49
CA ASN K 191 -47.31 41.91 40.78
C ASN K 191 -48.36 42.67 39.97
N VAL K 192 -49.24 41.92 39.32
CA VAL K 192 -50.20 42.53 38.41
C VAL K 192 -51.34 43.18 39.19
N ALA K 193 -51.72 42.59 40.33
CA ALA K 193 -52.87 43.09 41.06
C ALA K 193 -52.60 44.44 41.71
N ASP K 194 -51.40 44.63 42.25
CA ASP K 194 -51.07 45.91 42.87
C ASP K 194 -50.87 47.00 41.82
N LEU K 195 -50.48 46.62 40.60
CA LEU K 195 -50.51 47.58 39.51
C LEU K 195 -51.93 47.90 39.10
N HIS K 196 -52.84 46.92 39.22
CA HIS K 196 -54.22 47.17 38.84
C HIS K 196 -54.91 48.10 39.83
N GLU K 197 -54.67 47.92 41.12
CA GLU K 197 -55.23 48.86 42.08
C GLU K 197 -54.44 50.17 42.11
N LYS K 198 -53.19 50.13 41.66
CA LYS K 198 -52.39 51.35 41.62
C LYS K 198 -52.84 52.28 40.50
N TYR K 199 -53.28 51.71 39.39
CA TYR K 199 -53.58 52.49 38.20
C TYR K 199 -55.03 52.39 37.76
N SER K 200 -55.89 51.77 38.58
CA SER K 200 -57.33 51.65 38.36
C SER K 200 -57.66 50.95 37.05
N ARG L 29 -43.40 3.14 15.97
CA ARG L 29 -43.30 1.70 15.81
C ARG L 29 -42.98 1.04 17.14
N PHE L 30 -42.45 1.82 18.06
CA PHE L 30 -41.99 1.26 19.33
C PHE L 30 -42.53 1.96 20.56
N SER L 31 -42.70 3.31 20.51
CA SER L 31 -43.16 4.17 21.61
CA SER L 31 -43.16 4.16 21.61
C SER L 31 -42.32 3.95 22.87
N PRO L 32 -41.09 4.50 22.92
CA PRO L 32 -40.18 4.17 24.02
C PRO L 32 -40.54 4.77 25.37
N TYR L 33 -41.66 5.44 25.52
CA TYR L 33 -42.10 5.91 26.81
C TYR L 33 -43.46 5.29 27.13
N VAL L 34 -43.66 4.98 28.41
CA VAL L 34 -45.00 4.85 28.97
C VAL L 34 -45.08 5.79 30.16
N PHE L 35 -46.27 5.89 30.74
CA PHE L 35 -46.46 6.78 31.88
C PHE L 35 -46.80 5.90 33.07
N ASN L 36 -45.77 5.58 33.86
CA ASN L 36 -45.95 4.71 35.01
C ASN L 36 -46.56 5.44 36.21
N GLY L 37 -46.80 6.73 36.12
CA GLY L 37 -47.58 7.43 37.12
C GLY L 37 -46.85 7.63 38.43
N GLY L 38 -47.55 8.26 39.35
CA GLY L 38 -46.99 8.57 40.65
C GLY L 38 -46.94 10.06 40.88
N THR L 39 -47.27 10.50 42.09
CA THR L 39 -47.29 11.91 42.41
C THR L 39 -46.43 12.14 43.64
N ILE L 40 -45.49 13.07 43.56
CA ILE L 40 -44.57 13.34 44.66
C ILE L 40 -44.54 14.83 44.96
N LEU L 41 -44.49 15.13 46.26
CA LEU L 41 -44.68 16.47 46.82
C LEU L 41 -43.52 16.78 47.76
N ALA L 42 -43.09 18.05 47.79
CA ALA L 42 -42.14 18.49 48.78
C ALA L 42 -42.49 19.90 49.22
N ILE L 43 -42.38 20.15 50.52
CA ILE L 43 -42.72 21.43 51.13
C ILE L 43 -41.49 21.93 51.88
N ALA L 44 -41.15 23.20 51.68
CA ALA L 44 -40.01 23.80 52.35
C ALA L 44 -40.51 24.71 53.46
N GLY L 45 -40.27 24.30 54.70
CA GLY L 45 -40.59 25.15 55.83
C GLY L 45 -39.47 26.10 56.16
N GLU L 46 -39.06 26.15 57.41
CA GLU L 46 -37.96 27.00 57.82
C GLU L 46 -36.77 26.23 58.37
N ASP L 47 -36.95 24.97 58.78
CA ASP L 47 -35.82 24.11 59.09
C ASP L 47 -36.09 22.68 58.63
N PHE L 48 -36.94 22.50 57.63
CA PHE L 48 -37.32 21.15 57.21
C PHE L 48 -37.74 21.19 55.75
N ALA L 49 -37.97 20.00 55.21
CA ALA L 49 -38.48 19.87 53.84
C ALA L 49 -39.22 18.54 53.74
N ILE L 50 -40.54 18.59 53.79
CA ILE L 50 -41.34 17.38 53.73
C ILE L 50 -41.39 16.91 52.29
N VAL L 51 -40.59 15.91 51.96
CA VAL L 51 -40.65 15.32 50.62
C VAL L 51 -41.60 14.14 50.71
N ALA L 52 -42.82 14.33 50.22
CA ALA L 52 -43.82 13.28 50.22
C ALA L 52 -43.56 12.33 49.06
N SER L 53 -44.43 11.35 48.91
CA SER L 53 -44.29 10.35 47.87
C SER L 53 -45.64 9.70 47.65
N ASP L 54 -45.65 8.69 46.79
CA ASP L 54 -46.73 7.71 46.73
C ASP L 54 -46.05 6.39 46.39
N THR L 55 -46.84 5.36 46.06
CA THR L 55 -46.24 4.04 45.94
C THR L 55 -46.56 3.33 44.64
N ARG L 56 -47.79 3.44 44.15
CA ARG L 56 -48.29 2.57 43.10
C ARG L 56 -47.75 3.00 41.75
N LEU L 57 -46.84 2.21 41.18
CA LEU L 57 -46.42 2.41 39.80
C LEU L 57 -47.23 1.50 38.90
N SER L 58 -47.71 2.04 37.79
CA SER L 58 -48.75 1.38 37.01
C SER L 58 -48.86 2.03 35.66
N GLU L 59 -49.02 1.23 34.61
CA GLU L 59 -49.31 1.76 33.29
C GLU L 59 -50.45 0.98 32.68
N GLY L 60 -51.02 1.55 31.62
CA GLY L 60 -52.20 0.99 30.99
C GLY L 60 -53.38 1.02 31.93
N PHE L 61 -53.80 -0.16 32.38
CA PHE L 61 -54.86 -0.24 33.37
C PHE L 61 -54.60 -1.28 34.44
N SER L 62 -53.42 -1.87 34.48
CA SER L 62 -53.07 -2.81 35.53
C SER L 62 -51.91 -2.26 36.36
N ILE L 63 -52.02 -2.41 37.66
CA ILE L 63 -50.96 -1.98 38.56
C ILE L 63 -49.91 -3.07 38.62
N HIS L 64 -48.67 -2.66 38.91
CA HIS L 64 -47.58 -3.60 39.06
C HIS L 64 -47.33 -3.95 40.51
N THR L 65 -46.96 -2.95 41.32
CA THR L 65 -46.51 -3.22 42.67
C THR L 65 -46.99 -2.15 43.60
N ARG L 66 -47.00 -2.48 44.88
CA ARG L 66 -47.25 -1.52 45.94
C ARG L 66 -46.16 -1.70 46.99
N ASP L 67 -44.94 -1.27 46.64
CA ASP L 67 -43.87 -1.13 47.61
C ASP L 67 -42.97 0.05 47.27
N SER L 68 -43.10 0.53 46.04
CA SER L 68 -42.01 1.25 45.39
C SER L 68 -41.89 2.67 45.93
N PRO L 69 -40.78 3.02 46.55
CA PRO L 69 -40.57 4.41 46.97
C PRO L 69 -40.29 5.29 45.78
N LYS L 70 -40.53 6.58 45.95
CA LYS L 70 -40.13 7.56 44.96
C LYS L 70 -39.31 8.70 45.53
N CYS L 71 -39.21 8.81 46.85
CA CYS L 71 -38.24 9.71 47.47
C CYS L 71 -36.95 8.93 47.74
N TYR L 72 -35.86 9.43 47.18
CA TYR L 72 -34.56 8.79 47.34
C TYR L 72 -33.66 9.68 48.19
N LYS L 73 -33.03 9.08 49.19
CA LYS L 73 -32.12 9.78 50.09
C LYS L 73 -30.79 9.95 49.37
N LEU L 74 -30.55 11.14 48.82
CA LEU L 74 -29.29 11.38 48.12
C LEU L 74 -28.15 11.59 49.11
N THR L 75 -28.20 12.65 49.89
CA THR L 75 -27.23 12.90 50.94
C THR L 75 -28.04 12.85 52.24
N ASP L 76 -27.42 13.19 53.37
CA ASP L 76 -28.17 13.26 54.62
C ASP L 76 -29.13 14.44 54.61
N LYS L 77 -28.86 15.45 53.78
CA LYS L 77 -29.66 16.66 53.76
C LYS L 77 -30.32 16.93 52.42
N THR L 78 -30.33 15.97 51.49
CA THR L 78 -31.01 16.16 50.21
C THR L 78 -31.80 14.90 49.88
N VAL L 79 -33.09 15.07 49.60
CA VAL L 79 -33.97 13.97 49.20
C VAL L 79 -34.62 14.33 47.88
N ILE L 80 -34.53 13.44 46.90
CA ILE L 80 -35.18 13.67 45.62
C ILE L 80 -36.55 13.00 45.67
N GLY L 81 -37.50 13.54 44.91
CA GLY L 81 -38.69 12.81 44.55
C GLY L 81 -38.56 12.61 43.07
N CYS L 82 -39.20 11.59 42.48
CA CYS L 82 -38.89 11.25 41.09
C CYS L 82 -40.07 10.48 40.51
N SER L 83 -40.82 11.11 39.63
CA SER L 83 -42.04 10.54 39.09
C SER L 83 -42.08 10.69 37.58
N GLY L 84 -42.82 9.80 36.94
CA GLY L 84 -42.89 9.78 35.50
C GLY L 84 -42.65 8.38 34.98
N PHE L 85 -41.89 8.25 33.90
CA PHE L 85 -41.48 6.93 33.44
C PHE L 85 -40.52 6.32 34.46
N HIS L 86 -40.83 5.12 34.92
CA HIS L 86 -40.13 4.61 36.10
C HIS L 86 -38.73 4.13 35.80
N GLY L 87 -38.50 3.55 34.61
CA GLY L 87 -37.16 3.09 34.29
C GLY L 87 -36.17 4.22 34.12
N ASP L 88 -36.64 5.34 33.58
CA ASP L 88 -35.78 6.49 33.36
C ASP L 88 -35.62 7.31 34.61
N CYS L 89 -36.66 7.33 35.46
CA CYS L 89 -36.49 7.79 36.84
C CYS L 89 -35.42 6.99 37.55
N LEU L 90 -35.43 5.68 37.38
CA LEU L 90 -34.47 4.81 38.07
C LEU L 90 -33.05 5.05 37.60
N THR L 91 -32.85 5.10 36.27
CA THR L 91 -31.53 5.36 35.73
C THR L 91 -31.06 6.76 36.07
N LEU L 92 -31.98 7.72 36.13
CA LEU L 92 -31.63 9.08 36.52
C LEU L 92 -31.16 9.16 37.97
N THR L 93 -31.80 8.41 38.87
CA THR L 93 -31.31 8.36 40.23
C THR L 93 -29.98 7.64 40.35
N LYS L 94 -29.71 6.67 39.45
CA LYS L 94 -28.39 6.05 39.43
C LYS L 94 -27.33 7.05 38.98
N ILE L 95 -27.65 7.88 38.00
CA ILE L 95 -26.68 8.84 37.48
C ILE L 95 -26.40 9.93 38.50
N ILE L 96 -27.44 10.50 39.10
CA ILE L 96 -27.22 11.59 40.05
C ILE L 96 -26.64 11.06 41.36
N GLU L 97 -26.90 9.79 41.68
CA GLU L 97 -26.27 9.20 42.85
C GLU L 97 -24.79 8.97 42.62
N ALA L 98 -24.44 8.37 41.47
CA ALA L 98 -23.06 8.05 41.18
C ALA L 98 -22.23 9.30 40.91
N ARG L 99 -22.83 10.35 40.37
CA ARG L 99 -22.08 11.58 40.20
C ARG L 99 -22.03 12.45 41.45
N LEU L 100 -22.99 12.28 42.36
CA LEU L 100 -22.79 12.85 43.70
C LEU L 100 -21.58 12.21 44.36
N LYS L 101 -21.46 10.88 44.27
CA LYS L 101 -20.27 10.22 44.78
C LYS L 101 -19.02 10.62 44.01
N MET L 102 -19.16 10.92 42.71
CA MET L 102 -18.01 11.34 41.93
C MET L 102 -17.57 12.75 42.31
N TYR L 103 -18.51 13.58 42.75
CA TYR L 103 -18.14 14.88 43.29
C TYR L 103 -17.43 14.73 44.62
N LYS L 104 -18.01 13.92 45.52
CA LYS L 104 -17.76 14.04 46.96
C LYS L 104 -16.31 13.77 47.34
N HIS L 105 -15.66 12.84 46.65
CA HIS L 105 -14.22 12.65 46.81
C HIS L 105 -13.48 12.99 45.52
N SER L 106 -13.91 14.07 44.88
CA SER L 106 -13.07 14.82 43.97
C SER L 106 -12.74 16.19 44.52
N ASN L 107 -13.50 16.66 45.51
CA ASN L 107 -13.25 17.93 46.16
C ASN L 107 -13.14 17.80 47.67
N ASN L 108 -13.36 16.59 48.21
CA ASN L 108 -13.43 16.30 49.65
C ASN L 108 -14.46 17.18 50.34
N LYS L 109 -15.63 17.29 49.71
CA LYS L 109 -16.73 18.08 50.23
C LYS L 109 -18.02 17.51 49.66
N ALA L 110 -19.03 17.38 50.51
CA ALA L 110 -20.33 16.91 50.06
C ALA L 110 -21.02 17.97 49.20
N MET L 111 -22.04 17.52 48.48
CA MET L 111 -22.86 18.44 47.70
C MET L 111 -23.68 19.35 48.60
N THR L 112 -24.05 20.50 48.06
CA THR L 112 -25.09 21.32 48.66
C THR L 112 -26.40 20.92 48.01
N THR L 113 -27.45 21.71 48.20
CA THR L 113 -28.72 21.39 47.57
C THR L 113 -28.87 22.08 46.21
N GLY L 114 -28.50 23.36 46.15
CA GLY L 114 -28.58 24.09 44.89
C GLY L 114 -27.62 23.57 43.83
N ALA L 115 -26.50 22.99 44.26
CA ALA L 115 -25.59 22.40 43.30
C ALA L 115 -26.13 21.08 42.75
N ILE L 116 -26.84 20.31 43.59
CA ILE L 116 -27.61 19.17 43.10
C ILE L 116 -28.64 19.60 42.07
N ALA L 117 -29.32 20.71 42.35
CA ALA L 117 -30.31 21.22 41.40
C ALA L 117 -29.67 21.66 40.10
N ALA L 118 -28.46 22.22 40.17
CA ALA L 118 -27.79 22.69 38.96
C ALA L 118 -27.31 21.54 38.11
N MET L 119 -26.60 20.58 38.73
CA MET L 119 -26.09 19.48 37.92
C MET L 119 -27.20 18.55 37.47
N LEU L 120 -28.31 18.50 38.18
CA LEU L 120 -29.42 17.74 37.65
C LEU L 120 -30.13 18.50 36.54
N SER L 121 -30.04 19.83 36.55
CA SER L 121 -30.54 20.58 35.40
C SER L 121 -29.70 20.31 34.16
N THR L 122 -28.38 20.17 34.31
CA THR L 122 -27.61 19.89 33.11
C THR L 122 -27.57 18.41 32.75
N ILE L 123 -27.90 17.51 33.67
CA ILE L 123 -28.11 16.12 33.28
C ILE L 123 -29.40 15.97 32.51
N LEU L 124 -30.47 16.62 32.99
CA LEU L 124 -31.74 16.58 32.25
C LEU L 124 -31.63 17.28 30.91
N TYR L 125 -30.86 18.36 30.83
CA TYR L 125 -30.75 19.00 29.53
C TYR L 125 -29.79 18.26 28.61
N SER L 126 -28.77 17.62 29.16
CA SER L 126 -27.68 17.07 28.36
C SER L 126 -28.16 16.01 27.39
N ARG L 127 -29.17 15.24 27.78
CA ARG L 127 -29.92 14.41 26.85
C ARG L 127 -31.25 15.10 26.60
N ARG L 128 -31.22 16.11 25.73
CA ARG L 128 -32.47 16.78 25.40
C ARG L 128 -33.21 16.07 24.28
N PHE L 129 -32.50 15.72 23.21
CA PHE L 129 -33.13 15.31 21.96
C PHE L 129 -33.73 13.90 22.02
N PHE L 130 -33.52 13.19 23.13
CA PHE L 130 -34.31 12.00 23.47
C PHE L 130 -34.52 12.04 24.97
N PRO L 131 -35.46 12.87 25.44
CA PRO L 131 -35.38 13.43 26.79
C PRO L 131 -35.76 12.45 27.88
N TYR L 132 -35.27 12.76 29.08
CA TYR L 132 -35.69 12.06 30.29
C TYR L 132 -37.10 12.47 30.63
N TYR L 133 -38.07 11.64 30.28
CA TYR L 133 -39.46 11.95 30.57
C TYR L 133 -39.72 11.65 32.03
N VAL L 134 -39.38 12.60 32.89
CA VAL L 134 -39.46 12.41 34.33
C VAL L 134 -39.65 13.75 35.04
N TYR L 135 -40.60 13.80 35.96
CA TYR L 135 -40.87 14.99 36.76
C TYR L 135 -40.29 14.72 38.13
N ASN L 136 -39.21 15.40 38.47
CA ASN L 136 -38.53 15.15 39.73
C ASN L 136 -38.41 16.43 40.56
N ILE L 137 -38.52 16.25 41.87
CA ILE L 137 -38.55 17.33 42.84
C ILE L 137 -37.46 17.06 43.86
N ILE L 138 -36.60 18.04 44.08
CA ILE L 138 -35.48 17.90 45.01
C ILE L 138 -35.80 18.73 46.23
N GLY L 139 -36.01 18.08 47.36
CA GLY L 139 -36.24 18.80 48.60
C GLY L 139 -34.94 19.12 49.30
N GLY L 140 -34.90 18.98 50.61
CA GLY L 140 -33.68 19.20 51.34
C GLY L 140 -33.59 20.60 51.91
N LEU L 141 -32.41 20.90 52.46
CA LEU L 141 -32.21 22.18 53.13
C LEU L 141 -30.90 22.80 52.67
N ASP L 142 -30.80 24.10 52.86
CA ASP L 142 -29.70 24.90 52.31
C ASP L 142 -28.46 24.78 53.20
N GLU L 143 -27.50 25.66 52.95
CA GLU L 143 -26.29 25.74 53.76
C GLU L 143 -26.56 26.29 55.14
N GLU L 144 -27.35 27.37 55.24
CA GLU L 144 -27.66 27.98 56.52
C GLU L 144 -28.68 27.19 57.33
N GLY L 145 -29.45 26.30 56.70
CA GLY L 145 -30.35 25.46 57.45
C GLY L 145 -31.79 25.54 56.99
N LYS L 146 -32.17 26.63 56.33
CA LYS L 146 -33.54 26.78 55.89
C LYS L 146 -33.84 25.86 54.72
N GLY L 147 -35.02 25.26 54.72
CA GLY L 147 -35.36 24.29 53.72
C GLY L 147 -35.68 24.93 52.38
N ALA L 148 -35.33 24.22 51.31
CA ALA L 148 -35.61 24.66 49.95
C ALA L 148 -36.12 23.49 49.15
N VAL L 149 -36.79 23.77 48.04
CA VAL L 149 -37.33 22.73 47.18
C VAL L 149 -37.29 23.17 45.73
N TYR L 150 -36.63 22.38 44.89
CA TYR L 150 -36.40 22.72 43.50
C TYR L 150 -37.29 21.89 42.61
N SER L 151 -37.98 22.54 41.69
CA SER L 151 -38.90 21.87 40.79
C SER L 151 -38.33 21.79 39.39
N PHE L 152 -38.76 20.79 38.63
CA PHE L 152 -38.18 20.53 37.32
C PHE L 152 -39.24 20.10 36.32
N ASP L 153 -39.12 20.62 35.12
CA ASP L 153 -39.70 20.03 33.92
C ASP L 153 -38.82 18.88 33.45
N PRO L 154 -39.27 18.03 32.52
CA PRO L 154 -38.44 16.89 32.11
C PRO L 154 -37.26 17.25 31.21
N VAL L 155 -36.88 18.51 31.09
CA VAL L 155 -35.78 18.91 30.24
C VAL L 155 -34.88 19.86 31.04
N GLY L 156 -35.39 20.36 32.17
CA GLY L 156 -34.53 20.92 33.20
C GLY L 156 -34.65 22.43 33.42
N SER L 157 -35.45 22.84 34.39
CA SER L 157 -35.66 24.26 34.67
C SER L 157 -35.97 24.39 36.16
N TYR L 158 -34.96 24.74 36.95
CA TYR L 158 -35.09 24.70 38.40
C TYR L 158 -35.51 26.05 38.95
N GLN L 159 -36.51 26.03 39.85
CA GLN L 159 -36.89 27.18 40.65
C GLN L 159 -37.03 26.73 42.09
N ARG L 160 -36.52 27.49 43.03
CA ARG L 160 -36.74 27.15 44.42
C ARG L 160 -38.08 27.71 44.88
N ASP L 161 -38.79 26.93 45.69
CA ASP L 161 -40.17 27.22 46.06
C ASP L 161 -40.31 26.91 47.55
N SER L 162 -41.57 26.76 47.99
CA SER L 162 -41.82 26.15 49.29
C SER L 162 -42.87 25.06 49.16
N PHE L 163 -43.26 24.70 47.94
CA PHE L 163 -44.27 23.70 47.62
C PHE L 163 -43.98 23.15 46.22
N LYS L 164 -45.03 22.92 45.41
CA LYS L 164 -45.03 22.33 44.06
C LYS L 164 -44.76 20.83 44.03
N ALA L 165 -45.79 20.07 44.38
CA ALA L 165 -45.90 18.68 43.99
C ALA L 165 -45.81 18.51 42.48
N GLY L 166 -45.47 17.30 42.05
CA GLY L 166 -45.26 17.07 40.63
C GLY L 166 -45.51 15.63 40.23
N GLY L 167 -46.00 15.49 39.00
CA GLY L 167 -45.87 14.27 38.21
C GLY L 167 -47.10 13.53 37.74
N SER L 168 -48.07 13.22 38.60
CA SER L 168 -49.31 12.67 38.07
C SER L 168 -50.51 13.48 38.54
N ALA L 169 -50.61 13.67 39.85
CA ALA L 169 -51.57 14.62 40.41
C ALA L 169 -50.89 15.97 40.66
N SER L 170 -50.25 16.47 39.61
CA SER L 170 -49.62 17.78 39.70
C SER L 170 -50.65 18.88 39.78
N ALA L 171 -51.67 18.80 38.95
CA ALA L 171 -52.71 19.81 38.87
C ALA L 171 -53.83 19.57 39.87
N MET L 172 -53.60 18.76 40.88
CA MET L 172 -54.58 18.46 41.90
C MET L 172 -54.13 18.89 43.28
N LEU L 173 -52.88 18.62 43.62
CA LEU L 173 -52.36 19.00 44.92
C LEU L 173 -51.93 20.44 44.92
N GLN L 174 -51.61 20.98 43.74
CA GLN L 174 -51.10 22.33 43.64
C GLN L 174 -52.04 23.44 44.13
N PRO L 175 -53.35 23.47 43.79
CA PRO L 175 -54.16 24.58 44.31
C PRO L 175 -54.47 24.50 45.78
N LEU L 176 -54.31 23.35 46.43
CA LEU L 176 -54.59 23.32 47.87
C LEU L 176 -53.47 24.00 48.62
N LEU L 177 -52.25 23.56 48.40
CA LEU L 177 -51.10 24.22 49.01
C LEU L 177 -50.59 25.40 48.20
N ASP L 178 -51.37 25.88 47.25
CA ASP L 178 -51.26 27.29 46.87
C ASP L 178 -52.00 28.13 47.90
N ASN L 179 -53.02 27.56 48.52
CA ASN L 179 -53.87 28.25 49.49
C ASN L 179 -53.46 27.99 50.92
N GLN L 180 -53.25 26.75 51.31
CA GLN L 180 -52.96 26.44 52.71
C GLN L 180 -51.49 26.58 53.08
N VAL L 181 -50.64 26.94 52.12
CA VAL L 181 -49.24 27.24 52.38
C VAL L 181 -48.86 28.64 51.89
N GLY L 182 -49.19 28.95 50.64
CA GLY L 182 -48.86 30.26 50.10
C GLY L 182 -49.79 31.37 50.53
N PHE L 183 -51.00 31.01 50.99
CA PHE L 183 -52.04 31.94 51.44
C PHE L 183 -52.46 32.93 50.36
N LYS L 184 -52.47 32.49 49.10
CA LYS L 184 -52.85 33.37 48.02
C LYS L 184 -54.37 33.37 47.83
N ASN L 185 -54.88 34.49 47.31
CA ASN L 185 -56.30 34.79 47.18
C ASN L 185 -57.02 34.62 48.52
N MET L 186 -56.51 35.32 49.52
CA MET L 186 -56.90 35.07 50.90
C MET L 186 -56.55 36.30 51.72
N GLN L 187 -57.55 36.86 52.40
CA GLN L 187 -57.36 38.03 53.24
C GLN L 187 -56.74 37.70 54.59
N ASN L 188 -56.86 38.63 55.53
CA ASN L 188 -56.08 38.64 56.76
C ASN L 188 -56.43 37.50 57.70
N VAL L 189 -55.85 36.34 57.44
CA VAL L 189 -55.95 35.20 58.35
C VAL L 189 -54.89 35.27 59.44
N GLU L 190 -54.00 36.27 59.40
CA GLU L 190 -52.81 36.39 60.24
C GLU L 190 -51.97 35.12 60.15
N HIS L 191 -51.43 34.91 58.96
CA HIS L 191 -50.77 33.66 58.59
C HIS L 191 -49.50 33.44 59.39
N VAL L 192 -49.35 32.24 59.94
CA VAL L 192 -48.21 31.86 60.74
C VAL L 192 -47.24 31.07 59.87
N PRO L 193 -45.96 31.00 60.21
CA PRO L 193 -45.05 30.09 59.51
C PRO L 193 -45.41 28.64 59.79
N LEU L 194 -45.01 27.78 58.85
CA LEU L 194 -45.34 26.36 58.94
C LEU L 194 -44.43 25.68 59.95
N SER L 195 -44.80 24.45 60.30
CA SER L 195 -44.04 23.66 61.25
C SER L 195 -44.27 22.18 60.96
N LEU L 196 -43.60 21.33 61.72
CA LEU L 196 -43.68 19.89 61.56
C LEU L 196 -44.94 19.28 62.15
N ASP L 197 -45.95 20.08 62.47
CA ASP L 197 -47.25 19.59 62.88
C ASP L 197 -48.37 20.09 62.00
N ARG L 198 -48.32 21.34 61.58
CA ARG L 198 -49.31 21.84 60.63
C ARG L 198 -49.04 21.33 59.23
N ALA L 199 -47.77 21.34 58.80
CA ALA L 199 -47.46 20.82 57.48
C ALA L 199 -47.44 19.30 57.47
N MET L 200 -47.27 18.68 58.63
CA MET L 200 -47.39 17.24 58.71
C MET L 200 -48.82 16.79 58.45
N ARG L 201 -49.79 17.51 59.03
CA ARG L 201 -51.19 17.24 58.79
C ARG L 201 -51.68 17.81 57.47
N LEU L 202 -50.83 18.51 56.73
CA LEU L 202 -51.19 19.08 55.45
C LEU L 202 -50.77 18.19 54.28
N VAL L 203 -49.95 17.18 54.54
CA VAL L 203 -49.53 16.24 53.51
C VAL L 203 -50.44 15.01 53.47
N LYS L 204 -50.95 14.58 54.62
CA LYS L 204 -51.76 13.37 54.63
C LYS L 204 -53.16 13.61 54.06
N ASP L 205 -53.72 14.79 54.30
CA ASP L 205 -55.07 15.05 53.81
C ASP L 205 -55.10 15.29 52.30
N VAL L 206 -54.02 15.85 51.73
CA VAL L 206 -54.02 16.05 50.29
C VAL L 206 -53.81 14.75 49.55
N PHE L 207 -53.10 13.79 50.15
CA PHE L 207 -52.96 12.51 49.48
C PHE L 207 -54.11 11.56 49.74
N ILE L 208 -54.93 11.80 50.76
CA ILE L 208 -56.15 11.00 50.77
C ILE L 208 -57.18 11.62 49.84
N SER L 209 -57.12 12.94 49.63
CA SER L 209 -57.98 13.58 48.63
C SER L 209 -57.60 13.15 47.21
N ALA L 210 -56.31 13.15 46.90
CA ALA L 210 -55.89 12.67 45.60
C ALA L 210 -55.98 11.16 45.50
N ALA L 211 -55.99 10.47 46.64
CA ALA L 211 -56.31 9.04 46.63
C ALA L 211 -57.76 8.82 46.23
N GLU L 212 -58.66 9.70 46.65
CA GLU L 212 -60.02 9.65 46.15
C GLU L 212 -60.11 10.01 44.68
N ARG L 213 -59.42 11.05 44.26
CA ARG L 213 -59.79 11.71 43.01
C ARG L 213 -58.86 11.39 41.85
N ASP L 214 -57.58 11.15 42.11
CA ASP L 214 -56.75 10.72 41.00
C ASP L 214 -56.93 9.23 40.79
N VAL L 215 -56.55 8.75 39.60
CA VAL L 215 -56.52 7.32 39.36
C VAL L 215 -55.19 6.75 39.81
N TYR L 216 -54.09 7.47 39.55
CA TYR L 216 -52.75 7.06 39.94
C TYR L 216 -52.52 7.49 41.39
N THR L 217 -53.21 6.79 42.28
CA THR L 217 -53.36 7.22 43.67
C THR L 217 -52.08 7.07 44.47
N GLY L 218 -51.64 5.83 44.62
CA GLY L 218 -50.72 5.47 45.68
C GLY L 218 -51.52 4.81 46.77
N ASP L 219 -50.96 3.82 47.46
CA ASP L 219 -51.70 3.25 48.59
C ASP L 219 -51.05 3.56 49.92
N ALA L 220 -49.80 3.98 49.92
CA ALA L 220 -49.05 4.24 51.14
C ALA L 220 -47.94 5.23 50.85
N LEU L 221 -48.17 6.49 51.22
CA LEU L 221 -47.18 7.52 50.98
C LEU L 221 -46.08 7.37 52.03
N ARG L 222 -44.85 7.57 51.60
CA ARG L 222 -43.68 7.38 52.45
C ARG L 222 -42.98 8.72 52.52
N ILE L 223 -43.36 9.54 53.48
CA ILE L 223 -42.86 10.91 53.54
C ILE L 223 -41.44 10.94 54.08
N CYS L 224 -40.48 10.98 53.18
CA CYS L 224 -39.08 11.25 53.51
C CYS L 224 -39.03 12.69 53.98
N ILE L 225 -38.91 12.90 55.29
CA ILE L 225 -38.88 14.24 55.83
C ILE L 225 -37.47 14.53 56.33
N VAL L 226 -37.02 15.76 56.12
CA VAL L 226 -35.64 16.15 56.33
C VAL L 226 -35.66 17.15 57.49
N THR L 227 -34.68 17.09 58.37
CA THR L 227 -34.56 18.06 59.43
C THR L 227 -33.10 18.40 59.69
N LYS L 228 -32.89 19.26 60.69
CA LYS L 228 -31.55 19.72 60.98
C LYS L 228 -30.70 18.65 61.64
N GLU L 229 -31.28 17.87 62.54
CA GLU L 229 -30.56 16.81 63.25
C GLU L 229 -30.31 15.60 62.36
N GLY L 230 -31.09 15.44 61.30
CA GLY L 230 -30.92 14.28 60.44
C GLY L 230 -32.09 14.04 59.52
N ILE L 231 -32.58 12.80 59.49
CA ILE L 231 -33.65 12.40 58.60
C ILE L 231 -34.43 11.24 59.20
N ARG L 232 -35.75 11.32 59.13
CA ARG L 232 -36.61 10.18 59.42
C ARG L 232 -37.61 10.03 58.29
N GLU L 233 -38.46 9.03 58.40
CA GLU L 233 -39.29 8.65 57.25
C GLU L 233 -40.57 7.99 57.77
N GLU L 234 -41.64 8.78 57.81
CA GLU L 234 -42.94 8.32 58.27
C GLU L 234 -43.67 7.68 57.10
N THR L 235 -44.46 6.65 57.39
CA THR L 235 -45.29 5.99 56.40
C THR L 235 -46.69 5.82 56.97
N VAL L 236 -47.71 6.03 56.13
CA VAL L 236 -49.09 5.77 56.51
C VAL L 236 -49.88 5.48 55.24
N SER L 237 -50.88 4.62 55.35
CA SER L 237 -51.55 4.06 54.19
C SER L 237 -52.57 5.05 53.61
N LEU L 238 -53.20 4.62 52.51
CA LEU L 238 -54.18 5.40 51.79
C LEU L 238 -55.36 4.56 51.35
N ARG L 239 -56.14 5.10 50.41
CA ARG L 239 -57.24 4.41 49.77
C ARG L 239 -56.63 3.37 48.83
N LYS L 240 -56.81 2.10 49.16
CA LYS L 240 -56.13 1.02 48.44
C LYS L 240 -57.08 0.44 47.39
N ASP L 241 -57.12 1.12 46.24
CA ASP L 241 -57.93 0.66 45.12
C ASP L 241 -57.40 1.14 43.76
N THR M 46 -42.13 -6.17 15.32
CA THR M 46 -42.52 -4.92 14.69
C THR M 46 -42.46 -5.07 13.17
N GLN M 47 -41.36 -5.66 12.68
CA GLN M 47 -41.19 -5.84 11.24
C GLN M 47 -41.65 -7.22 10.76
N ASN M 48 -41.71 -8.20 11.65
CA ASN M 48 -41.98 -9.58 11.25
C ASN M 48 -42.79 -10.27 12.33
N PRO M 49 -43.44 -11.39 12.02
CA PRO M 49 -44.06 -12.19 13.08
C PRO M 49 -43.01 -12.91 13.91
N MET M 50 -42.49 -12.23 14.92
CA MET M 50 -41.51 -12.80 15.84
C MET M 50 -42.08 -14.00 16.59
N VAL M 51 -41.19 -14.89 17.01
CA VAL M 51 -41.58 -16.09 17.74
C VAL M 51 -41.61 -15.75 19.23
N THR M 52 -42.80 -15.83 19.83
CA THR M 52 -43.01 -15.32 21.18
C THR M 52 -43.35 -16.44 22.16
N GLY M 53 -43.42 -16.06 23.42
CA GLY M 53 -44.09 -16.83 24.44
C GLY M 53 -45.33 -16.11 24.92
N THR M 54 -45.79 -16.47 26.11
CA THR M 54 -46.91 -15.67 26.59
C THR M 54 -46.76 -15.15 28.01
N SER M 55 -46.17 -15.91 28.92
CA SER M 55 -46.30 -15.61 30.34
C SER M 55 -45.34 -16.41 31.19
N VAL M 56 -44.62 -15.74 32.09
CA VAL M 56 -43.84 -16.40 33.12
C VAL M 56 -44.34 -15.83 34.43
N LEU M 57 -45.17 -16.57 35.14
CA LEU M 57 -45.74 -16.07 36.37
C LEU M 57 -45.02 -16.71 37.55
N GLY M 58 -44.80 -15.92 38.60
CA GLY M 58 -44.06 -16.45 39.73
C GLY M 58 -44.51 -15.93 41.07
N VAL M 59 -44.24 -16.67 42.13
CA VAL M 59 -44.56 -16.25 43.48
C VAL M 59 -43.45 -16.73 44.42
N LYS M 60 -43.13 -15.91 45.40
CA LYS M 60 -42.15 -16.24 46.42
C LYS M 60 -42.84 -16.87 47.62
N PHE M 61 -42.08 -17.63 48.40
CA PHE M 61 -42.64 -18.36 49.51
C PHE M 61 -41.57 -18.61 50.56
N GLU M 62 -42.02 -18.85 51.79
CA GLU M 62 -41.17 -19.22 52.91
C GLU M 62 -40.38 -20.47 52.55
N GLY M 63 -39.08 -20.31 52.39
CA GLY M 63 -38.34 -21.18 51.51
C GLY M 63 -37.76 -20.37 50.38
N GLY M 64 -38.30 -20.52 49.18
CA GLY M 64 -37.64 -20.00 47.99
C GLY M 64 -38.60 -19.21 47.12
N VAL M 65 -38.50 -19.42 45.82
CA VAL M 65 -39.43 -18.77 44.89
C VAL M 65 -39.63 -19.69 43.69
N VAL M 66 -40.89 -19.79 43.26
CA VAL M 66 -41.30 -20.66 42.17
C VAL M 66 -41.83 -19.80 41.02
N ILE M 67 -41.32 -20.07 39.82
CA ILE M 67 -41.80 -19.42 38.61
C ILE M 67 -42.21 -20.51 37.63
N ALA M 68 -43.16 -20.18 36.76
CA ALA M 68 -43.74 -21.16 35.85
C ALA M 68 -44.04 -20.50 34.52
N ALA M 69 -43.86 -21.25 33.44
CA ALA M 69 -44.12 -20.78 32.09
C ALA M 69 -44.46 -21.96 31.20
N ASP M 70 -45.25 -21.70 30.16
CA ASP M 70 -45.57 -22.74 29.21
C ASP M 70 -44.53 -22.79 28.12
N MET M 71 -44.30 -23.98 27.58
CA MET M 71 -43.39 -24.15 26.48
C MET M 71 -44.16 -23.93 25.18
N LEU M 72 -43.96 -22.78 24.56
CA LEU M 72 -44.70 -22.46 23.36
C LEU M 72 -43.90 -21.48 22.52
N GLY M 73 -43.84 -21.74 21.22
CA GLY M 73 -43.10 -20.92 20.28
C GLY M 73 -44.00 -20.27 19.27
N SER M 74 -45.10 -19.67 19.74
CA SER M 74 -46.20 -19.24 18.88
C SER M 74 -45.76 -18.19 17.87
N TYR M 75 -45.84 -18.57 16.60
CA TYR M 75 -45.42 -17.73 15.47
C TYR M 75 -46.59 -16.89 14.97
N GLY M 76 -47.19 -16.11 15.88
CA GLY M 76 -48.30 -15.26 15.49
C GLY M 76 -49.55 -16.05 15.12
N SER M 77 -50.20 -16.64 16.13
CA SER M 77 -51.37 -17.51 15.98
C SER M 77 -51.03 -18.77 15.19
N LEU M 78 -49.92 -19.40 15.57
CA LEU M 78 -49.51 -20.68 15.01
C LEU M 78 -48.51 -21.26 16.01
N ALA M 79 -48.86 -22.38 16.64
CA ALA M 79 -47.98 -22.99 17.64
C ALA M 79 -46.86 -23.74 16.93
N ARG M 80 -45.90 -22.98 16.40
CA ARG M 80 -44.89 -23.57 15.53
C ARG M 80 -43.89 -24.41 16.32
N PHE M 81 -43.64 -24.05 17.57
CA PHE M 81 -42.63 -24.71 18.39
C PHE M 81 -43.28 -25.12 19.70
N ARG M 82 -43.40 -26.42 19.93
CA ARG M 82 -44.05 -26.86 21.16
C ARG M 82 -43.04 -27.09 22.29
N ASN M 83 -42.10 -28.01 22.08
CA ASN M 83 -41.14 -28.33 23.13
C ASN M 83 -40.04 -27.28 23.07
N ILE M 84 -40.24 -26.18 23.80
CA ILE M 84 -39.31 -25.06 23.80
C ILE M 84 -39.21 -24.43 25.19
N SER M 85 -38.08 -24.63 25.86
CA SER M 85 -37.95 -24.25 27.25
C SER M 85 -37.72 -22.75 27.36
N ARG M 86 -38.54 -22.07 28.16
CA ARG M 86 -38.37 -20.65 28.41
C ARG M 86 -37.92 -20.36 29.84
N ILE M 87 -37.29 -21.31 30.51
CA ILE M 87 -36.85 -21.15 31.88
C ILE M 87 -35.36 -21.38 31.91
N MET M 88 -34.60 -20.30 32.07
CA MET M 88 -33.15 -20.41 32.12
C MET M 88 -32.69 -20.69 33.54
N ARG M 89 -31.82 -21.66 33.69
CA ARG M 89 -31.04 -21.82 34.89
C ARG M 89 -29.74 -21.04 34.75
N VAL M 90 -29.37 -20.34 35.81
CA VAL M 90 -28.08 -19.66 35.93
C VAL M 90 -27.49 -20.27 37.18
N ASN M 91 -26.48 -19.63 37.78
CA ASN M 91 -25.87 -20.08 39.04
C ASN M 91 -26.92 -20.41 40.10
N ASN M 92 -26.54 -21.30 41.01
CA ASN M 92 -27.42 -22.16 41.80
C ASN M 92 -28.38 -21.42 42.71
N SER M 93 -28.44 -20.09 42.73
CA SER M 93 -29.35 -19.37 43.62
C SER M 93 -30.21 -18.36 42.88
N THR M 94 -30.35 -18.49 41.56
CA THR M 94 -31.03 -17.47 40.76
C THR M 94 -31.66 -18.17 39.55
N MET M 95 -32.82 -17.67 39.09
CA MET M 95 -33.52 -18.21 37.93
C MET M 95 -33.89 -17.07 37.00
N LEU M 96 -34.53 -17.40 35.87
CA LEU M 96 -34.80 -16.41 34.83
C LEU M 96 -35.83 -16.96 33.85
N GLY M 97 -36.79 -16.10 33.48
CA GLY M 97 -37.82 -16.48 32.52
C GLY M 97 -37.74 -15.67 31.24
N ALA M 98 -38.79 -15.64 30.43
CA ALA M 98 -38.95 -14.76 29.26
C ALA M 98 -40.37 -14.85 28.75
N SER M 99 -40.97 -13.72 28.44
CA SER M 99 -42.33 -13.72 27.91
C SER M 99 -42.41 -13.31 26.46
N GLY M 100 -41.60 -12.36 26.03
CA GLY M 100 -41.77 -11.82 24.69
C GLY M 100 -41.04 -12.63 23.64
N ASP M 101 -40.20 -11.95 22.86
CA ASP M 101 -39.48 -12.57 21.75
C ASP M 101 -38.50 -13.60 22.29
N TYR M 102 -38.47 -14.77 21.64
CA TYR M 102 -37.66 -15.87 22.15
C TYR M 102 -36.23 -15.78 21.63
N ALA M 103 -36.04 -15.20 20.45
CA ALA M 103 -34.70 -15.05 19.89
C ALA M 103 -33.84 -14.14 20.76
N ASP M 104 -34.44 -13.07 21.26
CA ASP M 104 -33.75 -12.20 22.20
C ASP M 104 -33.51 -12.90 23.53
N PHE M 105 -34.35 -13.87 23.88
CA PHE M 105 -34.07 -14.69 25.06
C PHE M 105 -32.91 -15.65 24.81
N GLN M 106 -32.70 -16.10 23.58
CA GLN M 106 -31.49 -16.89 23.36
C GLN M 106 -30.24 -16.00 23.37
N TYR M 107 -30.37 -14.76 22.92
CA TYR M 107 -29.29 -13.80 23.09
C TYR M 107 -28.98 -13.58 24.57
N LEU M 108 -30.02 -13.40 25.38
CA LEU M 108 -29.82 -13.21 26.80
C LEU M 108 -29.36 -14.47 27.52
N LYS M 109 -29.69 -15.65 27.00
CA LYS M 109 -29.18 -16.81 27.70
C LYS M 109 -27.73 -17.05 27.36
N GLN M 110 -27.26 -16.59 26.21
CA GLN M 110 -25.82 -16.74 26.01
C GLN M 110 -25.02 -15.60 26.65
N VAL M 111 -25.58 -14.40 26.80
CA VAL M 111 -24.77 -13.40 27.52
C VAL M 111 -24.86 -13.57 29.04
N LEU M 112 -26.03 -13.96 29.58
CA LEU M 112 -26.10 -14.29 31.00
C LEU M 112 -25.28 -15.52 31.29
N GLY M 113 -25.36 -16.55 30.44
CA GLY M 113 -24.59 -17.75 30.65
C GLY M 113 -23.09 -17.51 30.61
N GLN M 114 -22.63 -16.73 29.63
CA GLN M 114 -21.20 -16.44 29.51
C GLN M 114 -20.72 -15.56 30.66
N MET M 115 -21.55 -14.59 31.08
CA MET M 115 -21.16 -13.72 32.18
C MET M 115 -21.08 -14.50 33.49
N VAL M 116 -22.04 -15.39 33.74
CA VAL M 116 -22.06 -16.05 35.04
C VAL M 116 -21.05 -17.17 35.09
N ILE M 117 -20.66 -17.76 33.95
CA ILE M 117 -19.58 -18.73 34.04
C ILE M 117 -18.26 -17.99 34.15
N ASP M 118 -18.16 -16.83 33.51
CA ASP M 118 -16.92 -16.06 33.52
C ASP M 118 -16.60 -15.55 34.91
N GLU M 119 -17.54 -14.91 35.59
CA GLU M 119 -17.32 -14.50 36.96
C GLU M 119 -17.46 -15.68 37.94
N GLU M 120 -18.05 -16.78 37.49
CA GLU M 120 -18.02 -18.00 38.28
C GLU M 120 -16.62 -18.61 38.38
N LEU M 121 -15.79 -18.48 37.34
CA LEU M 121 -14.48 -19.13 37.40
C LEU M 121 -13.36 -18.20 37.87
N LEU M 122 -13.69 -17.11 38.57
CA LEU M 122 -12.66 -16.38 39.32
C LEU M 122 -12.31 -17.04 40.65
N GLY M 123 -12.97 -18.14 40.99
CA GLY M 123 -12.76 -18.77 42.28
C GLY M 123 -13.44 -18.00 43.38
N ASP M 124 -12.64 -17.34 44.22
CA ASP M 124 -12.93 -16.51 45.40
C ASP M 124 -14.37 -16.31 45.88
N GLY M 125 -15.19 -17.36 45.84
CA GLY M 125 -16.61 -17.24 46.13
C GLY M 125 -17.30 -16.29 45.17
N HIS M 126 -18.13 -15.40 45.71
CA HIS M 126 -18.60 -14.19 45.04
C HIS M 126 -19.42 -14.50 43.79
N SER M 127 -20.42 -15.35 43.94
CA SER M 127 -21.36 -15.53 42.85
C SER M 127 -22.32 -14.35 42.82
N TYR M 128 -23.11 -14.28 41.76
CA TYR M 128 -24.07 -13.19 41.65
C TYR M 128 -25.26 -13.45 42.57
N SER M 129 -25.48 -12.55 43.50
CA SER M 129 -26.78 -12.46 44.13
C SER M 129 -27.79 -12.03 43.06
N PRO M 130 -29.06 -12.41 43.22
CA PRO M 130 -30.08 -11.97 42.25
C PRO M 130 -30.42 -10.48 42.32
N ARG M 131 -29.79 -9.73 43.22
CA ARG M 131 -29.61 -8.29 43.02
C ARG M 131 -29.02 -8.02 41.64
N ALA M 132 -27.85 -8.60 41.38
CA ALA M 132 -27.01 -8.15 40.29
C ALA M 132 -27.47 -8.64 38.93
N ILE M 133 -28.14 -9.79 38.86
CA ILE M 133 -28.71 -10.21 37.58
C ILE M 133 -29.88 -9.32 37.21
N HIS M 134 -30.68 -8.95 38.21
CA HIS M 134 -31.79 -8.03 38.00
C HIS M 134 -31.30 -6.66 37.58
N SER M 135 -30.26 -6.14 38.26
CA SER M 135 -29.78 -4.81 37.95
C SER M 135 -29.03 -4.78 36.64
N TRP M 136 -28.24 -5.82 36.34
CA TRP M 136 -27.53 -5.87 35.08
C TRP M 136 -28.50 -6.03 33.92
N LEU M 137 -29.54 -6.82 34.11
CA LEU M 137 -30.53 -6.99 33.05
C LEU M 137 -31.32 -5.71 32.84
N THR M 138 -31.55 -4.96 33.93
CA THR M 138 -32.20 -3.66 33.84
C THR M 138 -31.36 -2.68 33.05
N ARG M 139 -30.06 -2.57 33.38
CA ARG M 139 -29.21 -1.63 32.66
C ARG M 139 -28.93 -2.08 31.25
N ALA M 140 -28.98 -3.39 30.99
CA ALA M 140 -28.85 -3.88 29.63
C ALA M 140 -30.06 -3.48 28.80
N MET M 141 -31.26 -3.57 29.37
CA MET M 141 -32.41 -3.22 28.55
C MET M 141 -32.62 -1.72 28.44
N TYR M 142 -32.35 -0.95 29.50
CA TYR M 142 -32.47 0.50 29.36
C TYR M 142 -31.38 1.05 28.45
N SER M 143 -30.17 0.50 28.53
CA SER M 143 -29.14 0.86 27.57
C SER M 143 -29.39 0.27 26.20
N ARG M 144 -30.37 -0.62 26.06
CA ARG M 144 -30.71 -1.16 24.77
C ARG M 144 -31.83 -0.37 24.09
N ARG M 145 -32.85 0.05 24.82
CA ARG M 145 -33.84 0.97 24.26
C ARG M 145 -33.35 2.39 24.18
N SER M 146 -32.27 2.74 24.88
CA SER M 146 -31.73 4.07 24.79
C SER M 146 -31.09 4.35 23.44
N LYS M 147 -30.74 3.30 22.70
CA LYS M 147 -30.27 3.44 21.33
C LYS M 147 -31.32 3.03 20.31
N MET M 148 -32.57 2.84 20.77
CA MET M 148 -33.73 2.50 19.94
C MET M 148 -33.54 1.21 19.15
N ASN M 149 -32.80 0.26 19.71
CA ASN M 149 -32.66 -1.08 19.14
C ASN M 149 -33.05 -2.11 20.19
N PRO M 150 -34.29 -2.10 20.65
CA PRO M 150 -34.60 -2.66 21.96
C PRO M 150 -34.78 -4.17 21.96
N LEU M 151 -34.43 -4.77 23.09
CA LEU M 151 -34.86 -6.14 23.36
C LEU M 151 -36.35 -6.14 23.58
N TRP M 152 -37.04 -7.13 23.01
CA TRP M 152 -38.48 -7.14 23.03
C TRP M 152 -39.07 -8.09 24.06
N ASN M 153 -38.27 -8.92 24.69
CA ASN M 153 -38.81 -9.84 25.68
C ASN M 153 -38.92 -9.17 27.04
N THR M 154 -39.81 -9.70 27.86
CA THR M 154 -40.22 -9.06 29.11
C THR M 154 -40.23 -10.13 30.20
N MET M 155 -39.13 -10.27 30.91
CA MET M 155 -38.99 -11.42 31.78
C MET M 155 -39.10 -11.07 33.24
N VAL M 156 -39.10 -12.13 34.05
CA VAL M 156 -39.04 -12.07 35.49
C VAL M 156 -37.90 -12.98 35.93
N ILE M 157 -37.00 -12.46 36.75
CA ILE M 157 -35.92 -13.26 37.29
C ILE M 157 -36.18 -13.40 38.78
N GLY M 158 -35.88 -14.56 39.33
CA GLY M 158 -36.11 -14.80 40.73
C GLY M 158 -35.01 -15.68 41.26
N GLY M 159 -34.88 -15.71 42.57
CA GLY M 159 -33.85 -16.54 43.17
C GLY M 159 -33.82 -16.35 44.65
N TYR M 160 -33.30 -17.36 45.32
CA TYR M 160 -33.15 -17.35 46.77
C TYR M 160 -31.73 -16.97 47.12
N ALA M 161 -31.58 -15.79 47.71
CA ALA M 161 -30.27 -15.29 48.12
C ALA M 161 -29.81 -15.93 49.41
N ASP M 162 -28.84 -15.31 50.08
CA ASP M 162 -28.33 -15.84 51.34
C ASP M 162 -29.40 -15.83 52.42
N GLY M 163 -30.14 -14.74 52.55
CA GLY M 163 -31.09 -14.64 53.63
C GLY M 163 -32.49 -15.03 53.22
N GLU M 164 -33.01 -14.39 52.18
CA GLU M 164 -34.40 -14.51 51.81
C GLU M 164 -34.50 -14.58 50.30
N SER M 165 -35.71 -14.81 49.82
CA SER M 165 -35.93 -15.00 48.39
C SER M 165 -36.06 -13.65 47.69
N PHE M 166 -36.28 -13.73 46.39
CA PHE M 166 -36.28 -12.55 45.53
C PHE M 166 -37.05 -12.86 44.26
N LEU M 167 -37.83 -11.89 43.80
CA LEU M 167 -38.67 -12.08 42.62
C LEU M 167 -38.81 -10.72 41.96
N GLY M 168 -38.01 -10.47 40.93
CA GLY M 168 -37.94 -9.16 40.30
C GLY M 168 -38.38 -9.19 38.86
N TYR M 169 -39.02 -8.12 38.43
CA TYR M 169 -39.55 -7.96 37.09
C TYR M 169 -38.67 -7.00 36.31
N VAL M 170 -38.37 -7.36 35.06
CA VAL M 170 -37.59 -6.51 34.16
C VAL M 170 -38.38 -6.39 32.86
N ASP M 171 -38.72 -5.17 32.49
CA ASP M 171 -39.64 -4.96 31.38
C ASP M 171 -38.87 -4.70 30.10
N MET M 172 -39.59 -4.78 28.97
CA MET M 172 -39.07 -4.44 27.64
C MET M 172 -38.46 -3.04 27.58
N LEU M 173 -39.05 -2.10 28.31
CA LEU M 173 -38.60 -0.72 28.30
C LEU M 173 -37.55 -0.42 29.36
N GLY M 174 -37.37 -1.30 30.33
CA GLY M 174 -36.50 -1.02 31.45
C GLY M 174 -37.24 -0.76 32.75
N VAL M 175 -38.56 -0.98 32.80
CA VAL M 175 -39.36 -0.76 33.99
C VAL M 175 -39.09 -1.93 34.92
N ALA M 176 -38.23 -1.75 35.90
CA ALA M 176 -37.80 -2.85 36.75
C ALA M 176 -38.19 -2.62 38.18
N TYR M 177 -38.65 -3.67 38.86
CA TYR M 177 -39.02 -3.54 40.26
C TYR M 177 -38.97 -4.91 40.93
N GLU M 178 -39.38 -4.91 42.20
CA GLU M 178 -39.49 -6.11 43.00
C GLU M 178 -40.94 -6.23 43.46
N ALA M 179 -41.38 -7.46 43.66
CA ALA M 179 -42.77 -7.68 44.05
C ALA M 179 -42.88 -9.01 44.75
N PRO M 180 -43.87 -9.18 45.62
CA PRO M 180 -44.12 -10.51 46.21
C PRO M 180 -44.61 -11.53 45.20
N SER M 181 -45.27 -11.10 44.12
CA SER M 181 -45.71 -12.06 43.13
C SER M 181 -45.86 -11.37 41.79
N LEU M 182 -45.38 -12.02 40.74
CA LEU M 182 -45.28 -11.43 39.42
C LEU M 182 -45.94 -12.31 38.37
N ALA M 183 -46.25 -11.67 37.25
CA ALA M 183 -46.76 -12.35 36.07
C ALA M 183 -46.52 -11.43 34.89
N THR M 184 -46.27 -12.02 33.72
CA THR M 184 -45.89 -11.28 32.54
C THR M 184 -46.88 -11.50 31.42
N GLY M 185 -47.10 -10.45 30.62
CA GLY M 185 -48.04 -10.56 29.52
C GLY M 185 -49.47 -10.56 30.03
N TYR M 186 -50.31 -11.37 29.38
CA TYR M 186 -51.72 -11.48 29.79
C TYR M 186 -51.88 -12.14 31.14
N GLY M 187 -50.87 -12.89 31.60
CA GLY M 187 -50.88 -13.35 32.97
C GLY M 187 -50.92 -12.20 33.95
N ALA M 188 -50.26 -11.09 33.61
CA ALA M 188 -50.34 -9.87 34.40
C ALA M 188 -51.74 -9.27 34.45
N TYR M 189 -52.62 -9.68 33.54
CA TYR M 189 -54.03 -9.38 33.69
C TYR M 189 -54.81 -10.49 34.34
N LEU M 190 -54.39 -11.75 34.16
CA LEU M 190 -55.22 -12.89 34.55
C LEU M 190 -54.66 -13.68 35.72
N ALA M 191 -53.38 -14.01 35.72
CA ALA M 191 -52.83 -14.74 36.86
C ALA M 191 -52.61 -13.80 38.03
N GLN M 192 -52.35 -12.54 37.74
CA GLN M 192 -52.09 -11.54 38.77
C GLN M 192 -53.23 -11.32 39.78
N PRO M 193 -54.53 -11.41 39.45
CA PRO M 193 -55.53 -11.34 40.53
C PRO M 193 -55.53 -12.51 41.48
N LEU M 194 -55.27 -13.73 41.00
CA LEU M 194 -55.24 -14.85 41.94
C LEU M 194 -53.99 -14.80 42.81
N LEU M 195 -52.94 -14.17 42.33
CA LEU M 195 -51.71 -14.06 43.10
C LEU M 195 -51.80 -12.97 44.15
N ARG M 196 -52.28 -11.78 43.78
CA ARG M 196 -52.43 -10.71 44.76
C ARG M 196 -53.81 -10.69 45.40
N GLU M 197 -54.45 -11.85 45.47
CA GLU M 197 -55.54 -12.10 46.41
C GLU M 197 -55.11 -12.94 47.59
N VAL M 198 -54.45 -14.07 47.34
CA VAL M 198 -53.98 -14.93 48.42
C VAL M 198 -52.89 -14.24 49.22
N LEU M 199 -52.01 -13.51 48.54
CA LEU M 199 -50.90 -12.84 49.21
C LEU M 199 -51.32 -11.56 49.94
N GLU M 200 -52.53 -11.05 49.68
CA GLU M 200 -53.05 -10.02 50.56
C GLU M 200 -53.67 -10.61 51.82
N LYS M 201 -54.14 -11.86 51.75
CA LYS M 201 -54.67 -12.51 52.94
C LYS M 201 -53.53 -12.97 53.85
N GLN M 202 -52.67 -13.85 53.35
CA GLN M 202 -51.46 -14.25 54.08
C GLN M 202 -50.25 -14.00 53.20
N PRO M 203 -49.29 -13.19 53.63
CA PRO M 203 -48.04 -13.07 52.85
C PRO M 203 -47.00 -14.10 53.26
N VAL M 204 -47.43 -15.34 53.50
CA VAL M 204 -46.56 -16.44 53.91
C VAL M 204 -47.10 -17.70 53.24
N LEU M 205 -46.27 -18.38 52.46
CA LEU M 205 -46.71 -19.56 51.75
C LEU M 205 -45.74 -20.70 51.98
N SER M 206 -46.27 -21.90 52.16
CA SER M 206 -45.45 -23.09 52.07
C SER M 206 -45.23 -23.43 50.61
N GLN M 207 -44.38 -24.43 50.37
CA GLN M 207 -44.00 -24.76 49.01
C GLN M 207 -45.14 -25.41 48.24
N THR M 208 -45.93 -26.25 48.91
CA THR M 208 -47.04 -26.90 48.22
C THR M 208 -48.18 -25.94 47.92
N GLU M 209 -48.39 -24.95 48.79
CA GLU M 209 -49.43 -23.96 48.55
C GLU M 209 -49.06 -23.06 47.37
N ALA M 210 -47.79 -22.66 47.31
CA ALA M 210 -47.33 -21.83 46.19
C ALA M 210 -47.32 -22.63 44.90
N ARG M 211 -46.92 -23.90 44.96
CA ARG M 211 -46.84 -24.71 43.76
C ARG M 211 -48.23 -25.01 43.21
N ASP M 212 -49.19 -25.30 44.09
CA ASP M 212 -50.56 -25.47 43.63
C ASP M 212 -51.16 -24.14 43.18
N LEU M 213 -50.72 -23.04 43.77
CA LEU M 213 -51.21 -21.73 43.38
C LEU M 213 -50.80 -21.39 41.95
N VAL M 214 -49.53 -21.57 41.61
CA VAL M 214 -49.12 -21.28 40.24
C VAL M 214 -49.56 -22.34 39.27
N GLU M 215 -49.83 -23.57 39.73
CA GLU M 215 -50.44 -24.56 38.83
C GLU M 215 -51.87 -24.16 38.49
N ARG M 216 -52.59 -23.60 39.46
CA ARG M 216 -53.96 -23.20 39.24
C ARG M 216 -54.03 -21.94 38.37
N CYS M 217 -53.13 -20.98 38.60
CA CYS M 217 -53.05 -19.80 37.75
C CYS M 217 -52.66 -20.17 36.32
N MET M 218 -51.76 -21.14 36.17
CA MET M 218 -51.39 -21.57 34.84
C MET M 218 -52.54 -22.29 34.15
N ARG M 219 -53.40 -22.96 34.93
CA ARG M 219 -54.61 -23.52 34.35
C ARG M 219 -55.57 -22.43 33.90
N VAL M 220 -55.64 -21.32 34.64
CA VAL M 220 -56.49 -20.20 34.23
C VAL M 220 -55.99 -19.58 32.93
N LEU M 221 -54.67 -19.40 32.81
CA LEU M 221 -54.13 -18.93 31.53
C LEU M 221 -54.28 -19.95 30.42
N TYR M 222 -54.41 -21.24 30.73
CA TYR M 222 -54.80 -22.17 29.69
C TYR M 222 -56.24 -21.94 29.26
N TYR M 223 -57.10 -21.54 30.19
CA TYR M 223 -58.50 -21.34 29.86
C TYR M 223 -58.73 -20.06 29.05
N ARG M 224 -58.10 -18.96 29.44
CA ARG M 224 -58.44 -17.67 28.84
C ARG M 224 -57.45 -17.14 27.83
N ASP M 225 -56.15 -17.32 28.02
CA ASP M 225 -55.19 -16.73 27.09
C ASP M 225 -55.15 -17.55 25.81
N ALA M 226 -55.27 -16.85 24.67
CA ALA M 226 -55.32 -17.54 23.39
C ALA M 226 -53.97 -18.10 23.00
N ARG M 227 -52.89 -17.40 23.31
CA ARG M 227 -51.55 -17.86 22.95
C ARG M 227 -50.96 -18.74 24.03
N SER M 228 -51.70 -19.73 24.50
CA SER M 228 -51.26 -20.56 25.61
C SER M 228 -51.39 -22.02 25.24
N TYR M 229 -50.46 -22.82 25.74
CA TYR M 229 -50.39 -24.22 25.41
C TYR M 229 -50.56 -25.03 26.68
N ASN M 230 -50.86 -26.33 26.51
CA ASN M 230 -51.26 -27.17 27.62
C ASN M 230 -50.10 -27.43 28.58
N ARG M 231 -49.03 -28.04 28.08
CA ARG M 231 -47.95 -28.43 28.99
C ARG M 231 -47.08 -27.23 29.34
N PHE M 232 -46.48 -27.28 30.52
CA PHE M 232 -45.74 -26.14 31.03
C PHE M 232 -44.67 -26.63 31.98
N GLN M 233 -43.57 -25.90 32.03
CA GLN M 233 -42.52 -26.16 32.99
C GLN M 233 -42.79 -25.36 34.26
N ILE M 234 -42.77 -26.05 35.39
CA ILE M 234 -42.81 -25.36 36.67
C ILE M 234 -41.41 -25.48 37.25
N ALA M 235 -40.97 -24.45 37.96
CA ALA M 235 -39.54 -24.39 38.25
C ALA M 235 -39.30 -23.60 39.52
N THR M 236 -38.61 -24.22 40.46
CA THR M 236 -38.54 -23.73 41.84
C THR M 236 -37.08 -23.63 42.25
N VAL M 237 -36.70 -22.52 42.88
CA VAL M 237 -35.41 -22.42 43.55
C VAL M 237 -35.63 -22.32 45.06
N THR M 238 -34.87 -23.13 45.80
CA THR M 238 -35.06 -23.31 47.23
C THR M 238 -33.67 -23.15 47.84
N GLU M 239 -33.53 -23.44 49.15
CA GLU M 239 -32.23 -23.48 49.81
C GLU M 239 -31.29 -24.48 49.14
N LYS M 240 -31.83 -25.57 48.62
CA LYS M 240 -30.95 -26.52 47.96
C LYS M 240 -30.64 -26.14 46.52
N GLY M 241 -31.19 -25.04 46.01
CA GLY M 241 -30.80 -24.65 44.67
C GLY M 241 -31.93 -24.57 43.66
N VAL M 242 -31.56 -24.43 42.39
CA VAL M 242 -32.49 -24.30 41.28
C VAL M 242 -32.83 -25.70 40.79
N GLU M 243 -34.11 -25.98 40.64
CA GLU M 243 -34.55 -27.21 39.98
C GLU M 243 -35.77 -26.93 39.13
N ILE M 244 -35.86 -27.62 38.00
CA ILE M 244 -36.87 -27.35 36.98
C ILE M 244 -37.64 -28.64 36.75
N GLU M 245 -38.92 -28.64 37.09
CA GLU M 245 -39.76 -29.83 36.93
C GLU M 245 -40.68 -29.72 35.73
N GLY M 246 -40.16 -30.05 34.56
CA GLY M 246 -40.94 -29.99 33.34
C GLY M 246 -40.91 -31.30 32.56
N PRO M 247 -41.97 -31.57 31.81
CA PRO M 247 -43.11 -30.64 31.73
C PRO M 247 -44.33 -31.19 32.44
N LEU M 248 -45.26 -30.30 32.82
CA LEU M 248 -46.47 -30.71 33.51
C LEU M 248 -47.69 -30.56 32.61
N SER M 249 -48.87 -30.78 33.19
CA SER M 249 -50.11 -30.66 32.44
C SER M 249 -51.14 -29.97 33.33
N THR M 250 -52.25 -29.59 32.72
CA THR M 250 -53.35 -28.95 33.42
C THR M 250 -54.59 -29.83 33.32
N GLU M 251 -55.17 -30.17 34.46
CA GLU M 251 -56.41 -30.94 34.48
C GLU M 251 -57.55 -30.00 34.09
N THR M 252 -58.02 -30.13 32.86
CA THR M 252 -59.00 -29.21 32.33
C THR M 252 -60.40 -29.56 32.83
N ASN M 253 -61.24 -28.54 32.94
CA ASN M 253 -62.61 -28.68 33.43
C ASN M 253 -63.54 -28.07 32.38
N TRP M 254 -63.95 -28.89 31.40
CA TRP M 254 -64.87 -28.46 30.36
C TRP M 254 -66.30 -28.90 30.65
N ASP M 255 -66.66 -29.01 31.93
CA ASP M 255 -67.98 -29.52 32.29
C ASP M 255 -69.09 -28.49 32.12
N ILE M 256 -68.75 -27.22 31.86
CA ILE M 256 -69.78 -26.22 31.63
C ILE M 256 -70.17 -26.10 30.16
N ALA M 257 -69.62 -26.96 29.31
CA ALA M 257 -69.77 -26.79 27.88
C ALA M 257 -71.14 -27.21 27.38
N HIS M 258 -71.73 -28.24 27.99
CA HIS M 258 -72.97 -28.82 27.50
C HIS M 258 -74.21 -28.13 28.09
N MET M 259 -74.08 -26.87 28.48
CA MET M 259 -75.22 -26.06 28.91
C MET M 259 -75.42 -24.86 27.99
N ILE M 260 -75.12 -25.03 26.70
CA ILE M 260 -75.16 -23.96 25.73
C ILE M 260 -76.20 -24.31 24.68
N SER M 261 -77.18 -23.42 24.49
CA SER M 261 -78.23 -23.65 23.52
C SER M 261 -78.61 -22.35 22.83
N THR N 35 -42.70 -22.66 -1.90
CA THR N 35 -41.69 -22.78 -0.86
C THR N 35 -42.20 -23.61 0.30
N THR N 36 -41.78 -24.87 0.35
CA THR N 36 -42.11 -25.73 1.48
C THR N 36 -40.93 -26.67 1.71
N ILE N 37 -40.48 -26.77 2.96
CA ILE N 37 -39.32 -27.57 3.30
C ILE N 37 -39.70 -28.54 4.41
N MET N 38 -39.27 -29.79 4.28
CA MET N 38 -39.39 -30.78 5.33
C MET N 38 -38.02 -31.37 5.63
N ALA N 39 -37.83 -31.81 6.87
CA ALA N 39 -36.62 -32.54 7.27
C ALA N 39 -36.96 -33.39 8.46
N VAL N 40 -36.82 -34.71 8.32
CA VAL N 40 -37.21 -35.66 9.36
C VAL N 40 -36.00 -36.45 9.77
N GLN N 41 -35.67 -36.42 11.06
CA GLN N 41 -34.66 -37.29 11.65
C GLN N 41 -35.26 -38.69 11.81
N PHE N 42 -34.84 -39.64 10.98
CA PHE N 42 -35.43 -40.98 11.09
C PHE N 42 -34.73 -41.82 12.15
N ASP N 43 -33.45 -42.14 11.93
CA ASP N 43 -32.60 -42.93 12.83
C ASP N 43 -31.18 -42.88 12.30
N GLY N 44 -30.22 -42.53 13.13
CA GLY N 44 -28.86 -42.42 12.64
C GLY N 44 -28.67 -41.17 11.80
N GLY N 45 -29.21 -41.16 10.59
CA GLY N 45 -29.20 -39.99 9.75
C GLY N 45 -30.55 -39.33 9.65
N VAL N 46 -30.67 -38.42 8.69
CA VAL N 46 -31.89 -37.64 8.46
C VAL N 46 -32.31 -37.76 7.01
N VAL N 47 -33.52 -37.28 6.72
CA VAL N 47 -34.06 -37.22 5.37
C VAL N 47 -34.60 -35.82 5.16
N LEU N 48 -34.05 -35.12 4.19
CA LEU N 48 -34.48 -33.76 3.88
C LEU N 48 -35.64 -33.78 2.90
N GLY N 49 -35.99 -32.61 2.38
CA GLY N 49 -37.00 -32.51 1.35
C GLY N 49 -37.34 -31.06 1.10
N ALA N 50 -37.47 -30.68 -0.17
CA ALA N 50 -37.75 -29.31 -0.50
C ALA N 50 -38.51 -29.26 -1.80
N ASP N 51 -39.38 -28.27 -1.93
CA ASP N 51 -40.14 -28.09 -3.17
C ASP N 51 -39.29 -27.24 -4.11
N SER N 52 -39.83 -26.83 -5.26
CA SER N 52 -39.00 -26.10 -6.19
C SER N 52 -39.85 -25.09 -6.98
N ARG N 53 -39.95 -23.88 -6.43
CA ARG N 53 -40.46 -22.71 -7.14
C ARG N 53 -39.77 -21.48 -6.60
N THR N 54 -39.66 -20.46 -7.43
CA THR N 54 -39.12 -19.16 -7.01
C THR N 54 -40.04 -18.11 -7.62
N THR N 55 -41.06 -17.72 -6.87
CA THR N 55 -42.09 -16.86 -7.39
C THR N 55 -41.74 -15.40 -7.18
N THR N 56 -41.98 -14.60 -8.22
CA THR N 56 -41.94 -13.14 -8.10
C THR N 56 -43.35 -12.62 -7.88
N GLY N 57 -43.89 -12.98 -6.72
CA GLY N 57 -45.25 -12.63 -6.39
C GLY N 57 -46.26 -13.59 -6.98
N SER N 58 -46.50 -13.47 -8.29
CA SER N 58 -47.45 -14.34 -8.97
C SER N 58 -46.90 -14.79 -10.31
N TYR N 59 -45.62 -15.14 -10.34
CA TYR N 59 -44.97 -15.63 -11.55
C TYR N 59 -43.79 -16.49 -11.16
N ILE N 60 -43.79 -17.75 -11.58
CA ILE N 60 -42.71 -18.66 -11.23
C ILE N 60 -41.48 -18.30 -12.05
N ALA N 61 -40.54 -17.60 -11.43
CA ALA N 61 -39.34 -17.21 -12.14
C ALA N 61 -38.40 -18.38 -12.35
N ASN N 62 -38.44 -19.38 -11.49
CA ASN N 62 -37.56 -20.54 -11.60
C ASN N 62 -38.41 -21.76 -11.25
N ARG N 63 -38.80 -22.51 -12.28
CA ARG N 63 -39.58 -23.72 -12.08
C ARG N 63 -38.77 -24.83 -11.43
N VAL N 64 -37.45 -24.82 -11.60
CA VAL N 64 -36.59 -25.91 -11.14
C VAL N 64 -35.39 -25.33 -10.39
N THR N 65 -35.50 -25.23 -9.08
CA THR N 65 -34.40 -24.80 -8.24
C THR N 65 -34.20 -25.79 -7.12
N ASP N 66 -33.00 -25.83 -6.57
CA ASP N 66 -32.69 -26.71 -5.47
C ASP N 66 -32.54 -25.88 -4.20
N LYS N 67 -33.58 -25.88 -3.38
CA LYS N 67 -33.47 -25.21 -2.09
C LYS N 67 -32.64 -26.02 -1.11
N LEU N 68 -32.50 -27.32 -1.35
CA LEU N 68 -31.44 -28.09 -0.73
C LEU N 68 -30.11 -27.58 -1.25
N THR N 69 -29.16 -27.36 -0.33
CA THR N 69 -27.82 -27.06 -0.76
C THR N 69 -26.83 -27.61 0.26
N PRO N 70 -25.71 -28.15 -0.19
CA PRO N 70 -24.66 -28.55 0.75
C PRO N 70 -23.92 -27.36 1.28
N ILE N 71 -23.46 -27.45 2.53
CA ILE N 71 -22.56 -26.46 3.09
C ILE N 71 -21.23 -27.07 3.49
N HIS N 72 -21.20 -28.26 4.10
CA HIS N 72 -19.89 -28.90 4.13
C HIS N 72 -19.80 -30.24 3.42
N ASP N 73 -20.26 -31.30 4.07
CA ASP N 73 -20.26 -32.61 3.43
C ASP N 73 -21.56 -33.33 3.72
N ARG N 74 -21.87 -33.44 5.01
CA ARG N 74 -23.07 -34.06 5.52
C ARG N 74 -24.12 -33.04 5.91
N ILE N 75 -23.69 -31.92 6.48
CA ILE N 75 -24.62 -30.88 6.91
C ILE N 75 -25.17 -30.20 5.66
N PHE N 76 -26.47 -30.25 5.47
CA PHE N 76 -27.13 -29.46 4.45
C PHE N 76 -27.98 -28.40 5.11
N CYS N 77 -28.03 -27.22 4.53
CA CYS N 77 -29.01 -26.23 4.93
C CYS N 77 -30.02 -26.10 3.82
N CYS N 78 -31.25 -25.84 4.20
CA CYS N 78 -32.28 -25.52 3.23
C CYS N 78 -32.43 -24.01 3.21
N ARG N 79 -33.40 -23.51 2.45
CA ARG N 79 -33.63 -22.07 2.43
C ARG N 79 -35.06 -21.78 2.04
N SER N 80 -35.67 -20.83 2.75
CA SER N 80 -37.06 -20.46 2.54
C SER N 80 -37.18 -18.95 2.60
N GLY N 81 -38.41 -18.47 2.56
CA GLY N 81 -38.69 -17.05 2.65
C GLY N 81 -38.22 -16.29 1.43
N SER N 82 -37.23 -15.42 1.62
CA SER N 82 -36.63 -14.71 0.51
C SER N 82 -35.59 -15.59 -0.18
N ALA N 83 -34.95 -15.05 -1.20
CA ALA N 83 -34.05 -15.85 -2.03
C ALA N 83 -32.66 -15.25 -2.11
N ALA N 84 -32.58 -13.92 -2.14
CA ALA N 84 -31.29 -13.27 -2.34
C ALA N 84 -30.45 -13.27 -1.07
N ASP N 85 -31.08 -13.02 0.08
CA ASP N 85 -30.33 -12.94 1.32
C ASP N 85 -29.89 -14.30 1.82
N THR N 86 -30.73 -15.32 1.65
CA THR N 86 -30.52 -16.59 2.34
C THR N 86 -29.37 -17.38 1.74
N GLN N 87 -29.05 -17.19 0.46
CA GLN N 87 -27.91 -17.89 -0.07
C GLN N 87 -26.63 -17.08 0.07
N ALA N 88 -26.73 -15.78 0.31
CA ALA N 88 -25.59 -15.04 0.83
C ALA N 88 -25.24 -15.52 2.23
N VAL N 89 -26.26 -15.86 3.02
CA VAL N 89 -26.01 -16.52 4.30
C VAL N 89 -25.43 -17.91 4.06
N ALA N 90 -25.89 -18.61 3.02
CA ALA N 90 -25.47 -20.00 2.81
C ALA N 90 -24.01 -20.09 2.39
N ASP N 91 -23.56 -19.23 1.47
CA ASP N 91 -22.14 -19.32 1.14
C ASP N 91 -21.27 -18.57 2.15
N ALA N 92 -21.86 -17.63 2.90
CA ALA N 92 -21.11 -17.05 4.02
C ALA N 92 -20.80 -18.09 5.08
N VAL N 93 -21.75 -18.98 5.38
CA VAL N 93 -21.48 -20.02 6.36
C VAL N 93 -20.82 -21.24 5.74
N THR N 94 -20.79 -21.34 4.41
CA THR N 94 -19.90 -22.29 3.79
C THR N 94 -18.46 -21.82 3.97
N TYR N 95 -18.23 -20.52 3.88
CA TYR N 95 -16.93 -19.94 4.19
C TYR N 95 -16.52 -20.16 5.64
N GLN N 96 -17.39 -19.77 6.58
CA GLN N 96 -17.02 -19.85 7.98
C GLN N 96 -16.96 -21.29 8.47
N LEU N 97 -17.93 -22.11 8.07
CA LEU N 97 -17.96 -23.50 8.50
C LEU N 97 -16.86 -24.32 7.85
N GLY N 98 -16.56 -24.04 6.58
CA GLY N 98 -15.48 -24.74 5.92
C GLY N 98 -14.12 -24.37 6.48
N PHE N 99 -13.91 -23.08 6.76
CA PHE N 99 -12.66 -22.63 7.36
C PHE N 99 -12.49 -23.17 8.77
N HIS N 100 -13.59 -23.25 9.52
CA HIS N 100 -13.53 -23.81 10.87
C HIS N 100 -13.27 -25.30 10.83
N SER N 101 -13.90 -26.00 9.89
CA SER N 101 -13.73 -27.44 9.80
C SER N 101 -12.33 -27.82 9.35
N ILE N 102 -11.74 -27.04 8.44
CA ILE N 102 -10.35 -27.31 8.07
C ILE N 102 -9.41 -26.81 9.16
N GLU N 103 -9.88 -25.91 10.02
CA GLU N 103 -9.03 -25.43 11.10
C GLU N 103 -8.95 -26.46 12.22
N LEU N 104 -10.00 -27.25 12.40
CA LEU N 104 -9.97 -28.27 13.44
C LEU N 104 -9.41 -29.60 12.95
N ASN N 105 -9.39 -29.82 11.63
CA ASN N 105 -9.12 -31.12 11.01
C ASN N 105 -10.06 -32.20 11.53
N GLU N 106 -11.32 -31.83 11.75
CA GLU N 106 -12.38 -32.75 12.17
C GLU N 106 -13.67 -32.36 11.46
N PRO N 107 -14.56 -33.31 11.22
CA PRO N 107 -15.88 -32.95 10.69
C PRO N 107 -16.70 -32.24 11.75
N PRO N 108 -17.30 -31.11 11.41
CA PRO N 108 -17.98 -30.28 12.41
C PRO N 108 -19.38 -30.81 12.71
N LEU N 109 -19.86 -30.41 13.89
CA LEU N 109 -21.20 -30.80 14.28
C LEU N 109 -22.22 -29.95 13.56
N VAL N 110 -23.45 -30.47 13.50
CA VAL N 110 -24.55 -29.69 12.93
C VAL N 110 -24.90 -28.54 13.87
N HIS N 111 -24.68 -28.72 15.17
CA HIS N 111 -24.91 -27.68 16.16
C HIS N 111 -23.99 -26.48 15.95
N THR N 112 -22.80 -26.71 15.38
CA THR N 112 -21.93 -25.61 15.02
C THR N 112 -22.55 -24.74 13.93
N ALA N 113 -23.00 -25.38 12.85
CA ALA N 113 -23.57 -24.65 11.72
C ALA N 113 -24.88 -23.96 12.11
N ALA N 114 -25.71 -24.63 12.89
CA ALA N 114 -26.93 -23.98 13.35
C ALA N 114 -26.64 -22.87 14.36
N SER N 115 -25.51 -22.97 15.07
CA SER N 115 -25.15 -21.91 15.99
C SER N 115 -24.74 -20.65 15.26
N LEU N 116 -23.89 -20.78 14.24
CA LEU N 116 -23.57 -19.59 13.48
C LEU N 116 -24.67 -19.19 12.50
N PHE N 117 -25.69 -20.03 12.31
CA PHE N 117 -26.94 -19.55 11.73
C PHE N 117 -27.73 -18.70 12.71
N LYS N 118 -27.72 -19.07 13.99
CA LYS N 118 -28.36 -18.24 15.00
C LYS N 118 -27.66 -16.89 15.11
N GLU N 119 -26.34 -16.88 15.01
CA GLU N 119 -25.62 -15.61 15.14
C GLU N 119 -25.73 -14.79 13.86
N MET N 120 -25.43 -15.41 12.72
CA MET N 120 -25.42 -14.70 11.44
C MET N 120 -26.82 -14.24 11.04
N CYS N 121 -27.84 -15.00 11.38
CA CYS N 121 -29.20 -14.56 11.09
C CYS N 121 -29.76 -13.67 12.19
N TYR N 122 -29.29 -13.83 13.43
CA TYR N 122 -29.82 -13.01 14.52
C TYR N 122 -29.31 -11.58 14.44
N ARG N 123 -28.04 -11.38 14.11
CA ARG N 123 -27.48 -10.04 14.13
C ARG N 123 -28.04 -9.16 13.02
N TYR N 124 -28.55 -9.75 11.95
CA TYR N 124 -29.09 -9.01 10.82
C TYR N 124 -30.59 -9.27 10.68
N ARG N 125 -31.29 -9.31 11.81
CA ARG N 125 -32.65 -9.85 11.84
C ARG N 125 -33.68 -8.92 11.21
N GLU N 126 -33.38 -7.64 11.07
CA GLU N 126 -34.34 -6.71 10.50
C GLU N 126 -34.14 -6.50 9.01
N ASP N 127 -33.24 -7.27 8.40
CA ASP N 127 -32.96 -7.13 6.98
C ASP N 127 -33.11 -8.44 6.22
N LEU N 128 -33.37 -9.55 6.91
CA LEU N 128 -33.33 -10.87 6.31
C LEU N 128 -34.65 -11.60 6.56
N MET N 129 -35.16 -12.25 5.52
CA MET N 129 -36.31 -13.14 5.61
C MET N 129 -35.79 -14.53 5.24
N ALA N 130 -35.23 -15.24 6.22
CA ALA N 130 -34.56 -16.51 5.97
C ALA N 130 -34.97 -17.49 7.06
N GLY N 131 -36.01 -18.26 6.80
CA GLY N 131 -36.45 -19.27 7.73
C GLY N 131 -35.85 -20.63 7.46
N ILE N 132 -34.53 -20.72 7.45
CA ILE N 132 -33.87 -21.93 6.99
C ILE N 132 -33.93 -23.00 8.07
N ILE N 133 -34.09 -24.25 7.66
CA ILE N 133 -34.06 -25.37 8.60
C ILE N 133 -33.04 -26.37 8.06
N ILE N 134 -32.11 -26.76 8.92
CA ILE N 134 -30.92 -27.46 8.45
C ILE N 134 -30.88 -28.85 9.07
N ALA N 135 -30.03 -29.69 8.50
CA ALA N 135 -29.94 -31.08 8.91
C ALA N 135 -28.59 -31.62 8.50
N GLY N 136 -28.28 -32.80 8.98
CA GLY N 136 -27.02 -33.46 8.68
C GLY N 136 -26.71 -34.51 9.71
N TRP N 137 -25.64 -35.26 9.44
CA TRP N 137 -25.20 -36.32 10.34
C TRP N 137 -23.82 -35.97 10.88
N ASP N 138 -23.78 -35.50 12.06
CA ASP N 138 -22.47 -35.45 12.66
C ASP N 138 -22.06 -36.84 13.15
N PRO N 139 -20.76 -37.14 13.21
CA PRO N 139 -20.34 -38.45 13.71
C PRO N 139 -20.52 -38.60 15.20
N GLN N 140 -20.56 -37.50 15.94
CA GLN N 140 -20.66 -37.56 17.38
C GLN N 140 -22.06 -37.94 17.84
N GLU N 141 -23.04 -37.09 17.54
CA GLU N 141 -24.39 -37.35 18.03
C GLU N 141 -25.14 -38.29 17.09
N GLY N 142 -25.55 -37.80 15.93
CA GLY N 142 -26.26 -38.62 14.98
C GLY N 142 -27.15 -37.81 14.06
N GLY N 143 -28.43 -38.10 14.05
CA GLY N 143 -29.36 -37.31 13.29
C GLY N 143 -29.69 -36.04 14.03
N GLN N 144 -29.46 -34.90 13.41
CA GLN N 144 -29.82 -33.61 13.98
C GLN N 144 -30.51 -32.77 12.94
N VAL N 145 -31.65 -32.19 13.30
CA VAL N 145 -32.38 -31.27 12.45
C VAL N 145 -32.69 -30.03 13.28
N TYR N 146 -32.11 -28.91 12.89
CA TYR N 146 -32.33 -27.65 13.60
C TYR N 146 -33.21 -26.73 12.77
N SER N 147 -33.93 -25.84 13.45
CA SER N 147 -34.79 -24.88 12.80
C SER N 147 -34.31 -23.48 13.12
N VAL N 148 -34.06 -22.69 12.09
CA VAL N 148 -33.71 -21.29 12.27
C VAL N 148 -34.80 -20.47 11.59
N PRO N 149 -35.84 -20.11 12.32
CA PRO N 149 -36.96 -19.40 11.68
C PRO N 149 -36.67 -17.94 11.35
N MET N 150 -37.74 -17.24 10.97
CA MET N 150 -37.63 -15.92 10.37
C MET N 150 -37.07 -14.88 11.33
N GLY N 151 -37.40 -15.00 12.62
CA GLY N 151 -36.83 -14.08 13.59
C GLY N 151 -35.37 -14.35 13.89
N GLY N 152 -34.95 -15.60 13.77
CA GLY N 152 -33.56 -15.95 13.88
C GLY N 152 -33.23 -16.50 15.25
N MET N 153 -33.23 -17.83 15.36
CA MET N 153 -32.98 -18.50 16.62
C MET N 153 -32.61 -19.95 16.30
N MET N 154 -32.50 -20.80 17.31
CA MET N 154 -32.09 -22.17 17.07
C MET N 154 -32.82 -23.08 18.05
N VAL N 155 -33.60 -24.01 17.51
CA VAL N 155 -34.17 -25.09 18.31
C VAL N 155 -33.89 -26.40 17.58
N ARG N 156 -33.86 -27.48 18.34
CA ARG N 156 -33.69 -28.81 17.79
C ARG N 156 -35.04 -29.50 17.73
N GLN N 157 -35.36 -30.10 16.60
CA GLN N 157 -36.63 -30.76 16.41
C GLN N 157 -36.44 -32.14 15.82
N SER N 158 -37.44 -33.00 16.02
CA SER N 158 -37.46 -34.29 15.37
C SER N 158 -37.74 -34.12 13.88
N PHE N 159 -38.89 -33.57 13.56
CA PHE N 159 -39.20 -33.11 12.22
C PHE N 159 -39.21 -31.59 12.22
N ALA N 160 -38.75 -31.00 11.13
CA ALA N 160 -38.84 -29.58 10.96
C ALA N 160 -39.60 -29.28 9.68
N ILE N 161 -40.04 -28.03 9.58
CA ILE N 161 -40.96 -27.63 8.53
C ILE N 161 -40.91 -26.11 8.45
N GLY N 162 -40.93 -25.59 7.23
CA GLY N 162 -40.75 -24.17 7.05
C GLY N 162 -40.83 -23.72 5.61
N GLY N 163 -41.56 -22.65 5.38
CA GLY N 163 -41.76 -22.14 4.04
C GLY N 163 -43.13 -21.53 3.90
N SER N 164 -43.46 -21.16 2.66
CA SER N 164 -44.74 -20.51 2.41
C SER N 164 -45.90 -21.49 2.55
N GLY N 165 -45.87 -22.59 1.78
CA GLY N 165 -46.88 -23.62 1.89
C GLY N 165 -46.82 -24.46 3.14
N SER N 166 -45.77 -24.29 3.94
CA SER N 166 -45.56 -25.10 5.13
C SER N 166 -46.41 -24.62 6.30
N SER N 167 -47.67 -24.40 6.02
CA SER N 167 -48.69 -24.16 7.01
C SER N 167 -49.88 -25.01 6.68
N TYR N 168 -49.90 -25.64 5.52
CA TYR N 168 -51.07 -26.39 5.08
C TYR N 168 -50.94 -27.85 5.44
N ILE N 169 -49.82 -28.25 6.02
CA ILE N 169 -49.55 -29.65 6.29
C ILE N 169 -49.11 -29.88 7.73
N TYR N 170 -49.44 -28.97 8.64
CA TYR N 170 -49.15 -29.27 10.04
C TYR N 170 -50.07 -30.34 10.58
N GLY N 171 -51.28 -30.46 10.02
CA GLY N 171 -52.17 -31.51 10.44
C GLY N 171 -51.69 -32.88 10.01
N TYR N 172 -51.27 -33.00 8.75
CA TYR N 172 -50.83 -34.27 8.23
C TYR N 172 -49.52 -34.72 8.85
N VAL N 173 -48.55 -33.81 8.95
CA VAL N 173 -47.27 -34.16 9.54
C VAL N 173 -47.41 -34.38 11.04
N ASP N 174 -48.29 -33.62 11.69
CA ASP N 174 -48.55 -33.83 13.11
C ASP N 174 -49.27 -35.15 13.37
N ALA N 175 -50.04 -35.65 12.41
CA ALA N 175 -50.83 -36.85 12.64
C ALA N 175 -50.12 -38.12 12.18
N THR N 176 -49.28 -38.06 11.16
CA THR N 176 -48.73 -39.26 10.54
C THR N 176 -47.41 -39.69 11.16
N TYR N 177 -46.56 -38.72 11.51
CA TYR N 177 -45.24 -38.99 12.08
C TYR N 177 -45.39 -39.66 13.44
N ARG N 178 -44.96 -40.92 13.54
CA ARG N 178 -45.26 -41.66 14.75
C ARG N 178 -44.14 -41.62 15.79
N GLU N 179 -43.02 -42.33 15.56
CA GLU N 179 -41.78 -42.32 16.33
C GLU N 179 -40.79 -43.25 15.64
N GLY N 180 -39.53 -42.84 15.53
CA GLY N 180 -38.44 -43.78 15.20
C GLY N 180 -38.58 -44.47 13.86
N MET N 181 -39.08 -43.76 12.85
CA MET N 181 -39.38 -44.38 11.57
C MET N 181 -38.09 -44.68 10.81
N THR N 182 -38.21 -45.43 9.74
CA THR N 182 -37.05 -45.85 8.97
C THR N 182 -36.87 -44.96 7.75
N LYS N 183 -35.87 -45.32 6.93
CA LYS N 183 -35.44 -44.44 5.85
C LYS N 183 -36.43 -44.42 4.70
N GLU N 184 -37.02 -45.57 4.37
CA GLU N 184 -37.93 -45.61 3.24
C GLU N 184 -39.28 -44.98 3.54
N GLU N 185 -39.74 -45.07 4.79
CA GLU N 185 -41.02 -44.51 5.16
C GLU N 185 -40.93 -43.04 5.57
N CYS N 186 -39.76 -42.56 5.95
CA CYS N 186 -39.55 -41.13 5.99
C CYS N 186 -39.27 -40.57 4.61
N LEU N 187 -38.79 -41.40 3.69
CA LEU N 187 -38.63 -40.97 2.32
C LEU N 187 -39.99 -40.74 1.68
N GLN N 188 -40.89 -41.72 1.81
CA GLN N 188 -42.23 -41.50 1.29
C GLN N 188 -43.07 -40.60 2.18
N PHE N 189 -42.71 -40.47 3.45
CA PHE N 189 -43.42 -39.56 4.34
C PHE N 189 -43.14 -38.10 3.99
N THR N 190 -41.87 -37.77 3.80
CA THR N 190 -41.51 -36.45 3.31
C THR N 190 -42.03 -36.23 1.89
N ALA N 191 -42.05 -37.31 1.08
CA ALA N 191 -42.51 -37.21 -0.29
C ALA N 191 -43.99 -36.84 -0.37
N ASN N 192 -44.84 -37.55 0.35
CA ASN N 192 -46.26 -37.21 0.22
C ASN N 192 -46.67 -36.02 1.08
N ALA N 193 -45.91 -35.71 2.13
CA ALA N 193 -46.16 -34.47 2.87
C ALA N 193 -45.90 -33.25 1.98
N LEU N 194 -44.74 -33.24 1.31
CA LEU N 194 -44.47 -32.19 0.34
C LEU N 194 -45.39 -32.28 -0.88
N ALA N 195 -45.96 -33.44 -1.17
CA ALA N 195 -46.92 -33.53 -2.26
C ALA N 195 -48.23 -32.85 -1.89
N LEU N 196 -48.65 -32.99 -0.63
CA LEU N 196 -49.81 -32.24 -0.15
C LEU N 196 -49.55 -30.74 -0.19
N ALA N 197 -48.38 -30.33 0.30
CA ALA N 197 -48.10 -28.89 0.37
C ALA N 197 -47.90 -28.28 -1.00
N MET N 198 -47.34 -29.02 -1.96
CA MET N 198 -47.29 -28.46 -3.31
C MET N 198 -48.63 -28.54 -4.00
N GLU N 199 -49.51 -29.44 -3.57
CA GLU N 199 -50.81 -29.52 -4.20
C GLU N 199 -51.70 -28.37 -3.75
N ARG N 200 -51.54 -27.92 -2.51
CA ARG N 200 -52.50 -26.94 -2.00
C ARG N 200 -51.99 -25.50 -2.08
N ASP N 201 -50.70 -25.26 -1.91
CA ASP N 201 -50.17 -23.92 -2.06
C ASP N 201 -50.05 -23.56 -3.54
N GLY N 202 -50.23 -22.28 -3.83
CA GLY N 202 -50.01 -21.75 -5.16
C GLY N 202 -48.58 -21.30 -5.36
N SER N 203 -47.90 -20.93 -4.27
CA SER N 203 -46.51 -20.51 -4.34
C SER N 203 -45.55 -21.66 -4.06
N SER N 204 -45.96 -22.88 -4.37
CA SER N 204 -45.16 -24.07 -4.12
C SER N 204 -45.63 -25.15 -5.07
N GLY N 205 -44.68 -25.80 -5.74
CA GLY N 205 -45.03 -26.77 -6.75
C GLY N 205 -43.78 -27.18 -7.53
N GLY N 206 -44.02 -27.94 -8.58
CA GLY N 206 -42.91 -28.47 -9.36
C GLY N 206 -42.41 -29.78 -8.79
N VAL N 207 -41.19 -30.13 -9.18
CA VAL N 207 -40.57 -31.34 -8.66
C VAL N 207 -40.17 -31.11 -7.21
N ILE N 208 -40.08 -32.19 -6.45
CA ILE N 208 -39.61 -32.11 -5.09
C ILE N 208 -38.32 -32.90 -4.99
N ARG N 209 -37.41 -32.40 -4.16
CA ARG N 209 -36.07 -32.95 -4.02
C ARG N 209 -35.94 -33.54 -2.63
N LEU N 210 -35.54 -34.79 -2.57
CA LEU N 210 -35.27 -35.47 -1.31
C LEU N 210 -33.77 -35.66 -1.19
N ALA N 211 -33.29 -35.71 0.04
CA ALA N 211 -31.87 -35.92 0.29
C ALA N 211 -31.74 -36.60 1.65
N ALA N 212 -31.27 -37.83 1.66
CA ALA N 212 -31.18 -38.62 2.88
C ALA N 212 -29.74 -38.63 3.35
N ILE N 213 -29.41 -37.72 4.26
CA ILE N 213 -28.07 -37.68 4.84
C ILE N 213 -27.91 -38.87 5.76
N ALA N 214 -26.81 -39.61 5.61
CA ALA N 214 -26.56 -40.77 6.44
C ALA N 214 -25.06 -40.88 6.65
N GLU N 215 -24.62 -42.06 7.11
CA GLU N 215 -23.20 -42.27 7.33
C GLU N 215 -22.46 -42.38 6.01
N SER N 216 -23.05 -43.04 5.02
CA SER N 216 -22.40 -43.28 3.75
C SER N 216 -22.57 -42.14 2.75
N GLY N 217 -22.86 -40.93 3.21
CA GLY N 217 -22.99 -39.79 2.35
C GLY N 217 -24.43 -39.55 1.94
N VAL N 218 -24.62 -38.48 1.18
CA VAL N 218 -25.95 -38.10 0.72
C VAL N 218 -26.39 -39.03 -0.41
N GLU N 219 -27.65 -39.44 -0.36
CA GLU N 219 -28.28 -40.16 -1.46
C GLU N 219 -29.49 -39.34 -1.88
N ARG N 220 -29.27 -38.35 -2.72
CA ARG N 220 -30.38 -37.49 -3.11
C ARG N 220 -31.02 -37.98 -4.40
N GLN N 221 -32.28 -37.61 -4.59
CA GLN N 221 -32.95 -37.84 -5.85
C GLN N 221 -34.06 -36.80 -5.99
N VAL N 222 -34.67 -36.80 -7.17
CA VAL N 222 -35.78 -35.92 -7.47
C VAL N 222 -36.99 -36.79 -7.77
N LEU N 223 -38.16 -36.17 -7.79
CA LEU N 223 -39.40 -36.87 -8.12
C LEU N 223 -40.06 -36.15 -9.30
N LEU N 224 -39.97 -36.77 -10.47
CA LEU N 224 -40.20 -36.10 -11.76
C LEU N 224 -41.62 -36.35 -12.24
N GLY N 225 -42.58 -35.58 -11.72
CA GLY N 225 -43.89 -35.64 -12.33
C GLY N 225 -44.77 -36.75 -11.81
N ASP N 226 -44.76 -37.88 -12.51
CA ASP N 226 -45.52 -39.06 -12.08
C ASP N 226 -45.03 -39.64 -10.76
N GLN N 227 -43.78 -39.39 -10.40
CA GLN N 227 -43.25 -39.85 -9.12
C GLN N 227 -43.89 -39.13 -7.94
N ILE N 228 -44.50 -37.98 -8.17
CA ILE N 228 -45.26 -37.29 -7.13
C ILE N 228 -46.49 -38.13 -6.77
N PRO N 229 -46.71 -38.44 -5.50
CA PRO N 229 -47.90 -39.22 -5.14
C PRO N 229 -49.18 -38.41 -5.24
N LYS N 230 -49.74 -38.37 -6.44
CA LYS N 230 -50.95 -37.60 -6.71
C LYS N 230 -52.13 -38.18 -5.95
N PHE N 231 -52.89 -37.30 -5.32
CA PHE N 231 -54.07 -37.68 -4.54
C PHE N 231 -55.33 -37.26 -5.27
N ALA N 232 -56.40 -38.03 -5.07
CA ALA N 232 -57.64 -37.79 -5.79
C ALA N 232 -58.41 -36.62 -5.20
N VAL N 233 -59.05 -35.85 -6.06
CA VAL N 233 -59.89 -34.73 -5.65
C VAL N 233 -61.34 -35.20 -5.67
N ALA N 234 -62.09 -34.82 -4.64
CA ALA N 234 -63.49 -35.25 -4.52
C ALA N 234 -64.36 -34.47 -5.49
N THR N 235 -65.17 -35.19 -6.27
CA THR N 235 -66.04 -34.59 -7.29
C THR N 235 -67.49 -35.03 -7.08
N PRO N 237 -68.91 -33.50 -6.29
CA PRO N 237 -68.83 -32.02 -6.36
C PRO N 237 -67.42 -31.49 -6.36
N ARG O 4 -102.94 6.69 -3.81
CA ARG O 4 -103.31 6.23 -2.49
C ARG O 4 -103.63 7.42 -1.59
N GLY O 5 -104.59 7.22 -0.68
CA GLY O 5 -105.02 8.28 0.20
C GLY O 5 -106.04 9.19 -0.46
N TYR O 6 -106.60 10.08 0.35
CA TYR O 6 -107.57 11.07 -0.12
C TYR O 6 -107.10 12.51 0.03
N SER O 7 -106.57 12.88 1.18
CA SER O 7 -106.11 14.24 1.50
C SER O 7 -107.22 15.28 1.33
N PHE O 8 -108.44 14.90 1.71
CA PHE O 8 -109.50 15.89 1.90
C PHE O 8 -110.33 15.47 3.12
N SER O 9 -110.69 16.45 3.94
CA SER O 9 -111.42 16.16 5.17
C SER O 9 -112.86 15.83 4.87
N LEU O 10 -113.35 14.72 5.43
CA LEU O 10 -114.75 14.37 5.35
C LEU O 10 -115.57 14.93 6.49
N THR O 11 -114.93 15.33 7.58
CA THR O 11 -115.58 16.05 8.66
C THR O 11 -115.61 17.52 8.25
N THR O 12 -116.78 18.11 8.28
CA THR O 12 -116.96 19.47 7.78
C THR O 12 -118.05 20.20 8.55
N PHE O 13 -118.24 21.46 8.21
CA PHE O 13 -119.18 22.31 8.92
C PHE O 13 -120.57 22.23 8.28
N SER O 14 -121.59 22.15 9.13
CA SER O 14 -122.96 22.19 8.68
C SER O 14 -123.32 23.62 8.27
N PRO O 15 -124.40 23.78 7.51
CA PRO O 15 -124.94 25.14 7.30
C PRO O 15 -125.50 25.78 8.57
N SER O 16 -125.78 24.98 9.60
CA SER O 16 -126.12 25.57 10.89
C SER O 16 -124.88 26.17 11.55
N GLY O 17 -123.71 25.61 11.26
CA GLY O 17 -122.49 26.03 11.91
C GLY O 17 -122.01 25.07 12.98
N LYS O 18 -122.03 23.76 12.71
CA LYS O 18 -121.56 22.78 13.68
C LYS O 18 -121.02 21.57 12.92
N LEU O 19 -120.29 20.73 13.64
CA LEU O 19 -119.70 19.54 13.03
C LEU O 19 -120.71 18.40 13.02
N VAL O 20 -121.05 17.95 11.82
CA VAL O 20 -122.03 16.89 11.65
C VAL O 20 -121.47 15.54 12.05
N GLN O 21 -120.18 15.32 11.84
CA GLN O 21 -119.59 14.01 12.13
C GLN O 21 -119.35 13.82 13.61
N ILE O 22 -119.10 14.91 14.34
CA ILE O 22 -118.75 14.78 15.75
C ILE O 22 -119.97 14.49 16.59
N GLU O 23 -121.11 15.09 16.26
CA GLU O 23 -122.34 14.76 16.95
C GLU O 23 -122.80 13.35 16.63
N TYR O 24 -122.47 12.85 15.44
CA TYR O 24 -122.71 11.44 15.13
C TYR O 24 -121.75 10.55 15.91
N ALA O 25 -120.55 11.05 16.18
CA ALA O 25 -119.60 10.31 17.00
C ALA O 25 -120.06 10.24 18.45
N LEU O 26 -120.65 11.32 18.96
CA LEU O 26 -121.21 11.29 20.29
C LEU O 26 -122.49 10.46 20.34
N ALA O 27 -123.16 10.31 19.20
CA ALA O 27 -124.25 9.34 19.13
C ALA O 27 -123.73 7.91 19.20
N ALA O 28 -122.62 7.63 18.51
CA ALA O 28 -122.06 6.28 18.55
C ALA O 28 -121.42 5.98 19.90
N VAL O 29 -120.95 7.01 20.61
CA VAL O 29 -120.56 6.83 22.00
C VAL O 29 -121.77 6.57 22.87
N ALA O 30 -122.84 7.34 22.70
CA ALA O 30 -124.03 7.20 23.52
C ALA O 30 -124.76 5.89 23.28
N GLY O 31 -124.49 5.22 22.16
CA GLY O 31 -125.00 3.88 21.96
C GLY O 31 -124.03 2.80 22.42
N GLY O 32 -123.00 3.18 23.18
CA GLY O 32 -121.98 2.26 23.62
C GLY O 32 -122.28 1.72 25.02
N ALA O 33 -121.43 0.80 25.46
CA ALA O 33 -121.61 0.15 26.75
C ALA O 33 -121.38 1.14 27.88
N PRO O 34 -122.21 1.11 28.92
CA PRO O 34 -122.09 2.09 30.01
C PRO O 34 -120.88 1.85 30.89
N SER O 35 -120.24 2.95 31.30
CA SER O 35 -119.01 2.91 32.07
C SER O 35 -118.98 4.10 33.01
N VAL O 36 -118.62 3.86 34.28
CA VAL O 36 -118.63 4.91 35.29
C VAL O 36 -117.19 5.15 35.70
N GLY O 37 -116.91 6.35 36.20
CA GLY O 37 -115.59 6.69 36.70
C GLY O 37 -115.71 7.71 37.83
N ILE O 38 -115.13 7.36 38.96
CA ILE O 38 -115.31 8.11 40.20
C ILE O 38 -113.95 8.52 40.74
N LYS O 39 -113.68 9.82 40.68
CA LYS O 39 -112.54 10.43 41.33
C LYS O 39 -112.74 10.45 42.84
N ALA O 40 -111.76 9.93 43.57
CA ALA O 40 -111.88 9.78 45.01
C ALA O 40 -110.63 10.32 45.69
N ALA O 41 -110.77 10.60 47.00
CA ALA O 41 -109.85 11.50 47.71
C ALA O 41 -108.43 10.96 47.76
N ASN O 42 -108.27 9.65 47.79
CA ASN O 42 -106.99 9.03 47.44
C ASN O 42 -107.27 7.92 46.44
N GLY O 43 -107.43 8.32 45.19
CA GLY O 43 -107.53 7.31 44.16
C GLY O 43 -108.91 7.27 43.53
N VAL O 44 -108.97 6.66 42.36
CA VAL O 44 -110.16 6.66 41.54
C VAL O 44 -110.66 5.23 41.40
N VAL O 45 -111.80 5.08 40.74
CA VAL O 45 -112.29 3.77 40.32
C VAL O 45 -113.00 3.94 38.97
N LEU O 46 -112.64 3.11 38.01
CA LEU O 46 -113.18 3.22 36.66
C LEU O 46 -113.84 1.90 36.30
N ALA O 47 -115.14 1.81 36.54
CA ALA O 47 -115.86 0.57 36.31
C ALA O 47 -116.45 0.57 34.92
N THR O 48 -116.64 -0.63 34.38
CA THR O 48 -117.27 -0.77 33.08
C THR O 48 -117.95 -2.12 32.99
N GLU O 49 -118.71 -2.30 31.92
CA GLU O 49 -119.67 -3.38 31.78
C GLU O 49 -119.34 -4.17 30.52
N LYS O 50 -119.00 -5.44 30.71
CA LYS O 50 -118.61 -6.35 29.64
C LYS O 50 -119.71 -7.38 29.40
N LYS O 51 -120.77 -7.00 28.70
CA LYS O 51 -121.82 -7.95 28.33
C LYS O 51 -121.50 -8.44 26.92
N GLN O 52 -121.20 -9.72 26.82
CA GLN O 52 -120.99 -10.32 25.52
C GLN O 52 -122.31 -10.85 24.98
N LYS O 53 -122.26 -11.53 23.83
CA LYS O 53 -123.48 -12.06 23.24
C LYS O 53 -124.03 -13.21 24.07
N SER O 54 -123.23 -14.25 24.24
CA SER O 54 -123.62 -15.42 25.02
C SER O 54 -122.65 -15.65 26.15
N ILE O 55 -122.89 -16.71 26.91
CA ILE O 55 -121.89 -17.20 27.87
C ILE O 55 -121.04 -18.19 27.07
N LEU O 56 -120.15 -17.63 26.28
CA LEU O 56 -119.39 -18.46 25.35
C LEU O 56 -117.94 -18.00 25.25
N TYR O 57 -117.63 -16.79 25.70
CA TYR O 57 -116.37 -16.17 25.33
C TYR O 57 -115.41 -16.28 26.51
N ASP O 58 -114.17 -15.89 26.29
CA ASP O 58 -113.16 -15.84 27.33
C ASP O 58 -113.19 -14.44 27.92
N GLU O 59 -113.64 -14.34 29.17
CA GLU O 59 -113.73 -13.05 29.84
C GLU O 59 -112.40 -12.64 30.47
N ARG O 60 -111.38 -13.48 30.32
CA ARG O 60 -110.02 -13.09 30.69
C ARG O 60 -109.19 -12.78 29.46
N SER O 61 -109.81 -12.67 28.30
CA SER O 61 -109.08 -12.47 27.05
C SER O 61 -108.93 -11.00 26.70
N VAL O 62 -110.06 -10.32 26.50
CA VAL O 62 -110.03 -8.88 26.20
C VAL O 62 -110.29 -8.11 27.48
N HIS O 63 -109.72 -6.91 27.56
CA HIS O 63 -109.88 -6.07 28.73
C HIS O 63 -110.50 -4.75 28.28
N LYS O 64 -111.03 -4.00 29.25
CA LYS O 64 -111.45 -2.63 29.01
C LYS O 64 -110.74 -1.69 29.96
N VAL O 65 -110.51 -2.13 31.19
CA VAL O 65 -109.46 -1.55 32.00
C VAL O 65 -108.12 -2.06 31.48
N GLU O 66 -107.25 -1.16 31.05
CA GLU O 66 -105.89 -1.52 30.71
C GLU O 66 -104.99 -0.30 30.84
N PRO O 67 -103.81 -0.47 31.42
CA PRO O 67 -103.01 0.69 31.82
C PRO O 67 -102.26 1.31 30.65
N ILE O 68 -101.80 2.54 30.86
CA ILE O 68 -100.80 3.10 29.97
C ILE O 68 -99.52 3.14 30.77
N THR O 69 -98.88 1.99 30.86
CA THR O 69 -97.47 1.70 31.12
C THR O 69 -96.93 2.08 32.50
N LYS O 70 -97.54 3.02 33.22
CA LYS O 70 -97.02 3.33 34.54
C LYS O 70 -98.08 3.29 35.63
N HIS O 71 -99.00 4.25 35.60
CA HIS O 71 -100.03 4.37 36.61
C HIS O 71 -101.31 4.97 36.05
N ILE O 72 -101.55 4.82 34.75
CA ILE O 72 -102.64 5.51 34.07
C ILE O 72 -103.45 4.49 33.30
N GLY O 73 -104.64 4.17 33.77
CA GLY O 73 -105.54 3.32 33.03
C GLY O 73 -106.56 4.14 32.29
N LEU O 74 -107.15 3.55 31.25
CA LEU O 74 -108.17 4.27 30.53
C LEU O 74 -109.24 3.32 29.99
N VAL O 75 -110.49 3.71 30.23
CA VAL O 75 -111.68 2.91 29.97
C VAL O 75 -112.51 3.69 28.96
N TYR O 76 -113.25 2.99 28.11
CA TYR O 76 -113.95 3.63 27.01
C TYR O 76 -115.45 3.38 27.09
N SER O 77 -116.15 3.92 26.09
CA SER O 77 -117.54 3.62 25.82
C SER O 77 -117.83 3.99 24.37
N GLY O 78 -118.07 2.98 23.54
CA GLY O 78 -118.43 3.23 22.16
C GLY O 78 -117.88 2.18 21.24
N MET O 79 -117.13 2.62 20.22
CA MET O 79 -116.58 1.72 19.22
C MET O 79 -115.52 0.82 19.82
N GLY O 80 -115.48 -0.41 19.33
CA GLY O 80 -114.59 -1.41 19.86
C GLY O 80 -113.12 -1.19 19.58
N PRO O 81 -112.69 -1.32 18.31
CA PRO O 81 -111.25 -1.36 18.03
C PRO O 81 -110.59 0.01 17.92
N ASP O 82 -111.38 1.07 17.72
CA ASP O 82 -110.84 2.43 17.71
C ASP O 82 -110.24 2.77 19.07
N TYR O 83 -110.85 2.23 20.12
CA TYR O 83 -110.26 2.23 21.45
C TYR O 83 -108.88 1.60 21.45
N ARG O 84 -108.73 0.45 20.80
CA ARG O 84 -107.46 -0.28 20.82
C ARG O 84 -106.38 0.51 20.09
N VAL O 85 -106.77 1.26 19.04
CA VAL O 85 -105.84 2.18 18.41
C VAL O 85 -105.44 3.30 19.36
N LEU O 86 -106.41 3.83 20.13
CA LEU O 86 -106.06 4.89 21.07
C LEU O 86 -105.20 4.41 22.23
N VAL O 87 -105.31 3.13 22.59
CA VAL O 87 -104.40 2.57 23.59
C VAL O 87 -103.01 2.43 23.00
N HIS O 88 -102.92 2.03 21.72
CA HIS O 88 -101.64 1.89 21.04
C HIS O 88 -100.92 3.23 20.93
N ARG O 89 -101.63 4.26 20.46
CA ARG O 89 -101.08 5.61 20.36
C ARG O 89 -100.76 6.18 21.74
N ALA O 90 -101.60 5.89 22.74
CA ALA O 90 -101.38 6.46 24.06
C ALA O 90 -100.16 5.87 24.74
N ARG O 91 -99.98 4.56 24.61
CA ARG O 91 -98.78 3.92 25.14
C ARG O 91 -97.53 4.43 24.45
N LYS O 92 -97.62 4.65 23.13
CA LYS O 92 -96.47 5.18 22.41
C LYS O 92 -96.13 6.60 22.84
N LEU O 93 -97.14 7.45 23.05
CA LEU O 93 -96.87 8.82 23.48
C LEU O 93 -96.31 8.88 24.89
N ALA O 94 -96.84 8.05 25.79
CA ALA O 94 -96.28 7.93 27.12
C ALA O 94 -94.85 7.41 27.11
N GLN O 95 -94.46 6.61 26.11
CA GLN O 95 -93.09 6.15 26.11
C GLN O 95 -92.14 7.13 25.41
N GLN O 96 -92.62 7.94 24.46
CA GLN O 96 -91.82 9.08 24.03
C GLN O 96 -91.53 10.00 25.20
N TYR O 97 -92.57 10.34 25.97
CA TYR O 97 -92.38 11.20 27.14
C TYR O 97 -91.45 10.56 28.16
N TYR O 98 -91.57 9.25 28.35
CA TYR O 98 -90.71 8.62 29.35
C TYR O 98 -89.27 8.54 28.89
N LEU O 99 -89.03 8.34 27.60
CA LEU O 99 -87.65 8.27 27.17
C LEU O 99 -86.99 9.64 27.07
N VAL O 100 -87.77 10.72 26.96
CA VAL O 100 -87.10 12.01 26.93
C VAL O 100 -87.04 12.66 28.32
N TYR O 101 -88.05 12.52 29.17
CA TYR O 101 -88.01 13.23 30.45
C TYR O 101 -87.77 12.34 31.67
N GLN O 102 -87.65 11.01 31.49
CA GLN O 102 -87.22 10.06 32.53
C GLN O 102 -88.11 10.03 33.77
N GLU O 103 -89.36 10.45 33.65
CA GLU O 103 -90.39 10.19 34.65
C GLU O 103 -91.64 9.64 34.00
N PRO O 104 -92.45 8.89 34.75
CA PRO O 104 -93.81 8.59 34.29
C PRO O 104 -94.59 9.85 34.01
N ILE O 105 -95.39 9.78 32.96
CA ILE O 105 -95.99 10.98 32.38
C ILE O 105 -97.05 11.53 33.33
N PRO O 106 -97.10 12.84 33.53
CA PRO O 106 -98.26 13.43 34.19
C PRO O 106 -99.51 13.15 33.38
N THR O 107 -100.60 12.87 34.10
CA THR O 107 -101.86 12.48 33.47
C THR O 107 -102.39 13.58 32.56
N ALA O 108 -102.24 14.84 33.00
CA ALA O 108 -102.70 15.98 32.22
C ALA O 108 -102.02 16.06 30.86
N GLN O 109 -100.72 15.78 30.81
CA GLN O 109 -100.00 15.83 29.53
C GLN O 109 -100.37 14.66 28.63
N LEU O 110 -100.66 13.50 29.22
CA LEU O 110 -101.13 12.38 28.40
C LEU O 110 -102.49 12.69 27.81
N VAL O 111 -103.33 13.40 28.55
CA VAL O 111 -104.62 13.79 27.99
C VAL O 111 -104.45 14.89 26.95
N GLN O 112 -103.42 15.74 27.11
CA GLN O 112 -103.08 16.71 26.07
C GLN O 112 -102.73 16.01 24.77
N ARG O 113 -101.90 14.97 24.85
CA ARG O 113 -101.40 14.36 23.63
C ARG O 113 -102.42 13.39 23.01
N VAL O 114 -103.23 12.73 23.84
CA VAL O 114 -104.28 11.88 23.30
C VAL O 114 -105.39 12.74 22.68
N ALA O 115 -105.71 13.88 23.30
CA ALA O 115 -106.64 14.78 22.65
C ALA O 115 -106.04 15.45 21.43
N SER O 116 -104.71 15.53 21.37
CA SER O 116 -104.07 16.06 20.19
C SER O 116 -104.11 15.07 19.03
N VAL O 117 -104.00 13.78 19.31
CA VAL O 117 -104.03 12.81 18.22
C VAL O 117 -105.47 12.53 17.76
N MET O 118 -106.46 12.73 18.64
CA MET O 118 -107.84 12.56 18.23
C MET O 118 -108.38 13.74 17.46
N GLN O 119 -107.64 14.85 17.41
CA GLN O 119 -108.13 16.01 16.70
C GLN O 119 -107.95 15.85 15.20
N GLU O 120 -106.80 15.32 14.75
CA GLU O 120 -106.53 15.35 13.32
C GLU O 120 -107.34 14.30 12.58
N TYR O 121 -108.00 13.41 13.29
CA TYR O 121 -108.99 12.55 12.68
C TYR O 121 -110.36 13.21 12.56
N THR O 122 -110.49 14.45 13.03
CA THR O 122 -111.59 15.30 12.63
C THR O 122 -111.22 16.14 11.42
N GLN O 123 -110.02 15.90 10.88
CA GLN O 123 -109.51 16.53 9.68
C GLN O 123 -108.75 15.54 8.83
N SER O 124 -107.93 16.01 7.89
CA SER O 124 -106.78 15.27 7.38
C SER O 124 -107.13 13.99 6.63
N GLY O 125 -107.85 14.13 5.52
CA GLY O 125 -107.81 13.09 4.51
C GLY O 125 -108.66 11.86 4.66
N GLY O 126 -109.97 12.02 4.64
CA GLY O 126 -110.84 10.88 4.47
C GLY O 126 -111.12 10.08 5.71
N VAL O 127 -110.33 10.26 6.76
CA VAL O 127 -110.53 9.52 8.01
C VAL O 127 -111.75 10.07 8.73
N ARG O 128 -112.54 9.18 9.23
CA ARG O 128 -113.65 9.55 10.08
C ARG O 128 -113.17 9.63 11.54
N PRO O 129 -113.79 10.48 12.36
CA PRO O 129 -113.37 10.57 13.76
C PRO O 129 -113.69 9.29 14.51
N PHE O 130 -113.03 9.11 15.66
CA PHE O 130 -112.95 7.79 16.27
C PHE O 130 -114.28 7.34 16.87
N GLY O 131 -114.98 8.24 17.53
CA GLY O 131 -116.23 7.85 18.13
C GLY O 131 -116.04 7.02 19.38
N VAL O 132 -114.98 7.30 20.12
CA VAL O 132 -114.71 6.66 21.42
C VAL O 132 -114.37 7.78 22.40
N SER O 133 -115.23 7.99 23.38
CA SER O 133 -114.95 9.01 24.39
C SER O 133 -114.40 8.31 25.62
N LEU O 134 -113.16 7.87 25.54
CA LEU O 134 -112.55 7.17 26.65
C LEU O 134 -112.18 8.15 27.76
N LEU O 135 -112.13 7.65 28.99
CA LEU O 135 -111.83 8.47 30.14
C LEU O 135 -110.55 7.97 30.81
N ILE O 136 -109.86 8.88 31.50
CA ILE O 136 -108.48 8.66 31.93
C ILE O 136 -108.44 8.65 33.45
N CYS O 137 -107.48 7.94 34.03
CA CYS O 137 -107.21 8.04 35.45
C CYS O 137 -105.74 8.38 35.65
N GLY O 138 -105.26 8.31 36.89
CA GLY O 138 -103.86 8.58 37.14
C GLY O 138 -103.61 9.19 38.50
N TRP O 139 -102.52 8.81 39.16
CA TRP O 139 -102.30 9.18 40.56
C TRP O 139 -101.63 10.54 40.68
N ASN O 140 -101.10 11.06 39.57
CA ASN O 140 -99.95 11.96 39.44
C ASN O 140 -99.74 12.93 40.60
N GLU O 141 -98.48 13.08 41.04
CA GLU O 141 -98.02 13.31 42.41
C GLU O 141 -98.95 14.14 43.30
N GLY O 142 -99.26 13.59 44.47
CA GLY O 142 -100.04 14.28 45.47
C GLY O 142 -101.52 13.98 45.44
N ARG O 143 -102.18 14.21 44.31
CA ARG O 143 -103.63 14.05 44.22
C ARG O 143 -103.97 13.37 42.89
N PRO O 144 -104.96 12.48 42.88
CA PRO O 144 -105.27 11.76 41.65
C PRO O 144 -105.96 12.67 40.64
N TYR O 145 -105.93 12.25 39.37
CA TYR O 145 -106.53 12.98 38.29
C TYR O 145 -107.57 12.10 37.60
N LEU O 146 -108.46 12.73 36.85
CA LEU O 146 -109.40 12.00 36.02
C LEU O 146 -109.80 12.92 34.87
N PHE O 147 -109.92 12.36 33.67
CA PHE O 147 -110.22 13.15 32.48
C PHE O 147 -111.13 12.34 31.57
N GLN O 148 -111.45 12.91 30.42
CA GLN O 148 -112.23 12.22 29.38
C GLN O 148 -111.97 12.89 28.05
N SER O 149 -111.41 12.17 27.08
CA SER O 149 -111.18 12.73 25.76
C SER O 149 -112.34 12.35 24.85
N ASP O 150 -113.19 13.32 24.54
CA ASP O 150 -114.28 13.14 23.62
C ASP O 150 -113.75 12.92 22.19
N PRO O 151 -114.55 12.33 21.30
CA PRO O 151 -114.10 12.17 19.90
C PRO O 151 -113.97 13.48 19.14
N SER O 152 -114.50 14.58 19.66
CA SER O 152 -114.08 15.89 19.17
C SER O 152 -112.61 16.10 19.45
N GLY O 153 -112.21 16.03 20.71
CA GLY O 153 -110.87 16.37 21.14
C GLY O 153 -110.86 17.21 22.39
N ALA O 154 -112.01 17.49 22.98
CA ALA O 154 -112.07 18.22 24.23
C ALA O 154 -111.81 17.28 25.40
N TYR O 155 -111.58 17.87 26.56
CA TYR O 155 -111.30 17.11 27.77
C TYR O 155 -111.63 17.95 28.99
N PHE O 156 -112.16 17.32 30.04
CA PHE O 156 -112.55 18.02 31.26
C PHE O 156 -112.21 17.13 32.44
N ALA O 157 -111.87 17.75 33.57
CA ALA O 157 -111.58 16.98 34.78
C ALA O 157 -112.70 17.18 35.79
N TRP O 158 -113.01 16.14 36.56
CA TRP O 158 -114.10 16.24 37.52
C TRP O 158 -113.92 15.30 38.70
N LYS O 159 -115.03 15.06 39.39
CA LYS O 159 -115.08 14.21 40.56
C LYS O 159 -115.79 12.90 40.30
N ALA O 160 -116.65 12.85 39.28
CA ALA O 160 -117.40 11.65 38.92
C ALA O 160 -118.03 11.85 37.56
N THR O 161 -118.21 10.76 36.82
CA THR O 161 -118.94 10.78 35.56
C THR O 161 -119.41 9.38 35.21
N ALA O 162 -120.25 9.32 34.19
CA ALA O 162 -120.61 8.10 33.52
C ALA O 162 -120.68 8.39 32.03
N MET O 163 -120.82 7.34 31.23
CA MET O 163 -120.82 7.42 29.79
C MET O 163 -121.41 6.13 29.25
N GLY O 164 -121.66 6.10 27.94
CA GLY O 164 -122.24 4.92 27.32
C GLY O 164 -123.75 5.02 27.26
N LYS O 165 -124.43 3.91 27.55
CA LYS O 165 -125.89 3.94 27.64
C LYS O 165 -126.32 4.74 28.87
N ASN O 166 -127.50 5.37 28.74
CA ASN O 166 -128.28 6.16 29.71
C ASN O 166 -127.44 6.96 30.71
N TYR O 167 -126.44 7.68 30.20
CA TYR O 167 -125.46 8.35 31.03
C TYR O 167 -126.01 9.58 31.73
N VAL O 168 -127.20 10.03 31.34
CA VAL O 168 -127.85 11.11 32.08
C VAL O 168 -128.21 10.65 33.48
N ASN O 169 -128.66 9.39 33.60
CA ASN O 169 -128.94 8.82 34.91
C ASN O 169 -127.67 8.63 35.72
N GLY O 170 -126.55 8.36 35.04
CA GLY O 170 -125.28 8.25 35.74
C GLY O 170 -124.77 9.58 36.25
N LYS O 171 -124.92 10.63 35.44
CA LYS O 171 -124.44 11.95 35.87
C LYS O 171 -125.33 12.53 36.97
N THR O 172 -126.65 12.36 36.85
CA THR O 172 -127.54 12.83 37.91
C THR O 172 -127.39 12.01 39.17
N PHE O 173 -127.20 10.69 39.03
CA PHE O 173 -127.09 9.83 40.20
C PHE O 173 -125.76 10.04 40.93
N LEU O 174 -124.69 10.27 40.17
CA LEU O 174 -123.41 10.58 40.81
C LEU O 174 -123.40 12.01 41.35
N GLU O 175 -124.23 12.89 40.78
CA GLU O 175 -124.36 14.22 41.36
C GLU O 175 -125.08 14.16 42.69
N LYS O 176 -126.01 13.21 42.83
CA LYS O 176 -126.68 13.01 44.11
C LYS O 176 -125.74 12.39 45.15
N ARG O 177 -125.15 11.24 44.85
CA ARG O 177 -124.31 10.55 45.83
C ARG O 177 -122.84 10.78 45.52
N TYR O 178 -122.30 11.90 45.98
CA TYR O 178 -120.86 12.11 45.95
C TYR O 178 -120.47 12.97 47.15
N ASN O 179 -119.36 12.61 47.79
CA ASN O 179 -118.78 13.42 48.84
C ASN O 179 -117.33 13.68 48.48
N GLU O 180 -116.81 14.84 48.86
CA GLU O 180 -115.44 15.21 48.52
C GLU O 180 -114.37 14.46 49.29
N ASP O 181 -114.74 13.72 50.34
CA ASP O 181 -113.74 12.93 51.06
C ASP O 181 -113.93 11.44 50.82
N LEU O 182 -114.96 11.07 50.05
CA LEU O 182 -115.37 9.70 49.80
C LEU O 182 -114.27 8.97 49.03
N GLU O 183 -113.55 8.04 49.68
CA GLU O 183 -112.19 7.80 49.21
C GLU O 183 -111.90 6.36 48.75
N LEU O 184 -112.24 5.33 49.53
CA LEU O 184 -111.71 4.00 49.21
C LEU O 184 -112.74 2.94 49.50
N GLU O 185 -113.08 2.22 48.42
CA GLU O 185 -114.03 1.11 48.26
C GLU O 185 -115.48 1.53 48.43
N ASP O 186 -115.72 2.66 49.09
CA ASP O 186 -117.03 3.28 49.08
C ASP O 186 -117.31 3.85 47.70
N ALA O 187 -116.28 4.42 47.08
CA ALA O 187 -116.34 4.76 45.67
C ALA O 187 -116.60 3.54 44.82
N ILE O 188 -115.92 2.42 45.14
CA ILE O 188 -116.14 1.17 44.43
C ILE O 188 -117.58 0.72 44.63
N HIS O 189 -118.09 0.92 45.85
CA HIS O 189 -119.47 0.59 46.18
C HIS O 189 -120.45 1.35 45.31
N THR O 190 -120.29 2.67 45.22
CA THR O 190 -121.27 3.42 44.45
C THR O 190 -121.08 3.20 42.96
N ALA O 191 -119.85 2.87 42.54
CA ALA O 191 -119.61 2.51 41.15
C ALA O 191 -120.36 1.24 40.81
N ILE O 192 -120.32 0.26 41.71
CA ILE O 192 -121.04 -0.99 41.51
C ILE O 192 -122.53 -0.73 41.49
N LEU O 193 -123.03 0.17 42.33
CA LEU O 193 -124.46 0.45 42.28
C LEU O 193 -124.78 1.59 41.33
N THR O 194 -123.83 1.94 40.45
CA THR O 194 -124.19 2.74 39.29
C THR O 194 -124.34 1.84 38.07
N LEU O 195 -123.49 0.80 37.99
CA LEU O 195 -123.68 -0.18 36.94
C LEU O 195 -124.86 -1.09 37.23
N LYS O 196 -125.15 -1.34 38.52
CA LYS O 196 -126.29 -2.12 38.98
C LYS O 196 -127.62 -1.44 38.64
N GLU O 197 -127.59 -0.13 38.36
CA GLU O 197 -128.79 0.63 38.08
C GLU O 197 -129.55 0.09 36.87
N SER O 198 -128.88 -0.11 35.73
CA SER O 198 -129.51 -0.84 34.64
C SER O 198 -128.93 -2.23 34.49
N PHE O 199 -127.71 -2.37 33.96
CA PHE O 199 -126.92 -3.59 33.73
C PHE O 199 -127.55 -4.60 32.76
N GLU O 200 -128.83 -4.44 32.41
CA GLU O 200 -129.73 -5.50 31.94
C GLU O 200 -129.52 -6.85 32.66
N GLY O 201 -129.46 -6.81 34.00
CA GLY O 201 -129.84 -8.00 34.76
C GLY O 201 -128.73 -8.82 35.41
N GLN O 202 -128.96 -9.07 36.70
CA GLN O 202 -128.41 -10.10 37.59
C GLN O 202 -127.00 -9.82 38.12
N MET O 203 -126.29 -8.84 37.58
CA MET O 203 -125.01 -8.31 38.10
C MET O 203 -123.95 -9.40 38.28
N THR O 204 -123.52 -9.95 37.14
CA THR O 204 -122.52 -11.00 37.15
C THR O 204 -121.12 -10.40 37.22
N GLU O 205 -120.26 -10.98 38.05
CA GLU O 205 -118.88 -10.50 38.22
C GLU O 205 -118.02 -10.68 36.98
N ASP O 206 -118.33 -11.63 36.11
CA ASP O 206 -117.62 -11.77 34.85
C ASP O 206 -118.04 -10.74 33.82
N ASN O 207 -119.11 -10.00 34.09
CA ASN O 207 -119.58 -9.00 33.14
C ASN O 207 -119.24 -7.58 33.55
N ILE O 208 -118.57 -7.41 34.69
CA ILE O 208 -118.03 -6.11 35.07
C ILE O 208 -116.56 -6.28 35.40
N GLU O 209 -115.81 -5.20 35.22
CA GLU O 209 -114.43 -5.13 35.66
C GLU O 209 -114.13 -3.69 36.06
N VAL O 210 -113.36 -3.53 37.13
CA VAL O 210 -113.04 -2.22 37.67
C VAL O 210 -111.53 -2.06 37.67
N GLY O 211 -111.08 -0.82 37.80
CA GLY O 211 -109.66 -0.56 37.91
C GLY O 211 -109.41 0.64 38.80
N ILE O 212 -108.46 0.52 39.72
CA ILE O 212 -108.23 1.56 40.72
C ILE O 212 -106.81 2.08 40.56
N CYS O 213 -106.54 3.22 41.21
CA CYS O 213 -105.26 3.90 41.09
C CYS O 213 -104.74 4.24 42.49
N ASN O 214 -104.72 3.22 43.34
CA ASN O 214 -104.48 3.38 44.78
C ASN O 214 -103.02 3.66 45.11
N GLU O 215 -102.52 4.81 44.64
CA GLU O 215 -101.19 5.40 44.91
C GLU O 215 -100.01 4.44 44.68
N ALA O 216 -100.22 3.33 44.00
CA ALA O 216 -99.18 2.35 43.73
C ALA O 216 -99.29 1.84 42.31
N GLY O 217 -99.64 2.72 41.38
CA GLY O 217 -99.86 2.29 40.02
C GLY O 217 -101.29 1.86 39.78
N PHE O 218 -101.79 2.17 38.59
CA PHE O 218 -103.05 1.60 38.13
C PHE O 218 -102.94 0.09 38.05
N ARG O 219 -103.97 -0.59 38.51
CA ARG O 219 -104.00 -2.04 38.42
C ARG O 219 -105.43 -2.50 38.20
N ARG O 220 -105.59 -3.49 37.33
CA ARG O 220 -106.88 -4.12 37.19
C ARG O 220 -107.21 -4.90 38.45
N LEU O 221 -108.50 -5.08 38.70
CA LEU O 221 -108.92 -5.90 39.82
C LEU O 221 -109.16 -7.32 39.34
N THR O 222 -108.62 -8.26 40.09
CA THR O 222 -108.83 -9.67 39.81
C THR O 222 -110.30 -10.03 39.95
N PRO O 223 -110.80 -10.99 39.16
CA PRO O 223 -112.22 -11.35 39.24
C PRO O 223 -112.66 -11.96 40.57
N THR O 224 -111.74 -12.33 41.45
CA THR O 224 -112.07 -12.77 42.80
C THR O 224 -112.32 -11.61 43.75
N GLU O 225 -112.07 -10.37 43.31
CA GLU O 225 -112.21 -9.23 44.20
C GLU O 225 -113.52 -8.49 43.92
N VAL O 226 -113.90 -8.41 42.64
CA VAL O 226 -115.18 -7.81 42.30
C VAL O 226 -116.33 -8.67 42.83
N LYS O 227 -116.22 -10.01 42.68
CA LYS O 227 -117.26 -10.90 43.20
C LYS O 227 -117.28 -10.86 44.72
N ASP O 228 -116.13 -10.59 45.33
CA ASP O 228 -116.05 -10.39 46.77
C ASP O 228 -116.94 -9.23 47.19
N TYR O 229 -116.82 -8.07 46.52
CA TYR O 229 -117.72 -7.00 46.93
C TYR O 229 -119.12 -7.21 46.37
N LEU O 230 -119.27 -8.09 45.37
CA LEU O 230 -120.60 -8.46 44.95
C LEU O 230 -121.25 -9.39 45.95
N ALA O 231 -120.46 -10.06 46.77
CA ALA O 231 -120.98 -10.75 47.94
C ALA O 231 -121.27 -9.78 49.08
N ALA O 232 -120.57 -8.65 49.11
CA ALA O 232 -120.79 -7.65 50.15
C ALA O 232 -121.72 -6.53 49.71
N ILE O 233 -122.68 -6.79 48.82
CA ILE O 233 -123.67 -5.79 48.43
C ILE O 233 -124.74 -5.67 49.51
N SER P 2 -112.19 9.95 -4.65
CA SER P 2 -112.84 10.27 -5.91
C SER P 2 -113.40 11.68 -5.91
N ARG P 3 -113.62 12.25 -7.09
CA ARG P 3 -114.11 13.62 -7.17
C ARG P 3 -115.60 13.71 -6.91
N ARG P 4 -116.30 12.59 -6.76
CA ARG P 4 -117.67 12.62 -6.27
C ARG P 4 -117.74 12.79 -4.77
N TYR P 5 -116.65 12.52 -4.06
CA TYR P 5 -116.68 12.42 -2.62
C TYR P 5 -116.18 13.66 -1.91
N ASP P 6 -115.40 14.50 -2.58
CA ASP P 6 -114.76 15.63 -1.91
C ASP P 6 -115.78 16.72 -1.57
N SER P 7 -115.60 17.30 -0.39
CA SER P 7 -116.51 18.37 0.03
C SER P 7 -116.24 19.66 -0.73
N ARG P 8 -115.05 19.80 -1.31
CA ARG P 8 -114.62 20.95 -2.10
C ARG P 8 -114.72 22.24 -1.27
N THR P 9 -113.86 22.28 -0.25
CA THR P 9 -113.88 23.39 0.69
C THR P 9 -113.28 24.65 0.06
N THR P 10 -112.27 24.51 -0.78
CA THR P 10 -111.54 25.64 -1.31
C THR P 10 -112.11 26.09 -2.66
N ILE P 11 -113.39 26.42 -2.65
CA ILE P 11 -114.11 26.87 -3.83
C ILE P 11 -114.76 28.21 -3.51
N PHE P 12 -114.65 29.17 -4.41
CA PHE P 12 -115.42 30.40 -4.28
C PHE P 12 -116.88 30.13 -4.60
N SER P 13 -117.77 30.78 -3.87
CA SER P 13 -119.19 30.80 -4.21
C SER P 13 -119.41 31.58 -5.51
N PRO P 14 -120.55 31.39 -6.17
CA PRO P 14 -120.92 32.30 -7.25
C PRO P 14 -121.16 33.72 -6.78
N GLU P 15 -121.50 33.91 -5.50
CA GLU P 15 -121.51 35.23 -4.89
C GLU P 15 -120.13 35.67 -4.43
N GLY P 16 -119.11 34.84 -4.67
CA GLY P 16 -117.74 35.21 -4.43
C GLY P 16 -117.18 34.82 -3.08
N ARG P 17 -118.04 34.48 -2.13
CA ARG P 17 -117.55 34.20 -0.79
C ARG P 17 -117.14 32.73 -0.66
N LEU P 18 -116.79 32.34 0.55
CA LEU P 18 -116.25 31.02 0.86
C LEU P 18 -117.23 30.28 1.75
N TYR P 19 -117.76 29.17 1.25
CA TYR P 19 -118.82 28.47 1.96
C TYR P 19 -118.35 27.89 3.28
N GLN P 20 -117.19 27.23 3.29
CA GLN P 20 -116.71 26.63 4.52
C GLN P 20 -116.14 27.66 5.50
N VAL P 21 -115.93 28.90 5.07
CA VAL P 21 -115.40 29.90 5.98
C VAL P 21 -116.53 30.59 6.75
N GLU P 22 -117.56 31.06 6.05
CA GLU P 22 -118.67 31.67 6.79
C GLU P 22 -119.54 30.64 7.52
N TYR P 23 -119.35 29.34 7.29
CA TYR P 23 -119.97 28.38 8.19
C TYR P 23 -119.22 28.31 9.51
N ALA P 24 -117.93 28.66 9.51
CA ALA P 24 -117.21 28.77 10.76
C ALA P 24 -117.61 30.03 11.52
N MET P 25 -118.01 31.07 10.79
CA MET P 25 -118.45 32.29 11.46
C MET P 25 -119.77 32.09 12.20
N GLU P 26 -120.62 31.20 11.68
CA GLU P 26 -121.82 30.85 12.40
C GLU P 26 -121.54 29.84 13.51
N ALA P 27 -120.38 29.18 13.49
CA ALA P 27 -120.01 28.31 14.59
C ALA P 27 -119.58 29.11 15.81
N ILE P 28 -119.13 30.34 15.60
CA ILE P 28 -118.75 31.20 16.72
C ILE P 28 -119.98 31.68 17.49
N GLY P 29 -121.04 32.02 16.79
CA GLY P 29 -122.26 32.52 17.41
C GLY P 29 -123.01 31.51 18.25
N HIS P 30 -122.75 30.22 18.05
CA HIS P 30 -123.34 29.19 18.91
C HIS P 30 -122.66 29.16 20.27
N ALA P 31 -121.33 29.10 20.31
CA ALA P 31 -120.61 29.07 21.57
C ALA P 31 -119.47 30.09 21.52
N GLY P 32 -119.52 31.07 22.41
CA GLY P 32 -118.51 32.10 22.41
C GLY P 32 -118.90 33.31 23.26
N THR P 33 -117.92 33.77 24.03
CA THR P 33 -118.04 34.81 25.03
C THR P 33 -116.66 35.46 25.03
N CYS P 34 -116.17 35.88 26.20
CA CYS P 34 -114.79 36.29 26.44
C CYS P 34 -114.38 37.53 25.66
N LEU P 35 -114.96 38.66 26.05
CA LEU P 35 -114.52 39.98 25.61
C LEU P 35 -113.14 40.29 26.19
N GLY P 36 -112.55 41.38 25.70
CA GLY P 36 -111.27 41.85 26.19
C GLY P 36 -111.18 43.36 26.16
N ILE P 37 -110.71 43.94 27.25
CA ILE P 37 -110.64 45.39 27.40
C ILE P 37 -109.20 45.78 27.72
N LEU P 38 -108.65 46.74 27.00
CA LEU P 38 -107.36 47.30 27.38
C LEU P 38 -107.54 48.67 28.01
N ALA P 39 -106.50 49.11 28.71
CA ALA P 39 -106.50 50.42 29.35
C ALA P 39 -105.19 51.11 29.05
N ASN P 40 -104.91 52.22 29.73
CA ASN P 40 -103.55 52.71 29.81
C ASN P 40 -102.69 51.72 30.58
N ASP P 41 -103.28 51.08 31.59
CA ASP P 41 -102.71 49.90 32.20
C ASP P 41 -103.03 48.67 31.36
N GLY P 42 -102.83 47.50 31.93
CA GLY P 42 -102.89 46.28 31.15
C GLY P 42 -104.27 45.85 30.68
N VAL P 43 -104.31 44.64 30.10
CA VAL P 43 -105.47 44.21 29.32
C VAL P 43 -106.09 43.01 30.01
N LEU P 44 -107.40 42.85 29.91
CA LEU P 44 -108.06 41.70 30.51
C LEU P 44 -108.98 40.98 29.53
N LEU P 45 -109.04 39.67 29.69
CA LEU P 45 -110.12 38.85 29.15
C LEU P 45 -111.21 38.71 30.18
N ALA P 46 -112.43 38.49 29.72
CA ALA P 46 -113.58 38.21 30.57
C ALA P 46 -114.44 37.19 29.85
N ALA P 47 -114.68 36.05 30.51
CA ALA P 47 -115.02 34.81 29.82
C ALA P 47 -116.20 34.13 30.50
N GLU P 48 -116.76 33.13 29.82
CA GLU P 48 -117.84 32.32 30.35
C GLU P 48 -117.48 30.84 30.19
N ARG P 49 -117.80 30.05 31.21
CA ARG P 49 -117.63 28.60 31.11
C ARG P 49 -118.82 27.96 30.39
N ARG P 50 -118.91 26.64 30.47
CA ARG P 50 -119.83 25.90 29.63
C ARG P 50 -121.28 25.93 30.12
N ASN P 51 -121.56 25.58 31.38
CA ASN P 51 -122.92 25.54 31.91
C ASN P 51 -122.88 25.46 33.44
N ILE P 52 -124.05 25.21 34.02
CA ILE P 52 -124.13 24.86 35.45
C ILE P 52 -124.26 23.33 35.50
N HIS P 53 -123.17 22.69 35.91
CA HIS P 53 -123.05 21.24 35.96
C HIS P 53 -121.93 20.94 36.94
N LYS P 54 -122.28 20.38 38.11
CA LYS P 54 -121.47 20.52 39.31
C LYS P 54 -120.09 19.89 39.20
N LEU P 55 -119.98 18.56 39.28
CA LEU P 55 -119.24 17.68 38.35
C LEU P 55 -118.15 18.36 37.53
N LEU P 56 -117.26 19.09 38.20
CA LEU P 56 -116.12 19.78 37.59
C LEU P 56 -115.16 20.11 38.74
N ASP P 57 -114.06 19.39 38.83
CA ASP P 57 -113.29 19.50 40.08
C ASP P 57 -112.42 20.74 40.15
N GLU P 58 -111.54 20.95 39.16
CA GLU P 58 -110.53 22.00 39.23
C GLU P 58 -109.90 22.19 37.85
N VAL P 59 -109.84 23.44 37.41
CA VAL P 59 -109.07 23.79 36.23
C VAL P 59 -107.86 24.60 36.68
N PHE P 60 -106.67 24.23 36.19
CA PHE P 60 -105.46 24.94 36.58
C PHE P 60 -105.45 26.33 35.94
N PHE P 61 -105.40 26.38 34.62
CA PHE P 61 -106.06 27.44 33.88
C PHE P 61 -107.35 26.82 33.32
N SER P 62 -108.26 27.67 32.87
CA SER P 62 -109.53 27.16 32.37
C SER P 62 -109.37 26.56 30.99
N GLU P 63 -110.50 26.18 30.39
CA GLU P 63 -110.49 25.77 28.99
C GLU P 63 -110.55 26.97 28.05
N LYS P 64 -110.40 28.19 28.57
CA LYS P 64 -110.62 29.40 27.80
C LYS P 64 -109.33 30.22 27.67
N ILE P 65 -108.71 30.55 28.79
CA ILE P 65 -107.53 31.41 28.78
C ILE P 65 -106.28 30.54 28.78
N TYR P 66 -105.45 30.73 27.76
CA TYR P 66 -104.25 29.95 27.55
C TYR P 66 -103.04 30.87 27.57
N LYS P 67 -102.02 30.44 28.29
CA LYS P 67 -100.78 31.20 28.42
C LYS P 67 -99.86 30.86 27.25
N LEU P 68 -99.17 31.87 26.74
CA LEU P 68 -98.36 31.71 25.54
C LEU P 68 -96.91 32.11 25.72
N ASN P 69 -96.63 33.15 26.48
CA ASN P 69 -95.28 33.60 26.76
C ASN P 69 -95.35 34.16 28.17
N GLU P 70 -94.36 34.95 28.58
CA GLU P 70 -94.55 35.64 29.84
C GLU P 70 -95.45 36.85 29.66
N ASP P 71 -95.55 37.34 28.43
CA ASP P 71 -96.23 38.59 28.15
C ASP P 71 -97.38 38.46 27.16
N MET P 72 -97.90 37.26 26.94
CA MET P 72 -99.03 37.10 26.05
C MET P 72 -99.98 36.04 26.59
N ALA P 73 -101.22 36.10 26.12
CA ALA P 73 -102.21 35.09 26.41
C ALA P 73 -103.25 35.11 25.30
N CYS P 74 -104.07 34.08 25.24
CA CYS P 74 -105.09 34.00 24.20
C CYS P 74 -106.36 33.36 24.76
N SER P 75 -107.49 33.76 24.19
CA SER P 75 -108.79 33.18 24.49
C SER P 75 -109.41 32.67 23.21
N VAL P 76 -110.40 31.78 23.36
CA VAL P 76 -110.83 30.89 22.29
C VAL P 76 -112.36 30.87 22.19
N ALA P 77 -112.87 30.98 20.97
CA ALA P 77 -114.28 30.77 20.71
C ALA P 77 -114.46 29.50 19.89
N GLY P 78 -115.71 29.21 19.53
CA GLY P 78 -116.02 28.18 18.56
C GLY P 78 -115.69 26.78 19.01
N ILE P 79 -115.22 25.98 18.05
CA ILE P 79 -114.90 24.58 18.28
C ILE P 79 -113.64 24.51 19.13
N THR P 80 -113.75 23.89 20.30
CA THR P 80 -112.63 23.84 21.23
C THR P 80 -111.63 22.74 20.92
N SER P 81 -111.99 21.78 20.07
CA SER P 81 -111.06 20.69 19.77
C SER P 81 -109.96 21.16 18.84
N ASP P 82 -110.29 22.00 17.87
CA ASP P 82 -109.30 22.47 16.91
C ASP P 82 -108.30 23.40 17.56
N ALA P 83 -108.79 24.38 18.30
CA ALA P 83 -108.00 25.55 18.68
C ALA P 83 -106.89 25.19 19.64
N ASN P 84 -107.18 24.24 20.54
CA ASN P 84 -106.18 23.63 21.42
C ASN P 84 -104.94 23.25 20.65
N VAL P 85 -105.14 22.49 19.56
CA VAL P 85 -104.06 22.13 18.63
C VAL P 85 -103.34 23.37 18.14
N LEU P 86 -104.10 24.33 17.60
CA LEU P 86 -103.44 25.47 17.00
C LEU P 86 -102.79 26.35 18.05
N THR P 87 -103.32 26.35 19.29
CA THR P 87 -102.67 27.23 20.24
C THR P 87 -101.34 26.64 20.68
N ASN P 88 -101.25 25.30 20.75
CA ASN P 88 -99.96 24.67 20.99
C ASN P 88 -99.06 24.94 19.81
N GLU P 89 -99.65 24.92 18.59
CA GLU P 89 -98.96 25.23 17.37
C GLU P 89 -98.37 26.63 17.43
N LEU P 90 -99.19 27.61 17.83
CA LEU P 90 -98.70 28.98 17.81
C LEU P 90 -97.74 29.20 18.96
N ARG P 91 -97.91 28.40 20.03
CA ARG P 91 -97.00 28.47 21.16
C ARG P 91 -95.60 28.11 20.72
N LEU P 92 -95.51 27.11 19.83
CA LEU P 92 -94.24 26.71 19.23
C LEU P 92 -93.61 27.88 18.49
N ILE P 93 -94.45 28.60 17.74
CA ILE P 93 -94.02 29.76 16.96
C ILE P 93 -93.38 30.80 17.87
N ALA P 94 -94.02 31.05 19.02
CA ALA P 94 -93.53 32.05 19.96
C ALA P 94 -92.13 31.71 20.43
N GLN P 95 -91.95 30.45 20.81
CA GLN P 95 -90.67 30.06 21.37
C GLN P 95 -89.59 30.05 20.31
N ARG P 96 -89.95 29.74 19.06
CA ARG P 96 -88.88 29.65 18.10
C ARG P 96 -88.46 31.04 17.63
N TYR P 97 -89.35 32.04 17.79
CA TYR P 97 -88.90 33.42 17.58
C TYR P 97 -87.83 33.78 18.57
N LEU P 98 -88.01 33.34 19.83
CA LEU P 98 -86.99 33.52 20.85
C LEU P 98 -85.70 32.84 20.43
N LEU P 99 -85.81 31.61 19.87
CA LEU P 99 -84.65 30.86 19.45
C LEU P 99 -83.97 31.55 18.27
N GLN P 100 -84.73 32.33 17.51
CA GLN P 100 -84.13 33.00 16.38
C GLN P 100 -83.65 34.39 16.76
N TYR P 101 -84.18 34.99 17.83
CA TYR P 101 -83.92 36.42 18.01
C TYR P 101 -83.57 36.85 19.42
N GLN P 102 -83.80 36.01 20.43
CA GLN P 102 -83.68 36.34 21.85
C GLN P 102 -84.52 37.58 22.21
N GLU P 103 -85.71 37.66 21.63
CA GLU P 103 -86.71 38.65 21.95
C GLU P 103 -87.97 37.96 22.45
N PRO P 104 -88.79 38.63 23.25
CA PRO P 104 -90.01 37.99 23.76
C PRO P 104 -91.19 37.96 22.79
N ILE P 105 -90.94 38.04 21.48
CA ILE P 105 -91.89 38.02 20.35
C ILE P 105 -93.03 39.03 20.49
N PRO P 106 -92.80 40.27 20.03
CA PRO P 106 -93.90 41.23 19.87
C PRO P 106 -95.09 40.64 19.14
N CYS P 107 -96.26 40.78 19.77
CA CYS P 107 -97.38 39.88 19.53
C CYS P 107 -97.95 39.93 18.13
N GLU P 108 -97.80 41.06 17.44
CA GLU P 108 -98.26 41.17 16.07
C GLU P 108 -97.54 40.24 15.11
N GLN P 109 -96.28 39.92 15.39
CA GLN P 109 -95.57 38.88 14.65
C GLN P 109 -96.25 37.53 14.82
N LEU P 110 -96.68 37.22 16.05
CA LEU P 110 -97.30 35.94 16.34
C LEU P 110 -98.67 35.83 15.69
N VAL P 111 -99.48 36.89 15.79
CA VAL P 111 -100.80 36.89 15.19
C VAL P 111 -100.70 36.81 13.67
N THR P 112 -99.71 37.49 13.10
CA THR P 112 -99.47 37.40 11.67
C THR P 112 -99.08 35.98 11.26
N ALA P 113 -98.25 35.30 12.06
CA ALA P 113 -97.82 33.95 11.72
C ALA P 113 -98.98 32.95 11.78
N LEU P 114 -99.75 33.01 12.87
CA LEU P 114 -100.89 32.10 13.02
C LEU P 114 -101.94 32.35 11.95
N CYS P 115 -102.18 33.62 11.63
CA CYS P 115 -103.14 33.92 10.58
C CYS P 115 -102.64 33.52 9.21
N ASP P 116 -101.31 33.44 9.04
CA ASP P 116 -100.80 32.93 7.76
C ASP P 116 -100.98 31.42 7.65
N ILE P 117 -100.78 30.68 8.75
CA ILE P 117 -100.94 29.23 8.61
C ILE P 117 -102.42 28.86 8.57
N LYS P 118 -103.27 29.61 9.27
CA LYS P 118 -104.69 29.34 9.25
C LYS P 118 -105.31 29.74 7.92
N GLN P 119 -104.80 30.83 7.33
CA GLN P 119 -105.10 31.13 5.93
C GLN P 119 -104.60 30.03 5.01
N ALA P 120 -103.48 29.38 5.35
CA ALA P 120 -102.99 28.31 4.50
C ALA P 120 -103.89 27.08 4.57
N TYR P 121 -104.54 26.85 5.72
CA TYR P 121 -105.52 25.77 5.74
C TYR P 121 -106.80 26.11 5.00
N THR P 122 -107.16 27.39 4.89
CA THR P 122 -108.32 27.68 4.05
C THR P 122 -107.94 27.96 2.59
N GLN P 123 -106.64 27.99 2.27
CA GLN P 123 -106.22 28.25 0.90
C GLN P 123 -106.20 26.98 0.06
N PHE P 124 -105.60 25.92 0.59
CA PHE P 124 -105.47 24.68 -0.16
C PHE P 124 -105.37 23.52 0.82
N GLY P 125 -105.18 22.33 0.26
CA GLY P 125 -105.17 21.11 1.03
C GLY P 125 -106.51 20.41 1.13
N GLY P 126 -107.60 21.08 0.75
CA GLY P 126 -108.90 20.46 0.75
C GLY P 126 -109.48 20.16 2.12
N LYS P 127 -108.88 20.66 3.19
CA LYS P 127 -109.34 20.35 4.52
C LYS P 127 -110.35 21.39 4.99
N ARG P 128 -110.98 21.12 6.13
CA ARG P 128 -111.87 22.10 6.71
C ARG P 128 -111.05 23.17 7.40
N PRO P 129 -111.51 24.42 7.43
CA PRO P 129 -110.75 25.46 8.14
C PRO P 129 -110.88 25.32 9.64
N PHE P 130 -109.96 25.95 10.35
CA PHE P 130 -109.94 25.93 11.80
C PHE P 130 -111.10 26.76 12.35
N GLY P 131 -112.14 26.09 12.82
CA GLY P 131 -113.32 26.80 13.29
C GLY P 131 -113.18 27.47 14.65
N VAL P 132 -112.35 28.50 14.73
CA VAL P 132 -112.16 29.26 15.95
C VAL P 132 -111.75 30.69 15.64
N SER P 133 -112.49 31.65 16.19
CA SER P 133 -112.13 33.05 16.09
C SER P 133 -111.44 33.51 17.36
N LEU P 134 -110.26 32.96 17.61
CA LEU P 134 -109.57 33.21 18.87
C LEU P 134 -109.00 34.62 18.85
N LEU P 135 -108.71 35.14 20.04
CA LEU P 135 -108.12 36.47 20.14
C LEU P 135 -106.98 36.44 21.14
N TYR P 136 -106.21 37.52 21.18
CA TYR P 136 -104.90 37.56 21.80
C TYR P 136 -104.76 38.83 22.62
N ILE P 137 -104.08 38.74 23.75
CA ILE P 137 -103.61 39.92 24.47
C ILE P 137 -102.12 39.81 24.63
N GLY P 138 -101.47 40.95 24.72
CA GLY P 138 -100.02 40.95 24.80
C GLY P 138 -99.42 42.30 24.99
N TRP P 139 -98.11 42.31 25.17
CA TRP P 139 -97.32 43.51 25.35
C TRP P 139 -95.98 43.32 24.67
N ASP P 140 -95.44 44.40 24.13
CA ASP P 140 -94.06 44.41 23.64
C ASP P 140 -93.42 45.71 24.08
N LYS P 141 -92.11 45.79 23.95
CA LYS P 141 -91.42 47.04 24.26
C LYS P 141 -91.68 48.10 23.19
N HIS P 142 -92.07 47.67 21.98
CA HIS P 142 -92.29 48.61 20.89
C HIS P 142 -93.56 49.41 21.11
N TYR P 143 -94.68 48.72 21.20
CA TYR P 143 -95.97 49.37 21.36
C TYR P 143 -96.41 49.25 22.81
N GLY P 144 -97.64 49.67 23.08
CA GLY P 144 -98.12 49.57 24.44
C GLY P 144 -98.72 48.21 24.73
N PHE P 145 -99.58 48.15 25.75
CA PHE P 145 -100.48 47.02 25.94
C PHE P 145 -101.40 46.96 24.71
N GLN P 146 -101.54 45.77 24.16
CA GLN P 146 -102.37 45.66 22.97
C GLN P 146 -103.02 44.30 22.88
N LEU P 147 -104.23 44.29 22.33
CA LEU P 147 -104.93 43.04 22.07
C LEU P 147 -105.25 42.97 20.58
N TYR P 148 -105.14 41.78 20.02
CA TYR P 148 -105.53 41.56 18.64
C TYR P 148 -106.65 40.54 18.60
N GLN P 149 -107.38 40.53 17.50
CA GLN P 149 -108.50 39.62 17.37
C GLN P 149 -108.53 39.10 15.95
N SER P 150 -108.69 37.78 15.81
CA SER P 150 -108.66 37.09 14.54
C SER P 150 -109.86 36.16 14.42
N ASP P 151 -110.02 35.58 13.24
CA ASP P 151 -111.20 34.79 12.90
C ASP P 151 -110.76 33.68 11.96
N PRO P 152 -111.62 32.68 11.71
CA PRO P 152 -111.23 31.61 10.77
C PRO P 152 -111.04 32.05 9.32
N SER P 153 -111.43 33.26 8.94
CA SER P 153 -111.13 33.70 7.58
C SER P 153 -109.64 33.96 7.41
N GLY P 154 -109.04 34.66 8.35
CA GLY P 154 -107.62 34.92 8.26
C GLY P 154 -107.20 36.33 8.64
N ASN P 155 -108.06 37.32 8.40
CA ASN P 155 -107.71 38.69 8.72
C ASN P 155 -107.79 38.90 10.23
N TYR P 156 -107.24 40.02 10.68
CA TYR P 156 -107.16 40.27 12.11
C TYR P 156 -107.13 41.78 12.33
N GLY P 157 -107.02 42.20 13.57
CA GLY P 157 -106.81 43.61 13.79
C GLY P 157 -106.63 43.96 15.25
N GLY P 158 -106.23 45.21 15.47
CA GLY P 158 -106.33 45.78 16.79
C GLY P 158 -107.76 46.19 17.09
N TRP P 159 -108.36 45.49 18.03
CA TRP P 159 -109.81 45.49 18.22
C TRP P 159 -110.20 45.89 19.63
N LYS P 160 -109.77 47.08 20.06
CA LYS P 160 -109.58 47.56 21.44
C LYS P 160 -110.58 47.07 22.48
N ALA P 161 -111.84 46.88 22.10
CA ALA P 161 -112.78 46.28 23.05
C ALA P 161 -113.69 45.22 22.45
N THR P 162 -113.26 44.51 21.42
CA THR P 162 -114.19 43.64 20.70
C THR P 162 -114.39 42.31 21.41
N CYS P 163 -115.64 41.87 21.51
CA CYS P 163 -115.99 40.55 22.01
C CYS P 163 -116.29 39.64 20.85
N ILE P 164 -116.33 38.34 21.13
CA ILE P 164 -116.56 37.31 20.13
C ILE P 164 -117.65 36.37 20.63
N GLY P 165 -118.25 35.62 19.70
CA GLY P 165 -119.35 34.79 20.08
C GLY P 165 -120.70 35.48 19.89
N ASN P 166 -121.67 35.06 20.69
CA ASN P 166 -123.04 35.50 20.54
C ASN P 166 -123.24 36.91 21.10
N ASN P 167 -124.40 37.50 20.78
CA ASN P 167 -124.90 38.75 21.34
C ASN P 167 -123.97 39.94 21.09
N SER P 168 -123.84 40.41 19.85
CA SER P 168 -122.70 41.22 19.42
C SER P 168 -122.77 42.72 19.76
N ALA P 169 -123.78 42.91 20.64
CA ALA P 169 -124.55 44.15 20.67
C ALA P 169 -124.82 44.45 22.12
N ALA P 170 -125.22 43.38 22.79
CA ALA P 170 -124.92 43.26 24.19
C ALA P 170 -123.41 43.13 24.36
N ALA P 171 -122.78 42.41 23.45
CA ALA P 171 -121.32 42.29 23.44
C ALA P 171 -120.74 42.25 22.03
N VAL P 172 -121.15 43.17 21.11
CA VAL P 172 -120.34 44.37 21.41
C VAL P 172 -120.77 45.81 21.12
N SER P 173 -121.90 46.03 20.42
CA SER P 173 -122.31 47.40 20.07
C SER P 173 -122.46 48.33 21.28
N MET P 174 -122.83 47.80 22.45
CA MET P 174 -122.90 48.62 23.65
C MET P 174 -121.52 49.14 24.06
N LEU P 175 -120.48 48.31 23.89
CA LEU P 175 -119.11 48.75 24.17
C LEU P 175 -118.69 49.91 23.27
N LYS P 176 -119.17 49.98 22.03
CA LYS P 176 -118.77 51.13 21.23
C LYS P 176 -119.68 52.33 21.45
N GLN P 177 -120.41 52.34 22.56
CA GLN P 177 -121.00 53.54 23.12
C GLN P 177 -120.50 53.81 24.53
N ASP P 178 -119.57 53.01 25.06
CA ASP P 178 -119.21 53.16 26.48
C ASP P 178 -117.72 53.27 26.73
N TYR P 179 -116.89 52.79 25.81
CA TYR P 179 -115.45 52.75 26.02
C TYR P 179 -114.85 54.13 25.79
N LYS P 180 -114.13 54.63 26.78
CA LYS P 180 -113.37 55.87 26.65
C LYS P 180 -112.00 55.55 26.09
N GLU P 181 -111.72 56.02 24.88
CA GLU P 181 -110.55 55.59 24.13
C GLU P 181 -109.25 56.17 24.67
N GLY P 182 -109.31 57.30 25.37
CA GLY P 182 -108.10 57.92 25.87
C GLY P 182 -107.58 57.24 27.10
N GLU P 183 -108.36 57.25 28.17
CA GLU P 183 -108.00 56.68 29.44
C GLU P 183 -109.10 55.75 29.92
N MET P 184 -108.72 54.66 30.61
CA MET P 184 -109.68 53.63 30.96
C MET P 184 -109.57 53.16 32.41
N THR P 185 -108.37 53.16 33.01
CA THR P 185 -108.14 52.91 34.44
C THR P 185 -108.68 51.53 34.88
N LEU P 186 -107.86 50.50 34.59
CA LEU P 186 -108.20 49.08 34.48
C LEU P 186 -109.16 48.52 35.54
N LYS P 187 -109.24 49.11 36.74
CA LYS P 187 -110.31 48.75 37.67
C LYS P 187 -111.68 49.03 37.09
N SER P 188 -111.83 50.18 36.42
CA SER P 188 -113.09 50.48 35.76
C SER P 188 -113.27 49.65 34.50
N ALA P 189 -112.16 49.10 33.96
CA ALA P 189 -112.29 48.14 32.88
C ALA P 189 -112.84 46.82 33.37
N LEU P 190 -112.47 46.42 34.59
CA LEU P 190 -113.15 45.30 35.23
C LEU P 190 -114.62 45.60 35.44
N ALA P 191 -114.93 46.83 35.86
CA ALA P 191 -116.33 47.20 36.08
C ALA P 191 -117.14 47.17 34.79
N LEU P 192 -116.53 47.60 33.68
CA LEU P 192 -117.22 47.54 32.41
C LEU P 192 -117.33 46.10 31.91
N ALA P 193 -116.35 45.27 32.26
CA ALA P 193 -116.39 43.86 31.85
C ALA P 193 -117.52 43.12 32.58
N ILE P 194 -117.67 43.35 33.89
CA ILE P 194 -118.78 42.71 34.58
C ILE P 194 -120.09 43.40 34.26
N LYS P 195 -120.05 44.61 33.70
CA LYS P 195 -121.28 45.20 33.15
C LYS P 195 -121.75 44.43 31.93
N VAL P 196 -120.85 44.22 30.97
CA VAL P 196 -121.21 43.56 29.71
C VAL P 196 -121.56 42.10 29.96
N LEU P 197 -120.74 41.40 30.76
CA LEU P 197 -121.10 40.04 31.15
C LEU P 197 -122.31 39.99 32.06
N ASN P 198 -122.60 41.07 32.79
CA ASN P 198 -123.83 41.10 33.58
C ASN P 198 -125.04 41.31 32.69
N LYS P 199 -124.85 41.76 31.45
CA LYS P 199 -125.99 41.85 30.56
C LYS P 199 -126.11 40.64 29.63
N THR P 200 -124.99 39.99 29.31
CA THR P 200 -125.02 38.88 28.35
C THR P 200 -125.25 37.52 28.99
N MET P 201 -125.95 37.42 30.12
CA MET P 201 -126.13 36.13 30.78
C MET P 201 -127.58 35.88 31.14
N ASP P 202 -127.93 34.60 31.19
CA ASP P 202 -129.25 34.12 31.61
C ASP P 202 -129.45 34.20 33.12
N VAL P 203 -128.36 34.22 33.89
CA VAL P 203 -128.40 34.14 35.34
C VAL P 203 -127.75 35.38 35.93
N SER P 204 -128.12 35.69 37.17
CA SER P 204 -127.42 36.67 37.98
C SER P 204 -126.32 36.05 38.82
N LYS P 205 -126.31 34.72 38.98
CA LYS P 205 -125.23 34.02 39.67
C LYS P 205 -124.05 34.05 38.71
N LEU P 206 -123.25 35.08 38.82
CA LEU P 206 -122.15 35.32 37.90
C LEU P 206 -120.81 35.24 38.61
N SER P 207 -120.75 34.41 39.63
CA SER P 207 -119.50 34.16 40.33
C SER P 207 -118.63 33.23 39.49
N ALA P 208 -117.47 32.85 40.02
CA ALA P 208 -116.50 32.11 39.22
C ALA P 208 -116.84 30.64 39.06
N GLU P 209 -118.07 30.24 39.36
CA GLU P 209 -118.62 28.97 38.93
C GLU P 209 -118.98 29.10 37.45
N LYS P 210 -119.53 30.26 37.09
CA LYS P 210 -119.98 30.49 35.73
C LYS P 210 -119.44 31.78 35.12
N VAL P 211 -118.19 32.10 35.41
CA VAL P 211 -117.47 33.20 34.77
C VAL P 211 -115.99 32.86 34.86
N GLU P 212 -115.21 33.43 33.95
CA GLU P 212 -113.76 33.20 33.96
C GLU P 212 -113.09 34.47 33.44
N ILE P 213 -112.71 35.35 34.35
CA ILE P 213 -112.12 36.63 34.01
C ILE P 213 -110.64 36.57 34.40
N ALA P 214 -109.80 37.19 33.58
CA ALA P 214 -108.34 37.06 33.78
C ALA P 214 -107.68 38.33 33.28
N THR P 215 -106.75 38.86 34.06
CA THR P 215 -106.15 40.15 33.76
C THR P 215 -104.67 39.99 33.42
N LEU P 216 -104.13 40.99 32.74
CA LEU P 216 -102.71 41.09 32.49
C LEU P 216 -102.25 42.48 32.92
N THR P 217 -101.28 42.50 33.83
CA THR P 217 -100.76 43.70 34.48
C THR P 217 -99.24 43.58 34.48
N ARG P 218 -98.59 44.38 35.32
CA ARG P 218 -97.16 44.17 35.55
C ARG P 218 -96.74 44.68 36.91
N GLU P 219 -95.48 44.40 37.24
CA GLU P 219 -94.73 45.12 38.27
C GLU P 219 -93.29 45.11 37.78
N ASN P 220 -92.62 46.26 37.96
CA ASN P 220 -91.24 46.63 37.61
C ASN P 220 -90.70 46.05 36.30
N GLY P 221 -91.53 46.03 35.25
CA GLY P 221 -91.08 45.70 33.92
C GLY P 221 -91.52 44.37 33.38
N LYS P 222 -91.48 43.32 34.20
CA LYS P 222 -91.90 41.99 33.77
C LYS P 222 -93.42 41.97 33.89
N THR P 223 -94.08 41.29 32.95
CA THR P 223 -95.53 41.24 32.93
C THR P 223 -96.05 40.17 33.87
N VAL P 224 -97.26 40.39 34.40
CA VAL P 224 -97.89 39.45 35.32
C VAL P 224 -99.25 39.09 34.73
N ILE P 225 -99.48 37.80 34.50
CA ILE P 225 -100.76 37.33 33.99
C ILE P 225 -101.50 36.67 35.15
N ARG P 226 -102.56 37.32 35.62
CA ARG P 226 -103.35 36.80 36.73
C ARG P 226 -104.64 36.23 36.18
N VAL P 227 -105.16 35.20 36.84
CA VAL P 227 -106.34 34.51 36.33
C VAL P 227 -107.50 34.89 37.25
N LEU P 228 -107.23 35.83 38.17
CA LEU P 228 -108.25 36.45 39.03
C LEU P 228 -108.99 35.41 39.87
N LYS P 229 -108.26 34.85 40.85
CA LYS P 229 -108.74 33.80 41.73
C LYS P 229 -110.01 34.21 42.49
N GLN P 230 -110.62 33.22 43.15
CA GLN P 230 -112.08 33.12 43.33
C GLN P 230 -112.69 34.36 43.96
N LYS P 231 -112.17 34.79 45.12
CA LYS P 231 -112.85 35.78 45.95
C LYS P 231 -112.85 37.17 45.33
N GLU P 232 -111.96 37.44 44.37
CA GLU P 232 -112.00 38.71 43.64
C GLU P 232 -113.27 38.82 42.80
N VAL P 233 -113.78 37.69 42.31
CA VAL P 233 -115.02 37.70 41.55
C VAL P 233 -116.19 37.98 42.49
N GLU P 234 -116.16 37.43 43.70
CA GLU P 234 -117.19 37.79 44.67
C GLU P 234 -117.04 39.21 45.19
N GLN P 235 -115.88 39.83 45.02
CA GLN P 235 -115.80 41.27 45.25
C GLN P 235 -116.54 42.03 44.15
N LEU P 236 -116.16 41.77 42.88
CA LEU P 236 -116.68 42.58 41.79
C LEU P 236 -118.16 42.33 41.52
N ILE P 237 -118.67 41.15 41.85
CA ILE P 237 -120.08 40.88 41.65
C ILE P 237 -120.94 41.68 42.64
N LYS P 238 -120.40 42.11 43.77
CA LYS P 238 -121.14 42.99 44.65
C LYS P 238 -120.78 44.45 44.42
N LYS P 239 -120.11 44.75 43.30
CA LYS P 239 -119.86 46.13 42.91
C LYS P 239 -120.94 46.62 41.94
N HIS P 240 -122.12 46.86 42.49
CA HIS P 240 -123.24 47.43 41.73
C HIS P 240 -124.01 48.47 42.53
N GLU P 241 -123.71 48.16 43.81
CA GLU P 241 -124.33 47.21 44.78
C GLU P 241 -125.70 47.11 44.33
N GLU P 242 -125.88 48.05 43.44
CA GLU P 242 -127.14 48.82 43.48
C GLU P 242 -127.79 48.98 42.11
N GLU P 243 -127.02 49.27 41.06
CA GLU P 243 -127.53 49.38 39.69
C GLU P 243 -126.32 49.35 38.75
N GLU P 244 -126.58 49.05 37.48
CA GLU P 244 -125.58 49.20 36.43
C GLU P 244 -126.14 49.82 35.16
N ALA P 245 -127.47 49.80 34.95
CA ALA P 245 -128.09 50.29 33.74
C ALA P 245 -129.55 50.62 34.00
N SER Q 1 -101.27 17.54 -0.56
CA SER Q 1 -101.36 16.40 -1.46
C SER Q 1 -102.72 16.34 -2.15
N TYR Q 2 -103.53 17.37 -1.90
CA TYR Q 2 -104.84 17.45 -2.55
C TYR Q 2 -104.67 17.79 -4.02
N ASP Q 3 -105.23 16.97 -4.90
CA ASP Q 3 -104.87 17.03 -6.31
C ASP Q 3 -106.09 17.12 -7.22
N ARG Q 4 -107.22 17.61 -6.74
CA ARG Q 4 -108.38 17.79 -7.61
C ARG Q 4 -108.18 19.06 -8.43
N ALA Q 5 -108.42 18.96 -9.73
CA ALA Q 5 -108.33 20.12 -10.60
C ALA Q 5 -109.54 21.02 -10.38
N ILE Q 6 -109.33 22.15 -9.71
CA ILE Q 6 -110.42 23.07 -9.41
C ILE Q 6 -110.67 24.00 -10.58
N THR Q 7 -109.63 24.74 -10.99
CA THR Q 7 -109.79 25.81 -11.96
C THR Q 7 -109.80 25.18 -13.34
N VAL Q 8 -110.99 24.75 -13.77
CA VAL Q 8 -111.13 23.99 -15.01
C VAL Q 8 -112.02 24.74 -15.98
N PHE Q 9 -111.80 24.48 -17.27
CA PHE Q 9 -112.64 25.05 -18.31
C PHE Q 9 -114.01 24.40 -18.29
N SER Q 10 -115.02 25.21 -18.06
CA SER Q 10 -116.41 24.86 -18.26
C SER Q 10 -116.70 24.95 -19.76
N PRO Q 11 -117.95 24.71 -20.21
CA PRO Q 11 -118.31 25.15 -21.56
C PRO Q 11 -118.26 26.66 -21.75
N ASP Q 12 -118.52 27.07 -23.00
CA ASP Q 12 -118.39 28.39 -23.62
C ASP Q 12 -117.18 29.20 -23.13
N GLY Q 13 -116.06 28.51 -22.94
CA GLY Q 13 -114.78 29.10 -22.58
C GLY Q 13 -114.77 29.87 -21.28
N HIS Q 14 -115.61 29.48 -20.33
CA HIS Q 14 -115.80 30.31 -19.15
C HIS Q 14 -115.08 29.62 -18.00
N LEU Q 15 -114.13 30.31 -17.39
CA LEU Q 15 -113.31 29.73 -16.34
C LEU Q 15 -113.86 30.21 -15.00
N PHE Q 16 -114.90 29.50 -14.52
CA PHE Q 16 -115.81 30.03 -13.51
C PHE Q 16 -115.14 30.40 -12.19
N GLN Q 17 -114.03 29.73 -11.85
CA GLN Q 17 -113.37 30.03 -10.58
C GLN Q 17 -112.77 31.43 -10.61
N VAL Q 18 -112.31 31.86 -11.77
CA VAL Q 18 -111.70 33.18 -11.90
C VAL Q 18 -112.77 34.27 -11.85
N GLU Q 19 -113.91 34.08 -12.52
CA GLU Q 19 -114.96 35.08 -12.42
C GLU Q 19 -115.59 35.11 -11.03
N TYR Q 20 -115.57 33.98 -10.32
CA TYR Q 20 -115.99 34.02 -8.93
C TYR Q 20 -115.00 34.81 -8.10
N ALA Q 21 -113.72 34.80 -8.48
CA ALA Q 21 -112.79 35.72 -7.85
C ALA Q 21 -113.03 37.16 -8.29
N GLN Q 22 -113.63 37.36 -9.48
CA GLN Q 22 -113.97 38.71 -9.91
C GLN Q 22 -115.12 39.28 -9.10
N GLU Q 23 -116.11 38.47 -8.71
CA GLU Q 23 -117.03 39.01 -7.71
C GLU Q 23 -116.36 39.15 -6.36
N ALA Q 24 -115.37 38.29 -6.06
CA ALA Q 24 -114.69 38.41 -4.78
C ALA Q 24 -113.85 39.68 -4.68
N VAL Q 25 -113.41 40.26 -5.80
CA VAL Q 25 -112.84 41.61 -5.74
C VAL Q 25 -113.90 42.67 -5.96
N LYS Q 26 -115.08 42.31 -6.48
CA LYS Q 26 -116.18 43.24 -6.56
C LYS Q 26 -116.85 43.45 -5.20
N LYS Q 27 -116.52 42.64 -4.20
CA LYS Q 27 -117.19 42.72 -2.91
C LYS Q 27 -116.16 43.05 -1.83
N GLY Q 28 -115.33 44.07 -2.05
CA GLY Q 28 -114.31 44.43 -1.10
C GLY Q 28 -114.40 45.85 -0.59
N SER Q 29 -113.26 46.54 -0.52
CA SER Q 29 -113.18 47.96 -0.21
C SER Q 29 -113.33 48.73 -1.52
N THR Q 30 -112.96 50.01 -1.55
CA THR Q 30 -112.97 50.78 -2.80
C THR Q 30 -111.60 51.47 -2.95
N ALA Q 31 -110.63 50.73 -3.47
CA ALA Q 31 -109.30 51.30 -3.63
C ALA Q 31 -109.22 52.12 -4.90
N VAL Q 32 -108.34 53.12 -4.88
CA VAL Q 32 -108.18 54.02 -6.03
C VAL Q 32 -106.77 54.59 -5.98
N GLY Q 33 -106.22 54.86 -7.17
CA GLY Q 33 -104.93 55.49 -7.26
C GLY Q 33 -104.89 56.41 -8.45
N VAL Q 34 -104.02 57.42 -8.38
CA VAL Q 34 -103.79 58.34 -9.49
C VAL Q 34 -102.30 58.44 -9.70
N ARG Q 35 -101.88 58.20 -10.94
CA ARG Q 35 -100.57 58.57 -11.45
C ARG Q 35 -100.57 60.06 -11.74
N GLY Q 36 -99.97 60.84 -10.85
CA GLY Q 36 -99.99 62.28 -10.95
C GLY Q 36 -98.66 62.87 -11.35
N ARG Q 37 -98.00 62.23 -12.30
CA ARG Q 37 -96.97 62.79 -13.19
C ARG Q 37 -95.68 63.24 -12.51
N ASP Q 38 -95.70 63.40 -11.19
CA ASP Q 38 -94.51 63.51 -10.36
C ASP Q 38 -94.79 62.74 -9.08
N ILE Q 39 -96.06 62.63 -8.69
CA ILE Q 39 -96.44 61.92 -7.47
C ILE Q 39 -97.37 60.79 -7.89
N VAL Q 40 -97.53 59.81 -7.01
CA VAL Q 40 -98.62 58.84 -7.10
C VAL Q 40 -99.41 58.91 -5.81
N VAL Q 41 -100.65 58.46 -5.84
CA VAL Q 41 -101.53 58.62 -4.68
C VAL Q 41 -102.59 57.53 -4.67
N LEU Q 42 -102.92 57.04 -3.47
CA LEU Q 42 -103.89 55.96 -3.27
C LEU Q 42 -105.08 56.48 -2.45
N GLY Q 43 -105.94 55.56 -2.06
CA GLY Q 43 -107.09 55.90 -1.26
C GLY Q 43 -108.15 54.83 -1.41
N VAL Q 44 -108.66 54.37 -0.29
CA VAL Q 44 -109.69 53.34 -0.33
C VAL Q 44 -110.70 53.53 0.79
N GLU Q 45 -111.20 53.26 0.52
CA GLU Q 45 -112.26 53.29 1.51
C GLU Q 45 -111.63 53.42 2.89
N LYS Q 46 -111.86 54.52 3.59
CA LYS Q 46 -111.35 54.63 4.98
C LYS Q 46 -111.31 53.28 5.76
N LYS Q 47 -112.23 52.96 6.63
CA LYS Q 47 -112.06 51.66 7.25
C LYS Q 47 -113.40 51.01 7.20
N SER Q 48 -114.31 51.78 7.73
CA SER Q 48 -115.69 51.50 7.83
C SER Q 48 -115.91 52.84 8.47
N VAL Q 49 -115.04 53.18 9.42
CA VAL Q 49 -115.68 53.67 10.64
C VAL Q 49 -115.03 53.16 11.92
N ALA Q 50 -113.85 53.66 12.23
CA ALA Q 50 -112.99 53.08 13.25
C ALA Q 50 -113.76 52.67 14.51
N LYS Q 51 -114.38 53.66 15.15
CA LYS Q 51 -114.84 53.52 16.53
C LYS Q 51 -113.80 52.82 17.40
N LEU Q 52 -113.86 51.49 17.42
CA LEU Q 52 -112.94 50.68 18.22
C LEU Q 52 -111.82 50.02 17.44
N GLN Q 53 -111.42 50.57 16.30
CA GLN Q 53 -110.34 50.00 15.52
C GLN Q 53 -108.99 50.26 16.19
N ASP Q 54 -107.95 49.69 15.60
CA ASP Q 54 -106.62 50.26 15.64
C ASP Q 54 -106.26 50.63 14.22
N GLU Q 55 -105.96 51.91 14.00
CA GLU Q 55 -105.69 52.40 12.66
C GLU Q 55 -104.38 51.85 12.11
N ARG Q 56 -103.49 51.41 12.99
CA ARG Q 56 -102.22 50.85 12.56
C ARG Q 56 -102.38 49.49 11.90
N THR Q 57 -103.45 48.75 12.23
CA THR Q 57 -103.61 47.40 11.70
C THR Q 57 -104.97 47.28 11.02
N VAL Q 58 -105.28 48.25 10.17
CA VAL Q 58 -106.49 48.23 9.35
C VAL Q 58 -106.02 48.71 7.99
N ARG Q 59 -104.74 48.46 7.69
CA ARG Q 59 -104.02 49.04 6.56
C ARG Q 59 -104.39 48.23 5.33
N LYS Q 60 -105.20 48.83 4.46
CA LYS Q 60 -105.26 48.39 3.08
C LYS Q 60 -104.05 48.87 2.31
N ILE Q 61 -103.36 49.89 2.80
CA ILE Q 61 -102.13 50.41 2.22
C ILE Q 61 -100.96 49.76 2.94
N CYS Q 62 -100.39 49.08 1.98
CA CYS Q 62 -99.28 48.21 2.33
C CYS Q 62 -97.98 48.79 1.69
N ALA Q 63 -96.55 48.57 2.23
CA ALA Q 63 -95.36 49.01 1.52
C ALA Q 63 -94.54 47.79 1.15
N LEU Q 64 -94.09 47.71 -0.10
CA LEU Q 64 -93.35 46.52 -0.51
C LEU Q 64 -91.90 46.60 -0.07
N ASP Q 65 -91.12 47.54 -0.60
CA ASP Q 65 -89.88 47.90 0.08
C ASP Q 65 -89.81 49.39 0.43
N ASP Q 66 -89.64 50.29 -0.53
CA ASP Q 66 -89.53 51.70 -0.20
C ASP Q 66 -90.34 52.56 -1.15
N ASN Q 67 -90.34 52.19 -2.42
CA ASN Q 67 -90.99 52.96 -3.47
C ASN Q 67 -92.26 52.33 -3.97
N VAL Q 68 -92.26 51.05 -4.22
CA VAL Q 68 -93.46 50.38 -4.67
C VAL Q 68 -94.31 50.02 -3.46
N CYS Q 69 -95.60 50.23 -3.60
CA CYS Q 69 -96.55 49.94 -2.54
C CYS Q 69 -97.91 49.70 -3.17
N MET Q 70 -98.71 48.87 -2.52
CA MET Q 70 -99.93 48.42 -3.18
C MET Q 70 -101.13 48.48 -2.25
N ALA Q 71 -102.30 48.60 -2.88
CA ALA Q 71 -103.58 48.63 -2.19
C ALA Q 71 -104.43 47.49 -2.72
N PHE Q 72 -104.53 46.42 -1.95
CA PHE Q 72 -105.35 45.29 -2.36
C PHE Q 72 -106.82 45.59 -2.17
N ALA Q 73 -107.66 44.77 -2.81
CA ALA Q 73 -109.11 44.95 -2.70
C ALA Q 73 -109.75 43.57 -2.88
N GLY Q 74 -110.03 42.90 -1.76
CA GLY Q 74 -110.73 41.64 -1.80
C GLY Q 74 -110.12 40.56 -0.93
N LEU Q 75 -110.94 40.06 0.01
CA LEU Q 75 -110.72 38.93 0.91
C LEU Q 75 -109.70 39.17 2.01
N THR Q 76 -108.89 40.24 1.90
CA THR Q 76 -108.04 40.90 2.91
C THR Q 76 -107.19 39.99 3.80
N ALA Q 77 -107.10 38.70 3.48
CA ALA Q 77 -106.22 37.77 4.16
C ALA Q 77 -105.49 36.85 3.22
N ASP Q 78 -106.02 36.61 2.02
CA ASP Q 78 -105.23 36.03 0.95
C ASP Q 78 -104.30 37.05 0.33
N ALA Q 79 -104.54 38.33 0.59
CA ALA Q 79 -103.67 39.38 0.05
C ALA Q 79 -102.33 39.40 0.75
N ARG Q 80 -102.33 39.22 2.07
CA ARG Q 80 -101.13 39.35 2.89
C ARG Q 80 -100.07 38.31 2.55
N ILE Q 81 -100.48 37.15 2.03
CA ILE Q 81 -99.53 36.18 1.51
C ILE Q 81 -98.81 36.75 0.29
N VAL Q 82 -99.57 37.39 -0.60
CA VAL Q 82 -98.99 37.99 -1.80
C VAL Q 82 -98.12 39.19 -1.44
N ILE Q 83 -98.47 39.88 -0.34
CA ILE Q 83 -97.60 40.93 0.19
C ILE Q 83 -96.27 40.34 0.63
N ASN Q 84 -96.32 39.23 1.38
CA ASN Q 84 -95.12 38.64 1.93
C ASN Q 84 -94.21 38.09 0.83
N ARG Q 85 -94.79 37.40 -0.15
CA ARG Q 85 -93.96 36.85 -1.21
C ARG Q 85 -93.47 37.94 -2.16
N ALA Q 86 -94.22 39.04 -2.27
CA ALA Q 86 -93.72 40.18 -3.02
C ALA Q 86 -92.52 40.83 -2.33
N ARG Q 87 -92.57 40.94 -1.00
CA ARG Q 87 -91.45 41.51 -0.27
C ARG Q 87 -90.24 40.59 -0.32
N VAL Q 88 -90.46 39.28 -0.25
CA VAL Q 88 -89.36 38.32 -0.28
C VAL Q 88 -88.66 38.34 -1.63
N GLU Q 89 -89.40 38.20 -2.73
CA GLU Q 89 -88.71 38.18 -4.02
C GLU Q 89 -88.21 39.56 -4.40
N CYS Q 90 -88.82 40.61 -3.84
CA CYS Q 90 -88.31 41.95 -4.05
C CYS Q 90 -86.94 42.13 -3.40
N GLN Q 91 -86.75 41.53 -2.22
CA GLN Q 91 -85.41 41.54 -1.63
C GLN Q 91 -84.45 40.64 -2.41
N SER Q 92 -84.94 39.56 -3.03
CA SER Q 92 -84.07 38.76 -3.88
C SER Q 92 -83.66 39.51 -5.13
N HIS Q 93 -84.53 40.36 -5.65
CA HIS Q 93 -84.16 41.18 -6.81
C HIS Q 93 -83.35 42.39 -6.39
N ARG Q 94 -83.34 42.75 -5.11
CA ARG Q 94 -82.26 43.61 -4.63
C ARG Q 94 -80.96 42.86 -4.46
N LEU Q 95 -81.01 41.54 -4.30
CA LEU Q 95 -79.78 40.77 -4.13
C LEU Q 95 -79.04 40.61 -5.46
N THR Q 96 -79.76 40.32 -6.54
CA THR Q 96 -79.05 40.02 -7.79
C THR Q 96 -78.58 41.28 -8.49
N VAL Q 97 -79.51 42.14 -8.91
CA VAL Q 97 -79.13 43.27 -9.76
C VAL Q 97 -78.85 44.55 -8.97
N GLU Q 98 -79.33 44.63 -7.73
CA GLU Q 98 -79.08 45.75 -6.79
C GLU Q 98 -79.56 47.08 -7.38
N ASP Q 99 -80.87 47.22 -7.52
CA ASP Q 99 -81.48 48.43 -8.03
C ASP Q 99 -82.51 48.91 -7.03
N PRO Q 100 -82.98 50.14 -7.19
CA PRO Q 100 -84.32 50.46 -6.69
C PRO Q 100 -85.35 49.81 -7.61
N VAL Q 101 -85.71 48.56 -7.26
CA VAL Q 101 -86.43 47.56 -8.05
C VAL Q 101 -87.62 48.13 -8.82
N THR Q 102 -87.64 47.89 -10.13
CA THR Q 102 -88.64 48.50 -10.99
C THR Q 102 -90.01 47.91 -10.75
N VAL Q 103 -91.04 48.76 -10.91
CA VAL Q 103 -92.40 48.42 -10.56
C VAL Q 103 -92.99 47.41 -11.55
N GLU Q 104 -92.57 47.49 -12.83
CA GLU Q 104 -92.93 46.52 -13.85
C GLU Q 104 -92.57 45.10 -13.45
N TYR Q 105 -91.38 44.91 -12.89
CA TYR Q 105 -90.92 43.55 -12.63
C TYR Q 105 -91.67 42.92 -11.47
N ILE Q 106 -91.94 43.69 -10.43
CA ILE Q 106 -92.62 43.12 -9.28
C ILE Q 106 -94.09 42.89 -9.59
N THR Q 107 -94.68 43.72 -10.46
CA THR Q 107 -96.07 43.43 -10.80
C THR Q 107 -96.17 42.28 -11.80
N ARG Q 108 -95.12 42.03 -12.60
CA ARG Q 108 -95.06 40.79 -13.37
C ARG Q 108 -94.90 39.59 -12.46
N TYR Q 109 -94.21 39.76 -11.33
CA TYR Q 109 -94.11 38.65 -10.39
C TYR Q 109 -95.43 38.35 -9.72
N ILE Q 110 -96.22 39.39 -9.41
CA ILE Q 110 -97.52 39.16 -8.78
C ILE Q 110 -98.48 38.51 -9.77
N ALA Q 111 -98.56 39.05 -10.99
CA ALA Q 111 -99.45 38.48 -11.99
C ALA Q 111 -99.02 37.08 -12.39
N SER Q 112 -97.72 36.82 -12.42
CA SER Q 112 -97.26 35.46 -12.70
C SER Q 112 -97.55 34.53 -11.54
N LEU Q 113 -97.57 35.04 -10.31
CA LEU Q 113 -97.88 34.19 -9.17
C LEU Q 113 -99.34 33.79 -9.17
N LYS Q 114 -100.24 34.76 -9.36
CA LYS Q 114 -101.66 34.44 -9.38
C LYS Q 114 -102.04 33.59 -10.58
N GLN Q 115 -101.35 33.79 -11.71
CA GLN Q 115 -101.55 32.88 -12.83
C GLN Q 115 -101.01 31.50 -12.50
N ARG Q 116 -99.96 31.41 -11.69
CA ARG Q 116 -99.54 30.08 -11.25
C ARG Q 116 -100.50 29.47 -10.25
N TYR Q 117 -101.39 30.24 -9.63
CA TYR Q 117 -102.44 29.59 -8.87
C TYR Q 117 -103.73 29.41 -9.65
N THR Q 118 -103.79 29.87 -10.90
CA THR Q 118 -104.85 29.42 -11.79
C THR Q 118 -104.50 28.14 -12.54
N GLN Q 119 -103.40 27.49 -12.19
CA GLN Q 119 -102.89 26.32 -12.89
C GLN Q 119 -102.67 25.12 -12.00
N SER Q 120 -102.24 25.32 -10.76
CA SER Q 120 -101.81 24.20 -9.94
C SER Q 120 -103.01 23.40 -9.43
N ASN Q 121 -102.71 22.28 -8.78
CA ASN Q 121 -103.71 21.29 -8.45
C ASN Q 121 -104.41 21.67 -7.15
N GLY Q 122 -105.56 22.32 -7.27
CA GLY Q 122 -106.45 22.49 -6.14
C GLY Q 122 -106.03 23.50 -5.09
N ARG Q 123 -105.96 24.78 -5.46
CA ARG Q 123 -105.55 25.76 -4.46
C ARG Q 123 -106.26 27.11 -4.52
N ARG Q 124 -107.37 27.26 -5.26
CA ARG Q 124 -108.28 28.41 -5.33
C ARG Q 124 -107.58 29.74 -5.62
N PRO Q 125 -107.44 30.10 -6.89
CA PRO Q 125 -106.79 31.36 -7.27
C PRO Q 125 -107.37 32.57 -6.55
N PHE Q 126 -106.49 33.52 -6.24
CA PHE Q 126 -106.75 34.54 -5.23
C PHE Q 126 -107.92 35.44 -5.58
N GLY Q 127 -108.47 36.07 -4.56
CA GLY Q 127 -109.54 37.02 -4.75
C GLY Q 127 -109.07 38.42 -4.43
N ILE Q 128 -107.87 38.78 -4.88
CA ILE Q 128 -107.31 40.10 -4.64
C ILE Q 128 -107.11 40.80 -5.97
N SER Q 129 -106.86 42.11 -5.87
CA SER Q 129 -106.49 42.89 -7.04
C SER Q 129 -105.69 44.09 -6.55
N ALA Q 130 -104.59 44.38 -7.22
CA ALA Q 130 -103.57 45.25 -6.67
C ALA Q 130 -103.55 46.61 -7.34
N LEU Q 131 -102.86 47.55 -6.69
CA LEU Q 131 -102.49 48.82 -7.31
C LEU Q 131 -100.99 49.00 -7.08
N ILE Q 132 -100.19 48.38 -7.94
CA ILE Q 132 -98.75 48.47 -7.78
C ILE Q 132 -98.32 49.82 -8.32
N VAL Q 133 -98.02 50.76 -7.43
CA VAL Q 133 -97.54 52.08 -7.85
C VAL Q 133 -96.06 52.13 -7.56
N GLY Q 134 -95.43 53.28 -7.79
CA GLY Q 134 -94.03 53.41 -7.42
C GLY Q 134 -93.30 54.26 -8.45
N PHE Q 135 -92.00 54.01 -8.54
CA PHE Q 135 -91.12 54.75 -9.45
C PHE Q 135 -90.13 53.78 -10.04
N ASP Q 136 -89.07 54.30 -10.65
CA ASP Q 136 -87.98 53.49 -11.14
C ASP Q 136 -86.69 54.31 -11.02
N PHE Q 137 -85.67 53.91 -11.78
CA PHE Q 137 -84.38 54.61 -11.72
C PHE Q 137 -84.49 56.04 -12.23
N ASP Q 138 -85.41 56.33 -13.13
CA ASP Q 138 -85.59 57.68 -13.67
C ASP Q 138 -87.07 58.10 -13.60
N GLY Q 139 -87.47 58.59 -12.42
CA GLY Q 139 -88.80 59.13 -12.21
C GLY Q 139 -89.91 58.14 -12.51
N THR Q 140 -90.67 58.45 -13.56
CA THR Q 140 -91.62 57.61 -14.29
C THR Q 140 -92.61 56.95 -13.34
N PRO Q 141 -93.56 57.66 -12.85
CA PRO Q 141 -94.36 57.19 -11.70
C PRO Q 141 -95.40 56.14 -12.09
N ARG Q 142 -94.93 54.98 -12.52
CA ARG Q 142 -95.81 54.01 -13.17
C ARG Q 142 -96.73 53.31 -12.19
N LEU Q 143 -97.99 53.16 -12.60
CA LEU Q 143 -99.02 52.46 -11.83
C LEU Q 143 -99.36 51.17 -12.58
N TYR Q 144 -99.72 50.14 -11.84
CA TYR Q 144 -100.10 48.86 -12.42
C TYR Q 144 -101.26 48.28 -11.63
N GLN Q 145 -102.14 47.60 -12.35
CA GLN Q 145 -103.31 46.98 -11.73
C GLN Q 145 -103.40 45.54 -12.20
N THR Q 146 -103.29 44.61 -11.25
CA THR Q 146 -103.35 43.19 -11.56
C THR Q 146 -104.79 42.69 -11.49
N ASP Q 147 -104.92 41.38 -11.54
CA ASP Q 147 -106.22 40.73 -11.70
C ASP Q 147 -106.09 39.30 -11.21
N PRO Q 148 -107.18 38.72 -10.69
CA PRO Q 148 -107.13 37.30 -10.31
C PRO Q 148 -106.87 36.32 -11.44
N SER Q 149 -107.04 36.73 -12.70
CA SER Q 149 -106.55 35.94 -13.82
C SER Q 149 -105.09 36.20 -14.12
N GLY Q 150 -104.41 37.01 -13.32
CA GLY Q 150 -103.00 37.26 -13.52
C GLY Q 150 -102.70 38.17 -14.69
N THR Q 151 -103.59 39.09 -15.01
CA THR Q 151 -103.39 40.04 -16.11
C THR Q 151 -103.17 41.41 -15.50
N TYR Q 152 -102.00 41.99 -15.76
CA TYR Q 152 -101.66 43.30 -15.24
C TYR Q 152 -101.74 44.33 -16.34
N HIS Q 153 -102.29 45.49 -16.03
CA HIS Q 153 -102.42 46.58 -16.98
C HIS Q 153 -101.80 47.85 -16.40
N ALA Q 154 -101.11 48.59 -17.26
CA ALA Q 154 -100.36 49.77 -16.84
C ALA Q 154 -101.20 51.03 -16.95
N TRP Q 155 -102.38 51.00 -16.36
CA TRP Q 155 -103.29 52.10 -16.57
C TRP Q 155 -103.07 53.15 -15.49
N LYS Q 156 -103.86 54.23 -15.53
CA LYS Q 156 -103.55 55.42 -14.76
C LYS Q 156 -104.56 55.79 -13.69
N ALA Q 157 -105.76 55.20 -13.69
CA ALA Q 157 -106.66 55.39 -12.56
C ALA Q 157 -106.95 54.08 -11.85
N ASN Q 158 -107.56 53.11 -12.54
CA ASN Q 158 -107.86 51.76 -12.06
C ASN Q 158 -108.51 51.72 -10.68
N ALA Q 159 -109.66 52.35 -10.57
CA ALA Q 159 -110.46 52.19 -9.36
C ALA Q 159 -111.11 50.82 -9.46
N ILE Q 160 -110.65 49.87 -8.63
CA ILE Q 160 -111.03 48.48 -8.81
C ILE Q 160 -111.67 47.89 -7.55
N GLY Q 161 -112.22 48.74 -6.70
CA GLY Q 161 -112.83 48.23 -5.49
C GLY Q 161 -114.24 47.70 -5.64
N ARG Q 162 -115.16 48.11 -4.76
CA ARG Q 162 -116.49 47.52 -4.78
C ARG Q 162 -117.51 48.41 -5.47
N GLY Q 163 -117.45 49.72 -5.27
CA GLY Q 163 -118.35 50.62 -5.93
C GLY Q 163 -117.56 51.52 -6.84
N ALA Q 164 -116.59 50.94 -7.54
CA ALA Q 164 -115.55 51.71 -8.20
C ALA Q 164 -115.69 51.71 -9.71
N LYS Q 165 -116.73 51.09 -10.27
CA LYS Q 165 -117.02 51.33 -11.68
C LYS Q 165 -117.50 52.76 -11.89
N SER Q 166 -118.23 53.30 -10.91
CA SER Q 166 -118.58 54.72 -10.93
C SER Q 166 -117.35 55.59 -10.76
N VAL Q 167 -116.37 55.13 -9.99
CA VAL Q 167 -115.19 55.94 -9.75
C VAL Q 167 -114.29 55.94 -10.97
N ARG Q 168 -114.19 54.81 -11.67
CA ARG Q 168 -113.36 54.78 -12.85
C ARG Q 168 -114.01 55.45 -14.05
N GLU Q 169 -115.35 55.52 -14.09
CA GLU Q 169 -115.94 56.34 -15.14
C GLU Q 169 -115.89 57.82 -14.80
N PHE Q 170 -115.96 58.16 -13.52
CA PHE Q 170 -115.70 59.53 -13.06
C PHE Q 170 -114.27 59.95 -13.37
N LEU Q 171 -113.32 59.06 -13.12
CA LEU Q 171 -111.92 59.35 -13.38
C LEU Q 171 -111.61 59.33 -14.87
N GLU Q 172 -112.41 58.60 -15.65
CA GLU Q 172 -112.38 58.76 -17.10
C GLU Q 172 -112.85 60.16 -17.50
N LYS Q 173 -113.82 60.70 -16.77
CA LYS Q 173 -114.34 62.01 -17.12
C LYS Q 173 -113.41 63.14 -16.70
N ASN Q 174 -112.76 63.02 -15.54
CA ASN Q 174 -112.18 64.17 -14.86
C ASN Q 174 -110.70 63.96 -14.57
N TYR Q 175 -109.95 63.48 -15.56
CA TYR Q 175 -108.49 63.40 -15.46
C TYR Q 175 -107.93 63.55 -16.87
N THR Q 176 -107.62 64.80 -17.25
CA THR Q 176 -106.93 65.03 -18.52
C THR Q 176 -105.58 65.69 -18.31
N ASP Q 177 -105.55 66.93 -17.81
CA ASP Q 177 -104.29 67.64 -17.60
C ASP Q 177 -104.31 68.55 -16.37
N ASP Q 178 -105.40 68.61 -15.63
CA ASP Q 178 -105.51 69.50 -14.48
C ASP Q 178 -104.77 68.99 -13.27
N ALA Q 179 -104.31 67.74 -13.29
CA ALA Q 179 -103.62 67.14 -12.17
C ALA Q 179 -102.14 66.87 -12.49
N ILE Q 180 -101.48 67.80 -13.17
CA ILE Q 180 -100.08 67.59 -13.54
C ILE Q 180 -99.17 68.32 -12.56
N GLU Q 181 -99.77 69.00 -11.60
CA GLU Q 181 -99.02 69.77 -10.61
C GLU Q 181 -98.47 68.84 -9.53
N THR Q 182 -98.03 69.45 -8.42
CA THR Q 182 -97.21 68.71 -7.45
C THR Q 182 -98.01 67.68 -6.69
N ASP Q 183 -98.92 68.12 -5.83
CA ASP Q 183 -99.73 67.13 -5.14
C ASP Q 183 -101.20 67.52 -5.00
N ASP Q 184 -101.52 68.81 -4.97
CA ASP Q 184 -102.78 69.28 -4.40
C ASP Q 184 -103.96 68.93 -5.31
N LEU Q 185 -103.81 69.11 -6.61
CA LEU Q 185 -104.91 68.80 -7.53
C LEU Q 185 -105.09 67.29 -7.68
N THR Q 186 -104.00 66.53 -7.56
CA THR Q 186 -104.09 65.08 -7.65
C THR Q 186 -104.81 64.50 -6.44
N ILE Q 187 -104.36 64.88 -5.24
CA ILE Q 187 -104.97 64.40 -4.01
C ILE Q 187 -106.39 64.91 -3.89
N LYS Q 188 -106.64 66.13 -4.37
CA LYS Q 188 -108.00 66.65 -4.46
C LYS Q 188 -108.85 65.81 -5.41
N LEU Q 189 -108.24 65.29 -6.48
CA LEU Q 189 -108.99 64.43 -7.40
C LEU Q 189 -109.30 63.07 -6.76
N VAL Q 190 -108.38 62.57 -5.93
CA VAL Q 190 -108.63 61.29 -5.26
C VAL Q 190 -109.71 61.43 -4.20
N ILE Q 191 -109.58 62.43 -3.32
CA ILE Q 191 -110.55 62.58 -2.25
C ILE Q 191 -111.89 63.06 -2.80
N LYS Q 192 -111.90 63.74 -3.95
CA LYS Q 192 -113.17 63.99 -4.62
C LYS Q 192 -113.75 62.69 -5.16
N ALA Q 193 -112.89 61.82 -5.68
CA ALA Q 193 -113.35 60.57 -6.27
C ALA Q 193 -113.92 59.60 -5.24
N LEU Q 194 -113.36 59.55 -4.04
CA LEU Q 194 -113.94 58.69 -3.00
C LEU Q 194 -115.04 59.38 -2.22
N LEU Q 195 -115.06 60.72 -2.17
CA LEU Q 195 -116.21 61.40 -1.60
C LEU Q 195 -117.41 61.37 -2.52
N GLU Q 196 -117.24 60.94 -3.76
CA GLU Q 196 -118.38 60.58 -4.59
C GLU Q 196 -119.14 59.41 -3.99
N VAL Q 197 -118.43 58.46 -3.36
CA VAL Q 197 -119.04 57.21 -2.95
C VAL Q 197 -119.64 57.23 -1.56
N VAL Q 198 -118.89 57.67 -0.54
CA VAL Q 198 -119.35 57.50 0.84
C VAL Q 198 -119.50 58.87 1.49
N GLN Q 199 -118.51 59.33 2.19
CA GLN Q 199 -118.83 60.32 3.21
C GLN Q 199 -117.51 60.83 3.76
N SER Q 200 -117.62 61.67 4.79
CA SER Q 200 -116.51 62.55 5.15
C SER Q 200 -115.26 61.79 5.58
N GLY Q 201 -114.11 62.41 5.37
CA GLY Q 201 -112.83 61.79 5.60
C GLY Q 201 -112.37 61.76 7.05
N GLY Q 202 -113.15 62.36 7.94
CA GLY Q 202 -112.87 62.26 9.36
C GLY Q 202 -113.12 60.90 9.97
N LYS Q 203 -113.81 60.03 9.24
CA LYS Q 203 -114.07 58.68 9.69
C LYS Q 203 -113.78 57.63 8.63
N ASN Q 204 -113.71 58.01 7.36
CA ASN Q 204 -113.79 57.04 6.27
C ASN Q 204 -112.50 56.89 5.48
N ILE Q 205 -112.01 57.96 4.88
CA ILE Q 205 -110.95 57.83 3.89
C ILE Q 205 -109.59 57.79 4.58
N GLU Q 206 -108.61 57.17 3.92
CA GLU Q 206 -107.21 57.34 4.26
C GLU Q 206 -106.40 57.19 2.99
N LEU Q 207 -105.28 57.90 2.93
CA LEU Q 207 -104.51 58.01 1.70
C LEU Q 207 -103.05 57.73 1.97
N ALA Q 208 -102.27 57.75 0.90
CA ALA Q 208 -100.83 57.59 0.96
C ALA Q 208 -100.22 58.21 -0.28
N VAL Q 209 -99.09 58.87 -0.13
CA VAL Q 209 -98.41 59.51 -1.25
C VAL Q 209 -96.98 58.99 -1.32
N MET Q 210 -96.34 59.22 -2.47
CA MET Q 210 -94.99 58.74 -2.71
C MET Q 210 -94.31 59.69 -3.68
N ARG Q 211 -93.16 60.22 -3.30
CA ARG Q 211 -92.53 61.32 -4.02
C ARG Q 211 -91.07 60.99 -4.33
N ARG Q 212 -90.81 60.59 -5.58
CA ARG Q 212 -89.48 60.59 -6.20
C ARG Q 212 -88.47 59.73 -5.45
N ASP Q 213 -88.88 58.50 -5.11
CA ASP Q 213 -88.06 57.51 -4.39
C ASP Q 213 -87.61 58.01 -3.02
N GLN Q 214 -88.52 58.69 -2.32
CA GLN Q 214 -88.38 58.87 -0.88
C GLN Q 214 -89.75 59.12 -0.27
N SER Q 215 -89.83 58.92 1.05
CA SER Q 215 -90.89 59.43 1.93
C SER Q 215 -92.28 58.91 1.54
N LEU Q 216 -92.47 57.61 1.70
CA LEU Q 216 -93.82 57.05 1.65
C LEU Q 216 -94.57 57.52 2.89
N LYS Q 217 -95.38 58.55 2.74
CA LYS Q 217 -96.04 59.20 3.87
C LYS Q 217 -97.55 58.95 3.78
N ILE Q 218 -98.11 58.37 4.83
CA ILE Q 218 -99.56 58.31 4.96
C ILE Q 218 -100.08 59.64 5.49
N LEU Q 219 -101.39 59.82 5.44
CA LEU Q 219 -102.02 61.06 5.85
C LEU Q 219 -102.97 60.79 7.02
N ASN Q 220 -102.58 61.24 8.21
CA ASN Q 220 -103.43 61.15 9.39
C ASN Q 220 -104.71 61.97 9.20
N PRO Q 221 -105.76 61.60 9.93
CA PRO Q 221 -107.04 62.30 9.84
C PRO Q 221 -106.89 63.72 9.30
N GLU Q 222 -105.75 64.35 9.60
CA GLU Q 222 -105.49 65.71 9.14
C GLU Q 222 -105.54 65.80 7.62
N GLU Q 223 -104.72 65.00 6.95
CA GLU Q 223 -104.66 64.99 5.50
C GLU Q 223 -106.04 64.80 4.87
N ILE Q 224 -106.72 63.72 5.25
CA ILE Q 224 -108.05 63.43 4.73
C ILE Q 224 -108.99 64.62 4.93
N GLU Q 225 -109.01 65.16 6.16
CA GLU Q 225 -109.87 66.29 6.47
C GLU Q 225 -109.60 67.45 5.51
N LYS Q 226 -108.34 67.84 5.39
CA LYS Q 226 -107.96 68.92 4.50
C LYS Q 226 -108.45 68.67 3.08
N TYR Q 227 -108.19 67.45 2.59
CA TYR Q 227 -108.62 67.08 1.24
C TYR Q 227 -110.12 67.29 1.06
N VAL Q 228 -110.90 66.73 1.98
CA VAL Q 228 -112.35 66.86 1.93
C VAL Q 228 -112.75 68.32 1.89
N ALA Q 229 -112.19 69.12 2.79
CA ALA Q 229 -112.49 70.55 2.85
C ALA Q 229 -112.25 71.21 1.49
N GLU Q 230 -111.06 71.00 0.95
CA GLU Q 230 -110.71 71.58 -0.35
C GLU Q 230 -111.70 71.18 -1.42
N ILE Q 231 -112.04 69.89 -1.47
CA ILE Q 231 -112.99 69.38 -2.45
C ILE Q 231 -114.33 70.10 -2.33
N GLU Q 232 -114.84 70.20 -1.10
CA GLU Q 232 -116.11 70.87 -0.86
C GLU Q 232 -116.07 72.33 -1.31
N LYS Q 233 -114.96 73.00 -1.00
CA LYS Q 233 -114.79 74.40 -1.36
C LYS Q 233 -114.78 74.57 -2.88
N GLU Q 234 -114.15 73.64 -3.58
CA GLU Q 234 -114.08 73.69 -5.04
C GLU Q 234 -115.43 73.37 -5.67
N LYS Q 235 -116.22 72.55 -4.98
CA LYS Q 235 -117.54 72.16 -5.48
C LYS Q 235 -118.65 72.85 -4.69
N ASP R 9 -117.52 17.54 -10.79
CA ASP R 9 -118.10 17.19 -12.07
C ASP R 9 -117.58 15.85 -12.57
N ARG R 10 -116.57 15.89 -13.45
CA ARG R 10 -116.09 14.68 -14.09
C ARG R 10 -114.58 14.50 -14.12
N GLY R 11 -113.79 15.54 -13.97
CA GLY R 11 -112.35 15.42 -14.13
C GLY R 11 -111.89 16.03 -15.44
N VAL R 12 -110.58 16.01 -15.64
CA VAL R 12 -110.00 16.66 -16.80
C VAL R 12 -109.56 15.63 -17.85
N ASN R 13 -109.20 14.43 -17.41
CA ASN R 13 -108.68 13.42 -18.31
C ASN R 13 -109.76 12.46 -18.79
N THR R 14 -110.86 12.99 -19.32
CA THR R 14 -111.98 12.19 -19.78
C THR R 14 -112.31 12.56 -21.22
N PHE R 15 -112.82 11.59 -21.97
CA PHE R 15 -113.17 11.81 -23.36
C PHE R 15 -114.67 12.10 -23.50
N SER R 16 -115.01 12.93 -24.49
CA SER R 16 -116.36 13.45 -24.58
C SER R 16 -117.20 12.63 -25.56
N PRO R 17 -118.51 12.47 -25.28
CA PRO R 17 -119.42 11.76 -26.20
C PRO R 17 -119.54 12.30 -27.63
N GLU R 18 -118.86 13.41 -27.94
CA GLU R 18 -118.53 13.78 -29.30
C GLU R 18 -117.35 12.99 -29.86
N GLY R 19 -116.26 12.85 -29.11
CA GLY R 19 -115.10 12.14 -29.61
C GLY R 19 -113.77 12.64 -29.08
N ARG R 20 -113.76 13.83 -28.49
CA ARG R 20 -112.54 14.51 -28.09
C ARG R 20 -112.44 14.54 -26.57
N LEU R 21 -111.42 15.22 -26.08
CA LEU R 21 -111.37 15.50 -24.65
C LEU R 21 -112.37 16.60 -24.32
N PHE R 22 -112.74 16.66 -23.04
CA PHE R 22 -113.55 17.78 -22.58
C PHE R 22 -112.74 19.06 -22.53
N GLN R 23 -111.62 19.03 -21.81
CA GLN R 23 -110.86 20.24 -21.56
C GLN R 23 -110.16 20.77 -22.80
N VAL R 24 -109.93 19.93 -23.80
CA VAL R 24 -109.34 20.42 -25.03
C VAL R 24 -110.38 21.13 -25.88
N GLU R 25 -111.55 20.54 -26.09
CA GLU R 25 -112.57 21.22 -26.89
C GLU R 25 -113.19 22.39 -26.14
N TYR R 26 -113.04 22.43 -24.82
CA TYR R 26 -113.36 23.63 -24.07
C TYR R 26 -112.23 24.64 -24.14
N ALA R 27 -111.00 24.19 -24.38
CA ALA R 27 -109.89 25.10 -24.58
C ALA R 27 -109.82 25.64 -26.00
N ILE R 28 -110.56 25.07 -26.94
CA ILE R 28 -110.74 25.72 -28.23
C ILE R 28 -111.62 26.94 -28.05
N GLU R 29 -112.60 26.87 -27.17
CA GLU R 29 -113.24 28.08 -26.69
C GLU R 29 -112.32 28.76 -25.67
N ALA R 30 -112.68 30.01 -25.33
CA ALA R 30 -111.79 31.04 -24.79
C ALA R 30 -110.61 31.34 -25.70
N ILE R 31 -110.74 31.02 -26.98
CA ILE R 31 -109.94 31.61 -28.03
C ILE R 31 -110.80 32.53 -28.89
N LYS R 32 -112.08 32.19 -29.08
CA LYS R 32 -113.05 33.16 -29.57
C LYS R 32 -113.17 34.34 -28.62
N LEU R 33 -113.15 34.10 -27.33
CA LEU R 33 -112.93 35.18 -26.40
C LEU R 33 -111.49 35.67 -26.52
N GLY R 34 -111.31 36.97 -26.36
CA GLY R 34 -109.99 37.57 -26.47
C GLY R 34 -109.77 38.24 -27.81
N SER R 35 -108.63 38.92 -27.90
CA SER R 35 -108.32 39.75 -29.06
C SER R 35 -107.97 38.88 -30.27
N THR R 36 -107.85 39.54 -31.42
CA THR R 36 -107.57 38.87 -32.68
C THR R 36 -106.15 39.19 -33.11
N ALA R 37 -105.44 38.18 -33.60
CA ALA R 37 -104.12 38.39 -34.16
C ALA R 37 -104.04 37.69 -35.51
N ILE R 38 -103.23 38.24 -36.40
CA ILE R 38 -103.03 37.68 -37.73
C ILE R 38 -101.54 37.66 -38.03
N GLY R 39 -101.15 36.77 -38.93
CA GLY R 39 -99.78 36.70 -39.38
C GLY R 39 -99.70 36.27 -40.83
N ILE R 40 -98.76 36.83 -41.57
CA ILE R 40 -98.54 36.44 -42.96
C ILE R 40 -97.06 36.13 -43.14
N GLN R 41 -96.75 34.88 -43.42
CA GLN R 41 -95.46 34.51 -43.96
C GLN R 41 -95.35 34.98 -45.40
N THR R 42 -94.25 35.62 -45.73
CA THR R 42 -93.96 36.00 -47.10
C THR R 42 -92.69 35.30 -47.54
N SER R 43 -92.18 35.69 -48.70
CA SER R 43 -90.92 35.17 -49.18
C SER R 43 -89.72 35.94 -48.64
N GLU R 44 -89.94 37.12 -48.06
CA GLU R 44 -88.85 37.88 -47.46
C GLU R 44 -89.24 38.42 -46.10
N GLY R 45 -89.99 37.65 -45.34
CA GLY R 45 -90.30 38.01 -43.98
C GLY R 45 -91.64 37.44 -43.55
N VAL R 46 -92.04 37.83 -42.34
CA VAL R 46 -93.32 37.42 -41.78
C VAL R 46 -93.84 38.54 -40.89
N CYS R 47 -95.07 38.96 -41.12
CA CYS R 47 -95.65 40.08 -40.40
C CYS R 47 -96.72 39.59 -39.44
N LEU R 48 -96.75 40.19 -38.26
CA LEU R 48 -97.70 39.84 -37.22
C LEU R 48 -98.41 41.10 -36.78
N ALA R 49 -99.70 40.98 -36.44
CA ALA R 49 -100.44 42.13 -35.95
C ALA R 49 -101.53 41.65 -35.01
N VAL R 50 -101.90 42.53 -34.09
CA VAL R 50 -102.91 42.21 -33.09
C VAL R 50 -103.59 43.49 -32.63
N GLU R 51 -104.93 43.48 -32.60
CA GLU R 51 -105.68 44.62 -32.10
C GLU R 51 -105.98 44.35 -30.64
N LYS R 52 -105.17 44.92 -29.75
CA LYS R 52 -105.13 44.44 -28.38
C LYS R 52 -106.28 44.95 -27.50
N ARG R 53 -107.28 45.64 -28.06
CA ARG R 53 -108.59 45.86 -27.46
C ARG R 53 -108.50 46.59 -26.12
N ILE R 54 -108.08 47.86 -26.20
CA ILE R 54 -108.02 48.70 -25.02
C ILE R 54 -109.44 48.99 -24.53
N THR R 55 -109.63 48.90 -23.21
CA THR R 55 -110.97 49.05 -22.64
C THR R 55 -111.33 50.51 -22.45
N SER R 56 -110.59 51.21 -21.61
CA SER R 56 -110.85 52.59 -21.26
C SER R 56 -109.89 53.49 -22.01
N PRO R 57 -110.23 54.77 -22.19
CA PRO R 57 -109.27 55.74 -22.73
C PRO R 57 -108.54 56.55 -21.68
N LEU R 58 -108.63 56.20 -20.40
CA LEU R 58 -108.01 56.97 -19.33
C LEU R 58 -106.56 56.60 -19.09
N MET R 59 -105.89 55.98 -20.05
CA MET R 59 -104.84 55.05 -19.65
C MET R 59 -103.65 55.00 -20.60
N GLU R 60 -102.83 53.96 -20.46
CA GLU R 60 -101.60 53.82 -21.22
C GLU R 60 -101.71 52.56 -22.07
N PRO R 61 -101.71 52.67 -23.40
CA PRO R 61 -101.98 51.49 -24.23
C PRO R 61 -100.76 50.71 -24.64
N SER R 62 -99.55 51.20 -24.37
CA SER R 62 -98.34 50.57 -24.89
C SER R 62 -97.69 49.67 -23.85
N SER R 63 -98.50 48.99 -23.04
CA SER R 63 -98.00 47.92 -22.18
C SER R 63 -98.95 46.73 -22.16
N ILE R 64 -99.67 46.48 -23.24
CA ILE R 64 -100.45 45.26 -23.40
C ILE R 64 -99.65 44.39 -24.36
N GLU R 65 -98.82 43.53 -23.79
CA GLU R 65 -97.86 42.75 -24.55
C GLU R 65 -98.58 41.58 -25.22
N LYS R 66 -98.84 41.71 -26.52
CA LYS R 66 -99.38 40.62 -27.29
C LYS R 66 -98.51 40.26 -28.48
N ILE R 67 -97.45 41.01 -28.73
CA ILE R 67 -96.37 40.58 -29.62
C ILE R 67 -95.13 40.45 -28.76
N VAL R 68 -94.70 39.22 -28.54
CA VAL R 68 -93.62 38.91 -27.62
C VAL R 68 -92.52 38.22 -28.41
N GLU R 69 -91.31 38.72 -28.31
CA GLU R 69 -90.18 38.15 -29.03
C GLU R 69 -89.57 37.03 -28.20
N ILE R 70 -89.66 35.80 -28.72
CA ILE R 70 -89.05 34.66 -28.04
C ILE R 70 -87.54 34.79 -28.06
N ASP R 71 -86.97 34.91 -29.25
CA ASP R 71 -85.56 35.17 -29.45
C ASP R 71 -85.48 36.40 -30.36
N ALA R 72 -84.29 36.69 -30.87
CA ALA R 72 -84.15 37.78 -31.83
C ALA R 72 -84.81 37.45 -33.15
N HIS R 73 -85.01 36.17 -33.47
CA HIS R 73 -85.55 35.80 -34.76
C HIS R 73 -86.77 34.90 -34.64
N ILE R 74 -87.42 34.89 -33.47
CA ILE R 74 -88.72 34.25 -33.28
C ILE R 74 -89.57 35.23 -32.49
N GLY R 75 -90.69 35.63 -33.05
CA GLY R 75 -91.66 36.45 -32.34
C GLY R 75 -93.01 35.77 -32.37
N CYS R 76 -93.66 35.69 -31.21
CA CYS R 76 -94.94 35.03 -31.11
C CYS R 76 -96.05 36.08 -31.02
N ALA R 77 -97.28 35.61 -31.17
CA ALA R 77 -98.45 36.48 -31.20
C ALA R 77 -99.60 35.71 -30.56
N MET R 78 -99.84 35.94 -29.28
CA MET R 78 -100.85 35.16 -28.59
C MET R 78 -102.18 35.89 -28.55
N SER R 79 -103.20 35.20 -28.08
CA SER R 79 -104.55 35.74 -27.94
C SER R 79 -105.28 34.89 -26.92
N GLY R 80 -106.60 35.05 -26.87
CA GLY R 80 -107.40 34.19 -26.03
C GLY R 80 -107.29 34.57 -24.57
N LEU R 81 -107.11 33.57 -23.71
CA LEU R 81 -106.91 33.81 -22.29
C LEU R 81 -105.48 34.31 -22.17
N ILE R 82 -105.33 35.63 -22.09
CA ILE R 82 -104.02 36.27 -22.04
C ILE R 82 -103.36 35.98 -20.70
N ALA R 83 -102.02 36.00 -20.70
CA ALA R 83 -101.13 35.86 -19.53
C ALA R 83 -101.08 34.44 -18.99
N ASP R 84 -101.84 33.53 -19.59
CA ASP R 84 -101.65 32.10 -19.40
C ASP R 84 -100.50 31.59 -20.27
N ALA R 85 -100.06 32.38 -21.23
CA ALA R 85 -98.97 31.99 -22.11
C ALA R 85 -97.60 32.22 -21.50
N LYS R 86 -97.51 33.00 -20.43
CA LYS R 86 -96.21 33.47 -19.94
C LYS R 86 -95.34 32.34 -19.40
N THR R 87 -95.96 31.25 -18.93
CA THR R 87 -95.18 30.10 -18.52
C THR R 87 -94.58 29.38 -19.72
N LEU R 88 -95.33 29.27 -20.81
CA LEU R 88 -94.81 28.60 -21.98
C LEU R 88 -94.06 29.53 -22.92
N ILE R 89 -94.26 30.84 -22.81
CA ILE R 89 -93.31 31.76 -23.42
C ILE R 89 -91.98 31.71 -22.66
N ASP R 90 -92.06 31.58 -21.33
CA ASP R 90 -90.86 31.37 -20.54
C ASP R 90 -90.17 30.07 -20.93
N LYS R 91 -90.94 29.01 -21.14
CA LYS R 91 -90.34 27.76 -21.60
C LYS R 91 -89.81 27.89 -23.02
N ALA R 92 -90.42 28.76 -23.83
CA ALA R 92 -89.94 28.96 -25.19
C ALA R 92 -88.57 29.66 -25.21
N ARG R 93 -88.41 30.71 -24.41
CA ARG R 93 -87.13 31.40 -24.43
C ARG R 93 -86.05 30.66 -23.64
N VAL R 94 -86.42 29.97 -22.56
CA VAL R 94 -85.45 29.17 -21.82
C VAL R 94 -84.99 27.99 -22.65
N GLU R 95 -85.90 27.38 -23.40
CA GLU R 95 -85.52 26.33 -24.33
C GLU R 95 -84.71 26.89 -25.49
N THR R 96 -84.97 28.14 -25.88
CA THR R 96 -84.21 28.75 -26.96
C THR R 96 -82.77 28.97 -26.58
N GLN R 97 -82.53 29.61 -25.45
CA GLN R 97 -81.16 29.82 -25.03
C GLN R 97 -80.51 28.54 -24.52
N ASN R 98 -81.29 27.52 -24.15
CA ASN R 98 -80.69 26.22 -23.92
C ASN R 98 -80.19 25.60 -25.21
N HIS R 99 -80.93 25.80 -26.31
CA HIS R 99 -80.49 25.27 -27.60
C HIS R 99 -79.25 25.99 -28.09
N TRP R 100 -79.24 27.32 -27.98
CA TRP R 100 -78.07 28.09 -28.39
C TRP R 100 -76.89 27.81 -27.46
N PHE R 101 -77.18 27.53 -26.19
CA PHE R 101 -76.12 27.19 -25.26
C PHE R 101 -75.46 25.87 -25.60
N THR R 102 -76.27 24.82 -25.72
CA THR R 102 -75.68 23.49 -25.86
C THR R 102 -75.24 23.19 -27.28
N TYR R 103 -75.75 23.92 -28.28
CA TYR R 103 -75.47 23.58 -29.66
C TYR R 103 -74.79 24.68 -30.46
N ASN R 104 -74.65 25.88 -29.90
CA ASN R 104 -73.96 27.03 -30.49
C ASN R 104 -74.48 27.41 -31.87
N GLU R 105 -75.80 27.47 -32.03
CA GLU R 105 -76.38 27.89 -33.29
C GLU R 105 -77.74 28.50 -33.03
N THR R 106 -78.38 28.91 -34.13
CA THR R 106 -79.75 29.36 -34.13
C THR R 106 -80.71 28.18 -33.99
N MET R 107 -81.99 28.45 -34.10
CA MET R 107 -82.94 27.36 -34.04
C MET R 107 -83.77 27.30 -35.31
N THR R 108 -84.70 26.36 -35.34
CA THR R 108 -85.76 26.37 -36.32
C THR R 108 -86.92 27.11 -35.69
N VAL R 109 -88.09 27.03 -36.30
CA VAL R 109 -89.31 27.42 -35.62
C VAL R 109 -90.08 26.16 -35.18
N GLU R 110 -89.83 25.01 -35.82
CA GLU R 110 -90.46 23.79 -35.35
C GLU R 110 -89.74 23.16 -34.17
N SER R 111 -88.64 23.73 -33.71
CA SER R 111 -88.05 23.21 -32.49
C SER R 111 -88.58 23.94 -31.26
N VAL R 112 -88.75 25.26 -31.37
CA VAL R 112 -89.45 25.97 -30.30
C VAL R 112 -90.93 25.61 -30.32
N THR R 113 -91.50 25.44 -31.50
CA THR R 113 -92.90 25.07 -31.58
C THR R 113 -93.08 23.60 -31.22
N GLN R 114 -92.06 22.79 -31.49
CA GLN R 114 -92.05 21.41 -31.00
C GLN R 114 -91.95 21.37 -29.50
N ALA R 115 -91.18 22.29 -28.90
CA ALA R 115 -90.95 22.25 -27.47
C ALA R 115 -92.10 22.83 -26.67
N VAL R 116 -92.77 23.86 -27.17
CA VAL R 116 -93.90 24.44 -26.46
C VAL R 116 -95.12 23.55 -26.53
N SER R 117 -95.43 23.00 -27.71
CA SER R 117 -96.62 22.18 -27.90
C SER R 117 -96.56 20.85 -27.16
N ASN R 118 -95.40 20.44 -26.66
CA ASN R 118 -95.37 19.30 -25.75
C ASN R 118 -95.96 19.64 -24.40
N LEU R 119 -95.91 20.91 -24.00
CA LEU R 119 -96.44 21.33 -22.72
C LEU R 119 -97.93 21.61 -22.77
N ALA R 120 -98.55 21.58 -23.95
CA ALA R 120 -99.97 21.92 -24.04
C ALA R 120 -100.84 20.81 -23.47
N LEU R 121 -100.72 19.61 -24.03
CA LEU R 121 -101.53 18.48 -23.58
C LEU R 121 -100.74 17.66 -22.57
N GLN R 122 -100.32 18.35 -21.51
CA GLN R 122 -99.53 17.75 -20.43
C GLN R 122 -100.08 18.34 -19.14
N PHE R 123 -101.10 17.69 -18.59
CA PHE R 123 -101.73 18.12 -17.35
C PHE R 123 -102.29 16.87 -16.66
N GLY R 124 -103.16 17.08 -15.68
CA GLY R 124 -103.86 15.98 -15.03
C GLY R 124 -104.06 16.21 -13.54
N GLU R 125 -105.04 15.51 -12.98
CA GLU R 125 -105.36 15.68 -11.57
C GLU R 125 -104.38 14.94 -10.68
N GLU R 126 -104.34 13.61 -10.77
CA GLU R 126 -103.48 12.81 -9.90
C GLU R 126 -102.32 12.28 -10.72
N ASP R 127 -101.17 12.89 -10.51
CA ASP R 127 -99.95 12.70 -11.28
C ASP R 127 -98.79 12.93 -10.32
N ALA R 128 -97.64 13.33 -10.87
CA ALA R 128 -96.48 13.72 -10.09
C ALA R 128 -96.73 15.04 -9.34
N ASP R 129 -95.68 15.57 -8.69
CA ASP R 129 -95.64 16.69 -7.74
C ASP R 129 -96.46 17.89 -8.18
N PRO R 130 -97.10 18.63 -7.23
CA PRO R 130 -98.15 19.60 -7.62
C PRO R 130 -97.69 20.85 -8.35
N GLY R 131 -96.43 20.90 -8.79
CA GLY R 131 -96.01 21.87 -9.78
C GLY R 131 -96.49 21.61 -11.19
N ALA R 132 -97.24 20.53 -11.42
CA ALA R 132 -97.84 20.26 -12.71
C ALA R 132 -99.08 21.13 -12.92
N MET R 133 -99.64 21.03 -14.12
CA MET R 133 -100.77 21.83 -14.54
C MET R 133 -102.08 21.07 -14.35
N SER R 134 -103.14 21.82 -14.07
CA SER R 134 -104.48 21.25 -13.99
C SER R 134 -105.28 21.50 -15.26
N ARG R 135 -105.46 22.70 -15.63
CA ARG R 135 -106.17 22.95 -16.86
C ARG R 135 -105.19 23.06 -18.01
N PRO R 136 -105.61 22.78 -19.25
CA PRO R 136 -104.73 23.05 -20.38
C PRO R 136 -104.59 24.54 -20.62
N PHE R 137 -103.50 24.90 -21.29
CA PHE R 137 -103.20 26.31 -21.54
C PHE R 137 -104.18 26.84 -22.58
N GLY R 138 -105.11 27.68 -22.12
CA GLY R 138 -106.13 28.18 -23.02
C GLY R 138 -105.69 29.39 -23.83
N VAL R 139 -104.54 29.29 -24.48
CA VAL R 139 -103.99 30.38 -25.27
C VAL R 139 -103.47 29.83 -26.59
N ALA R 140 -104.07 30.28 -27.68
CA ALA R 140 -103.62 29.92 -29.01
C ALA R 140 -102.66 31.00 -29.49
N LEU R 141 -101.54 30.57 -30.06
CA LEU R 141 -100.53 31.51 -30.49
C LEU R 141 -99.82 30.95 -31.70
N LEU R 142 -98.95 31.78 -32.27
CA LEU R 142 -98.25 31.42 -33.49
C LEU R 142 -96.91 32.11 -33.53
N PHE R 143 -95.87 31.34 -33.81
CA PHE R 143 -94.50 31.82 -33.77
C PHE R 143 -94.10 32.29 -35.15
N GLY R 144 -94.10 33.60 -35.36
CA GLY R 144 -93.49 34.15 -36.56
C GLY R 144 -91.98 34.14 -36.40
N GLY R 145 -91.29 33.46 -37.31
CA GLY R 145 -89.85 33.35 -37.22
C GLY R 145 -89.23 33.17 -38.58
N VAL R 146 -87.96 33.54 -38.67
CA VAL R 146 -87.16 33.35 -39.87
C VAL R 146 -86.13 32.27 -39.59
N ASP R 147 -85.93 31.37 -40.55
CA ASP R 147 -84.93 30.32 -40.43
C ASP R 147 -84.04 30.30 -41.66
N GLU R 148 -83.04 29.42 -41.59
CA GLU R 148 -82.26 29.02 -42.75
C GLU R 148 -83.03 28.16 -43.74
N LYS R 149 -84.16 27.57 -43.34
CA LYS R 149 -85.07 27.04 -44.35
C LYS R 149 -85.83 28.17 -45.03
N GLY R 150 -86.61 28.91 -44.25
CA GLY R 150 -87.30 30.07 -44.74
C GLY R 150 -88.08 30.75 -43.64
N PRO R 151 -88.53 31.98 -43.87
CA PRO R 151 -89.53 32.57 -42.98
C PRO R 151 -90.81 31.76 -43.03
N GLN R 152 -91.48 31.65 -41.89
CA GLN R 152 -92.58 30.72 -41.70
C GLN R 152 -93.26 31.04 -40.38
N LEU R 153 -94.53 30.66 -40.25
CA LEU R 153 -95.17 30.83 -38.96
C LEU R 153 -95.95 29.58 -38.60
N PHE R 154 -95.86 29.18 -37.35
CA PHE R 154 -96.42 27.90 -36.92
C PHE R 154 -97.58 28.13 -35.97
N HIS R 155 -98.78 27.92 -36.47
CA HIS R 155 -99.97 28.12 -35.68
C HIS R 155 -100.18 26.96 -34.73
N MET R 156 -100.16 27.26 -33.44
CA MET R 156 -100.45 26.26 -32.42
C MET R 156 -101.93 26.26 -32.07
N ASP R 157 -102.32 25.21 -31.38
CA ASP R 157 -103.63 25.06 -30.76
C ASP R 157 -103.40 24.94 -29.26
N PRO R 158 -104.45 24.96 -28.45
CA PRO R 158 -104.30 24.46 -27.08
C PRO R 158 -104.23 22.94 -26.99
N SER R 159 -104.46 22.22 -28.09
CA SER R 159 -104.39 20.78 -28.09
C SER R 159 -102.98 20.25 -28.28
N GLY R 160 -102.00 21.13 -28.49
CA GLY R 160 -100.66 20.71 -28.85
C GLY R 160 -100.47 20.50 -30.34
N THR R 161 -101.53 20.60 -31.12
CA THR R 161 -101.44 20.51 -32.58
C THR R 161 -100.86 21.81 -33.11
N PHE R 162 -99.74 21.72 -33.82
CA PHE R 162 -99.14 22.87 -34.47
C PHE R 162 -99.00 22.57 -35.96
N VAL R 163 -99.25 23.58 -36.79
CA VAL R 163 -99.21 23.38 -38.24
C VAL R 163 -98.38 24.48 -38.90
N GLN R 164 -97.77 24.13 -40.03
CA GLN R 164 -97.20 25.11 -40.95
C GLN R 164 -98.27 26.08 -41.39
N CYS R 165 -97.97 27.36 -41.34
CA CYS R 165 -98.91 28.35 -41.82
C CYS R 165 -98.17 29.49 -42.50
N ASP R 166 -98.82 30.01 -43.54
CA ASP R 166 -98.39 31.21 -44.21
C ASP R 166 -99.39 32.35 -44.14
N ALA R 167 -100.64 32.08 -43.77
CA ALA R 167 -101.63 33.14 -43.58
C ALA R 167 -102.67 32.59 -42.61
N ARG R 168 -102.57 32.97 -41.34
CA ARG R 168 -103.38 32.38 -40.30
C ARG R 168 -103.95 33.46 -39.41
N ALA R 169 -105.23 33.33 -39.06
CA ALA R 169 -105.92 34.27 -38.20
C ALA R 169 -106.39 33.55 -36.96
N ILE R 170 -106.23 34.18 -35.80
CA ILE R 170 -106.70 33.63 -34.53
C ILE R 170 -107.63 34.64 -33.86
N GLY R 171 -108.13 34.28 -32.69
CA GLY R 171 -109.00 35.18 -31.95
C GLY R 171 -110.45 35.08 -32.38
N SER R 172 -111.20 36.15 -32.07
CA SER R 172 -112.62 36.18 -32.43
C SER R 172 -112.82 36.26 -33.93
N ALA R 173 -111.89 36.88 -34.64
CA ALA R 173 -111.95 36.96 -36.10
C ALA R 173 -111.18 35.80 -36.71
N SER R 174 -111.66 34.59 -36.42
CA SER R 174 -111.06 33.38 -36.95
C SER R 174 -111.85 32.81 -38.11
N GLU R 175 -112.98 33.41 -38.46
CA GLU R 175 -113.77 32.96 -39.59
C GLU R 175 -113.83 34.02 -40.70
N GLY R 176 -114.27 35.23 -40.38
CA GLY R 176 -114.37 36.26 -41.39
C GLY R 176 -113.03 36.79 -41.84
N ALA R 177 -112.12 37.00 -40.88
CA ALA R 177 -110.78 37.46 -41.25
C ALA R 177 -109.98 36.37 -41.91
N GLN R 178 -110.21 35.10 -41.54
CA GLN R 178 -109.50 34.00 -42.18
C GLN R 178 -110.00 33.79 -43.60
N SER R 179 -111.31 33.94 -43.82
CA SER R 179 -111.85 33.81 -45.16
C SER R 179 -111.46 35.00 -46.03
N SER R 180 -111.31 36.18 -45.43
CA SER R 180 -110.82 37.32 -46.20
C SER R 180 -109.35 37.15 -46.53
N LEU R 181 -108.58 36.61 -45.59
CA LEU R 181 -107.16 36.38 -45.81
C LEU R 181 -106.92 35.22 -46.76
N GLN R 182 -107.92 34.37 -46.97
CA GLN R 182 -107.80 33.23 -47.87
C GLN R 182 -107.75 33.68 -49.33
N GLU R 183 -108.30 34.84 -49.65
CA GLU R 183 -108.42 35.27 -51.03
C GLU R 183 -107.50 36.42 -51.40
N VAL R 184 -106.67 36.91 -50.48
CA VAL R 184 -105.89 38.11 -50.73
C VAL R 184 -104.39 37.87 -50.65
N TYR R 185 -103.96 36.64 -50.46
CA TYR R 185 -102.54 36.34 -50.31
C TYR R 185 -102.12 35.20 -51.22
N HIS R 186 -101.22 35.49 -52.16
CA HIS R 186 -100.53 34.40 -52.86
C HIS R 186 -99.05 34.63 -53.08
N LYS R 187 -98.61 35.88 -53.21
CA LYS R 187 -97.36 36.13 -53.95
C LYS R 187 -96.09 36.26 -53.10
N SER R 188 -95.97 37.34 -52.32
CA SER R 188 -94.74 37.77 -51.69
C SER R 188 -95.04 39.03 -50.87
N MET R 189 -94.04 39.49 -50.13
CA MET R 189 -94.19 40.69 -49.31
C MET R 189 -94.29 41.94 -50.17
N THR R 190 -93.17 42.30 -50.79
CA THR R 190 -92.92 43.58 -51.46
C THR R 190 -93.57 44.77 -50.77
N LEU R 191 -93.39 44.82 -49.44
CA LEU R 191 -93.78 45.88 -48.50
C LEU R 191 -95.30 46.01 -48.30
N LYS R 192 -96.15 45.31 -49.06
CA LYS R 192 -97.57 45.60 -48.96
C LYS R 192 -98.38 44.48 -48.31
N GLU R 193 -97.76 43.40 -47.84
CA GLU R 193 -98.55 42.47 -47.06
C GLU R 193 -98.89 43.03 -45.69
N ALA R 194 -97.96 43.80 -45.10
CA ALA R 194 -98.24 44.48 -43.83
C ALA R 194 -99.28 45.58 -43.98
N ILE R 195 -99.52 46.06 -45.20
CA ILE R 195 -100.54 47.07 -45.43
C ILE R 195 -101.83 46.43 -45.95
N LYS R 196 -101.79 45.17 -46.39
CA LYS R 196 -102.99 44.44 -46.74
C LYS R 196 -103.37 43.45 -45.66
N SER R 197 -102.77 43.56 -44.48
CA SER R 197 -103.17 42.80 -43.31
C SER R 197 -103.82 43.65 -42.24
N SER R 198 -103.33 44.87 -42.00
CA SER R 198 -104.08 45.82 -41.20
C SER R 198 -105.34 46.29 -41.90
N LEU R 199 -105.41 46.15 -43.22
CA LEU R 199 -106.66 46.32 -43.95
C LEU R 199 -107.69 45.28 -43.53
N ILE R 200 -107.22 44.05 -43.25
CA ILE R 200 -108.11 43.04 -42.70
C ILE R 200 -108.49 43.40 -41.27
N ILE R 201 -107.56 44.00 -40.54
CA ILE R 201 -107.90 44.56 -39.22
C ILE R 201 -108.84 45.76 -39.38
N LEU R 202 -108.70 46.51 -40.48
CA LEU R 202 -109.62 47.61 -40.77
C LEU R 202 -111.04 47.10 -41.04
N LYS R 203 -111.19 45.92 -41.62
CA LYS R 203 -112.54 45.38 -41.76
C LYS R 203 -113.04 44.83 -40.43
N GLN R 204 -112.12 44.40 -39.57
CA GLN R 204 -112.48 43.74 -38.33
C GLN R 204 -113.05 44.70 -37.29
N VAL R 205 -112.79 46.01 -37.44
CA VAL R 205 -112.80 47.06 -36.41
C VAL R 205 -113.94 46.98 -35.41
N MET R 206 -113.59 46.96 -34.13
CA MET R 206 -114.53 46.79 -33.03
C MET R 206 -114.89 48.10 -32.35
N GLU R 207 -113.89 48.94 -32.09
CA GLU R 207 -114.10 50.12 -31.24
C GLU R 207 -113.52 51.40 -31.83
N GLU R 208 -112.55 51.30 -32.74
CA GLU R 208 -111.78 52.49 -33.10
C GLU R 208 -111.11 52.20 -34.43
N LYS R 209 -110.99 53.26 -35.25
CA LYS R 209 -110.39 53.16 -36.57
C LYS R 209 -108.87 53.00 -36.47
N LEU R 210 -108.43 51.85 -35.93
CA LEU R 210 -107.12 51.19 -36.01
C LEU R 210 -105.91 52.14 -36.10
N ASN R 211 -105.89 53.14 -35.23
CA ASN R 211 -104.79 54.10 -35.18
C ASN R 211 -103.57 53.48 -34.51
N ALA R 212 -102.54 54.27 -34.28
CA ALA R 212 -101.32 53.72 -33.67
C ALA R 212 -101.38 53.78 -32.15
N THR R 213 -102.50 53.33 -31.59
CA THR R 213 -102.67 53.12 -30.15
C THR R 213 -103.32 51.80 -29.80
N ASN R 214 -104.04 51.15 -30.72
CA ASN R 214 -104.79 49.96 -30.41
C ASN R 214 -104.38 48.73 -31.20
N ILE R 215 -103.45 48.85 -32.14
CA ILE R 215 -102.91 47.69 -32.83
C ILE R 215 -101.41 47.66 -32.62
N GLU R 216 -100.87 46.47 -32.44
CA GLU R 216 -99.44 46.25 -32.35
C GLU R 216 -99.02 45.37 -33.50
N LEU R 217 -98.05 45.82 -34.27
CA LEU R 217 -97.60 45.12 -35.45
C LEU R 217 -96.10 44.95 -35.34
N ALA R 218 -95.60 43.79 -35.76
CA ALA R 218 -94.16 43.56 -35.76
C ALA R 218 -93.82 42.58 -36.87
N THR R 219 -92.76 42.86 -37.60
CA THR R 219 -92.32 41.99 -38.68
C THR R 219 -90.97 41.36 -38.33
N VAL R 220 -90.72 40.20 -38.91
CA VAL R 220 -89.46 39.50 -38.79
C VAL R 220 -88.95 39.28 -40.21
N GLN R 221 -87.84 39.91 -40.53
CA GLN R 221 -87.28 39.98 -41.87
C GLN R 221 -85.90 39.33 -41.85
N PRO R 222 -85.51 38.63 -42.91
CA PRO R 222 -84.24 37.86 -42.85
C PRO R 222 -82.99 38.70 -42.73
N GLY R 223 -83.02 39.95 -43.17
CA GLY R 223 -81.85 40.81 -43.03
C GLY R 223 -81.63 41.22 -41.59
N GLN R 224 -82.64 41.83 -40.99
CA GLN R 224 -82.58 42.18 -39.57
C GLN R 224 -82.90 40.97 -38.71
N ASN R 225 -83.11 41.22 -37.42
CA ASN R 225 -83.55 40.14 -36.54
C ASN R 225 -85.07 40.17 -36.35
N PHE R 226 -85.60 41.26 -35.83
CA PHE R 226 -87.04 41.51 -35.77
C PHE R 226 -87.22 43.02 -35.79
N HIS R 227 -88.47 43.47 -35.79
CA HIS R 227 -88.72 44.89 -35.62
C HIS R 227 -90.12 45.05 -35.01
N MET R 228 -90.16 45.22 -33.70
CA MET R 228 -91.39 45.67 -33.05
C MET R 228 -91.63 47.13 -33.41
N PHE R 229 -92.70 47.40 -34.14
CA PHE R 229 -92.90 48.74 -34.69
C PHE R 229 -93.29 49.74 -33.61
N THR R 230 -92.65 50.91 -33.65
CA THR R 230 -92.99 52.02 -32.77
C THR R 230 -94.15 52.80 -33.39
N LYS R 231 -94.48 53.94 -32.77
CA LYS R 231 -95.75 54.61 -33.09
C LYS R 231 -95.71 55.30 -34.45
N GLU R 232 -94.64 56.02 -34.74
CA GLU R 232 -94.59 56.81 -35.97
C GLU R 232 -94.44 55.94 -37.21
N GLU R 233 -93.90 54.73 -37.06
CA GLU R 233 -93.89 53.78 -38.17
C GLU R 233 -95.29 53.26 -38.44
N LEU R 234 -96.03 52.93 -37.37
CA LEU R 234 -97.40 52.46 -37.50
C LEU R 234 -98.29 53.52 -38.14
N GLU R 235 -98.33 54.72 -37.57
CA GLU R 235 -99.14 55.78 -38.17
C GLU R 235 -98.56 56.30 -39.47
N GLU R 236 -97.31 55.96 -39.80
CA GLU R 236 -96.85 56.13 -41.17
C GLU R 236 -97.55 55.13 -42.09
N VAL R 237 -97.81 53.92 -41.61
CA VAL R 237 -98.51 52.95 -42.45
C VAL R 237 -100.01 53.27 -42.53
N ILE R 238 -100.62 53.68 -41.41
CA ILE R 238 -102.05 53.96 -41.35
C ILE R 238 -102.40 55.18 -42.20
N LYS R 239 -101.47 56.12 -42.34
CA LYS R 239 -101.68 57.26 -43.23
C LYS R 239 -101.78 56.83 -44.69
N ASP R 240 -101.09 55.76 -45.06
CA ASP R 240 -101.16 55.23 -46.42
C ASP R 240 -102.45 54.48 -46.71
N ILE R 241 -103.28 54.23 -45.71
CA ILE R 241 -104.63 53.72 -45.94
C ILE R 241 -105.64 54.70 -45.36
N ALA S 1 -126.22 10.82 -12.56
CA ALA S 1 -127.60 10.40 -12.77
C ALA S 1 -127.77 9.73 -14.12
N ALA S 2 -127.59 10.50 -15.19
CA ALA S 2 -127.69 9.98 -16.55
C ALA S 2 -126.65 8.93 -16.88
N ASN S 3 -125.38 9.26 -16.92
CA ASN S 3 -124.34 8.29 -17.21
C ASN S 3 -123.27 8.26 -16.13
N GLN S 4 -123.52 7.49 -15.06
CA GLN S 4 -122.60 7.37 -13.93
C GLN S 4 -121.30 6.67 -14.29
N TYR S 5 -121.16 6.21 -15.53
CA TYR S 5 -119.92 5.68 -16.09
C TYR S 5 -119.20 6.75 -16.89
N ASP S 6 -119.22 7.99 -16.37
CA ASP S 6 -118.45 9.11 -16.92
C ASP S 6 -117.23 9.47 -16.08
N ASN S 7 -117.13 8.99 -14.84
CA ASN S 7 -115.94 9.15 -14.00
C ASN S 7 -115.09 7.88 -14.14
N ASP S 8 -114.55 7.68 -15.34
CA ASP S 8 -114.63 6.34 -15.88
C ASP S 8 -113.49 5.48 -16.45
N VAL S 9 -112.21 5.79 -16.28
CA VAL S 9 -111.28 4.68 -16.47
C VAL S 9 -110.92 4.12 -15.09
N THR S 10 -111.94 3.57 -14.42
CA THR S 10 -111.77 2.72 -13.25
C THR S 10 -112.95 1.76 -13.26
N VAL S 11 -113.97 2.12 -14.03
CA VAL S 11 -115.28 1.49 -13.90
C VAL S 11 -115.46 0.49 -15.02
N TRP S 12 -116.47 -0.36 -14.85
CA TRP S 12 -116.87 -1.33 -15.83
C TRP S 12 -118.36 -1.16 -16.11
N SER S 13 -118.72 -1.12 -17.39
CA SER S 13 -120.11 -1.28 -17.75
C SER S 13 -120.56 -2.69 -17.38
N PRO S 14 -121.83 -2.87 -17.01
CA PRO S 14 -122.24 -4.15 -16.43
C PRO S 14 -122.23 -5.31 -17.40
N GLN S 15 -122.06 -5.09 -18.71
CA GLN S 15 -121.89 -6.23 -19.59
C GLN S 15 -120.44 -6.72 -19.61
N GLY S 16 -119.54 -5.99 -20.24
CA GLY S 16 -118.13 -6.32 -20.10
C GLY S 16 -117.28 -5.10 -20.28
N ARG S 17 -117.92 -3.99 -20.54
CA ARG S 17 -117.24 -2.90 -21.22
C ARG S 17 -116.59 -1.97 -20.21
N ILE S 18 -115.38 -1.54 -20.55
CA ILE S 18 -114.61 -0.62 -19.73
C ILE S 18 -115.00 0.84 -20.04
N HIS S 19 -115.72 1.07 -21.13
CA HIS S 19 -116.63 2.18 -21.41
C HIS S 19 -115.92 3.46 -21.81
N GLN S 20 -114.59 3.58 -21.71
CA GLN S 20 -114.00 4.68 -22.46
C GLN S 20 -112.69 4.39 -23.18
N ILE S 21 -112.03 3.26 -22.95
CA ILE S 21 -110.82 2.98 -23.72
C ILE S 21 -111.15 2.17 -24.98
N GLU S 22 -112.41 1.76 -25.13
CA GLU S 22 -112.96 1.50 -26.45
C GLU S 22 -113.45 2.80 -27.06
N TYR S 23 -113.71 3.79 -26.22
CA TYR S 23 -114.12 5.07 -26.77
C TYR S 23 -112.91 5.89 -27.20
N ALA S 24 -111.72 5.54 -26.70
CA ALA S 24 -110.51 6.03 -27.34
C ALA S 24 -110.30 5.38 -28.70
N MET S 25 -110.73 4.12 -28.88
CA MET S 25 -110.77 3.52 -30.21
C MET S 25 -111.70 4.29 -31.13
N GLU S 26 -112.81 4.81 -30.59
CA GLU S 26 -113.57 5.79 -31.35
C GLU S 26 -112.74 7.04 -31.64
N ALA S 27 -111.91 7.47 -30.67
CA ALA S 27 -111.13 8.67 -30.86
C ALA S 27 -109.97 8.50 -31.83
N VAL S 28 -109.67 7.28 -32.28
CA VAL S 28 -108.79 7.10 -33.43
C VAL S 28 -109.53 6.68 -34.68
N LYS S 29 -110.79 6.25 -34.56
CA LYS S 29 -111.65 6.21 -35.75
C LYS S 29 -111.88 7.61 -36.28
N GLN S 30 -111.91 8.61 -35.39
CA GLN S 30 -112.17 9.98 -35.84
C GLN S 30 -110.95 10.58 -36.55
N GLY S 31 -109.76 10.05 -36.29
CA GLY S 31 -108.55 10.60 -36.88
C GLY S 31 -108.43 10.33 -38.37
N SER S 32 -107.39 10.91 -38.97
CA SER S 32 -107.21 10.86 -40.40
C SER S 32 -106.79 9.47 -40.87
N ALA S 33 -107.09 9.18 -42.13
CA ALA S 33 -106.90 7.84 -42.66
C ALA S 33 -105.46 7.60 -43.10
N THR S 34 -105.03 6.35 -42.97
CA THR S 34 -103.72 5.94 -43.42
C THR S 34 -103.75 4.44 -43.71
N VAL S 35 -102.68 3.95 -44.33
CA VAL S 35 -102.57 2.56 -44.73
C VAL S 35 -101.11 2.17 -44.76
N GLY S 36 -100.77 1.06 -44.11
CA GLY S 36 -99.47 0.47 -44.28
C GLY S 36 -99.63 -0.96 -44.75
N LEU S 37 -98.55 -1.51 -45.29
CA LEU S 37 -98.56 -2.90 -45.73
C LEU S 37 -97.13 -3.42 -45.76
N LYS S 38 -96.98 -4.71 -46.08
CA LYS S 38 -95.65 -5.32 -46.12
C LYS S 38 -95.55 -6.23 -47.34
N SER S 39 -94.33 -6.35 -47.85
CA SER S 39 -93.99 -7.29 -48.90
C SER S 39 -93.21 -8.45 -48.29
N LYS S 40 -92.65 -9.30 -49.14
CA LYS S 40 -91.70 -10.28 -48.64
C LYS S 40 -90.37 -9.66 -48.29
N THR S 41 -90.07 -8.48 -48.83
CA THR S 41 -88.78 -7.83 -48.66
C THR S 41 -88.85 -6.55 -47.86
N HIS S 42 -89.72 -5.61 -48.24
CA HIS S 42 -89.76 -4.30 -47.61
C HIS S 42 -91.19 -3.85 -47.40
N ALA S 43 -91.46 -3.32 -46.21
CA ALA S 43 -92.79 -2.83 -45.83
C ALA S 43 -92.91 -1.33 -46.07
N VAL S 44 -94.11 -0.90 -46.45
CA VAL S 44 -94.34 0.49 -46.80
C VAL S 44 -95.45 1.05 -45.93
N LEU S 45 -95.48 2.38 -45.85
CA LEU S 45 -96.49 3.14 -45.11
C LEU S 45 -96.92 4.27 -46.02
N VAL S 46 -98.20 4.58 -46.01
CA VAL S 46 -98.81 5.59 -46.89
C VAL S 46 -99.82 6.36 -46.05
N ALA S 47 -99.75 7.69 -46.06
CA ALA S 47 -100.68 8.48 -45.27
C ALA S 47 -101.16 9.69 -46.04
N LEU S 48 -102.46 9.96 -45.97
CA LEU S 48 -103.01 11.21 -46.45
C LEU S 48 -103.13 12.18 -45.29
N LYS S 49 -102.82 13.44 -45.56
CA LYS S 49 -102.64 14.44 -44.51
C LYS S 49 -103.71 15.51 -44.64
N ARG S 50 -104.52 15.67 -43.58
CA ARG S 50 -105.64 16.60 -43.63
C ARG S 50 -105.17 18.04 -43.55
N ALA S 51 -105.82 18.91 -44.34
CA ALA S 51 -105.50 20.34 -44.38
C ALA S 51 -106.71 21.11 -43.85
N GLN S 52 -106.78 21.26 -42.53
CA GLN S 52 -107.88 22.01 -41.92
C GLN S 52 -107.50 23.47 -41.67
N SER S 53 -107.00 24.13 -42.71
CA SER S 53 -106.46 25.48 -42.55
C SER S 53 -106.44 26.16 -43.92
N GLU S 54 -105.70 27.27 -44.02
CA GLU S 54 -105.39 27.97 -45.26
C GLU S 54 -104.72 27.02 -46.23
N LEU S 55 -103.49 26.64 -45.88
CA LEU S 55 -102.75 25.50 -46.38
C LEU S 55 -101.58 25.35 -45.42
N ALA S 56 -100.92 24.20 -45.48
CA ALA S 56 -100.05 23.81 -44.40
C ALA S 56 -99.08 22.76 -44.92
N ALA S 57 -98.31 22.18 -44.00
CA ALA S 57 -97.71 20.86 -44.17
C ALA S 57 -98.71 19.76 -43.81
N HIS S 58 -99.92 20.17 -43.45
CA HIS S 58 -101.12 19.34 -43.37
C HIS S 58 -101.02 18.38 -42.19
N GLN S 59 -100.25 18.79 -41.17
CA GLN S 59 -100.04 18.05 -39.93
C GLN S 59 -99.46 16.67 -40.22
N LYS S 60 -98.19 16.71 -40.64
CA LYS S 60 -97.35 15.58 -41.05
C LYS S 60 -97.48 14.37 -40.14
N LYS S 61 -97.87 13.24 -40.71
CA LYS S 61 -98.32 12.10 -39.91
C LYS S 61 -97.20 11.11 -39.65
N ILE S 62 -96.58 10.57 -40.69
CA ILE S 62 -95.65 9.46 -40.50
C ILE S 62 -94.33 10.00 -39.95
N LEU S 63 -93.76 9.29 -38.99
CA LEU S 63 -92.69 9.86 -38.20
C LEU S 63 -91.46 8.96 -38.17
N HIS S 64 -90.33 9.63 -38.07
CA HIS S 64 -89.03 9.00 -37.94
C HIS S 64 -88.72 8.82 -36.47
N VAL S 65 -88.54 7.58 -36.05
CA VAL S 65 -88.44 7.22 -34.64
C VAL S 65 -87.06 6.70 -34.26
N ASP S 66 -86.23 6.42 -35.24
CA ASP S 66 -85.61 5.15 -35.31
C ASP S 66 -84.34 5.09 -36.10
N ASN S 67 -84.00 3.87 -36.49
CA ASN S 67 -82.98 3.67 -37.49
C ASN S 67 -83.38 2.56 -38.47
N HIS S 68 -84.63 2.62 -39.01
CA HIS S 68 -85.55 1.63 -39.64
C HIS S 68 -86.78 1.09 -38.89
N ILE S 69 -87.27 1.71 -37.81
CA ILE S 69 -88.57 1.31 -37.22
C ILE S 69 -89.48 2.54 -37.25
N GLY S 70 -90.17 2.75 -38.36
CA GLY S 70 -90.93 3.97 -38.56
C GLY S 70 -92.40 3.87 -38.19
N ILE S 71 -93.02 5.01 -37.88
CA ILE S 71 -94.40 4.94 -37.42
C ILE S 71 -95.34 5.78 -38.27
N SER S 72 -96.63 5.67 -37.99
CA SER S 72 -97.68 6.42 -38.69
C SER S 72 -98.78 6.70 -37.67
N ILE S 73 -98.85 7.94 -37.20
CA ILE S 73 -99.80 8.25 -36.14
C ILE S 73 -101.17 8.56 -36.73
N ALA S 74 -102.19 8.44 -35.87
CA ALA S 74 -103.55 8.86 -36.23
C ALA S 74 -104.28 9.14 -34.93
N GLY S 75 -104.98 10.28 -34.86
CA GLY S 75 -105.68 10.64 -33.65
C GLY S 75 -105.19 11.94 -33.08
N LEU S 76 -104.86 11.95 -31.79
CA LEU S 76 -104.25 13.14 -31.21
C LEU S 76 -102.82 13.27 -31.68
N THR S 77 -102.28 14.48 -31.61
CA THR S 77 -100.94 14.69 -32.15
C THR S 77 -99.91 14.92 -31.06
N ALA S 78 -100.28 15.67 -30.02
CA ALA S 78 -99.35 15.91 -28.92
C ALA S 78 -99.12 14.62 -28.13
N ASP S 79 -100.16 13.83 -27.97
CA ASP S 79 -100.04 12.55 -27.29
C ASP S 79 -99.25 11.57 -28.14
N ALA S 80 -99.42 11.64 -29.45
CA ALA S 80 -98.61 10.86 -30.38
C ALA S 80 -97.14 11.23 -30.29
N ARG S 81 -96.84 12.54 -30.19
CA ARG S 81 -95.45 12.96 -30.09
C ARG S 81 -94.85 12.57 -28.76
N LEU S 82 -95.65 12.56 -27.69
CA LEU S 82 -95.16 12.05 -26.41
C LEU S 82 -94.83 10.56 -26.51
N LEU S 83 -95.69 9.80 -27.18
CA LEU S 83 -95.46 8.36 -27.28
C LEU S 83 -94.29 8.05 -28.20
N CYS S 84 -94.02 8.87 -29.21
CA CYS S 84 -92.86 8.60 -30.03
C CYS S 84 -91.59 9.22 -29.48
N ASN S 85 -91.67 10.13 -28.51
CA ASN S 85 -90.46 10.46 -27.77
C ASN S 85 -90.11 9.34 -26.80
N PHE S 86 -91.11 8.65 -26.26
CA PHE S 86 -90.83 7.44 -25.49
C PHE S 86 -90.20 6.35 -26.36
N MET S 87 -90.91 5.96 -27.42
CA MET S 87 -90.48 4.91 -28.33
C MET S 87 -89.12 5.24 -28.95
N ARG S 88 -88.96 6.50 -29.34
CA ARG S 88 -87.71 7.00 -29.88
C ARG S 88 -86.58 6.90 -28.87
N GLN S 89 -86.82 7.32 -27.63
CA GLN S 89 -85.75 7.41 -26.65
C GLN S 89 -85.28 6.03 -26.23
N GLU S 90 -86.19 5.08 -26.04
CA GLU S 90 -85.70 3.78 -25.64
C GLU S 90 -85.24 2.93 -26.82
N CYS S 91 -85.67 3.24 -28.05
CA CYS S 91 -85.02 2.63 -29.21
C CYS S 91 -83.57 3.07 -29.31
N LEU S 92 -83.30 4.36 -29.04
CA LEU S 92 -81.92 4.81 -28.98
C LEU S 92 -81.19 4.25 -27.76
N ASP S 93 -81.93 3.95 -26.69
CA ASP S 93 -81.32 3.31 -25.53
C ASP S 93 -80.88 1.89 -25.85
N SER S 94 -81.68 1.17 -26.65
CA SER S 94 -81.23 -0.13 -27.14
C SER S 94 -80.13 -0.03 -28.19
N ARG S 95 -80.01 1.10 -28.89
CA ARG S 95 -78.79 1.34 -29.66
C ARG S 95 -77.60 1.53 -28.74
N PHE S 96 -77.82 2.14 -27.59
CA PHE S 96 -76.72 2.48 -26.69
C PHE S 96 -76.19 1.26 -25.98
N VAL S 97 -77.08 0.47 -25.39
CA VAL S 97 -76.63 -0.57 -24.46
C VAL S 97 -76.22 -1.83 -25.20
N PHE S 98 -77.17 -2.44 -25.91
CA PHE S 98 -76.93 -3.71 -26.57
C PHE S 98 -76.14 -3.57 -27.86
N ASP S 99 -76.15 -2.38 -28.46
CA ASP S 99 -75.49 -2.08 -29.74
C ASP S 99 -75.99 -3.03 -30.83
N ARG S 100 -77.29 -3.24 -30.87
CA ARG S 100 -77.89 -3.90 -32.01
C ARG S 100 -79.13 -3.09 -32.39
N PRO S 101 -79.71 -3.29 -33.56
CA PRO S 101 -81.06 -2.76 -33.80
C PRO S 101 -82.06 -3.41 -32.85
N LEU S 102 -82.85 -2.58 -32.18
CA LEU S 102 -83.92 -3.08 -31.34
C LEU S 102 -84.96 -3.77 -32.21
N PRO S 103 -85.30 -5.02 -31.92
CA PRO S 103 -86.30 -5.72 -32.73
C PRO S 103 -87.67 -5.11 -32.59
N VAL S 104 -88.45 -5.21 -33.66
CA VAL S 104 -89.71 -4.48 -33.76
C VAL S 104 -90.75 -5.03 -32.80
N SER S 105 -90.70 -6.35 -32.54
CA SER S 105 -91.70 -6.98 -31.69
C SER S 105 -91.56 -6.56 -30.23
N ARG S 106 -90.32 -6.48 -29.73
CA ARG S 106 -90.13 -6.05 -28.35
C ARG S 106 -90.42 -4.57 -28.19
N LEU S 107 -90.15 -3.79 -29.25
CA LEU S 107 -90.51 -2.38 -29.30
C LEU S 107 -92.01 -2.19 -29.11
N VAL S 108 -92.80 -2.84 -29.96
CA VAL S 108 -94.24 -2.64 -29.92
C VAL S 108 -94.84 -3.31 -28.69
N SER S 109 -94.18 -4.31 -28.13
CA SER S 109 -94.72 -4.93 -26.92
C SER S 109 -94.50 -4.05 -25.70
N LEU S 110 -93.34 -3.39 -25.61
CA LEU S 110 -93.13 -2.61 -24.40
C LEU S 110 -93.82 -1.25 -24.47
N ILE S 111 -94.09 -0.73 -25.67
CA ILE S 111 -95.01 0.41 -25.68
C ILE S 111 -96.42 -0.08 -25.43
N GLY S 112 -96.72 -1.32 -25.81
CA GLY S 112 -97.98 -1.94 -25.43
C GLY S 112 -98.11 -2.20 -23.94
N SER S 113 -97.01 -2.15 -23.20
CA SER S 113 -97.04 -2.14 -21.75
C SER S 113 -96.87 -0.74 -21.18
N LYS S 114 -96.50 0.24 -22.01
CA LYS S 114 -96.37 1.61 -21.51
C LYS S 114 -97.67 2.37 -21.61
N THR S 115 -98.44 2.18 -22.69
CA THR S 115 -99.75 2.80 -22.80
C THR S 115 -100.83 2.02 -22.07
N GLN S 116 -100.47 0.94 -21.40
CA GLN S 116 -101.40 0.10 -20.68
C GLN S 116 -101.55 0.53 -19.23
N ILE S 117 -100.56 1.27 -18.72
CA ILE S 117 -100.62 1.75 -17.33
C ILE S 117 -101.73 2.77 -17.07
N PRO S 118 -101.93 3.82 -17.89
CA PRO S 118 -103.06 4.72 -17.59
C PRO S 118 -104.42 4.13 -17.84
N THR S 119 -104.52 3.06 -18.63
CA THR S 119 -105.76 2.30 -18.69
C THR S 119 -106.07 1.64 -17.35
N GLN S 120 -105.02 1.29 -16.62
CA GLN S 120 -105.19 0.61 -15.34
C GLN S 120 -105.60 1.57 -14.24
N ARG S 121 -104.84 2.65 -14.04
CA ARG S 121 -104.95 3.42 -12.82
C ARG S 121 -106.02 4.50 -12.95
N TYR S 122 -106.01 5.45 -12.02
CA TYR S 122 -107.12 6.35 -11.77
C TYR S 122 -106.88 7.72 -12.37
N GLY S 123 -107.93 8.30 -12.95
CA GLY S 123 -107.91 9.68 -13.39
C GLY S 123 -106.91 10.00 -14.47
N ARG S 124 -106.50 9.01 -15.26
CA ARG S 124 -105.50 9.19 -16.30
C ARG S 124 -106.05 8.62 -17.59
N ARG S 125 -106.20 9.48 -18.59
CA ARG S 125 -106.77 9.07 -19.87
C ARG S 125 -105.81 8.13 -20.60
N PRO S 126 -106.33 7.23 -21.43
CA PRO S 126 -105.44 6.43 -22.26
C PRO S 126 -104.80 7.27 -23.35
N TYR S 127 -103.70 6.76 -23.89
CA TYR S 127 -103.02 7.45 -24.98
C TYR S 127 -103.87 7.30 -26.23
N GLY S 128 -104.71 8.30 -26.50
CA GLY S 128 -105.65 8.21 -27.59
C GLY S 128 -105.01 8.42 -28.94
N VAL S 129 -104.22 7.44 -29.39
CA VAL S 129 -103.55 7.50 -30.68
C VAL S 129 -103.37 6.08 -31.20
N GLY S 130 -103.67 5.88 -32.48
CA GLY S 130 -103.52 4.57 -33.07
C GLY S 130 -102.29 4.52 -33.95
N LEU S 131 -101.22 3.95 -33.42
CA LEU S 131 -99.98 3.85 -34.18
C LEU S 131 -100.12 2.76 -35.23
N LEU S 132 -99.33 2.87 -36.28
CA LEU S 132 -99.37 1.91 -37.37
C LEU S 132 -97.92 1.61 -37.72
N ILE S 133 -97.17 1.16 -36.71
CA ILE S 133 -95.71 1.13 -36.80
C ILE S 133 -95.26 0.04 -37.75
N ALA S 134 -94.10 0.24 -38.36
CA ALA S 134 -93.61 -0.67 -39.39
C ALA S 134 -92.10 -0.59 -39.44
N GLY S 135 -91.43 -1.75 -39.46
CA GLY S 135 -89.99 -1.79 -39.45
C GLY S 135 -89.46 -3.12 -39.95
N TYR S 136 -88.16 -3.14 -40.24
CA TYR S 136 -87.50 -4.33 -40.76
C TYR S 136 -86.42 -4.78 -39.80
N ASP S 137 -86.76 -5.76 -38.97
CA ASP S 137 -85.82 -6.48 -38.12
C ASP S 137 -85.14 -7.60 -38.89
N ASP S 138 -84.55 -8.56 -38.19
CA ASP S 138 -83.81 -9.68 -38.77
C ASP S 138 -84.63 -10.50 -39.77
N MET S 139 -85.84 -10.92 -39.40
CA MET S 139 -86.72 -11.57 -40.36
C MET S 139 -87.50 -10.49 -41.14
N GLY S 140 -88.58 -10.90 -41.82
CA GLY S 140 -89.33 -10.04 -42.70
C GLY S 140 -89.87 -8.77 -42.08
N PRO S 141 -90.15 -7.78 -42.92
CA PRO S 141 -90.49 -6.46 -42.40
C PRO S 141 -91.87 -6.42 -41.79
N HIS S 142 -91.91 -6.43 -40.46
CA HIS S 142 -93.14 -6.48 -39.71
C HIS S 142 -93.89 -5.17 -39.80
N ILE S 143 -95.18 -5.23 -39.46
CA ILE S 143 -96.02 -4.06 -39.37
C ILE S 143 -97.07 -4.29 -38.30
N PHE S 144 -97.17 -3.36 -37.36
CA PHE S 144 -98.00 -3.51 -36.19
C PHE S 144 -98.96 -2.33 -36.09
N GLN S 145 -100.25 -2.60 -36.21
CA GLN S 145 -101.20 -1.71 -35.58
C GLN S 145 -101.13 -1.90 -34.08
N THR S 146 -101.00 -0.81 -33.35
CA THR S 146 -101.37 -0.84 -31.94
C THR S 146 -102.49 0.17 -31.75
N CYS S 147 -103.05 0.18 -30.55
CA CYS S 147 -104.32 0.85 -30.33
C CYS S 147 -104.27 1.52 -28.97
N PRO S 148 -105.18 2.46 -28.71
CA PRO S 148 -105.27 3.03 -27.35
C PRO S 148 -105.78 2.07 -26.31
N SER S 149 -106.34 0.92 -26.69
CA SER S 149 -106.67 -0.13 -25.74
C SER S 149 -105.48 -1.01 -25.41
N ALA S 150 -104.26 -0.61 -25.82
CA ALA S 150 -103.00 -1.26 -25.50
C ALA S 150 -102.94 -2.71 -25.98
N ASN S 151 -103.54 -2.98 -27.13
CA ASN S 151 -103.67 -4.34 -27.65
C ASN S 151 -103.19 -4.31 -29.09
N TYR S 152 -101.89 -4.51 -29.29
CA TYR S 152 -101.32 -4.43 -30.63
C TYR S 152 -101.66 -5.68 -31.43
N PHE S 153 -101.42 -5.61 -32.73
CA PHE S 153 -101.75 -6.69 -33.65
C PHE S 153 -100.59 -6.90 -34.61
N ASP S 154 -100.05 -8.11 -34.64
CA ASP S 154 -99.06 -8.44 -35.66
C ASP S 154 -99.81 -8.68 -36.96
N CYS S 155 -100.07 -7.62 -37.69
CA CYS S 155 -100.90 -7.68 -38.88
C CYS S 155 -100.03 -7.62 -40.13
N ARG S 156 -100.67 -7.79 -41.28
CA ARG S 156 -100.13 -7.33 -42.54
C ARG S 156 -101.23 -6.56 -43.25
N ALA S 157 -100.85 -5.44 -43.86
CA ALA S 157 -101.70 -4.62 -44.71
C ALA S 157 -102.93 -4.08 -43.97
N MET S 158 -102.69 -3.21 -42.99
CA MET S 158 -103.74 -2.66 -42.15
C MET S 158 -103.99 -1.19 -42.49
N SER S 159 -105.25 -0.76 -42.38
CA SER S 159 -105.64 0.61 -42.60
C SER S 159 -106.45 1.09 -41.41
N ILE S 160 -106.07 2.23 -40.84
CA ILE S 160 -106.81 2.83 -39.73
C ILE S 160 -106.97 4.33 -39.97
N GLY S 161 -108.08 4.85 -39.49
CA GLY S 161 -108.42 6.25 -39.65
C GLY S 161 -109.86 6.42 -40.12
N ALA S 162 -110.14 7.61 -40.64
CA ALA S 162 -111.50 7.97 -41.02
C ALA S 162 -111.91 7.24 -42.30
N ARG S 163 -113.04 6.54 -42.21
CA ARG S 163 -113.60 5.61 -43.20
C ARG S 163 -112.56 4.70 -43.83
N SER S 164 -111.61 4.22 -43.04
CA SER S 164 -110.55 3.33 -43.50
C SER S 164 -111.02 1.91 -43.66
N GLN S 165 -112.27 1.61 -43.31
CA GLN S 165 -112.78 0.25 -43.47
C GLN S 165 -112.92 -0.11 -44.94
N SER S 166 -113.27 0.86 -45.78
CA SER S 166 -113.32 0.63 -47.21
C SER S 166 -111.93 0.36 -47.78
N ALA S 167 -110.91 1.01 -47.23
CA ALA S 167 -109.53 0.73 -47.66
C ALA S 167 -109.11 -0.65 -47.22
N ARG S 168 -109.60 -1.12 -46.07
CA ARG S 168 -109.35 -2.49 -45.65
C ARG S 168 -110.00 -3.48 -46.59
N THR S 169 -111.26 -3.23 -46.97
CA THR S 169 -111.96 -4.17 -47.83
C THR S 169 -111.51 -4.09 -49.28
N TYR S 170 -110.82 -3.03 -49.68
CA TYR S 170 -110.01 -3.18 -50.88
C TYR S 170 -108.80 -4.05 -50.58
N LEU S 171 -108.14 -3.76 -49.47
CA LEU S 171 -106.83 -4.32 -49.20
C LEU S 171 -106.93 -5.76 -48.68
N GLU S 172 -108.10 -6.19 -48.25
CA GLU S 172 -108.28 -7.58 -47.84
C GLU S 172 -108.38 -8.50 -49.05
N ARG S 173 -109.05 -8.05 -50.11
CA ARG S 173 -109.23 -8.84 -51.30
C ARG S 173 -108.10 -8.66 -52.30
N HIS S 174 -106.97 -8.10 -51.88
CA HIS S 174 -105.78 -7.98 -52.70
C HIS S 174 -104.53 -8.31 -51.91
N MET S 175 -104.60 -9.38 -51.14
CA MET S 175 -103.45 -9.88 -50.40
C MET S 175 -102.64 -10.89 -51.22
N SER S 176 -103.25 -11.45 -52.27
CA SER S 176 -102.61 -12.50 -53.06
C SER S 176 -101.36 -12.00 -53.78
N GLU S 177 -101.35 -10.74 -54.21
CA GLU S 177 -100.17 -10.16 -54.84
C GLU S 177 -99.26 -9.44 -53.85
N PHE S 178 -99.28 -9.87 -52.59
CA PHE S 178 -98.23 -9.54 -51.66
C PHE S 178 -97.32 -10.77 -51.57
N MET S 179 -96.19 -10.61 -50.87
CA MET S 179 -95.02 -11.48 -50.85
C MET S 179 -94.31 -11.58 -52.19
N GLU S 180 -94.60 -10.64 -53.09
CA GLU S 180 -93.94 -10.39 -54.38
C GLU S 180 -94.04 -8.90 -54.56
N CYS S 181 -94.09 -8.42 -55.81
CA CYS S 181 -94.59 -7.08 -56.12
C CYS S 181 -93.68 -5.99 -55.57
N ASN S 182 -92.53 -5.79 -56.22
CA ASN S 182 -91.48 -4.88 -55.79
C ASN S 182 -91.98 -3.43 -55.67
N LEU S 183 -91.12 -2.59 -55.06
CA LEU S 183 -91.40 -1.21 -54.64
C LEU S 183 -92.14 -0.33 -55.62
N ASP S 184 -91.79 -0.43 -56.91
CA ASP S 184 -92.42 0.43 -57.90
C ASP S 184 -93.87 0.06 -58.12
N GLU S 185 -94.20 -1.23 -58.05
CA GLU S 185 -95.56 -1.69 -58.23
C GLU S 185 -96.24 -2.01 -56.91
N LEU S 186 -95.53 -1.89 -55.78
CA LEU S 186 -96.13 -2.12 -54.48
C LEU S 186 -96.80 -0.87 -53.93
N VAL S 187 -96.12 0.27 -54.04
CA VAL S 187 -96.63 1.51 -53.49
C VAL S 187 -97.78 2.02 -54.34
N LYS S 188 -97.79 1.69 -55.65
CA LYS S 188 -98.98 1.92 -56.45
C LYS S 188 -100.15 1.11 -55.92
N HIS S 189 -99.89 -0.12 -55.49
CA HIS S 189 -100.90 -1.00 -54.94
C HIS S 189 -101.32 -0.58 -53.54
N GLY S 190 -100.59 0.30 -52.88
CA GLY S 190 -101.01 0.85 -51.61
C GLY S 190 -101.73 2.17 -51.77
N LEU S 191 -101.31 2.99 -52.73
CA LEU S 191 -102.01 4.24 -53.00
C LEU S 191 -103.39 3.99 -53.59
N ARG S 192 -103.53 2.98 -54.46
CA ARG S 192 -104.88 2.67 -54.89
C ARG S 192 -105.67 1.92 -53.82
N ALA S 193 -105.03 1.54 -52.72
CA ALA S 193 -105.77 1.15 -51.52
C ALA S 193 -106.14 2.36 -50.67
N LEU S 194 -105.27 3.39 -50.63
CA LEU S 194 -105.62 4.60 -49.91
C LEU S 194 -106.70 5.38 -50.64
N ARG S 195 -106.72 5.33 -51.97
CA ARG S 195 -107.65 6.12 -52.78
C ARG S 195 -109.03 5.44 -52.83
N GLU S 196 -109.55 5.19 -51.64
CA GLU S 196 -110.95 4.89 -51.41
C GLU S 196 -111.49 5.60 -50.17
N THR S 197 -110.62 5.96 -49.22
CA THR S 197 -111.00 6.75 -48.07
C THR S 197 -111.27 8.22 -48.40
N LEU S 198 -110.97 8.64 -49.58
CA LEU S 198 -111.23 10.01 -49.98
C LEU S 198 -112.69 10.16 -50.38
N PRO S 199 -113.31 11.34 -50.22
CA PRO S 199 -114.73 11.51 -50.53
C PRO S 199 -115.09 11.52 -52.02
N ALA S 200 -114.65 10.49 -52.74
CA ALA S 200 -115.09 10.11 -54.08
C ALA S 200 -114.86 11.18 -55.14
N GLU S 201 -114.04 12.18 -54.89
CA GLU S 201 -113.90 13.23 -55.88
C GLU S 201 -112.46 13.66 -56.09
N GLN S 202 -111.51 13.07 -55.38
CA GLN S 202 -110.25 13.73 -55.15
C GLN S 202 -109.07 12.82 -55.51
N ASP S 203 -108.24 13.33 -56.39
CA ASP S 203 -106.82 13.00 -56.59
C ASP S 203 -106.10 12.76 -55.26
N LEU S 204 -105.20 11.77 -55.28
CA LEU S 204 -104.10 11.70 -54.33
C LEU S 204 -103.05 12.69 -54.80
N THR S 205 -103.16 13.92 -54.29
CA THR S 205 -102.26 14.97 -54.73
C THR S 205 -100.89 14.79 -54.11
N THR S 206 -99.91 15.52 -54.64
CA THR S 206 -98.57 15.50 -54.07
C THR S 206 -98.51 16.25 -52.75
N LYS S 207 -99.47 17.13 -52.48
CA LYS S 207 -99.48 17.88 -51.24
C LYS S 207 -99.80 16.98 -50.05
N ASN S 208 -100.95 16.31 -50.08
CA ASN S 208 -101.49 15.63 -48.91
C ASN S 208 -100.97 14.22 -48.67
N VAL S 209 -100.31 13.60 -49.64
CA VAL S 209 -99.86 12.22 -49.51
C VAL S 209 -98.39 12.21 -49.14
N SER S 210 -98.09 11.68 -47.95
CA SER S 210 -96.72 11.48 -47.51
C SER S 210 -96.55 10.02 -47.16
N ILE S 211 -95.52 9.38 -47.70
CA ILE S 211 -95.34 7.94 -47.56
C ILE S 211 -93.98 7.67 -46.94
N GLY S 212 -93.77 6.42 -46.56
CA GLY S 212 -92.52 5.99 -45.96
C GLY S 212 -92.16 4.58 -46.36
N ILE S 213 -90.89 4.31 -46.63
CA ILE S 213 -90.45 3.02 -47.13
C ILE S 213 -89.42 2.47 -46.15
N VAL S 214 -89.52 1.18 -45.82
CA VAL S 214 -88.51 0.59 -44.95
C VAL S 214 -88.32 -0.87 -45.34
N GLY S 215 -87.08 -1.35 -45.30
CA GLY S 215 -86.86 -2.76 -45.55
C GLY S 215 -85.43 -3.19 -45.76
N LYS S 216 -85.22 -4.11 -46.69
CA LYS S 216 -83.90 -4.66 -46.97
C LYS S 216 -83.03 -3.59 -47.61
N ASP S 217 -81.89 -3.31 -46.97
CA ASP S 217 -80.80 -2.49 -47.51
C ASP S 217 -81.24 -1.05 -47.78
N LEU S 218 -82.19 -0.55 -47.00
CA LEU S 218 -82.56 0.85 -47.10
C LEU S 218 -83.12 1.32 -45.76
N GLU S 219 -82.69 2.51 -45.36
CA GLU S 219 -83.20 3.19 -44.17
C GLU S 219 -84.68 3.51 -44.34
N PHE S 220 -85.41 3.60 -43.22
CA PHE S 220 -86.76 4.13 -43.21
C PHE S 220 -86.75 5.55 -43.78
N THR S 221 -87.32 5.69 -44.97
CA THR S 221 -87.14 6.87 -45.79
C THR S 221 -88.48 7.54 -46.00
N ILE S 222 -88.54 8.83 -45.70
CA ILE S 222 -89.76 9.60 -45.77
C ILE S 222 -89.83 10.27 -47.12
N TYR S 223 -90.95 10.09 -47.82
CA TYR S 223 -91.21 10.79 -49.06
C TYR S 223 -92.29 11.83 -48.80
N ASP S 224 -91.88 13.08 -48.88
CA ASP S 224 -92.69 14.26 -48.62
C ASP S 224 -93.32 14.77 -49.92
N ASP S 225 -93.73 16.04 -49.91
CA ASP S 225 -94.43 16.72 -51.01
C ASP S 225 -93.77 16.53 -52.37
N ASP S 226 -92.44 16.55 -52.43
CA ASP S 226 -91.82 16.43 -53.75
C ASP S 226 -91.66 14.96 -54.15
N ASP S 227 -91.14 14.13 -53.26
CA ASP S 227 -90.71 12.79 -53.64
C ASP S 227 -91.85 11.81 -53.86
N VAL S 228 -93.09 12.19 -53.53
CA VAL S 228 -94.23 11.31 -53.81
C VAL S 228 -94.68 11.46 -55.27
N SER S 229 -94.24 12.51 -55.95
CA SER S 229 -94.60 12.71 -57.35
C SER S 229 -94.13 11.64 -58.34
N PRO S 230 -93.02 10.91 -58.15
CA PRO S 230 -92.79 9.73 -59.00
C PRO S 230 -93.75 8.57 -58.81
N PHE S 231 -94.70 8.66 -57.88
CA PHE S 231 -95.73 7.63 -57.69
C PHE S 231 -97.06 8.26 -58.10
N LEU S 232 -97.58 7.82 -59.23
CA LEU S 232 -98.47 8.67 -60.03
C LEU S 232 -99.71 7.99 -60.59
N ASP S 233 -99.80 6.66 -60.62
CA ASP S 233 -100.70 6.00 -61.55
C ASP S 233 -102.03 5.64 -60.91
N GLY S 234 -103.00 5.31 -61.77
CA GLY S 234 -104.36 4.98 -61.37
C GLY S 234 -105.37 5.92 -62.01
N LEU S 235 -106.63 5.69 -61.64
CA LEU S 235 -107.70 6.59 -62.10
C LEU S 235 -108.59 7.06 -60.94
N GLU S 236 -108.52 6.02 -60.08
CA GLU S 236 -109.36 4.80 -59.98
C GLU S 236 -110.67 5.23 -60.39
N GLU S 237 -110.62 6.50 -60.65
CA GLU S 237 -111.74 7.40 -60.28
C GLU S 237 -112.34 7.04 -58.92
N ARG S 238 -111.54 7.22 -57.88
CA ARG S 238 -112.03 7.05 -56.51
C ARG S 238 -111.24 7.91 -55.52
N THR T 6 -127.85 4.44 -3.17
CA THR T 6 -128.12 4.80 -4.56
C THR T 6 -126.84 4.84 -5.37
N GLY T 7 -126.65 3.84 -6.23
CA GLY T 7 -125.43 3.75 -7.00
C GLY T 7 -124.28 3.18 -6.21
N TYR T 8 -124.42 1.93 -5.77
CA TYR T 8 -123.40 1.19 -5.01
C TYR T 8 -122.42 0.50 -5.92
N ASP T 9 -122.36 0.94 -7.16
CA ASP T 9 -121.58 0.37 -8.24
C ASP T 9 -120.28 1.17 -8.35
N LEU T 10 -119.53 0.94 -9.44
CA LEU T 10 -118.54 1.84 -10.03
C LEU T 10 -117.33 2.12 -9.14
N SER T 11 -117.15 1.42 -8.03
CA SER T 11 -115.96 1.59 -7.21
C SER T 11 -115.68 0.31 -6.46
N ALA T 12 -114.46 -0.19 -6.55
CA ALA T 12 -114.10 -1.46 -5.96
C ALA T 12 -113.96 -1.39 -4.44
N SER T 13 -113.96 -0.20 -3.85
CA SER T 13 -113.84 -0.07 -2.41
C SER T 13 -115.18 0.04 -1.72
N THR T 14 -116.27 -0.19 -2.44
CA THR T 14 -117.62 -0.05 -1.89
C THR T 14 -118.37 -1.37 -2.06
N PHE T 15 -118.87 -1.91 -0.96
CA PHE T 15 -119.63 -3.14 -1.04
C PHE T 15 -121.06 -2.88 -1.51
N SER T 16 -121.74 -3.96 -1.85
CA SER T 16 -123.16 -4.00 -2.05
C SER T 16 -123.83 -3.99 -0.69
N PRO T 17 -125.16 -3.81 -0.61
CA PRO T 17 -125.84 -4.02 0.67
C PRO T 17 -126.03 -5.48 1.03
N ASP T 18 -125.57 -6.41 0.20
CA ASP T 18 -125.50 -7.82 0.56
C ASP T 18 -124.09 -8.39 0.37
N GLY T 19 -123.08 -7.53 0.36
CA GLY T 19 -121.70 -7.96 0.33
C GLY T 19 -121.25 -8.57 -0.98
N ARG T 20 -121.19 -7.76 -2.04
CA ARG T 20 -120.82 -8.26 -3.35
C ARG T 20 -120.23 -7.10 -4.15
N VAL T 21 -118.90 -7.07 -4.26
CA VAL T 21 -118.19 -5.94 -4.86
C VAL T 21 -118.39 -5.98 -6.37
N PHE T 22 -119.26 -5.09 -6.88
CA PHE T 22 -119.73 -5.19 -8.26
C PHE T 22 -118.65 -4.94 -9.31
N GLN T 23 -117.56 -4.27 -8.94
CA GLN T 23 -116.49 -4.10 -9.91
C GLN T 23 -115.72 -5.39 -10.15
N VAL T 24 -115.92 -6.41 -9.34
CA VAL T 24 -115.33 -7.71 -9.62
C VAL T 24 -116.23 -8.54 -10.53
N GLU T 25 -117.53 -8.62 -10.24
CA GLU T 25 -118.41 -9.42 -11.10
C GLU T 25 -118.70 -8.74 -12.43
N TYR T 26 -118.41 -7.44 -12.56
CA TYR T 26 -118.47 -6.85 -13.88
C TYR T 26 -117.21 -7.16 -14.66
N ALA T 27 -116.10 -7.40 -13.97
CA ALA T 27 -114.91 -7.89 -14.66
C ALA T 27 -115.05 -9.36 -15.02
N MET T 28 -115.86 -10.11 -14.29
CA MET T 28 -116.01 -11.53 -14.58
C MET T 28 -116.81 -11.77 -15.84
N LYS T 29 -117.83 -10.96 -16.11
CA LYS T 29 -118.52 -11.11 -17.38
C LYS T 29 -117.69 -10.55 -18.53
N ALA T 30 -116.74 -9.66 -18.21
CA ALA T 30 -115.81 -9.10 -19.17
C ALA T 30 -114.76 -10.10 -19.67
N VAL T 31 -114.68 -11.29 -19.08
CA VAL T 31 -113.97 -12.39 -19.70
C VAL T 31 -114.94 -13.43 -20.26
N GLU T 32 -116.21 -13.37 -19.87
CA GLU T 32 -117.22 -14.24 -20.44
C GLU T 32 -117.67 -13.78 -21.82
N ASN T 33 -117.32 -12.57 -22.23
CA ASN T 33 -117.52 -12.18 -23.62
C ASN T 33 -116.26 -12.29 -24.46
N SER T 34 -115.37 -13.24 -24.13
CA SER T 34 -114.18 -13.51 -24.90
C SER T 34 -114.00 -15.01 -25.05
N SER T 35 -113.20 -15.41 -26.04
CA SER T 35 -113.17 -16.78 -26.52
C SER T 35 -112.55 -17.73 -25.49
N THR T 36 -112.69 -19.03 -25.77
CA THR T 36 -112.29 -20.06 -24.82
C THR T 36 -110.80 -20.34 -24.90
N ALA T 37 -110.29 -20.93 -23.83
CA ALA T 37 -108.90 -21.40 -23.78
C ALA T 37 -108.87 -22.52 -22.75
N ILE T 38 -108.85 -23.76 -23.21
CA ILE T 38 -108.97 -24.88 -22.30
C ILE T 38 -107.58 -25.39 -21.94
N GLY T 39 -107.46 -25.97 -20.75
CA GLY T 39 -106.22 -26.57 -20.33
C GLY T 39 -106.47 -27.89 -19.65
N ILE T 40 -105.83 -28.96 -20.14
CA ILE T 40 -106.11 -30.31 -19.70
C ILE T 40 -104.84 -30.90 -19.07
N ARG T 41 -104.95 -31.28 -17.82
CA ARG T 41 -103.86 -31.94 -17.11
C ARG T 41 -103.87 -33.43 -17.37
N CYS T 42 -102.66 -34.00 -17.50
CA CYS T 42 -102.51 -35.45 -17.45
C CYS T 42 -101.15 -35.74 -16.83
N LYS T 43 -100.84 -37.04 -16.72
CA LYS T 43 -99.74 -37.47 -15.86
C LYS T 43 -98.38 -37.03 -16.39
N ASP T 44 -98.20 -36.96 -17.70
CA ASP T 44 -97.03 -36.29 -18.26
C ASP T 44 -97.38 -34.89 -18.78
N GLY T 45 -97.80 -34.02 -17.87
CA GLY T 45 -97.81 -32.60 -18.17
C GLY T 45 -99.18 -32.07 -18.52
N VAL T 46 -99.20 -30.79 -18.87
CA VAL T 46 -100.42 -30.02 -19.06
C VAL T 46 -100.46 -29.53 -20.50
N VAL T 47 -101.58 -29.73 -21.17
CA VAL T 47 -101.77 -29.35 -22.56
C VAL T 47 -102.75 -28.20 -22.63
N PHE T 48 -102.35 -27.09 -23.23
CA PHE T 48 -103.23 -25.95 -23.43
C PHE T 48 -103.79 -25.97 -24.84
N GLY T 49 -104.90 -25.27 -25.02
CA GLY T 49 -105.47 -25.07 -26.34
C GLY T 49 -106.34 -23.85 -26.31
N VAL T 50 -106.13 -22.91 -27.22
CA VAL T 50 -106.82 -21.64 -27.19
C VAL T 50 -107.63 -21.48 -28.47
N GLU T 51 -108.86 -21.02 -28.32
CA GLU T 51 -109.70 -20.68 -29.44
C GLU T 51 -109.28 -19.32 -29.98
N LYS T 52 -109.27 -19.18 -31.30
CA LYS T 52 -109.01 -17.90 -31.92
C LYS T 52 -110.20 -17.49 -32.77
N LEU T 53 -110.47 -16.19 -32.79
CA LEU T 53 -111.67 -15.63 -33.39
C LEU T 53 -111.25 -14.62 -34.45
N VAL T 54 -110.42 -15.08 -35.39
CA VAL T 54 -109.73 -14.28 -36.40
C VAL T 54 -110.71 -13.39 -37.15
N LEU T 55 -110.52 -12.07 -37.01
CA LEU T 55 -111.53 -11.11 -37.47
C LEU T 55 -111.48 -10.96 -38.98
N SER T 56 -110.35 -10.48 -39.49
CA SER T 56 -110.16 -10.29 -40.91
C SER T 56 -109.07 -11.21 -41.41
N LYS T 57 -108.89 -11.23 -42.73
CA LYS T 57 -107.75 -11.92 -43.30
C LYS T 57 -106.45 -11.13 -43.09
N LEU T 58 -106.56 -9.89 -42.64
CA LEU T 58 -105.41 -9.00 -42.53
C LEU T 58 -104.46 -9.43 -41.42
N TYR T 59 -104.97 -10.13 -40.42
CA TYR T 59 -104.13 -10.57 -39.31
C TYR T 59 -103.41 -11.85 -39.73
N GLU T 60 -102.12 -11.93 -39.46
CA GLU T 60 -101.40 -13.13 -39.82
C GLU T 60 -101.41 -14.13 -38.67
N GLU T 61 -100.70 -15.24 -38.87
CA GLU T 61 -100.70 -16.33 -37.92
C GLU T 61 -99.98 -15.94 -36.63
N GLY T 62 -100.71 -16.04 -35.52
CA GLY T 62 -100.20 -15.51 -34.27
C GLY T 62 -100.17 -14.00 -34.24
N SER T 63 -101.25 -13.36 -34.67
CA SER T 63 -101.33 -11.90 -34.63
C SER T 63 -101.33 -11.41 -33.19
N ASN T 64 -102.09 -12.06 -32.35
CA ASN T 64 -102.03 -11.88 -30.90
C ASN T 64 -101.75 -13.22 -30.24
N LYS T 65 -100.59 -13.31 -29.59
CA LYS T 65 -100.28 -14.47 -28.77
C LYS T 65 -101.24 -14.54 -27.61
N ARG T 66 -101.86 -15.70 -27.39
CA ARG T 66 -102.64 -15.93 -26.19
C ARG T 66 -102.14 -17.12 -25.41
N LEU T 67 -101.09 -17.79 -25.89
CA LEU T 67 -100.36 -18.75 -25.10
C LEU T 67 -98.98 -18.14 -24.85
N PHE T 68 -98.92 -17.28 -23.85
CA PHE T 68 -97.61 -16.78 -23.46
C PHE T 68 -96.92 -17.81 -22.59
N ASN T 69 -95.62 -17.62 -22.40
CA ASN T 69 -94.89 -18.35 -21.37
C ASN T 69 -94.12 -17.35 -20.52
N VAL T 70 -93.70 -17.81 -19.35
CA VAL T 70 -93.24 -16.93 -18.28
C VAL T 70 -91.82 -17.27 -17.83
N ASP T 71 -91.59 -18.53 -17.46
CA ASP T 71 -90.36 -18.85 -16.75
C ASP T 71 -89.62 -20.02 -17.35
N ARG T 72 -89.84 -20.24 -18.67
CA ARG T 72 -89.31 -21.31 -19.51
C ARG T 72 -90.03 -22.63 -19.18
N HIS T 73 -90.95 -22.64 -18.22
CA HIS T 73 -91.81 -23.81 -18.09
C HIS T 73 -93.29 -23.55 -17.80
N VAL T 74 -93.71 -22.43 -17.19
CA VAL T 74 -95.14 -22.26 -16.93
C VAL T 74 -95.74 -21.46 -18.07
N GLY T 75 -97.05 -21.64 -18.30
CA GLY T 75 -97.72 -21.09 -19.46
C GLY T 75 -98.83 -20.11 -19.08
N MET T 76 -99.40 -19.48 -20.10
CA MET T 76 -100.32 -18.37 -19.92
C MET T 76 -101.52 -18.38 -20.86
N ALA T 77 -102.29 -19.46 -20.88
CA ALA T 77 -103.56 -19.40 -21.58
C ALA T 77 -104.48 -18.36 -20.94
N VAL T 78 -104.73 -17.27 -21.66
CA VAL T 78 -105.47 -16.12 -21.14
C VAL T 78 -106.81 -16.03 -21.83
N ALA T 79 -107.73 -15.29 -21.21
CA ALA T 79 -109.09 -15.18 -21.73
C ALA T 79 -109.49 -13.75 -22.07
N GLY T 80 -109.36 -12.82 -21.13
CA GLY T 80 -110.08 -11.56 -21.25
C GLY T 80 -109.39 -10.50 -22.08
N LEU T 81 -109.23 -9.31 -21.52
CA LEU T 81 -108.55 -8.22 -22.22
C LEU T 81 -107.08 -8.57 -22.38
N LEU T 82 -106.60 -8.53 -23.63
CA LEU T 82 -105.24 -8.95 -23.88
C LEU T 82 -104.22 -7.94 -23.40
N ALA T 83 -104.62 -6.68 -23.21
CA ALA T 83 -103.72 -5.70 -22.62
C ALA T 83 -103.44 -6.03 -21.16
N ASP T 84 -104.49 -6.32 -20.41
CA ASP T 84 -104.35 -6.62 -18.99
C ASP T 84 -103.68 -7.96 -18.78
N ALA T 85 -104.06 -8.94 -19.59
CA ALA T 85 -103.45 -10.27 -19.53
C ALA T 85 -101.99 -10.21 -19.92
N ARG T 86 -101.65 -9.38 -20.90
CA ARG T 86 -100.25 -9.24 -21.29
C ARG T 86 -99.46 -8.51 -20.21
N SER T 87 -100.11 -7.58 -19.49
CA SER T 87 -99.44 -6.89 -18.40
C SER T 87 -99.10 -7.84 -17.26
N LEU T 88 -100.08 -8.62 -16.79
CA LEU T 88 -99.76 -9.56 -15.73
C LEU T 88 -98.93 -10.73 -16.20
N ALA T 89 -98.90 -10.99 -17.52
CA ALA T 89 -97.95 -11.95 -18.05
C ALA T 89 -96.52 -11.48 -17.87
N ASP T 90 -96.25 -10.22 -18.22
CA ASP T 90 -94.87 -9.74 -18.12
C ASP T 90 -94.46 -9.49 -16.67
N ILE T 91 -95.40 -9.17 -15.78
CA ILE T 91 -94.96 -9.06 -14.39
C ILE T 91 -94.90 -10.44 -13.74
N ALA T 92 -95.55 -11.44 -14.32
CA ALA T 92 -95.28 -12.81 -13.88
C ALA T 92 -93.88 -13.22 -14.31
N ARG T 93 -93.46 -12.78 -15.51
CA ARG T 93 -92.08 -12.97 -15.94
C ARG T 93 -91.11 -12.31 -14.99
N GLU T 94 -91.43 -11.09 -14.54
CA GLU T 94 -90.57 -10.43 -13.58
C GLU T 94 -90.64 -11.10 -12.21
N GLU T 95 -91.76 -11.75 -11.89
CA GLU T 95 -91.89 -12.39 -10.59
C GLU T 95 -91.07 -13.67 -10.50
N ALA T 96 -91.13 -14.51 -11.53
CA ALA T 96 -90.26 -15.67 -11.57
C ALA T 96 -88.81 -15.27 -11.78
N SER T 97 -88.58 -14.10 -12.39
CA SER T 97 -87.23 -13.54 -12.45
C SER T 97 -86.71 -13.20 -11.06
N ASN T 98 -87.54 -12.60 -10.22
CA ASN T 98 -87.08 -12.29 -8.87
C ASN T 98 -86.97 -13.52 -8.00
N PHE T 99 -87.72 -14.58 -8.31
CA PHE T 99 -87.56 -15.80 -7.54
C PHE T 99 -86.28 -16.52 -7.91
N ARG T 100 -86.04 -16.70 -9.21
CA ARG T 100 -84.84 -17.41 -9.66
C ARG T 100 -83.58 -16.62 -9.34
N SER T 101 -83.64 -15.30 -9.49
CA SER T 101 -82.51 -14.49 -9.07
C SER T 101 -82.37 -14.47 -7.55
N ASN T 102 -83.48 -14.49 -6.83
CA ASN T 102 -83.41 -14.33 -5.39
C ASN T 102 -83.08 -15.64 -4.68
N PHE T 103 -83.81 -16.71 -4.97
CA PHE T 103 -83.65 -17.96 -4.24
C PHE T 103 -82.93 -19.05 -5.02
N GLY T 104 -82.53 -18.79 -6.27
CA GLY T 104 -81.75 -19.74 -7.03
C GLY T 104 -82.55 -20.88 -7.62
N TYR T 105 -83.27 -21.59 -6.75
CA TYR T 105 -84.15 -22.68 -7.13
C TYR T 105 -85.23 -22.23 -8.09
N ASN T 106 -85.50 -23.07 -9.09
CA ASN T 106 -86.51 -22.77 -10.09
C ASN T 106 -87.90 -22.78 -9.45
N ILE T 107 -88.69 -21.76 -9.76
CA ILE T 107 -89.96 -21.45 -9.11
C ILE T 107 -90.99 -22.57 -9.17
N PRO T 108 -91.43 -23.06 -8.03
CA PRO T 108 -92.57 -23.98 -8.01
C PRO T 108 -93.85 -23.22 -8.29
N LEU T 109 -94.76 -23.89 -9.00
CA LEU T 109 -95.84 -23.15 -9.64
C LEU T 109 -96.88 -22.69 -8.63
N LYS T 110 -97.06 -23.44 -7.54
CA LYS T 110 -98.02 -23.08 -6.51
C LYS T 110 -97.70 -21.72 -5.91
N HIS T 111 -96.41 -21.45 -5.70
CA HIS T 111 -96.00 -20.16 -5.16
C HIS T 111 -96.18 -19.04 -6.17
N LEU T 112 -96.04 -19.35 -7.46
CA LEU T 112 -96.23 -18.32 -8.47
C LEU T 112 -97.70 -18.00 -8.65
N ALA T 113 -98.56 -19.02 -8.55
CA ALA T 113 -99.99 -18.78 -8.68
C ALA T 113 -100.55 -18.08 -7.45
N ASP T 114 -100.01 -18.38 -6.27
CA ASP T 114 -100.41 -17.64 -5.09
C ASP T 114 -99.89 -16.22 -5.13
N ARG T 115 -98.72 -16.02 -5.73
CA ARG T 115 -98.13 -14.68 -5.76
C ARG T 115 -98.85 -13.77 -6.76
N VAL T 116 -99.04 -14.24 -7.99
CA VAL T 116 -99.79 -13.48 -8.98
C VAL T 116 -101.25 -13.37 -8.57
N ALA T 117 -101.75 -14.38 -7.86
CA ALA T 117 -103.11 -14.34 -7.34
C ALA T 117 -103.30 -13.24 -6.31
N MET T 118 -102.39 -13.12 -5.33
CA MET T 118 -102.54 -12.04 -4.37
C MET T 118 -102.16 -10.70 -4.96
N TYR T 119 -101.38 -10.69 -6.03
CA TYR T 119 -101.14 -9.44 -6.75
C TYR T 119 -102.42 -8.92 -7.39
N VAL T 120 -103.13 -9.77 -8.13
CA VAL T 120 -104.34 -9.29 -8.78
C VAL T 120 -105.50 -9.18 -7.82
N HIS T 121 -105.41 -9.81 -6.64
CA HIS T 121 -106.43 -9.56 -5.63
C HIS T 121 -106.22 -8.25 -4.90
N ALA T 122 -104.98 -8.00 -4.44
CA ALA T 122 -104.65 -6.76 -3.73
C ALA T 122 -104.79 -5.54 -4.61
N TYR T 123 -104.96 -5.73 -5.90
CA TYR T 123 -105.24 -4.73 -6.89
C TYR T 123 -106.73 -4.49 -7.05
N THR T 124 -107.57 -5.17 -6.27
CA THR T 124 -109.01 -4.94 -6.27
C THR T 124 -109.52 -4.42 -4.94
N LEU T 125 -108.69 -3.73 -4.18
CA LEU T 125 -109.07 -3.19 -2.89
C LEU T 125 -109.12 -1.67 -2.88
N TYR T 126 -109.01 -1.04 -4.03
CA TYR T 126 -108.80 0.39 -4.06
C TYR T 126 -109.68 1.02 -5.12
N SER T 127 -110.21 2.20 -4.83
CA SER T 127 -110.92 2.97 -5.82
C SER T 127 -109.98 3.67 -6.79
N ALA T 128 -108.69 3.70 -6.50
CA ALA T 128 -107.69 4.33 -7.35
C ALA T 128 -107.17 3.40 -8.45
N VAL T 129 -107.69 2.17 -8.52
CA VAL T 129 -107.39 1.24 -9.60
C VAL T 129 -108.67 0.52 -9.98
N ARG T 130 -108.70 0.01 -11.20
CA ARG T 130 -109.78 -0.89 -11.59
C ARG T 130 -109.31 -2.31 -11.37
N PRO T 131 -110.18 -3.30 -11.26
CA PRO T 131 -109.73 -4.69 -11.32
C PRO T 131 -109.24 -5.05 -12.71
N PHE T 132 -108.48 -6.14 -12.77
CA PHE T 132 -108.13 -6.68 -14.09
C PHE T 132 -109.35 -7.28 -14.76
N GLY T 133 -109.29 -7.37 -16.07
CA GLY T 133 -110.37 -7.94 -16.85
C GLY T 133 -109.92 -9.17 -17.61
N CYS T 134 -109.18 -10.05 -16.95
CA CYS T 134 -108.55 -11.16 -17.65
C CYS T 134 -108.43 -12.36 -16.72
N SER T 135 -109.21 -13.40 -16.99
CA SER T 135 -108.94 -14.70 -16.42
C SER T 135 -107.81 -15.35 -17.21
N PHE T 136 -107.04 -16.18 -16.52
CA PHE T 136 -105.89 -16.81 -17.14
C PHE T 136 -105.53 -18.04 -16.33
N MET T 137 -104.75 -18.92 -16.94
CA MET T 137 -104.33 -20.13 -16.26
C MET T 137 -102.87 -20.40 -16.52
N LEU T 138 -102.26 -21.13 -15.61
CA LEU T 138 -100.85 -21.46 -15.61
C LEU T 138 -100.69 -22.95 -15.91
N GLY T 139 -99.46 -23.44 -15.88
CA GLY T 139 -99.26 -24.87 -15.95
C GLY T 139 -97.87 -25.33 -16.34
N SER T 140 -97.34 -26.32 -15.61
CA SER T 140 -96.01 -26.86 -15.84
C SER T 140 -95.87 -28.13 -15.00
N TYR T 141 -94.66 -28.71 -15.00
CA TYR T 141 -94.29 -29.72 -14.02
C TYR T 141 -92.77 -29.71 -13.91
N SER T 142 -92.29 -29.81 -12.67
CA SER T 142 -90.90 -30.11 -12.42
C SER T 142 -90.76 -31.62 -12.35
N VAL T 143 -89.51 -32.10 -12.25
CA VAL T 143 -89.24 -33.53 -12.29
C VAL T 143 -89.87 -34.24 -11.09
N ASN T 144 -89.99 -33.55 -9.96
CA ASN T 144 -90.84 -34.01 -8.86
C ASN T 144 -91.73 -32.85 -8.44
N ASP T 145 -92.75 -32.61 -9.22
CA ASP T 145 -93.81 -31.69 -8.86
C ASP T 145 -95.18 -32.28 -9.14
N GLY T 146 -95.31 -33.04 -10.22
CA GLY T 146 -96.60 -33.31 -10.80
C GLY T 146 -97.02 -32.20 -11.73
N ALA T 147 -97.95 -32.52 -12.63
CA ALA T 147 -98.36 -31.57 -13.66
C ALA T 147 -99.22 -30.46 -13.08
N GLN T 148 -98.62 -29.56 -12.33
CA GLN T 148 -99.37 -28.52 -11.64
C GLN T 148 -99.90 -27.49 -12.63
N LEU T 149 -101.20 -27.22 -12.56
CA LEU T 149 -101.75 -26.03 -13.19
C LEU T 149 -102.74 -25.39 -12.25
N TYR T 150 -102.89 -24.08 -12.40
CA TYR T 150 -103.78 -23.29 -11.58
C TYR T 150 -104.53 -22.33 -12.48
N MET T 151 -105.67 -21.86 -12.02
CA MET T 151 -106.43 -20.87 -12.78
C MET T 151 -106.84 -19.75 -11.84
N ILE T 152 -106.76 -18.53 -12.36
CA ILE T 152 -106.90 -17.31 -11.56
C ILE T 152 -107.97 -16.43 -12.17
N ASP T 153 -108.94 -16.03 -11.36
CA ASP T 153 -110.03 -15.15 -11.77
C ASP T 153 -109.61 -13.69 -11.64
N PRO T 154 -110.41 -12.74 -12.15
CA PRO T 154 -110.16 -11.33 -11.80
C PRO T 154 -110.43 -11.00 -10.36
N SER T 155 -111.15 -11.86 -9.63
CA SER T 155 -111.28 -11.67 -8.19
C SER T 155 -109.97 -11.89 -7.47
N GLY T 156 -109.08 -12.70 -8.05
CA GLY T 156 -107.82 -13.01 -7.43
C GLY T 156 -107.74 -14.38 -6.80
N VAL T 157 -108.78 -15.19 -6.94
CA VAL T 157 -108.78 -16.53 -6.38
C VAL T 157 -108.13 -17.48 -7.37
N SER T 158 -107.32 -18.39 -6.84
CA SER T 158 -106.49 -19.30 -7.63
C SER T 158 -106.76 -20.70 -7.15
N TYR T 159 -107.23 -21.56 -8.04
CA TYR T 159 -107.47 -22.95 -7.65
C TYR T 159 -106.65 -23.88 -8.52
N GLY T 160 -106.24 -25.00 -7.93
CA GLY T 160 -105.67 -26.08 -8.69
C GLY T 160 -106.77 -26.86 -9.36
N TYR T 161 -106.61 -27.12 -10.65
CA TYR T 161 -107.61 -27.82 -11.42
C TYR T 161 -107.03 -29.07 -12.04
N TRP T 162 -107.88 -29.77 -12.77
CA TRP T 162 -107.48 -30.77 -13.75
C TRP T 162 -107.77 -30.31 -15.17
N GLY T 163 -109.00 -29.89 -15.45
CA GLY T 163 -109.37 -29.58 -16.80
C GLY T 163 -110.09 -28.26 -16.98
N CYS T 164 -109.62 -27.21 -16.31
CA CYS T 164 -110.33 -25.94 -16.27
C CYS T 164 -110.41 -25.29 -17.64
N ALA T 165 -111.49 -24.53 -17.83
CA ALA T 165 -111.81 -23.89 -19.09
C ALA T 165 -112.46 -22.56 -18.82
N ILE T 166 -111.88 -21.51 -19.40
CA ILE T 166 -112.34 -20.15 -19.22
C ILE T 166 -112.63 -19.55 -20.59
N GLY T 167 -113.52 -18.58 -20.62
CA GLY T 167 -113.92 -17.98 -21.88
C GLY T 167 -115.43 -17.84 -22.00
N LYS T 168 -115.87 -17.69 -23.25
CA LYS T 168 -117.30 -17.51 -23.50
C LYS T 168 -118.06 -18.82 -23.40
N ALA T 169 -117.58 -19.85 -24.08
CA ALA T 169 -118.27 -21.13 -24.16
C ALA T 169 -117.76 -22.13 -23.15
N ARG T 170 -117.36 -21.66 -21.96
CA ARG T 170 -116.98 -22.58 -20.88
C ARG T 170 -118.18 -23.34 -20.33
N GLN T 171 -119.40 -22.87 -20.59
CA GLN T 171 -120.58 -23.64 -20.22
C GLN T 171 -120.66 -24.92 -21.04
N ALA T 172 -120.29 -24.85 -22.32
CA ALA T 172 -120.17 -26.07 -23.09
C ALA T 172 -118.90 -26.84 -22.75
N ALA T 173 -117.77 -26.14 -22.64
CA ALA T 173 -116.45 -26.77 -22.63
C ALA T 173 -116.19 -27.62 -21.40
N LYS T 174 -116.85 -27.32 -20.28
CA LYS T 174 -116.58 -28.08 -19.07
C LYS T 174 -117.17 -29.48 -19.14
N THR T 175 -118.16 -29.70 -20.00
CA THR T 175 -118.82 -31.00 -20.05
C THR T 175 -117.97 -32.06 -20.75
N GLU T 176 -117.33 -31.69 -21.87
CA GLU T 176 -116.54 -32.69 -22.59
C GLU T 176 -115.26 -33.02 -21.86
N ILE T 177 -114.63 -32.02 -21.25
CA ILE T 177 -113.45 -32.26 -20.44
C ILE T 177 -113.78 -33.14 -19.24
N GLU T 178 -114.99 -33.02 -18.71
CA GLU T 178 -115.44 -33.91 -17.67
C GLU T 178 -115.68 -35.33 -18.19
N LYS T 179 -116.17 -35.48 -19.42
CA LYS T 179 -116.41 -36.84 -19.90
C LYS T 179 -115.16 -37.46 -20.51
N LEU T 180 -114.12 -36.68 -20.74
CA LEU T 180 -112.86 -37.22 -21.22
C LEU T 180 -112.13 -37.89 -20.06
N GLN T 181 -111.48 -39.02 -20.36
CA GLN T 181 -110.78 -39.78 -19.32
C GLN T 181 -109.53 -39.03 -18.90
N MET T 182 -109.47 -38.68 -17.63
CA MET T 182 -108.68 -37.55 -17.18
C MET T 182 -107.26 -37.91 -16.76
N LYS T 183 -107.06 -39.05 -16.13
CA LYS T 183 -105.92 -39.23 -15.25
C LYS T 183 -104.70 -39.83 -15.94
N GLU T 184 -104.89 -40.86 -16.76
CA GLU T 184 -103.82 -41.82 -17.00
C GLU T 184 -103.31 -41.89 -18.44
N MET T 185 -103.62 -40.91 -19.29
CA MET T 185 -103.13 -40.98 -20.65
C MET T 185 -102.00 -39.98 -20.91
N THR T 186 -101.20 -40.27 -21.92
CA THR T 186 -99.81 -39.84 -22.02
C THR T 186 -99.62 -38.64 -22.94
N CYS T 187 -100.56 -37.70 -22.90
CA CYS T 187 -100.59 -36.32 -23.38
C CYS T 187 -100.59 -36.15 -24.89
N ARG T 188 -100.12 -37.15 -25.64
CA ARG T 188 -100.03 -36.93 -27.08
C ARG T 188 -101.41 -37.05 -27.70
N ASP T 189 -102.11 -38.11 -27.31
CA ASP T 189 -103.52 -38.26 -27.65
C ASP T 189 -104.35 -37.07 -27.19
N ILE T 190 -104.04 -36.49 -26.02
CA ILE T 190 -104.97 -35.45 -25.58
C ILE T 190 -104.70 -34.16 -26.32
N VAL T 191 -103.48 -33.96 -26.84
CA VAL T 191 -103.24 -32.87 -27.78
C VAL T 191 -104.17 -33.00 -28.97
N LYS T 192 -104.21 -34.22 -29.53
CA LYS T 192 -105.15 -34.56 -30.57
C LYS T 192 -106.60 -34.37 -30.09
N GLU T 193 -106.88 -34.83 -28.87
CA GLU T 193 -108.24 -34.74 -28.37
C GLU T 193 -108.65 -33.32 -28.02
N VAL T 194 -107.69 -32.41 -27.80
CA VAL T 194 -108.02 -31.00 -27.52
C VAL T 194 -108.82 -30.39 -28.67
N ALA T 195 -108.49 -30.80 -29.91
CA ALA T 195 -109.18 -30.24 -31.07
C ALA T 195 -110.66 -30.62 -31.07
N LYS T 196 -110.99 -31.80 -30.53
CA LYS T 196 -112.38 -32.21 -30.45
C LYS T 196 -113.17 -31.30 -29.52
N ILE T 197 -112.56 -30.88 -28.41
CA ILE T 197 -113.21 -29.91 -27.53
C ILE T 197 -113.36 -28.57 -28.23
N ILE T 198 -112.31 -28.14 -28.95
CA ILE T 198 -112.35 -26.79 -29.52
C ILE T 198 -113.32 -26.72 -30.68
N TYR T 199 -113.42 -27.79 -31.44
CA TYR T 199 -114.34 -27.81 -32.57
C TYR T 199 -115.78 -28.01 -32.13
N ILE T 200 -116.01 -28.65 -30.99
CA ILE T 200 -117.36 -28.71 -30.45
C ILE T 200 -117.81 -27.35 -29.93
N VAL T 201 -116.95 -26.68 -29.15
CA VAL T 201 -117.40 -25.45 -28.50
C VAL T 201 -117.48 -24.26 -29.45
N HIS T 202 -116.87 -24.36 -30.63
CA HIS T 202 -116.95 -23.29 -31.62
C HIS T 202 -118.18 -23.54 -32.48
N ASP T 203 -119.24 -22.75 -32.25
CA ASP T 203 -120.55 -22.98 -32.85
C ASP T 203 -120.88 -21.92 -33.87
N GLU T 204 -119.88 -21.48 -34.62
CA GLU T 204 -120.10 -20.52 -35.69
C GLU T 204 -119.32 -20.93 -36.94
N VAL T 205 -119.58 -20.20 -38.02
CA VAL T 205 -118.77 -20.23 -39.23
C VAL T 205 -118.56 -18.76 -39.60
N LYS T 206 -119.26 -17.88 -38.88
CA LYS T 206 -119.28 -16.45 -39.18
C LYS T 206 -117.97 -15.81 -38.74
N ASP T 207 -117.14 -15.44 -39.73
CA ASP T 207 -115.95 -14.58 -39.72
C ASP T 207 -115.06 -14.66 -38.47
N LYS T 208 -114.88 -15.86 -37.93
CA LYS T 208 -114.03 -16.07 -36.76
C LYS T 208 -113.04 -17.21 -36.98
N ALA T 209 -113.38 -18.17 -37.84
CA ALA T 209 -112.48 -19.09 -38.54
C ALA T 209 -111.81 -20.13 -37.65
N PHE T 210 -112.04 -20.04 -36.33
CA PHE T 210 -111.61 -20.98 -35.27
C PHE T 210 -110.15 -21.44 -35.39
N GLU T 211 -109.30 -20.55 -35.89
CA GLU T 211 -107.91 -20.91 -36.26
C GLU T 211 -107.09 -21.09 -35.00
N LEU T 212 -107.25 -22.26 -34.38
CA LEU T 212 -106.83 -22.53 -33.01
C LEU T 212 -105.31 -22.64 -32.91
N GLU T 213 -104.85 -22.82 -31.68
CA GLU T 213 -103.43 -22.76 -31.36
C GLU T 213 -103.21 -23.56 -30.08
N LEU T 214 -102.17 -24.38 -30.06
CA LEU T 214 -101.93 -25.27 -28.93
C LEU T 214 -100.50 -25.15 -28.45
N SER T 215 -100.29 -25.39 -27.17
CA SER T 215 -98.97 -25.47 -26.58
C SER T 215 -99.03 -26.35 -25.35
N TRP T 216 -97.93 -27.01 -25.01
CA TRP T 216 -97.94 -27.83 -23.82
C TRP T 216 -96.57 -27.88 -23.17
N VAL T 217 -96.55 -28.62 -22.07
CA VAL T 217 -95.34 -29.02 -21.36
C VAL T 217 -95.48 -30.50 -21.06
N GLY T 218 -94.41 -31.25 -21.27
CA GLY T 218 -94.54 -32.69 -21.17
C GLY T 218 -93.18 -33.37 -21.22
N GLU T 219 -93.23 -34.71 -21.22
CA GLU T 219 -92.00 -35.49 -21.32
C GLU T 219 -91.39 -35.43 -22.71
N LEU T 220 -92.17 -35.04 -23.72
CA LEU T 220 -91.58 -34.71 -25.00
C LEU T 220 -90.94 -33.34 -25.00
N THR T 221 -91.14 -32.56 -23.95
CA THR T 221 -90.60 -31.22 -23.84
C THR T 221 -89.56 -31.06 -22.75
N ASN T 222 -89.66 -31.86 -21.68
CA ASN T 222 -88.83 -31.75 -20.46
C ASN T 222 -88.91 -30.35 -19.86
N GLY T 223 -90.12 -29.95 -19.48
CA GLY T 223 -90.33 -28.68 -18.80
C GLY T 223 -90.10 -27.46 -19.66
N ARG T 224 -90.81 -27.35 -20.77
CA ARG T 224 -90.61 -26.24 -21.71
C ARG T 224 -91.98 -25.81 -22.21
N HIS T 225 -91.97 -25.03 -23.30
CA HIS T 225 -93.16 -24.71 -24.07
C HIS T 225 -92.83 -24.67 -25.54
N GLU T 226 -93.71 -25.27 -26.34
CA GLU T 226 -93.65 -25.14 -27.78
C GLU T 226 -95.05 -24.96 -28.31
N ILE T 227 -95.24 -23.98 -29.19
CA ILE T 227 -96.27 -24.10 -30.20
C ILE T 227 -95.99 -25.40 -30.95
N VAL T 228 -97.05 -26.11 -31.33
CA VAL T 228 -97.21 -27.54 -31.08
C VAL T 228 -95.94 -28.46 -31.28
N PRO T 229 -95.53 -28.98 -32.47
CA PRO T 229 -94.21 -28.44 -32.83
C PRO T 229 -94.38 -27.57 -34.06
N LYS T 230 -94.78 -28.24 -35.14
CA LYS T 230 -95.92 -27.96 -35.99
C LYS T 230 -96.14 -29.24 -36.81
N ASP T 231 -96.91 -30.19 -36.28
CA ASP T 231 -97.49 -31.22 -37.14
C ASP T 231 -98.89 -31.64 -36.75
N ILE T 232 -99.29 -31.45 -35.49
CA ILE T 232 -100.62 -31.84 -35.08
C ILE T 232 -101.63 -30.84 -35.61
N ARG T 233 -101.17 -29.64 -35.99
CA ARG T 233 -102.00 -28.68 -36.71
C ARG T 233 -102.48 -29.21 -38.06
N GLU T 234 -101.78 -30.19 -38.64
CA GLU T 234 -102.34 -30.93 -39.76
C GLU T 234 -102.69 -32.37 -39.39
N GLU T 235 -102.82 -32.64 -38.09
CA GLU T 235 -103.25 -33.97 -37.66
C GLU T 235 -104.51 -33.83 -36.81
N ALA T 236 -104.55 -32.80 -35.96
CA ALA T 236 -105.76 -32.54 -35.19
C ALA T 236 -106.75 -31.68 -35.97
N GLU T 237 -106.32 -31.11 -37.10
CA GLU T 237 -107.26 -30.58 -38.08
C GLU T 237 -108.12 -31.68 -38.68
N LYS T 238 -107.63 -32.92 -38.71
CA LYS T 238 -108.40 -34.04 -39.22
C LYS T 238 -109.46 -34.53 -38.24
N TYR T 239 -109.74 -33.80 -37.17
CA TYR T 239 -110.96 -34.00 -36.39
C TYR T 239 -112.05 -33.03 -36.78
N ALA T 240 -112.13 -32.70 -38.07
CA ALA T 240 -113.37 -32.19 -38.63
C ALA T 240 -114.27 -33.38 -38.94
N LYS T 241 -115.57 -33.10 -39.14
CA LYS T 241 -116.75 -33.95 -39.35
C LYS T 241 -117.21 -34.60 -38.03
N GLU T 242 -116.44 -34.53 -36.94
CA GLU T 242 -117.01 -34.85 -35.64
C GLU T 242 -117.79 -33.66 -35.07
N SER T 243 -117.59 -32.48 -35.65
CA SER T 243 -118.47 -31.36 -35.33
C SER T 243 -119.43 -31.08 -36.47
N LEU T 244 -119.26 -31.76 -37.61
CA LEU T 244 -120.16 -31.61 -38.74
C LEU T 244 -121.07 -32.83 -38.94
N LYS T 245 -121.14 -33.72 -37.96
CA LYS T 245 -122.01 -34.89 -38.02
C LYS T 245 -122.41 -35.35 -36.63
N SER U 2 -132.13 13.74 12.85
CA SER U 2 -130.74 13.27 12.81
C SER U 2 -130.68 11.76 12.80
N ARG U 3 -131.71 11.12 12.26
CA ARG U 3 -131.70 9.66 12.12
C ARG U 3 -131.65 9.24 10.66
N GLY U 4 -132.58 9.77 9.85
CA GLY U 4 -132.57 9.50 8.43
C GLY U 4 -132.01 10.67 7.65
N SER U 5 -131.59 11.70 8.36
CA SER U 5 -130.93 12.86 7.76
C SER U 5 -129.49 12.48 7.45
N SER U 6 -129.30 11.75 6.36
CA SER U 6 -128.01 11.16 5.98
C SER U 6 -127.08 12.28 5.53
N ALA U 7 -125.79 12.12 5.85
CA ALA U 7 -124.76 13.04 5.40
C ALA U 7 -124.15 12.48 4.12
N GLY U 8 -125.01 12.11 3.18
CA GLY U 8 -124.53 11.79 1.85
C GLY U 8 -124.07 10.36 1.71
N PHE U 9 -122.76 10.16 1.79
CA PHE U 9 -122.15 8.89 1.45
C PHE U 9 -121.95 8.05 2.71
N ASP U 10 -123.08 7.67 3.31
CA ASP U 10 -123.03 6.79 4.46
C ASP U 10 -122.87 5.33 4.06
N ARG U 11 -123.55 4.90 3.02
CA ARG U 11 -123.46 3.53 2.54
C ARG U 11 -122.47 3.37 1.40
N HIS U 12 -121.54 4.31 1.24
CA HIS U 12 -120.52 4.24 0.21
C HIS U 12 -119.12 4.20 0.79
N ILE U 13 -118.86 4.98 1.82
CA ILE U 13 -117.54 5.16 2.40
C ILE U 13 -117.62 4.67 3.84
N THR U 14 -116.51 4.17 4.35
CA THR U 14 -116.44 3.74 5.75
C THR U 14 -116.38 4.99 6.63
N ILE U 15 -117.53 5.64 6.79
CA ILE U 15 -117.68 6.80 7.66
C ILE U 15 -118.94 6.61 8.49
N PHE U 16 -119.10 7.49 9.48
CA PHE U 16 -120.23 7.42 10.38
C PHE U 16 -121.50 7.89 9.71
N SER U 17 -122.52 7.06 9.78
CA SER U 17 -123.88 7.44 9.41
C SER U 17 -124.49 8.16 10.62
N PRO U 18 -125.73 8.65 10.52
CA PRO U 18 -126.47 8.99 11.74
C PRO U 18 -126.70 7.75 12.60
N GLU U 19 -126.96 8.01 13.89
CA GLU U 19 -127.07 7.04 14.99
C GLU U 19 -125.91 6.03 15.03
N GLY U 20 -124.72 6.47 14.64
CA GLY U 20 -123.59 5.55 14.57
C GLY U 20 -123.78 4.61 13.39
N ARG U 21 -123.37 3.35 13.58
CA ARG U 21 -123.63 2.24 12.67
C ARG U 21 -123.07 2.53 11.26
N LEU U 22 -121.74 2.52 11.19
CA LEU U 22 -121.08 2.72 9.91
C LEU U 22 -121.41 1.55 8.99
N TYR U 23 -122.01 1.87 7.85
CA TYR U 23 -122.59 0.85 6.97
C TYR U 23 -121.56 0.25 6.02
N GLN U 24 -120.45 -0.26 6.53
CA GLN U 24 -119.57 -1.03 5.68
C GLN U 24 -119.20 -2.35 6.32
N VAL U 25 -119.10 -2.38 7.64
CA VAL U 25 -118.65 -3.60 8.29
C VAL U 25 -119.77 -4.65 8.32
N GLU U 26 -121.03 -4.23 8.46
CA GLU U 26 -122.11 -5.20 8.34
C GLU U 26 -122.43 -5.50 6.89
N TYR U 27 -122.03 -4.63 5.96
CA TYR U 27 -122.01 -5.05 4.57
C TYR U 27 -120.85 -5.98 4.29
N ALA U 28 -119.78 -5.90 5.08
CA ALA U 28 -118.69 -6.85 4.99
C ALA U 28 -118.96 -8.13 5.77
N PHE U 29 -119.80 -8.07 6.79
CA PHE U 29 -120.22 -9.28 7.47
C PHE U 29 -121.08 -10.14 6.55
N LYS U 30 -121.99 -9.51 5.81
CA LYS U 30 -122.79 -10.26 4.84
C LYS U 30 -121.96 -10.80 3.69
N ALA U 31 -120.74 -10.29 3.50
CA ALA U 31 -119.86 -10.85 2.49
C ALA U 31 -119.27 -12.18 2.93
N ILE U 32 -119.17 -12.45 4.23
CA ILE U 32 -118.56 -13.73 4.60
C ILE U 32 -119.53 -14.88 4.50
N ASN U 33 -120.83 -14.60 4.31
CA ASN U 33 -121.81 -15.63 4.08
C ASN U 33 -121.96 -15.99 2.61
N GLN U 34 -121.09 -15.49 1.74
CA GLN U 34 -121.23 -15.76 0.32
C GLN U 34 -120.75 -17.17 -0.01
N GLY U 35 -121.69 -17.98 -0.49
CA GLY U 35 -121.44 -19.39 -0.74
C GLY U 35 -121.56 -20.17 0.55
N GLY U 36 -120.52 -20.08 1.37
CA GLY U 36 -120.59 -20.59 2.72
C GLY U 36 -120.02 -21.99 2.84
N LEU U 37 -118.78 -22.07 3.29
CA LEU U 37 -118.15 -23.34 3.63
C LEU U 37 -117.68 -23.20 5.07
N THR U 38 -118.27 -24.00 5.95
CA THR U 38 -118.60 -23.51 7.29
C THR U 38 -117.74 -24.18 8.35
N SER U 39 -117.06 -23.37 9.16
CA SER U 39 -116.16 -23.88 10.19
C SER U 39 -116.82 -23.73 11.56
N VAL U 40 -116.47 -24.67 12.43
CA VAL U 40 -116.86 -24.67 13.84
C VAL U 40 -115.55 -24.86 14.63
N ALA U 41 -115.37 -24.19 15.77
CA ALA U 41 -114.13 -24.30 16.57
C ALA U 41 -114.33 -25.20 17.80
N VAL U 42 -113.45 -26.17 18.02
CA VAL U 42 -113.56 -27.10 19.15
C VAL U 42 -112.46 -26.75 20.17
N ARG U 43 -112.77 -26.68 21.46
CA ARG U 43 -111.73 -26.38 22.46
C ARG U 43 -111.55 -27.61 23.35
N GLY U 44 -110.33 -28.09 23.57
CA GLY U 44 -110.15 -29.27 24.41
C GLY U 44 -109.33 -29.02 25.66
N LYS U 45 -109.74 -29.47 26.84
CA LYS U 45 -108.82 -29.06 27.89
C LYS U 45 -107.39 -29.47 27.57
N ASP U 46 -107.20 -30.28 26.54
CA ASP U 46 -105.87 -30.64 26.09
C ASP U 46 -105.71 -30.71 24.58
N CYS U 47 -106.73 -30.35 23.81
CA CYS U 47 -106.74 -30.56 22.37
C CYS U 47 -107.72 -29.60 21.73
N ALA U 48 -107.22 -28.64 20.97
CA ALA U 48 -108.10 -27.79 20.18
C ALA U 48 -108.22 -28.42 18.80
N VAL U 49 -109.30 -29.18 18.59
CA VAL U 49 -109.61 -29.76 17.30
C VAL U 49 -110.11 -28.65 16.40
N ILE U 50 -110.11 -28.83 15.06
CA ILE U 50 -110.72 -27.89 14.09
C ILE U 50 -111.73 -28.61 13.20
N VAL U 51 -112.97 -28.05 13.07
CA VAL U 51 -113.80 -28.67 12.03
C VAL U 51 -114.31 -27.63 11.05
N THR U 52 -114.44 -28.05 9.79
CA THR U 52 -115.10 -27.26 8.77
C THR U 52 -115.66 -28.17 7.69
N GLN U 53 -116.68 -27.67 6.99
CA GLN U 53 -117.18 -28.34 5.80
C GLN U 53 -116.67 -27.64 4.55
N LYS U 54 -116.42 -28.46 3.55
CA LYS U 54 -115.80 -28.10 2.28
C LYS U 54 -116.44 -28.91 1.15
N LYS U 55 -117.06 -28.22 0.20
CA LYS U 55 -117.77 -28.88 -0.88
C LYS U 55 -117.05 -28.60 -2.20
N VAL U 56 -116.67 -29.67 -2.89
CA VAL U 56 -116.13 -29.57 -4.24
C VAL U 56 -117.31 -29.52 -5.21
N PRO U 57 -117.28 -28.68 -6.25
CA PRO U 57 -118.45 -28.56 -7.13
C PRO U 57 -118.70 -29.76 -8.00
N ASP U 58 -117.70 -30.23 -8.75
CA ASP U 58 -117.99 -30.99 -9.97
C ASP U 58 -117.10 -32.20 -10.21
N LYS U 59 -116.27 -32.59 -9.24
CA LYS U 59 -115.23 -33.62 -9.39
C LYS U 59 -114.30 -33.29 -10.56
N LEU U 60 -113.97 -32.00 -10.69
CA LEU U 60 -112.97 -31.54 -11.64
C LEU U 60 -111.94 -30.64 -10.98
N LEU U 61 -112.30 -29.94 -9.91
CA LEU U 61 -111.36 -29.37 -8.97
C LEU U 61 -110.42 -30.43 -8.41
N ASP U 62 -109.21 -30.00 -8.08
CA ASP U 62 -108.35 -30.85 -7.28
C ASP U 62 -108.73 -30.66 -5.82
N SER U 63 -109.22 -31.74 -5.21
CA SER U 63 -109.78 -31.62 -3.87
C SER U 63 -108.71 -31.37 -2.82
N SER U 64 -107.47 -31.73 -3.10
CA SER U 64 -106.39 -31.43 -2.17
C SER U 64 -106.05 -29.94 -2.17
N THR U 65 -106.15 -29.29 -3.33
CA THR U 65 -105.77 -27.88 -3.41
C THR U 65 -106.81 -26.95 -2.81
N VAL U 66 -108.08 -27.27 -2.95
CA VAL U 66 -109.14 -26.47 -2.32
C VAL U 66 -109.22 -26.86 -0.84
N THR U 67 -109.14 -25.85 0.01
CA THR U 67 -109.11 -26.02 1.46
C THR U 67 -109.36 -24.66 2.07
N HIS U 68 -109.55 -24.62 3.39
CA HIS U 68 -109.45 -23.36 4.09
C HIS U 68 -108.31 -23.37 5.10
N LEU U 69 -108.41 -24.11 6.20
CA LEU U 69 -107.33 -24.87 6.86
C LEU U 69 -105.85 -24.51 6.62
N PHE U 70 -105.48 -23.24 6.71
CA PHE U 70 -104.09 -22.90 6.46
C PHE U 70 -103.27 -23.05 7.73
N LYS U 71 -101.96 -23.10 7.54
CA LYS U 71 -101.00 -23.29 8.61
C LYS U 71 -100.22 -21.99 8.75
N ILE U 72 -100.32 -21.34 9.90
CA ILE U 72 -99.59 -20.11 10.12
C ILE U 72 -98.14 -20.40 10.45
N THR U 73 -97.92 -21.27 11.41
CA THR U 73 -96.59 -21.63 11.84
C THR U 73 -96.63 -23.06 12.35
N GLU U 74 -95.60 -23.48 13.10
CA GLU U 74 -95.57 -24.83 13.62
C GLU U 74 -96.45 -25.02 14.84
N ASN U 75 -97.13 -23.97 15.30
CA ASN U 75 -97.99 -24.08 16.47
C ASN U 75 -99.37 -23.46 16.28
N ILE U 76 -99.58 -22.71 15.21
CA ILE U 76 -100.82 -21.98 15.00
C ILE U 76 -101.39 -22.39 13.65
N GLY U 77 -102.62 -22.91 13.67
CA GLY U 77 -103.37 -23.14 12.46
C GLY U 77 -104.54 -22.17 12.40
N CYS U 78 -105.17 -22.13 11.23
CA CYS U 78 -106.28 -21.21 11.05
C CYS U 78 -107.23 -21.76 10.01
N VAL U 79 -108.47 -21.28 10.07
CA VAL U 79 -109.49 -21.62 9.09
C VAL U 79 -110.42 -20.42 8.97
N MET U 80 -110.82 -20.12 7.75
CA MET U 80 -111.58 -18.90 7.48
C MET U 80 -112.71 -19.21 6.53
N THR U 81 -113.83 -18.51 6.73
CA THR U 81 -115.07 -18.84 6.03
C THR U 81 -115.56 -17.69 5.16
N GLY U 82 -114.75 -16.66 4.99
CA GLY U 82 -115.18 -15.53 4.20
C GLY U 82 -115.13 -15.80 2.72
N MET U 83 -115.21 -14.72 1.95
CA MET U 83 -114.95 -14.85 0.52
C MET U 83 -113.49 -15.20 0.30
N THR U 84 -113.27 -16.28 -0.43
CA THR U 84 -111.96 -16.90 -0.52
C THR U 84 -110.96 -16.10 -1.33
N ALA U 85 -111.40 -15.06 -2.04
CA ALA U 85 -110.45 -14.11 -2.59
C ALA U 85 -109.75 -13.34 -1.48
N ASP U 86 -110.52 -12.84 -0.50
CA ASP U 86 -109.96 -12.06 0.58
C ASP U 86 -109.30 -12.93 1.65
N SER U 87 -109.40 -14.24 1.53
CA SER U 87 -108.83 -15.11 2.55
C SER U 87 -107.30 -15.13 2.45
N ARG U 88 -106.76 -15.44 1.26
CA ARG U 88 -105.32 -15.64 1.17
C ARG U 88 -104.54 -14.35 1.24
N SER U 89 -105.18 -13.21 1.02
CA SER U 89 -104.49 -11.95 1.30
C SER U 89 -104.39 -11.72 2.80
N GLN U 90 -105.30 -12.31 3.57
CA GLN U 90 -105.27 -12.13 5.02
C GLN U 90 -104.36 -13.15 5.69
N VAL U 91 -104.32 -14.38 5.18
CA VAL U 91 -103.52 -15.40 5.84
C VAL U 91 -102.04 -15.19 5.54
N GLN U 92 -101.71 -14.56 4.41
CA GLN U 92 -100.32 -14.32 4.08
C GLN U 92 -99.74 -13.23 4.96
N ARG U 93 -100.55 -12.24 5.33
CA ARG U 93 -100.09 -11.24 6.25
C ARG U 93 -99.98 -11.80 7.67
N ALA U 94 -100.80 -12.80 8.00
CA ALA U 94 -100.68 -13.43 9.31
C ALA U 94 -99.43 -14.29 9.40
N ARG U 95 -99.07 -14.99 8.32
CA ARG U 95 -97.79 -15.68 8.25
C ARG U 95 -96.64 -14.69 8.32
N TYR U 96 -96.82 -13.53 7.69
CA TYR U 96 -95.80 -12.50 7.68
C TYR U 96 -95.56 -11.94 9.07
N GLU U 97 -96.64 -11.71 9.83
CA GLU U 97 -96.45 -11.18 11.18
C GLU U 97 -96.05 -12.25 12.18
N ALA U 98 -96.33 -13.51 11.88
CA ALA U 98 -95.82 -14.58 12.73
C ALA U 98 -94.31 -14.71 12.58
N ALA U 99 -93.83 -14.81 11.34
CA ALA U 99 -92.39 -14.91 11.13
C ALA U 99 -91.69 -13.62 11.50
N ASN U 100 -92.38 -12.49 11.36
CA ASN U 100 -91.79 -11.22 11.77
C ASN U 100 -91.72 -11.13 13.29
N TRP U 101 -92.67 -11.73 13.99
CA TRP U 101 -92.59 -11.79 15.44
C TRP U 101 -91.44 -12.66 15.89
N LYS U 102 -91.24 -13.79 15.21
CA LYS U 102 -90.17 -14.69 15.62
C LYS U 102 -88.81 -14.11 15.29
N TYR U 103 -88.70 -13.32 14.22
CA TYR U 103 -87.45 -12.64 13.96
C TYR U 103 -87.24 -11.43 14.84
N LYS U 104 -88.31 -10.76 15.24
CA LYS U 104 -88.15 -9.49 15.94
C LYS U 104 -88.13 -9.64 17.45
N TYR U 105 -88.85 -10.62 18.00
CA TYR U 105 -88.95 -10.75 19.45
C TYR U 105 -88.58 -12.14 19.94
N GLY U 106 -87.78 -12.89 19.19
CA GLY U 106 -87.27 -14.12 19.77
C GLY U 106 -88.19 -15.30 19.64
N TYR U 107 -88.97 -15.55 20.67
CA TYR U 107 -89.84 -16.72 20.77
C TYR U 107 -90.93 -16.70 19.70
N GLU U 108 -91.48 -17.88 19.44
CA GLU U 108 -92.56 -18.01 18.48
C GLU U 108 -93.81 -17.37 19.05
N ILE U 109 -94.57 -16.69 18.19
CA ILE U 109 -95.67 -15.82 18.59
C ILE U 109 -96.78 -16.66 19.24
N PRO U 110 -97.31 -16.24 20.38
CA PRO U 110 -98.48 -16.91 20.92
C PRO U 110 -99.73 -16.42 20.22
N VAL U 111 -100.77 -17.24 20.33
CA VAL U 111 -101.92 -17.17 19.42
C VAL U 111 -102.75 -15.91 19.59
N ASP U 112 -102.73 -15.27 20.76
CA ASP U 112 -103.66 -14.17 21.02
C ASP U 112 -103.29 -12.89 20.27
N MET U 113 -102.07 -12.38 20.45
CA MET U 113 -101.80 -11.08 19.86
C MET U 113 -101.50 -11.16 18.37
N LEU U 114 -101.34 -12.37 17.82
CA LEU U 114 -101.44 -12.53 16.38
C LEU U 114 -102.81 -12.11 15.89
N CYS U 115 -103.85 -12.61 16.55
CA CYS U 115 -105.20 -12.24 16.19
C CYS U 115 -105.52 -10.81 16.57
N LYS U 116 -104.87 -10.26 17.60
CA LYS U 116 -104.94 -8.83 17.86
C LYS U 116 -104.35 -8.03 16.71
N ARG U 117 -103.24 -8.52 16.14
CA ARG U 117 -102.55 -7.73 15.14
C ARG U 117 -103.27 -7.77 13.79
N ILE U 118 -103.76 -8.94 13.38
CA ILE U 118 -104.52 -8.97 12.13
C ILE U 118 -105.89 -8.33 12.33
N ALA U 119 -106.41 -8.36 13.56
CA ALA U 119 -107.58 -7.56 13.89
C ALA U 119 -107.28 -6.07 13.80
N ASP U 120 -106.03 -5.69 14.02
CA ASP U 120 -105.69 -4.27 14.02
C ASP U 120 -105.46 -3.76 12.60
N ILE U 121 -104.90 -4.60 11.72
CA ILE U 121 -104.81 -4.15 10.34
C ILE U 121 -106.18 -4.21 9.67
N SER U 122 -107.05 -5.11 10.13
CA SER U 122 -108.42 -5.05 9.64
C SER U 122 -109.13 -3.81 10.18
N GLN U 123 -108.75 -3.35 11.38
CA GLN U 123 -109.25 -2.08 11.88
C GLN U 123 -108.82 -0.94 10.98
N VAL U 124 -107.55 -0.90 10.59
CA VAL U 124 -107.11 0.23 9.78
C VAL U 124 -107.63 0.10 8.36
N TYR U 125 -108.11 -1.08 7.96
CA TYR U 125 -108.96 -1.14 6.79
C TYR U 125 -110.28 -0.42 7.03
N THR U 126 -110.93 -0.66 8.18
CA THR U 126 -112.22 -0.03 8.43
C THR U 126 -112.12 1.28 9.20
N GLN U 127 -110.96 1.94 9.17
CA GLN U 127 -110.78 3.27 9.73
C GLN U 127 -110.51 4.29 8.62
N ASN U 128 -109.48 4.03 7.82
CA ASN U 128 -109.25 4.80 6.61
C ASN U 128 -110.35 4.49 5.59
N ALA U 129 -110.57 5.44 4.69
CA ALA U 129 -111.38 5.22 3.50
C ALA U 129 -110.49 4.58 2.42
N GLU U 130 -110.97 4.61 1.16
CA GLU U 130 -110.28 4.11 -0.07
C GLU U 130 -109.74 2.69 0.05
N MET U 131 -110.33 1.88 0.92
CA MET U 131 -110.04 0.45 0.97
C MET U 131 -111.23 -0.26 1.58
N ARG U 132 -111.57 -1.41 1.04
CA ARG U 132 -112.71 -2.07 1.65
C ARG U 132 -112.24 -2.98 2.78
N PRO U 133 -113.01 -3.09 3.84
CA PRO U 133 -112.67 -4.07 4.87
C PRO U 133 -112.92 -5.48 4.35
N LEU U 134 -111.85 -6.24 4.16
CA LEU U 134 -111.95 -7.48 3.41
C LEU U 134 -112.70 -8.55 4.21
N GLY U 135 -113.64 -9.19 3.55
CA GLY U 135 -114.61 -10.03 4.21
C GLY U 135 -114.16 -11.45 4.47
N CYS U 136 -113.32 -11.66 5.48
CA CYS U 136 -113.06 -13.01 5.96
C CYS U 136 -112.72 -12.93 7.44
N CYS U 137 -113.24 -13.87 8.21
CA CYS U 137 -112.99 -13.95 9.64
C CYS U 137 -112.11 -15.17 9.93
N MET U 138 -111.18 -15.00 10.85
CA MET U 138 -110.09 -15.96 11.06
C MET U 138 -110.31 -16.74 12.35
N ILE U 139 -111.03 -17.86 12.24
CA ILE U 139 -110.95 -18.88 13.29
C ILE U 139 -109.53 -19.41 13.31
N LEU U 140 -108.80 -19.15 14.38
CA LEU U 140 -107.42 -19.60 14.46
C LEU U 140 -107.12 -20.09 15.86
N ILE U 141 -106.47 -21.26 15.93
CA ILE U 141 -106.25 -21.97 17.18
C ILE U 141 -104.77 -21.92 17.52
N GLY U 142 -104.42 -22.43 18.69
CA GLY U 142 -103.02 -22.57 19.00
C GLY U 142 -102.78 -22.68 20.49
N ILE U 143 -101.63 -23.24 20.84
CA ILE U 143 -101.28 -23.54 22.23
C ILE U 143 -100.02 -22.78 22.56
N ASP U 144 -99.99 -22.15 23.73
CA ASP U 144 -98.78 -21.59 24.30
C ASP U 144 -98.35 -22.41 25.52
N GLU U 145 -97.18 -22.07 26.06
CA GLU U 145 -96.62 -22.82 27.17
C GLU U 145 -97.43 -22.61 28.45
N GLU U 146 -97.91 -21.38 28.68
CA GLU U 146 -98.52 -21.04 29.96
C GLU U 146 -99.93 -21.59 30.08
N GLN U 147 -100.82 -21.17 29.19
CA GLN U 147 -102.21 -21.55 29.31
C GLN U 147 -102.50 -22.80 28.48
N GLY U 148 -103.80 -23.12 28.40
CA GLY U 148 -104.30 -24.22 27.61
C GLY U 148 -104.32 -23.90 26.13
N PRO U 149 -104.92 -24.77 25.33
CA PRO U 149 -105.21 -24.41 23.95
C PRO U 149 -106.19 -23.24 23.88
N GLN U 150 -105.94 -22.33 22.95
CA GLN U 150 -106.83 -21.20 22.70
C GLN U 150 -107.38 -21.25 21.28
N VAL U 151 -108.41 -20.45 21.07
CA VAL U 151 -109.03 -20.25 19.77
C VAL U 151 -109.53 -18.80 19.72
N TYR U 152 -109.43 -18.18 18.55
CA TYR U 152 -109.81 -16.79 18.40
C TYR U 152 -110.49 -16.58 17.06
N LYS U 153 -111.24 -15.49 16.97
CA LYS U 153 -111.80 -15.08 15.69
C LYS U 153 -111.83 -13.56 15.64
N CYS U 154 -111.00 -12.99 14.79
CA CYS U 154 -111.19 -11.59 14.43
C CYS U 154 -112.19 -11.47 13.29
N ASP U 155 -113.11 -10.55 13.46
CA ASP U 155 -114.12 -10.31 12.43
C ASP U 155 -113.52 -9.35 11.40
N PRO U 156 -114.19 -9.07 10.28
CA PRO U 156 -113.73 -7.98 9.41
C PRO U 156 -113.83 -6.57 10.01
N ALA U 157 -114.30 -6.41 11.24
CA ALA U 157 -114.23 -5.12 11.90
C ALA U 157 -113.06 -5.03 12.87
N GLY U 158 -112.44 -6.15 13.22
CA GLY U 158 -111.32 -6.14 14.12
C GLY U 158 -111.64 -6.48 15.55
N TYR U 159 -112.78 -7.10 15.81
CA TYR U 159 -113.18 -7.39 17.18
C TYR U 159 -112.95 -8.86 17.49
N TYR U 160 -111.72 -9.19 17.83
CA TYR U 160 -111.36 -10.51 18.33
C TYR U 160 -111.91 -10.63 19.75
N CYS U 161 -112.31 -11.84 20.14
CA CYS U 161 -112.97 -11.98 21.43
C CYS U 161 -112.21 -12.87 22.39
N GLY U 162 -111.89 -14.06 21.93
CA GLY U 162 -111.41 -15.10 22.83
C GLY U 162 -112.57 -16.02 23.11
N PHE U 163 -112.63 -17.15 22.42
CA PHE U 163 -113.85 -17.94 22.39
C PHE U 163 -113.60 -19.24 23.12
N LYS U 164 -114.67 -19.84 23.66
CA LYS U 164 -114.52 -21.17 24.19
C LYS U 164 -114.41 -22.05 22.93
N ALA U 165 -115.37 -21.86 22.02
CA ALA U 165 -115.45 -22.51 20.70
C ALA U 165 -116.60 -21.86 19.97
N THR U 166 -116.39 -20.91 19.06
CA THR U 166 -117.48 -20.31 18.28
C THR U 166 -117.02 -20.42 16.82
N ALA U 167 -117.85 -20.89 15.88
CA ALA U 167 -117.45 -20.99 14.45
C ALA U 167 -118.45 -20.12 13.67
N ALA U 168 -118.04 -19.23 12.75
CA ALA U 168 -119.00 -18.40 11.97
C ALA U 168 -118.75 -18.77 10.49
N GLY U 169 -119.78 -18.86 9.65
CA GLY U 169 -119.63 -19.31 8.26
C GLY U 169 -121.06 -19.11 7.79
N VAL U 170 -121.77 -20.15 7.39
CA VAL U 170 -123.18 -20.04 6.98
C VAL U 170 -123.93 -20.84 8.03
N LYS U 171 -125.06 -20.36 8.53
CA LYS U 171 -125.58 -21.12 9.68
C LYS U 171 -124.65 -20.97 10.89
N GLN U 172 -124.35 -19.72 11.23
CA GLN U 172 -123.58 -19.45 12.44
C GLN U 172 -124.44 -19.55 13.69
N THR U 173 -125.68 -19.07 13.61
CA THR U 173 -126.53 -18.97 14.79
C THR U 173 -127.01 -20.33 15.27
N GLU U 174 -127.36 -21.22 14.33
CA GLU U 174 -127.76 -22.57 14.68
C GLU U 174 -126.61 -23.34 15.30
N SER U 175 -125.40 -23.10 14.79
CA SER U 175 -124.22 -23.76 15.31
C SER U 175 -123.88 -23.31 16.73
N THR U 176 -123.86 -22.00 16.97
CA THR U 176 -123.58 -21.53 18.31
C THR U 176 -124.71 -21.80 19.28
N SER U 177 -125.94 -21.97 18.78
CA SER U 177 -127.02 -22.40 19.66
C SER U 177 -126.84 -23.87 20.05
N PHE U 178 -126.41 -24.71 19.10
CA PHE U 178 -126.17 -26.11 19.41
C PHE U 178 -124.98 -26.27 20.36
N LEU U 179 -123.93 -25.49 20.14
CA LEU U 179 -122.77 -25.57 21.03
C LEU U 179 -123.08 -25.02 22.40
N GLU U 180 -123.90 -23.97 22.48
CA GLU U 180 -124.28 -23.45 23.79
C GLU U 180 -125.17 -24.43 24.54
N LYS U 181 -126.04 -25.13 23.83
CA LYS U 181 -126.87 -26.14 24.48
C LYS U 181 -126.06 -27.38 24.82
N LYS U 182 -124.91 -27.59 24.17
CA LYS U 182 -124.10 -28.78 24.41
C LYS U 182 -122.75 -28.46 25.06
N VAL U 183 -122.67 -27.34 25.77
CA VAL U 183 -121.50 -27.04 26.60
C VAL U 183 -121.89 -26.80 28.05
N LYS U 184 -123.16 -26.48 28.33
CA LYS U 184 -123.64 -26.26 29.68
C LYS U 184 -123.77 -27.55 30.48
N LYS U 185 -123.71 -28.70 29.79
CA LYS U 185 -123.62 -30.00 30.43
C LYS U 185 -122.33 -30.16 31.22
N LYS U 186 -121.20 -29.82 30.64
CA LYS U 186 -119.92 -29.80 31.35
C LYS U 186 -119.24 -28.47 31.11
N PHE U 187 -119.37 -27.55 32.06
CA PHE U 187 -118.65 -26.28 31.97
C PHE U 187 -117.15 -26.45 32.12
N ASP U 188 -116.70 -27.53 32.75
CA ASP U 188 -115.29 -27.91 32.77
C ASP U 188 -114.75 -28.32 31.41
N TRP U 189 -115.50 -29.15 30.67
CA TRP U 189 -115.39 -29.32 29.22
C TRP U 189 -114.02 -29.88 28.82
N THR U 190 -113.77 -31.14 29.20
CA THR U 190 -112.52 -31.76 28.77
C THR U 190 -112.57 -32.32 27.35
N PHE U 191 -113.30 -33.42 27.13
CA PHE U 191 -113.70 -33.97 25.83
C PHE U 191 -112.58 -34.00 24.80
N GLU U 192 -111.56 -34.83 25.07
CA GLU U 192 -110.43 -34.92 24.16
C GLU U 192 -110.82 -35.59 22.86
N GLN U 193 -111.74 -36.55 22.90
CA GLN U 193 -112.12 -37.26 21.69
C GLN U 193 -112.97 -36.38 20.78
N THR U 194 -113.80 -35.52 21.38
CA THR U 194 -114.67 -34.53 20.69
C THR U 194 -115.51 -35.19 19.60
N VAL U 195 -115.98 -36.41 19.89
CA VAL U 195 -116.66 -37.18 18.85
C VAL U 195 -118.13 -36.82 18.82
N GLU U 196 -118.70 -36.38 19.94
CA GLU U 196 -120.09 -36.00 20.04
C GLU U 196 -120.27 -34.50 19.96
N THR U 197 -119.21 -33.75 19.70
CA THR U 197 -119.27 -32.29 19.64
C THR U 197 -118.85 -31.74 18.30
N ALA U 198 -117.72 -32.20 17.76
CA ALA U 198 -117.08 -31.52 16.64
C ALA U 198 -117.86 -31.71 15.35
N ILE U 199 -118.05 -32.95 14.93
CA ILE U 199 -118.77 -33.20 13.69
C ILE U 199 -120.27 -33.02 13.90
N THR U 200 -120.76 -33.36 15.09
CA THR U 200 -122.20 -33.38 15.36
C THR U 200 -122.81 -31.99 15.36
N CYS U 201 -122.00 -30.94 15.52
CA CYS U 201 -122.52 -29.60 15.29
C CYS U 201 -122.90 -29.40 13.84
N LEU U 202 -122.06 -29.88 12.91
CA LEU U 202 -122.41 -29.81 11.51
C LEU U 202 -123.56 -30.73 11.15
N SER U 203 -123.52 -31.99 11.61
CA SER U 203 -124.56 -32.93 11.23
C SER U 203 -125.90 -32.66 11.90
N THR U 204 -125.92 -31.90 13.00
CA THR U 204 -127.19 -31.46 13.57
C THR U 204 -127.64 -30.10 13.07
N VAL U 205 -126.73 -29.26 12.57
CA VAL U 205 -127.19 -28.01 11.99
C VAL U 205 -127.74 -28.23 10.59
N LEU U 206 -126.95 -28.85 9.71
CA LEU U 206 -127.34 -28.86 8.31
C LEU U 206 -127.66 -30.24 7.76
N SER U 207 -127.49 -31.29 8.57
CA SER U 207 -128.08 -32.62 8.37
C SER U 207 -127.62 -33.29 7.07
N ILE U 208 -126.33 -33.60 6.99
CA ILE U 208 -125.78 -34.37 5.88
C ILE U 208 -125.22 -35.71 6.34
N ASP U 209 -124.74 -35.80 7.58
CA ASP U 209 -124.11 -36.98 8.20
C ASP U 209 -122.99 -37.54 7.32
N PHE U 210 -121.94 -36.70 7.25
CA PHE U 210 -120.93 -36.71 6.21
C PHE U 210 -120.18 -38.03 6.07
N LYS U 211 -119.86 -38.37 4.82
CA LYS U 211 -118.77 -39.26 4.50
C LYS U 211 -117.45 -38.52 4.76
N PRO U 212 -116.31 -39.23 4.92
CA PRO U 212 -115.08 -38.53 5.32
C PRO U 212 -114.38 -37.67 4.27
N SER U 213 -115.06 -37.34 3.18
CA SER U 213 -114.44 -36.48 2.18
C SER U 213 -114.60 -35.00 2.52
N GLU U 214 -115.83 -34.54 2.72
CA GLU U 214 -116.14 -33.12 2.70
C GLU U 214 -115.75 -32.37 3.97
N ILE U 215 -115.25 -33.05 4.98
CA ILE U 215 -114.95 -32.43 6.27
C ILE U 215 -113.45 -32.32 6.42
N GLU U 216 -112.97 -31.12 6.76
CA GLU U 216 -111.58 -30.91 7.10
C GLU U 216 -111.45 -30.66 8.59
N VAL U 217 -110.49 -31.33 9.22
CA VAL U 217 -110.29 -31.29 10.65
C VAL U 217 -108.82 -30.99 10.92
N GLY U 218 -108.57 -29.95 11.71
CA GLY U 218 -107.19 -29.65 12.08
C GLY U 218 -106.95 -29.60 13.58
N VAL U 219 -106.24 -30.56 14.13
CA VAL U 219 -106.11 -30.66 15.57
C VAL U 219 -104.81 -29.99 16.01
N VAL U 220 -104.79 -29.52 17.26
CA VAL U 220 -103.56 -29.38 18.03
C VAL U 220 -103.79 -30.03 19.39
N THR U 221 -102.73 -30.63 19.94
CA THR U 221 -102.79 -31.28 21.23
C THR U 221 -101.72 -30.70 22.13
N VAL U 222 -101.94 -30.80 23.44
CA VAL U 222 -100.90 -30.37 24.39
C VAL U 222 -99.71 -31.31 24.32
N GLU U 223 -99.96 -32.61 24.14
CA GLU U 223 -98.88 -33.57 24.01
C GLU U 223 -98.12 -33.43 22.69
N ASN U 224 -98.71 -32.78 21.69
CA ASN U 224 -98.05 -32.60 20.39
C ASN U 224 -98.59 -31.32 19.78
N PRO U 225 -97.92 -30.18 20.03
CA PRO U 225 -98.49 -28.89 19.62
C PRO U 225 -98.38 -28.57 18.15
N LYS U 226 -97.81 -29.46 17.33
CA LYS U 226 -97.73 -29.20 15.90
C LYS U 226 -99.10 -29.32 15.27
N PHE U 227 -99.43 -28.34 14.43
CA PHE U 227 -100.74 -28.29 13.79
C PHE U 227 -100.83 -29.39 12.72
N ARG U 228 -101.84 -30.25 12.84
CA ARG U 228 -101.97 -31.40 11.98
C ARG U 228 -103.33 -31.40 11.29
N ILE U 229 -103.31 -31.51 9.96
CA ILE U 229 -104.52 -31.64 9.16
C ILE U 229 -104.76 -33.13 8.94
N LEU U 230 -105.96 -33.59 9.25
CA LEU U 230 -106.23 -35.02 9.24
C LEU U 230 -106.70 -35.50 7.88
N THR U 231 -106.61 -36.82 7.67
CA THR U 231 -106.89 -37.46 6.39
C THR U 231 -108.09 -38.39 6.56
N GLU U 232 -108.57 -39.02 5.46
CA GLU U 232 -109.82 -39.79 5.53
C GLU U 232 -109.70 -41.06 6.36
N ALA U 233 -108.48 -41.52 6.66
CA ALA U 233 -108.35 -42.69 7.53
C ALA U 233 -108.76 -42.35 8.96
N GLU U 234 -108.07 -41.40 9.58
CA GLU U 234 -108.34 -41.05 10.97
C GLU U 234 -109.65 -40.28 11.14
N ILE U 235 -110.06 -39.48 10.15
CA ILE U 235 -111.37 -38.88 10.26
C ILE U 235 -112.45 -39.93 9.96
N ASP U 236 -112.10 -41.00 9.24
CA ASP U 236 -113.08 -42.05 9.02
C ASP U 236 -113.32 -42.86 10.28
N ALA U 237 -112.26 -43.14 11.04
CA ALA U 237 -112.44 -43.73 12.36
C ALA U 237 -113.17 -42.78 13.29
N HIS U 238 -112.92 -41.48 13.14
CA HIS U 238 -113.63 -40.46 13.91
C HIS U 238 -115.12 -40.43 13.56
N LEU U 239 -115.48 -40.74 12.31
CA LEU U 239 -116.89 -40.73 11.93
C LEU U 239 -117.60 -42.02 12.28
N VAL U 240 -116.94 -43.17 12.16
CA VAL U 240 -117.57 -44.41 12.57
C VAL U 240 -117.61 -44.55 14.08
N ALA U 241 -116.92 -43.69 14.82
CA ALA U 241 -117.12 -43.55 16.25
C ALA U 241 -118.44 -42.85 16.62
N LEU U 242 -119.21 -42.39 15.64
CA LEU U 242 -120.56 -41.88 15.88
C LEU U 242 -121.55 -43.02 15.69
N THR V 44 -63.97 0.08 35.71
CA THR V 44 -65.41 -0.13 35.55
C THR V 44 -65.70 -1.59 35.27
N THR V 45 -65.24 -2.47 36.15
CA THR V 45 -65.46 -3.89 35.97
C THR V 45 -66.91 -4.24 36.22
N ILE V 46 -67.40 -5.29 35.58
CA ILE V 46 -68.77 -5.73 35.75
C ILE V 46 -68.81 -7.24 35.70
N ALA V 47 -69.74 -7.85 36.44
CA ALA V 47 -69.81 -9.30 36.45
C ALA V 47 -71.24 -9.75 36.75
N GLY V 48 -71.48 -11.04 36.54
CA GLY V 48 -72.75 -11.66 36.83
C GLY V 48 -72.69 -13.18 36.76
N VAL V 49 -73.32 -13.87 37.70
CA VAL V 49 -73.22 -15.31 37.87
C VAL V 49 -74.62 -15.90 37.97
N VAL V 50 -74.90 -16.93 37.19
CA VAL V 50 -76.17 -17.64 37.31
C VAL V 50 -76.02 -18.71 38.40
N TYR V 51 -77.11 -18.99 39.10
CA TYR V 51 -77.14 -20.00 40.14
C TYR V 51 -78.55 -20.60 40.16
N LYS V 52 -78.77 -21.52 41.11
CA LYS V 52 -79.92 -22.42 41.08
C LYS V 52 -81.25 -21.68 41.08
N ASP V 53 -81.38 -20.65 41.92
CA ASP V 53 -82.61 -19.87 41.89
C ASP V 53 -82.59 -18.85 40.77
N GLY V 54 -81.44 -18.23 40.50
CA GLY V 54 -81.49 -17.02 39.69
C GLY V 54 -80.17 -16.52 39.15
N ILE V 55 -79.94 -15.21 39.21
CA ILE V 55 -78.68 -14.61 38.81
C ILE V 55 -78.29 -13.57 39.84
N VAL V 56 -77.00 -13.25 39.86
CA VAL V 56 -76.43 -12.20 40.68
C VAL V 56 -75.56 -11.35 39.77
N LEU V 57 -75.99 -10.12 39.51
CA LEU V 57 -75.17 -9.19 38.76
C LEU V 57 -74.21 -8.48 39.72
N GLY V 58 -73.56 -7.43 39.26
CA GLY V 58 -72.69 -6.70 40.15
C GLY V 58 -71.73 -5.78 39.44
N ALA V 59 -71.47 -4.62 40.01
CA ALA V 59 -70.60 -3.63 39.39
C ALA V 59 -69.97 -2.79 40.47
N ASP V 60 -68.82 -2.20 40.14
CA ASP V 60 -68.22 -1.17 40.96
C ASP V 60 -68.80 0.17 40.55
N THR V 61 -68.75 1.14 41.45
CA THR V 61 -69.41 2.43 41.23
C THR V 61 -68.36 3.53 41.16
N ARG V 62 -67.79 3.71 39.98
CA ARG V 62 -66.92 4.85 39.70
C ARG V 62 -66.84 5.06 38.20
N ALA V 63 -67.01 6.30 37.77
CA ALA V 63 -66.95 6.69 36.35
C ALA V 63 -65.81 7.68 36.17
N THR V 64 -64.79 7.29 35.43
CA THR V 64 -63.58 8.08 35.31
C THR V 64 -63.36 8.53 33.88
N GLU V 65 -63.74 9.77 33.58
CA GLU V 65 -63.43 10.36 32.28
C GLU V 65 -61.97 10.79 32.29
N GLY V 66 -61.26 10.47 31.22
CA GLY V 66 -59.83 10.74 31.18
C GLY V 66 -59.11 9.85 32.18
N MET V 67 -58.25 10.47 32.99
CA MET V 67 -57.63 9.78 34.12
C MET V 67 -57.98 10.44 35.44
N VAL V 68 -59.22 10.85 35.63
CA VAL V 68 -59.68 11.41 36.88
C VAL V 68 -61.15 11.00 37.06
N VAL V 69 -61.50 10.59 38.26
CA VAL V 69 -62.88 10.23 38.56
C VAL V 69 -63.76 11.47 38.55
N ALA V 70 -64.76 11.45 37.67
CA ALA V 70 -65.75 12.50 37.58
C ALA V 70 -66.81 12.35 38.66
N ASP V 71 -67.13 11.12 39.03
CA ASP V 71 -68.20 10.83 39.98
C ASP V 71 -67.87 9.51 40.67
N LYS V 72 -67.95 9.53 41.99
CA LYS V 72 -67.51 8.42 42.82
C LYS V 72 -68.61 7.43 43.19
N ASN V 73 -69.85 7.64 42.75
CA ASN V 73 -70.94 6.74 43.13
C ASN V 73 -72.01 6.83 42.05
N CYS V 74 -71.99 5.89 41.11
CA CYS V 74 -73.01 5.83 40.07
C CYS V 74 -73.49 4.40 39.89
N SER V 75 -74.80 4.25 39.70
CA SER V 75 -75.38 2.95 39.43
C SER V 75 -75.01 2.51 38.03
N LYS V 76 -74.42 1.33 37.91
CA LYS V 76 -74.21 0.70 36.62
C LYS V 76 -75.19 -0.43 36.35
N ILE V 77 -76.05 -0.73 37.32
CA ILE V 77 -76.99 -1.86 37.21
C ILE V 77 -78.32 -1.22 36.87
N HIS V 78 -78.66 -1.20 35.59
CA HIS V 78 -79.78 -0.40 35.12
C HIS V 78 -81.05 -1.23 35.04
N PHE V 79 -82.16 -0.60 35.39
CA PHE V 79 -83.47 -1.20 35.25
C PHE V 79 -83.80 -1.38 33.77
N ILE V 80 -84.42 -2.50 33.43
CA ILE V 80 -85.12 -2.61 32.16
C ILE V 80 -86.54 -3.05 32.46
N SER V 81 -86.70 -3.81 33.53
CA SER V 81 -87.86 -4.68 33.68
C SER V 81 -87.86 -5.22 35.11
N PRO V 82 -89.03 -5.55 35.65
CA PRO V 82 -89.04 -6.18 36.98
C PRO V 82 -88.44 -7.57 37.04
N ASN V 83 -88.12 -8.19 35.91
CA ASN V 83 -87.38 -9.44 35.92
C ASN V 83 -86.06 -9.39 35.18
N ILE V 84 -85.72 -8.26 34.55
CA ILE V 84 -84.51 -8.14 33.75
C ILE V 84 -83.76 -6.92 34.22
N TYR V 85 -82.59 -7.12 34.79
CA TYR V 85 -81.62 -6.04 34.93
C TYR V 85 -80.46 -6.28 33.98
N CYS V 86 -80.03 -5.23 33.33
CA CYS V 86 -78.81 -5.26 32.54
C CYS V 86 -77.68 -4.68 33.36
N CYS V 87 -76.57 -4.41 32.69
CA CYS V 87 -75.40 -3.82 33.30
C CYS V 87 -74.85 -2.80 32.31
N GLY V 88 -73.61 -2.36 32.50
CA GLY V 88 -73.05 -1.43 31.54
C GLY V 88 -71.57 -1.15 31.65
N ALA V 89 -70.89 -1.13 30.51
CA ALA V 89 -69.49 -0.75 30.45
C ALA V 89 -69.21 -0.14 29.08
N GLY V 90 -68.04 0.47 28.96
CA GLY V 90 -67.68 1.16 27.74
C GLY V 90 -67.96 2.63 27.83
N THR V 91 -68.83 3.16 26.98
CA THR V 91 -69.17 4.56 27.06
C THR V 91 -70.25 4.75 28.12
N ALA V 92 -70.05 5.72 29.00
CA ALA V 92 -70.95 5.87 30.14
C ALA V 92 -72.31 6.40 29.72
N ALA V 93 -72.40 7.08 28.59
CA ALA V 93 -73.69 7.61 28.18
C ALA V 93 -74.42 6.66 27.25
N ASP V 94 -73.67 5.89 26.46
CA ASP V 94 -74.30 5.03 25.46
C ASP V 94 -75.02 3.86 26.10
N THR V 95 -74.49 3.33 27.20
CA THR V 95 -75.20 2.31 27.96
C THR V 95 -76.49 2.87 28.55
N ASP V 96 -76.43 4.10 29.07
CA ASP V 96 -77.63 4.76 29.60
C ASP V 96 -78.70 4.88 28.54
N MET V 97 -78.35 5.40 27.36
CA MET V 97 -79.38 5.65 26.36
C MET V 97 -79.87 4.35 25.73
N THR V 98 -79.00 3.36 25.58
CA THR V 98 -79.46 2.11 24.98
C THR V 98 -80.35 1.33 25.94
N THR V 99 -80.18 1.52 27.25
CA THR V 99 -81.07 0.80 28.15
C THR V 99 -82.28 1.60 28.57
N GLN V 100 -82.27 2.93 28.37
CA GLN V 100 -83.54 3.63 28.41
C GLN V 100 -84.38 3.28 27.21
N LEU V 101 -83.76 3.12 26.04
CA LEU V 101 -84.54 2.82 24.84
C LEU V 101 -85.07 1.40 24.88
N ILE V 102 -84.23 0.44 25.26
CA ILE V 102 -84.72 -0.94 25.33
C ILE V 102 -85.57 -1.17 26.57
N SER V 103 -85.38 -0.38 27.63
CA SER V 103 -86.28 -0.46 28.77
C SER V 103 -87.67 0.03 28.41
N SER V 104 -87.75 1.19 27.76
CA SER V 104 -89.03 1.78 27.40
C SER V 104 -89.75 0.94 26.35
N ASN V 105 -89.01 0.55 25.30
CA ASN V 105 -89.59 -0.25 24.23
C ASN V 105 -89.97 -1.63 24.73
N LEU V 106 -89.20 -2.16 25.67
CA LEU V 106 -89.50 -3.49 26.18
C LEU V 106 -90.72 -3.48 27.09
N GLU V 107 -90.89 -2.46 27.94
CA GLU V 107 -92.05 -2.55 28.80
C GLU V 107 -93.31 -2.08 28.08
N LEU V 108 -93.16 -1.31 27.00
CA LEU V 108 -94.25 -1.14 26.05
C LEU V 108 -94.63 -2.49 25.43
N HIS V 109 -93.62 -3.30 25.08
CA HIS V 109 -93.88 -4.62 24.54
C HIS V 109 -94.56 -5.53 25.54
N SER V 110 -94.14 -5.48 26.80
CA SER V 110 -94.67 -6.37 27.81
C SER V 110 -96.09 -6.01 28.19
N LEU V 111 -96.41 -4.72 28.26
CA LEU V 111 -97.79 -4.36 28.53
C LEU V 111 -98.62 -4.41 27.25
N SER V 112 -97.98 -4.58 26.09
CA SER V 112 -98.74 -4.96 24.92
C SER V 112 -99.10 -6.44 24.95
N THR V 113 -98.19 -7.30 25.42
CA THR V 113 -98.50 -8.72 25.52
C THR V 113 -99.36 -9.01 26.75
N GLY V 114 -99.13 -8.28 27.83
CA GLY V 114 -99.81 -8.52 29.08
C GLY V 114 -99.04 -9.37 30.07
N ARG V 115 -98.24 -10.31 29.60
CA ARG V 115 -97.46 -11.17 30.48
C ARG V 115 -96.14 -10.49 30.83
N LEU V 116 -95.36 -11.17 31.66
CA LEU V 116 -94.05 -10.66 31.99
C LEU V 116 -93.11 -10.85 30.80
N PRO V 117 -92.21 -9.90 30.54
CA PRO V 117 -91.38 -9.99 29.35
C PRO V 117 -90.24 -10.97 29.54
N ARG V 118 -89.94 -11.69 28.47
CA ARG V 118 -88.87 -12.66 28.52
C ARG V 118 -87.52 -11.96 28.35
N VAL V 119 -86.45 -12.66 28.69
CA VAL V 119 -85.12 -12.05 28.62
C VAL V 119 -84.46 -12.33 27.27
N VAL V 120 -85.03 -13.21 26.46
CA VAL V 120 -84.50 -13.44 25.13
C VAL V 120 -84.77 -12.25 24.23
N THR V 121 -85.94 -11.63 24.37
CA THR V 121 -86.25 -10.49 23.52
C THR V 121 -85.47 -9.24 23.90
N ALA V 122 -84.99 -9.15 25.14
CA ALA V 122 -84.09 -8.06 25.48
C ALA V 122 -82.73 -8.27 24.83
N ASN V 123 -82.26 -9.51 24.81
CA ASN V 123 -81.04 -9.88 24.12
C ASN V 123 -81.14 -9.57 22.64
N ARG V 124 -82.28 -9.88 22.02
CA ARG V 124 -82.36 -9.70 20.58
C ARG V 124 -82.63 -8.25 20.20
N MET V 125 -83.30 -7.48 21.06
CA MET V 125 -83.45 -6.06 20.75
C MET V 125 -82.15 -5.30 20.96
N LEU V 126 -81.39 -5.65 22.01
CA LEU V 126 -80.06 -5.06 22.16
C LEU V 126 -79.11 -5.50 21.07
N LYS V 127 -79.25 -6.74 20.60
CA LYS V 127 -78.38 -7.24 19.54
C LYS V 127 -78.67 -6.54 18.23
N GLN V 128 -79.94 -6.50 17.82
CA GLN V 128 -80.25 -5.95 16.51
C GLN V 128 -80.19 -4.43 16.50
N MET V 129 -80.54 -3.79 17.62
CA MET V 129 -80.46 -2.33 17.63
C MET V 129 -79.03 -1.87 17.84
N LEU V 130 -78.24 -2.64 18.56
CA LEU V 130 -76.85 -2.26 18.77
C LEU V 130 -75.97 -2.64 17.59
N PHE V 131 -76.44 -3.53 16.72
CA PHE V 131 -75.63 -3.93 15.57
C PHE V 131 -75.67 -2.92 14.45
N ARG V 132 -76.84 -2.34 14.17
CA ARG V 132 -76.95 -1.53 12.97
C ARG V 132 -76.32 -0.16 13.10
N TYR V 133 -75.77 0.19 14.25
CA TYR V 133 -74.93 1.37 14.37
C TYR V 133 -73.45 1.03 14.24
N GLN V 134 -73.15 -0.18 13.77
CA GLN V 134 -71.82 -0.63 13.35
C GLN V 134 -70.79 -0.58 14.48
N GLY V 135 -71.22 -0.66 15.72
CA GLY V 135 -70.29 -0.61 16.82
C GLY V 135 -69.81 0.76 17.20
N TYR V 136 -70.43 1.82 16.67
CA TYR V 136 -70.09 3.17 17.10
C TYR V 136 -70.50 3.40 18.54
N ILE V 137 -71.65 2.85 18.95
CA ILE V 137 -71.98 2.77 20.36
C ILE V 137 -71.02 1.81 21.05
N GLY V 138 -70.25 2.32 22.00
CA GLY V 138 -69.44 1.44 22.81
C GLY V 138 -70.18 1.10 24.08
N ALA V 139 -70.90 -0.02 24.06
CA ALA V 139 -71.68 -0.45 25.23
C ALA V 139 -71.44 -1.95 25.41
N ALA V 140 -70.40 -2.29 26.14
CA ALA V 140 -70.17 -3.68 26.51
C ALA V 140 -70.97 -3.95 27.77
N LEU V 141 -72.24 -4.29 27.58
CA LEU V 141 -73.13 -4.52 28.69
C LEU V 141 -73.51 -6.00 28.76
N VAL V 142 -73.73 -6.48 29.98
CA VAL V 142 -74.32 -7.79 30.16
C VAL V 142 -75.71 -7.60 30.72
N LEU V 143 -76.54 -8.61 30.53
CA LEU V 143 -77.91 -8.53 31.01
C LEU V 143 -78.34 -9.91 31.42
N GLY V 144 -79.17 -9.98 32.45
CA GLY V 144 -79.60 -11.25 32.97
C GLY V 144 -81.05 -11.20 33.39
N GLY V 145 -81.64 -12.37 33.47
CA GLY V 145 -83.04 -12.41 33.83
C GLY V 145 -83.56 -13.75 34.27
N VAL V 146 -84.49 -13.71 35.21
CA VAL V 146 -85.30 -14.86 35.55
C VAL V 146 -86.60 -14.74 34.77
N ASP V 147 -86.99 -15.83 34.12
CA ASP V 147 -87.98 -15.87 33.07
CA ASP V 147 -88.18 -15.75 33.28
C ASP V 147 -88.88 -17.09 33.30
N VAL V 148 -89.89 -17.24 32.44
CA VAL V 148 -90.70 -18.44 32.44
C VAL V 148 -89.94 -19.67 31.96
N THR V 149 -88.87 -19.49 31.19
CA THR V 149 -88.07 -20.63 30.78
C THR V 149 -87.07 -20.99 31.87
N GLY V 150 -86.13 -20.11 32.17
CA GLY V 150 -85.17 -20.33 33.21
C GLY V 150 -84.29 -19.12 33.42
N PRO V 151 -83.68 -19.01 34.59
CA PRO V 151 -82.79 -17.87 34.85
C PRO V 151 -81.51 -17.98 34.05
N HIS V 152 -81.26 -16.99 33.20
CA HIS V 152 -80.06 -17.01 32.38
C HIS V 152 -79.69 -15.60 31.97
N LEU V 153 -78.42 -15.44 31.61
CA LEU V 153 -77.85 -14.14 31.34
C LEU V 153 -77.07 -14.17 30.03
N TYR V 154 -76.96 -13.00 29.41
CA TYR V 154 -76.23 -12.82 28.17
C TYR V 154 -75.22 -11.70 28.32
N SER V 155 -74.24 -11.67 27.43
CA SER V 155 -73.28 -10.59 27.33
C SER V 155 -73.40 -9.94 25.96
N ILE V 156 -73.30 -8.62 25.89
CA ILE V 156 -73.46 -7.90 24.64
C ILE V 156 -72.17 -7.13 24.39
N TYR V 157 -71.38 -7.57 23.43
CA TYR V 157 -70.20 -6.82 23.05
C TYR V 157 -70.61 -5.63 22.18
N PRO V 158 -69.80 -4.56 22.15
CA PRO V 158 -70.26 -3.32 21.51
C PRO V 158 -70.43 -3.40 19.99
N HIS V 159 -69.96 -4.45 19.34
CA HIS V 159 -70.27 -4.63 17.92
C HIS V 159 -71.54 -5.43 17.69
N GLY V 160 -72.07 -6.08 18.72
CA GLY V 160 -73.32 -6.79 18.58
C GLY V 160 -73.19 -8.29 18.57
N SER V 161 -72.26 -8.82 19.36
CA SER V 161 -72.07 -10.26 19.46
C SER V 161 -72.51 -10.73 20.83
N THR V 162 -73.43 -11.69 20.86
CA THR V 162 -74.10 -12.13 22.08
C THR V 162 -73.63 -13.52 22.46
N ASP V 163 -73.54 -13.74 23.77
CA ASP V 163 -73.03 -14.99 24.32
C ASP V 163 -73.90 -15.42 25.49
N LYS V 164 -74.54 -16.57 25.37
CA LYS V 164 -75.14 -17.20 26.53
C LYS V 164 -74.03 -17.84 27.35
N LEU V 165 -73.87 -17.41 28.60
CA LEU V 165 -72.83 -17.92 29.45
C LEU V 165 -73.35 -18.13 30.85
N PRO V 166 -72.71 -19.00 31.64
CA PRO V 166 -73.02 -19.05 33.06
C PRO V 166 -72.46 -17.88 33.83
N TYR V 167 -71.39 -17.25 33.34
CA TYR V 167 -70.76 -16.15 34.04
C TYR V 167 -70.02 -15.28 33.05
N VAL V 168 -70.17 -13.96 33.21
CA VAL V 168 -69.67 -12.97 32.27
C VAL V 168 -68.96 -11.87 33.03
N THR V 169 -68.06 -11.17 32.32
CA THR V 169 -67.36 -9.99 32.84
C THR V 169 -67.09 -9.02 31.70
N MET V 170 -67.71 -7.84 31.72
CA MET V 170 -67.35 -6.78 30.78
C MET V 170 -66.50 -5.71 31.46
N GLY V 171 -66.10 -4.71 30.68
CA GLY V 171 -65.23 -3.67 31.17
C GLY V 171 -63.77 -4.08 31.11
N SER V 172 -62.90 -3.17 31.54
CA SER V 172 -61.48 -3.49 31.66
C SER V 172 -61.26 -4.47 32.81
N GLY V 173 -61.99 -4.26 33.91
CA GLY V 173 -61.90 -5.10 35.08
C GLY V 173 -62.36 -6.54 34.90
N SER V 174 -62.87 -6.89 33.71
CA SER V 174 -62.98 -8.25 33.21
C SER V 174 -61.78 -9.09 33.59
N LEU V 175 -60.61 -8.57 33.22
CA LEU V 175 -59.38 -9.32 33.45
C LEU V 175 -59.10 -9.45 34.95
N ALA V 176 -59.48 -8.46 35.73
CA ALA V 176 -59.29 -8.56 37.17
C ALA V 176 -60.39 -9.35 37.86
N ALA V 177 -61.41 -9.79 37.12
CA ALA V 177 -62.55 -10.46 37.75
C ALA V 177 -62.98 -11.69 37.00
N MET V 178 -62.14 -12.20 36.10
CA MET V 178 -62.46 -13.44 35.41
C MET V 178 -61.75 -14.61 36.04
N ALA V 179 -60.57 -14.36 36.60
CA ALA V 179 -59.79 -15.42 37.22
C ALA V 179 -60.43 -15.92 38.51
N VAL V 180 -61.21 -15.07 39.17
CA VAL V 180 -61.91 -15.45 40.39
C VAL V 180 -63.25 -16.08 40.04
N PHE V 181 -63.51 -16.26 38.75
CA PHE V 181 -64.52 -17.18 38.26
C PHE V 181 -63.91 -18.44 37.69
N GLU V 182 -62.61 -18.64 37.86
CA GLU V 182 -61.98 -19.82 37.29
C GLU V 182 -61.29 -20.67 38.33
N ASP V 183 -61.08 -20.17 39.53
CA ASP V 183 -60.63 -21.03 40.61
C ASP V 183 -61.73 -21.48 41.54
N LYS V 184 -62.76 -20.65 41.75
CA LYS V 184 -63.72 -20.90 42.81
C LYS V 184 -65.16 -20.83 42.31
N PHE V 185 -65.38 -20.92 41.01
CA PHE V 185 -66.73 -21.03 40.48
C PHE V 185 -67.11 -22.50 40.36
N ARG V 186 -68.31 -22.82 40.79
CA ARG V 186 -68.90 -24.13 40.66
C ARG V 186 -70.30 -23.99 40.09
N PRO V 187 -70.69 -24.85 39.15
CA PRO V 187 -72.07 -24.83 38.66
C PRO V 187 -73.03 -25.30 39.74
N ASP V 188 -74.26 -24.82 39.65
CA ASP V 188 -75.40 -25.23 40.47
C ASP V 188 -75.11 -24.99 41.96
N MET V 189 -74.88 -23.72 42.27
CA MET V 189 -74.40 -23.30 43.58
C MET V 189 -75.44 -22.44 44.27
N GLU V 190 -75.38 -22.39 45.60
CA GLU V 190 -76.42 -21.76 46.36
C GLU V 190 -76.17 -20.25 46.44
N GLU V 191 -77.26 -19.51 46.70
CA GLU V 191 -77.34 -18.06 46.55
C GLU V 191 -76.31 -17.31 47.39
N GLU V 192 -76.02 -17.78 48.60
CA GLU V 192 -75.23 -16.96 49.51
C GLU V 192 -73.76 -16.92 49.11
N GLU V 193 -73.18 -18.06 48.74
CA GLU V 193 -71.82 -18.01 48.26
C GLU V 193 -71.72 -17.61 46.81
N ALA V 194 -72.85 -17.46 46.11
CA ALA V 194 -72.83 -16.79 44.81
C ALA V 194 -72.78 -15.29 44.97
N LYS V 195 -73.53 -14.76 45.93
CA LYS V 195 -73.41 -13.36 46.32
C LYS V 195 -72.01 -13.06 46.83
N ASN V 196 -71.46 -13.96 47.64
CA ASN V 196 -70.09 -13.81 48.11
C ASN V 196 -69.11 -13.96 46.95
N LEU V 197 -69.45 -14.79 45.96
CA LEU V 197 -68.60 -14.98 44.80
C LEU V 197 -68.51 -13.71 43.95
N VAL V 198 -69.66 -13.10 43.65
CA VAL V 198 -69.67 -11.91 42.81
C VAL V 198 -69.09 -10.72 43.57
N SER V 199 -69.30 -10.67 44.89
CA SER V 199 -68.66 -9.62 45.68
C SER V 199 -67.16 -9.81 45.74
N GLU V 200 -66.68 -11.05 45.69
CA GLU V 200 -65.25 -11.27 45.64
C GLU V 200 -64.70 -11.00 44.24
N ALA V 201 -65.54 -11.12 43.22
CA ALA V 201 -65.08 -10.83 41.87
C ALA V 201 -64.95 -9.34 41.63
N ILE V 202 -66.01 -8.59 41.94
CA ILE V 202 -65.95 -7.14 41.82
C ILE V 202 -64.94 -6.56 42.78
N ALA V 203 -64.84 -7.14 43.99
CA ALA V 203 -63.80 -6.75 44.94
C ALA V 203 -62.40 -7.10 44.46
N ALA V 204 -62.28 -8.10 43.58
CA ALA V 204 -61.03 -8.36 42.91
C ALA V 204 -60.85 -7.50 41.68
N GLY V 205 -61.87 -6.74 41.28
CA GLY V 205 -61.69 -5.75 40.25
C GLY V 205 -61.41 -4.38 40.85
N ILE V 206 -61.70 -4.23 42.13
CA ILE V 206 -61.37 -3.01 42.86
C ILE V 206 -59.86 -2.89 43.04
N PHE V 207 -59.26 -3.91 43.63
CA PHE V 207 -57.95 -3.77 44.25
C PHE V 207 -56.79 -3.76 43.28
N ASN V 208 -56.96 -4.21 42.04
CA ASN V 208 -55.85 -4.19 41.11
C ASN V 208 -56.30 -3.82 39.70
N ASP V 209 -57.13 -2.79 39.61
CA ASP V 209 -57.44 -2.22 38.31
C ASP V 209 -57.58 -0.71 38.49
N LEU V 210 -57.21 0.03 37.45
CA LEU V 210 -57.32 1.47 37.50
C LEU V 210 -58.66 1.97 37.01
N GLY V 211 -59.56 1.08 36.63
CA GLY V 211 -60.95 1.42 36.50
C GLY V 211 -61.70 0.90 37.69
N SER V 212 -61.09 1.07 38.86
CA SER V 212 -61.64 0.59 40.12
C SER V 212 -62.89 1.37 40.48
N GLY V 213 -63.54 0.95 41.56
CA GLY V 213 -64.72 1.61 42.04
C GLY V 213 -64.61 1.93 43.51
N SER V 214 -65.53 2.78 43.96
CA SER V 214 -65.61 3.06 45.39
C SER V 214 -66.13 1.85 46.14
N ASN V 215 -67.31 1.38 45.78
CA ASN V 215 -68.00 0.36 46.54
C ASN V 215 -68.82 -0.52 45.62
N ILE V 216 -69.06 -1.74 46.06
CA ILE V 216 -69.74 -2.74 45.26
C ILE V 216 -71.24 -2.65 45.51
N ASP V 217 -72.01 -2.50 44.44
CA ASP V 217 -73.43 -2.79 44.50
C ASP V 217 -73.74 -3.95 43.57
N LEU V 218 -74.71 -4.77 43.96
CA LEU V 218 -75.01 -5.96 43.19
C LEU V 218 -76.48 -6.30 43.38
N CYS V 219 -77.10 -6.76 42.31
CA CYS V 219 -78.49 -7.16 42.34
C CYS V 219 -78.59 -8.68 42.33
N VAL V 220 -79.57 -9.21 43.06
CA VAL V 220 -79.84 -10.62 43.10
C VAL V 220 -81.24 -10.82 42.56
N ILE V 221 -81.34 -11.38 41.37
CA ILE V 221 -82.62 -11.60 40.71
C ILE V 221 -82.97 -13.07 40.88
N SER V 222 -83.98 -13.35 41.68
CA SER V 222 -84.41 -14.72 41.94
C SER V 222 -85.73 -14.98 41.23
N LYS V 223 -86.32 -16.13 41.50
CA LYS V 223 -87.61 -16.47 40.88
C LYS V 223 -88.74 -15.61 41.41
N ASN V 224 -88.82 -15.46 42.74
CA ASN V 224 -89.92 -14.72 43.37
C ASN V 224 -89.54 -13.31 43.77
N LYS V 225 -88.36 -13.08 44.33
CA LYS V 225 -87.99 -11.77 44.81
C LYS V 225 -86.84 -11.21 43.99
N LEU V 226 -86.85 -9.90 43.82
CA LEU V 226 -85.72 -9.15 43.29
C LEU V 226 -85.09 -8.40 44.45
N ASP V 227 -83.76 -8.38 44.48
CA ASP V 227 -83.02 -7.69 45.53
C ASP V 227 -81.99 -6.79 44.84
N PHE V 228 -82.43 -5.61 44.45
CA PHE V 228 -81.49 -4.58 43.99
C PHE V 228 -81.01 -3.85 45.22
N LEU V 229 -79.86 -4.25 45.72
CA LEU V 229 -79.28 -3.59 46.87
C LEU V 229 -78.10 -2.72 46.44
N ARG V 230 -78.19 -1.45 46.81
CA ARG V 230 -77.09 -0.52 46.65
C ARG V 230 -76.26 -0.66 47.93
N PRO V 231 -75.12 0.06 48.05
CA PRO V 231 -73.84 -0.68 48.16
C PRO V 231 -73.79 -1.91 49.06
N TYR V 232 -73.21 -2.99 48.53
CA TYR V 232 -73.15 -4.23 49.26
C TYR V 232 -72.07 -4.16 50.35
N THR V 233 -70.84 -3.93 49.95
CA THR V 233 -69.76 -3.62 50.88
C THR V 233 -69.11 -2.31 50.45
N VAL V 234 -68.61 -1.57 51.43
CA VAL V 234 -67.81 -0.39 51.12
C VAL V 234 -66.42 -0.67 51.66
N PRO V 235 -65.51 -1.21 50.84
CA PRO V 235 -64.14 -1.44 51.29
C PRO V 235 -63.24 -0.22 51.25
N ASN V 236 -63.80 0.96 50.95
CA ASN V 236 -62.99 2.16 50.72
C ASN V 236 -63.65 3.32 51.46
N LYS V 237 -63.18 3.60 52.66
CA LYS V 237 -63.62 4.76 53.42
C LYS V 237 -62.95 6.01 52.87
N LYS V 238 -63.45 7.17 53.30
CA LYS V 238 -62.88 8.45 52.86
C LYS V 238 -61.59 8.76 53.60
N GLY V 239 -61.52 8.33 54.86
CA GLY V 239 -60.45 8.77 55.73
C GLY V 239 -60.97 9.87 56.64
N THR V 240 -60.10 10.80 57.02
CA THR V 240 -60.53 11.92 57.84
C THR V 240 -59.66 13.13 57.53
N ARG V 241 -60.19 14.30 57.84
CA ARG V 241 -59.45 15.55 57.75
C ARG V 241 -58.85 15.89 59.09
N LEU V 242 -57.93 16.84 59.10
CA LEU V 242 -57.23 17.26 60.31
C LEU V 242 -57.13 18.78 60.29
N GLY V 243 -57.84 19.44 61.21
CA GLY V 243 -57.75 20.87 61.35
C GLY V 243 -58.81 21.63 60.57
N ARG V 244 -59.55 22.49 61.27
CA ARG V 244 -60.52 23.33 60.60
C ARG V 244 -59.83 24.45 59.84
N TYR V 245 -60.56 25.03 58.88
CA TYR V 245 -59.94 25.87 57.86
C TYR V 245 -60.43 27.32 57.90
N ARG V 246 -61.75 27.54 57.89
CA ARG V 246 -62.28 28.83 57.51
C ARG V 246 -62.52 29.74 58.71
N CYS V 247 -62.54 31.04 58.44
CA CYS V 247 -63.07 32.04 59.36
C CYS V 247 -64.56 32.20 59.08
N GLU V 248 -65.16 33.26 59.60
CA GLU V 248 -66.56 33.57 59.31
C GLU V 248 -66.67 35.00 58.83
N LYS V 249 -67.28 35.17 57.64
CA LYS V 249 -67.42 36.44 56.92
C LYS V 249 -66.06 37.13 56.77
N GLY V 250 -65.13 36.34 56.26
CA GLY V 250 -63.81 36.83 55.90
C GLY V 250 -63.38 36.00 54.72
N THR V 251 -62.10 36.13 54.33
CA THR V 251 -61.41 35.24 53.39
C THR V 251 -62.10 35.34 52.02
N THR V 252 -62.64 36.52 51.73
CA THR V 252 -63.34 36.79 50.48
C THR V 252 -62.97 38.17 49.98
N ALA V 253 -62.86 38.30 48.66
CA ALA V 253 -62.66 39.59 48.01
C ALA V 253 -63.95 39.93 47.29
N VAL V 254 -64.92 40.46 48.02
CA VAL V 254 -66.24 40.72 47.44
C VAL V 254 -66.18 42.03 46.66
N LEU V 255 -66.63 41.99 45.42
CA LEU V 255 -66.59 43.19 44.60
C LEU V 255 -67.96 43.83 44.50
N THR V 256 -69.01 43.04 44.27
CA THR V 256 -70.37 43.57 44.18
C THR V 256 -71.35 42.51 44.62
N GLU V 257 -72.03 42.74 45.74
CA GLU V 257 -73.14 41.89 46.14
C GLU V 257 -74.40 42.25 45.37
N LYS V 258 -75.37 41.33 45.41
CA LYS V 258 -76.70 41.57 44.86
C LYS V 258 -77.65 40.56 45.48
N ILE V 259 -78.74 41.04 46.05
CA ILE V 259 -79.69 40.21 46.77
C ILE V 259 -81.02 40.25 46.04
N THR V 260 -81.66 39.10 45.88
CA THR V 260 -82.96 39.06 45.23
C THR V 260 -83.91 38.13 45.98
N PRO V 261 -85.00 38.64 46.53
CA PRO V 261 -85.98 37.76 47.19
C PRO V 261 -86.82 37.02 46.17
N LEU V 262 -87.48 35.96 46.66
CA LEU V 262 -88.19 35.04 45.78
C LEU V 262 -89.68 34.98 46.03
N GLU V 263 -90.09 34.74 47.28
CA GLU V 263 -91.48 34.39 47.56
C GLU V 263 -92.40 35.60 47.43
N SER W 2 -56.17 20.99 21.56
CA SER W 2 -57.50 20.42 21.64
C SER W 2 -58.56 21.37 21.13
N ILE W 3 -59.83 20.99 21.29
CA ILE W 3 -60.95 21.84 20.95
C ILE W 3 -61.76 22.24 22.18
N MET W 4 -61.62 21.52 23.30
CA MET W 4 -62.23 21.98 24.53
C MET W 4 -61.46 23.13 25.15
N SER W 5 -60.18 23.25 24.83
CA SER W 5 -59.33 24.31 25.34
C SER W 5 -59.36 25.56 24.47
N TYR W 6 -60.43 25.75 23.70
CA TYR W 6 -60.50 26.90 22.80
C TYR W 6 -60.81 28.17 23.58
N ASN W 7 -61.97 28.21 24.25
CA ASN W 7 -62.40 29.38 24.98
C ASN W 7 -62.15 29.30 26.47
N GLY W 8 -61.56 28.20 26.95
CA GLY W 8 -61.36 28.08 28.39
C GLY W 8 -62.67 27.78 29.09
N GLY W 9 -63.00 28.60 30.07
CA GLY W 9 -64.25 28.44 30.80
C GLY W 9 -64.19 27.37 31.87
N ALA W 10 -64.81 27.64 33.02
CA ALA W 10 -64.74 26.73 34.16
C ALA W 10 -65.91 27.02 35.10
N VAL W 11 -66.82 26.07 35.24
CA VAL W 11 -67.94 26.22 36.15
C VAL W 11 -67.91 25.09 37.17
N MET W 12 -68.53 25.34 38.31
CA MET W 12 -68.67 24.32 39.33
C MET W 12 -69.90 24.62 40.17
N ALA W 13 -70.22 23.68 41.03
CA ALA W 13 -71.41 23.78 41.88
C ALA W 13 -71.22 22.84 43.05
N MET W 14 -71.70 23.26 44.22
CA MET W 14 -71.50 22.50 45.43
C MET W 14 -72.57 22.91 46.42
N LYS W 15 -72.95 21.97 47.29
CA LYS W 15 -74.04 22.22 48.22
C LYS W 15 -73.68 21.78 49.63
N GLY W 16 -74.26 22.48 50.60
CA GLY W 16 -74.17 22.08 51.99
C GLY W 16 -75.54 21.75 52.56
N LYS W 17 -76.12 22.73 53.27
CA LYS W 17 -77.51 22.71 53.69
C LYS W 17 -78.40 23.13 52.53
N ASN W 18 -79.59 23.64 52.82
CA ASN W 18 -80.62 23.91 51.80
C ASN W 18 -80.27 24.95 50.74
N CYS W 19 -79.05 25.47 50.73
CA CYS W 19 -78.53 26.30 49.67
C CYS W 19 -77.62 25.50 48.75
N VAL W 20 -77.50 25.94 47.50
CA VAL W 20 -76.41 25.46 46.65
C VAL W 20 -75.56 26.65 46.26
N ALA W 21 -74.50 26.38 45.52
CA ALA W 21 -73.60 27.44 45.08
C ALA W 21 -73.05 27.04 43.73
N ILE W 22 -73.35 27.83 42.71
CA ILE W 22 -72.80 27.60 41.38
C ILE W 22 -71.87 28.77 41.09
N ALA W 23 -70.80 28.52 40.35
CA ALA W 23 -69.80 29.55 40.16
C ALA W 23 -69.10 29.36 38.82
N ALA W 24 -68.93 30.47 38.10
CA ALA W 24 -68.25 30.47 36.81
C ALA W 24 -67.08 31.44 36.87
N ASP W 25 -66.32 31.48 35.78
CA ASP W 25 -65.28 32.48 35.61
C ASP W 25 -65.65 33.40 34.46
N ARG W 26 -65.70 34.69 34.75
CA ARG W 26 -66.13 35.67 33.75
C ARG W 26 -64.95 35.92 32.83
N ARG W 27 -64.87 35.12 31.76
CA ARG W 27 -63.79 35.26 30.78
C ARG W 27 -64.24 34.62 29.48
N PHE W 28 -63.90 35.25 28.37
CA PHE W 28 -64.18 34.72 27.04
C PHE W 28 -63.13 35.21 26.06
N GLY W 29 -62.64 34.30 25.23
CA GLY W 29 -61.76 34.71 24.15
C GLY W 29 -61.12 33.51 23.48
N ILE W 30 -60.15 33.83 22.62
CA ILE W 30 -59.37 32.87 21.85
C ILE W 30 -58.27 32.37 22.80
N GLN W 31 -57.48 31.38 22.36
CA GLN W 31 -56.52 30.66 23.23
C GLN W 31 -55.59 31.58 24.01
N ALA W 32 -55.12 32.65 23.39
CA ALA W 32 -54.23 33.58 24.07
C ALA W 32 -54.90 34.90 24.42
N GLN W 33 -55.99 35.24 23.77
CA GLN W 33 -56.55 36.58 23.80
C GLN W 33 -57.84 36.62 24.61
N MET W 34 -58.03 37.70 25.34
CA MET W 34 -59.25 37.92 26.13
C MET W 34 -60.04 39.03 25.46
N VAL W 35 -61.01 38.66 24.62
CA VAL W 35 -61.73 39.70 23.90
C VAL W 35 -62.80 40.39 24.76
N THR W 36 -63.20 39.79 25.86
CA THR W 36 -64.15 40.42 26.78
C THR W 36 -64.00 39.82 28.17
N THR W 37 -64.59 40.49 29.15
CA THR W 37 -64.60 40.01 30.52
C THR W 37 -65.97 39.51 30.94
N ASP W 38 -67.03 40.28 30.68
CA ASP W 38 -68.38 39.80 30.93
C ASP W 38 -68.74 38.71 29.92
N PHE W 39 -69.14 37.54 30.43
CA PHE W 39 -69.57 36.47 29.57
C PHE W 39 -70.49 35.56 30.37
N GLN W 40 -71.72 35.43 29.90
CA GLN W 40 -72.75 34.71 30.63
C GLN W 40 -72.50 33.21 30.51
N LYS W 41 -72.12 32.57 31.61
CA LYS W 41 -72.02 31.12 31.65
C LYS W 41 -73.05 30.47 32.58
N ILE W 42 -73.54 31.20 33.57
CA ILE W 42 -74.52 30.68 34.49
C ILE W 42 -75.88 31.16 33.99
N PHE W 43 -76.59 30.29 33.30
CA PHE W 43 -77.85 30.65 32.71
C PHE W 43 -78.98 30.28 33.64
N PRO W 44 -79.82 31.23 34.07
CA PRO W 44 -80.99 30.88 34.87
C PRO W 44 -82.05 30.20 34.02
N MET W 45 -82.61 29.11 34.54
CA MET W 45 -83.71 28.45 33.89
C MET W 45 -84.99 28.52 34.72
N GLY W 46 -84.95 28.07 35.97
CA GLY W 46 -86.03 28.25 36.89
C GLY W 46 -85.81 29.48 37.75
N ASP W 47 -86.59 29.58 38.82
CA ASP W 47 -86.33 30.61 39.81
C ASP W 47 -85.08 30.27 40.62
N ARG W 48 -84.89 28.99 40.93
CA ARG W 48 -83.86 28.53 41.83
C ARG W 48 -83.11 27.35 41.23
N LEU W 49 -82.99 27.34 39.91
CA LEU W 49 -82.33 26.24 39.22
C LEU W 49 -81.45 26.84 38.14
N TYR W 50 -80.16 26.90 38.41
CA TYR W 50 -79.22 27.50 37.48
C TYR W 50 -78.44 26.41 36.78
N ILE W 51 -78.31 26.55 35.46
CA ILE W 51 -77.45 25.68 34.68
C ILE W 51 -76.20 26.47 34.32
N GLY W 52 -75.05 25.82 34.41
CA GLY W 52 -73.79 26.47 34.14
C GLY W 52 -73.00 25.66 33.15
N LEU W 53 -72.41 26.35 32.19
CA LEU W 53 -71.84 25.64 31.05
C LEU W 53 -70.41 26.10 30.82
N ALA W 54 -69.63 25.23 30.19
CA ALA W 54 -68.23 25.49 29.96
C ALA W 54 -67.81 24.85 28.64
N GLY W 55 -66.56 25.11 28.25
CA GLY W 55 -66.04 24.57 27.02
C GLY W 55 -66.15 25.55 25.86
N LEU W 56 -66.51 25.03 24.69
CA LEU W 56 -66.58 25.86 23.50
C LEU W 56 -67.78 26.79 23.59
N ALA W 57 -67.54 28.08 23.35
CA ALA W 57 -68.51 29.13 23.70
C ALA W 57 -69.72 29.13 22.77
N THR W 58 -69.54 28.78 21.50
CA THR W 58 -70.71 28.68 20.64
C THR W 58 -71.61 27.52 21.00
N ASP W 59 -71.08 26.48 21.64
CA ASP W 59 -71.96 25.44 22.10
C ASP W 59 -72.64 25.81 23.41
N VAL W 60 -72.01 26.65 24.23
CA VAL W 60 -72.68 26.99 25.47
C VAL W 60 -73.77 28.01 25.22
N GLN W 61 -73.61 28.89 24.23
CA GLN W 61 -74.75 29.74 23.90
C GLN W 61 -75.75 28.99 23.05
N THR W 62 -75.30 28.01 22.26
CA THR W 62 -76.22 27.30 21.39
C THR W 62 -77.15 26.39 22.18
N VAL W 63 -76.62 25.58 23.09
CA VAL W 63 -77.53 24.76 23.87
C VAL W 63 -78.02 25.45 25.12
N ALA W 64 -77.47 26.62 25.46
CA ALA W 64 -78.12 27.44 26.47
C ALA W 64 -79.41 28.01 25.93
N GLN W 65 -79.38 28.57 24.72
CA GLN W 65 -80.60 29.10 24.13
C GLN W 65 -81.53 28.00 23.65
N ARG W 66 -80.97 26.88 23.17
CA ARG W 66 -81.79 25.73 22.81
C ARG W 66 -82.45 25.13 24.03
N LEU W 67 -81.74 25.10 25.15
CA LEU W 67 -82.33 24.55 26.37
C LEU W 67 -83.34 25.51 26.96
N LYS W 68 -83.16 26.82 26.77
CA LYS W 68 -84.20 27.76 27.18
C LYS W 68 -85.43 27.62 26.28
N PHE W 69 -85.23 27.26 25.02
CA PHE W 69 -86.33 26.96 24.11
C PHE W 69 -87.15 25.77 24.60
N ARG W 70 -86.50 24.60 24.72
CA ARG W 70 -87.27 23.41 25.05
C ARG W 70 -87.76 23.42 26.49
N LEU W 71 -86.98 24.01 27.41
CA LEU W 71 -87.42 24.15 28.79
C LEU W 71 -88.60 25.09 28.91
N ASN W 72 -88.50 26.27 28.27
CA ASN W 72 -89.54 27.27 28.33
C ASN W 72 -90.83 26.74 27.72
N LEU W 73 -90.72 26.01 26.62
CA LEU W 73 -91.89 25.42 26.01
C LEU W 73 -92.44 24.27 26.85
N TYR W 74 -91.58 23.61 27.64
CA TYR W 74 -92.08 22.55 28.51
C TYR W 74 -92.89 23.11 29.66
N GLU W 75 -92.37 24.14 30.34
CA GLU W 75 -93.15 24.70 31.43
C GLU W 75 -94.33 25.53 30.94
N LEU W 76 -94.34 25.89 29.66
CA LEU W 76 -95.56 26.44 29.09
C LEU W 76 -96.58 25.35 28.78
N LYS W 77 -96.15 24.17 28.32
CA LYS W 77 -97.09 23.10 28.01
C LYS W 77 -97.71 22.50 29.26
N GLU W 78 -97.06 22.59 30.40
CA GLU W 78 -97.58 22.00 31.63
C GLU W 78 -97.15 22.93 32.76
N GLY W 79 -98.08 23.74 33.24
CA GLY W 79 -97.72 24.87 34.07
C GLY W 79 -97.25 24.52 35.47
N ARG W 80 -95.94 24.62 35.65
CA ARG W 80 -95.23 24.48 36.92
C ARG W 80 -93.78 24.85 36.68
N GLN W 81 -93.07 25.12 37.76
CA GLN W 81 -91.63 25.21 37.66
C GLN W 81 -91.05 23.81 37.43
N ILE W 82 -89.93 23.78 36.72
CA ILE W 82 -89.35 22.51 36.29
C ILE W 82 -88.72 21.80 37.48
N LYS W 83 -89.01 20.51 37.60
CA LYS W 83 -88.29 19.70 38.55
C LYS W 83 -86.88 19.46 38.02
N PRO W 84 -85.84 19.70 38.82
CA PRO W 84 -84.48 19.76 38.24
C PRO W 84 -83.91 18.43 37.79
N TYR W 85 -84.38 17.32 38.35
CA TYR W 85 -84.00 16.00 37.84
C TYR W 85 -84.50 15.82 36.42
N THR W 86 -85.70 16.34 36.14
CA THR W 86 -86.26 16.27 34.80
C THR W 86 -85.47 17.13 33.83
N LEU W 87 -84.97 18.28 34.29
CA LEU W 87 -84.12 19.10 33.43
C LEU W 87 -82.77 18.44 33.19
N MET W 88 -82.26 17.68 34.17
CA MET W 88 -81.09 16.86 33.94
C MET W 88 -81.35 15.83 32.85
N SER W 89 -82.54 15.22 32.86
CA SER W 89 -82.89 14.29 31.79
C SER W 89 -83.03 15.01 30.45
N MET W 90 -83.43 16.27 30.46
CA MET W 90 -83.66 16.96 29.21
C MET W 90 -82.36 17.43 28.56
N VAL W 91 -81.40 17.90 29.35
CA VAL W 91 -80.08 18.12 28.77
C VAL W 91 -79.39 16.81 28.43
N ALA W 92 -79.76 15.73 29.14
CA ALA W 92 -79.25 14.41 28.77
C ALA W 92 -79.78 13.96 27.42
N ASN W 93 -80.99 14.38 27.05
CA ASN W 93 -81.49 14.14 25.71
C ASN W 93 -81.46 15.40 24.87
N LEU W 94 -80.54 16.32 25.17
CA LEU W 94 -80.16 17.38 24.26
C LEU W 94 -78.73 17.20 23.77
N LEU W 95 -77.80 16.89 24.68
CA LEU W 95 -76.44 16.61 24.25
C LEU W 95 -76.38 15.31 23.47
N TYR W 96 -77.05 14.29 23.96
CA TYR W 96 -77.29 13.12 23.14
C TYR W 96 -78.35 13.47 22.09
N GLU W 97 -78.42 12.61 21.07
CA GLU W 97 -79.17 12.56 19.81
C GLU W 97 -78.55 13.50 18.79
N LYS W 98 -77.70 14.42 19.24
CA LYS W 98 -76.60 14.89 18.41
C LYS W 98 -75.31 14.28 18.94
N ARG W 99 -75.21 12.96 18.91
CA ARG W 99 -73.99 12.35 19.40
C ARG W 99 -72.87 12.47 18.38
N PHE W 100 -73.20 12.26 17.12
CA PHE W 100 -72.23 12.32 16.04
C PHE W 100 -72.01 13.79 15.68
N GLY W 101 -70.78 14.27 15.85
CA GLY W 101 -70.51 15.69 15.85
C GLY W 101 -71.20 16.39 17.00
N PRO W 102 -70.76 16.14 18.23
CA PRO W 102 -71.54 16.57 19.39
C PRO W 102 -71.35 18.04 19.70
N TYR W 103 -72.01 18.49 20.76
CA TYR W 103 -71.70 19.79 21.33
C TYR W 103 -70.53 19.67 22.29
N TYR W 104 -69.66 20.66 22.26
CA TYR W 104 -68.44 20.61 23.06
C TYR W 104 -68.65 21.40 24.36
N THR W 105 -69.47 20.82 25.23
CA THR W 105 -69.77 21.45 26.50
C THR W 105 -70.06 20.39 27.55
N GLU W 106 -69.85 20.76 28.80
CA GLU W 106 -70.19 19.91 29.95
C GLU W 106 -71.02 20.74 30.91
N PRO W 107 -72.34 20.78 30.74
CA PRO W 107 -73.16 21.61 31.63
C PRO W 107 -73.36 20.96 32.98
N VAL W 108 -73.16 21.74 34.02
CA VAL W 108 -73.55 21.35 35.37
C VAL W 108 -74.91 21.97 35.65
N ILE W 109 -75.66 21.34 36.55
CA ILE W 109 -77.01 21.79 36.88
C ILE W 109 -77.10 21.86 38.39
N ALA W 110 -77.37 23.04 38.93
CA ALA W 110 -77.36 23.27 40.36
C ALA W 110 -78.69 23.82 40.81
N GLY W 111 -79.29 23.20 41.83
CA GLY W 111 -80.45 23.86 42.39
C GLY W 111 -81.27 22.99 43.32
N LEU W 112 -82.53 23.38 43.46
CA LEU W 112 -83.42 22.95 44.52
C LEU W 112 -84.66 22.28 43.93
N ASP W 113 -85.20 21.33 44.65
CA ASP W 113 -86.53 20.83 44.34
C ASP W 113 -87.55 21.93 44.60
N PRO W 114 -88.47 22.19 43.66
CA PRO W 114 -89.34 23.37 43.79
C PRO W 114 -90.41 23.28 44.86
N LYS W 115 -90.57 22.14 45.55
CA LYS W 115 -91.56 22.04 46.61
C LYS W 115 -91.03 21.46 47.91
N THR W 116 -89.92 20.74 47.91
CA THR W 116 -89.34 20.23 49.14
C THR W 116 -88.01 20.86 49.48
N PHE W 117 -87.40 21.59 48.53
CA PHE W 117 -86.18 22.39 48.71
C PHE W 117 -84.99 21.50 49.07
N LYS W 118 -85.01 20.26 48.62
CA LYS W 118 -83.90 19.34 48.79
C LYS W 118 -82.89 19.60 47.67
N PRO W 119 -81.71 20.10 48.00
CA PRO W 119 -80.77 20.51 46.96
C PRO W 119 -80.09 19.34 46.30
N PHE W 120 -79.75 19.49 45.02
CA PHE W 120 -78.73 18.61 44.44
C PHE W 120 -78.02 19.33 43.31
N ILE W 121 -76.92 18.71 42.89
CA ILE W 121 -76.09 19.23 41.81
C ILE W 121 -75.69 18.09 40.90
N CYS W 122 -75.66 18.36 39.60
CA CYS W 122 -75.38 17.33 38.60
C CYS W 122 -74.33 17.82 37.63
N SER W 123 -73.71 16.87 36.93
CA SER W 123 -72.78 17.19 35.87
C SER W 123 -73.00 16.25 34.70
N LEU W 124 -72.68 16.71 33.51
CA LEU W 124 -72.79 15.91 32.31
C LEU W 124 -71.50 15.99 31.52
N ASP W 125 -71.28 15.00 30.67
CA ASP W 125 -70.13 15.02 29.76
C ASP W 125 -70.54 15.61 28.42
N LEU W 126 -69.69 15.41 27.40
CA LEU W 126 -69.97 15.87 26.05
C LEU W 126 -71.29 15.31 25.51
N ILE W 127 -71.36 13.99 25.35
CA ILE W 127 -72.53 13.39 24.72
C ILE W 127 -73.68 13.18 25.69
N GLY W 128 -73.51 13.49 26.96
CA GLY W 128 -74.64 13.56 27.87
C GLY W 128 -74.81 12.33 28.71
N CYS W 129 -74.29 12.36 29.93
CA CYS W 129 -74.39 11.28 30.89
C CYS W 129 -74.70 11.94 32.23
N PRO W 130 -75.74 11.52 32.93
CA PRO W 130 -76.05 12.15 34.21
C PRO W 130 -75.13 11.66 35.32
N MET W 131 -74.37 12.59 35.90
CA MET W 131 -73.65 12.35 37.14
C MET W 131 -74.39 13.13 38.22
N VAL W 132 -75.35 12.47 38.87
CA VAL W 132 -75.96 13.02 40.07
C VAL W 132 -74.91 13.05 41.18
N THR W 133 -74.88 14.14 41.93
CA THR W 133 -73.85 14.26 42.95
C THR W 133 -74.41 15.04 44.13
N ASP W 134 -74.05 14.58 45.32
CA ASP W 134 -74.40 15.22 46.58
C ASP W 134 -73.22 15.94 47.22
N ASP W 135 -72.08 16.04 46.53
CA ASP W 135 -70.91 16.65 47.12
C ASP W 135 -70.52 17.95 46.43
N PHE W 136 -70.16 17.87 45.15
CA PHE W 136 -69.73 18.99 44.31
C PHE W 136 -69.55 18.47 42.90
N VAL W 137 -69.81 19.29 41.89
CA VAL W 137 -69.48 18.91 40.52
C VAL W 137 -68.52 19.95 39.95
N VAL W 138 -67.82 19.54 38.90
CA VAL W 138 -66.74 20.33 38.30
C VAL W 138 -66.84 20.19 36.79
N SER W 139 -66.83 21.31 36.08
CA SER W 139 -66.74 21.32 34.64
C SER W 139 -65.73 22.35 34.17
N GLY W 140 -65.22 22.14 32.97
CA GLY W 140 -64.36 23.11 32.32
C GLY W 140 -63.04 22.51 31.92
N THR W 141 -62.13 23.39 31.48
CA THR W 141 -60.79 22.97 31.12
C THR W 141 -59.99 22.61 32.36
N CYS W 142 -59.84 23.54 33.29
CA CYS W 142 -59.12 23.29 34.52
C CYS W 142 -60.00 22.49 35.48
N ALA W 143 -60.14 21.19 35.18
CA ALA W 143 -61.06 20.36 35.93
C ALA W 143 -60.48 19.99 37.29
N GLU W 144 -59.34 19.30 37.31
CA GLU W 144 -58.87 18.60 38.50
C GLU W 144 -58.42 19.53 39.62
N GLN W 145 -58.02 20.76 39.28
CA GLN W 145 -57.83 21.80 40.28
C GLN W 145 -59.11 22.03 41.06
N MET W 146 -60.19 22.32 40.33
CA MET W 146 -61.52 22.53 40.90
C MET W 146 -62.05 21.28 41.58
N TYR W 147 -61.57 20.10 41.17
CA TYR W 147 -61.60 18.87 41.97
C TYR W 147 -60.58 19.05 43.09
N GLY W 148 -59.89 17.99 43.51
CA GLY W 148 -58.54 18.17 44.06
C GLY W 148 -58.42 19.09 45.27
N MET W 149 -58.54 20.39 44.94
CA MET W 149 -58.71 21.42 45.95
C MET W 149 -60.11 21.42 46.52
N CYS W 150 -61.15 21.49 45.67
CA CYS W 150 -62.45 21.56 46.32
C CYS W 150 -62.91 20.19 46.82
N GLU W 151 -62.23 19.11 46.45
CA GLU W 151 -62.46 17.94 47.29
C GLU W 151 -61.70 18.05 48.61
N SER W 152 -60.60 18.80 48.63
CA SER W 152 -59.90 18.98 49.90
C SER W 152 -60.57 20.01 50.82
N LEU W 153 -61.53 20.78 50.34
CA LEU W 153 -62.19 21.78 51.20
C LEU W 153 -63.58 21.40 51.67
N TRP W 154 -64.37 20.72 50.85
CA TRP W 154 -65.81 20.62 51.13
C TRP W 154 -66.11 19.70 52.30
N GLU W 155 -66.67 20.26 53.36
CA GLU W 155 -67.27 19.49 54.44
C GLU W 155 -68.77 19.41 54.22
N PRO W 156 -69.46 18.42 54.78
CA PRO W 156 -70.91 18.34 54.59
C PRO W 156 -71.67 19.31 55.48
N ASN W 157 -72.91 19.59 55.06
CA ASN W 157 -73.94 20.31 55.83
C ASN W 157 -73.49 21.71 56.21
N MET W 158 -73.38 22.56 55.19
CA MET W 158 -72.85 23.91 55.33
C MET W 158 -73.95 24.94 55.12
N ASP W 159 -73.97 25.94 55.99
CA ASP W 159 -74.83 27.11 55.85
C ASP W 159 -74.27 28.04 54.76
N PRO W 160 -75.07 28.98 54.22
CA PRO W 160 -74.63 29.75 53.05
C PRO W 160 -73.38 30.63 53.22
N ASP W 161 -73.03 31.03 54.43
CA ASP W 161 -71.83 31.85 54.57
C ASP W 161 -70.55 31.01 54.52
N HIS W 162 -70.59 29.80 55.07
CA HIS W 162 -69.46 28.90 54.90
C HIS W 162 -69.35 28.39 53.47
N LEU W 163 -70.48 28.10 52.81
CA LEU W 163 -70.45 27.61 51.44
C LEU W 163 -69.99 28.70 50.47
N PHE W 164 -70.51 29.91 50.67
CA PHE W 164 -70.04 31.20 50.20
C PHE W 164 -68.51 31.25 50.21
N GLU W 165 -67.95 31.05 51.40
CA GLU W 165 -66.51 31.22 51.57
C GLU W 165 -65.72 30.11 50.88
N THR W 166 -66.19 28.87 50.94
CA THR W 166 -65.41 27.78 50.37
C THR W 166 -65.49 27.73 48.86
N ILE W 167 -66.62 28.08 48.24
CA ILE W 167 -66.62 28.11 46.79
C ILE W 167 -65.88 29.35 46.30
N SER W 168 -65.80 30.39 47.13
CA SER W 168 -64.96 31.53 46.79
C SER W 168 -63.50 31.12 46.74
N GLN W 169 -63.01 30.42 47.77
CA GLN W 169 -61.61 30.01 47.80
C GLN W 169 -61.30 28.97 46.74
N ALA W 170 -62.23 28.04 46.52
CA ALA W 170 -62.02 26.99 45.52
C ALA W 170 -61.95 27.57 44.13
N MET W 171 -62.81 28.55 43.82
CA MET W 171 -62.75 29.17 42.50
C MET W 171 -61.50 30.02 42.34
N LEU W 172 -61.16 30.85 43.34
CA LEU W 172 -60.03 31.77 43.18
C LEU W 172 -58.72 31.02 43.07
N ASN W 173 -58.42 30.15 44.02
CA ASN W 173 -57.16 29.41 43.95
C ASN W 173 -57.20 28.32 42.91
N ALA W 174 -58.37 27.93 42.40
CA ALA W 174 -58.38 26.98 41.31
C ALA W 174 -58.05 27.64 39.98
N VAL W 175 -58.76 28.71 39.62
CA VAL W 175 -58.54 29.33 38.32
C VAL W 175 -57.31 30.24 38.29
N ASP W 176 -56.74 30.56 39.45
CA ASP W 176 -55.48 31.29 39.46
C ASP W 176 -54.38 30.39 38.92
N ARG W 177 -54.42 29.10 39.28
CA ARG W 177 -53.52 28.09 38.76
C ARG W 177 -54.04 27.55 37.42
N ASP W 178 -54.22 28.45 36.45
CA ASP W 178 -54.59 28.11 35.09
C ASP W 178 -54.29 29.31 34.20
N ALA W 179 -54.03 29.03 32.92
CA ALA W 179 -53.74 30.10 31.98
C ALA W 179 -54.99 30.61 31.27
N VAL W 180 -55.82 29.71 30.76
CA VAL W 180 -56.89 30.09 29.84
C VAL W 180 -58.21 30.26 30.57
N SER W 181 -58.15 30.45 31.89
CA SER W 181 -59.35 30.68 32.67
C SER W 181 -59.08 31.73 33.72
N GLY W 182 -60.15 32.25 34.30
CA GLY W 182 -60.02 33.19 35.40
C GLY W 182 -60.42 34.60 35.08
N MET W 183 -59.68 35.56 35.65
CA MET W 183 -59.84 37.00 35.45
C MET W 183 -61.24 37.46 35.86
N GLY W 184 -61.50 37.30 37.16
CA GLY W 184 -62.72 37.74 37.80
C GLY W 184 -63.79 36.68 37.75
N VAL W 185 -64.25 36.19 38.90
CA VAL W 185 -65.18 35.06 38.82
C VAL W 185 -66.54 35.49 39.37
N ILE W 186 -67.52 34.59 39.30
CA ILE W 186 -68.89 34.91 39.71
C ILE W 186 -69.47 33.73 40.47
N VAL W 187 -70.17 34.04 41.56
CA VAL W 187 -70.72 33.05 42.48
C VAL W 187 -72.18 33.37 42.70
N HIS W 188 -73.05 32.42 42.39
CA HIS W 188 -74.47 32.48 42.73
C HIS W 188 -74.74 31.53 43.88
N ILE W 189 -75.17 32.07 45.01
CA ILE W 189 -75.68 31.26 46.11
C ILE W 189 -77.19 31.17 45.94
N ILE W 190 -77.71 29.96 45.99
CA ILE W 190 -79.15 29.76 45.87
C ILE W 190 -79.65 29.25 47.22
N GLU W 191 -80.22 30.15 48.00
CA GLU W 191 -80.83 29.79 49.27
C GLU W 191 -82.27 29.37 49.02
N LYS W 192 -83.04 29.14 50.08
CA LYS W 192 -84.47 28.90 49.93
C LYS W 192 -85.28 30.18 50.00
N ASP W 193 -84.62 31.33 50.07
CA ASP W 193 -85.30 32.60 49.91
C ASP W 193 -84.55 33.65 49.10
N LYS W 194 -83.26 33.46 48.84
CA LYS W 194 -82.45 34.49 48.21
C LYS W 194 -81.61 33.90 47.08
N ILE W 195 -81.12 34.77 46.22
CA ILE W 195 -80.05 34.46 45.28
C ILE W 195 -78.92 35.45 45.58
N THR W 196 -77.95 35.03 46.37
CA THR W 196 -76.82 35.90 46.67
C THR W 196 -75.88 35.83 45.47
N THR W 197 -76.10 36.74 44.53
CA THR W 197 -75.26 36.85 43.35
C THR W 197 -74.10 37.78 43.67
N ARG W 198 -72.87 37.31 43.41
CA ARG W 198 -71.73 38.16 43.69
C ARG W 198 -70.62 37.88 42.69
N THR W 199 -69.75 38.87 42.53
CA THR W 199 -68.52 38.72 41.77
C THR W 199 -67.36 38.65 42.73
N LEU W 200 -66.23 38.17 42.21
CA LEU W 200 -65.02 38.11 43.01
C LEU W 200 -63.85 38.66 42.22
N LYS W 201 -63.21 39.66 42.81
CA LYS W 201 -61.94 40.21 42.34
C LYS W 201 -60.89 39.12 42.44
N ALA W 202 -60.41 38.66 41.30
CA ALA W 202 -59.47 37.56 41.22
C ALA W 202 -58.10 38.07 40.82
N ARG W 203 -57.17 37.13 40.69
CA ARG W 203 -55.92 37.43 40.01
C ARG W 203 -56.24 37.61 38.55
N MET W 204 -56.47 38.86 38.15
CA MET W 204 -56.92 39.18 36.80
C MET W 204 -55.67 39.47 35.97
N ASP W 205 -55.09 38.41 35.43
CA ASP W 205 -53.85 38.48 34.67
C ASP W 205 -53.75 37.32 33.68
N MET X 1 -56.74 38.36 6.92
CA MET X 1 -55.60 39.12 7.45
C MET X 1 -55.90 40.61 7.42
N GLU X 2 -57.17 40.95 7.28
CA GLU X 2 -57.60 42.34 7.25
C GLU X 2 -57.77 42.86 8.66
N TYR X 3 -58.44 44.00 8.82
CA TYR X 3 -58.46 44.69 10.11
C TYR X 3 -59.77 45.43 10.29
N LEU X 4 -60.49 45.11 11.37
CA LEU X 4 -61.71 45.78 11.76
C LEU X 4 -61.56 46.28 13.19
N ILE X 5 -62.06 47.47 13.47
CA ILE X 5 -61.90 48.04 14.80
C ILE X 5 -63.19 48.79 15.15
N GLY X 6 -63.50 48.84 16.43
CA GLY X 6 -64.66 49.60 16.89
C GLY X 6 -64.47 50.03 18.32
N ILE X 7 -65.04 51.18 18.65
CA ILE X 7 -65.00 51.73 20.00
C ILE X 7 -66.40 52.19 20.36
N GLN X 8 -66.91 51.70 21.49
CA GLN X 8 -68.21 52.10 22.00
C GLN X 8 -68.09 53.36 22.85
N GLY X 9 -68.72 54.44 22.41
CA GLY X 9 -68.83 55.63 23.22
C GLY X 9 -70.00 55.55 24.17
N PRO X 10 -70.20 56.63 24.93
CA PRO X 10 -71.37 56.68 25.81
C PRO X 10 -72.69 56.76 25.06
N ASP X 11 -72.74 57.51 23.96
CA ASP X 11 -73.91 57.58 23.13
C ASP X 11 -73.65 57.30 21.66
N TYR X 12 -72.60 56.56 21.34
CA TYR X 12 -72.22 56.25 19.97
C TYR X 12 -71.35 55.00 19.96
N VAL X 13 -71.05 54.54 18.76
CA VAL X 13 -70.01 53.53 18.55
C VAL X 13 -69.43 53.76 17.16
N LEU X 14 -68.11 53.82 17.07
CA LEU X 14 -67.46 54.11 15.81
C LEU X 14 -66.68 52.88 15.36
N VAL X 15 -66.78 52.57 14.07
CA VAL X 15 -66.04 51.46 13.52
C VAL X 15 -65.15 51.96 12.40
N ALA X 16 -64.10 51.19 12.12
CA ALA X 16 -63.20 51.51 11.04
C ALA X 16 -62.65 50.23 10.47
N SER X 17 -62.73 50.09 9.16
CA SER X 17 -62.15 48.98 8.45
C SER X 17 -60.84 49.39 7.79
N ASP X 18 -60.06 48.41 7.41
CA ASP X 18 -58.93 48.66 6.53
C ASP X 18 -59.40 48.64 5.09
N ARG X 19 -58.98 49.63 4.33
CA ARG X 19 -59.52 49.82 3.01
C ARG X 19 -58.55 49.23 1.98
N VAL X 20 -58.42 47.90 2.03
CA VAL X 20 -57.52 47.14 1.17
C VAL X 20 -58.20 45.82 0.81
N ALA X 21 -58.40 45.57 -0.48
CA ALA X 21 -58.92 44.31 -0.96
C ALA X 21 -57.76 43.51 -1.53
N ALA X 22 -57.38 42.45 -0.84
CA ALA X 22 -56.12 41.78 -1.11
C ALA X 22 -56.27 40.70 -2.18
N SER X 23 -55.17 40.03 -2.46
CA SER X 23 -55.08 38.94 -3.42
C SER X 23 -53.98 38.00 -2.95
N ASN X 24 -53.45 37.20 -3.88
CA ASN X 24 -52.36 36.30 -3.56
C ASN X 24 -51.11 37.06 -3.12
N ILE X 25 -50.65 37.98 -3.96
CA ILE X 25 -49.38 38.67 -3.71
C ILE X 25 -49.62 40.17 -3.75
N VAL X 26 -50.65 40.60 -4.47
CA VAL X 26 -50.89 42.01 -4.73
C VAL X 26 -52.15 42.43 -4.01
N GLN X 27 -52.45 43.73 -4.09
CA GLN X 27 -53.72 44.23 -3.60
C GLN X 27 -54.51 44.78 -4.79
N MET X 28 -55.82 44.59 -4.73
CA MET X 28 -56.74 45.09 -5.73
C MET X 28 -57.14 46.53 -5.42
N LYS X 29 -58.24 46.99 -6.00
CA LYS X 29 -58.81 48.29 -5.66
C LYS X 29 -59.01 48.41 -4.16
N ASP X 30 -58.63 49.57 -3.62
CA ASP X 30 -58.61 49.78 -2.18
C ASP X 30 -60.01 49.75 -1.57
N ASP X 31 -61.00 50.37 -2.23
CA ASP X 31 -62.21 50.79 -1.52
C ASP X 31 -63.08 49.66 -1.03
N HIS X 32 -63.78 48.98 -1.95
CA HIS X 32 -64.48 47.69 -1.79
C HIS X 32 -65.36 47.58 -0.52
N ASP X 33 -65.81 48.72 0.02
CA ASP X 33 -66.04 49.01 1.43
C ASP X 33 -66.67 47.86 2.22
N LYS X 34 -65.98 47.44 3.29
CA LYS X 34 -66.38 46.27 4.05
C LYS X 34 -67.60 46.51 4.92
N MET X 35 -67.85 47.74 5.32
CA MET X 35 -68.96 48.02 6.21
C MET X 35 -70.27 47.94 5.43
N PHE X 36 -71.11 46.97 5.78
CA PHE X 36 -72.35 46.74 5.07
C PHE X 36 -73.47 47.50 5.76
N LYS X 37 -74.12 48.38 5.00
CA LYS X 37 -75.25 49.17 5.45
C LYS X 37 -76.43 48.29 5.86
N MET X 38 -76.75 48.29 7.14
CA MET X 38 -77.98 47.67 7.64
C MET X 38 -79.05 48.75 7.63
N SER X 39 -80.17 48.52 8.34
CA SER X 39 -81.42 49.27 8.17
C SER X 39 -81.30 50.79 8.32
N GLU X 40 -81.07 51.28 9.53
CA GLU X 40 -80.77 52.69 9.65
C GLU X 40 -79.67 52.94 10.66
N LYS X 41 -79.58 52.08 11.67
CA LYS X 41 -78.78 52.34 12.85
C LYS X 41 -77.87 51.16 13.20
N ILE X 42 -78.05 50.04 12.55
CA ILE X 42 -77.18 48.88 12.70
C ILE X 42 -76.16 48.96 11.58
N LEU X 43 -74.96 48.42 11.82
CA LEU X 43 -73.89 48.46 10.84
C LEU X 43 -72.93 47.33 11.20
N LEU X 44 -72.85 46.31 10.36
CA LEU X 44 -71.96 45.21 10.69
C LEU X 44 -70.77 45.21 9.74
N LEU X 45 -69.72 44.51 10.16
CA LEU X 45 -68.49 44.45 9.43
C LEU X 45 -68.10 42.98 9.30
N CYS X 46 -67.36 42.64 8.26
CA CYS X 46 -67.06 41.24 7.99
C CYS X 46 -65.71 41.09 7.32
N VAL X 47 -64.83 40.28 7.92
CA VAL X 47 -63.61 39.82 7.29
C VAL X 47 -63.54 38.31 7.43
N GLY X 48 -62.45 37.74 6.94
CA GLY X 48 -62.25 36.30 7.00
C GLY X 48 -61.97 35.70 5.65
N GLU X 49 -62.75 34.70 5.26
CA GLU X 49 -62.57 34.07 3.97
C GLU X 49 -63.04 35.01 2.87
N ALA X 50 -62.27 35.10 1.80
CA ALA X 50 -62.62 35.96 0.68
C ALA X 50 -63.68 35.24 -0.16
N GLY X 51 -64.94 35.54 0.10
CA GLY X 51 -66.02 34.91 -0.63
C GLY X 51 -67.18 34.56 0.26
N ASP X 52 -66.96 34.57 1.57
CA ASP X 52 -68.05 34.44 2.52
C ASP X 52 -68.40 35.77 3.17
N THR X 53 -67.50 36.75 3.08
CA THR X 53 -67.81 38.07 3.61
C THR X 53 -68.90 38.75 2.79
N VAL X 54 -68.77 38.73 1.48
CA VAL X 54 -69.72 39.38 0.60
C VAL X 54 -71.00 38.53 0.45
N GLN X 55 -70.95 37.29 0.89
CA GLN X 55 -72.08 36.38 0.74
C GLN X 55 -72.96 36.28 1.96
N PHE X 56 -72.40 35.92 3.12
CA PHE X 56 -73.17 35.74 4.34
C PHE X 56 -73.74 37.04 4.88
N ALA X 57 -72.89 38.05 5.07
CA ALA X 57 -73.33 39.28 5.70
C ALA X 57 -74.31 40.05 4.83
N GLU X 58 -74.22 39.90 3.51
CA GLU X 58 -75.25 40.46 2.64
C GLU X 58 -76.56 39.71 2.76
N TYR X 59 -76.51 38.41 3.04
CA TYR X 59 -77.74 37.65 3.29
C TYR X 59 -78.39 38.07 4.59
N ILE X 60 -77.59 38.35 5.62
CA ILE X 60 -78.09 38.92 6.86
C ILE X 60 -78.71 40.29 6.60
N GLN X 61 -78.07 41.07 5.73
CA GLN X 61 -78.62 42.36 5.31
C GLN X 61 -79.96 42.20 4.62
N LYS X 62 -80.13 41.11 3.87
CA LYS X 62 -81.41 40.82 3.24
C LYS X 62 -82.47 40.51 4.27
N ASN X 63 -82.16 39.67 5.27
CA ASN X 63 -83.20 39.28 6.21
C ASN X 63 -83.58 40.41 7.17
N VAL X 64 -82.60 41.17 7.65
CA VAL X 64 -82.93 42.27 8.56
C VAL X 64 -83.62 43.40 7.80
N GLN X 65 -83.17 43.65 6.57
CA GLN X 65 -83.82 44.65 5.72
C GLN X 65 -85.26 44.25 5.41
N LEU X 66 -85.49 42.95 5.24
CA LEU X 66 -86.84 42.42 5.06
C LEU X 66 -87.67 42.56 6.33
N TYR X 67 -87.04 42.44 7.50
CA TYR X 67 -87.79 42.60 8.74
C TYR X 67 -88.25 44.03 8.93
N LYS X 68 -87.37 44.99 8.65
CA LYS X 68 -87.75 46.40 8.78
C LYS X 68 -88.80 46.78 7.77
N MET X 69 -88.57 46.47 6.49
CA MET X 69 -89.53 46.84 5.46
C MET X 69 -90.59 45.76 5.27
N ARG X 70 -90.79 44.90 6.26
CA ARG X 70 -91.96 44.07 6.39
C ARG X 70 -92.83 44.44 7.56
N ASN X 71 -92.24 44.82 8.70
CA ASN X 71 -93.07 45.02 9.88
C ASN X 71 -92.85 46.39 10.51
N GLY X 72 -92.57 47.41 9.69
CA GLY X 72 -92.53 48.75 10.22
C GLY X 72 -91.19 49.09 10.83
N TYR X 73 -91.09 48.92 12.14
CA TYR X 73 -89.90 49.21 12.90
C TYR X 73 -88.74 48.29 12.51
N GLU X 74 -87.54 48.68 12.92
CA GLU X 74 -86.34 47.92 12.64
C GLU X 74 -85.98 47.05 13.84
N LEU X 75 -84.95 46.24 13.67
CA LEU X 75 -84.42 45.47 14.79
C LEU X 75 -83.57 46.34 15.69
N SER X 76 -83.61 46.03 16.99
CA SER X 76 -82.56 46.45 17.87
C SER X 76 -81.29 45.68 17.50
N PRO X 77 -80.10 46.24 17.76
CA PRO X 77 -78.87 45.52 17.40
C PRO X 77 -78.63 44.26 18.21
N THR X 78 -79.31 44.10 19.35
CA THR X 78 -79.24 42.84 20.09
C THR X 78 -79.87 41.71 19.29
N ALA X 79 -81.08 41.93 18.77
CA ALA X 79 -81.75 40.88 18.02
C ALA X 79 -81.10 40.65 16.67
N ALA X 80 -80.48 41.68 16.09
CA ALA X 80 -79.75 41.46 14.85
C ALA X 80 -78.48 40.67 15.11
N ALA X 81 -77.82 40.94 16.23
CA ALA X 81 -76.59 40.23 16.55
C ALA X 81 -76.86 38.77 16.90
N ASN X 82 -77.88 38.51 17.72
CA ASN X 82 -78.27 37.13 18.01
C ASN X 82 -78.88 36.45 16.80
N PHE X 83 -79.46 37.22 15.88
CA PHE X 83 -79.95 36.64 14.63
C PHE X 83 -78.80 36.13 13.77
N THR X 84 -77.79 36.96 13.55
CA THR X 84 -76.69 36.52 12.72
C THR X 84 -75.78 35.52 13.42
N ARG X 85 -75.78 35.53 14.76
CA ARG X 85 -75.10 34.47 15.49
C ARG X 85 -75.83 33.16 15.33
N ARG X 86 -77.16 33.20 15.31
CA ARG X 86 -77.91 31.97 15.09
C ARG X 86 -77.68 31.44 13.69
N ASN X 87 -77.67 32.34 12.70
CA ASN X 87 -77.58 31.91 11.32
C ASN X 87 -76.18 31.40 10.99
N LEU X 88 -75.15 32.06 11.52
CA LEU X 88 -73.79 31.55 11.31
C LEU X 88 -73.56 30.30 12.13
N ALA X 89 -74.11 30.25 13.34
CA ALA X 89 -73.88 29.12 14.24
C ALA X 89 -74.57 27.85 13.77
N ASP X 90 -75.68 27.98 13.05
CA ASP X 90 -76.31 26.80 12.48
C ASP X 90 -75.96 26.58 11.03
N CYS X 91 -75.32 27.55 10.37
CA CYS X 91 -74.62 27.26 9.13
C CYS X 91 -73.17 26.88 9.36
N LEU X 92 -72.78 26.64 10.61
CA LEU X 92 -71.39 26.34 10.93
C LEU X 92 -71.02 24.90 10.60
N ARG X 93 -71.65 23.95 11.28
CA ARG X 93 -71.18 22.57 11.26
C ARG X 93 -71.83 21.72 10.19
N SER X 94 -72.79 22.25 9.44
CA SER X 94 -73.65 21.38 8.64
C SER X 94 -72.98 20.94 7.34
N ARG X 95 -72.80 21.87 6.41
CA ARG X 95 -72.19 21.50 5.14
C ARG X 95 -71.16 22.48 4.64
N THR X 96 -71.32 23.77 4.91
CA THR X 96 -70.40 24.80 4.40
C THR X 96 -70.14 25.81 5.51
N PRO X 97 -69.04 25.68 6.21
CA PRO X 97 -68.74 26.62 7.28
C PRO X 97 -68.40 28.01 6.74
N TYR X 98 -69.28 28.97 7.00
CA TYR X 98 -69.00 30.35 6.65
C TYR X 98 -67.90 30.85 7.56
N HIS X 99 -66.70 31.00 7.01
CA HIS X 99 -65.54 31.41 7.81
C HIS X 99 -65.45 32.92 7.77
N VAL X 100 -66.34 33.56 8.52
CA VAL X 100 -66.31 35.01 8.71
C VAL X 100 -66.41 35.30 10.19
N ASN X 101 -65.78 36.40 10.61
CA ASN X 101 -65.90 36.90 11.97
C ASN X 101 -66.39 38.33 11.92
N LEU X 102 -67.46 38.60 12.66
CA LEU X 102 -68.23 39.81 12.48
C LEU X 102 -68.02 40.77 13.64
N LEU X 103 -68.01 42.05 13.33
CA LEU X 103 -68.39 43.08 14.29
C LEU X 103 -69.80 43.51 13.97
N LEU X 104 -70.52 44.00 14.96
CA LEU X 104 -71.85 44.54 14.70
C LEU X 104 -72.02 45.76 15.58
N ALA X 105 -71.71 46.93 15.03
CA ALA X 105 -72.02 48.19 15.68
C ALA X 105 -73.51 48.44 15.56
N GLY X 106 -74.09 49.08 16.57
CA GLY X 106 -75.49 49.42 16.46
C GLY X 106 -75.89 50.17 17.72
N TYR X 107 -77.10 50.70 17.68
CA TYR X 107 -77.72 51.22 18.89
C TYR X 107 -79.22 51.16 18.72
N ASP X 108 -79.90 50.89 19.81
CA ASP X 108 -81.33 51.10 19.91
C ASP X 108 -81.55 52.51 20.44
N GLU X 109 -82.77 53.02 20.26
CA GLU X 109 -83.10 54.34 20.78
C GLU X 109 -83.17 54.33 22.30
N HIS X 110 -83.97 53.45 22.88
CA HIS X 110 -84.20 53.47 24.33
C HIS X 110 -83.25 52.56 25.09
N GLU X 111 -82.07 52.27 24.55
CA GLU X 111 -80.97 51.70 25.31
C GLU X 111 -79.66 52.18 24.67
N GLY X 112 -78.54 51.78 25.25
CA GLY X 112 -77.27 52.34 24.87
C GLY X 112 -76.76 51.81 23.55
N PRO X 113 -75.64 52.37 23.10
CA PRO X 113 -74.99 51.82 21.92
C PRO X 113 -74.26 50.54 22.25
N ALA X 114 -74.27 49.60 21.31
CA ALA X 114 -73.72 48.28 21.53
C ALA X 114 -72.83 47.89 20.36
N LEU X 115 -71.71 47.24 20.69
CA LEU X 115 -70.73 46.78 19.71
C LEU X 115 -70.54 45.29 19.92
N TYR X 116 -71.25 44.48 19.15
CA TYR X 116 -71.18 43.04 19.32
C TYR X 116 -70.01 42.46 18.54
N TYR X 117 -69.53 41.32 18.99
CA TYR X 117 -68.32 40.70 18.50
C TYR X 117 -68.53 39.20 18.39
N MET X 118 -67.97 38.60 17.34
CA MET X 118 -68.02 37.15 17.25
C MET X 118 -66.84 36.65 16.42
N ASP X 119 -66.41 35.43 16.72
CA ASP X 119 -65.33 34.79 15.98
C ASP X 119 -65.91 34.10 14.74
N TYR X 120 -65.12 33.23 14.12
CA TYR X 120 -65.65 32.45 13.01
C TYR X 120 -66.44 31.24 13.48
N LEU X 121 -66.50 30.99 14.79
CA LEU X 121 -67.32 29.93 15.33
C LEU X 121 -68.67 30.42 15.81
N ALA X 122 -68.94 31.72 15.65
CA ALA X 122 -70.19 32.39 16.05
C ALA X 122 -70.44 32.25 17.54
N ALA X 123 -69.47 32.68 18.31
CA ALA X 123 -69.61 32.84 19.76
C ALA X 123 -69.67 34.34 20.02
N LEU X 124 -70.80 34.80 20.53
CA LEU X 124 -71.08 36.22 20.59
C LEU X 124 -70.82 36.77 21.99
N ALA X 125 -70.32 38.01 22.02
CA ALA X 125 -70.06 38.69 23.28
C ALA X 125 -70.09 40.19 23.06
N LYS X 126 -70.68 40.92 24.00
CA LYS X 126 -70.58 42.36 23.99
C LYS X 126 -69.16 42.79 24.30
N ALA X 127 -68.81 44.01 23.86
CA ALA X 127 -67.48 44.52 24.12
C ALA X 127 -67.52 46.04 24.05
N PRO X 128 -66.82 46.74 24.95
CA PRO X 128 -66.68 48.19 24.78
C PRO X 128 -65.77 48.55 23.64
N PHE X 129 -64.91 47.64 23.21
CA PHE X 129 -64.06 47.82 22.05
C PHE X 129 -63.60 46.44 21.59
N ALA X 130 -63.59 46.22 20.29
CA ALA X 130 -63.19 44.93 19.76
C ALA X 130 -62.37 45.13 18.51
N ALA X 131 -61.68 44.07 18.11
CA ALA X 131 -60.80 44.14 16.96
C ALA X 131 -60.84 42.81 16.23
N HIS X 132 -60.13 42.76 15.10
CA HIS X 132 -60.16 41.58 14.23
C HIS X 132 -58.87 41.47 13.44
N GLY X 133 -58.67 40.28 12.88
CA GLY X 133 -57.54 40.05 12.01
C GLY X 133 -56.25 39.91 12.78
N TYR X 134 -55.16 39.89 12.02
CA TYR X 134 -53.84 39.86 12.65
C TYR X 134 -53.49 41.20 13.25
N GLY X 135 -54.00 42.28 12.66
CA GLY X 135 -53.79 43.61 13.22
C GLY X 135 -54.43 43.84 14.56
N ALA X 136 -55.35 42.95 14.96
CA ALA X 136 -55.91 42.98 16.31
C ALA X 136 -54.85 42.70 17.37
N PHE X 137 -53.80 41.95 17.03
CA PHE X 137 -52.90 41.47 18.07
C PHE X 137 -52.00 42.56 18.62
N LEU X 138 -51.73 43.63 17.87
CA LEU X 138 -50.87 44.68 18.39
C LEU X 138 -51.59 45.95 18.76
N THR X 139 -52.74 46.23 18.16
CA THR X 139 -53.39 47.51 18.40
C THR X 139 -54.32 47.49 19.59
N LEU X 140 -54.60 46.33 20.17
CA LEU X 140 -55.65 46.25 21.18
C LEU X 140 -55.19 46.78 22.53
N SER X 141 -53.89 46.84 22.79
CA SER X 141 -53.44 47.41 24.05
C SER X 141 -53.53 48.92 24.07
N ILE X 142 -53.51 49.58 22.90
CA ILE X 142 -53.67 51.02 22.90
C ILE X 142 -55.10 51.38 23.25
N LEU X 143 -56.05 50.54 22.85
CA LEU X 143 -57.39 50.67 23.39
C LEU X 143 -57.53 50.08 24.79
N ASP X 144 -56.47 49.50 25.34
CA ASP X 144 -56.48 49.16 26.75
C ASP X 144 -55.94 50.31 27.59
N ARG X 145 -54.94 51.02 27.09
CA ARG X 145 -54.26 52.04 27.88
C ARG X 145 -55.10 53.29 28.00
N TYR X 146 -55.73 53.72 26.90
CA TYR X 146 -56.31 55.05 26.84
C TYR X 146 -57.82 55.09 26.93
N TYR X 147 -58.50 53.97 26.72
CA TYR X 147 -59.96 53.98 26.66
C TYR X 147 -60.54 54.10 28.05
N THR X 148 -61.07 55.27 28.37
CA THR X 148 -61.96 55.41 29.50
C THR X 148 -63.33 54.84 29.13
N PRO X 149 -64.14 54.44 30.12
CA PRO X 149 -65.51 54.03 29.80
C PRO X 149 -66.39 55.17 29.33
N THR X 150 -66.03 56.41 29.62
CA THR X 150 -66.72 57.59 29.09
C THR X 150 -65.70 58.43 28.35
N ILE X 151 -65.91 58.62 27.06
CA ILE X 151 -64.94 59.30 26.21
C ILE X 151 -65.70 60.15 25.21
N SER X 152 -65.17 61.34 24.93
CA SER X 152 -65.80 62.20 23.94
C SER X 152 -65.51 61.69 22.54
N ARG X 153 -66.16 62.32 21.55
CA ARG X 153 -66.12 61.80 20.19
C ARG X 153 -64.77 62.07 19.54
N GLU X 154 -64.29 63.31 19.62
CA GLU X 154 -63.03 63.65 18.95
C GLU X 154 -61.83 63.02 19.65
N ARG X 155 -61.93 62.79 20.97
CA ARG X 155 -60.89 62.05 21.67
C ARG X 155 -60.85 60.60 21.20
N ALA X 156 -62.01 60.02 20.93
CA ALA X 156 -62.04 58.66 20.41
C ALA X 156 -61.54 58.60 18.98
N VAL X 157 -61.75 59.66 18.20
CA VAL X 157 -61.24 59.66 16.83
C VAL X 157 -59.73 59.79 16.82
N GLU X 158 -59.17 60.67 17.65
CA GLU X 158 -57.71 60.79 17.66
C GLU X 158 -57.06 59.60 18.34
N LEU X 159 -57.76 58.96 19.28
CA LEU X 159 -57.34 57.66 19.79
C LEU X 159 -57.30 56.62 18.69
N LEU X 160 -58.31 56.65 17.82
CA LEU X 160 -58.36 55.73 16.71
C LEU X 160 -57.25 56.04 15.70
N ARG X 161 -56.82 57.30 15.62
CA ARG X 161 -55.65 57.62 14.82
C ARG X 161 -54.35 57.18 15.46
N LYS X 162 -54.31 57.11 16.80
CA LYS X 162 -53.16 56.49 17.47
C LYS X 162 -53.08 55.02 17.12
N CYS X 163 -54.22 54.33 17.15
CA CYS X 163 -54.26 52.90 16.83
C CYS X 163 -53.87 52.65 15.38
N LEU X 164 -54.33 53.49 14.46
CA LEU X 164 -53.98 53.30 13.07
C LEU X 164 -52.56 53.73 12.74
N GLU X 165 -51.98 54.66 13.49
CA GLU X 165 -50.59 54.99 13.18
C GLU X 165 -49.65 53.95 13.76
N GLU X 166 -50.03 53.32 14.87
CA GLU X 166 -49.27 52.17 15.35
C GLU X 166 -49.38 50.99 14.40
N LEU X 167 -50.60 50.74 13.91
CA LEU X 167 -50.84 49.69 12.93
C LEU X 167 -50.11 49.98 11.63
N GLN X 168 -49.92 51.27 11.32
CA GLN X 168 -49.12 51.65 10.17
C GLN X 168 -47.63 51.41 10.42
N LYS X 169 -47.19 51.51 11.67
CA LYS X 169 -45.76 51.48 11.94
C LYS X 169 -45.23 50.06 12.08
N ARG X 170 -45.90 49.21 12.85
CA ARG X 170 -45.34 47.90 13.16
C ARG X 170 -45.89 46.77 12.30
N PHE X 171 -47.17 46.81 11.95
CA PHE X 171 -47.80 45.68 11.28
C PHE X 171 -47.34 45.60 9.83
N ILE X 172 -46.97 44.38 9.41
CA ILE X 172 -46.22 44.24 8.16
C ILE X 172 -47.03 44.40 6.89
N LEU X 173 -48.35 44.50 6.97
CA LEU X 173 -49.14 44.62 5.76
C LEU X 173 -49.36 46.09 5.42
N ASN X 174 -49.37 46.38 4.12
CA ASN X 174 -49.60 47.73 3.63
C ASN X 174 -51.08 48.05 3.75
N LEU X 175 -51.47 48.71 4.85
CA LEU X 175 -52.84 49.16 5.06
C LEU X 175 -52.81 50.67 5.15
N PRO X 176 -52.86 51.38 4.03
CA PRO X 176 -52.61 52.82 4.06
C PRO X 176 -53.83 53.66 4.37
N THR X 177 -55.03 53.17 4.03
CA THR X 177 -56.24 53.93 4.22
C THR X 177 -57.23 53.11 5.03
N PHE X 178 -58.05 53.81 5.82
CA PHE X 178 -59.00 53.17 6.70
C PHE X 178 -60.31 53.92 6.63
N SER X 179 -61.40 53.17 6.54
CA SER X 179 -62.73 53.75 6.41
C SER X 179 -63.37 53.83 7.79
N VAL X 180 -63.80 55.03 8.17
CA VAL X 180 -64.29 55.30 9.52
C VAL X 180 -65.73 55.73 9.44
N ARG X 181 -66.60 55.13 10.25
CA ARG X 181 -67.98 55.57 10.39
C ARG X 181 -68.36 55.61 11.86
N VAL X 182 -68.79 56.78 12.32
CA VAL X 182 -69.39 56.94 13.63
C VAL X 182 -70.89 56.81 13.45
N ILE X 183 -71.52 55.93 14.21
CA ILE X 183 -72.97 55.86 14.25
C ILE X 183 -73.43 56.32 15.63
N ASP X 184 -74.49 57.10 15.64
CA ASP X 184 -75.02 57.71 16.85
C ASP X 184 -76.46 58.11 16.59
N LYS X 185 -77.08 58.77 17.55
CA LYS X 185 -78.52 58.95 17.68
C LYS X 185 -79.17 59.78 16.55
N ASP X 186 -78.42 60.21 15.55
CA ASP X 186 -78.98 60.81 14.35
C ASP X 186 -78.87 59.92 13.12
N GLY X 187 -78.35 58.72 13.26
CA GLY X 187 -78.21 57.81 12.14
C GLY X 187 -76.74 57.57 11.84
N ILE X 188 -76.50 56.77 10.81
CA ILE X 188 -75.13 56.42 10.43
C ILE X 188 -74.47 57.63 9.78
N HIS X 189 -73.45 58.16 10.43
CA HIS X 189 -72.59 59.18 9.86
C HIS X 189 -71.36 58.50 9.30
N ASN X 190 -70.52 59.27 8.62
CA ASN X 190 -69.26 58.75 8.10
C ASN X 190 -68.18 59.78 8.31
N LEU X 191 -67.16 59.42 9.08
CA LEU X 191 -66.06 60.32 9.31
C LEU X 191 -65.12 60.32 8.11
N GLU X 192 -64.31 61.37 8.00
CA GLU X 192 -63.39 61.44 6.88
C GLU X 192 -62.41 60.28 6.98
N ASN X 193 -62.09 59.67 5.85
CA ASN X 193 -61.21 58.52 5.81
C ASN X 193 -59.83 58.89 6.31
N ILE X 194 -59.21 57.99 7.04
CA ILE X 194 -57.89 58.25 7.56
C ILE X 194 -56.89 57.65 6.60
N ALA X 195 -56.04 58.49 6.05
CA ALA X 195 -55.02 58.05 5.11
C ALA X 195 -53.64 58.41 5.63
N PHE X 196 -52.62 57.94 4.92
CA PHE X 196 -51.24 58.22 5.29
C PHE X 196 -50.38 58.51 4.08
N THR Y 1 -51.81 32.39 -19.52
CA THR Y 1 -52.81 33.49 -19.66
C THR Y 1 -52.40 34.69 -18.88
N THR Y 2 -52.51 35.85 -19.52
CA THR Y 2 -52.37 37.13 -18.86
C THR Y 2 -53.37 38.10 -19.46
N THR Y 3 -54.49 38.28 -18.78
CA THR Y 3 -55.44 39.28 -19.25
C THR Y 3 -55.11 40.61 -18.59
N LEU Y 4 -55.88 41.64 -18.94
CA LEU Y 4 -55.66 43.01 -18.49
C LEU Y 4 -56.87 43.83 -18.88
N ALA Y 5 -57.24 44.78 -18.03
CA ALA Y 5 -58.35 45.68 -18.35
C ALA Y 5 -58.21 46.94 -17.52
N PHE Y 6 -58.51 48.08 -18.13
CA PHE Y 6 -58.50 49.33 -17.39
C PHE Y 6 -59.47 50.30 -18.04
N LYS Y 7 -60.22 51.00 -17.19
CA LYS Y 7 -61.16 52.02 -17.63
C LYS Y 7 -60.52 53.40 -17.53
N PHE Y 8 -61.06 54.32 -18.31
CA PHE Y 8 -60.65 55.71 -18.32
C PHE Y 8 -61.82 56.52 -18.87
N ARG Y 9 -61.58 57.76 -19.27
CA ARG Y 9 -62.69 58.59 -19.73
C ARG Y 9 -63.16 58.29 -21.15
N HIS Y 10 -62.71 57.21 -21.79
CA HIS Y 10 -63.37 56.68 -22.99
C HIS Y 10 -63.46 55.16 -22.85
N GLY Y 11 -64.50 54.70 -22.17
CA GLY Y 11 -64.74 53.26 -22.07
C GLY Y 11 -63.69 52.54 -21.25
N VAL Y 12 -63.34 51.34 -21.70
CA VAL Y 12 -62.37 50.49 -21.02
C VAL Y 12 -61.68 49.59 -22.03
N ILE Y 13 -60.35 49.51 -21.95
CA ILE Y 13 -59.58 48.53 -22.71
C ILE Y 13 -59.59 47.20 -21.98
N VAL Y 14 -59.87 46.12 -22.73
CA VAL Y 14 -59.65 44.75 -22.30
C VAL Y 14 -58.71 44.10 -23.28
N ALA Y 15 -57.55 43.68 -22.80
CA ALA Y 15 -56.55 43.01 -23.63
C ALA Y 15 -56.20 41.68 -22.98
N ALA Y 16 -55.75 40.75 -23.81
CA ALA Y 16 -55.36 39.43 -23.31
C ALA Y 16 -54.38 38.81 -24.29
N ASP Y 17 -53.70 37.77 -23.83
CA ASP Y 17 -52.77 37.04 -24.68
C ASP Y 17 -53.52 35.92 -25.40
N SER Y 18 -52.81 34.95 -25.99
CA SER Y 18 -53.50 33.93 -26.75
C SER Y 18 -52.94 32.52 -26.60
N ARG Y 19 -52.15 32.23 -25.58
CA ARG Y 19 -51.63 30.88 -25.39
C ARG Y 19 -52.42 30.13 -24.32
N ALA Y 20 -52.40 28.81 -24.41
CA ALA Y 20 -53.17 27.95 -23.53
C ALA Y 20 -52.32 26.73 -23.22
N THR Y 21 -51.73 26.71 -22.02
CA THR Y 21 -50.80 25.66 -21.66
C THR Y 21 -51.55 24.38 -21.30
N ALA Y 22 -50.77 23.32 -21.09
CA ALA Y 22 -51.23 22.06 -20.51
C ALA Y 22 -50.23 21.59 -19.48
N GLY Y 23 -49.89 22.49 -18.56
CA GLY Y 23 -48.84 22.25 -17.59
C GLY Y 23 -47.49 22.73 -18.08
N ALA Y 24 -46.91 22.05 -19.05
CA ALA Y 24 -45.68 22.55 -19.66
C ALA Y 24 -45.73 22.54 -21.18
N TYR Y 25 -46.29 21.51 -21.78
CA TYR Y 25 -46.63 21.52 -23.19
C TYR Y 25 -47.79 22.47 -23.43
N ILE Y 26 -47.74 23.20 -24.54
CA ILE Y 26 -48.72 24.23 -24.80
C ILE Y 26 -49.57 23.84 -26.00
N ALA Y 27 -50.86 24.12 -25.91
CA ALA Y 27 -51.82 23.60 -26.88
C ALA Y 27 -51.94 24.52 -28.10
N SER Y 28 -52.32 25.76 -27.88
CA SER Y 28 -52.63 26.66 -28.97
C SER Y 28 -51.90 27.99 -28.80
N GLN Y 29 -51.54 28.58 -29.93
CA GLN Y 29 -50.98 29.92 -29.96
C GLN Y 29 -52.02 30.98 -30.28
N THR Y 30 -53.26 30.58 -30.51
CA THR Y 30 -54.34 31.51 -30.85
C THR Y 30 -55.63 31.06 -30.18
N VAL Y 31 -55.89 31.62 -29.01
CA VAL Y 31 -57.06 31.29 -28.21
C VAL Y 31 -57.85 32.57 -27.99
N LYS Y 32 -59.14 32.52 -28.31
CA LYS Y 32 -60.02 33.66 -28.07
C LYS Y 32 -60.32 33.71 -26.57
N LYS Y 33 -59.47 34.39 -25.81
CA LYS Y 33 -59.65 34.49 -24.36
C LYS Y 33 -60.44 35.73 -23.94
N VAL Y 34 -61.31 36.23 -24.80
CA VAL Y 34 -62.27 37.26 -24.44
C VAL Y 34 -63.63 36.82 -24.99
N ILE Y 35 -64.58 36.60 -24.10
CA ILE Y 35 -65.91 36.13 -24.48
C ILE Y 35 -66.81 37.34 -24.70
N GLU Y 36 -67.48 37.38 -25.84
CA GLU Y 36 -68.33 38.49 -26.23
C GLU Y 36 -69.76 38.08 -25.94
N ILE Y 37 -70.22 38.37 -24.72
CA ILE Y 37 -71.51 37.84 -24.29
C ILE Y 37 -72.67 38.56 -24.96
N ASN Y 38 -72.46 39.81 -25.36
CA ASN Y 38 -73.42 40.58 -26.16
C ASN Y 38 -72.65 41.72 -26.80
N PRO Y 39 -73.24 42.43 -27.77
CA PRO Y 39 -72.54 43.62 -28.28
C PRO Y 39 -72.63 44.85 -27.39
N TYR Y 40 -72.52 44.67 -26.07
CA TYR Y 40 -72.35 45.74 -25.11
C TYR Y 40 -71.39 45.42 -23.98
N LEU Y 41 -71.15 44.15 -23.67
CA LEU Y 41 -70.26 43.74 -22.59
C LEU Y 41 -69.21 42.78 -23.13
N LEU Y 42 -68.33 42.35 -22.25
CA LEU Y 42 -67.36 41.32 -22.57
C LEU Y 42 -67.18 40.42 -21.36
N GLY Y 43 -66.13 39.63 -21.39
CA GLY Y 43 -65.79 38.76 -20.29
C GLY Y 43 -64.55 37.98 -20.62
N THR Y 44 -63.62 37.89 -19.69
CA THR Y 44 -62.35 37.24 -19.94
C THR Y 44 -62.30 35.87 -19.28
N MET Y 45 -61.13 35.24 -19.37
CA MET Y 45 -60.91 33.89 -18.87
C MET Y 45 -59.48 33.81 -18.36
N ALA Y 46 -59.27 33.20 -17.20
CA ALA Y 46 -57.93 33.19 -16.60
C ALA Y 46 -57.59 31.85 -15.96
N GLY Y 47 -57.88 30.75 -16.64
CA GLY Y 47 -57.41 29.47 -16.13
C GLY Y 47 -58.50 28.44 -15.94
N GLY Y 48 -58.17 27.16 -16.09
CA GLY Y 48 -59.19 26.14 -16.10
C GLY Y 48 -60.02 26.26 -17.36
N ALA Y 49 -59.42 25.93 -18.51
CA ALA Y 49 -59.90 26.31 -19.83
C ALA Y 49 -61.30 25.83 -20.16
N ALA Y 50 -61.82 24.79 -19.50
CA ALA Y 50 -63.22 24.44 -19.67
C ALA Y 50 -64.11 25.05 -18.63
N ASP Y 51 -63.56 25.30 -17.43
CA ASP Y 51 -64.31 25.96 -16.38
C ASP Y 51 -64.70 27.37 -16.81
N CYS Y 52 -63.71 28.20 -17.12
CA CYS Y 52 -63.97 29.59 -17.50
C CYS Y 52 -64.78 29.69 -18.79
N SER Y 53 -64.53 28.80 -19.75
CA SER Y 53 -65.29 28.83 -20.99
C SER Y 53 -66.75 28.42 -20.75
N PHE Y 54 -66.97 27.46 -19.86
CA PHE Y 54 -68.33 27.05 -19.56
C PHE Y 54 -69.06 28.12 -18.78
N TRP Y 55 -68.40 28.78 -17.84
CA TRP Y 55 -69.15 29.70 -16.99
C TRP Y 55 -69.35 31.07 -17.63
N GLU Y 56 -68.48 31.52 -18.52
CA GLU Y 56 -68.90 32.70 -19.29
C GLU Y 56 -69.82 32.35 -20.45
N ARG Y 57 -69.77 31.10 -20.93
CA ARG Y 57 -70.80 30.63 -21.85
C ARG Y 57 -72.17 30.65 -21.17
N LEU Y 58 -72.25 30.11 -19.97
CA LEU Y 58 -73.50 30.06 -19.23
C LEU Y 58 -73.90 31.44 -18.73
N LEU Y 59 -72.92 32.31 -18.47
CA LEU Y 59 -73.24 33.71 -18.16
C LEU Y 59 -73.86 34.38 -19.37
N ALA Y 60 -73.40 34.03 -20.57
CA ALA Y 60 -74.02 34.58 -21.77
C ALA Y 60 -75.45 34.10 -21.91
N ARG Y 61 -75.73 32.85 -21.52
CA ARG Y 61 -77.10 32.38 -21.55
C ARG Y 61 -77.98 33.13 -20.55
N GLN Y 62 -77.51 33.25 -19.30
CA GLN Y 62 -78.31 33.91 -18.26
C GLN Y 62 -78.53 35.38 -18.54
N CYS Y 63 -77.51 36.07 -19.06
CA CYS Y 63 -77.69 37.48 -19.35
C CYS Y 63 -78.60 37.69 -20.56
N ARG Y 64 -78.58 36.76 -21.52
CA ARG Y 64 -79.52 36.86 -22.63
C ARG Y 64 -80.95 36.60 -22.17
N ILE Y 65 -81.13 35.70 -21.21
CA ILE Y 65 -82.45 35.49 -20.59
C ILE Y 65 -82.90 36.75 -19.84
N TYR Y 66 -81.96 37.47 -19.23
CA TYR Y 66 -82.32 38.74 -18.61
C TYR Y 66 -82.73 39.78 -19.65
N GLU Y 67 -82.05 39.77 -20.81
CA GLU Y 67 -82.38 40.70 -21.90
C GLU Y 67 -83.79 40.44 -22.42
N LEU Y 68 -84.15 39.17 -22.56
CA LEU Y 68 -85.49 38.85 -23.04
C LEU Y 68 -86.53 39.10 -21.95
N ARG Y 69 -86.18 38.83 -20.71
CA ARG Y 69 -87.17 38.78 -19.65
C ARG Y 69 -87.54 40.16 -19.15
N ASN Y 70 -86.57 41.07 -19.05
CA ASN Y 70 -86.87 42.40 -18.53
C ASN Y 70 -86.60 43.51 -19.54
N LYS Y 71 -86.51 43.16 -20.83
CA LYS Y 71 -86.44 44.03 -22.02
C LYS Y 71 -85.51 45.22 -21.89
N GLU Y 72 -84.43 45.05 -21.11
CA GLU Y 72 -83.43 46.07 -20.89
C GLU Y 72 -82.07 45.43 -21.09
N ARG Y 73 -81.08 46.26 -21.37
CA ARG Y 73 -79.70 45.81 -21.28
C ARG Y 73 -79.39 45.46 -19.83
N ILE Y 74 -78.63 44.39 -19.64
CA ILE Y 74 -78.29 43.96 -18.29
C ILE Y 74 -77.25 44.91 -17.71
N SER Y 75 -77.41 45.27 -16.44
CA SER Y 75 -76.36 45.98 -15.75
C SER Y 75 -75.20 45.04 -15.49
N VAL Y 76 -73.99 45.59 -15.50
CA VAL Y 76 -72.79 44.78 -15.39
C VAL Y 76 -72.65 44.20 -13.98
N ALA Y 77 -73.15 44.92 -12.97
CA ALA Y 77 -73.13 44.41 -11.61
C ALA Y 77 -74.05 43.22 -11.43
N ALA Y 78 -75.11 43.13 -12.23
CA ALA Y 78 -75.98 41.97 -12.19
C ALA Y 78 -75.28 40.74 -12.74
N ALA Y 79 -74.57 40.88 -13.86
CA ALA Y 79 -73.89 39.76 -14.48
C ALA Y 79 -72.75 39.25 -13.61
N SER Y 80 -71.96 40.18 -13.07
CA SER Y 80 -70.89 39.79 -12.17
C SER Y 80 -71.44 39.18 -10.89
N LYS Y 81 -72.58 39.69 -10.42
CA LYS Y 81 -73.16 39.17 -9.18
C LYS Y 81 -73.66 37.76 -9.36
N LEU Y 82 -74.40 37.48 -10.44
CA LEU Y 82 -74.95 36.14 -10.62
C LEU Y 82 -73.86 35.13 -10.97
N LEU Y 83 -72.81 35.58 -11.68
CA LEU Y 83 -71.64 34.73 -11.86
C LEU Y 83 -71.03 34.36 -10.52
N ALA Y 84 -70.88 35.34 -9.63
CA ALA Y 84 -70.35 35.08 -8.31
C ALA Y 84 -71.28 34.19 -7.48
N ASN Y 85 -72.58 34.22 -7.76
CA ASN Y 85 -73.50 33.33 -7.07
C ASN Y 85 -73.29 31.88 -7.50
N MET Y 86 -73.24 31.63 -8.81
CA MET Y 86 -73.16 30.23 -9.25
C MET Y 86 -71.77 29.64 -8.99
N VAL Y 87 -70.70 30.36 -9.32
CA VAL Y 87 -69.38 29.81 -9.02
C VAL Y 87 -69.05 29.93 -7.55
N TYR Y 88 -69.82 30.72 -6.79
CA TYR Y 88 -69.74 30.59 -5.35
C TYR Y 88 -70.35 29.28 -4.88
N GLN Y 89 -71.50 28.90 -5.42
CA GLN Y 89 -72.08 27.65 -4.94
C GLN Y 89 -71.47 26.42 -5.59
N TYR Y 90 -70.40 26.58 -6.38
CA TYR Y 90 -69.46 25.49 -6.60
C TYR Y 90 -68.08 25.73 -5.96
N LYS Y 91 -68.02 26.39 -4.80
CA LYS Y 91 -66.73 26.65 -4.17
C LYS Y 91 -66.24 25.39 -3.46
N GLY Y 92 -64.94 25.13 -3.56
CA GLY Y 92 -64.31 24.01 -2.92
C GLY Y 92 -64.28 22.76 -3.75
N MET Y 93 -64.92 22.77 -4.91
CA MET Y 93 -65.01 21.61 -5.77
C MET Y 93 -63.88 21.55 -6.80
N GLY Y 94 -62.75 22.18 -6.50
CA GLY Y 94 -61.67 22.25 -7.46
C GLY Y 94 -61.88 23.21 -8.60
N LEU Y 95 -62.91 24.03 -8.53
CA LEU Y 95 -63.19 25.00 -9.58
C LEU Y 95 -62.19 26.14 -9.49
N SER Y 96 -61.63 26.55 -10.63
CA SER Y 96 -60.62 27.59 -10.65
C SER Y 96 -60.81 28.45 -11.89
N MET Y 97 -61.19 29.71 -11.70
CA MET Y 97 -61.36 30.63 -12.81
C MET Y 97 -61.04 32.03 -12.31
N GLY Y 98 -61.43 33.03 -13.09
CA GLY Y 98 -61.19 34.42 -12.76
C GLY Y 98 -61.38 35.26 -13.99
N THR Y 99 -62.02 36.42 -13.86
CA THR Y 99 -62.41 37.15 -15.05
C THR Y 99 -62.66 38.62 -14.75
N MET Y 100 -62.56 39.39 -15.81
CA MET Y 100 -63.22 40.68 -15.88
C MET Y 100 -64.64 40.47 -16.38
N ILE Y 101 -65.54 41.30 -15.91
CA ILE Y 101 -66.82 41.51 -16.55
C ILE Y 101 -66.87 43.01 -16.82
N CYS Y 102 -66.42 43.42 -18.00
CA CYS Y 102 -66.42 44.84 -18.32
C CYS Y 102 -67.71 45.18 -19.04
N GLY Y 103 -67.74 46.34 -19.66
CA GLY Y 103 -68.86 46.69 -20.50
C GLY Y 103 -69.60 47.91 -20.02
N TRP Y 104 -69.99 48.78 -20.94
CA TRP Y 104 -70.72 49.98 -20.58
C TRP Y 104 -72.15 49.62 -20.19
N ASP Y 105 -72.66 50.28 -19.15
CA ASP Y 105 -74.07 50.19 -18.80
C ASP Y 105 -74.56 51.60 -18.50
N LYS Y 106 -75.75 51.69 -17.92
CA LYS Y 106 -76.39 52.99 -17.70
C LYS Y 106 -75.82 53.77 -16.52
N ARG Y 107 -74.72 53.32 -15.92
CA ARG Y 107 -74.12 54.06 -14.82
C ARG Y 107 -72.63 54.31 -15.00
N GLY Y 108 -71.93 53.39 -15.65
CA GLY Y 108 -70.49 53.46 -15.67
C GLY Y 108 -69.81 52.55 -16.68
N PRO Y 109 -68.48 52.61 -16.72
CA PRO Y 109 -67.73 51.67 -17.56
C PRO Y 109 -67.73 50.24 -17.04
N GLY Y 110 -68.08 50.01 -15.79
CA GLY Y 110 -68.24 48.63 -15.30
C GLY Y 110 -66.95 48.09 -14.68
N LEU Y 111 -66.38 47.05 -15.31
CA LEU Y 111 -65.12 46.41 -14.91
C LEU Y 111 -65.20 45.85 -13.48
N TYR Y 112 -65.98 44.78 -13.36
CA TYR Y 112 -65.93 43.96 -12.16
C TYR Y 112 -65.02 42.77 -12.37
N TYR Y 113 -64.55 42.22 -11.26
CA TYR Y 113 -63.59 41.11 -11.25
C TYR Y 113 -64.16 39.96 -10.43
N VAL Y 114 -64.46 38.83 -11.07
CA VAL Y 114 -65.10 37.72 -10.39
C VAL Y 114 -64.23 36.48 -10.56
N ASP Y 115 -63.92 35.81 -9.46
CA ASP Y 115 -63.10 34.62 -9.55
C ASP Y 115 -63.72 33.41 -8.86
N SER Y 116 -62.93 32.35 -8.72
CA SER Y 116 -63.43 31.09 -8.20
C SER Y 116 -63.79 31.18 -6.72
N GLU Y 117 -63.02 31.92 -5.94
CA GLU Y 117 -63.34 32.11 -4.54
C GLU Y 117 -64.53 33.03 -4.33
N GLY Y 118 -64.92 33.80 -5.35
CA GLY Y 118 -66.06 34.66 -5.23
C GLY Y 118 -65.72 36.00 -4.62
N ASN Y 119 -64.71 36.68 -5.18
CA ASN Y 119 -64.36 38.00 -4.67
C ASN Y 119 -65.42 39.03 -5.07
N ARG Y 120 -65.65 39.20 -6.38
CA ARG Y 120 -66.69 40.05 -6.95
C ARG Y 120 -66.52 41.50 -6.48
N ILE Y 121 -65.46 42.10 -6.96
CA ILE Y 121 -65.11 43.46 -6.59
C ILE Y 121 -65.22 44.37 -7.81
N SER Y 122 -65.50 45.64 -7.55
CA SER Y 122 -65.35 46.65 -8.58
C SER Y 122 -63.88 46.97 -8.77
N GLY Y 123 -63.59 47.88 -9.69
CA GLY Y 123 -62.20 48.23 -9.90
C GLY Y 123 -62.05 49.41 -10.82
N ALA Y 124 -60.85 49.99 -10.78
CA ALA Y 124 -60.41 50.93 -11.80
C ALA Y 124 -59.58 50.23 -12.85
N THR Y 125 -58.73 49.29 -12.43
CA THR Y 125 -57.94 48.50 -13.36
C THR Y 125 -57.64 47.14 -12.74
N PHE Y 126 -57.49 46.14 -13.61
CA PHE Y 126 -57.07 44.81 -13.16
C PHE Y 126 -56.24 44.16 -14.24
N SER Y 127 -55.60 43.05 -13.85
CA SER Y 127 -54.97 42.15 -14.80
C SER Y 127 -54.88 40.80 -14.10
N VAL Y 128 -55.77 39.89 -14.44
CA VAL Y 128 -55.74 38.57 -13.83
C VAL Y 128 -55.11 37.61 -14.84
N GLY Y 129 -54.41 36.61 -14.32
CA GLY Y 129 -53.79 35.62 -15.16
C GLY Y 129 -52.76 34.85 -14.36
N SER Y 130 -51.97 34.06 -15.08
CA SER Y 130 -50.98 33.22 -14.41
C SER Y 130 -49.83 34.05 -13.86
N GLY Y 131 -49.05 34.66 -14.75
CA GLY Y 131 -48.06 35.58 -14.23
C GLY Y 131 -48.71 36.88 -13.79
N SER Y 132 -49.07 37.72 -14.76
CA SER Y 132 -50.05 38.80 -14.65
C SER Y 132 -49.72 39.94 -13.70
N VAL Y 133 -48.83 39.74 -12.76
CA VAL Y 133 -48.49 40.81 -11.84
C VAL Y 133 -47.44 41.71 -12.46
N TYR Y 134 -46.66 41.15 -13.40
CA TYR Y 134 -45.86 41.92 -14.32
C TYR Y 134 -46.69 42.98 -15.00
N ALA Y 135 -47.88 42.56 -15.48
CA ALA Y 135 -48.81 43.47 -16.14
C ALA Y 135 -49.22 44.59 -15.20
N TYR Y 136 -49.51 44.25 -13.94
CA TYR Y 136 -49.85 45.23 -12.90
C TYR Y 136 -48.81 46.32 -12.81
N GLY Y 137 -47.53 45.92 -12.71
CA GLY Y 137 -46.43 46.85 -12.60
C GLY Y 137 -46.38 47.82 -13.75
N VAL Y 138 -46.31 47.28 -14.97
CA VAL Y 138 -46.08 48.17 -16.10
C VAL Y 138 -47.33 48.98 -16.41
N MET Y 139 -48.51 48.40 -16.17
CA MET Y 139 -49.75 49.12 -16.42
C MET Y 139 -49.92 50.24 -15.42
N ASP Y 140 -49.55 49.99 -14.18
CA ASP Y 140 -49.76 51.01 -13.17
C ASP Y 140 -48.66 52.03 -13.18
N ARG Y 141 -47.64 51.86 -14.04
CA ARG Y 141 -46.71 52.97 -14.20
C ARG Y 141 -47.19 53.98 -15.23
N GLY Y 142 -47.88 53.52 -16.27
CA GLY Y 142 -48.30 54.42 -17.32
C GLY Y 142 -49.78 54.73 -17.34
N TYR Y 143 -50.51 54.32 -16.31
CA TYR Y 143 -51.95 54.54 -16.25
C TYR Y 143 -52.27 55.89 -15.65
N SER Y 144 -53.21 56.58 -16.27
CA SER Y 144 -53.87 57.73 -15.69
C SER Y 144 -55.29 57.76 -16.23
N TYR Y 145 -56.18 58.42 -15.50
CA TYR Y 145 -57.55 58.50 -15.97
C TYR Y 145 -57.67 59.47 -17.15
N ASP Y 146 -56.74 60.42 -17.24
CA ASP Y 146 -56.77 61.43 -18.29
C ASP Y 146 -55.95 61.03 -19.51
N LEU Y 147 -56.18 59.82 -20.01
CA LEU Y 147 -55.54 59.36 -21.23
C LEU Y 147 -56.51 59.50 -22.39
N GLU Y 148 -55.94 59.68 -23.58
CA GLU Y 148 -56.74 59.57 -24.79
C GLU Y 148 -56.58 58.15 -25.32
N VAL Y 149 -57.07 57.89 -26.53
CA VAL Y 149 -57.32 56.52 -26.96
C VAL Y 149 -56.02 55.83 -27.36
N GLU Y 150 -55.09 56.55 -27.97
CA GLU Y 150 -53.97 55.88 -28.64
C GLU Y 150 -52.90 55.41 -27.66
N GLN Y 151 -52.48 56.26 -26.72
CA GLN Y 151 -51.50 55.76 -25.76
C GLN Y 151 -52.13 54.87 -24.70
N ALA Y 152 -53.46 54.78 -24.64
CA ALA Y 152 -54.08 53.71 -23.88
C ALA Y 152 -53.89 52.38 -24.59
N TYR Y 153 -54.05 52.37 -25.92
CA TYR Y 153 -53.76 51.17 -26.70
C TYR Y 153 -52.31 50.77 -26.58
N ASP Y 154 -51.40 51.75 -26.64
CA ASP Y 154 -49.99 51.43 -26.47
C ASP Y 154 -49.66 51.06 -25.03
N LEU Y 155 -50.46 51.53 -24.07
CA LEU Y 155 -50.27 51.09 -22.70
C LEU Y 155 -50.67 49.64 -22.52
N ALA Y 156 -51.70 49.19 -23.24
CA ALA Y 156 -52.08 47.79 -23.15
C ALA Y 156 -51.10 46.90 -23.91
N ARG Y 157 -50.69 47.32 -25.11
CA ARG Y 157 -49.77 46.53 -25.91
C ARG Y 157 -48.40 46.40 -25.26
N ARG Y 158 -47.88 47.50 -24.72
CA ARG Y 158 -46.63 47.41 -23.96
C ARG Y 158 -46.84 46.67 -22.66
N ALA Y 159 -48.04 46.78 -22.08
CA ALA Y 159 -48.30 46.21 -20.77
C ALA Y 159 -48.28 44.69 -20.81
N ILE Y 160 -49.16 44.08 -21.61
CA ILE Y 160 -49.10 42.63 -21.71
C ILE Y 160 -48.08 42.17 -22.72
N TYR Y 161 -47.41 43.08 -23.43
CA TYR Y 161 -46.20 42.66 -24.12
C TYR Y 161 -45.11 42.32 -23.11
N GLN Y 162 -44.87 43.20 -22.13
CA GLN Y 162 -43.85 42.86 -21.15
C GLN Y 162 -44.32 41.73 -20.26
N ALA Y 163 -45.62 41.68 -19.97
CA ALA Y 163 -46.14 40.57 -19.17
C ALA Y 163 -46.14 39.25 -19.91
N THR Y 164 -46.08 39.26 -21.24
CA THR Y 164 -45.85 38.01 -21.97
C THR Y 164 -44.40 37.76 -22.29
N TYR Y 165 -43.56 38.79 -22.25
CA TYR Y 165 -42.14 38.62 -22.46
C TYR Y 165 -41.47 37.98 -21.26
N ARG Y 166 -41.77 38.49 -20.07
CA ARG Y 166 -41.09 38.00 -18.88
C ARG Y 166 -41.65 36.66 -18.42
N ASP Y 167 -42.96 36.50 -18.47
CA ASP Y 167 -43.60 35.25 -18.07
C ASP Y 167 -43.35 34.17 -19.12
N ALA Y 168 -43.34 32.93 -18.64
CA ALA Y 168 -43.24 31.77 -19.52
C ALA Y 168 -44.61 31.30 -20.00
N TYR Y 169 -45.60 31.27 -19.13
CA TYR Y 169 -46.91 30.72 -19.47
C TYR Y 169 -47.81 31.75 -20.13
N SER Y 170 -47.31 32.44 -21.15
CA SER Y 170 -48.07 33.49 -21.83
C SER Y 170 -47.45 33.72 -23.19
N GLY Y 171 -48.09 34.58 -23.98
CA GLY Y 171 -47.53 34.98 -25.25
C GLY Y 171 -48.49 34.82 -26.40
N GLY Y 172 -47.97 34.37 -27.54
CA GLY Y 172 -48.82 34.14 -28.68
C GLY Y 172 -49.15 35.42 -29.39
N ALA Y 173 -50.38 35.89 -29.21
CA ALA Y 173 -50.84 37.13 -29.82
C ALA Y 173 -51.32 38.08 -28.73
N VAL Y 174 -51.86 39.20 -29.16
CA VAL Y 174 -52.60 40.11 -28.28
C VAL Y 174 -53.79 40.66 -29.04
N ASN Y 175 -54.98 40.39 -28.54
CA ASN Y 175 -56.19 41.05 -28.97
C ASN Y 175 -56.55 42.15 -27.98
N LEU Y 176 -57.21 43.18 -28.48
CA LEU Y 176 -57.46 44.33 -27.64
C LEU Y 176 -58.84 44.86 -27.96
N TYR Y 177 -59.53 45.32 -26.93
CA TYR Y 177 -60.91 45.75 -27.01
C TYR Y 177 -61.04 47.09 -26.31
N HIS Y 178 -61.89 47.96 -26.84
CA HIS Y 178 -62.10 49.29 -26.28
C HIS Y 178 -63.59 49.53 -26.25
N VAL Y 179 -64.26 49.13 -25.19
CA VAL Y 179 -65.70 49.22 -25.21
C VAL Y 179 -66.09 50.58 -24.64
N ARG Y 180 -67.18 51.11 -25.19
CA ARG Y 180 -67.74 52.41 -24.81
C ARG Y 180 -69.20 52.38 -25.24
N GLU Y 181 -69.84 53.54 -25.36
CA GLU Y 181 -71.28 53.60 -25.53
C GLU Y 181 -71.73 53.30 -26.96
N ASP Y 182 -71.17 52.26 -27.55
CA ASP Y 182 -71.70 51.60 -28.73
C ASP Y 182 -71.54 50.09 -28.68
N GLY Y 183 -70.75 49.56 -27.75
CA GLY Y 183 -70.36 48.17 -27.73
C GLY Y 183 -68.87 48.02 -27.96
N TRP Y 184 -68.42 46.78 -27.86
CA TRP Y 184 -67.02 46.47 -28.08
C TRP Y 184 -66.64 46.64 -29.55
N ILE Y 185 -65.37 46.95 -29.79
CA ILE Y 185 -64.76 46.79 -31.10
C ILE Y 185 -63.46 46.03 -30.92
N ARG Y 186 -62.88 45.62 -32.03
CA ARG Y 186 -61.58 44.98 -32.06
C ARG Y 186 -60.58 45.89 -32.75
N VAL Y 187 -59.43 46.09 -32.13
CA VAL Y 187 -58.41 46.97 -32.68
C VAL Y 187 -57.10 46.26 -32.97
N SER Y 188 -56.95 44.99 -32.63
CA SER Y 188 -55.67 44.34 -32.82
C SER Y 188 -55.84 42.84 -32.93
N SER Y 189 -54.91 42.23 -33.66
CA SER Y 189 -54.63 40.81 -33.57
C SER Y 189 -53.13 40.56 -33.68
N ASP Y 190 -52.32 41.50 -33.19
CA ASP Y 190 -50.89 41.43 -33.37
C ASP Y 190 -50.28 40.34 -32.50
N ASN Y 191 -49.18 39.76 -32.97
CA ASN Y 191 -48.46 38.78 -32.18
C ASN Y 191 -47.31 39.46 -31.43
N VAL Y 192 -46.54 38.65 -30.72
CA VAL Y 192 -45.49 39.19 -29.86
C VAL Y 192 -44.29 39.62 -30.68
N ALA Y 193 -44.00 38.90 -31.77
CA ALA Y 193 -42.78 39.17 -32.54
C ALA Y 193 -42.88 40.49 -33.30
N ASP Y 194 -44.06 40.80 -33.85
CA ASP Y 194 -44.21 42.07 -34.57
C ASP Y 194 -44.25 43.25 -33.60
N LEU Y 195 -44.69 43.03 -32.37
CA LEU Y 195 -44.51 44.06 -31.35
C LEU Y 195 -43.06 44.20 -30.96
N HIS Y 196 -42.29 43.11 -31.01
CA HIS Y 196 -40.89 43.20 -30.64
C HIS Y 196 -40.09 43.94 -31.70
N GLU Y 197 -40.37 43.69 -32.97
CA GLU Y 197 -39.69 44.48 -34.00
C GLU Y 197 -40.29 45.87 -34.13
N LYS Y 198 -41.54 46.05 -33.69
CA LYS Y 198 -42.16 47.36 -33.75
C LYS Y 198 -41.58 48.30 -32.71
N TYR Y 199 -41.21 47.77 -31.54
CA TYR Y 199 -40.81 48.59 -30.42
C TYR Y 199 -39.38 48.33 -29.98
N SER Y 200 -38.63 47.54 -30.74
CA SER Y 200 -37.21 47.25 -30.51
C SER Y 200 -36.95 46.61 -29.14
N GLY Y 201 -37.94 45.87 -28.63
CA GLY Y 201 -37.89 45.40 -27.26
C GLY Y 201 -38.81 46.21 -26.36
N ARG Z 29 -57.05 3.34 -4.22
CA ARG Z 29 -57.31 1.93 -3.93
C ARG Z 29 -57.70 1.20 -5.19
N PHE Z 30 -58.15 1.95 -6.19
CA PHE Z 30 -58.68 1.32 -7.39
C PHE Z 30 -58.07 1.85 -8.69
N SER Z 31 -57.76 3.15 -8.77
CA SER Z 31 -57.21 3.83 -9.94
C SER Z 31 -58.08 3.63 -11.18
N PRO Z 32 -59.23 4.30 -11.28
CA PRO Z 32 -60.18 3.97 -12.34
C PRO Z 32 -59.77 4.41 -13.74
N TYR Z 33 -58.57 4.95 -13.95
CA TYR Z 33 -58.09 5.23 -15.28
C TYR Z 33 -56.82 4.45 -15.54
N VAL Z 34 -56.65 4.00 -16.78
CA VAL Z 34 -55.35 3.67 -17.31
C VAL Z 34 -55.17 4.47 -18.59
N PHE Z 35 -53.98 4.39 -19.17
CA PHE Z 35 -53.70 5.14 -20.38
C PHE Z 35 -53.47 4.14 -21.49
N ASN Z 36 -54.53 3.85 -22.25
CA ASN Z 36 -54.45 2.88 -23.33
C ASN Z 36 -53.78 3.41 -24.57
N GLY Z 37 -53.39 4.68 -24.60
CA GLY Z 37 -52.54 5.20 -25.66
C GLY Z 37 -53.26 5.36 -26.98
N GLY Z 38 -52.49 5.82 -27.95
CA GLY Z 38 -53.03 6.06 -29.28
C GLY Z 38 -52.92 7.53 -29.65
N THR Z 39 -52.54 7.81 -30.89
CA THR Z 39 -52.38 9.19 -31.34
C THR Z 39 -53.20 9.39 -32.59
N ILE Z 40 -54.05 10.43 -32.59
CA ILE Z 40 -54.92 10.69 -33.72
C ILE Z 40 -54.80 12.15 -34.15
N LEU Z 41 -54.82 12.33 -35.47
CA LEU Z 41 -54.49 13.58 -36.16
C LEU Z 41 -55.62 13.94 -37.11
N ALA Z 42 -55.90 15.23 -37.26
CA ALA Z 42 -56.81 15.67 -38.30
C ALA Z 42 -56.31 16.99 -38.86
N ILE Z 43 -56.40 17.14 -40.18
CA ILE Z 43 -55.93 18.30 -40.91
C ILE Z 43 -57.09 18.87 -41.69
N ALA Z 44 -57.29 20.19 -41.63
CA ALA Z 44 -58.36 20.84 -42.35
C ALA Z 44 -57.77 21.59 -43.53
N GLY Z 45 -58.07 21.10 -44.74
CA GLY Z 45 -57.66 21.79 -45.94
C GLY Z 45 -58.67 22.84 -46.35
N GLU Z 46 -59.09 22.82 -47.60
CA GLU Z 46 -60.09 23.74 -48.09
C GLU Z 46 -61.36 23.06 -48.58
N ASP Z 47 -61.32 21.76 -48.86
CA ASP Z 47 -62.53 20.99 -49.10
C ASP Z 47 -62.43 19.59 -48.51
N PHE Z 48 -61.58 19.41 -47.49
CA PHE Z 48 -61.35 18.08 -46.96
C PHE Z 48 -60.93 18.20 -45.51
N ALA Z 49 -60.82 17.04 -44.86
CA ALA Z 49 -60.33 16.99 -43.48
C ALA Z 49 -59.74 15.60 -43.26
N ILE Z 50 -58.41 15.50 -43.30
CA ILE Z 50 -57.75 14.22 -43.13
C ILE Z 50 -57.75 13.88 -41.65
N VAL Z 51 -58.65 13.00 -41.23
CA VAL Z 51 -58.65 12.54 -39.85
C VAL Z 51 -57.83 11.25 -39.82
N ALA Z 52 -56.60 11.36 -39.36
CA ALA Z 52 -55.73 10.21 -39.25
C ALA Z 52 -56.08 9.41 -38.01
N SER Z 53 -55.32 8.34 -37.78
CA SER Z 53 -55.56 7.47 -36.65
C SER Z 53 -54.29 6.70 -36.36
N ASP Z 54 -54.37 5.78 -35.42
CA ASP Z 54 -53.42 4.69 -35.25
C ASP Z 54 -54.23 3.48 -34.80
N THR Z 55 -53.57 2.42 -34.37
CA THR Z 55 -54.30 1.19 -34.14
C THR Z 55 -54.05 0.56 -32.78
N ARG Z 56 -52.81 0.59 -32.29
CA ARG Z 56 -52.40 -0.23 -31.16
C ARG Z 56 -52.88 0.37 -29.86
N LEU Z 57 -53.88 -0.26 -29.22
CA LEU Z 57 -54.26 0.11 -27.87
C LEU Z 57 -53.55 -0.80 -26.89
N SER Z 58 -53.00 -0.21 -25.83
CA SER Z 58 -52.05 -0.91 -24.99
C SER Z 58 -51.85 -0.15 -23.71
N GLU Z 59 -51.77 -0.86 -22.59
CA GLU Z 59 -51.42 -0.25 -21.32
C GLU Z 59 -50.37 -1.10 -20.63
N GLY Z 60 -49.74 -0.50 -19.63
CA GLY Z 60 -48.62 -1.12 -18.95
C GLY Z 60 -47.45 -1.31 -19.88
N PHE Z 61 -47.16 -2.55 -20.22
CA PHE Z 61 -46.13 -2.85 -21.19
C PHE Z 61 -46.51 -3.94 -22.17
N SER Z 62 -47.75 -4.41 -22.16
CA SER Z 62 -48.20 -5.40 -23.13
C SER Z 62 -49.29 -4.80 -23.99
N ILE Z 63 -49.22 -5.07 -25.28
CA ILE Z 63 -50.23 -4.61 -26.21
C ILE Z 63 -51.39 -5.58 -26.19
N HIS Z 64 -52.57 -5.07 -26.51
CA HIS Z 64 -53.76 -5.89 -26.59
C HIS Z 64 -54.07 -6.34 -28.00
N THR Z 65 -54.31 -5.39 -28.90
CA THR Z 65 -54.82 -5.74 -30.21
C THR Z 65 -54.21 -4.80 -31.24
N ARG Z 66 -54.25 -5.26 -32.48
CA ARG Z 66 -53.90 -4.43 -33.62
C ARG Z 66 -55.01 -4.58 -34.66
N ASP Z 67 -56.17 -3.99 -34.36
CA ASP Z 67 -57.23 -3.82 -35.34
C ASP Z 67 -57.99 -2.53 -35.11
N SER Z 68 -57.81 -1.95 -33.92
CA SER Z 68 -58.80 -1.06 -33.34
C SER Z 68 -58.77 0.31 -34.02
N PRO Z 69 -59.84 0.72 -34.68
CA PRO Z 69 -59.90 2.08 -35.22
C PRO Z 69 -60.08 3.09 -34.11
N LYS Z 70 -59.69 4.32 -34.41
CA LYS Z 70 -59.97 5.43 -33.51
C LYS Z 70 -60.67 6.59 -34.19
N CYS Z 71 -60.77 6.59 -35.50
CA CYS Z 71 -61.64 7.53 -36.21
C CYS Z 71 -63.00 6.89 -36.41
N TYR Z 72 -64.04 7.55 -35.91
CA TYR Z 72 -65.40 7.04 -36.02
C TYR Z 72 -66.20 7.94 -36.94
N LYS Z 73 -66.90 7.33 -37.89
CA LYS Z 73 -67.73 8.04 -38.85
C LYS Z 73 -69.03 8.42 -38.16
N LEU Z 74 -69.13 9.67 -37.72
CA LEU Z 74 -70.35 10.12 -37.05
C LEU Z 74 -71.48 10.35 -38.06
N THR Z 75 -71.31 11.33 -38.93
CA THR Z 75 -72.24 11.58 -40.01
C THR Z 75 -71.46 11.32 -41.29
N ASP Z 76 -72.05 11.63 -42.45
CA ASP Z 76 -71.31 11.50 -43.70
C ASP Z 76 -70.22 12.57 -43.80
N LYS Z 77 -70.36 13.66 -43.05
CA LYS Z 77 -69.44 14.78 -43.15
C LYS Z 77 -68.74 15.10 -41.84
N THR Z 78 -68.83 14.24 -40.82
CA THR Z 78 -68.13 14.46 -39.56
C THR Z 78 -67.48 13.16 -39.11
N VAL Z 79 -66.19 13.21 -38.84
CA VAL Z 79 -65.43 12.06 -38.34
C VAL Z 79 -64.74 12.47 -37.06
N ILE Z 80 -64.91 11.69 -36.00
CA ILE Z 80 -64.23 11.96 -34.75
C ILE Z 80 -62.95 11.15 -34.73
N GLY Z 81 -61.94 11.64 -34.01
CA GLY Z 81 -60.84 10.82 -33.58
C GLY Z 81 -60.97 10.77 -32.09
N CYS Z 82 -60.46 9.75 -31.41
CA CYS Z 82 -60.79 9.57 -30.00
C CYS Z 82 -59.70 8.73 -29.35
N SER Z 83 -58.88 9.36 -28.52
CA SER Z 83 -57.73 8.71 -27.93
C SER Z 83 -57.66 9.00 -26.44
N GLY Z 84 -57.02 8.08 -25.71
CA GLY Z 84 -56.94 8.18 -24.27
C GLY Z 84 -57.32 6.87 -23.63
N PHE Z 85 -58.10 6.92 -22.56
CA PHE Z 85 -58.64 5.70 -21.97
C PHE Z 85 -59.67 5.12 -22.94
N HIS Z 86 -59.50 3.85 -23.29
CA HIS Z 86 -60.26 3.32 -24.42
C HIS Z 86 -61.70 3.02 -24.07
N GLY Z 87 -61.98 2.59 -22.84
CA GLY Z 87 -63.37 2.29 -22.48
C GLY Z 87 -64.21 3.54 -22.42
N ASP Z 88 -63.63 4.64 -21.98
CA ASP Z 88 -64.36 5.90 -21.87
C ASP Z 88 -64.43 6.62 -23.20
N CYS Z 89 -63.40 6.45 -24.04
CA CYS Z 89 -63.53 6.79 -25.45
C CYS Z 89 -64.68 6.06 -26.11
N LEU Z 90 -64.82 4.77 -25.81
CA LEU Z 90 -65.86 3.96 -26.42
C LEU Z 90 -67.24 4.39 -25.98
N THR Z 91 -67.43 4.58 -24.66
CA THR Z 91 -68.72 5.03 -24.15
C THR Z 91 -69.03 6.45 -24.63
N LEU Z 92 -68.01 7.28 -24.77
CA LEU Z 92 -68.22 8.64 -25.28
C LEU Z 92 -68.69 8.62 -26.73
N THR Z 93 -68.13 7.73 -27.55
CA THR Z 93 -68.62 7.62 -28.91
C THR Z 93 -70.03 7.04 -28.96
N LYS Z 94 -70.40 6.19 -27.99
CA LYS Z 94 -71.78 5.73 -27.92
C LYS Z 94 -72.72 6.86 -27.56
N ILE Z 95 -72.31 7.75 -26.66
CA ILE Z 95 -73.17 8.85 -26.23
C ILE Z 95 -73.33 9.87 -27.35
N ILE Z 96 -72.23 10.26 -27.99
CA ILE Z 96 -72.34 11.27 -29.03
C ILE Z 96 -72.99 10.70 -30.30
N GLU Z 97 -72.86 9.38 -30.50
CA GLU Z 97 -73.56 8.76 -31.62
C GLU Z 97 -75.06 8.71 -31.37
N ALA Z 98 -75.46 8.26 -30.17
CA ALA Z 98 -76.88 8.13 -29.86
C ALA Z 98 -77.56 9.47 -29.71
N ARG Z 99 -76.85 10.51 -29.27
CA ARG Z 99 -77.46 11.82 -29.21
C ARG Z 99 -77.42 12.56 -30.53
N LEU Z 100 -76.49 12.21 -31.43
CA LEU Z 100 -76.63 12.67 -32.81
C LEU Z 100 -77.90 12.12 -33.42
N LYS Z 101 -78.17 10.83 -33.20
CA LYS Z 101 -79.43 10.25 -33.67
C LYS Z 101 -80.62 10.87 -32.93
N MET Z 102 -80.44 11.26 -31.67
CA MET Z 102 -81.53 11.86 -30.93
C MET Z 102 -81.82 13.28 -31.43
N TYR Z 103 -80.80 13.96 -31.95
CA TYR Z 103 -81.02 15.24 -32.61
C TYR Z 103 -81.75 15.05 -33.93
N LYS Z 104 -81.28 14.09 -34.75
CA LYS Z 104 -81.51 14.11 -36.19
C LYS Z 104 -82.98 13.95 -36.54
N HIS Z 105 -83.74 13.18 -35.78
CA HIS Z 105 -85.18 13.14 -35.92
C HIS Z 105 -85.87 13.67 -34.68
N SER Z 106 -85.33 14.75 -34.13
CA SER Z 106 -86.08 15.67 -33.30
C SER Z 106 -86.25 17.01 -33.98
N ASN Z 107 -85.46 17.31 -35.00
CA ASN Z 107 -85.57 18.53 -35.76
C ASN Z 107 -85.70 18.28 -37.25
N ASN Z 108 -85.62 17.00 -37.67
CA ASN Z 108 -85.60 16.58 -39.09
C ASN Z 108 -84.47 17.27 -39.84
N LYS Z 109 -83.30 17.31 -39.23
CA LYS Z 109 -82.12 17.92 -39.81
C LYS Z 109 -80.89 17.28 -39.18
N ALA Z 110 -79.91 16.96 -40.01
CA ALA Z 110 -78.67 16.38 -39.52
C ALA Z 110 -77.86 17.43 -38.77
N MET Z 111 -76.88 16.95 -38.00
CA MET Z 111 -75.96 17.83 -37.30
C MET Z 111 -75.06 18.56 -38.27
N THR Z 112 -74.57 19.71 -37.84
CA THR Z 112 -73.45 20.36 -38.51
C THR Z 112 -72.18 19.88 -37.82
N THR Z 113 -71.05 20.54 -38.08
CA THR Z 113 -69.83 20.14 -37.41
C THR Z 113 -69.60 20.92 -36.13
N GLY Z 114 -69.82 22.24 -36.18
CA GLY Z 114 -69.66 23.06 -34.99
C GLY Z 114 -70.66 22.75 -33.90
N ALA Z 115 -71.84 22.26 -34.28
CA ALA Z 115 -72.81 21.86 -33.27
C ALA Z 115 -72.40 20.55 -32.60
N ILE Z 116 -71.79 19.63 -33.35
CA ILE Z 116 -71.14 18.46 -32.77
C ILE Z 116 -70.07 18.88 -31.78
N ALA Z 117 -69.27 19.87 -32.15
CA ALA Z 117 -68.23 20.35 -31.26
C ALA Z 117 -68.81 20.98 -29.99
N ALA Z 118 -69.94 21.67 -30.12
CA ALA Z 118 -70.55 22.31 -28.96
C ALA Z 118 -71.16 21.29 -28.02
N MET Z 119 -71.96 20.37 -28.54
CA MET Z 119 -72.59 19.40 -27.65
C MET Z 119 -71.59 18.41 -27.11
N LEU Z 120 -70.49 18.16 -27.81
CA LEU Z 120 -69.47 17.34 -27.20
C LEU Z 120 -68.68 18.11 -26.16
N SER Z 121 -68.61 19.44 -26.29
CA SER Z 121 -68.03 20.24 -25.22
C SER Z 121 -68.89 20.17 -23.96
N THR Z 122 -70.22 20.17 -24.10
CA THR Z 122 -71.01 20.09 -22.88
C THR Z 122 -71.22 18.66 -22.38
N ILE Z 123 -70.98 17.64 -23.22
CA ILE Z 123 -70.93 16.28 -22.70
C ILE Z 123 -69.64 16.07 -21.92
N LEU Z 124 -68.52 16.54 -22.45
CA LEU Z 124 -67.27 16.42 -21.71
C LEU Z 124 -67.29 17.26 -20.44
N TYR Z 125 -67.94 18.41 -20.46
CA TYR Z 125 -67.95 19.19 -19.22
C TYR Z 125 -68.98 18.65 -18.24
N SER Z 126 -70.08 18.07 -18.75
CA SER Z 126 -71.22 17.72 -17.90
C SER Z 126 -70.85 16.70 -16.83
N ARG Z 127 -69.93 15.80 -17.14
CA ARG Z 127 -69.28 14.97 -16.14
C ARG Z 127 -67.88 15.53 -15.95
N ARG Z 128 -67.79 16.61 -15.18
CA ARG Z 128 -66.47 17.18 -14.89
C ARG Z 128 -65.80 16.49 -13.71
N PHE Z 129 -66.55 16.33 -12.62
CA PHE Z 129 -65.96 15.96 -11.34
C PHE Z 129 -65.52 14.50 -11.27
N PHE Z 130 -65.81 13.71 -12.32
CA PHE Z 130 -65.16 12.42 -12.54
C PHE Z 130 -64.95 12.30 -14.03
N PRO Z 131 -63.93 12.98 -14.57
CA PRO Z 131 -63.96 13.41 -15.96
C PRO Z 131 -63.68 12.30 -16.96
N TYR Z 132 -64.14 12.55 -18.19
CA TYR Z 132 -63.83 11.71 -19.33
C TYR Z 132 -62.37 11.92 -19.70
N TYR Z 133 -61.50 11.03 -19.27
CA TYR Z 133 -60.08 11.16 -19.58
C TYR Z 133 -59.88 10.70 -21.01
N VAL Z 134 -60.10 11.60 -21.96
CA VAL Z 134 -60.06 11.27 -23.37
C VAL Z 134 -59.72 12.52 -24.19
N TYR Z 135 -58.77 12.37 -25.11
CA TYR Z 135 -58.38 13.45 -26.01
C TYR Z 135 -59.00 13.12 -27.36
N ASN Z 136 -60.00 13.89 -27.76
CA ASN Z 136 -60.71 13.60 -29.00
C ASN Z 136 -60.69 14.79 -29.94
N ILE Z 137 -60.61 14.48 -31.22
CA ILE Z 137 -60.47 15.47 -32.29
C ILE Z 137 -61.58 15.23 -33.28
N ILE Z 138 -62.35 16.27 -33.60
CA ILE Z 138 -63.47 16.17 -34.52
C ILE Z 138 -63.07 16.85 -35.82
N GLY Z 139 -62.94 16.07 -36.88
CA GLY Z 139 -62.65 16.64 -38.17
C GLY Z 139 -63.90 17.05 -38.91
N GLY Z 140 -63.95 16.79 -40.20
CA GLY Z 140 -65.15 17.08 -40.96
C GLY Z 140 -65.10 18.42 -41.65
N LEU Z 141 -66.22 18.81 -42.22
CA LEU Z 141 -66.30 20.02 -43.00
C LEU Z 141 -67.53 20.82 -42.61
N ASP Z 142 -67.49 22.11 -42.92
CA ASP Z 142 -68.49 23.06 -42.45
C ASP Z 142 -69.74 23.00 -43.32
N GLU Z 143 -70.60 24.01 -43.16
CA GLU Z 143 -71.80 24.13 -43.98
C GLU Z 143 -71.47 24.53 -45.41
N GLU Z 144 -70.58 25.50 -45.60
CA GLU Z 144 -70.20 25.95 -46.93
C GLU Z 144 -69.28 24.98 -47.66
N GLY Z 145 -68.61 24.08 -46.95
CA GLY Z 145 -67.81 23.08 -47.62
C GLY Z 145 -66.37 23.04 -47.17
N LYS Z 146 -65.88 24.14 -46.60
CA LYS Z 146 -64.48 24.18 -46.17
C LYS Z 146 -64.29 23.35 -44.91
N GLY Z 147 -63.18 22.62 -44.87
CA GLY Z 147 -62.95 21.71 -43.77
C GLY Z 147 -62.54 22.44 -42.50
N ALA Z 148 -62.96 21.87 -41.37
CA ALA Z 148 -62.62 22.40 -40.05
C ALA Z 148 -62.24 21.25 -39.15
N VAL Z 149 -61.55 21.56 -38.06
CA VAL Z 149 -61.11 20.54 -37.11
C VAL Z 149 -61.10 21.13 -35.70
N TYR Z 150 -61.83 20.49 -34.80
CA TYR Z 150 -62.02 20.98 -33.45
C TYR Z 150 -61.22 20.13 -32.48
N SER Z 151 -60.45 20.79 -31.62
CA SER Z 151 -59.61 20.10 -30.66
C SER Z 151 -60.19 20.21 -29.26
N PHE Z 152 -59.85 19.25 -28.42
CA PHE Z 152 -60.45 19.17 -27.09
C PHE Z 152 -59.44 18.73 -26.06
N ASP Z 153 -59.51 19.37 -24.90
CA ASP Z 153 -58.98 18.83 -23.65
C ASP Z 153 -59.98 17.83 -23.09
N PRO Z 154 -59.62 17.02 -22.08
CA PRO Z 154 -60.58 16.03 -21.57
C PRO Z 154 -61.69 16.58 -20.70
N VAL Z 155 -61.93 17.88 -20.70
CA VAL Z 155 -62.98 18.48 -19.90
C VAL Z 155 -63.77 19.45 -20.79
N GLY Z 156 -63.22 19.78 -21.96
CA GLY Z 156 -64.01 20.35 -23.03
C GLY Z 156 -63.75 21.80 -23.38
N SER Z 157 -62.90 22.03 -24.39
CA SER Z 157 -62.54 23.39 -24.80
C SER Z 157 -62.22 23.35 -26.29
N TYR Z 158 -63.19 23.73 -27.12
CA TYR Z 158 -63.08 23.55 -28.56
C TYR Z 158 -62.51 24.79 -29.24
N GLN Z 159 -61.54 24.57 -30.11
CA GLN Z 159 -61.03 25.60 -31.02
C GLN Z 159 -60.94 25.00 -32.41
N ARG Z 160 -61.38 25.73 -33.43
CA ARG Z 160 -61.20 25.24 -34.77
C ARG Z 160 -59.81 25.61 -35.27
N ASP Z 161 -59.20 24.69 -36.00
CA ASP Z 161 -57.80 24.78 -36.40
C ASP Z 161 -57.70 24.32 -37.85
N SER Z 162 -56.47 24.00 -38.26
CA SER Z 162 -56.29 23.25 -39.50
C SER Z 162 -55.37 22.06 -39.28
N PHE Z 163 -55.01 21.78 -38.03
CA PHE Z 163 -54.12 20.71 -37.60
C PHE Z 163 -54.46 20.33 -36.17
N LYS Z 164 -53.44 20.06 -35.33
CA LYS Z 164 -53.50 19.60 -33.94
C LYS Z 164 -53.92 18.14 -33.78
N ALA Z 165 -52.97 17.25 -34.04
CA ALA Z 165 -53.02 15.89 -33.53
C ALA Z 165 -53.11 15.87 -32.01
N GLY Z 166 -53.59 14.75 -31.47
CA GLY Z 166 -53.81 14.67 -30.04
C GLY Z 166 -53.72 13.27 -29.50
N GLY Z 167 -53.24 13.17 -28.26
CA GLY Z 167 -53.50 12.06 -27.37
C GLY Z 167 -52.35 11.24 -26.82
N SER Z 168 -51.43 10.74 -27.65
CA SER Z 168 -50.25 10.11 -27.07
C SER Z 168 -48.97 10.73 -27.61
N ALA Z 169 -48.85 10.80 -28.93
CA ALA Z 169 -47.81 11.58 -29.57
C ALA Z 169 -48.34 12.96 -29.94
N SER Z 170 -48.92 13.63 -28.95
CA SER Z 170 -49.41 14.98 -29.17
C SER Z 170 -48.26 15.95 -29.34
N ALA Z 171 -47.24 15.84 -28.50
CA ALA Z 171 -46.10 16.73 -28.51
C ALA Z 171 -45.02 16.28 -29.48
N MET Z 172 -45.35 15.42 -30.41
CA MET Z 172 -44.41 14.92 -31.40
C MET Z 172 -44.81 15.26 -32.80
N LEU Z 173 -46.08 15.09 -33.12
CA LEU Z 173 -46.57 15.42 -34.45
C LEU Z 173 -46.85 16.90 -34.59
N GLN Z 174 -47.09 17.56 -33.46
CA GLN Z 174 -47.46 18.97 -33.49
C GLN Z 174 -46.40 19.91 -34.07
N PRO Z 175 -45.10 19.83 -33.73
CA PRO Z 175 -44.16 20.79 -34.34
C PRO Z 175 -43.87 20.55 -35.80
N LEU Z 176 -44.16 19.37 -36.36
CA LEU Z 176 -43.90 19.17 -37.77
C LEU Z 176 -44.94 19.91 -38.60
N LEU Z 177 -46.21 19.63 -38.34
CA LEU Z 177 -47.27 20.36 -39.01
C LEU Z 177 -47.65 21.64 -38.32
N ASP Z 178 -46.82 22.13 -37.40
CA ASP Z 178 -46.77 23.56 -37.17
C ASP Z 178 -45.95 24.23 -38.26
N ASN Z 179 -44.99 23.49 -38.82
CA ASN Z 179 -44.08 23.99 -39.84
C ASN Z 179 -44.53 23.66 -41.25
N GLN Z 180 -44.88 22.40 -41.53
CA GLN Z 180 -45.21 22.01 -42.89
C GLN Z 180 -46.65 22.27 -43.26
N VAL Z 181 -47.46 22.82 -42.36
CA VAL Z 181 -48.82 23.24 -42.65
C VAL Z 181 -49.03 24.70 -42.30
N GLY Z 182 -48.67 25.09 -41.08
CA GLY Z 182 -48.85 26.47 -40.66
C GLY Z 182 -47.80 27.43 -41.17
N PHE Z 183 -46.64 26.91 -41.60
CA PHE Z 183 -45.50 27.67 -42.13
C PHE Z 183 -44.99 28.70 -41.14
N LYS Z 184 -45.01 28.38 -39.85
CA LYS Z 184 -44.53 29.31 -38.85
C LYS Z 184 -43.02 29.16 -38.66
N ASN Z 185 -42.39 30.26 -38.23
CA ASN Z 185 -40.93 30.41 -38.13
C ASN Z 185 -40.26 30.03 -39.45
N MET Z 186 -40.69 30.70 -40.51
CA MET Z 186 -40.34 30.28 -41.86
C MET Z 186 -40.55 31.46 -42.79
N GLN Z 187 -39.50 31.84 -43.52
CA GLN Z 187 -39.57 32.95 -44.46
C GLN Z 187 -40.23 32.56 -45.77
N ASN Z 188 -40.01 33.39 -46.79
CA ASN Z 188 -40.79 33.37 -48.01
C ASN Z 188 -40.57 32.12 -48.85
N VAL Z 189 -41.28 31.05 -48.49
CA VAL Z 189 -41.31 29.84 -49.29
C VAL Z 189 -42.36 29.93 -50.39
N GLU Z 190 -43.14 31.02 -50.44
CA GLU Z 190 -44.31 31.19 -51.30
C GLU Z 190 -45.28 30.02 -51.10
N HIS Z 191 -45.84 29.99 -49.89
CA HIS Z 191 -46.62 28.86 -49.41
C HIS Z 191 -47.92 28.71 -50.20
N VAL Z 192 -48.19 27.48 -50.62
CA VAL Z 192 -49.38 27.16 -51.41
C VAL Z 192 -50.43 26.57 -50.47
N PRO Z 193 -51.70 26.62 -50.81
CA PRO Z 193 -52.70 25.87 -50.03
C PRO Z 193 -52.51 24.36 -50.16
N LEU Z 194 -52.99 23.65 -49.16
CA LEU Z 194 -52.82 22.20 -49.11
C LEU Z 194 -53.81 21.53 -50.07
N SER Z 195 -53.57 20.24 -50.30
CA SER Z 195 -54.43 19.46 -51.17
C SER Z 195 -54.36 17.99 -50.75
N LEU Z 196 -55.12 17.16 -51.44
CA LEU Z 196 -55.19 15.74 -51.14
C LEU Z 196 -54.01 14.94 -51.67
N ASP Z 197 -52.93 15.59 -52.06
CA ASP Z 197 -51.69 14.92 -52.42
C ASP Z 197 -50.52 15.38 -51.57
N ARG Z 198 -50.43 16.67 -51.27
CA ARG Z 198 -49.38 17.13 -50.38
C ARG Z 198 -49.70 16.78 -48.94
N ALA Z 199 -50.95 16.98 -48.52
CA ALA Z 199 -51.32 16.62 -47.15
C ALA Z 199 -51.50 15.12 -47.00
N MET Z 200 -51.75 14.41 -48.10
CA MET Z 200 -51.79 12.95 -48.05
C MET Z 200 -50.41 12.39 -47.75
N ARG Z 201 -49.37 12.94 -48.38
CA ARG Z 201 -48.01 12.55 -48.12
C ARG Z 201 -47.44 13.17 -46.85
N LEU Z 202 -48.21 14.03 -46.18
CA LEU Z 202 -47.78 14.67 -44.95
C LEU Z 202 -48.30 13.95 -43.72
N VAL Z 203 -49.22 13.01 -43.88
CA VAL Z 203 -49.74 12.21 -42.77
C VAL Z 203 -48.96 10.90 -42.62
N LYS Z 204 -48.51 10.31 -43.71
CA LYS Z 204 -47.84 9.02 -43.62
C LYS Z 204 -46.42 9.16 -43.06
N ASP Z 205 -45.73 10.24 -43.41
CA ASP Z 205 -44.36 10.40 -42.93
C ASP Z 205 -44.30 10.78 -41.46
N VAL Z 206 -45.31 11.49 -40.95
CA VAL Z 206 -45.27 11.84 -39.54
C VAL Z 206 -45.63 10.63 -38.68
N PHE Z 207 -46.43 9.70 -39.19
CA PHE Z 207 -46.71 8.51 -38.40
C PHE Z 207 -45.67 7.43 -38.57
N ILE Z 208 -44.84 7.47 -39.61
CA ILE Z 208 -43.72 6.55 -39.54
C ILE Z 208 -42.62 7.14 -38.65
N SER Z 209 -42.53 8.46 -38.57
CA SER Z 209 -41.60 9.09 -37.65
C SER Z 209 -42.02 8.84 -36.20
N ALA Z 210 -43.29 9.02 -35.88
CA ALA Z 210 -43.76 8.70 -34.54
C ALA Z 210 -43.83 7.21 -34.31
N ALA Z 211 -43.90 6.41 -35.37
CA ALA Z 211 -43.74 4.97 -35.23
C ALA Z 211 -42.32 4.62 -34.81
N GLU Z 212 -41.34 5.36 -35.31
CA GLU Z 212 -39.98 5.20 -34.80
C GLU Z 212 -39.85 5.69 -33.37
N ARG Z 213 -40.42 6.84 -33.04
CA ARG Z 213 -39.97 7.55 -31.86
C ARG Z 213 -40.93 7.44 -30.68
N ASP Z 214 -42.22 7.33 -30.92
CA ASP Z 214 -43.09 7.10 -29.78
C ASP Z 214 -43.07 5.61 -29.44
N VAL Z 215 -43.50 5.30 -28.22
CA VAL Z 215 -43.69 3.90 -27.84
C VAL Z 215 -45.08 3.44 -28.24
N TYR Z 216 -46.07 4.30 -28.06
CA TYR Z 216 -47.46 4.02 -28.41
C TYR Z 216 -47.66 4.32 -29.89
N THR Z 217 -47.05 3.48 -30.72
CA THR Z 217 -46.86 3.76 -32.13
C THR Z 217 -48.14 3.68 -32.93
N GLY Z 218 -48.72 2.49 -32.96
CA GLY Z 218 -49.68 2.13 -33.98
C GLY Z 218 -48.96 1.29 -35.02
N ASP Z 219 -49.64 0.31 -35.62
CA ASP Z 219 -48.97 -0.43 -36.68
C ASP Z 219 -49.60 -0.17 -38.04
N ALA Z 220 -50.80 0.37 -38.08
CA ALA Z 220 -51.51 0.60 -39.32
C ALA Z 220 -52.50 1.73 -39.13
N LEU Z 221 -52.15 2.92 -39.61
CA LEU Z 221 -53.02 4.07 -39.47
C LEU Z 221 -54.13 3.94 -40.50
N ARG Z 222 -55.34 4.33 -40.10
CA ARG Z 222 -56.51 4.17 -40.94
C ARG Z 222 -57.06 5.58 -41.12
N ILE Z 223 -56.59 6.26 -42.16
CA ILE Z 223 -56.95 7.67 -42.33
C ILE Z 223 -58.36 7.80 -42.89
N CYS Z 224 -59.31 8.03 -41.99
CA CYS Z 224 -60.66 8.42 -42.36
C CYS Z 224 -60.57 9.81 -42.97
N ILE Z 225 -60.67 9.90 -44.28
CA ILE Z 225 -60.56 11.20 -44.95
C ILE Z 225 -61.93 11.59 -45.48
N VAL Z 226 -62.24 12.87 -45.39
CA VAL Z 226 -63.58 13.39 -45.63
C VAL Z 226 -63.44 14.27 -46.86
N THR Z 227 -64.43 14.23 -47.75
CA THR Z 227 -64.44 15.12 -48.90
C THR Z 227 -65.87 15.58 -49.20
N LYS Z 228 -65.99 16.36 -50.28
CA LYS Z 228 -67.27 16.96 -50.61
C LYS Z 228 -68.24 15.93 -51.17
N GLU Z 229 -67.74 15.00 -52.00
CA GLU Z 229 -68.59 13.98 -52.60
C GLU Z 229 -68.96 12.88 -51.61
N GLY Z 230 -68.20 12.73 -50.53
CA GLY Z 230 -68.49 11.68 -49.58
C GLY Z 230 -67.35 11.39 -48.63
N ILE Z 231 -67.01 10.12 -48.49
CA ILE Z 231 -65.98 9.69 -47.55
C ILE Z 231 -65.32 8.39 -48.04
N ARG Z 232 -64.00 8.34 -47.98
CA ARG Z 232 -63.27 7.09 -48.16
C ARG Z 232 -62.30 6.93 -47.01
N GLU Z 233 -61.55 5.83 -47.03
CA GLU Z 233 -60.77 5.47 -45.86
C GLU Z 233 -59.57 4.65 -46.30
N GLU Z 234 -58.42 5.31 -46.41
CA GLU Z 234 -57.18 4.66 -46.82
C GLU Z 234 -56.51 4.06 -45.60
N THR Z 235 -55.85 2.92 -45.78
CA THR Z 235 -55.09 2.27 -44.73
C THR Z 235 -53.72 1.88 -45.28
N VAL Z 236 -52.68 2.07 -44.46
CA VAL Z 236 -51.33 1.63 -44.81
C VAL Z 236 -50.58 1.37 -43.51
N SER Z 237 -49.68 0.39 -43.55
CA SER Z 237 -49.07 -0.11 -42.33
C SER Z 237 -47.95 0.79 -41.83
N LEU Z 238 -47.36 0.39 -40.71
CA LEU Z 238 -46.28 1.13 -40.05
C LEU Z 238 -45.21 0.21 -39.54
N ARG Z 239 -44.38 0.74 -38.65
CA ARG Z 239 -43.35 0.00 -37.93
C ARG Z 239 -44.07 -0.87 -36.91
N LYS Z 240 -44.02 -2.19 -37.12
CA LYS Z 240 -44.81 -3.12 -36.32
C LYS Z 240 -43.92 -3.69 -35.21
N ASP Z 241 -43.81 -2.93 -34.13
CA ASP Z 241 -43.04 -3.36 -32.96
C ASP Z 241 -43.50 -2.71 -31.66
N THR AA 46 -59.54 -5.92 -2.86
CA THR AA 46 -58.98 -4.69 -2.33
C THR AA 46 -59.04 -4.71 -0.80
N GLN AA 47 -60.20 -5.10 -0.27
CA GLN AA 47 -60.37 -5.16 1.18
C GLN AA 47 -60.11 -6.55 1.76
N ASN AA 48 -60.17 -7.60 0.95
CA ASN AA 48 -60.08 -8.95 1.46
C ASN AA 48 -59.39 -9.82 0.43
N PRO AA 49 -58.87 -10.99 0.82
CA PRO AA 49 -58.37 -11.94 -0.18
C PRO AA 49 -59.52 -12.59 -0.94
N MET AA 50 -59.96 -11.92 -2.00
CA MET AA 50 -61.02 -12.43 -2.87
C MET AA 50 -60.61 -13.74 -3.54
N VAL AA 51 -61.61 -14.54 -3.89
CA VAL AA 51 -61.40 -15.83 -4.53
C VAL AA 51 -61.33 -15.61 -6.03
N THR AA 52 -60.18 -15.89 -6.62
CA THR AA 52 -59.91 -15.53 -8.01
C THR AA 52 -59.72 -16.74 -8.89
N GLY AA 53 -59.61 -16.47 -10.18
CA GLY AA 53 -59.06 -17.40 -11.15
C GLY AA 53 -57.74 -16.88 -11.68
N THR AA 54 -57.34 -17.39 -12.84
CA THR AA 54 -56.13 -16.77 -13.38
C THR AA 54 -56.23 -16.35 -14.84
N SER AA 55 -56.92 -17.10 -15.68
CA SER AA 55 -56.77 -16.92 -17.12
C SER AA 55 -57.83 -17.65 -17.91
N VAL AA 56 -58.46 -16.96 -18.85
CA VAL AA 56 -59.33 -17.59 -19.84
C VAL AA 56 -58.78 -17.19 -21.19
N LEU AA 57 -58.05 -18.09 -21.83
CA LEU AA 57 -57.43 -17.76 -23.10
C LEU AA 57 -58.25 -18.39 -24.23
N GLY AA 58 -58.37 -17.66 -25.33
CA GLY AA 58 -59.19 -18.16 -26.42
C GLY AA 58 -58.67 -17.81 -27.79
N VAL AA 59 -59.07 -18.60 -28.80
CA VAL AA 59 -58.71 -18.32 -30.18
C VAL AA 59 -59.87 -18.72 -31.08
N LYS AA 60 -60.09 -17.94 -32.12
CA LYS AA 60 -61.11 -18.21 -33.11
C LYS AA 60 -60.52 -19.02 -34.26
N PHE AA 61 -61.39 -19.72 -34.98
CA PHE AA 61 -60.94 -20.61 -36.03
C PHE AA 61 -62.05 -20.79 -37.06
N GLU AA 62 -61.63 -21.18 -38.26
CA GLU AA 62 -62.54 -21.52 -39.35
C GLU AA 62 -63.47 -22.63 -38.90
N GLY AA 63 -64.74 -22.28 -38.76
CA GLY AA 63 -65.58 -22.99 -37.82
C GLY AA 63 -66.04 -22.02 -36.74
N GLY AA 64 -65.52 -22.14 -35.54
CA GLY AA 64 -66.09 -21.46 -34.39
C GLY AA 64 -65.03 -20.74 -33.59
N VAL AA 65 -65.14 -20.84 -32.27
CA VAL AA 65 -64.14 -20.25 -31.39
C VAL AA 65 -64.04 -21.09 -30.13
N VAL AA 66 -62.80 -21.31 -29.69
CA VAL AA 66 -62.49 -22.15 -28.53
C VAL AA 66 -61.85 -21.29 -27.46
N ILE AA 67 -62.37 -21.39 -26.23
CA ILE AA 67 -61.80 -20.72 -25.07
C ILE AA 67 -61.53 -21.78 -24.02
N ALA AA 68 -60.54 -21.51 -23.17
CA ALA AA 68 -60.09 -22.49 -22.19
C ALA AA 68 -59.68 -21.77 -20.92
N ALA AA 69 -59.95 -22.41 -19.79
CA ALA AA 69 -59.62 -21.88 -18.48
C ALA AA 69 -59.42 -23.02 -17.51
N ASP AA 70 -58.60 -22.79 -16.48
CA ASP AA 70 -58.41 -23.79 -15.45
C ASP AA 70 -59.44 -23.62 -14.36
N MET AA 71 -59.81 -24.73 -13.74
CA MET AA 71 -60.73 -24.70 -12.62
C MET AA 71 -59.92 -24.48 -11.35
N LEU AA 72 -59.97 -23.27 -10.81
CA LEU AA 72 -59.17 -22.95 -9.64
C LEU AA 72 -59.84 -21.82 -8.88
N GLY AA 73 -59.91 -21.97 -7.57
CA GLY AA 73 -60.54 -21.00 -6.70
C GLY AA 73 -59.55 -20.39 -5.74
N SER AA 74 -58.39 -19.98 -6.24
CA SER AA 74 -57.23 -19.64 -5.42
C SER AA 74 -57.52 -18.47 -4.49
N TYR AA 75 -57.48 -18.74 -3.19
CA TYR AA 75 -57.78 -17.79 -2.14
C TYR AA 75 -56.50 -17.06 -1.70
N GLY AA 76 -55.82 -16.44 -2.66
CA GLY AA 76 -54.60 -15.72 -2.33
C GLY AA 76 -53.46 -16.63 -1.91
N SER AA 77 -52.90 -17.38 -2.87
CA SER AA 77 -51.85 -18.38 -2.66
C SER AA 77 -52.35 -19.53 -1.77
N LEU AA 78 -53.53 -20.02 -2.10
CA LEU AA 78 -54.11 -21.20 -1.46
C LEU AA 78 -55.17 -21.72 -2.40
N ALA AA 79 -54.98 -22.91 -2.95
CA ALA AA 79 -55.94 -23.48 -3.90
C ALA AA 79 -57.14 -24.02 -3.14
N ARG AA 80 -57.98 -23.11 -2.67
CA ARG AA 80 -59.06 -23.49 -1.75
C ARG AA 80 -60.17 -24.25 -2.47
N PHE AA 81 -60.38 -23.96 -3.75
CA PHE AA 81 -61.47 -24.55 -4.51
C PHE AA 81 -60.90 -25.13 -5.78
N ARG AA 82 -60.94 -26.45 -5.93
CA ARG AA 82 -60.38 -27.06 -7.12
C ARG AA 82 -61.42 -27.24 -8.22
N ASN AA 83 -62.47 -28.00 -7.95
CA ASN AA 83 -63.48 -28.28 -8.97
C ASN AA 83 -64.43 -27.09 -8.99
N ILE AA 84 -64.09 -26.08 -9.80
CA ILE AA 84 -64.87 -24.86 -9.89
C ILE AA 84 -64.90 -24.32 -11.33
N SER AA 85 -66.05 -24.43 -11.96
CA SER AA 85 -66.16 -24.13 -13.39
C SER AA 85 -66.18 -22.63 -13.61
N ARG AA 86 -65.28 -22.13 -14.46
CA ARG AA 86 -65.28 -20.72 -14.82
C ARG AA 86 -65.69 -20.48 -16.27
N ILE AA 87 -66.44 -21.40 -16.85
CA ILE AA 87 -66.87 -21.28 -18.24
C ILE AA 87 -68.38 -21.31 -18.26
N MET AA 88 -69.00 -20.16 -18.50
CA MET AA 88 -70.45 -20.08 -18.53
C MET AA 88 -70.95 -20.40 -19.93
N ARG AA 89 -71.95 -21.27 -20.01
CA ARG AA 89 -72.75 -21.40 -21.19
C ARG AA 89 -73.93 -20.45 -21.11
N VAL AA 90 -74.23 -19.80 -22.23
CA VAL AA 90 -75.41 -18.97 -22.40
C VAL AA 90 -76.09 -19.58 -23.60
N ASN AA 91 -77.02 -18.87 -24.25
CA ASN AA 91 -77.68 -19.33 -25.46
C ASN AA 91 -76.70 -19.88 -26.50
N ASN AA 92 -77.20 -20.78 -27.34
CA ASN AA 92 -76.45 -21.79 -28.07
C ASN AA 92 -75.41 -21.26 -29.03
N SER AA 93 -75.16 -19.95 -29.16
CA SER AA 93 -74.19 -19.43 -30.09
C SER AA 93 -73.19 -18.48 -29.42
N THR AA 94 -73.06 -18.53 -28.10
CA THR AA 94 -72.24 -17.55 -27.38
C THR AA 94 -71.70 -18.23 -26.12
N MET AA 95 -70.49 -17.86 -25.70
CA MET AA 95 -69.84 -18.39 -24.50
C MET AA 95 -69.32 -17.24 -23.65
N LEU AA 96 -68.71 -17.57 -22.51
CA LEU AA 96 -68.33 -16.55 -21.54
C LEU AA 96 -67.35 -17.15 -20.53
N GLY AA 97 -66.29 -16.41 -20.22
CA GLY AA 97 -65.30 -16.83 -19.24
C GLY AA 97 -65.28 -15.93 -18.02
N ALA AA 98 -64.21 -15.97 -17.21
CA ALA AA 98 -63.93 -15.05 -16.11
C ALA AA 98 -62.53 -15.28 -15.60
N SER AA 99 -61.78 -14.21 -15.37
CA SER AA 99 -60.43 -14.36 -14.84
C SER AA 99 -60.28 -13.85 -13.43
N GLY AA 100 -60.96 -12.77 -13.07
CA GLY AA 100 -60.71 -12.16 -11.78
C GLY AA 100 -61.53 -12.78 -10.67
N ASP AA 101 -62.26 -11.95 -9.94
CA ASP AA 101 -63.06 -12.38 -8.79
C ASP AA 101 -64.16 -13.31 -9.24
N TYR AA 102 -64.34 -14.42 -8.52
CA TYR AA 102 -65.29 -15.43 -8.94
C TYR AA 102 -66.69 -15.13 -8.42
N ALA AA 103 -66.79 -14.44 -7.29
CA ALA AA 103 -68.10 -14.07 -6.75
C ALA AA 103 -68.83 -13.12 -7.69
N ASP AA 104 -68.10 -12.17 -8.27
CA ASP AA 104 -68.68 -11.30 -9.28
C ASP AA 104 -69.03 -12.07 -10.54
N PHE AA 105 -68.33 -13.16 -10.82
CA PHE AA 105 -68.73 -14.02 -11.92
C PHE AA 105 -69.99 -14.80 -11.62
N GLN AA 106 -70.25 -15.13 -10.35
CA GLN AA 106 -71.55 -15.73 -10.07
C GLN AA 106 -72.67 -14.69 -10.15
N TYR AA 107 -72.38 -13.44 -9.79
CA TYR AA 107 -73.34 -12.37 -10.05
C TYR AA 107 -73.62 -12.21 -11.53
N LEU AA 108 -72.57 -12.25 -12.35
CA LEU AA 108 -72.76 -12.12 -13.79
C LEU AA 108 -73.38 -13.37 -14.40
N LYS AA 109 -73.22 -14.54 -13.80
CA LYS AA 109 -73.87 -15.68 -14.41
C LYS AA 109 -75.34 -15.70 -14.05
N GLN AA 110 -75.74 -15.09 -12.93
CA GLN AA 110 -77.17 -15.04 -12.72
C GLN AA 110 -77.82 -13.86 -13.44
N VAL AA 111 -77.11 -12.75 -13.69
CA VAL AA 111 -77.80 -11.72 -14.49
C VAL AA 111 -77.74 -12.01 -15.99
N LEU AA 112 -76.64 -12.59 -16.49
CA LEU AA 112 -76.63 -13.03 -17.88
C LEU AA 112 -77.61 -14.17 -18.10
N GLY AA 113 -77.66 -15.11 -17.16
CA GLY AA 113 -78.58 -16.23 -17.28
C GLY AA 113 -80.02 -15.78 -17.26
N GLN AA 114 -80.37 -14.89 -16.33
CA GLN AA 114 -81.75 -14.41 -16.26
C GLN AA 114 -82.12 -13.56 -17.46
N MET AA 115 -81.18 -12.74 -17.95
CA MET AA 115 -81.46 -11.92 -19.11
C MET AA 115 -81.65 -12.76 -20.36
N VAL AA 116 -80.82 -13.79 -20.55
CA VAL AA 116 -80.90 -14.54 -21.79
C VAL AA 116 -82.06 -15.53 -21.76
N ILE AA 117 -82.50 -15.97 -20.56
CA ILE AA 117 -83.70 -16.80 -20.59
C ILE AA 117 -84.91 -15.90 -20.75
N ASP AA 118 -84.86 -14.69 -20.20
CA ASP AA 118 -85.99 -13.77 -20.27
C ASP AA 118 -86.25 -13.33 -21.70
N GLU AA 119 -85.23 -12.87 -22.42
CA GLU AA 119 -85.42 -12.54 -23.82
C GLU AA 119 -85.44 -13.79 -24.70
N GLU AA 120 -85.00 -14.92 -24.17
CA GLU AA 120 -85.19 -16.19 -24.86
C GLU AA 120 -86.66 -16.63 -24.91
N LEU AA 121 -87.45 -16.31 -23.90
CA LEU AA 121 -88.84 -16.77 -23.91
C LEU AA 121 -89.83 -15.75 -24.45
N LEU AA 122 -89.38 -14.77 -25.24
CA LEU AA 122 -90.30 -13.97 -26.03
C LEU AA 122 -90.74 -14.68 -27.31
N GLY AA 123 -90.24 -15.87 -27.57
CA GLY AA 123 -90.54 -16.57 -28.80
C GLY AA 123 -89.77 -15.97 -29.96
N ASP AA 124 -90.50 -15.27 -30.84
CA ASP AA 124 -90.11 -14.59 -32.08
C ASP AA 124 -88.66 -14.62 -32.57
N GLY AA 125 -87.98 -15.75 -32.46
CA GLY AA 125 -86.57 -15.84 -32.76
C GLY AA 125 -85.75 -14.92 -31.88
N HIS AA 126 -84.82 -14.19 -32.48
CA HIS AA 126 -84.19 -13.00 -31.90
C HIS AA 126 -83.40 -13.32 -30.64
N SER AA 127 -82.52 -14.31 -30.71
CA SER AA 127 -81.60 -14.52 -29.61
C SER AA 127 -80.49 -13.48 -29.67
N TYR AA 128 -79.69 -13.44 -28.62
CA TYR AA 128 -78.59 -12.48 -28.59
C TYR AA 128 -77.46 -12.96 -29.49
N SER AA 129 -77.13 -12.17 -30.49
CA SER AA 129 -75.85 -12.29 -31.12
C SER AA 129 -74.77 -11.92 -30.09
N PRO AA 130 -73.56 -12.47 -30.21
CA PRO AA 130 -72.49 -12.10 -29.27
C PRO AA 130 -71.96 -10.68 -29.46
N ARG AA 131 -72.49 -9.91 -30.42
CA ARG AA 131 -72.48 -8.46 -30.32
C ARG AA 131 -73.02 -8.01 -28.97
N ALA AA 132 -74.25 -8.42 -28.66
CA ALA AA 132 -75.02 -7.78 -27.61
C ALA AA 132 -74.61 -8.22 -26.22
N ILE AA 133 -74.09 -9.44 -26.06
CA ILE AA 133 -73.58 -9.83 -24.76
C ILE AA 133 -72.30 -9.08 -24.46
N HIS AA 134 -71.46 -8.89 -25.49
CA HIS AA 134 -70.24 -8.11 -25.34
C HIS AA 134 -70.54 -6.66 -25.03
N SER AA 135 -71.51 -6.07 -25.74
CA SER AA 135 -71.81 -4.66 -25.54
C SER AA 135 -72.55 -4.43 -24.23
N TRP AA 136 -73.45 -5.34 -23.86
CA TRP AA 136 -74.15 -5.20 -22.59
C TRP AA 136 -73.21 -5.39 -21.43
N LEU AA 137 -72.28 -6.32 -21.56
CA LEU AA 137 -71.31 -6.54 -20.49
C LEU AA 137 -70.35 -5.37 -20.38
N THR AA 138 -70.04 -4.74 -21.52
CA THR AA 138 -69.22 -3.54 -21.52
C THR AA 138 -69.92 -2.39 -20.80
N ARG AA 139 -71.19 -2.14 -21.14
CA ARG AA 139 -71.92 -1.05 -20.51
C ARG AA 139 -72.23 -1.35 -19.06
N ALA AA 140 -72.35 -2.62 -18.71
CA ALA AA 140 -72.53 -2.99 -17.31
C ALA AA 140 -71.28 -2.69 -16.51
N MET AA 141 -70.11 -2.99 -17.07
CA MET AA 141 -68.91 -2.72 -16.28
C MET AA 141 -68.51 -1.26 -16.29
N TYR AA 142 -68.68 -0.54 -17.40
CA TYR AA 142 -68.37 0.89 -17.37
C TYR AA 142 -69.38 1.64 -16.50
N SER AA 143 -70.64 1.24 -16.54
CA SER AA 143 -71.60 1.81 -15.62
C SER AA 143 -71.43 1.30 -14.21
N ARG AA 144 -70.56 0.30 -14.00
CA ARG AA 144 -70.29 -0.18 -12.67
C ARG AA 144 -69.08 0.51 -12.05
N ARG AA 145 -68.01 0.73 -12.82
CA ARG AA 145 -66.90 1.55 -12.32
C ARG AA 145 -67.20 3.04 -12.35
N SER AA 146 -68.24 3.45 -13.09
CA SER AA 146 -68.60 4.86 -13.09
C SER AA 146 -69.18 5.31 -11.76
N LYS AA 147 -69.67 4.39 -10.94
CA LYS AA 147 -70.10 4.68 -9.58
C LYS AA 147 -69.10 4.21 -8.55
N MET AA 148 -67.89 3.83 -8.99
CA MET AA 148 -66.77 3.41 -8.13
C MET AA 148 -67.11 2.22 -7.25
N ASN AA 149 -67.98 1.33 -7.74
CA ASN AA 149 -68.29 0.07 -7.05
C ASN AA 149 -68.05 -1.08 -8.03
N PRO AA 150 -66.81 -1.27 -8.49
CA PRO AA 150 -66.60 -1.96 -9.76
C PRO AA 150 -66.62 -3.47 -9.64
N LEU AA 151 -67.06 -4.11 -10.72
CA LEU AA 151 -66.82 -5.54 -10.88
C LEU AA 151 -65.33 -5.75 -11.11
N TRP AA 152 -64.78 -6.78 -10.46
CA TRP AA 152 -63.35 -6.98 -10.48
C TRP AA 152 -62.89 -8.07 -11.43
N ASN AA 153 -63.80 -8.84 -12.00
CA ASN AA 153 -63.39 -9.88 -12.91
C ASN AA 153 -63.21 -9.34 -14.32
N THR AA 154 -62.41 -10.05 -15.11
CA THR AA 154 -61.93 -9.56 -16.39
C THR AA 154 -62.07 -10.70 -17.40
N MET AA 155 -63.19 -10.75 -18.10
CA MET AA 155 -63.48 -11.93 -18.87
C MET AA 155 -63.34 -11.71 -20.36
N VAL AA 156 -63.48 -12.82 -21.08
CA VAL AA 156 -63.56 -12.86 -22.52
C VAL AA 156 -64.81 -13.65 -22.90
N ILE AA 157 -65.64 -13.07 -23.75
CA ILE AA 157 -66.82 -13.76 -24.23
C ILE AA 157 -66.59 -14.04 -25.72
N GLY AA 158 -67.05 -15.20 -26.16
CA GLY AA 158 -66.87 -15.57 -27.56
C GLY AA 158 -68.08 -16.34 -28.01
N GLY AA 159 -68.22 -16.46 -29.32
CA GLY AA 159 -69.35 -17.18 -29.84
C GLY AA 159 -69.38 -17.11 -31.35
N TYR AA 160 -70.03 -18.09 -31.93
CA TYR AA 160 -70.18 -18.17 -33.38
C TYR AA 160 -71.55 -17.62 -33.76
N ALA AA 161 -71.55 -16.48 -34.44
CA ALA AA 161 -72.78 -15.85 -34.88
C ALA AA 161 -73.34 -16.53 -36.12
N ASP AA 162 -74.22 -15.83 -36.83
CA ASP AA 162 -74.82 -16.38 -38.05
C ASP AA 162 -73.77 -16.60 -39.13
N GLY AA 163 -72.89 -15.62 -39.34
CA GLY AA 163 -71.94 -15.72 -40.43
C GLY AA 163 -70.60 -16.27 -39.98
N GLU AA 164 -70.00 -15.62 -39.00
CA GLU AA 164 -68.63 -15.90 -38.61
C GLU AA 164 -68.53 -15.86 -37.10
N SER AA 165 -67.34 -16.22 -36.61
CA SER AA 165 -67.13 -16.33 -35.18
C SER AA 165 -66.82 -14.96 -34.57
N PHE AA 166 -66.60 -14.96 -33.27
CA PHE AA 166 -66.44 -13.73 -32.51
C PHE AA 166 -65.72 -14.04 -31.21
N LEU AA 167 -64.80 -13.16 -30.83
CA LEU AA 167 -63.99 -13.36 -29.64
C LEU AA 167 -63.66 -11.98 -29.08
N GLY AA 168 -64.42 -11.55 -28.07
CA GLY AA 168 -64.31 -10.21 -27.56
C GLY AA 168 -63.87 -10.19 -26.10
N TYR AA 169 -63.09 -9.17 -25.76
CA TYR AA 169 -62.52 -8.99 -24.44
C TYR AA 169 -63.27 -7.87 -23.73
N VAL AA 170 -63.61 -8.09 -22.47
CA VAL AA 170 -64.25 -7.07 -21.62
C VAL AA 170 -63.44 -6.96 -20.33
N ASP AA 171 -62.94 -5.77 -20.06
CA ASP AA 171 -61.98 -5.59 -18.97
C ASP AA 171 -62.71 -5.15 -17.71
N MET AA 172 -62.00 -5.23 -16.58
CA MET AA 172 -62.46 -4.74 -15.29
C MET AA 172 -62.88 -3.27 -15.33
N LEU AA 173 -62.17 -2.46 -16.12
CA LEU AA 173 -62.44 -1.04 -16.23
C LEU AA 173 -63.46 -0.69 -17.30
N GLY AA 174 -63.77 -1.61 -18.20
CA GLY AA 174 -64.58 -1.30 -19.35
C GLY AA 174 -63.84 -1.24 -20.66
N VAL AA 175 -62.56 -1.63 -20.68
CA VAL AA 175 -61.76 -1.60 -21.90
C VAL AA 175 -62.17 -2.81 -22.73
N ALA AA 176 -63.02 -2.58 -23.73
CA ALA AA 176 -63.59 -3.68 -24.48
C ALA AA 176 -63.18 -3.61 -25.94
N TYR AA 177 -62.87 -4.76 -26.52
CA TYR AA 177 -62.51 -4.79 -27.94
C TYR AA 177 -62.74 -6.18 -28.50
N GLU AA 178 -62.36 -6.34 -29.76
CA GLU AA 178 -62.40 -7.60 -30.47
C GLU AA 178 -60.99 -7.94 -30.91
N ALA AA 179 -60.70 -9.23 -31.02
CA ALA AA 179 -59.36 -9.65 -31.39
C ALA AA 179 -59.43 -11.03 -31.99
N PRO AA 180 -58.48 -11.40 -32.85
CA PRO AA 180 -58.42 -12.78 -33.32
C PRO AA 180 -58.05 -13.78 -32.25
N SER AA 181 -57.33 -13.37 -31.21
CA SER AA 181 -57.01 -14.30 -30.15
C SER AA 181 -56.76 -13.54 -28.86
N LEU AA 182 -57.31 -14.04 -27.76
CA LEU AA 182 -57.31 -13.34 -26.49
C LEU AA 182 -56.78 -14.21 -25.38
N ALA AA 183 -56.36 -13.55 -24.31
CA ALA AA 183 -55.93 -14.19 -23.08
C ALA AA 183 -56.04 -13.16 -21.97
N THR AA 184 -56.36 -13.62 -20.77
CA THR AA 184 -56.64 -12.75 -19.65
C THR AA 184 -55.66 -13.01 -18.51
N GLY AA 185 -55.30 -11.95 -17.79
CA GLY AA 185 -54.37 -12.10 -16.69
C GLY AA 185 -52.96 -12.32 -17.19
N TYR AA 186 -52.22 -13.18 -16.49
CA TYR AA 186 -50.86 -13.49 -16.89
C TYR AA 186 -50.79 -14.29 -18.18
N GLY AA 187 -51.89 -14.92 -18.59
CA GLY AA 187 -51.96 -15.48 -19.92
C GLY AA 187 -51.78 -14.42 -20.99
N ALA AA 188 -52.28 -13.21 -20.72
CA ALA AA 188 -52.05 -12.08 -21.61
C ALA AA 188 -50.59 -11.69 -21.70
N TYR AA 189 -49.76 -12.13 -20.76
CA TYR AA 189 -48.33 -12.02 -20.92
C TYR AA 189 -47.71 -13.28 -21.49
N LEU AA 190 -48.28 -14.45 -21.23
CA LEU AA 190 -47.62 -15.71 -21.52
C LEU AA 190 -48.28 -16.51 -22.63
N ALA AA 191 -49.59 -16.67 -22.60
CA ALA AA 191 -50.23 -17.40 -23.68
C ALA AA 191 -50.35 -16.54 -24.92
N GLN AA 192 -50.43 -15.23 -24.73
CA GLN AA 192 -50.57 -14.29 -25.83
C GLN AA 192 -49.43 -14.29 -26.86
N PRO AA 193 -48.15 -14.53 -26.51
CA PRO AA 193 -47.15 -14.67 -27.60
C PRO AA 193 -47.32 -15.90 -28.46
N LEU AA 194 -47.73 -17.03 -27.89
CA LEU AA 194 -47.92 -18.21 -28.73
C LEU AA 194 -49.15 -18.07 -29.62
N LEU AA 195 -50.11 -17.27 -29.18
CA LEU AA 195 -51.32 -17.07 -29.96
C LEU AA 195 -51.10 -16.06 -31.09
N ARG AA 196 -50.47 -14.93 -30.80
CA ARG AA 196 -50.20 -13.96 -31.87
C ARG AA 196 -48.83 -14.17 -32.50
N GLU AA 197 -48.33 -15.41 -32.50
CA GLU AA 197 -47.30 -15.87 -33.40
C GLU AA 197 -47.84 -16.73 -34.53
N VAL AA 198 -48.65 -17.74 -34.19
CA VAL AA 198 -49.24 -18.61 -35.20
C VAL AA 198 -50.24 -17.85 -36.05
N LEU AA 199 -51.01 -16.96 -35.43
CA LEU AA 199 -52.02 -16.20 -36.16
C LEU AA 199 -51.45 -15.05 -36.96
N GLU AA 200 -50.18 -14.69 -36.76
CA GLU AA 200 -49.54 -13.79 -37.71
C GLU AA 200 -49.01 -14.56 -38.92
N LYS AA 201 -48.72 -15.85 -38.75
CA LYS AA 201 -48.29 -16.66 -39.88
C LYS AA 201 -49.47 -17.02 -40.76
N GLN AA 202 -50.44 -17.74 -40.21
CA GLN AA 202 -51.70 -18.04 -40.89
C GLN AA 202 -52.86 -17.57 -40.03
N PRO AA 203 -53.71 -16.67 -40.53
CA PRO AA 203 -54.92 -16.34 -39.76
C PRO AA 203 -56.09 -17.24 -40.09
N VAL AA 204 -55.83 -18.55 -40.24
CA VAL AA 204 -56.84 -19.56 -40.56
C VAL AA 204 -56.46 -20.81 -39.80
N LEU AA 205 -57.37 -21.32 -38.97
CA LEU AA 205 -57.08 -22.49 -38.17
C LEU AA 205 -58.19 -23.51 -38.32
N SER AA 206 -57.81 -24.78 -38.41
CA SER AA 206 -58.78 -25.83 -38.22
C SER AA 206 -59.04 -26.04 -36.73
N GLN AA 207 -60.01 -26.90 -36.42
CA GLN AA 207 -60.42 -27.07 -35.04
C GLN AA 207 -59.37 -27.81 -34.22
N THR AA 208 -58.69 -28.78 -34.83
CA THR AA 208 -57.68 -29.53 -34.09
C THR AA 208 -56.42 -28.70 -33.87
N GLU AA 209 -56.09 -27.82 -34.81
CA GLU AA 209 -54.92 -26.95 -34.63
C GLU AA 209 -55.16 -25.92 -33.55
N ALA AA 210 -56.38 -25.35 -33.51
CA ALA AA 210 -56.70 -24.40 -32.46
C ALA AA 210 -56.81 -25.08 -31.11
N ARG AA 211 -57.37 -26.29 -31.08
CA ARG AA 211 -57.54 -27.01 -29.81
C ARG AA 211 -56.20 -27.43 -29.24
N ASP AA 212 -55.32 -27.93 -30.11
CA ASP AA 212 -53.95 -28.23 -29.68
C ASP AA 212 -53.21 -26.97 -29.26
N LEU AA 213 -53.48 -25.86 -29.94
CA LEU AA 213 -52.81 -24.59 -29.65
C LEU AA 213 -53.16 -24.09 -28.26
N VAL AA 214 -54.44 -24.09 -27.91
CA VAL AA 214 -54.80 -23.63 -26.56
C VAL AA 214 -54.50 -24.68 -25.50
N GLU AA 215 -54.39 -25.96 -25.88
CA GLU AA 215 -53.92 -26.95 -24.91
C GLU AA 215 -52.44 -26.72 -24.60
N ARG AA 216 -51.66 -26.33 -25.61
CA ARG AA 216 -50.24 -26.09 -25.41
C ARG AA 216 -50.00 -24.79 -24.64
N CYS AA 217 -50.77 -23.75 -24.94
CA CYS AA 217 -50.68 -22.50 -24.19
C CYS AA 217 -51.11 -22.71 -22.74
N MET AA 218 -52.12 -23.54 -22.51
CA MET AA 218 -52.55 -23.82 -21.16
C MET AA 218 -51.48 -24.63 -20.42
N ARG AA 219 -50.73 -25.46 -21.14
CA ARG AA 219 -49.59 -26.14 -20.52
C ARG AA 219 -48.50 -25.14 -20.14
N VAL AA 220 -48.29 -24.11 -20.97
CA VAL AA 220 -47.30 -23.09 -20.65
C VAL AA 220 -47.70 -22.30 -19.40
N LEU AA 221 -48.99 -21.95 -19.29
CA LEU AA 221 -49.45 -21.31 -18.06
C LEU AA 221 -49.42 -22.26 -16.87
N TYR AA 222 -49.46 -23.57 -17.08
CA TYR AA 222 -49.18 -24.46 -15.97
C TYR AA 222 -47.72 -24.39 -15.56
N TYR AA 223 -46.83 -24.18 -16.53
CA TYR AA 223 -45.41 -24.14 -16.20
C TYR AA 223 -45.01 -22.85 -15.50
N ARG AA 224 -45.50 -21.70 -15.96
CA ARG AA 224 -44.99 -20.42 -15.47
C ARG AA 224 -45.89 -19.70 -14.50
N ASP AA 225 -47.20 -19.72 -14.68
CA ASP AA 225 -48.07 -18.95 -13.79
C ASP AA 225 -48.20 -19.64 -12.45
N ALA AA 226 -47.99 -18.89 -11.37
CA ALA AA 226 -48.01 -19.48 -10.04
C ALA AA 226 -49.42 -19.83 -9.60
N ARG AA 227 -50.40 -19.02 -9.97
CA ARG AA 227 -51.79 -19.28 -9.58
C ARG AA 227 -52.50 -20.15 -10.59
N SER AA 228 -51.89 -21.26 -10.99
CA SER AA 228 -52.45 -22.10 -12.03
C SER AA 228 -52.50 -23.53 -11.55
N TYR AA 229 -53.53 -24.24 -11.99
CA TYR AA 229 -53.79 -25.60 -11.55
C TYR AA 229 -53.73 -26.52 -12.76
N ASN AA 230 -53.61 -27.82 -12.49
CA ASN AA 230 -53.33 -28.79 -13.54
C ASN AA 230 -54.53 -28.97 -14.46
N ARG AA 231 -55.67 -29.39 -13.93
CA ARG AA 231 -56.79 -29.71 -14.79
C ARG AA 231 -57.49 -28.44 -15.24
N PHE AA 232 -58.11 -28.50 -16.41
CA PHE AA 232 -58.70 -27.31 -17.00
C PHE AA 232 -59.83 -27.73 -17.92
N GLN AA 233 -60.83 -26.86 -18.03
CA GLN AA 233 -61.91 -27.07 -18.97
C GLN AA 233 -61.56 -26.41 -20.29
N ILE AA 234 -61.67 -27.16 -21.36
CA ILE AA 234 -61.56 -26.58 -22.70
C ILE AA 234 -62.96 -26.56 -23.26
N ALA AA 235 -63.28 -25.54 -24.05
CA ALA AA 235 -64.69 -25.32 -24.35
C ALA AA 235 -64.84 -24.59 -25.67
N THR AA 236 -65.61 -25.19 -26.57
CA THR AA 236 -65.63 -24.80 -27.97
C THR AA 236 -67.07 -24.54 -28.39
N VAL AA 237 -67.30 -23.45 -29.11
CA VAL AA 237 -68.58 -23.23 -29.78
C VAL AA 237 -68.37 -23.27 -31.29
N THR AA 238 -69.21 -24.04 -31.97
CA THR AA 238 -69.07 -24.34 -33.38
C THR AA 238 -70.44 -24.04 -34.01
N GLU AA 239 -70.63 -24.41 -35.29
CA GLU AA 239 -71.93 -24.32 -35.94
C GLU AA 239 -72.98 -25.14 -35.20
N LYS AA 240 -72.58 -26.26 -34.60
CA LYS AA 240 -73.57 -27.03 -33.87
C LYS AA 240 -73.82 -26.50 -32.46
N GLY AA 241 -73.13 -25.45 -32.03
CA GLY AA 241 -73.44 -24.91 -30.72
C GLY AA 241 -72.31 -24.90 -29.72
N VAL AA 242 -72.64 -24.62 -28.48
CA VAL AA 242 -71.70 -24.54 -27.38
C VAL AA 242 -71.54 -25.92 -26.78
N GLU AA 243 -70.30 -26.36 -26.60
CA GLU AA 243 -70.03 -27.58 -25.86
C GLU AA 243 -68.76 -27.40 -25.03
N ILE AA 244 -68.75 -28.01 -23.86
CA ILE AA 244 -67.70 -27.81 -22.86
C ILE AA 244 -67.11 -29.16 -22.53
N GLU AA 245 -65.84 -29.36 -22.87
CA GLU AA 245 -65.10 -30.53 -22.40
C GLU AA 245 -64.60 -30.25 -20.99
N GLY AA 246 -65.16 -31.01 -20.05
CA GLY AA 246 -64.77 -31.09 -18.67
C GLY AA 246 -63.50 -31.89 -18.50
N PRO AA 247 -63.06 -32.11 -17.23
CA PRO AA 247 -61.67 -31.80 -16.90
C PRO AA 247 -60.59 -32.50 -17.70
N LEU AA 248 -59.74 -31.71 -18.35
CA LEU AA 248 -58.62 -32.23 -19.09
C LEU AA 248 -57.38 -32.26 -18.21
N SER AA 249 -56.22 -32.46 -18.80
CA SER AA 249 -54.96 -32.45 -18.07
C SER AA 249 -53.87 -31.97 -19.01
N THR AA 250 -52.70 -31.70 -18.43
CA THR AA 250 -51.54 -31.25 -19.17
C THR AA 250 -50.43 -32.28 -19.01
N GLU AA 251 -49.91 -32.78 -20.12
CA GLU AA 251 -48.78 -33.71 -20.08
C GLU AA 251 -47.52 -32.90 -19.77
N THR AA 252 -47.07 -32.99 -18.53
CA THR AA 252 -45.96 -32.17 -18.07
C THR AA 252 -44.62 -32.74 -18.53
N ASN AA 253 -43.65 -31.85 -18.73
CA ASN AA 253 -42.32 -32.21 -19.20
C ASN AA 253 -41.32 -31.65 -18.20
N TRP AA 254 -41.02 -32.43 -17.16
CA TRP AA 254 -40.03 -32.05 -16.17
C TRP AA 254 -38.68 -32.70 -16.41
N ASP AA 255 -38.34 -32.95 -17.68
CA ASP AA 255 -37.11 -33.65 -18.00
C ASP AA 255 -35.87 -32.76 -17.90
N ILE AA 256 -36.02 -31.45 -17.74
CA ILE AA 256 -34.88 -30.56 -17.59
C ILE AA 256 -34.47 -30.39 -16.13
N ALA AA 257 -35.11 -31.11 -15.22
CA ALA AA 257 -34.93 -30.86 -13.80
C ALA AA 257 -33.62 -31.42 -13.28
N HIS AA 258 -33.18 -32.55 -13.80
CA HIS AA 258 -32.02 -33.24 -13.29
C HIS AA 258 -30.71 -32.77 -13.90
N MET AA 259 -30.67 -31.53 -14.41
CA MET AA 259 -29.45 -30.92 -14.89
C MET AA 259 -29.09 -29.70 -14.06
N ILE AA 260 -29.39 -29.73 -12.77
CA ILE AA 260 -29.19 -28.59 -11.87
C ILE AA 260 -28.20 -29.00 -10.80
N SER AA 261 -27.12 -28.24 -10.68
CA SER AA 261 -26.09 -28.52 -9.69
C SER AA 261 -25.54 -27.23 -9.11
N THR BA 35 -61.36 -20.78 15.79
CA THR BA 35 -62.37 -20.86 14.75
C THR BA 35 -61.96 -21.85 13.66
N THR BA 36 -62.55 -23.04 13.71
CA THR BA 36 -62.32 -24.03 12.67
C THR BA 36 -63.60 -24.83 12.49
N ILE BA 37 -64.06 -24.97 11.25
CA ILE BA 37 -65.30 -25.64 10.95
C ILE BA 37 -65.04 -26.74 9.93
N MET BA 38 -65.64 -27.90 10.15
CA MET BA 38 -65.65 -29.00 9.18
C MET BA 38 -67.07 -29.42 8.91
N ALA BA 39 -67.30 -29.94 7.71
CA ALA BA 39 -68.59 -30.53 7.34
C ALA BA 39 -68.36 -31.53 6.23
N VAL BA 40 -68.67 -32.79 6.48
CA VAL BA 40 -68.39 -33.87 5.54
C VAL BA 40 -69.70 -34.54 5.17
N GLN BA 41 -70.00 -34.56 3.87
CA GLN BA 41 -71.10 -35.35 3.32
C GLN BA 41 -70.69 -36.81 3.30
N PHE BA 42 -71.25 -37.64 4.19
CA PHE BA 42 -70.84 -39.04 4.21
C PHE BA 42 -71.63 -39.87 3.21
N ASP BA 43 -72.94 -40.01 3.43
CA ASP BA 43 -73.87 -40.76 2.58
C ASP BA 43 -75.27 -40.48 3.07
N GLY BA 44 -76.18 -40.07 2.20
CA GLY BA 44 -77.52 -39.75 2.65
C GLY BA 44 -77.56 -38.42 3.36
N GLY BA 45 -77.03 -38.38 4.59
CA GLY BA 45 -76.90 -37.15 5.34
C GLY BA 45 -75.46 -36.67 5.41
N VAL BA 46 -75.24 -35.70 6.29
CA VAL BA 46 -73.94 -35.06 6.47
C VAL BA 46 -73.55 -35.12 7.94
N VAL BA 47 -72.30 -34.77 8.21
CA VAL BA 47 -71.76 -34.66 9.56
C VAL BA 47 -71.04 -33.33 9.68
N LEU BA 48 -71.51 -32.48 10.57
CA LEU BA 48 -70.91 -31.18 10.78
C LEU BA 48 -69.77 -31.27 11.78
N GLY BA 49 -69.28 -30.12 12.21
CA GLY BA 49 -68.27 -30.05 13.24
C GLY BA 49 -67.75 -28.64 13.39
N ALA BA 50 -67.59 -28.19 14.62
CA ALA BA 50 -67.13 -26.82 14.85
C ALA BA 50 -66.38 -26.77 16.16
N ASP BA 51 -65.39 -25.90 16.22
CA ASP BA 51 -64.63 -25.72 17.45
C ASP BA 51 -65.37 -24.69 18.31
N SER BA 52 -64.79 -24.26 19.43
CA SER BA 52 -65.54 -23.33 20.28
C SER BA 52 -64.57 -22.39 20.99
N ARG BA 53 -64.29 -21.25 20.35
CA ARG BA 53 -63.65 -20.10 20.98
C ARG BA 53 -64.17 -18.85 20.32
N THR BA 54 -64.15 -17.74 21.06
CA THR BA 54 -64.51 -16.44 20.52
C THR BA 54 -63.48 -15.47 21.06
N THR BA 55 -62.40 -15.28 20.30
CA THR BA 55 -61.27 -14.51 20.77
C THR BA 55 -61.42 -13.04 20.44
N THR BA 56 -61.09 -12.19 21.41
CA THR BA 56 -60.95 -10.76 21.17
C THR BA 56 -59.47 -10.45 20.93
N GLY BA 57 -58.97 -10.96 19.82
CA GLY BA 57 -57.57 -10.83 19.48
C GLY BA 57 -56.70 -11.85 20.19
N SER BA 58 -56.47 -11.66 21.48
CA SER BA 58 -55.64 -12.58 22.25
C SER BA 58 -56.27 -12.84 23.61
N TYR BA 59 -57.58 -13.02 23.64
CA TYR BA 59 -58.30 -13.32 24.88
C TYR BA 59 -59.57 -14.04 24.52
N ILE BA 60 -59.75 -15.25 25.06
CA ILE BA 60 -60.93 -16.05 24.76
C ILE BA 60 -62.10 -15.46 25.52
N ALA BA 61 -62.94 -14.70 24.82
CA ALA BA 61 -64.09 -14.10 25.47
C ALA BA 61 -65.18 -15.11 25.76
N ASN BA 62 -65.26 -16.18 24.98
CA ASN BA 62 -66.28 -17.21 25.18
C ASN BA 62 -65.60 -18.55 24.95
N ARG BA 63 -65.32 -19.25 26.05
CA ARG BA 63 -64.70 -20.57 25.95
C ARG BA 63 -65.65 -21.60 25.39
N VAL BA 64 -66.96 -21.42 25.52
CA VAL BA 64 -67.95 -22.42 25.14
C VAL BA 64 -69.06 -21.76 24.32
N THR BA 65 -68.92 -21.79 23.01
CA THR BA 65 -69.94 -21.28 22.11
C THR BA 65 -70.25 -22.35 21.07
N ASP BA 66 -71.45 -22.26 20.50
CA ASP BA 66 -71.86 -23.19 19.47
C ASP BA 66 -71.88 -22.45 18.13
N LYS BA 67 -70.84 -22.67 17.34
CA LYS BA 67 -70.84 -22.09 16.00
C LYS BA 67 -71.77 -22.87 15.07
N LEU BA 68 -72.08 -24.12 15.42
CA LEU BA 68 -73.23 -24.79 14.84
C LEU BA 68 -74.49 -24.06 15.28
N THR BA 69 -75.38 -23.82 14.33
CA THR BA 69 -76.68 -23.30 14.70
C THR BA 69 -77.72 -23.81 13.71
N PRO BA 70 -78.91 -24.15 14.18
CA PRO BA 70 -79.99 -24.50 13.26
C PRO BA 70 -80.57 -23.26 12.61
N ILE BA 71 -81.02 -23.41 11.36
CA ILE BA 71 -81.78 -22.36 10.70
C ILE BA 71 -83.18 -22.81 10.32
N HIS BA 72 -83.35 -24.04 9.83
CA HIS BA 72 -84.73 -24.50 9.81
C HIS BA 72 -85.00 -25.76 10.63
N ASP BA 73 -84.68 -26.93 10.08
CA ASP BA 73 -84.86 -28.17 10.82
C ASP BA 73 -83.66 -29.08 10.62
N ARG BA 74 -83.37 -29.32 9.36
CA ARG BA 74 -82.24 -30.13 8.92
C ARG BA 74 -81.06 -29.30 8.48
N ILE BA 75 -81.34 -28.18 7.81
CA ILE BA 75 -80.28 -27.31 7.31
C ILE BA 75 -79.66 -26.61 8.51
N PHE BA 76 -78.37 -26.81 8.72
CA PHE BA 76 -77.63 -26.02 9.70
C PHE BA 76 -76.64 -25.15 8.96
N CYS BA 77 -76.44 -23.93 9.45
CA CYS BA 77 -75.34 -23.12 8.99
C CYS BA 77 -74.33 -23.04 10.11
N CYS BA 78 -73.07 -22.96 9.74
CA CYS BA 78 -72.02 -22.70 10.69
C CYS BA 78 -71.66 -21.23 10.59
N ARG BA 79 -70.65 -20.78 11.33
CA ARG BA 79 -70.25 -19.39 11.24
C ARG BA 79 -68.79 -19.25 11.64
N SER BA 80 -68.05 -18.46 10.86
CA SER BA 80 -66.63 -18.25 11.07
C SER BA 80 -66.32 -16.78 10.89
N GLY BA 81 -65.03 -16.47 10.91
CA GLY BA 81 -64.56 -15.11 10.71
C GLY BA 81 -64.95 -14.19 11.85
N SER BA 82 -65.81 -13.22 11.57
CA SER BA 82 -66.32 -12.34 12.61
C SER BA 82 -67.47 -13.02 13.34
N ALA BA 83 -68.05 -12.32 14.30
CA ALA BA 83 -69.05 -12.93 15.17
C ALA BA 83 -70.36 -12.15 15.18
N ALA BA 84 -70.26 -10.82 15.10
CA ALA BA 84 -71.46 -10.00 15.22
C ALA BA 84 -72.28 -10.00 13.93
N ASP BA 85 -71.61 -9.93 12.79
CA ASP BA 85 -72.32 -9.86 11.51
C ASP BA 85 -72.95 -11.19 11.13
N THR BA 86 -72.24 -12.28 11.39
CA THR BA 86 -72.61 -13.57 10.81
C THR BA 86 -73.86 -14.15 11.44
N GLN BA 87 -74.15 -13.82 12.69
CA GLN BA 87 -75.39 -14.32 13.26
C GLN BA 87 -76.55 -13.37 13.03
N ALA BA 88 -76.28 -12.11 12.68
CA ALA BA 88 -77.30 -11.28 12.07
C ALA BA 88 -77.70 -11.83 10.72
N VAL BA 89 -76.73 -12.35 9.98
CA VAL BA 89 -77.05 -13.09 8.76
C VAL BA 89 -77.81 -14.36 9.09
N ALA BA 90 -77.45 -15.03 10.19
CA ALA BA 90 -78.06 -16.32 10.51
C ALA BA 90 -79.52 -16.19 10.91
N ASP BA 91 -79.86 -15.21 11.74
CA ASP BA 91 -81.28 -15.09 12.04
C ASP BA 91 -82.03 -14.32 10.97
N ALA BA 92 -81.33 -13.53 10.15
CA ALA BA 92 -81.97 -12.95 8.97
C ALA BA 92 -82.41 -14.04 7.99
N VAL BA 93 -81.58 -15.06 7.78
CA VAL BA 93 -81.97 -16.13 6.89
C VAL BA 93 -82.79 -17.19 7.59
N THR BA 94 -82.85 -17.18 8.92
CA THR BA 94 -83.87 -17.95 9.61
C THR BA 94 -85.23 -17.32 9.36
N TYR BA 95 -85.28 -15.99 9.33
CA TYR BA 95 -86.51 -15.28 8.96
C TYR BA 95 -86.90 -15.57 7.51
N GLN BA 96 -85.99 -15.37 6.56
CA GLN BA 96 -86.36 -15.53 5.16
C GLN BA 96 -86.59 -16.99 4.80
N LEU BA 97 -85.74 -17.89 5.29
CA LEU BA 97 -85.89 -19.30 4.97
C LEU BA 97 -87.10 -19.90 5.67
N GLY BA 98 -87.37 -19.48 6.90
CA GLY BA 98 -88.55 -19.99 7.60
C GLY BA 98 -89.84 -19.49 6.98
N PHE BA 99 -89.88 -18.22 6.58
CA PHE BA 99 -91.06 -17.65 5.92
C PHE BA 99 -91.28 -18.29 4.56
N HIS BA 100 -90.19 -18.57 3.84
CA HIS BA 100 -90.31 -19.22 2.54
C HIS BA 100 -90.76 -20.67 2.69
N SER BA 101 -90.23 -21.37 3.71
CA SER BA 101 -90.59 -22.75 3.91
C SER BA 101 -92.04 -22.91 4.36
N ILE BA 102 -92.53 -21.99 5.19
CA ILE BA 102 -93.94 -22.04 5.55
C ILE BA 102 -94.80 -21.52 4.41
N GLU BA 103 -94.22 -20.75 3.49
CA GLU BA 103 -94.98 -20.27 2.35
C GLU BA 103 -95.17 -21.37 1.31
N LEU BA 104 -94.24 -22.31 1.23
CA LEU BA 104 -94.39 -23.40 0.28
C LEU BA 104 -95.12 -24.60 0.86
N ASN BA 105 -95.18 -24.70 2.19
CA ASN BA 105 -95.63 -25.89 2.91
C ASN BA 105 -94.83 -27.14 2.51
N GLU BA 106 -93.53 -26.94 2.29
CA GLU BA 106 -92.60 -28.01 1.97
C GLU BA 106 -91.28 -27.75 2.67
N PRO BA 107 -90.52 -28.78 3.01
CA PRO BA 107 -89.17 -28.55 3.52
C PRO BA 107 -88.26 -28.03 2.43
N PRO BA 108 -87.51 -26.97 2.69
CA PRO BA 108 -86.73 -26.33 1.64
C PRO BA 108 -85.40 -27.05 1.41
N LEU BA 109 -84.86 -26.82 0.23
CA LEU BA 109 -83.58 -27.41 -0.12
C LEU BA 109 -82.46 -26.65 0.55
N VAL BA 110 -81.31 -27.32 0.69
CA VAL BA 110 -80.13 -26.63 1.21
C VAL BA 110 -79.62 -25.62 0.19
N HIS BA 111 -79.85 -25.89 -1.10
CA HIS BA 111 -79.48 -24.98 -2.16
C HIS BA 111 -80.23 -23.66 -2.08
N THR BA 112 -81.44 -23.68 -1.51
CA THR BA 112 -82.18 -22.44 -1.26
C THR BA 112 -81.45 -21.58 -0.24
N ALA BA 113 -81.09 -22.17 0.90
CA ALA BA 113 -80.45 -21.43 1.98
C ALA BA 113 -79.06 -20.95 1.57
N ALA BA 114 -78.32 -21.78 0.86
CA ALA BA 114 -77.01 -21.35 0.36
C ALA BA 114 -77.15 -20.30 -0.73
N SER BA 115 -78.28 -20.30 -1.45
CA SER BA 115 -78.48 -19.29 -2.47
C SER BA 115 -78.73 -17.92 -1.85
N LEU BA 116 -79.60 -17.86 -0.85
CA LEU BA 116 -79.78 -16.57 -0.19
C LEU BA 116 -78.64 -16.25 0.78
N PHE BA 117 -77.74 -17.18 1.06
CA PHE BA 117 -76.44 -16.83 1.62
C PHE BA 117 -75.54 -16.18 0.59
N LYS BA 118 -75.59 -16.65 -0.67
CA LYS BA 118 -74.84 -15.99 -1.72
C LYS BA 118 -75.35 -14.58 -1.95
N GLU BA 119 -76.66 -14.38 -1.88
CA GLU BA 119 -77.20 -13.05 -2.13
C GLU BA 119 -77.01 -12.15 -0.92
N MET BA 120 -77.39 -12.63 0.26
CA MET BA 120 -77.32 -11.81 1.47
C MET BA 120 -75.89 -11.51 1.87
N CYS BA 121 -74.96 -12.42 1.61
CA CYS BA 121 -73.56 -12.13 1.89
C CYS BA 121 -72.88 -11.42 0.73
N TYR BA 122 -73.34 -11.63 -0.49
CA TYR BA 122 -72.71 -10.98 -1.63
C TYR BA 122 -73.02 -9.49 -1.69
N ARG BA 123 -74.26 -9.11 -1.40
CA ARG BA 123 -74.64 -7.70 -1.54
C ARG BA 123 -73.98 -6.82 -0.50
N TYR BA 124 -73.56 -7.38 0.62
CA TYR BA 124 -72.93 -6.62 1.71
C TYR BA 124 -71.49 -7.06 1.89
N ARG BA 125 -70.79 -7.28 0.78
CA ARG BA 125 -69.51 -8.00 0.83
C ARG BA 125 -68.38 -7.17 1.40
N GLU BA 126 -68.51 -5.84 1.42
CA GLU BA 126 -67.45 -4.99 1.94
C GLU BA 126 -67.63 -4.65 3.40
N ASP BA 127 -68.62 -5.22 4.06
CA ASP BA 127 -68.90 -4.94 5.45
C ASP BA 127 -68.94 -6.18 6.32
N LEU BA 128 -68.81 -7.37 5.73
CA LEU BA 128 -69.02 -8.62 6.44
C LEU BA 128 -67.82 -9.54 6.28
N MET BA 129 -67.40 -10.15 7.38
CA MET BA 129 -66.39 -11.19 7.39
C MET BA 129 -67.08 -12.46 7.86
N ALA BA 130 -67.72 -13.17 6.93
CA ALA BA 130 -68.56 -14.32 7.27
C ALA BA 130 -68.27 -15.44 6.27
N GLY BA 131 -67.34 -16.32 6.62
CA GLY BA 131 -67.02 -17.44 5.78
C GLY BA 131 -67.79 -18.68 6.15
N ILE BA 132 -69.12 -18.61 6.13
CA ILE BA 132 -69.92 -19.68 6.68
C ILE BA 132 -70.01 -20.83 5.70
N ILE BA 133 -70.01 -22.06 6.21
CA ILE BA 133 -70.18 -23.23 5.38
C ILE BA 133 -71.32 -24.04 5.97
N ILE BA 134 -72.29 -24.38 5.13
CA ILE BA 134 -73.57 -24.89 5.63
C ILE BA 134 -73.78 -26.30 5.12
N ALA BA 135 -74.73 -26.97 5.74
CA ALA BA 135 -75.01 -28.37 5.45
C ALA BA 135 -76.43 -28.69 5.87
N GLY BA 136 -76.88 -29.87 5.48
CA GLY BA 136 -78.21 -30.31 5.82
C GLY BA 136 -78.65 -31.40 4.86
N TRP BA 137 -79.80 -31.99 5.17
CA TRP BA 137 -80.38 -33.06 4.35
C TRP BA 137 -81.69 -32.58 3.77
N ASP BA 138 -81.66 -32.21 2.55
CA ASP BA 138 -82.95 -32.05 1.91
C ASP BA 138 -83.53 -33.40 1.53
N PRO BA 139 -84.86 -33.53 1.47
CA PRO BA 139 -85.43 -34.82 1.07
C PRO BA 139 -85.26 -35.11 -0.40
N GLN BA 140 -85.07 -34.10 -1.22
CA GLN BA 140 -84.96 -34.29 -2.66
C GLN BA 140 -83.62 -34.88 -3.06
N GLU BA 141 -82.55 -34.15 -2.81
CA GLU BA 141 -81.24 -34.62 -3.24
C GLU BA 141 -80.63 -35.57 -2.21
N GLY BA 142 -80.17 -35.03 -1.09
CA GLY BA 142 -79.57 -35.86 -0.05
C GLY BA 142 -78.61 -35.09 0.80
N GLY BA 143 -77.37 -35.56 0.88
CA GLY BA 143 -76.35 -34.82 1.59
C GLY BA 143 -75.84 -33.68 0.75
N GLN BA 144 -75.94 -32.46 1.28
CA GLN BA 144 -75.41 -31.28 0.60
C GLN BA 144 -74.62 -30.46 1.59
N VAL BA 145 -73.41 -30.07 1.20
CA VAL BA 145 -72.58 -29.17 2.00
C VAL BA 145 -72.11 -28.06 1.07
N TYR BA 146 -72.53 -26.83 1.35
CA TYR BA 146 -72.14 -25.69 0.55
C TYR BA 146 -71.16 -24.83 1.31
N SER BA 147 -70.33 -24.10 0.58
CA SER BA 147 -69.35 -23.20 1.16
C SER BA 147 -69.63 -21.79 0.71
N VAL BA 148 -69.79 -20.88 1.68
CA VAL BA 148 -69.96 -19.47 1.38
C VAL BA 148 -68.77 -18.75 2.00
N PRO BA 149 -67.68 -18.58 1.27
CA PRO BA 149 -66.49 -17.98 1.86
C PRO BA 149 -66.58 -16.47 2.07
N MET BA 150 -65.45 -15.88 2.41
CA MET BA 150 -65.39 -14.50 2.91
C MET BA 150 -65.80 -13.50 1.84
N GLY BA 151 -65.48 -13.76 0.57
CA GLY BA 151 -65.91 -12.86 -0.48
C GLY BA 151 -67.39 -12.96 -0.78
N GLY BA 152 -67.97 -14.13 -0.58
CA GLY BA 152 -69.39 -14.31 -0.68
C GLY BA 152 -69.79 -14.94 -2.00
N MET BA 153 -69.95 -16.25 -2.02
CA MET BA 153 -70.27 -16.99 -3.21
C MET BA 153 -70.82 -18.34 -2.77
N MET BA 154 -71.04 -19.25 -3.72
CA MET BA 154 -71.62 -20.54 -3.37
C MET BA 154 -71.01 -21.61 -4.26
N VAL BA 155 -70.36 -22.59 -3.64
CA VAL BA 155 -69.93 -23.80 -4.32
C VAL BA 155 -70.39 -24.99 -3.49
N ARG BA 156 -70.55 -26.12 -4.16
CA ARG BA 156 -70.90 -27.37 -3.50
C ARG BA 156 -69.65 -28.22 -3.37
N GLN BA 157 -69.43 -28.75 -2.17
CA GLN BA 157 -68.25 -29.56 -1.91
C GLN BA 157 -68.63 -30.84 -1.20
N SER BA 158 -67.74 -31.84 -1.32
CA SER BA 158 -67.90 -33.07 -0.56
C SER BA 158 -67.62 -32.81 0.91
N PHE BA 159 -66.41 -32.38 1.21
CA PHE BA 159 -66.06 -31.86 2.51
C PHE BA 159 -65.85 -30.35 2.39
N ALA BA 160 -66.24 -29.63 3.41
CA ALA BA 160 -65.96 -28.21 3.47
C ALA BA 160 -65.18 -27.90 4.73
N ILE BA 161 -64.59 -26.73 4.75
CA ILE BA 161 -63.64 -26.35 5.77
C ILE BA 161 -63.48 -24.84 5.73
N GLY BA 162 -63.41 -24.23 6.90
CA GLY BA 162 -63.41 -22.77 6.95
C GLY BA 162 -63.28 -22.23 8.35
N GLY BA 163 -62.41 -21.24 8.52
CA GLY BA 163 -62.18 -20.65 9.82
C GLY BA 163 -60.74 -20.21 9.92
N SER BA 164 -60.36 -19.79 11.13
CA SER BA 164 -59.02 -19.30 11.37
C SER BA 164 -58.00 -20.43 11.32
N GLY BA 165 -58.18 -21.43 12.18
CA GLY BA 165 -57.31 -22.60 12.19
C GLY BA 165 -57.47 -23.52 11.01
N SER BA 166 -58.49 -23.29 10.17
CA SER BA 166 -58.78 -24.17 9.05
C SER BA 166 -57.87 -23.90 7.87
N SER BA 167 -56.58 -23.81 8.15
CA SER BA 167 -55.54 -23.81 7.17
C SER BA 167 -54.47 -24.77 7.59
N TYR BA 168 -54.54 -25.29 8.81
CA TYR BA 168 -53.50 -26.14 9.33
C TYR BA 168 -53.80 -27.60 9.08
N ILE BA 169 -54.95 -27.91 8.51
CA ILE BA 169 -55.41 -29.28 8.36
C ILE BA 169 -55.86 -29.56 6.93
N TYR BA 170 -55.40 -28.78 5.95
CA TYR BA 170 -55.72 -29.16 4.58
C TYR BA 170 -54.93 -30.39 4.15
N GLY BA 171 -53.76 -30.61 4.75
CA GLY BA 171 -53.01 -31.81 4.43
C GLY BA 171 -53.67 -33.05 4.96
N TYR BA 172 -54.11 -33.00 6.23
CA TYR BA 172 -54.72 -34.18 6.83
C TYR BA 172 -56.08 -34.49 6.22
N VAL BA 173 -56.92 -33.47 6.02
CA VAL BA 173 -58.23 -33.70 5.45
C VAL BA 173 -58.10 -34.08 3.97
N ASP BA 174 -57.12 -33.49 3.28
CA ASP BA 174 -56.87 -33.85 1.90
C ASP BA 174 -56.33 -35.27 1.76
N ALA BA 175 -55.63 -35.78 2.77
CA ALA BA 175 -55.01 -37.10 2.66
C ALA BA 175 -55.89 -38.22 3.20
N THR BA 176 -56.72 -37.96 4.20
CA THR BA 176 -57.43 -39.02 4.89
C THR BA 176 -58.79 -39.31 4.28
N TYR BA 177 -59.50 -38.28 3.84
CA TYR BA 177 -60.84 -38.43 3.27
C TYR BA 177 -60.77 -39.23 1.97
N ARG BA 178 -61.35 -40.42 1.97
CA ARG BA 178 -61.14 -41.31 0.82
C ARG BA 178 -62.24 -41.20 -0.24
N GLU BA 179 -63.44 -41.73 0.04
CA GLU BA 179 -64.67 -41.64 -0.77
C GLU BA 179 -65.78 -42.37 -0.02
N GLY BA 180 -66.98 -41.80 0.02
CA GLY BA 180 -68.17 -42.54 0.42
C GLY BA 180 -68.14 -43.13 1.81
N MET BA 181 -67.56 -42.41 2.76
CA MET BA 181 -67.36 -42.96 4.09
C MET BA 181 -68.68 -43.02 4.84
N THR BA 182 -68.67 -43.70 5.99
CA THR BA 182 -69.89 -43.89 6.76
C THR BA 182 -69.97 -42.88 7.90
N LYS BA 183 -71.01 -43.04 8.72
CA LYS BA 183 -71.34 -42.02 9.71
C LYS BA 183 -70.36 -42.02 10.88
N GLU BA 184 -69.92 -43.20 11.32
CA GLU BA 184 -69.04 -43.29 12.48
C GLU BA 184 -67.62 -42.86 12.14
N GLU BA 185 -67.17 -43.11 10.91
CA GLU BA 185 -65.82 -42.75 10.54
C GLU BA 185 -65.70 -41.33 10.00
N CYS BA 186 -66.81 -40.73 9.56
CA CYS BA 186 -66.82 -39.29 9.39
C CYS BA 186 -67.03 -38.58 10.72
N LEU BA 187 -67.64 -39.27 11.68
CA LEU BA 187 -67.76 -38.70 13.02
C LEU BA 187 -66.38 -38.60 13.66
N GLN BA 188 -65.61 -39.69 13.63
CA GLN BA 188 -64.26 -39.61 14.17
C GLN BA 188 -63.30 -38.91 13.23
N PHE BA 189 -63.62 -38.83 11.93
CA PHE BA 189 -62.79 -38.10 10.99
C PHE BA 189 -62.89 -36.60 11.22
N THR BA 190 -64.11 -36.09 11.35
CA THR BA 190 -64.30 -34.70 11.72
C THR BA 190 -63.77 -34.44 13.13
N ALA BA 191 -63.90 -35.42 14.02
CA ALA BA 191 -63.44 -35.26 15.39
C ALA BA 191 -61.93 -35.09 15.47
N ASN BA 192 -61.17 -35.96 14.82
CA ASN BA 192 -59.73 -35.79 14.96
C ASN BA 192 -59.15 -34.75 14.01
N ALA BA 193 -59.85 -34.43 12.91
CA ALA BA 193 -59.43 -33.30 12.09
C ALA BA 193 -59.54 -31.99 12.87
N LEU BA 194 -60.69 -31.78 13.51
CA LEU BA 194 -60.82 -30.62 14.39
C LEU BA 194 -59.95 -30.72 15.63
N ALA BA 195 -59.54 -31.92 16.02
CA ALA BA 195 -58.60 -32.04 17.14
C ALA BA 195 -57.22 -31.56 16.74
N LEU BA 196 -56.80 -31.86 15.51
CA LEU BA 196 -55.56 -31.31 14.99
C LEU BA 196 -55.62 -29.80 14.90
N ALA BA 197 -56.71 -29.28 14.36
CA ALA BA 197 -56.81 -27.84 14.17
C ALA BA 197 -56.95 -27.08 15.48
N MET BA 198 -57.61 -27.66 16.48
CA MET BA 198 -57.60 -27.00 17.76
C MET BA 198 -56.28 -27.19 18.50
N GLU BA 199 -55.52 -28.23 18.17
CA GLU BA 199 -54.24 -28.42 18.82
C GLU BA 199 -53.21 -27.44 18.30
N ARG BA 200 -53.30 -27.07 17.03
CA ARG BA 200 -52.21 -26.27 16.45
C ARG BA 200 -52.53 -24.78 16.42
N ASP BA 201 -53.78 -24.40 16.19
CA ASP BA 201 -54.13 -22.98 16.22
C ASP BA 201 -54.21 -22.48 17.66
N GLY BA 202 -53.88 -21.21 17.84
CA GLY BA 202 -54.04 -20.57 19.12
C GLY BA 202 -55.40 -19.91 19.26
N SER BA 203 -56.01 -19.54 18.13
CA SER BA 203 -57.34 -18.94 18.12
C SER BA 203 -58.43 -19.99 17.92
N SER BA 204 -58.18 -21.22 18.35
CA SER BA 204 -59.14 -22.31 18.16
C SER BA 204 -58.82 -23.36 19.22
N GLY BA 205 -59.85 -23.81 19.93
CA GLY BA 205 -59.65 -24.74 21.02
C GLY BA 205 -60.94 -24.92 21.79
N GLY BA 206 -60.83 -25.61 22.91
CA GLY BA 206 -61.99 -25.93 23.71
C GLY BA 206 -62.66 -27.20 23.24
N VAL BA 207 -63.92 -27.35 23.63
CA VAL BA 207 -64.69 -28.50 23.20
C VAL BA 207 -65.04 -28.35 21.73
N ILE BA 208 -65.25 -29.48 21.06
CA ILE BA 208 -65.71 -29.45 19.68
C ILE BA 208 -67.08 -30.08 19.63
N ARG BA 209 -67.91 -29.53 18.74
CA ARG BA 209 -69.30 -29.92 18.61
C ARG BA 209 -69.51 -30.59 17.27
N LEU BA 210 -70.06 -31.79 17.31
CA LEU BA 210 -70.41 -32.52 16.11
C LEU BA 210 -71.91 -32.54 15.97
N ALA BA 211 -72.39 -32.63 14.73
CA ALA BA 211 -73.81 -32.68 14.48
C ALA BA 211 -74.02 -33.43 13.17
N ALA BA 212 -74.65 -34.60 13.25
CA ALA BA 212 -74.82 -35.46 12.10
C ALA BA 212 -76.25 -35.32 11.61
N ILE BA 213 -76.46 -34.47 10.62
CA ILE BA 213 -77.76 -34.30 10.01
C ILE BA 213 -78.08 -35.54 9.19
N ALA BA 214 -79.26 -36.10 9.38
CA ALA BA 214 -79.65 -37.30 8.64
C ALA BA 214 -81.15 -37.23 8.40
N GLU BA 215 -81.73 -38.38 8.03
CA GLU BA 215 -83.17 -38.42 7.81
C GLU BA 215 -83.94 -38.32 9.11
N SER BA 216 -83.44 -38.97 10.16
CA SER BA 216 -84.14 -39.01 11.44
C SER BA 216 -83.82 -37.82 12.34
N GLY BA 217 -83.38 -36.71 11.78
CA GLY BA 217 -83.11 -35.51 12.55
C GLY BA 217 -81.65 -35.44 12.98
N VAL BA 218 -81.33 -34.34 13.65
CA VAL BA 218 -79.97 -34.09 14.10
C VAL BA 218 -79.67 -34.98 15.31
N GLU BA 219 -78.47 -35.55 15.33
CA GLU BA 219 -77.94 -36.25 16.50
C GLU BA 219 -76.64 -35.56 16.87
N ARG BA 220 -76.74 -34.47 17.62
CA ARG BA 220 -75.53 -33.74 17.96
C ARG BA 220 -74.98 -34.21 19.30
N GLN BA 221 -73.69 -33.98 19.48
CA GLN BA 221 -73.05 -34.19 20.77
C GLN BA 221 -71.83 -33.29 20.86
N VAL BA 222 -71.24 -33.26 22.05
CA VAL BA 222 -70.02 -32.52 22.29
C VAL BA 222 -68.93 -33.51 22.70
N LEU BA 223 -67.68 -33.05 22.69
CA LEU BA 223 -66.56 -33.86 23.10
C LEU BA 223 -65.84 -33.15 24.23
N LEU BA 224 -66.01 -33.64 25.44
CA LEU BA 224 -65.71 -32.90 26.67
C LEU BA 224 -64.33 -33.30 27.19
N GLY BA 225 -63.28 -32.70 26.64
CA GLY BA 225 -62.00 -32.87 27.29
C GLY BA 225 -61.26 -34.13 26.87
N ASP BA 226 -61.42 -35.19 27.67
CA ASP BA 226 -60.81 -36.49 27.36
C ASP BA 226 -61.37 -37.12 26.08
N GLN BA 227 -62.57 -36.74 25.67
CA GLN BA 227 -63.14 -37.22 24.42
C GLN BA 227 -62.40 -36.70 23.20
N ILE BA 228 -61.65 -35.62 23.35
CA ILE BA 228 -60.79 -35.12 22.26
C ILE BA 228 -59.69 -36.14 22.00
N PRO BA 229 -59.49 -36.58 20.77
CA PRO BA 229 -58.41 -37.55 20.49
C PRO BA 229 -57.04 -36.90 20.56
N LYS BA 230 -56.49 -36.84 21.77
CA LYS BA 230 -55.20 -36.21 22.00
C LYS BA 230 -54.09 -36.99 21.32
N PHE BA 231 -53.20 -36.28 20.63
CA PHE BA 231 -52.09 -36.87 19.91
C PHE BA 231 -50.78 -36.55 20.62
N ALA BA 232 -49.82 -37.47 20.51
CA ALA BA 232 -48.57 -37.34 21.23
C ALA BA 232 -47.65 -36.33 20.56
N VAL BA 233 -46.92 -35.57 21.38
CA VAL BA 233 -45.94 -34.62 20.90
C VAL BA 233 -44.57 -35.26 20.98
N ALA BA 234 -43.76 -35.08 19.94
CA ALA BA 234 -42.44 -35.69 19.88
C ALA BA 234 -41.48 -34.95 20.82
N THR BA 235 -40.77 -35.70 21.67
CA THR BA 235 -39.85 -35.14 22.64
C THR BA 235 -38.47 -35.77 22.50
N LEU BA 236 -37.79 -35.35 23.54
CA LEU BA 236 -36.38 -35.37 23.82
C LEU BA 236 -35.91 -35.00 22.46
N PRO BA 237 -36.84 -34.51 21.62
CA PRO BA 237 -36.73 -33.03 21.57
C PRO BA 237 -38.07 -32.32 21.50
N ALA CA 81 87.08 15.70 42.72
CA ALA CA 81 87.71 15.92 41.43
C ALA CA 81 88.98 15.09 41.30
N ALA CA 82 89.19 14.16 42.23
CA ALA CA 82 90.42 13.40 42.31
C ALA CA 82 90.14 11.92 42.58
N ASP CA 83 89.24 11.33 41.78
CA ASP CA 83 88.88 9.93 41.92
C ASP CA 83 89.72 9.00 41.03
N LYS CA 84 90.97 9.38 40.74
CA LYS CA 84 91.81 8.58 39.87
C LYS CA 84 92.27 7.30 40.57
N GLN CA 85 92.58 7.39 41.86
CA GLN CA 85 93.12 6.25 42.60
C GLN CA 85 92.07 5.20 42.88
N THR CA 86 90.79 5.54 42.81
CA THR CA 86 89.74 4.63 43.23
C THR CA 86 89.00 3.98 42.08
N LEU CA 87 89.26 4.38 40.84
CA LEU CA 87 88.54 3.81 39.71
C LEU CA 87 88.95 2.38 39.42
N GLN CA 88 90.20 2.03 39.68
CA GLN CA 88 90.69 0.68 39.41
C GLN CA 88 90.15 -0.36 40.37
N SER CA 89 89.63 0.05 41.53
CA SER CA 89 89.02 -0.85 42.49
C SER CA 89 87.51 -0.74 42.44
N GLU CA 90 86.95 -0.51 41.25
CA GLU CA 90 85.51 -0.40 41.08
C GLU CA 90 84.90 -1.64 40.43
N GLN CA 91 85.61 -2.27 39.50
CA GLN CA 91 85.20 -3.44 38.72
C GLN CA 91 83.87 -3.21 38.02
N PRO CA 92 83.88 -2.51 36.85
CA PRO CA 92 82.66 -2.40 36.03
C PRO CA 92 82.02 -3.73 35.73
N LEU CA 93 80.72 -3.80 35.97
CA LEU CA 93 80.04 -5.05 36.31
C LEU CA 93 78.83 -5.21 35.40
N GLN CA 94 78.60 -6.42 34.92
CA GLN CA 94 77.52 -6.67 33.96
C GLN CA 94 76.34 -7.33 34.66
N VAL CA 95 75.17 -6.71 34.51
CA VAL CA 95 73.97 -7.25 35.13
C VAL CA 95 73.50 -8.48 34.34
N ALA CA 96 73.13 -9.53 35.07
CA ALA CA 96 72.64 -10.73 34.43
C ALA CA 96 71.46 -11.27 35.22
N ARG CA 97 70.62 -12.07 34.59
CA ARG CA 97 69.41 -12.54 35.23
C ARG CA 97 69.67 -13.88 35.91
N CYS CA 98 69.56 -13.90 37.22
CA CYS CA 98 69.76 -15.14 37.97
C CYS CA 98 68.53 -16.03 37.84
N THR CA 99 68.75 -17.32 38.03
CA THR CA 99 67.75 -18.38 37.93
C THR CA 99 68.13 -19.41 39.00
N LYS CA 100 67.77 -20.67 38.76
CA LYS CA 100 67.87 -21.79 39.69
C LYS CA 100 69.18 -21.92 40.47
N ILE CA 101 69.12 -22.55 41.64
CA ILE CA 101 70.29 -22.82 42.44
C ILE CA 101 70.32 -24.32 42.72
N ILE CA 102 71.43 -24.97 42.40
CA ILE CA 102 71.57 -26.40 42.63
C ILE CA 102 71.69 -26.73 44.12
N PRO CA 109 76.96 -23.38 46.61
CA PRO CA 109 76.46 -24.13 45.46
C PRO CA 109 76.72 -23.41 44.15
N LYS CA 110 75.90 -23.70 43.14
CA LYS CA 110 76.02 -23.08 41.82
C LYS CA 110 74.69 -22.42 41.49
N TYR CA 111 74.71 -21.52 40.52
CA TYR CA 111 73.50 -20.94 39.96
C TYR CA 111 73.75 -20.43 38.55
N ILE CA 112 72.66 -20.19 37.81
CA ILE CA 112 72.77 -19.86 36.39
C ILE CA 112 72.36 -18.41 36.17
N ILE CA 113 73.25 -17.66 35.53
CA ILE CA 113 72.98 -16.27 35.18
C ILE CA 113 72.71 -16.19 33.69
N ASN CA 114 72.24 -15.01 33.26
CA ASN CA 114 71.75 -14.81 31.92
C ASN CA 114 71.89 -13.34 31.57
N VAL CA 115 72.84 -13.02 30.69
CA VAL CA 115 73.33 -11.67 30.51
C VAL CA 115 72.45 -10.95 29.48
N LYS CA 116 71.56 -11.73 28.82
CA LYS CA 116 70.64 -11.36 27.74
C LYS CA 116 71.33 -11.01 26.44
N GLN CA 117 72.67 -11.09 26.41
CA GLN CA 117 73.46 -11.03 25.20
C GLN CA 117 74.52 -12.13 25.18
N PHE CA 118 74.73 -12.80 26.31
CA PHE CA 118 75.72 -13.86 26.43
C PHE CA 118 75.00 -15.16 26.73
N ALA CA 119 75.79 -16.17 27.12
CA ALA CA 119 75.38 -17.56 27.01
C ALA CA 119 74.89 -18.16 28.33
N LYS CA 120 74.21 -17.36 29.17
CA LYS CA 120 73.44 -17.74 30.37
C LYS CA 120 74.04 -18.84 31.25
N PHE CA 121 75.21 -18.59 31.83
CA PHE CA 121 76.06 -19.68 32.27
C PHE CA 121 76.17 -19.81 33.79
N VAL CA 122 76.94 -20.81 34.23
CA VAL CA 122 76.89 -21.27 35.61
C VAL CA 122 78.04 -20.66 36.42
N VAL CA 123 77.74 -20.25 37.65
CA VAL CA 123 78.61 -19.40 38.44
C VAL CA 123 78.13 -19.45 39.89
N ASP CA 124 79.06 -19.26 40.83
CA ASP CA 124 78.74 -19.16 42.25
C ASP CA 124 78.94 -17.74 42.76
N LEU CA 125 78.78 -17.57 44.08
CA LEU CA 125 78.94 -16.29 44.76
C LEU CA 125 80.41 -16.02 45.08
N SER CA 126 80.73 -14.76 45.40
CA SER CA 126 82.14 -14.41 45.51
C SER CA 126 82.78 -14.74 46.84
N ASP CA 127 82.56 -13.87 47.83
CA ASP CA 127 83.24 -13.95 49.12
C ASP CA 127 82.37 -13.59 50.31
N GLN CA 128 81.35 -12.74 50.13
CA GLN CA 128 80.70 -12.13 51.28
C GLN CA 128 79.19 -12.10 51.17
N VAL CA 129 78.63 -12.31 49.98
CA VAL CA 129 77.19 -12.23 49.80
C VAL CA 129 76.57 -13.53 50.30
N ALA CA 130 75.42 -13.42 50.97
CA ALA CA 130 74.79 -14.54 51.62
C ALA CA 130 74.15 -15.46 50.61
N PRO CA 131 74.13 -16.77 50.86
CA PRO CA 131 73.36 -17.66 49.97
C PRO CA 131 71.86 -17.45 50.06
N THR CA 132 71.36 -16.87 51.15
CA THR CA 132 69.95 -16.49 51.24
C THR CA 132 69.71 -15.07 50.75
N ASP CA 133 70.74 -14.39 50.26
CA ASP CA 133 70.58 -13.04 49.74
C ASP CA 133 70.26 -13.04 48.25
N ILE CA 134 70.65 -14.10 47.54
CA ILE CA 134 70.44 -14.20 46.10
C ILE CA 134 69.48 -15.35 45.84
N GLU CA 135 68.38 -15.05 45.17
CA GLU CA 135 67.41 -16.08 44.80
C GLU CA 135 67.19 -16.02 43.30
N GLU CA 136 66.22 -16.81 42.83
CA GLU CA 136 65.83 -16.80 41.43
C GLU CA 136 65.15 -15.50 41.07
N GLY CA 137 65.07 -15.23 39.77
CA GLY CA 137 64.29 -14.11 39.28
C GLY CA 137 64.98 -12.76 39.34
N MET CA 138 65.61 -12.44 40.47
CA MET CA 138 66.30 -11.17 40.66
C MET CA 138 67.54 -11.09 39.78
N ARG CA 139 68.13 -9.90 39.73
CA ARG CA 139 69.33 -9.72 38.93
C ARG CA 139 70.53 -9.30 39.74
N VAL CA 140 71.67 -9.86 39.38
CA VAL CA 140 72.91 -9.61 40.05
C VAL CA 140 73.93 -9.15 39.01
N GLY CA 141 74.97 -8.46 39.47
CA GLY CA 141 76.02 -7.97 38.61
C GLY CA 141 77.17 -8.95 38.52
N VAL CA 142 77.66 -9.14 37.30
CA VAL CA 142 78.72 -10.10 37.00
C VAL CA 142 79.91 -9.31 36.48
N ASP CA 143 81.11 -9.67 36.90
CA ASP CA 143 82.27 -8.99 36.32
C ASP CA 143 82.62 -9.61 34.97
N ARG CA 144 83.55 -8.97 34.26
CA ARG CA 144 83.92 -9.43 32.93
C ARG CA 144 85.25 -10.17 32.88
N ASN CA 145 86.00 -10.21 33.98
CA ASN CA 145 87.31 -10.85 33.97
C ASN CA 145 87.23 -12.35 34.15
N LYS CA 146 86.70 -12.82 35.29
CA LYS CA 146 86.48 -14.25 35.47
C LYS CA 146 85.00 -14.57 35.67
N TYR CA 147 84.12 -13.61 35.34
CA TYR CA 147 82.69 -13.79 35.14
C TYR CA 147 82.00 -14.33 36.39
N GLN CA 148 81.96 -13.48 37.41
CA GLN CA 148 81.49 -13.91 38.72
C GLN CA 148 80.83 -12.75 39.46
N ILE CA 149 79.90 -13.08 40.37
CA ILE CA 149 78.95 -12.11 40.92
C ILE CA 149 79.46 -11.46 42.20
N HIS CA 150 79.29 -10.14 42.30
CA HIS CA 150 79.62 -9.44 43.53
C HIS CA 150 78.44 -8.70 44.16
N ILE CA 151 77.55 -8.11 43.36
CA ILE CA 151 76.55 -7.17 43.86
C ILE CA 151 75.15 -7.61 43.45
N PRO CA 152 74.24 -7.83 44.40
CA PRO CA 152 72.82 -7.98 44.03
C PRO CA 152 72.19 -6.63 43.73
N LEU CA 153 71.28 -6.61 42.76
CA LEU CA 153 70.84 -5.38 42.13
C LEU CA 153 69.31 -5.26 42.12
N PRO CA 154 68.79 -4.04 42.17
CA PRO CA 154 67.34 -3.84 42.20
C PRO CA 154 66.70 -4.13 40.85
N PRO CA 155 65.38 -4.43 40.82
CA PRO CA 155 64.72 -4.71 39.53
C PRO CA 155 64.62 -3.50 38.62
N LYS CA 156 64.20 -3.73 37.36
CA LYS CA 156 64.16 -2.68 36.34
C LYS CA 156 62.72 -2.20 36.22
N ILE CA 157 62.53 -0.88 36.25
CA ILE CA 157 61.33 -0.26 35.73
C ILE CA 157 61.77 0.78 34.69
N ASP CA 158 61.68 0.44 33.41
CA ASP CA 158 62.25 1.37 32.42
C ASP CA 158 61.31 2.49 31.96
N PRO CA 159 60.05 2.25 31.51
CA PRO CA 159 59.27 3.39 31.01
C PRO CA 159 58.43 4.08 32.08
N THR CA 160 58.16 3.42 33.20
CA THR CA 160 57.31 3.94 34.25
C THR CA 160 58.11 4.61 35.34
N VAL CA 161 59.30 5.06 35.01
CA VAL CA 161 60.13 5.72 35.99
C VAL CA 161 59.55 7.12 36.22
N THR CA 162 59.13 7.75 35.13
CA THR CA 162 58.58 9.09 35.16
C THR CA 162 57.21 9.18 35.83
N MET CA 163 56.45 8.08 35.82
CA MET CA 163 55.16 8.08 36.47
C MET CA 163 55.45 8.24 37.94
N MET CA 164 55.92 7.15 38.55
CA MET CA 164 56.29 7.17 39.95
C MET CA 164 55.31 8.01 40.74
N GLN CA 165 55.73 8.49 41.91
CA GLN CA 165 54.86 9.32 42.72
C GLN CA 165 55.17 10.80 42.53
N VAL CA 166 55.22 11.21 41.27
CA VAL CA 166 55.45 12.59 40.89
C VAL CA 166 56.60 13.28 41.61
N GLU CA 167 56.31 13.69 42.83
CA GLU CA 167 57.26 14.45 43.68
C GLU CA 167 56.80 15.90 43.94
N GLU CA 168 57.32 16.52 45.00
CA GLU CA 168 56.89 17.86 45.42
C GLU CA 168 55.37 17.90 45.54
N LYS CA 169 54.67 18.10 44.43
CA LYS CA 169 53.21 18.11 44.46
C LYS CA 169 52.63 19.52 44.41
N PRO CA 170 51.48 19.70 43.75
CA PRO CA 170 50.94 21.06 43.57
C PRO CA 170 50.45 21.70 44.86
N ASP CA 171 50.11 22.99 44.80
CA ASP CA 171 49.92 23.78 46.00
C ASP CA 171 48.47 23.86 46.47
N VAL CA 172 47.52 23.39 45.67
CA VAL CA 172 46.13 23.42 46.12
C VAL CA 172 45.91 22.35 47.19
N THR CA 173 44.93 22.62 48.05
CA THR CA 173 44.72 21.76 49.22
C THR CA 173 43.23 21.67 49.50
N TYR CA 174 42.90 21.13 50.68
CA TYR CA 174 41.50 20.96 51.08
C TYR CA 174 40.78 22.30 51.24
N SER CA 175 41.51 23.34 51.62
CA SER CA 175 40.90 24.66 51.75
C SER CA 175 40.76 25.36 50.40
N ASP CA 176 41.23 24.74 49.34
CA ASP CA 176 41.10 25.36 48.02
C ASP CA 176 39.90 24.78 47.31
N VAL CA 177 39.95 23.50 47.02
CA VAL CA 177 38.83 22.82 46.37
C VAL CA 177 37.63 22.91 47.28
N GLY CA 178 36.78 23.91 47.06
CA GLY CA 178 35.60 24.09 47.86
C GLY CA 178 34.34 23.78 47.08
N GLY CA 179 33.25 23.64 47.80
CA GLY CA 179 31.98 23.34 47.15
C GLY CA 179 31.69 21.86 47.11
N CYS CA 180 31.61 21.24 48.29
CA CYS CA 180 31.30 19.83 48.37
C CYS CA 180 31.20 19.37 49.83
N LYS CA 181 32.28 19.57 50.59
CA LYS CA 181 32.30 19.63 52.06
C LYS CA 181 32.08 18.28 52.75
N GLU CA 182 31.60 17.28 52.02
CA GLU CA 182 31.31 16.00 52.64
C GLU CA 182 31.92 14.90 51.80
N GLN CA 183 31.93 15.07 50.49
CA GLN CA 183 32.49 14.05 49.61
C GLN CA 183 33.99 14.22 49.51
N ILE CA 184 34.54 15.28 50.10
CA ILE CA 184 35.93 15.25 50.52
C ILE CA 184 36.09 14.27 51.67
N GLU CA 185 35.22 14.37 52.67
CA GLU CA 185 35.38 13.60 53.91
C GLU CA 185 35.19 12.10 53.67
N LYS CA 186 34.41 11.74 52.64
CA LYS CA 186 34.39 10.34 52.21
C LYS CA 186 35.72 9.96 51.58
N LEU CA 187 36.23 10.81 50.69
CA LEU CA 187 37.54 10.58 50.07
C LEU CA 187 38.66 10.66 51.10
N ARG CA 188 38.51 11.53 52.10
CA ARG CA 188 39.60 11.84 53.01
C ARG CA 188 39.90 10.67 53.92
N GLU CA 189 38.88 9.95 54.36
CA GLU CA 189 39.09 8.92 55.36
C GLU CA 189 39.65 7.65 54.74
N VAL CA 190 39.62 7.54 53.41
CA VAL CA 190 40.20 6.37 52.76
C VAL CA 190 41.66 6.62 52.40
N VAL CA 191 41.96 7.82 51.93
CA VAL CA 191 43.31 8.17 51.50
C VAL CA 191 44.23 8.44 52.69
N GLU CA 192 43.68 8.72 53.86
CA GLU CA 192 44.49 9.16 55.00
C GLU CA 192 44.47 8.13 56.11
N THR CA 193 44.70 6.87 55.75
CA THR CA 193 44.98 5.82 56.74
C THR CA 193 46.31 5.08 56.57
N PRO CA 194 47.41 5.78 56.28
CA PRO CA 194 48.66 5.51 57.00
C PRO CA 194 48.94 6.50 58.14
N LEU CA 195 48.05 7.45 58.35
CA LEU CA 195 48.18 8.54 59.32
C LEU CA 195 47.85 8.07 60.73
N LEU CA 196 47.31 8.98 61.53
CA LEU CA 196 46.62 8.63 62.78
C LEU CA 196 45.79 7.36 62.65
N HIS CA 197 44.90 7.30 61.64
CA HIS CA 197 43.83 6.31 61.44
C HIS CA 197 44.11 4.82 61.67
N PRO CA 198 45.30 4.24 61.38
CA PRO CA 198 45.50 2.79 61.66
C PRO CA 198 45.32 2.33 63.09
N GLU CA 199 45.43 3.21 64.09
CA GLU CA 199 45.11 2.78 65.45
C GLU CA 199 43.62 2.52 65.62
N ARG CA 200 42.79 3.30 64.90
CA ARG CA 200 41.35 3.04 64.90
C ARG CA 200 41.04 1.73 64.20
N PHE CA 201 41.81 1.39 63.17
CA PHE CA 201 41.40 0.27 62.32
C PHE CA 201 41.96 -1.04 62.85
N VAL CA 202 43.15 -1.04 63.44
CA VAL CA 202 43.59 -2.23 64.17
C VAL CA 202 42.91 -2.28 65.53
N ASN CA 203 42.34 -1.15 65.96
CA ASN CA 203 41.58 -1.15 67.20
C ASN CA 203 40.25 -1.87 67.03
N LEU CA 204 39.34 -1.29 66.27
CA LEU CA 204 38.02 -1.87 66.08
C LEU CA 204 37.98 -2.64 64.76
N GLY CA 205 38.96 -3.52 64.60
CA GLY CA 205 39.03 -4.55 63.56
C GLY CA 205 38.67 -4.25 62.12
N ILE CA 206 38.86 -3.03 61.65
CA ILE CA 206 38.49 -2.64 60.28
C ILE CA 206 39.75 -2.79 59.42
N GLU CA 207 39.60 -3.32 58.21
CA GLU CA 207 40.53 -2.94 57.18
C GLU CA 207 39.89 -1.87 56.29
N PRO CA 208 40.62 -0.81 55.98
CA PRO CA 208 40.01 0.29 55.22
C PRO CA 208 39.76 -0.13 53.78
N PRO CA 209 38.85 0.56 53.09
CA PRO CA 209 38.68 0.32 51.65
C PRO CA 209 39.95 0.68 50.90
N LYS CA 210 40.18 -0.05 49.80
CA LYS CA 210 41.36 0.21 49.00
C LYS CA 210 41.05 1.21 47.89
N GLY CA 211 40.09 0.89 47.04
CA GLY CA 211 39.74 1.73 45.93
C GLY CA 211 38.86 2.91 46.33
N VAL CA 212 38.92 3.96 45.51
CA VAL CA 212 38.01 5.09 45.55
C VAL CA 212 37.75 5.41 44.08
N LEU CA 213 36.50 5.70 43.72
CA LEU CA 213 36.18 6.10 42.37
C LEU CA 213 35.55 7.50 42.40
N LEU CA 214 35.81 8.30 41.38
CA LEU CA 214 35.47 9.71 41.41
C LEU CA 214 34.71 10.08 40.13
N PHE CA 215 33.38 9.93 40.16
CA PHE CA 215 32.56 10.36 39.03
C PHE CA 215 32.25 11.85 39.08
N GLY CA 216 32.12 12.44 37.90
CA GLY CA 216 31.65 13.79 37.78
C GLY CA 216 31.55 14.22 36.33
N PRO CA 217 30.70 15.20 36.03
CA PRO CA 217 30.78 15.88 34.76
C PRO CA 217 32.04 16.72 34.68
N PRO CA 218 32.56 16.98 33.48
CA PRO CA 218 33.91 17.54 33.37
C PRO CA 218 33.99 19.02 33.69
N GLY CA 219 33.59 19.38 34.89
CA GLY CA 219 33.63 20.74 35.36
C GLY CA 219 34.07 20.77 36.80
N THR CA 220 33.72 19.72 37.55
CA THR CA 220 34.07 19.62 38.96
C THR CA 220 35.51 19.20 39.12
N GLY CA 221 36.01 19.46 40.32
CA GLY CA 221 37.37 19.14 40.70
C GLY CA 221 37.45 17.64 40.78
N LYS CA 222 37.39 17.00 39.63
CA LYS CA 222 37.50 15.56 39.58
C LYS CA 222 38.91 15.20 40.01
N THR CA 223 39.90 15.96 39.52
CA THR CA 223 41.28 15.75 39.89
C THR CA 223 41.73 16.70 41.02
N LEU CA 224 41.22 17.93 41.01
CA LEU CA 224 41.63 18.92 41.99
C LEU CA 224 41.73 18.28 43.38
N CYS CA 225 40.79 17.38 43.69
CA CYS CA 225 40.89 16.61 44.92
C CYS CA 225 42.06 15.65 44.86
N ALA CA 226 42.39 15.18 43.66
CA ALA CA 226 43.60 14.37 43.48
C ALA CA 226 44.85 15.17 43.77
N ARG CA 227 44.86 16.45 43.37
CA ARG CA 227 45.99 17.30 43.70
C ARG CA 227 46.04 17.62 45.19
N ALA CA 228 44.88 17.60 45.86
CA ALA CA 228 44.89 17.84 47.30
C ALA CA 228 45.43 16.63 48.05
N VAL CA 229 44.98 15.42 47.68
CA VAL CA 229 45.48 14.23 48.34
C VAL CA 229 46.90 13.91 47.90
N ALA CA 230 47.36 14.50 46.80
CA ALA CA 230 48.78 14.47 46.51
C ALA CA 230 49.51 15.58 47.27
N ASN CA 231 48.79 16.62 47.67
CA ASN CA 231 49.44 17.75 48.35
C ASN CA 231 49.80 17.38 49.77
N ARG CA 232 48.92 16.66 50.46
CA ARG CA 232 49.31 16.01 51.71
C ARG CA 232 49.00 14.54 51.59
N THR CA 233 50.03 13.71 51.72
CA THR CA 233 49.79 12.27 51.61
C THR CA 233 50.50 11.42 52.65
N ASP CA 234 51.66 11.84 53.18
CA ASP CA 234 52.54 11.05 54.05
C ASP CA 234 52.84 9.68 53.44
N ALA CA 235 53.01 9.64 52.13
CA ALA CA 235 53.02 8.39 51.39
C ALA CA 235 53.70 8.64 50.04
N CYS CA 236 53.58 7.66 49.14
CA CYS CA 236 53.95 7.86 47.76
C CYS CA 236 52.80 8.57 47.06
N PHE CA 237 52.95 8.83 45.76
CA PHE CA 237 51.82 9.20 44.92
C PHE CA 237 52.17 8.81 43.50
N ILE CA 238 51.64 7.68 43.06
CA ILE CA 238 51.90 7.23 41.71
C ILE CA 238 50.75 7.68 40.82
N ARG CA 239 50.89 8.84 40.20
CA ARG CA 239 49.94 9.20 39.18
C ARG CA 239 50.22 8.38 37.94
N VAL CA 240 49.18 7.82 37.35
CA VAL CA 240 49.34 7.09 36.10
C VAL CA 240 48.10 7.31 35.24
N ILE CA 241 48.25 8.06 34.18
CA ILE CA 241 47.08 8.55 33.48
C ILE CA 241 46.78 7.63 32.30
N GLY CA 242 45.59 7.79 31.73
CA GLY CA 242 44.91 6.66 31.13
C GLY CA 242 45.43 6.21 29.78
N SER CA 243 46.46 6.87 29.26
CA SER CA 243 47.01 6.45 27.98
C SER CA 243 48.53 6.46 27.99
N GLU CA 244 49.11 6.20 29.15
CA GLU CA 244 50.46 5.65 29.26
C GLU CA 244 50.43 4.14 29.27
N LEU CA 245 49.34 3.54 28.80
CA LEU CA 245 49.05 2.12 28.93
C LEU CA 245 48.65 1.54 27.59
N VAL CA 246 48.48 2.38 26.58
CA VAL CA 246 47.82 2.00 25.35
C VAL CA 246 48.87 1.86 24.24
N GLN CA 247 50.12 1.64 24.64
CA GLN CA 247 51.24 1.54 23.70
C GLN CA 247 51.12 0.29 22.83
N LYS CA 248 51.48 0.42 21.56
CA LYS CA 248 50.96 -0.48 20.52
C LYS CA 248 51.91 -1.63 20.18
N TYR CA 249 52.27 -2.40 21.18
CA TYR CA 249 52.62 -3.81 21.01
C TYR CA 249 51.60 -4.61 21.79
N VAL CA 250 51.17 -5.75 21.23
CA VAL CA 250 50.14 -6.52 21.91
C VAL CA 250 50.74 -7.20 23.14
N GLY CA 251 50.08 -7.05 24.28
CA GLY CA 251 50.56 -7.60 25.52
C GLY CA 251 51.48 -6.67 26.29
N GLU CA 252 52.05 -5.68 25.60
CA GLU CA 252 52.98 -4.73 26.22
C GLU CA 252 52.29 -3.77 27.17
N GLY CA 253 51.04 -3.39 26.90
CA GLY CA 253 50.33 -2.56 27.84
C GLY CA 253 50.04 -3.31 29.14
N ALA CA 254 49.87 -4.62 29.04
CA ALA CA 254 49.77 -5.45 30.24
C ALA CA 254 51.11 -5.61 30.91
N ARG CA 255 52.21 -5.40 30.17
CA ARG CA 255 53.52 -5.46 30.78
C ARG CA 255 53.76 -4.24 31.67
N MET CA 256 53.32 -3.05 31.24
CA MET CA 256 53.57 -1.85 32.01
C MET CA 256 52.71 -1.79 33.26
N VAL CA 257 51.52 -2.39 33.22
CA VAL CA 257 50.63 -2.36 34.38
C VAL CA 257 51.17 -3.26 35.49
N ARG CA 258 51.56 -4.48 35.14
CA ARG CA 258 52.10 -5.39 36.14
C ARG CA 258 53.43 -4.87 36.68
N GLU CA 259 54.18 -4.16 35.84
CA GLU CA 259 55.44 -3.55 36.26
C GLU CA 259 55.18 -2.41 37.23
N LEU CA 260 54.11 -1.65 36.97
CA LEU CA 260 53.67 -0.59 37.86
C LEU CA 260 53.30 -1.13 39.23
N PHE CA 261 52.59 -2.25 39.27
CA PHE CA 261 52.29 -2.83 40.57
C PHE CA 261 53.49 -3.56 41.15
N GLU CA 262 54.51 -3.88 40.33
CA GLU CA 262 55.73 -4.41 40.91
C GLU CA 262 56.51 -3.36 41.66
N MET CA 263 56.67 -2.16 41.09
CA MET CA 263 57.37 -1.14 41.86
C MET CA 263 56.47 -0.51 42.90
N ALA CA 264 55.15 -0.73 42.82
CA ALA CA 264 54.26 -0.22 43.84
C ALA CA 264 54.38 -1.02 45.13
N ARG CA 265 54.64 -2.32 45.03
CA ARG CA 265 54.72 -3.14 46.22
C ARG CA 265 56.06 -2.97 46.92
N THR CA 266 57.05 -2.43 46.23
CA THR CA 266 58.35 -2.16 46.86
C THR CA 266 58.41 -0.79 47.48
N LYS CA 267 57.36 -0.42 48.23
CA LYS CA 267 57.32 0.83 48.99
C LYS CA 267 56.14 0.66 49.96
N LYS CA 268 56.41 0.74 51.25
CA LYS CA 268 55.34 0.58 52.23
C LYS CA 268 54.53 1.88 52.32
N ALA CA 269 53.22 1.72 52.51
CA ALA CA 269 52.24 2.81 52.58
C ALA CA 269 52.28 3.67 51.31
N CYS CA 270 51.88 3.05 50.21
CA CYS CA 270 51.87 3.69 48.89
C CYS CA 270 50.45 3.72 48.37
N LEU CA 271 50.24 4.50 47.31
CA LEU CA 271 48.94 4.61 46.66
C LEU CA 271 49.15 4.95 45.21
N ILE CA 272 48.06 5.10 44.47
CA ILE CA 272 48.13 5.21 43.02
C ILE CA 272 46.89 5.95 42.54
N PHE CA 273 46.97 6.52 41.35
CA PHE CA 273 45.91 7.36 40.80
C PHE CA 273 45.80 7.11 39.31
N PHE CA 274 44.63 6.66 38.86
CA PHE CA 274 44.38 6.40 37.45
C PHE CA 274 43.50 7.51 36.88
N ASP CA 275 44.13 8.53 36.32
CA ASP CA 275 43.37 9.58 35.66
C ASP CA 275 42.86 9.08 34.33
N GLU CA 276 41.60 9.44 34.03
CA GLU CA 276 40.95 9.25 32.74
C GLU CA 276 40.94 7.77 32.33
N ILE CA 277 40.27 6.98 33.17
CA ILE CA 277 40.30 5.53 33.01
C ILE CA 277 39.33 5.06 31.93
N ASP CA 278 38.49 5.95 31.40
CA ASP CA 278 37.67 5.56 30.26
C ASP CA 278 38.47 5.47 28.96
N ALA CA 279 39.77 5.78 29.01
CA ALA CA 279 40.67 5.45 27.91
C ALA CA 279 40.97 3.95 27.87
N ILE CA 280 40.70 3.25 28.97
CA ILE CA 280 40.64 1.80 28.90
C ILE CA 280 39.25 1.34 29.34
N GLY CA 281 38.37 1.23 28.36
CA GLY CA 281 36.98 0.85 28.60
C GLY CA 281 36.47 0.02 27.44
N GLY CA 282 35.30 0.38 26.91
CA GLY CA 282 34.71 -0.34 25.79
C GLY CA 282 34.35 -1.76 26.14
N ALA CA 283 33.32 -1.93 26.98
CA ALA CA 283 33.28 -2.81 28.17
C ALA CA 283 33.94 -4.16 27.88
N ARG CA 284 33.33 -5.04 27.10
CA ARG CA 284 33.90 -6.30 26.61
C ARG CA 284 33.15 -6.70 25.35
N PHE CA 285 33.78 -6.48 24.20
CA PHE CA 285 33.06 -6.56 22.94
C PHE CA 285 33.01 -7.95 22.33
N ASP CA 286 32.61 -8.03 21.06
CA ASP CA 286 32.43 -9.28 20.34
C ASP CA 286 33.74 -9.93 19.94
N ASP CA 287 33.65 -11.04 19.19
CA ASP CA 287 34.81 -11.62 18.53
C ASP CA 287 34.75 -11.52 17.02
N GLY CA 288 34.10 -10.50 16.47
CA GLY CA 288 34.08 -10.27 15.04
C GLY CA 288 35.21 -9.35 14.64
N ALA CA 289 34.85 -8.13 14.26
CA ALA CA 289 35.88 -7.12 14.01
C ALA CA 289 36.43 -6.63 15.35
N GLY CA 290 37.31 -7.42 15.97
CA GLY CA 290 37.80 -7.10 17.29
C GLY CA 290 38.84 -6.01 17.29
N GLY CA 291 38.47 -4.82 17.75
CA GLY CA 291 39.36 -3.67 17.73
C GLY CA 291 39.88 -3.22 19.07
N ASP CA 292 39.17 -3.49 20.16
CA ASP CA 292 39.57 -3.03 21.48
C ASP CA 292 40.41 -4.04 22.24
N ASN CA 293 40.69 -5.20 21.62
CA ASN CA 293 41.09 -6.41 22.36
C ASN CA 293 42.35 -6.22 23.17
N GLU CA 294 43.37 -5.60 22.56
CA GLU CA 294 44.62 -5.32 23.27
C GLU CA 294 44.38 -4.44 24.47
N VAL CA 295 43.60 -3.35 24.28
CA VAL CA 295 43.19 -2.48 25.38
C VAL CA 295 42.51 -3.29 26.48
N GLN CA 296 41.65 -4.23 26.07
CA GLN CA 296 40.93 -5.12 26.99
C GLN CA 296 41.88 -5.83 27.93
N ARG CA 297 42.94 -6.43 27.39
CA ARG CA 297 43.76 -7.29 28.22
C ARG CA 297 44.61 -6.48 29.16
N THR CA 298 44.94 -5.24 28.77
CA THR CA 298 45.62 -4.34 29.69
C THR CA 298 44.73 -4.06 30.89
N MET CA 299 43.49 -3.67 30.59
CA MET CA 299 42.48 -3.47 31.61
C MET CA 299 42.24 -4.74 32.39
N LEU CA 300 42.33 -5.89 31.71
CA LEU CA 300 42.03 -7.15 32.36
C LEU CA 300 43.09 -7.46 33.39
N GLU CA 301 44.36 -7.22 33.07
CA GLU CA 301 45.39 -7.51 34.06
C GLU CA 301 45.36 -6.47 35.15
N LEU CA 302 44.83 -5.28 34.83
CA LEU CA 302 44.57 -4.26 35.83
C LEU CA 302 43.62 -4.80 36.89
N ILE CA 303 42.52 -5.42 36.47
CA ILE CA 303 41.57 -5.91 37.46
C ILE CA 303 41.96 -7.30 37.88
N ASN CA 304 43.14 -7.77 37.47
CA ASN CA 304 43.67 -8.96 38.10
C ASN CA 304 44.59 -8.51 39.21
N GLN CA 305 45.20 -7.33 39.07
CA GLN CA 305 46.09 -6.87 40.11
C GLN CA 305 45.33 -6.20 41.24
N LEU CA 306 44.19 -5.59 40.92
CA LEU CA 306 43.38 -4.94 41.93
C LEU CA 306 42.79 -5.94 42.91
N ASP CA 307 42.48 -7.16 42.46
CA ASP CA 307 42.10 -8.22 43.39
C ASP CA 307 42.42 -9.56 42.73
N GLY CA 308 43.58 -10.12 43.08
CA GLY CA 308 43.82 -11.54 42.89
C GLY CA 308 45.11 -12.03 43.51
N PHE CA 309 45.02 -13.07 44.36
CA PHE CA 309 46.14 -13.82 44.93
C PHE CA 309 47.28 -13.01 45.52
N ASP CA 310 46.99 -12.19 46.52
CA ASP CA 310 48.05 -11.41 47.16
C ASP CA 310 47.68 -11.01 48.57
N PRO CA 311 48.67 -10.80 49.42
CA PRO CA 311 48.44 -10.04 50.67
C PRO CA 311 48.35 -8.54 50.42
N ARG CA 312 48.53 -8.15 49.14
CA ARG CA 312 47.97 -6.95 48.52
C ARG CA 312 48.69 -5.66 48.89
N GLY CA 313 49.54 -5.70 49.91
CA GLY CA 313 50.12 -4.49 50.44
C GLY CA 313 49.06 -3.53 50.93
N ASN CA 314 49.27 -2.24 50.69
CA ASN CA 314 48.25 -1.26 51.04
C ASN CA 314 48.11 -0.16 50.01
N ILE CA 315 48.03 -0.51 48.73
CA ILE CA 315 47.88 0.47 47.67
C ILE CA 315 46.44 1.00 47.68
N LYS CA 316 46.25 2.16 48.30
CA LYS CA 316 44.96 2.83 48.29
C LYS CA 316 44.74 3.47 46.93
N VAL CA 317 44.26 2.68 45.98
CA VAL CA 317 43.96 3.12 44.62
C VAL CA 317 42.86 4.16 44.68
N LEU CA 318 42.97 5.20 43.87
CA LEU CA 318 41.84 6.12 43.75
C LEU CA 318 41.80 6.65 42.33
N MET CA 319 40.63 6.58 41.69
CA MET CA 319 40.53 6.69 40.23
C MET CA 319 39.46 7.71 39.89
N ALA CA 320 39.72 8.53 38.89
CA ALA CA 320 38.84 9.66 38.57
C ALA CA 320 38.57 9.71 37.07
N THR CA 321 37.34 9.42 36.69
CA THR CA 321 36.94 9.58 35.30
C THR CA 321 35.62 10.29 35.19
N ASN CA 322 35.36 10.89 34.03
CA ASN CA 322 34.09 11.53 33.76
C ASN CA 322 33.09 10.62 33.06
N ARG CA 323 33.12 9.32 33.31
CA ARG CA 323 32.27 8.41 32.54
C ARG CA 323 31.92 7.15 33.31
N PRO CA 324 30.64 6.97 33.63
CA PRO CA 324 30.09 5.66 34.03
C PRO CA 324 30.02 4.62 32.93
N ASP CA 325 29.13 3.62 33.06
CA ASP CA 325 29.35 2.23 32.63
C ASP CA 325 29.57 2.13 31.12
N THR CA 326 30.67 2.74 30.68
CA THR CA 326 31.61 2.23 29.70
C THR CA 326 32.65 1.38 30.40
N LEU CA 327 33.13 1.80 31.55
CA LEU CA 327 33.77 0.90 32.51
C LEU CA 327 32.79 -0.20 32.91
N ASP CA 328 33.10 -1.42 32.48
CA ASP CA 328 32.29 -2.61 32.72
C ASP CA 328 32.19 -2.94 34.20
N PRO CA 329 31.38 -3.95 34.56
CA PRO CA 329 31.58 -4.59 35.86
C PRO CA 329 32.92 -5.29 36.03
N ALA CA 330 33.13 -5.85 37.21
CA ALA CA 330 34.37 -6.41 37.75
C ALA CA 330 35.47 -5.37 37.93
N LEU CA 331 35.11 -4.11 37.76
CA LEU CA 331 36.03 -3.00 37.94
C LEU CA 331 35.42 -2.08 38.98
N MET CA 332 34.12 -1.86 38.87
CA MET CA 332 33.44 -1.00 39.82
C MET CA 332 33.05 -1.76 41.08
N ARG CA 333 32.88 -3.07 40.94
CA ARG CA 333 32.50 -3.92 42.06
C ARG CA 333 33.43 -3.73 43.25
N PRO CA 334 32.85 -3.59 44.44
CA PRO CA 334 33.62 -3.41 45.66
C PRO CA 334 34.70 -4.47 45.81
N GLY CA 335 35.89 -4.00 46.11
CA GLY CA 335 37.08 -4.81 46.22
C GLY CA 335 38.21 -4.09 45.50
N ARG CA 336 37.88 -3.52 44.34
CA ARG CA 336 38.81 -2.77 43.54
C ARG CA 336 38.10 -1.52 43.06
N LEU CA 337 37.84 -0.60 43.99
CA LEU CA 337 37.11 0.62 43.65
C LEU CA 337 35.76 0.77 44.36
N ASP CA 338 35.70 0.50 45.64
CA ASP CA 338 34.49 0.79 46.41
C ASP CA 338 34.48 2.25 46.82
N ARG CA 339 33.34 2.66 47.40
CA ARG CA 339 33.06 4.05 47.79
C ARG CA 339 33.25 4.99 46.60
N LYS CA 340 32.40 4.85 45.60
CA LYS CA 340 32.46 5.78 44.48
C LYS CA 340 31.87 7.12 44.88
N ILE CA 341 32.46 8.19 44.36
CA ILE CA 341 32.12 9.54 44.80
C ILE CA 341 31.50 10.28 43.63
N GLU CA 342 30.35 10.92 43.87
CA GLU CA 342 29.65 11.60 42.78
C GLU CA 342 29.82 13.10 42.88
N PHE CA 343 30.82 13.62 42.18
CA PHE CA 343 31.02 15.06 42.12
C PHE CA 343 29.96 15.71 41.24
N SER CA 344 28.78 15.89 41.80
CA SER CA 344 27.68 16.53 41.08
C SER CA 344 27.94 18.02 41.05
N LEU CA 345 27.19 18.72 40.21
CA LEU CA 345 27.28 20.18 40.11
C LEU CA 345 26.79 20.79 41.40
N PRO CA 346 27.49 21.76 41.98
CA PRO CA 346 27.15 22.23 43.32
C PRO CA 346 25.88 23.07 43.33
N ASP CA 347 25.22 23.10 44.48
CA ASP CA 347 23.94 23.79 44.61
C ASP CA 347 24.17 25.27 44.89
N LEU CA 348 23.08 25.93 45.28
CA LEU CA 348 23.08 27.38 45.47
C LEU CA 348 23.97 27.79 46.65
N GLU CA 349 24.01 26.95 47.68
CA GLU CA 349 24.79 27.28 48.86
C GLU CA 349 26.27 27.14 48.59
N GLY CA 350 26.70 25.97 48.12
CA GLY CA 350 28.10 25.69 47.91
C GLY CA 350 28.77 26.50 46.83
N ARG CA 351 28.03 26.88 45.78
CA ARG CA 351 28.61 27.57 44.65
C ARG CA 351 29.11 28.97 44.99
N THR CA 352 28.40 29.68 45.89
CA THR CA 352 28.95 30.87 46.53
C THR CA 352 30.34 30.63 47.08
N HIS CA 353 30.50 29.54 47.84
CA HIS CA 353 31.77 29.13 48.41
C HIS CA 353 32.86 28.97 47.37
N ILE CA 354 32.56 28.47 46.17
CA ILE CA 354 33.69 28.28 45.28
C ILE CA 354 34.10 29.61 44.66
N PHE CA 355 33.18 30.57 44.51
CA PHE CA 355 33.71 31.86 44.13
C PHE CA 355 34.27 32.58 45.33
N LYS CA 356 33.87 32.16 46.54
CA LYS CA 356 34.57 32.60 47.75
C LYS CA 356 36.00 32.11 47.74
N ILE CA 357 36.27 30.98 47.07
CA ILE CA 357 37.65 30.58 46.88
C ILE CA 357 38.34 31.52 45.90
N HIS CA 358 37.64 31.91 44.84
CA HIS CA 358 38.27 32.75 43.83
C HIS CA 358 38.06 34.24 44.09
N ALA CA 359 37.43 34.60 45.21
CA ALA CA 359 37.45 35.98 45.66
C ALA CA 359 38.55 36.21 46.68
N ARG CA 360 39.55 35.33 46.73
CA ARG CA 360 40.73 35.49 47.57
C ARG CA 360 41.80 36.16 46.70
N SER CA 361 41.39 37.24 46.02
CA SER CA 361 42.18 37.88 44.99
C SER CA 361 41.52 39.18 44.58
N MET CA 362 41.98 39.74 43.46
CA MET CA 362 41.22 40.58 42.53
C MET CA 362 40.97 42.01 43.00
N SER CA 363 41.19 42.27 44.30
CA SER CA 363 40.94 43.56 44.95
C SER CA 363 39.54 44.11 44.60
N VAL CA 364 38.53 43.36 45.02
CA VAL CA 364 37.14 43.62 44.63
C VAL CA 364 36.58 44.88 45.26
N GLU CA 365 35.39 45.27 44.82
CA GLU CA 365 34.69 46.45 45.31
C GLU CA 365 34.29 46.28 46.78
N ARG CA 366 33.86 47.40 47.40
CA ARG CA 366 33.46 47.44 48.80
C ARG CA 366 32.37 46.43 49.13
N ASP CA 367 31.19 46.61 48.53
CA ASP CA 367 30.09 45.67 48.75
C ASP CA 367 29.76 44.98 47.43
N ILE CA 368 29.81 43.66 47.44
CA ILE CA 368 29.54 42.85 46.25
C ILE CA 368 28.64 41.68 46.64
N ARG CA 369 27.61 41.45 45.83
CA ARG CA 369 26.60 40.44 46.09
C ARG CA 369 27.04 39.12 45.50
N PHE CA 370 27.54 38.23 46.37
CA PHE CA 370 28.03 36.94 45.92
C PHE CA 370 26.90 35.99 45.55
N GLU CA 371 25.88 35.91 46.40
CA GLU CA 371 24.78 34.96 46.18
C GLU CA 371 23.96 35.30 44.95
N LEU CA 372 23.96 36.59 44.56
CA LEU CA 372 23.45 36.98 43.25
C LEU CA 372 24.22 36.26 42.15
N LEU CA 373 25.55 36.29 42.21
CA LEU CA 373 26.39 35.62 41.24
C LEU CA 373 26.28 34.11 41.34
N ALA CA 374 25.81 33.58 42.46
CA ALA CA 374 25.40 32.18 42.47
C ALA CA 374 24.12 31.96 41.69
N ARG CA 375 23.13 32.84 41.86
CA ARG CA 375 21.82 32.60 41.29
C ARG CA 375 21.65 33.17 39.89
N LEU CA 376 22.71 33.66 39.26
CA LEU CA 376 22.63 34.07 37.85
C LEU CA 376 23.15 33.02 36.88
N CYS CA 377 24.21 32.30 37.24
CA CYS CA 377 24.78 31.13 36.57
C CYS CA 377 24.01 29.81 36.71
N PRO CA 378 23.01 29.67 37.57
CA PRO CA 378 22.95 28.71 38.68
C PRO CA 378 23.22 27.24 38.43
N ASN CA 379 23.29 26.75 37.20
CA ASN CA 379 23.63 25.35 37.01
C ASN CA 379 24.85 25.18 36.13
N SER CA 380 25.86 26.00 36.40
CA SER CA 380 27.12 25.95 35.67
C SER CA 380 27.90 24.77 36.22
N THR CA 381 29.20 24.93 36.44
CA THR CA 381 30.03 23.88 36.97
C THR CA 381 31.12 24.43 37.87
N GLY CA 382 31.39 23.72 38.95
CA GLY CA 382 32.39 24.11 39.93
C GLY CA 382 33.71 24.64 39.40
N ALA CA 383 34.29 23.97 38.42
CA ALA CA 383 35.57 24.39 37.87
C ALA CA 383 35.43 25.27 36.63
N GLU CA 384 34.58 26.27 36.74
CA GLU CA 384 34.36 27.22 35.67
C GLU CA 384 34.37 28.55 36.40
N ILE CA 385 33.31 28.79 37.17
CA ILE CA 385 33.26 30.01 37.96
C ILE CA 385 34.64 30.66 38.03
N ARG CA 386 35.69 29.89 37.74
CA ARG CA 386 37.01 30.51 37.62
C ARG CA 386 37.14 31.21 36.28
N SER CA 387 36.36 30.78 35.28
CA SER CA 387 36.31 31.57 34.06
C SER CA 387 35.47 32.82 34.25
N VAL CA 388 34.51 32.78 35.19
CA VAL CA 388 33.83 34.02 35.56
C VAL CA 388 34.80 34.95 36.28
N CYS CA 389 35.60 34.39 37.19
CA CYS CA 389 36.62 35.12 37.92
C CYS CA 389 37.64 35.77 36.98
N THR CA 390 38.35 34.95 36.21
CA THR CA 390 39.40 35.39 35.29
C THR CA 390 38.83 36.29 34.22
N GLU CA 391 37.62 36.00 33.75
CA GLU CA 391 37.00 36.78 32.70
C GLU CA 391 36.62 38.17 33.17
N ALA CA 392 36.06 38.27 34.38
CA ALA CA 392 35.68 39.58 34.89
C ALA CA 392 36.90 40.38 35.30
N GLY CA 393 37.95 39.70 35.75
CA GLY CA 393 39.22 40.38 35.95
C GLY CA 393 39.79 40.90 34.64
N MET CA 394 39.57 40.16 33.55
CA MET CA 394 39.96 40.64 32.23
C MET CA 394 39.14 41.85 31.82
N PHE CA 395 37.86 41.90 32.20
CA PHE CA 395 37.08 43.11 31.96
C PHE CA 395 37.57 44.29 32.79
N ALA CA 396 38.05 44.03 34.01
CA ALA CA 396 38.48 45.12 34.86
C ALA CA 396 39.82 45.68 34.42
N ILE CA 397 40.73 44.81 33.98
CA ILE CA 397 42.02 45.28 33.47
C ILE CA 397 41.83 46.01 32.16
N ARG CA 398 40.87 45.56 31.34
CA ARG CA 398 40.51 46.24 30.10
C ARG CA 398 40.02 47.66 30.35
N ALA CA 399 39.12 47.84 31.31
CA ALA CA 399 38.56 49.13 31.63
C ALA CA 399 39.42 49.90 32.64
N ARG CA 400 40.72 49.62 32.68
CA ARG CA 400 41.80 50.25 33.44
C ARG CA 400 41.46 50.58 34.90
N ARG CA 401 40.61 49.75 35.51
CA ARG CA 401 40.22 49.91 36.90
C ARG CA 401 41.06 49.00 37.77
N LYS CA 402 41.45 49.50 38.95
CA LYS CA 402 42.18 48.68 39.89
C LYS CA 402 41.28 47.78 40.73
N ILE CA 403 39.97 47.91 40.58
CA ILE CA 403 39.02 47.11 41.36
C ILE CA 403 38.11 46.34 40.41
N ALA CA 404 37.17 45.60 40.99
CA ALA CA 404 36.19 44.83 40.23
C ALA CA 404 34.79 45.13 40.76
N THR CA 405 33.95 45.71 39.91
CA THR CA 405 32.60 46.14 40.27
C THR CA 405 31.60 44.99 40.28
N GLU CA 406 30.32 45.32 40.24
CA GLU CA 406 29.34 44.28 39.97
C GLU CA 406 29.04 44.13 38.48
N LYS CA 407 29.03 45.22 37.72
CA LYS CA 407 28.60 45.11 36.32
C LYS CA 407 29.69 44.58 35.39
N ASP CA 408 30.90 44.32 35.90
CA ASP CA 408 31.84 43.48 35.19
C ASP CA 408 31.76 42.02 35.60
N PHE CA 409 31.35 41.76 36.85
CA PHE CA 409 30.88 40.42 37.21
C PHE CA 409 29.63 40.08 36.43
N LEU CA 410 28.62 40.96 36.49
CA LEU CA 410 27.39 40.73 35.74
C LEU CA 410 27.60 40.85 34.24
N GLU CA 411 28.61 41.61 33.83
CA GLU CA 411 28.98 41.59 32.42
C GLU CA 411 29.67 40.29 32.06
N ALA CA 412 30.34 39.66 33.02
CA ALA CA 412 31.02 38.41 32.76
C ALA CA 412 30.06 37.24 32.71
N VAL CA 413 29.09 37.19 33.62
CA VAL CA 413 28.13 36.09 33.63
C VAL CA 413 27.19 36.19 32.43
N ASN CA 414 27.08 37.38 31.82
CA ASN CA 414 26.47 37.48 30.51
C ASN CA 414 27.36 36.85 29.45
N LYS CA 415 28.67 36.84 29.67
CA LYS CA 415 29.63 36.48 28.63
C LYS CA 415 30.05 35.02 28.67
N VAL CA 416 30.06 34.37 29.84
CA VAL CA 416 30.53 32.99 29.92
C VAL CA 416 29.45 32.04 30.41
N ILE CA 417 28.22 32.51 30.53
CA ILE CA 417 27.07 31.63 30.71
C ILE CA 417 26.13 31.67 29.51
N LYS CA 418 25.72 32.87 29.11
CA LYS CA 418 24.85 32.98 27.94
C LYS CA 418 25.61 32.68 26.65
N SER CA 419 26.67 33.44 26.37
CA SER CA 419 27.30 33.37 25.07
C SER CA 419 28.23 32.15 24.94
N TYR CA 420 28.57 31.51 26.05
CA TYR CA 420 29.40 30.32 25.99
C TYR CA 420 28.62 29.09 26.46
N ALA CA 421 27.37 28.97 26.01
CA ALA CA 421 26.62 27.73 26.19
C ALA CA 421 26.17 27.19 24.85
N LYS CA 422 26.39 27.98 23.79
CA LYS CA 422 26.11 27.61 22.41
C LYS CA 422 26.77 26.32 21.98
N PHE CA 423 28.03 26.11 22.33
CA PHE CA 423 28.81 24.96 21.88
C PHE CA 423 29.32 24.15 23.07
N SER CA 424 29.64 24.83 24.16
CA SER CA 424 30.16 24.21 25.36
C SER CA 424 29.04 23.47 26.06
N ALA CA 425 29.19 22.15 26.18
CA ALA CA 425 28.10 21.31 26.63
C ALA CA 425 28.54 20.47 27.83
N THR CA 426 27.92 20.72 28.97
CA THR CA 426 27.76 19.73 30.03
C THR CA 426 26.30 19.40 30.39
N PRO CA 427 25.35 19.28 29.42
CA PRO CA 427 24.30 18.28 29.63
C PRO CA 427 24.62 17.01 28.89
N ARG CA 428 25.64 17.07 28.04
CA ARG CA 428 26.02 15.87 27.30
C ARG CA 428 26.64 14.84 28.23
N TYR CA 429 27.41 15.27 29.22
CA TYR CA 429 27.97 14.35 30.19
C TYR CA 429 27.10 14.19 31.43
N MET CA 430 26.12 15.06 31.64
CA MET CA 430 25.22 14.86 32.76
C MET CA 430 24.27 13.71 32.48
N THR CA 431 23.99 13.44 31.20
CA THR CA 431 23.24 12.23 30.84
C THR CA 431 24.05 10.98 31.15
N TYR CA 432 25.35 11.03 30.87
CA TYR CA 432 26.27 9.98 31.25
C TYR CA 432 26.46 9.91 32.75
N ASN CA 433 26.29 11.05 33.44
CA ASN CA 433 26.64 11.28 34.85
C ASN CA 433 28.12 10.97 35.05
N PRO DA 87 95.27 34.97 38.98
CA PRO DA 87 95.57 33.76 38.20
C PRO DA 87 94.59 32.63 38.46
N LEU DA 88 93.30 32.91 38.27
CA LEU DA 88 92.25 31.92 38.52
C LEU DA 88 92.22 30.83 37.45
N GLU DA 89 92.85 31.06 36.30
CA GLU DA 89 92.89 30.10 35.20
C GLU DA 89 94.10 29.18 35.28
N GLU DA 90 94.62 28.93 36.48
CA GLU DA 90 95.79 28.07 36.68
C GLU DA 90 95.40 26.62 36.95
N LYS DA 91 94.32 26.39 37.69
CA LYS DA 91 93.87 25.04 37.98
C LYS DA 91 93.04 24.43 36.86
N GLN DA 92 92.74 25.20 35.80
CA GLN DA 92 92.02 24.65 34.67
C GLN DA 92 92.89 23.70 33.86
N GLU DA 93 94.19 23.96 33.79
CA GLU DA 93 95.07 23.16 32.94
C GLU DA 93 95.51 21.85 33.57
N GLU DA 94 95.13 21.59 34.82
CA GLU DA 94 95.39 20.29 35.41
C GLU DA 94 94.45 19.23 34.85
N GLU DA 95 93.32 19.67 34.30
CA GLU DA 95 92.34 18.74 33.72
C GLU DA 95 92.89 18.04 32.49
N ARG DA 96 93.63 18.74 31.65
CA ARG DA 96 94.13 18.17 30.41
C ARG DA 96 95.45 17.43 30.58
N SER DA 97 95.86 17.15 31.81
CA SER DA 97 97.02 16.29 32.07
C SER DA 97 96.79 15.28 33.17
N LYS DA 98 95.68 15.33 33.90
CA LYS DA 98 95.40 14.35 34.93
C LYS DA 98 93.97 13.82 34.78
N VAL DA 99 93.08 14.64 34.22
CA VAL DA 99 91.67 14.29 34.16
C VAL DA 99 91.24 13.93 32.74
N ASP DA 100 91.66 14.71 31.74
CA ASP DA 100 91.26 14.45 30.35
C ASP DA 100 91.92 13.19 29.79
N ASP DA 101 92.98 12.68 30.43
CA ASP DA 101 93.48 11.35 30.11
C ASP DA 101 92.42 10.28 30.39
N LEU DA 102 91.58 10.51 31.39
CA LEU DA 102 90.40 9.68 31.59
C LEU DA 102 89.26 10.10 30.67
N ARG DA 103 88.98 11.40 30.64
CA ARG DA 103 87.92 11.89 29.78
C ARG DA 103 88.55 12.43 28.51
N GLY DA 104 88.59 11.60 27.47
CA GLY DA 104 89.17 12.01 26.20
C GLY DA 104 89.61 10.89 25.27
N THR DA 105 89.07 9.70 25.48
CA THR DA 105 89.40 8.54 24.62
C THR DA 105 88.20 8.17 23.75
N PRO DA 106 88.37 7.10 22.96
CA PRO DA 106 87.30 6.57 22.11
C PRO DA 106 86.05 6.36 22.93
N MET DA 107 85.70 7.40 23.69
CA MET DA 107 84.56 7.37 24.57
C MET DA 107 83.33 6.81 23.87
N SER DA 108 82.65 5.91 24.53
CA SER DA 108 81.46 5.31 23.93
C SER DA 108 80.21 5.97 24.50
N VAL DA 109 79.11 5.83 23.77
CA VAL DA 109 77.84 6.44 24.15
C VAL DA 109 76.78 5.36 24.25
N GLY DA 110 76.26 5.16 25.46
CA GLY DA 110 75.19 4.22 25.69
C GLY DA 110 74.12 4.79 26.61
N THR DA 111 72.85 4.47 26.34
CA THR DA 111 71.75 5.11 27.04
C THR DA 111 71.63 4.68 28.49
N LEU DA 112 71.57 5.66 29.38
CA LEU DA 112 71.64 5.53 30.83
C LEU DA 112 70.37 4.87 31.37
N GLU DA 113 70.46 4.33 32.58
CA GLU DA 113 69.38 3.54 33.18
C GLU DA 113 69.24 3.94 34.65
N GLU DA 114 68.57 3.09 35.42
CA GLU DA 114 68.18 3.38 36.81
C GLU DA 114 69.36 3.69 37.72
N ILE DA 115 69.45 4.94 38.16
CA ILE DA 115 70.63 5.39 38.87
C ILE DA 115 70.61 4.86 40.29
N ILE DA 116 71.39 3.79 40.52
CA ILE DA 116 71.80 3.42 41.86
C ILE DA 116 72.62 4.57 42.44
N ASP DA 117 72.55 4.75 43.76
CA ASP DA 117 73.00 5.98 44.43
C ASP DA 117 74.47 6.32 44.22
N ASP DA 118 74.84 7.53 44.65
CA ASP DA 118 75.80 8.44 44.02
C ASP DA 118 77.00 7.84 43.30
N ASN DA 119 77.65 6.85 43.90
CA ASN DA 119 78.93 6.38 43.36
C ASN DA 119 78.79 5.48 42.13
N HIS DA 120 77.58 5.07 41.75
CA HIS DA 120 77.45 4.13 40.64
C HIS DA 120 76.24 4.50 39.80
N ALA DA 121 75.98 3.66 38.79
CA ALA DA 121 74.80 3.69 37.93
C ALA DA 121 74.83 2.40 37.12
N ILE DA 122 73.69 2.04 36.55
CA ILE DA 122 73.64 0.95 35.59
C ILE DA 122 73.40 1.55 34.21
N VAL DA 123 74.07 0.99 33.21
CA VAL DA 123 73.99 1.48 31.84
C VAL DA 123 73.78 0.29 30.92
N SER DA 124 72.65 0.26 30.24
CA SER DA 124 72.52 -0.57 29.05
C SER DA 124 73.31 0.11 27.95
N THR DA 125 74.29 -0.59 27.39
CA THR DA 125 75.11 0.00 26.34
C THR DA 125 74.36 -0.04 25.01
N SER DA 126 75.07 0.22 23.92
CA SER DA 126 74.47 0.11 22.59
C SER DA 126 74.05 -1.32 22.25
N VAL DA 127 74.72 -2.31 22.83
CA VAL DA 127 74.40 -3.70 22.53
C VAL DA 127 73.07 -4.11 23.17
N GLY DA 128 72.93 -3.86 24.46
CA GLY DA 128 71.79 -4.36 25.21
C GLY DA 128 72.28 -4.99 26.49
N SER DA 129 73.59 -5.14 26.59
CA SER DA 129 74.24 -5.63 27.80
C SER DA 129 74.26 -4.51 28.82
N GLU DA 130 73.65 -4.76 29.97
CA GLU DA 130 73.70 -3.79 31.05
C GLU DA 130 75.10 -3.71 31.61
N HIS DA 131 75.45 -2.57 32.21
CA HIS DA 131 76.78 -2.38 32.80
C HIS DA 131 76.65 -1.52 34.07
N TYR DA 132 76.96 -2.13 35.20
CA TYR DA 132 76.97 -1.43 36.48
C TYR DA 132 78.20 -0.55 36.56
N VAL DA 133 78.11 0.66 36.02
CA VAL DA 133 79.25 1.56 35.89
C VAL DA 133 79.44 2.34 37.18
N SER DA 134 80.58 3.04 37.28
CA SER DA 134 80.88 3.98 38.34
C SER DA 134 80.54 5.40 37.87
N ILE DA 135 80.97 6.41 38.62
CA ILE DA 135 80.76 7.79 38.22
C ILE DA 135 82.08 8.54 38.21
N LEU DA 136 82.03 9.84 37.94
CA LEU DA 136 83.21 10.70 37.97
C LEU DA 136 83.03 11.77 39.03
N SER DA 137 84.13 12.17 39.65
CA SER DA 137 84.04 13.14 40.75
C SER DA 137 83.83 14.55 40.23
N PHE DA 138 84.64 14.95 39.25
CA PHE DA 138 84.64 16.33 38.77
C PHE DA 138 83.46 16.67 37.87
N VAL DA 139 82.72 15.67 37.36
CA VAL DA 139 81.63 15.95 36.45
C VAL DA 139 80.48 16.62 37.20
N ASP DA 140 79.97 17.70 36.63
CA ASP DA 140 78.87 18.45 37.23
C ASP DA 140 77.58 17.81 36.74
N LYS DA 141 77.11 16.82 37.51
CA LYS DA 141 76.02 15.97 37.05
C LYS DA 141 74.69 16.67 37.26
N ASP DA 142 73.97 16.88 36.15
CA ASP DA 142 72.67 17.53 36.18
C ASP DA 142 71.67 16.83 35.25
N LEU DA 143 72.19 16.06 34.31
CA LEU DA 143 71.33 15.37 33.35
C LEU DA 143 71.14 13.89 33.68
N LEU DA 144 70.66 13.62 34.88
CA LEU DA 144 70.40 12.26 35.32
C LEU DA 144 68.90 12.06 35.31
N GLU DA 145 68.39 11.22 34.40
CA GLU DA 145 66.96 11.03 34.30
C GLU DA 145 66.49 9.63 33.96
N PRO DA 146 67.41 8.66 33.99
CA PRO DA 146 67.10 7.24 33.71
C PRO DA 146 66.16 6.98 32.52
N GLY DA 147 66.65 7.20 31.29
CA GLY DA 147 68.07 7.41 31.07
C GLY DA 147 68.38 7.95 29.70
N CYS DA 148 68.66 9.25 29.64
CA CYS DA 148 69.03 9.87 28.37
C CYS DA 148 70.42 9.39 28.01
N SER DA 149 70.65 9.21 26.71
CA SER DA 149 71.92 8.71 26.16
C SER DA 149 73.16 9.29 26.82
N VAL DA 150 73.60 8.70 27.92
CA VAL DA 150 74.78 9.22 28.60
C VAL DA 150 75.95 8.68 27.78
N LEU DA 151 77.18 9.07 28.11
CA LEU DA 151 78.30 8.45 27.43
C LEU DA 151 79.19 7.73 28.43
N LEU DA 152 80.12 6.92 27.95
CA LEU DA 152 80.91 6.03 28.80
C LEU DA 152 82.38 6.09 28.42
N ASN DA 153 83.18 5.35 29.18
CA ASN DA 153 84.57 5.10 28.80
C ASN DA 153 84.63 3.75 28.10
N HIS DA 154 85.66 3.55 27.28
CA HIS DA 154 85.73 2.34 26.47
C HIS DA 154 86.21 1.15 27.27
N LYS DA 155 87.43 1.23 27.81
CA LYS DA 155 88.03 0.09 28.50
C LYS DA 155 87.38 -0.12 29.86
N VAL DA 156 87.50 0.86 30.74
CA VAL DA 156 86.79 0.88 32.02
C VAL DA 156 85.40 1.40 31.67
N HIS DA 157 84.44 1.26 32.58
CA HIS DA 157 83.11 1.77 32.26
C HIS DA 157 82.62 2.76 33.31
N ALA DA 158 82.23 3.95 32.86
CA ALA DA 158 81.78 5.01 33.74
C ALA DA 158 80.77 5.88 33.01
N VAL DA 159 80.50 7.06 33.56
CA VAL DA 159 79.53 7.99 32.98
C VAL DA 159 80.22 9.27 32.56
N ILE DA 160 81.41 9.14 31.96
CA ILE DA 160 82.47 10.14 31.73
C ILE DA 160 81.97 11.54 31.43
N GLY DA 161 80.97 11.64 30.58
CA GLY DA 161 80.43 12.94 30.19
C GLY DA 161 78.92 12.94 30.16
N VAL DA 162 78.34 13.85 29.37
CA VAL DA 162 76.91 13.95 29.30
C VAL DA 162 76.52 14.27 27.85
N LEU DA 163 75.23 14.43 27.60
CA LEU DA 163 74.72 14.42 26.23
C LEU DA 163 74.16 15.80 25.88
N MET DA 164 74.98 16.83 26.11
CA MET DA 164 74.84 18.05 25.32
C MET DA 164 75.07 17.70 23.84
N ASP DA 165 74.51 18.54 22.96
CA ASP DA 165 74.03 18.14 21.61
C ASP DA 165 73.01 17.04 21.86
N ASP DA 166 71.88 17.47 22.42
CA ASP DA 166 70.75 16.62 22.77
C ASP DA 166 70.24 15.76 21.61
N THR DA 167 70.44 16.21 20.36
CA THR DA 167 69.88 15.63 19.14
C THR DA 167 68.35 15.53 19.27
N ASP DA 168 67.76 16.72 19.30
CA ASP DA 168 66.37 17.05 19.61
C ASP DA 168 65.37 16.21 18.82
N PRO DA 169 64.56 15.40 19.50
CA PRO DA 169 63.40 14.79 18.84
C PRO DA 169 62.42 15.87 18.42
N LEU DA 170 61.62 15.54 17.40
CA LEU DA 170 60.85 16.51 16.62
C LEU DA 170 61.75 17.65 16.14
N VAL DA 171 62.65 17.31 15.22
CA VAL DA 171 63.55 18.26 14.58
C VAL DA 171 62.74 19.36 13.90
N THR DA 172 61.78 18.95 13.06
CA THR DA 172 60.93 19.90 12.36
C THR DA 172 59.60 19.98 13.11
N VAL DA 173 59.63 20.64 14.26
CA VAL DA 173 58.47 21.37 14.73
C VAL DA 173 58.84 22.84 14.84
N MET DA 174 57.98 23.70 14.29
CA MET DA 174 58.42 25.01 13.85
C MET DA 174 58.68 25.94 15.03
N LYS DA 175 59.77 25.70 15.74
CA LYS DA 175 60.28 26.62 16.74
C LYS DA 175 60.91 27.78 15.96
N VAL DA 176 60.12 28.84 15.80
CA VAL DA 176 60.41 29.87 14.80
C VAL DA 176 61.60 30.71 15.25
N GLU DA 177 62.63 30.76 14.41
CA GLU DA 177 63.69 31.74 14.58
C GLU DA 177 63.65 32.85 13.53
N LYS DA 178 63.45 32.50 12.26
CA LYS DA 178 63.17 33.48 11.22
C LYS DA 178 61.66 33.64 11.13
N ALA DA 179 61.17 34.80 11.54
CA ALA DA 179 59.73 35.01 11.66
C ALA DA 179 59.11 35.27 10.29
N PRO DA 180 57.82 34.99 10.13
CA PRO DA 180 57.12 35.37 8.89
C PRO DA 180 56.84 36.87 8.83
N GLN DA 181 56.03 37.25 7.85
CA GLN DA 181 55.91 38.64 7.44
C GLN DA 181 54.54 39.24 7.70
N GLU DA 182 53.95 39.03 8.88
CA GLU DA 182 52.65 39.61 9.19
C GLU DA 182 52.71 40.51 10.41
N THR DA 183 51.95 41.60 10.37
CA THR DA 183 52.02 42.65 11.39
C THR DA 183 50.66 42.88 12.03
N TYR DA 184 50.61 43.91 12.87
CA TYR DA 184 49.34 44.40 13.40
C TYR DA 184 48.52 45.08 12.31
N ALA DA 185 49.17 45.53 11.23
CA ALA DA 185 48.48 46.38 10.27
C ALA DA 185 47.84 45.57 9.15
N ASP DA 186 48.56 44.58 8.61
CA ASP DA 186 48.08 43.86 7.44
C ASP DA 186 46.98 42.86 7.79
N ILE DA 187 46.77 42.61 9.08
CA ILE DA 187 45.60 41.83 9.48
C ILE DA 187 44.34 42.68 9.44
N GLY DA 188 44.40 43.89 10.01
CA GLY DA 188 43.56 45.04 9.68
C GLY DA 188 42.06 44.93 9.57
N GLY DA 189 41.48 43.78 9.90
CA GLY DA 189 40.08 43.53 9.62
C GLY DA 189 39.28 43.38 10.87
N LEU DA 190 39.08 42.13 11.26
CA LEU DA 190 38.67 41.74 12.60
C LEU DA 190 39.67 42.39 13.56
N ASP DA 191 39.19 43.35 14.36
CA ASP DA 191 40.09 44.12 15.19
C ASP DA 191 39.84 43.85 16.66
N ASN DA 192 38.57 43.71 17.01
CA ASN DA 192 38.14 43.15 18.29
C ASN DA 192 38.86 41.85 18.58
N GLN DA 193 38.85 40.93 17.62
CA GLN DA 193 39.41 39.58 17.82
C GLN DA 193 40.91 39.61 18.04
N ILE DA 194 41.65 40.35 17.21
CA ILE DA 194 43.10 40.39 17.34
C ILE DA 194 43.49 41.16 18.59
N GLN DA 195 42.62 42.07 19.02
CA GLN DA 195 42.81 42.71 20.31
C GLN DA 195 42.67 41.70 21.44
N GLU DA 196 41.64 40.83 21.38
CA GLU DA 196 41.39 39.91 22.49
C GLU DA 196 42.47 38.83 22.58
N ILE DA 197 42.89 38.25 21.45
CA ILE DA 197 44.01 37.32 21.46
C ILE DA 197 45.31 38.04 21.79
N LYS DA 198 45.38 39.35 21.49
CA LYS DA 198 46.58 40.11 21.81
C LYS DA 198 46.74 40.25 23.32
N GLU DA 199 45.63 40.39 24.06
CA GLU DA 199 45.81 40.29 25.50
C GLU DA 199 46.02 38.85 25.94
N SER DA 200 45.28 37.89 25.36
CA SER DA 200 45.21 36.55 25.91
C SER DA 200 46.48 35.75 25.70
N VAL DA 201 47.33 36.15 24.77
CA VAL DA 201 48.65 35.56 24.63
C VAL DA 201 49.70 36.59 25.00
N GLU DA 202 49.59 37.79 24.42
CA GLU DA 202 50.72 38.69 24.47
C GLU DA 202 50.80 39.45 25.79
N LEU DA 203 49.65 39.77 26.39
CA LEU DA 203 49.73 40.60 27.60
C LEU DA 203 50.30 39.93 28.86
N PRO DA 204 50.31 38.61 29.03
CA PRO DA 204 51.22 38.04 30.03
C PRO DA 204 52.68 38.00 29.60
N LEU DA 205 53.04 38.61 28.49
CA LEU DA 205 54.44 38.77 28.12
C LEU DA 205 54.85 40.22 27.94
N THR DA 206 54.09 41.01 27.19
CA THR DA 206 54.47 42.40 26.95
C THR DA 206 54.16 43.30 28.14
N HIS DA 207 53.21 42.93 28.99
CA HIS DA 207 53.03 43.67 30.24
C HIS DA 207 52.49 42.71 31.29
N PRO DA 208 53.32 41.82 31.83
CA PRO DA 208 52.78 40.82 32.78
C PRO DA 208 52.40 41.40 34.13
N GLU DA 209 52.64 42.70 34.36
CA GLU DA 209 52.41 43.31 35.66
C GLU DA 209 51.03 43.98 35.75
N TYR DA 210 50.07 43.44 35.01
CA TYR DA 210 48.68 43.75 35.31
C TYR DA 210 48.17 42.82 36.39
N TYR DA 211 48.39 41.52 36.17
CA TYR DA 211 47.54 40.50 36.76
C TYR DA 211 47.77 40.32 38.25
N GLU DA 212 49.03 40.12 38.67
CA GLU DA 212 49.28 39.86 40.09
C GLU DA 212 49.11 41.14 40.92
N GLU DA 213 49.25 42.29 40.26
CA GLU DA 213 48.85 43.54 40.90
C GLU DA 213 47.35 43.66 40.97
N MET DA 214 46.64 43.13 39.98
CA MET DA 214 45.19 43.14 40.04
C MET DA 214 44.68 42.00 40.91
N GLY DA 215 45.08 40.76 40.62
CA GLY DA 215 44.74 39.63 41.45
C GLY DA 215 44.44 38.33 40.73
N ILE DA 216 44.01 38.37 39.47
CA ILE DA 216 43.50 37.19 38.77
C ILE DA 216 44.68 36.42 38.19
N LYS DA 217 44.43 35.18 37.81
CA LYS DA 217 45.39 34.45 37.01
C LYS DA 217 45.25 34.90 35.55
N PRO DA 218 46.28 34.74 34.73
CA PRO DA 218 46.09 34.90 33.30
C PRO DA 218 45.35 33.71 32.73
N PRO DA 219 44.47 33.94 31.76
CA PRO DA 219 43.71 32.82 31.18
C PRO DA 219 44.60 31.96 30.30
N LYS DA 220 44.13 30.74 30.05
CA LYS DA 220 44.88 29.82 29.20
C LYS DA 220 44.64 30.15 27.73
N GLY DA 221 45.06 29.24 26.85
CA GLY DA 221 44.93 29.44 25.43
C GLY DA 221 43.48 29.40 25.00
N VAL DA 222 43.22 29.95 23.83
CA VAL DA 222 41.87 30.11 23.30
C VAL DA 222 41.63 28.97 22.32
N ILE DA 223 40.38 28.77 21.95
CA ILE DA 223 40.07 28.28 20.62
C ILE DA 223 39.67 29.52 19.84
N LEU DA 224 39.92 29.54 18.55
CA LEU DA 224 39.43 30.62 17.72
C LEU DA 224 38.89 30.00 16.46
N TYR DA 225 37.61 29.61 16.50
CA TYR DA 225 37.07 28.91 15.37
C TYR DA 225 36.48 29.92 14.40
N GLY DA 226 36.09 29.45 13.24
CA GLY DA 226 35.49 30.30 12.25
C GLY DA 226 35.09 29.54 11.02
N PRO DA 227 34.35 30.21 10.15
CA PRO DA 227 34.19 29.73 8.79
C PRO DA 227 35.50 29.81 8.02
N PRO DA 228 35.55 29.11 6.90
CA PRO DA 228 36.76 28.98 6.07
C PRO DA 228 37.15 30.24 5.33
N GLY DA 229 38.36 30.73 5.60
CA GLY DA 229 38.84 31.95 4.98
C GLY DA 229 38.45 33.20 5.74
N THR DA 230 37.78 33.02 6.87
CA THR DA 230 37.31 34.12 7.70
C THR DA 230 38.44 34.53 8.63
N GLY DA 231 39.33 35.33 8.05
CA GLY DA 231 40.53 35.78 8.74
C GLY DA 231 41.84 35.01 8.76
N LYS DA 232 41.91 33.90 8.04
CA LYS DA 232 43.12 33.03 8.15
C LYS DA 232 43.57 32.37 9.52
N THR DA 233 42.51 32.13 10.26
CA THR DA 233 42.53 31.73 11.68
C THR DA 233 44.01 31.67 12.01
N LEU DA 234 44.79 31.11 11.10
CA LEU DA 234 46.23 31.03 11.32
C LEU DA 234 46.93 32.33 10.92
N LEU DA 235 46.27 33.47 11.11
CA LEU DA 235 46.93 34.76 10.90
C LEU DA 235 47.00 35.51 12.23
N ALA DA 236 45.92 35.45 13.01
CA ALA DA 236 45.91 36.10 14.31
C ALA DA 236 46.69 35.29 15.33
N LYS DA 237 47.09 34.07 14.98
CA LYS DA 237 48.08 33.37 15.79
C LYS DA 237 49.48 33.65 15.27
N ALA DA 238 49.63 33.92 13.96
CA ALA DA 238 50.94 34.19 13.40
C ALA DA 238 51.45 35.55 13.85
N VAL DA 239 50.55 36.52 13.92
CA VAL DA 239 50.90 37.84 14.45
C VAL DA 239 51.17 37.75 15.95
N ALA DA 240 50.52 36.78 16.61
CA ALA DA 240 50.83 36.52 18.01
C ALA DA 240 52.21 35.86 18.18
N ASN DA 241 52.79 35.40 17.08
CA ASN DA 241 54.18 34.98 17.01
C ASN DA 241 55.16 36.13 17.25
N GLN DA 242 55.08 37.17 16.43
CA GLN DA 242 56.25 37.95 16.04
C GLN DA 242 56.50 39.14 16.95
N THR DA 243 55.96 39.10 18.17
CA THR DA 243 56.35 40.05 19.20
C THR DA 243 56.44 39.34 20.55
N SER DA 244 56.79 38.06 20.53
CA SER DA 244 56.84 37.27 21.74
C SER DA 244 58.04 36.35 21.75
N ALA DA 245 58.06 35.41 22.70
CA ALA DA 245 59.07 34.36 22.74
C ALA DA 245 58.56 33.15 21.97
N THR DA 246 59.14 31.95 22.21
CA THR DA 246 59.08 30.83 21.27
C THR DA 246 57.66 30.37 20.95
N PHE DA 247 57.52 29.70 19.82
CA PHE DA 247 56.22 29.61 19.16
C PHE DA 247 56.08 28.20 18.58
N LEU DA 248 55.61 27.28 19.39
CA LEU DA 248 55.60 25.87 19.03
C LEU DA 248 54.22 25.45 18.57
N ARG DA 249 54.14 24.70 17.47
CA ARG DA 249 52.86 24.36 16.86
C ARG DA 249 52.64 22.86 16.74
N VAL DA 250 51.43 22.41 16.31
CA VAL DA 250 51.16 20.93 16.11
C VAL DA 250 50.32 20.35 14.89
N VAL DA 251 49.10 20.86 14.79
CA VAL DA 251 48.10 20.52 13.74
C VAL DA 251 47.37 19.17 14.04
N GLY DA 252 46.18 18.98 13.47
CA GLY DA 252 45.46 17.73 13.61
C GLY DA 252 46.29 16.63 12.97
N SER DA 253 46.89 16.92 11.82
CA SER DA 253 47.72 15.94 11.20
C SER DA 253 48.91 15.55 12.11
N GLU DA 254 49.69 16.48 12.76
CA GLU DA 254 50.75 15.84 13.59
C GLU DA 254 50.18 15.07 14.78
N LEU DA 255 49.04 15.52 15.32
CA LEU DA 255 48.42 14.75 16.39
C LEU DA 255 47.95 13.31 16.03
N ILE DA 256 47.33 13.05 14.87
CA ILE DA 256 46.88 11.64 14.60
C ILE DA 256 47.93 10.69 14.01
N GLN DA 257 47.77 9.35 14.07
CA GLN DA 257 48.86 8.59 13.51
C GLN DA 257 48.48 7.29 12.83
N LYS DA 258 49.30 6.88 11.86
CA LYS DA 258 48.98 5.65 11.13
C LYS DA 258 49.52 4.39 11.79
N TYR DA 259 50.83 4.22 11.73
CA TYR DA 259 51.49 3.05 12.33
C TYR DA 259 51.08 2.89 13.77
N LEU DA 260 51.41 3.92 14.55
CA LEU DA 260 51.16 4.06 15.99
C LEU DA 260 50.63 2.87 16.78
N GLY DA 261 49.32 2.71 16.83
CA GLY DA 261 48.73 1.68 17.67
C GLY DA 261 49.13 2.35 18.96
N ASP DA 262 50.29 3.00 18.81
CA ASP DA 262 50.94 3.83 19.81
C ASP DA 262 51.12 5.26 19.27
N GLY DA 263 50.09 6.08 19.43
CA GLY DA 263 50.10 7.45 18.94
C GLY DA 263 50.32 8.54 19.98
N PRO DA 264 49.39 8.65 20.93
CA PRO DA 264 49.46 9.67 21.99
C PRO DA 264 50.82 9.72 22.66
N LYS DA 265 51.86 9.89 21.85
CA LYS DA 265 53.22 9.96 22.33
C LYS DA 265 53.65 11.33 21.84
N LEU DA 266 53.17 11.62 20.64
CA LEU DA 266 53.44 12.85 19.92
C LEU DA 266 53.12 14.04 20.81
N VAL DA 267 52.06 13.93 21.59
CA VAL DA 267 51.58 15.03 22.45
C VAL DA 267 52.10 14.84 23.87
N ARG DA 268 52.55 13.63 24.19
CA ARG DA 268 53.40 13.45 25.37
C ARG DA 268 54.65 14.31 25.25
N GLU DA 269 55.48 14.02 24.25
CA GLU DA 269 56.71 14.78 24.14
C GLU DA 269 56.50 16.10 23.42
N LEU DA 270 55.30 16.37 22.91
CA LEU DA 270 55.02 17.71 22.43
C LEU DA 270 54.71 18.62 23.61
N PHE DA 271 54.02 18.10 24.63
CA PHE DA 271 53.83 18.92 25.81
C PHE DA 271 54.94 18.69 26.83
N ARG DA 272 55.95 17.91 26.46
CA ARG DA 272 57.16 17.83 27.27
C ARG DA 272 58.24 18.75 26.72
N VAL DA 273 58.40 18.77 25.39
CA VAL DA 273 59.22 19.79 24.75
C VAL DA 273 58.54 21.15 24.87
N ALA DA 274 57.22 21.18 24.77
CA ALA DA 274 56.52 22.45 24.89
C ALA DA 274 56.69 23.02 26.29
N GLU DA 275 56.55 22.14 27.28
CA GLU DA 275 56.67 22.53 28.68
C GLU DA 275 58.08 23.01 29.04
N GLU DA 276 59.08 22.39 28.44
CA GLU DA 276 60.47 22.71 28.74
C GLU DA 276 60.94 24.13 28.43
N HIS DA 277 60.47 24.73 27.35
CA HIS DA 277 60.94 26.08 27.02
C HIS DA 277 60.60 27.13 28.07
N ALA DA 278 59.38 27.09 28.62
CA ALA DA 278 59.01 28.02 29.69
C ALA DA 278 59.29 29.50 29.44
N PRO DA 279 58.81 30.03 28.33
CA PRO DA 279 57.46 29.73 27.86
C PRO DA 279 57.43 29.60 26.37
N SER DA 280 56.63 28.65 25.91
CA SER DA 280 56.44 28.40 24.50
C SER DA 280 54.95 28.19 24.28
N ILE DA 281 54.51 28.49 23.07
CA ILE DA 281 53.10 28.34 22.74
C ILE DA 281 52.92 27.19 21.79
N VAL DA 282 51.99 26.30 22.11
CA VAL DA 282 51.80 25.10 21.31
C VAL DA 282 50.54 25.23 20.48
N PHE DA 283 50.68 25.01 19.19
CA PHE DA 283 49.54 25.15 18.33
C PHE DA 283 48.93 23.84 17.90
N ILE DA 284 47.69 23.66 18.32
CA ILE DA 284 46.94 22.49 17.95
C ILE DA 284 46.29 22.86 16.64
N ASP DA 285 47.12 23.34 15.71
CA ASP DA 285 46.52 23.65 14.40
C ASP DA 285 45.40 22.82 13.78
N GLU DA 286 44.15 23.28 13.85
CA GLU DA 286 43.09 22.58 13.04
C GLU DA 286 43.05 21.09 13.38
N ILE DA 287 42.51 20.84 14.57
CA ILE DA 287 42.43 19.54 15.23
C ILE DA 287 41.48 18.53 14.61
N ASP DA 288 40.81 18.87 13.52
CA ASP DA 288 39.55 18.18 13.21
C ASP DA 288 39.61 16.77 12.60
N ALA DA 289 40.44 15.90 13.18
CA ALA DA 289 40.12 14.50 13.53
C ALA DA 289 39.12 13.73 12.64
N ILE DA 290 39.39 13.58 11.35
CA ILE DA 290 38.45 12.90 10.49
C ILE DA 290 39.21 12.02 9.48
N GLY DA 291 38.62 10.89 9.11
CA GLY DA 291 39.25 9.97 8.18
C GLY DA 291 39.52 8.60 8.78
N GLY DA 301 41.43 1.93 14.77
CA GLY DA 301 40.17 2.51 14.31
C GLY DA 301 39.93 3.91 14.83
N GLU DA 302 38.72 4.15 15.32
CA GLU DA 302 38.39 5.46 15.89
C GLU DA 302 39.01 5.64 17.26
N ARG DA 303 39.28 4.54 17.96
CA ARG DA 303 39.62 4.62 19.37
C ARG DA 303 41.04 5.15 19.59
N GLU DA 304 41.91 5.02 18.59
CA GLU DA 304 43.21 5.66 18.69
C GLU DA 304 43.08 7.18 18.63
N ILE DA 305 42.16 7.69 17.81
CA ILE DA 305 41.83 9.12 17.80
C ILE DA 305 41.20 9.51 19.13
N GLN DA 306 40.39 8.62 19.71
CA GLN DA 306 39.74 8.88 20.99
C GLN DA 306 40.76 9.04 22.12
N ARG DA 307 41.75 8.14 22.20
CA ARG DA 307 42.76 8.23 23.24
C ARG DA 307 43.70 9.41 22.98
N THR DA 308 43.96 9.72 21.70
CA THR DA 308 44.81 10.85 21.35
C THR DA 308 44.19 12.17 21.79
N MET DA 309 42.90 12.37 21.47
CA MET DA 309 42.15 13.50 21.98
C MET DA 309 42.09 13.50 23.50
N LEU DA 310 42.06 12.31 24.10
CA LEU DA 310 42.08 12.24 25.56
C LEU DA 310 43.45 12.62 26.11
N GLU DA 311 44.50 12.63 25.28
CA GLU DA 311 45.80 13.02 25.83
C GLU DA 311 46.22 14.44 25.48
N LEU DA 312 45.64 15.07 24.46
CA LEU DA 312 45.75 16.52 24.46
C LEU DA 312 44.88 17.09 25.57
N LEU DA 313 43.75 16.40 25.84
CA LEU DA 313 42.88 16.68 26.97
C LEU DA 313 43.61 16.61 28.30
N ASN DA 314 44.15 15.45 28.66
CA ASN DA 314 44.75 15.26 29.97
C ASN DA 314 46.17 15.79 30.04
N GLN DA 315 46.96 15.60 28.98
CA GLN DA 315 48.32 16.12 28.94
C GLN DA 315 48.33 17.64 28.87
N LEU DA 316 47.22 18.24 28.45
CA LEU DA 316 47.03 19.66 28.67
C LEU DA 316 46.98 19.96 30.17
N ASP DA 317 45.98 19.44 30.89
CA ASP DA 317 45.74 19.80 32.30
C ASP DA 317 45.60 18.53 33.14
N GLY DA 318 46.72 17.94 33.53
CA GLY DA 318 46.68 16.83 34.46
C GLY DA 318 46.95 17.16 35.91
N PHE DA 319 48.13 17.68 36.21
CA PHE DA 319 48.51 17.99 37.59
C PHE DA 319 49.15 19.36 37.76
N ASP DA 320 49.93 19.81 36.80
CA ASP DA 320 50.56 21.11 36.89
C ASP DA 320 50.78 21.66 35.49
N SER DA 321 51.37 22.85 35.44
CA SER DA 321 51.71 23.48 34.18
C SER DA 321 52.81 24.50 34.42
N ARG DA 322 53.72 24.58 33.47
CA ARG DA 322 54.67 25.68 33.35
C ARG DA 322 53.99 26.83 32.63
N GLY DA 323 54.76 27.75 32.05
CA GLY DA 323 54.18 28.84 31.31
C GLY DA 323 53.53 28.38 30.01
N ASP DA 324 52.38 27.72 30.15
CA ASP DA 324 51.75 26.99 29.07
C ASP DA 324 50.42 27.65 28.67
N VAL DA 325 50.44 28.98 28.57
CA VAL DA 325 49.59 29.71 27.64
C VAL DA 325 50.13 29.40 26.25
N LYS DA 326 49.34 29.68 25.19
CA LYS DA 326 49.46 29.17 23.90
C LYS DA 326 49.14 27.69 24.20
N VAL DA 327 47.82 27.52 24.22
CA VAL DA 327 47.16 26.44 23.51
C VAL DA 327 46.08 27.11 22.68
N ILE DA 328 46.47 27.60 21.51
CA ILE DA 328 45.57 28.26 20.57
C ILE DA 328 45.14 27.22 19.55
N MET DA 329 43.83 27.02 19.45
CA MET DA 329 43.29 26.03 18.54
C MET DA 329 42.52 26.77 17.46
N ALA DA 330 42.92 26.59 16.22
CA ALA DA 330 42.11 27.02 15.09
C ALA DA 330 41.19 25.85 14.73
N THR DA 331 40.00 26.16 14.24
CA THR DA 331 38.99 25.14 14.02
C THR DA 331 38.02 25.67 12.97
N ASN DA 332 37.58 24.80 12.06
CA ASN DA 332 36.46 25.13 11.18
C ASN DA 332 35.17 24.50 11.65
N ARG DA 333 35.24 23.43 12.42
CA ARG DA 333 34.07 22.67 12.83
C ARG DA 333 34.03 22.61 14.36
N ILE DA 334 33.45 23.63 14.99
CA ILE DA 334 33.34 23.62 16.45
C ILE DA 334 32.30 22.62 16.93
N GLU DA 335 31.27 22.33 16.13
CA GLU DA 335 30.21 21.44 16.57
C GLU DA 335 30.60 19.98 16.42
N THR DA 336 31.81 19.72 15.91
CA THR DA 336 32.24 18.36 15.64
C THR DA 336 33.01 17.77 16.81
N LEU DA 337 33.97 18.53 17.35
CA LEU DA 337 34.82 17.99 18.39
C LEU DA 337 34.05 17.85 19.70
N ASP DA 338 34.47 16.88 20.51
CA ASP DA 338 33.88 16.50 21.77
C ASP DA 338 34.03 17.65 22.76
N PRO DA 339 32.94 18.15 23.33
CA PRO DA 339 33.05 19.27 24.28
C PRO DA 339 33.67 18.91 25.62
N ALA DA 340 34.81 18.25 25.58
CA ALA DA 340 35.52 17.90 26.79
C ALA DA 340 36.75 18.79 26.96
N LEU DA 341 37.22 19.37 25.86
CA LEU DA 341 38.39 20.24 25.86
C LEU DA 341 38.14 21.48 26.69
N ILE DA 342 36.92 22.02 26.60
CA ILE DA 342 36.59 23.22 27.33
C ILE DA 342 35.85 22.98 28.64
N ARG DA 343 36.59 23.21 29.70
CA ARG DA 343 36.19 23.08 31.08
C ARG DA 343 36.73 24.43 31.46
N PRO DA 344 36.53 25.41 30.57
CA PRO DA 344 37.22 26.69 30.81
C PRO DA 344 38.41 26.59 31.76
N GLY DA 345 39.13 25.48 31.64
CA GLY DA 345 40.31 25.18 32.41
C GLY DA 345 41.23 24.64 31.34
N ARG DA 346 40.79 23.54 30.72
CA ARG DA 346 41.56 22.92 29.65
C ARG DA 346 41.65 23.93 28.52
N ILE DA 347 40.54 24.55 28.18
CA ILE DA 347 40.58 25.58 27.16
C ILE DA 347 39.88 26.81 27.72
N ASP DA 348 40.64 27.88 27.89
CA ASP DA 348 40.11 29.12 28.40
C ASP DA 348 39.49 30.07 27.38
N ARG DA 349 38.82 31.09 27.90
CA ARG DA 349 38.23 32.14 27.09
C ARG DA 349 38.58 32.05 25.61
N LYS DA 350 37.60 32.23 24.75
CA LYS DA 350 37.75 31.91 23.35
C LYS DA 350 36.96 32.89 22.48
N ILE DA 351 37.52 33.21 21.30
CA ILE DA 351 37.08 34.38 20.55
C ILE DA 351 36.82 34.05 19.07
N GLU DA 352 35.74 34.63 18.52
CA GLU DA 352 35.28 34.23 17.20
C GLU DA 352 34.82 35.44 16.39
N PHE DA 353 34.35 35.18 15.17
CA PHE DA 353 34.09 36.28 14.25
C PHE DA 353 33.07 35.95 13.17
N PRO DA 354 32.23 36.92 12.76
CA PRO DA 354 31.54 36.80 11.47
C PRO DA 354 32.52 37.01 10.32
N LEU DA 355 32.14 36.65 9.08
CA LEU DA 355 33.14 36.27 8.08
C LEU DA 355 33.95 37.47 7.55
N PRO DA 356 33.53 38.31 6.53
CA PRO DA 356 33.76 39.75 6.68
C PRO DA 356 32.48 40.54 6.92
N ASP DA 357 32.62 41.83 7.12
CA ASP DA 357 31.59 42.77 6.66
C ASP DA 357 32.17 43.49 5.45
N GLU DA 358 31.37 44.37 4.85
CA GLU DA 358 31.85 45.12 3.68
C GLU DA 358 32.96 46.10 4.03
N LYS DA 359 33.00 46.55 5.29
CA LYS DA 359 34.05 47.45 5.76
C LYS DA 359 35.42 46.77 5.72
N THR DA 360 35.44 45.47 5.94
CA THR DA 360 36.69 44.73 5.82
C THR DA 360 36.83 44.10 4.43
N LYS DA 361 35.76 44.15 3.63
CA LYS DA 361 35.96 43.86 2.21
C LYS DA 361 36.76 44.98 1.56
N LYS DA 362 36.43 46.22 1.92
CA LYS DA 362 37.20 47.35 1.45
C LYS DA 362 38.57 47.41 2.12
N ARG DA 363 38.57 47.41 3.46
CA ARG DA 363 39.80 47.64 4.23
C ARG DA 363 40.76 46.48 4.09
N ILE DA 364 40.26 45.28 3.84
CA ILE DA 364 41.13 44.13 3.65
C ILE DA 364 41.43 43.93 2.17
N PHE DA 365 40.58 44.47 1.30
CA PHE DA 365 40.93 44.46 -0.12
C PHE DA 365 42.06 45.43 -0.42
N GLN DA 366 42.17 46.52 0.32
CA GLN DA 366 43.16 47.53 -0.04
C GLN DA 366 44.49 47.31 0.66
N ILE DA 367 44.65 46.17 1.36
CA ILE DA 367 45.96 45.86 1.93
C ILE DA 367 46.83 45.15 0.91
N HIS DA 368 46.29 44.13 0.26
CA HIS DA 368 47.06 43.36 -0.71
C HIS DA 368 47.37 44.19 -1.95
N THR DA 369 46.36 44.85 -2.52
CA THR DA 369 46.57 45.67 -3.70
C THR DA 369 47.30 46.97 -3.40
N SER DA 370 47.60 47.26 -2.12
CA SER DA 370 48.53 48.33 -1.82
C SER DA 370 49.93 48.01 -2.31
N ARG DA 371 50.27 46.72 -2.36
CA ARG DA 371 51.57 46.34 -2.93
C ARG DA 371 51.53 46.45 -4.46
N MET DA 372 50.36 46.24 -5.05
CA MET DA 372 50.22 46.30 -6.50
C MET DA 372 50.23 47.74 -7.00
N THR DA 373 50.04 47.88 -8.32
CA THR DA 373 50.18 49.16 -8.98
C THR DA 373 48.89 49.70 -9.59
N LEU DA 374 47.75 49.06 -9.36
CA LEU DA 374 46.50 49.52 -9.94
C LEU DA 374 46.05 50.78 -9.20
N ALA DA 375 45.68 51.83 -9.94
CA ALA DA 375 45.29 53.07 -9.30
C ALA DA 375 44.07 53.77 -9.88
N ASP DA 376 43.70 53.55 -11.15
CA ASP DA 376 42.71 54.43 -11.78
C ASP DA 376 41.29 54.04 -11.39
N ASP DA 377 40.99 52.75 -11.36
CA ASP DA 377 39.63 52.27 -11.14
C ASP DA 377 39.66 51.13 -10.11
N VAL DA 378 40.31 51.37 -8.98
CA VAL DA 378 40.09 50.52 -7.82
C VAL DA 378 38.63 50.66 -7.40
N THR DA 379 37.96 49.53 -7.27
CA THR DA 379 36.51 49.52 -7.19
C THR DA 379 36.03 48.70 -6.00
N LEU DA 380 34.77 48.91 -5.65
CA LEU DA 380 34.08 48.09 -4.66
C LEU DA 380 32.79 47.49 -5.22
N ASP DA 381 32.31 48.00 -6.35
CA ASP DA 381 31.16 47.42 -7.02
C ASP DA 381 31.45 46.01 -7.52
N ASP DA 382 32.70 45.75 -7.90
CA ASP DA 382 33.09 44.39 -8.27
C ASP DA 382 33.59 43.64 -7.04
N LEU DA 383 33.47 44.24 -5.85
CA LEU DA 383 34.05 43.65 -4.66
C LEU DA 383 33.05 43.46 -3.52
N ILE DA 384 32.14 44.39 -3.28
CA ILE DA 384 31.27 44.30 -2.12
C ILE DA 384 30.16 43.29 -2.40
N MET DA 385 29.30 43.57 -3.37
CA MET DA 385 28.12 42.75 -3.58
C MET DA 385 28.34 41.80 -4.75
N ALA DA 386 29.59 41.66 -5.17
CA ALA DA 386 29.91 40.84 -6.33
C ALA DA 386 29.58 39.36 -6.17
N LYS DA 387 30.12 38.80 -5.09
CA LYS DA 387 29.88 37.41 -4.75
C LYS DA 387 28.92 37.26 -3.57
N ASP DA 388 28.32 38.39 -3.13
CA ASP DA 388 27.40 38.41 -2.01
C ASP DA 388 28.03 37.74 -0.79
N ASP DA 389 29.25 38.23 -0.51
CA ASP DA 389 30.26 37.89 0.53
C ASP DA 389 31.32 36.99 -0.11
N LEU DA 390 32.55 37.49 -0.14
CA LEU DA 390 33.66 36.75 -0.70
C LEU DA 390 34.67 36.58 0.40
N SER DA 391 35.19 35.37 0.56
CA SER DA 391 36.15 35.17 1.63
C SER DA 391 37.29 36.15 1.78
N GLY DA 392 38.04 35.94 2.85
CA GLY DA 392 39.22 36.72 3.13
C GLY DA 392 40.30 36.32 2.13
N ALA DA 393 40.33 35.04 1.77
CA ALA DA 393 41.26 34.55 0.78
C ALA DA 393 40.80 34.93 -0.63
N ASP DA 394 39.53 34.74 -0.96
CA ASP DA 394 39.13 35.07 -2.32
C ASP DA 394 39.59 36.47 -2.72
N ILE DA 395 39.78 37.37 -1.75
CA ILE DA 395 40.39 38.63 -2.16
C ILE DA 395 41.90 38.50 -2.26
N LYS DA 396 42.50 37.61 -1.47
CA LYS DA 396 43.92 37.33 -1.66
C LYS DA 396 44.17 36.69 -3.02
N ALA DA 397 43.29 35.77 -3.41
CA ALA DA 397 43.43 35.13 -4.71
C ALA DA 397 42.97 36.03 -5.84
N ILE DA 398 42.16 37.05 -5.52
CA ILE DA 398 41.77 37.97 -6.58
C ILE DA 398 42.88 38.98 -6.83
N CYS DA 399 43.68 39.27 -5.80
CA CYS DA 399 44.82 40.15 -6.02
C CYS DA 399 45.94 39.38 -6.70
N THR DA 400 46.18 38.15 -6.25
CA THR DA 400 47.25 37.34 -6.83
C THR DA 400 46.93 36.94 -8.27
N GLU DA 401 45.72 36.46 -8.50
CA GLU DA 401 45.33 36.06 -9.84
C GLU DA 401 45.12 37.29 -10.73
N ALA DA 402 44.76 38.43 -10.12
CA ALA DA 402 44.61 39.66 -10.89
C ALA DA 402 45.96 40.14 -11.42
N GLY DA 403 46.92 40.34 -10.52
CA GLY DA 403 48.23 40.81 -10.95
C GLY DA 403 48.98 39.80 -11.79
N LEU DA 404 48.77 38.51 -11.53
CA LEU DA 404 49.40 37.49 -12.38
C LEU DA 404 48.78 37.49 -13.76
N MET DA 405 47.45 37.63 -13.84
CA MET DA 405 46.77 37.58 -15.12
C MET DA 405 47.08 38.83 -15.95
N ALA DA 406 47.39 39.94 -15.29
CA ALA DA 406 47.91 41.09 -16.01
C ALA DA 406 49.44 41.04 -16.08
N LEU DA 407 50.04 39.96 -15.59
CA LEU DA 407 51.49 39.82 -15.63
C LEU DA 407 51.90 38.82 -16.71
N ARG DA 408 50.95 38.03 -17.19
CA ARG DA 408 51.22 37.15 -18.32
C ARG DA 408 51.48 37.96 -19.58
N GLU DA 409 50.78 39.08 -19.74
CA GLU DA 409 50.97 39.96 -20.88
C GLU DA 409 51.98 41.06 -20.57
N ARG DA 410 52.73 40.90 -19.48
CA ARG DA 410 53.95 41.64 -19.19
C ARG DA 410 53.75 43.14 -19.00
N ARG DA 411 52.91 43.56 -18.06
CA ARG DA 411 52.80 44.98 -17.75
C ARG DA 411 52.36 45.14 -16.30
N MET DA 412 52.94 46.12 -15.60
CA MET DA 412 52.57 46.44 -14.23
C MET DA 412 51.55 47.57 -14.26
N LYS DA 413 50.45 47.33 -14.97
CA LYS DA 413 49.50 48.38 -15.31
C LYS DA 413 48.21 48.08 -14.55
N VAL DA 414 47.19 48.92 -14.75
CA VAL DA 414 46.12 49.16 -13.79
C VAL DA 414 44.79 48.56 -14.26
N THR DA 415 44.84 47.63 -15.20
CA THR DA 415 43.66 47.20 -15.94
C THR DA 415 42.67 46.43 -15.07
N ASN DA 416 41.45 46.95 -14.98
CA ASN DA 416 40.40 46.33 -14.20
C ASN DA 416 39.44 45.52 -15.07
N GLU DA 417 39.77 45.32 -16.34
CA GLU DA 417 39.02 44.34 -17.15
C GLU DA 417 39.72 42.99 -17.09
N ASP DA 418 41.04 43.00 -16.96
CA ASP DA 418 41.78 41.78 -16.64
C ASP DA 418 41.42 41.25 -15.27
N PHE DA 419 41.05 42.16 -14.36
CA PHE DA 419 40.55 41.82 -13.04
C PHE DA 419 39.27 40.99 -13.13
N LYS DA 420 38.44 41.26 -14.15
CA LYS DA 420 37.23 40.49 -14.37
C LYS DA 420 37.55 39.06 -14.82
N LYS DA 421 38.56 38.92 -15.70
CA LYS DA 421 39.02 37.60 -16.10
C LYS DA 421 39.66 36.87 -14.94
N SER DA 422 40.20 37.61 -13.97
CA SER DA 422 40.67 37.02 -12.74
C SER DA 422 39.50 36.54 -11.88
N LYS DA 423 38.38 37.27 -11.92
CA LYS DA 423 37.21 36.89 -11.12
C LYS DA 423 36.61 35.59 -11.64
N GLU DA 424 36.36 35.53 -12.96
CA GLU DA 424 35.86 34.31 -13.57
C GLU DA 424 36.90 33.20 -13.51
N ASN DA 425 38.18 33.58 -13.45
CA ASN DA 425 39.23 32.57 -13.40
C ASN DA 425 39.32 31.92 -12.03
N VAL DA 426 39.10 32.67 -10.94
CA VAL DA 426 39.33 32.07 -9.62
C VAL DA 426 38.05 31.55 -8.97
N LEU DA 427 36.89 32.18 -9.16
CA LEU DA 427 35.74 31.64 -8.44
C LEU DA 427 34.50 31.55 -9.32
N TYR DA 428 34.46 32.35 -10.37
CA TYR DA 428 33.36 32.48 -11.35
C TYR DA 428 31.94 32.44 -10.79
N PHE EA 53 138.34 6.36 -11.66
CA PHE EA 53 137.53 6.12 -10.48
C PHE EA 53 136.04 6.22 -10.75
N LEU EA 54 135.63 7.05 -11.72
CA LEU EA 54 134.23 7.09 -12.12
C LEU EA 54 133.96 6.02 -13.16
N GLU EA 55 135.00 5.28 -13.56
CA GLU EA 55 134.80 4.05 -14.31
C GLU EA 55 134.63 2.87 -13.35
N VAL EA 56 135.17 3.01 -12.13
CA VAL EA 56 135.06 1.95 -11.12
C VAL EA 56 133.62 1.73 -10.72
N GLN EA 57 132.93 2.79 -10.31
CA GLN EA 57 131.56 2.62 -9.85
C GLN EA 57 130.57 2.58 -11.01
N GLU EA 58 131.07 2.71 -12.24
CA GLU EA 58 130.25 2.40 -13.40
C GLU EA 58 129.97 0.89 -13.46
N GLU EA 59 130.95 0.08 -13.04
CA GLU EA 59 130.74 -1.37 -12.98
C GLU EA 59 129.87 -1.73 -11.79
N TYR EA 60 129.75 -0.81 -10.84
CA TYR EA 60 128.88 -1.03 -9.69
C TYR EA 60 127.42 -0.98 -10.09
N ILE EA 61 127.06 0.00 -10.93
CA ILE EA 61 125.65 0.30 -11.17
C ILE EA 61 125.00 -0.78 -12.02
N LYS EA 62 125.75 -1.33 -12.98
CA LYS EA 62 125.21 -2.39 -13.82
C LYS EA 62 124.95 -3.66 -13.00
N ASP EA 63 125.87 -3.97 -12.09
CA ASP EA 63 125.69 -5.12 -11.21
C ASP EA 63 124.55 -4.91 -10.23
N GLU EA 64 124.37 -3.66 -9.78
CA GLU EA 64 123.28 -3.40 -8.85
C GLU EA 64 121.93 -3.39 -9.54
N GLN EA 65 121.88 -2.94 -10.78
CA GLN EA 65 120.62 -3.02 -11.53
C GLN EA 65 120.26 -4.47 -11.81
N LYS EA 66 121.25 -5.29 -12.16
CA LYS EA 66 120.99 -6.71 -12.40
C LYS EA 66 120.58 -7.42 -11.11
N ASN EA 67 121.30 -7.18 -10.01
CA ASN EA 67 120.99 -7.90 -8.78
C ASN EA 67 119.74 -7.38 -8.09
N LEU EA 68 119.41 -6.11 -8.28
CA LEU EA 68 118.10 -5.65 -7.81
C LEU EA 68 116.98 -6.15 -8.69
N LYS EA 69 117.26 -6.52 -9.93
CA LYS EA 69 116.25 -7.25 -10.68
C LYS EA 69 116.12 -8.68 -10.17
N LYS EA 70 117.25 -9.28 -9.75
CA LYS EA 70 117.25 -10.64 -9.18
C LYS EA 70 116.36 -10.69 -7.95
N GLU EA 71 116.70 -9.92 -6.93
CA GLU EA 71 115.88 -9.90 -5.74
C GLU EA 71 114.63 -9.05 -5.87
N PHE EA 72 114.41 -8.39 -7.01
CA PHE EA 72 113.13 -7.72 -7.20
C PHE EA 72 112.07 -8.69 -7.66
N LEU EA 73 112.34 -9.43 -8.73
CA LEU EA 73 111.37 -10.46 -9.12
C LEU EA 73 111.39 -11.63 -8.15
N HIS EA 74 112.45 -11.74 -7.34
CA HIS EA 74 112.36 -12.54 -6.12
C HIS EA 74 111.62 -11.80 -5.01
N ALA EA 75 111.45 -10.48 -5.12
CA ALA EA 75 110.87 -9.71 -4.03
C ALA EA 75 109.39 -9.44 -4.23
N GLN EA 76 108.82 -9.85 -5.35
CA GLN EA 76 107.35 -9.93 -5.43
C GLN EA 76 106.84 -11.25 -4.91
N GLU EA 77 107.67 -11.99 -4.18
CA GLU EA 77 107.30 -13.34 -3.79
C GLU EA 77 107.17 -13.45 -2.28
N GLU EA 78 107.84 -12.57 -1.54
CA GLU EA 78 107.72 -12.63 -0.09
C GLU EA 78 106.41 -12.02 0.40
N VAL EA 79 105.73 -11.26 -0.46
CA VAL EA 79 104.43 -10.71 -0.09
C VAL EA 79 103.34 -11.77 -0.12
N LYS EA 80 103.59 -12.93 -0.72
CA LYS EA 80 102.55 -13.94 -0.88
C LYS EA 80 102.43 -14.88 0.30
N ARG EA 81 102.84 -14.46 1.50
CA ARG EA 81 102.61 -15.23 2.71
C ARG EA 81 101.41 -14.72 3.49
N ILE EA 82 100.99 -13.50 3.21
CA ILE EA 82 99.86 -12.92 3.92
C ILE EA 82 98.57 -13.55 3.40
N GLN EA 83 98.59 -14.04 2.16
CA GLN EA 83 97.47 -14.83 1.65
C GLN EA 83 97.81 -16.29 2.02
N SER EA 84 97.16 -16.76 3.08
CA SER EA 84 97.45 -18.06 3.65
C SER EA 84 96.27 -18.46 4.51
N ILE EA 85 96.01 -19.76 4.61
CA ILE EA 85 94.89 -20.23 5.38
C ILE EA 85 95.08 -19.82 6.82
N PRO EA 86 94.02 -19.33 7.48
CA PRO EA 86 92.73 -19.12 6.84
C PRO EA 86 92.39 -17.63 6.83
N LEU EA 87 91.94 -17.12 5.69
CA LEU EA 87 91.64 -15.70 5.57
C LEU EA 87 90.15 -15.46 5.36
N VAL EA 88 89.59 -14.53 6.13
CA VAL EA 88 88.18 -14.21 6.03
C VAL EA 88 87.90 -13.54 4.68
N ILE EA 89 86.75 -13.85 4.09
CA ILE EA 89 86.37 -13.22 2.82
C ILE EA 89 85.19 -12.31 3.09
N GLY EA 90 85.19 -11.18 2.41
CA GLY EA 90 84.15 -10.19 2.53
C GLY EA 90 84.23 -9.29 1.32
N GLN EA 91 83.08 -8.88 0.80
CA GLN EA 91 83.03 -8.38 -0.56
C GLN EA 91 83.65 -6.99 -0.69
N PHE EA 92 84.17 -6.71 -1.88
CA PHE EA 92 84.74 -5.42 -2.20
C PHE EA 92 83.63 -4.45 -2.56
N LEU EA 93 83.66 -3.29 -1.94
CA LEU EA 93 82.87 -2.16 -2.41
C LEU EA 93 83.86 -1.02 -2.60
N GLU EA 94 83.35 0.20 -2.77
CA GLU EA 94 83.97 1.38 -3.39
C GLU EA 94 85.48 1.55 -3.24
N ALA EA 95 86.19 1.76 -4.34
CA ALA EA 95 87.60 2.07 -4.29
C ALA EA 95 87.75 3.57 -4.11
N VAL EA 96 88.72 3.99 -3.31
CA VAL EA 96 88.79 5.39 -2.93
C VAL EA 96 90.05 6.05 -3.48
N ASP EA 97 91.11 5.28 -3.68
CA ASP EA 97 92.41 5.83 -4.03
C ASP EA 97 93.33 4.77 -4.63
N GLN EA 98 94.63 4.92 -4.36
CA GLN EA 98 95.69 3.93 -4.52
C GLN EA 98 95.46 2.79 -3.49
N ASN EA 99 96.49 2.12 -3.01
CA ASN EA 99 96.40 0.78 -2.42
C ASN EA 99 95.49 0.58 -1.19
N THR EA 100 94.64 1.54 -0.83
CA THR EA 100 93.64 1.31 0.21
C THR EA 100 92.24 1.24 -0.38
N ALA EA 101 91.29 0.73 0.42
CA ALA EA 101 89.88 0.65 0.04
C ALA EA 101 89.01 0.54 1.29
N ILE EA 102 87.70 0.35 1.08
CA ILE EA 102 86.73 0.27 2.16
C ILE EA 102 85.92 -1.04 2.10
N VAL EA 103 86.63 -2.15 1.87
CA VAL EA 103 86.08 -3.50 1.70
C VAL EA 103 85.05 -3.86 2.78
N GLY EA 104 84.03 -4.62 2.37
CA GLY EA 104 82.98 -5.03 3.29
C GLY EA 104 83.07 -6.44 3.79
N SER EA 105 83.57 -6.63 5.01
CA SER EA 105 83.77 -7.96 5.58
C SER EA 105 82.45 -8.64 5.86
N THR EA 106 82.48 -9.97 5.97
CA THR EA 106 81.24 -10.72 6.13
C THR EA 106 80.85 -10.69 7.60
N THR EA 107 81.83 -10.47 8.47
CA THR EA 107 81.55 -10.29 9.89
C THR EA 107 80.95 -8.91 10.13
N GLY EA 108 79.67 -8.75 9.79
CA GLY EA 108 79.01 -7.49 10.03
C GLY EA 108 79.42 -6.38 9.08
N SER EA 109 80.20 -5.43 9.59
CA SER EA 109 80.41 -4.14 8.96
C SER EA 109 81.34 -4.23 7.75
N ASN EA 110 81.25 -3.19 6.91
CA ASN EA 110 82.37 -2.80 6.08
C ASN EA 110 83.34 -1.97 6.91
N TYR EA 111 84.63 -2.09 6.58
CA TYR EA 111 85.62 -1.16 7.12
C TYR EA 111 86.88 -1.11 6.27
N TYR EA 112 87.60 0.01 6.44
CA TYR EA 112 88.71 0.44 5.60
C TYR EA 112 89.88 -0.52 5.69
N VAL EA 113 90.69 -0.53 4.64
CA VAL EA 113 91.68 -1.59 4.44
C VAL EA 113 92.89 -0.93 3.81
N ARG EA 114 93.93 -1.72 3.55
CA ARG EA 114 94.85 -1.42 2.46
C ARG EA 114 95.12 -2.69 1.67
N ILE EA 115 95.12 -2.56 0.35
CA ILE EA 115 95.19 -3.72 -0.54
C ILE EA 115 96.63 -3.82 -1.03
N LEU EA 116 97.10 -5.04 -1.27
CA LEU EA 116 98.52 -5.20 -1.60
C LEU EA 116 98.75 -4.94 -3.09
N SER EA 117 100.02 -4.88 -3.48
CA SER EA 117 100.36 -4.41 -4.81
C SER EA 117 100.34 -5.52 -5.85
N THR EA 118 100.43 -6.77 -5.41
CA THR EA 118 100.60 -7.88 -6.35
C THR EA 118 99.30 -8.17 -7.09
N ILE EA 119 98.17 -8.03 -6.40
CA ILE EA 119 96.86 -8.14 -7.05
C ILE EA 119 96.70 -6.96 -8.00
N ASP EA 120 96.14 -7.23 -9.18
CA ASP EA 120 95.87 -6.16 -10.13
C ASP EA 120 94.53 -5.52 -9.81
N ARG EA 121 94.36 -4.28 -10.29
CA ARG EA 121 93.16 -3.49 -9.99
C ARG EA 121 92.17 -3.72 -11.12
N GLU EA 122 91.91 -5.00 -11.38
CA GLU EA 122 91.26 -5.43 -12.61
C GLU EA 122 89.92 -6.05 -12.31
N LEU EA 123 89.90 -7.01 -11.40
CA LEU EA 123 88.69 -7.77 -11.13
C LEU EA 123 87.87 -7.18 -9.99
N LEU EA 124 88.28 -6.04 -9.45
CA LEU EA 124 87.65 -5.48 -8.26
C LEU EA 124 86.36 -4.78 -8.64
N LYS EA 125 85.34 -5.54 -9.03
CA LYS EA 125 84.00 -5.02 -9.27
C LYS EA 125 83.40 -4.55 -7.94
N PRO EA 126 82.37 -3.69 -7.94
CA PRO EA 126 81.83 -3.23 -6.65
C PRO EA 126 81.01 -4.25 -5.88
N ASN EA 127 80.99 -5.51 -6.31
CA ASN EA 127 80.41 -6.60 -5.55
C ASN EA 127 81.32 -7.83 -5.60
N ALA EA 128 82.61 -7.61 -5.85
CA ALA EA 128 83.56 -8.70 -6.01
C ALA EA 128 83.89 -9.27 -4.64
N SER EA 129 83.60 -10.56 -4.44
CA SER EA 129 83.95 -11.23 -3.20
C SER EA 129 85.47 -11.38 -3.15
N VAL EA 130 86.08 -10.80 -2.13
CA VAL EA 130 87.53 -10.68 -2.09
C VAL EA 130 87.96 -11.07 -0.68
N ALA EA 131 89.16 -11.61 -0.53
CA ALA EA 131 89.54 -12.17 0.75
C ALA EA 131 90.29 -11.14 1.58
N LEU EA 132 90.22 -11.30 2.89
CA LEU EA 132 90.89 -10.42 3.85
C LEU EA 132 91.79 -11.27 4.72
N HIS EA 133 92.64 -10.60 5.49
CA HIS EA 133 93.59 -11.32 6.33
C HIS EA 133 93.06 -11.39 7.76
N LYS EA 134 93.15 -12.57 8.35
CA LYS EA 134 92.74 -12.75 9.74
C LYS EA 134 93.63 -11.92 10.65
N HIS EA 135 93.01 -11.26 11.64
CA HIS EA 135 93.62 -10.43 12.69
C HIS EA 135 94.17 -9.10 12.14
N SER EA 136 94.19 -8.95 10.82
CA SER EA 136 94.69 -7.73 10.20
C SER EA 136 93.65 -7.04 9.34
N ASN EA 137 92.87 -7.80 8.57
CA ASN EA 137 91.98 -7.29 7.53
C ASN EA 137 92.73 -6.41 6.56
N ALA EA 138 93.62 -7.06 5.84
CA ALA EA 138 94.25 -6.52 4.63
C ALA EA 138 93.80 -7.39 3.47
N LEU EA 139 93.44 -6.76 2.36
CA LEU EA 139 92.92 -7.45 1.19
C LEU EA 139 94.02 -8.26 0.51
N VAL EA 140 93.70 -9.47 0.04
CA VAL EA 140 94.74 -10.32 -0.50
C VAL EA 140 94.43 -10.77 -1.93
N ASP EA 141 93.27 -11.38 -2.16
CA ASP EA 141 92.99 -11.83 -3.52
C ASP EA 141 91.51 -11.86 -3.80
N VAL EA 142 91.15 -11.50 -5.04
CA VAL EA 142 89.80 -11.65 -5.55
C VAL EA 142 89.52 -13.13 -5.78
N LEU EA 143 88.24 -13.47 -5.86
CA LEU EA 143 87.78 -14.85 -5.85
C LEU EA 143 86.78 -15.12 -6.96
N PRO EA 144 86.65 -16.38 -7.36
CA PRO EA 144 85.51 -16.78 -8.19
C PRO EA 144 84.20 -16.59 -7.45
N PRO EA 145 83.08 -16.46 -8.17
CA PRO EA 145 81.81 -16.09 -7.53
C PRO EA 145 81.19 -17.21 -6.71
N GLU EA 146 81.63 -17.36 -5.46
CA GLU EA 146 81.13 -18.43 -4.61
C GLU EA 146 79.92 -17.98 -3.81
N ALA EA 147 78.81 -18.69 -3.92
CA ALA EA 147 77.60 -18.27 -3.23
C ALA EA 147 76.84 -19.31 -2.41
N MET EA 153 72.39 -21.11 -3.39
CA MET EA 153 71.82 -21.04 -4.75
C MET EA 153 72.36 -22.07 -5.74
N LEU EA 154 71.47 -22.62 -6.57
CA LEU EA 154 71.85 -23.64 -7.52
C LEU EA 154 71.43 -23.32 -8.95
N THR EA 155 72.24 -23.77 -9.90
CA THR EA 155 71.98 -23.56 -11.32
C THR EA 155 70.78 -24.38 -11.80
N SER EA 156 70.36 -25.38 -11.01
CA SER EA 156 69.24 -26.29 -11.31
C SER EA 156 69.47 -27.02 -12.62
N ASP EA 157 70.51 -27.85 -12.62
CA ASP EA 157 70.83 -28.69 -13.78
C ASP EA 157 69.76 -29.75 -14.01
N GLN EA 158 68.95 -29.54 -15.07
CA GLN EA 158 67.92 -30.41 -15.65
C GLN EA 158 66.91 -31.00 -14.66
N LYS EA 159 66.78 -30.41 -13.47
CA LYS EA 159 65.94 -31.03 -12.44
C LYS EA 159 64.43 -30.90 -12.69
N PRO EA 160 63.83 -29.69 -12.93
CA PRO EA 160 62.36 -29.66 -12.99
C PRO EA 160 61.83 -30.16 -14.33
N ASP EA 161 60.74 -30.92 -14.32
CA ASP EA 161 60.28 -31.58 -15.54
C ASP EA 161 58.75 -31.60 -15.63
N VAL EA 162 58.20 -30.56 -16.25
CA VAL EA 162 56.92 -30.64 -16.94
C VAL EA 162 57.14 -30.01 -18.31
N MET EA 163 56.48 -30.55 -19.33
CA MET EA 163 56.70 -30.02 -20.67
C MET EA 163 55.96 -28.69 -20.84
N TYR EA 164 56.30 -27.97 -21.90
CA TYR EA 164 55.51 -26.83 -22.33
C TYR EA 164 54.40 -27.25 -23.28
N ALA EA 165 54.23 -28.55 -23.49
CA ALA EA 165 53.16 -29.07 -24.32
C ALA EA 165 51.99 -29.60 -23.52
N ASP EA 166 52.22 -30.05 -22.28
CA ASP EA 166 51.14 -30.46 -21.40
C ASP EA 166 50.76 -29.38 -20.40
N ILE EA 167 51.11 -28.13 -20.69
CA ILE EA 167 50.75 -27.04 -19.79
C ILE EA 167 49.24 -26.79 -19.84
N GLY EA 168 48.64 -26.91 -21.01
CA GLY EA 168 47.20 -26.91 -21.12
C GLY EA 168 46.63 -25.52 -21.16
N GLY EA 169 45.93 -25.16 -22.24
CA GLY EA 169 45.19 -23.92 -22.27
C GLY EA 169 46.00 -22.64 -22.43
N MET EA 170 47.00 -22.44 -21.56
CA MET EA 170 47.76 -21.20 -21.51
C MET EA 170 48.54 -20.97 -22.79
N ASP EA 171 48.08 -20.01 -23.59
CA ASP EA 171 48.71 -19.71 -24.86
C ASP EA 171 49.23 -18.29 -24.93
N ILE EA 172 48.42 -17.31 -24.54
CA ILE EA 172 48.82 -15.91 -24.65
C ILE EA 172 49.86 -15.58 -23.57
N GLN EA 173 49.69 -16.14 -22.37
CA GLN EA 173 50.70 -15.94 -21.33
C GLN EA 173 51.97 -16.71 -21.68
N LYS EA 174 51.80 -17.84 -22.37
CA LYS EA 174 52.94 -18.66 -22.76
C LYS EA 174 53.76 -17.97 -23.85
N GLN EA 175 53.11 -17.20 -24.72
CA GLN EA 175 53.86 -16.49 -25.74
C GLN EA 175 54.34 -15.13 -25.25
N GLU EA 176 53.75 -14.63 -24.17
CA GLU EA 176 54.30 -13.41 -23.55
C GLU EA 176 55.55 -13.72 -22.76
N VAL EA 177 55.54 -14.83 -22.02
CA VAL EA 177 56.73 -15.21 -21.25
C VAL EA 177 57.78 -15.81 -22.18
N ARG EA 178 57.34 -16.56 -23.19
CA ARG EA 178 58.24 -16.98 -24.27
C ARG EA 178 58.80 -15.76 -25.00
N GLU EA 179 57.98 -14.72 -25.10
CA GLU EA 179 58.38 -13.52 -25.82
C GLU EA 179 59.41 -12.70 -25.06
N ALA EA 180 59.23 -12.53 -23.76
CA ALA EA 180 60.00 -11.55 -23.01
C ALA EA 180 61.07 -12.16 -22.12
N VAL EA 181 61.26 -13.48 -22.13
CA VAL EA 181 62.28 -14.06 -21.27
C VAL EA 181 63.33 -14.80 -22.08
N GLU EA 182 62.94 -15.87 -22.76
CA GLU EA 182 63.97 -16.70 -23.39
C GLU EA 182 64.29 -16.23 -24.80
N LEU EA 183 63.33 -15.59 -25.47
CA LEU EA 183 63.61 -15.01 -26.79
C LEU EA 183 64.61 -13.85 -26.73
N PRO EA 184 64.57 -12.92 -25.73
CA PRO EA 184 65.64 -11.91 -25.70
C PRO EA 184 66.96 -12.44 -25.18
N LEU EA 185 66.98 -13.66 -24.66
CA LEU EA 185 68.25 -14.27 -24.31
C LEU EA 185 68.86 -14.94 -25.53
N THR EA 186 68.02 -15.56 -26.37
CA THR EA 186 68.53 -16.13 -27.61
C THR EA 186 68.72 -15.06 -28.68
N HIS EA 187 67.63 -14.39 -29.08
CA HIS EA 187 67.70 -13.34 -30.08
C HIS EA 187 67.87 -12.00 -29.39
N PHE EA 188 69.09 -11.83 -28.87
CA PHE EA 188 69.43 -10.69 -28.04
C PHE EA 188 69.64 -9.43 -28.87
N GLU EA 189 69.81 -9.57 -30.19
CA GLU EA 189 70.24 -8.43 -30.99
C GLU EA 189 69.14 -7.92 -31.90
N LEU EA 190 68.06 -8.69 -32.07
CA LEU EA 190 66.93 -8.22 -32.87
C LEU EA 190 66.21 -7.08 -32.17
N TYR EA 191 66.20 -7.11 -30.84
CA TYR EA 191 65.83 -5.95 -30.04
C TYR EA 191 66.79 -4.80 -30.30
N LYS EA 192 68.06 -5.14 -30.59
CA LYS EA 192 68.98 -4.14 -31.09
C LYS EA 192 69.01 -4.09 -32.61
N GLN EA 193 67.91 -4.42 -33.27
CA GLN EA 193 67.72 -4.09 -34.68
C GLN EA 193 66.38 -3.42 -34.94
N ILE EA 194 65.47 -3.45 -33.97
CA ILE EA 194 64.23 -2.69 -34.05
C ILE EA 194 64.26 -1.46 -33.17
N GLY EA 195 64.55 -1.63 -31.88
CA GLY EA 195 64.67 -0.47 -31.02
C GLY EA 195 64.07 -0.65 -29.65
N ILE EA 196 63.02 -1.47 -29.54
CA ILE EA 196 62.40 -1.68 -28.24
C ILE EA 196 63.29 -2.60 -27.42
N ASP EA 197 63.54 -2.19 -26.19
CA ASP EA 197 64.41 -2.88 -25.27
C ASP EA 197 63.76 -4.19 -24.82
N PRO EA 198 64.52 -5.18 -24.42
CA PRO EA 198 63.95 -6.29 -23.69
C PRO EA 198 63.47 -5.81 -22.34
N PRO EA 199 62.25 -6.19 -21.93
CA PRO EA 199 61.79 -5.83 -20.59
C PRO EA 199 62.62 -6.54 -19.54
N ARG EA 200 62.96 -5.81 -18.49
CA ARG EA 200 63.97 -6.30 -17.55
C ARG EA 200 63.43 -7.45 -16.71
N GLY EA 201 62.39 -7.18 -15.92
CA GLY EA 201 61.80 -8.20 -15.08
C GLY EA 201 60.57 -8.78 -15.74
N VAL EA 202 59.99 -9.77 -15.07
CA VAL EA 202 58.67 -10.31 -15.36
C VAL EA 202 57.96 -10.52 -14.04
N LEU EA 203 56.86 -9.82 -13.84
CA LEU EA 203 56.07 -9.95 -12.63
C LEU EA 203 54.81 -10.74 -12.97
N MET EA 204 54.59 -11.83 -12.25
CA MET EA 204 53.48 -12.73 -12.52
C MET EA 204 52.53 -12.73 -11.33
N TYR EA 205 51.37 -12.14 -11.49
CA TYR EA 205 50.42 -12.12 -10.40
C TYR EA 205 49.32 -13.08 -10.80
N GLY EA 206 49.15 -14.14 -10.03
CA GLY EA 206 48.13 -15.13 -10.32
C GLY EA 206 47.25 -15.41 -9.14
N PRO EA 207 45.94 -15.30 -9.35
CA PRO EA 207 44.98 -15.56 -8.27
C PRO EA 207 43.97 -16.57 -8.77
N PRO EA 208 43.79 -17.67 -8.06
CA PRO EA 208 44.58 -18.02 -6.87
C PRO EA 208 45.81 -18.86 -7.21
N GLY EA 209 46.07 -19.01 -8.51
CA GLY EA 209 47.20 -19.78 -9.01
C GLY EA 209 46.82 -20.86 -9.99
N CYS EA 210 47.02 -20.55 -11.26
CA CYS EA 210 46.76 -21.50 -12.32
C CYS EA 210 48.04 -21.75 -13.10
N GLY EA 211 48.67 -20.69 -13.60
CA GLY EA 211 49.78 -20.88 -14.51
C GLY EA 211 51.11 -20.40 -13.99
N LYS EA 212 51.25 -20.34 -12.67
CA LYS EA 212 52.49 -19.89 -12.06
C LYS EA 212 53.66 -20.81 -12.30
N THR EA 213 53.59 -21.99 -11.70
CA THR EA 213 54.79 -22.79 -11.47
C THR EA 213 54.78 -24.09 -12.25
N MET EA 214 54.01 -24.18 -13.33
CA MET EA 214 54.36 -25.12 -14.38
C MET EA 214 54.85 -24.35 -15.61
N LEU EA 215 54.43 -23.09 -15.74
CA LEU EA 215 54.97 -22.26 -16.80
C LEU EA 215 56.37 -21.78 -16.42
N ALA EA 216 56.59 -21.51 -15.14
CA ALA EA 216 57.95 -21.24 -14.68
C ALA EA 216 58.72 -22.52 -14.42
N LYS EA 217 58.07 -23.66 -14.64
CA LYS EA 217 58.77 -24.94 -14.58
C LYS EA 217 59.08 -25.43 -15.98
N ALA EA 218 58.20 -25.15 -16.95
CA ALA EA 218 58.46 -25.55 -18.32
C ALA EA 218 59.22 -24.46 -19.07
N VAL EA 219 59.56 -23.38 -18.38
CA VAL EA 219 60.47 -22.42 -18.99
C VAL EA 219 61.87 -22.98 -18.78
N ALA EA 220 62.02 -23.85 -17.78
CA ALA EA 220 63.32 -24.30 -17.32
C ALA EA 220 63.91 -25.43 -18.13
N HIS EA 221 63.21 -25.94 -19.14
CA HIS EA 221 63.82 -26.94 -20.01
C HIS EA 221 64.73 -26.30 -21.04
N HIS EA 222 64.15 -25.54 -21.95
CA HIS EA 222 64.85 -24.98 -23.09
C HIS EA 222 65.29 -23.57 -22.75
N THR EA 223 65.95 -23.42 -21.60
CA THR EA 223 66.68 -22.20 -21.31
C THR EA 223 67.94 -22.17 -22.15
N THR EA 224 68.72 -23.25 -22.06
CA THR EA 224 70.16 -23.26 -22.32
C THR EA 224 70.82 -22.05 -21.64
N ALA EA 225 70.50 -21.91 -20.35
CA ALA EA 225 70.78 -20.72 -19.57
C ALA EA 225 70.62 -21.07 -18.11
N ALA EA 226 71.36 -20.39 -17.25
CA ALA EA 226 71.42 -20.73 -15.84
C ALA EA 226 70.14 -20.31 -15.14
N PHE EA 227 69.12 -21.17 -15.21
CA PHE EA 227 67.87 -20.93 -14.51
C PHE EA 227 68.11 -21.18 -13.03
N ILE EA 228 68.53 -20.13 -12.33
CA ILE EA 228 68.80 -20.29 -10.91
C ILE EA 228 67.50 -20.04 -10.16
N ARG EA 229 67.15 -20.98 -9.28
CA ARG EA 229 66.00 -20.77 -8.42
C ARG EA 229 66.45 -20.24 -7.07
N VAL EA 230 65.60 -19.43 -6.46
CA VAL EA 230 65.61 -19.22 -5.02
C VAL EA 230 64.20 -18.82 -4.59
N VAL EA 231 63.66 -19.57 -3.63
CA VAL EA 231 62.43 -19.19 -2.96
C VAL EA 231 62.71 -17.98 -2.07
N GLY EA 232 61.89 -16.94 -2.22
CA GLY EA 232 62.11 -15.69 -1.51
C GLY EA 232 61.73 -15.70 -0.04
N SER EA 233 62.25 -16.67 0.72
CA SER EA 233 61.99 -16.74 2.15
C SER EA 233 63.22 -17.02 3.00
N GLU EA 234 64.33 -17.46 2.42
CA GLU EA 234 65.58 -17.51 3.17
C GLU EA 234 66.44 -16.29 2.94
N PHE EA 235 65.90 -15.24 2.34
CA PHE EA 235 66.59 -13.96 2.32
C PHE EA 235 66.67 -13.37 3.71
N VAL EA 236 65.71 -13.71 4.57
CA VAL EA 236 65.86 -13.43 5.99
C VAL EA 236 66.60 -14.58 6.66
N GLN EA 237 67.60 -14.25 7.48
CA GLN EA 237 68.37 -15.23 8.21
C GLN EA 237 68.53 -14.78 9.65
N LYS EA 238 68.85 -15.76 10.52
CA LYS EA 238 68.99 -15.50 11.95
C LYS EA 238 70.17 -14.56 12.20
N TYR EA 239 71.24 -14.69 11.42
CA TYR EA 239 72.37 -13.78 11.53
C TYR EA 239 71.97 -12.41 11.01
N LEU EA 240 72.26 -11.37 11.80
CA LEU EA 240 71.82 -10.02 11.45
C LEU EA 240 72.72 -9.44 10.36
N GLY EA 241 72.10 -8.71 9.42
CA GLY EA 241 72.84 -8.12 8.32
C GLY EA 241 73.41 -9.12 7.34
N GLU EA 242 72.80 -10.30 7.26
CA GLU EA 242 73.32 -11.34 6.39
C GLU EA 242 72.71 -11.22 5.00
N GLY EA 243 71.38 -11.31 4.96
CA GLY EA 243 70.58 -11.37 3.76
C GLY EA 243 70.86 -10.51 2.53
N PRO EA 244 71.16 -9.21 2.68
CA PRO EA 244 71.46 -8.42 1.47
C PRO EA 244 72.69 -8.90 0.75
N ARG EA 245 73.69 -9.33 1.51
CA ARG EA 245 74.88 -9.93 0.94
C ARG EA 245 74.53 -11.25 0.25
N MET EA 246 73.56 -11.99 0.81
CA MET EA 246 73.09 -13.23 0.21
C MET EA 246 72.45 -12.99 -1.15
N VAL EA 247 71.54 -12.02 -1.24
CA VAL EA 247 70.78 -11.88 -2.48
C VAL EA 247 71.61 -11.17 -3.55
N ARG EA 248 72.62 -10.39 -3.13
CA ARG EA 248 73.53 -9.89 -4.16
C ARG EA 248 74.50 -10.98 -4.61
N ASP EA 249 74.78 -11.97 -3.76
CA ASP EA 249 75.47 -13.18 -4.23
C ASP EA 249 74.62 -13.92 -5.25
N VAL EA 250 73.30 -13.89 -5.06
CA VAL EA 250 72.40 -14.53 -6.02
C VAL EA 250 72.43 -13.80 -7.36
N PHE EA 251 72.43 -12.47 -7.32
CA PHE EA 251 72.39 -11.71 -8.57
C PHE EA 251 73.70 -11.85 -9.34
N ARG EA 252 74.85 -11.75 -8.66
CA ARG EA 252 76.09 -11.93 -9.40
C ARG EA 252 76.27 -13.40 -9.81
N LEU EA 253 75.69 -14.33 -9.06
CA LEU EA 253 75.76 -15.73 -9.45
C LEU EA 253 74.93 -15.98 -10.70
N ALA EA 254 73.94 -15.12 -10.96
CA ALA EA 254 73.34 -15.13 -12.29
C ALA EA 254 74.15 -14.32 -13.28
N LYS EA 255 74.98 -13.39 -12.82
CA LYS EA 255 75.67 -12.51 -13.76
C LYS EA 255 76.82 -13.22 -14.44
N GLU EA 256 77.65 -13.94 -13.68
CA GLU EA 256 78.79 -14.65 -14.26
C GLU EA 256 78.40 -16.01 -14.85
N ASN EA 257 77.11 -16.26 -14.95
CA ASN EA 257 76.57 -17.46 -15.57
C ASN EA 257 75.61 -17.10 -16.71
N ALA EA 258 75.72 -15.89 -17.23
CA ALA EA 258 74.81 -15.41 -18.27
C ALA EA 258 74.88 -16.25 -19.53
N PRO EA 259 73.73 -16.50 -20.15
CA PRO EA 259 72.46 -15.83 -19.81
C PRO EA 259 71.68 -16.61 -18.75
N ALA EA 260 71.17 -15.91 -17.75
CA ALA EA 260 70.44 -16.55 -16.66
C ALA EA 260 69.07 -15.95 -16.38
N ILE EA 261 68.24 -16.77 -15.77
CA ILE EA 261 66.87 -16.43 -15.41
C ILE EA 261 66.73 -16.58 -13.90
N ILE EA 262 66.73 -15.47 -13.20
CA ILE EA 262 66.48 -15.46 -11.75
C ILE EA 262 64.98 -15.62 -11.55
N PHE EA 263 64.60 -16.64 -10.80
CA PHE EA 263 63.20 -16.85 -10.46
C PHE EA 263 63.06 -16.79 -8.95
N ILE EA 264 62.43 -15.73 -8.44
CA ILE EA 264 62.22 -15.58 -7.01
C ILE EA 264 60.72 -15.50 -6.73
N ASP EA 265 60.27 -16.48 -5.96
CA ASP EA 265 58.86 -16.67 -5.65
C ASP EA 265 58.29 -15.90 -4.47
N GLU EA 266 57.02 -15.56 -4.61
CA GLU EA 266 56.20 -15.09 -3.50
C GLU EA 266 56.83 -13.87 -2.87
N ILE EA 267 57.39 -12.99 -3.69
CA ILE EA 267 57.99 -11.79 -3.13
C ILE EA 267 57.32 -11.17 -1.89
N ASP EA 268 55.99 -11.06 -1.86
CA ASP EA 268 55.37 -10.44 -0.70
C ASP EA 268 55.84 -11.02 0.63
N ALA EA 269 56.76 -11.96 0.61
CA ALA EA 269 57.48 -12.39 1.81
C ALA EA 269 58.58 -11.39 2.16
N ILE EA 270 59.18 -10.77 1.15
CA ILE EA 270 60.34 -9.90 1.36
C ILE EA 270 60.02 -8.47 0.97
N ALA EA 271 58.90 -8.25 0.29
CA ALA EA 271 58.53 -6.92 -0.16
C ALA EA 271 57.06 -6.69 0.12
N THR EA 272 56.77 -5.79 1.07
CA THR EA 272 55.41 -5.35 1.30
C THR EA 272 55.33 -3.83 1.32
N LYS EA 273 54.12 -3.28 1.40
CA LYS EA 273 53.97 -1.84 1.43
C LYS EA 273 54.24 -1.27 2.82
N ARG EA 274 54.14 -2.10 3.86
CA ARG EA 274 54.08 -1.58 5.22
C ARG EA 274 55.20 -2.16 6.07
N PHE EA 275 56.10 -1.30 6.53
CA PHE EA 275 57.24 -1.72 7.34
C PHE EA 275 57.13 -1.15 8.74
N ASP EA 276 58.17 -1.35 9.55
CA ASP EA 276 58.11 -0.91 10.93
C ASP EA 276 59.48 -0.38 11.34
N ALA EA 277 59.54 0.92 11.64
CA ALA EA 277 60.79 1.60 11.96
C ALA EA 277 61.43 1.10 13.24
N GLN EA 278 60.63 0.85 14.26
CA GLN EA 278 61.07 0.21 15.50
C GLN EA 278 61.17 -1.30 15.31
N THR EA 279 61.14 -2.04 16.42
CA THR EA 279 61.90 -3.28 16.71
C THR EA 279 62.19 -4.13 15.49
N GLY EA 280 63.49 -4.43 15.30
CA GLY EA 280 64.02 -4.82 14.02
C GLY EA 280 63.71 -6.21 13.52
N ALA EA 281 62.43 -6.60 13.55
CA ALA EA 281 62.03 -7.77 12.79
C ALA EA 281 62.08 -7.49 11.30
N ASP EA 282 61.84 -6.23 10.93
CA ASP EA 282 61.87 -5.82 9.53
C ASP EA 282 62.81 -4.63 9.30
N ARG EA 283 63.76 -4.39 10.19
CA ARG EA 283 64.79 -3.40 9.90
C ARG EA 283 65.73 -3.91 8.82
N GLU EA 284 65.87 -5.22 8.67
CA GLU EA 284 66.70 -5.78 7.62
C GLU EA 284 65.94 -6.13 6.36
N VAL EA 285 64.63 -6.41 6.45
CA VAL EA 285 63.90 -6.70 5.22
C VAL EA 285 63.54 -5.41 4.49
N GLN EA 286 63.69 -4.26 5.15
CA GLN EA 286 63.63 -3.00 4.41
C GLN EA 286 65.00 -2.63 3.86
N ARG EA 287 65.98 -3.52 3.99
CA ARG EA 287 67.19 -3.45 3.20
C ARG EA 287 67.53 -4.77 2.53
N ILE EA 288 66.66 -5.78 2.66
CA ILE EA 288 66.60 -6.82 1.63
C ILE EA 288 66.05 -6.23 0.35
N LEU EA 289 64.90 -5.58 0.45
CA LEU EA 289 64.24 -4.99 -0.71
C LEU EA 289 65.01 -3.80 -1.24
N LEU EA 290 65.66 -3.04 -0.35
CA LEU EA 290 66.23 -1.75 -0.75
C LEU EA 290 67.44 -1.92 -1.67
N GLU EA 291 68.40 -2.75 -1.30
CA GLU EA 291 69.56 -2.87 -2.16
C GLU EA 291 69.35 -3.81 -3.33
N LEU EA 292 68.46 -4.81 -3.19
CA LEU EA 292 67.97 -5.53 -4.36
C LEU EA 292 67.33 -4.60 -5.36
N LEU EA 293 66.57 -3.64 -4.87
CA LEU EA 293 66.03 -2.55 -5.65
C LEU EA 293 67.13 -1.65 -6.20
N ASN EA 294 68.27 -1.58 -5.50
CA ASN EA 294 69.45 -0.91 -6.07
C ASN EA 294 70.25 -1.84 -6.95
N GLN EA 295 70.14 -3.16 -6.74
CA GLN EA 295 70.94 -4.10 -7.52
C GLN EA 295 70.41 -4.23 -8.93
N MET EA 296 69.08 -4.21 -9.06
CA MET EA 296 68.46 -4.39 -10.36
C MET EA 296 68.65 -3.16 -11.23
N ASP EA 297 68.87 -2.00 -10.59
CA ASP EA 297 69.16 -0.79 -11.35
C ASP EA 297 70.61 -0.76 -11.80
N GLY EA 298 71.45 -1.60 -11.21
CA GLY EA 298 72.84 -1.72 -11.58
C GLY EA 298 73.09 -2.61 -12.77
N PHE EA 299 72.05 -3.00 -13.48
CA PHE EA 299 72.22 -3.89 -14.61
C PHE EA 299 71.39 -3.36 -15.78
N ASP EA 300 71.57 -2.08 -16.10
CA ASP EA 300 70.95 -1.50 -17.29
C ASP EA 300 71.90 -1.55 -18.48
N GLN EA 301 73.10 -2.08 -18.30
CA GLN EA 301 74.05 -2.22 -19.41
C GLN EA 301 73.72 -3.46 -20.25
N ASN EA 302 72.80 -4.27 -19.72
CA ASN EA 302 72.12 -5.35 -20.45
C ASN EA 302 73.10 -6.40 -20.96
N VAL EA 303 73.71 -7.18 -20.07
CA VAL EA 303 74.48 -8.29 -20.61
C VAL EA 303 73.51 -9.41 -20.92
N ASN EA 304 73.12 -10.21 -19.91
CA ASN EA 304 71.99 -11.15 -19.92
C ASN EA 304 71.62 -11.64 -18.52
N VAL EA 305 70.68 -11.01 -17.81
CA VAL EA 305 70.14 -11.53 -16.56
C VAL EA 305 68.69 -11.11 -16.49
N LYS EA 306 67.76 -12.06 -16.47
CA LYS EA 306 66.35 -11.69 -16.45
C LYS EA 306 65.67 -12.18 -15.17
N VAL EA 307 65.09 -11.24 -14.43
CA VAL EA 307 64.50 -11.49 -13.12
C VAL EA 307 62.99 -11.70 -13.23
N ILE EA 308 62.56 -12.92 -13.50
CA ILE EA 308 61.14 -13.24 -13.51
C ILE EA 308 60.74 -13.56 -12.07
N MET EA 309 59.51 -13.24 -11.71
CA MET EA 309 59.08 -13.43 -10.33
C MET EA 309 57.58 -13.63 -10.22
N ALA EA 310 57.15 -14.42 -9.25
CA ALA EA 310 55.74 -14.76 -9.14
C ALA EA 310 55.28 -14.55 -7.70
N THR EA 311 53.97 -14.37 -7.55
CA THR EA 311 53.37 -14.18 -6.24
C THR EA 311 51.87 -14.35 -6.38
N ASN EA 312 51.27 -15.08 -5.45
CA ASN EA 312 49.84 -15.33 -5.49
C ASN EA 312 49.02 -14.05 -5.59
N ARG EA 313 49.36 -13.05 -4.77
CA ARG EA 313 48.63 -11.80 -4.79
C ARG EA 313 49.55 -10.60 -4.89
N ALA EA 314 49.17 -9.62 -5.70
CA ALA EA 314 49.95 -8.41 -5.86
C ALA EA 314 49.19 -7.17 -5.41
N ASP EA 315 48.14 -7.35 -4.62
CA ASP EA 315 47.40 -6.22 -4.08
C ASP EA 315 48.24 -5.42 -3.09
N THR EA 316 49.07 -6.09 -2.30
CA THR EA 316 50.12 -5.45 -1.51
C THR EA 316 51.47 -6.06 -1.90
N LEU EA 317 52.03 -5.60 -3.01
CA LEU EA 317 53.36 -6.03 -3.41
C LEU EA 317 54.39 -5.01 -2.98
N ASP EA 318 54.47 -3.87 -3.68
CA ASP EA 318 55.02 -2.57 -3.29
C ASP EA 318 54.80 -1.64 -4.48
N PRO EA 319 54.47 -0.39 -4.28
CA PRO EA 319 54.43 0.52 -5.43
C PRO EA 319 55.77 1.17 -5.71
N ALA EA 320 56.88 0.43 -5.60
CA ALA EA 320 58.15 0.90 -6.14
C ALA EA 320 58.93 -0.25 -6.75
N LEU EA 321 58.29 -1.41 -6.84
CA LEU EA 321 58.92 -2.61 -7.37
C LEU EA 321 58.85 -2.70 -8.88
N LEU EA 322 58.06 -1.82 -9.50
CA LEU EA 322 57.94 -1.82 -10.93
C LEU EA 322 58.66 -0.59 -11.47
N ARG EA 323 57.91 0.47 -11.70
CA ARG EA 323 58.47 1.73 -12.18
C ARG EA 323 59.40 1.64 -13.41
N PRO EA 324 59.04 0.80 -14.37
CA PRO EA 324 59.79 0.62 -15.63
C PRO EA 324 61.31 0.59 -15.50
N GLY EA 325 61.83 -0.48 -14.93
CA GLY EA 325 63.26 -0.63 -14.75
C GLY EA 325 63.52 -1.85 -13.90
N ARG EA 326 62.67 -2.06 -12.92
CA ARG EA 326 62.77 -3.20 -12.03
C ARG EA 326 61.90 -4.36 -12.51
N LEU EA 327 60.90 -4.06 -13.33
CA LEU EA 327 60.03 -5.10 -13.86
C LEU EA 327 59.64 -4.85 -15.31
N ASP EA 328 59.02 -3.71 -15.56
CA ASP EA 328 58.62 -3.32 -16.90
C ASP EA 328 57.51 -4.19 -17.47
N ARG EA 329 57.11 -5.20 -16.71
CA ARG EA 329 56.05 -6.10 -17.19
C ARG EA 329 55.09 -6.50 -16.08
N LYS EA 330 54.04 -7.21 -16.48
CA LYS EA 330 53.02 -7.71 -15.58
C LYS EA 330 52.23 -8.73 -16.38
N ILE EA 331 52.14 -9.95 -15.87
CA ILE EA 331 51.43 -10.99 -16.58
C ILE EA 331 50.24 -11.51 -15.77
N GLU EA 332 49.04 -11.22 -16.23
CA GLU EA 332 47.86 -11.70 -15.52
C GLU EA 332 47.63 -13.16 -15.85
N PHE EA 333 47.31 -13.95 -14.83
CA PHE EA 333 46.91 -15.33 -15.02
C PHE EA 333 45.42 -15.46 -14.75
N PRO EA 334 44.64 -16.02 -15.65
CA PRO EA 334 43.24 -15.60 -15.78
C PRO EA 334 42.20 -16.29 -14.93
N LEU EA 335 42.51 -17.45 -14.30
CA LEU EA 335 41.52 -18.39 -13.74
C LEU EA 335 40.56 -18.73 -14.86
N PRO EA 336 40.96 -19.66 -15.76
CA PRO EA 336 40.46 -19.67 -17.15
C PRO EA 336 38.98 -19.95 -17.35
N ASP EA 337 38.55 -19.75 -18.60
CA ASP EA 337 37.13 -19.85 -18.96
C ASP EA 337 36.99 -20.74 -20.18
N ARG EA 338 35.80 -20.67 -20.78
CA ARG EA 338 35.23 -21.51 -21.84
C ARG EA 338 36.20 -21.95 -22.93
N ARG EA 339 36.83 -21.01 -23.62
CA ARG EA 339 37.68 -21.36 -24.74
C ARG EA 339 39.04 -21.90 -24.30
N GLN EA 340 39.33 -21.89 -23.01
CA GLN EA 340 40.59 -22.41 -22.47
C GLN EA 340 40.38 -23.67 -21.64
N LYS EA 341 39.35 -23.65 -20.78
CA LYS EA 341 38.94 -24.76 -19.92
C LYS EA 341 38.84 -26.07 -20.67
N ARG EA 342 38.30 -26.00 -21.89
CA ARG EA 342 38.24 -27.14 -22.80
C ARG EA 342 39.62 -27.70 -23.10
N LEU EA 343 40.61 -26.81 -23.30
CA LEU EA 343 41.96 -27.28 -23.58
C LEU EA 343 42.61 -27.89 -22.34
N ILE EA 344 42.31 -27.35 -21.15
CA ILE EA 344 42.84 -27.96 -19.92
C ILE EA 344 42.30 -29.37 -19.73
N PHE EA 345 40.97 -29.53 -19.90
CA PHE EA 345 40.39 -30.87 -19.81
C PHE EA 345 40.92 -31.80 -20.89
N SER EA 346 41.18 -31.26 -22.09
CA SER EA 346 41.69 -32.09 -23.17
C SER EA 346 43.10 -32.59 -22.86
N THR EA 347 43.91 -31.76 -22.21
CA THR EA 347 45.27 -32.19 -21.86
C THR EA 347 45.26 -33.21 -20.73
N ILE EA 348 44.60 -32.86 -19.62
CA ILE EA 348 44.66 -33.68 -18.42
C ILE EA 348 43.96 -35.02 -18.64
N THR EA 349 42.87 -35.01 -19.41
CA THR EA 349 42.30 -36.29 -19.82
C THR EA 349 43.15 -36.97 -20.88
N SER EA 350 43.92 -36.20 -21.66
CA SER EA 350 44.75 -36.85 -22.68
C SER EA 350 45.92 -37.61 -22.07
N LYS EA 351 46.25 -37.36 -20.81
CA LYS EA 351 47.23 -38.20 -20.11
C LYS EA 351 46.56 -39.17 -19.12
N MET EA 352 45.39 -39.72 -19.47
CA MET EA 352 44.75 -40.74 -18.63
C MET EA 352 44.18 -41.85 -19.51
N ASN EA 353 43.57 -42.83 -18.84
CA ASN EA 353 42.84 -43.93 -19.48
C ASN EA 353 41.37 -43.55 -19.47
N LEU EA 354 40.77 -43.44 -20.65
CA LEU EA 354 39.36 -43.12 -20.76
C LEU EA 354 38.66 -44.18 -21.60
N SER EA 355 37.37 -44.37 -21.32
CA SER EA 355 36.59 -45.40 -22.01
C SER EA 355 35.37 -44.79 -22.69
N GLU EA 356 35.45 -43.50 -22.96
CA GLU EA 356 34.59 -42.75 -23.88
C GLU EA 356 33.09 -42.72 -23.51
N GLU EA 357 32.73 -43.31 -22.37
CA GLU EA 357 31.44 -43.04 -21.76
C GLU EA 357 31.42 -41.66 -21.14
N VAL EA 358 32.61 -41.12 -20.86
CA VAL EA 358 32.83 -39.76 -20.43
C VAL EA 358 32.35 -38.78 -21.50
N ASP EA 359 32.03 -37.56 -21.09
CA ASP EA 359 31.87 -36.51 -22.06
C ASP EA 359 32.77 -35.35 -21.70
N LEU EA 360 33.15 -34.57 -22.71
CA LEU EA 360 34.13 -33.52 -22.49
C LEU EA 360 33.42 -32.21 -22.18
N GLU EA 361 32.56 -31.75 -23.09
CA GLU EA 361 32.02 -30.40 -23.01
C GLU EA 361 30.84 -30.29 -22.05
N ASP EA 362 30.40 -31.42 -21.49
CA ASP EA 362 29.33 -31.37 -20.50
C ASP EA 362 29.82 -30.74 -19.20
N TYR EA 363 31.08 -30.98 -18.86
CA TYR EA 363 31.65 -30.44 -17.64
C TYR EA 363 32.63 -29.32 -17.92
N VAL EA 364 32.90 -29.04 -19.19
CA VAL EA 364 33.38 -27.72 -19.59
C VAL EA 364 32.21 -26.77 -19.34
N ALA EA 365 30.99 -27.23 -19.63
CA ALA EA 365 29.77 -26.55 -19.22
C ALA EA 365 29.63 -26.61 -17.70
N ARG EA 366 28.67 -25.85 -17.16
CA ARG EA 366 28.73 -25.25 -15.83
C ARG EA 366 30.12 -24.63 -15.69
N PRO EA 367 30.40 -23.47 -16.34
CA PRO EA 367 31.69 -22.81 -16.06
C PRO EA 367 31.64 -21.98 -14.79
N ASP EA 368 32.18 -22.49 -13.69
CA ASP EA 368 32.05 -21.81 -12.41
C ASP EA 368 33.32 -21.94 -11.58
N LYS EA 369 34.22 -20.97 -11.73
CA LYS EA 369 35.25 -20.59 -10.76
C LYS EA 369 36.19 -21.76 -10.45
N ILE EA 370 36.95 -22.16 -11.46
CA ILE EA 370 37.92 -23.23 -11.28
C ILE EA 370 39.31 -22.73 -11.62
N SER EA 371 40.29 -23.28 -10.91
CA SER EA 371 41.69 -23.13 -11.27
C SER EA 371 42.04 -24.19 -12.31
N GLY EA 372 43.33 -24.41 -12.54
CA GLY EA 372 43.71 -25.61 -13.27
C GLY EA 372 44.02 -26.68 -12.25
N ALA EA 373 44.35 -26.23 -11.04
CA ALA EA 373 44.71 -27.14 -9.96
C ALA EA 373 43.52 -28.00 -9.54
N ASP EA 374 42.33 -27.42 -9.50
CA ASP EA 374 41.17 -28.22 -9.18
C ASP EA 374 40.64 -29.01 -10.37
N ILE EA 375 41.07 -28.67 -11.58
CA ILE EA 375 40.84 -29.59 -12.70
C ILE EA 375 41.70 -30.83 -12.52
N ASN EA 376 42.95 -30.63 -12.09
CA ASN EA 376 43.79 -31.77 -11.75
C ASN EA 376 43.27 -32.50 -10.51
N SER EA 377 42.50 -31.81 -9.67
CA SER EA 377 41.93 -32.46 -8.49
C SER EA 377 40.70 -33.27 -8.83
N ILE EA 378 39.84 -32.77 -9.71
CA ILE EA 378 38.66 -33.54 -10.06
C ILE EA 378 38.99 -34.64 -11.04
N CYS EA 379 40.05 -34.48 -11.82
CA CYS EA 379 40.40 -35.53 -12.77
C CYS EA 379 41.28 -36.58 -12.11
N GLN EA 380 42.25 -36.12 -11.31
CA GLN EA 380 43.02 -37.00 -10.44
C GLN EA 380 42.11 -37.73 -9.45
N GLU EA 381 41.15 -37.02 -8.88
CA GLU EA 381 40.16 -37.61 -8.00
C GLU EA 381 39.23 -38.55 -8.73
N SER EA 382 38.98 -38.30 -10.02
CA SER EA 382 38.22 -39.25 -10.82
C SER EA 382 38.95 -40.57 -10.97
N GLY EA 383 40.26 -40.51 -11.26
CA GLY EA 383 41.03 -41.73 -11.36
C GLY EA 383 41.14 -42.47 -10.03
N MET EA 384 41.38 -41.72 -8.95
CA MET EA 384 41.53 -42.35 -7.65
C MET EA 384 40.21 -42.91 -7.14
N LEU EA 385 39.10 -42.29 -7.52
CA LEU EA 385 37.80 -42.88 -7.24
C LEU EA 385 37.51 -44.08 -8.13
N ALA EA 386 38.22 -44.19 -9.25
CA ALA EA 386 38.16 -45.44 -10.02
C ALA EA 386 39.08 -46.53 -9.47
N VAL EA 387 39.99 -46.19 -8.53
CA VAL EA 387 40.82 -47.23 -7.92
C VAL EA 387 40.01 -48.10 -6.92
N ARG EA 388 38.78 -47.68 -6.58
CA ARG EA 388 37.94 -48.42 -5.64
C ARG EA 388 37.62 -49.83 -6.13
N GLU EA 389 37.13 -49.94 -7.35
CA GLU EA 389 36.85 -51.23 -7.98
C GLU EA 389 38.06 -51.79 -8.71
N ASN EA 390 39.26 -51.26 -8.43
CA ASN EA 390 40.54 -51.72 -8.97
C ASN EA 390 40.58 -51.62 -10.50
N ARG EA 391 39.95 -50.58 -11.00
CA ARG EA 391 39.72 -50.36 -12.42
C ARG EA 391 40.91 -49.65 -13.05
N TYR EA 392 41.25 -50.06 -14.26
CA TYR EA 392 42.33 -49.42 -15.00
C TYR EA 392 41.83 -48.29 -15.90
N ILE EA 393 40.52 -47.98 -15.87
CA ILE EA 393 39.96 -46.88 -16.64
C ILE EA 393 39.00 -46.10 -15.75
N VAL EA 394 38.26 -45.17 -16.35
CA VAL EA 394 37.16 -44.48 -15.67
C VAL EA 394 36.02 -44.27 -16.67
N LEU EA 395 34.80 -44.65 -16.28
CA LEU EA 395 33.69 -44.63 -17.23
C LEU EA 395 32.70 -43.48 -17.05
N ALA EA 396 31.98 -43.45 -15.92
CA ALA EA 396 30.87 -42.52 -15.85
C ALA EA 396 30.72 -41.73 -14.56
N LYS EA 397 30.95 -42.40 -13.43
CA LYS EA 397 30.49 -41.85 -12.16
C LYS EA 397 31.62 -41.15 -11.40
N ASP EA 398 32.80 -41.73 -11.57
CA ASP EA 398 34.02 -41.26 -10.96
C ASP EA 398 34.35 -39.90 -11.54
N PHE EA 399 33.99 -39.68 -12.80
CA PHE EA 399 34.16 -38.41 -13.48
C PHE EA 399 33.16 -37.48 -12.81
N GLU EA 400 31.89 -37.71 -13.15
CA GLU EA 400 30.78 -36.95 -12.60
C GLU EA 400 30.84 -37.02 -11.08
N LYS EA 401 30.98 -38.23 -10.54
CA LYS EA 401 31.07 -38.44 -9.10
C LYS EA 401 32.10 -37.52 -8.45
N ALA EA 402 33.38 -37.61 -8.84
CA ALA EA 402 34.37 -36.76 -8.15
C ALA EA 402 34.11 -35.30 -8.37
N TYR EA 403 33.71 -34.95 -9.59
CA TYR EA 403 33.42 -33.58 -9.91
C TYR EA 403 32.39 -33.05 -8.96
N LYS EA 404 31.24 -33.69 -8.84
CA LYS EA 404 30.22 -33.19 -7.94
C LYS EA 404 30.70 -33.16 -6.49
N THR EA 405 31.43 -34.19 -6.07
CA THR EA 405 31.90 -34.22 -4.70
C THR EA 405 32.77 -33.02 -4.34
N VAL EA 406 33.72 -32.73 -5.21
CA VAL EA 406 34.66 -31.64 -5.06
C VAL EA 406 34.72 -30.87 -6.37
N ILE EA 407 33.57 -30.77 -7.04
CA ILE EA 407 33.45 -30.06 -8.31
C ILE EA 407 33.04 -28.62 -8.03
N LYS EA 408 33.91 -27.89 -7.34
CA LYS EA 408 33.55 -26.92 -6.31
C LYS EA 408 32.50 -27.38 -5.29
N LYS EA 409 32.95 -27.77 -4.10
CA LYS EA 409 32.03 -28.22 -3.08
C LYS EA 409 31.00 -27.11 -2.82
N ASP EA 410 30.45 -26.59 -3.92
CA ASP EA 410 29.44 -25.52 -3.95
C ASP EA 410 29.88 -24.13 -3.45
N GLU EA 411 28.94 -23.19 -3.47
CA GLU EA 411 29.21 -21.82 -3.03
C GLU EA 411 28.14 -21.36 -2.04
N GLN EA 412 27.23 -20.51 -2.51
CA GLN EA 412 26.14 -20.00 -1.70
C GLN EA 412 25.28 -18.98 -2.47
N GLU EA 413 24.87 -19.39 -3.66
CA GLU EA 413 24.02 -18.60 -4.56
C GLU EA 413 23.66 -17.20 -4.05
N HIS EA 414 22.35 -16.93 -4.02
CA HIS EA 414 21.83 -15.65 -3.58
C HIS EA 414 22.48 -14.47 -4.32
N GLU EA 415 18.98 -16.60 -4.83
CA GLU EA 415 17.64 -16.21 -5.26
C GLU EA 415 17.45 -14.73 -5.07
N PHE EA 416 16.18 -14.34 -5.01
CA PHE EA 416 15.71 -13.02 -5.42
C PHE EA 416 16.64 -12.34 -6.42
N TYR EA 417 17.59 -11.56 -5.93
CA TYR EA 417 18.49 -10.88 -6.85
C TYR EA 417 19.26 -11.86 -7.72
N LYS EA 418 18.72 -12.12 -8.90
CA LYS EA 418 19.36 -13.04 -9.84
C LYS EA 418 18.42 -14.18 -10.20
N GLN FA 32 91.10 -54.91 46.69
CA GLN FA 32 91.79 -53.67 46.99
C GLN FA 32 92.48 -53.11 45.75
N LEU FA 33 92.59 -53.95 44.72
CA LEU FA 33 93.26 -53.58 43.48
C LEU FA 33 92.39 -53.75 42.24
N LYS FA 34 91.59 -54.82 42.17
CA LYS FA 34 90.73 -55.01 41.01
C LYS FA 34 89.59 -54.00 40.98
N GLU FA 35 89.09 -53.63 42.17
CA GLU FA 35 88.03 -52.63 42.29
C GLU FA 35 88.50 -51.28 41.77
N LEU FA 36 89.64 -50.80 42.27
CA LEU FA 36 90.21 -49.53 41.82
C LEU FA 36 90.66 -49.60 40.38
N THR FA 37 91.09 -50.79 39.93
CA THR FA 37 91.49 -50.96 38.54
C THR FA 37 90.30 -50.79 37.60
N LYS FA 38 89.18 -51.46 37.89
CA LYS FA 38 88.03 -51.39 37.00
C LYS FA 38 87.32 -50.04 37.15
N GLN FA 39 86.76 -49.75 38.32
CA GLN FA 39 85.93 -48.56 38.42
C GLN FA 39 86.72 -47.31 38.76
N TYR FA 40 88.05 -47.40 38.83
CA TYR FA 40 88.88 -46.20 38.85
C TYR FA 40 89.68 -46.04 37.57
N GLU FA 41 90.31 -47.12 37.07
CA GLU FA 41 91.10 -46.99 35.85
C GLU FA 41 90.21 -46.87 34.62
N LYS FA 42 88.95 -47.30 34.71
CA LYS FA 42 87.99 -46.96 33.68
C LYS FA 42 87.70 -45.46 33.67
N SER FA 43 87.79 -44.83 34.84
CA SER FA 43 87.59 -43.38 34.97
C SER FA 43 88.88 -42.59 34.84
N GLU FA 44 89.94 -43.19 34.30
CA GLU FA 44 91.10 -42.46 33.82
C GLU FA 44 90.81 -41.76 32.49
N ASN FA 45 89.74 -42.20 31.80
CA ASN FA 45 89.28 -41.66 30.52
C ASN FA 45 89.02 -40.16 30.56
N ASP FA 46 88.73 -39.59 31.74
CA ASP FA 46 88.48 -38.17 31.89
C ASP FA 46 89.68 -37.29 31.52
N LEU FA 47 90.90 -37.79 31.65
CA LEU FA 47 92.05 -36.96 31.28
C LEU FA 47 92.29 -36.98 29.77
N LYS FA 48 92.24 -38.18 29.16
CA LYS FA 48 92.46 -38.27 27.72
C LYS FA 48 91.32 -37.63 26.94
N ALA FA 49 90.09 -37.77 27.42
CA ALA FA 49 88.99 -37.00 26.84
C ALA FA 49 89.05 -35.54 27.25
N LEU FA 50 89.67 -35.24 28.40
CA LEU FA 50 89.81 -33.86 28.82
C LEU FA 50 90.82 -33.11 27.97
N GLN FA 51 91.72 -33.84 27.30
CA GLN FA 51 92.72 -33.22 26.45
C GLN FA 51 92.08 -32.64 25.19
N SER FA 52 90.93 -33.17 24.78
CA SER FA 52 90.28 -32.80 23.52
C SER FA 52 89.83 -31.33 23.52
N VAL FA 53 89.51 -30.83 22.34
CA VAL FA 53 89.37 -29.38 22.13
C VAL FA 53 88.05 -28.99 21.48
N GLY FA 54 87.31 -29.89 20.83
CA GLY FA 54 86.09 -29.48 20.18
C GLY FA 54 86.31 -28.77 18.86
N GLN FA 55 85.35 -28.85 17.96
CA GLN FA 55 85.52 -28.38 16.60
C GLN FA 55 84.31 -27.57 16.18
N ILE FA 56 84.54 -26.40 15.59
CA ILE FA 56 83.42 -25.61 15.09
C ILE FA 56 82.88 -26.26 13.82
N VAL FA 57 81.60 -26.02 13.55
CA VAL FA 57 80.94 -26.63 12.41
C VAL FA 57 80.67 -25.55 11.36
N GLY FA 58 80.35 -26.00 10.17
CA GLY FA 58 80.12 -25.08 9.07
C GLY FA 58 79.66 -25.83 7.85
N GLU FA 59 79.28 -25.07 6.84
CA GLU FA 59 78.75 -25.60 5.59
C GLU FA 59 79.65 -25.15 4.45
N VAL FA 60 80.18 -26.13 3.73
CA VAL FA 60 81.09 -25.82 2.64
C VAL FA 60 80.35 -25.32 1.43
N LEU FA 61 80.50 -24.04 1.13
CA LEU FA 61 79.88 -23.46 -0.03
C LEU FA 61 80.60 -24.03 -1.24
N LYS FA 62 80.97 -25.30 -1.14
CA LYS FA 62 81.67 -26.00 -2.22
C LYS FA 62 82.90 -25.22 -2.70
N GLN FA 63 82.96 -24.96 -4.01
CA GLN FA 63 84.14 -24.40 -4.65
C GLN FA 63 85.43 -25.08 -4.19
N LEU FA 64 85.45 -26.41 -4.22
CA LEU FA 64 86.62 -27.15 -3.78
C LEU FA 64 87.94 -26.61 -4.34
N THR FA 65 88.05 -25.30 -4.34
CA THR FA 65 89.25 -24.59 -4.76
C THR FA 65 90.47 -25.48 -4.60
N GLU FA 66 90.30 -26.76 -4.92
CA GLU FA 66 91.36 -27.76 -4.83
C GLU FA 66 92.05 -27.94 -3.48
N GLU FA 67 93.05 -27.10 -3.21
CA GLU FA 67 93.76 -27.20 -1.94
C GLU FA 67 93.02 -26.46 -0.84
N LYS FA 68 92.17 -25.52 -1.21
CA LYS FA 68 91.42 -24.74 -0.23
C LYS FA 68 89.96 -24.54 -0.61
N PHE FA 69 89.06 -24.73 0.34
CA PHE FA 69 87.63 -24.57 0.12
C PHE FA 69 87.12 -23.34 0.85
N ILE FA 70 85.97 -22.83 0.39
CA ILE FA 70 85.30 -21.74 1.09
C ILE FA 70 84.09 -22.29 1.83
N VAL FA 71 84.09 -22.19 3.15
CA VAL FA 71 82.98 -22.72 3.92
C VAL FA 71 82.24 -21.56 4.57
N LYS FA 72 81.00 -21.85 4.98
CA LYS FA 72 80.15 -20.90 5.67
C LYS FA 72 79.90 -21.43 7.08
N ALA FA 73 80.37 -20.70 8.08
CA ALA FA 73 80.06 -21.05 9.45
C ALA FA 73 78.60 -20.72 9.75
N THR FA 74 78.12 -21.17 10.91
CA THR FA 74 76.70 -21.12 11.18
C THR FA 74 76.23 -19.70 11.46
N ASN FA 75 76.75 -19.07 12.52
CA ASN FA 75 76.48 -17.64 12.68
C ASN FA 75 77.61 -16.79 12.12
N GLY FA 76 78.41 -17.34 11.22
CA GLY FA 76 79.70 -16.78 10.95
C GLY FA 76 79.90 -16.34 9.53
N PRO FA 77 81.08 -15.81 9.24
CA PRO FA 77 81.39 -15.36 7.89
C PRO FA 77 81.66 -16.55 6.98
N ARG FA 78 81.66 -16.28 5.68
CA ARG FA 78 82.24 -17.21 4.73
C ARG FA 78 83.71 -16.87 4.71
N TYR FA 79 84.56 -17.89 4.54
CA TYR FA 79 86.00 -17.74 4.49
C TYR FA 79 86.70 -18.98 3.94
N VAL FA 80 87.97 -18.78 3.59
CA VAL FA 80 88.73 -19.81 2.89
C VAL FA 80 89.50 -20.67 3.89
N VAL FA 81 89.33 -21.99 3.76
CA VAL FA 81 89.89 -22.96 4.69
C VAL FA 81 90.77 -23.96 3.94
N GLY FA 82 91.90 -24.35 4.52
CA GLY FA 82 92.68 -25.44 3.97
C GLY FA 82 92.07 -26.79 4.29
N CYS FA 83 92.73 -27.85 3.84
CA CYS FA 83 92.06 -29.14 3.96
C CYS FA 83 92.89 -30.19 4.71
N ARG FA 84 92.25 -31.35 4.94
CA ARG FA 84 92.76 -32.36 5.86
C ARG FA 84 93.98 -33.09 5.31
N ARG FA 85 94.18 -33.06 3.98
CA ARG FA 85 95.35 -33.67 3.31
C ARG FA 85 95.39 -35.18 3.55
N GLN FA 86 94.67 -35.92 2.68
CA GLN FA 86 93.97 -37.23 2.69
C GLN FA 86 92.57 -37.15 3.28
N LEU FA 87 91.81 -36.14 2.86
CA LEU FA 87 90.37 -36.24 3.01
C LEU FA 87 89.76 -36.72 1.70
N ASP FA 88 88.52 -37.22 1.77
CA ASP FA 88 87.77 -37.61 0.58
C ASP FA 88 87.16 -36.35 -0.01
N LYS FA 89 87.92 -35.65 -0.84
CA LYS FA 89 87.46 -34.38 -1.40
C LYS FA 89 86.36 -34.59 -2.42
N SER FA 90 86.31 -35.78 -3.02
CA SER FA 90 85.47 -35.99 -4.20
C SER FA 90 83.99 -36.07 -3.84
N LYS FA 91 83.67 -36.25 -2.56
CA LYS FA 91 82.28 -36.31 -2.15
C LYS FA 91 81.92 -35.10 -1.28
N LEU FA 92 82.85 -34.16 -1.12
CA LEU FA 92 82.56 -32.93 -0.38
C LEU FA 92 81.67 -32.05 -1.27
N LYS FA 93 80.44 -32.29 -1.16
CA LYS FA 93 79.47 -31.64 -2.01
C LYS FA 93 79.13 -30.26 -1.47
N PRO FA 94 78.75 -29.33 -2.35
CA PRO FA 94 78.26 -28.03 -1.89
C PRO FA 94 77.01 -28.16 -1.01
N GLY FA 95 77.12 -27.68 0.21
CA GLY FA 95 76.07 -27.86 1.19
C GLY FA 95 76.29 -29.12 2.00
N THR FA 96 77.51 -29.25 2.56
CA THR FA 96 77.85 -30.38 3.42
C THR FA 96 78.27 -29.82 4.77
N ARG FA 97 77.67 -30.33 5.83
CA ARG FA 97 78.11 -29.97 7.17
C ARG FA 97 79.50 -30.54 7.40
N VAL FA 98 80.44 -29.68 7.74
CA VAL FA 98 81.81 -30.08 7.99
C VAL FA 98 82.28 -29.47 9.30
N ALA FA 99 83.17 -30.17 9.98
CA ALA FA 99 83.73 -29.69 11.23
C ALA FA 99 85.09 -29.07 10.98
N LEU FA 100 85.34 -27.94 11.62
CA LEU FA 100 86.57 -27.19 11.42
C LEU FA 100 87.30 -27.02 12.75
N ASP FA 101 88.61 -26.87 12.68
CA ASP FA 101 89.45 -26.65 13.85
C ASP FA 101 89.23 -25.24 14.37
N MET FA 102 89.52 -25.04 15.64
CA MET FA 102 89.32 -23.72 16.26
C MET FA 102 90.53 -22.80 16.07
N THR FA 103 91.69 -23.23 16.57
CA THR FA 103 92.85 -22.33 16.60
C THR FA 103 93.48 -22.22 15.22
N THR FA 104 93.98 -23.33 14.68
CA THR FA 104 94.59 -23.31 13.35
C THR FA 104 93.55 -23.10 12.27
N LEU FA 105 92.37 -23.69 12.45
CA LEU FA 105 91.25 -23.69 11.52
C LEU FA 105 91.67 -24.35 10.20
N THR FA 106 91.83 -25.66 10.24
CA THR FA 106 91.79 -26.48 9.04
C THR FA 106 90.57 -27.38 9.18
N ILE FA 107 89.95 -27.76 8.07
CA ILE FA 107 88.75 -28.58 8.11
C ILE FA 107 89.09 -29.97 8.65
N MET FA 108 88.20 -30.52 9.46
CA MET FA 108 88.34 -31.85 10.01
C MET FA 108 87.40 -32.83 9.32
N ARG FA 109 87.23 -34.00 9.95
CA ARG FA 109 86.20 -34.98 9.63
C ARG FA 109 84.86 -34.33 9.36
N TYR FA 110 84.20 -34.79 8.30
CA TYR FA 110 82.93 -34.25 7.84
C TYR FA 110 81.80 -34.63 8.79
N LEU FA 111 80.59 -34.25 8.43
CA LEU FA 111 79.41 -34.59 9.21
C LEU FA 111 78.30 -34.96 8.24
N PRO FA 112 77.31 -35.73 8.69
CA PRO FA 112 76.08 -35.85 7.91
C PRO FA 112 75.19 -34.65 8.15
N ARG FA 113 74.13 -34.56 7.34
CA ARG FA 113 73.20 -33.42 7.43
C ARG FA 113 72.41 -33.49 8.73
N GLU FA 114 72.34 -32.38 9.44
CA GLU FA 114 71.93 -32.40 10.84
C GLU FA 114 70.43 -32.61 10.98
N VAL FA 115 70.01 -32.75 12.21
CA VAL FA 115 68.61 -32.72 12.59
C VAL FA 115 68.53 -31.96 13.91
N ASP FA 116 67.47 -31.18 14.04
CA ASP FA 116 67.18 -30.34 15.21
C ASP FA 116 66.67 -31.24 16.32
N PRO FA 117 66.14 -30.70 17.40
CA PRO FA 117 65.01 -31.39 18.04
C PRO FA 117 63.71 -31.38 17.22
N LEU FA 118 63.80 -31.82 15.96
CA LEU FA 118 62.84 -32.66 15.28
C LEU FA 118 62.83 -34.06 15.84
N VAL FA 119 63.89 -34.43 16.59
CA VAL FA 119 63.85 -35.64 17.42
C VAL FA 119 62.73 -35.51 18.45
N TYR FA 120 62.49 -34.28 18.92
CA TYR FA 120 61.30 -34.00 19.71
C TYR FA 120 60.09 -33.71 18.83
N ASN FA 121 60.14 -34.28 17.63
CA ASN FA 121 59.07 -34.16 16.67
C ASN FA 121 58.83 -35.55 16.06
N MET FA 122 59.76 -36.00 15.23
CA MET FA 122 59.62 -37.31 14.59
C MET FA 122 59.67 -38.47 15.58
N SER FA 123 60.85 -38.72 16.14
CA SER FA 123 61.06 -39.80 17.10
C SER FA 123 60.00 -39.94 18.20
N HIS FA 124 59.16 -38.93 18.39
CA HIS FA 124 58.14 -39.02 19.43
C HIS FA 124 56.90 -38.17 19.18
N GLU FA 125 55.74 -38.76 19.40
CA GLU FA 125 54.45 -38.09 19.25
C GLU FA 125 53.42 -38.76 20.16
N ASP FA 126 52.16 -38.78 19.72
CA ASP FA 126 51.08 -39.40 20.51
C ASP FA 126 50.40 -40.52 19.72
N PRO FA 127 51.03 -41.70 19.71
CA PRO FA 127 50.56 -42.88 18.99
C PRO FA 127 49.76 -43.86 19.85
N GLY FA 128 49.63 -43.58 21.14
CA GLY FA 128 48.89 -44.45 22.03
C GLY FA 128 48.15 -45.63 21.44
N ASN FA 129 48.80 -46.78 21.45
CA ASN FA 129 48.20 -48.04 20.98
C ASN FA 129 46.71 -47.91 20.72
N VAL FA 130 46.26 -46.69 20.45
CA VAL FA 130 44.87 -46.44 20.04
C VAL FA 130 44.75 -46.98 18.63
N SER FA 131 43.64 -47.67 18.37
CA SER FA 131 43.42 -48.27 17.06
C SER FA 131 42.11 -47.78 16.48
N TYR FA 132 41.65 -48.39 15.39
CA TYR FA 132 40.39 -47.97 14.78
C TYR FA 132 39.19 -48.49 15.56
N SER FA 133 39.42 -49.37 16.54
CA SER FA 133 38.40 -49.78 17.50
C SER FA 133 37.92 -48.64 18.37
N GLU FA 134 38.81 -47.74 18.77
CA GLU FA 134 38.38 -46.59 19.58
C GLU FA 134 37.75 -45.50 18.71
N ILE FA 135 38.16 -45.41 17.45
CA ILE FA 135 37.51 -44.52 16.50
C ILE FA 135 36.11 -45.03 16.24
N GLY FA 136 35.12 -44.20 16.55
CA GLY FA 136 33.74 -44.66 16.41
C GLY FA 136 32.93 -43.92 15.38
N GLY FA 137 32.26 -44.67 14.51
CA GLY FA 137 31.19 -44.12 13.70
C GLY FA 137 31.63 -43.25 12.54
N LEU FA 138 32.89 -43.33 12.15
CA LEU FA 138 33.38 -42.58 11.01
C LEU FA 138 34.27 -43.48 10.15
N SER FA 139 33.79 -44.70 9.90
CA SER FA 139 34.56 -45.71 9.18
C SER FA 139 34.80 -45.31 7.73
N GLU FA 140 33.89 -44.50 7.17
CA GLU FA 140 34.11 -43.96 5.84
C GLU FA 140 35.30 -43.00 5.82
N GLN FA 141 35.37 -42.12 6.83
CA GLN FA 141 36.42 -41.11 6.84
C GLN FA 141 37.79 -41.71 7.14
N ILE FA 142 37.84 -42.77 7.95
CA ILE FA 142 39.12 -43.33 8.36
C ILE FA 142 39.58 -44.41 7.39
N ARG FA 143 38.63 -45.10 6.74
CA ARG FA 143 39.03 -45.94 5.62
C ARG FA 143 39.48 -45.07 4.45
N GLU FA 144 38.84 -43.91 4.28
CA GLU FA 144 39.18 -43.01 3.19
C GLU FA 144 40.53 -42.33 3.43
N LEU FA 145 40.76 -41.86 4.66
CA LEU FA 145 42.06 -41.26 4.99
C LEU FA 145 43.16 -42.30 4.96
N ARG FA 146 42.85 -43.52 5.42
CA ARG FA 146 43.85 -44.57 5.43
C ARG FA 146 44.22 -44.96 4.01
N GLU FA 147 43.24 -44.98 3.11
CA GLU FA 147 43.56 -45.37 1.75
C GLU FA 147 44.32 -44.27 1.03
N VAL FA 148 43.95 -43.01 1.25
CA VAL FA 148 44.60 -41.92 0.53
C VAL FA 148 46.01 -41.68 1.08
N ILE FA 149 46.26 -42.08 2.33
CA ILE FA 149 47.53 -41.70 2.92
C ILE FA 149 48.54 -42.85 2.86
N GLU FA 150 48.13 -44.07 3.14
CA GLU FA 150 49.14 -45.12 3.08
C GLU FA 150 48.92 -46.08 1.91
N LEU FA 151 47.76 -46.02 1.25
CA LEU FA 151 47.61 -46.87 0.07
C LEU FA 151 48.42 -46.46 -1.15
N PRO FA 152 48.83 -45.18 -1.35
CA PRO FA 152 49.91 -44.96 -2.31
C PRO FA 152 51.25 -45.56 -1.89
N LEU FA 153 51.44 -45.78 -0.59
CA LEU FA 153 52.64 -46.42 -0.11
C LEU FA 153 52.55 -47.94 -0.11
N THR FA 154 51.36 -48.51 -0.28
CA THR FA 154 51.25 -49.96 -0.43
C THR FA 154 51.36 -50.34 -1.89
N ASN FA 155 50.48 -49.83 -2.73
CA ASN FA 155 50.50 -50.16 -4.14
C ASN FA 155 50.60 -48.90 -4.99
N PRO FA 156 51.78 -48.34 -5.16
CA PRO FA 156 51.92 -47.15 -6.01
C PRO FA 156 51.81 -47.44 -7.50
N GLU FA 157 51.94 -48.71 -7.91
CA GLU FA 157 52.02 -49.01 -9.33
C GLU FA 157 50.66 -48.93 -10.01
N LEU FA 158 49.58 -48.92 -9.22
CA LEU FA 158 48.24 -48.89 -9.80
C LEU FA 158 47.82 -47.48 -10.21
N PHE FA 159 48.66 -46.47 -9.96
CA PHE FA 159 48.21 -45.10 -10.13
C PHE FA 159 48.66 -44.52 -11.45
N GLN FA 160 49.92 -44.72 -11.82
CA GLN FA 160 50.31 -44.44 -13.19
C GLN FA 160 49.78 -45.50 -14.15
N ARG FA 161 49.35 -46.64 -13.62
CA ARG FA 161 48.55 -47.58 -14.38
C ARG FA 161 47.26 -46.92 -14.86
N VAL FA 162 46.51 -46.33 -13.93
CA VAL FA 162 45.39 -45.48 -14.31
C VAL FA 162 45.87 -44.26 -15.05
N GLY FA 163 46.99 -43.68 -14.63
CA GLY FA 163 47.61 -42.61 -15.37
C GLY FA 163 47.68 -41.30 -14.62
N ILE FA 164 47.79 -41.35 -13.30
CA ILE FA 164 47.83 -40.12 -12.52
C ILE FA 164 48.62 -40.32 -11.23
N ILE FA 165 49.33 -39.28 -10.80
CA ILE FA 165 50.08 -39.31 -9.54
C ILE FA 165 49.10 -39.30 -8.38
N PRO FA 166 49.43 -39.88 -7.23
CA PRO FA 166 48.51 -39.86 -6.09
C PRO FA 166 48.48 -38.50 -5.43
N PRO FA 167 47.40 -38.16 -4.73
CA PRO FA 167 47.32 -36.87 -4.05
C PRO FA 167 48.18 -36.83 -2.80
N LYS FA 168 48.36 -35.62 -2.29
CA LYS FA 168 49.35 -35.38 -1.26
C LYS FA 168 48.73 -35.09 0.11
N GLY FA 169 47.70 -34.27 0.15
CA GLY FA 169 47.27 -33.71 1.42
C GLY FA 169 45.78 -33.81 1.64
N CYS FA 170 45.40 -33.85 2.91
CA CYS FA 170 44.01 -33.84 3.33
C CYS FA 170 43.87 -32.86 4.47
N LEU FA 171 42.75 -32.16 4.49
CA LEU FA 171 42.51 -31.09 5.46
C LEU FA 171 41.28 -31.50 6.26
N LEU FA 172 41.49 -31.82 7.54
CA LEU FA 172 40.45 -32.44 8.36
C LEU FA 172 39.57 -31.39 9.03
N TYR FA 173 38.82 -30.67 8.21
CA TYR FA 173 38.01 -29.58 8.72
C TYR FA 173 36.70 -30.09 9.27
N GLY FA 174 36.29 -29.53 10.40
CA GLY FA 174 35.08 -29.94 11.06
C GLY FA 174 34.81 -29.13 12.31
N PRO FA 175 33.63 -29.31 12.90
CA PRO FA 175 33.40 -28.80 14.24
C PRO FA 175 34.30 -29.51 15.24
N PRO FA 176 34.59 -28.88 16.37
CA PRO FA 176 35.59 -29.45 17.29
C PRO FA 176 35.10 -30.71 17.99
N GLY FA 177 35.99 -31.27 18.80
CA GLY FA 177 35.76 -32.62 19.26
C GLY FA 177 36.03 -33.53 18.08
N THR FA 178 35.06 -34.42 17.82
CA THR FA 178 34.80 -35.03 16.52
C THR FA 178 35.91 -36.00 16.05
N GLY FA 179 37.01 -36.11 16.81
CA GLY FA 179 38.09 -37.01 16.46
C GLY FA 179 38.99 -36.52 15.36
N LYS FA 180 39.70 -35.42 15.60
CA LYS FA 180 40.67 -34.95 14.62
C LYS FA 180 42.09 -35.33 15.03
N THR FA 181 42.53 -34.71 16.11
CA THR FA 181 43.86 -34.90 16.65
C THR FA 181 44.04 -36.38 16.90
N LEU FA 182 43.04 -36.98 17.49
CA LEU FA 182 43.11 -38.40 17.76
C LEU FA 182 43.23 -39.14 16.44
N LEU FA 183 42.27 -38.97 15.55
CA LEU FA 183 42.31 -39.72 14.30
C LEU FA 183 43.74 -39.95 13.87
N ALA FA 184 44.59 -38.94 14.01
CA ALA FA 184 45.99 -39.07 13.64
C ALA FA 184 46.80 -39.75 14.73
N ARG FA 185 46.12 -40.10 15.81
CA ARG FA 185 46.72 -40.86 16.88
C ARG FA 185 46.60 -42.30 16.38
N ALA FA 186 45.40 -42.65 15.91
CA ALA FA 186 45.16 -43.97 15.36
C ALA FA 186 46.01 -44.19 14.11
N VAL FA 187 46.23 -43.13 13.34
CA VAL FA 187 47.18 -43.22 12.22
C VAL FA 187 48.60 -43.31 12.75
N ALA FA 188 48.85 -42.71 13.91
CA ALA FA 188 50.18 -42.73 14.50
C ALA FA 188 50.55 -44.14 14.97
N SER FA 189 49.59 -44.87 15.52
CA SER FA 189 49.93 -46.18 16.05
C SER FA 189 49.57 -47.32 15.10
N GLN FA 190 49.38 -47.02 13.81
CA GLN FA 190 49.15 -48.10 12.85
C GLN FA 190 49.98 -47.98 11.59
N LEU FA 191 50.99 -47.12 11.56
CA LEU FA 191 51.82 -46.99 10.38
C LEU FA 191 53.28 -47.27 10.70
N ASP FA 192 54.09 -47.35 9.64
CA ASP FA 192 55.48 -47.71 9.74
C ASP FA 192 56.43 -46.52 9.66
N CYS FA 193 56.15 -45.55 8.79
CA CYS FA 193 57.06 -44.44 8.58
C CYS FA 193 56.99 -43.47 9.74
N ASN FA 194 57.99 -42.59 9.85
CA ASN FA 194 58.11 -41.67 10.98
C ASN FA 194 57.03 -40.61 10.88
N PHE FA 195 55.97 -40.80 11.65
CA PHE FA 195 54.82 -39.93 11.65
C PHE FA 195 55.19 -38.63 12.35
N LEU FA 196 55.56 -37.61 11.56
CA LEU FA 196 55.96 -36.32 12.11
C LEU FA 196 54.75 -35.58 12.65
N LYS FA 197 54.49 -35.77 13.95
CA LYS FA 197 53.31 -35.16 14.54
C LYS FA 197 53.78 -33.92 15.32
N VAL FA 198 53.33 -32.76 14.87
CA VAL FA 198 53.77 -31.49 15.43
C VAL FA 198 52.54 -30.62 15.65
N VAL FA 199 52.56 -29.85 16.73
CA VAL FA 199 51.60 -28.76 16.91
C VAL FA 199 52.18 -27.54 16.21
N SER FA 200 51.34 -26.83 15.46
CA SER FA 200 51.83 -25.80 14.54
C SER FA 200 52.19 -24.52 15.26
N SER FA 201 51.95 -24.43 16.57
CA SER FA 201 52.31 -23.26 17.32
C SER FA 201 53.52 -23.44 18.22
N SER FA 202 54.10 -24.64 18.28
CA SER FA 202 55.45 -24.80 18.79
C SER FA 202 56.49 -24.62 17.70
N ILE FA 203 56.04 -24.36 16.46
CA ILE FA 203 56.93 -24.04 15.37
C ILE FA 203 57.62 -22.71 15.61
N VAL FA 204 56.83 -21.67 15.83
CA VAL FA 204 57.30 -20.31 15.66
C VAL FA 204 58.08 -19.84 16.89
N ASP FA 205 59.18 -19.14 16.64
CA ASP FA 205 60.08 -18.66 17.68
C ASP FA 205 60.32 -17.17 17.52
N LYS FA 206 60.93 -16.57 18.54
CA LYS FA 206 61.01 -15.12 18.63
C LYS FA 206 62.07 -14.55 17.70
N TYR FA 207 63.02 -15.38 17.27
CA TYR FA 207 64.07 -14.91 16.39
C TYR FA 207 63.57 -14.82 14.96
N ILE FA 208 64.18 -13.96 14.17
CA ILE FA 208 63.64 -13.66 12.84
C ILE FA 208 64.24 -14.61 11.82
N GLY FA 209 63.41 -15.09 10.91
CA GLY FA 209 63.82 -16.10 9.96
C GLY FA 209 64.08 -17.46 10.55
N GLU FA 210 63.59 -17.71 11.77
CA GLU FA 210 63.85 -18.94 12.51
C GLU FA 210 62.84 -20.03 12.17
N SER FA 211 61.57 -19.64 12.02
CA SER FA 211 60.52 -20.59 11.74
C SER FA 211 60.68 -21.17 10.35
N ALA FA 212 61.19 -20.37 9.41
CA ALA FA 212 61.47 -20.88 8.07
C ALA FA 212 62.63 -21.85 8.08
N ARG FA 213 63.61 -21.62 8.96
CA ARG FA 213 64.67 -22.60 9.18
C ARG FA 213 64.09 -23.90 9.70
N LEU FA 214 63.11 -23.79 10.59
CA LEU FA 214 62.54 -25.00 11.19
C LEU FA 214 61.70 -25.76 10.17
N ILE FA 215 61.04 -25.05 9.25
CA ILE FA 215 60.15 -25.76 8.34
C ILE FA 215 60.92 -26.32 7.15
N ARG FA 216 62.02 -25.66 6.76
CA ARG FA 216 62.88 -26.28 5.76
C ARG FA 216 63.65 -27.44 6.35
N GLU FA 217 63.93 -27.38 7.66
CA GLU FA 217 64.58 -28.49 8.33
C GLU FA 217 63.62 -29.67 8.44
N MET FA 218 62.34 -29.37 8.66
CA MET FA 218 61.32 -30.41 8.75
C MET FA 218 61.13 -31.11 7.41
N PHE FA 219 60.99 -30.34 6.33
CA PHE FA 219 60.70 -30.97 5.05
C PHE FA 219 61.94 -31.61 4.45
N ASN FA 220 63.13 -31.07 4.74
CA ASN FA 220 64.35 -31.74 4.32
C ASN FA 220 64.54 -33.03 5.11
N TYR FA 221 64.15 -33.03 6.37
CA TYR FA 221 64.13 -34.27 7.16
C TYR FA 221 63.13 -35.26 6.56
N ALA FA 222 62.05 -34.76 5.97
CA ALA FA 222 61.13 -35.65 5.28
C ALA FA 222 61.75 -36.18 4.00
N ARG FA 223 62.61 -35.38 3.36
CA ARG FA 223 63.33 -35.86 2.19
C ARG FA 223 64.31 -36.96 2.56
N ASP FA 224 64.86 -36.91 3.76
CA ASP FA 224 65.84 -37.91 4.16
C ASP FA 224 65.18 -39.26 4.44
N HIS FA 225 64.19 -39.28 5.33
CA HIS FA 225 63.52 -40.55 5.59
C HIS FA 225 62.21 -40.58 4.83
N GLN FA 226 62.04 -41.60 3.99
CA GLN FA 226 60.85 -41.74 3.17
C GLN FA 226 60.32 -43.16 3.24
N PRO FA 227 59.04 -43.36 2.94
CA PRO FA 227 58.03 -42.31 2.91
C PRO FA 227 57.66 -41.84 4.30
N CYS FA 228 57.30 -40.57 4.44
CA CYS FA 228 56.99 -40.02 5.75
C CYS FA 228 55.68 -39.26 5.76
N ILE FA 229 55.08 -39.17 6.94
CA ILE FA 229 53.83 -38.47 7.13
C ILE FA 229 54.06 -37.33 8.11
N ILE FA 230 53.60 -36.14 7.76
CA ILE FA 230 53.84 -34.94 8.55
C ILE FA 230 52.49 -34.42 9.04
N PHE FA 231 52.28 -34.48 10.35
CA PHE FA 231 51.02 -34.08 10.94
C PHE FA 231 51.17 -32.72 11.58
N MET FA 232 50.56 -31.72 10.96
CA MET FA 232 50.51 -30.37 11.50
C MET FA 232 49.07 -30.05 11.81
N ASP FA 233 48.65 -30.27 13.05
CA ASP FA 233 47.27 -29.98 13.45
C ASP FA 233 47.11 -28.49 13.69
N GLU FA 234 45.89 -28.09 14.06
CA GLU FA 234 45.45 -26.77 14.55
C GLU FA 234 45.94 -25.59 13.72
N ILE FA 235 46.24 -25.81 12.45
CA ILE FA 235 47.11 -24.88 11.73
C ILE FA 235 46.30 -23.65 11.33
N ASP FA 236 46.26 -22.69 12.24
CA ASP FA 236 45.74 -21.35 12.01
C ASP FA 236 46.82 -20.43 12.54
N ALA FA 237 47.76 -21.02 13.27
CA ALA FA 237 49.01 -20.33 13.57
C ALA FA 237 49.75 -20.00 12.28
N ILE FA 238 49.75 -20.93 11.34
CA ILE FA 238 50.45 -20.75 10.07
C ILE FA 238 49.35 -20.54 9.04
N GLY FA 239 48.10 -20.71 9.46
CA GLY FA 239 46.95 -20.50 8.61
C GLY FA 239 46.83 -19.05 8.17
N GLY FA 240 46.42 -18.89 6.92
CA GLY FA 240 46.60 -17.63 6.22
C GLY FA 240 45.44 -16.68 6.37
N ARG FA 241 44.78 -16.42 5.23
CA ARG FA 241 44.05 -15.18 4.96
C ARG FA 241 44.96 -14.03 5.34
N ARG FA 242 46.05 -13.87 4.60
CA ARG FA 242 47.14 -12.96 4.93
C ARG FA 242 46.65 -11.52 4.98
N PHE FA 243 47.27 -10.76 5.86
CA PHE FA 243 46.73 -9.48 6.30
C PHE FA 243 47.26 -8.33 5.49
N SER FA 244 47.07 -7.12 6.01
CA SER FA 244 47.85 -5.98 5.56
C SER FA 244 48.68 -5.44 6.71
N GLU FA 245 48.08 -5.27 7.89
CA GLU FA 245 48.70 -4.41 8.88
C GLU FA 245 48.72 -5.07 10.25
N GLY FA 246 49.76 -5.85 10.52
CA GLY FA 246 50.23 -5.98 11.90
C GLY FA 246 51.75 -5.94 11.91
N THR FA 247 52.35 -6.33 10.78
CA THR FA 247 53.63 -5.88 10.27
C THR FA 247 54.85 -6.43 11.02
N SER FA 248 54.67 -6.94 12.24
CA SER FA 248 55.76 -7.59 12.96
C SER FA 248 55.38 -9.00 13.36
N ALA FA 249 54.23 -9.19 14.00
CA ALA FA 249 53.89 -10.49 14.56
C ALA FA 249 53.16 -11.35 13.55
N ASP FA 250 52.88 -10.81 12.37
CA ASP FA 250 52.13 -11.58 11.40
C ASP FA 250 52.90 -11.76 10.10
N ARG FA 251 53.63 -10.73 9.66
CA ARG FA 251 54.40 -10.88 8.44
C ARG FA 251 55.62 -11.77 8.66
N GLU FA 252 56.01 -11.96 9.93
CA GLU FA 252 57.02 -12.96 10.26
C GLU FA 252 56.50 -14.36 9.97
N ILE FA 253 55.19 -14.56 10.10
CA ILE FA 253 54.62 -15.86 9.81
C ILE FA 253 54.09 -15.91 8.38
N GLN FA 254 53.68 -14.76 7.84
CA GLN FA 254 53.26 -14.74 6.44
C GLN FA 254 54.44 -14.74 5.49
N ARG FA 255 55.67 -14.87 6.01
CA ARG FA 255 56.79 -15.32 5.19
C ARG FA 255 57.21 -16.72 5.59
N THR FA 256 56.79 -17.18 6.77
CA THR FA 256 56.98 -18.58 7.14
C THR FA 256 56.03 -19.47 6.34
N LEU FA 257 54.80 -19.01 6.16
CA LEU FA 257 53.84 -19.72 5.32
C LEU FA 257 54.26 -19.69 3.85
N MET FA 258 55.11 -18.73 3.48
CA MET FA 258 55.68 -18.74 2.14
C MET FA 258 56.68 -19.87 1.97
N GLU FA 259 57.46 -20.18 3.01
CA GLU FA 259 58.43 -21.26 2.86
C GLU FA 259 57.73 -22.61 2.97
N LEU FA 260 56.78 -22.71 3.89
CA LEU FA 260 56.00 -23.93 4.05
C LEU FA 260 55.17 -24.18 2.80
N LEU FA 261 54.72 -23.10 2.17
CA LEU FA 261 53.87 -23.20 0.99
C LEU FA 261 54.72 -23.55 -0.22
N ASN FA 262 55.91 -22.95 -0.33
CA ASN FA 262 56.81 -23.23 -1.44
C ASN FA 262 57.74 -24.39 -1.13
N GLN FA 263 57.40 -25.21 -0.14
CA GLN FA 263 57.93 -26.55 -0.08
C GLN FA 263 56.86 -27.63 -0.01
N MET FA 264 55.62 -27.30 0.35
CA MET FA 264 54.52 -28.17 -0.02
C MET FA 264 54.40 -28.24 -1.54
N ASP FA 265 54.52 -27.09 -2.20
CA ASP FA 265 54.53 -27.06 -3.65
C ASP FA 265 55.88 -27.50 -4.18
N GLY FA 266 56.92 -26.72 -3.88
CA GLY FA 266 58.27 -26.98 -4.35
C GLY FA 266 58.39 -26.90 -5.86
N PHE FA 267 59.52 -27.42 -6.36
CA PHE FA 267 59.65 -27.69 -7.78
C PHE FA 267 59.55 -29.16 -8.12
N ASP FA 268 59.71 -30.04 -7.14
CA ASP FA 268 59.22 -31.41 -7.28
C ASP FA 268 57.79 -31.48 -6.75
N THR FA 269 57.29 -32.68 -6.55
CA THR FA 269 56.03 -32.87 -5.84
C THR FA 269 56.22 -33.49 -4.48
N LEU FA 270 57.46 -33.54 -3.98
CA LEU FA 270 58.01 -34.19 -2.77
C LEU FA 270 58.06 -35.71 -2.91
N HIS FA 271 57.27 -36.27 -3.82
CA HIS FA 271 57.28 -37.59 -4.46
C HIS FA 271 57.31 -38.80 -3.53
N ARG FA 272 57.44 -38.62 -2.22
CA ARG FA 272 57.30 -39.72 -1.27
C ARG FA 272 56.56 -39.36 0.01
N VAL FA 273 56.50 -38.09 0.40
CA VAL FA 273 55.98 -37.74 1.70
C VAL FA 273 54.60 -37.12 1.55
N LYS FA 274 53.75 -37.36 2.53
CA LYS FA 274 52.38 -36.87 2.49
C LYS FA 274 52.00 -36.27 3.82
N MET FA 275 51.71 -34.97 3.82
CA MET FA 275 51.32 -34.25 5.03
C MET FA 275 49.81 -34.12 5.06
N ILE FA 276 49.24 -34.17 6.27
CA ILE FA 276 47.81 -33.94 6.48
C ILE FA 276 47.64 -33.05 7.69
N MET FA 277 46.69 -32.13 7.60
CA MET FA 277 46.52 -31.05 8.57
C MET FA 277 45.09 -31.06 9.08
N ALA FA 278 44.94 -30.87 10.38
CA ALA FA 278 43.63 -30.96 11.03
C ALA FA 278 43.36 -29.71 11.84
N THR FA 279 42.26 -29.04 11.55
CA THR FA 279 41.99 -27.79 12.24
C THR FA 279 40.51 -27.55 12.37
N ASN FA 280 40.16 -26.74 13.36
CA ASN FA 280 38.91 -26.01 13.34
C ASN FA 280 39.09 -24.79 12.46
N ARG FA 281 37.97 -24.14 12.14
CA ARG FA 281 37.90 -22.93 11.32
C ARG FA 281 38.60 -23.08 9.98
N PRO FA 282 38.02 -23.79 9.01
CA PRO FA 282 38.62 -23.78 7.67
C PRO FA 282 38.36 -22.49 6.93
N ASP FA 283 37.47 -21.64 7.44
CA ASP FA 283 37.10 -20.41 6.78
C ASP FA 283 37.97 -19.25 7.24
N THR FA 284 39.20 -19.57 7.68
CA THR FA 284 40.20 -18.55 7.97
C THR FA 284 41.54 -18.99 7.39
N LEU FA 285 41.53 -20.07 6.62
CA LEU FA 285 42.75 -20.57 6.00
C LEU FA 285 43.06 -19.83 4.71
N ASP FA 286 44.33 -19.88 4.32
CA ASP FA 286 44.76 -19.20 3.12
C ASP FA 286 44.28 -19.91 1.88
N PRO FA 287 43.90 -19.15 0.87
CA PRO FA 287 43.44 -19.73 -0.40
C PRO FA 287 44.60 -20.40 -1.11
N ALA FA 288 45.79 -19.84 -0.99
CA ALA FA 288 46.98 -20.40 -1.62
C ALA FA 288 47.31 -21.78 -1.10
N LEU FA 289 47.08 -22.01 0.19
CA LEU FA 289 47.35 -23.31 0.80
C LEU FA 289 46.19 -24.28 0.64
N LEU FA 290 45.08 -23.81 0.10
CA LEU FA 290 43.90 -24.66 -0.07
C LEU FA 290 43.69 -25.16 -1.50
N ARG FA 291 44.28 -24.47 -2.47
CA ARG FA 291 44.12 -24.85 -3.86
C ARG FA 291 44.51 -26.31 -4.11
N PRO FA 292 43.56 -27.19 -4.36
CA PRO FA 292 44.04 -28.54 -4.67
C PRO FA 292 45.49 -28.54 -5.12
N GLY FA 293 46.31 -29.35 -4.46
CA GLY FA 293 47.73 -29.43 -4.78
C GLY FA 293 48.50 -29.41 -3.48
N ARG FA 294 48.22 -28.40 -2.66
CA ARG FA 294 48.85 -28.29 -1.36
C ARG FA 294 48.04 -29.19 -0.45
N LEU FA 295 46.72 -29.16 -0.63
CA LEU FA 295 45.82 -30.03 0.13
C LEU FA 295 44.69 -30.43 -0.81
N ASP FA 296 44.74 -31.67 -1.29
CA ASP FA 296 43.82 -32.10 -2.33
C ASP FA 296 42.47 -32.53 -1.78
N ARG FA 297 42.44 -33.59 -0.98
CA ARG FA 297 41.17 -34.16 -0.57
C ARG FA 297 40.78 -33.66 0.81
N LYS FA 298 40.12 -32.50 0.86
CA LYS FA 298 39.72 -31.91 2.13
C LYS FA 298 38.59 -32.74 2.72
N ILE FA 299 38.83 -33.33 3.87
CA ILE FA 299 37.90 -34.26 4.49
C ILE FA 299 37.06 -33.50 5.51
N HIS FA 300 35.75 -33.59 5.39
CA HIS FA 300 34.84 -33.04 6.38
C HIS FA 300 34.46 -34.12 7.38
N ILE FA 301 35.18 -34.16 8.49
CA ILE FA 301 34.79 -34.97 9.63
C ILE FA 301 33.60 -34.27 10.29
N ASP FA 302 32.56 -35.02 10.60
CA ASP FA 302 31.28 -34.45 11.00
C ASP FA 302 30.85 -35.06 12.32
N LEU FA 303 29.99 -34.32 13.05
CA LEU FA 303 29.34 -34.72 14.28
C LEU FA 303 28.59 -36.04 14.11
N PRO FA 304 28.52 -36.86 15.16
CA PRO FA 304 27.83 -38.15 15.06
C PRO FA 304 26.33 -38.00 14.84
N ASN FA 305 25.78 -38.76 13.89
CA ASN FA 305 24.40 -38.52 13.47
C ASN FA 305 23.33 -39.17 14.36
N GLU FA 306 23.15 -40.50 14.31
CA GLU FA 306 22.52 -41.26 15.39
C GLU FA 306 23.31 -42.55 15.59
N GLN FA 307 23.69 -43.15 14.46
CA GLN FA 307 24.42 -44.42 14.47
C GLN FA 307 25.80 -44.22 15.04
N ALA FA 308 26.46 -43.13 14.64
CA ALA FA 308 27.76 -42.83 15.20
C ALA FA 308 27.65 -42.40 16.65
N ARG FA 309 26.50 -41.82 17.04
CA ARG FA 309 26.26 -41.46 18.44
C ARG FA 309 26.24 -42.71 19.31
N LEU FA 310 25.51 -43.74 18.90
CA LEU FA 310 25.51 -44.97 19.68
C LEU FA 310 26.85 -45.69 19.59
N ASP FA 311 27.61 -45.45 18.51
CA ASP FA 311 28.96 -46.00 18.43
C ASP FA 311 29.87 -45.41 19.49
N ILE FA 312 29.89 -44.08 19.61
CA ILE FA 312 30.73 -43.42 20.60
C ILE FA 312 30.28 -43.79 22.00
N LEU FA 313 28.96 -43.88 22.18
CA LEU FA 313 28.39 -44.21 23.48
C LEU FA 313 28.78 -45.60 23.93
N LYS FA 314 28.81 -46.56 22.99
CA LYS FA 314 29.24 -47.90 23.35
C LYS FA 314 30.74 -47.96 23.61
N ILE FA 315 31.54 -47.21 22.84
CA ILE FA 315 32.99 -47.33 22.97
C ILE FA 315 33.49 -46.70 24.26
N HIS FA 316 32.98 -45.52 24.61
CA HIS FA 316 33.38 -44.96 25.90
C HIS FA 316 32.55 -45.51 27.05
N ALA FA 317 31.47 -46.22 26.75
CA ALA FA 317 30.74 -46.92 27.80
C ALA FA 317 31.28 -48.34 27.98
N GLY FA 318 32.30 -48.72 27.23
CA GLY FA 318 32.84 -50.06 27.27
C GLY FA 318 33.55 -50.45 28.56
N PRO FA 319 34.71 -49.84 28.83
CA PRO FA 319 35.50 -50.27 30.00
C PRO FA 319 34.91 -49.91 31.35
N ILE FA 320 33.92 -49.02 31.40
CA ILE FA 320 33.19 -48.83 32.65
C ILE FA 320 32.25 -50.02 32.85
N THR FA 321 32.12 -50.46 34.08
CA THR FA 321 31.20 -51.55 34.40
C THR FA 321 29.75 -51.09 34.23
N LYS FA 322 28.89 -52.03 33.87
CA LYS FA 322 27.61 -51.73 33.26
C LYS FA 322 26.50 -52.60 33.83
N HIS FA 323 25.38 -52.61 33.11
CA HIS FA 323 24.13 -53.18 33.57
C HIS FA 323 23.74 -54.46 32.85
N GLY FA 324 23.64 -54.36 31.54
CA GLY FA 324 22.82 -55.28 30.78
C GLY FA 324 21.44 -54.70 30.59
N GLU FA 325 21.09 -54.55 29.31
CA GLU FA 325 19.91 -53.80 28.85
C GLU FA 325 19.90 -52.37 29.39
N ILE FA 326 21.07 -51.76 29.47
CA ILE FA 326 21.19 -50.33 29.72
C ILE FA 326 20.75 -49.60 28.46
N ASP FA 327 19.74 -48.74 28.59
CA ASP FA 327 19.03 -48.21 27.43
C ASP FA 327 19.88 -47.13 26.75
N TYR FA 328 20.68 -47.60 25.79
CA TYR FA 328 21.45 -46.69 24.96
C TYR FA 328 20.55 -45.90 24.02
N GLU FA 329 19.42 -46.50 23.61
CA GLU FA 329 18.66 -45.98 22.50
C GLU FA 329 17.90 -44.72 22.89
N ALA FA 330 17.51 -44.61 24.16
CA ALA FA 330 16.87 -43.38 24.61
C ALA FA 330 17.89 -42.28 24.85
N ILE FA 331 19.12 -42.66 25.21
CA ILE FA 331 20.21 -41.70 25.35
C ILE FA 331 20.56 -41.10 24.00
N VAL FA 332 20.64 -41.95 22.98
CA VAL FA 332 20.95 -41.48 21.63
C VAL FA 332 19.76 -40.73 21.05
N LYS FA 333 18.55 -41.17 21.39
CA LYS FA 333 17.35 -40.49 20.88
C LYS FA 333 17.19 -39.11 21.52
N LEU FA 334 17.72 -38.94 22.74
CA LEU FA 334 17.39 -37.83 23.63
C LEU FA 334 17.73 -36.46 23.09
N SER FA 335 19.00 -36.17 22.83
CA SER FA 335 19.39 -34.84 22.35
C SER FA 335 20.62 -35.00 21.46
N ASP FA 336 20.50 -34.53 20.22
CA ASP FA 336 21.56 -34.63 19.23
C ASP FA 336 22.57 -33.51 19.39
N GLY FA 337 23.42 -33.38 18.37
CA GLY FA 337 24.36 -32.27 18.30
C GLY FA 337 25.53 -32.38 19.25
N PHE FA 338 25.79 -33.57 19.76
CA PHE FA 338 26.94 -33.77 20.64
C PHE FA 338 28.17 -34.05 19.81
N ASN FA 339 29.26 -34.37 20.51
CA ASN FA 339 30.51 -34.76 19.89
C ASN FA 339 30.98 -36.01 20.60
N GLY FA 340 32.08 -36.59 20.14
CA GLY FA 340 32.65 -37.73 20.81
C GLY FA 340 33.15 -37.35 22.20
N ALA FA 341 33.72 -36.16 22.27
CA ALA FA 341 34.16 -35.61 23.55
C ALA FA 341 33.00 -35.40 24.49
N ASP FA 342 31.83 -35.05 23.95
CA ASP FA 342 30.69 -34.81 24.82
C ASP FA 342 30.07 -36.12 25.29
N LEU FA 343 30.25 -37.19 24.53
CA LEU FA 343 29.69 -38.47 24.96
C LEU FA 343 30.60 -39.18 25.95
N ARG FA 344 31.91 -39.03 25.81
CA ARG FA 344 32.77 -39.46 26.91
C ARG FA 344 32.63 -38.52 28.10
N ASN FA 345 32.17 -37.29 27.86
CA ASN FA 345 31.78 -36.45 28.98
C ASN FA 345 30.52 -36.98 29.65
N VAL FA 346 29.64 -37.63 28.88
CA VAL FA 346 28.44 -38.23 29.47
C VAL FA 346 28.81 -39.39 30.37
N CYS FA 347 29.64 -40.32 29.87
CA CYS FA 347 30.02 -41.45 30.71
C CYS FA 347 30.92 -41.01 31.86
N THR FA 348 31.68 -39.95 31.65
CA THR FA 348 32.51 -39.41 32.73
C THR FA 348 31.66 -38.78 33.83
N GLU FA 349 30.60 -38.05 33.46
CA GLU FA 349 29.72 -37.48 34.48
C GLU FA 349 28.88 -38.53 35.18
N ALA FA 350 28.53 -39.62 34.49
CA ALA FA 350 27.73 -40.65 35.16
C ALA FA 350 28.58 -41.47 36.12
N GLY FA 351 29.82 -41.79 35.71
CA GLY FA 351 30.76 -42.36 36.65
C GLY FA 351 31.08 -41.42 37.79
N MET FA 352 31.05 -40.11 37.52
CA MET FA 352 31.17 -39.13 38.57
C MET FA 352 29.99 -39.20 39.54
N PHE FA 353 28.79 -39.41 38.99
CA PHE FA 353 27.58 -39.52 39.82
C PHE FA 353 27.67 -40.72 40.74
N ALA FA 354 28.16 -41.84 40.24
CA ALA FA 354 28.36 -42.97 41.12
C ALA FA 354 29.52 -42.75 42.08
N ILE FA 355 30.49 -41.90 41.73
CA ILE FA 355 31.69 -41.84 42.57
C ILE FA 355 31.49 -40.83 43.69
N ARG FA 356 30.52 -39.91 43.55
CA ARG FA 356 30.20 -39.14 44.75
C ARG FA 356 28.93 -39.68 45.38
N ALA FA 357 28.21 -40.54 44.66
CA ALA FA 357 26.98 -41.12 45.17
C ALA FA 357 27.16 -42.51 45.76
N ASP FA 358 28.33 -43.12 45.58
CA ASP FA 358 28.73 -44.41 46.17
C ASP FA 358 27.80 -45.54 45.76
N HIS FA 359 27.78 -45.89 44.47
CA HIS FA 359 27.01 -47.01 43.99
C HIS FA 359 27.96 -48.04 43.38
N ASP FA 360 27.37 -49.06 42.76
CA ASP FA 360 28.16 -50.13 42.16
C ASP FA 360 28.69 -49.73 40.78
N PHE FA 361 27.81 -49.47 39.80
CA PHE FA 361 28.36 -49.03 38.52
C PHE FA 361 27.85 -47.66 38.06
N VAL FA 362 26.59 -47.58 37.65
CA VAL FA 362 25.73 -46.44 37.34
C VAL FA 362 24.34 -47.02 37.51
N VAL FA 363 23.31 -46.22 37.22
CA VAL FA 363 22.02 -46.80 36.82
C VAL FA 363 21.66 -46.18 35.47
N GLN FA 364 20.48 -46.53 34.96
CA GLN FA 364 19.91 -45.85 33.80
C GLN FA 364 19.65 -44.37 34.06
N GLU FA 365 19.27 -44.01 35.28
CA GLU FA 365 19.09 -42.63 35.68
C GLU FA 365 20.40 -41.88 35.89
N ASP FA 366 21.54 -42.57 35.80
CA ASP FA 366 22.82 -41.87 35.89
C ASP FA 366 23.33 -41.46 34.51
N PHE FA 367 23.10 -42.30 33.50
CA PHE FA 367 23.24 -41.81 32.14
C PHE FA 367 22.18 -40.78 31.84
N MET FA 368 20.96 -41.01 32.34
CA MET FA 368 19.86 -40.11 32.07
C MET FA 368 20.02 -38.80 32.82
N LYS FA 369 20.71 -38.84 33.95
CA LYS FA 369 21.05 -37.61 34.65
C LYS FA 369 22.36 -37.03 34.11
N ALA FA 370 23.09 -37.84 33.34
CA ALA FA 370 24.36 -37.38 32.80
C ALA FA 370 24.16 -36.57 31.53
N VAL FA 371 23.27 -37.03 30.65
CA VAL FA 371 23.05 -36.34 29.37
C VAL FA 371 22.36 -35.01 29.61
N ARG FA 372 21.49 -34.97 30.64
CA ARG FA 372 20.65 -33.80 30.83
C ARG FA 372 21.42 -32.72 31.59
N LYS FA 373 22.67 -33.01 31.98
CA LYS FA 373 23.54 -31.95 32.45
C LYS FA 373 24.55 -31.55 31.38
N VAL FA 374 24.88 -32.50 30.50
CA VAL FA 374 25.64 -32.16 29.30
C VAL FA 374 24.78 -31.33 28.36
N ALA FA 375 23.47 -31.60 28.29
CA ALA FA 375 22.58 -30.79 27.48
C ALA FA 375 22.39 -29.40 28.06
N ASP FA 376 22.68 -29.24 29.35
CA ASP FA 376 22.74 -27.90 29.93
C ASP FA 376 23.98 -27.16 29.43
N SER FA 377 25.06 -27.91 29.18
CA SER FA 377 26.27 -27.30 28.66
C SER FA 377 26.14 -27.02 27.17
N LYS FA 378 25.42 -25.95 26.85
CA LYS FA 378 25.46 -25.33 25.53
C LYS FA 378 26.62 -24.34 25.50
N LYS FA 379 26.65 -23.48 24.49
CA LYS FA 379 27.60 -22.37 24.51
C LYS FA 379 27.22 -21.41 25.65
N GLU GA 58 103.20 -56.43 44.44
CA GLU GA 58 101.76 -56.53 44.22
C GLU GA 58 100.99 -55.99 45.43
N VAL GA 59 101.60 -56.12 46.61
CA VAL GA 59 101.07 -55.49 47.81
C VAL GA 59 101.51 -54.03 47.94
N LEU GA 60 102.49 -53.62 47.13
CA LEU GA 60 102.79 -52.20 46.95
C LEU GA 60 101.81 -51.53 46.00
N ARG GA 61 101.14 -52.32 45.15
CA ARG GA 61 100.22 -51.83 44.13
C ARG GA 61 98.84 -51.47 44.67
N VAL GA 62 98.65 -51.47 45.99
CA VAL GA 62 97.30 -51.34 46.55
C VAL GA 62 96.78 -49.92 46.40
N THR GA 63 97.48 -48.95 46.99
CA THR GA 63 97.00 -47.58 46.99
C THR GA 63 98.07 -46.54 46.71
N HIS GA 64 99.32 -46.93 46.49
CA HIS GA 64 100.36 -45.93 46.24
C HIS GA 64 100.32 -45.45 44.79
N GLU GA 65 100.14 -46.37 43.84
CA GLU GA 65 99.88 -46.01 42.46
C GLU GA 65 98.50 -45.38 42.28
N LEU GA 66 97.59 -45.58 43.24
CA LEU GA 66 96.30 -44.90 43.23
C LEU GA 66 96.48 -43.40 43.44
N GLN GA 67 97.22 -43.02 44.49
CA GLN GA 67 97.25 -41.63 44.93
C GLN GA 67 98.07 -40.73 44.02
N ALA GA 68 99.04 -41.28 43.28
CA ALA GA 68 99.74 -40.47 42.28
C ALA GA 68 98.81 -40.13 41.13
N MET GA 69 97.83 -40.98 40.86
CA MET GA 69 96.81 -40.69 39.86
C MET GA 69 95.65 -39.89 40.43
N LYS GA 70 95.45 -39.93 41.76
CA LYS GA 70 94.55 -38.97 42.39
C LYS GA 70 95.13 -37.55 42.28
N ASP GA 71 96.43 -37.42 42.52
CA ASP GA 71 97.05 -36.10 42.52
C ASP GA 71 97.25 -35.59 41.09
N LYS GA 72 97.74 -36.44 40.19
CA LYS GA 72 97.93 -36.00 38.80
C LYS GA 72 96.61 -36.03 38.05
N ILE GA 73 96.00 -37.21 37.94
CA ILE GA 73 94.76 -37.42 37.19
C ILE GA 73 93.62 -36.62 37.79
N LYS GA 74 93.59 -36.48 39.12
CA LYS GA 74 92.50 -35.77 39.77
C LYS GA 74 92.86 -34.36 40.21
N GLU GA 75 94.13 -33.96 40.22
CA GLU GA 75 94.38 -32.53 40.32
C GLU GA 75 94.07 -31.85 38.99
N ASN GA 76 94.45 -32.48 37.87
CA ASN GA 76 94.07 -31.94 36.58
C ASN GA 76 92.58 -32.11 36.32
N SER GA 77 92.12 -33.38 36.33
CA SER GA 77 90.74 -33.68 35.98
C SER GA 77 89.77 -33.13 37.02
N GLU GA 78 90.09 -33.26 38.31
CA GLU GA 78 89.25 -32.61 39.30
C GLU GA 78 89.50 -31.12 39.40
N LYS GA 79 90.53 -30.58 38.74
CA LYS GA 79 90.67 -29.13 38.68
C LYS GA 79 89.70 -28.53 37.67
N ILE GA 80 89.63 -29.11 36.47
CA ILE GA 80 88.59 -28.70 35.54
C ILE GA 80 87.22 -29.16 36.03
N LYS GA 81 87.16 -30.17 36.90
CA LYS GA 81 85.91 -30.45 37.59
C LYS GA 81 85.67 -29.55 38.80
N VAL GA 82 86.64 -28.71 39.17
CA VAL GA 82 86.30 -27.54 40.00
C VAL GA 82 85.83 -26.42 39.10
N ASN GA 83 86.28 -26.41 37.84
CA ASN GA 83 85.70 -25.50 36.86
C ASN GA 83 84.31 -25.91 36.37
N LYS GA 84 83.68 -26.94 36.97
CA LYS GA 84 82.25 -27.20 36.84
C LYS GA 84 81.39 -26.09 37.43
N THR GA 85 81.95 -25.21 38.24
CA THR GA 85 81.24 -24.17 38.96
C THR GA 85 81.59 -22.76 38.50
N LEU GA 86 82.86 -22.38 38.54
CA LEU GA 86 83.24 -20.98 38.49
C LEU GA 86 83.22 -20.40 37.08
N PRO GA 87 83.85 -21.01 36.04
CA PRO GA 87 83.74 -20.37 34.72
C PRO GA 87 82.68 -20.99 33.84
N TYR GA 88 81.94 -21.95 34.40
CA TYR GA 88 81.26 -22.99 33.63
C TYR GA 88 80.15 -22.42 32.76
N LEU GA 89 79.85 -23.11 31.65
CA LEU GA 89 79.00 -22.60 30.59
C LEU GA 89 77.82 -23.56 30.36
N VAL GA 90 76.78 -23.07 29.68
CA VAL GA 90 75.65 -23.92 29.33
C VAL GA 90 75.53 -24.01 27.81
N SER GA 91 74.73 -24.97 27.37
CA SER GA 91 74.56 -25.28 25.96
C SER GA 91 73.33 -26.14 25.81
N ASN GA 92 72.97 -26.39 24.56
CA ASN GA 92 71.92 -27.32 24.20
C ASN GA 92 72.46 -28.22 23.09
N VAL GA 93 72.60 -29.51 23.37
CA VAL GA 93 73.02 -30.44 22.34
C VAL GA 93 71.88 -30.62 21.35
N ILE GA 94 72.22 -30.71 20.07
CA ILE GA 94 71.20 -30.80 19.04
C ILE GA 94 71.15 -32.17 18.37
N GLU GA 95 72.23 -32.94 18.38
CA GLU GA 95 72.20 -34.32 17.91
C GLU GA 95 73.35 -35.07 18.55
N LEU GA 96 73.28 -36.40 18.44
CA LEU GA 96 74.31 -37.29 18.98
C LEU GA 96 74.52 -38.39 17.96
N LEU GA 97 75.60 -38.31 17.20
CA LEU GA 97 75.86 -39.25 16.11
C LEU GA 97 77.09 -40.09 16.43
N ASP GA 98 77.38 -41.03 15.54
CA ASP GA 98 78.36 -42.09 15.81
C ASP GA 98 79.36 -42.15 14.67
N VAL GA 99 80.65 -42.05 15.02
CA VAL GA 99 81.75 -42.11 14.06
C VAL GA 99 82.65 -43.27 14.47
N ASP GA 100 83.17 -43.99 13.47
CA ASP GA 100 84.13 -45.08 13.69
C ASP GA 100 85.41 -44.66 14.43
N LYS GA 120 80.63 -41.23 22.64
CA LYS GA 120 80.42 -41.00 21.22
C LYS GA 120 80.87 -39.59 20.84
N CYS GA 121 80.08 -38.92 20.00
CA CYS GA 121 80.42 -37.58 19.55
C CYS GA 121 79.14 -36.81 19.27
N ALA GA 122 79.08 -35.57 19.75
CA ALA GA 122 77.86 -34.78 19.67
C ALA GA 122 78.13 -33.43 19.06
N VAL GA 123 77.05 -32.75 18.73
CA VAL GA 123 77.05 -31.37 18.25
C VAL GA 123 76.22 -30.58 19.23
N ILE GA 124 76.86 -29.69 19.99
CA ILE GA 124 76.15 -28.84 20.91
C ILE GA 124 75.96 -27.48 20.28
N LYS GA 125 75.01 -26.71 20.79
CA LYS GA 125 74.78 -25.34 20.34
C LYS GA 125 74.83 -24.46 21.57
N THR GA 126 76.01 -23.90 21.86
CA THR GA 126 76.16 -23.02 23.00
C THR GA 126 75.44 -21.71 22.79
N SER GA 127 74.89 -21.20 23.90
CA SER GA 127 73.88 -20.16 23.97
C SER GA 127 74.41 -18.76 23.74
N THR GA 128 75.64 -18.63 23.25
CA THR GA 128 76.07 -17.44 22.55
C THR GA 128 75.74 -17.51 21.07
N ARG GA 129 74.74 -18.34 20.72
CA ARG GA 129 74.23 -18.55 19.38
C ARG GA 129 75.33 -19.03 18.43
N GLN GA 130 76.01 -20.09 18.83
CA GLN GA 130 76.92 -20.78 17.90
C GLN GA 130 76.98 -22.24 18.31
N THR GA 131 77.40 -23.10 17.39
CA THR GA 131 77.30 -24.54 17.61
C THR GA 131 78.62 -25.22 17.27
N TYR GA 132 79.08 -26.10 18.16
CA TYR GA 132 80.37 -26.76 18.05
C TYR GA 132 80.18 -28.26 18.00
N PHE GA 133 80.98 -28.94 17.18
CA PHE GA 133 81.11 -30.38 17.23
C PHE GA 133 82.16 -30.74 18.28
N LEU GA 134 81.98 -31.89 18.92
CA LEU GA 134 82.97 -32.36 19.88
C LEU GA 134 82.81 -33.86 20.04
N PRO GA 135 83.91 -34.59 20.20
CA PRO GA 135 83.81 -35.94 20.77
C PRO GA 135 83.37 -35.83 22.23
N VAL GA 136 82.34 -36.61 22.60
CA VAL GA 136 81.75 -36.54 23.93
C VAL GA 136 82.75 -37.02 24.96
N ILE GA 137 82.86 -36.30 26.06
CA ILE GA 137 83.89 -36.55 27.05
C ILE GA 137 83.24 -37.10 28.31
N GLY GA 138 84.04 -37.36 29.33
CA GLY GA 138 83.59 -38.00 30.54
C GLY GA 138 82.57 -37.18 31.35
N LEU GA 139 82.11 -37.81 32.43
CA LEU GA 139 81.11 -37.30 33.37
C LEU GA 139 79.76 -37.03 32.70
N VAL GA 140 79.56 -37.59 31.51
CA VAL GA 140 78.28 -37.56 30.80
C VAL GA 140 78.27 -38.74 29.84
N ASP GA 141 77.17 -39.47 29.84
CA ASP GA 141 77.10 -40.73 29.11
C ASP GA 141 76.41 -40.54 27.77
N ALA GA 142 76.33 -41.64 27.03
CA ALA GA 142 75.49 -41.68 25.85
C ALA GA 142 74.04 -41.95 26.20
N GLU GA 143 73.73 -42.22 27.46
CA GLU GA 143 72.35 -42.41 27.87
C GLU GA 143 71.77 -41.15 28.50
N LYS GA 144 72.56 -40.42 29.28
CA LYS GA 144 72.12 -39.16 29.86
C LYS GA 144 72.53 -37.98 28.98
N LEU GA 145 72.20 -38.12 27.70
CA LEU GA 145 72.45 -37.07 26.72
C LEU GA 145 71.29 -37.13 25.73
N LYS GA 146 70.27 -36.32 25.99
CA LYS GA 146 69.09 -36.31 25.15
C LYS GA 146 69.17 -35.11 24.21
N PRO GA 147 68.85 -35.27 22.93
CA PRO GA 147 69.04 -34.17 21.99
C PRO GA 147 68.06 -33.04 22.22
N GLY GA 148 68.53 -31.96 22.82
CA GLY GA 148 67.68 -30.83 23.12
C GLY GA 148 67.59 -30.50 24.59
N ASP GA 149 68.46 -31.09 25.41
CA ASP GA 149 68.45 -30.78 26.83
C ASP GA 149 69.33 -29.55 27.09
N LEU GA 150 69.63 -29.30 28.36
CA LEU GA 150 70.40 -28.13 28.77
C LEU GA 150 71.66 -28.68 29.43
N VAL GA 151 72.71 -28.87 28.64
CA VAL GA 151 73.95 -29.46 29.13
C VAL GA 151 75.06 -28.43 29.04
N GLY GA 152 75.83 -28.28 30.12
CA GLY GA 152 76.86 -27.28 30.18
C GLY GA 152 78.14 -27.74 29.52
N VAL GA 153 79.12 -26.83 29.50
CA VAL GA 153 80.32 -27.00 28.69
C VAL GA 153 81.38 -26.03 29.23
N ASN GA 154 82.66 -26.31 28.95
CA ASN GA 154 83.72 -25.39 29.34
C ASN GA 154 83.72 -24.18 28.41
N LYS GA 155 84.27 -23.05 28.88
CA LYS GA 155 84.20 -21.81 28.14
C LYS GA 155 85.43 -21.54 27.28
N ASP GA 156 86.43 -22.41 27.33
CA ASP GA 156 87.57 -22.25 26.44
C ASP GA 156 87.92 -23.56 25.72
N SER GA 157 87.68 -24.69 26.38
CA SER GA 157 87.99 -25.97 25.80
C SER GA 157 86.80 -26.63 25.12
N TYR GA 158 85.58 -26.24 25.50
CA TYR GA 158 84.33 -26.62 24.82
C TYR GA 158 84.12 -28.12 24.76
N LEU GA 159 84.05 -28.74 25.92
CA LEU GA 159 83.75 -30.16 26.09
C LEU GA 159 82.70 -30.25 27.18
N ILE GA 160 81.70 -31.10 27.01
CA ILE GA 160 80.53 -31.08 27.89
C ILE GA 160 80.85 -31.76 29.21
N LEU GA 161 80.95 -30.96 30.28
CA LEU GA 161 81.37 -31.52 31.56
C LEU GA 161 80.23 -32.26 32.26
N GLU GA 162 79.17 -31.54 32.64
CA GLU GA 162 78.05 -32.20 33.30
C GLU GA 162 76.74 -31.68 32.76
N THR GA 163 75.67 -32.40 33.10
CA THR GA 163 74.34 -32.08 32.65
C THR GA 163 73.65 -31.13 33.63
N LEU GA 164 72.56 -30.52 33.20
CA LEU GA 164 71.71 -29.70 34.05
C LEU GA 164 70.26 -30.02 33.71
N PRO GA 165 69.37 -30.12 34.69
CA PRO GA 165 67.96 -30.38 34.36
C PRO GA 165 67.28 -29.17 33.73
N THR GA 166 66.32 -29.45 32.84
CA THR GA 166 65.88 -28.53 31.80
C THR GA 166 65.21 -27.29 32.36
N GLU GA 167 65.41 -26.16 31.69
CA GLU GA 167 65.06 -24.86 32.24
C GLU GA 167 64.36 -23.95 31.26
N TYR GA 168 64.06 -22.75 31.77
CA TYR GA 168 63.14 -21.75 31.23
C TYR GA 168 63.20 -20.52 32.13
N ASP GA 169 62.29 -19.56 31.94
CA ASP GA 169 62.41 -18.29 32.65
C ASP GA 169 61.88 -18.37 34.07
N SER GA 170 61.97 -17.26 34.82
CA SER GA 170 61.39 -17.22 36.15
C SER GA 170 59.97 -16.66 36.09
N ARG GA 171 59.55 -16.22 34.89
CA ARG GA 171 58.20 -15.72 34.72
C ARG GA 171 57.19 -16.85 34.88
N VAL GA 172 57.63 -18.08 34.64
CA VAL GA 172 56.82 -19.25 34.96
C VAL GA 172 57.14 -19.73 36.37
N LYS GA 173 58.37 -19.50 36.83
CA LYS GA 173 58.72 -19.89 38.19
C LYS GA 173 58.28 -18.85 39.22
N ALA GA 174 57.62 -17.78 38.77
CA ALA GA 174 57.02 -16.85 39.72
C ALA GA 174 55.69 -17.38 40.23
N MET GA 175 55.12 -18.35 39.52
CA MET GA 175 53.85 -18.98 39.89
C MET GA 175 54.13 -20.14 40.85
N GLU GA 176 54.60 -19.79 42.04
CA GLU GA 176 54.96 -20.80 43.02
C GLU GA 176 54.45 -20.44 44.41
N VAL GA 177 53.15 -20.13 44.50
CA VAL GA 177 52.54 -19.66 45.74
C VAL GA 177 52.65 -20.72 46.84
N ASP GA 178 53.15 -20.29 48.00
CA ASP GA 178 53.27 -21.18 49.15
C ASP GA 178 52.34 -20.71 50.26
N GLU GA 179 51.97 -19.44 50.23
CA GLU GA 179 51.14 -18.85 51.27
C GLU GA 179 49.66 -19.01 50.92
N ARG GA 180 49.26 -20.21 50.58
CA ARG GA 180 47.89 -20.44 50.16
C ARG GA 180 46.91 -20.47 51.34
N PRO GA 181 47.04 -21.36 52.39
CA PRO GA 181 45.88 -21.53 53.29
C PRO GA 181 45.71 -20.43 54.34
N THR GA 182 44.77 -19.51 54.08
CA THR GA 182 44.22 -18.72 55.16
C THR GA 182 42.72 -18.52 54.92
N GLU GA 183 42.26 -18.84 53.71
CA GLU GA 183 40.83 -18.85 53.39
C GLU GA 183 40.38 -20.30 53.33
N GLN GA 184 39.81 -20.79 54.42
CA GLN GA 184 39.35 -22.17 54.50
C GLN GA 184 37.99 -22.31 53.81
N TYR GA 185 37.37 -23.48 53.90
CA TYR GA 185 36.05 -23.69 53.30
C TYR GA 185 34.92 -23.18 54.17
N SER GA 186 35.21 -22.54 55.30
CA SER GA 186 34.16 -21.94 56.10
C SER GA 186 33.89 -20.49 55.73
N ASP GA 187 34.88 -19.80 55.17
CA ASP GA 187 34.68 -18.41 54.76
C ASP GA 187 33.82 -18.31 53.51
N ILE GA 188 33.92 -19.29 52.61
CA ILE GA 188 33.00 -19.36 51.49
C ILE GA 188 31.63 -19.78 52.01
N GLY GA 189 30.60 -19.15 51.49
CA GLY GA 189 29.25 -19.40 51.98
C GLY GA 189 28.22 -19.28 50.87
N GLY GA 190 27.16 -20.07 50.99
CA GLY GA 190 26.04 -20.00 50.07
C GLY GA 190 26.30 -20.53 48.69
N LEU GA 191 27.29 -21.40 48.51
CA LEU GA 191 27.63 -21.95 47.20
C LEU GA 191 27.97 -23.42 47.30
N ASP GA 192 27.50 -24.08 48.36
CA ASP GA 192 28.09 -25.35 48.82
C ASP GA 192 27.96 -26.50 47.84
N LYS GA 193 27.03 -26.42 46.89
CA LYS GA 193 27.03 -27.44 45.85
C LYS GA 193 28.11 -27.18 44.80
N GLN GA 194 28.55 -25.94 44.65
CA GLN GA 194 29.71 -25.68 43.81
C GLN GA 194 31.00 -26.06 44.51
N ILE GA 195 31.05 -25.95 45.84
CA ILE GA 195 32.21 -26.45 46.59
C ILE GA 195 32.26 -27.97 46.51
N GLN GA 196 31.09 -28.61 46.64
CA GLN GA 196 31.03 -30.07 46.53
C GLN GA 196 31.38 -30.53 45.12
N GLU GA 197 30.97 -29.75 44.12
CA GLU GA 197 31.17 -30.12 42.73
C GLU GA 197 32.62 -29.91 42.31
N LEU GA 198 33.19 -28.77 42.67
CA LEU GA 198 34.57 -28.45 42.32
C LEU GA 198 35.54 -29.28 43.13
N VAL GA 199 35.37 -29.30 44.46
CA VAL GA 199 36.26 -30.02 45.35
C VAL GA 199 36.15 -31.53 45.11
N GLU GA 200 34.96 -32.00 44.73
CA GLU GA 200 34.82 -33.37 44.26
C GLU GA 200 35.54 -33.56 42.92
N ALA GA 201 35.56 -32.51 42.09
CA ALA GA 201 36.09 -32.67 40.75
C ALA GA 201 37.61 -32.55 40.72
N ILE GA 202 38.21 -32.05 41.80
CA ILE GA 202 39.63 -31.71 41.74
C ILE GA 202 40.47 -32.47 42.76
N VAL GA 203 40.24 -32.30 44.06
CA VAL GA 203 41.10 -32.88 45.07
C VAL GA 203 40.65 -34.27 45.47
N LEU GA 204 39.54 -34.75 44.96
CA LEU GA 204 39.17 -36.15 45.16
C LEU GA 204 39.99 -37.08 44.25
N PRO GA 205 40.32 -36.75 42.99
CA PRO GA 205 41.36 -37.53 42.30
C PRO GA 205 42.78 -37.31 42.82
N MET GA 206 42.99 -36.44 43.80
CA MET GA 206 44.30 -36.30 44.41
C MET GA 206 44.50 -37.20 45.61
N ASN GA 207 43.42 -37.75 46.16
CA ASN GA 207 43.55 -38.55 47.37
C ASN GA 207 42.82 -39.87 47.22
N HIS GA 208 41.80 -39.92 46.36
CA HIS GA 208 41.10 -41.16 46.05
C HIS GA 208 41.01 -41.27 44.54
N LYS GA 209 42.07 -41.77 43.92
CA LYS GA 209 41.99 -42.12 42.51
C LYS GA 209 41.76 -43.62 42.31
N GLU GA 210 42.34 -44.45 43.17
CA GLU GA 210 42.35 -45.89 42.94
C GLU GA 210 40.97 -46.48 43.10
N LYS GA 211 40.26 -46.10 44.17
CA LYS GA 211 38.83 -46.38 44.33
C LYS GA 211 38.07 -45.86 43.12
N PHE GA 212 38.40 -44.65 42.69
CA PHE GA 212 37.89 -44.08 41.45
C PHE GA 212 38.22 -44.97 40.26
N GLU GA 213 39.46 -45.45 40.20
CA GLU GA 213 39.87 -46.36 39.13
C GLU GA 213 39.17 -47.71 39.25
N ASN GA 214 38.70 -48.06 40.45
CA ASN GA 214 37.98 -49.32 40.60
C ASN GA 214 36.58 -49.23 40.02
N LEU GA 215 36.11 -48.01 39.77
CA LEU GA 215 34.86 -47.88 39.02
C LEU GA 215 35.19 -48.00 37.54
N GLY GA 216 36.41 -47.61 37.17
CA GLY GA 216 36.83 -47.67 35.79
C GLY GA 216 36.22 -46.56 34.94
N ILE GA 217 36.57 -45.32 35.27
CA ILE GA 217 36.16 -44.17 34.47
C ILE GA 217 37.30 -43.17 34.53
N GLN GA 218 37.39 -42.32 33.51
CA GLN GA 218 38.53 -41.43 33.38
C GLN GA 218 38.44 -40.31 34.41
N PRO GA 219 39.56 -39.89 35.00
CA PRO GA 219 39.58 -38.68 35.84
C PRO GA 219 39.12 -37.45 35.08
N PRO GA 220 38.25 -36.64 35.69
CA PRO GA 220 37.73 -35.45 35.00
C PRO GA 220 38.78 -34.39 34.74
N LYS GA 221 38.60 -33.67 33.64
CA LYS GA 221 39.57 -32.67 33.22
C LYS GA 221 39.20 -31.31 33.80
N GLY GA 222 39.77 -30.25 33.22
CA GLY GA 222 39.72 -28.93 33.81
C GLY GA 222 38.32 -28.38 34.00
N VAL GA 223 38.15 -27.63 35.09
CA VAL GA 223 36.86 -27.11 35.51
C VAL GA 223 36.84 -25.62 35.19
N LEU GA 224 35.82 -25.19 34.46
CA LEU GA 224 35.65 -23.78 34.14
C LEU GA 224 34.57 -23.21 35.06
N MET GA 225 34.96 -22.23 35.87
CA MET GA 225 34.04 -21.54 36.75
C MET GA 225 33.63 -20.24 36.07
N TYR GA 226 32.36 -19.88 36.16
CA TYR GA 226 31.89 -18.68 35.48
C TYR GA 226 30.67 -18.09 36.16
N GLY GA 227 30.62 -16.76 36.17
CA GLY GA 227 29.63 -16.00 36.91
C GLY GA 227 29.61 -14.54 36.50
N PRO GA 228 28.64 -13.79 37.01
CA PRO GA 228 28.17 -12.59 36.30
C PRO GA 228 29.13 -11.39 36.34
N PRO GA 229 29.49 -10.94 37.53
CA PRO GA 229 30.43 -9.83 37.66
C PRO GA 229 31.50 -10.16 38.69
N GLY GA 230 31.07 -10.67 39.85
CA GLY GA 230 31.99 -11.02 40.90
C GLY GA 230 31.33 -11.79 42.02
N THR GA 231 31.40 -13.11 41.95
CA THR GA 231 30.83 -13.96 42.97
C THR GA 231 31.94 -14.59 43.80
N GLY GA 232 32.11 -15.91 43.75
CA GLY GA 232 33.18 -16.46 44.56
C GLY GA 232 34.28 -17.17 43.81
N LYS GA 233 34.63 -16.71 42.61
CA LYS GA 233 35.54 -17.45 41.73
C LYS GA 233 36.92 -17.61 42.33
N THR GA 234 37.63 -16.49 42.51
CA THR GA 234 39.00 -16.56 42.99
C THR GA 234 39.04 -16.94 44.46
N LEU GA 235 37.96 -16.71 45.21
CA LEU GA 235 37.94 -17.17 46.59
C LEU GA 235 37.74 -18.67 46.65
N LEU GA 236 37.04 -19.26 45.69
CA LEU GA 236 37.08 -20.70 45.58
C LEU GA 236 38.40 -21.18 44.99
N ALA GA 237 39.14 -20.31 44.30
CA ALA GA 237 40.44 -20.71 43.79
C ALA GA 237 41.45 -20.84 44.91
N ARG GA 238 41.61 -19.79 45.73
CA ARG GA 238 42.58 -19.95 46.81
C ARG GA 238 41.97 -20.60 48.03
N ALA GA 239 40.66 -20.84 48.03
CA ALA GA 239 40.07 -21.67 49.06
C ALA GA 239 40.26 -23.15 48.75
N CYS GA 240 40.13 -23.51 47.47
CA CYS GA 240 40.43 -24.88 47.07
C CYS GA 240 41.93 -25.13 47.10
N ALA GA 241 42.72 -24.20 46.59
CA ALA GA 241 44.17 -24.28 46.65
C ALA GA 241 44.70 -24.06 48.06
N ALA GA 242 43.88 -23.55 48.97
CA ALA GA 242 44.25 -23.41 50.36
C ALA GA 242 44.52 -24.78 51.01
N GLN GA 243 43.54 -25.67 50.96
CA GLN GA 243 43.63 -26.93 51.66
C GLN GA 243 43.78 -28.12 50.71
N THR GA 244 44.58 -27.95 49.66
CA THR GA 244 44.78 -28.99 48.66
C THR GA 244 45.85 -29.99 49.06
N LYS GA 245 46.95 -29.53 49.64
CA LYS GA 245 48.19 -30.30 49.87
C LYS GA 245 48.68 -30.87 48.53
N ALA GA 246 49.09 -29.94 47.67
CA ALA GA 246 49.78 -30.24 46.43
C ALA GA 246 50.60 -29.01 46.07
N THR GA 247 51.07 -28.97 44.83
CA THR GA 247 51.63 -27.71 44.38
C THR GA 247 50.70 -27.09 43.34
N PHE GA 248 50.82 -25.78 43.19
CA PHE GA 248 49.77 -24.96 42.62
C PHE GA 248 50.41 -23.73 42.00
N LEU GA 249 49.79 -23.21 40.95
CA LEU GA 249 50.39 -22.07 40.28
C LEU GA 249 49.31 -21.10 39.81
N LYS GA 250 49.48 -19.84 40.16
CA LYS GA 250 48.45 -18.82 40.07
C LYS GA 250 48.47 -18.07 38.73
N LEU GA 251 48.45 -18.83 37.64
CA LEU GA 251 48.73 -18.28 36.32
C LEU GA 251 47.63 -17.33 35.85
N ALA GA 252 48.02 -16.10 35.55
CA ALA GA 252 47.09 -15.07 35.15
C ALA GA 252 46.72 -15.26 33.68
N GLY GA 253 45.72 -14.50 33.25
CA GLY GA 253 45.39 -14.44 31.85
C GLY GA 253 46.43 -13.71 31.02
N PRO GA 254 46.58 -12.40 31.24
CA PRO GA 254 47.50 -11.61 30.39
C PRO GA 254 48.97 -11.76 30.70
N GLN GA 255 49.40 -12.73 31.51
CA GLN GA 255 50.82 -13.04 31.55
C GLN GA 255 51.28 -13.79 30.33
N LEU GA 256 50.33 -14.32 29.55
CA LEU GA 256 50.64 -15.25 28.49
C LEU GA 256 50.78 -14.58 27.14
N VAL GA 257 50.37 -13.32 27.05
CA VAL GA 257 50.45 -12.56 25.81
C VAL GA 257 51.49 -11.46 25.98
N GLN GA 258 52.55 -11.52 25.18
CA GLN GA 258 53.57 -10.47 25.17
C GLN GA 258 53.87 -10.10 23.73
N MET GA 259 54.81 -9.16 23.57
CA MET GA 259 55.02 -8.53 22.27
C MET GA 259 55.72 -9.48 21.30
N PHE GA 260 56.46 -10.46 21.81
CA PHE GA 260 57.22 -11.35 20.95
C PHE GA 260 56.34 -12.48 20.47
N ILE GA 261 56.81 -13.15 19.42
CA ILE GA 261 56.09 -14.29 18.90
C ILE GA 261 56.23 -15.53 19.78
N GLY GA 262 57.48 -15.78 20.15
CA GLY GA 262 57.89 -16.91 20.96
C GLY GA 262 57.51 -17.01 22.42
N ASP GA 263 57.55 -15.89 23.12
CA ASP GA 263 57.30 -15.87 24.55
C ASP GA 263 55.93 -16.30 25.06
N GLY GA 264 54.85 -15.88 24.41
CA GLY GA 264 53.55 -16.27 24.91
C GLY GA 264 53.38 -17.78 24.82
N ALA GA 265 53.76 -18.34 23.69
CA ALA GA 265 53.66 -19.76 23.45
C ALA GA 265 54.62 -20.62 24.27
N LYS GA 266 55.85 -20.13 24.44
CA LYS GA 266 56.89 -20.89 25.09
C LYS GA 266 56.55 -21.12 26.56
N LEU GA 267 55.79 -20.21 27.15
CA LEU GA 267 55.67 -20.19 28.60
C LEU GA 267 54.44 -20.97 29.08
N VAL GA 268 53.46 -21.18 28.20
CA VAL GA 268 52.37 -22.08 28.57
C VAL GA 268 52.80 -23.53 28.47
N ARG GA 269 53.60 -23.86 27.44
CA ARG GA 269 54.09 -25.22 27.29
C ARG GA 269 55.09 -25.55 28.38
N ASP GA 270 55.86 -24.55 28.82
CA ASP GA 270 56.76 -24.76 29.94
C ASP GA 270 56.03 -24.61 31.27
N ALA GA 271 54.85 -24.00 31.27
CA ALA GA 271 54.02 -24.02 32.46
C ALA GA 271 53.48 -25.42 32.71
N PHE GA 272 53.00 -26.07 31.64
CA PHE GA 272 52.52 -27.44 31.78
C PHE GA 272 53.70 -28.41 31.93
N ALA GA 273 54.89 -27.99 31.48
CA ALA GA 273 56.08 -28.79 31.74
C ALA GA 273 56.49 -28.71 33.21
N LEU GA 274 56.36 -27.51 33.81
CA LEU GA 274 56.55 -27.37 35.25
C LEU GA 274 55.55 -28.24 36.00
N ALA GA 275 54.30 -28.19 35.58
CA ALA GA 275 53.26 -28.93 36.28
C ALA GA 275 53.42 -30.43 36.09
N LYS GA 276 54.03 -30.84 34.99
CA LYS GA 276 54.32 -32.26 34.80
C LYS GA 276 55.49 -32.70 35.66
N GLU GA 277 56.53 -31.86 35.73
CA GLU GA 277 57.71 -32.15 36.53
C GLU GA 277 57.40 -32.19 38.02
N LYS GA 278 56.58 -31.25 38.47
CA LYS GA 278 56.20 -31.15 39.87
C LYS GA 278 54.85 -31.79 40.16
N ALA GA 279 54.29 -32.48 39.17
CA ALA GA 279 52.98 -33.11 39.33
C ALA GA 279 53.01 -34.13 40.47
N PRO GA 280 51.96 -34.14 41.27
CA PRO GA 280 50.62 -33.80 40.82
C PRO GA 280 50.25 -32.40 41.23
N SER GA 281 49.89 -31.56 40.26
CA SER GA 281 49.52 -30.19 40.56
C SER GA 281 48.37 -29.71 39.70
N ILE GA 282 47.60 -28.79 40.25
CA ILE GA 282 46.46 -28.18 39.59
C ILE GA 282 46.81 -26.74 39.24
N ILE GA 283 46.20 -26.23 38.18
CA ILE GA 283 46.57 -24.94 37.60
C ILE GA 283 45.33 -24.08 37.47
N PHE GA 284 45.41 -22.87 38.00
CA PHE GA 284 44.33 -21.90 37.90
C PHE GA 284 44.69 -20.83 36.88
N ILE GA 285 43.90 -20.72 35.82
CA ILE GA 285 44.04 -19.65 34.84
C ILE GA 285 42.93 -18.65 35.09
N ASP GA 286 43.29 -17.48 35.61
CA ASP GA 286 42.33 -16.45 35.93
C ASP GA 286 42.09 -15.63 34.68
N GLU GA 287 40.82 -15.32 34.41
CA GLU GA 287 40.37 -14.40 33.36
C GLU GA 287 40.82 -14.79 31.96
N LEU GA 288 40.25 -15.87 31.42
CA LEU GA 288 40.58 -16.37 30.08
C LEU GA 288 40.25 -15.40 28.95
N ASP GA 289 39.51 -14.31 29.23
CA ASP GA 289 39.20 -13.27 28.25
C ASP GA 289 40.45 -12.65 27.65
N ALA GA 290 41.58 -12.76 28.32
CA ALA GA 290 42.86 -12.44 27.68
C ALA GA 290 43.07 -13.32 26.46
N ILE GA 291 43.26 -14.62 26.69
CA ILE GA 291 43.24 -15.52 25.54
C ILE GA 291 41.84 -16.12 25.39
N GLY GA 292 40.90 -15.27 24.97
CA GLY GA 292 39.54 -15.73 24.76
C GLY GA 292 38.81 -15.02 23.64
N THR GA 293 39.44 -14.05 23.01
CA THR GA 293 38.89 -13.51 21.78
C THR GA 293 39.18 -14.53 20.68
N LYS GA 294 38.16 -14.89 19.92
CA LYS GA 294 38.25 -16.12 19.17
C LYS GA 294 38.43 -15.88 17.68
N ARG GA 295 38.61 -16.99 16.96
CA ARG GA 295 38.93 -17.00 15.54
C ARG GA 295 37.80 -16.38 14.73
N PHE GA 296 38.19 -15.58 13.73
CA PHE GA 296 37.22 -14.95 12.87
C PHE GA 296 37.87 -14.73 11.50
N ASP GA 297 37.01 -14.51 10.51
CA ASP GA 297 37.48 -14.17 9.17
C ASP GA 297 38.16 -12.81 9.21
N SER GA 298 39.48 -12.84 9.09
CA SER GA 298 40.32 -11.72 9.45
C SER GA 298 40.95 -11.09 8.21
N GLU GA 299 40.41 -9.94 7.82
CA GLU GA 299 41.03 -9.07 6.84
C GLU GA 299 41.86 -8.04 7.63
N LYS GA 300 42.23 -6.89 7.02
CA LYS GA 300 43.50 -6.15 7.14
C LYS GA 300 44.19 -6.23 8.49
N ALA GA 301 43.48 -6.02 9.60
CA ALA GA 301 44.20 -5.90 10.86
C ALA GA 301 44.35 -7.24 11.54
N GLY GA 302 43.24 -7.85 11.94
CA GLY GA 302 43.21 -9.12 12.66
C GLY GA 302 44.03 -9.17 13.94
N ASP GA 303 44.25 -10.40 14.38
CA ASP GA 303 45.14 -10.72 15.49
C ASP GA 303 45.50 -12.19 15.34
N ARG GA 304 46.76 -12.52 15.52
CA ARG GA 304 47.21 -13.91 15.41
C ARG GA 304 48.14 -14.28 16.55
N GLU GA 305 48.60 -13.30 17.33
CA GLU GA 305 49.48 -13.59 18.46
C GLU GA 305 48.75 -14.26 19.60
N VAL GA 306 47.61 -13.69 20.00
CA VAL GA 306 46.77 -14.29 21.01
C VAL GA 306 46.17 -15.59 20.49
N GLN GA 307 46.03 -15.70 19.16
CA GLN GA 307 45.60 -16.95 18.55
C GLN GA 307 46.62 -18.05 18.75
N ARG GA 308 47.91 -17.73 18.67
CA ARG GA 308 48.92 -18.77 18.81
C ARG GA 308 49.12 -19.11 20.27
N THR GA 309 48.98 -18.13 21.15
CA THR GA 309 49.06 -18.40 22.58
C THR GA 309 47.92 -19.31 23.02
N MET GA 310 46.71 -19.01 22.56
CA MET GA 310 45.56 -19.84 22.90
C MET GA 310 45.63 -21.20 22.24
N LEU GA 311 45.98 -21.23 20.96
CA LEU GA 311 45.96 -22.50 20.22
C LEU GA 311 47.16 -23.36 20.57
N GLU GA 312 48.14 -22.83 21.32
CA GLU GA 312 49.14 -23.72 21.88
C GLU GA 312 48.80 -24.05 23.32
N LEU GA 313 47.94 -23.23 23.93
CA LEU GA 313 47.41 -23.61 25.24
C LEU GA 313 46.52 -24.84 25.14
N LEU GA 314 45.59 -24.84 24.17
CA LEU GA 314 44.59 -25.91 24.13
C LEU GA 314 45.09 -27.15 23.39
N ASN GA 315 46.40 -27.32 23.27
CA ASN GA 315 46.95 -28.49 22.61
C ASN GA 315 48.07 -29.10 23.43
N GLN GA 316 48.44 -28.43 24.52
CA GLN GA 316 49.17 -29.08 25.60
C GLN GA 316 48.12 -29.30 26.69
N LEU GA 317 46.87 -29.01 26.34
CA LEU GA 317 45.72 -29.35 27.17
C LEU GA 317 45.00 -30.58 26.67
N ASP GA 318 44.48 -30.57 25.44
CA ASP GA 318 43.81 -31.73 24.85
C ASP GA 318 44.31 -31.91 23.42
N GLY GA 319 45.63 -31.98 23.28
CA GLY GA 319 46.24 -32.26 21.99
C GLY GA 319 46.44 -33.75 21.90
N PHE GA 320 47.67 -34.21 22.11
CA PHE GA 320 47.90 -35.64 22.18
C PHE GA 320 47.63 -36.15 23.60
N GLN GA 321 48.03 -37.39 23.86
CA GLN GA 321 47.55 -38.13 25.03
C GLN GA 321 47.93 -37.59 26.42
N PRO GA 322 49.23 -37.32 26.79
CA PRO GA 322 49.59 -37.30 28.22
C PRO GA 322 49.01 -36.15 29.02
N ASN GA 323 47.75 -36.33 29.43
CA ASN GA 323 46.97 -35.33 30.13
C ASN GA 323 46.82 -35.73 31.59
N THR GA 324 46.95 -37.01 31.90
CA THR GA 324 46.45 -37.56 33.16
C THR GA 324 47.41 -37.34 34.33
N GLN GA 325 47.87 -36.12 34.50
CA GLN GA 325 48.71 -35.73 35.63
C GLN GA 325 48.26 -34.43 36.26
N VAL GA 326 47.79 -33.48 35.45
CA VAL GA 326 47.66 -32.08 35.85
C VAL GA 326 46.23 -31.65 35.58
N LYS GA 327 45.53 -31.23 36.62
CA LYS GA 327 44.20 -30.68 36.42
C LYS GA 327 44.26 -29.17 36.24
N VAL GA 328 43.17 -28.62 35.72
CA VAL GA 328 43.09 -27.21 35.33
C VAL GA 328 41.88 -26.61 36.04
N ILE GA 329 42.00 -25.36 36.47
CA ILE GA 329 40.84 -24.61 36.96
C ILE GA 329 40.78 -23.32 36.14
N ALA GA 330 39.60 -22.99 35.64
CA ALA GA 330 39.42 -21.77 34.87
C ALA GA 330 38.41 -20.86 35.54
N ALA GA 331 38.49 -19.56 35.24
CA ALA GA 331 37.56 -18.60 35.84
C ALA GA 331 37.36 -17.45 34.89
N THR GA 332 36.17 -17.34 34.31
CA THR GA 332 35.92 -16.24 33.40
C THR GA 332 34.60 -15.56 33.72
N ASN GA 333 34.65 -14.25 33.83
CA ASN GA 333 33.45 -13.47 34.09
C ASN GA 333 32.53 -13.37 32.88
N ARG GA 334 32.99 -13.79 31.70
CA ARG GA 334 32.20 -13.77 30.49
C ARG GA 334 32.39 -15.08 29.75
N VAL GA 335 31.31 -15.61 29.17
CA VAL GA 335 31.37 -16.88 28.46
C VAL GA 335 31.06 -16.75 26.98
N ASP GA 336 30.20 -15.82 26.57
CA ASP GA 336 29.77 -15.63 25.18
C ASP GA 336 30.89 -15.24 24.22
N ILE GA 337 32.05 -14.88 24.75
CA ILE GA 337 33.22 -14.49 23.97
C ILE GA 337 33.95 -15.71 23.43
N LEU GA 338 33.60 -16.90 23.92
CA LEU GA 338 34.40 -18.09 23.72
C LEU GA 338 33.75 -19.03 22.71
N ASP GA 339 34.57 -19.49 21.75
CA ASP GA 339 34.39 -20.52 20.74
C ASP GA 339 34.45 -21.89 21.38
N PRO GA 340 33.75 -22.90 20.85
CA PRO GA 340 33.81 -24.25 21.46
C PRO GA 340 35.13 -24.98 21.32
N ALA GA 341 36.18 -24.35 20.80
CA ALA GA 341 37.51 -24.96 20.86
C ALA GA 341 37.97 -25.07 22.31
N LEU GA 342 37.65 -24.05 23.08
CA LEU GA 342 38.00 -24.08 24.50
C LEU GA 342 36.86 -24.67 25.33
N LEU GA 343 35.99 -25.42 24.66
CA LEU GA 343 34.86 -26.06 25.32
C LEU GA 343 34.62 -27.50 24.85
N ARG GA 344 35.62 -28.10 24.20
CA ARG GA 344 35.51 -29.47 23.75
C ARG GA 344 35.29 -30.30 25.02
N SER GA 345 34.15 -30.98 25.09
CA SER GA 345 33.79 -31.81 26.24
C SER GA 345 34.93 -32.76 26.57
N GLY GA 346 35.91 -32.24 27.29
CA GLY GA 346 37.10 -33.00 27.64
C GLY GA 346 38.23 -32.02 27.89
N ARG GA 347 38.29 -30.98 27.06
CA ARG GA 347 39.30 -29.96 27.22
C ARG GA 347 39.01 -29.27 28.53
N LEU GA 348 37.74 -28.92 28.72
CA LEU GA 348 37.32 -28.27 29.95
C LEU GA 348 36.03 -28.88 30.50
N ASP GA 349 36.18 -29.87 31.36
CA ASP GA 349 35.03 -30.53 31.97
C ASP GA 349 34.30 -29.52 32.84
N ARG GA 350 33.45 -30.01 33.75
CA ARG GA 350 32.19 -29.42 34.20
C ARG GA 350 32.14 -27.90 34.24
N LYS GA 351 31.23 -27.31 33.47
CA LYS GA 351 31.12 -25.86 33.37
C LYS GA 351 30.25 -25.41 34.52
N ILE GA 352 30.84 -25.24 35.70
CA ILE GA 352 30.05 -25.05 36.89
C ILE GA 352 29.56 -23.62 36.98
N GLU GA 353 28.31 -23.44 37.40
CA GLU GA 353 27.60 -22.18 37.39
C GLU GA 353 27.82 -21.44 38.69
N PHE GA 354 28.16 -20.15 38.60
CA PHE GA 354 28.13 -19.27 39.75
C PHE GA 354 26.97 -18.31 39.62
N PRO GA 355 25.92 -18.46 40.39
CA PRO GA 355 24.81 -17.53 40.32
C PRO GA 355 25.06 -16.32 41.20
N MET GA 356 24.10 -15.42 41.28
CA MET GA 356 24.06 -14.48 42.39
C MET GA 356 23.86 -15.27 43.68
N PRO GA 357 24.40 -14.79 44.80
CA PRO GA 357 24.06 -15.41 46.10
C PRO GA 357 22.59 -15.18 46.40
N ASN GA 358 21.90 -16.25 46.81
CA ASN GA 358 20.44 -16.22 46.88
C ASN GA 358 19.93 -15.52 48.13
N GLU GA 359 18.65 -15.77 48.43
CA GLU GA 359 17.95 -15.03 49.48
C GLU GA 359 18.57 -15.26 50.85
N GLU GA 360 19.10 -16.44 51.11
CA GLU GA 360 19.71 -16.69 52.41
C GLU GA 360 21.20 -16.36 52.40
N ALA GA 361 21.85 -16.51 51.25
CA ALA GA 361 23.31 -16.58 51.19
C ALA GA 361 23.95 -15.25 51.57
N ARG GA 362 23.32 -14.14 51.21
CA ARG GA 362 23.90 -12.84 51.51
C ARG GA 362 23.88 -12.56 53.01
N ALA GA 363 22.89 -13.10 53.71
CA ALA GA 363 22.90 -13.02 55.16
C ALA GA 363 24.06 -13.82 55.74
N ARG GA 364 24.36 -14.96 55.12
CA ARG GA 364 25.49 -15.77 55.54
C ARG GA 364 26.82 -15.06 55.31
N ILE GA 365 26.95 -14.38 54.16
CA ILE GA 365 28.20 -13.70 53.83
C ILE GA 365 28.39 -12.48 54.71
N MET GA 366 27.28 -11.80 55.03
CA MET GA 366 27.34 -10.70 55.99
C MET GA 366 27.65 -11.21 57.39
N GLN GA 367 27.35 -12.47 57.67
CA GLN GA 367 27.84 -13.04 58.93
C GLN GA 367 29.30 -13.45 58.85
N ILE GA 368 29.76 -13.82 57.66
CA ILE GA 368 31.15 -14.25 57.51
C ILE GA 368 32.14 -13.11 57.69
N HIS GA 369 32.09 -12.14 56.79
CA HIS GA 369 33.00 -11.01 56.85
C HIS GA 369 32.92 -10.19 58.13
N SER GA 370 31.73 -10.06 58.70
CA SER GA 370 31.62 -9.26 59.92
C SER GA 370 31.93 -10.08 61.16
N ARG GA 371 32.76 -11.12 61.02
CA ARG GA 371 33.04 -12.01 62.14
C ARG GA 371 34.04 -11.39 63.10
N LYS GA 372 34.94 -10.55 62.60
CA LYS GA 372 35.96 -9.93 63.43
C LYS GA 372 35.49 -8.65 64.10
N MET GA 373 34.44 -8.03 63.56
CA MET GA 373 33.97 -6.77 64.11
C MET GA 373 33.10 -7.02 65.33
N ASN GA 374 33.10 -6.05 66.25
CA ASN GA 374 32.27 -6.15 67.44
C ASN GA 374 30.84 -5.79 67.08
N VAL GA 375 29.99 -6.80 66.90
CA VAL GA 375 28.63 -6.64 66.41
C VAL GA 375 27.70 -6.71 67.61
N SER GA 376 26.66 -5.88 67.61
CA SER GA 376 25.68 -5.90 68.67
C SER GA 376 24.88 -7.19 68.65
N PRO GA 377 24.43 -7.69 69.81
CA PRO GA 377 23.47 -8.80 69.81
C PRO GA 377 22.14 -8.43 69.20
N ASP GA 378 21.77 -7.15 69.26
CA ASP GA 378 20.55 -6.64 68.63
C ASP GA 378 20.82 -6.31 67.16
N VAL GA 379 21.20 -7.35 66.43
CA VAL GA 379 21.48 -7.25 65.00
C VAL GA 379 20.55 -8.26 64.33
N ASN GA 380 20.31 -8.07 63.04
CA ASN GA 380 19.41 -8.92 62.28
C ASN GA 380 19.94 -8.98 60.86
N TYR GA 381 20.74 -10.01 60.57
CA TYR GA 381 21.33 -10.15 59.24
C TYR GA 381 20.29 -10.51 58.20
N GLU GA 382 19.17 -11.09 58.62
CA GLU GA 382 18.14 -11.53 57.69
C GLU GA 382 17.42 -10.37 57.04
N GLU GA 383 17.08 -9.33 57.80
CA GLU GA 383 16.54 -8.13 57.18
C GLU GA 383 17.60 -7.32 56.47
N LEU GA 384 18.88 -7.51 56.79
CA LEU GA 384 19.93 -6.95 55.97
C LEU GA 384 20.04 -7.66 54.64
N ALA GA 385 19.66 -8.93 54.58
CA ALA GA 385 19.59 -9.65 53.33
C ALA GA 385 18.38 -9.28 52.50
N ARG GA 386 17.17 -9.49 53.03
CA ARG GA 386 15.94 -9.38 52.27
C ARG GA 386 15.61 -7.95 51.86
N CYS GA 387 16.22 -6.96 52.48
CA CYS GA 387 16.06 -5.59 51.98
C CYS GA 387 16.87 -5.36 50.71
N THR GA 388 18.07 -5.91 50.66
CA THR GA 388 19.09 -5.50 49.70
C THR GA 388 19.41 -6.67 48.78
N ASP GA 389 18.60 -6.86 47.75
CA ASP GA 389 18.73 -8.06 46.94
C ASP GA 389 18.92 -7.69 45.47
N ASP GA 390 20.14 -7.31 45.13
CA ASP GA 390 20.67 -7.37 43.77
C ASP GA 390 22.14 -7.76 43.80
N PHE GA 391 22.75 -7.69 44.98
CA PHE GA 391 24.19 -7.70 45.12
C PHE GA 391 24.79 -9.06 44.82
N ASN GA 392 26.06 -9.09 44.41
CA ASN GA 392 26.66 -10.32 43.89
C ASN GA 392 27.58 -10.92 44.94
N GLY GA 393 27.35 -10.62 46.20
CA GLY GA 393 28.16 -11.21 47.24
C GLY GA 393 29.44 -10.47 47.54
N ALA GA 394 30.01 -9.80 46.53
CA ALA GA 394 31.20 -9.00 46.80
C ALA GA 394 30.84 -7.72 47.52
N GLN GA 395 29.66 -7.15 47.22
CA GLN GA 395 29.31 -5.88 47.82
C GLN GA 395 28.89 -6.04 49.27
N CYS GA 396 28.33 -7.21 49.55
CA CYS GA 396 27.89 -7.60 50.88
C CYS GA 396 29.10 -7.65 51.79
N LYS GA 397 30.25 -8.03 51.24
CA LYS GA 397 31.47 -8.06 52.01
C LYS GA 397 31.69 -6.61 52.41
N ALA GA 398 31.67 -5.72 51.43
CA ALA GA 398 31.83 -4.30 51.66
C ALA GA 398 30.80 -3.84 52.69
N VAL GA 399 29.52 -3.98 52.36
CA VAL GA 399 28.48 -3.54 53.30
C VAL GA 399 28.97 -3.67 54.73
N CYS GA 400 29.57 -4.83 55.05
CA CYS GA 400 30.13 -5.01 56.38
C CYS GA 400 31.27 -4.04 56.66
N VAL GA 401 32.16 -3.84 55.68
CA VAL GA 401 33.42 -3.20 56.02
C VAL GA 401 33.26 -1.68 56.10
N GLU GA 402 32.44 -1.08 55.23
CA GLU GA 402 32.25 0.35 55.41
C GLU GA 402 31.06 0.62 56.31
N ALA GA 403 30.28 -0.41 56.64
CA ALA GA 403 29.37 -0.28 57.78
C ALA GA 403 30.16 -0.09 59.07
N GLY GA 404 31.23 -0.86 59.24
CA GLY GA 404 32.13 -0.61 60.35
C GLY GA 404 32.86 0.72 60.24
N MET GA 405 33.14 1.15 59.00
CA MET GA 405 33.82 2.43 58.81
C MET GA 405 32.96 3.61 59.27
N ILE GA 406 31.68 3.63 58.88
CA ILE GA 406 30.85 4.73 59.36
C ILE GA 406 30.49 4.52 60.82
N ALA GA 407 30.58 3.27 61.30
CA ALA GA 407 30.39 3.01 62.72
C ALA GA 407 31.50 3.61 63.55
N LEU GA 408 32.72 3.76 62.98
CA LEU GA 408 33.74 4.50 63.71
C LEU GA 408 33.75 5.96 63.30
N ARG GA 409 33.07 6.32 62.21
CA ARG GA 409 32.89 7.72 61.88
C ARG GA 409 31.97 8.38 62.88
N ARG GA 410 31.03 7.60 63.45
CA ARG GA 410 30.25 8.08 64.57
C ARG GA 410 31.14 8.23 65.79
N GLY GA 411 32.13 7.35 65.93
CA GLY GA 411 33.06 7.39 67.02
C GLY GA 411 32.87 6.30 68.05
N ALA GA 412 31.82 5.50 67.94
CA ALA GA 412 31.61 4.40 68.87
C ALA GA 412 32.55 3.24 68.53
N THR GA 413 33.00 2.56 69.57
CA THR GA 413 33.85 1.38 69.42
C THR GA 413 33.05 0.10 69.29
N GLU GA 414 31.82 0.17 68.78
CA GLU GA 414 30.90 -0.96 68.74
C GLU GA 414 29.78 -0.60 67.77
N LEU GA 415 29.56 -1.47 66.79
CA LEU GA 415 28.63 -1.17 65.70
C LEU GA 415 27.24 -1.69 65.99
N THR GA 416 26.25 -1.11 65.29
CA THR GA 416 24.84 -1.40 65.49
C THR GA 416 24.19 -1.79 64.16
N HIS GA 417 22.86 -1.87 64.18
CA HIS GA 417 22.14 -2.32 62.98
C HIS GA 417 22.00 -1.20 61.96
N GLU GA 418 21.69 0.02 62.41
CA GLU GA 418 21.58 1.15 61.50
C GLU GA 418 22.92 1.56 60.94
N ASP GA 419 24.03 1.09 61.52
CA ASP GA 419 25.32 1.20 60.85
C ASP GA 419 25.33 0.39 59.57
N TYR GA 420 24.73 -0.80 59.63
CA TYR GA 420 24.62 -1.68 58.50
C TYR GA 420 23.57 -1.08 57.60
N MET GA 421 22.37 -0.94 58.16
CA MET GA 421 21.23 -0.38 57.45
C MET GA 421 21.55 0.96 56.81
N GLU GA 422 22.20 1.84 57.58
CA GLU GA 422 22.63 3.14 57.08
C GLU GA 422 23.90 3.01 56.24
N GLY GA 423 24.63 1.90 56.41
CA GLY GA 423 25.83 1.65 55.66
C GLY GA 423 25.48 1.28 54.23
N ILE GA 424 24.33 0.67 54.04
CA ILE GA 424 23.89 0.31 52.70
C ILE GA 424 23.66 1.60 51.92
N LEU GA 425 22.68 2.40 52.36
CA LEU GA 425 22.43 3.65 51.67
C LEU GA 425 23.72 4.34 51.31
N GLU GA 426 24.77 3.55 51.11
CA GLU GA 426 26.07 4.11 50.77
C GLU GA 426 26.75 3.29 49.70
N VAL GA 427 26.33 2.04 49.53
CA VAL GA 427 26.92 1.19 48.50
C VAL GA 427 26.71 1.81 47.12
N GLN GA 428 25.49 2.29 46.87
CA GLN GA 428 25.18 2.91 45.57
C GLN GA 428 24.87 4.41 45.67
N ALA GA 429 23.79 4.78 46.35
CA ALA GA 429 23.38 6.17 46.53
C ALA GA 429 22.94 6.98 45.30
N LYS GA 430 23.90 7.32 44.44
CA LYS GA 430 23.67 8.14 43.22
C LYS GA 430 22.71 9.34 43.40
N LYS GA 431 22.73 9.92 44.59
CA LYS GA 431 21.93 11.10 44.95
C LYS GA 431 20.40 11.06 44.75
N LYS GA 432 19.91 11.91 43.84
CA LYS GA 432 18.49 12.06 43.52
C LYS GA 432 17.65 12.58 44.71
N ALA GA 433 17.64 13.91 44.85
CA ALA GA 433 16.91 14.60 45.92
C ALA GA 433 15.63 15.23 45.42
N ASN GA 434 15.08 16.18 46.19
CA ASN GA 434 13.82 16.87 45.87
C ASN GA 434 12.77 15.83 45.53
N LEU GA 435 12.43 15.04 46.55
CA LEU GA 435 11.54 13.90 46.38
C LEU GA 435 10.47 13.91 47.45
N GLN GA 436 10.22 15.07 48.06
CA GLN GA 436 9.21 15.21 49.07
C GLN GA 436 7.94 14.83 48.36
N TYR GA 437 8.04 14.49 47.06
CA TYR GA 437 6.82 14.09 46.48
C TYR GA 437 6.87 12.59 46.32
N TYR GA 438 7.86 11.80 46.78
CA TYR GA 438 7.43 10.47 46.40
C TYR GA 438 6.37 9.91 47.34
N ALA GA 439 5.49 10.80 47.80
CA ALA GA 439 4.41 10.43 48.69
C ALA GA 439 4.88 9.60 49.88
N LYS HA 1 129.81 11.20 -19.33
CA LYS HA 1 129.83 9.91 -18.64
C LYS HA 1 129.28 10.03 -17.23
N SER HA 2 129.53 11.15 -16.57
CA SER HA 2 128.95 11.36 -15.25
C SER HA 2 127.46 11.69 -15.34
N GLN HA 3 127.04 12.39 -16.39
CA GLN HA 3 125.62 12.70 -16.56
C GLN HA 3 124.82 11.44 -16.86
N ASN HA 4 125.32 10.62 -17.80
CA ASN HA 4 124.71 9.33 -18.09
C ASN HA 4 124.76 8.41 -16.87
N LEU HA 5 125.84 8.51 -16.10
CA LEU HA 5 125.96 7.75 -14.86
C LEU HA 5 124.90 8.16 -13.85
N ARG HA 6 124.55 9.44 -13.79
CA ARG HA 6 123.50 9.86 -12.87
C ARG HA 6 122.13 9.51 -13.40
N ARG HA 7 121.99 9.34 -14.72
CA ARG HA 7 120.76 8.74 -15.24
C ARG HA 7 120.62 7.30 -14.77
N LEU HA 8 121.73 6.54 -14.79
CA LEU HA 8 121.72 5.20 -14.20
C LEU HA 8 121.49 5.23 -12.69
N GLN HA 9 121.91 6.31 -12.02
CA GLN HA 9 121.56 6.48 -10.61
C GLN HA 9 120.07 6.66 -10.44
N ALA HA 10 119.42 7.36 -11.37
CA ALA HA 10 117.97 7.53 -11.28
C ALA HA 10 117.25 6.21 -11.49
N GLN HA 11 117.74 5.38 -12.41
CA GLN HA 11 117.14 4.06 -12.64
C GLN HA 11 117.30 3.17 -11.41
N ARG HA 12 118.52 3.10 -10.88
CA ARG HA 12 118.81 2.25 -9.73
C ARG HA 12 118.09 2.71 -8.47
N ASN HA 13 117.99 4.02 -8.25
CA ASN HA 13 117.25 4.52 -7.11
C ASN HA 13 115.76 4.30 -7.25
N GLU HA 14 115.24 4.33 -8.48
CA GLU HA 14 113.82 4.06 -8.68
C GLU HA 14 113.48 2.61 -8.37
N LEU HA 15 114.28 1.68 -8.90
CA LEU HA 15 114.04 0.26 -8.61
C LEU HA 15 114.28 -0.05 -7.14
N ASN HA 16 115.23 0.65 -6.52
CA ASN HA 16 115.49 0.45 -5.10
C ASN HA 16 114.36 1.00 -4.24
N ALA HA 17 113.65 2.03 -4.71
CA ALA HA 17 112.48 2.50 -3.97
C ALA HA 17 111.31 1.53 -4.10
N LYS HA 18 111.17 0.93 -5.30
CA LYS HA 18 110.21 -0.16 -5.50
C LYS HA 18 110.45 -1.29 -4.51
N VAL HA 19 111.71 -1.68 -4.32
CA VAL HA 19 111.94 -2.76 -3.38
C VAL HA 19 111.88 -2.28 -1.92
N ARG HA 20 112.06 -0.98 -1.67
CA ARG HA 20 111.75 -0.44 -0.34
C ARG HA 20 110.32 -0.76 0.04
N LEU HA 21 109.37 -0.15 -0.68
CA LEU HA 21 108.02 -0.27 -0.17
C LEU HA 21 107.40 -1.62 -0.49
N LEU HA 22 108.04 -2.48 -1.30
CA LEU HA 22 107.62 -3.89 -1.29
C LEU HA 22 108.11 -4.63 -0.05
N ARG HA 23 109.33 -4.37 0.41
CA ARG HA 23 109.81 -5.10 1.59
C ARG HA 23 109.08 -4.63 2.86
N GLU HA 24 109.05 -3.31 3.09
CA GLU HA 24 108.25 -2.87 4.23
C GLU HA 24 106.76 -2.94 3.93
N GLU HA 25 106.36 -3.19 2.69
CA GLU HA 25 104.98 -3.57 2.45
C GLU HA 25 104.68 -4.94 3.04
N LEU HA 26 105.56 -5.94 2.85
CA LEU HA 26 105.21 -7.25 3.39
C LEU HA 26 105.34 -7.29 4.90
N GLN HA 27 106.16 -6.42 5.49
CA GLN HA 27 106.01 -6.35 6.95
C GLN HA 27 104.91 -5.37 7.36
N LEU HA 28 104.41 -4.55 6.45
CA LEU HA 28 103.49 -3.48 6.78
C LEU HA 28 102.08 -3.95 7.04
N LEU HA 29 101.60 -4.86 6.19
CA LEU HA 29 100.23 -5.38 6.26
C LEU HA 29 99.89 -6.21 7.47
N GLN HA 30 100.73 -6.16 8.50
CA GLN HA 30 100.46 -6.91 9.71
C GLN HA 30 99.75 -6.03 10.76
N GLU HA 31 99.48 -4.78 10.36
CA GLU HA 31 98.82 -3.82 11.21
C GLU HA 31 97.30 -3.88 11.07
N GLN HA 32 96.63 -2.80 11.45
CA GLN HA 32 95.18 -2.84 11.62
C GLN HA 32 94.38 -2.29 10.45
N GLY HA 33 93.06 -2.34 10.60
CA GLY HA 33 92.13 -1.88 9.58
C GLY HA 33 91.19 -0.85 10.17
N SER HA 34 91.13 0.30 9.54
CA SER HA 34 90.32 1.40 10.05
C SER HA 34 88.85 1.11 9.83
N TYR HA 35 88.01 1.63 10.72
CA TYR HA 35 86.57 1.45 10.58
C TYR HA 35 86.01 2.56 9.69
N VAL HA 36 84.68 2.62 9.58
CA VAL HA 36 84.04 3.61 8.73
C VAL HA 36 82.64 3.87 9.27
N GLY HA 37 82.23 5.15 9.25
CA GLY HA 37 80.89 5.50 9.69
C GLY HA 37 80.47 6.96 9.58
N GLU HA 38 79.16 7.17 9.39
CA GLU HA 38 78.52 8.48 9.42
C GLU HA 38 78.54 9.03 10.84
N VAL HA 39 78.30 10.35 10.99
CA VAL HA 39 78.37 11.00 12.30
C VAL HA 39 77.22 11.99 12.46
N VAL HA 40 77.02 12.42 13.71
CA VAL HA 40 76.45 13.75 13.98
C VAL HA 40 77.61 14.62 14.45
N ARG HA 41 77.73 15.82 13.86
CA ARG HA 41 79.00 16.55 13.83
C ARG HA 41 79.37 17.13 15.20
N ALA HA 42 80.66 17.45 15.37
CA ALA HA 42 81.30 17.84 16.62
C ALA HA 42 80.81 19.17 17.16
N MET HA 43 81.22 19.45 18.41
CA MET HA 43 80.76 20.58 19.21
C MET HA 43 81.89 21.36 19.86
N ASP HA 44 83.04 20.73 20.07
CA ASP HA 44 83.97 21.12 21.14
C ASP HA 44 85.42 20.91 20.69
N LYS HA 45 86.30 20.66 21.67
CA LYS HA 45 87.75 20.79 21.52
C LYS HA 45 88.32 19.99 20.35
N LYS HA 46 88.32 18.65 20.43
CA LYS HA 46 88.67 18.01 19.17
C LYS HA 46 87.41 17.84 18.33
N LYS HA 47 86.78 16.65 18.21
CA LYS HA 47 85.56 16.10 18.82
C LYS HA 47 84.98 15.39 17.62
N VAL HA 48 84.15 14.35 17.72
CA VAL HA 48 83.29 14.06 16.57
C VAL HA 48 81.83 13.83 16.96
N LEU HA 49 81.58 12.83 17.83
CA LEU HA 49 80.35 12.03 17.95
C LEU HA 49 80.10 11.23 16.67
N VAL HA 50 80.89 10.18 16.43
CA VAL HA 50 80.65 9.27 15.31
C VAL HA 50 79.49 8.34 15.60
N LYS HA 51 79.03 7.64 14.57
CA LYS HA 51 78.26 6.40 14.71
C LYS HA 51 78.82 5.40 13.68
N VAL HA 52 79.56 4.42 14.18
CA VAL HA 52 80.26 3.46 13.31
C VAL HA 52 79.22 2.43 12.87
N HIS HA 53 79.60 1.58 11.90
CA HIS HA 53 78.60 0.81 11.15
C HIS HA 53 77.83 -0.22 11.98
N PRO HA 54 78.52 -1.15 12.63
CA PRO HA 54 77.83 -2.18 13.42
C PRO HA 54 77.06 -1.65 14.62
N GLU HA 55 77.74 -0.86 15.45
CA GLU HA 55 77.13 -0.24 16.62
C GLU HA 55 77.49 1.23 16.55
N GLY HA 56 76.48 2.09 16.60
CA GLY HA 56 76.50 3.29 15.80
C GLY HA 56 77.14 4.50 16.44
N LYS HA 57 77.56 4.37 17.70
CA LYS HA 57 78.12 5.53 18.39
C LYS HA 57 79.47 5.40 19.11
N PHE HA 58 80.07 6.58 19.22
CA PHE HA 58 81.32 6.88 19.91
C PHE HA 58 81.63 8.36 19.70
N VAL HA 59 82.53 8.89 20.50
CA VAL HA 59 83.10 10.21 20.30
C VAL HA 59 84.61 10.04 20.24
N VAL HA 60 85.23 10.53 19.16
CA VAL HA 60 86.61 10.20 18.90
C VAL HA 60 87.41 11.48 18.64
N ASP HA 61 88.68 11.32 18.34
CA ASP HA 61 89.53 12.48 18.10
C ASP HA 61 89.79 12.71 16.61
N VAL HA 62 90.70 13.62 16.32
CA VAL HA 62 91.09 13.94 14.96
C VAL HA 62 92.56 14.31 14.90
N ASP HA 63 93.30 13.69 13.97
CA ASP HA 63 94.73 13.96 13.81
C ASP HA 63 95.05 15.38 13.38
N LYS HA 64 96.28 15.81 13.66
CA LYS HA 64 96.74 17.15 13.32
C LYS HA 64 96.48 17.52 11.85
N ASN HA 65 96.81 16.61 10.95
CA ASN HA 65 96.62 16.84 9.52
C ASN HA 65 95.22 16.44 9.02
N ILE HA 66 94.19 17.00 9.63
CA ILE HA 66 92.81 16.72 9.26
C ILE HA 66 92.01 18.02 9.23
N ASP HA 67 92.52 19.02 9.94
CA ASP HA 67 91.89 20.34 10.00
C ASP HA 67 90.39 20.30 10.30
N ILE HA 68 90.04 19.90 11.52
CA ILE HA 68 88.65 19.84 11.92
C ILE HA 68 88.02 21.23 11.79
N ASN HA 69 87.37 21.44 10.66
CA ASN HA 69 86.70 22.68 10.33
C ASN HA 69 85.81 22.46 9.12
N ASP HA 70 86.22 21.55 8.26
CA ASP HA 70 85.48 21.24 7.05
C ASP HA 70 84.65 19.96 7.17
N VAL HA 71 85.17 18.98 7.92
CA VAL HA 71 84.47 17.72 8.11
C VAL HA 71 83.06 17.95 8.63
N THR HA 72 82.10 18.03 7.71
CA THR HA 72 80.70 18.27 8.08
C THR HA 72 79.89 16.99 8.21
N PRO HA 73 78.85 17.03 9.04
CA PRO HA 73 77.92 15.93 9.33
C PRO HA 73 77.40 15.22 8.08
N ASN HA 74 77.15 13.92 8.25
CA ASN HA 74 76.65 13.03 7.19
C ASN HA 74 77.56 12.95 5.98
N CYS HA 75 78.86 12.92 6.26
CA CYS HA 75 79.91 12.82 5.28
C CYS HA 75 80.93 11.81 5.81
N ARG HA 76 80.52 10.55 5.80
CA ARG HA 76 81.26 9.41 6.32
C ARG HA 76 82.68 9.15 5.86
N VAL HA 77 83.58 9.09 6.84
CA VAL HA 77 85.00 8.78 6.67
C VAL HA 77 85.55 8.59 8.08
N ALA HA 78 86.34 7.54 8.31
CA ALA HA 78 86.91 7.33 9.63
C ALA HA 78 88.22 6.57 9.56
N LEU HA 79 88.90 6.48 10.70
CA LEU HA 79 90.18 5.79 10.78
C LEU HA 79 90.57 5.38 12.21
N ARG HA 80 89.75 5.73 13.19
CA ARG HA 80 90.10 5.38 14.55
C ARG HA 80 90.49 3.91 14.59
N ASN HA 81 91.54 3.60 13.84
CA ASN HA 81 92.10 2.24 13.71
C ASN HA 81 92.08 1.36 14.95
N ASP HA 82 92.55 1.89 16.08
CA ASP HA 82 92.56 1.13 17.31
C ASP HA 82 92.24 2.01 18.51
N SER HA 83 92.85 3.18 18.57
CA SER HA 83 92.63 4.11 19.66
C SER HA 83 91.46 5.02 19.38
N TYR HA 84 90.99 5.00 18.12
CA TYR HA 84 89.85 5.82 17.72
C TYR HA 84 90.23 7.28 17.49
N THR HA 85 91.03 7.51 16.44
CA THR HA 85 91.34 8.86 15.99
C THR HA 85 91.37 8.97 14.46
N LEU HA 86 90.81 10.06 13.94
CA LEU HA 86 90.59 10.27 12.51
C LEU HA 86 91.89 10.37 11.72
N HIS HA 87 91.79 10.11 10.42
CA HIS HA 87 92.92 10.37 9.52
C HIS HA 87 92.58 11.34 8.40
N LYS HA 88 91.55 11.06 7.60
CA LYS HA 88 91.34 11.71 6.32
C LYS HA 88 89.85 11.60 5.95
N ILE HA 89 89.55 11.86 4.68
CA ILE HA 89 88.17 11.95 4.20
C ILE HA 89 88.01 11.00 3.03
N LEU HA 90 86.78 10.61 2.74
CA LEU HA 90 86.53 9.67 1.65
C LEU HA 90 85.36 10.14 0.79
N PRO HA 91 84.95 9.30 -0.17
CA PRO HA 91 83.83 9.63 -1.04
C PRO HA 91 82.59 9.92 -0.21
N ASN HA 92 82.08 11.14 -0.34
CA ASN HA 92 80.91 11.63 0.40
C ASN HA 92 79.83 10.61 0.69
N LYS HA 93 79.71 9.62 -0.18
CA LYS HA 93 78.72 8.55 -0.06
C LYS HA 93 77.26 9.04 0.02
N VAL HA 94 76.73 9.36 -1.16
CA VAL HA 94 75.36 9.85 -1.41
C VAL HA 94 74.39 10.13 -0.26
N ASP HA 95 74.22 11.40 0.06
CA ASP HA 95 73.31 11.84 1.11
C ASP HA 95 71.86 11.46 0.86
N PRO HA 96 71.09 11.29 1.95
CA PRO HA 96 69.68 10.92 2.08
C PRO HA 96 68.73 10.89 0.89
N LEU HA 97 68.45 12.06 0.29
CA LEU HA 97 67.63 12.08 -0.93
C LEU HA 97 68.22 11.37 -2.14
N VAL HA 98 69.51 11.58 -2.37
CA VAL HA 98 70.12 10.75 -3.39
C VAL HA 98 69.53 9.35 -3.24
N SER HA 99 69.19 8.98 -2.02
CA SER HA 99 68.61 7.66 -1.79
C SER HA 99 67.20 7.55 -2.36
N LEU HA 100 66.27 8.34 -1.82
CA LEU HA 100 64.90 8.30 -2.31
C LEU HA 100 64.71 9.18 -3.54
N MET HA 101 65.28 8.70 -4.63
CA MET HA 101 65.25 9.31 -5.93
C MET HA 101 65.78 8.18 -6.78
N MET HA 102 66.94 7.66 -6.39
CA MET HA 102 67.56 6.55 -7.06
C MET HA 102 66.80 5.30 -6.65
N VAL HA 103 66.32 5.29 -5.41
CA VAL HA 103 65.57 4.15 -4.91
C VAL HA 103 64.20 4.10 -5.57
N GLU HA 104 63.37 5.10 -5.33
CA GLU HA 104 62.06 5.16 -5.93
C GLU HA 104 62.30 5.49 -7.39
N LYS HA 105 63.46 5.11 -7.90
CA LYS HA 105 63.76 5.45 -9.29
C LYS HA 105 62.57 5.69 -10.19
N VAL HA 106 61.40 5.95 -9.63
CA VAL HA 106 60.23 6.16 -10.46
C VAL HA 106 60.42 7.32 -11.44
N PRO HA 107 60.85 8.49 -10.95
CA PRO HA 107 61.03 9.65 -11.83
C PRO HA 107 61.98 9.34 -12.97
N ASP HA 108 61.49 9.39 -14.20
CA ASP HA 108 62.30 9.13 -15.38
C ASP HA 108 62.65 10.45 -16.07
N SER HA 109 63.94 10.69 -16.27
CA SER HA 109 64.38 11.94 -16.90
C SER HA 109 63.48 12.26 -18.07
N THR HA 110 62.89 13.47 -18.09
CA THR HA 110 62.08 13.90 -19.22
C THR HA 110 62.39 15.36 -19.54
N TYR HA 111 62.39 15.68 -20.83
CA TYR HA 111 62.75 17.03 -21.30
C TYR HA 111 62.06 17.23 -22.66
N GLU HA 112 61.02 18.06 -22.68
CA GLU HA 112 60.47 18.70 -23.87
C GLU HA 112 59.79 17.73 -24.85
N MET HA 113 59.87 16.41 -24.60
CA MET HA 113 59.22 15.42 -25.46
C MET HA 113 57.73 15.22 -25.14
N ILE HA 114 57.14 16.17 -24.42
CA ILE HA 114 55.72 16.15 -24.06
C ILE HA 114 54.89 16.20 -25.33
N GLY HA 115 53.98 15.23 -25.47
CA GLY HA 115 53.31 15.00 -26.73
C GLY HA 115 52.16 15.95 -27.03
N GLY HA 116 52.48 17.15 -27.45
CA GLY HA 116 51.49 18.11 -27.87
C GLY HA 116 50.76 18.81 -26.76
N LEU HA 117 51.48 19.34 -25.77
CA LEU HA 117 50.90 20.19 -24.74
C LEU HA 117 51.71 21.48 -24.75
N ASP HA 118 51.06 22.58 -25.08
CA ASP HA 118 51.74 23.87 -25.14
C ASP HA 118 51.09 24.93 -24.28
N LYS HA 119 49.75 24.93 -24.19
CA LYS HA 119 49.07 25.75 -23.21
C LYS HA 119 49.43 25.31 -21.80
N GLN HA 120 49.53 24.00 -21.60
CA GLN HA 120 49.86 23.45 -20.28
C GLN HA 120 51.28 23.79 -19.89
N ILE HA 121 52.24 23.64 -20.80
CA ILE HA 121 53.61 23.99 -20.45
C ILE HA 121 53.81 25.48 -20.39
N LYS HA 122 52.97 26.26 -21.07
CA LYS HA 122 53.04 27.71 -20.95
C LYS HA 122 52.56 28.14 -19.56
N GLU HA 123 51.56 27.44 -19.03
CA GLU HA 123 51.03 27.85 -17.73
C GLU HA 123 51.90 27.32 -16.59
N ILE HA 124 52.45 26.10 -16.74
CA ILE HA 124 53.31 25.61 -15.66
C ILE HA 124 54.67 26.30 -15.70
N LYS HA 125 55.21 26.63 -16.89
CA LYS HA 125 56.41 27.44 -16.94
C LYS HA 125 56.13 28.89 -16.57
N GLU HA 126 54.88 29.32 -16.65
CA GLU HA 126 54.47 30.59 -16.09
C GLU HA 126 54.51 30.55 -14.56
N VAL HA 127 54.29 29.41 -13.93
CA VAL HA 127 54.36 29.40 -12.46
C VAL HA 127 55.35 28.41 -11.85
N ILE HA 128 56.41 28.02 -12.55
CA ILE HA 128 57.41 27.19 -11.89
C ILE HA 128 58.85 27.64 -12.12
N GLU HA 129 59.16 28.47 -13.11
CA GLU HA 129 60.52 29.01 -13.20
C GLU HA 129 60.58 30.51 -13.10
N LEU HA 130 59.49 31.20 -13.40
CA LEU HA 130 59.38 32.59 -12.99
C LEU HA 130 59.43 32.80 -11.47
N PRO HA 131 58.79 31.97 -10.60
CA PRO HA 131 59.02 32.18 -9.16
C PRO HA 131 60.32 31.64 -8.62
N VAL HA 132 61.19 31.12 -9.49
CA VAL HA 132 62.50 30.62 -9.09
C VAL HA 132 63.61 31.50 -9.65
N LYS HA 133 63.65 31.67 -10.97
CA LYS HA 133 64.78 32.31 -11.63
C LYS HA 133 64.55 33.77 -11.95
N HIS HA 134 63.34 34.29 -11.75
CA HIS HA 134 63.09 35.73 -11.82
C HIS HA 134 62.12 36.14 -10.73
N PRO HA 135 62.57 36.21 -9.48
CA PRO HA 135 61.67 36.71 -8.43
C PRO HA 135 61.53 38.21 -8.43
N GLU HA 136 62.37 38.91 -9.21
CA GLU HA 136 62.47 40.36 -9.12
C GLU HA 136 61.19 41.05 -9.60
N LEU HA 137 60.55 40.52 -10.62
CA LEU HA 137 59.28 41.09 -11.05
C LEU HA 137 58.11 40.62 -10.21
N PHE HA 138 58.32 39.68 -9.28
CA PHE HA 138 57.25 39.38 -8.34
C PHE HA 138 57.30 40.26 -7.10
N GLU HA 139 58.50 40.68 -6.71
CA GLU HA 139 58.64 41.58 -5.57
C GLU HA 139 58.52 43.04 -5.96
N ALA HA 140 58.06 43.33 -7.17
CA ALA HA 140 57.84 44.70 -7.63
C ALA HA 140 56.50 44.84 -8.35
N LEU HA 141 55.89 43.69 -8.58
CA LEU HA 141 54.57 43.57 -9.19
C LEU HA 141 53.46 43.54 -8.12
N GLY HA 142 53.85 43.39 -6.85
CA GLY HA 142 52.93 43.33 -5.74
C GLY HA 142 52.44 41.93 -5.42
N ILE HA 143 52.80 40.96 -6.24
CA ILE HA 143 52.40 39.59 -6.00
C ILE HA 143 53.13 39.09 -4.77
N ALA HA 144 52.46 38.29 -3.95
CA ALA HA 144 53.08 37.80 -2.73
C ALA HA 144 54.01 36.63 -3.03
N GLN HA 145 53.42 35.48 -3.43
CA GLN HA 145 54.16 34.33 -3.93
C GLN HA 145 53.20 33.33 -4.58
N PRO HA 146 53.49 32.84 -5.77
CA PRO HA 146 52.76 31.68 -6.28
C PRO HA 146 53.44 30.38 -5.88
N LYS HA 147 52.64 29.45 -5.37
CA LYS HA 147 53.17 28.16 -4.95
C LYS HA 147 52.03 27.14 -4.97
N GLY HA 148 52.35 25.90 -5.32
CA GLY HA 148 51.36 24.86 -5.29
C GLY HA 148 50.57 24.81 -6.56
N VAL HA 149 50.68 23.71 -7.30
CA VAL HA 149 50.01 23.53 -8.58
C VAL HA 149 49.29 22.20 -8.52
N LEU HA 150 48.02 22.18 -8.93
CA LEU HA 150 47.26 20.95 -8.96
C LEU HA 150 47.09 20.52 -10.41
N LEU HA 151 47.54 19.31 -10.72
CA LEU HA 151 47.48 18.75 -12.07
C LEU HA 151 46.33 17.76 -12.14
N TYR HA 152 45.16 18.22 -12.58
CA TYR HA 152 44.02 17.33 -12.70
C TYR HA 152 43.83 16.98 -14.18
N GLY HA 153 43.74 15.68 -14.44
CA GLY HA 153 43.55 15.17 -15.78
C GLY HA 153 43.21 13.70 -15.71
N PRO HA 154 43.00 13.05 -16.85
CA PRO HA 154 42.79 11.60 -16.87
C PRO HA 154 44.05 10.87 -16.48
N PRO HA 155 43.94 9.61 -16.03
CA PRO HA 155 45.14 8.84 -15.70
C PRO HA 155 46.04 8.62 -16.91
N GLY HA 156 47.25 9.18 -16.81
CA GLY HA 156 48.10 9.30 -17.96
C GLY HA 156 48.17 10.75 -18.39
N THR HA 157 48.70 10.95 -19.59
CA THR HA 157 48.57 12.12 -20.46
C THR HA 157 49.33 13.36 -20.00
N GLY HA 158 49.60 13.51 -18.70
CA GLY HA 158 50.46 14.61 -18.32
C GLY HA 158 51.21 14.46 -17.02
N LYS HA 159 50.84 13.44 -16.26
CA LYS HA 159 51.38 13.21 -14.92
C LYS HA 159 52.76 12.58 -14.78
N THR HA 160 53.47 13.01 -13.74
CA THR HA 160 54.80 12.52 -13.39
C THR HA 160 55.87 12.86 -14.43
N LEU HA 161 55.52 13.57 -15.47
CA LEU HA 161 56.34 13.85 -16.64
C LEU HA 161 56.35 15.33 -16.99
N LEU HA 162 55.23 16.03 -16.85
CA LEU HA 162 55.29 17.47 -16.95
C LEU HA 162 55.95 18.06 -15.72
N ALA HA 163 55.56 17.58 -14.54
CA ALA HA 163 56.19 18.05 -13.31
C ALA HA 163 57.62 17.56 -13.19
N ARG HA 164 57.99 16.51 -13.92
CA ARG HA 164 59.38 16.11 -14.03
C ARG HA 164 60.17 17.02 -14.96
N ALA HA 165 59.59 17.32 -16.14
CA ALA HA 165 60.35 18.01 -17.19
C ALA HA 165 60.66 19.45 -16.80
N VAL HA 166 59.65 20.20 -16.33
CA VAL HA 166 59.91 21.58 -15.92
C VAL HA 166 60.56 21.66 -14.54
N ALA HA 167 60.75 20.52 -13.87
CA ALA HA 167 61.63 20.50 -12.71
C ALA HA 167 63.10 20.44 -13.10
N HIS HA 168 63.41 19.98 -14.31
CA HIS HA 168 64.78 19.71 -14.67
C HIS HA 168 65.27 20.51 -15.87
N HIS HA 169 64.39 21.14 -16.63
CA HIS HA 169 64.85 22.30 -17.38
C HIS HA 169 65.42 23.35 -16.44
N THR HA 170 64.76 23.58 -15.31
CA THR HA 170 65.21 24.51 -14.30
C THR HA 170 66.32 23.94 -13.41
N ASP HA 171 66.60 22.64 -13.50
CA ASP HA 171 67.60 21.93 -12.69
C ASP HA 171 67.34 22.12 -11.20
N CYS HA 172 66.07 22.00 -10.81
CA CYS HA 172 65.66 22.45 -9.49
C CYS HA 172 65.98 21.40 -8.42
N THR HA 173 65.18 20.34 -8.39
CA THR HA 173 65.33 18.97 -7.88
C THR HA 173 63.95 18.35 -8.11
N PHE HA 174 63.77 17.07 -7.84
CA PHE HA 174 62.42 16.56 -7.94
C PHE HA 174 62.19 15.52 -6.84
N ILE HA 175 61.78 15.99 -5.68
CA ILE HA 175 61.53 15.13 -4.53
C ILE HA 175 60.12 14.58 -4.68
N ARG HA 176 59.96 13.27 -4.58
CA ARG HA 176 58.64 12.66 -4.58
C ARG HA 176 58.35 11.99 -3.26
N VAL HA 177 57.26 12.41 -2.63
CA VAL HA 177 56.83 11.85 -1.35
C VAL HA 177 55.62 10.97 -1.61
N SER HA 178 55.47 10.52 -2.86
CA SER HA 178 54.44 9.58 -3.22
C SER HA 178 54.71 8.24 -2.55
N GLY HA 179 53.87 7.88 -1.58
CA GLY HA 179 54.12 6.68 -0.82
C GLY HA 179 54.94 6.96 0.42
N SER HA 180 54.76 6.15 1.45
CA SER HA 180 55.43 6.30 2.72
C SER HA 180 55.97 4.96 3.20
N GLU HA 181 56.68 4.27 2.30
CA GLU HA 181 57.07 2.89 2.56
C GLU HA 181 58.21 2.83 3.57
N LEU HA 182 59.32 3.50 3.26
CA LEU HA 182 60.50 3.44 4.09
C LEU HA 182 61.17 4.81 4.13
N VAL HA 183 61.63 5.18 5.32
CA VAL HA 183 61.93 6.58 5.66
C VAL HA 183 63.44 6.73 5.85
N VAL HA 194 55.51 13.50 5.96
CA VAL HA 194 56.09 13.78 7.26
C VAL HA 194 56.61 15.21 7.34
N ARG HA 195 57.63 15.41 8.17
CA ARG HA 195 58.19 16.73 8.42
C ARG HA 195 59.69 16.78 8.19
N GLU HA 196 60.38 15.64 8.16
CA GLU HA 196 61.83 15.64 8.02
C GLU HA 196 62.24 16.00 6.61
N LEU HA 197 61.35 15.81 5.64
CA LEU HA 197 61.69 15.99 4.23
C LEU HA 197 61.94 17.45 3.86
N PHE HA 198 61.34 18.32 4.67
CA PHE HA 198 61.43 19.75 4.50
C PHE HA 198 62.85 20.17 4.72
N VAL HA 199 63.53 19.54 5.67
CA VAL HA 199 64.91 19.89 5.92
C VAL HA 199 65.75 19.59 4.67
N MET HA 200 65.52 18.45 4.05
CA MET HA 200 66.26 18.09 2.86
C MET HA 200 65.99 19.09 1.74
N ALA HA 201 64.73 19.47 1.59
CA ALA HA 201 64.35 20.41 0.56
C ALA HA 201 64.99 21.77 0.80
N ARG HA 202 65.04 22.17 2.06
CA ARG HA 202 65.63 23.44 2.47
C ARG HA 202 67.11 23.44 2.14
N GLU HA 203 67.76 22.31 2.40
CA GLU HA 203 69.17 22.16 2.13
C GLU HA 203 69.40 22.27 0.62
N HIS HA 204 68.53 21.67 -0.18
CA HIS HA 204 68.70 21.73 -1.64
C HIS HA 204 68.59 23.15 -2.20
N ALA HA 205 67.62 23.93 -1.72
CA ALA HA 205 67.54 25.35 -2.10
C ALA HA 205 67.59 25.75 -3.59
N PRO HA 206 66.89 25.03 -4.45
CA PRO HA 206 65.46 25.16 -4.71
C PRO HA 206 64.87 23.76 -4.82
N SER HA 207 63.60 23.58 -4.50
CA SER HA 207 63.12 22.21 -4.58
C SER HA 207 61.70 22.16 -5.10
N ILE HA 208 61.26 20.95 -5.45
CA ILE HA 208 59.93 20.68 -5.96
C ILE HA 208 59.44 19.35 -5.39
N ILE HA 209 58.29 19.36 -4.74
CA ILE HA 209 57.72 18.19 -4.09
C ILE HA 209 56.52 17.73 -4.90
N PHE HA 210 56.43 16.43 -5.15
CA PHE HA 210 55.42 15.86 -6.04
C PHE HA 210 54.56 14.85 -5.27
N MET HA 211 53.35 14.58 -5.78
CA MET HA 211 52.38 13.78 -5.05
C MET HA 211 51.83 12.59 -5.83
N ASP HA 212 50.78 11.97 -5.29
CA ASP HA 212 50.21 10.73 -5.80
C ASP HA 212 48.73 10.95 -6.08
N GLU HA 213 48.14 10.05 -6.89
CA GLU HA 213 46.84 10.35 -7.48
C GLU HA 213 45.80 9.24 -7.34
N ILE HA 214 45.97 8.29 -6.41
CA ILE HA 214 45.19 7.06 -6.48
C ILE HA 214 43.74 7.26 -6.04
N ASP HA 215 42.82 7.02 -6.98
CA ASP HA 215 41.44 6.64 -6.70
C ASP HA 215 41.10 5.33 -7.39
N SER HA 216 41.41 5.25 -8.69
CA SER HA 216 41.33 4.07 -9.55
C SER HA 216 42.09 4.40 -10.82
N ILE HA 217 42.69 3.38 -11.42
CA ILE HA 217 43.44 3.60 -12.66
C ILE HA 217 42.48 3.73 -13.83
N SER HA 226 40.68 6.87 2.44
CA SER HA 226 39.72 7.95 2.53
C SER HA 226 40.44 9.30 2.59
N GLY HA 227 41.51 9.35 3.36
CA GLY HA 227 42.31 10.56 3.51
C GLY HA 227 43.74 10.39 3.07
N GLY HA 228 43.95 9.79 1.89
CA GLY HA 228 45.24 9.28 1.43
C GLY HA 228 46.47 10.16 1.52
N ASP HA 229 46.54 11.22 0.71
CA ASP HA 229 47.68 12.13 0.75
C ASP HA 229 47.28 13.59 0.69
N SER HA 230 46.00 13.92 0.90
CA SER HA 230 45.62 15.30 1.15
C SER HA 230 46.04 15.72 2.55
N GLU HA 231 46.19 14.74 3.45
CA GLU HA 231 46.66 14.97 4.81
C GLU HA 231 48.07 15.55 4.82
N VAL HA 232 49.00 14.87 4.13
CA VAL HA 232 50.35 15.38 4.02
C VAL HA 232 50.42 16.61 3.12
N GLN HA 233 49.48 16.67 2.18
CA GLN HA 233 49.40 17.78 1.25
C GLN HA 233 49.32 19.05 2.06
N ARG HA 234 48.23 19.18 2.82
CA ARG HA 234 48.06 20.37 3.65
C ARG HA 234 49.15 20.43 4.72
N THR HA 235 49.49 19.29 5.30
CA THR HA 235 50.53 19.18 6.31
C THR HA 235 51.80 19.92 5.90
N MET HA 236 52.05 19.98 4.60
CA MET HA 236 53.18 20.76 4.10
C MET HA 236 52.76 22.09 3.49
N LEU HA 237 51.46 22.32 3.28
CA LEU HA 237 51.00 23.67 3.00
C LEU HA 237 50.84 24.48 4.28
N GLU HA 238 50.66 23.83 5.43
CA GLU HA 238 50.69 24.56 6.69
C GLU HA 238 52.09 25.06 6.97
N LEU HA 239 53.10 24.21 6.76
CA LEU HA 239 54.45 24.74 6.95
C LEU HA 239 54.85 25.62 5.77
N LEU HA 240 54.27 25.39 4.61
CA LEU HA 240 54.69 26.13 3.41
C LEU HA 240 54.08 27.52 3.33
N ASN HA 241 52.92 27.74 3.96
CA ASN HA 241 52.23 29.02 3.86
C ASN HA 241 53.01 30.14 4.55
N GLN HA 242 53.53 29.88 5.75
CA GLN HA 242 54.24 30.91 6.51
C GLN HA 242 55.71 31.00 6.16
N LEU HA 243 56.22 30.11 5.32
CA LEU HA 243 57.66 29.92 5.19
C LEU HA 243 58.31 30.99 4.33
N THR HA 249 64.93 28.57 1.23
CA THR HA 249 63.97 28.56 2.32
C THR HA 249 62.64 29.14 1.87
N LYS HA 250 62.56 29.47 0.59
CA LYS HA 250 61.29 29.91 0.02
C LYS HA 250 60.97 29.32 -1.34
N ASN HA 251 61.95 28.84 -2.10
CA ASN HA 251 61.71 28.40 -3.47
C ASN HA 251 61.47 26.89 -3.50
N ILE HA 252 60.54 26.44 -2.66
CA ILE HA 252 60.06 25.06 -2.72
C ILE HA 252 58.59 25.10 -3.16
N LYS HA 253 58.25 24.25 -4.12
CA LYS HA 253 56.97 24.31 -4.82
C LYS HA 253 56.35 22.92 -4.80
N VAL HA 254 55.28 22.75 -4.03
CA VAL HA 254 54.59 21.46 -4.01
C VAL HA 254 53.79 21.30 -5.28
N ILE HA 255 53.66 20.05 -5.73
CA ILE HA 255 52.90 19.69 -6.92
C ILE HA 255 52.02 18.52 -6.54
N MET HA 256 50.72 18.63 -6.78
CA MET HA 256 49.80 17.51 -6.58
C MET HA 256 49.15 17.12 -7.89
N ALA HA 257 49.24 15.85 -8.24
CA ALA HA 257 48.51 15.28 -9.37
C ALA HA 257 47.37 14.45 -8.81
N THR HA 258 46.16 14.68 -9.32
CA THR HA 258 44.98 13.90 -9.01
C THR HA 258 44.19 13.64 -10.29
N ASN HA 259 43.39 12.57 -10.28
CA ASN HA 259 42.61 12.26 -11.48
C ASN HA 259 41.40 13.18 -11.61
N ARG HA 260 40.82 13.60 -10.49
CA ARG HA 260 39.61 14.41 -10.51
C ARG HA 260 39.73 15.54 -9.48
N ILE HA 261 39.24 16.71 -9.85
CA ILE HA 261 39.28 17.84 -8.94
C ILE HA 261 38.19 17.74 -7.87
N ASP HA 262 37.11 17.02 -8.14
CA ASP HA 262 36.00 16.97 -7.20
C ASP HA 262 36.20 15.96 -6.08
N ILE HA 263 37.12 15.02 -6.24
CA ILE HA 263 37.23 13.91 -5.30
C ILE HA 263 37.96 14.33 -4.03
N LEU HA 264 38.73 15.41 -4.08
CA LEU HA 264 39.64 15.76 -3.00
C LEU HA 264 38.92 16.58 -1.93
N ASP HA 265 39.70 17.13 -0.99
CA ASP HA 265 39.16 17.72 0.22
C ASP HA 265 38.57 19.09 -0.05
N SER HA 266 37.64 19.50 0.81
CA SER HA 266 37.17 20.88 0.81
C SER HA 266 38.19 21.83 1.42
N ALA HA 267 39.16 21.32 2.16
CA ALA HA 267 40.21 22.19 2.68
C ALA HA 267 41.14 22.65 1.57
N LEU HA 268 41.39 21.78 0.59
CA LEU HA 268 42.10 22.21 -0.61
C LEU HA 268 41.25 23.13 -1.46
N LEU HA 269 39.93 23.03 -1.34
CA LEU HA 269 39.01 23.99 -1.97
C LEU HA 269 39.04 25.26 -1.12
N ARG HA 270 40.15 25.96 -1.17
CA ARG HA 270 40.24 27.19 -0.39
C ARG HA 270 41.05 28.20 -1.16
N PRO HA 271 40.46 28.79 -2.18
CA PRO HA 271 41.20 29.73 -3.00
C PRO HA 271 41.74 30.89 -2.17
N GLY HA 272 43.02 31.19 -2.39
CA GLY HA 272 43.84 30.26 -3.14
C GLY HA 272 44.84 29.48 -2.32
N ARG HA 273 44.56 28.18 -2.16
CA ARG HA 273 45.47 27.29 -1.45
C ARG HA 273 46.28 26.61 -2.54
N ILE HA 274 45.63 26.43 -3.68
CA ILE HA 274 46.25 25.88 -4.86
C ILE HA 274 46.32 27.02 -5.85
N ASP HA 275 47.41 27.76 -5.82
CA ASP HA 275 47.59 28.94 -6.66
C ASP HA 275 47.43 28.64 -8.14
N ARG HA 276 47.35 27.38 -8.54
CA ARG HA 276 47.30 27.04 -9.96
C ARG HA 276 46.59 25.72 -10.15
N LYS HA 277 45.55 25.71 -10.95
CA LYS HA 277 44.82 24.49 -11.29
C LYS HA 277 44.97 24.28 -12.79
N ILE HA 278 46.07 23.65 -13.18
CA ILE HA 278 46.30 23.32 -14.58
C ILE HA 278 45.44 22.14 -14.97
N GLU HA 279 44.90 22.16 -16.19
CA GLU HA 279 43.97 21.15 -16.67
C GLU HA 279 44.61 20.35 -17.80
N PHE HA 280 44.51 19.03 -17.70
CA PHE HA 280 44.97 18.15 -18.76
C PHE HA 280 43.77 17.54 -19.45
N PRO HA 281 43.52 17.83 -20.72
CA PRO HA 281 42.48 17.12 -21.45
C PRO HA 281 43.02 15.81 -21.97
N PRO HA 282 42.14 14.87 -22.34
CA PRO HA 282 42.60 13.76 -23.18
C PRO HA 282 42.98 14.26 -24.55
N PRO HA 283 43.96 13.64 -25.20
CA PRO HA 283 44.51 14.23 -26.43
C PRO HA 283 43.57 14.08 -27.62
N ASN HA 284 43.52 15.14 -28.43
CA ASN HA 284 42.76 15.14 -29.68
C ASN HA 284 43.55 14.48 -30.80
N GLU HA 285 43.16 14.73 -32.05
CA GLU HA 285 43.81 14.09 -33.21
C GLU HA 285 45.27 14.48 -33.32
N GLU HA 286 45.55 15.79 -33.39
CA GLU HA 286 46.89 16.24 -33.73
C GLU HA 286 47.87 16.09 -32.57
N ALA HA 287 47.39 16.22 -31.33
CA ALA HA 287 48.27 15.99 -30.19
C ALA HA 287 48.62 14.52 -30.07
N ARG HA 288 47.72 13.63 -30.49
CA ARG HA 288 48.03 12.22 -30.48
C ARG HA 288 48.91 11.82 -31.65
N LEU HA 289 48.85 12.54 -32.77
CA LEU HA 289 49.89 12.35 -33.76
C LEU HA 289 51.21 12.96 -33.31
N ASP HA 290 51.20 13.87 -32.35
CA ASP HA 290 52.46 14.38 -31.81
C ASP HA 290 53.08 13.39 -30.83
N ILE HA 291 52.29 12.85 -29.90
CA ILE HA 291 52.86 11.90 -28.95
C ILE HA 291 53.17 10.58 -29.63
N LEU HA 292 52.33 10.16 -30.58
CA LEU HA 292 52.63 8.96 -31.35
C LEU HA 292 53.71 9.24 -32.37
N LYS HA 293 53.93 10.51 -32.69
CA LYS HA 293 55.08 10.89 -33.48
C LYS HA 293 56.38 10.73 -32.68
N ILE HA 294 56.38 11.05 -31.38
CA ILE HA 294 57.61 10.96 -30.59
C ILE HA 294 57.90 9.51 -30.22
N HIS HA 295 56.91 8.81 -29.67
CA HIS HA 295 57.11 7.41 -29.34
C HIS HA 295 57.33 6.57 -30.59
N SER HA 296 56.81 7.00 -31.75
CA SER HA 296 57.25 6.39 -33.00
C SER HA 296 58.65 6.85 -33.39
N ARG HA 297 59.11 8.02 -32.90
CA ARG HA 297 60.52 8.36 -33.05
C ARG HA 297 61.43 7.62 -32.10
N LYS HA 298 60.93 6.63 -31.37
CA LYS HA 298 61.84 5.75 -30.63
C LYS HA 298 62.49 4.68 -31.53
N MET HA 299 61.87 4.27 -32.64
CA MET HA 299 62.37 3.07 -33.32
C MET HA 299 62.45 3.24 -34.84
N ASN HA 300 62.92 2.19 -35.52
CA ASN HA 300 62.91 2.07 -36.97
C ASN HA 300 61.48 2.01 -37.48
N LEU HA 301 61.23 2.62 -38.66
CA LEU HA 301 59.96 2.26 -39.27
C LEU HA 301 60.05 1.67 -40.67
N THR HA 302 60.20 2.55 -41.68
CA THR HA 302 60.16 2.24 -43.11
C THR HA 302 60.27 3.55 -43.90
N ARG HA 303 60.32 3.45 -45.23
CA ARG HA 303 60.37 4.63 -46.11
C ARG HA 303 59.18 5.57 -45.93
N GLY HA 304 58.02 5.08 -45.50
CA GLY HA 304 56.90 5.97 -45.26
C GLY HA 304 55.79 5.36 -44.43
N ILE HA 305 55.33 6.08 -43.41
CA ILE HA 305 54.23 5.65 -42.56
C ILE HA 305 52.96 6.43 -42.86
N ASN HA 306 53.03 7.77 -42.77
CA ASN HA 306 51.88 8.67 -42.75
C ASN HA 306 50.92 8.29 -41.62
N LEU HA 307 51.42 8.58 -40.41
CA LEU HA 307 50.93 8.14 -39.10
C LEU HA 307 49.47 8.49 -38.77
N ARG HA 308 48.80 9.24 -39.66
CA ARG HA 308 47.48 9.79 -39.38
C ARG HA 308 46.44 8.70 -39.17
N LYS HA 309 46.52 7.62 -39.95
CA LYS HA 309 45.49 6.57 -39.92
C LYS HA 309 45.48 5.84 -38.58
N ILE HA 310 46.61 5.82 -37.90
CA ILE HA 310 46.66 5.27 -36.55
C ILE HA 310 46.00 6.22 -35.57
N ALA HA 311 46.25 7.52 -35.74
CA ALA HA 311 45.62 8.55 -34.92
C ALA HA 311 44.14 8.72 -35.23
N GLU HA 312 43.72 8.07 -36.30
CA GLU HA 312 42.38 8.09 -36.83
C GLU HA 312 41.43 7.56 -35.77
N LEU HA 313 41.90 6.61 -34.98
CA LEU HA 313 41.08 6.04 -33.92
C LEU HA 313 41.85 6.28 -32.64
N MET HA 314 41.86 7.53 -32.24
CA MET HA 314 42.56 8.01 -31.05
C MET HA 314 41.64 8.25 -29.86
N PRO HA 315 40.38 7.82 -29.96
CA PRO HA 315 39.24 8.68 -29.68
C PRO HA 315 39.25 9.18 -28.24
N GLY HA 316 39.56 8.31 -27.29
CA GLY HA 316 39.64 8.74 -25.89
C GLY HA 316 41.01 8.52 -25.30
N ALA HA 317 41.85 7.90 -26.11
CA ALA HA 317 43.23 7.54 -25.82
C ALA HA 317 43.76 8.04 -24.49
N SER HA 318 45.05 7.82 -24.29
CA SER HA 318 45.74 8.24 -23.08
C SER HA 318 47.23 8.36 -23.37
N GLY HA 319 47.95 9.11 -22.55
CA GLY HA 319 49.36 9.22 -22.81
C GLY HA 319 49.90 7.82 -23.01
N ALA HA 320 49.77 7.00 -21.97
CA ALA HA 320 50.23 5.63 -22.01
C ALA HA 320 49.70 4.87 -23.21
N GLU HA 321 48.39 4.95 -23.42
CA GLU HA 321 47.72 4.27 -24.53
C GLU HA 321 48.42 4.50 -25.86
N VAL HA 322 49.47 5.29 -25.83
CA VAL HA 322 50.28 5.58 -27.01
C VAL HA 322 51.64 4.90 -26.93
N LYS HA 323 52.30 5.00 -25.77
CA LYS HA 323 53.54 4.25 -25.57
C LYS HA 323 53.30 2.75 -25.63
N GLY HA 324 52.15 2.31 -25.10
CA GLY HA 324 51.80 0.90 -25.17
C GLY HA 324 51.67 0.40 -26.61
N VAL HA 325 50.91 1.12 -27.43
CA VAL HA 325 50.71 0.65 -28.81
C VAL HA 325 51.95 0.82 -29.65
N CYS HA 326 52.87 1.72 -29.27
CA CYS HA 326 54.05 1.80 -30.10
C CYS HA 326 55.02 0.67 -29.77
N THR HA 327 55.11 0.30 -28.49
CA THR HA 327 55.91 -0.88 -28.13
C THR HA 327 55.28 -2.17 -28.66
N GLU HA 328 53.95 -2.25 -28.66
CA GLU HA 328 53.29 -3.44 -29.21
C GLU HA 328 53.40 -3.51 -30.72
N ALA HA 329 53.45 -2.35 -31.40
CA ALA HA 329 53.73 -2.37 -32.83
C ALA HA 329 55.16 -2.83 -33.09
N GLY HA 330 56.09 -2.43 -32.24
CA GLY HA 330 57.45 -2.92 -32.34
C GLY HA 330 57.57 -4.43 -32.14
N MET HA 331 56.83 -4.96 -31.17
CA MET HA 331 56.86 -6.41 -30.94
C MET HA 331 56.15 -7.15 -32.07
N TYR HA 332 55.09 -6.56 -32.62
CA TYR HA 332 54.42 -7.19 -33.76
C TYR HA 332 55.25 -7.10 -35.02
N ALA HA 333 56.26 -6.24 -35.05
CA ALA HA 333 57.26 -6.36 -36.09
C ALA HA 333 58.35 -7.34 -35.70
N LEU HA 334 58.52 -7.59 -34.40
CA LEU HA 334 59.56 -8.48 -33.95
C LEU HA 334 59.17 -9.94 -34.11
N ARG HA 335 57.87 -10.23 -34.17
CA ARG HA 335 57.41 -11.62 -34.18
C ARG HA 335 57.79 -12.33 -35.47
N GLU HA 336 57.86 -11.60 -36.58
CA GLU HA 336 58.24 -12.19 -37.86
C GLU HA 336 59.72 -12.06 -38.17
N ARG HA 337 60.56 -11.85 -37.15
CA ARG HA 337 62.01 -11.73 -37.27
C ARG HA 337 62.42 -10.62 -38.23
N ARG HA 338 61.63 -9.56 -38.29
CA ARG HA 338 61.79 -8.51 -39.28
C ARG HA 338 62.33 -7.25 -38.61
N VAL HA 339 63.18 -6.53 -39.33
CA VAL HA 339 63.97 -5.46 -38.75
C VAL HA 339 63.45 -4.08 -39.12
N HIS HA 340 62.22 -4.00 -39.64
CA HIS HA 340 61.61 -2.71 -39.96
C HIS HA 340 60.13 -2.76 -39.64
N VAL HA 341 59.70 -1.83 -38.79
CA VAL HA 341 58.32 -1.80 -38.30
C VAL HA 341 57.46 -1.25 -39.43
N THR HA 342 56.62 -2.10 -40.00
CA THR HA 342 55.82 -1.73 -41.15
C THR HA 342 54.59 -0.94 -40.71
N GLN HA 343 53.67 -0.73 -41.65
CA GLN HA 343 52.46 0.04 -41.35
C GLN HA 343 51.50 -0.75 -40.48
N GLU HA 344 51.31 -2.02 -40.79
CA GLU HA 344 50.21 -2.81 -40.27
C GLU HA 344 50.43 -3.28 -38.85
N ASP HA 345 51.66 -3.26 -38.37
CA ASP HA 345 51.93 -3.61 -36.98
C ASP HA 345 51.37 -2.57 -36.04
N PHE HA 346 51.31 -1.31 -36.48
CA PHE HA 346 50.53 -0.31 -35.76
C PHE HA 346 49.06 -0.67 -35.77
N GLU HA 347 48.54 -1.10 -36.91
CA GLU HA 347 47.11 -1.31 -37.04
C GLU HA 347 46.64 -2.49 -36.20
N MET HA 348 47.46 -3.52 -36.06
CA MET HA 348 47.12 -4.60 -35.16
C MET HA 348 47.56 -4.32 -33.72
N ALA HA 349 48.43 -3.32 -33.52
CA ALA HA 349 48.67 -2.85 -32.17
C ALA HA 349 47.45 -2.13 -31.61
N VAL HA 350 47.04 -1.03 -32.26
CA VAL HA 350 45.89 -0.27 -31.80
C VAL HA 350 44.59 -1.03 -32.02
N ALA HA 351 44.57 -1.97 -32.96
CA ALA HA 351 43.42 -2.84 -33.11
C ALA HA 351 43.47 -4.01 -32.16
N LYS HA 352 44.61 -4.23 -31.50
CA LYS HA 352 44.67 -5.22 -30.45
C LYS HA 352 44.22 -4.63 -29.11
N VAL HA 353 44.73 -3.45 -28.78
CA VAL HA 353 44.62 -2.95 -27.41
C VAL HA 353 43.25 -2.42 -27.05
N MET HA 354 42.27 -2.47 -27.95
CA MET HA 354 40.91 -1.99 -27.66
C MET HA 354 40.22 -2.98 -26.73
N GLN HA 355 40.64 -2.97 -25.46
CA GLN HA 355 40.19 -3.91 -24.46
C GLN HA 355 39.91 -3.18 -23.15
N HIS IA 475 143.01 -17.37 25.22
CA HIS IA 475 142.49 -16.44 24.23
C HIS IA 475 142.73 -15.01 24.71
N GLY IA 476 142.48 -14.79 26.00
CA GLY IA 476 142.68 -13.49 26.62
C GLY IA 476 144.14 -13.09 26.61
N GLY IA 477 145.02 -14.05 26.83
CA GLY IA 477 146.45 -13.79 26.87
C GLY IA 477 146.96 -13.24 25.56
N SER IA 478 146.46 -13.78 24.45
CA SER IA 478 146.86 -13.31 23.13
C SER IA 478 146.43 -11.86 22.94
N LEU IA 479 145.23 -11.53 23.41
CA LEU IA 479 144.70 -10.18 23.31
C LEU IA 479 145.55 -9.18 24.11
N GLY IA 480 146.01 -9.61 25.29
CA GLY IA 480 146.79 -8.75 26.15
C GLY IA 480 148.13 -8.27 25.61
N LEU IA 481 148.87 -9.14 24.94
CA LEU IA 481 150.17 -8.75 24.40
C LEU IA 481 150.08 -7.82 23.19
N GLN IA 491 159.35 -16.32 16.87
CA GLN IA 491 158.65 -17.43 16.22
C GLN IA 491 158.04 -18.34 17.27
N ASP IA 492 158.72 -18.45 18.40
CA ASP IA 492 158.28 -19.27 19.52
C ASP IA 492 156.85 -18.93 19.90
N VAL IA 493 156.60 -17.63 20.10
CA VAL IA 493 155.27 -17.16 20.45
C VAL IA 493 154.24 -17.66 19.45
N TYR IA 494 154.54 -17.44 18.17
CA TYR IA 494 153.65 -17.86 17.10
C TYR IA 494 153.31 -19.35 17.19
N ASP IA 495 154.33 -20.20 17.25
CA ASP IA 495 154.06 -21.64 17.30
C ASP IA 495 153.33 -22.07 18.56
N LEU IA 496 153.63 -21.42 19.69
CA LEU IA 496 152.98 -21.73 20.95
C LEU IA 496 151.50 -21.45 20.78
N LEU IA 497 151.20 -20.27 20.24
CA LEU IA 497 149.84 -19.85 19.99
C LEU IA 497 149.15 -20.91 19.14
N LYS IA 498 149.78 -21.29 18.04
CA LYS IA 498 149.19 -22.29 17.15
C LYS IA 498 148.85 -23.58 17.89
N THR IA 499 149.80 -24.07 18.66
CA THR IA 499 149.64 -25.30 19.42
C THR IA 499 148.47 -25.22 20.41
N ASN IA 500 148.47 -24.11 21.14
CA ASN IA 500 147.49 -23.76 22.16
C ASN IA 500 146.30 -23.06 21.52
N LEU IA 501 146.58 -22.31 20.46
CA LEU IA 501 145.54 -21.61 19.70
C LEU IA 501 144.81 -22.56 18.75
N TYR IA 502 145.43 -23.71 18.48
CA TYR IA 502 144.91 -24.78 17.65
C TYR IA 502 144.36 -25.89 18.54
N GLN IA 503 143.76 -25.50 19.66
CA GLN IA 503 143.19 -26.46 20.59
C GLN IA 503 142.14 -25.83 21.49
N ASP IA 504 142.16 -24.51 21.59
CA ASP IA 504 141.22 -23.75 22.42
C ASP IA 504 139.77 -24.14 22.19
N ASP IA 505 139.29 -23.97 20.97
CA ASP IA 505 137.91 -24.29 20.59
C ASP IA 505 136.86 -23.69 21.53
N ALA IA 506 137.13 -22.40 21.77
CA ALA IA 506 136.44 -21.44 22.61
C ALA IA 506 137.52 -20.39 22.90
N VAL IA 507 138.30 -20.66 23.95
CA VAL IA 507 139.39 -19.78 24.36
C VAL IA 507 140.52 -19.78 23.31
N THR IA 508 140.64 -20.90 22.62
CA THR IA 508 141.65 -21.08 21.59
C THR IA 508 141.32 -20.29 20.32
N GLY IA 509 140.05 -20.00 20.08
CA GLY IA 509 139.65 -19.25 18.89
C GLY IA 509 140.07 -17.79 18.98
N GLU IA 510 139.62 -17.13 20.04
CA GLU IA 510 139.96 -15.73 20.29
C GLU IA 510 141.47 -15.60 20.49
N ALA IA 511 142.03 -16.55 21.23
CA ALA IA 511 143.47 -16.59 21.45
C ALA IA 511 144.17 -16.60 20.11
N ALA IA 512 143.78 -17.51 19.22
CA ALA IA 512 144.39 -17.59 17.89
C ALA IA 512 144.29 -16.26 17.17
N GLY IA 513 143.10 -15.66 17.18
CA GLY IA 513 142.91 -14.37 16.54
C GLY IA 513 143.93 -13.36 17.02
N LEU IA 514 143.98 -13.17 18.34
CA LEU IA 514 144.93 -12.22 18.94
C LEU IA 514 146.37 -12.54 18.53
N ALA IA 515 146.71 -13.82 18.61
CA ALA IA 515 148.03 -14.31 18.26
C ALA IA 515 148.40 -13.84 16.87
N LEU IA 516 147.56 -14.18 15.89
CA LEU IA 516 147.81 -13.78 14.50
C LEU IA 516 147.99 -12.27 14.42
N GLY IA 517 147.05 -11.55 15.00
CA GLY IA 517 147.09 -10.10 15.02
C GLY IA 517 148.42 -9.52 15.45
N LEU IA 518 148.97 -10.03 16.55
CA LEU IA 518 150.19 -9.42 17.10
C LEU IA 518 151.48 -10.09 16.61
N VAL IA 519 151.32 -11.15 15.84
CA VAL IA 519 152.43 -11.87 15.24
C VAL IA 519 152.37 -11.77 13.70
N MET IA 520 151.18 -11.51 13.17
CA MET IA 520 150.96 -11.39 11.73
C MET IA 520 151.97 -10.42 11.10
N LEU IA 521 151.97 -9.18 11.57
CA LEU IA 521 152.79 -8.12 10.99
C LEU IA 521 152.68 -8.08 9.46
N GLY IA 522 153.58 -8.80 8.79
CA GLY IA 522 153.59 -8.86 7.34
C GLY IA 522 154.50 -9.97 6.84
N SER IA 523 154.39 -11.13 7.45
CA SER IA 523 155.21 -12.28 7.08
C SER IA 523 154.97 -12.64 5.62
N LYS IA 524 153.69 -12.70 5.24
CA LYS IA 524 153.28 -13.04 3.88
C LYS IA 524 153.99 -14.30 3.38
N ASN IA 525 153.95 -15.32 4.23
CA ASN IA 525 154.60 -16.60 3.98
C ASN IA 525 153.62 -17.73 3.70
N ALA IA 526 153.96 -18.50 2.66
CA ALA IA 526 153.18 -19.63 2.21
C ALA IA 526 152.77 -20.55 3.35
N GLN IA 527 153.75 -21.06 4.09
CA GLN IA 527 153.52 -21.97 5.21
C GLN IA 527 152.42 -21.50 6.16
N ALA IA 528 152.66 -20.38 6.83
CA ALA IA 528 151.71 -19.80 7.78
C ALA IA 528 150.34 -19.64 7.15
N ILE IA 529 150.32 -19.03 5.96
CA ILE IA 529 149.06 -18.82 5.24
C ILE IA 529 148.27 -20.12 5.08
N GLU IA 530 148.89 -21.13 4.45
CA GLU IA 530 148.18 -22.38 4.24
C GLU IA 530 147.75 -23.04 5.55
N ASP IA 531 148.61 -22.98 6.56
CA ASP IA 531 148.32 -23.52 7.88
C ASP IA 531 147.01 -22.95 8.38
N MET IA 532 146.94 -21.63 8.52
CA MET IA 532 145.69 -21.07 9.04
C MET IA 532 144.51 -21.38 8.14
N VAL IA 533 144.73 -21.27 6.82
CA VAL IA 533 143.67 -21.54 5.86
C VAL IA 533 143.02 -22.91 6.04
N GLY IA 534 143.84 -23.94 6.21
CA GLY IA 534 143.34 -25.29 6.33
C GLY IA 534 143.35 -25.91 7.71
N TYR IA 535 142.56 -25.35 8.61
CA TYR IA 535 142.46 -25.90 9.95
C TYR IA 535 141.37 -26.96 9.89
N ALA IA 536 141.58 -27.93 8.99
CA ALA IA 536 140.64 -29.04 8.77
C ALA IA 536 139.23 -28.50 8.58
N GLN IA 537 139.04 -27.74 7.50
CA GLN IA 537 137.75 -27.12 7.18
C GLN IA 537 137.23 -26.38 8.41
N GLU IA 538 136.35 -27.03 9.14
CA GLU IA 538 135.77 -26.45 10.35
C GLU IA 538 136.84 -26.23 11.40
N THR IA 539 137.13 -27.27 12.16
CA THR IA 539 137.29 -27.17 13.61
C THR IA 539 136.24 -26.21 14.14
N GLN IA 540 135.00 -26.68 14.26
CA GLN IA 540 133.93 -25.84 14.75
C GLN IA 540 134.47 -24.69 15.59
N HIS IA 541 135.08 -23.72 14.90
CA HIS IA 541 135.66 -22.55 15.58
C HIS IA 541 134.72 -21.36 15.51
N GLU IA 542 134.87 -20.44 16.45
CA GLU IA 542 134.06 -19.23 16.50
C GLU IA 542 134.03 -18.51 15.17
N LYS IA 543 132.84 -18.46 14.57
CA LYS IA 543 132.57 -17.81 13.27
C LYS IA 543 133.69 -17.78 12.23
N ILE IA 544 133.91 -18.90 11.55
CA ILE IA 544 134.95 -18.92 10.51
C ILE IA 544 136.29 -18.40 10.99
N LEU IA 545 136.76 -18.95 12.11
CA LEU IA 545 138.03 -18.55 12.74
C LEU IA 545 138.07 -17.04 12.90
N ARG IA 546 137.16 -16.51 13.71
CA ARG IA 546 137.08 -15.07 13.96
C ARG IA 546 136.99 -14.23 12.67
N GLY IA 547 136.51 -14.87 11.61
CA GLY IA 547 136.31 -14.22 10.33
C GLY IA 547 137.57 -14.22 9.50
N LEU IA 548 138.11 -15.40 9.22
CA LEU IA 548 139.33 -15.57 8.42
C LEU IA 548 140.49 -14.75 8.95
N ALA IA 549 140.57 -14.66 10.28
CA ALA IA 549 141.56 -13.83 10.98
C ALA IA 549 142.99 -13.89 10.46
N VAL IA 550 143.64 -15.00 10.78
CA VAL IA 550 145.04 -15.27 10.44
C VAL IA 550 145.48 -14.78 9.06
N GLY IA 551 144.91 -15.35 7.99
CA GLY IA 551 145.25 -14.99 6.63
C GLY IA 551 145.33 -13.50 6.34
N ILE IA 552 144.18 -12.83 6.39
CA ILE IA 552 144.12 -11.40 6.13
C ILE IA 552 145.08 -10.63 7.02
N ALA IA 553 145.07 -10.95 8.32
CA ALA IA 553 145.96 -10.28 9.27
C ALA IA 553 147.40 -10.32 8.80
N LEU IA 554 147.92 -11.53 8.58
CA LEU IA 554 149.30 -11.69 8.15
C LEU IA 554 149.58 -11.02 6.82
N VAL IA 555 148.62 -11.11 5.90
CA VAL IA 555 148.76 -10.50 4.59
C VAL IA 555 149.06 -9.03 4.77
N MET IA 556 148.19 -8.32 5.50
CA MET IA 556 148.43 -6.88 5.71
C MET IA 556 149.77 -6.70 6.40
N TYR IA 557 149.96 -7.46 7.48
CA TYR IA 557 151.16 -7.48 8.29
C TYR IA 557 152.48 -7.49 7.50
N GLY IA 558 152.56 -8.29 6.43
CA GLY IA 558 153.77 -8.33 5.65
C GLY IA 558 153.79 -7.47 4.39
N ARG IA 559 152.66 -7.34 3.70
CA ARG IA 559 152.64 -6.61 2.43
C ARG IA 559 151.33 -5.90 2.10
N MET IA 560 150.94 -6.06 0.85
CA MET IA 560 149.72 -5.51 0.25
C MET IA 560 149.59 -6.07 -1.17
N GLU IA 561 150.72 -6.35 -1.81
CA GLU IA 561 150.67 -6.92 -3.16
C GLU IA 561 150.37 -8.42 -3.10
N GLU IA 562 151.16 -9.13 -2.30
CA GLU IA 562 151.01 -10.58 -2.11
C GLU IA 562 149.69 -10.91 -1.41
N ALA IA 563 149.30 -10.02 -0.49
CA ALA IA 563 148.04 -10.15 0.23
C ALA IA 563 146.90 -10.01 -0.77
N ASP IA 564 147.05 -9.07 -1.72
CA ASP IA 564 146.07 -8.86 -2.78
C ASP IA 564 145.99 -10.13 -3.65
N ALA IA 565 147.13 -10.75 -3.92
CA ALA IA 565 147.17 -11.98 -4.69
C ALA IA 565 146.36 -13.06 -3.98
N LEU IA 566 146.55 -13.18 -2.66
CA LEU IA 566 145.83 -14.17 -1.87
C LEU IA 566 144.33 -13.88 -1.78
N ILE IA 567 143.91 -12.62 -1.80
CA ILE IA 567 142.46 -12.40 -1.71
C ILE IA 567 141.69 -13.59 -2.32
N GLU IA 568 142.32 -14.19 -3.32
CA GLU IA 568 141.78 -15.32 -4.10
C GLU IA 568 140.89 -16.36 -3.39
N SER IA 569 141.49 -17.19 -2.57
CA SER IA 569 140.79 -18.26 -1.85
C SER IA 569 139.47 -17.85 -1.22
N LEU IA 570 139.56 -16.92 -0.26
CA LEU IA 570 138.39 -16.41 0.44
C LEU IA 570 137.38 -15.93 -0.58
N CYS IA 571 137.84 -15.06 -1.49
CA CYS IA 571 136.99 -14.50 -2.54
C CYS IA 571 136.15 -15.54 -3.29
N ARG IA 572 136.78 -16.65 -3.67
CA ARG IA 572 136.10 -17.72 -4.39
C ARG IA 572 135.82 -18.93 -3.51
N ASP IA 573 136.38 -18.93 -2.29
CA ASP IA 573 136.18 -20.03 -1.36
C ASP IA 573 134.68 -20.26 -1.14
N LYS IA 574 134.24 -21.49 -1.35
CA LYS IA 574 132.84 -21.86 -1.20
C LYS IA 574 132.19 -21.35 0.09
N ASP IA 575 132.80 -21.69 1.22
CA ASP IA 575 132.28 -21.27 2.52
C ASP IA 575 132.07 -19.77 2.58
N PRO IA 576 130.93 -19.33 3.10
CA PRO IA 576 130.67 -17.89 3.22
C PRO IA 576 131.77 -17.21 4.04
N ILE IA 577 132.24 -17.92 5.07
CA ILE IA 577 133.29 -17.40 5.94
C ILE IA 577 134.59 -17.17 5.18
N LEU IA 578 134.90 -18.06 4.24
CA LEU IA 578 136.11 -17.93 3.44
C LEU IA 578 136.05 -16.60 2.68
N ARG IA 579 134.91 -16.34 2.06
CA ARG IA 579 134.70 -15.11 1.30
C ARG IA 579 134.80 -13.89 2.22
N ARG IA 580 134.24 -14.01 3.42
CA ARG IA 580 134.30 -12.93 4.39
C ARG IA 580 135.76 -12.60 4.70
N SER IA 581 136.55 -13.64 4.95
CA SER IA 581 137.97 -13.51 5.24
C SER IA 581 138.67 -12.80 4.09
N GLY IA 582 138.36 -13.23 2.86
CA GLY IA 582 138.95 -12.61 1.69
C GLY IA 582 138.68 -11.12 1.70
N MET IA 583 137.41 -10.77 1.90
CA MET IA 583 137.02 -9.37 1.93
C MET IA 583 137.83 -8.61 2.97
N TYR IA 584 137.91 -9.16 4.17
CA TYR IA 584 138.68 -8.55 5.24
C TYR IA 584 140.11 -8.27 4.81
N THR IA 585 140.78 -9.29 4.27
CA THR IA 585 142.16 -9.13 3.83
C THR IA 585 142.26 -8.00 2.82
N VAL IA 586 141.38 -8.01 1.82
CA VAL IA 586 141.37 -6.94 0.83
C VAL IA 586 141.05 -5.68 1.63
N ALA IA 587 141.49 -5.71 2.88
CA ALA IA 587 141.29 -4.65 3.86
C ALA IA 587 142.45 -3.67 4.00
N MET IA 588 143.69 -4.12 3.87
CA MET IA 588 144.80 -3.19 3.80
C MET IA 588 145.57 -3.36 2.49
N ALA IA 589 145.38 -4.51 1.83
CA ALA IA 589 146.00 -4.80 0.54
C ALA IA 589 145.64 -3.72 -0.46
N TYR IA 590 146.68 -3.08 -1.00
CA TYR IA 590 146.58 -1.94 -1.92
C TYR IA 590 145.93 -0.73 -1.24
N CYS IA 591 146.37 -0.44 -0.01
CA CYS IA 591 146.07 0.87 0.55
C CYS IA 591 146.80 1.97 -0.21
N GLY IA 592 146.38 3.19 0.05
CA GLY IA 592 146.83 4.32 -0.73
C GLY IA 592 145.92 4.44 -1.94
N SER IA 593 144.69 3.93 -1.76
CA SER IA 593 143.63 3.93 -2.78
C SER IA 593 144.12 3.21 -4.04
N GLY IA 594 144.44 1.94 -3.88
CA GLY IA 594 145.35 1.26 -4.77
C GLY IA 594 144.69 0.77 -6.06
N ASN IA 595 144.90 -0.52 -6.32
CA ASN IA 595 144.48 -1.12 -7.58
C ASN IA 595 142.97 -1.15 -7.64
N ASN IA 596 142.44 -0.12 -8.30
CA ASN IA 596 141.01 0.06 -8.50
C ASN IA 596 140.39 -1.13 -9.22
N LYS IA 597 141.21 -1.95 -9.85
CA LYS IA 597 140.71 -3.13 -10.51
C LYS IA 597 140.21 -4.01 -9.38
N ALA IA 598 141.09 -4.21 -8.39
CA ALA IA 598 140.77 -5.01 -7.22
C ALA IA 598 139.55 -4.43 -6.52
N ILE IA 599 139.56 -3.12 -6.33
CA ILE IA 599 138.45 -2.44 -5.68
C ILE IA 599 137.13 -2.75 -6.38
N ARG IA 600 137.12 -2.57 -7.69
CA ARG IA 600 135.93 -2.80 -8.49
C ARG IA 600 135.46 -4.23 -8.36
N ARG IA 601 136.40 -5.18 -8.45
CA ARG IA 601 136.08 -6.59 -8.32
C ARG IA 601 135.39 -6.83 -6.99
N LEU IA 602 136.00 -6.32 -5.93
CA LEU IA 602 135.45 -6.44 -4.60
C LEU IA 602 134.07 -5.82 -4.62
N LEU IA 603 133.95 -4.65 -5.24
CA LEU IA 603 132.65 -4.02 -5.28
C LEU IA 603 131.56 -4.91 -5.87
N HIS IA 604 131.85 -5.67 -6.92
CA HIS IA 604 130.79 -6.52 -7.45
C HIS IA 604 130.53 -7.71 -6.55
N VAL IA 605 131.57 -8.20 -5.87
CA VAL IA 605 131.36 -9.15 -4.80
C VAL IA 605 130.66 -8.50 -3.62
N ALA IA 606 130.87 -7.20 -3.42
CA ALA IA 606 130.20 -6.47 -2.34
C ALA IA 606 128.70 -6.32 -2.54
N VAL IA 607 128.15 -6.73 -3.69
CA VAL IA 607 126.71 -6.81 -3.86
C VAL IA 607 126.25 -8.19 -4.32
N SER IA 608 127.19 -9.13 -4.35
CA SER IA 608 126.90 -10.52 -4.68
C SER IA 608 126.83 -11.39 -3.40
N ASP IA 609 127.20 -10.81 -2.26
CA ASP IA 609 127.20 -11.47 -0.97
C ASP IA 609 125.90 -12.20 -0.71
N VAL IA 610 126.02 -13.44 -0.24
CA VAL IA 610 124.86 -14.26 0.06
C VAL IA 610 123.90 -13.56 1.01
N ASN IA 611 124.45 -13.01 2.09
CA ASN IA 611 123.63 -12.32 3.09
C ASN IA 611 124.06 -10.88 3.35
N ASP IA 612 123.70 -10.37 4.52
CA ASP IA 612 124.02 -9.00 4.92
C ASP IA 612 125.34 -8.91 5.69
N ASP IA 613 126.08 -10.02 5.74
CA ASP IA 613 127.36 -10.07 6.43
C ASP IA 613 128.49 -9.73 5.49
N VAL IA 614 129.02 -10.77 4.85
CA VAL IA 614 130.09 -10.60 3.87
C VAL IA 614 130.04 -9.19 3.31
N ARG IA 615 128.84 -8.62 3.22
CA ARG IA 615 128.63 -7.26 2.74
C ARG IA 615 129.18 -6.28 3.76
N ARG IA 616 129.05 -6.64 5.05
CA ARG IA 616 129.57 -5.86 6.15
C ARG IA 616 131.08 -5.78 5.97
N ALA IA 617 131.70 -6.93 5.70
CA ALA IA 617 133.14 -7.02 5.48
C ALA IA 617 133.55 -6.21 4.25
N ALA IA 618 132.72 -6.23 3.21
CA ALA IA 618 132.99 -5.47 2.00
C ALA IA 618 133.08 -3.99 2.37
N VAL IA 619 132.10 -3.53 3.14
CA VAL IA 619 132.07 -2.14 3.59
C VAL IA 619 133.33 -1.83 4.41
N GLU IA 620 133.68 -2.76 5.30
CA GLU IA 620 134.87 -2.62 6.13
C GLU IA 620 136.10 -2.38 5.24
N SER IA 621 136.27 -3.23 4.22
CA SER IA 621 137.42 -3.10 3.32
C SER IA 621 137.41 -1.76 2.62
N LEU IA 622 136.23 -1.37 2.16
CA LEU IA 622 136.08 -0.09 1.48
C LEU IA 622 136.58 1.04 2.38
N GLY IA 623 136.10 1.06 3.63
CA GLY IA 623 136.48 2.08 4.58
C GLY IA 623 137.97 2.06 4.91
N PHE IA 624 138.54 0.86 4.97
CA PHE IA 624 139.95 0.69 5.28
C PHE IA 624 140.85 1.15 4.13
N ILE IA 625 140.33 1.12 2.90
CA ILE IA 625 141.12 1.58 1.75
C ILE IA 625 140.89 3.07 1.54
N LEU IA 626 140.51 3.46 0.32
CA LEU IA 626 140.29 4.87 0.07
C LEU IA 626 140.73 5.59 1.33
N PHE IA 627 141.95 5.27 1.76
CA PHE IA 627 142.52 5.84 2.97
C PHE IA 627 142.92 7.30 2.81
N ARG IA 628 144.12 7.54 2.31
CA ARG IA 628 144.62 8.90 2.11
C ARG IA 628 143.63 9.81 1.37
N THR IA 629 143.18 9.36 0.20
CA THR IA 629 142.24 10.14 -0.60
C THR IA 629 140.84 10.09 0.02
N PRO IA 630 140.00 11.07 -0.30
CA PRO IA 630 138.66 11.08 0.30
C PRO IA 630 137.56 11.82 -0.46
N GLU IA 631 137.32 13.06 -0.05
CA GLU IA 631 136.24 13.88 -0.58
C GLU IA 631 135.44 13.19 -1.67
N GLN IA 632 136.07 12.24 -2.35
CA GLN IA 632 135.44 11.46 -3.40
C GLN IA 632 134.82 10.18 -2.84
N CYS IA 633 135.35 9.72 -1.70
CA CYS IA 633 134.85 8.51 -1.06
C CYS IA 633 133.38 8.64 -0.70
N PRO IA 634 133.00 9.80 -0.17
CA PRO IA 634 131.61 10.05 0.22
C PRO IA 634 130.66 9.77 -0.94
N SER IA 635 130.97 10.29 -2.11
CA SER IA 635 130.13 10.09 -3.28
C SER IA 635 130.02 8.60 -3.61
N VAL IA 636 131.15 7.91 -3.54
CA VAL IA 636 131.19 6.49 -3.84
C VAL IA 636 130.26 5.73 -2.90
N VAL IA 637 130.37 6.04 -1.62
CA VAL IA 637 129.54 5.39 -0.60
C VAL IA 637 128.10 5.89 -0.64
N SER IA 638 127.92 7.11 -1.11
CA SER IA 638 126.61 7.75 -1.20
C SER IA 638 125.50 6.85 -1.76
N LEU IA 639 125.60 6.51 -3.03
CA LEU IA 639 124.59 5.67 -3.68
C LEU IA 639 124.44 4.30 -3.02
N LEU IA 640 125.56 3.72 -2.61
CA LEU IA 640 125.54 2.40 -1.99
C LEU IA 640 125.22 2.43 -0.50
N SER IA 641 125.18 3.62 0.09
CA SER IA 641 124.88 3.76 1.51
C SER IA 641 123.60 3.05 1.90
N GLU IA 642 122.49 3.51 1.35
CA GLU IA 642 121.19 2.94 1.66
C GLU IA 642 120.63 2.12 0.50
N SER IA 643 120.10 0.96 0.82
CA SER IA 643 119.50 0.05 -0.15
C SER IA 643 118.66 -0.98 0.58
N TYR IA 644 118.53 -2.16 0.00
CA TYR IA 644 117.76 -3.21 0.63
C TYR IA 644 118.66 -3.88 1.68
N ASN IA 645 118.19 -5.03 2.22
CA ASN IA 645 118.74 -5.92 3.26
C ASN IA 645 119.49 -5.14 4.35
N PRO IA 646 118.75 -4.45 5.24
CA PRO IA 646 119.35 -3.40 6.08
C PRO IA 646 120.36 -3.89 7.11
N HIS IA 647 121.45 -4.38 6.54
CA HIS IA 647 122.65 -4.86 7.22
C HIS IA 647 123.84 -4.23 6.48
N VAL IA 648 123.74 -4.23 5.15
CA VAL IA 648 124.75 -3.66 4.26
C VAL IA 648 124.77 -2.14 4.37
N ARG IA 649 123.62 -1.57 4.70
CA ARG IA 649 123.47 -0.14 4.87
C ARG IA 649 124.43 0.30 5.96
N TYR IA 650 124.35 -0.39 7.09
CA TYR IA 650 125.20 -0.09 8.23
C TYR IA 650 126.67 -0.31 7.88
N GLY IA 651 126.94 -1.38 7.14
CA GLY IA 651 128.30 -1.70 6.72
C GLY IA 651 128.91 -0.52 5.99
N ALA IA 652 128.15 0.03 5.05
CA ALA IA 652 128.62 1.19 4.29
C ALA IA 652 129.12 2.28 5.23
N ALA IA 653 128.40 2.50 6.32
CA ALA IA 653 128.75 3.51 7.30
C ALA IA 653 130.19 3.35 7.76
N MET IA 654 130.52 2.18 8.29
CA MET IA 654 131.87 1.91 8.77
C MET IA 654 132.89 2.08 7.65
N ALA IA 655 132.57 1.56 6.47
CA ALA IA 655 133.44 1.66 5.31
C ALA IA 655 133.82 3.10 4.97
N LEU IA 656 132.83 3.99 5.09
CA LEU IA 656 133.00 5.41 4.83
C LEU IA 656 133.34 6.17 6.11
N GLY IA 657 132.95 5.61 7.25
CA GLY IA 657 133.22 6.24 8.53
C GLY IA 657 134.70 6.52 8.71
N ILE IA 658 135.51 5.51 8.42
CA ILE IA 658 136.97 5.61 8.54
C ILE IA 658 137.55 6.74 7.68
N CYS IA 659 137.02 6.90 6.48
CA CYS IA 659 137.48 7.93 5.54
C CYS IA 659 137.63 9.31 6.15
N CYS IA 660 136.78 9.61 7.13
CA CYS IA 660 136.83 10.89 7.83
C CYS IA 660 136.93 10.63 9.34
N ALA IA 661 138.05 10.04 9.75
CA ALA IA 661 138.29 9.68 11.14
C ALA IA 661 138.28 10.86 12.12
N GLY IA 662 139.39 11.58 12.21
CA GLY IA 662 139.96 12.30 11.10
C GLY IA 662 139.26 13.64 10.97
N THR IA 663 138.27 13.69 10.10
CA THR IA 663 137.53 14.93 9.84
C THR IA 663 136.02 14.74 9.89
N GLY IA 664 135.33 15.78 10.37
CA GLY IA 664 133.88 15.76 10.47
C GLY IA 664 133.14 15.66 9.14
N ASN IA 665 133.63 16.33 8.09
CA ASN IA 665 132.83 16.39 6.85
C ASN IA 665 133.00 15.56 5.56
N LYS IA 666 133.88 15.91 4.62
CA LYS IA 666 133.85 15.07 3.41
C LYS IA 666 132.57 14.24 3.23
N GLU IA 667 131.43 14.92 3.42
CA GLU IA 667 130.06 14.38 3.24
C GLU IA 667 129.57 13.34 4.25
N ALA IA 668 130.25 13.20 5.38
CA ALA IA 668 129.82 12.22 6.36
C ALA IA 668 128.55 12.72 7.04
N ILE IA 669 128.58 13.97 7.48
CA ILE IA 669 127.45 14.58 8.16
C ILE IA 669 126.22 14.59 7.25
N ASN IA 670 126.42 14.93 5.98
CA ASN IA 670 125.34 14.96 5.02
C ASN IA 670 124.69 13.58 4.92
N LEU IA 671 125.53 12.56 4.81
CA LEU IA 671 125.05 11.18 4.70
C LEU IA 671 124.95 10.45 6.05
N LEU IA 672 124.65 11.17 7.11
CA LEU IA 672 124.51 10.51 8.43
C LEU IA 672 123.08 10.65 8.98
N GLU IA 673 122.65 11.89 9.11
CA GLU IA 673 121.34 12.24 9.62
C GLU IA 673 120.21 11.45 8.95
N PRO IA 674 120.23 11.40 7.62
CA PRO IA 674 119.21 10.69 6.86
C PRO IA 674 119.23 9.19 7.18
N MET IA 675 120.42 8.64 7.35
CA MET IA 675 120.56 7.22 7.65
C MET IA 675 120.11 6.86 9.06
N THR IA 676 120.19 7.82 9.97
CA THR IA 676 119.79 7.59 11.34
C THR IA 676 118.28 7.62 11.48
N ASN IA 677 117.80 7.51 12.72
CA ASN IA 677 116.37 7.52 13.03
C ASN IA 677 115.58 6.55 12.16
N ASP IA 678 116.05 5.31 12.08
CA ASP IA 678 115.39 4.29 11.28
C ASP IA 678 115.44 2.95 12.01
N PRO IA 679 114.44 2.12 11.77
CA PRO IA 679 114.33 0.81 12.41
C PRO IA 679 115.61 0.01 12.26
N VAL IA 680 116.20 0.06 11.07
CA VAL IA 680 117.42 -0.66 10.80
C VAL IA 680 118.15 -0.72 12.13
N ASN IA 681 117.98 -1.79 12.88
CA ASN IA 681 118.61 -1.91 14.19
C ASN IA 681 120.11 -1.74 14.11
N TYR IA 682 120.76 -2.51 13.26
CA TYR IA 682 122.22 -2.39 13.14
C TYR IA 682 122.62 -0.99 12.63
N VAL IA 683 121.81 -0.45 11.74
CA VAL IA 683 122.06 0.87 11.16
C VAL IA 683 122.15 1.97 12.20
N ARG IA 684 121.28 1.90 13.21
CA ARG IA 684 121.27 2.89 14.28
C ARG IA 684 122.63 2.92 14.94
N GLN IA 685 123.11 1.74 15.32
CA GLN IA 685 124.41 1.62 15.98
C GLN IA 685 125.54 2.10 15.06
N GLY IA 686 125.45 1.81 13.76
CA GLY IA 686 126.46 2.27 12.83
C GLY IA 686 126.53 3.78 12.87
N ALA IA 687 125.37 4.42 12.78
CA ALA IA 687 125.29 5.88 12.82
C ALA IA 687 125.95 6.41 14.10
N LEU IA 688 125.57 5.80 15.23
CA LEU IA 688 126.14 6.19 16.51
C LEU IA 688 127.67 6.16 16.46
N ILE IA 689 128.24 5.04 16.04
CA ILE IA 689 129.69 4.95 16.01
C ILE IA 689 130.35 5.93 15.05
N ALA IA 690 129.72 6.23 13.91
CA ALA IA 690 130.29 7.20 12.97
C ALA IA 690 130.36 8.57 13.64
N SER IA 691 129.25 8.90 14.31
CA SER IA 691 129.16 10.16 15.04
C SER IA 691 130.32 10.22 16.03
N ALA IA 692 130.48 9.15 16.83
CA ALA IA 692 131.56 9.10 17.81
C ALA IA 692 132.92 9.34 17.15
N LEU IA 693 133.16 8.63 16.05
CA LEU IA 693 134.38 8.73 15.27
C LEU IA 693 134.72 10.18 14.97
N HIS IA 756 150.11 5.51 10.35
CA HIS IA 756 150.71 4.83 11.49
C HIS IA 756 150.13 3.44 11.70
N MET IA 757 150.99 2.44 11.48
CA MET IA 757 150.70 1.02 11.36
C MET IA 757 149.90 0.41 12.52
N PRO IA 758 150.18 0.70 13.80
CA PRO IA 758 149.26 0.21 14.83
C PRO IA 758 147.90 0.86 14.80
N SER IA 759 147.83 2.15 14.48
CA SER IA 759 146.54 2.81 14.34
C SER IA 759 145.75 2.29 13.15
N VAL IA 760 146.44 1.74 12.15
CA VAL IA 760 145.77 1.04 11.06
C VAL IA 760 145.02 -0.17 11.59
N VAL IA 761 145.64 -0.92 12.50
CA VAL IA 761 145.12 -2.21 12.89
C VAL IA 761 143.87 -2.06 13.74
N GLY IA 762 143.91 -1.14 14.69
CA GLY IA 762 142.87 -1.02 15.71
C GLY IA 762 141.50 -0.68 15.16
N VAL IA 763 141.46 -0.06 13.98
CA VAL IA 763 140.20 0.19 13.32
C VAL IA 763 139.80 -1.01 12.46
N LEU IA 764 140.80 -1.70 11.91
CA LEU IA 764 140.54 -2.89 11.10
C LEU IA 764 139.90 -3.99 11.92
N VAL IA 765 140.31 -4.12 13.18
CA VAL IA 765 139.68 -5.09 14.05
C VAL IA 765 138.41 -4.54 14.65
N PHE IA 766 138.23 -3.22 14.64
CA PHE IA 766 137.08 -2.59 15.28
C PHE IA 766 135.78 -2.96 14.58
N THR IA 767 135.83 -3.36 13.32
CA THR IA 767 134.66 -3.90 12.66
C THR IA 767 134.39 -5.35 13.03
N GLN IA 768 135.13 -5.93 13.98
CA GLN IA 768 134.74 -7.21 14.55
C GLN IA 768 133.96 -6.92 15.83
N PHE IA 769 132.97 -6.07 15.66
CA PHE IA 769 132.05 -5.64 16.69
C PHE IA 769 131.02 -6.73 16.98
N TRP IA 770 131.02 -7.80 16.19
CA TRP IA 770 130.25 -9.00 16.48
C TRP IA 770 130.61 -9.56 17.83
N PHE IA 771 131.88 -9.93 17.97
CA PHE IA 771 132.30 -11.07 18.76
C PHE IA 771 132.19 -10.79 20.25
N TRP IA 772 133.01 -9.88 20.75
CA TRP IA 772 133.01 -9.53 22.16
C TRP IA 772 133.13 -8.03 22.24
N PHE IA 773 133.53 -7.55 23.38
CA PHE IA 773 133.87 -6.14 23.58
C PHE IA 773 135.21 -5.64 23.02
N PRO IA 774 136.32 -6.49 22.86
CA PRO IA 774 137.68 -6.03 23.22
C PRO IA 774 138.25 -4.89 22.39
N LEU IA 775 137.44 -4.33 21.50
CA LEU IA 775 137.89 -3.29 20.58
C LEU IA 775 138.09 -1.98 21.31
N TYR JA 290 121.05 15.95 -46.17
CA TYR JA 290 120.51 16.33 -47.47
C TYR JA 290 121.63 16.75 -48.41
N TYR JA 291 122.60 17.54 -47.93
CA TYR JA 291 123.68 17.98 -48.80
C TYR JA 291 124.52 16.79 -49.26
N THR JA 292 124.66 15.78 -48.40
CA THR JA 292 125.17 14.49 -48.82
C THR JA 292 124.23 13.84 -49.83
N GLY JA 293 122.93 14.11 -49.70
CA GLY JA 293 121.98 13.69 -50.72
C GLY JA 293 122.20 14.34 -52.07
N ARG JA 294 122.75 15.55 -52.06
CA ARG JA 294 123.17 16.16 -53.32
C ARG JA 294 124.50 15.58 -53.77
N LEU JA 300 127.33 8.48 -58.80
CA LEU JA 300 125.97 8.48 -58.28
C LEU JA 300 125.58 7.11 -57.76
N GLU JA 301 124.53 7.07 -56.94
CA GLU JA 301 123.96 5.81 -56.47
C GLU JA 301 122.54 6.05 -55.99
N TYR JA 302 121.71 5.00 -56.03
CA TYR JA 302 120.33 5.14 -55.60
C TYR JA 302 119.95 4.24 -54.44
N SER JA 303 120.92 3.59 -53.80
CA SER JA 303 120.62 2.57 -52.81
C SER JA 303 120.19 3.19 -51.48
N GLU JA 304 120.58 4.44 -51.25
CA GLU JA 304 120.39 5.02 -49.93
C GLU JA 304 119.89 6.46 -50.02
N ALA JA 305 119.47 6.87 -51.22
CA ALA JA 305 118.96 8.22 -51.42
C ALA JA 305 117.61 8.40 -50.72
N ARG JA 306 116.89 7.29 -50.49
CA ARG JA 306 115.59 7.39 -49.85
C ARG JA 306 115.71 7.35 -48.32
N ARG JA 307 116.75 6.69 -47.80
CA ARG JA 307 116.96 6.76 -46.36
C ARG JA 307 117.57 8.10 -45.99
N THR JA 308 118.35 8.70 -46.91
CA THR JA 308 118.77 10.07 -46.69
C THR JA 308 117.69 11.06 -47.10
N MET JA 309 116.62 10.57 -47.74
CA MET JA 309 115.44 11.39 -47.94
C MET JA 309 114.59 11.42 -46.67
N THR JA 310 114.51 10.29 -45.97
CA THR JA 310 113.88 10.28 -44.66
C THR JA 310 114.68 11.10 -43.66
N ASN JA 311 116.00 10.99 -43.72
CA ASN JA 311 116.85 11.80 -42.85
C ASN JA 311 116.84 13.25 -43.28
N ALA JA 312 116.54 13.51 -44.55
CA ALA JA 312 116.59 14.88 -45.05
C ALA JA 312 115.30 15.64 -44.73
N LEU JA 313 114.14 15.04 -45.01
CA LEU JA 313 112.88 15.74 -44.87
C LEU JA 313 112.40 15.79 -43.42
N ARG JA 314 113.18 16.42 -42.55
CA ARG JA 314 112.83 16.49 -41.13
C ARG JA 314 112.72 17.93 -40.63
N LYS JA 315 113.71 18.77 -40.90
CA LYS JA 315 113.85 20.07 -40.24
C LYS JA 315 113.46 21.16 -41.23
N ALA JA 316 112.16 21.43 -41.31
CA ALA JA 316 111.59 22.59 -41.98
C ALA JA 316 110.16 22.85 -41.52
N PRO JA 317 109.94 23.39 -40.31
CA PRO JA 317 108.57 23.84 -39.99
C PRO JA 317 108.15 25.02 -40.84
N GLN JA 318 108.89 26.13 -40.76
CA GLN JA 318 108.81 27.26 -41.71
C GLN JA 318 110.23 27.81 -41.80
N HIS JA 319 110.97 27.45 -42.86
CA HIS JA 319 112.38 27.80 -42.92
C HIS JA 319 112.70 28.85 -43.97
N THR JA 320 112.44 28.59 -45.25
CA THR JA 320 112.73 29.55 -46.32
C THR JA 320 111.63 29.47 -47.36
N ALA JA 321 111.83 30.17 -48.49
CA ALA JA 321 110.90 30.14 -49.60
C ALA JA 321 111.64 29.90 -50.91
N VAL JA 322 112.96 30.09 -50.89
CA VAL JA 322 113.87 29.64 -51.94
C VAL JA 322 115.07 28.98 -51.27
N GLY JA 323 115.78 28.13 -52.01
CA GLY JA 323 117.01 27.57 -51.48
C GLY JA 323 116.86 26.27 -50.71
N PHE JA 324 116.77 26.39 -49.39
CA PHE JA 324 116.99 25.27 -48.48
C PHE JA 324 115.73 24.40 -48.34
N LYS JA 325 114.58 25.03 -48.15
CA LYS JA 325 113.36 24.30 -47.84
C LYS JA 325 112.76 23.66 -49.09
N GLN JA 326 113.06 24.23 -50.26
CA GLN JA 326 112.27 23.97 -51.45
C GLN JA 326 112.68 22.67 -52.15
N THR JA 327 113.90 22.63 -52.64
CA THR JA 327 114.31 21.61 -53.61
C THR JA 327 114.62 20.26 -53.00
N VAL JA 328 114.67 20.16 -51.68
CA VAL JA 328 114.98 18.91 -50.99
C VAL JA 328 113.90 17.85 -51.22
N HIS JA 329 112.66 18.23 -50.98
CA HIS JA 329 111.48 17.40 -51.18
C HIS JA 329 111.30 16.98 -52.62
N LYS JA 330 111.17 17.95 -53.53
CA LYS JA 330 110.83 17.67 -54.92
C LYS JA 330 111.99 17.00 -55.65
N LEU JA 331 113.22 17.44 -55.36
CA LEU JA 331 114.40 16.81 -55.95
C LEU JA 331 114.55 15.36 -55.50
N LEU JA 332 114.36 15.12 -54.19
CA LEU JA 332 114.57 13.78 -53.67
C LEU JA 332 113.47 12.81 -54.11
N ILE JA 333 112.26 13.31 -54.37
CA ILE JA 333 111.24 12.40 -54.87
C ILE JA 333 111.41 12.19 -56.37
N VAL JA 334 112.07 13.14 -57.04
CA VAL JA 334 112.47 12.90 -58.43
C VAL JA 334 113.51 11.80 -58.52
N VAL JA 335 114.51 11.83 -57.63
CA VAL JA 335 115.48 10.73 -57.55
C VAL JA 335 114.79 9.43 -57.12
N GLU JA 336 113.75 9.55 -56.29
CA GLU JA 336 112.92 8.40 -55.93
C GLU JA 336 112.14 7.88 -57.14
N LEU JA 337 112.01 8.69 -58.21
CA LEU JA 337 111.58 8.10 -59.47
C LEU JA 337 112.76 7.70 -60.35
N LEU JA 338 113.97 8.22 -60.11
CA LEU JA 338 115.16 7.73 -60.82
C LEU JA 338 115.47 6.30 -60.45
N LEU JA 339 115.02 5.84 -59.28
CA LEU JA 339 115.06 4.41 -59.03
C LEU JA 339 113.85 3.70 -59.61
N GLY JA 340 112.70 4.38 -59.72
CA GLY JA 340 111.55 3.79 -60.38
C GLY JA 340 110.28 3.58 -59.57
N GLU JA 341 109.98 4.48 -58.64
CA GLU JA 341 108.82 4.32 -57.78
C GLU JA 341 107.65 5.23 -58.18
N ILE JA 342 106.53 4.56 -58.47
CA ILE JA 342 105.43 5.01 -59.33
C ILE JA 342 104.18 4.97 -58.43
N PRO JA 343 102.90 5.02 -58.97
CA PRO JA 343 101.91 6.06 -58.57
C PRO JA 343 101.77 6.50 -57.12
N ASP JA 344 101.71 5.55 -56.18
CA ASP JA 344 100.86 5.75 -55.01
C ASP JA 344 101.61 6.38 -53.83
N ARG JA 345 102.55 7.28 -54.12
CA ARG JA 345 103.00 8.22 -53.10
C ARG JA 345 103.16 9.62 -53.70
N LEU JA 346 102.71 9.80 -54.93
CA LEU JA 346 103.17 10.93 -55.73
C LEU JA 346 102.25 12.13 -55.62
N GLN JA 347 100.98 11.97 -56.02
CA GLN JA 347 100.21 13.13 -56.45
C GLN JA 347 99.38 13.70 -55.30
N PHE JA 348 98.98 12.87 -54.34
CA PHE JA 348 98.24 13.37 -53.19
C PHE JA 348 99.18 13.87 -52.09
N ARG JA 349 100.49 13.71 -52.32
CA ARG JA 349 101.47 14.19 -51.37
C ARG JA 349 102.00 15.57 -51.82
N GLN JA 350 101.73 15.91 -53.08
CA GLN JA 350 101.94 17.22 -53.67
C GLN JA 350 101.30 18.43 -52.98
N PRO JA 351 100.03 18.42 -52.50
CA PRO JA 351 99.45 19.69 -52.02
C PRO JA 351 100.02 20.24 -50.71
N SER JA 352 100.97 19.55 -50.08
CA SER JA 352 101.63 20.13 -48.92
C SER JA 352 102.57 21.25 -49.35
N LEU JA 353 103.44 20.99 -50.32
CA LEU JA 353 104.40 22.01 -50.74
C LEU JA 353 103.79 23.00 -51.72
N LYS JA 354 103.38 22.50 -52.90
CA LYS JA 354 102.90 23.29 -54.05
C LYS JA 354 103.88 24.39 -54.43
N ARG JA 355 105.17 24.07 -54.44
CA ARG JA 355 106.23 25.05 -54.58
C ARG JA 355 106.65 25.11 -56.05
N SER JA 356 105.81 25.79 -56.85
CA SER JA 356 105.92 26.11 -58.27
C SER JA 356 105.73 24.92 -59.20
N LEU JA 357 105.85 23.70 -58.68
CA LEU JA 357 105.04 22.50 -58.94
C LEU JA 357 104.75 22.09 -60.39
N MET JA 358 105.27 22.81 -61.41
CA MET JA 358 105.03 22.30 -62.77
C MET JA 358 105.90 21.09 -63.10
N PRO JA 359 107.25 21.24 -63.31
CA PRO JA 359 107.90 20.34 -64.27
C PRO JA 359 108.19 18.93 -63.78
N TYR JA 360 108.54 18.80 -62.50
CA TYR JA 360 109.04 17.52 -62.00
C TYR JA 360 107.88 16.55 -61.84
N PHE JA 361 106.71 17.07 -61.48
CA PHE JA 361 105.51 16.25 -61.41
C PHE JA 361 105.08 15.80 -62.80
N LEU JA 362 105.25 16.70 -63.78
CA LEU JA 362 104.94 16.40 -65.17
C LEU JA 362 105.85 15.29 -65.70
N LEU JA 363 107.11 15.27 -65.26
CA LEU JA 363 107.95 14.16 -65.67
C LEU JA 363 107.62 12.89 -64.90
N THR JA 364 107.05 13.03 -63.69
CA THR JA 364 106.64 11.83 -62.96
C THR JA 364 105.47 11.14 -63.65
N GLN JA 365 104.49 11.88 -64.16
CA GLN JA 365 103.47 11.18 -64.93
C GLN JA 365 103.95 10.86 -66.33
N ALA JA 366 105.00 11.55 -66.80
CA ALA JA 366 105.58 11.22 -68.10
C ALA JA 366 106.33 9.89 -68.04
N VAL JA 367 106.71 9.45 -66.84
CA VAL JA 367 107.21 8.08 -66.67
C VAL JA 367 106.12 7.12 -66.22
N ARG JA 368 105.14 7.63 -65.47
CA ARG JA 368 104.01 6.82 -65.01
C ARG JA 368 103.21 6.29 -66.20
N THR JA 369 103.11 7.07 -67.27
CA THR JA 369 102.67 6.55 -68.55
C THR JA 369 103.76 5.78 -69.28
N GLY JA 370 104.92 6.40 -69.48
CA GLY JA 370 106.11 5.70 -69.95
C GLY JA 370 106.25 5.58 -71.46
N ASN JA 371 106.19 6.69 -72.18
CA ASN JA 371 106.53 6.68 -73.61
C ASN JA 371 107.44 7.86 -73.90
N LEU JA 372 108.35 7.69 -74.85
CA LEU JA 372 109.32 8.72 -75.21
C LEU JA 372 108.71 9.86 -76.00
N ALA JA 373 107.49 9.67 -76.52
CA ALA JA 373 106.91 10.64 -77.46
C ALA JA 373 106.52 11.93 -76.78
N LYS JA 374 105.95 11.84 -75.57
CA LYS JA 374 105.58 13.05 -74.85
C LYS JA 374 106.54 13.32 -73.71
N PHE JA 375 107.40 12.34 -73.41
CA PHE JA 375 108.53 12.62 -72.52
C PHE JA 375 109.58 13.46 -73.23
N ASN JA 376 109.55 13.42 -74.57
CA ASN JA 376 110.37 14.33 -75.37
C ASN JA 376 110.03 15.77 -75.05
N GLN JA 377 108.75 16.14 -75.14
CA GLN JA 377 108.35 17.53 -74.91
C GLN JA 377 108.38 17.88 -73.42
N VAL JA 378 108.43 16.87 -72.55
CA VAL JA 378 108.80 17.13 -71.17
C VAL JA 378 110.27 17.52 -71.09
N LEU JA 379 111.11 16.85 -71.89
CA LEU JA 379 112.53 17.11 -71.83
C LEU JA 379 112.92 18.32 -72.66
N ASP JA 380 112.68 18.27 -73.99
CA ASP JA 380 113.33 19.25 -74.87
C ASP JA 380 112.58 20.57 -74.90
N GLN JA 381 111.25 20.54 -74.77
CA GLN JA 381 110.47 21.76 -74.83
C GLN JA 381 110.60 22.56 -73.54
N PHE JA 382 110.82 21.86 -72.43
CA PHE JA 382 111.12 22.58 -71.19
C PHE JA 382 112.58 22.99 -71.14
N GLY JA 383 113.50 22.01 -71.09
CA GLY JA 383 114.92 22.24 -71.32
C GLY JA 383 115.71 23.06 -70.31
N GLU JA 384 114.99 23.82 -69.50
CA GLU JA 384 115.58 24.62 -68.44
C GLU JA 384 115.28 24.09 -67.04
N LYS JA 385 114.59 22.96 -66.98
CA LYS JA 385 114.18 22.43 -65.69
C LYS JA 385 115.35 22.17 -64.78
N PHE JA 386 116.54 22.04 -65.39
CA PHE JA 386 117.83 21.79 -64.75
C PHE JA 386 117.91 20.38 -64.25
N GLN JA 387 118.87 20.12 -63.35
CA GLN JA 387 119.09 18.79 -62.80
C GLN JA 387 119.28 17.79 -63.95
N ALA JA 388 120.16 18.16 -64.89
CA ALA JA 388 120.46 17.36 -66.07
C ALA JA 388 121.04 16.03 -65.69
N ASP JA 389 121.89 16.03 -64.67
CA ASP JA 389 122.49 14.81 -64.21
C ASP JA 389 121.37 13.85 -63.83
N ILE JA 395 116.12 7.74 -69.38
CA ILE JA 395 115.52 7.33 -70.66
C ILE JA 395 115.26 5.83 -70.67
N ILE JA 396 116.17 5.05 -70.10
CA ILE JA 396 115.98 3.61 -70.08
C ILE JA 396 115.00 3.19 -69.00
N ARG JA 397 114.65 4.10 -68.08
CA ARG JA 397 113.75 3.73 -67.00
C ARG JA 397 112.30 3.75 -67.44
N LEU JA 398 111.90 4.70 -68.29
CA LEU JA 398 110.53 4.66 -68.79
C LEU JA 398 110.39 3.64 -69.91
N ARG JA 399 111.52 3.19 -70.46
CA ARG JA 399 111.49 1.98 -71.27
C ARG JA 399 111.20 0.76 -70.39
N HIS JA 400 111.76 0.77 -69.18
CA HIS JA 400 111.70 -0.38 -68.28
C HIS JA 400 110.29 -0.64 -67.77
N ASN JA 401 109.45 0.40 -67.74
CA ASN JA 401 108.12 0.28 -67.17
C ASN JA 401 107.20 -0.55 -68.06
N VAL JA 402 107.17 -0.24 -69.35
CA VAL JA 402 106.21 -0.86 -70.27
C VAL JA 402 106.62 -2.29 -70.60
N ILE JA 403 107.92 -2.59 -70.46
CA ILE JA 403 108.40 -3.92 -70.82
C ILE JA 403 108.43 -4.81 -69.59
N LYS JA 404 107.97 -4.27 -68.45
CA LYS JA 404 107.67 -5.12 -67.30
C LYS JA 404 106.47 -6.00 -67.61
N THR JA 405 105.58 -5.53 -68.48
CA THR JA 405 104.42 -6.31 -68.85
C THR JA 405 104.79 -7.43 -69.82
N GLY JA 406 105.30 -7.08 -70.99
CA GLY JA 406 105.26 -8.00 -72.11
C GLY JA 406 103.85 -8.03 -72.67
N VAL JA 407 103.74 -8.70 -73.81
CA VAL JA 407 102.46 -8.92 -74.45
C VAL JA 407 101.74 -9.98 -73.61
N ARG JA 408 102.49 -11.03 -73.30
CA ARG JA 408 102.04 -12.14 -72.49
C ARG JA 408 103.19 -12.62 -71.61
N MET JA 409 104.17 -13.27 -72.25
CA MET JA 409 105.52 -13.35 -71.70
C MET JA 409 106.62 -13.16 -72.77
N ILE JA 410 106.77 -14.16 -73.64
CA ILE JA 410 107.79 -14.11 -74.69
C ILE JA 410 107.54 -12.98 -75.69
N SER JA 411 106.29 -12.81 -76.05
CA SER JA 411 105.84 -11.77 -76.99
C SER JA 411 106.10 -12.14 -78.44
N LEU JA 412 105.33 -13.13 -78.90
CA LEU JA 412 105.19 -13.52 -80.32
C LEU JA 412 106.51 -14.03 -80.89
N SER JA 413 106.99 -15.12 -80.31
CA SER JA 413 108.25 -15.76 -80.66
C SER JA 413 109.40 -14.76 -80.57
N TYR JA 414 109.65 -14.34 -79.32
CA TYR JA 414 110.65 -13.36 -78.87
C TYR JA 414 110.63 -12.02 -79.60
N SER JA 415 109.52 -11.62 -80.23
CA SER JA 415 109.58 -10.39 -81.03
C SER JA 415 108.29 -9.60 -81.15
N ARG JA 416 108.09 -8.60 -80.29
CA ARG JA 416 107.12 -7.53 -80.51
C ARG JA 416 107.60 -6.23 -79.88
N ILE JA 417 106.77 -5.21 -80.01
CA ILE JA 417 106.91 -3.95 -79.28
C ILE JA 417 105.58 -3.62 -78.62
N SER JA 418 105.63 -2.84 -77.54
CA SER JA 418 104.42 -2.23 -77.01
C SER JA 418 104.22 -0.84 -77.63
N LEU JA 419 105.31 -0.09 -77.74
CA LEU JA 419 105.27 1.27 -78.26
C LEU JA 419 106.45 1.43 -79.22
N SER JA 460 111.32 -24.70 -57.27
CA SER JA 460 111.61 -23.24 -57.33
C SER JA 460 110.50 -22.18 -57.54
N LYS JA 461 109.35 -22.36 -56.86
CA LYS JA 461 108.22 -21.42 -56.87
C LYS JA 461 107.67 -21.20 -58.28
N GLU JA 462 106.98 -22.25 -58.76
CA GLU JA 462 106.35 -22.25 -60.09
C GLU JA 462 105.35 -21.11 -60.29
N MET JA 463 104.84 -20.53 -59.21
CA MET JA 463 104.02 -19.33 -59.27
C MET JA 463 104.79 -18.17 -59.89
N ILE JA 464 104.05 -17.26 -60.51
CA ILE JA 464 104.57 -15.93 -60.78
C ILE JA 464 104.58 -15.21 -59.43
N ASP JA 465 105.36 -14.13 -59.34
CA ASP JA 465 105.75 -13.60 -58.03
C ASP JA 465 104.59 -12.94 -57.30
N ILE JA 466 103.74 -13.75 -56.66
CA ILE JA 466 102.58 -13.23 -55.97
C ILE JA 466 102.93 -12.85 -54.53
N TYR JA 467 103.18 -13.91 -53.77
CA TYR JA 467 103.57 -13.92 -52.36
C TYR JA 467 104.39 -15.21 -52.11
N SER JA 468 104.42 -15.67 -50.87
CA SER JA 468 105.14 -16.91 -50.54
C SER JA 468 105.28 -17.14 -49.03
N THR JA 469 105.75 -18.34 -48.66
CA THR JA 469 105.94 -18.72 -47.26
C THR JA 469 107.38 -19.17 -46.99
N ARG JA 470 108.31 -18.69 -47.82
CA ARG JA 470 109.72 -19.05 -47.65
C ARG JA 470 110.65 -17.82 -47.72
N GLU JA 471 111.71 -17.91 -48.51
CA GLU JA 471 112.68 -16.82 -48.66
C GLU JA 471 112.14 -15.59 -49.36
N PRO JA 472 111.21 -15.80 -50.28
CA PRO JA 472 110.63 -14.68 -51.02
C PRO JA 472 110.07 -13.61 -50.09
N GLN JA 473 109.12 -13.92 -49.22
CA GLN JA 473 108.54 -12.88 -48.35
C GLN JA 473 109.30 -12.57 -47.04
N LEU JA 474 110.20 -13.46 -46.65
CA LEU JA 474 110.99 -13.29 -45.43
C LEU JA 474 111.73 -11.96 -45.38
N ALA JA 475 112.33 -11.57 -46.51
CA ALA JA 475 113.06 -10.31 -46.57
C ALA JA 475 112.18 -9.15 -46.12
N PHE JA 476 111.01 -9.00 -46.73
CA PHE JA 476 110.10 -7.92 -46.37
C PHE JA 476 109.65 -8.02 -44.92
N HIS JA 477 109.39 -9.25 -44.46
CA HIS JA 477 108.99 -9.46 -43.07
C HIS JA 477 109.88 -8.80 -42.02
N GLN JA 478 111.17 -9.17 -42.07
CA GLN JA 478 112.23 -8.68 -41.18
C GLN JA 478 112.57 -7.20 -41.35
N ARG JA 479 111.71 -6.52 -42.08
CA ARG JA 479 111.76 -5.08 -42.36
C ARG JA 479 111.15 -4.43 -41.13
N ILE JA 480 109.87 -4.70 -40.87
CA ILE JA 480 109.18 -4.10 -39.73
C ILE JA 480 109.74 -4.52 -38.37
N SER JA 481 110.28 -5.74 -38.28
CA SER JA 481 110.88 -6.21 -37.04
C SER JA 481 112.07 -5.29 -36.78
N PHE JA 482 112.88 -5.12 -37.82
CA PHE JA 482 114.03 -4.21 -37.72
C PHE JA 482 113.57 -2.81 -37.31
N CYS JA 483 112.51 -2.31 -37.93
CA CYS JA 483 111.95 -1.01 -37.60
C CYS JA 483 111.63 -0.88 -36.10
N LEU JA 484 110.92 -1.83 -35.53
CA LEU JA 484 110.57 -1.78 -34.10
C LEU JA 484 111.83 -1.80 -33.22
N ASP JA 485 112.78 -2.63 -33.62
CA ASP JA 485 114.05 -2.72 -32.88
C ASP JA 485 114.78 -1.36 -32.88
N ILE JA 486 114.76 -0.69 -34.03
CA ILE JA 486 115.37 0.64 -34.24
C ILE JA 486 114.58 1.75 -33.55
N HIS JA 487 113.30 1.47 -33.33
CA HIS JA 487 112.35 2.33 -32.64
C HIS JA 487 112.48 2.20 -31.12
N ASN JA 488 113.26 1.22 -30.64
CA ASN JA 488 113.53 1.14 -29.19
C ASN JA 488 114.05 2.52 -28.74
N MET JA 489 115.16 2.97 -29.34
CA MET JA 489 115.68 4.32 -29.09
C MET JA 489 114.68 5.18 -28.33
N SER JA 490 113.38 4.91 -28.51
CA SER JA 490 112.35 5.64 -27.79
C SER JA 490 112.48 5.46 -26.29
N VAL JA 491 112.76 4.24 -25.84
CA VAL JA 491 112.87 3.94 -24.42
C VAL JA 491 114.08 4.60 -23.78
N LYS JA 492 115.03 5.01 -24.61
CA LYS JA 492 116.23 5.66 -24.11
C LYS JA 492 116.10 7.17 -24.29
N ALA JA 493 114.96 7.72 -23.91
CA ALA JA 493 114.73 9.16 -24.05
C ALA JA 493 113.67 9.71 -23.09
N MET JA 494 114.10 10.12 -21.90
CA MET JA 494 113.22 10.71 -20.89
C MET JA 494 114.01 11.49 -19.85
N GLY KA 38 11.83 -72.22 -20.68
CA GLY KA 38 11.84 -73.66 -20.50
C GLY KA 38 12.63 -74.09 -19.28
N ARG KA 39 13.83 -73.52 -19.14
CA ARG KA 39 14.70 -73.77 -18.00
C ARG KA 39 15.08 -72.47 -17.32
N LEU KA 40 14.28 -71.43 -17.56
CA LEU KA 40 14.59 -70.10 -17.03
C LEU KA 40 14.38 -70.05 -15.52
N GLN KA 41 13.17 -70.37 -15.07
CA GLN KA 41 12.80 -70.18 -13.67
C GLN KA 41 13.41 -71.22 -12.73
N GLU KA 42 14.13 -72.21 -13.24
CA GLU KA 42 14.96 -73.02 -12.36
C GLU KA 42 16.10 -72.19 -11.79
N VAL KA 43 16.96 -71.68 -12.66
CA VAL KA 43 18.09 -70.85 -12.27
C VAL KA 43 17.62 -69.53 -11.69
N ILE KA 44 16.57 -68.94 -12.27
CA ILE KA 44 16.12 -67.63 -11.84
C ILE KA 44 15.32 -67.72 -10.55
N GLU KA 45 14.47 -68.75 -10.40
CA GLU KA 45 13.71 -68.91 -9.17
C GLU KA 45 14.61 -69.28 -8.00
N THR KA 46 15.53 -70.23 -8.23
CA THR KA 46 16.53 -70.56 -7.20
C THR KA 46 17.40 -69.36 -6.88
N LEU KA 47 17.73 -68.56 -7.91
CA LEU KA 47 18.55 -67.37 -7.69
C LEU KA 47 17.81 -66.31 -6.89
N LEU KA 48 16.49 -66.16 -7.12
CA LEU KA 48 15.67 -65.30 -6.28
C LEU KA 48 15.63 -65.81 -4.85
N SER KA 49 15.66 -67.14 -4.67
CA SER KA 49 15.88 -67.66 -3.32
C SER KA 49 17.31 -67.48 -2.86
N LEU KA 50 18.28 -67.37 -3.78
CA LEU KA 50 19.67 -67.21 -3.37
C LEU KA 50 19.97 -65.79 -2.89
N GLU KA 51 19.29 -64.78 -3.44
CA GLU KA 51 19.67 -63.39 -3.19
C GLU KA 51 19.32 -62.90 -1.79
N LYS KA 52 18.72 -63.73 -0.94
CA LYS KA 52 18.50 -63.38 0.45
C LYS KA 52 19.17 -64.34 1.43
N GLN KA 53 19.52 -65.55 1.00
CA GLN KA 53 20.24 -66.49 1.87
C GLN KA 53 21.74 -66.51 1.64
N THR KA 54 22.20 -66.10 0.45
CA THR KA 54 23.62 -65.96 0.15
C THR KA 54 24.10 -64.52 0.28
N ARG KA 55 23.38 -63.60 -0.36
CA ARG KA 55 23.78 -62.19 -0.36
C ARG KA 55 23.70 -61.58 1.03
N THR KA 56 22.78 -62.05 1.87
CA THR KA 56 22.53 -61.43 3.16
C THR KA 56 22.69 -62.47 4.27
N ALA KA 57 23.87 -62.56 4.90
CA ALA KA 57 25.15 -62.07 4.40
C ALA KA 57 26.27 -63.06 4.73
N SER KA 58 26.48 -64.09 3.89
CA SER KA 58 27.67 -64.91 4.04
C SER KA 58 28.55 -64.88 2.80
N ASP KA 59 28.06 -65.44 1.69
CA ASP KA 59 28.41 -65.15 0.31
C ASP KA 59 29.84 -65.52 -0.12
N MET KA 60 30.76 -65.70 0.83
CA MET KA 60 32.17 -65.54 0.52
C MET KA 60 32.71 -66.71 -0.29
N VAL KA 61 32.73 -67.90 0.34
CA VAL KA 61 32.93 -69.13 -0.42
C VAL KA 61 31.78 -69.35 -1.39
N SER KA 62 30.60 -68.79 -1.08
CA SER KA 62 29.48 -68.92 -1.99
C SER KA 62 29.66 -68.06 -3.23
N THR KA 63 30.57 -67.09 -3.19
CA THR KA 63 30.95 -66.37 -4.40
C THR KA 63 31.59 -67.32 -5.40
N SER KA 64 32.32 -68.32 -4.93
CA SER KA 64 32.82 -69.37 -5.79
C SER KA 64 31.86 -70.54 -5.91
N ARG KA 65 30.66 -70.45 -5.33
CA ARG KA 65 29.75 -71.58 -5.37
C ARG KA 65 28.48 -71.31 -6.16
N ILE KA 66 27.70 -70.30 -5.80
CA ILE KA 66 26.38 -70.13 -6.40
C ILE KA 66 26.45 -69.41 -7.75
N LEU KA 67 27.37 -68.44 -7.89
CA LEU KA 67 27.56 -67.79 -9.18
C LEU KA 67 28.13 -68.77 -10.20
N VAL KA 68 29.03 -69.64 -9.76
CA VAL KA 68 29.53 -70.71 -10.61
C VAL KA 68 28.42 -71.73 -10.85
N ALA KA 69 27.50 -71.89 -9.89
CA ALA KA 69 26.30 -72.69 -10.13
C ALA KA 69 25.28 -71.98 -11.00
N VAL KA 70 25.23 -70.64 -10.97
CA VAL KA 70 24.42 -69.90 -11.92
C VAL KA 70 24.92 -70.13 -13.34
N VAL KA 71 26.24 -70.19 -13.52
CA VAL KA 71 26.73 -70.32 -14.89
C VAL KA 71 26.80 -71.79 -15.34
N LYS KA 72 26.98 -72.75 -14.42
CA LYS KA 72 27.02 -74.15 -14.83
C LYS KA 72 25.62 -74.75 -14.92
N MET KA 73 24.67 -74.24 -14.13
CA MET KA 73 23.27 -74.59 -14.33
C MET KA 73 22.66 -73.72 -15.41
N CYS KA 74 23.37 -72.66 -15.79
CA CYS KA 74 23.02 -71.90 -16.99
C CYS KA 74 23.77 -72.45 -18.20
N TYR KA 75 24.52 -73.54 -17.99
CA TYR KA 75 25.17 -74.20 -19.11
C TYR KA 75 24.65 -75.62 -19.31
N GLU KA 76 24.17 -76.27 -18.24
CA GLU KA 76 23.67 -77.64 -18.33
C GLU KA 76 22.35 -77.72 -19.09
N ALA KA 77 21.59 -76.64 -19.17
CA ALA KA 77 20.41 -76.61 -20.03
C ALA KA 77 20.74 -76.29 -21.48
N LYS KA 78 22.00 -75.93 -21.77
CA LYS KA 78 22.56 -75.71 -23.10
C LYS KA 78 21.79 -74.62 -23.85
N GLU KA 79 21.86 -73.42 -23.28
CA GLU KA 79 21.31 -72.24 -23.92
C GLU KA 79 22.46 -71.28 -24.21
N TRP KA 80 22.27 -70.44 -25.22
CA TRP KA 80 23.26 -69.45 -25.61
C TRP KA 80 22.61 -68.09 -25.81
N ASP KA 81 21.31 -68.04 -26.01
CA ASP KA 81 20.60 -66.78 -25.85
C ASP KA 81 20.43 -66.43 -24.38
N LEU KA 82 19.95 -67.38 -23.57
CA LEU KA 82 19.72 -67.10 -22.16
C LEU KA 82 20.99 -67.27 -21.32
N LEU KA 83 22.11 -67.60 -21.96
CA LEU KA 83 23.37 -67.63 -21.23
C LEU KA 83 23.95 -66.24 -21.02
N ASN KA 84 24.06 -65.44 -22.09
CA ASN KA 84 24.68 -64.13 -22.01
C ASN KA 84 23.61 -63.06 -21.77
N GLU KA 85 22.80 -63.32 -20.75
CA GLU KA 85 21.76 -62.39 -20.32
C GLU KA 85 21.69 -62.34 -18.79
N ASN KA 86 22.67 -62.94 -18.12
CA ASN KA 86 22.58 -63.01 -16.67
C ASN KA 86 23.83 -62.47 -15.98
N ILE KA 87 25.00 -62.66 -16.58
CA ILE KA 87 26.27 -62.28 -15.98
C ILE KA 87 26.34 -60.75 -15.94
N MET KA 88 25.85 -60.11 -17.00
CA MET KA 88 25.78 -58.65 -17.01
C MET KA 88 24.60 -58.15 -16.19
N LEU KA 89 23.63 -59.02 -15.90
CA LEU KA 89 22.55 -58.65 -14.99
C LEU KA 89 22.82 -59.16 -13.59
N LEU KA 90 24.07 -59.47 -13.26
CA LEU KA 90 24.42 -59.80 -11.87
C LEU KA 90 25.35 -58.77 -11.28
N SER KA 91 25.74 -57.77 -12.06
CA SER KA 91 26.62 -56.72 -11.56
C SER KA 91 25.82 -55.61 -10.92
N LYS KA 92 26.49 -54.47 -10.69
CA LYS KA 92 25.98 -53.15 -10.33
C LYS KA 92 25.50 -53.04 -8.88
N ARG KA 93 25.33 -54.18 -8.20
CA ARG KA 93 24.92 -54.25 -6.81
C ARG KA 93 25.18 -55.66 -6.31
N ARG KA 94 26.10 -55.86 -5.36
CA ARG KA 94 26.59 -57.20 -5.07
C ARG KA 94 26.21 -57.71 -3.68
N SER KA 95 26.66 -57.07 -2.61
CA SER KA 95 26.59 -57.68 -1.28
C SER KA 95 26.90 -56.63 -0.21
N GLN KA 96 26.92 -57.08 1.05
CA GLN KA 96 27.03 -56.22 2.22
C GLN KA 96 28.48 -56.20 2.73
N LEU KA 97 28.69 -55.67 3.93
CA LEU KA 97 30.01 -55.57 4.55
C LEU KA 97 30.55 -56.97 4.90
N LYS KA 98 31.88 -57.08 4.85
CA LYS KA 98 32.67 -58.31 5.00
C LYS KA 98 32.32 -59.36 3.95
N GLN KA 99 31.88 -58.93 2.77
CA GLN KA 99 31.88 -59.76 1.57
C GLN KA 99 32.50 -58.92 0.47
N ALA KA 100 32.46 -59.42 -0.77
CA ALA KA 100 33.19 -58.75 -1.82
C ALA KA 100 32.39 -58.68 -3.12
N VAL KA 101 32.66 -57.63 -3.90
CA VAL KA 101 32.14 -57.54 -5.26
C VAL KA 101 33.02 -58.36 -6.20
N ALA KA 102 34.23 -58.67 -5.78
CA ALA KA 102 35.21 -59.38 -6.60
C ALA KA 102 34.94 -60.88 -6.61
N LYS KA 103 35.94 -61.64 -7.08
CA LYS KA 103 35.98 -63.10 -7.04
C LYS KA 103 34.89 -63.75 -7.88
N MET KA 104 34.42 -63.04 -8.92
CA MET KA 104 33.68 -63.71 -9.98
C MET KA 104 34.58 -63.95 -11.18
N VAL KA 105 35.87 -63.66 -11.04
CA VAL KA 105 36.82 -63.91 -12.12
C VAL KA 105 37.14 -65.40 -12.23
N GLN KA 106 37.10 -66.12 -11.09
CA GLN KA 106 37.22 -67.56 -11.16
C GLN KA 106 35.87 -68.18 -11.50
N GLN KA 107 34.80 -67.41 -11.33
CA GLN KA 107 33.51 -67.79 -11.89
C GLN KA 107 33.54 -67.67 -13.41
N CYS KA 108 34.38 -66.78 -13.93
CA CYS KA 108 34.53 -66.66 -15.38
C CYS KA 108 35.55 -67.66 -15.92
N CYS KA 109 36.77 -67.66 -15.37
CA CYS KA 109 37.89 -68.32 -16.02
C CYS KA 109 37.84 -69.84 -15.86
N THR KA 110 37.06 -70.32 -14.89
CA THR KA 110 36.82 -71.76 -14.79
C THR KA 110 35.55 -72.14 -15.55
N TYR KA 111 35.16 -71.31 -16.51
CA TYR KA 111 34.00 -71.59 -17.35
C TYR KA 111 34.31 -71.38 -18.82
N VAL KA 112 35.32 -70.55 -19.12
CA VAL KA 112 35.60 -70.14 -20.50
C VAL KA 112 36.14 -71.32 -21.30
N GLU KA 113 37.07 -72.08 -20.72
CA GLU KA 113 37.73 -73.14 -21.46
C GLU KA 113 36.98 -74.46 -21.32
N GLU KA 114 35.65 -74.39 -21.17
CA GLU KA 114 34.85 -75.59 -21.02
C GLU KA 114 34.31 -76.07 -22.36
N ILE KA 115 33.95 -75.15 -23.25
CA ILE KA 115 33.45 -75.55 -24.56
C ILE KA 115 34.39 -75.04 -25.65
N THR KA 116 34.53 -75.84 -26.70
CA THR KA 116 35.28 -75.51 -27.91
C THR KA 116 34.39 -75.65 -29.14
N ASP KA 117 33.22 -75.00 -29.12
CA ASP KA 117 32.22 -75.08 -30.18
C ASP KA 117 32.77 -74.64 -31.55
N LEU KA 118 32.39 -75.39 -32.59
CA LEU KA 118 33.22 -75.45 -33.79
C LEU KA 118 33.15 -74.25 -34.74
N PRO KA 119 31.97 -73.87 -35.37
CA PRO KA 119 32.04 -73.04 -36.60
C PRO KA 119 32.53 -71.62 -36.38
N ILE KA 120 31.62 -70.80 -35.85
CA ILE KA 120 31.84 -69.60 -35.04
C ILE KA 120 30.43 -69.27 -34.54
N LYS KA 121 30.30 -68.94 -33.26
CA LYS KA 121 29.04 -68.37 -32.79
C LYS KA 121 29.31 -67.34 -31.71
N LEU KA 122 30.56 -67.28 -31.26
CA LEU KA 122 30.95 -66.98 -29.88
C LEU KA 122 30.53 -65.58 -29.43
N ARG KA 123 29.57 -65.54 -28.49
CA ARG KA 123 29.32 -64.35 -27.70
C ARG KA 123 30.13 -64.46 -26.42
N LEU KA 124 30.76 -65.61 -26.22
CA LEU KA 124 31.71 -65.79 -25.13
C LEU KA 124 32.92 -64.88 -25.31
N ILE KA 125 33.27 -64.60 -26.57
CA ILE KA 125 34.37 -63.69 -26.86
C ILE KA 125 33.88 -62.25 -26.90
N ASP KA 126 32.58 -62.05 -27.15
CA ASP KA 126 32.09 -60.69 -27.37
C ASP KA 126 31.57 -60.08 -26.07
N THR KA 127 30.71 -60.80 -25.36
CA THR KA 127 30.08 -60.26 -24.15
C THR KA 127 31.10 -60.11 -23.03
N LEU KA 128 32.17 -60.91 -23.07
CA LEU KA 128 33.18 -60.84 -22.02
C LEU KA 128 34.26 -59.84 -22.36
N ARG KA 129 33.91 -58.76 -23.07
CA ARG KA 129 34.89 -57.70 -23.33
C ARG KA 129 34.29 -56.33 -23.09
N MET KA 130 33.06 -56.26 -22.58
CA MET KA 130 32.54 -54.98 -22.12
C MET KA 130 31.76 -55.13 -20.82
N VAL KA 131 31.69 -56.36 -20.31
CA VAL KA 131 31.11 -56.58 -18.99
C VAL KA 131 32.20 -56.70 -17.94
N THR KA 132 33.38 -57.20 -18.32
CA THR KA 132 34.48 -57.31 -17.36
C THR KA 132 35.38 -56.08 -17.38
N GLU KA 133 34.82 -54.91 -17.66
CA GLU KA 133 35.56 -53.65 -17.70
C GLU KA 133 36.18 -53.28 -16.36
N GLY KA 134 37.51 -53.32 -16.29
CA GLY KA 134 38.21 -52.75 -15.17
C GLY KA 134 38.22 -53.57 -13.89
N LYS KA 135 39.21 -54.45 -13.77
CA LYS KA 135 39.59 -55.07 -12.51
C LYS KA 135 41.06 -55.47 -12.65
N ILE KA 136 41.79 -55.49 -11.53
CA ILE KA 136 43.14 -56.02 -11.52
C ILE KA 136 43.16 -57.54 -11.53
N TYR KA 137 42.02 -58.19 -11.26
CA TYR KA 137 41.97 -59.64 -11.20
C TYR KA 137 41.66 -60.24 -12.58
N VAL KA 138 41.15 -59.42 -13.50
CA VAL KA 138 40.68 -59.91 -14.78
C VAL KA 138 41.74 -59.75 -15.87
N GLU KA 139 43.02 -59.67 -15.49
CA GLU KA 139 44.14 -59.65 -16.42
C GLU KA 139 44.17 -60.90 -17.27
N ILE KA 140 43.79 -62.04 -16.68
CA ILE KA 140 43.85 -63.30 -17.41
C ILE KA 140 42.59 -63.49 -18.23
N GLU KA 141 41.57 -62.69 -17.96
CA GLU KA 141 40.35 -62.70 -18.77
C GLU KA 141 40.61 -62.08 -20.14
N ARG KA 142 41.04 -60.82 -20.16
CA ARG KA 142 41.31 -60.20 -21.45
C ARG KA 142 42.66 -60.61 -22.00
N ALA KA 143 43.52 -61.20 -21.16
CA ALA KA 143 44.79 -61.70 -21.66
C ALA KA 143 44.61 -63.05 -22.34
N ARG KA 144 44.02 -64.02 -21.64
CA ARG KA 144 43.87 -65.35 -22.21
C ARG KA 144 42.69 -65.39 -23.18
N LEU KA 145 41.74 -64.47 -23.03
CA LEU KA 145 40.69 -64.32 -24.02
C LEU KA 145 41.19 -63.50 -25.21
N THR KA 146 42.17 -62.63 -24.98
CA THR KA 146 42.91 -62.05 -26.11
C THR KA 146 43.65 -63.12 -26.90
N LYS KA 147 44.27 -64.07 -26.19
CA LYS KA 147 44.90 -65.21 -26.85
C LYS KA 147 43.86 -66.09 -27.53
N THR KA 148 42.64 -66.15 -26.96
CA THR KA 148 41.55 -66.84 -27.64
C THR KA 148 41.17 -66.11 -28.93
N LEU KA 149 41.20 -64.78 -28.91
CA LEU KA 149 41.01 -64.01 -30.14
C LEU KA 149 42.20 -64.13 -31.06
N ALA KA 150 43.38 -64.45 -30.50
CA ALA KA 150 44.58 -64.56 -31.32
C ALA KA 150 44.73 -65.96 -31.90
N THR KA 151 43.74 -66.84 -31.69
CA THR KA 151 43.82 -68.19 -32.23
C THR KA 151 42.58 -68.55 -33.06
N ILE KA 152 41.40 -68.09 -32.64
CA ILE KA 152 40.17 -68.43 -33.35
C ILE KA 152 39.81 -67.39 -34.42
N LYS KA 153 39.97 -66.10 -34.14
CA LYS KA 153 39.67 -65.06 -35.10
C LYS KA 153 40.67 -65.03 -36.26
N GLU KA 154 41.88 -65.55 -36.04
CA GLU KA 154 42.91 -65.46 -37.07
C GLU KA 154 42.69 -66.43 -38.23
N GLN KA 155 41.93 -67.51 -38.03
CA GLN KA 155 41.73 -68.47 -39.10
C GLN KA 155 40.67 -68.02 -40.10
N ASN KA 156 39.86 -67.02 -39.75
CA ASN KA 156 38.97 -66.41 -40.72
C ASN KA 156 39.77 -65.63 -41.75
N GLY KA 157 40.84 -64.97 -41.32
CA GLY KA 157 41.72 -64.24 -42.21
C GLY KA 157 41.47 -62.75 -42.19
N ASP KA 158 42.28 -62.00 -41.44
CA ASP KA 158 42.16 -60.55 -41.39
C ASP KA 158 43.53 -59.95 -41.06
N VAL KA 159 43.73 -58.72 -41.51
CA VAL KA 159 45.02 -58.05 -41.32
C VAL KA 159 44.87 -56.93 -40.30
N LYS KA 160 44.06 -55.91 -40.63
CA LYS KA 160 43.83 -54.83 -39.68
C LYS KA 160 42.44 -54.92 -39.07
N GLU KA 161 41.81 -56.10 -39.12
CA GLU KA 161 40.53 -56.27 -38.45
C GLU KA 161 40.69 -57.06 -37.15
N ALA KA 162 41.87 -57.68 -36.99
CA ALA KA 162 42.29 -58.11 -35.66
C ALA KA 162 43.16 -57.02 -35.01
N ALA KA 163 43.08 -55.80 -35.53
CA ALA KA 163 43.89 -54.70 -35.02
C ALA KA 163 43.25 -54.04 -33.81
N SER KA 164 41.99 -54.41 -33.53
CA SER KA 164 41.30 -53.93 -32.34
C SER KA 164 41.97 -54.42 -31.07
N ILE KA 165 42.66 -55.56 -31.16
CA ILE KA 165 43.49 -56.03 -30.05
C ILE KA 165 44.96 -55.90 -30.46
N LEU KA 166 45.25 -54.90 -31.28
CA LEU KA 166 46.65 -54.58 -31.58
C LEU KA 166 46.98 -53.15 -31.16
N GLN KA 167 46.08 -52.21 -31.45
CA GLN KA 167 46.43 -50.80 -31.32
C GLN KA 167 46.47 -50.35 -29.87
N GLU KA 168 45.60 -50.92 -29.03
CA GLU KA 168 45.68 -50.76 -27.59
C GLU KA 168 46.61 -51.82 -26.99
N LEU KA 169 46.40 -52.12 -25.70
CA LEU KA 169 47.22 -53.03 -24.87
C LEU KA 169 48.64 -52.51 -24.65
N GLN KA 170 48.75 -51.47 -23.82
CA GLN KA 170 50.04 -50.88 -23.43
C GLN KA 170 50.91 -51.86 -22.65
N VAL KA 171 52.12 -51.40 -22.31
CA VAL KA 171 53.37 -52.18 -22.16
C VAL KA 171 53.24 -53.52 -21.42
N GLU KA 172 53.84 -54.55 -22.04
CA GLU KA 172 53.70 -55.96 -21.69
C GLU KA 172 52.21 -56.36 -21.65
N THR KA 173 51.47 -55.78 -22.59
CA THR KA 173 50.09 -56.12 -23.01
C THR KA 173 49.08 -55.76 -21.92
N TYR KA 174 49.49 -55.51 -20.68
CA TYR KA 174 48.57 -55.21 -19.60
C TYR KA 174 49.09 -54.14 -18.66
N GLY KA 175 50.37 -53.82 -18.70
CA GLY KA 175 50.96 -53.24 -17.51
C GLY KA 175 51.73 -54.26 -16.70
N SER KA 176 52.71 -54.88 -17.39
CA SER KA 176 53.84 -55.63 -16.82
C SER KA 176 53.50 -57.06 -16.41
N MET KA 177 52.20 -57.39 -16.46
CA MET KA 177 51.67 -58.76 -16.56
C MET KA 177 51.90 -59.65 -15.33
N GLU KA 178 52.73 -59.20 -14.37
CA GLU KA 178 52.91 -59.77 -13.04
C GLU KA 178 53.25 -61.26 -12.91
N LYS KA 179 53.68 -61.93 -13.99
CA LYS KA 179 54.25 -63.27 -13.79
C LYS KA 179 55.30 -63.65 -14.84
N LYS KA 180 55.58 -64.96 -14.93
CA LYS KA 180 56.47 -65.67 -15.85
C LYS KA 180 56.45 -65.17 -17.29
N GLU KA 181 55.27 -64.73 -17.77
CA GLU KA 181 55.09 -64.13 -19.09
C GLU KA 181 56.09 -63.02 -19.35
N ARG KA 182 56.85 -63.12 -20.43
CA ARG KA 182 57.84 -62.10 -20.71
C ARG KA 182 57.54 -61.37 -22.02
N VAL KA 183 57.48 -62.11 -23.14
CA VAL KA 183 57.24 -61.48 -24.44
C VAL KA 183 56.03 -62.09 -25.13
N GLU KA 184 55.50 -63.21 -24.63
CA GLU KA 184 54.48 -64.09 -25.22
C GLU KA 184 53.31 -63.36 -25.86
N PHE KA 185 52.77 -62.35 -25.19
CA PHE KA 185 51.70 -61.55 -25.76
C PHE KA 185 52.20 -60.36 -26.57
N ILE KA 186 53.42 -59.87 -26.31
CA ILE KA 186 54.04 -58.95 -27.26
C ILE KA 186 54.50 -59.71 -28.50
N LEU KA 187 54.87 -60.98 -28.33
CA LEU KA 187 55.35 -61.79 -29.45
C LEU KA 187 54.20 -62.21 -30.35
N GLU KA 188 53.17 -62.82 -29.79
CA GLU KA 188 51.98 -63.13 -30.59
C GLU KA 188 51.22 -61.86 -30.97
N GLN KA 189 51.39 -60.78 -30.21
CA GLN KA 189 51.02 -59.45 -30.66
C GLN KA 189 51.82 -59.03 -31.88
N MET KA 190 53.05 -59.55 -32.02
CA MET KA 190 54.06 -58.88 -32.83
C MET KA 190 54.26 -59.55 -34.18
N ARG KA 191 54.31 -60.89 -34.21
CA ARG KA 191 54.29 -61.60 -35.47
C ARG KA 191 52.95 -61.47 -36.17
N LEU KA 192 51.88 -61.24 -35.40
CA LEU KA 192 50.59 -60.85 -35.96
C LEU KA 192 50.49 -59.35 -36.18
N CYS KA 193 51.41 -58.55 -35.64
CA CYS KA 193 51.45 -57.14 -36.01
C CYS KA 193 51.96 -56.97 -37.43
N LEU KA 194 52.74 -57.94 -37.91
CA LEU KA 194 53.30 -57.93 -39.24
C LEU KA 194 52.19 -58.00 -40.29
N ALA KA 195 51.56 -59.17 -40.39
CA ALA KA 195 50.22 -59.43 -40.92
C ALA KA 195 50.02 -59.23 -42.43
N VAL KA 196 50.85 -58.43 -43.10
CA VAL KA 196 51.17 -58.66 -44.51
C VAL KA 196 52.68 -58.58 -44.61
N LYS KA 197 53.20 -57.36 -44.53
CA LYS KA 197 54.49 -56.97 -43.97
C LYS KA 197 54.26 -55.71 -43.16
N ASP KA 198 53.40 -54.84 -43.73
CA ASP KA 198 52.89 -53.50 -43.38
C ASP KA 198 53.96 -52.47 -43.01
N TYR KA 199 55.23 -52.79 -43.28
CA TYR KA 199 56.29 -51.88 -43.69
C TYR KA 199 56.76 -50.81 -42.71
N ILE KA 200 56.05 -50.56 -41.61
CA ILE KA 200 56.47 -49.52 -40.67
C ILE KA 200 56.18 -49.98 -39.25
N ARG KA 201 54.92 -49.84 -38.82
CA ARG KA 201 54.60 -50.05 -37.41
C ARG KA 201 54.45 -51.52 -37.07
N THR KA 202 55.50 -52.30 -37.31
CA THR KA 202 55.63 -53.60 -36.66
C THR KA 202 57.07 -53.77 -36.22
N GLN KA 203 57.96 -52.92 -36.74
CA GLN KA 203 59.34 -52.91 -36.27
C GLN KA 203 59.67 -51.60 -35.56
N ILE KA 204 58.97 -50.52 -35.94
CA ILE KA 204 59.13 -49.24 -35.25
C ILE KA 204 58.44 -49.28 -33.89
N ILE KA 205 57.30 -49.94 -33.81
CA ILE KA 205 56.61 -50.06 -32.52
C ILE KA 205 57.26 -51.12 -31.66
N SER KA 206 58.04 -52.02 -32.27
CA SER KA 206 58.61 -53.14 -31.53
C SER KA 206 59.77 -52.72 -30.67
N LYS KA 207 60.42 -51.61 -31.01
CA LYS KA 207 61.69 -51.24 -30.37
C LYS KA 207 61.48 -50.70 -28.96
N LYS KA 208 60.24 -50.35 -28.63
CA LYS KA 208 59.96 -49.75 -27.32
C LYS KA 208 60.05 -50.79 -26.22
N ILE KA 209 59.38 -51.93 -26.39
CA ILE KA 209 59.50 -52.99 -25.40
C ILE KA 209 60.36 -54.11 -25.98
N ASN KA 210 61.26 -53.77 -26.89
CA ASN KA 210 62.38 -54.65 -27.26
C ASN KA 210 63.38 -54.71 -26.11
N THR KA 211 63.38 -53.69 -25.26
CA THR KA 211 64.48 -53.49 -24.33
C THR KA 211 64.14 -54.07 -22.96
N LYS KA 212 63.47 -55.23 -22.93
CA LYS KA 212 62.80 -55.64 -21.72
C LYS KA 212 63.21 -57.04 -21.30
N PHE KA 213 63.55 -57.90 -22.26
CA PHE KA 213 63.81 -59.32 -21.98
C PHE KA 213 65.29 -59.60 -21.76
N PHE KA 214 66.07 -58.59 -21.36
CA PHE KA 214 67.52 -58.65 -21.41
C PHE KA 214 68.15 -59.12 -20.10
N GLN KA 215 68.04 -60.42 -19.78
CA GLN KA 215 68.68 -60.88 -18.56
C GLN KA 215 69.36 -62.24 -18.68
N GLU KA 216 69.11 -62.96 -19.79
CA GLU KA 216 69.53 -64.34 -20.02
C GLU KA 216 68.96 -65.26 -18.92
N GLU KA 217 67.66 -65.50 -18.98
CA GLU KA 217 66.89 -66.30 -18.03
C GLU KA 217 67.09 -67.81 -18.29
N ASN KA 218 66.24 -68.62 -17.66
CA ASN KA 218 66.29 -70.08 -17.75
C ASN KA 218 65.23 -70.61 -18.72
N THR KA 219 64.20 -69.80 -18.99
CA THR KA 219 63.02 -70.28 -19.71
C THR KA 219 63.27 -70.44 -21.21
N GLU KA 220 62.37 -71.14 -21.88
CA GLU KA 220 62.64 -71.71 -23.19
C GLU KA 220 62.49 -70.67 -24.31
N LYS KA 221 62.44 -71.18 -25.55
CA LYS KA 221 62.76 -70.38 -26.71
C LYS KA 221 61.57 -69.60 -27.29
N LEU KA 222 60.80 -68.97 -26.42
CA LEU KA 222 59.88 -67.94 -26.90
C LEU KA 222 60.60 -66.61 -26.98
N ASN KA 228 63.93 -65.12 -33.75
CA ASN KA 228 63.51 -65.40 -35.13
C ASN KA 228 62.61 -64.29 -35.66
N LEU KA 229 61.85 -63.66 -34.76
CA LEU KA 229 61.00 -62.54 -35.15
C LEU KA 229 61.84 -61.36 -35.60
N MET KA 230 62.97 -61.13 -34.94
CA MET KA 230 63.78 -59.98 -35.32
C MET KA 230 64.78 -60.38 -36.42
N ILE KA 231 64.89 -61.69 -36.68
CA ILE KA 231 65.41 -62.12 -37.98
C ILE KA 231 64.46 -61.67 -39.08
N GLN KA 232 63.15 -61.74 -38.80
CA GLN KA 232 62.17 -61.33 -39.80
C GLN KA 232 62.10 -59.80 -39.91
N LEU KA 233 62.48 -59.07 -38.86
CA LEU KA 233 62.17 -57.64 -38.80
C LEU KA 233 63.02 -56.81 -39.76
N ASP KA 234 64.34 -57.05 -39.80
CA ASP KA 234 65.21 -56.24 -40.64
C ASP KA 234 65.11 -56.57 -42.13
N GLN KA 235 64.34 -57.59 -42.49
CA GLN KA 235 64.32 -58.11 -43.85
C GLN KA 235 63.18 -57.44 -44.63
N HIS KA 236 63.18 -56.10 -44.60
CA HIS KA 236 62.59 -55.37 -45.71
C HIS KA 236 63.42 -54.16 -46.12
N GLU KA 237 64.14 -53.55 -45.18
CA GLU KA 237 64.93 -52.37 -45.49
C GLU KA 237 66.01 -52.21 -44.43
N GLY KA 238 66.88 -51.22 -44.63
CA GLY KA 238 67.77 -50.74 -43.58
C GLY KA 238 69.01 -51.59 -43.35
N SER KA 239 70.03 -50.93 -42.81
CA SER KA 239 71.26 -51.56 -42.34
C SER KA 239 70.98 -52.24 -41.00
N TYR KA 240 71.89 -53.11 -40.57
CA TYR KA 240 71.50 -54.20 -39.69
C TYR KA 240 72.53 -54.59 -38.62
N LEU KA 241 73.32 -53.64 -38.12
CA LEU KA 241 74.47 -53.98 -37.28
C LEU KA 241 74.03 -54.45 -35.88
N SER KA 242 72.97 -53.84 -35.35
CA SER KA 242 72.41 -54.28 -34.07
C SER KA 242 71.85 -55.69 -34.20
N LYS KA 268 77.46 -69.47 -38.73
CA LYS KA 268 77.61 -69.26 -40.17
C LYS KA 268 76.76 -68.09 -40.64
N SER KA 269 75.50 -68.07 -40.20
CA SER KA 269 74.60 -66.96 -40.49
C SER KA 269 75.11 -65.66 -39.89
N VAL KA 270 75.79 -65.75 -38.73
CA VAL KA 270 76.40 -64.58 -38.12
C VAL KA 270 77.45 -63.98 -39.03
N VAL KA 271 78.46 -64.77 -39.41
CA VAL KA 271 79.60 -64.21 -40.13
C VAL KA 271 79.22 -63.79 -41.56
N LEU KA 272 78.48 -64.65 -42.28
CA LEU KA 272 78.08 -64.31 -43.65
C LEU KA 272 77.10 -63.15 -43.65
N TYR KA 273 76.32 -63.03 -42.57
CA TYR KA 273 75.46 -61.87 -42.37
C TYR KA 273 76.29 -60.61 -42.15
N VAL KA 274 77.43 -60.75 -41.46
CA VAL KA 274 78.24 -59.59 -41.08
C VAL KA 274 78.98 -59.02 -42.29
N ILE KA 275 79.40 -59.89 -43.22
CA ILE KA 275 80.27 -59.49 -44.33
C ILE KA 275 79.63 -58.41 -45.22
N LEU KA 276 78.32 -58.49 -45.46
CA LEU KA 276 77.76 -57.67 -46.53
C LEU KA 276 77.32 -56.28 -46.09
N ALA KA 277 77.78 -55.81 -44.91
CA ALA KA 277 77.46 -54.45 -44.45
C ALA KA 277 78.54 -53.47 -44.91
N PRO KA 278 78.21 -52.21 -45.23
CA PRO KA 278 79.17 -51.35 -45.94
C PRO KA 278 80.06 -50.45 -45.09
N PHE KA 279 80.06 -50.59 -43.77
CA PHE KA 279 80.78 -49.64 -42.93
C PHE KA 279 82.22 -50.09 -42.73
N ASP KA 280 83.09 -49.13 -42.41
CA ASP KA 280 84.52 -49.43 -42.46
C ASP KA 280 85.09 -49.86 -41.11
N ASN KA 281 85.12 -48.98 -40.12
CA ASN KA 281 86.05 -49.17 -39.01
C ASN KA 281 85.45 -49.80 -37.76
N GLU KA 282 84.26 -49.39 -37.33
CA GLU KA 282 83.61 -50.13 -36.27
C GLU KA 282 83.15 -51.49 -36.77
N GLN KA 283 82.77 -51.58 -38.04
CA GLN KA 283 82.47 -52.88 -38.63
C GLN KA 283 83.72 -53.74 -38.71
N SER KA 284 84.89 -53.12 -38.91
CA SER KA 284 86.15 -53.86 -38.80
C SER KA 284 86.35 -54.36 -37.38
N ASP KA 285 85.84 -53.61 -36.40
CA ASP KA 285 85.71 -54.16 -35.06
C ASP KA 285 84.66 -55.26 -35.06
N LEU KA 286 83.52 -55.00 -35.71
CA LEU KA 286 82.36 -55.89 -35.60
C LEU KA 286 82.58 -57.19 -36.37
N VAL KA 287 83.49 -57.18 -37.34
CA VAL KA 287 83.73 -58.40 -38.10
C VAL KA 287 84.70 -59.32 -37.37
N HIS KA 288 85.54 -58.80 -36.46
CA HIS KA 288 86.34 -59.68 -35.63
C HIS KA 288 86.34 -59.32 -34.15
N ARG KA 289 85.26 -58.72 -33.64
CA ARG KA 289 85.05 -58.78 -32.20
C ARG KA 289 84.45 -60.14 -31.90
N ILE KA 290 83.93 -60.75 -32.95
CA ILE KA 290 83.39 -62.11 -32.96
C ILE KA 290 84.38 -63.11 -33.57
N SER KA 291 85.59 -62.64 -33.88
CA SER KA 291 86.65 -63.43 -34.50
C SER KA 291 87.36 -64.41 -33.56
N GLY KA 292 88.10 -65.33 -34.17
CA GLY KA 292 89.10 -66.11 -33.45
C GLY KA 292 88.60 -66.96 -32.30
N ASP KA 293 87.48 -67.64 -32.51
CA ASP KA 293 86.89 -68.51 -31.48
C ASP KA 293 87.39 -69.94 -31.60
N LYS KA 294 87.96 -70.48 -30.54
CA LYS KA 294 88.43 -71.86 -30.58
C LYS KA 294 87.29 -72.52 -31.33
N LYS KA 295 86.10 -72.07 -30.98
CA LYS KA 295 84.88 -72.47 -31.68
C LYS KA 295 84.89 -72.01 -33.13
N LEU KA 296 85.32 -70.77 -33.38
CA LEU KA 296 85.49 -70.32 -34.76
C LEU KA 296 86.81 -70.82 -35.36
N GLU KA 297 87.58 -71.60 -34.58
CA GLU KA 297 88.68 -72.38 -35.15
C GLU KA 297 88.16 -73.35 -36.20
N GLU KA 298 86.99 -73.95 -35.97
CA GLU KA 298 86.34 -74.75 -36.99
C GLU KA 298 85.64 -73.83 -37.99
N ILE KA 299 85.00 -74.47 -38.96
CA ILE KA 299 84.45 -73.88 -40.18
C ILE KA 299 85.54 -73.05 -40.87
N PRO KA 300 86.54 -73.67 -41.51
CA PRO KA 300 87.65 -72.90 -42.07
C PRO KA 300 87.33 -72.29 -43.42
N LYS KA 301 86.38 -72.87 -44.15
CA LYS KA 301 86.02 -72.37 -45.48
C LYS KA 301 85.09 -71.17 -45.39
N TYR KA 302 84.68 -70.81 -44.17
CA TYR KA 302 84.11 -69.48 -43.94
C TYR KA 302 85.00 -68.66 -43.02
N LYS KA 303 86.18 -69.19 -42.66
CA LYS KA 303 87.27 -68.34 -42.18
C LYS KA 303 87.98 -67.67 -43.35
N ASP KA 304 87.65 -68.08 -44.59
CA ASP KA 304 88.20 -67.41 -45.76
C ASP KA 304 87.59 -66.03 -45.93
N LEU KA 305 86.38 -65.82 -45.42
CA LEU KA 305 85.82 -64.49 -45.40
C LEU KA 305 86.51 -63.63 -44.35
N LEU KA 306 87.02 -64.27 -43.30
CA LEU KA 306 87.80 -63.54 -42.30
C LEU KA 306 89.16 -63.16 -42.85
N LYS KA 307 89.97 -64.16 -43.20
CA LYS KA 307 91.35 -63.91 -43.59
C LYS KA 307 91.41 -63.23 -44.96
N LEU KA 308 90.42 -63.47 -45.80
CA LEU KA 308 90.38 -62.80 -47.09
C LEU KA 308 89.74 -61.42 -46.97
N PHE KA 309 88.55 -61.36 -46.36
CA PHE KA 309 87.76 -60.14 -46.42
C PHE KA 309 88.26 -59.08 -45.47
N THR KA 310 88.69 -59.46 -44.27
CA THR KA 310 89.07 -58.47 -43.27
C THR KA 310 90.45 -57.89 -43.58
N THR KA 311 91.39 -58.75 -43.96
CA THR KA 311 92.73 -58.30 -44.32
C THR KA 311 92.67 -57.54 -45.64
N MET KA 312 93.31 -56.38 -45.69
CA MET KA 312 93.21 -55.51 -46.86
C MET KA 312 94.07 -56.07 -47.99
N GLU KA 313 93.47 -56.98 -48.74
CA GLU KA 313 94.07 -57.60 -49.91
C GLU KA 313 93.03 -57.75 -51.00
N LEU KA 314 93.51 -58.07 -52.20
CA LEU KA 314 92.70 -57.95 -53.41
C LEU KA 314 91.60 -59.00 -53.45
N MET KA 315 90.65 -58.79 -54.36
CA MET KA 315 89.48 -59.63 -54.50
C MET KA 315 89.27 -60.03 -55.95
N ARG KA 316 88.14 -60.67 -56.21
CA ARG KA 316 87.61 -60.75 -57.56
C ARG KA 316 86.10 -60.80 -57.45
N TRP KA 317 85.44 -60.13 -58.40
CA TRP KA 317 84.00 -60.05 -58.61
C TRP KA 317 83.30 -61.37 -58.41
N SER KA 318 83.67 -62.39 -59.19
CA SER KA 318 82.97 -63.65 -59.03
C SER KA 318 83.81 -64.91 -59.15
N THR KA 319 85.12 -64.80 -59.39
CA THR KA 319 85.88 -66.04 -59.59
C THR KA 319 86.13 -66.73 -58.27
N LEU KA 320 86.14 -65.96 -57.18
CA LEU KA 320 86.09 -66.58 -55.86
C LEU KA 320 84.67 -67.06 -55.54
N VAL KA 321 83.69 -66.49 -56.24
CA VAL KA 321 82.30 -66.88 -56.01
C VAL KA 321 81.97 -68.14 -56.81
N GLU KA 322 82.34 -68.16 -58.11
CA GLU KA 322 82.18 -69.39 -58.88
C GLU KA 322 83.21 -70.42 -58.47
N ASP KA 323 84.30 -69.97 -57.85
CA ASP KA 323 85.23 -70.89 -57.19
C ASP KA 323 84.59 -71.50 -55.94
N TYR KA 324 83.61 -70.79 -55.36
CA TYR KA 324 82.91 -71.33 -54.19
C TYR KA 324 81.47 -71.68 -54.52
N GLY KA 325 81.10 -71.68 -55.80
CA GLY KA 325 79.72 -71.90 -56.20
C GLY KA 325 79.19 -73.28 -55.88
N MET KA 326 80.07 -74.24 -55.64
CA MET KA 326 79.65 -75.53 -55.13
C MET KA 326 79.59 -75.54 -53.61
N GLU KA 327 80.04 -74.47 -52.96
CA GLU KA 327 79.95 -74.46 -51.51
C GLU KA 327 79.26 -73.21 -50.97
N LEU KA 328 79.46 -72.03 -51.59
CA LEU KA 328 78.82 -70.88 -50.95
C LEU KA 328 77.36 -70.76 -51.38
N ARG KA 329 77.00 -71.34 -52.52
CA ARG KA 329 75.63 -71.28 -52.98
C ARG KA 329 74.73 -72.22 -52.18
N LYS KA 330 75.01 -73.53 -52.25
CA LYS KA 330 74.13 -74.50 -51.64
C LYS KA 330 74.88 -75.16 -50.49
N GLY KA 331 76.02 -75.81 -50.74
CA GLY KA 331 76.78 -76.50 -49.71
C GLY KA 331 76.01 -77.58 -48.98
N SER KA 332 75.95 -77.45 -47.66
CA SER KA 332 75.10 -78.30 -46.81
C SER KA 332 74.41 -77.41 -45.80
N THR KA 338 70.21 -64.67 -46.01
CA THR KA 338 70.55 -63.76 -47.09
C THR KA 338 71.13 -64.61 -48.22
N ASP KA 339 70.86 -64.22 -49.47
CA ASP KA 339 71.02 -65.07 -50.66
C ASP KA 339 70.24 -66.37 -50.49
N VAL KA 340 68.91 -66.23 -50.48
CA VAL KA 340 68.00 -67.34 -50.24
C VAL KA 340 67.78 -68.16 -51.51
N PHE KA 341 67.77 -67.46 -52.65
CA PHE KA 341 66.90 -67.78 -53.77
C PHE KA 341 67.28 -69.08 -54.46
N GLY KA 342 66.24 -69.85 -54.75
CA GLY KA 342 66.20 -70.67 -55.93
C GLY KA 342 65.36 -69.88 -56.92
N SER KA 343 64.27 -69.30 -56.41
CA SER KA 343 63.47 -68.33 -57.15
C SER KA 343 62.95 -67.23 -56.22
N THR KA 344 63.52 -67.12 -55.02
CA THR KA 344 63.02 -66.21 -53.99
C THR KA 344 63.37 -64.76 -54.36
N GLU KA 345 62.42 -63.84 -54.13
CA GLU KA 345 62.67 -62.42 -54.34
C GLU KA 345 63.70 -61.92 -53.35
N GLU KA 346 64.43 -60.86 -53.72
CA GLU KA 346 65.46 -60.11 -52.99
C GLU KA 346 66.57 -60.96 -52.37
N GLY KA 347 66.73 -62.20 -52.81
CA GLY KA 347 67.92 -62.95 -52.44
C GLY KA 347 69.00 -62.61 -53.43
N GLU KA 348 68.56 -62.15 -54.61
CA GLU KA 348 69.47 -61.78 -55.69
C GLU KA 348 70.28 -60.54 -55.34
N LYS KA 349 69.58 -59.44 -55.06
CA LYS KA 349 70.22 -58.12 -54.94
C LYS KA 349 71.18 -58.06 -53.76
N ARG KA 350 70.89 -58.78 -52.68
CA ARG KA 350 71.81 -58.85 -51.55
C ARG KA 350 73.09 -59.56 -51.94
N TRP KA 351 72.96 -60.59 -52.78
CA TRP KA 351 74.13 -61.21 -53.37
C TRP KA 351 74.85 -60.24 -54.31
N LYS KA 352 74.09 -59.38 -54.99
CA LYS KA 352 74.68 -58.29 -55.76
C LYS KA 352 75.39 -57.30 -54.82
N ASP KA 353 74.88 -57.17 -53.58
CA ASP KA 353 75.56 -56.41 -52.54
C ASP KA 353 76.95 -56.98 -52.27
N LEU KA 354 77.09 -58.31 -52.36
CA LEU KA 354 78.41 -58.93 -52.20
C LEU KA 354 79.34 -58.54 -53.33
N LYS KA 355 78.80 -58.26 -54.52
CA LYS KA 355 79.60 -57.72 -55.61
C LYS KA 355 80.12 -56.34 -55.24
N ASN KA 356 79.31 -55.55 -54.53
CA ASN KA 356 79.77 -54.29 -53.98
C ASN KA 356 80.86 -54.49 -52.94
N ARG KA 357 80.87 -55.64 -52.27
CA ARG KA 357 81.93 -55.90 -51.32
C ARG KA 357 83.22 -56.30 -52.03
N VAL KA 358 83.15 -56.60 -53.32
CA VAL KA 358 84.38 -56.65 -54.10
C VAL KA 358 84.79 -55.24 -54.51
N VAL KA 359 83.79 -54.43 -54.89
CA VAL KA 359 84.05 -53.09 -55.39
C VAL KA 359 84.57 -52.15 -54.32
N GLU KA 360 83.85 -51.97 -53.22
CA GLU KA 360 84.27 -50.96 -52.26
C GLU KA 360 85.41 -51.42 -51.37
N HIS KA 361 85.85 -52.68 -51.49
CA HIS KA 361 86.97 -53.13 -50.68
C HIS KA 361 88.30 -52.71 -51.29
N ASN KA 362 88.51 -53.01 -52.58
CA ASN KA 362 89.79 -52.68 -53.16
C ASN KA 362 89.90 -51.22 -53.61
N ILE KA 363 88.80 -50.48 -53.65
CA ILE KA 363 88.92 -49.03 -53.78
C ILE KA 363 89.40 -48.45 -52.47
N ARG KA 364 89.10 -49.10 -51.34
CA ARG KA 364 89.78 -48.75 -50.09
C ARG KA 364 91.24 -49.18 -50.09
N ILE KA 365 91.61 -50.14 -50.94
CA ILE KA 365 93.01 -50.56 -51.01
C ILE KA 365 93.82 -49.59 -51.85
N MET KA 366 93.36 -49.32 -53.07
CA MET KA 366 94.05 -48.35 -53.92
C MET KA 366 93.89 -46.93 -53.39
N ALA KA 367 92.85 -46.68 -52.59
CA ALA KA 367 92.67 -45.40 -51.93
C ALA KA 367 93.53 -45.29 -50.70
N LYS KA 368 93.68 -46.40 -49.96
CA LYS KA 368 94.54 -46.43 -48.78
C LYS KA 368 96.01 -46.50 -49.16
N TYR KA 369 96.34 -46.82 -50.41
CA TYR KA 369 97.72 -47.05 -50.82
C TYR KA 369 98.25 -46.08 -51.85
N TYR KA 370 97.46 -45.73 -52.87
CA TYR KA 370 98.04 -45.20 -54.11
C TYR KA 370 97.68 -43.75 -54.35
N THR KA 371 98.45 -43.17 -55.25
CA THR KA 371 98.14 -41.95 -55.99
C THR KA 371 97.44 -42.37 -57.29
N ARG KA 372 97.46 -41.49 -58.30
CA ARG KA 372 96.95 -41.82 -59.64
C ARG KA 372 97.49 -43.13 -60.18
N ILE KA 373 96.65 -43.85 -60.89
CA ILE KA 373 96.90 -45.24 -61.25
C ILE KA 373 96.97 -45.37 -62.77
N THR KA 374 95.83 -45.25 -63.43
CA THR KA 374 95.48 -45.00 -64.83
C THR KA 374 93.96 -45.14 -64.82
N MET KA 375 93.29 -44.56 -65.81
CA MET KA 375 91.92 -44.96 -66.09
C MET KA 375 91.85 -46.43 -66.48
N LYS KA 376 92.81 -46.87 -67.30
CA LYS KA 376 92.78 -48.23 -67.81
C LYS KA 376 93.16 -49.25 -66.74
N ARG KA 377 94.15 -48.91 -65.90
CA ARG KA 377 94.67 -49.88 -64.94
C ARG KA 377 93.68 -50.11 -63.80
N MET KA 378 93.01 -49.04 -63.34
CA MET KA 378 91.89 -49.23 -62.44
C MET KA 378 90.72 -49.89 -63.15
N ALA KA 379 90.59 -49.65 -64.46
CA ALA KA 379 89.49 -50.22 -65.22
C ALA KA 379 89.69 -51.71 -65.48
N GLN KA 380 90.90 -52.22 -65.24
CA GLN KA 380 91.17 -53.64 -65.39
C GLN KA 380 91.54 -54.32 -64.08
N LEU KA 381 91.81 -53.54 -63.03
CA LEU KA 381 91.90 -54.13 -61.69
C LEU KA 381 90.53 -54.62 -61.23
N LEU KA 382 89.59 -53.70 -61.08
CA LEU KA 382 88.17 -54.02 -61.07
C LEU KA 382 87.75 -54.35 -62.50
N ASP KA 383 87.37 -55.61 -62.72
CA ASP KA 383 86.98 -56.05 -64.07
C ASP KA 383 85.59 -55.50 -64.41
N LEU KA 384 85.61 -54.24 -64.80
CA LEU KA 384 84.47 -53.52 -65.31
C LEU KA 384 84.88 -52.81 -66.59
N SER KA 385 84.01 -51.94 -67.07
CA SER KA 385 84.44 -50.98 -68.08
C SER KA 385 84.88 -49.73 -67.36
N VAL KA 386 85.05 -48.63 -68.10
CA VAL KA 386 85.34 -47.35 -67.49
C VAL KA 386 84.11 -46.84 -66.73
N ASP KA 387 82.94 -46.96 -67.34
CA ASP KA 387 81.78 -46.14 -66.96
C ASP KA 387 81.21 -46.57 -65.62
N GLU KA 388 80.94 -47.87 -65.44
CA GLU KA 388 80.32 -48.31 -64.19
C GLU KA 388 81.33 -48.34 -63.05
N SER KA 389 82.63 -48.38 -63.39
CA SER KA 389 83.65 -48.18 -62.37
C SER KA 389 83.65 -46.73 -61.92
N GLU KA 390 83.37 -45.80 -62.84
CA GLU KA 390 83.26 -44.39 -62.47
C GLU KA 390 81.94 -44.14 -61.73
N ALA KA 391 80.94 -44.98 -61.96
CA ALA KA 391 79.68 -44.84 -61.25
C ALA KA 391 79.79 -45.37 -59.83
N PHE KA 392 80.50 -46.50 -59.67
CA PHE KA 392 80.79 -47.00 -58.33
C PHE KA 392 81.74 -46.07 -57.59
N LEU KA 393 82.62 -45.41 -58.34
CA LEU KA 393 83.53 -44.45 -57.74
C LEU KA 393 82.77 -43.21 -57.28
N SER KA 394 81.85 -42.72 -58.12
CA SER KA 394 81.03 -41.57 -57.76
C SER KA 394 80.14 -41.88 -56.57
N ASN KA 395 79.64 -43.12 -56.50
CA ASN KA 395 78.92 -43.58 -55.32
C ASN KA 395 79.85 -43.64 -54.12
N LEU KA 396 81.14 -43.88 -54.36
CA LEU KA 396 82.07 -44.07 -53.26
C LEU KA 396 82.63 -42.73 -52.78
N VAL KA 397 82.38 -41.66 -53.53
CA VAL KA 397 82.88 -40.35 -53.11
C VAL KA 397 81.74 -39.47 -52.60
N VAL KA 398 80.54 -39.60 -53.19
CA VAL KA 398 79.40 -38.77 -52.79
C VAL KA 398 78.94 -39.09 -51.36
N ASN KA 399 79.15 -40.33 -50.93
CA ASN KA 399 78.92 -40.64 -49.52
C ASN KA 399 80.09 -40.29 -48.61
N LYS KA 400 81.12 -39.61 -49.13
CA LYS KA 400 82.25 -39.07 -48.38
C LYS KA 400 83.02 -40.15 -47.61
N THR KA 401 83.64 -41.05 -48.38
CA THR KA 401 84.52 -42.04 -47.79
C THR KA 401 85.98 -41.85 -48.14
N ILE KA 402 86.31 -41.39 -49.34
CA ILE KA 402 87.69 -41.14 -49.73
C ILE KA 402 87.85 -39.70 -50.19
N PHE KA 403 89.05 -39.34 -50.63
CA PHE KA 403 89.29 -38.01 -51.18
C PHE KA 403 89.83 -38.14 -52.60
N ALA KA 404 88.94 -38.31 -53.57
CA ALA KA 404 89.34 -38.69 -54.91
C ALA KA 404 89.48 -37.46 -55.79
N LYS KA 405 90.66 -37.30 -56.37
CA LYS KA 405 90.86 -36.34 -57.46
C LYS KA 405 90.75 -37.10 -58.79
N VAL KA 406 89.56 -37.65 -59.00
CA VAL KA 406 89.29 -38.44 -60.19
C VAL KA 406 89.19 -37.50 -61.38
N ASP KA 407 89.56 -37.98 -62.56
CA ASP KA 407 89.69 -37.17 -63.75
C ASP KA 407 89.17 -37.98 -64.92
N ARG KA 408 88.76 -37.31 -65.99
CA ARG KA 408 88.41 -38.05 -67.20
C ARG KA 408 89.66 -38.52 -67.92
N LEU KA 409 90.64 -37.64 -68.07
CA LEU KA 409 91.93 -38.04 -68.64
C LEU KA 409 92.80 -38.69 -67.58
N ALA KA 410 94.10 -38.84 -67.85
CA ALA KA 410 94.93 -39.79 -67.11
C ALA KA 410 95.25 -39.33 -65.70
N GLY KA 411 94.93 -38.08 -65.34
CA GLY KA 411 95.20 -37.58 -64.00
C GLY KA 411 94.23 -38.03 -62.92
N ILE KA 412 93.90 -39.31 -62.90
CA ILE KA 412 92.85 -39.95 -62.10
C ILE KA 412 93.26 -40.04 -60.63
N ILE KA 413 92.49 -40.81 -59.86
CA ILE KA 413 91.97 -40.59 -58.51
C ILE KA 413 92.84 -40.02 -57.39
N ASN KA 414 93.94 -39.32 -57.72
CA ASN KA 414 95.01 -38.80 -56.85
C ASN KA 414 94.65 -38.47 -55.40
N PHE KA 415 95.44 -39.01 -54.48
CA PHE KA 415 95.24 -38.80 -53.05
C PHE KA 415 96.39 -37.94 -52.56
N GLN KA 416 96.10 -36.64 -52.49
CA GLN KA 416 97.12 -35.60 -52.41
C GLN KA 416 96.41 -34.30 -52.05
N ARG KA 417 97.15 -33.39 -51.42
CA ARG KA 417 96.67 -32.04 -51.13
C ARG KA 417 97.51 -31.06 -51.92
N PRO KA 418 97.07 -30.69 -53.19
CA PRO KA 418 97.82 -29.73 -54.02
C PRO KA 418 97.52 -28.27 -53.68
N LYS KA 419 97.47 -27.96 -52.39
CA LYS KA 419 97.40 -26.60 -51.89
C LYS KA 419 98.44 -26.33 -50.82
N ASP KA 420 99.26 -27.35 -50.48
CA ASP KA 420 100.28 -27.37 -49.43
C ASP KA 420 99.77 -26.90 -48.08
N PRO KA 421 98.95 -27.69 -47.38
CA PRO KA 421 98.74 -27.40 -45.96
C PRO KA 421 99.99 -27.80 -45.20
N ASN KA 422 100.14 -27.35 -43.96
CA ASN KA 422 101.34 -27.68 -43.23
C ASN KA 422 101.20 -28.97 -42.43
N ASN KA 423 100.38 -29.87 -42.95
CA ASN KA 423 100.22 -31.19 -42.38
C ASN KA 423 101.51 -31.97 -42.62
N LEU KA 424 102.19 -31.67 -43.72
CA LEU KA 424 103.45 -32.32 -44.04
C LEU KA 424 104.49 -31.78 -43.09
N LEU KA 425 104.46 -30.47 -42.86
CA LEU KA 425 105.40 -29.85 -41.94
C LEU KA 425 105.24 -30.49 -40.57
N ASN KA 426 104.00 -30.55 -40.11
CA ASN KA 426 103.68 -31.13 -38.81
C ASN KA 426 104.09 -32.60 -38.74
N ASP KA 427 103.88 -33.33 -39.83
CA ASP KA 427 104.22 -34.75 -39.89
C ASP KA 427 105.72 -34.92 -39.76
N TRP KA 428 106.46 -34.04 -40.42
CA TRP KA 428 107.90 -34.05 -40.38
C TRP KA 428 108.36 -33.79 -38.95
N SER KA 429 107.71 -32.84 -38.29
CA SER KA 429 108.04 -32.55 -36.90
C SER KA 429 107.79 -33.78 -36.02
N GLN KA 430 106.68 -34.46 -36.27
CA GLN KA 430 106.32 -35.67 -35.54
C GLN KA 430 107.38 -36.75 -35.74
N LYS KA 431 107.87 -36.88 -36.97
CA LYS KA 431 108.90 -37.86 -37.30
C LYS KA 431 110.20 -37.50 -36.59
N LEU KA 432 110.48 -36.20 -36.51
CA LEU KA 432 111.66 -35.70 -35.82
C LEU KA 432 111.57 -36.11 -34.36
N HIS KA 453 128.43 -56.00 -18.90
CA HIS KA 453 129.25 -57.04 -19.50
C HIS KA 453 130.72 -56.69 -19.58
N ASN KA 454 131.06 -55.58 -20.26
CA ASN KA 454 132.46 -55.28 -20.54
C ASN KA 454 133.15 -54.68 -19.33
N LEU KA 455 132.43 -53.87 -18.56
CA LEU KA 455 133.05 -53.24 -17.39
C LEU KA 455 132.64 -53.97 -16.11
N GLN KA 456 131.37 -54.35 -16.01
CA GLN KA 456 130.78 -55.18 -14.94
C GLN KA 456 131.06 -54.71 -13.52
N MET LA 1 -7.77 -26.12 -44.76
CA MET LA 1 -7.32 -27.45 -45.14
C MET LA 1 -8.41 -28.23 -45.86
N ALA LA 2 -8.09 -28.70 -47.06
CA ALA LA 2 -9.02 -29.46 -47.88
C ALA LA 2 -9.02 -30.94 -47.45
N ALA LA 3 -9.66 -31.79 -48.25
CA ALA LA 3 -9.70 -33.22 -47.93
C ALA LA 3 -8.35 -33.89 -48.18
N ALA LA 4 -7.59 -33.40 -49.17
CA ALA LA 4 -6.27 -33.93 -49.48
C ALA LA 4 -5.17 -32.94 -49.12
N ALA LA 5 -5.41 -32.15 -48.07
CA ALA LA 5 -4.37 -31.30 -47.50
C ALA LA 5 -3.59 -32.04 -46.42
N VAL LA 6 -4.23 -33.03 -45.79
CA VAL LA 6 -3.62 -33.84 -44.74
C VAL LA 6 -3.76 -35.33 -45.00
N VAL LA 7 -3.78 -35.78 -46.25
CA VAL LA 7 -4.05 -37.19 -46.51
C VAL LA 7 -2.81 -38.06 -46.29
N GLU LA 8 -1.65 -37.67 -46.83
CA GLU LA 8 -0.39 -38.35 -46.57
C GLU LA 8 0.46 -37.64 -45.52
N PHE LA 9 -0.09 -37.42 -44.33
CA PHE LA 9 0.61 -36.73 -43.26
C PHE LA 9 1.64 -37.58 -42.53
N GLN LA 10 1.41 -38.89 -42.39
CA GLN LA 10 2.30 -39.74 -41.62
C GLN LA 10 3.52 -40.17 -42.42
N ARG LA 11 3.49 -39.95 -43.74
CA ARG LA 11 4.57 -40.38 -44.63
C ARG LA 11 5.87 -39.63 -44.39
N ALA LA 12 5.80 -38.43 -43.80
CA ALA LA 12 7.02 -37.73 -43.41
C ALA LA 12 7.37 -38.00 -41.95
N GLN LA 13 6.90 -39.11 -41.39
CA GLN LA 13 7.33 -39.56 -40.08
C GLN LA 13 8.04 -40.90 -40.13
N SER LA 14 7.46 -41.88 -40.82
CA SER LA 14 8.08 -43.20 -40.96
C SER LA 14 9.25 -43.19 -41.93
N LEU LA 15 9.15 -42.45 -43.04
CA LEU LA 15 10.17 -42.45 -44.07
C LEU LA 15 11.34 -41.51 -43.78
N LEU LA 16 11.42 -40.98 -42.55
CA LEU LA 16 12.58 -40.18 -42.17
C LEU LA 16 13.80 -41.07 -41.98
N SER LA 17 13.58 -42.32 -41.58
CA SER LA 17 14.65 -43.28 -41.35
C SER LA 17 14.31 -44.67 -41.84
N THR LA 18 13.34 -44.80 -42.76
CA THR LA 18 13.01 -46.11 -43.31
C THR LA 18 14.09 -46.59 -44.27
N ASP LA 19 14.34 -45.85 -45.34
CA ASP LA 19 15.38 -46.20 -46.29
C ASP LA 19 15.82 -44.92 -47.00
N ARG LA 20 17.05 -44.94 -47.49
CA ARG LA 20 17.63 -43.78 -48.13
C ARG LA 20 17.18 -43.58 -49.58
N GLU LA 21 16.33 -44.49 -50.10
CA GLU LA 21 15.89 -44.41 -51.48
C GLU LA 21 14.37 -44.46 -51.64
N ALA LA 22 13.63 -44.73 -50.56
CA ALA LA 22 12.18 -44.82 -50.65
C ALA LA 22 11.48 -43.47 -50.65
N SER LA 23 12.22 -42.37 -50.49
CA SER LA 23 11.65 -41.03 -50.49
C SER LA 23 12.54 -40.07 -51.25
N ILE LA 24 13.01 -40.48 -52.44
CA ILE LA 24 13.87 -39.61 -53.25
C ILE LA 24 13.06 -38.43 -53.79
N ASP LA 25 12.10 -38.73 -54.67
CA ASP LA 25 11.13 -37.73 -55.12
C ASP LA 25 9.73 -38.05 -54.59
N ILE LA 26 9.64 -38.92 -53.59
CA ILE LA 26 8.35 -39.41 -53.12
C ILE LA 26 7.74 -38.43 -52.12
N LEU LA 27 8.58 -37.86 -51.23
CA LEU LA 27 8.15 -36.77 -50.35
C LEU LA 27 7.84 -35.48 -51.08
N HIS LA 28 8.28 -35.35 -52.34
CA HIS LA 28 7.92 -34.20 -53.16
C HIS LA 28 6.42 -34.17 -53.43
N SER LA 29 5.77 -35.35 -53.41
CA SER LA 29 4.31 -35.42 -53.44
C SER LA 29 3.68 -34.74 -52.24
N ILE LA 30 4.28 -34.84 -51.05
CA ILE LA 30 3.88 -33.96 -49.95
C ILE LA 30 4.19 -32.51 -50.26
N VAL LA 31 5.40 -32.22 -50.77
CA VAL LA 31 5.88 -30.83 -50.81
C VAL LA 31 5.07 -29.96 -51.78
N LYS LA 32 4.74 -30.47 -52.98
CA LYS LA 32 4.01 -29.65 -53.94
C LYS LA 32 2.59 -30.14 -54.23
N ARG LA 33 1.84 -30.60 -53.23
CA ARG LA 33 0.40 -30.70 -53.34
C ARG LA 33 -0.25 -29.56 -52.55
N GLU LA 41 0.20 -29.09 -37.90
CA GLU LA 41 0.51 -30.39 -38.48
C GLU LA 41 1.25 -30.27 -39.81
N ALA LA 42 0.59 -29.68 -40.81
CA ALA LA 42 1.21 -29.61 -42.12
C ALA LA 42 2.32 -28.57 -42.22
N VAL LA 43 2.48 -27.70 -41.22
CA VAL LA 43 3.55 -26.71 -41.33
C VAL LA 43 4.85 -27.24 -40.71
N GLN LA 44 4.78 -28.03 -39.63
CA GLN LA 44 6.04 -28.66 -39.21
C GLN LA 44 6.30 -29.95 -39.97
N VAL LA 45 5.26 -30.66 -40.40
CA VAL LA 45 5.48 -31.80 -41.30
C VAL LA 45 5.95 -31.33 -42.67
N LYS LA 46 5.46 -30.18 -43.14
CA LYS LA 46 5.91 -29.67 -44.44
C LYS LA 46 7.32 -29.08 -44.35
N GLU LA 47 7.60 -28.34 -43.27
CA GLU LA 47 8.92 -27.74 -43.12
C GLU LA 47 9.99 -28.79 -42.87
N GLN LA 48 9.70 -29.77 -42.00
CA GLN LA 48 10.63 -30.88 -41.83
C GLN LA 48 10.62 -31.85 -43.00
N SER LA 49 9.58 -31.79 -43.84
CA SER LA 49 9.62 -32.51 -45.12
C SER LA 49 10.61 -31.87 -46.06
N ILE LA 50 10.66 -30.54 -46.10
CA ILE LA 50 11.66 -29.89 -46.93
C ILE LA 50 13.05 -30.03 -46.30
N LEU LA 51 13.13 -30.08 -44.97
CA LEU LA 51 14.41 -30.13 -44.30
C LEU LA 51 15.03 -31.51 -44.38
N GLU LA 52 14.25 -32.57 -44.16
CA GLU LA 52 14.77 -33.92 -44.18
C GLU LA 52 14.62 -34.61 -45.53
N LEU LA 53 13.68 -34.15 -46.37
CA LEU LA 53 13.76 -34.49 -47.79
C LEU LA 53 14.98 -33.87 -48.42
N GLY LA 54 15.21 -32.58 -48.16
CA GLY LA 54 16.40 -31.92 -48.65
C GLY LA 54 17.69 -32.44 -48.04
N SER LA 55 17.63 -32.95 -46.81
CA SER LA 55 18.80 -33.57 -46.20
C SER LA 55 19.02 -34.98 -46.73
N LEU LA 56 17.94 -35.71 -47.05
CA LEU LA 56 18.07 -37.03 -47.63
C LEU LA 56 18.59 -36.95 -49.06
N LEU LA 57 18.15 -35.94 -49.80
CA LEU LA 57 18.65 -35.72 -51.15
C LEU LA 57 20.01 -35.03 -51.13
N ALA LA 58 20.34 -34.37 -50.02
CA ALA LA 58 21.71 -33.95 -49.75
C ALA LA 58 22.50 -35.02 -49.01
N LYS LA 59 21.98 -36.25 -48.95
CA LYS LA 59 22.74 -37.42 -48.55
C LYS LA 59 22.99 -38.33 -49.74
N THR LA 60 21.96 -38.53 -50.57
CA THR LA 60 22.16 -39.21 -51.85
C THR LA 60 22.99 -38.34 -52.79
N GLY LA 61 22.70 -37.05 -52.84
CA GLY LA 61 23.63 -36.13 -53.45
C GLY LA 61 23.13 -34.99 -54.32
N GLN LA 62 22.03 -35.16 -55.05
CA GLN LA 62 21.78 -34.17 -56.11
C GLN LA 62 20.39 -33.54 -56.11
N ALA LA 63 19.34 -34.27 -55.69
CA ALA LA 63 17.99 -33.85 -56.02
C ALA LA 63 17.43 -32.84 -55.04
N ALA LA 64 18.26 -32.40 -54.09
CA ALA LA 64 17.82 -31.38 -53.14
C ALA LA 64 17.73 -30.02 -53.82
N GLU LA 65 18.58 -29.78 -54.82
CA GLU LA 65 18.50 -28.53 -55.57
C GLU LA 65 17.79 -28.74 -56.91
N LEU LA 66 17.61 -29.99 -57.32
CA LEU LA 66 16.84 -30.27 -58.53
C LEU LA 66 15.35 -30.29 -58.21
N GLY LA 67 14.93 -31.24 -57.36
CA GLY LA 67 13.60 -31.15 -56.78
C GLY LA 67 13.51 -30.02 -55.77
N GLY LA 68 14.67 -29.60 -55.25
CA GLY LA 68 14.74 -28.35 -54.51
C GLY LA 68 14.39 -27.15 -55.37
N LEU LA 69 14.77 -27.19 -56.65
CA LEU LA 69 14.31 -26.17 -57.58
C LEU LA 69 12.84 -26.36 -57.91
N LEU LA 70 12.38 -27.61 -57.94
CA LEU LA 70 10.99 -27.92 -58.22
C LEU LA 70 10.06 -27.44 -57.10
N LYS LA 71 10.60 -27.27 -55.90
CA LYS LA 71 9.84 -26.68 -54.81
C LYS LA 71 10.22 -25.22 -54.63
N TYR LA 72 11.27 -24.79 -55.31
CA TYR LA 72 11.92 -23.50 -55.05
C TYR LA 72 11.60 -22.53 -56.19
N VAL LA 73 10.43 -21.89 -56.13
CA VAL LA 73 10.11 -20.79 -57.02
C VAL LA 73 9.71 -19.61 -56.15
N ARG LA 74 9.13 -19.92 -54.98
CA ARG LA 74 8.71 -19.01 -53.92
C ARG LA 74 7.77 -17.86 -54.29
N PRO LA 75 6.54 -18.11 -54.85
CA PRO LA 75 5.37 -17.29 -54.50
C PRO LA 75 4.61 -17.92 -53.34
N PHE LA 76 5.33 -18.23 -52.25
CA PHE LA 76 5.00 -19.38 -51.42
C PHE LA 76 4.60 -19.02 -50.00
N LEU LA 77 5.44 -18.30 -49.27
CA LEU LA 77 5.32 -18.24 -47.82
C LEU LA 77 5.20 -16.79 -47.35
N ASN LA 78 4.29 -16.57 -46.40
CA ASN LA 78 4.26 -15.31 -45.66
C ASN LA 78 4.15 -15.52 -44.15
N SER LA 79 3.38 -16.51 -43.73
CA SER LA 79 2.95 -16.64 -42.34
C SER LA 79 3.09 -18.09 -41.87
N ILE LA 80 4.29 -18.64 -42.04
CA ILE LA 80 4.55 -20.04 -41.72
C ILE LA 80 5.31 -20.11 -40.39
N SER LA 81 4.98 -19.18 -39.49
CA SER LA 81 5.70 -18.93 -38.22
C SER LA 81 7.15 -18.53 -38.51
N LYS LA 82 7.25 -17.28 -38.98
CA LYS LA 82 8.32 -16.60 -39.71
C LYS LA 82 9.76 -17.06 -39.42
N ALA LA 83 10.06 -17.40 -38.18
CA ALA LA 83 11.37 -17.98 -37.88
C ALA LA 83 11.51 -19.39 -38.44
N LYS LA 84 10.39 -20.09 -38.71
CA LYS LA 84 10.48 -21.34 -39.47
C LYS LA 84 10.88 -21.07 -40.91
N ALA LA 85 10.52 -19.89 -41.43
CA ALA LA 85 11.05 -19.51 -42.74
C ALA LA 85 12.52 -19.14 -42.64
N ALA LA 86 12.94 -18.58 -41.50
CA ALA LA 86 14.37 -18.30 -41.29
C ALA LA 86 15.19 -19.59 -41.26
N ARG LA 87 14.76 -20.56 -40.46
CA ARG LA 87 15.52 -21.80 -40.34
C ARG LA 87 15.38 -22.65 -41.60
N LEU LA 88 14.22 -22.59 -42.25
CA LEU LA 88 13.96 -23.37 -43.45
C LEU LA 88 14.80 -22.86 -44.62
N VAL LA 89 14.74 -21.55 -44.86
CA VAL LA 89 15.52 -20.94 -45.94
C VAL LA 89 17.01 -21.03 -45.63
N ARG LA 90 17.36 -20.91 -44.34
CA ARG LA 90 18.76 -20.92 -43.92
C ARG LA 90 19.39 -22.29 -44.11
N SER LA 91 18.74 -23.34 -43.61
CA SER LA 91 19.34 -24.68 -43.71
C SER LA 91 19.14 -25.25 -45.11
N LEU LA 92 18.07 -24.85 -45.80
CA LEU LA 92 17.86 -25.31 -47.16
C LEU LA 92 18.89 -24.71 -48.12
N LEU LA 93 19.15 -23.41 -47.97
CA LEU LA 93 20.23 -22.79 -48.74
C LEU LA 93 21.59 -23.27 -48.28
N ASP LA 94 21.68 -23.74 -47.03
CA ASP LA 94 22.90 -24.40 -46.58
C ASP LA 94 23.10 -25.72 -47.29
N LEU LA 95 22.02 -26.41 -47.63
CA LEU LA 95 22.15 -27.64 -48.41
C LEU LA 95 22.38 -27.34 -49.88
N PHE LA 96 21.90 -26.18 -50.35
CA PHE LA 96 22.23 -25.74 -51.70
C PHE LA 96 23.71 -25.41 -51.84
N LEU LA 97 24.27 -24.71 -50.86
CA LEU LA 97 25.68 -24.34 -50.84
C LEU LA 97 26.60 -25.51 -50.57
N ASP LA 98 26.34 -26.27 -49.50
CA ASP LA 98 27.25 -27.27 -48.93
C ASP LA 98 27.61 -28.37 -49.92
N MET LA 99 26.66 -28.73 -50.79
CA MET LA 99 26.91 -29.72 -51.83
C MET LA 99 25.92 -29.52 -52.97
N GLU LA 100 26.43 -29.55 -54.20
CA GLU LA 100 25.63 -29.38 -55.40
C GLU LA 100 26.10 -30.36 -56.47
N ALA LA 101 25.34 -30.45 -57.56
CA ALA LA 101 25.67 -31.34 -58.67
C ALA LA 101 25.93 -30.57 -59.96
N ALA LA 102 24.98 -29.73 -60.40
CA ALA LA 102 25.14 -28.92 -61.58
C ALA LA 102 25.61 -27.51 -61.19
N THR LA 103 26.76 -27.11 -61.73
CA THR LA 103 27.52 -26.00 -61.18
C THR LA 103 26.87 -24.65 -61.47
N GLY LA 104 26.17 -24.53 -62.59
CA GLY LA 104 25.52 -23.28 -62.93
C GLY LA 104 24.28 -22.96 -62.14
N GLN LA 105 23.78 -23.90 -61.33
CA GLN LA 105 22.52 -23.76 -60.63
C GLN LA 105 22.59 -22.77 -59.48
N GLU LA 106 23.47 -23.06 -58.52
CA GLU LA 106 23.37 -22.47 -57.16
C GLU LA 106 23.71 -20.99 -57.13
N VAL LA 107 24.19 -20.44 -58.25
CA VAL LA 107 24.41 -19.00 -58.37
C VAL LA 107 23.09 -18.25 -58.24
N GLU LA 108 22.06 -18.73 -58.94
CA GLU LA 108 20.78 -18.05 -58.88
C GLU LA 108 19.91 -18.61 -57.75
N LEU LA 109 20.25 -19.81 -57.24
CA LEU LA 109 19.54 -20.34 -56.07
C LEU LA 109 19.79 -19.49 -54.84
N CYS LA 110 21.00 -18.94 -54.72
CA CYS LA 110 21.28 -18.07 -53.58
C CYS LA 110 20.97 -16.61 -53.92
N LEU LA 111 20.94 -16.28 -55.21
CA LEU LA 111 20.60 -14.92 -55.63
C LEU LA 111 19.12 -14.65 -55.39
N GLU LA 112 18.29 -15.68 -55.56
CA GLU LA 112 16.86 -15.61 -55.30
C GLU LA 112 16.64 -15.45 -53.80
N CYS LA 113 17.58 -15.96 -53.01
CA CYS LA 113 17.58 -15.76 -51.57
C CYS LA 113 18.10 -14.40 -51.14
N ILE LA 114 18.93 -13.75 -51.95
CA ILE LA 114 19.34 -12.38 -51.63
C ILE LA 114 18.20 -11.41 -51.92
N GLU LA 115 17.65 -11.46 -53.13
CA GLU LA 115 16.51 -10.60 -53.45
C GLU LA 115 15.27 -11.02 -52.69
N TRP LA 116 15.22 -12.29 -52.30
CA TRP LA 116 14.16 -12.77 -51.42
C TRP LA 116 14.33 -12.24 -50.02
N ALA LA 117 15.58 -12.12 -49.56
CA ALA LA 117 15.83 -11.60 -48.23
C ALA LA 117 15.64 -10.09 -48.19
N LYS LA 118 15.62 -9.45 -49.37
CA LYS LA 118 15.17 -8.07 -49.44
C LYS LA 118 13.67 -7.96 -49.17
N SER LA 119 12.92 -9.01 -49.52
CA SER LA 119 11.46 -8.93 -49.48
C SER LA 119 10.90 -8.97 -48.06
N GLU LA 120 11.43 -9.85 -47.20
CA GLU LA 120 10.99 -9.88 -45.81
C GLU LA 120 11.80 -8.94 -44.93
N LYS LA 121 12.72 -8.18 -45.53
CA LYS LA 121 13.50 -7.12 -44.88
C LYS LA 121 14.42 -7.65 -43.78
N ARG LA 122 14.71 -8.95 -43.83
CA ARG LA 122 15.68 -9.57 -42.93
C ARG LA 122 17.07 -9.10 -43.32
N THR LA 123 17.63 -8.21 -42.50
CA THR LA 123 18.90 -7.59 -42.84
C THR LA 123 20.06 -8.55 -42.64
N PHE LA 124 20.03 -9.33 -41.56
CA PHE LA 124 21.19 -10.15 -41.20
C PHE LA 124 21.28 -11.41 -42.06
N LEU LA 125 20.13 -11.89 -42.52
CA LEU LA 125 20.09 -13.06 -43.38
C LEU LA 125 20.72 -12.75 -44.75
N ARG LA 126 20.62 -11.48 -45.16
CA ARG LA 126 21.28 -11.01 -46.37
C ARG LA 126 22.78 -11.22 -46.30
N GLN LA 127 23.43 -10.69 -45.26
CA GLN LA 127 24.89 -10.80 -45.18
C GLN LA 127 25.32 -12.21 -44.81
N ALA LA 128 24.41 -12.99 -44.22
CA ALA LA 128 24.66 -14.42 -44.09
C ALA LA 128 24.83 -15.08 -45.44
N LEU LA 129 23.86 -14.86 -46.34
CA LEU LA 129 23.94 -15.52 -47.64
C LEU LA 129 24.87 -14.78 -48.60
N GLU LA 130 25.33 -13.59 -48.20
CA GLU LA 130 26.35 -12.91 -48.99
C GLU LA 130 27.74 -13.38 -48.60
N ALA LA 131 27.93 -13.75 -47.33
CA ALA LA 131 29.16 -14.45 -46.96
C ALA LA 131 29.21 -15.81 -47.64
N ARG LA 132 28.12 -16.58 -47.53
CA ARG LA 132 28.07 -17.87 -48.23
C ARG LA 132 27.97 -17.73 -49.74
N LEU LA 133 27.65 -16.55 -50.24
CA LEU LA 133 27.56 -16.31 -51.68
C LEU LA 133 28.88 -15.87 -52.30
N VAL LA 134 29.69 -15.05 -51.60
CA VAL LA 134 31.05 -14.84 -52.06
C VAL LA 134 31.85 -16.13 -51.93
N SER LA 135 31.59 -16.90 -50.86
CA SER LA 135 32.11 -18.25 -50.78
C SER LA 135 31.58 -19.14 -51.90
N LEU LA 136 30.37 -18.86 -52.40
CA LEU LA 136 29.87 -19.60 -53.54
C LEU LA 136 30.61 -19.23 -54.82
N TYR LA 137 30.85 -17.92 -55.05
CA TYR LA 137 31.47 -17.53 -56.30
C TYR LA 137 32.95 -17.89 -56.34
N PHE LA 138 33.61 -18.02 -55.19
CA PHE LA 138 35.01 -18.41 -55.22
C PHE LA 138 35.20 -19.88 -55.59
N ASP LA 139 34.28 -20.75 -55.17
CA ASP LA 139 34.43 -22.17 -55.44
C ASP LA 139 34.22 -22.50 -56.91
N THR LA 140 33.36 -21.77 -57.59
CA THR LA 140 33.12 -22.00 -59.02
C THR LA 140 33.94 -21.06 -59.91
N LYS LA 141 34.98 -20.42 -59.36
CA LYS LA 141 36.03 -19.74 -60.13
C LYS LA 141 35.49 -18.56 -60.92
N ARG LA 142 34.66 -17.74 -60.27
CA ARG LA 142 34.11 -16.56 -60.94
C ARG LA 142 35.14 -15.45 -61.00
N TYR LA 143 35.77 -15.14 -59.87
CA TYR LA 143 37.01 -14.37 -59.76
C TYR LA 143 36.88 -12.92 -60.20
N GLN LA 144 35.68 -12.42 -60.48
CA GLN LA 144 35.60 -11.08 -61.03
C GLN LA 144 34.63 -10.18 -60.27
N GLU LA 145 33.51 -10.73 -59.82
CA GLU LA 145 32.53 -9.88 -59.15
C GLU LA 145 32.22 -10.40 -57.76
N ALA LA 146 32.81 -11.54 -57.37
CA ALA LA 146 32.96 -11.85 -55.96
C ALA LA 146 33.84 -10.81 -55.29
N LEU LA 147 34.84 -10.34 -56.04
CA LEU LA 147 35.50 -9.07 -55.80
C LEU LA 147 34.49 -7.95 -55.51
N HIS LA 148 33.53 -7.79 -56.41
CA HIS LA 148 32.65 -6.62 -56.37
C HIS LA 148 31.64 -6.73 -55.23
N LEU LA 149 31.05 -7.91 -55.05
CA LEU LA 149 30.13 -8.09 -53.92
C LEU LA 149 30.88 -8.15 -52.60
N GLY LA 150 32.17 -8.49 -52.65
CA GLY LA 150 33.01 -8.33 -51.47
C GLY LA 150 33.23 -6.86 -51.14
N SER LA 151 33.26 -6.01 -52.17
CA SER LA 151 33.31 -4.58 -51.93
C SER LA 151 31.94 -4.06 -51.49
N GLN LA 152 30.88 -4.76 -51.85
CA GLN LA 152 29.55 -4.39 -51.39
C GLN LA 152 29.35 -4.78 -49.93
N LEU LA 153 30.02 -5.84 -49.50
CA LEU LA 153 29.76 -6.39 -48.17
C LEU LA 153 30.46 -5.56 -47.10
N LEU LA 154 31.62 -4.99 -47.42
CA LEU LA 154 32.40 -4.29 -46.41
C LEU LA 154 31.79 -2.93 -46.10
N ARG LA 155 30.97 -2.41 -47.00
CA ARG LA 155 30.31 -1.13 -46.79
C ARG LA 155 29.27 -1.23 -45.68
N GLU LA 156 28.65 -2.40 -45.54
CA GLU LA 156 27.63 -2.57 -44.52
C GLU LA 156 28.25 -2.98 -43.18
N LEU LA 157 29.32 -3.76 -43.28
CA LEU LA 157 30.06 -4.23 -42.13
C LEU LA 157 30.72 -3.07 -41.43
N LYS LA 158 31.23 -2.12 -42.22
CA LYS LA 158 31.88 -0.93 -41.69
C LYS LA 158 30.88 -0.10 -40.88
N LYS LA 159 29.66 0.01 -41.41
CA LYS LA 159 28.59 0.74 -40.74
C LYS LA 159 28.22 0.08 -39.43
N MET LA 160 28.21 -1.26 -39.45
CA MET LA 160 27.90 -2.11 -38.29
C MET LA 160 29.13 -2.35 -37.42
N ASP LA 161 29.02 -3.29 -36.48
CA ASP LA 161 30.16 -3.60 -35.62
C ASP LA 161 31.29 -4.07 -36.53
N ASP LA 162 32.49 -3.57 -36.29
CA ASP LA 162 33.61 -3.88 -37.18
C ASP LA 162 34.01 -5.36 -37.25
N LYS LA 163 34.08 -5.84 -38.49
CA LYS LA 163 34.50 -7.19 -38.83
C LYS LA 163 33.80 -8.33 -38.09
N ALA LA 164 32.48 -8.26 -37.95
CA ALA LA 164 31.77 -9.34 -37.29
C ALA LA 164 31.99 -10.61 -38.12
N LEU LA 165 31.79 -10.50 -39.43
CA LEU LA 165 32.03 -11.61 -40.35
C LEU LA 165 32.93 -11.23 -41.51
N LEU LA 166 33.20 -9.94 -41.68
CA LEU LA 166 34.03 -9.48 -42.78
C LEU LA 166 35.50 -9.82 -42.55
N VAL LA 167 35.85 -10.38 -41.40
CA VAL LA 167 37.09 -11.13 -41.32
C VAL LA 167 37.05 -12.34 -42.24
N GLU LA 168 35.90 -13.03 -42.30
CA GLU LA 168 35.77 -14.20 -43.15
C GLU LA 168 35.57 -13.81 -44.60
N VAL LA 169 34.71 -12.82 -44.86
CA VAL LA 169 34.49 -12.34 -46.22
C VAL LA 169 35.75 -11.69 -46.77
N GLN LA 170 36.45 -10.93 -45.93
CA GLN LA 170 37.72 -10.32 -46.32
C GLN LA 170 38.78 -11.38 -46.55
N LEU LA 171 38.73 -12.48 -45.80
CA LEU LA 171 39.58 -13.62 -46.08
C LEU LA 171 39.25 -14.21 -47.44
N LEU LA 172 37.97 -14.27 -47.80
CA LEU LA 172 37.57 -14.93 -49.04
C LEU LA 172 37.92 -14.09 -50.26
N GLU LA 173 37.64 -12.79 -50.21
CA GLU LA 173 38.07 -11.92 -51.31
C GLU LA 173 39.60 -11.84 -51.35
N SER LA 174 40.26 -11.95 -50.20
CA SER LA 174 41.69 -12.15 -50.18
C SER LA 174 42.11 -13.47 -50.81
N LYS LA 175 41.23 -14.47 -50.86
CA LYS LA 175 41.55 -15.66 -51.65
C LYS LA 175 41.30 -15.44 -53.13
N THR LA 176 40.43 -14.49 -53.48
CA THR LA 176 40.10 -14.29 -54.90
C THR LA 176 41.24 -13.65 -55.68
N TYR LA 177 41.93 -12.68 -55.09
CA TYR LA 177 43.05 -12.02 -55.76
C TYR LA 177 44.20 -12.95 -56.09
N HIS LA 178 44.63 -13.81 -55.15
CA HIS LA 178 45.86 -14.56 -55.31
C HIS LA 178 45.74 -15.64 -56.40
N ALA LA 179 44.51 -15.90 -56.84
CA ALA LA 179 44.28 -16.63 -58.08
C ALA LA 179 44.90 -15.88 -59.27
N LEU LA 180 44.85 -14.55 -59.25
CA LEU LA 180 45.38 -13.78 -60.38
C LEU LA 180 46.32 -12.64 -59.97
N SER LA 181 46.03 -11.97 -58.86
CA SER LA 181 46.37 -10.55 -58.67
C SER LA 181 47.59 -10.36 -57.78
N ASN LA 182 47.76 -9.10 -57.36
CA ASN LA 182 49.02 -8.53 -56.92
C ASN LA 182 48.85 -7.90 -55.53
N LEU LA 183 49.82 -7.08 -55.13
CA LEU LA 183 49.88 -6.22 -53.95
C LEU LA 183 48.72 -5.26 -53.61
N PRO LA 184 47.82 -4.78 -54.56
CA PRO LA 184 46.64 -4.02 -54.11
C PRO LA 184 45.71 -4.72 -53.12
N LYS LA 185 45.80 -6.04 -53.05
CA LYS LA 185 45.32 -6.70 -51.85
C LYS LA 185 46.47 -7.06 -50.92
N ALA LA 186 47.47 -7.79 -51.46
CA ALA LA 186 48.21 -8.88 -50.82
C ALA LA 186 48.42 -8.69 -49.32
N ARG LA 187 49.09 -7.62 -48.94
CA ARG LA 187 49.35 -7.40 -47.53
C ARG LA 187 48.21 -6.64 -46.88
N ALA LA 188 47.59 -5.73 -47.64
CA ALA LA 188 46.69 -4.73 -47.04
C ALA LA 188 45.41 -5.35 -46.50
N ALA LA 189 44.67 -6.07 -47.34
CA ALA LA 189 43.38 -6.58 -46.91
C ALA LA 189 43.52 -7.80 -46.01
N LEU LA 190 44.56 -8.60 -46.23
CA LEU LA 190 44.78 -9.76 -45.37
C LEU LA 190 45.21 -9.34 -43.97
N THR LA 191 46.22 -8.48 -43.89
CA THR LA 191 46.65 -7.98 -42.58
C THR LA 191 45.56 -7.16 -41.92
N SER LA 192 44.76 -6.44 -42.72
CA SER LA 192 43.61 -5.70 -42.19
C SER LA 192 42.59 -6.66 -41.58
N ALA LA 193 42.40 -7.82 -42.23
CA ALA LA 193 41.54 -8.84 -41.65
C ALA LA 193 42.14 -9.42 -40.37
N ARG LA 194 43.47 -9.43 -40.27
CA ARG LA 194 44.10 -9.89 -39.04
C ARG LA 194 43.96 -8.86 -37.93
N THR LA 195 44.01 -7.56 -38.29
CA THR LA 195 43.83 -6.48 -37.33
C THR LA 195 42.42 -6.51 -36.80
N THR LA 196 41.47 -6.91 -37.64
CA THR LA 196 40.11 -7.03 -37.13
C THR LA 196 39.83 -8.45 -36.66
N ALA LA 197 40.86 -9.30 -36.65
CA ALA LA 197 40.66 -10.68 -36.25
C ALA LA 197 41.18 -10.95 -34.85
N ASN LA 198 41.71 -9.94 -34.16
CA ASN LA 198 42.11 -10.11 -32.77
C ASN LA 198 41.17 -9.41 -31.80
N ALA LA 199 39.89 -9.35 -32.14
CA ALA LA 199 38.93 -8.61 -31.33
C ALA LA 199 37.60 -9.33 -31.23
N ILE LA 200 37.56 -10.61 -31.59
CA ILE LA 200 36.35 -11.41 -31.50
C ILE LA 200 36.68 -12.77 -30.88
N TYR LA 201 35.62 -13.48 -30.48
CA TYR LA 201 35.70 -14.89 -30.12
C TYR LA 201 36.07 -15.65 -31.39
N CYS LA 202 37.32 -16.07 -31.49
CA CYS LA 202 37.70 -16.73 -32.73
C CYS LA 202 37.65 -18.24 -32.56
N PRO LA 203 36.87 -18.93 -33.39
CA PRO LA 203 37.02 -20.37 -33.49
C PRO LA 203 38.30 -20.69 -34.25
N PRO LA 204 38.90 -21.86 -34.02
CA PRO LA 204 40.08 -22.24 -34.80
C PRO LA 204 39.80 -22.50 -36.27
N LYS LA 205 38.54 -22.60 -36.70
CA LYS LA 205 38.24 -22.67 -38.12
C LYS LA 205 38.59 -21.35 -38.80
N LEU LA 206 38.03 -20.24 -38.30
CA LEU LA 206 38.27 -18.96 -38.94
C LEU LA 206 39.66 -18.44 -38.64
N GLN LA 207 40.13 -18.63 -37.41
CA GLN LA 207 41.43 -18.10 -37.02
C GLN LA 207 42.54 -18.95 -37.61
N ALA LA 208 42.32 -20.25 -37.73
CA ALA LA 208 43.35 -21.11 -38.31
C ALA LA 208 43.31 -21.06 -39.82
N THR LA 209 42.13 -20.79 -40.39
CA THR LA 209 42.05 -20.52 -41.82
C THR LA 209 42.72 -19.19 -42.15
N LEU LA 210 42.64 -18.23 -41.22
CA LEU LA 210 43.39 -16.99 -41.40
C LEU LA 210 44.88 -17.21 -41.15
N ASP LA 211 45.21 -18.23 -40.36
CA ASP LA 211 46.62 -18.61 -40.24
C ASP LA 211 47.10 -19.24 -41.54
N MET LA 212 46.22 -19.97 -42.21
CA MET LA 212 46.56 -20.61 -43.46
C MET LA 212 46.75 -19.59 -44.58
N GLN LA 213 45.80 -18.67 -44.71
CA GLN LA 213 45.89 -17.62 -45.72
C GLN LA 213 47.02 -16.65 -45.39
N SER LA 214 47.28 -16.46 -44.09
CA SER LA 214 48.46 -15.75 -43.64
C SER LA 214 49.72 -16.45 -44.10
N GLY LA 215 49.70 -17.79 -44.10
CA GLY LA 215 50.82 -18.54 -44.62
C GLY LA 215 50.97 -18.37 -46.12
N ILE LA 216 49.84 -18.28 -46.83
CA ILE LA 216 49.87 -18.21 -48.29
C ILE LA 216 50.44 -16.87 -48.75
N ILE LA 217 49.82 -15.76 -48.33
CA ILE LA 217 50.30 -14.48 -48.83
C ILE LA 217 51.58 -14.07 -48.11
N HIS LA 218 51.79 -14.59 -46.91
CA HIS LA 218 53.10 -14.52 -46.31
C HIS LA 218 53.99 -15.70 -46.72
N ALA LA 219 53.71 -16.28 -47.89
CA ALA LA 219 54.55 -17.29 -48.51
C ALA LA 219 54.71 -17.09 -50.00
N ALA LA 220 54.05 -16.09 -50.58
CA ALA LA 220 53.91 -16.00 -52.03
C ALA LA 220 55.24 -15.67 -52.72
N GLU LA 221 55.91 -14.60 -52.28
CA GLU LA 221 57.05 -14.11 -53.04
C GLU LA 221 58.38 -14.64 -52.49
N GLU LA 222 58.73 -14.24 -51.27
CA GLU LA 222 59.95 -14.73 -50.63
C GLU LA 222 59.73 -14.92 -49.13
N LYS LA 223 58.61 -14.40 -48.64
CA LYS LA 223 58.57 -13.96 -47.24
C LYS LA 223 58.15 -15.06 -46.27
N ASP LA 224 58.75 -16.23 -46.40
CA ASP LA 224 58.71 -17.24 -45.35
C ASP LA 224 59.97 -18.11 -45.43
N TRP LA 225 59.77 -19.41 -45.19
CA TRP LA 225 60.75 -20.50 -45.10
C TRP LA 225 61.58 -20.40 -43.82
N LYS LA 226 62.06 -19.21 -43.49
CA LYS LA 226 62.55 -18.98 -42.14
C LYS LA 226 61.57 -18.10 -41.38
N THR LA 227 60.73 -17.37 -42.11
CA THR LA 227 59.97 -16.29 -41.48
C THR LA 227 58.55 -16.71 -41.12
N ALA LA 228 57.76 -17.09 -42.12
CA ALA LA 228 56.36 -17.41 -41.88
C ALA LA 228 56.08 -18.87 -42.17
N TYR LA 229 57.09 -19.72 -41.96
CA TYR LA 229 56.81 -21.15 -41.83
C TYR LA 229 55.98 -21.44 -40.59
N SER LA 230 56.11 -20.58 -39.58
CA SER LA 230 55.33 -20.70 -38.35
C SER LA 230 53.85 -20.51 -38.62
N TYR LA 231 53.51 -19.80 -39.69
CA TYR LA 231 52.09 -19.65 -40.05
C TYR LA 231 51.52 -20.97 -40.58
N PHE LA 232 52.38 -21.86 -41.07
CA PHE LA 232 51.90 -23.08 -41.70
C PHE LA 232 51.47 -24.13 -40.69
N TYR LA 233 51.81 -23.97 -39.40
CA TYR LA 233 51.48 -25.05 -38.47
C TYR LA 233 51.09 -24.55 -37.08
N GLU LA 234 50.97 -23.24 -36.88
CA GLU LA 234 50.70 -22.77 -35.52
C GLU LA 234 49.26 -23.00 -35.10
N ALA LA 235 48.31 -22.35 -35.75
CA ALA LA 235 46.90 -22.64 -35.51
C ALA LA 235 46.47 -23.74 -36.46
N PHE LA 236 47.33 -24.02 -37.44
CA PHE LA 236 47.02 -25.04 -38.43
C PHE LA 236 47.14 -26.44 -37.84
N GLU LA 237 47.96 -26.59 -36.79
CA GLU LA 237 47.88 -27.84 -36.04
C GLU LA 237 46.87 -27.75 -34.91
N GLY LA 238 46.00 -26.76 -34.96
CA GLY LA 238 44.82 -26.71 -34.11
C GLY LA 238 43.61 -27.23 -34.86
N TYR LA 239 43.88 -27.92 -35.97
CA TYR LA 239 42.84 -28.56 -36.73
C TYR LA 239 42.84 -29.87 -35.97
N ASP LA 240 41.79 -30.15 -35.23
CA ASP LA 240 41.76 -31.38 -34.44
C ASP LA 240 41.83 -32.61 -35.32
N SER LA 241 41.06 -32.54 -36.42
CA SER LA 241 40.80 -33.53 -37.51
C SER LA 241 39.44 -33.22 -38.18
N ILE LA 242 38.83 -32.09 -37.84
CA ILE LA 242 37.54 -31.72 -38.41
C ILE LA 242 37.65 -31.52 -39.91
N ASP LA 243 38.74 -30.89 -40.34
CA ASP LA 243 38.95 -30.63 -41.75
C ASP LA 243 39.99 -31.50 -42.44
N SER LA 244 40.46 -32.59 -41.85
CA SER LA 244 41.48 -33.31 -42.60
C SER LA 244 41.84 -32.76 -44.00
N PRO LA 245 40.91 -32.30 -44.87
CA PRO LA 245 41.36 -31.85 -46.20
C PRO LA 245 42.21 -30.58 -46.20
N LYS LA 246 41.94 -29.64 -45.29
CA LYS LA 246 42.87 -28.53 -45.15
C LYS LA 246 44.20 -28.99 -44.56
N ALA LA 247 44.15 -30.00 -43.68
CA ALA LA 247 45.36 -30.65 -43.18
C ALA LA 247 46.15 -31.31 -44.30
N ILE LA 248 45.45 -31.86 -45.30
CA ILE LA 248 46.11 -32.29 -46.53
C ILE LA 248 46.79 -31.10 -47.20
N THR LA 249 46.09 -29.96 -47.24
CA THR LA 249 46.55 -28.84 -48.06
C THR LA 249 47.83 -28.21 -47.52
N SER LA 250 47.87 -27.84 -46.22
CA SER LA 250 49.15 -27.22 -45.88
C SER LA 250 49.94 -28.00 -44.82
N LEU LA 251 49.53 -29.23 -44.49
CA LEU LA 251 50.56 -30.22 -44.21
C LEU LA 251 51.39 -30.45 -45.46
N LYS LA 252 50.70 -30.55 -46.61
CA LYS LA 252 51.37 -30.64 -47.90
C LYS LA 252 52.22 -29.40 -48.17
N TYR LA 253 51.76 -28.23 -47.74
CA TYR LA 253 52.59 -27.04 -47.98
C TYR LA 253 53.76 -26.97 -47.01
N MET LA 254 53.58 -27.40 -45.75
CA MET LA 254 54.70 -27.31 -44.82
C MET LA 254 55.80 -28.29 -45.19
N LEU LA 255 55.43 -29.47 -45.69
CA LEU LA 255 56.42 -30.37 -46.26
C LEU LA 255 56.95 -29.82 -47.57
N LEU LA 256 56.13 -29.03 -48.27
CA LEU LA 256 56.51 -28.47 -49.56
C LEU LA 256 57.45 -27.28 -49.40
N CYS LA 257 57.62 -26.78 -48.18
CA CYS LA 257 58.48 -25.63 -48.00
C CYS LA 257 59.65 -25.88 -47.06
N LYS LA 258 59.61 -26.93 -46.23
CA LYS LA 258 60.84 -27.27 -45.50
C LYS LA 258 61.92 -27.84 -46.41
N ILE LA 259 61.56 -28.23 -47.64
CA ILE LA 259 62.54 -28.67 -48.63
C ILE LA 259 63.27 -27.51 -49.30
N MET LA 260 62.75 -26.29 -49.26
CA MET LA 260 63.42 -25.21 -49.97
C MET LA 260 64.54 -24.58 -49.16
N LEU LA 261 64.40 -24.51 -47.84
CA LEU LA 261 65.47 -24.08 -46.95
C LEU LA 261 66.63 -25.07 -46.89
N ASN LA 262 66.44 -26.29 -47.40
CA ASN LA 262 67.49 -27.25 -47.75
C ASN LA 262 68.18 -27.84 -46.51
N THR LA 263 67.40 -28.03 -45.44
CA THR LA 263 67.66 -29.08 -44.46
C THR LA 263 66.37 -29.89 -44.37
N PRO LA 264 66.16 -30.81 -45.32
CA PRO LA 264 64.86 -31.50 -45.40
C PRO LA 264 64.71 -32.66 -44.44
N GLU LA 265 65.56 -32.77 -43.41
CA GLU LA 265 65.41 -33.83 -42.43
C GLU LA 265 64.20 -33.63 -41.54
N ASP LA 266 63.69 -32.41 -41.43
CA ASP LA 266 62.44 -32.15 -40.71
C ASP LA 266 61.23 -32.56 -41.52
N VAL LA 267 61.39 -32.79 -42.83
CA VAL LA 267 60.29 -33.28 -43.63
C VAL LA 267 59.98 -34.73 -43.28
N GLN LA 268 60.96 -35.62 -43.49
CA GLN LA 268 60.79 -37.02 -43.14
C GLN LA 268 60.73 -37.24 -41.64
N ALA LA 269 61.46 -36.43 -40.87
CA ALA LA 269 61.41 -36.47 -39.41
C ALA LA 269 60.07 -35.96 -38.89
N LEU LA 270 59.37 -35.13 -39.66
CA LEU LA 270 58.02 -34.72 -39.35
C LEU LA 270 56.99 -35.79 -39.69
N VAL LA 271 57.29 -36.63 -40.67
CA VAL LA 271 56.42 -37.77 -40.96
C VAL LA 271 56.57 -38.84 -39.87
N SER LA 272 57.76 -38.93 -39.27
CA SER LA 272 57.97 -39.89 -38.20
C SER LA 272 57.33 -39.48 -36.88
N GLY LA 273 56.83 -38.25 -36.77
CA GLY LA 273 56.19 -37.80 -35.55
C GLY LA 273 54.83 -38.43 -35.34
N LYS LA 274 54.32 -38.27 -34.12
CA LYS LA 274 53.09 -38.93 -33.69
C LYS LA 274 51.86 -38.40 -34.43
N LEU LA 275 51.95 -37.18 -34.94
CA LEU LA 275 50.84 -36.58 -35.65
C LEU LA 275 50.72 -37.13 -37.07
N ALA LA 276 51.69 -37.91 -37.52
CA ALA LA 276 51.81 -38.18 -38.93
C ALA LA 276 51.78 -39.67 -39.26
N LEU LA 277 51.95 -40.54 -38.26
CA LEU LA 277 51.62 -41.95 -38.50
C LEU LA 277 50.20 -42.23 -38.03
N ARG LA 278 49.48 -41.18 -37.64
CA ARG LA 278 48.02 -41.19 -37.72
C ARG LA 278 47.58 -40.88 -39.14
N TYR LA 279 48.50 -40.38 -39.95
CA TYR LA 279 48.22 -39.63 -41.16
C TYR LA 279 48.81 -40.31 -42.40
N ALA LA 280 48.57 -41.61 -42.55
CA ALA LA 280 49.07 -42.33 -43.71
C ALA LA 280 48.23 -41.99 -44.95
N GLY LA 281 48.52 -40.84 -45.55
CA GLY LA 281 47.78 -40.38 -46.71
C GLY LA 281 48.57 -40.46 -48.00
N ARG LA 282 47.93 -40.03 -49.09
CA ARG LA 282 48.55 -39.99 -50.42
C ARG LA 282 49.72 -39.03 -50.48
N GLN LA 283 49.52 -37.77 -50.06
CA GLN LA 283 50.50 -36.72 -50.30
C GLN LA 283 51.70 -36.86 -49.39
N THR LA 284 51.59 -37.70 -48.35
CA THR LA 284 52.75 -38.07 -47.54
C THR LA 284 53.77 -38.81 -48.37
N GLU LA 285 53.31 -39.61 -49.33
CA GLU LA 285 54.20 -40.28 -50.26
C GLU LA 285 54.67 -39.33 -51.34
N ALA LA 286 53.91 -38.25 -51.58
CA ALA LA 286 54.30 -37.25 -52.56
C ALA LA 286 55.46 -36.43 -52.06
N LEU LA 287 55.29 -35.78 -50.91
CA LEU LA 287 56.39 -34.98 -50.37
C LEU LA 287 57.42 -35.87 -49.68
N LYS LA 288 57.08 -37.14 -49.47
CA LYS LA 288 58.11 -38.12 -49.18
C LYS LA 288 58.97 -38.38 -50.40
N CYS LA 289 58.35 -38.38 -51.59
CA CYS LA 289 59.10 -38.57 -52.83
C CYS LA 289 59.95 -37.34 -53.16
N VAL LA 290 59.40 -36.15 -52.92
CA VAL LA 290 60.18 -34.93 -53.15
C VAL LA 290 61.20 -34.77 -52.03
N ALA LA 291 60.92 -35.36 -50.87
CA ALA LA 291 61.91 -35.42 -49.79
C ALA LA 291 63.08 -36.31 -50.17
N GLN LA 292 62.80 -37.42 -50.85
CA GLN LA 292 63.86 -38.25 -51.40
C GLN LA 292 64.56 -37.55 -52.56
N ALA LA 293 63.84 -36.63 -53.23
CA ALA LA 293 64.47 -35.83 -54.28
C ALA LA 293 65.41 -34.80 -53.68
N SER LA 294 65.11 -34.35 -52.46
CA SER LA 294 65.95 -33.34 -51.82
C SER LA 294 67.15 -33.99 -51.13
N LYS LA 295 66.95 -35.17 -50.56
CA LYS LA 295 68.10 -35.93 -50.03
C LYS LA 295 68.96 -36.45 -51.16
N ASN LA 296 68.35 -37.21 -52.07
CA ASN LA 296 69.07 -37.93 -53.10
C ASN LA 296 69.41 -37.03 -54.28
N ARG LA 297 68.96 -35.76 -54.22
CA ARG LA 297 69.62 -34.62 -54.87
C ARG LA 297 69.73 -34.80 -56.38
N SER LA 298 68.59 -35.06 -57.01
CA SER LA 298 68.60 -35.52 -58.40
C SER LA 298 67.28 -35.15 -59.07
N LEU LA 299 67.39 -34.76 -60.35
CA LEU LA 299 66.24 -34.62 -61.23
C LEU LA 299 65.71 -35.97 -61.69
N ALA LA 300 66.48 -37.03 -61.46
CA ALA LA 300 65.95 -38.38 -61.64
C ALA LA 300 64.80 -38.65 -60.68
N ASP LA 301 64.81 -38.00 -59.51
CA ASP LA 301 63.66 -38.14 -58.63
C ASP LA 301 62.65 -37.03 -58.87
N PHE LA 302 62.88 -36.17 -59.87
CA PHE LA 302 61.86 -35.25 -60.33
C PHE LA 302 61.04 -35.86 -61.45
N GLU LA 303 61.72 -36.62 -62.33
CA GLU LA 303 61.03 -37.53 -63.24
C GLU LA 303 60.51 -38.78 -62.54
N LYS LA 304 61.05 -39.14 -61.37
CA LYS LA 304 60.31 -39.99 -60.45
C LYS LA 304 59.33 -39.18 -59.61
N ALA LA 305 59.38 -37.86 -59.69
CA ALA LA 305 58.24 -37.01 -59.45
C ALA LA 305 57.73 -36.53 -60.81
N LEU LA 306 56.74 -35.65 -60.79
CA LEU LA 306 56.12 -34.93 -61.91
C LEU LA 306 55.38 -35.80 -62.94
N THR LA 307 55.73 -37.08 -63.07
CA THR LA 307 55.35 -37.91 -64.21
C THR LA 307 55.07 -39.33 -63.73
N ASP LA 308 55.02 -39.49 -62.42
CA ASP LA 308 55.41 -40.74 -61.81
C ASP LA 308 54.58 -40.93 -60.54
N TYR LA 309 55.16 -41.65 -59.58
CA TYR LA 309 54.54 -42.21 -58.37
C TYR LA 309 53.45 -41.34 -57.76
N ARG LA 310 53.70 -40.04 -57.63
CA ARG LA 310 52.66 -39.11 -57.16
C ARG LA 310 52.57 -37.87 -58.05
N ALA LA 311 52.41 -38.06 -59.35
CA ALA LA 311 52.46 -36.94 -60.30
C ALA LA 311 51.28 -35.98 -60.15
N GLU LA 312 50.18 -36.42 -59.54
CA GLU LA 312 48.94 -35.65 -59.67
C GLU LA 312 48.82 -34.56 -58.60
N LEU LA 313 49.93 -34.19 -57.98
CA LEU LA 313 49.94 -32.90 -57.27
C LEU LA 313 50.71 -31.86 -58.05
N ARG LA 314 50.82 -32.04 -59.37
CA ARG LA 314 51.34 -30.97 -60.21
C ARG LA 314 50.28 -29.92 -60.45
N ASP LA 315 49.01 -30.35 -60.40
CA ASP LA 315 47.92 -29.42 -60.63
C ASP LA 315 47.35 -28.95 -59.30
N ASP LA 316 47.86 -27.81 -58.83
CA ASP LA 316 47.54 -27.20 -57.54
C ASP LA 316 48.08 -25.77 -57.53
N PRO LA 317 47.35 -24.79 -56.95
CA PRO LA 317 47.47 -23.39 -57.41
C PRO LA 317 48.78 -22.67 -57.13
N ILE LA 318 49.28 -22.67 -55.88
CA ILE LA 318 50.41 -21.81 -55.55
C ILE LA 318 51.73 -22.55 -55.64
N ILE LA 319 51.78 -23.68 -56.34
CA ILE LA 319 52.83 -24.66 -56.24
C ILE LA 319 53.65 -24.70 -57.53
N SER LA 320 52.97 -24.64 -58.68
CA SER LA 320 53.60 -24.52 -59.98
C SER LA 320 54.49 -23.31 -60.13
N THR LA 321 54.21 -22.21 -59.42
CA THR LA 321 55.12 -21.10 -59.35
C THR LA 321 56.41 -21.49 -58.64
N HIS LA 322 56.32 -22.39 -57.66
CA HIS LA 322 57.50 -22.77 -56.89
C HIS LA 322 58.29 -23.86 -57.62
N LEU LA 323 57.68 -24.51 -58.61
CA LEU LA 323 58.34 -25.63 -59.27
C LEU LA 323 59.45 -25.14 -60.21
N ALA LA 324 59.41 -23.86 -60.58
CA ALA LA 324 60.54 -23.28 -61.31
C ALA LA 324 61.72 -23.07 -60.37
N LYS LA 325 61.46 -22.54 -59.17
CA LYS LA 325 62.51 -22.32 -58.20
C LYS LA 325 63.03 -23.63 -57.63
N LEU LA 326 62.12 -24.57 -57.37
CA LEU LA 326 62.52 -25.89 -56.90
C LEU LA 326 63.25 -26.65 -58.01
N TYR LA 327 62.81 -26.44 -59.25
CA TYR LA 327 63.39 -27.13 -60.39
C TYR LA 327 64.82 -26.67 -60.64
N ASP LA 328 65.02 -25.36 -60.69
CA ASP LA 328 66.36 -24.81 -60.86
C ASP LA 328 67.23 -25.10 -59.64
N ASN LA 329 66.59 -25.18 -58.46
CA ASN LA 329 67.32 -25.45 -57.22
C ASN LA 329 67.90 -26.87 -57.22
N LEU LA 330 67.07 -27.85 -57.54
CA LEU LA 330 67.57 -29.22 -57.61
C LEU LA 330 68.46 -29.41 -58.82
N LEU LA 331 68.32 -28.54 -59.83
CA LEU LA 331 69.30 -28.51 -60.90
C LEU LA 331 70.67 -28.05 -60.39
N GLU LA 332 70.69 -27.06 -59.49
CA GLU LA 332 71.92 -26.62 -58.85
C GLU LA 332 72.58 -27.75 -58.07
N GLN LA 333 71.91 -28.26 -57.03
CA GLN LA 333 72.61 -29.24 -56.20
C GLN LA 333 72.76 -30.61 -56.85
N ASN LA 334 71.89 -30.96 -57.81
CA ASN LA 334 72.12 -32.16 -58.61
C ASN LA 334 73.37 -32.02 -59.45
N LEU LA 335 73.51 -30.87 -60.10
CA LEU LA 335 74.71 -30.59 -60.90
C LEU LA 335 75.96 -30.57 -60.02
N ILE LA 336 75.81 -30.11 -58.77
CA ILE LA 336 76.89 -30.21 -57.79
C ILE LA 336 77.27 -31.66 -57.59
N ARG LA 337 76.27 -32.53 -57.30
CA ARG LA 337 76.53 -33.95 -57.05
C ARG LA 337 77.20 -34.64 -58.23
N VAL LA 338 76.83 -34.24 -59.45
CA VAL LA 338 77.52 -34.75 -60.63
C VAL LA 338 78.97 -34.29 -60.64
N ILE LA 339 79.23 -33.05 -60.25
CA ILE LA 339 80.59 -32.53 -60.35
C ILE LA 339 81.52 -33.02 -59.21
N GLU LA 340 80.96 -33.30 -58.02
CA GLU LA 340 81.71 -33.44 -56.76
C GLU LA 340 83.00 -34.27 -56.76
N PRO LA 341 83.11 -35.46 -57.42
CA PRO LA 341 84.41 -36.13 -57.37
C PRO LA 341 85.37 -35.64 -58.43
N PHE LA 342 84.84 -35.14 -59.54
CA PHE LA 342 85.57 -34.94 -60.77
C PHE LA 342 86.57 -33.80 -60.68
N SER LA 343 87.54 -33.76 -61.60
CA SER LA 343 88.51 -32.67 -61.55
C SER LA 343 88.38 -31.75 -62.77
N ARG LA 344 88.58 -32.26 -63.98
CA ARG LA 344 88.32 -31.41 -65.14
C ARG LA 344 87.67 -32.19 -66.29
N VAL LA 345 86.64 -32.96 -65.97
CA VAL LA 345 85.87 -33.73 -66.94
C VAL LA 345 85.12 -32.80 -67.90
N GLN LA 346 84.62 -33.36 -69.01
CA GLN LA 346 84.04 -32.57 -70.07
C GLN LA 346 82.53 -32.45 -69.88
N ILE LA 347 81.89 -31.70 -70.79
CA ILE LA 347 80.46 -31.38 -70.70
C ILE LA 347 79.60 -32.65 -70.74
N GLU LA 348 79.98 -33.63 -71.57
CA GLU LA 348 79.13 -34.79 -71.83
C GLU LA 348 78.97 -35.68 -70.60
N HIS LA 349 79.81 -35.49 -69.59
CA HIS LA 349 79.58 -36.19 -68.33
C HIS LA 349 78.63 -35.41 -67.43
N ILE LA 350 78.80 -34.10 -67.35
CA ILE LA 350 77.87 -33.29 -66.57
C ILE LA 350 76.52 -33.30 -67.26
N SER LA 351 76.51 -33.13 -68.59
CA SER LA 351 75.26 -33.11 -69.34
C SER LA 351 74.65 -34.50 -69.42
N SER LA 352 75.44 -35.47 -69.90
CA SER LA 352 74.88 -36.78 -70.22
C SER LA 352 74.73 -37.64 -68.97
N LEU LA 353 75.30 -37.21 -67.85
CA LEU LA 353 75.10 -37.96 -66.62
C LEU LA 353 73.91 -37.43 -65.81
N ILE LA 354 73.11 -36.53 -66.40
CA ILE LA 354 71.76 -36.26 -65.92
C ILE LA 354 70.73 -36.36 -67.04
N LYS LA 355 71.15 -36.23 -68.30
CA LYS LA 355 70.34 -36.42 -69.50
C LYS LA 355 69.17 -35.44 -69.55
N LEU LA 356 69.49 -34.15 -69.56
CA LEU LA 356 68.51 -33.12 -69.85
C LEU LA 356 68.85 -32.36 -71.13
N SER LA 357 70.04 -31.76 -71.21
CA SER LA 357 70.51 -31.05 -72.40
C SER LA 357 72.00 -30.86 -72.30
N LYS LA 358 72.59 -30.21 -73.30
CA LYS LA 358 73.95 -29.68 -73.18
C LYS LA 358 73.95 -28.26 -72.66
N ALA LA 359 72.94 -27.48 -73.02
CA ALA LA 359 72.96 -26.04 -72.78
C ALA LA 359 72.86 -25.71 -71.30
N ASP LA 360 72.26 -26.60 -70.50
CA ASP LA 360 72.24 -26.41 -69.06
C ASP LA 360 73.65 -26.34 -68.48
N VAL LA 361 74.57 -27.10 -69.08
CA VAL LA 361 75.98 -27.02 -68.67
C VAL LA 361 76.53 -25.63 -68.95
N GLU LA 362 76.22 -25.07 -70.12
CA GLU LA 362 76.66 -23.69 -70.30
C GLU LA 362 75.71 -22.73 -69.59
N ARG LA 363 74.51 -23.19 -69.24
CA ARG LA 363 73.72 -22.42 -68.27
C ARG LA 363 74.27 -22.59 -66.87
N LYS LA 364 75.01 -23.69 -66.64
CA LYS LA 364 75.91 -23.78 -65.49
C LYS LA 364 76.87 -22.60 -65.49
N LEU LA 365 77.37 -22.23 -66.67
CA LEU LA 365 78.17 -21.03 -66.87
C LEU LA 365 77.44 -19.78 -66.38
N SER LA 366 76.12 -19.76 -66.54
CA SER LA 366 75.35 -18.58 -66.13
C SER LA 366 74.77 -18.75 -64.74
N GLN LA 367 75.24 -19.76 -63.99
CA GLN LA 367 74.74 -19.88 -62.63
C GLN LA 367 75.83 -20.24 -61.63
N MET LA 368 77.02 -20.63 -62.09
CA MET LA 368 78.09 -20.82 -61.11
C MET LA 368 78.73 -19.51 -60.74
N ILE LA 369 79.48 -18.90 -61.67
CA ILE LA 369 80.20 -17.63 -61.56
C ILE LA 369 80.96 -17.53 -60.24
N LEU LA 370 80.19 -17.32 -59.18
CA LEU LA 370 80.51 -16.65 -57.93
C LEU LA 370 79.16 -16.25 -57.36
N ASP LA 371 78.88 -16.68 -56.12
CA ASP LA 371 77.65 -17.10 -55.43
C ASP LA 371 77.38 -18.60 -55.52
N LYS LA 372 78.23 -19.33 -56.24
CA LYS LA 372 78.13 -20.78 -56.31
C LYS LA 372 79.53 -21.24 -56.70
N LYS LA 373 79.87 -22.52 -56.47
CA LYS LA 373 81.20 -23.07 -56.17
C LYS LA 373 82.38 -22.39 -56.87
N PHE LA 374 83.38 -21.99 -56.09
CA PHE LA 374 84.33 -20.99 -56.57
C PHE LA 374 85.51 -21.66 -57.26
N HIS LA 375 85.19 -22.57 -58.16
CA HIS LA 375 86.19 -23.43 -58.78
C HIS LA 375 86.10 -23.33 -60.30
N GLY LA 376 84.90 -23.08 -60.81
CA GLY LA 376 84.63 -23.38 -62.18
C GLY LA 376 85.10 -22.36 -63.19
N ILE LA 377 86.24 -22.67 -63.82
CA ILE LA 377 86.65 -22.05 -65.06
C ILE LA 377 86.53 -23.11 -66.16
N LEU LA 378 85.81 -22.76 -67.21
CA LEU LA 378 85.49 -23.76 -68.20
C LEU LA 378 86.10 -23.40 -69.55
N ASP LA 379 86.04 -24.35 -70.48
CA ASP LA 379 86.76 -24.26 -71.74
C ASP LA 379 85.77 -24.27 -72.89
N GLN LA 380 86.16 -23.63 -73.98
CA GLN LA 380 85.37 -23.62 -75.22
C GLN LA 380 85.87 -24.66 -76.20
N GLY LA 381 87.19 -24.75 -76.40
CA GLY LA 381 87.77 -25.63 -77.40
C GLY LA 381 87.65 -27.10 -77.08
N GLU LA 382 88.38 -27.59 -76.08
CA GLU LA 382 88.22 -28.97 -75.68
C GLU LA 382 87.06 -29.16 -74.71
N GLY LA 383 86.56 -28.07 -74.14
CA GLY LA 383 85.36 -28.12 -73.31
C GLY LA 383 85.52 -28.90 -72.02
N VAL LA 384 86.31 -28.38 -71.09
CA VAL LA 384 86.53 -29.01 -69.80
C VAL LA 384 86.09 -28.03 -68.73
N LEU LA 385 86.28 -28.43 -67.47
CA LEU LA 385 85.91 -27.59 -66.32
C LEU LA 385 86.99 -27.73 -65.25
N ILE LA 386 87.99 -26.86 -65.25
CA ILE LA 386 89.04 -26.96 -64.25
C ILE LA 386 88.45 -26.72 -62.86
N ILE LA 387 89.02 -27.37 -61.85
CA ILE LA 387 88.51 -27.27 -60.49
C ILE LA 387 89.56 -27.05 -59.38
N PHE LA 388 89.08 -26.63 -58.21
CA PHE LA 388 89.90 -26.31 -57.02
C PHE LA 388 90.91 -25.16 -57.11
N ASP LA 389 90.51 -24.14 -57.83
CA ASP LA 389 91.20 -22.87 -58.03
C ASP LA 389 92.00 -22.41 -56.82
N GLU LA 390 91.44 -22.48 -55.61
CA GLU LA 390 92.01 -21.70 -54.51
C GLU LA 390 92.40 -22.56 -53.30
N PRO LA 391 93.57 -22.31 -52.71
CA PRO LA 391 93.80 -22.65 -51.30
C PRO LA 391 93.22 -21.60 -50.38
N PRO LA 392 91.95 -21.79 -49.93
CA PRO LA 392 91.12 -20.66 -49.46
C PRO LA 392 91.60 -19.91 -48.22
N VAL LA 393 90.83 -18.87 -47.87
CA VAL LA 393 91.26 -17.81 -46.96
C VAL LA 393 91.48 -18.36 -45.56
N ASP LA 394 92.69 -18.15 -45.04
CA ASP LA 394 93.10 -18.70 -43.75
C ASP LA 394 92.94 -17.73 -42.59
N LYS LA 395 92.57 -16.49 -42.88
CA LYS LA 395 92.33 -15.48 -41.85
C LYS LA 395 93.53 -14.66 -41.36
N THR LA 396 94.70 -15.29 -41.30
CA THR LA 396 95.93 -14.66 -40.82
C THR LA 396 96.21 -13.22 -41.27
N TYR LA 397 96.53 -13.06 -42.54
CA TYR LA 397 96.82 -11.74 -43.10
C TYR LA 397 95.62 -10.80 -43.04
N GLU LA 398 94.42 -11.34 -43.20
CA GLU LA 398 93.21 -10.54 -43.14
C GLU LA 398 93.00 -9.90 -41.77
N ALA LA 399 93.41 -10.57 -40.70
CA ALA LA 399 93.27 -9.99 -39.37
C ALA LA 399 94.44 -9.05 -39.14
N ALA LA 400 95.64 -9.50 -39.49
CA ALA LA 400 96.84 -8.71 -39.30
C ALA LA 400 96.76 -7.38 -40.03
N LEU LA 401 96.65 -7.44 -41.35
CA LEU LA 401 96.56 -6.23 -42.17
C LEU LA 401 95.45 -5.30 -41.69
N GLU LA 402 94.27 -5.87 -41.45
CA GLU LA 402 93.14 -5.11 -40.97
C GLU LA 402 93.49 -4.30 -39.72
N THR LA 403 94.00 -4.98 -38.70
CA THR LA 403 94.37 -4.29 -37.46
C THR LA 403 95.34 -3.16 -37.73
N ILE LA 404 96.52 -3.51 -38.25
CA ILE LA 404 97.50 -2.46 -38.55
C ILE LA 404 96.84 -1.20 -39.11
N GLN LA 405 95.66 -1.35 -39.70
CA GLN LA 405 94.92 -0.21 -40.20
C GLN LA 405 94.26 0.51 -39.02
N ASN LA 406 93.98 -0.22 -37.94
CA ASN LA 406 93.38 0.38 -36.76
C ASN LA 406 94.41 1.29 -36.09
N MET LA 407 95.44 0.65 -35.53
CA MET LA 407 96.54 1.34 -34.88
C MET LA 407 96.76 2.71 -35.49
N SER LA 408 96.36 2.88 -36.74
CA SER LA 408 96.51 4.17 -37.40
C SER LA 408 95.59 5.13 -36.66
N LYS LA 409 94.36 4.68 -36.45
CA LYS LA 409 93.37 5.46 -35.74
C LYS LA 409 93.90 5.88 -34.38
N VAL LA 410 94.43 4.91 -33.64
CA VAL LA 410 94.97 5.17 -32.31
C VAL LA 410 96.12 6.16 -32.33
N VAL LA 411 97.00 6.04 -33.32
CA VAL LA 411 98.14 6.94 -33.43
C VAL LA 411 97.66 8.35 -33.72
N ASP LA 412 96.63 8.46 -34.56
CA ASP LA 412 96.03 9.74 -34.88
C ASP LA 412 95.46 10.36 -33.61
N SER LA 413 94.78 9.54 -32.81
CA SER LA 413 94.24 10.00 -31.54
C SER LA 413 95.37 10.53 -30.67
N LEU LA 414 96.47 9.79 -30.58
CA LEU LA 414 97.65 10.20 -29.84
C LEU LA 414 98.03 11.54 -30.41
N TYR LA 415 98.00 11.63 -31.73
CA TYR LA 415 98.27 12.89 -32.41
C TYR LA 415 97.31 13.97 -31.95
N ASN LA 416 96.09 13.57 -31.57
CA ASN LA 416 95.19 14.50 -30.91
C ASN LA 416 95.82 14.99 -29.62
N LYS LA 417 96.17 14.06 -28.72
CA LYS LA 417 96.76 14.43 -27.44
C LYS LA 417 98.14 15.08 -27.63
N ALA LA 418 99.09 14.33 -28.17
CA ALA LA 418 100.46 14.80 -28.21
C ALA LA 418 100.68 15.85 -29.28
N LYS LA 419 100.09 15.67 -30.46
CA LYS LA 419 100.34 16.60 -31.54
C LYS LA 419 99.34 17.75 -31.54
N LYS LA 420 98.07 17.47 -31.28
CA LYS LA 420 97.10 18.55 -31.16
C LYS LA 420 97.09 19.19 -29.76
N LEU LA 421 97.98 18.73 -28.86
CA LEU LA 421 98.39 19.54 -27.73
C LEU LA 421 99.66 20.33 -27.99
N THR LA 422 100.76 19.67 -28.30
CA THR LA 422 102.02 20.36 -28.57
C THR LA 422 102.16 20.68 -30.05
N ASN MA 14 67.19 25.25 -43.95
CA ASN MA 14 68.14 24.17 -43.70
C ASN MA 14 69.34 24.29 -44.63
N PRO MA 15 70.28 25.14 -44.24
CA PRO MA 15 71.50 25.37 -45.03
C PRO MA 15 72.35 24.12 -45.14
N ASP MA 16 72.94 23.88 -46.31
CA ASP MA 16 72.55 24.55 -47.55
C ASP MA 16 72.02 23.55 -48.58
N LEU MA 17 70.89 23.88 -49.20
CA LEU MA 17 70.25 23.02 -50.19
C LEU MA 17 70.87 23.06 -51.59
N ARG MA 18 70.16 22.48 -52.55
CA ARG MA 18 70.68 22.45 -53.93
C ARG MA 18 71.63 23.60 -54.31
N ILE MA 19 71.58 24.72 -53.57
CA ILE MA 19 72.56 25.81 -53.68
C ILE MA 19 73.99 25.32 -53.46
N ALA MA 20 74.16 24.21 -52.73
CA ALA MA 20 75.45 23.53 -52.74
C ALA MA 20 75.81 23.03 -54.14
N GLN MA 21 74.87 22.38 -54.81
CA GLN MA 21 75.12 21.87 -56.16
C GLN MA 21 75.25 23.01 -57.16
N LEU MA 22 74.49 24.11 -56.97
CA LEU MA 22 74.65 25.29 -57.84
C LEU MA 22 76.01 25.94 -57.63
N ARG MA 23 76.43 26.05 -56.37
CA ARG MA 23 77.74 26.61 -56.05
C ARG MA 23 78.85 25.76 -56.64
N PHE MA 24 78.59 24.45 -56.79
CA PHE MA 24 79.53 23.62 -57.53
C PHE MA 24 79.48 23.93 -59.02
N LEU MA 25 78.28 23.93 -59.61
CA LEU MA 25 78.12 23.98 -61.07
C LEU MA 25 78.60 25.32 -61.64
N LEU MA 26 78.43 26.41 -60.90
CA LEU MA 26 78.93 27.70 -61.36
C LEU MA 26 80.44 27.74 -61.31
N SER MA 27 81.04 27.29 -60.20
CA SER MA 27 82.49 27.32 -60.05
C SER MA 27 83.15 26.22 -60.87
N LEU MA 28 82.36 25.25 -61.33
CA LEU MA 28 82.79 24.29 -62.32
C LEU MA 28 83.14 25.06 -63.58
N PRO MA 29 84.16 24.66 -64.34
CA PRO MA 29 84.60 25.46 -65.50
C PRO MA 29 83.62 25.44 -66.67
N GLU MA 30 84.04 25.95 -67.82
CA GLU MA 30 83.11 26.23 -68.91
C GLU MA 30 82.59 24.99 -69.63
N HIS MA 31 82.81 23.80 -69.05
CA HIS MA 31 81.78 22.77 -69.05
C HIS MA 31 80.41 23.37 -68.71
N ARG MA 32 80.33 24.16 -67.64
CA ARG MA 32 79.12 24.89 -67.33
C ARG MA 32 79.41 26.25 -66.70
N GLY MA 33 78.89 27.32 -67.29
CA GLY MA 33 79.08 28.66 -66.76
C GLY MA 33 77.80 29.36 -66.36
N ASP MA 34 77.44 30.39 -67.12
CA ASP MA 34 76.24 31.20 -66.89
C ASP MA 34 75.00 30.50 -67.45
N ALA MA 35 73.92 31.29 -67.68
CA ALA MA 35 72.76 30.89 -68.47
C ALA MA 35 71.97 29.74 -67.82
N ALA MA 36 71.20 30.15 -66.81
CA ALA MA 36 70.02 29.48 -66.23
C ALA MA 36 70.36 28.41 -65.21
N VAL MA 37 71.65 28.23 -64.94
CA VAL MA 37 72.06 27.93 -63.56
C VAL MA 37 72.41 29.24 -62.87
N ARG MA 38 72.38 30.33 -63.64
CA ARG MA 38 72.79 31.64 -63.15
C ARG MA 38 71.65 32.33 -62.43
N ASP MA 39 70.41 32.09 -62.87
CA ASP MA 39 69.25 32.75 -62.27
C ASP MA 39 68.75 32.01 -61.04
N GLU MA 40 68.83 30.68 -61.02
CA GLU MA 40 68.39 29.92 -59.85
C GLU MA 40 69.34 30.11 -58.68
N LEU MA 41 70.62 30.33 -58.97
CA LEU MA 41 71.55 30.81 -57.96
C LEU MA 41 71.12 32.17 -57.43
N MET MA 42 70.85 33.12 -58.33
CA MET MA 42 70.44 34.45 -57.91
C MET MA 42 68.95 34.50 -57.60
N ALA MA 43 68.27 33.35 -57.65
CA ALA MA 43 66.97 33.26 -57.01
C ALA MA 43 67.11 33.13 -55.50
N ALA MA 44 68.19 32.50 -55.04
CA ALA MA 44 68.47 32.47 -53.62
C ALA MA 44 69.18 33.73 -53.17
N VAL MA 45 70.19 34.16 -53.95
CA VAL MA 45 70.94 35.39 -53.70
C VAL MA 45 70.04 36.61 -53.77
N ARG MA 46 69.16 36.68 -54.77
CA ARG MA 46 68.07 37.65 -54.73
C ARG MA 46 67.12 37.32 -53.58
N ASP MA 47 66.92 36.03 -53.32
CA ASP MA 47 66.29 35.63 -52.10
C ASP MA 47 67.33 35.62 -50.97
N ASN MA 48 66.88 35.25 -49.79
CA ASN MA 48 67.50 35.12 -48.46
C ASN MA 48 68.28 36.33 -47.94
N ASN MA 49 68.41 37.39 -48.76
CA ASN MA 49 69.11 38.65 -48.47
C ASN MA 49 70.45 38.46 -47.76
N MET MA 50 71.37 37.76 -48.41
CA MET MA 50 72.54 37.29 -47.67
C MET MA 50 73.86 37.71 -48.28
N ALA MA 51 74.34 38.87 -47.87
CA ALA MA 51 75.66 39.40 -48.22
C ALA MA 51 76.88 38.53 -47.86
N PRO MA 52 77.07 37.98 -46.61
CA PRO MA 52 78.41 37.54 -46.22
C PRO MA 52 78.94 36.27 -46.88
N TYR MA 53 78.19 35.67 -47.80
CA TYR MA 53 78.75 34.59 -48.60
C TYR MA 53 78.62 34.88 -50.09
N TYR MA 54 77.59 35.63 -50.47
CA TYR MA 54 77.22 35.73 -51.87
C TYR MA 54 78.00 36.83 -52.56
N GLU MA 55 78.85 37.53 -51.81
CA GLU MA 55 79.92 38.29 -52.44
C GLU MA 55 81.20 37.48 -52.47
N ALA MA 56 81.40 36.62 -51.47
CA ALA MA 56 82.51 35.68 -51.52
C ALA MA 56 82.23 34.56 -52.52
N LEU MA 57 80.96 34.33 -52.82
CA LEU MA 57 80.59 33.44 -53.91
C LEU MA 57 81.06 33.97 -55.26
N CYS MA 58 80.61 35.18 -55.63
CA CYS MA 58 80.91 35.74 -56.94
C CYS MA 58 82.36 36.17 -57.09
N LYS MA 59 83.11 36.24 -55.98
CA LYS MA 59 84.54 36.54 -55.96
C LYS MA 59 85.33 35.54 -56.81
N SER MA 60 84.92 34.27 -56.76
CA SER MA 60 85.62 33.23 -57.49
C SER MA 60 85.33 33.31 -58.99
N LEU MA 61 86.02 34.22 -59.68
CA LEU MA 61 86.03 34.42 -61.14
C LEU MA 61 84.63 34.58 -61.75
N ASP MA 62 83.65 35.02 -60.96
CA ASP MA 62 82.25 34.97 -61.39
C ASP MA 62 81.69 36.37 -61.68
N TRP MA 63 81.75 37.26 -60.70
CA TRP MA 63 80.98 38.50 -60.78
C TRP MA 63 81.50 39.48 -59.74
N GLN MA 64 81.36 40.76 -60.03
CA GLN MA 64 81.85 41.80 -59.13
C GLN MA 64 80.72 42.76 -58.79
N ILE MA 65 81.06 43.89 -58.17
CA ILE MA 65 80.13 45.01 -58.08
C ILE MA 65 79.80 45.44 -59.51
N ASP MA 66 78.51 45.44 -59.91
CA ASP MA 66 77.22 45.78 -59.23
C ASP MA 66 76.84 45.45 -57.78
N VAL MA 67 76.42 46.51 -57.08
CA VAL MA 67 75.99 46.47 -55.69
C VAL MA 67 74.46 46.44 -55.62
N ASP MA 68 73.81 46.30 -56.79
CA ASP MA 68 72.38 46.53 -57.01
C ASP MA 68 71.47 45.67 -56.14
N LEU MA 69 71.84 44.41 -55.93
CA LEU MA 69 71.13 43.59 -54.96
C LEU MA 69 71.70 43.82 -53.57
N LEU MA 70 72.98 44.18 -53.48
CA LEU MA 70 73.76 43.99 -52.26
C LEU MA 70 73.38 44.97 -51.16
N ASN MA 71 72.78 46.11 -51.52
CA ASN MA 71 72.50 47.14 -50.52
C ASN MA 71 71.35 46.75 -49.60
N LYS MA 72 70.17 46.43 -50.16
CA LYS MA 72 69.06 45.99 -49.33
C LYS MA 72 69.26 44.55 -48.86
N MET MA 73 70.21 43.85 -49.47
CA MET MA 73 70.66 42.56 -48.98
C MET MA 73 71.34 42.70 -47.62
N LYS MA 74 72.31 43.63 -47.54
CA LYS MA 74 72.94 43.92 -46.27
C LYS MA 74 71.99 44.67 -45.35
N LYS MA 75 71.06 45.42 -45.92
CA LYS MA 75 70.13 46.20 -45.09
C LYS MA 75 69.11 45.30 -44.42
N ALA MA 76 68.56 44.33 -45.17
CA ALA MA 76 67.70 43.34 -44.54
C ALA MA 76 68.50 42.38 -43.68
N ASN MA 77 69.80 42.24 -43.97
CA ASN MA 77 70.68 41.48 -43.09
C ASN MA 77 70.80 42.16 -41.74
N GLU MA 78 70.88 43.49 -41.74
CA GLU MA 78 70.92 44.20 -40.47
C GLU MA 78 69.53 44.38 -39.88
N ASP MA 79 68.49 44.24 -40.70
CA ASP MA 79 67.13 44.22 -40.17
C ASP MA 79 66.89 42.98 -39.33
N GLU MA 80 67.05 41.80 -39.95
CA GLU MA 80 66.80 40.55 -39.24
C GLU MA 80 67.87 40.30 -38.18
N LEU MA 81 69.12 40.61 -38.50
CA LEU MA 81 70.21 40.44 -37.55
C LEU MA 81 70.08 41.41 -36.37
N LYS MA 82 69.52 42.59 -36.64
CA LYS MA 82 69.36 43.57 -35.56
C LYS MA 82 68.14 43.23 -34.71
N ARG MA 83 67.06 42.76 -35.35
CA ARG MA 83 65.83 42.51 -34.60
C ARG MA 83 65.91 41.22 -33.82
N LEU MA 84 66.86 40.34 -34.15
CA LEU MA 84 66.92 39.10 -33.38
C LEU MA 84 67.58 39.28 -32.04
N ASP MA 85 68.41 40.30 -31.91
CA ASP MA 85 69.18 40.56 -30.70
C ASP MA 85 68.33 40.92 -29.50
N GLU MA 86 67.20 41.61 -29.70
CA GLU MA 86 66.40 41.97 -28.54
C GLU MA 86 65.43 40.87 -28.13
N GLU MA 87 65.51 39.65 -28.70
CA GLU MA 87 64.96 38.51 -27.98
C GLU MA 87 66.01 37.87 -27.09
N LEU MA 88 67.28 38.00 -27.46
CA LEU MA 88 68.35 37.65 -26.54
C LEU MA 88 68.40 38.62 -25.37
N GLU MA 89 67.98 39.87 -25.58
CA GLU MA 89 67.84 40.83 -24.50
C GLU MA 89 66.41 40.96 -24.00
N ASP MA 90 65.42 40.37 -24.69
CA ASP MA 90 64.05 40.34 -24.23
C ASP MA 90 63.75 39.11 -23.38
N ALA MA 91 64.53 38.05 -23.53
CA ALA MA 91 64.20 36.79 -22.89
C ALA MA 91 64.65 36.74 -21.43
N GLU MA 92 64.25 37.75 -20.66
CA GLU MA 92 64.46 37.74 -19.21
C GLU MA 92 63.23 38.21 -18.46
N LYS MA 93 62.15 38.62 -19.15
CA LYS MA 93 61.02 39.21 -18.44
C LYS MA 93 60.09 38.12 -17.90
N ASN MA 94 59.44 37.35 -18.78
CA ASN MA 94 58.99 36.02 -18.38
C ASN MA 94 59.29 35.07 -19.53
N LEU MA 95 60.55 34.66 -19.62
CA LEU MA 95 61.00 33.85 -20.75
C LEU MA 95 62.22 33.08 -20.28
N GLY MA 96 62.08 31.78 -20.08
CA GLY MA 96 63.17 30.98 -19.57
C GLY MA 96 64.20 30.62 -20.62
N GLU MA 97 65.06 29.66 -20.26
CA GLU MA 97 66.20 29.27 -21.09
C GLU MA 97 65.77 28.58 -22.38
N SER MA 98 64.51 28.16 -22.47
CA SER MA 98 63.98 27.73 -23.76
C SER MA 98 63.82 28.92 -24.70
N GLU MA 99 63.72 30.13 -24.16
CA GLU MA 99 63.54 31.31 -25.01
C GLU MA 99 64.85 32.05 -25.24
N ILE MA 100 65.81 31.95 -24.32
CA ILE MA 100 67.17 32.38 -24.66
C ILE MA 100 67.75 31.39 -25.67
N ARG MA 101 67.45 30.10 -25.45
CA ARG MA 101 67.63 29.04 -26.44
C ARG MA 101 67.08 29.41 -27.81
N ASP MA 102 65.81 29.79 -27.89
CA ASP MA 102 65.23 30.06 -29.21
C ASP MA 102 65.65 31.43 -29.76
N ALA MA 103 66.08 32.35 -28.89
CA ALA MA 103 66.69 33.58 -29.39
C ALA MA 103 68.04 33.29 -30.01
N MET MA 104 68.78 32.35 -29.42
CA MET MA 104 69.97 31.83 -30.05
C MET MA 104 69.64 30.95 -31.25
N MET MA 105 68.36 30.61 -31.43
CA MET MA 105 67.96 29.96 -32.69
C MET MA 105 67.56 30.98 -33.74
N ALA MA 106 67.17 32.18 -33.33
CA ALA MA 106 67.11 33.25 -34.29
C ALA MA 106 68.51 33.58 -34.81
N LYS MA 107 69.45 33.76 -33.87
CA LYS MA 107 70.85 33.98 -34.25
C LYS MA 107 71.47 32.74 -34.89
N ALA MA 108 70.90 31.56 -34.63
CA ALA MA 108 71.56 30.32 -35.07
C ALA MA 108 71.06 29.86 -36.43
N GLU MA 109 69.75 29.77 -36.63
CA GLU MA 109 69.27 29.49 -37.99
C GLU MA 109 69.52 30.69 -38.91
N TYR MA 110 69.33 31.91 -38.40
CA TYR MA 110 69.56 33.06 -39.26
C TYR MA 110 71.05 33.24 -39.54
N LEU MA 111 71.88 33.18 -38.50
CA LEU MA 111 73.32 33.27 -38.70
C LEU MA 111 73.92 31.92 -39.08
N CYS MA 112 73.08 30.96 -39.46
CA CYS MA 112 73.57 29.76 -40.12
C CYS MA 112 73.25 29.81 -41.60
N ARG MA 113 72.16 30.50 -41.96
CA ARG MA 113 71.95 30.76 -43.38
C ARG MA 113 72.63 32.04 -43.83
N ILE MA 114 73.53 32.59 -43.00
CA ILE MA 114 74.45 33.61 -43.50
C ILE MA 114 75.60 32.92 -44.20
N GLY MA 115 75.79 31.65 -43.89
CA GLY MA 115 76.85 30.89 -44.50
C GLY MA 115 78.25 31.30 -44.05
N ASP MA 116 78.36 31.84 -42.84
CA ASP MA 116 79.66 32.17 -42.28
C ASP MA 116 80.10 31.01 -41.40
N LYS MA 117 81.41 30.76 -41.37
CA LYS MA 117 81.94 29.70 -40.52
C LYS MA 117 82.36 30.25 -39.17
N GLU MA 118 81.84 31.42 -38.79
CA GLU MA 118 81.98 31.92 -37.43
C GLU MA 118 80.61 32.29 -36.89
N GLY MA 119 79.76 32.83 -37.77
CA GLY MA 119 78.43 33.25 -37.39
C GLY MA 119 77.54 32.07 -37.02
N ALA MA 120 77.79 30.93 -37.64
CA ALA MA 120 77.10 29.71 -37.24
C ALA MA 120 77.91 28.93 -36.22
N LEU MA 121 79.23 28.87 -36.44
CA LEU MA 121 80.07 27.94 -35.69
C LEU MA 121 80.25 28.39 -34.25
N THR MA 122 80.35 29.69 -34.03
CA THR MA 122 80.52 30.19 -32.67
C THR MA 122 79.18 30.51 -32.03
N ALA MA 123 78.09 30.26 -32.76
CA ALA MA 123 76.77 30.35 -32.15
C ALA MA 123 76.30 28.99 -31.66
N PHE MA 124 76.82 27.92 -32.28
CA PHE MA 124 76.33 26.59 -31.95
C PHE MA 124 77.00 26.06 -30.69
N ARG MA 125 78.26 26.42 -30.48
CA ARG MA 125 78.91 26.12 -29.21
C ARG MA 125 78.45 27.12 -28.15
N LYS MA 126 77.88 28.24 -28.60
CA LYS MA 126 77.24 29.15 -27.66
C LYS MA 126 75.90 28.60 -27.21
N THR MA 127 75.18 27.93 -28.11
CA THR MA 127 73.91 27.32 -27.72
C THR MA 127 74.12 25.89 -27.26
N TYR MA 128 75.36 25.39 -27.34
CA TYR MA 128 75.66 24.14 -26.65
C TYR MA 128 75.74 24.36 -25.15
N ASP MA 129 76.05 25.59 -24.72
CA ASP MA 129 75.74 25.99 -23.37
C ASP MA 129 74.25 26.35 -23.28
N LYS MA 130 73.76 26.44 -22.04
CA LYS MA 130 72.34 26.70 -21.68
C LYS MA 130 71.36 25.87 -22.51
N THR MA 131 71.43 24.56 -22.33
CA THR MA 131 70.98 23.60 -23.33
C THR MA 131 70.12 22.51 -22.70
N VAL MA 132 68.90 22.36 -23.23
CA VAL MA 132 67.96 21.31 -22.83
C VAL MA 132 68.41 20.01 -23.48
N ALA MA 133 67.79 18.89 -23.11
CA ALA MA 133 68.26 17.58 -23.56
C ALA MA 133 68.06 17.31 -25.05
N LEU MA 134 68.28 16.05 -25.45
CA LEU MA 134 68.71 15.69 -26.79
C LEU MA 134 67.61 15.75 -27.84
N GLY MA 135 66.56 16.52 -27.60
CA GLY MA 135 65.93 17.23 -28.70
C GLY MA 135 66.76 18.39 -29.22
N HIS MA 136 67.88 18.70 -28.56
CA HIS MA 136 68.80 19.74 -28.99
C HIS MA 136 70.20 19.25 -29.31
N ARG MA 137 70.83 18.46 -28.43
CA ARG MA 137 72.26 18.15 -28.47
C ARG MA 137 72.69 17.46 -29.76
N LEU MA 138 71.77 16.75 -30.42
CA LEU MA 138 72.07 16.28 -31.76
C LEU MA 138 71.18 16.89 -32.83
N ASP MA 139 70.28 17.79 -32.44
CA ASP MA 139 69.58 18.58 -33.45
C ASP MA 139 70.56 19.56 -34.08
N ILE MA 140 71.37 20.23 -33.26
CA ILE MA 140 72.33 21.17 -33.82
C ILE MA 140 73.54 20.45 -34.38
N VAL MA 141 73.90 19.28 -33.85
CA VAL MA 141 75.10 18.66 -34.38
C VAL MA 141 74.79 17.93 -35.69
N PHE MA 142 73.50 17.69 -36.00
CA PHE MA 142 73.11 17.47 -37.39
C PHE MA 142 73.21 18.77 -38.16
N TYR MA 143 72.70 19.86 -37.58
CA TYR MA 143 72.57 21.13 -38.28
C TYR MA 143 73.91 21.81 -38.44
N LEU MA 144 74.91 21.36 -37.67
CA LEU MA 144 76.28 21.80 -37.90
C LEU MA 144 76.99 20.89 -38.89
N LEU MA 145 76.70 19.59 -38.85
CA LEU MA 145 77.27 18.65 -39.80
C LEU MA 145 76.81 18.94 -41.22
N ARG MA 146 75.56 19.37 -41.36
CA ARG MA 146 74.94 19.44 -42.67
C ARG MA 146 75.43 20.66 -43.43
N ILE MA 147 75.85 21.70 -42.71
CA ILE MA 147 76.52 22.82 -43.37
C ILE MA 147 78.01 22.57 -43.49
N GLY MA 148 78.55 21.69 -42.67
CA GLY MA 148 79.93 21.23 -42.88
C GLY MA 148 80.07 20.47 -44.18
N LEU MA 149 78.99 19.80 -44.61
CA LEU MA 149 78.95 19.24 -45.95
C LEU MA 149 78.99 20.34 -47.00
N PHE MA 150 78.35 21.48 -46.71
CA PHE MA 150 78.35 22.59 -47.66
C PHE MA 150 79.73 23.26 -47.73
N TYR MA 151 80.52 23.18 -46.66
CA TYR MA 151 81.85 23.77 -46.69
C TYR MA 151 82.97 22.73 -46.67
N MET MA 152 82.65 21.43 -46.81
CA MET MA 152 83.56 20.29 -46.98
C MET MA 152 84.74 20.26 -46.01
N ASP MA 153 84.59 20.89 -44.84
CA ASP MA 153 85.66 20.97 -43.85
C ASP MA 153 85.65 19.67 -43.08
N ASN MA 154 86.47 18.72 -43.54
CA ASN MA 154 86.43 17.32 -43.09
C ASN MA 154 86.64 17.16 -41.60
N ASP MA 155 87.41 18.05 -40.99
CA ASP MA 155 87.57 18.06 -39.55
C ASP MA 155 86.27 18.39 -38.84
N LEU MA 156 85.47 19.30 -39.40
CA LEU MA 156 84.16 19.60 -38.83
C LEU MA 156 83.21 18.42 -38.97
N ILE MA 157 83.27 17.70 -40.09
CA ILE MA 157 82.45 16.50 -40.26
C ILE MA 157 82.82 15.44 -39.23
N THR MA 158 84.10 15.10 -39.13
CA THR MA 158 84.52 14.02 -38.23
C THR MA 158 84.31 14.38 -36.76
N ARG MA 159 84.59 15.62 -36.37
CA ARG MA 159 84.29 16.04 -35.00
C ARG MA 159 82.80 16.10 -34.74
N ASN MA 160 81.97 16.31 -35.77
CA ASN MA 160 80.54 16.15 -35.55
C ASN MA 160 80.09 14.70 -35.57
N THR MA 161 80.91 13.78 -36.08
CA THR MA 161 80.57 12.36 -35.94
C THR MA 161 80.84 11.90 -34.51
N GLU MA 162 82.03 12.19 -33.99
CA GLU MA 162 82.32 11.77 -32.63
C GLU MA 162 81.59 12.62 -31.60
N LYS MA 163 81.16 13.83 -31.97
CA LYS MA 163 80.15 14.52 -31.18
C LYS MA 163 78.76 13.98 -31.41
N ALA MA 164 78.55 13.24 -32.49
CA ALA MA 164 77.22 12.76 -32.85
C ALA MA 164 77.05 11.28 -32.57
N LYS MA 165 78.11 10.59 -32.15
CA LYS MA 165 77.97 9.26 -31.55
C LYS MA 165 77.64 9.34 -30.07
N SER MA 166 77.28 10.53 -29.57
CA SER MA 166 76.86 10.75 -28.19
C SER MA 166 75.37 10.54 -28.00
N LEU MA 167 74.73 9.79 -28.91
CA LEU MA 167 73.30 9.50 -28.80
C LEU MA 167 73.02 8.22 -28.00
N ILE MA 168 73.09 8.34 -26.69
CA ILE MA 168 72.83 7.24 -25.77
C ILE MA 168 71.75 7.71 -24.80
N GLU MA 169 70.76 8.42 -25.33
CA GLU MA 169 69.69 9.01 -24.51
C GLU MA 169 68.81 8.04 -23.70
N GLU MA 170 68.44 6.88 -24.26
CA GLU MA 170 67.20 6.66 -24.99
C GLU MA 170 67.38 7.01 -26.45
N GLY MA 171 68.63 7.32 -26.80
CA GLY MA 171 68.97 7.68 -28.15
C GLY MA 171 68.80 6.53 -29.13
N GLY MA 172 68.36 5.37 -28.64
CA GLY MA 172 68.18 4.24 -29.51
C GLY MA 172 66.93 4.59 -30.26
N ASP MA 173 67.01 5.80 -30.81
CA ASP MA 173 66.00 6.40 -31.68
C ASP MA 173 66.36 6.16 -33.13
N TRP MA 174 65.92 5.02 -33.63
CA TRP MA 174 66.38 4.53 -34.91
C TRP MA 174 65.52 4.99 -36.06
N ASP MA 175 64.86 6.13 -35.91
CA ASP MA 175 64.64 7.04 -37.02
C ASP MA 175 65.43 8.32 -36.83
N ARG MA 176 66.56 8.25 -36.13
CA ARG MA 176 67.52 9.33 -36.05
C ARG MA 176 68.94 8.82 -36.19
N ARG MA 177 69.17 7.55 -35.88
CA ARG MA 177 70.35 6.84 -36.36
C ARG MA 177 70.37 6.81 -37.88
N ASN MA 178 69.22 6.58 -38.50
CA ASN MA 178 69.17 6.52 -39.96
C ASN MA 178 69.34 7.90 -40.59
N ARG MA 179 69.01 8.96 -39.87
CA ARG MA 179 69.42 10.29 -40.33
C ARG MA 179 70.93 10.41 -40.30
N LEU MA 180 71.55 9.94 -39.21
CA LEU MA 180 72.99 9.95 -39.14
C LEU MA 180 73.58 8.92 -40.08
N LYS MA 181 72.86 7.84 -40.35
CA LYS MA 181 73.39 6.84 -41.28
C LYS MA 181 73.37 7.36 -42.71
N VAL MA 182 72.34 8.13 -43.08
CA VAL MA 182 72.32 8.81 -44.37
C VAL MA 182 73.43 9.87 -44.42
N TYR MA 183 73.69 10.56 -43.31
CA TYR MA 183 74.78 11.53 -43.30
C TYR MA 183 76.14 10.86 -43.42
N GLN MA 184 76.31 9.67 -42.83
CA GLN MA 184 77.55 8.94 -42.99
C GLN MA 184 77.71 8.41 -44.40
N GLY MA 185 76.61 7.97 -45.01
CA GLY MA 185 76.69 7.51 -46.39
C GLY MA 185 77.00 8.63 -47.35
N LEU MA 186 76.36 9.79 -47.15
CA LEU MA 186 76.57 10.94 -48.02
C LEU MA 186 77.94 11.56 -47.81
N TYR MA 187 78.53 11.40 -46.63
CA TYR MA 187 79.90 11.88 -46.47
C TYR MA 187 80.93 10.86 -46.94
N CYS MA 188 80.74 9.58 -46.62
CA CYS MA 188 81.73 8.56 -46.92
C CYS MA 188 81.83 8.24 -48.41
N VAL MA 189 80.87 8.71 -49.22
CA VAL MA 189 81.02 8.61 -50.66
C VAL MA 189 82.01 9.67 -51.15
N ALA MA 190 82.27 10.71 -50.36
CA ALA MA 190 83.19 11.77 -50.75
C ALA MA 190 84.61 11.54 -50.27
N ILE MA 191 84.88 10.48 -49.51
CA ILE MA 191 86.20 10.28 -48.94
C ILE MA 191 86.66 8.87 -49.33
N ARG MA 192 86.20 8.42 -50.51
CA ARG MA 192 86.60 7.21 -51.24
C ARG MA 192 86.06 5.93 -50.59
N ASP MA 193 85.49 6.05 -49.39
CA ASP MA 193 85.05 4.88 -48.64
C ASP MA 193 83.71 4.42 -49.23
N PHE MA 194 83.81 3.75 -50.38
CA PHE MA 194 82.66 3.22 -51.09
C PHE MA 194 82.14 1.93 -50.47
N LYS MA 195 82.87 1.35 -49.52
CA LYS MA 195 82.35 0.22 -48.76
C LYS MA 195 81.23 0.66 -47.82
N GLN MA 196 81.55 1.64 -46.96
CA GLN MA 196 80.56 2.16 -46.01
C GLN MA 196 79.41 2.86 -46.72
N ALA MA 197 79.61 3.44 -47.90
CA ALA MA 197 78.47 4.16 -48.46
C ALA MA 197 77.18 3.39 -48.90
N ALA MA 198 77.35 2.32 -49.66
CA ALA MA 198 76.19 1.61 -50.17
C ALA MA 198 75.28 0.93 -49.16
N GLU MA 199 75.90 0.19 -48.25
CA GLU MA 199 75.13 -0.55 -47.25
C GLU MA 199 74.38 0.42 -46.37
N LEU MA 200 75.08 1.49 -45.98
CA LEU MA 200 74.48 2.48 -45.12
C LEU MA 200 73.29 3.08 -45.80
N PHE MA 201 73.49 3.42 -47.08
CA PHE MA 201 72.44 3.93 -47.93
C PHE MA 201 71.44 2.81 -48.13
N LEU MA 202 71.94 1.70 -48.66
CA LEU MA 202 71.14 0.53 -48.97
C LEU MA 202 70.17 0.11 -47.88
N ASP MA 203 70.64 0.03 -46.65
CA ASP MA 203 69.81 -0.38 -45.53
C ASP MA 203 69.29 0.81 -44.77
N THR MA 204 68.77 1.80 -45.48
CA THR MA 204 68.27 3.00 -44.81
C THR MA 204 66.86 3.43 -45.18
N VAL MA 205 66.51 3.36 -46.46
CA VAL MA 205 65.17 3.75 -46.89
C VAL MA 205 65.05 5.25 -47.14
N SER MA 206 65.64 6.04 -46.24
CA SER MA 206 65.72 7.51 -46.29
C SER MA 206 64.44 8.35 -46.09
N THR MA 207 64.48 9.18 -45.07
CA THR MA 207 63.41 10.11 -44.72
C THR MA 207 63.99 11.06 -43.68
N PHE MA 208 64.01 12.34 -44.00
CA PHE MA 208 64.60 13.33 -43.09
C PHE MA 208 63.90 14.68 -43.15
N THR MA 209 62.73 14.80 -42.51
CA THR MA 209 62.02 16.09 -42.54
C THR MA 209 61.60 16.46 -43.98
N SER MA 210 60.80 15.55 -44.54
CA SER MA 210 60.38 15.53 -45.96
C SER MA 210 61.57 15.46 -46.91
N TYR MA 211 62.52 14.57 -46.61
CA TYR MA 211 63.71 14.18 -47.38
C TYR MA 211 64.45 15.33 -48.05
N GLU MA 212 64.58 16.47 -47.36
CA GLU MA 212 65.06 17.69 -47.98
C GLU MA 212 66.58 17.71 -48.21
N LEU MA 213 67.34 16.97 -47.40
CA LEU MA 213 68.76 16.83 -47.72
C LEU MA 213 69.01 15.55 -48.50
N MET MA 214 68.12 14.57 -48.37
CA MET MA 214 68.11 13.37 -49.18
C MET MA 214 67.94 13.70 -50.66
N ASP MA 215 67.18 14.78 -50.92
CA ASP MA 215 66.74 15.38 -52.18
C ASP MA 215 66.48 14.32 -53.25
N TYR MA 216 65.55 13.42 -52.94
CA TYR MA 216 65.28 12.21 -53.69
C TYR MA 216 64.80 12.57 -55.11
N LYS MA 217 64.87 11.57 -56.02
CA LYS MA 217 65.23 11.54 -57.44
C LYS MA 217 66.74 11.52 -57.52
N THR MA 218 67.40 11.34 -56.36
CA THR MA 218 68.85 11.19 -56.30
C THR MA 218 69.30 10.00 -55.48
N PHE MA 219 68.57 9.62 -54.43
CA PHE MA 219 69.15 8.78 -53.39
C PHE MA 219 69.27 7.33 -53.82
N VAL MA 220 68.17 6.74 -54.29
CA VAL MA 220 68.18 5.35 -54.72
C VAL MA 220 69.06 5.18 -55.96
N THR MA 221 69.15 6.24 -56.77
CA THR MA 221 70.11 6.25 -57.86
C THR MA 221 71.54 6.20 -57.33
N TYR MA 222 71.86 7.04 -56.32
CA TYR MA 222 73.19 7.07 -55.73
C TYR MA 222 73.57 5.72 -55.15
N THR MA 223 72.59 5.01 -54.58
CA THR MA 223 72.81 3.64 -54.13
C THR MA 223 73.13 2.73 -55.31
N VAL MA 224 72.31 2.77 -56.37
CA VAL MA 224 72.46 1.76 -57.41
C VAL MA 224 73.54 2.16 -58.41
N TYR MA 225 74.24 3.27 -58.19
CA TYR MA 225 75.53 3.40 -58.84
C TYR MA 225 76.62 3.77 -57.84
N VAL MA 226 76.44 3.41 -56.57
CA VAL MA 226 77.56 3.30 -55.66
C VAL MA 226 77.79 1.84 -55.26
N SER MA 227 76.85 0.97 -55.59
CA SER MA 227 76.86 -0.42 -55.13
C SER MA 227 78.00 -1.21 -55.76
N MET MA 228 78.04 -1.26 -57.08
CA MET MA 228 78.91 -2.23 -57.76
C MET MA 228 80.39 -1.89 -57.69
N ILE MA 229 80.78 -0.79 -57.05
CA ILE MA 229 82.17 -0.62 -56.64
C ILE MA 229 82.54 -1.67 -55.59
N ALA MA 230 81.85 -1.62 -54.44
CA ALA MA 230 82.29 -2.33 -53.26
C ALA MA 230 81.30 -3.36 -52.75
N LEU MA 231 80.01 -3.18 -52.99
CA LEU MA 231 79.04 -4.22 -52.68
C LEU MA 231 79.32 -5.41 -53.59
N GLU MA 232 79.54 -6.57 -52.98
CA GLU MA 232 80.14 -7.68 -53.69
C GLU MA 232 79.13 -8.36 -54.61
N ARG MA 233 79.51 -8.46 -55.89
CA ARG MA 233 78.76 -8.90 -57.05
C ARG MA 233 77.95 -10.19 -56.86
N PRO MA 234 78.41 -11.20 -56.08
CA PRO MA 234 77.45 -12.26 -55.72
C PRO MA 234 76.53 -11.95 -54.56
N ASP MA 235 77.03 -11.25 -53.54
CA ASP MA 235 76.49 -11.40 -52.20
C ASP MA 235 75.19 -10.64 -52.00
N LEU MA 236 75.27 -9.31 -52.03
CA LEU MA 236 74.12 -8.51 -51.71
C LEU MA 236 73.66 -7.78 -52.96
N ARG MA 237 74.28 -8.15 -54.09
CA ARG MA 237 73.81 -7.67 -55.38
C ARG MA 237 72.48 -8.32 -55.72
N GLU MA 238 72.26 -9.53 -55.23
CA GLU MA 238 70.93 -10.13 -55.26
C GLU MA 238 69.99 -9.35 -54.35
N LYS MA 239 70.50 -8.93 -53.18
CA LYS MA 239 69.72 -8.07 -52.29
C LYS MA 239 69.45 -6.71 -52.93
N VAL MA 240 70.33 -6.28 -53.84
CA VAL MA 240 70.00 -5.14 -54.69
C VAL MA 240 68.89 -5.50 -55.67
N ILE MA 241 69.08 -6.56 -56.46
CA ILE MA 241 68.15 -6.89 -57.53
C ILE MA 241 66.83 -7.43 -57.01
N LYS MA 242 66.84 -8.58 -56.31
CA LYS MA 242 65.56 -9.15 -55.90
C LYS MA 242 65.05 -8.53 -54.61
N GLY MA 243 65.74 -7.53 -54.07
CA GLY MA 243 65.25 -6.74 -52.96
C GLY MA 243 64.12 -5.84 -53.39
N ALA MA 244 62.95 -6.11 -52.83
CA ALA MA 244 61.72 -5.43 -53.25
C ALA MA 244 61.53 -4.04 -52.66
N GLU MA 245 62.56 -3.39 -52.14
CA GLU MA 245 62.43 -2.05 -51.59
C GLU MA 245 62.89 -0.98 -52.57
N ILE MA 246 63.80 -1.32 -53.49
CA ILE MA 246 64.36 -0.32 -54.37
C ILE MA 246 63.91 -0.49 -55.81
N LEU MA 247 63.45 -1.71 -56.17
CA LEU MA 247 63.22 -2.01 -57.59
C LEU MA 247 62.02 -1.27 -58.16
N GLU MA 248 61.08 -0.91 -57.28
CA GLU MA 248 59.85 -0.26 -57.71
C GLU MA 248 60.01 1.25 -57.80
N VAL MA 249 61.07 1.79 -57.16
CA VAL MA 249 61.28 3.23 -57.24
C VAL MA 249 62.36 3.57 -58.25
N LEU MA 250 63.11 2.59 -58.71
CA LEU MA 250 63.87 2.75 -59.94
C LEU MA 250 63.07 2.35 -61.17
N HIS MA 251 61.81 1.96 -60.97
CA HIS MA 251 60.92 1.64 -62.07
C HIS MA 251 60.58 2.91 -62.83
N SER MA 252 60.49 4.02 -62.10
CA SER MA 252 60.25 5.33 -62.71
C SER MA 252 61.56 5.94 -63.20
N LEU MA 253 62.68 5.29 -62.91
CA LEU MA 253 64.02 5.76 -63.24
C LEU MA 253 64.66 4.73 -64.15
N PRO MA 254 64.27 4.67 -65.43
CA PRO MA 254 64.68 3.54 -66.27
C PRO MA 254 66.13 3.59 -66.69
N ALA MA 255 66.78 4.76 -66.60
CA ALA MA 255 68.17 4.87 -67.05
C ALA MA 255 69.11 4.15 -66.09
N VAL MA 256 68.94 4.38 -64.80
CA VAL MA 256 69.76 3.67 -63.82
C VAL MA 256 69.28 2.24 -63.66
N ARG MA 257 68.04 1.97 -64.08
CA ARG MA 257 67.56 0.59 -64.13
C ARG MA 257 68.31 -0.20 -65.17
N GLN MA 258 68.33 0.29 -66.42
CA GLN MA 258 69.09 -0.39 -67.47
C GLN MA 258 70.59 -0.23 -67.26
N TYR MA 259 71.01 0.65 -66.34
CA TYR MA 259 72.38 0.58 -65.86
C TYR MA 259 72.54 -0.57 -64.88
N LEU MA 260 71.47 -0.94 -64.17
CA LEU MA 260 71.61 -1.97 -63.15
C LEU MA 260 71.53 -3.36 -63.75
N PHE MA 261 70.48 -3.70 -64.49
CA PHE MA 261 70.39 -5.05 -65.03
C PHE MA 261 71.18 -5.23 -66.33
N SER MA 262 72.14 -4.36 -66.62
CA SER MA 262 73.07 -4.65 -67.68
C SER MA 262 74.43 -5.11 -67.19
N LEU MA 263 74.55 -5.53 -65.92
CA LEU MA 263 75.77 -6.23 -65.51
C LEU MA 263 75.49 -7.71 -65.40
N TYR MA 264 74.49 -8.07 -64.60
CA TYR MA 264 74.21 -9.46 -64.28
C TYR MA 264 73.58 -10.20 -65.45
N GLU MA 265 73.16 -9.48 -66.47
CA GLU MA 265 72.55 -10.05 -67.66
C GLU MA 265 73.49 -10.03 -68.87
N CYS MA 266 74.70 -9.50 -68.70
CA CYS MA 266 75.84 -9.68 -69.62
C CYS MA 266 75.57 -9.09 -71.01
N ARG MA 267 74.72 -8.07 -71.05
CA ARG MA 267 74.31 -7.41 -72.28
C ARG MA 267 75.19 -6.18 -72.52
N TYR MA 268 76.51 -6.41 -72.50
CA TYR MA 268 77.47 -5.33 -72.24
C TYR MA 268 77.59 -4.35 -73.39
N SER MA 269 76.97 -4.62 -74.53
CA SER MA 269 76.94 -3.63 -75.59
C SER MA 269 76.07 -2.43 -75.23
N VAL MA 270 75.23 -2.55 -74.21
CA VAL MA 270 74.44 -1.44 -73.69
C VAL MA 270 74.96 -0.99 -72.33
N PHE MA 271 75.83 -1.79 -71.71
CA PHE MA 271 76.32 -1.44 -70.38
C PHE MA 271 77.37 -0.33 -70.44
N PHE MA 272 78.28 -0.39 -71.41
CA PHE MA 272 79.21 0.72 -71.60
C PHE MA 272 78.47 1.96 -72.07
N GLN MA 273 77.40 1.78 -72.84
CA GLN MA 273 76.46 2.86 -73.13
C GLN MA 273 75.85 3.40 -71.84
N SER MA 274 75.46 2.49 -70.94
CA SER MA 274 74.84 2.91 -69.68
C SER MA 274 75.83 3.60 -68.76
N LEU MA 275 77.10 3.25 -68.86
CA LEU MA 275 78.12 3.86 -68.01
C LEU MA 275 78.58 5.19 -68.58
N ALA MA 276 78.43 5.36 -69.89
CA ALA MA 276 78.72 6.67 -70.49
C ALA MA 276 77.66 7.69 -70.12
N VAL MA 277 76.48 7.24 -69.69
CA VAL MA 277 75.44 8.13 -69.18
C VAL MA 277 75.87 8.65 -67.81
N VAL MA 278 76.46 7.77 -66.99
CA VAL MA 278 76.85 8.09 -65.62
C VAL MA 278 78.02 9.07 -65.64
N GLU MA 279 78.83 8.98 -66.69
CA GLU MA 279 79.95 9.90 -66.90
C GLU MA 279 79.47 11.21 -67.53
N GLN MA 280 78.15 11.35 -67.71
CA GLN MA 280 77.58 12.63 -68.04
C GLN MA 280 76.75 13.17 -66.89
N GLU MA 281 76.28 12.30 -66.00
CA GLU MA 281 75.69 12.79 -64.76
C GLU MA 281 76.65 12.63 -63.60
N MET MA 282 77.95 12.56 -63.88
CA MET MA 282 78.99 12.75 -62.89
C MET MA 282 79.19 14.23 -62.64
N LYS MA 283 78.72 15.03 -63.61
CA LYS MA 283 78.92 16.48 -63.61
C LYS MA 283 78.23 17.13 -62.42
N LYS MA 284 77.14 16.54 -61.96
CA LYS MA 284 76.23 17.18 -61.03
C LYS MA 284 76.84 17.24 -59.64
N ASP MA 285 77.11 16.08 -59.04
CA ASP MA 285 77.44 15.97 -57.63
C ASP MA 285 78.79 16.61 -57.32
N TRP MA 286 78.85 17.32 -56.19
CA TRP MA 286 80.05 18.09 -55.88
C TRP MA 286 81.17 17.20 -55.38
N LEU MA 287 80.83 16.01 -54.88
CA LEU MA 287 81.84 14.97 -54.65
C LEU MA 287 82.22 14.41 -56.02
N PHE MA 288 83.31 14.95 -56.56
CA PHE MA 288 83.38 14.96 -58.01
C PHE MA 288 84.54 14.21 -58.66
N ALA MA 289 85.75 14.75 -58.58
CA ALA MA 289 86.61 14.51 -59.74
C ALA MA 289 87.34 13.16 -59.74
N PRO MA 290 88.05 12.77 -58.64
CA PRO MA 290 88.66 11.45 -58.68
C PRO MA 290 87.63 10.39 -58.30
N HIS MA 291 86.46 10.86 -57.90
CA HIS MA 291 85.33 9.96 -57.69
C HIS MA 291 84.74 9.49 -59.01
N TYR MA 292 84.70 10.35 -60.03
CA TYR MA 292 84.16 9.86 -61.29
C TYR MA 292 85.24 9.24 -62.14
N ARG MA 293 86.47 9.73 -62.03
CA ARG MA 293 87.54 9.07 -62.79
C ARG MA 293 87.86 7.71 -62.19
N TYR MA 294 87.94 7.63 -60.86
CA TYR MA 294 88.10 6.35 -60.19
C TYR MA 294 86.86 5.49 -60.36
N TYR MA 295 85.69 6.13 -60.43
CA TYR MA 295 84.43 5.39 -60.54
C TYR MA 295 84.31 4.69 -61.89
N VAL MA 296 84.62 5.41 -62.97
CA VAL MA 296 84.62 4.81 -64.30
C VAL MA 296 85.74 3.78 -64.40
N ARG MA 297 86.84 4.03 -63.69
CA ARG MA 297 87.92 3.06 -63.65
C ARG MA 297 87.48 1.74 -63.02
N GLU MA 298 86.69 1.78 -61.95
CA GLU MA 298 86.38 0.55 -61.26
C GLU MA 298 85.11 -0.11 -61.80
N MET MA 299 84.21 0.68 -62.38
CA MET MA 299 83.14 0.09 -63.18
C MET MA 299 83.72 -0.64 -64.38
N ARG MA 300 84.69 -0.02 -65.03
CA ARG MA 300 85.39 -0.59 -66.16
C ARG MA 300 86.13 -1.88 -65.79
N ILE MA 301 86.99 -1.83 -64.78
CA ILE MA 301 87.77 -2.98 -64.34
C ILE MA 301 86.90 -4.08 -63.76
N HIS MA 302 85.88 -3.74 -62.95
CA HIS MA 302 84.95 -4.75 -62.48
C HIS MA 302 84.13 -5.35 -63.62
N ALA MA 303 83.90 -4.59 -64.69
CA ALA MA 303 83.19 -5.14 -65.83
C ALA MA 303 84.03 -6.15 -66.59
N TYR MA 304 85.32 -5.86 -66.80
CA TYR MA 304 86.16 -6.83 -67.51
C TYR MA 304 86.47 -8.03 -66.66
N SER MA 305 86.71 -7.83 -65.35
CA SER MA 305 87.05 -8.94 -64.48
C SER MA 305 85.87 -9.87 -64.27
N GLN MA 306 84.65 -9.34 -64.38
CA GLN MA 306 83.45 -10.18 -64.31
C GLN MA 306 83.36 -11.11 -65.51
N LEU MA 307 83.83 -10.67 -66.67
CA LEU MA 307 83.66 -11.44 -67.89
C LEU MA 307 84.64 -12.60 -67.98
N LEU MA 308 85.93 -12.34 -67.82
CA LEU MA 308 86.98 -13.31 -68.12
C LEU MA 308 87.27 -14.26 -66.95
N GLU MA 309 86.65 -14.03 -65.79
CA GLU MA 309 86.88 -14.91 -64.64
C GLU MA 309 86.26 -16.27 -64.81
N SER MA 310 85.16 -16.38 -65.56
CA SER MA 310 84.49 -17.65 -65.75
C SER MA 310 85.20 -18.54 -66.75
N TYR MA 311 86.14 -18.01 -67.51
CA TYR MA 311 86.79 -18.75 -68.58
C TYR MA 311 88.27 -18.94 -68.27
N ARG MA 312 88.78 -20.13 -68.61
CA ARG MA 312 90.20 -20.39 -68.56
C ARG MA 312 90.91 -19.87 -69.80
N SER MA 313 90.17 -19.47 -70.84
CA SER MA 313 90.76 -18.91 -72.05
C SER MA 313 89.73 -18.01 -72.70
N LEU MA 314 90.10 -16.77 -72.99
CA LEU MA 314 89.19 -15.80 -73.56
C LEU MA 314 89.67 -15.43 -74.96
N THR MA 315 88.82 -15.66 -75.94
CA THR MA 315 89.17 -15.42 -77.33
C THR MA 315 89.03 -13.93 -77.67
N LEU MA 316 89.62 -13.55 -78.80
CA LEU MA 316 89.55 -12.15 -79.22
C LEU MA 316 88.18 -11.78 -79.77
N GLY MA 317 87.48 -12.74 -80.39
CA GLY MA 317 86.20 -12.42 -80.99
C GLY MA 317 85.10 -12.30 -79.96
N TYR MA 318 85.16 -13.13 -78.92
CA TYR MA 318 84.16 -13.02 -77.86
C TYR MA 318 84.41 -11.83 -76.95
N MET MA 319 85.67 -11.44 -76.72
CA MET MA 319 85.92 -10.23 -75.96
C MET MA 319 85.60 -9.01 -76.80
N ALA MA 320 85.75 -9.12 -78.12
CA ALA MA 320 85.28 -8.08 -79.02
C ALA MA 320 83.76 -8.04 -79.06
N GLU MA 321 83.10 -9.16 -78.75
CA GLU MA 321 81.66 -9.23 -78.72
C GLU MA 321 81.07 -8.50 -77.52
N ALA MA 322 81.89 -8.18 -76.50
CA ALA MA 322 81.42 -7.49 -75.31
C ALA MA 322 80.82 -6.13 -75.62
N PHE MA 323 81.47 -5.33 -76.47
CA PHE MA 323 80.73 -4.25 -77.11
C PHE MA 323 80.70 -4.43 -78.63
N GLY MA 324 81.88 -4.53 -79.22
CA GLY MA 324 82.04 -4.27 -80.64
C GLY MA 324 83.19 -3.32 -80.85
N VAL MA 325 83.99 -3.13 -79.80
CA VAL MA 325 85.11 -2.20 -79.86
C VAL MA 325 86.27 -2.72 -80.71
N GLY MA 326 86.33 -4.01 -80.97
CA GLY MA 326 87.37 -4.56 -81.81
C GLY MA 326 88.54 -5.10 -81.02
N VAL MA 327 89.69 -4.45 -81.21
CA VAL MA 327 90.94 -4.94 -80.67
C VAL MA 327 91.62 -3.95 -79.73
N GLU MA 328 91.99 -2.76 -80.21
CA GLU MA 328 93.00 -1.93 -79.56
C GLU MA 328 92.47 -1.29 -78.27
N PHE MA 329 91.15 -1.12 -78.18
CA PHE MA 329 90.51 -0.67 -76.95
C PHE MA 329 90.77 -1.66 -75.83
N ILE MA 330 90.51 -2.94 -76.09
CA ILE MA 330 90.76 -4.02 -75.14
C ILE MA 330 92.25 -4.21 -74.92
N ASP MA 331 93.04 -3.99 -75.98
CA ASP MA 331 94.47 -4.26 -75.92
C ASP MA 331 95.21 -3.26 -75.05
N GLN MA 332 95.13 -1.98 -75.41
CA GLN MA 332 95.76 -0.92 -74.63
C GLN MA 332 95.15 -0.80 -73.25
N GLU MA 333 93.83 -0.96 -73.17
CA GLU MA 333 93.11 -0.77 -71.91
C GLU MA 333 93.41 -1.88 -70.92
N LEU MA 334 93.30 -3.14 -71.38
CA LEU MA 334 93.57 -4.27 -70.52
C LEU MA 334 95.06 -4.37 -70.19
N SER MA 335 95.92 -3.91 -71.10
CA SER MA 335 97.34 -3.85 -70.80
C SER MA 335 97.62 -2.78 -69.75
N ARG MA 336 96.79 -1.74 -69.70
CA ARG MA 336 96.91 -0.76 -68.62
C ARG MA 336 96.42 -1.36 -67.31
N PHE MA 337 95.44 -2.25 -67.38
CA PHE MA 337 94.89 -2.84 -66.16
C PHE MA 337 95.85 -3.87 -65.56
N ILE MA 338 96.55 -4.61 -66.42
CA ILE MA 338 97.50 -5.60 -65.93
C ILE MA 338 98.83 -4.92 -65.64
N ALA MA 339 99.04 -3.74 -66.23
CA ALA MA 339 100.09 -2.85 -65.77
C ALA MA 339 99.82 -2.42 -64.35
N ALA MA 340 98.55 -2.19 -64.02
CA ALA MA 340 98.17 -2.05 -62.62
C ALA MA 340 98.12 -3.38 -61.90
N GLY MA 341 97.93 -4.49 -62.63
CA GLY MA 341 97.93 -5.80 -62.02
C GLY MA 341 96.73 -6.10 -61.16
N ARG MA 342 95.58 -5.51 -61.46
CA ARG MA 342 94.40 -5.69 -60.64
C ARG MA 342 93.43 -6.74 -61.16
N LEU MA 343 93.61 -7.20 -62.40
CA LEU MA 343 92.97 -8.42 -62.85
C LEU MA 343 94.03 -9.51 -62.92
N HIS MA 344 93.60 -10.73 -63.23
CA HIS MA 344 94.54 -11.71 -63.77
C HIS MA 344 94.09 -12.03 -65.18
N CYS MA 345 94.58 -11.27 -66.13
CA CYS MA 345 94.55 -11.66 -67.52
C CYS MA 345 95.85 -11.16 -68.12
N LYS MA 346 96.07 -11.44 -69.39
CA LYS MA 346 97.26 -10.93 -70.07
C LYS MA 346 97.01 -10.99 -71.57
N ILE MA 347 97.52 -10.01 -72.31
CA ILE MA 347 97.15 -9.89 -73.71
C ILE MA 347 97.99 -10.85 -74.54
N ASP MA 348 97.57 -12.10 -74.57
CA ASP MA 348 98.35 -13.16 -75.22
C ASP MA 348 98.06 -13.09 -76.70
N LYS MA 349 98.77 -12.20 -77.39
CA LYS MA 349 98.60 -11.97 -78.82
C LYS MA 349 99.31 -13.02 -79.66
N VAL MA 350 99.94 -14.01 -79.03
CA VAL MA 350 100.57 -15.12 -79.75
C VAL MA 350 99.51 -15.88 -80.54
N ASN MA 351 98.33 -16.05 -79.94
CA ASN MA 351 97.18 -16.64 -80.63
C ASN MA 351 96.01 -15.67 -80.71
N GLU MA 352 96.12 -14.52 -80.04
CA GLU MA 352 95.02 -13.59 -79.74
C GLU MA 352 93.91 -14.30 -78.94
N ILE MA 353 94.34 -15.06 -77.93
CA ILE MA 353 93.41 -15.61 -76.94
C ILE MA 353 93.96 -15.37 -75.54
N VAL MA 354 93.17 -14.68 -74.73
CA VAL MA 354 93.56 -14.21 -73.41
C VAL MA 354 93.43 -15.36 -72.43
N GLU MA 355 94.48 -15.59 -71.64
CA GLU MA 355 94.47 -16.66 -70.65
C GLU MA 355 94.14 -16.10 -69.27
N THR MA 356 93.48 -16.91 -68.45
CA THR MA 356 93.12 -16.54 -67.08
C THR MA 356 93.09 -17.79 -66.20
N ASN MA 357 94.09 -17.93 -65.33
CA ASN MA 357 93.92 -18.75 -64.13
C ASN MA 357 93.63 -17.81 -62.96
N ARG MA 358 93.72 -18.32 -61.74
CA ARG MA 358 93.60 -17.37 -60.65
C ARG MA 358 94.55 -17.71 -59.51
N PRO MA 359 95.66 -17.00 -59.40
CA PRO MA 359 96.36 -16.95 -58.12
C PRO MA 359 95.49 -16.21 -57.11
N ASP MA 360 95.27 -16.81 -55.95
CA ASP MA 360 94.25 -16.31 -55.03
C ASP MA 360 94.70 -15.09 -54.25
N SER MA 361 93.91 -14.72 -53.24
CA SER MA 361 94.17 -13.53 -52.44
C SER MA 361 95.02 -13.85 -51.22
N LYS MA 362 95.89 -14.85 -51.34
CA LYS MA 362 96.85 -15.12 -50.29
C LYS MA 362 98.00 -14.12 -50.41
N ASN MA 363 98.28 -13.77 -51.66
CA ASN MA 363 99.31 -12.82 -52.02
C ASN MA 363 98.74 -11.40 -51.95
N TRP MA 364 97.44 -11.28 -52.10
CA TRP MA 364 96.81 -9.98 -52.02
C TRP MA 364 97.30 -9.27 -50.77
N GLN MA 365 97.17 -9.95 -49.63
CA GLN MA 365 97.59 -9.42 -48.33
C GLN MA 365 99.03 -8.93 -48.31
N TYR MA 366 99.94 -9.80 -48.72
CA TYR MA 366 101.38 -9.51 -48.72
C TYR MA 366 101.65 -8.19 -49.43
N GLN MA 367 101.19 -8.09 -50.68
CA GLN MA 367 101.37 -6.89 -51.47
C GLN MA 367 100.68 -5.68 -50.86
N GLU MA 368 99.51 -5.90 -50.27
CA GLU MA 368 98.73 -4.87 -49.62
C GLU MA 368 99.47 -4.22 -48.44
N THR MA 369 100.00 -5.12 -47.62
CA THR MA 369 100.63 -4.81 -46.34
C THR MA 369 102.06 -4.35 -46.38
N ILE MA 370 102.68 -4.38 -47.55
CA ILE MA 370 104.03 -3.89 -47.65
C ILE MA 370 103.80 -2.39 -47.52
N LYS MA 371 103.05 -1.85 -48.48
CA LYS MA 371 102.71 -0.44 -48.50
C LYS MA 371 102.05 -0.05 -47.18
N LYS MA 372 101.04 -0.79 -46.77
CA LYS MA 372 100.33 -0.51 -45.53
C LYS MA 372 101.27 -0.40 -44.34
N GLY MA 373 102.08 -1.44 -44.16
CA GLY MA 373 103.02 -1.48 -43.06
C GLY MA 373 103.92 -0.27 -43.09
N ASP MA 374 104.50 -0.01 -44.26
CA ASP MA 374 105.39 1.11 -44.46
C ASP MA 374 104.72 2.40 -44.00
N LEU MA 375 103.53 2.68 -44.53
CA LEU MA 375 102.79 3.88 -44.17
C LEU MA 375 102.61 3.99 -42.67
N LEU MA 376 102.14 2.91 -42.05
CA LEU MA 376 101.93 2.94 -40.60
C LEU MA 376 103.21 3.30 -39.84
N LEU MA 377 104.31 2.62 -40.17
CA LEU MA 377 105.58 2.89 -39.48
C LEU MA 377 106.09 4.30 -39.75
N ASN MA 378 105.87 4.76 -40.97
CA ASN MA 378 106.24 6.09 -41.43
C ASN MA 378 105.55 7.14 -40.59
N ARG MA 379 104.26 6.93 -40.30
CA ARG MA 379 103.52 7.87 -39.47
C ARG MA 379 104.25 7.94 -38.14
N VAL MA 380 104.52 6.78 -37.57
CA VAL MA 380 105.30 6.73 -36.34
C VAL MA 380 106.69 7.30 -36.57
N GLN MA 381 107.27 7.01 -37.74
CA GLN MA 381 108.55 7.62 -38.12
C GLN MA 381 108.41 9.13 -38.26
N LYS MA 382 107.22 9.61 -38.64
CA LYS MA 382 106.95 11.04 -38.62
C LYS MA 382 106.88 11.56 -37.19
N LEU MA 383 106.44 10.72 -36.25
CA LEU MA 383 106.37 11.23 -34.88
C LEU MA 383 107.61 10.91 -34.05
N SER MA 384 108.07 9.65 -33.99
CA SER MA 384 108.86 9.11 -32.88
C SER MA 384 110.27 9.67 -32.75
N ARG MA 385 110.60 10.72 -33.50
CA ARG MA 385 111.80 11.52 -33.30
C ARG MA 385 111.56 12.50 -32.14
N VAL MA 386 112.43 13.52 -32.07
CA VAL MA 386 112.37 14.54 -31.03
C VAL MA 386 111.05 15.30 -31.03
N ILE MA 387 110.48 15.56 -32.21
CA ILE MA 387 109.21 16.29 -32.31
C ILE MA 387 108.08 15.38 -31.85
N ASN MA 388 107.60 15.62 -30.64
CA ASN MA 388 106.58 14.77 -30.02
C ASN MA 388 105.51 15.59 -29.32
N VAL NA 6 101.15 -48.38 -17.80
CA VAL NA 6 102.00 -48.06 -16.67
C VAL NA 6 102.68 -46.70 -16.93
N GLN NA 7 102.89 -45.91 -15.88
CA GLN NA 7 103.37 -44.55 -16.03
C GLN NA 7 104.81 -44.49 -15.53
N LYS NA 8 105.38 -43.28 -15.53
CA LYS NA 8 106.77 -43.08 -15.19
C LYS NA 8 106.94 -42.80 -13.70
N VAL NA 9 108.11 -42.30 -13.33
CA VAL NA 9 108.42 -41.91 -11.97
C VAL NA 9 108.40 -40.38 -11.90
N VAL NA 10 108.01 -39.84 -10.76
CA VAL NA 10 108.12 -38.41 -10.48
C VAL NA 10 109.24 -38.29 -9.48
N VAL NA 11 109.66 -37.07 -9.12
CA VAL NA 11 110.70 -36.98 -8.11
C VAL NA 11 110.26 -36.08 -6.96
N HIS NA 12 110.82 -36.37 -5.80
CA HIS NA 12 110.89 -35.59 -4.59
C HIS NA 12 112.34 -35.54 -4.15
N PRO NA 13 112.98 -34.37 -4.14
CA PRO NA 13 114.35 -34.25 -3.64
C PRO NA 13 114.54 -34.49 -2.15
N LEU NA 14 113.48 -34.82 -1.41
CA LEU NA 14 113.62 -35.42 -0.09
C LEU NA 14 114.52 -36.64 -0.14
N VAL NA 15 114.23 -37.57 -1.05
CA VAL NA 15 115.04 -38.77 -1.14
C VAL NA 15 116.40 -38.45 -1.75
N LEU NA 16 116.49 -37.37 -2.52
CA LEU NA 16 117.77 -37.00 -3.12
C LEU NA 16 118.72 -36.47 -2.07
N LEU NA 17 118.22 -35.61 -1.18
CA LEU NA 17 119.06 -35.13 -0.08
C LEU NA 17 119.35 -36.25 0.89
N SER NA 18 118.42 -37.21 1.02
CA SER NA 18 118.66 -38.31 1.95
C SER NA 18 119.74 -39.26 1.45
N VAL NA 19 119.71 -39.59 0.14
CA VAL NA 19 120.77 -40.46 -0.39
C VAL NA 19 122.09 -39.70 -0.48
N VAL NA 20 122.04 -38.39 -0.76
CA VAL NA 20 123.27 -37.62 -0.87
C VAL NA 20 123.94 -37.50 0.48
N ASP NA 21 123.16 -37.24 1.53
CA ASP NA 21 123.70 -37.24 2.89
C ASP NA 21 124.14 -38.64 3.31
N HIS NA 22 123.52 -39.68 2.73
CA HIS NA 22 123.90 -41.04 3.07
C HIS NA 22 125.25 -41.41 2.47
N PHE NA 23 125.56 -40.88 1.29
CA PHE NA 23 126.91 -41.07 0.75
C PHE NA 23 127.86 -40.00 1.26
N ASN NA 24 127.35 -39.00 1.98
CA ASN NA 24 128.23 -38.21 2.83
C ASN NA 24 128.54 -38.97 4.11
N ARG NA 25 127.68 -39.92 4.48
CA ARG NA 25 127.97 -40.78 5.61
C ARG NA 25 129.03 -41.81 5.28
N ILE NA 26 128.79 -42.63 4.27
CA ILE NA 26 129.64 -43.81 4.09
C ILE NA 26 130.97 -43.47 3.43
N GLY NA 27 131.16 -42.23 2.99
CA GLY NA 27 132.45 -41.80 2.45
C GLY NA 27 133.57 -41.65 3.46
N LYS NA 28 133.89 -42.73 4.16
CA LYS NA 28 135.09 -42.83 4.98
C LYS NA 28 136.23 -43.37 4.10
N VAL NA 29 137.31 -43.86 4.71
CA VAL NA 29 138.44 -44.41 3.98
C VAL NA 29 138.03 -45.62 3.14
N GLY NA 30 138.25 -45.53 1.83
CA GLY NA 30 137.77 -46.53 0.91
C GLY NA 30 136.26 -46.49 0.76
N ASN NA 31 135.71 -47.65 0.44
CA ASN NA 31 134.27 -47.95 0.43
C ASN NA 31 133.51 -47.06 -0.57
N GLN NA 32 133.92 -47.16 -1.82
CA GLN NA 32 133.10 -46.64 -2.91
C GLN NA 32 132.05 -47.68 -3.24
N LYS NA 33 130.90 -47.59 -2.59
CA LYS NA 33 129.98 -48.71 -2.50
C LYS NA 33 128.61 -48.38 -3.09
N ARG NA 34 128.05 -49.36 -3.80
CA ARG NA 34 126.68 -49.30 -4.28
C ARG NA 34 125.76 -49.57 -3.10
N VAL NA 35 125.55 -48.54 -2.27
CA VAL NA 35 124.85 -48.68 -1.01
C VAL NA 35 123.35 -48.71 -1.29
N VAL NA 36 122.75 -49.88 -1.15
CA VAL NA 36 121.36 -50.10 -1.50
C VAL NA 36 120.50 -49.89 -0.29
N GLY NA 37 119.55 -48.96 -0.39
CA GLY NA 37 118.55 -48.74 0.62
C GLY NA 37 117.18 -48.62 -0.02
N VAL NA 38 116.16 -49.04 0.71
CA VAL NA 38 114.81 -49.14 0.15
C VAL NA 38 114.09 -47.81 0.37
N LEU NA 39 113.00 -47.62 -0.36
CA LEU NA 39 112.18 -46.42 -0.31
C LEU NA 39 110.81 -46.79 0.22
N LEU NA 40 110.16 -45.88 0.93
CA LEU NA 40 108.75 -46.08 1.27
C LEU NA 40 107.96 -44.80 0.96
N GLY NA 41 106.72 -45.04 0.50
CA GLY NA 41 105.88 -44.00 -0.03
C GLY NA 41 104.72 -44.60 -0.81
N SER NA 42 103.85 -43.73 -1.29
CA SER NA 42 102.72 -44.19 -2.08
C SER NA 42 103.21 -44.67 -3.44
N TRP NA 43 102.85 -45.89 -3.81
CA TRP NA 43 103.08 -46.38 -5.16
C TRP NA 43 101.73 -46.59 -5.83
N GLN NA 44 101.57 -45.93 -6.97
CA GLN NA 44 100.45 -46.08 -7.89
C GLN NA 44 100.96 -45.58 -9.24
N LYS NA 45 100.05 -45.21 -10.13
CA LYS NA 45 100.40 -44.39 -11.28
C LYS NA 45 101.13 -43.12 -10.81
N LYS NA 46 101.89 -42.53 -11.73
CA LYS NA 46 103.22 -41.94 -11.54
C LYS NA 46 103.54 -41.35 -10.15
N VAL NA 47 104.55 -41.91 -9.49
CA VAL NA 47 104.92 -41.64 -8.09
C VAL NA 47 106.43 -41.54 -7.93
N LEU NA 48 106.91 -41.50 -6.66
CA LEU NA 48 108.34 -41.49 -6.37
C LEU NA 48 108.76 -42.49 -5.30
N ASP NA 49 107.81 -43.05 -4.53
CA ASP NA 49 108.06 -43.82 -3.30
C ASP NA 49 108.78 -42.91 -2.28
N VAL NA 50 108.00 -41.95 -1.77
CA VAL NA 50 108.43 -40.61 -1.34
C VAL NA 50 109.49 -40.49 -0.25
N SER NA 51 109.82 -41.56 0.45
CA SER NA 51 110.76 -41.42 1.57
C SER NA 51 111.72 -42.60 1.66
N ASN NA 52 112.95 -42.33 2.11
CA ASN NA 52 113.96 -43.38 2.14
C ASN NA 52 113.98 -44.12 3.47
N SER NA 53 115.01 -44.92 3.65
CA SER NA 53 115.09 -45.86 4.77
C SER NA 53 116.53 -46.24 5.05
N PHE NA 54 116.69 -47.39 5.71
CA PHE NA 54 117.99 -47.95 6.08
C PHE NA 54 118.82 -48.34 4.86
N ALA NA 55 119.98 -48.96 5.13
CA ALA NA 55 120.69 -49.62 4.05
C ALA NA 55 121.15 -51.04 4.35
N VAL NA 56 121.51 -51.33 5.60
CA VAL NA 56 122.36 -52.47 5.98
C VAL NA 56 123.61 -52.39 5.09
N PRO NA 57 124.59 -51.54 5.46
CA PRO NA 57 125.60 -51.01 4.52
C PRO NA 57 126.41 -52.00 3.69
N PHE NA 58 126.82 -51.54 2.52
CA PHE NA 58 127.22 -52.37 1.40
C PHE NA 58 128.72 -52.65 1.45
N ASP NA 59 129.07 -53.93 1.35
CA ASP NA 59 130.44 -54.45 1.32
C ASP NA 59 130.39 -55.89 0.83
N GLU NA 60 131.16 -56.22 -0.20
CA GLU NA 60 131.01 -57.56 -0.75
C GLU NA 60 132.26 -58.41 -0.57
N ASP NA 61 133.34 -58.05 -1.27
CA ASP NA 61 134.69 -58.21 -0.73
C ASP NA 61 135.32 -56.84 -0.78
N ASP NA 62 135.49 -56.35 -2.00
CA ASP NA 62 135.42 -54.94 -2.31
C ASP NA 62 134.68 -54.82 -3.64
N LYS NA 63 134.78 -55.87 -4.46
CA LYS NA 63 134.25 -55.89 -5.83
C LYS NA 63 133.56 -57.22 -6.13
N ASP NA 64 133.72 -58.21 -5.26
CA ASP NA 64 133.21 -59.56 -5.50
C ASP NA 64 131.75 -59.61 -5.05
N ASP NA 65 130.87 -59.13 -5.93
CA ASP NA 65 129.51 -58.72 -5.55
C ASP NA 65 128.53 -59.88 -5.71
N SER NA 66 128.56 -60.78 -4.73
CA SER NA 66 127.77 -62.02 -4.82
C SER NA 66 127.21 -62.44 -3.46
N VAL NA 67 126.89 -61.47 -2.59
CA VAL NA 67 126.53 -61.77 -1.21
C VAL NA 67 125.71 -60.59 -0.67
N TRP NA 68 124.80 -60.86 0.25
CA TRP NA 68 123.65 -59.97 0.46
C TRP NA 68 123.60 -59.28 1.81
N PHE NA 69 122.52 -58.54 2.01
CA PHE NA 69 122.25 -57.74 3.20
C PHE NA 69 120.74 -57.79 3.47
N LEU NA 70 120.37 -57.59 4.73
CA LEU NA 70 119.11 -58.03 5.30
C LEU NA 70 119.11 -57.37 6.69
N ASP NA 71 117.96 -57.12 7.35
CA ASP NA 71 116.84 -58.05 7.51
C ASP NA 71 115.53 -57.64 6.86
N HIS NA 72 114.77 -58.67 6.46
CA HIS NA 72 113.37 -58.52 6.10
C HIS NA 72 112.53 -58.06 7.29
N ASP NA 73 112.94 -58.43 8.50
CA ASP NA 73 112.29 -57.91 9.70
C ASP NA 73 112.71 -56.46 9.94
N TYR NA 74 113.81 -56.05 9.30
CA TYR NA 74 114.31 -54.69 9.46
C TYR NA 74 113.69 -53.76 8.41
N LEU NA 75 113.41 -54.31 7.22
CA LEU NA 75 112.44 -53.75 6.28
C LEU NA 75 111.14 -53.37 6.98
N GLU NA 76 110.62 -54.24 7.83
CA GLU NA 76 109.40 -53.89 8.53
C GLU NA 76 109.71 -53.29 9.90
N ASN NA 77 110.98 -53.12 10.23
CA ASN NA 77 111.29 -52.20 11.32
C ASN NA 77 111.04 -50.77 10.89
N MET NA 78 111.77 -50.28 9.89
CA MET NA 78 111.54 -48.90 9.49
C MET NA 78 110.24 -48.77 8.69
N TYR NA 79 109.98 -49.71 7.79
CA TYR NA 79 108.72 -49.69 7.06
C TYR NA 79 107.56 -50.04 7.96
N GLY NA 80 107.82 -50.81 9.01
CA GLY NA 80 106.74 -51.20 9.91
C GLY NA 80 106.40 -50.12 10.92
N MET NA 81 107.40 -49.37 11.38
CA MET NA 81 107.15 -48.42 12.46
C MET NA 81 107.07 -47.00 11.94
N PHE NA 82 107.24 -46.80 10.63
CA PHE NA 82 106.81 -45.53 10.06
C PHE NA 82 105.31 -45.55 9.81
N LYS NA 83 104.70 -46.74 9.77
CA LYS NA 83 103.25 -46.86 9.75
C LYS NA 83 102.63 -46.31 11.02
N LYS NA 84 103.36 -46.39 12.13
CA LYS NA 84 102.94 -45.71 13.35
C LYS NA 84 102.98 -44.20 13.18
N VAL NA 85 103.89 -43.72 12.33
CA VAL NA 85 103.98 -42.29 12.04
C VAL NA 85 103.02 -41.89 10.93
N ASN NA 86 103.06 -42.60 9.79
CA ASN NA 86 102.26 -42.19 8.63
C ASN NA 86 101.87 -43.49 7.91
N ALA NA 87 100.59 -43.58 7.52
CA ALA NA 87 100.10 -44.80 6.85
C ALA NA 87 99.56 -44.44 5.46
N ARG NA 88 100.48 -44.34 4.51
CA ARG NA 88 100.12 -43.98 3.14
C ARG NA 88 101.04 -44.74 2.17
N GLU NA 89 101.90 -45.59 2.72
CA GLU NA 89 103.15 -45.95 2.06
C GLU NA 89 103.16 -47.41 1.64
N ARG NA 90 104.04 -47.74 0.68
CA ARG NA 90 104.38 -49.11 0.34
C ARG NA 90 105.72 -49.14 -0.39
N ILE NA 91 106.51 -50.19 -0.14
CA ILE NA 91 107.84 -50.21 -0.72
C ILE NA 91 107.79 -50.61 -2.19
N VAL NA 92 108.43 -49.79 -3.04
CA VAL NA 92 108.87 -50.20 -4.36
C VAL NA 92 110.35 -49.83 -4.53
N GLY NA 93 110.70 -48.59 -4.22
CA GLY NA 93 111.96 -47.99 -4.59
C GLY NA 93 113.15 -48.54 -3.84
N TRP NA 94 114.28 -48.60 -4.54
CA TRP NA 94 115.59 -48.83 -3.93
C TRP NA 94 116.65 -48.22 -4.82
N TYR NA 95 117.73 -47.77 -4.20
CA TYR NA 95 118.78 -47.04 -4.90
C TYR NA 95 120.10 -47.76 -4.73
N HIS NA 96 121.18 -47.12 -5.23
CA HIS NA 96 122.58 -47.41 -4.90
C HIS NA 96 123.40 -46.21 -5.35
N THR NA 97 124.72 -46.35 -5.42
CA THR NA 97 125.54 -45.22 -5.83
C THR NA 97 125.44 -45.01 -7.34
N GLY NA 98 126.09 -43.95 -7.81
CA GLY NA 98 126.24 -43.75 -9.23
C GLY NA 98 127.61 -44.21 -9.70
N PRO NA 99 127.72 -44.55 -10.99
CA PRO NA 99 126.61 -44.70 -11.93
C PRO NA 99 126.42 -46.13 -12.41
N LYS NA 100 127.31 -47.02 -11.99
CA LYS NA 100 127.41 -48.37 -12.54
C LYS NA 100 126.46 -49.33 -11.85
N LEU NA 101 125.83 -50.18 -12.66
CA LEU NA 101 124.98 -51.24 -12.15
C LEU NA 101 125.37 -52.53 -12.86
N HIS NA 102 125.10 -53.66 -12.20
CA HIS NA 102 125.20 -54.97 -12.82
C HIS NA 102 124.24 -55.94 -12.13
N LYS NA 103 124.55 -57.24 -12.28
CA LYS NA 103 123.61 -58.32 -11.95
C LYS NA 103 123.35 -58.40 -10.45
N ASN NA 104 124.20 -57.79 -9.62
CA ASN NA 104 123.89 -57.57 -8.22
C ASN NA 104 122.58 -56.80 -8.07
N ASP NA 105 122.44 -55.70 -8.80
CA ASP NA 105 121.30 -54.82 -8.67
C ASP NA 105 120.04 -55.45 -9.23
N ILE NA 106 120.16 -56.23 -10.30
CA ILE NA 106 118.99 -56.89 -10.85
C ILE NA 106 118.66 -58.10 -9.99
N ALA NA 107 119.64 -58.57 -9.23
CA ALA NA 107 119.47 -59.67 -8.29
C ALA NA 107 118.92 -59.19 -6.94
N ILE NA 108 118.93 -57.88 -6.70
CA ILE NA 108 118.21 -57.36 -5.54
C ILE NA 108 116.85 -56.81 -5.99
N ASN NA 109 116.70 -56.58 -7.30
CA ASN NA 109 115.36 -56.41 -7.85
C ASN NA 109 114.59 -57.72 -7.77
N GLU NA 110 115.25 -58.82 -8.12
CA GLU NA 110 114.58 -60.11 -8.19
C GLU NA 110 114.58 -60.82 -6.84
N LEU NA 111 115.75 -60.92 -6.20
CA LEU NA 111 115.89 -61.74 -5.00
C LEU NA 111 115.21 -61.10 -3.79
N MET NA 112 115.47 -59.81 -3.56
CA MET NA 112 114.86 -59.13 -2.44
C MET NA 112 113.61 -58.37 -2.85
N LYS NA 113 112.81 -58.97 -3.74
CA LYS NA 113 111.75 -58.25 -4.43
C LYS NA 113 110.68 -57.75 -3.45
N ARG NA 114 109.89 -58.67 -2.93
CA ARG NA 114 108.85 -58.59 -1.89
C ARG NA 114 107.74 -57.57 -2.12
N TYR NA 115 107.92 -56.50 -2.92
CA TYR NA 115 106.85 -56.00 -3.78
C TYR NA 115 107.34 -55.49 -5.14
N CYS NA 116 107.99 -54.32 -5.12
CA CYS NA 116 108.72 -53.61 -6.22
C CYS NA 116 108.50 -53.92 -7.73
N PRO NA 117 107.29 -53.69 -8.27
CA PRO NA 117 107.13 -53.85 -9.72
C PRO NA 117 107.79 -52.74 -10.54
N ASN NA 118 108.03 -51.57 -9.96
CA ASN NA 118 108.54 -50.40 -10.66
C ASN NA 118 109.39 -49.58 -9.70
N SER NA 119 110.67 -49.42 -10.02
CA SER NA 119 111.66 -48.85 -9.09
C SER NA 119 112.99 -48.48 -9.72
N VAL NA 120 113.02 -47.70 -10.79
CA VAL NA 120 114.29 -47.28 -11.37
C VAL NA 120 114.70 -45.94 -10.79
N LEU NA 121 115.85 -45.92 -10.11
CA LEU NA 121 116.29 -44.72 -9.41
C LEU NA 121 117.37 -44.09 -10.28
N HIS NA 157 114.27 -49.49 -18.92
CA HIS NA 157 113.87 -48.26 -18.26
C HIS NA 157 113.08 -47.37 -19.20
N VAL NA 158 111.81 -47.11 -18.88
CA VAL NA 158 111.03 -46.10 -19.61
C VAL NA 158 110.48 -45.11 -18.59
N THR NA 159 110.48 -45.50 -17.33
CA THR NA 159 110.01 -44.67 -16.24
C THR NA 159 111.10 -43.66 -15.89
N SER NA 160 111.24 -42.64 -16.73
CA SER NA 160 112.39 -41.76 -16.63
C SER NA 160 111.94 -40.31 -16.63
N GLU NA 161 111.75 -39.76 -15.43
CA GLU NA 161 111.32 -38.38 -15.28
C GLU NA 161 111.64 -37.96 -13.85
N ILE NA 162 112.24 -36.78 -13.70
CA ILE NA 162 112.80 -36.35 -12.42
C ILE NA 162 112.02 -35.12 -11.96
N GLY NA 163 110.71 -35.19 -12.14
CA GLY NA 163 109.75 -34.57 -11.24
C GLY NA 163 109.68 -33.08 -10.96
N ALA NA 164 108.87 -32.74 -9.95
CA ALA NA 164 108.39 -31.37 -9.74
C ALA NA 164 108.48 -30.90 -8.28
N GLU NA 165 108.49 -31.83 -7.33
CA GLU NA 165 108.50 -31.55 -5.87
C GLU NA 165 107.28 -30.71 -5.46
N GLU NA 166 106.13 -31.36 -5.54
CA GLU NA 166 104.87 -30.68 -5.21
C GLU NA 166 104.73 -30.45 -3.72
N ALA NA 167 104.20 -29.28 -3.35
CA ALA NA 167 103.74 -28.88 -2.01
C ALA NA 167 104.84 -28.79 -0.95
N GLU NA 168 106.08 -29.10 -1.31
CA GLU NA 168 107.21 -29.02 -0.38
C GLU NA 168 108.43 -28.38 -1.02
N GLU NA 169 108.22 -27.56 -2.06
CA GLU NA 169 109.31 -26.85 -2.70
C GLU NA 169 109.76 -25.65 -1.89
N VAL NA 170 109.03 -25.36 -0.80
CA VAL NA 170 109.45 -24.36 0.17
C VAL NA 170 110.75 -24.79 0.83
N GLY NA 171 110.90 -26.09 1.03
CA GLY NA 171 112.18 -26.63 1.46
C GLY NA 171 113.09 -26.97 0.29
N VAL NA 172 112.82 -26.40 -0.89
CA VAL NA 172 113.74 -26.48 -2.01
C VAL NA 172 114.12 -25.08 -2.47
N GLU NA 173 113.14 -24.18 -2.51
CA GLU NA 173 113.41 -22.82 -2.99
C GLU NA 173 114.14 -21.99 -1.95
N HIS NA 174 114.12 -22.42 -0.68
CA HIS NA 174 115.02 -21.84 0.30
C HIS NA 174 116.41 -22.42 0.10
N LEU NA 175 116.47 -23.62 -0.47
CA LEU NA 175 117.72 -24.34 -0.64
C LEU NA 175 118.21 -24.15 -2.07
N LEU NA 176 117.74 -23.12 -2.74
CA LEU NA 176 118.24 -22.85 -4.08
C LEU NA 176 118.69 -21.40 -4.18
N ARG NA 177 119.62 -21.04 -3.30
CA ARG NA 177 120.40 -19.80 -3.20
C ARG NA 177 121.51 -19.87 -4.26
N ASP NA 178 122.68 -19.27 -3.96
CA ASP NA 178 123.84 -19.01 -4.82
C ASP NA 178 124.11 -20.15 -5.81
N ILE NA 179 124.73 -19.82 -6.94
CA ILE NA 179 124.02 -19.73 -8.22
C ILE NA 179 122.71 -20.53 -8.33
N LYS NA 180 121.69 -19.75 -8.71
CA LYS NA 180 120.26 -20.03 -8.58
C LYS NA 180 119.75 -20.97 -9.67
N ASP NA 181 118.43 -21.05 -9.81
CA ASP NA 181 117.75 -21.95 -10.76
C ASP NA 181 118.12 -21.65 -12.20
N THR NA 182 117.72 -20.49 -12.72
CA THR NA 182 118.35 -20.03 -13.95
C THR NA 182 119.49 -19.10 -13.57
N THR NA 183 119.12 -17.92 -13.08
CA THR NA 183 119.98 -17.10 -12.24
C THR NA 183 119.11 -16.37 -11.23
N VAL NA 184 117.93 -16.90 -10.90
CA VAL NA 184 116.63 -16.24 -11.02
C VAL NA 184 116.65 -14.72 -10.81
N GLY NA 185 116.01 -14.03 -11.74
CA GLY NA 185 116.35 -12.67 -12.11
C GLY NA 185 116.86 -12.58 -13.53
N THR NA 186 117.23 -13.71 -14.14
CA THR NA 186 117.50 -13.80 -15.57
C THR NA 186 116.28 -14.54 -16.15
N ILE NA 227 121.85 -52.86 -33.57
CA ILE NA 227 122.02 -52.65 -35.01
C ILE NA 227 120.67 -52.52 -35.69
N TYR NA 228 119.66 -53.20 -35.13
CA TYR NA 228 118.30 -53.06 -35.64
C TYR NA 228 117.76 -51.66 -35.38
N GLN NA 229 117.95 -51.15 -34.17
CA GLN NA 229 117.44 -49.84 -33.80
C GLN NA 229 118.16 -48.74 -34.58
N LEU NA 230 119.48 -48.84 -34.71
CA LEU NA 230 120.23 -47.85 -35.47
C LEU NA 230 119.96 -47.99 -36.95
N GLN NA 231 119.56 -49.19 -37.39
CA GLN NA 231 119.07 -49.37 -38.75
C GLN NA 231 117.78 -48.61 -38.95
N ASP NA 232 116.95 -48.53 -37.91
CA ASP NA 232 115.69 -47.79 -38.02
C ASP NA 232 115.84 -46.34 -37.61
N VAL NA 233 117.06 -45.91 -37.23
CA VAL NA 233 117.29 -44.50 -36.96
C VAL NA 233 117.29 -43.69 -38.24
N PHE NA 234 118.09 -44.10 -39.23
CA PHE NA 234 118.26 -43.28 -40.42
C PHE NA 234 117.17 -43.55 -41.46
N ASN NA 235 116.16 -44.32 -41.07
CA ASN NA 235 114.98 -44.49 -41.92
C ASN NA 235 114.14 -43.22 -41.94
N LEU NA 236 114.29 -42.38 -40.92
CA LEU NA 236 113.46 -41.20 -40.78
C LEU NA 236 114.30 -39.92 -40.80
N LEU NA 237 115.56 -40.02 -41.19
CA LEU NA 237 116.41 -38.84 -41.34
C LEU NA 237 116.22 -38.02 -42.62
N PRO NA 238 116.26 -38.60 -43.88
CA PRO NA 238 116.60 -37.74 -45.03
C PRO NA 238 115.51 -36.78 -45.50
N ASP NA 239 115.84 -35.49 -45.50
CA ASP NA 239 114.93 -34.47 -45.99
C ASP NA 239 115.70 -33.23 -46.44
N VAL NA 240 115.87 -33.12 -47.75
CA VAL NA 240 116.35 -31.89 -48.39
C VAL NA 240 115.42 -31.64 -49.56
N SER NA 241 114.42 -32.53 -49.72
CA SER NA 241 113.56 -32.54 -50.88
C SER NA 241 112.60 -31.36 -50.86
N LEU NA 242 113.09 -30.21 -51.34
CA LEU NA 242 112.43 -28.95 -51.10
C LEU NA 242 111.26 -28.69 -52.03
N GLN NA 243 111.09 -29.45 -53.10
CA GLN NA 243 109.92 -29.14 -53.89
C GLN NA 243 108.83 -28.80 -52.88
N GLU NA 244 107.99 -29.80 -52.61
CA GLU NA 244 106.87 -29.71 -51.68
C GLU NA 244 107.20 -29.25 -50.25
N PHE NA 245 107.97 -30.04 -49.51
CA PHE NA 245 108.32 -29.72 -48.14
C PHE NA 245 109.01 -28.36 -48.06
N VAL NA 246 109.96 -28.12 -48.95
CA VAL NA 246 110.68 -26.87 -48.94
C VAL NA 246 109.71 -25.71 -49.09
N LYS NA 247 108.83 -25.78 -50.07
CA LYS NA 247 107.85 -24.72 -50.27
C LYS NA 247 107.02 -24.49 -49.01
N ALA NA 248 106.53 -25.59 -48.44
CA ALA NA 248 105.72 -25.51 -47.23
C ALA NA 248 106.46 -24.80 -46.10
N PHE NA 249 107.71 -25.18 -45.88
CA PHE NA 249 108.53 -24.59 -44.83
C PHE NA 249 108.75 -23.11 -45.08
N TYR NA 250 108.97 -22.75 -46.34
CA TYR NA 250 109.16 -21.37 -46.71
C TYR NA 250 107.93 -20.60 -46.28
N LEU NA 251 106.77 -21.09 -46.72
CA LEU NA 251 105.49 -20.46 -46.46
C LEU NA 251 105.18 -20.18 -44.98
N LYS NA 252 105.23 -21.23 -44.17
CA LYS NA 252 104.95 -21.10 -42.74
C LYS NA 252 105.80 -20.01 -42.10
N THR NA 253 107.10 -20.04 -42.39
CA THR NA 253 108.02 -19.04 -41.89
C THR NA 253 107.52 -17.66 -42.27
N ASN NA 254 107.18 -17.46 -43.54
CA ASN NA 254 106.68 -16.16 -43.98
C ASN NA 254 105.47 -15.71 -43.16
N ASP NA 255 104.49 -16.59 -43.02
CA ASP NA 255 103.29 -16.27 -42.26
C ASP NA 255 103.59 -15.89 -40.82
N GLN NA 256 104.43 -16.68 -40.14
CA GLN NA 256 104.75 -16.38 -38.74
C GLN NA 256 105.59 -15.12 -38.60
N MET NA 257 106.44 -14.86 -39.59
CA MET NA 257 107.28 -13.68 -39.63
C MET NA 257 106.35 -12.50 -39.65
N VAL NA 258 105.38 -12.54 -40.55
CA VAL NA 258 104.38 -11.49 -40.67
C VAL NA 258 103.73 -11.26 -39.31
N VAL NA 259 103.22 -12.31 -38.69
CA VAL NA 259 102.59 -12.13 -37.38
C VAL NA 259 103.47 -11.26 -36.48
N VAL NA 260 104.74 -11.63 -36.37
CA VAL NA 260 105.67 -10.88 -35.54
C VAL NA 260 105.79 -9.42 -35.98
N TYR NA 261 105.82 -9.18 -37.28
CA TYR NA 261 105.89 -7.82 -37.78
C TYR NA 261 104.65 -7.04 -37.35
N LEU NA 262 103.49 -7.68 -37.45
CA LEU NA 262 102.25 -7.06 -37.02
C LEU NA 262 102.38 -6.66 -35.57
N ALA NA 263 102.81 -7.60 -34.74
CA ALA NA 263 102.97 -7.33 -33.32
C ALA NA 263 104.06 -6.29 -33.07
N SER NA 264 105.31 -6.69 -33.29
CA SER NA 264 106.40 -5.77 -33.03
C SER NA 264 106.04 -4.36 -33.42
N LEU NA 265 104.78 -4.16 -33.78
CA LEU NA 265 104.32 -2.83 -34.15
C LEU NA 265 103.44 -2.25 -33.05
N ILE NA 266 102.49 -3.02 -32.55
CA ILE NA 266 101.60 -2.41 -31.57
C ILE NA 266 102.27 -2.26 -30.21
N ARG NA 267 103.29 -3.09 -29.90
CA ARG NA 267 104.07 -2.79 -28.71
C ARG NA 267 104.98 -1.60 -28.90
N SER NA 268 105.45 -1.35 -30.13
CA SER NA 268 106.19 -0.12 -30.37
C SER NA 268 105.30 1.10 -30.23
N VAL NA 269 104.02 0.98 -30.61
CA VAL NA 269 103.09 2.09 -30.46
C VAL NA 269 102.81 2.37 -28.98
N VAL NA 270 102.55 1.33 -28.19
CA VAL NA 270 102.21 1.55 -26.79
C VAL NA 270 103.45 1.96 -25.99
N ALA NA 271 104.63 1.52 -26.46
CA ALA NA 271 105.88 2.01 -25.89
C ALA NA 271 106.04 3.50 -26.15
N LEU NA 272 105.69 3.94 -27.36
CA LEU NA 272 105.71 5.36 -27.69
C LEU NA 272 104.69 6.13 -26.85
N HIS NA 273 103.58 5.48 -26.50
CA HIS NA 273 102.61 6.10 -25.60
C HIS NA 273 103.22 6.31 -24.22
N ASN NA 274 104.07 5.38 -23.78
CA ASN NA 274 104.79 5.57 -22.53
C ASN NA 274 105.83 6.67 -22.66
N LEU NA 275 106.40 6.85 -23.86
CA LEU NA 275 107.33 7.96 -24.10
C LEU NA 275 106.64 9.30 -23.94
N ILE NA 276 105.46 9.48 -24.55
CA ILE NA 276 104.81 10.77 -24.46
C ILE NA 276 104.24 10.99 -23.07
N ASN NA 277 103.93 9.91 -22.36
CA ASN NA 277 103.54 10.05 -20.96
C ASN NA 277 104.69 10.57 -20.11
N ASN NA 278 105.90 10.04 -20.33
CA ASN NA 278 107.04 10.47 -19.53
C ASN NA 278 107.50 11.87 -19.93
N LYS NA 279 107.42 12.19 -21.22
CA LYS NA 279 107.87 13.51 -21.69
C LYS NA 279 106.89 14.61 -21.29
N ILE NA 280 105.59 14.33 -21.26
CA ILE NA 280 104.64 15.34 -20.78
C ILE NA 280 104.68 15.42 -19.26
N ALA NA 281 105.03 14.31 -18.59
CA ALA NA 281 105.18 14.33 -17.13
C ALA NA 281 106.36 15.20 -16.70
N ASN NA 282 107.56 14.89 -17.20
CA ASN NA 282 108.73 15.70 -16.85
C ASN NA 282 108.67 17.08 -17.49
N ARG NA 283 107.90 17.22 -18.57
CA ARG NA 283 107.67 18.53 -19.18
C ARG NA 283 106.82 19.40 -18.26
N ASP NA 284 105.88 18.78 -17.55
CA ASP NA 284 105.07 19.54 -16.61
C ASP NA 284 105.81 19.72 -15.28
N ALA NA 285 106.83 18.90 -15.04
CA ALA NA 285 107.64 19.06 -13.83
C ALA NA 285 108.73 20.12 -14.00
N GLU NA 286 108.73 20.82 -15.14
CA GLU NA 286 109.67 21.90 -15.41
C GLU NA 286 109.30 23.12 -14.56
N ARG OA 270 106.75 -67.03 -54.27
CA ARG OA 270 106.01 -65.86 -53.85
C ARG OA 270 106.61 -65.22 -52.60
N LYS OA 271 107.03 -66.03 -51.63
CA LYS OA 271 107.50 -65.47 -50.36
C LYS OA 271 108.95 -65.01 -50.45
N ILE OA 272 109.81 -65.78 -51.08
CA ILE OA 272 111.18 -65.34 -51.27
C ILE OA 272 111.23 -64.24 -52.33
N GLN OA 273 110.26 -64.24 -53.26
CA GLN OA 273 110.06 -63.05 -54.07
C GLN OA 273 109.63 -61.86 -53.22
N LEU OA 274 108.81 -62.12 -52.19
CA LEU OA 274 108.26 -61.03 -51.39
C LEU OA 274 109.33 -60.38 -50.53
N LEU OA 275 109.94 -61.15 -49.64
CA LEU OA 275 111.02 -60.63 -48.82
C LEU OA 275 112.25 -60.29 -49.65
N CYS OA 276 112.80 -61.30 -50.35
CA CYS OA 276 114.10 -61.11 -50.99
C CYS OA 276 114.00 -60.22 -52.23
N MET OA 278 112.81 -60.05 -52.79
CA MET OA 278 112.68 -59.06 -53.86
C MET OA 278 112.22 -57.71 -53.33
N GLU OA 279 112.06 -57.63 -52.01
CA GLU OA 279 111.74 -56.35 -51.36
C GLU OA 279 113.01 -55.89 -50.61
N MET OA 280 113.69 -56.86 -49.99
CA MET OA 280 114.92 -56.61 -49.24
C MET OA 280 116.01 -56.01 -50.12
N THR OA 281 116.11 -56.50 -51.35
CA THR OA 281 117.09 -55.99 -52.29
C THR OA 281 116.73 -54.55 -52.63
N PHE OA 282 116.01 -53.90 -51.73
CA PHE OA 282 115.61 -52.52 -51.92
C PHE OA 282 116.48 -51.61 -51.07
N THR OA 283 117.77 -51.92 -51.03
CA THR OA 283 118.73 -51.14 -50.26
C THR OA 283 119.29 -50.03 -51.13
N ARG OA 284 118.44 -49.05 -51.43
CA ARG OA 284 118.83 -47.91 -52.25
C ARG OA 284 118.76 -46.64 -51.42
N PRO OA 285 119.83 -46.34 -50.68
CA PRO OA 285 119.90 -45.15 -49.83
C PRO OA 285 119.59 -43.93 -50.67
N ALA OA 286 119.59 -44.14 -51.98
CA ALA OA 286 119.30 -43.09 -52.95
C ALA OA 286 118.37 -42.04 -52.36
N ASN OA 287 118.79 -41.44 -51.24
CA ASN OA 287 117.99 -40.45 -50.52
C ASN OA 287 116.60 -41.02 -50.27
N HIS OA 288 115.66 -40.72 -51.16
CA HIS OA 288 114.31 -41.26 -51.04
C HIS OA 288 114.20 -42.39 -52.05
N ARG OA 289 114.00 -43.61 -51.57
CA ARG OA 289 113.94 -44.73 -52.49
C ARG OA 289 112.68 -44.65 -53.36
N GLN OA 290 112.88 -44.76 -54.67
CA GLN OA 290 111.82 -44.47 -55.63
C GLN OA 290 111.79 -45.42 -56.81
N LEU OA 291 112.59 -46.49 -56.79
CA LEU OA 291 112.87 -47.26 -57.99
C LEU OA 291 111.70 -48.16 -58.38
N THR OA 292 111.43 -48.20 -59.69
CA THR OA 292 110.64 -49.26 -60.31
C THR OA 292 111.42 -49.90 -61.44
N PHE OA 293 112.18 -49.10 -62.21
CA PHE OA 293 113.01 -49.54 -63.32
C PHE OA 293 114.02 -50.61 -62.95
N GLU OA 294 114.54 -50.59 -61.71
CA GLU OA 294 115.34 -51.71 -61.24
C GLU OA 294 114.48 -52.95 -61.04
N GLU OA 295 113.31 -52.79 -60.42
CA GLU OA 295 112.40 -53.90 -60.17
C GLU OA 295 111.84 -54.48 -61.47
N ILE OA 296 111.82 -53.70 -62.55
CA ILE OA 296 111.49 -54.20 -63.89
C ILE OA 296 112.51 -55.27 -64.29
N ALA OA 297 113.80 -54.97 -64.09
CA ALA OA 297 114.85 -55.90 -64.51
C ALA OA 297 115.25 -56.89 -63.42
N LYS OA 298 115.05 -56.53 -62.14
CA LYS OA 298 115.42 -57.44 -61.06
C LYS OA 298 114.41 -58.58 -60.92
N SER OA 299 113.19 -58.40 -61.41
CA SER OA 299 112.17 -59.43 -61.35
C SER OA 299 112.01 -60.10 -62.71
N ALA OA 300 112.31 -61.38 -62.76
CA ALA OA 300 112.06 -62.20 -63.96
C ALA OA 300 110.57 -62.50 -64.06
N LYS OA 301 109.81 -61.49 -64.51
CA LYS OA 301 108.37 -61.51 -64.41
C LYS OA 301 107.80 -60.47 -65.35
N ILE OA 302 106.56 -60.70 -65.80
CA ILE OA 302 105.79 -59.69 -66.51
C ILE OA 302 105.58 -58.47 -65.60
N THR OA 303 105.23 -57.34 -66.22
CA THR OA 303 105.11 -56.01 -65.61
C THR OA 303 103.81 -55.97 -64.80
N VAL OA 304 103.19 -54.81 -64.60
CA VAL OA 304 102.58 -54.29 -63.35
C VAL OA 304 102.12 -55.30 -62.24
N ASN OA 305 101.77 -56.54 -62.62
CA ASN OA 305 101.74 -57.66 -61.67
C ASN OA 305 103.01 -57.73 -60.82
N GLU OA 306 104.18 -57.49 -61.41
CA GLU OA 306 105.38 -57.39 -60.58
C GLU OA 306 105.44 -56.09 -59.80
N VAL OA 307 104.85 -55.02 -60.32
CA VAL OA 307 104.96 -53.72 -59.66
C VAL OA 307 103.93 -53.61 -58.54
N GLU OA 308 102.66 -53.89 -58.81
CA GLU OA 308 101.66 -53.69 -57.78
C GLU OA 308 101.61 -54.84 -56.80
N LEU OA 309 101.38 -56.06 -57.30
CA LEU OA 309 100.87 -57.16 -56.47
C LEU OA 309 101.90 -57.59 -55.43
N LEU OA 310 103.18 -57.57 -55.80
CA LEU OA 310 104.27 -57.78 -54.86
C LEU OA 310 104.25 -56.74 -53.75
N VAL OA 311 103.98 -55.48 -54.10
CA VAL OA 311 103.94 -54.43 -53.09
C VAL OA 311 102.52 -54.27 -52.55
N MET OA 312 101.51 -54.83 -53.22
CA MET OA 312 100.21 -54.99 -52.59
C MET OA 312 100.30 -55.84 -51.35
N LYS OA 313 100.77 -57.09 -51.49
CA LYS OA 313 100.89 -57.94 -50.32
C LYS OA 313 102.08 -57.60 -49.43
N ALA OA 314 103.12 -56.97 -49.98
CA ALA OA 314 104.18 -56.41 -49.16
C ALA OA 314 103.72 -55.21 -48.35
N LEU OA 315 102.65 -54.56 -48.79
CA LEU OA 315 102.13 -53.35 -48.18
C LEU OA 315 100.93 -53.62 -47.29
N SER OA 316 100.26 -54.76 -47.44
CA SER OA 316 99.19 -55.13 -46.52
C SER OA 316 99.77 -55.48 -45.15
N VAL OA 317 100.62 -56.51 -45.11
CA VAL OA 317 101.40 -56.77 -43.91
C VAL OA 317 102.53 -55.76 -43.82
N GLY OA 318 103.15 -55.68 -42.66
CA GLY OA 318 104.23 -54.72 -42.51
C GLY OA 318 105.54 -55.30 -42.96
N LEU OA 319 105.85 -55.10 -44.21
CA LEU OA 319 107.12 -55.41 -44.86
C LEU OA 319 107.63 -54.23 -45.66
N VAL OA 320 106.74 -53.50 -46.33
CA VAL OA 320 107.05 -52.32 -47.11
C VAL OA 320 105.92 -51.33 -46.87
N LYS OA 321 106.27 -50.12 -46.43
CA LYS OA 321 105.29 -49.05 -46.31
C LYS OA 321 105.67 -47.92 -47.26
N GLY OA 322 104.67 -47.35 -47.90
CA GLY OA 322 104.86 -46.30 -48.88
C GLY OA 322 103.89 -46.44 -50.05
N SER OA 323 103.67 -45.32 -50.73
CA SER OA 323 102.70 -45.25 -51.82
C SER OA 323 103.34 -45.65 -53.15
N ILE OA 324 102.49 -45.81 -54.17
CA ILE OA 324 102.92 -46.13 -55.52
C ILE OA 324 102.16 -45.24 -56.50
N ASP OA 325 102.89 -44.58 -57.38
CA ASP OA 325 102.36 -44.06 -58.62
C ASP OA 325 102.77 -45.01 -59.73
N GLU OA 326 101.82 -45.33 -60.60
CA GLU OA 326 102.12 -46.17 -61.75
C GLU OA 326 101.78 -45.53 -63.09
N VAL OA 327 101.21 -44.32 -63.07
CA VAL OA 327 101.36 -43.43 -64.22
C VAL OA 327 102.82 -43.03 -64.36
N ASP OA 328 103.43 -42.60 -63.25
CA ASP OA 328 104.86 -42.32 -63.22
C ASP OA 328 105.70 -43.59 -63.21
N LYS OA 329 105.09 -44.72 -62.86
CA LYS OA 329 105.78 -45.97 -62.52
C LYS OA 329 106.83 -45.71 -61.44
N ARG OA 330 106.30 -45.40 -60.25
CA ARG OA 330 107.07 -44.81 -59.16
C ARG OA 330 106.59 -45.39 -57.85
N VAL OA 331 107.43 -46.20 -57.20
CA VAL OA 331 107.12 -46.76 -55.89
C VAL OA 331 107.94 -46.02 -54.85
N HIS OA 332 107.26 -45.23 -54.01
CA HIS OA 332 107.89 -44.59 -52.86
C HIS OA 332 107.80 -45.56 -51.70
N MET OA 333 108.88 -45.66 -50.92
CA MET OA 333 108.93 -46.59 -49.80
C MET OA 333 109.61 -45.95 -48.61
N THR OA 334 109.09 -46.25 -47.42
CA THR OA 334 109.68 -45.82 -46.15
C THR OA 334 109.69 -46.98 -45.15
N TRP OA 335 109.98 -48.19 -45.66
CA TRP OA 335 109.84 -49.42 -44.89
C TRP OA 335 110.79 -49.45 -43.69
N VAL OA 336 110.44 -50.28 -42.70
CA VAL OA 336 111.20 -50.29 -41.45
C VAL OA 336 112.08 -51.54 -41.30
N GLN OA 337 111.47 -52.73 -41.13
CA GLN OA 337 112.01 -54.10 -41.14
C GLN OA 337 113.40 -54.27 -40.57
N PRO OA 338 113.56 -54.23 -39.25
CA PRO OA 338 114.90 -54.35 -38.65
C PRO OA 338 115.49 -55.75 -38.81
N ARG OA 339 116.45 -55.88 -39.73
CA ARG OA 339 116.72 -57.14 -40.41
C ARG OA 339 118.14 -57.68 -40.25
N VAL OA 340 119.17 -56.91 -40.58
CA VAL OA 340 120.47 -57.46 -40.94
C VAL OA 340 121.43 -57.31 -39.77
N LEU OA 341 122.28 -58.33 -39.56
CA LEU OA 341 123.37 -58.24 -38.59
C LEU OA 341 124.36 -57.14 -38.98
N ASP OA 342 124.88 -57.19 -40.21
CA ASP OA 342 125.60 -56.09 -40.89
C ASP OA 342 126.86 -55.66 -40.12
N LEU OA 343 127.84 -56.57 -40.11
CA LEU OA 343 129.11 -56.29 -39.43
C LEU OA 343 129.91 -55.19 -40.12
N GLN OA 344 129.81 -55.09 -41.44
CA GLN OA 344 130.56 -54.07 -42.16
C GLN OA 344 129.76 -52.79 -42.40
N GLN OA 345 128.51 -52.79 -41.98
CA GLN OA 345 127.66 -51.62 -42.16
C GLN OA 345 127.96 -50.57 -41.10
N THR PA 6 126.68 -66.02 16.90
CA THR PA 6 126.98 -66.95 15.82
C THR PA 6 125.94 -66.84 14.70
N MET PA 7 126.07 -67.74 13.71
CA MET PA 7 125.21 -67.77 12.53
C MET PA 7 125.23 -69.21 12.01
N VAL PA 8 124.07 -69.86 11.99
CA VAL PA 8 123.98 -71.30 11.80
C VAL PA 8 123.45 -71.60 10.40
N CYS PA 9 124.21 -72.36 9.63
CA CYS PA 9 123.87 -72.70 8.25
C CYS PA 9 122.94 -73.91 8.19
N VAL PA 10 122.24 -74.05 7.06
CA VAL PA 10 121.43 -75.22 6.75
C VAL PA 10 121.69 -75.61 5.30
N LEU PA 26 117.17 -84.11 6.56
CA LEU PA 26 115.87 -83.71 7.09
C LEU PA 26 115.66 -84.18 8.53
N GLN PA 27 116.51 -85.09 9.01
CA GLN PA 27 116.48 -85.54 10.39
C GLN PA 27 117.68 -85.06 11.18
N ALA PA 28 118.89 -85.18 10.62
CA ALA PA 28 120.09 -84.70 11.31
C ALA PA 28 120.14 -83.18 11.31
N GLN PA 29 119.84 -82.55 10.17
CA GLN PA 29 119.86 -81.10 10.08
C GLN PA 29 118.74 -80.46 10.90
N GLN PA 30 117.63 -81.17 11.06
CA GLN PA 30 116.52 -80.66 11.87
C GLN PA 30 116.90 -80.60 13.34
N ASP PA 31 117.53 -81.66 13.86
CA ASP PA 31 117.89 -81.69 15.27
C ASP PA 31 119.10 -80.82 15.57
N ALA PA 32 120.03 -80.69 14.62
CA ALA PA 32 121.26 -79.96 14.87
C ALA PA 32 121.02 -78.45 14.93
N VAL PA 33 119.94 -77.97 14.32
CA VAL PA 33 119.63 -76.54 14.37
C VAL PA 33 118.69 -76.24 15.54
N ASN PA 34 117.98 -77.24 16.04
CA ASN PA 34 116.90 -76.97 16.99
C ASN PA 34 117.45 -76.70 18.39
N ILE PA 35 118.60 -77.27 18.71
CA ILE PA 35 119.17 -77.14 20.05
C ILE PA 35 120.27 -76.09 20.07
N VAL PA 36 120.89 -75.82 18.92
CA VAL PA 36 122.02 -74.89 18.86
C VAL PA 36 121.59 -73.44 18.99
N CYS PA 37 120.29 -73.15 18.85
CA CYS PA 37 119.82 -71.79 19.04
C CYS PA 37 119.84 -71.40 20.51
N HIS PA 38 119.10 -72.14 21.35
CA HIS PA 38 118.99 -71.85 22.77
C HIS PA 38 120.08 -72.51 23.61
N SER PA 39 121.20 -72.89 22.99
CA SER PA 39 122.29 -73.51 23.73
C SER PA 39 123.00 -72.49 24.61
N LYS PA 40 123.34 -71.33 24.04
CA LYS PA 40 124.05 -70.29 24.77
C LYS PA 40 123.22 -69.05 25.02
N GLU PA 46 122.06 -61.76 24.98
CA GLU PA 46 122.62 -60.82 24.02
C GLU PA 46 123.53 -61.52 23.01
N ASN PA 47 123.98 -62.74 23.30
CA ASN PA 47 124.71 -63.55 22.33
C ASN PA 47 123.68 -64.07 21.32
N ASN PA 48 123.49 -63.28 20.27
CA ASN PA 48 122.31 -63.43 19.43
C ASN PA 48 122.46 -64.55 18.42
N VAL PA 49 121.34 -65.13 18.05
CA VAL PA 49 121.27 -66.29 17.18
C VAL PA 49 121.14 -65.85 15.73
N GLY PA 50 121.35 -66.80 14.83
CA GLY PA 50 121.09 -66.57 13.42
C GLY PA 50 120.91 -67.88 12.67
N LEU PA 51 120.53 -67.75 11.39
CA LEU PA 51 120.21 -68.91 10.56
C LEU PA 51 120.38 -68.53 9.09
N ILE PA 52 121.49 -68.93 8.48
CA ILE PA 52 121.69 -68.81 7.04
C ILE PA 52 121.86 -70.21 6.46
N THR PA 53 122.09 -70.24 5.15
CA THR PA 53 122.28 -71.48 4.41
C THR PA 53 123.68 -71.51 3.81
N LEU PA 54 124.00 -72.63 3.16
CA LEU PA 54 125.16 -72.78 2.30
C LEU PA 54 124.72 -73.07 0.89
N ALA PA 55 123.56 -72.52 0.51
CA ALA PA 55 122.94 -72.74 -0.79
C ALA PA 55 123.55 -71.87 -1.88
N ASN PA 56 122.77 -71.67 -2.95
CA ASN PA 56 123.04 -70.77 -4.07
C ASN PA 56 122.88 -69.32 -3.64
N ASP PA 57 122.48 -68.44 -4.58
CA ASP PA 57 122.12 -67.05 -4.34
C ASP PA 57 121.34 -66.87 -3.04
N CYS PA 58 121.91 -66.06 -2.15
CA CYS PA 58 121.96 -66.41 -0.74
C CYS PA 58 120.70 -66.00 0.01
N GLU PA 59 120.30 -66.86 0.94
CA GLU PA 59 119.14 -66.68 1.79
C GLU PA 59 119.64 -66.43 3.21
N VAL PA 60 119.21 -65.32 3.81
CA VAL PA 60 119.72 -64.92 5.12
C VAL PA 60 118.63 -65.05 6.17
N LEU PA 61 117.44 -64.56 5.87
CA LEU PA 61 116.15 -64.82 6.54
C LEU PA 61 116.04 -64.22 7.95
N THR PA 62 117.16 -63.74 8.52
CA THR PA 62 117.22 -63.32 9.92
C THR PA 62 118.56 -62.61 10.16
N THR PA 63 118.66 -61.95 11.31
CA THR PA 63 119.91 -61.32 11.74
C THR PA 63 120.18 -61.60 13.21
N LEU PA 64 121.12 -60.87 13.81
CA LEU PA 64 121.42 -61.00 15.23
C LEU PA 64 120.26 -60.44 16.05
N THR PA 65 119.46 -61.32 16.63
CA THR PA 65 118.23 -60.97 17.31
C THR PA 65 118.08 -61.91 18.50
N PRO PA 66 117.68 -61.39 19.67
CA PRO PA 66 117.40 -62.28 20.81
C PRO PA 66 116.20 -63.19 20.62
N ASP PA 67 115.36 -62.94 19.61
CA ASP PA 67 114.31 -63.89 19.24
C ASP PA 67 114.95 -65.13 18.64
N THR PA 68 114.76 -66.27 19.29
CA THR PA 68 115.37 -67.52 18.87
C THR PA 68 114.40 -68.51 18.26
N GLY PA 69 113.12 -68.47 18.67
CA GLY PA 69 112.17 -69.50 18.28
C GLY PA 69 111.70 -69.41 16.85
N ARG PA 70 111.85 -68.25 16.22
CA ARG PA 70 111.36 -68.11 14.84
C ARG PA 70 112.31 -68.76 13.85
N ILE PA 71 113.52 -69.09 14.28
CA ILE PA 71 114.37 -70.04 13.55
C ILE PA 71 113.65 -71.36 13.39
N LEU PA 72 112.96 -71.81 14.44
CA LEU PA 72 112.06 -72.96 14.37
C LEU PA 72 110.94 -72.72 13.36
N SER PA 73 110.55 -71.46 13.15
CA SER PA 73 109.57 -71.12 12.13
C SER PA 73 110.08 -71.41 10.72
N LYS PA 74 111.40 -71.43 10.51
CA LYS PA 74 111.92 -71.86 9.21
C LYS PA 74 111.75 -73.37 9.04
N LEU PA 75 111.69 -74.11 10.15
CA LEU PA 75 111.43 -75.54 10.10
C LEU PA 75 110.05 -75.86 9.54
N HIS PA 76 109.05 -75.04 9.85
CA HIS PA 76 107.80 -75.12 9.15
C HIS PA 76 107.97 -74.54 7.76
N THR PA 77 107.64 -75.34 6.74
CA THR PA 77 108.05 -75.16 5.34
C THR PA 77 109.58 -75.01 5.24
N VAL PA 78 110.26 -76.10 5.57
CA VAL PA 78 111.68 -76.25 5.25
C VAL PA 78 111.76 -77.02 3.94
N GLN PA 79 112.74 -76.69 3.11
CA GLN PA 79 112.94 -77.41 1.84
C GLN PA 79 114.40 -77.33 1.43
N PRO PA 80 115.22 -78.29 1.83
CA PRO PA 80 116.51 -78.47 1.17
C PRO PA 80 116.36 -79.18 -0.16
N LYS PA 81 116.47 -78.43 -1.26
CA LYS PA 81 116.41 -79.03 -2.60
C LYS PA 81 117.26 -78.18 -3.53
N GLY PA 82 118.51 -78.58 -3.74
CA GLY PA 82 119.38 -77.85 -4.63
C GLY PA 82 120.85 -78.20 -4.51
N LYS PA 83 121.69 -77.17 -4.46
CA LYS PA 83 123.13 -77.32 -4.52
C LYS PA 83 123.77 -76.53 -3.37
N ILE PA 84 124.86 -77.06 -2.84
CA ILE PA 84 125.55 -76.46 -1.69
C ILE PA 84 126.75 -75.66 -2.18
N THR PA 85 126.96 -74.49 -1.57
CA THR PA 85 128.17 -73.68 -1.73
C THR PA 85 128.63 -73.23 -0.36
N PHE PA 86 129.82 -73.68 0.03
CA PHE PA 86 130.37 -73.39 1.35
C PHE PA 86 130.86 -71.95 1.46
N CYS PA 87 131.77 -71.54 0.57
CA CYS PA 87 132.53 -70.31 0.73
C CYS PA 87 131.66 -69.07 0.62
N THR PA 88 130.61 -69.13 -0.21
CA THR PA 88 129.69 -68.01 -0.30
C THR PA 88 128.89 -67.82 0.99
N GLY PA 89 128.48 -68.92 1.63
CA GLY PA 89 127.82 -68.80 2.92
C GLY PA 89 128.76 -68.35 4.01
N ILE PA 90 130.05 -68.69 3.89
CA ILE PA 90 131.08 -68.11 4.76
C ILE PA 90 131.14 -66.60 4.56
N ARG PA 91 130.95 -66.14 3.33
CA ARG PA 91 130.86 -64.70 3.11
C ARG PA 91 129.57 -64.12 3.66
N VAL PA 92 128.49 -64.91 3.73
CA VAL PA 92 127.22 -64.40 4.28
C VAL PA 92 127.34 -64.18 5.78
N ALA PA 93 127.81 -65.19 6.52
CA ALA PA 93 128.03 -65.00 7.96
C ALA PA 93 129.17 -64.04 8.22
N HIS PA 94 130.12 -63.94 7.29
CA HIS PA 94 131.21 -62.97 7.39
C HIS PA 94 130.67 -61.55 7.38
N LEU PA 95 129.73 -61.24 6.49
CA LEU PA 95 129.17 -59.90 6.45
C LEU PA 95 128.18 -59.67 7.60
N ALA PA 96 127.17 -60.55 7.71
CA ALA PA 96 126.08 -60.34 8.66
C ALA PA 96 126.54 -60.44 10.11
N LEU PA 97 127.67 -61.10 10.36
CA LEU PA 97 128.29 -61.01 11.67
C LEU PA 97 129.40 -59.96 11.74
N LYS PA 98 129.92 -59.52 10.59
CA LYS PA 98 130.98 -58.51 10.57
C LYS PA 98 130.45 -57.14 10.98
N HIS PA 99 129.24 -56.79 10.56
CA HIS PA 99 128.66 -55.47 10.77
C HIS PA 99 127.69 -55.46 11.93
N ARG PA 100 128.08 -56.14 13.00
CA ARG PA 100 127.26 -56.35 14.18
C ARG PA 100 127.13 -55.08 15.01
N LYS PA 106 131.53 -61.95 20.35
CA LYS PA 106 132.37 -62.28 19.22
C LYS PA 106 131.57 -62.94 18.10
N MET PA 107 132.27 -63.28 17.03
CA MET PA 107 131.70 -63.93 15.86
C MET PA 107 132.01 -65.41 15.87
N ARG PA 108 131.12 -66.20 15.28
CA ARG PA 108 131.30 -67.64 15.14
C ARG PA 108 130.52 -68.12 13.94
N ILE PA 109 131.17 -68.89 13.07
CA ILE PA 109 130.51 -69.45 11.90
C ILE PA 109 130.26 -70.93 12.21
N ILE PA 110 129.00 -71.28 12.42
CA ILE PA 110 128.61 -72.68 12.55
C ILE PA 110 128.23 -73.16 11.16
N ALA PA 111 128.97 -74.16 10.66
CA ALA PA 111 128.83 -74.62 9.29
C ALA PA 111 128.47 -76.10 9.24
N PHE PA 112 127.19 -76.38 9.00
CA PHE PA 112 126.70 -77.74 8.84
C PHE PA 112 127.06 -78.22 7.44
N VAL PA 113 127.35 -79.52 7.33
CA VAL PA 113 127.60 -80.12 6.02
C VAL PA 113 127.22 -81.59 6.07
N GLY PA 114 126.59 -82.06 5.01
CA GLY PA 114 126.36 -83.47 4.76
C GLY PA 114 126.52 -83.76 3.28
N SER PA 115 127.41 -83.02 2.63
CA SER PA 115 127.38 -82.87 1.18
C SER PA 115 128.80 -82.75 0.66
N PRO PA 116 129.04 -83.05 -0.62
CA PRO PA 116 130.36 -82.82 -1.22
C PRO PA 116 130.58 -81.36 -1.56
N VAL PA 117 131.65 -80.79 -1.02
CA VAL PA 117 132.04 -79.41 -1.28
C VAL PA 117 133.20 -79.41 -2.27
N GLU PA 118 133.01 -78.77 -3.41
CA GLU PA 118 134.03 -78.73 -4.44
C GLU PA 118 135.14 -77.76 -4.07
N ASP PA 119 136.14 -77.66 -4.94
CA ASP PA 119 137.37 -76.95 -4.65
C ASP PA 119 137.50 -75.68 -5.47
N ASN PA 120 138.19 -74.70 -4.89
CA ASN PA 120 138.66 -73.51 -5.59
C ASN PA 120 139.86 -73.02 -4.80
N LYS PA 126 142.46 -68.51 -0.14
CA LYS PA 126 141.91 -67.22 0.28
C LYS PA 126 140.86 -67.40 1.36
N LEU PA 127 140.18 -68.55 1.39
CA LEU PA 127 139.20 -68.81 2.45
C LEU PA 127 139.86 -68.98 3.80
N ALA PA 128 141.02 -69.63 3.83
CA ALA PA 128 141.72 -69.81 5.10
C ALA PA 128 142.43 -68.52 5.52
N LYS PA 129 143.20 -67.92 4.62
CA LYS PA 129 144.11 -66.84 4.96
C LYS PA 129 143.43 -65.49 5.15
N ARG PA 130 142.16 -65.35 4.78
CA ARG PA 130 141.50 -64.06 4.98
C ARG PA 130 141.06 -63.86 6.43
N LEU PA 131 140.52 -64.90 7.06
CA LEU PA 131 139.95 -64.78 8.39
C LEU PA 131 140.94 -65.18 9.48
N LYS PA 132 142.23 -65.24 9.18
CA LYS PA 132 143.22 -65.46 10.23
C LYS PA 132 143.39 -64.21 11.08
N LYS PA 133 143.14 -63.03 10.52
CA LYS PA 133 143.13 -61.76 11.25
C LYS PA 133 141.73 -61.35 11.63
N GLU PA 134 140.86 -62.32 11.95
CA GLU PA 134 139.46 -62.09 12.23
C GLU PA 134 139.00 -62.63 13.58
N LYS PA 135 139.64 -63.72 14.05
CA LYS PA 135 139.28 -64.43 15.29
C LYS PA 135 137.85 -64.96 15.27
N GLY PA 144 128.31 -73.65 27.27
CA GLY PA 144 127.14 -73.65 28.13
C GLY PA 144 126.12 -74.67 27.72
N GLN QA 30 124.70 -19.44 15.33
CA GLN QA 30 124.80 -20.25 16.53
C GLN QA 30 124.29 -21.65 16.18
N VAL QA 31 122.97 -21.83 16.21
CA VAL QA 31 122.32 -23.10 15.90
C VAL QA 31 122.38 -23.34 14.40
N TYR QA 32 122.80 -24.56 14.03
CA TYR QA 32 123.20 -24.95 12.68
C TYR QA 32 122.20 -26.01 12.20
N ILE QA 33 122.13 -26.22 10.90
CA ILE QA 33 121.25 -27.27 10.39
C ILE QA 33 121.87 -27.86 9.12
N SER QA 34 121.54 -29.11 8.80
CA SER QA 34 122.06 -29.78 7.62
C SER QA 34 121.15 -29.51 6.43
N SER QA 35 119.96 -29.03 6.77
CA SER QA 35 118.85 -28.63 5.91
C SER QA 35 118.13 -29.82 5.27
N LEU QA 36 118.69 -31.02 5.39
CA LEU QA 36 117.90 -32.23 5.31
C LEU QA 36 116.91 -32.30 6.46
N ALA QA 37 117.32 -31.84 7.64
CA ALA QA 37 116.41 -31.72 8.77
C ALA QA 37 115.37 -30.65 8.50
N LEU QA 38 115.71 -29.66 7.69
CA LEU QA 38 114.73 -28.66 7.29
C LEU QA 38 113.72 -29.24 6.33
N LEU QA 39 114.16 -30.10 5.41
CA LEU QA 39 113.23 -30.62 4.42
C LEU QA 39 112.37 -31.75 4.99
N LYS QA 40 112.94 -32.60 5.85
CA LYS QA 40 112.13 -33.59 6.56
C LYS QA 40 111.24 -32.92 7.58
N MET QA 41 111.71 -31.79 8.12
CA MET QA 41 110.91 -30.96 9.01
C MET QA 41 109.67 -30.43 8.31
N LEU QA 42 109.85 -29.79 7.15
CA LEU QA 42 108.74 -29.27 6.38
C LEU QA 42 107.86 -30.40 5.84
N LYS QA 43 108.47 -31.56 5.61
CA LYS QA 43 107.73 -32.71 5.12
C LYS QA 43 106.78 -33.23 6.19
N HIS QA 44 107.28 -33.43 7.41
CA HIS QA 44 106.47 -33.96 8.49
C HIS QA 44 105.43 -32.95 8.92
N GLY QA 45 105.79 -31.67 8.93
CA GLY QA 45 104.87 -30.63 9.30
C GLY QA 45 103.75 -30.44 8.30
N ARG QA 46 104.11 -30.15 7.05
CA ARG QA 46 103.17 -29.94 5.97
C ARG QA 46 102.31 -31.16 5.70
N ALA QA 47 102.86 -32.34 5.91
CA ALA QA 47 102.09 -33.57 5.76
C ALA QA 47 100.95 -33.67 6.78
N GLY QA 48 101.21 -33.23 8.02
CA GLY QA 48 100.26 -33.35 9.12
C GLY QA 48 99.48 -32.18 9.72
N VAL QA 49 99.29 -31.09 8.98
CA VAL QA 49 98.62 -29.92 9.52
C VAL QA 49 97.16 -30.13 9.93
N PRO QA 50 96.68 -29.34 10.90
CA PRO QA 50 97.52 -28.75 11.96
C PRO QA 50 98.10 -29.79 12.93
N MET QA 51 97.24 -30.71 13.36
CA MET QA 51 97.63 -31.82 14.22
C MET QA 51 98.87 -31.65 15.08
N GLU QA 52 99.61 -30.53 14.95
CA GLU QA 52 100.89 -30.21 15.60
C GLU QA 52 101.83 -31.40 15.75
N VAL QA 53 102.31 -31.93 14.62
CA VAL QA 53 103.16 -33.12 14.66
C VAL QA 53 104.47 -32.81 15.37
N MET QA 54 105.07 -33.81 15.97
CA MET QA 54 106.30 -33.57 16.72
C MET QA 54 107.36 -34.59 16.38
N GLY QA 55 108.57 -34.31 16.84
CA GLY QA 55 109.71 -35.16 16.62
C GLY QA 55 110.89 -34.63 17.39
N LEU QA 56 112.06 -35.21 17.16
CA LEU QA 56 113.24 -34.87 17.93
C LEU QA 56 114.49 -35.19 17.12
N MET QA 57 115.42 -34.24 17.08
CA MET QA 57 116.56 -34.34 16.19
C MET QA 57 117.81 -34.83 16.91
N LEU QA 58 118.90 -34.94 16.14
CA LEU QA 58 120.10 -35.64 16.60
C LEU QA 58 121.32 -34.80 16.16
N GLY QA 59 122.27 -34.64 17.08
CA GLY QA 59 123.48 -33.89 16.80
C GLY QA 59 124.51 -33.86 17.91
N GLU QA 60 125.33 -32.80 17.96
CA GLU QA 60 126.52 -32.77 18.80
C GLU QA 60 126.72 -31.34 19.30
N PHE QA 61 127.49 -31.19 20.40
CA PHE QA 61 127.64 -29.92 21.10
C PHE QA 61 129.14 -29.65 21.32
N VAL QA 62 129.54 -28.39 21.12
CA VAL QA 62 130.95 -28.03 21.29
C VAL QA 62 131.11 -26.95 22.36
N ASP QA 63 130.20 -25.98 22.34
CA ASP QA 63 130.33 -24.77 23.15
C ASP QA 63 128.95 -24.50 23.74
N ASP QA 64 128.72 -23.23 24.11
CA ASP QA 64 127.44 -22.74 24.64
C ASP QA 64 126.22 -23.21 23.86
N TYR QA 65 126.03 -22.78 22.60
CA TYR QA 65 124.81 -23.14 21.89
C TYR QA 65 124.98 -23.40 20.40
N THR QA 66 126.16 -23.77 19.91
CA THR QA 66 126.25 -24.09 18.49
C THR QA 66 125.88 -25.54 18.26
N VAL QA 67 124.74 -25.75 17.61
CA VAL QA 67 124.08 -27.04 17.55
C VAL QA 67 123.98 -27.43 16.09
N ARG QA 68 124.79 -28.39 15.66
CA ARG QA 68 124.62 -28.94 14.33
C ARG QA 68 123.51 -29.99 14.41
N VAL QA 69 122.54 -29.83 13.52
CA VAL QA 69 121.43 -30.77 13.44
C VAL QA 69 121.46 -31.42 12.07
N ILE QA 70 121.54 -32.75 12.05
CA ILE QA 70 121.71 -33.42 10.77
C ILE QA 70 120.40 -34.09 10.37
N ASP QA 71 119.76 -34.78 11.30
CA ASP QA 71 118.50 -35.43 11.00
C ASP QA 71 117.49 -35.22 12.12
N VAL QA 72 116.26 -34.92 11.72
CA VAL QA 72 115.13 -34.86 12.62
C VAL QA 72 114.44 -36.21 12.60
N PHE QA 73 113.94 -36.64 13.76
CA PHE QA 73 113.37 -37.96 13.94
C PHE QA 73 111.88 -37.80 14.21
N ALA QA 74 111.07 -38.21 13.24
CA ALA QA 74 109.64 -37.99 13.29
C ALA QA 74 108.95 -38.95 14.24
N MET QA 75 108.77 -38.54 15.49
CA MET QA 75 108.09 -39.38 16.45
C MET QA 75 106.58 -39.34 16.19
N PRO QA 76 105.86 -40.45 16.42
CA PRO QA 76 104.58 -40.65 15.73
C PRO QA 76 103.47 -39.78 16.30
N GLN QA 77 102.33 -39.84 15.63
CA GLN QA 77 101.20 -38.95 15.89
C GLN QA 77 100.09 -39.71 16.61
N SER QA 78 99.46 -39.04 17.58
CA SER QA 78 98.27 -39.52 18.27
C SER QA 78 97.02 -39.26 17.43
N GLY QA 79 95.85 -39.32 18.06
CA GLY QA 79 94.60 -39.03 17.38
C GLY QA 79 94.53 -37.61 16.84
N THR QA 80 94.36 -36.63 17.71
CA THR QA 80 94.53 -35.23 17.29
C THR QA 80 95.33 -34.38 18.26
N GLY QA 81 95.55 -34.81 19.50
CA GLY QA 81 96.33 -34.05 20.45
C GLY QA 81 97.51 -34.83 21.00
N VAL QA 82 98.72 -34.43 20.63
CA VAL QA 82 99.93 -35.17 20.98
C VAL QA 82 100.73 -34.36 21.98
N SER QA 83 101.41 -35.06 22.88
CA SER QA 83 101.99 -34.48 24.09
C SER QA 83 103.24 -35.27 24.45
N VAL QA 84 103.62 -35.22 25.72
CA VAL QA 84 104.78 -35.96 26.28
C VAL QA 84 104.66 -37.46 26.05
N GLU QA 85 103.43 -37.98 25.87
CA GLU QA 85 103.19 -39.38 25.54
C GLU QA 85 103.86 -39.81 24.24
N ALA QA 86 104.19 -38.88 23.34
CA ALA QA 86 105.00 -39.21 22.17
C ALA QA 86 106.44 -39.55 22.53
N VAL QA 87 106.90 -39.20 23.73
CA VAL QA 87 108.17 -39.72 24.20
C VAL QA 87 107.87 -41.12 24.73
N ASP QA 88 107.98 -42.06 23.89
CA ASP QA 88 107.75 -43.51 23.93
C ASP QA 88 109.03 -44.21 24.37
N PRO QA 89 108.97 -45.34 25.04
CA PRO QA 89 110.20 -46.13 25.23
C PRO QA 89 110.72 -46.76 23.95
N VAL QA 90 109.89 -47.56 23.27
CA VAL QA 90 110.41 -48.55 22.34
C VAL QA 90 110.63 -47.93 20.97
N PHE QA 91 109.90 -46.84 20.68
CA PHE QA 91 110.03 -46.22 19.36
C PHE QA 91 111.34 -45.46 19.25
N GLN QA 92 111.56 -44.51 20.15
CA GLN QA 92 112.77 -43.69 20.06
C GLN QA 92 113.98 -44.45 20.58
N ALA QA 93 113.75 -45.36 21.54
CA ALA QA 93 114.85 -46.19 22.03
C ALA QA 93 115.29 -47.19 20.97
N LYS QA 94 114.35 -48.01 20.50
CA LYS QA 94 114.64 -49.07 19.53
C LYS QA 94 115.09 -48.48 18.20
N MET QA 95 114.36 -47.49 17.69
CA MET QA 95 114.72 -46.92 16.41
C MET QA 95 115.93 -46.00 16.53
N LEU QA 96 116.20 -45.51 17.72
CA LEU QA 96 117.48 -44.82 17.94
C LEU QA 96 118.62 -45.82 17.88
N ASP QA 97 118.37 -47.07 18.27
CA ASP QA 97 119.39 -48.09 18.09
C ASP QA 97 119.54 -48.47 16.62
N MET QA 98 118.43 -48.52 15.88
CA MET QA 98 118.48 -48.98 14.50
C MET QA 98 119.14 -47.95 13.59
N LEU QA 99 118.70 -46.70 13.65
CA LEU QA 99 119.38 -45.67 12.87
C LEU QA 99 120.57 -45.11 13.63
N LYS QA 100 120.85 -45.63 14.83
CA LYS QA 100 122.19 -45.52 15.36
C LYS QA 100 123.14 -46.46 14.62
N GLN QA 101 122.65 -47.65 14.28
CA GLN QA 101 123.46 -48.63 13.58
C GLN QA 101 123.69 -48.28 12.12
N THR QA 102 122.65 -48.20 11.30
CA THR QA 102 122.83 -48.03 9.87
C THR QA 102 122.59 -46.57 9.49
N GLY QA 103 122.99 -45.66 10.38
CA GLY QA 103 122.75 -44.25 10.16
C GLY QA 103 123.38 -43.34 11.20
N ARG QA 104 122.60 -42.37 11.68
CA ARG QA 104 123.02 -41.32 12.59
C ARG QA 104 123.51 -41.87 13.93
N PRO QA 105 124.81 -41.82 14.18
CA PRO QA 105 125.34 -42.53 15.33
C PRO QA 105 125.20 -41.82 16.68
N GLU QA 106 125.31 -40.49 16.72
CA GLU QA 106 125.52 -39.85 18.01
C GLU QA 106 124.21 -39.54 18.75
N MET QA 107 124.31 -38.78 19.83
CA MET QA 107 123.19 -38.51 20.73
C MET QA 107 122.20 -37.53 20.10
N VAL QA 108 121.01 -37.50 20.67
CA VAL QA 108 119.97 -36.58 20.22
C VAL QA 108 120.28 -35.19 20.74
N VAL QA 109 119.66 -34.18 20.14
CA VAL QA 109 119.72 -32.81 20.63
C VAL QA 109 118.55 -32.51 21.55
N GLY QA 110 117.34 -32.56 21.01
CA GLY QA 110 116.16 -32.13 21.72
C GLY QA 110 115.00 -32.31 20.77
N TRP QA 111 113.89 -31.64 21.03
CA TRP QA 111 112.62 -31.95 20.39
C TRP QA 111 112.34 -31.04 19.21
N TYR QA 112 111.15 -31.11 18.64
CA TYR QA 112 110.59 -30.01 17.88
C TYR QA 112 109.08 -30.05 17.97
N HIS QA 113 108.45 -29.17 17.21
CA HIS QA 113 107.03 -28.87 17.32
C HIS QA 113 106.71 -28.14 16.02
N SER QA 114 105.47 -28.20 15.57
CA SER QA 114 105.17 -27.88 14.17
C SER QA 114 103.97 -26.96 14.01
N HIS QA 115 103.95 -25.79 14.66
CA HIS QA 115 102.90 -24.77 14.63
C HIS QA 115 102.33 -24.47 13.25
N PRO QA 116 101.09 -24.87 12.97
CA PRO QA 116 100.48 -24.51 11.71
C PRO QA 116 99.72 -23.20 11.85
N GLY QA 117 99.72 -22.43 10.77
CA GLY QA 117 99.00 -21.17 10.82
C GLY QA 117 99.82 -19.99 11.30
N PHE QA 118 99.77 -19.75 12.62
CA PHE QA 118 100.03 -18.42 13.17
C PHE QA 118 101.51 -18.02 13.10
N GLY QA 119 102.42 -18.90 13.45
CA GLY QA 119 103.75 -18.42 13.72
C GLY QA 119 104.38 -19.21 14.85
N CYS QA 120 104.77 -18.50 15.92
CA CYS QA 120 105.60 -19.07 16.97
C CYS QA 120 105.31 -18.47 18.35
N TRP QA 121 104.45 -19.14 19.12
CA TRP QA 121 104.31 -18.93 20.56
C TRP QA 121 103.70 -20.19 21.16
N LEU QA 122 104.20 -20.56 22.34
CA LEU QA 122 104.22 -21.94 22.79
C LEU QA 122 103.53 -22.20 24.13
N SER QA 123 102.30 -21.72 24.34
CA SER QA 123 101.67 -21.69 25.67
C SER QA 123 101.50 -23.05 26.34
N GLY QA 124 100.72 -23.94 25.74
CA GLY QA 124 100.58 -25.27 26.30
C GLY QA 124 101.73 -26.17 25.92
N VAL QA 125 102.61 -25.67 25.05
CA VAL QA 125 103.74 -26.45 24.58
C VAL QA 125 104.85 -26.46 25.63
N ASP QA 126 104.97 -25.35 26.39
CA ASP QA 126 106.06 -25.17 27.35
C ASP QA 126 106.00 -26.18 28.48
N ILE QA 127 104.80 -26.46 28.98
CA ILE QA 127 104.64 -27.41 30.07
C ILE QA 127 104.92 -28.83 29.58
N ASN QA 128 104.89 -29.04 28.26
CA ASN QA 128 105.19 -30.34 27.70
C ASN QA 128 106.60 -30.39 27.13
N THR QA 129 107.31 -29.26 27.12
CA THR QA 129 108.62 -29.26 26.49
C THR QA 129 109.72 -28.80 27.46
N GLN QA 130 109.48 -27.70 28.20
CA GLN QA 130 110.53 -27.03 28.96
C GLN QA 130 111.10 -27.94 30.04
N GLN QA 131 110.25 -28.71 30.69
CA GLN QA 131 110.72 -29.56 31.77
C GLN QA 131 111.42 -30.80 31.22
N SER QA 132 111.24 -31.07 29.93
CA SER QA 132 111.82 -32.29 29.36
C SER QA 132 113.32 -32.12 29.10
N PHE QA 133 113.78 -30.87 28.92
CA PHE QA 133 115.15 -30.61 28.48
C PHE QA 133 116.19 -31.04 29.51
N GLU QA 134 116.08 -30.52 30.74
CA GLU QA 134 117.10 -30.76 31.76
C GLU QA 134 117.10 -32.20 32.26
N ALA QA 135 116.08 -32.98 31.93
CA ALA QA 135 116.09 -34.44 32.10
C ALA QA 135 117.20 -35.06 31.26
N LEU QA 136 117.43 -34.46 30.08
CA LEU QA 136 118.58 -34.86 29.27
C LEU QA 136 119.79 -34.01 29.60
N SER QA 137 119.71 -32.71 29.33
CA SER QA 137 120.81 -31.78 29.47
C SER QA 137 120.30 -30.37 29.22
N GLU QA 138 121.09 -29.39 29.63
CA GLU QA 138 120.89 -28.02 29.18
C GLU QA 138 121.24 -27.86 27.71
N ARG QA 139 122.20 -28.65 27.20
CA ARG QA 139 122.45 -28.70 25.77
C ARG QA 139 121.33 -29.48 25.10
N ALA QA 140 120.20 -28.81 24.91
CA ALA QA 140 118.99 -29.40 24.35
C ALA QA 140 118.08 -28.25 23.95
N VAL QA 141 117.74 -28.21 22.66
CA VAL QA 141 116.86 -27.17 22.14
C VAL QA 141 115.71 -27.88 21.43
N ALA QA 142 114.56 -27.20 21.38
CA ALA QA 142 113.48 -27.60 20.49
C ALA QA 142 113.24 -26.41 19.57
N VAL QA 143 112.33 -26.57 18.61
CA VAL QA 143 112.10 -25.58 17.58
C VAL QA 143 110.68 -25.73 17.03
N VAL QA 144 109.98 -24.60 16.93
CA VAL QA 144 108.65 -24.56 16.36
C VAL QA 144 108.78 -24.07 14.92
N VAL QA 145 108.08 -24.74 14.01
CA VAL QA 145 108.18 -24.45 12.59
C VAL QA 145 106.80 -24.10 12.09
N ASP QA 146 106.70 -23.66 10.83
CA ASP QA 146 105.42 -23.22 10.31
C ASP QA 146 105.26 -23.64 8.85
N PRO QA 147 104.72 -24.80 8.58
CA PRO QA 147 104.49 -25.18 7.17
C PRO QA 147 103.14 -24.77 6.61
N ILE QA 148 102.65 -23.57 6.92
CA ILE QA 148 101.40 -23.11 6.35
C ILE QA 148 101.64 -21.74 5.72
N GLN QA 149 102.03 -20.79 6.56
CA GLN QA 149 102.29 -19.42 6.16
C GLN QA 149 103.62 -19.28 5.43
N SER QA 150 104.46 -20.31 5.45
CA SER QA 150 105.69 -20.33 4.68
C SER QA 150 105.43 -21.11 3.40
N VAL QA 151 104.97 -20.41 2.37
CA VAL QA 151 104.86 -20.94 1.02
C VAL QA 151 106.07 -20.54 0.18
N LYS QA 152 107.19 -20.24 0.82
CA LYS QA 152 108.00 -19.11 0.37
C LYS QA 152 109.29 -19.56 -0.30
N GLY QA 153 110.10 -20.34 0.40
CA GLY QA 153 111.54 -20.29 0.24
C GLY QA 153 112.19 -19.44 1.30
N LYS QA 154 111.43 -19.10 2.35
CA LYS QA 154 111.93 -18.53 3.60
C LYS QA 154 110.97 -19.06 4.66
N VAL QA 155 111.35 -20.15 5.31
CA VAL QA 155 110.45 -20.86 6.20
C VAL QA 155 110.73 -20.41 7.64
N VAL QA 156 109.69 -20.37 8.47
CA VAL QA 156 109.76 -19.80 9.81
C VAL QA 156 110.35 -20.83 10.77
N ILE QA 157 111.60 -20.65 11.15
CA ILE QA 157 112.34 -21.58 12.02
C ILE QA 157 112.95 -20.75 13.15
N ASP QA 158 112.88 -21.27 14.39
CA ASP QA 158 113.47 -20.63 15.58
C ASP QA 158 113.55 -21.59 16.77
N ALA QA 159 114.75 -21.74 17.33
CA ALA QA 159 114.96 -22.50 18.56
C ALA QA 159 114.87 -21.56 19.76
N PHE QA 160 115.20 -22.06 20.96
CA PHE QA 160 114.97 -21.27 22.17
C PHE QA 160 115.79 -21.77 23.36
N ARG QA 161 115.44 -21.25 24.54
CA ARG QA 161 116.17 -21.48 25.79
C ARG QA 161 115.31 -22.03 26.91
N LEU QA 162 115.96 -22.32 28.04
CA LEU QA 162 115.28 -22.52 29.31
C LEU QA 162 115.38 -21.27 30.17
N ILE QA 163 114.53 -20.28 29.90
CA ILE QA 163 114.45 -19.07 30.73
C ILE QA 163 113.08 -19.14 31.39
N ASN QA 164 112.72 -20.34 31.80
CA ASN QA 164 111.71 -20.50 32.83
C ASN QA 164 112.04 -19.64 34.05
N ALA QA 165 113.27 -19.73 34.53
CA ALA QA 165 113.78 -18.91 35.62
C ALA QA 165 115.06 -18.24 35.15
N ASN QA 166 115.84 -17.75 36.12
CA ASN QA 166 117.16 -17.15 35.93
C ASN QA 166 117.10 -15.90 35.05
N MET QA 167 116.43 -14.89 35.58
CA MET QA 167 116.51 -13.53 35.05
C MET QA 167 117.82 -12.84 35.40
N MET QA 168 118.67 -13.48 36.20
CA MET QA 168 119.95 -12.96 36.62
C MET QA 168 120.89 -12.78 35.42
N PRO QA 174 126.10 -13.59 27.60
CA PRO QA 174 126.98 -12.41 27.65
C PRO QA 174 127.14 -11.67 26.34
N ARG QA 175 127.87 -12.30 25.41
CA ARG QA 175 127.74 -12.23 23.95
C ARG QA 175 127.49 -10.84 23.35
N GLN QA 176 128.56 -10.06 23.17
CA GLN QA 176 128.53 -8.76 22.47
C GLN QA 176 127.70 -8.74 21.18
N THR QA 177 127.78 -9.81 20.36
CA THR QA 177 126.79 -10.18 19.31
C THR QA 177 126.84 -9.22 18.09
N THR QA 178 127.65 -8.18 18.18
CA THR QA 178 127.44 -6.91 17.47
C THR QA 178 125.99 -6.50 17.72
N SER QA 179 125.75 -6.12 18.98
CA SER QA 179 124.57 -5.36 19.41
C SER QA 179 123.25 -6.12 19.21
N ASN QA 180 123.13 -7.25 19.91
CA ASN QA 180 121.89 -8.02 20.10
C ASN QA 180 121.30 -8.49 18.76
N LEU QA 181 122.21 -8.90 17.87
CA LEU QA 181 121.95 -9.89 16.82
C LEU QA 181 121.12 -9.35 15.63
N GLY QA 182 120.52 -8.18 15.80
CA GLY QA 182 119.62 -7.72 14.77
C GLY QA 182 118.20 -8.23 14.91
N HIS QA 183 117.84 -9.27 14.13
CA HIS QA 183 116.46 -9.51 13.73
C HIS QA 183 115.56 -10.09 14.81
N LEU QA 184 115.91 -9.98 16.09
CA LEU QA 184 114.93 -10.27 17.13
C LEU QA 184 114.52 -9.00 17.86
N ASN QA 185 115.00 -7.85 17.37
CA ASN QA 185 114.35 -6.59 17.67
C ASN QA 185 113.34 -6.33 16.56
N LYS QA 186 113.34 -7.19 15.54
CA LYS QA 186 112.25 -7.29 14.57
C LYS QA 186 111.67 -8.71 14.51
N PRO QA 187 110.89 -9.14 15.54
CA PRO QA 187 109.97 -10.24 15.27
C PRO QA 187 108.63 -9.69 14.84
N SER QA 188 107.63 -10.53 14.67
CA SER QA 188 106.26 -10.04 14.68
C SER QA 188 105.92 -9.69 16.12
N ILE QA 189 106.12 -8.41 16.45
CA ILE QA 189 106.11 -7.98 17.84
C ILE QA 189 104.67 -7.96 18.30
N GLN QA 190 104.23 -9.06 18.89
CA GLN QA 190 102.86 -9.20 19.35
C GLN QA 190 102.98 -9.62 20.82
N ALA QA 191 102.07 -9.12 21.66
CA ALA QA 191 102.23 -9.15 23.10
C ALA QA 191 102.29 -10.55 23.68
N LEU QA 192 101.41 -11.42 23.21
CA LEU QA 192 101.45 -12.83 23.64
C LEU QA 192 102.67 -13.54 23.08
N ILE QA 193 103.15 -13.12 21.90
CA ILE QA 193 104.40 -13.64 21.37
C ILE QA 193 105.59 -13.08 22.15
N HIS QA 194 105.61 -11.77 22.39
CA HIS QA 194 106.74 -11.18 23.10
C HIS QA 194 106.71 -11.56 24.58
N GLY QA 195 105.51 -11.76 25.13
CA GLY QA 195 105.42 -12.32 26.47
C GLY QA 195 105.90 -13.76 26.51
N LEU QA 196 105.78 -14.46 25.38
CA LEU QA 196 106.40 -15.77 25.25
C LEU QA 196 107.89 -15.64 25.03
N ASN QA 197 108.32 -14.51 24.45
CA ASN QA 197 109.75 -14.31 24.18
C ASN QA 197 110.53 -13.99 25.45
N ARG QA 198 109.83 -13.73 26.55
CA ARG QA 198 110.50 -13.58 27.84
C ARG QA 198 111.14 -14.89 28.26
N HIS QA 199 110.47 -16.01 28.00
CA HIS QA 199 110.99 -17.34 28.28
C HIS QA 199 111.80 -17.90 27.12
N TYR QA 200 111.54 -17.43 25.90
CA TYR QA 200 111.95 -18.13 24.69
C TYR QA 200 113.41 -17.84 24.35
N TYR QA 201 113.71 -16.58 23.99
CA TYR QA 201 115.02 -16.09 23.57
C TYR QA 201 115.60 -16.93 22.42
N SER QA 202 115.02 -16.80 21.22
CA SER QA 202 115.62 -17.38 20.02
C SER QA 202 116.96 -16.71 19.70
N ILE QA 203 117.78 -17.41 18.93
CA ILE QA 203 119.10 -16.85 18.66
C ILE QA 203 119.41 -16.72 17.17
N THR QA 204 119.59 -17.82 16.45
CA THR QA 204 119.84 -17.83 15.00
C THR QA 204 119.39 -19.17 14.44
N ILE QA 205 119.36 -19.26 13.11
CA ILE QA 205 119.37 -20.53 12.40
C ILE QA 205 120.40 -20.42 11.28
N ASN QA 206 121.48 -21.20 11.39
CA ASN QA 206 122.46 -21.28 10.31
C ASN QA 206 121.97 -22.29 9.29
N TYR QA 207 122.72 -22.40 8.19
CA TYR QA 207 122.38 -23.32 7.11
C TYR QA 207 123.66 -23.83 6.46
N ARG QA 208 123.68 -25.12 6.12
CA ARG QA 208 124.73 -25.64 5.27
C ARG QA 208 124.13 -26.33 4.08
N LYS QA 209 124.90 -26.33 2.99
CA LYS QA 209 124.68 -27.20 1.85
C LYS QA 209 125.98 -27.28 1.08
N ASN QA 210 125.98 -28.28 0.21
CA ASN QA 210 127.07 -28.58 -0.71
C ASN QA 210 126.67 -28.33 -2.18
N GLU QA 211 127.70 -28.05 -2.97
CA GLU QA 211 127.58 -27.78 -4.38
C GLU QA 211 126.82 -28.87 -5.14
N LEU QA 212 127.10 -30.13 -4.85
CA LEU QA 212 126.43 -31.25 -5.50
C LEU QA 212 124.91 -31.10 -5.44
N GLU QA 213 124.39 -31.06 -4.22
CA GLU QA 213 122.95 -30.89 -4.01
C GLU QA 213 122.44 -29.66 -4.73
N GLN QA 214 123.15 -28.53 -4.54
CA GLN QA 214 122.75 -27.28 -5.21
C GLN QA 214 122.54 -27.48 -6.71
N LYS QA 215 123.57 -27.96 -7.37
CA LYS QA 215 123.55 -28.22 -8.80
C LYS QA 215 122.37 -29.11 -9.18
N MET QA 216 122.20 -30.20 -8.45
CA MET QA 216 121.11 -31.13 -8.71
C MET QA 216 119.77 -30.41 -8.74
N LEU QA 217 119.44 -29.71 -7.65
CA LEU QA 217 118.17 -28.99 -7.58
C LEU QA 217 118.02 -28.00 -8.75
N LEU QA 218 119.10 -27.25 -9.02
CA LEU QA 218 119.09 -26.27 -10.09
C LEU QA 218 118.70 -26.93 -11.41
N LEU QA 229 110.21 -31.12 -28.76
CA LEU QA 229 109.66 -29.80 -29.10
C LEU QA 229 108.48 -29.86 -30.07
N THR QA 230 108.45 -28.91 -30.98
CA THR QA 230 107.38 -28.77 -32.01
C THR QA 230 105.94 -28.49 -31.56
N LEU QA 231 104.97 -28.79 -32.42
CA LEU QA 231 103.55 -28.53 -32.15
C LEU QA 231 102.95 -27.87 -33.39
N GLN QA 232 103.86 -27.30 -34.18
CA GLN QA 232 103.56 -26.61 -35.43
C GLN QA 232 102.11 -26.86 -35.84
N ASP QA 233 101.70 -26.27 -36.97
CA ASP QA 233 100.33 -26.48 -37.42
C ASP QA 233 99.71 -27.86 -37.18
N TYR QA 234 99.64 -28.31 -35.93
CA TYR QA 234 98.58 -29.26 -35.58
C TYR QA 234 97.22 -28.63 -35.78
N SER QA 235 96.89 -27.71 -34.88
CA SER QA 235 95.87 -26.68 -34.98
C SER QA 235 96.52 -25.48 -34.32
N GLU QA 236 97.63 -25.78 -33.62
CA GLU QA 236 98.33 -24.96 -32.65
C GLU QA 236 98.70 -23.55 -33.09
N HIS QA 237 99.57 -23.43 -34.11
CA HIS QA 237 100.14 -22.15 -34.51
C HIS QA 237 99.07 -21.23 -35.08
N CYS QA 238 98.22 -21.80 -35.93
CA CYS QA 238 97.03 -21.11 -36.41
C CYS QA 238 96.16 -20.68 -35.25
N LYS QA 239 95.69 -21.62 -34.44
CA LYS QA 239 94.64 -21.29 -33.48
C LYS QA 239 95.22 -20.74 -32.18
N HIS QA 240 96.48 -20.28 -32.21
CA HIS QA 240 96.84 -19.20 -31.30
C HIS QA 240 97.55 -18.06 -32.02
N ASN QA 241 97.41 -17.95 -33.34
CA ASN QA 241 97.48 -16.61 -33.91
C ASN QA 241 96.20 -16.26 -34.68
N GLU QA 242 95.28 -17.21 -34.81
CA GLU QA 242 93.93 -16.85 -35.21
C GLU QA 242 93.16 -16.30 -34.04
N SER QA 243 93.52 -16.70 -32.84
CA SER QA 243 92.85 -16.19 -31.65
C SER QA 243 93.30 -14.77 -31.34
N VAL QA 244 94.58 -14.60 -31.01
CA VAL QA 244 95.05 -13.43 -30.28
C VAL QA 244 95.00 -12.16 -31.13
N VAL QA 245 94.97 -12.29 -32.46
CA VAL QA 245 94.95 -11.11 -33.31
C VAL QA 245 93.55 -10.51 -33.35
N LYS QA 246 92.54 -11.32 -33.02
CA LYS QA 246 91.18 -10.80 -32.92
C LYS QA 246 91.00 -9.95 -31.66
N GLU QA 247 91.61 -10.36 -30.55
CA GLU QA 247 91.59 -9.51 -29.37
C GLU QA 247 92.51 -8.31 -29.54
N MET QA 248 93.50 -8.43 -30.41
CA MET QA 248 94.24 -7.23 -30.78
C MET QA 248 93.39 -6.29 -31.62
N LEU QA 249 92.48 -6.84 -32.44
CA LEU QA 249 91.54 -6.00 -33.18
C LEU QA 249 90.64 -5.22 -32.23
N GLU QA 250 89.78 -5.92 -31.48
CA GLU QA 250 88.77 -5.16 -30.77
C GLU QA 250 89.27 -4.61 -29.44
N LEU QA 251 90.35 -5.20 -28.89
CA LEU QA 251 91.03 -4.60 -27.74
C LEU QA 251 91.85 -3.39 -28.17
N ALA QA 252 92.26 -3.35 -29.43
CA ALA QA 252 92.89 -2.14 -29.92
C ALA QA 252 91.82 -1.11 -30.30
N LYS QA 253 90.60 -1.57 -30.55
CA LYS QA 253 89.49 -0.63 -30.66
C LYS QA 253 89.15 -0.01 -29.31
N ASN QA 254 89.21 -0.82 -28.25
CA ASN QA 254 89.00 -0.25 -26.92
C ASN QA 254 90.20 0.55 -26.45
N TYR QA 255 91.38 0.29 -27.02
CA TYR QA 255 92.53 1.14 -26.74
C TYR QA 255 92.39 2.46 -27.49
N ASN QA 256 91.78 2.42 -28.68
CA ASN QA 256 91.40 3.64 -29.37
C ASN QA 256 90.42 4.45 -28.53
N LYS QA 257 89.41 3.76 -27.96
CA LYS QA 257 88.44 4.45 -27.11
C LYS QA 257 89.08 4.97 -25.84
N ALA QA 258 90.15 4.30 -25.38
CA ALA QA 258 90.85 4.75 -24.18
C ALA QA 258 91.66 6.02 -24.45
N VAL QA 259 92.36 6.07 -25.59
CA VAL QA 259 93.22 7.22 -25.86
C VAL QA 259 92.38 8.41 -26.34
N GLU QA 260 91.27 8.14 -27.03
CA GLU QA 260 90.34 9.21 -27.38
C GLU QA 260 89.68 9.81 -26.15
N GLU QA 261 89.23 8.95 -25.25
CA GLU QA 261 88.52 9.35 -24.03
C GLU QA 261 89.28 10.07 -22.91
N GLU QA 262 90.47 9.54 -22.58
CA GLU QA 262 91.32 10.04 -21.52
C GLU QA 262 92.22 11.19 -21.96
N ASP QA 263 92.17 11.53 -23.25
CA ASP QA 263 92.96 12.64 -23.78
C ASP QA 263 92.51 13.95 -23.14
N LYS QA 264 91.20 14.09 -22.97
CA LYS QA 264 90.58 15.27 -22.37
C LYS QA 264 89.71 14.84 -21.19
N MET QA 265 89.48 15.78 -20.28
CA MET QA 265 88.67 15.55 -19.08
C MET QA 265 89.19 14.38 -18.23
N THR QA 266 90.50 14.31 -18.09
CA THR QA 266 91.14 13.26 -17.30
C THR QA 266 91.87 13.86 -16.12
N PRO QA 267 91.62 13.30 -14.94
CA PRO QA 267 92.25 13.76 -13.69
C PRO QA 267 92.26 12.66 -12.63
N GLU QA 268 93.02 12.87 -11.57
CA GLU QA 268 93.10 11.91 -10.45
C GLU QA 268 93.49 10.49 -10.86
N GLN QA 269 94.52 10.38 -11.70
CA GLN QA 269 95.03 9.09 -12.16
C GLN QA 269 93.97 8.20 -12.82
N LEU QA 270 93.19 8.79 -13.73
CA LEU QA 270 92.15 8.07 -14.46
C LEU QA 270 91.20 7.35 -13.53
N ALA QA 271 90.74 8.08 -12.51
CA ALA QA 271 89.81 7.56 -11.50
C ALA QA 271 90.36 6.31 -10.86
N ILE QA 272 91.68 6.31 -10.64
CA ILE QA 272 92.34 5.18 -9.99
C ILE QA 272 92.51 3.94 -10.86
N LYS QA 273 92.93 4.17 -12.11
CA LYS QA 273 93.21 3.12 -13.10
C LYS QA 273 92.05 2.20 -13.50
N ASN QA 274 90.83 2.73 -13.46
CA ASN QA 274 89.64 2.00 -13.87
C ASN QA 274 89.42 0.64 -13.20
N VAL QA 275 89.76 0.54 -11.92
CA VAL QA 275 89.52 -0.69 -11.18
C VAL QA 275 88.35 -1.37 -11.85
N GLY QA 276 87.37 -0.58 -12.25
CA GLY QA 276 86.20 -1.06 -12.96
C GLY QA 276 86.57 -1.25 -14.42
N LYS QA 277 85.97 -2.23 -15.07
CA LYS QA 277 86.21 -2.51 -16.49
C LYS QA 277 87.69 -2.73 -16.81
N GLN QA 278 88.39 -3.48 -15.98
CA GLN QA 278 89.79 -3.79 -16.22
C GLN QA 278 89.95 -4.77 -17.38
N ASP QA 279 91.11 -4.73 -18.04
CA ASP QA 279 91.88 -3.51 -18.21
C ASP QA 279 92.28 -3.28 -19.65
N PRO QA 280 92.02 -2.07 -20.14
CA PRO QA 280 92.41 -1.67 -21.51
C PRO QA 280 93.91 -1.39 -21.60
N LYS QA 281 94.47 -1.48 -22.81
CA LYS QA 281 95.90 -1.22 -23.09
C LYS QA 281 96.92 -2.24 -22.58
N ARG QA 282 96.93 -2.52 -21.29
CA ARG QA 282 97.85 -3.50 -20.74
C ARG QA 282 97.54 -4.82 -21.41
N HIS QA 283 96.26 -5.11 -21.57
CA HIS QA 283 95.84 -6.34 -22.23
C HIS QA 283 96.56 -6.46 -23.56
N LEU QA 284 96.64 -5.37 -24.30
CA LEU QA 284 97.33 -5.39 -25.59
C LEU QA 284 98.79 -5.73 -25.38
N GLU QA 285 99.41 -5.15 -24.36
CA GLU QA 285 100.82 -5.45 -24.12
C GLU QA 285 101.00 -6.93 -23.81
N GLU QA 286 100.11 -7.50 -22.99
CA GLU QA 286 100.20 -8.90 -22.63
C GLU QA 286 100.05 -9.79 -23.86
N HIS QA 287 99.10 -9.43 -24.71
CA HIS QA 287 98.84 -10.21 -25.91
C HIS QA 287 100.08 -10.19 -26.80
N VAL QA 288 100.70 -9.01 -26.93
CA VAL QA 288 101.89 -8.87 -27.75
C VAL QA 288 103.01 -9.73 -27.20
N ASP QA 289 103.16 -9.74 -25.88
CA ASP QA 289 104.17 -10.54 -25.22
C ASP QA 289 103.98 -12.04 -25.43
N VAL QA 290 102.74 -12.51 -25.40
CA VAL QA 290 102.48 -13.95 -25.50
C VAL QA 290 102.92 -14.68 -26.77
N LEU QA 291 102.71 -14.06 -27.92
CA LEU QA 291 103.03 -14.62 -29.22
C LEU QA 291 104.50 -14.47 -29.55
N MET QA 292 105.14 -13.38 -29.14
CA MET QA 292 106.52 -13.14 -29.50
C MET QA 292 107.47 -14.00 -28.67
N THR QA 293 106.97 -14.64 -27.63
CA THR QA 293 107.76 -15.69 -26.99
C THR QA 293 107.43 -17.05 -27.61
N SER QA 294 106.38 -17.11 -28.42
CA SER QA 294 105.97 -18.40 -28.97
C SER QA 294 106.10 -18.45 -30.48
N ASN QA 295 105.53 -17.49 -31.20
CA ASN QA 295 105.54 -17.52 -32.67
C ASN QA 295 106.90 -17.25 -33.27
N ILE QA 296 107.92 -16.93 -32.47
CA ILE QA 296 109.30 -17.00 -32.91
C ILE QA 296 109.95 -18.29 -32.47
N VAL QA 297 110.04 -18.49 -31.15
CA VAL QA 297 111.20 -19.12 -30.52
C VAL QA 297 111.32 -20.58 -30.91
N GLN QA 298 110.29 -21.37 -30.60
CA GLN QA 298 110.30 -22.77 -31.00
C GLN QA 298 110.19 -22.89 -32.52
N CYS QA 299 109.47 -21.94 -33.15
CA CYS QA 299 109.50 -21.78 -34.60
C CYS QA 299 110.92 -21.54 -35.09
N LEU QA 300 111.68 -20.72 -34.34
CA LEU QA 300 113.12 -20.55 -34.56
C LEU QA 300 113.83 -21.89 -34.57
N ALA QA 301 113.52 -22.73 -33.57
CA ALA QA 301 114.15 -24.04 -33.49
C ALA QA 301 113.68 -24.97 -34.60
N ALA QA 302 112.53 -24.64 -35.22
CA ALA QA 302 112.12 -25.29 -36.46
C ALA QA 302 113.22 -25.21 -37.51
N MET QA 303 113.78 -24.01 -37.67
CA MET QA 303 114.94 -23.79 -38.52
C MET QA 303 116.10 -24.68 -38.08
N GLN RA 338 119.15 -17.22 -41.31
CA GLN RA 338 118.08 -16.69 -40.50
C GLN RA 338 118.08 -17.23 -39.06
N VAL RA 339 118.91 -18.23 -38.71
CA VAL RA 339 119.08 -18.50 -37.29
C VAL RA 339 119.99 -17.44 -36.66
N ILE RA 340 121.02 -16.99 -37.40
CA ILE RA 340 121.79 -15.84 -36.93
C ILE RA 340 120.92 -14.59 -36.89
N GLU RA 341 120.16 -14.39 -37.95
CA GLU RA 341 119.28 -13.22 -38.06
C GLU RA 341 118.12 -13.26 -37.09
N TYR RA 342 117.68 -14.45 -36.69
CA TYR RA 342 116.55 -14.54 -35.79
C TYR RA 342 116.97 -14.45 -34.33
N MET RA 348 117.86 -8.41 -29.51
CA MET RA 348 117.34 -7.04 -29.58
C MET RA 348 115.97 -6.89 -28.93
N ILE RA 349 115.21 -7.98 -28.86
CA ILE RA 349 113.88 -7.95 -28.28
C ILE RA 349 113.91 -7.93 -26.75
N VAL RA 350 115.03 -8.35 -26.18
CA VAL RA 350 115.19 -8.37 -24.74
C VAL RA 350 116.20 -7.33 -24.27
N VAL SA 38 88.69 12.48 -50.85
CA VAL SA 38 89.56 11.63 -51.65
C VAL SA 38 90.62 10.94 -50.79
N TRP SA 39 91.90 11.25 -51.05
CA TRP SA 39 93.04 10.74 -50.31
C TRP SA 39 93.14 9.21 -50.39
N GLU SA 40 93.14 8.72 -51.63
CA GLU SA 40 93.62 7.39 -51.99
C GLU SA 40 94.06 7.54 -53.45
N ASP SA 41 95.36 7.32 -53.71
CA ASP SA 41 96.06 7.97 -54.81
C ASP SA 41 95.55 7.51 -56.18
N ASN SA 42 95.07 8.48 -56.96
CA ASN SA 42 94.47 8.23 -58.27
C ASN SA 42 95.50 8.53 -59.35
N TRP SA 43 95.24 8.09 -60.59
CA TRP SA 43 96.16 8.34 -61.67
C TRP SA 43 95.97 9.72 -62.29
N ASP SA 44 94.81 9.90 -62.94
CA ASP SA 44 94.33 11.18 -63.48
C ASP SA 44 95.32 11.84 -64.45
N ASP SA 45 96.30 11.04 -64.83
CA ASP SA 45 97.44 11.49 -65.61
C ASP SA 45 97.43 10.92 -66.99
N ASP SA 46 97.81 11.79 -67.95
CA ASP SA 46 97.88 11.52 -69.41
C ASP SA 46 96.53 11.43 -70.13
N ASN SA 47 95.65 10.57 -69.64
CA ASN SA 47 94.61 10.00 -70.45
C ASN SA 47 93.67 11.05 -70.97
N VAL SA 48 93.44 10.93 -72.26
CA VAL SA 48 92.53 11.73 -73.06
C VAL SA 48 91.10 11.40 -72.65
N GLU SA 49 90.14 12.20 -73.16
CA GLU SA 49 88.75 12.23 -72.70
C GLU SA 49 88.11 10.85 -72.66
N ASP SA 50 87.35 10.62 -71.59
CA ASP SA 50 87.10 9.30 -71.03
C ASP SA 50 86.07 8.49 -71.79
N ASP SA 51 85.52 7.48 -71.10
CA ASP SA 51 84.67 6.43 -71.67
C ASP SA 51 83.45 6.96 -72.42
N PHE SA 52 83.05 8.21 -72.19
CA PHE SA 52 82.08 8.85 -73.08
C PHE SA 52 82.64 9.03 -74.48
N SER SA 53 83.79 9.70 -74.60
CA SER SA 53 84.32 9.97 -75.94
C SER SA 53 84.98 8.74 -76.53
N ASN SA 54 85.65 7.94 -75.71
CA ASN SA 54 86.20 6.68 -76.19
C ASN SA 54 85.10 5.70 -76.56
N GLN SA 55 83.97 5.78 -75.87
CA GLN SA 55 82.76 5.08 -76.31
C GLN SA 55 82.30 5.60 -77.67
N LEU SA 56 82.37 6.92 -77.86
CA LEU SA 56 81.83 7.55 -79.06
C LEU SA 56 82.66 7.21 -80.29
N ARG SA 57 83.98 7.36 -80.21
CA ARG SA 57 84.84 6.98 -81.33
C ARG SA 57 85.02 5.47 -81.40
N ALA SA 58 84.68 4.75 -80.32
CA ALA SA 58 84.67 3.30 -80.39
C ALA SA 58 83.54 2.80 -81.28
N GLU SA 59 82.29 3.18 -80.97
CA GLU SA 59 81.16 2.74 -81.76
C GLU SA 59 81.15 3.41 -83.14
N LEU SA 60 81.69 4.63 -83.25
CA LEU SA 60 81.75 5.29 -84.55
C LEU SA 60 82.85 4.69 -85.40
N GLU SA 61 83.99 4.36 -84.79
CA GLU SA 61 85.08 3.73 -85.52
C GLU SA 61 84.74 2.32 -85.97
N LYS SA 62 83.94 1.61 -85.17
CA LYS SA 62 83.46 0.29 -85.61
C LYS SA 62 82.48 0.41 -86.76
N HIS SA 63 81.46 1.25 -86.60
CA HIS SA 63 80.44 1.42 -87.63
C HIS SA 63 80.95 2.28 -88.79
#